data_6GAW
#
_entry.id   6GAW
#
_cell.length_a   1.0
_cell.length_b   1.0
_cell.length_c   1.0
_cell.angle_alpha   90.00
_cell.angle_beta   90.00
_cell.angle_gamma   90.00
#
_symmetry.space_group_name_H-M   'P 1'
#
loop_
_entity.id
_entity.type
_entity.pdbx_description
1 polymer 'Mitochondrial ribosomal protein L12'
2 polymer 'Mitochondrial ribosomal protein L27'
3 polymer 'Mitochondrial ribosomal protein L28'
4 polymer 'Mitochondrial ribosomal protein L47'
5 polymer uL30m
6 polymer '39S ribosomal protein L55, mitochondrial'
7 polymer bL32m
8 polymer bL33m
9 polymer 'Mitochondrial ribosomal protein L34'
10 polymer 'Mitochondrial ribosomal protein L35'
11 polymer 'Ribosomal protein'
12 polymer '16S ribosomal RNA, mitochondrial'
13 polymer 'tRNA-Phe, mitochondrial'
14 polymer 'Translation initiation factor IF-2, mitochondrial'
15 polymer '39S ribosomal protein L2, mitochondrial'
16 polymer ICT1
17 polymer 'Mitochondrial ribosomal protein L4'
18 polymer 'Mitochondrial ribosomal protein L9'
19 polymer 'Mitochondrial ribosomal protein L10'
20 polymer 'Mitochondrial ribosomal protein L11'
21 polymer '39S ribosomal protein L13, mitochondrial'
22 polymer uL14m
23 polymer '39S ribosomal protein L15, mitochondrial'
24 polymer '39S ribosomal protein L16, mitochondrial'
25 polymer '39S ribosomal protein L17, mitochondrial'
26 polymer 'Mitochondrial ribosomal protein L18'
27 polymer 'Mitochondrial ribosomal protein L19'
28 polymer 'Mitochondrial ribosomal protein L20'
29 polymer 'Mitochondrial ribosomal protein L21'
30 polymer uL22m
31 polymer uL23m
32 polymer '39S ribosomal protein L24, mitochondrial'
33 polymer 'Mitochondrial ribosomal protein L37'
34 polymer 'Mitochondrial ribosomal protein L38'
35 polymer 'Mitochondrial ribosomal protein L39'
36 polymer '39S ribosomal protein L40, mitochondrial isoform 1'
37 polymer 'Mitochondrial ribosomal protein L41'
38 polymer mL42
39 polymer mL43
40 polymer '39S ribosomal protein L44, mitochondrial'
41 polymer mL45
42 polymer 'Mitochondrial ribosomal protein L46'
43 polymer 'Mitochondrial ribosomal protein L48'
44 polymer '39S ribosomal protein L49, mitochondrial'
45 polymer mL50
46 polymer 'Mitochondrial ribosomal protein L51'
47 polymer '39S ribosomal protein L52, mitochondrial'
48 polymer mL53
49 polymer mL54
50 polymer 'Mitochondrial ribosomal protein L57'
51 polymer 'Peptidyl-tRNA hydrolase ICT1, mitochondrial'
52 polymer mL64
53 polymer mL65
54 polymer 'Mitochondrial ribosomal protein S18A'
55 polymer 'unassigned secondary structure elements'
56 polymer '12S ribosomal RNA, mitochondrial'
57 polymer 'Mitochondrial ribosomal protein S2'
58 polymer 'Mitochondrial ribosomal protein S24'
59 polymer 'Mitochondrial ribosomal protein S5'
60 polymer 'Mitochondrial ribosomal protein S6'
61 polymer 'Mitochondrial ribosomal protein S7'
62 polymer '28S ribosomal protein S9, mitochondrial'
63 polymer 'Mitochondrial ribosomal protein S10'
64 polymer '28S ribosomal protein S11, mitochondrial'
65 polymer 'Mitochondrial ribosomal protein S12'
66 polymer 'Mitochondrial ribosomal protein S14'
67 polymer 'Uncharacterized protein'
68 polymer bS16m
69 polymer uS17m
70 polymer 'Mitochondrial ribosomal protein S18C'
71 polymer bS21m
72 polymer 'P-site fMet-tRNAMet, mitochondrial'
73 polymer 'MT-CO3 mRNA, mitochondrial'
74 polymer 'unassigned secondary structure elements'
75 polymer 'Mitochondrial ribosomal protein S22'
76 polymer '28S ribosomal protein S23, mitochondrial'
77 polymer 'Mitochondrial ribosomal protein S25'
78 polymer 'Mitochondrial ribosomal protein S26'
79 polymer mS27
80 polymer '28S ribosomal protein S28, mitochondrial'
81 polymer 'Death associated protein 3'
82 polymer mS31
83 polymer mS33
84 polymer '28S ribosomal protein S34, mitochondrial'
85 polymer '28S ribosomal protein S35, mitochondrial'
86 polymer 'Coiled-coil-helix-coiled-coil-helix domain-containing protein 1'
87 polymer 'Aurora kinase A interacting protein 1'
88 polymer 'Pentatricopeptide repeat domain-containing protein 3, mitochondrial'
89 polymer '28S ribosomal protein S18b, mitochondrial'
90 non-polymer 'MAGNESIUM ION'
91 non-polymer 'ZINC ION'
92 non-polymer "GUANOSINE-5'-MONOPHOSPHATE"
93 non-polymer SPERMINE
94 non-polymer "5'-GUANOSINE-DIPHOSPHATE-MONOTHIOPHOSPHATE"
95 non-polymer 'SODIUM ION'
96 non-polymer N-FORMYLMETHIONINE
97 non-polymer "GUANOSINE-5'-TRIPHOSPHATE"
98 water water
#
loop_
_entity_poly.entity_id
_entity_poly.type
_entity_poly.pdbx_seq_one_letter_code
_entity_poly.pdbx_strand_id
1 'polypeptide(L)'
;MLPAAASSLWGPCFGLRAAALRVARHQGPRLCGVRLMRCSSHRKGEALAGAPLDNAPKEYPPKIQQLVQDIASLTLLEIS
DLNELLKKTLKIQDVGFMPMGAVAPGAPPAAAAPEAAEEDLPKRKEQTHFTVRLTEAKPVDKVKLIKEIKSHIQGINLVQ
AKKLVESLPQEIKANVPKAEAEKIKAALEAVGGTVVLE
;
CL,DL,EL,FL,GL,HL,BL
2 'polypeptide(L)'
;MALAVLALRTRAAVTALLSPPQAAALAVRYASKKTGGSSKNLGGKSPGKRFGIKKMEGHYVHAGNILATQRHFRWHPGAH
VGLGKNKCLYALEEGVVRYTKEVYVPNPSNSEAVDLVTRLPQGAVLYKTFVHVVPAKPEGTFKLVAML
;
B0
3 'polypeptide(L)'
;MPLHKVPVGLWKQLRLWEGIYSRLPRHYLRSLEEARTPTPVHYRPHGAKFKINPKNWQRERVEDVPIPVHYPPESQLGLW
GGEGWVLGHRYVNNDKLSKRVRKVWKPQLFQRELYSEILDKRFTVTVTMRTLDLIDQACGFDFYILKTPKEDLCSKFGMD
LKRGMLLRLARQDPQLHPDDPARRAAIYDRYKAFVIPEAEAEWVGLTLDEAVEKQRLLEEKDPIPLFKIFVEELLGQLQQ
QALSEPAVVQTRASRK
;
B1
4 'polypeptide(L)'
;MAAAGLAVFCRRVSAALKACRLLIRPQAPPSTSCRFSPSLLPKNTPNVTSFHQFRIFHTTFSRRGLEEFFDDPKNWGEEK
VKSGASWTCQQLRNKSNEDLHKLWYVLLKERNMLLTLEQEAKRQRLPMPSPERLEKVVDSMDALDKVVQEREDALRLLQT
GQEKARPGAWRRDIFGRIIWHKFKQWPIPWYLNKKYNRKRFFAMPYVERFVRMRIEKQARIKARKRSLERKKEKFLQEKF
PHLSETQKSSHV
;
B2
5 'polypeptide(L)'
;MAGILRSVVQRPPGRLQTVTKGMESLICTDWIRHKFTRSRIPDKVFQPSPEDHEKYGGDPQYPHKLHIVTRIKSTKRRPY
WEKDIIKMLGLEKAHTPQVHKNIPSVNAKLKVVKHLIRIKPLKLPQGLPTEEDMANTCLKSNGELVVRWLLNPANQEARK
S
;
B3
6 'polypeptide(L)'
;MAAKGSLLRLLWQRVVTGAAPESCRHLYTSSWRADCNRALLTRLHRQTYARLYPVLLVKQDGSTIHIRYREPRRMLTMPV
DLDSLSPEERRARFRKREAKFKEKKEEPELSDDFDVEQYKRFWTKK
;
B4
7 'polypeptide(L)'
;MASAMLVLVVPPWPAARGLLRNWWEQLQRKLQHNRLGLPLHPWGPALAVQGPAICTEPANDTNGSKAISSLLDSVFWMAA
PKNRRSIEVNRCRRRNPQKLIKVKNNIDVCPECGHLKQKHILCGYCYEKVRKETAEIRRQMGKQEGGPFRAPTTETVVLY
SGETPSEQDQGKRIIERERKRPSWFTQN
;
B5
8 'polypeptide(L)' MFLSAVTFAKSKSKTILVKMMSQAGTGFSFNTKRSRLREKLTLLHYDPVVKKKVLFVEQKKIRSL B6
9 'polypeptide(L)'
;MAFLARSVGRLLDPVSRSAALVGGRWLQPQAWLGFPDTWGLPAMQQTRGKARGNEYQPSNIKRKHKHGWVRRLRTPTGVQ
VILRRMHKGRKSLSH
;
B7
10 'polypeptide(L)'
;MAASAFAGAVRAATGILRPLHILASSAYQNCAKNACLSSVLSSRHFSHIQTSALLSAPRLITSVRNLMCGPTAPVLNRVA
PLLPHVLKPPVRTVTYFSSRKGKRKTVKAVIYRFLRLHSGLWLRRKAGYKKKLWKKTAARKRRLREFVFCNKTQSKLLDK
MTTSFWKRRNWYADDPYQKYQDRTNLKV
;
B8
11 'polypeptide(L)'
;MATAFLRTVLSAVGPLLHLGGRPLSTFAAGPPRAALAVGAQPSPAAALLSARPLLGPQPALGFKTKGVLKKRCRDCYLVK
RRGRWFIYCKTNPKHKQRQM
;
B9
12 'polyribonucleotide'
;ACCAAAGCUAGCUCAACAUACUAAACAAAUACAAAAAUACACCAAAAUAAAAUAAAACAUUCACCUAACAUUAAAGUAUA
GGAGAUAGAAAUUUUUAUCCUGACGCUAUAGAGAUAGUACCGUAAGGGAAAGAUGAAAGAAUAAAAUAAAAGUAAAAAAA
AGCAAAGAUUACCCCUUCUACCUUUUGCAUAAUGGUUUAACCAGAAAAAAUCUAACAAAGAGAACUUUAGCUAGAUACCC
CGAAACCAGACGAGCUACCCAUGAGCAGUUUAAAAGAACCAACUCAUCUAUGUGGCAAAAUAGUGAGAAGACUUGUAGGU
AGAGGUGAAAAGCCUAACGAGCCUGGUGAUAGCUGGUUGUCCGAGAAAGAAUUUUAGUUCAACCUUAAAAAUACCCCAAA
AACCCUAAAUUCCAAUGUAUUUUUAAGAGAUAGUCUAAAAAGGUACAGCUUUUUAGAAACGGAUACAACCUUGACUAGAG
AGUAAAAUCUUAAUACUACCAUAGUAGGCCUAAAAGCAGCCAUCAAUUGAGAAAGCGUUAAAGCUCAACAAAUUCACCAA
CAUAAUCCCAAAAACUAAUAACAAACUCCUAGCCCAAUACCGGACUAAUCUAUUGAAACAUAGAAGCAAUAAUGUUAAUA
UGAGUAACAAGAAGCCUUUCUCCUCGCACACGCUUACAUCAGUAACUAAUAAUAUACUGAUAAUUAACAACCAAUAAACC
AAAACAACACUAAAACGUUUAUUAAUUACAUUGUUAACCCAACACAGGAGUGCACCAAGGAAAGAUUAAAAGAAGUAAAA
GGAACUCGGCAAACACAAACCCCGCCUGUUUACCAAAAACAUCACCUCUAGCAUUACUAGUAUUAGAGGCAAUGCCUGCC
CAGUGACACCAGUUUAACGGCCGCGGUAUUCUGACCGUGCAAAGGUAGCAUAAUCACUUGUUCUCCAAAUAAGGACUUGU
AUGAAUGGCCACACGAGGGUUUUACUGUCUCUUACUUCCAAUCAGUGAAAUUAACCUUCCCGUGAAGAGGCGGGAAUAAA
AAAAUAAGACGAGAAGACCCUAUGGAGCUUUAAUUAACUAUUCCAAAAGUUAAACAACUCAACCACAAAGGGAUAAAACA
UAACUUAACAUGGACUAGCAAUUUCGGUUGGGGUGACCUCGGAGUACAAAAAACCCUCCGAGUGAUUUUAAUCUAGACAA
ACCAGUCAAAAUAACCAUAACAUCACUUAUUGAUCCAAAAUUUUGAUCAACGGAACAAGUUACCCUAGGGAUAACAGCGC
AAUCCUGUUCUAGAGUUCCUAUCGACAAUAGGGUUUACGACCUCGAUGUUGGAUCAGGACACCCAAAUGGUGCAACCGCU
AUUAAAGGUUCGUUUGUUCAACGAUUAAAGUCCUACGUGAUCUGAGUUCAGACCGGAGCAAUCCAGGUCGGUUUCUAUCU
AUUAUAAAUUUCUCCCAGUACGAAAGGACAAGAGAAAUGGGACCAACCUCACAAACGCGUCUCAGAGAUAAUUAAUGAUU
UAAUCUUAACCUAAUUAACUCAUAAUAAAUCCAGCCCUAGAACAGGGCACA
;
BA
13 'polyribonucleotide' GUUAAUGUAGCUUAAAUUAUCAAAGCAAGGCACUGAAAAUGCCUAGAUGAGCCUCACAGCUCCAUAAACACCA BB
14 'polypeptide(L)'
;WKSQLSSTKSKKVVEVWIGMTIEELARAMEKNTDYVYEALLNTDIDIDSLEADSHLDEVWIKEVITKAGMKLKWSKLKQD
KVRKNKDAVRRPQADPALLTPRSPVVTIMGHVDHGKTTLLDKFRKTQVAAVETGGITQHIGAFLVSLPSGEKITFLDTPG
HAAFSAMRARGAQVTDIVVLVVAADDGVMKQTVESIQHAKDAQVPIILAVNKCDKAEADPEKVKKELLAYDVVCEDYGGD
VQAVPVSALTGDNLMALAEATVALAEMLELKADPNGPVEGTVIESFTDKGRGLVTTAIIQRGTLRKGSVLVAGKCWAKVR
LMFDENGKTIDEAYPSMPVGITGWRDLPSAGEEILEVESEPRAREVVDWRKYEQEQEKGQEDLKIIEEKRKEHKEAHQKA
REKYGHLLWKKRSILRFLERKEQIPLKPKEKRERDSNVLSVIIKGDVDGSVEAILNIIDTYDASHECELELVHFGVGDVS
ANDVNLAETFDGVIYGFNVNAGNVIQQSAAKKGVKIKLHKIIYRLVEDLQEELSSRLPCAVEEHPVGEASILATFSVTEG
KKKVPVAGCRVQKGQLEKQKKFKLTRNGHVIWKGSLTSLKHHKDDISIVKTGMDCGLSLDEDNMEFQVGDRIVCYEEKQI
QAKTSWDPGF
;
BC
15 'polypeptide(L)'
;MALRVLTRALSSLSLTPRIAVAPGLNLLPAVQVTNNVLLTLPSGLMSLPCRPILTSVALSATSVSWKSRTKYTVMPVKMR
KSGGRNHTGQIQVHGIGGGHKQRYRMIDFLRFRPEHESKPGPFEEKVIAVRYDPCRSADIALVAGGNRKRWIIATENMKA
GDTVLNSDHIGRMAVAAREGDAHPLGALPVGTLINNVESEPGRGAQYIRAAGTCGVLLRKVNGTAIIQLPSKRQMQVLET
CIATVGRVSNVDHNKRVIGKAGRNRWLGKRPNSGLWQRKGGWAGRKIRPLPPMKSYVKLPSAAAQS
;
BD
16 'polypeptide(L)'
;MPGWGLLGRAGARVLGCGADGLGASRGLGNRTDICLLVRSLHGKSVTWWDEHLSEENVPFVKQLVSDENKAQLASKLCPL
KDEPWPIHPWEPGSSRVGLIALKLGMMPLWTKDGQKHVVTLLQVQDCHVLKYTPKENHNGRMAALTVGGKTVSHFHKSAS
ILEFYQELGLPPKQKVKIFNVTENAVIKPGTPLYAAHFRPGQYVDVTAKTIGKGFQGVMRRWGFKGQPATHGQTKTHRRP
GAISTGDVARVWPGTKMPGQLGNIDRTAFGLKVWRINTKHNIIYVNGSVPGHKNCLVKIKDSKLPAYKDFCKNLPFPTYF
PDGDEEALPEDLYDENVCQPGAPSITFT
;
BE
17 'polypeptide(L)'
;MLQLVRAGARTWFRPSGCRGLNTLAEEAVQQAEKPESVASLGLQPPVLRKCELPVPAHRRPVQAWIESLRGYEQERVGLT
ELHPDVFSTAPRLDILHQVAIWQKNFKRISYAKTKTRAEVRGGGRKPWVQKGSGRARHGSIRSPIWRGGGVAHGPRGPTS
YYYMLPMKVRVQGLKVALTVKLAQDDLHIVDSLELPTADPQYLIELARYRRWGDSVLLVDLEHEDMPQNVVAATSGLKTF
NLVPAVGLNVHSMLKHQTLVLTLPTVAFLEEKLLWHNSRYTPLYPFRLPYCDFP
;
BF
18 'polypeptide(L)'
;MAAAACTAAGGGLLRAGLERLLRGGVRALLRPRLEGVTPRSERAFSLSLSRSTVIVERWWKVPLAGEGRKPRLHRRHRVY
KLVEDTKHRPKDNLELVLTQSVEELGVRGDLVSVKKSVGRNRLLPQGLAVYASPENKKLFEEEKLLRQEGKLEKLQTKAG
EATVKFLRRCHLEVGMKNNVKWELNPEIVARHFLRNLGVVVAPHALKLPEEPITQRGEYWCEVTVNGLDTVRVPMSVVNF
ERPKTKRYKYWLAQQAAKGDVPTSSQMI
;
BI
19 'polypeptide(L)'
;MAAVVAGMLRGGLLPQAGRLPTFQTVRYGSKAVTRHRRVMHFERQKLMAVTEYIPPKPTINPRCLPPPPTPPQEETGLVR
LLRREIAAVFRDNRMIAVCQHVALSAEDKLLLRHQLRKHKILMKIFPNQVLKPFLEESKYQNLLPLFVGHNLLLVSEEPK
VKEMVRILKGIPFLPLLGGCIDDTILSRQGFINYSKLPSLALVQGELVGGLTFLTAQTYSMLQHQPRQLTALLDQYVKQQ
QEGHPAVPASGQPEPPDPVPDP
;
BJ
20 'polypeptide(L)'
;MSKLSRATRALKKPEASGMIRAIVRAGQARPGPPLGPILGQRGVSINQFCKEFNEKTKDIKEGIPLPTKIFVKPDRTFEI
KIGQPTVSYFLKAAAGIEKGARHTGKEVAGLVTLKHVYEIARVKAQDDAFALQDVPLSSVVRSIIGSARSLGIRVVKDLS
SEELAAFQKERALFLAAQREADLAAQAEAAKK
;
BK
21 'polypeptide(L)'
;MSSFSKAPQQWATFARVWYLLDGKMQPPGKLAAMASVKLQGLHKPVYHQLSDCGDHVVIMNTRHIAFSGNKWEQKVYSSH
TGYPGGFRQVTAAQLHQKDPVAIVKLAIYGMLPKNLHRRTMMQRLHLFPDEDIPEDILKNLVEELPQPRKVPRRLDEYTQ
EEIEAFPRVWSPPEDYRL
;
BN
22 'polypeptide(L)'
;MAFCTGLRGPFAQVSRALSQRCFSTTGSLSAIQKMTRVRVVDNSALGTTPYHRPPRCIHVYNKTGVGKVGDRILLAIRGQ
KKKALIVGHRMPGPRMTPRFDSNNVVLLEDNGNPVGTRIKTPIPSSLRQREGEFSKVLAIAQNFV
;
BO
23 'polypeptide(L)'
;MGGPVQGGGPRALDLLRALPRVSLANLKPNPGSRKPERRPRGRRRGRKCGRGHKGERQRGTRPRLGFEGGQTPFYLRIPK
YGFNEGHSFRHQYQPLSLNRLQYLIDLGRVDPTQPIDLTQLVNGRGVTIQPSKRDYGVQLVEEGADTFKAKVNIEVQMAS
ELAIAAIEKNGGVVTTAFYDPRSLEILCKPVPFFLRGQPIPKRMLPPEALVPYYTDAKNRGYLADPARFPEARLELARKY
GYVLPDITKDELFKMLSTRKDPRQIFFGLAPGWVVNMADKKILKPTDENLLKYYSS
;
BP
24 'polypeptide(L)'
;MWRLLARACAPLLRAPLSDSWAAPSATAGFKTLLPVPTFEDVAIPEKPKLRFVERVPLVPKVRRERKNLSDIRGPSTEAT
EFTEGRFAILALGGGYLHWGHFEMMRLTINRSMDPKNMFALWRVPAPFKPITRKGMGQRMGGGKGAIDHYVTPVKAGRLI
VEMGGRCEFKEVQGFLDLVAHKLPFPAKAVSRETLEKMRKDQEERERNNQNPWTFERIATANMLGIRKVLSPYDLTHKGR
YWGKFYTPERV
;
BQ
25 'polypeptide(L)'
;MRLSVAAAISHGRVFRRLGLGPESRIHLLQNLLTGLVRHERIEASWARVDELRGYAEKLIDYGKLGDTNERAMRMADFWL
TEKDLIPKLFQVLAPRFQGQNGGYTRMLQIPNRNEQDRAKMAVIEYKGNCLPPLPLPRRDSNLTLLNQLLQGLRQDQEAS
SHTAQTPAV
;
BR
26 'polypeptide(L)'
;MALRSRFWALLSICRNPGCRAAALSTSCKPATNPETDPVENEAVAPEFTNRNPRNLELLAVARKERGWGTVWPSREFWHR
LRVIRTQHHIEALVEHRNGQVVVSASTREWAIKKHLYSTRNVVACESVGRVLAERCLEAGINFMVYHPTPWEAASDSIKR
LQHAMTEGGVVLREPRRIYE
;
BS
27 'polypeptide(L)'
;MAASITRGSWAAVGLGQSFPPTRALLPAPASVICRTLAGSGRQQVTGSSEPGAFQPPPKPVIVDKRRPQRPETRFLSPEF
IPPRGRTNPLKFQIERKDMLERRKILHIPEFYVGSILRVTTADPYASAKTSQFLGICIQRSGSGLGATFILRNTIEGQGV
EICFELYNPRIQEIQVVKLEKRLDNSLLYLRDALPEYSTFDVNMKPITQEFNQEVPVNQLKVKMKPKPWSKRWERPKFNI
KGIRFDLCLTEEQMREAQKWSQPWLEFDMMREYDTSKIEAAIWDEIEASKNS
;
BT
28 'polypeptide(L)'
;MVFLTVPLWLRSRVTDRYWRVQEVLKHARHFRGRKNRCYRLAVRAVTRAFVKCTRARRLKKRSLRTLWINRITAASQEHG
LKYPAFIINLIKCQVELNRKVLADLAIYEPKTFKSLAALAKRRREEGFAAALGDGKEPDGIFSRVVQHR
;
BU
29 'polypeptide(L)'
;MAAAVAASVLQGTFGRLVSAYSRSVLRTSRPGTAPPWSAPRRLSSQHTSSLRGCVPKTSLGSPPWPDIVLPDPVEETRHH
AEVVGQVNELIAAGRYGRLFAVVHFAGHQWKVTAEDLILIENELDVACGERIRLEKVLLVGADNFTLLGKPLLGKELVRV
EATVIEKTESWPKINMKFQKRKNYQRKRITVNPQTVLRINSIEIAPCLC
;
BV
30 'polypeptide(L)'
;MAAAVLERLGGLWMQNLRGKLALRLLSSHSILPQSHIHTSASVEISRKWEKKNKIVYPPQLPGEPRRPAEIYHCRRQIKY
SKDKMWYLAKLIRGMSIDQALAQLEFSDKKGAQIIKEVLLEAQDMAVRDHNVEFRSNLYVAESTSGRGQYLKRIRYHGRG
RFGIMEKVFCHYFVKLVEGPPPPREAPKTAVAHAREYIQELRNRTITHAL
;
BW
31 'polypeptide(L)'
;MARNVLYPLYQLGNPQLRVFRTNFFIQLVRPGTAQPEDTVQFRIPMEMTRVDLRNYLERIYNVPVAAVRTRVQYGSNRRR
DHRNIRIKKPDYKVAYVQLALGQTFTFPDLFPERKGASVDVDVRDQVLEDQRQKHSPDPRRGGVPGWFGL
;
BX
32 'polypeptide(L)'
;MRLSALLALASKVTLPPNYRYGMSRPGSLSDKRKNPPGTRRRRVPVEPISDEDWHLFCGDKVEILEGKDAGKQGKVVQVI
RQRNWVVVEGLNTHYRYVGKTVDYRGTMIPSEAPLLHNQVKLVDPTDRKPTDVEWRFTEAGERVRVSTRSGRIIPKPEFP
RADGIVPETWIDGPKDTSVEDALEKTYVPRLKTLEEEVMEAMGIQETRRHKKVYWY
;
BY
33 'polypeptide(L)'
;MALASGPARRALARLGRLGLGGCGAPRRGAYEWGVRSTRKPEPPPLDRVYEIPGLEPITYAGKMHFMPGLARPVFPPWDP
GWTHPKFRRLPPLHEHPLYKDQACYVFHQRCRLLEGVKQALWLTKTQLIEGLPEKVLRLADDPRNHIENQDERVLNAISH
ARLWHSTEDIPKRETYCPVIVDSLIQLCKSQILKHPSLARRICAQNNTLSATWNRESILLQVHGSSGARLNAKDPLPPVA
SQEEVEATKNHVLETFYPISPTMGLQECNVYDVNDDTGFQEGYPYPCPHTLYFLESANLRPRRFQPDQLRAKMILFAFGS
ALAQARLLYGNDSKVLEQPVVVQSVGTDGRLFQFLVLQLNTTDLASDEGVKNLAWVDSDQLLYQHFWCLPVIKKKVVVEP
VGPIGFQPETFRKFLALYLHGAV
;
Ba
34 'polypeptide(L)'
;MAAPWWRAALCASRRWRGFSTSAALSRRAAPLGPMPNEDIDVSDLERLKKYRSFDRYRRRAEQEARKPHWWRTYREHFGE
ESGPKDRVDIGLPPPKVSRTQQLLERKQALRELRANVEEERAARLQTARIPLEAVRAEWERTCGPYHKQRLAEYCGLYRD
LFHGATFVPRVPLHVAYAVGEDDLMPVYHGNEVTPTEAAQAPEVTYEADEGSLWTLLLTNLDGHLLEPDAEYVHWLVTNI
PGNRVTEGQETCPYLPPFPARGSGFHRFAFLLFKQDKRIDFSGDTRPSPCYQLAQRTFHTFDFYKKHQDAMTPAGLAFFQ
CRWDDSVTRVFHQLLDMREPVFEFVRPPPYHPKQKRFPHRQPLRYLDRYRDSHEPTYGIY
;
Bb
35 'polypeptide(L)'
;MAMGAWGLRLWRAVPRGEAGWRLIATSPASQLSPTELIEMQNDLFNKEKNRQLSLTPRTEKIEVKHVGKTDPGTVFVMNK
NISTPYSCAMHLSEWYCRKSILALVDGQPWDMYKPLTKSCEIKFLTFKDDDPGEVNKAYWRSCAMMMGCVIERAFKDEYV
VSLVRAPEVPVIAGAFCYDVVLDKRLDEWMPTKENLHSFTKDARALIYKDLPFETLEVEAKVALEIFQHNKYKLDFIEEK
ASQNPERIVKLHRFGDFIDVSEGPLIPRTSICFQYEVSAVHNLQTQSSLVRRFQGLSLPVHLRAHFTIWNKLLERSRKMV
TEDKTKPTEESAST
;
Bc
36 'polypeptide(L)'
;MAAAALGAASRTLRPASRLVGAWPTQTRDAHERGSLFSFWGLVPMRAEPLRKKKKVDPKKDQAAKDRLKKRIRRLEKASQ
ELIPIEDFITPVKFLNKERQRPPVELPFEESERRALLLKRWSLYKQREHEMERSAIRSLLEAQEEALQELRLSSPELHAE
ATKRDPSLFPFERQGPDYTPPISDYQPPEGRYQDITKVYTQVEFKK
;
Bd
37 'polypeptide(L)'
;MGLLSGAARALVRGADRMSKWTSKRGPRTFCKGRGAKGTGFHGRDGKFVQIKEMIPELVVPELAGFKLKPYVNYRAPEGT
DTPLTAKQLFLETAAPAIEKDFKAGTFDPEHLEKYGFEPTQEGKLFQLYPKNFPR
;
Be
38 'polypeptide(L)'
;MALAAVKWVISSRTILKHLFPIQNSASYCVCHKSTYSSLPDDYNCKVELALTSDGRTIVCYHPSVDIPYEHTKPIPRPDP
VHNIEETHDLVLKTRLEEKGEHLEQGPMIEQLSKMFFTTKHRWYPRGQYHRRRRKPNPPKDR
;
Bf
39 'polypeptide(L)'
;MTARGTASRFLTSVLHNGLGRYVQQLQRLSFSLSRDAPSSRGAREFVEREVTDFARRNPGVVIYVNPRPCCVPRVVAEYL
NGAVREESIHCKSVEEIAALVQKLADQSGLDVIRIRKPFHTDSPSIQGQWHPFTNKPTTLGGLRPREVQDPAPAQVQAQ
;
Bg
40 'polypeptide(L)'
;MASGLVRLLQWGPRRLLAPAAPTLAPPVRGAKKGFRAAYRFQKELERWRLLRCPPPPVRRSEKPNWDYHAEIQAFGHRLQ
ETFSLDLLKTAFVNSCYIKSEEAKRQKLGIDKEAALLNLKDNQELSEQGISFSQTCLTQFFEDAFPDLPTEGVTSLVDFL
TSEEVVCHVARNLAVEQLALSAEFPVPPPVLRQTFFAVIGALLQSSGPERTALFIRDFLITQMTGKELFEMWTITNPMGL
LVEELKKRKISAPESRLTRQSGSTTALPVYFVGLYCDRKLIAEGPGETVLVAEEEAARVALRKLFGFTENRRPWDYSKPK
EHVRAEKTITAS
;
Bh
41 'polypeptide(L)'
;MAAPVTRGLSCLPRVLGWWSRQPVLVTQSTAVVPVRTKKRFTPPTYQPKYKSEKEFVEHARKAGLVIPHERLERPIHLAC
TAGIFDAYVPPEGDARISSLSKEGLAQRAERLKKNVASQLSIRKIRESDPNFKIKDFPEKAKDIFIEAHLCLNNSDHDRL
HTLVTENCFPDMVWDIRYKTVRWSFVESLEPPQVVQVRCSSLMNQGNIYGQVTVRMHTRQTLAIYDRFGRLMYGQEDVPR
DVLEYVVFEKHLVDPYGSWRMHGKIIPPWAPPKQPILKTVMIPGPQLKPWEEFEEPQGEVHKPQPA
;
Bi
42 'polypeptide(L)'
;MAAPVRRTMLRVVRGWRRFEGPWAHSLGSRNLALAVAPSSSSSPWRLLGALCLQRPPLVTKPLTPLQEEMADLLQQIEIE
RSLYSDHELRALDEAQQLAKKKSDLYEEEDEQNILLAQDLEDMWEQKFLHFKLGARLTEADKKDDRTSLHRKLDRNLILL
VREKLGDQDIWMLPQSDWQPGETLRQTAERTLATLSENNMEAKFLGNAPCGHYKFKFPQAMRTETSLGAKVFFFKALLLT
GDFSQAGKKGHHVWVSKEELGDYLKPKYLAQVRRFLLDL
;
Bj
43 'polypeptide(L)'
;MNGALGKALCLRNDTVLKQALSLIRVRASGESPICSAGGILLSTSRHYRSKPTHGIGRYKHLVKAQEPKKKKGKVEVRPI
NLGTDYEYGVLNIHLIAYDMALAESYAQYVHNLCNHLAIKVEESYAMPTKTMEVLQLQEQGSKMFLDAVLTTHERVVQIS
GLSATFAEIFLEIIHSNLPEGVKLSVREHTEEDFKGRFKARPELEELLAKLN
;
Bk
44 'polypeptide(L)'
;MAATVLCGVLRAWRTGVPLGCGLRRLSQTQGTPEYPSFVESVDEYHFVERLLPPASIPRPPKHEHYPTPSGWQPPRDPAP
SLPYFVRRSRMHNIPVYRDITHGNRQMTVIRKVEGDIWALQKDVEDFLSPLLGKTPVTQVNEVTGTLRVKGYFDQQLKAW
LLEKGF
;
Bl
45 'polypeptide(L)'
;MAARWVSGLARRSLTCAVSGAPRREFWSPFRKEKQPVVAETVEEVKKEPILVCPPIQSRTYIPPEDLQSRLESHVKEVFG
SSVPSNWQDISLEDVHLKFSFLARLANDLRHAVPNSRLHQMCRVRDVLDFYNVPVQDRSKFDELIASNLPHNLKITWGY
;
Bm
46 'polypeptide(L)'
;MAGSLSWVTGRGLWGRLPLTCRSFSLGIPRLFHVRVTLPPRKVVDRWNEKRAMFGVYDNIGILGNFEKHPKELIKGPIWL
RGWKGNELQRCIRKKRMVGNRMFIDDLHNLNKRISYLYKHFNRHGKYR
;
Bn
47 'polypeptide(L)'
;MAAWGILLSTGVRRLHCGTAAQAGSQWRLQQGFAANPSGYGPLTELPDWSYADGRPAPPMKGQLRRKAQREKFARRVVLL
SQEMDAGLQAWQLRQQEKLQEEEGKQKNALKSKGALLQNPQPSQ
;
Bo
48 'polypeptide(L)'
;MAAALARLGLRAVKQVRVQFCPFEKNVESTRTFLQAVSSEKVRCTNLNCSVIADVRHDGSEPCVDVLFGDGHRLIMRGAH
LTAQEMLTAFASHIQARGAAASGDKPSASTGR
;
Bp
49 'polypeptide(L)'
;MAARRLFGAARSWAAWRAWELSDAAVSGRLHVRNYAKRPVIKGGKGGKGAVVGEALKDPEVCTDPFRLTTHAMGVNIYKE
GQDVVLKPDSEYPEWLFEMNVGPPKKLEELDPETREYWRLLRKHNIWRHNRLSKNRKF
;
Bq
50 'polypeptide(L)'
;MFLTALLRRNRIPGRQWIGKHRRPRPVSAQAKQNMIRRLETEAENQYWLSRPFLTAEQERGHAAVRRAAAFQALKAAQAA
RFPAHRRLEEQLGHLLVTRKWS
;
Bt
51 'polypeptide(L)'
;MAAARCLRWGLNRAGAWLLPSPTRYPRRALHKQVEGTEFQSIYSLDKLYPESRGSDTAWRLPDDAKQANDIPVDRLTISY
CRSSGPGGQNVNKVNSKAEVRFHLASADWIAEPVRLKLAVKHKNRINRSGELILTSECSRYQFRNLADCLQKLRDMIAEA
SQPAKEPSREDAELRRSRIENMNRERLRKKRISSAIKTSRRVDVD
;
Bu
52 'polypeptide(L)'
;MAAPVQQARTLLRLVTTLGQGSRGYRARPPPRRSQEPRWPDPDDPLTPRWQLSPRYAAKQFARHGAASGVAAGSLWPSQE
QLRELEAEEREWYPSLAAMQESLRVQQLAEEQKRQAREQLIEECMAKMPQMIENWRQQQQERREKEQADKDRRARLQAEA
QERLGYHVDPRSARFQELLQDMEKQHRKRLKEEKQRKKKEARAAAMAAAAAQDPADSETPSS
;
Bv
53 'polypeptide(L)'
;MAAARCWRFPLRGAGLSLHTAAKAAVTAPEVTGPDVPATPVARYPPIVASLTAKSKAARQRRVEQWQATVHAAKSVDEKL
RILTKMQFMKYVVYPQTFALNADNWYQSFTKTVFLSGLPPTPAKLEPEPTLDITALREAVCDCLLQEHFFLRRKKRAPVI
QDREAIASPFLDQLVASLTGLLSVHNPVLAAAALDCKRPVHFFWLRGEEIIPRGHRKGRVDALRYQINDKPHNQIRISRQ
LPEFVPLDYSIPIEVPVMSCKPDKLPLFKRQYENTIFIGSKTADPLCYGHTQFHLLPDKLKREKLLKQNCADQIEVVFRA
NAIASLFAWTGAQAMYQGFWSEADVTRPFVSQGVITDGKYFSFFCYQLNTLALTAQADQNNPRKNICWGTQSKPLYETIE
DNNVKGFNDDVLLQLVQFLLNRPKEDKSQLLEN
;
Bw
54 'polypeptide(L)'
;MVGLNVLVSGCGRLLRGLLAGPAATSWARPPSRGFREVVEILDGKTTIIEGRITETPQESPNPPNPTGQCPICRWNLKHK
YNYEDVLLLSQFIRPHGGMLPRRITGLCQEEHLKIEECVKMAHRAGLLPNHRPKLPEGFVPKSKPRLNRYLTRWSPRSVK
PIYNKGHRWNKVRMPVGSPLLKDNVSYSGRPLLLYH
;
Bx
55 'polypeptide(L)'
;AAAAAAAAAAAAAAAAAAAAAAAAAAAAAAAAAAAAAAAAAAAAAAAAAAAAAAAAAAAAAAAAAAAAAAAAAAAAAAAA
AA
;
Bz
56 'polyribonucleotide'
;ACACAGGUUUGGUCCUGGCCUUUCUAUUAAUUCUUAAUAAAAUUACACAUGCAAGUAUCCGCGCCCCGGUGAGAAUGCCC
UCCAGAUCUUAAAGAUCAAAAGGAGCAGGUAUCAAGCACACCUAUAACGGUAGCUCAUAACGCCUUGCUCAACCACACCC
CCACGGGAAACAGCAGUGAUAAAAAUUAAGCCAUGAACGAAAGUUUGACUAAGUUAUAUUAAUUAGAGUUGGUAAAUCUC
GUGCCAGCCACCGCGGUCAUACGAUUAACCCAAAUUAAUAGAUCCACGGCGUAAAGAGUGUUUAAGAAAAAAAAUCACAA
UAGAGUUAAAUUAUAACUAAGCUGUAAAAAGCCCUAGUUAAAAUAAAAUAACCCACGAAAGUGACUCUAAUAAUCCUGAC
ACACGAUAGCUAGGACCCAAACUGGGAUUAGAUACCCCACUAUGCCUAGCCCUAAACCCAAAUAGUUACAUAACAAAACU
AUUCGCCAGAGUACUACUCGCAACUGCCUAAAACUCAAAGGACUUGGCGGUGCUUCACAUCCACCUAGAGGAGCCUGUUC
UAUAAUCGAUAAACCCCGAUAGACCUUACCAACCCUUGCCAAUUCAGCCUAUAUACCGCCAUCUUCAGCAAACCCUAAAA
AGGAACAAUAGUAAGCACAAUCAUAGCACAUAAAAACGUUAGGUCAAGGUGUAGCUUAUGGGUUGGAAAGAAAUGGGCUA
CAUUUUCUACAUAAGAAUAUCCACCACACGAAAGUUUUUAUGAAACUAAAAACCAAAGGAGGAUUUAGCAGUAAAUCAAG
AAUAGAGUGCUUGAUUGAAUAAGGCCAUGAAGCACGCACACACCGCCCGUCACCCUCCUCAAGCAUGUAGUAAUAAAAAU
AACCUAUAUUCAAUUACACAACCAUGCAAGAAGAGACAAGUCGUAACAAGGUAAGCAUACUGGAAAGUGUGCUUGGAUUA
CC
;
AA
57 'polypeptide(L)'
;MASGPLLPRLLGAGAPRRPLRLHLVPTATPGPAGPTGRTLGSNAAPAAREPELGNDLRDRILSEPLKHADFFNLKELFSV
RSLFDARVHLGHKAGCRHRFMEPYLFGSRLGQDIIDLEQTAAHLQLALNFTAHVAYREGIILFVSRHRQFAHLIETTARD
CGEYAHTRYFKGGLLTNAPLLLGPGVRLPDLIIFLHTLNNVFEPHVAVRDAAKMNIPTVGIVDTNCNPALITYPVPGNDD
SPPAVRLFCRLFQVAISRAKEKRRQVEALYRLQGPAGAERGPAAPPPPE
;
AB
58 'polypeptide(L)'
;MVASVCGGGLRPLVLSWSRELPCAWRALHISAVCAKNRAARVRVSKGDKPVTYEEAHAPHYIAHRKGWLSLHTGNLDGED
HAAERTVEDVFLRKFMLGTFPGCLADQLVLKRRANQLEICALVLRQLPPHKFYFLVGYSETLLSHFYKCPVHLHLQTVPS
KVVYKYI
;
AC
59 'polypeptide(L)'
;MAAAVRAAGFFPGLFGASAGNLWSRQLYLNTFPAASILTSKTFPSNGPLSPPGTRDNHHFTSLACALQTQCSISSPSNWM
GQQYRSYSFFTKLTADELWKGALAESGAGARKGRGKRTKKKRRKDLNRGQIIGEGRHGFLWPGLNIPLMRNGAVQTIAQR
SKEDQEKVEADMVQQREEWDRRRKMKVKRERGWSGNTWGGVSLGPPDPGPNGETYDDFDTRILEVRNVFNMTAKEGRKRS
VRVLVAVGNGKGAAGFAIGKATERADAFRKAKNRAVHYLHYIERYEDHTIYHDISLKFKRTHIKMKKQPRGYGLHCHRAI
MTICRLIGIKDLYAKVSGSVNMLNLTRGLFLGLSRQETHQQLADKKSLHVVEFREECGPLPIVVASPQGALRKDPEPEDE
VPDITLDWEDVKAAQGMKRSVWSGLKRAAT
;
AE
60 'polypeptide(L)'
;MPRYELALILKAMQRPETAAALKRTLEALMDRGAVVRNLENLGERMLPYKISAHNQRHSRGGYFLVDFYAPATTVESMME
HLSRDIDVIRPNIVKHPLTQEVKECEGIVPVPLEEKLYSTKKRK
;
AF
61 'polypeptide(L)'
;MAAPAVKAARGWSCSALGVRIAVLRFPGLTQVRWSRYGPEYKDPQIDKEYYRKPLAEQTEEEKYERDFKKTQLIKAAPAT
KTSSVFEDPVISKFTNMMMKGGNKVLARSLMTQTLEAVKRKQFAKYHAASAEEQATIERNPYTIFHQALKNCEPVIGLVP
ILKGGHFYQVPVPLADRRRRFLAMKWMIAECREKKHRRVLMPEKLSQELLEAFHNQGPVIKRKHDMHKMAEANRALAHYR
WW
;
AG
62 'polypeptide(L)'
;MAAPCVFCGAAVSYRLFLGCRVSFARGQVLWKAAAPELQAGARCQILRLRHTAVVTTKKNVAASRRETYTVDFIKKQIEE
FNIGKRHLANMMGEDPETFTQEDIDRAIAYLFPSGLFEKRARPIMKHPEEIFPKQRAIQWGEDGRPFHFLFYTGKQSYYS
LMHDTYGKLLDVEKHHNQLRAKDLLAEKTKILKDPIGSRWLIKEELEEMLVEKLSDQDYAQFIRLLERLSALPCGATEED
FVNRFRRSIPIQSKKQLIEPLQYDEQGMAFSRGEGKRKTAKAEVVVYGQGSGRIDVNGVDYLLYFPVTQDREQLMFPLHF
LDRLGKHDMTCAVSGGGRSAQAGAVRLAMARALCSFVTEDEVEWMRQAGLLTADPRVRERKKPGQEGARRKFTWKKR
;
AI
63 'polypeptide(L)'
;MAARTAFGALARRLWQGSRNFSVSSSRSSTAKNGGFLLSTTMKWVQFSNLHVDVPKDMTKPEITISDEPDTLYKRLSVLV
KGHDKAVLDSYEYFAVLAAKELGISIKVHEPPRKIERFTLLKSVHIFKKHRVQYEMRTLYRCLELEHLTGSTADVYLEYI
QRNLPEGVAMEVTKTKLEQLPEHIRKPIWETMPEEKEESKS
;
AJ
64 'polypeptide(L)'
;MQVVRNAGSRLLQSWAWPPKTRIVAGLPASTIHRSAPHLQDAAAKLDIEDKEEARTPSHSSFSIYPPIPGQENSLRWAGK
KFEEIPIAHIKASYNNTQIQVVSAAHQPLAHASCGTEGFRNAKKGTGIAAQTAGIAAAAKATGKGVTHVRVVVKGLGPGR
LSAIKGLTMGGLEVISITDNTPIPHNGCRPRKARRL
;
AK
65 'polypeptide(L)'
;MSWSGLLRGLGTSLNCGLALVPRPWATRPMATLNQMHRLGPPKHPPGKMGPTAGRPQLKGVVLRTFIRKPKKPNSANRKC
CRVRLSTGREAVCFIPGEGHSLQEHHVVLVQGGRTQDLPGVKLTVVRGKYDCGHVQKKK
;
AL
66 'polypeptide(L)'
;MAASMLGFLLRTVRQMVPSSASGQVRSYYVDWKMLRDVKRRKMAYEYADERLRINSLRKNTILPKDLQEVADEEIASLPR
DSCPVRIRNRCVMTSRPRGVKRRWRLSRIVFRHLADHGQLSGVQRAMW
;
AN
67 'polypeptide(L)'
;MLRAAWRALSSIRTQAVTQAPVLGLPGGGCARFPSVQRALPSRPAGLILRAARGYAAQKPVQPNQDDPPPSMLLLDYQNV
PGIHKVDDVVKRLLSLEMANQKEKLKIKKMQLMNKVLENPEDTSSLEARIVALTVKIRNYEEHMQKHRKDKAHKRFLLMS
IDQRKKMLKNLRETNYAVFEKICKELGIEYTFPPPYHRKAHRRWVTKKALCTQVFREVQKLKKQKRALRAAAVAAHKQG
;
AO
68 'polypeptide(L)'
;MVQLTTVLCRAYRGGHLTIRLALGGCTNRPFYRIVAAHSKCPRDGRFVEQLGSYDPLPNSHGEKLVALNFDRIRHWIGCG
AHLSKPVEKLLGLSGFYPLHPMMITNAERLRRKRAREVLLASQKTDTEATETKAS
;
AP
69 'polypeptide(L)'
;MSIARSSVHAKWVVGKVIGTAMQKTAKVRVTRLVLDPYLLKYFNKRKTYFAHDALQQCTVGDIVLLKALPVPRTKHVKHE
LAEIIFKVGQVIDPVTGKPCAGTTYLESPISPESTRLTKNLEALQLSSTQ
;
AQ
70 'polypeptide(L)'
;MAAVVSLCSRLGRRKSTDFVNAAVCLTDPGTHAVLWRSCSQYKQVASNEDLPVPMENPYKEPLKKCILCEKHVDYKNVQL
LSQFISPFTGCIYGRHITGLCGKKQKEITKAIKRAQILGFMPVTYKDPAYLKDPKVCNIKYRE
;
AR
71 'polypeptide(L)'
;MANHLKFIARTVMVQEGNVEGAYRTLNRILTMDGLIEDIKRRRYYEKPCRRRQRESYETCRRIYNMEMARKINFLMRKNR
ADPWQGC
;
AU
72 'polyribonucleotide' AGUAAGGUCAGCUAAAUAAGCUAUCGGGCCCAUACCCCGAAAAUGUUGGUUAUACCCUUCCCGUACUACCA AV
73 'polyribonucleotide'
;AUGACCCACCAAUCACAUGCCUAUCAUAUAGUAAAACCCAGCCCAUGACCCCUAACAGGGGCCCUCUCAGCCCUCCUAAU
GACCUCCGGCCUAGCCAUGUGAUUUCACUUCCACUCCAUAACGCUCCUCAUACUAGGCCUACUAACCAACACACUAACCA
UAUACCAAUGAUGGCGCGAUGUAACACGAGAAAGCACAUAC
;
AX
74 'polypeptide(L)' AAAAAAAAAAAAAAAAAA AZ
75 'polypeptide(L)'
;MPHEPRETRNLSLPLPALVARIIMATLKASALLRSLQTNSCGTGRVCFPVRARPRPRALLQPLPGASGTGTLCRGLGSES
ESGNSEIRKPTFMDEEVQNILIKMTGLDLQKIFKPALQELKPPTYKLMTQAQLEEATKQAVEAAKVRLKMPPVLEERAPI
NDVLAEDKILEGTETAKYVFTDISYSIPHRERFIVVREPSGTLRKASWEERDRMIQVYFPREGRRILTPVIFKEENLQTM
YSQDQHVDVLNLCVAQFEPDSAEYIKIHHHTYEDIDKCGKYDLLRSTRHFGGMAWYFVNKKKIDGLLIDQIQRDLVSDAT
SLVHLYHILHPDGQSAQEAKKQGAEGLHLIKVFAKTEAQKGAYIELTLQAYQEAFITHSAAS
;
Aa
76 'polypeptide(L)'
;MAGSRLETVGSIFSRTRDLIRAGVLKEKPLWLDIYNAFPPLREPVFRRPRLRYGKAKAAVQDIFYHEDRIRAKFYSAYGS
GPKAFDLFNPNFKSTCQRFVEKYIELQRLGETDEEKLFVEAGKALLAEGVTLRRVGEARTQQEGSPISRKSEPTGIKPQT
AVEENQPWKEVPQDQPLEAPEKESKGLPPP
;
Ab
77 'polypeptide(L)'
;MPMKGRFPIRRTLQYLGQGDVVFKDSVKVMTVNYNTHGELGEGARKFVFFNIPQIQYKNPWVQITMFKNMTPSPFLRFYL
DSGEQVLVDVESKSNKEIVEHIRKILGKNEETLEKEEQEKKQLSHPAHFGPRKYCLRECMCEVEGQVPCPGLVPLPKEMT
GKYKAALKATAQD
;
Ac
78 'polypeptide(L)'
;MLRVLGGLGARPAGRLPAPLLLPTRGRKTRHDPPAKSKAGRVATPPAVDPTEFFVLTERYRQYRQTVRALRLEFMSEVRK
KLHEARAGVQAERKAQEDAAEHRELMAWNQAENQRLHELRLARLRQEALEQERRQAEEAVLQAREAQAWAQLKEQEVLQL
QEEAKTFITRENLEARVEEALDSPKSYNWAITREGLVVRPQQKGS
;
Ad
79 'polypeptide(L)'
;MLSRAAPTEGTGGGRRSVDSTPPPRLPATPAPAFPLVCSKMASSIVRRGILRARKVSLPQLSLAGRRCLLSAAYVDSHKW
EARDKEDCHLADLASLMDKTYERKLPVSSLTISRFVDNIASREDIDHAEYYLYKFRHSPNCWYLRDWTIHTWIRQCLKYG
AQDKALYTLKNKVQYGIFPDNYTFNLLMDYFIKKENYKDALSVVFEIMMQEAFEVPSTQLLSLYVLYHCLAEKTDLSWEE
ERNFGASLLLPGLKQKNSVGLSSQLYGYALLGKVELQQGLRAVYCNMPLLWQPGYLHRALQVMEKVASSPEDGQLCGEAL
DVLDRVLKAVTAPAQGTSEEQPQEGEESQRSEELVEQLDVEETEQSKLPQYLERFEALRSKLQALGKVESESLLTLSTQL
AKAQLPTCEAEDIAVYEQRLQQWHGERVRLIQREQEQRERARQDYEARRAAKASA
;
Ae
80 'polypeptide(L)'
;MAALCRTRAVTAKSHFLRVFFFSRPCRGTGTESGSGSESSESTEPKQRPGGFASALERHSELQQKAEFGRMRGSPKNVES
FASMLRHSPLTQMGPAKNKLVIGQIFHIVEDDLYIDFGGKFHCVCKRPEVDGEKYQKGTRVRLRLLDLELTSRFLGATTD
TTILEADAVLLGLQESKDSKSKEERHEK
;
Af
81 'polypeptide(L)'
;MLKGVTRLISRVHKLDPGHVLYMGTQAPQSLAAHLDNQVPVKSPRAISRTSEDDPAKHREQHEGQHYNISLQELKTVFPH
GLPPRFAMQVKTFNEACLMVRKPALELLHYLKNTNFAHPAVRYVLYGEKGTGKTLSLCHILHFCAKQNWLILHIPDAHIW
VKNCRDLLQSNYNKQRFDQPLEASTWLKNFKTANEHFLSQIKVQEKYVWNKRESTEKGRPLGEVVEQGIMRVRNATDAVG
IVLKELKRQSSLGIFHLLVAVDGVNALWGRTTLKREDKSPIAPEELALIHNLRKMVKNDWQGGAIVLTVSQTGSLFKPRN
AYLPQELLGKEGFDALDPFIPILVSNYNPKEFESCIQYYLENNWLQHEKAHTEEGKKELLFLSNRNPGQLERLCAYL
;
Ag
82 'polypeptide(L)'
;MLPRVSAVIPLRPLSRLPLCSGGPEASAAAILLLDSLRGTVRTENNIQRYFGTNNLVYSKKDEQSGPTCEISKETESKGS
VKENSKKDLLNIIKGMKVELSTVNVQTTKPSNKRQLKNLETAIGRIKKAPEDTPQKRSESLSSELVAAVSAVADSLPFDR
RMTKSELLRQLQKHEEDSR(UNK)QKDGEKPKISFSNIISDMKVARSATARVSTRPVHQIQFDEGTDDFADQEKTLNLKK
SFRKNIFKGRRLNIFEPQAVTEEAPETEAVPSLWDIEFAKQLAAVTERPFQNGFEEMIQWTKEGKLWEFPINNEAGFDDD
GSEFHEHIFLDKYLQDFPKQGPIRHFMELVTCGLSKNPYLSVKQKVEHIEWFRNYFNEKRVILKESGIQLN
;
Ah
83 'polypeptide(L)'
;MSSLSEYAVRMSRLSARLFGEVARPTDSKSMKVVKLFSEQPLAKRKETYDWYPNHNTYFALMGTLRFLGLYRDEHQDFRD
EQLRLKKLRGKGKPRKGEGKRAMKKK
;
Ai
84 'polypeptide(L)'
;MARKKVRPRLIAELARRVRALREQRERPRDSQRYALDYETMMRPHSGNRLPMRAWADVRHESRLLQLLNRLPLFGLGRLV
TRKSWLWQHDEPCYWRLTRVRPDYAAENLDHGKAWGILTFKGKTESEAREIEQVMYHDWRLVPKHEEEAFTAFTLVPEDT
PLSVPYPPLLRAMILAQRQKYGDTSTEEPMLNLERARIDPWDYPAKLEAKTKTKGAAV
;
Aj
85 'polypeptide(L)'
;MAATSLPAWLILKSRAGTFRAFSTAMSPATRSPRPALRTTERTSKPERALRRKALPPRTEKMAVDQDWPSVYPVAAPFKP
SAVPLPVRMGYPVKRGVPMAKEGNLELLKIPNFLHLTPVAIKRHCEALKDFCTEWPAALDSDEKCEKHFPIEIDTADYVS
AGPSIRNPKARVVTLRVKLSSLNLDDHAKKKLIKLVGDRYCKSTDVLTIKTDRCPLKRQNYDYAVYLLTVLYHESWKTEE
WEKKKTEADMEEYIWENSTSEKNILETLLQIKAAEKNLELSKEELLGTKEVEDYRKSVVSLKNEGDNENTLSQYKESVKR
LLNLA
;
Ak
86 'polypeptide(L)'
;MATPSLRGRLARLGNPRRPILKPNKPLILANHVGERRREKGEATCITEMSVMMACWKQNEFRDEACRKEIQDFFDCASRA
EAARKMRSIQENLGELGSLPPKKLNKLLHRFPNKPHVS
;
Am
87 'polypeptide(L)'
;MFLVRLTSQLLRAVPGAGRSGSPRVSEVLGRHACRPRYSTQPPGPSGIASLPGKHVHPELEEMLVPRKMSISPLESWLTI
RYLLPRLGAGTPGTVSPAQLYQCPPSQVGEGVKQGDKEVRDTPQMQCKNILKIRRRKMNHHKYRKLVKRTRFLRRKVREG
RLRQKQVKFERDLKRIWQKAGLKEAPAGWQTPKIYLKNQ
;
An
88 'polypeptide(L)'
;MAAVASARWLGVRSGLCLPLTGRRVGPCGRTPRSRFYSGSAAHPEVEGANVTGIEEVVIPKKKTWDKVAILQALASTVHR
DSTAAPYVFQDDPYLIPTSSVESHSFLLAKKSGENAAKFIINSYPKYFQKDIAEPHIPCLMPEYFEPQIEDVSEAALQER
IKLRKVKASVDMFDQLLQAGTTVSLETTNSLLDLLCYYGNQEPSANYNFQQREQSEELEEATEADNEKSKTKAGHHLGVT
WRTKNNAERIFALMPEKNAHSYCTMIRGMVKHQAPTQALNLYTVLLNNRLRADVYTFNSLIEATALVVNEKFEEKWNNIL
DLLKQMVTQNVKPNLQTFNTILKCLRRFYAFGKLPALQTLREMKAIGIEPSLATYHYVIQLFYQHESPSKGSSLIIYDIM
NEVMGKRFSPRDPDDDMFFQSAMRVCSSLRDLELAYQVHGLLNTGDNWKLIGSDHRRNFYYSKFFNLLCFMEQIDVTLKW
YKDLIPSVFFPHSQTMIDLLQALDVANRLDMVPQIWKDSKEYGHTFRNELKEEILMLMARDQHPPELQVAFADCAADIKS
TYESQDARQTAPEWPASSLNYVAVLFLRAGRTQEAWKMLGLFRKHNKIPRAELLNEFLDSAKASSSPAQAIELVKLASAF
SLPVCEGLTRRVMAEFTLTQEQREALGELTALTSDSSSDSDSDSDSDISEGK
;
Ao
89 'polypeptide(L)'
;MAASILNVLLRRLPGVSPFRGAYGVQVLLQTLCTKAPPEDDSLPQVPISPYKDEPWKYLDSEEYQNRYGSRPVWADYRRN
HKGGIPPQRTRKMCIRGNKVAGNPCPICRDQKLHVDFRNVKLLEQFVCAHTGIIFHAPYTGVCMKQHKKLTQAIQKARDH
GLLRYHIPQVEPRDLDFSTTHGAVSSTPPAPTLVSGDPWYPWYSWKQPPERELSRLRRLYQGRLREESGPPPELMPEVPL
TAPAEASSTEPGAPQSAL
;
Ap
#
# COMPACT_ATOMS: atom_id res chain seq x y z
N GLU A 46 -33.81 24.76 -110.55
CA GLU A 46 -33.85 23.63 -111.47
C GLU A 46 -33.43 22.33 -110.79
N ALA A 47 -33.42 21.25 -111.56
CA ALA A 47 -33.00 19.94 -111.06
C ALA A 47 -32.21 19.19 -112.13
N LEU A 48 -31.47 18.17 -111.73
CA LEU A 48 -30.63 17.41 -112.65
C LEU A 48 -31.25 16.04 -112.98
N ALA A 49 -30.51 15.23 -113.74
CA ALA A 49 -30.99 13.93 -114.23
C ALA A 49 -31.21 12.90 -113.10
N GLY A 50 -32.06 11.92 -113.37
CA GLY A 50 -32.43 10.91 -112.38
C GLY A 50 -31.64 9.59 -112.48
N ALA A 51 -30.70 9.50 -113.43
CA ALA A 51 -29.78 8.37 -113.55
C ALA A 51 -30.44 6.99 -113.77
N PRO A 52 -30.96 6.77 -114.97
CA PRO A 52 -31.44 5.44 -115.38
C PRO A 52 -30.24 4.50 -115.55
N LEU A 53 -30.48 3.18 -115.50
CA LEU A 53 -29.36 2.24 -115.42
C LEU A 53 -29.55 0.86 -116.07
N ASP A 54 -28.65 -0.06 -115.71
CA ASP A 54 -28.34 -1.30 -116.43
C ASP A 54 -29.50 -2.21 -116.87
N ASN A 55 -30.36 -2.62 -115.94
CA ASN A 55 -31.40 -3.63 -116.25
C ASN A 55 -32.26 -3.22 -117.43
N ALA A 56 -32.90 -2.06 -117.32
CA ALA A 56 -33.49 -1.45 -118.51
C ALA A 56 -33.08 0.01 -118.65
N PRO A 57 -32.23 0.29 -119.62
CA PRO A 57 -32.12 1.63 -120.17
C PRO A 57 -32.03 1.53 -121.69
N LYS A 58 -33.10 1.89 -122.38
CA LYS A 58 -33.06 2.03 -123.83
C LYS A 58 -32.99 3.49 -124.25
N GLU A 59 -33.06 4.39 -123.28
CA GLU A 59 -33.37 5.80 -123.55
C GLU A 59 -32.13 6.65 -123.79
N TYR A 60 -32.00 7.14 -125.02
CA TYR A 60 -30.97 8.12 -125.39
C TYR A 60 -31.52 9.54 -125.25
N PRO A 61 -30.64 10.52 -124.99
CA PRO A 61 -31.03 11.93 -124.76
C PRO A 61 -31.77 12.57 -125.95
N PRO A 62 -32.55 13.65 -125.68
CA PRO A 62 -33.22 14.44 -126.73
C PRO A 62 -32.23 15.24 -127.57
N LYS A 63 -31.14 15.67 -126.94
CA LYS A 63 -30.12 16.51 -127.58
C LYS A 63 -29.44 15.81 -128.74
N ILE A 64 -28.96 14.58 -128.51
CA ILE A 64 -28.34 13.77 -129.57
C ILE A 64 -29.27 13.59 -130.77
N GLN A 65 -30.55 13.35 -130.49
CA GLN A 65 -31.54 13.11 -131.55
C GLN A 65 -31.86 14.36 -132.37
N GLN A 66 -32.03 15.50 -131.70
CA GLN A 66 -32.28 16.76 -132.43
C GLN A 66 -31.01 17.23 -133.15
N LEU A 67 -29.84 16.80 -132.68
CA LEU A 67 -28.58 17.11 -133.36
C LEU A 67 -28.38 16.26 -134.62
N VAL A 68 -28.70 14.98 -134.54
CA VAL A 68 -28.65 14.11 -135.72
C VAL A 68 -29.76 14.49 -136.70
N GLN A 69 -30.85 15.07 -136.16
CA GLN A 69 -31.94 15.56 -137.01
C GLN A 69 -31.58 16.87 -137.72
N ASP A 70 -30.82 17.73 -137.05
CA ASP A 70 -30.32 18.98 -137.66
C ASP A 70 -29.14 18.70 -138.60
N ILE A 71 -28.50 17.55 -138.41
CA ILE A 71 -27.44 17.07 -139.29
C ILE A 71 -28.03 16.45 -140.57
N ALA A 72 -29.14 15.73 -140.43
CA ALA A 72 -29.78 15.04 -141.55
C ALA A 72 -30.58 15.98 -142.47
N SER A 73 -30.82 17.21 -142.02
CA SER A 73 -31.63 18.17 -142.79
C SER A 73 -30.78 19.12 -143.66
N LEU A 74 -29.46 18.98 -143.56
CA LEU A 74 -28.53 19.86 -144.28
C LEU A 74 -28.16 19.32 -145.67
N THR A 75 -28.06 20.22 -146.64
CA THR A 75 -27.56 19.87 -147.96
C THR A 75 -26.05 19.60 -147.87
N LEU A 76 -25.49 18.88 -148.83
CA LEU A 76 -24.09 18.41 -148.73
C LEU A 76 -23.05 19.55 -148.78
N LEU A 77 -23.46 20.73 -149.22
CA LEU A 77 -22.59 21.91 -149.21
C LEU A 77 -22.45 22.45 -147.77
N GLU A 78 -23.56 22.36 -147.02
CA GLU A 78 -23.55 22.69 -145.59
C GLU A 78 -23.04 21.51 -144.74
N ILE A 79 -23.00 20.32 -145.33
CA ILE A 79 -22.37 19.14 -144.71
C ILE A 79 -20.84 19.23 -144.83
N SER A 80 -20.35 19.72 -145.97
CA SER A 80 -18.91 19.97 -146.16
C SER A 80 -18.47 21.22 -145.38
N ASP A 81 -19.33 22.25 -145.31
CA ASP A 81 -19.10 23.41 -144.43
C ASP A 81 -19.02 22.99 -142.95
N LEU A 82 -19.98 22.18 -142.53
CA LEU A 82 -20.00 21.59 -141.18
C LEU A 82 -18.72 20.79 -140.90
N ASN A 83 -18.34 19.93 -141.84
CA ASN A 83 -17.14 19.09 -141.72
C ASN A 83 -15.87 19.93 -141.59
N GLU A 84 -15.76 21.01 -142.37
CA GLU A 84 -14.60 21.92 -142.28
C GLU A 84 -14.54 22.66 -140.92
N LEU A 85 -15.70 23.19 -140.50
CA LEU A 85 -15.79 23.93 -139.24
C LEU A 85 -15.56 23.04 -137.99
N LEU A 86 -15.87 21.75 -138.10
CA LEU A 86 -15.52 20.78 -137.05
C LEU A 86 -14.07 20.23 -137.16
N LYS A 87 -13.53 20.17 -138.38
CA LYS A 87 -12.14 19.74 -138.59
C LYS A 87 -11.13 20.77 -138.05
N LYS A 88 -11.47 22.06 -138.20
CA LYS A 88 -10.56 23.12 -137.77
C LYS A 88 -10.51 23.29 -136.23
N THR A 89 -11.67 23.34 -135.59
CA THR A 89 -11.75 23.53 -134.14
C THR A 89 -11.20 22.33 -133.37
N LEU A 90 -11.44 21.13 -133.88
CA LEU A 90 -10.95 19.90 -133.23
C LEU A 90 -9.93 19.19 -134.12
N ILE B 64 -25.29 25.19 -138.53
CA ILE B 64 -23.97 24.60 -138.40
C ILE B 64 -23.30 24.99 -137.07
N GLN B 65 -23.52 26.23 -136.64
CA GLN B 65 -22.88 26.76 -135.43
C GLN B 65 -23.52 26.24 -134.15
N GLN B 66 -24.85 26.18 -134.11
CA GLN B 66 -25.57 25.65 -132.94
C GLN B 66 -25.25 24.16 -132.73
N LEU B 67 -24.88 23.47 -133.81
CA LEU B 67 -24.52 22.06 -133.74
C LEU B 67 -23.12 21.86 -133.12
N VAL B 68 -22.18 22.74 -133.47
CA VAL B 68 -20.82 22.69 -132.92
C VAL B 68 -20.82 23.18 -131.47
N GLN B 69 -21.69 24.14 -131.16
CA GLN B 69 -21.89 24.60 -129.78
C GLN B 69 -22.55 23.53 -128.90
N ASP B 70 -23.52 22.82 -129.45
CA ASP B 70 -24.18 21.72 -128.73
C ASP B 70 -23.30 20.46 -128.69
N ILE B 71 -22.29 20.40 -129.56
CA ILE B 71 -21.28 19.34 -129.53
C ILE B 71 -20.21 19.62 -128.46
N ALA B 72 -19.83 20.89 -128.32
CA ALA B 72 -18.87 21.29 -127.28
C ALA B 72 -19.47 21.23 -125.88
N SER B 73 -20.80 21.29 -125.78
CA SER B 73 -21.52 21.30 -124.50
C SER B 73 -21.74 19.90 -123.89
N LEU B 74 -21.69 18.87 -124.73
CA LEU B 74 -21.97 17.50 -124.27
C LEU B 74 -20.82 16.95 -123.42
N THR B 75 -21.17 16.12 -122.44
CA THR B 75 -20.16 15.45 -121.62
C THR B 75 -19.55 14.30 -122.43
N LEU B 76 -18.62 13.57 -121.83
CA LEU B 76 -17.96 12.48 -122.54
C LEU B 76 -18.95 11.37 -122.91
N LEU B 77 -19.82 11.02 -121.98
CA LEU B 77 -20.80 9.96 -122.18
C LEU B 77 -21.72 10.23 -123.38
N GLU B 78 -22.16 11.49 -123.51
CA GLU B 78 -23.12 11.88 -124.55
C GLU B 78 -22.46 12.09 -125.93
N ILE B 79 -21.20 12.51 -125.95
CA ILE B 79 -20.45 12.57 -127.21
C ILE B 79 -20.12 11.15 -127.66
N SER B 80 -20.01 10.22 -126.72
CA SER B 80 -19.77 8.80 -127.04
C SER B 80 -21.04 8.11 -127.56
N ASP B 81 -22.18 8.40 -126.94
CA ASP B 81 -23.47 7.93 -127.46
C ASP B 81 -23.72 8.52 -128.85
N LEU B 82 -23.37 9.79 -129.02
CA LEU B 82 -23.47 10.47 -130.31
C LEU B 82 -22.58 9.81 -131.36
N ASN B 83 -21.37 9.40 -130.96
CA ASN B 83 -20.46 8.72 -131.87
C ASN B 83 -20.90 7.29 -132.24
N GLU B 84 -21.55 6.60 -131.31
CA GLU B 84 -22.05 5.25 -131.59
C GLU B 84 -23.34 5.28 -132.44
N LEU B 85 -24.19 6.28 -132.21
CA LEU B 85 -25.38 6.49 -133.03
C LEU B 85 -25.03 7.05 -134.42
N LEU B 86 -23.88 7.70 -134.53
CA LEU B 86 -23.36 8.15 -135.84
C LEU B 86 -22.51 7.07 -136.53
N LYS B 87 -22.10 6.05 -135.76
CA LYS B 87 -21.45 4.86 -136.32
C LYS B 87 -22.50 3.87 -136.87
N LYS B 88 -23.64 3.79 -136.19
CA LYS B 88 -24.72 2.89 -136.62
C LYS B 88 -25.55 3.41 -137.81
N THR B 89 -25.95 4.67 -137.74
CA THR B 89 -26.82 5.28 -138.78
C THR B 89 -26.11 5.39 -140.13
N LEU B 90 -24.95 6.03 -140.14
CA LEU B 90 -24.16 6.20 -141.38
C LEU B 90 -23.37 4.94 -141.70
N ILE C 64 -32.33 10.79 -155.90
CA ILE C 64 -31.60 9.57 -155.54
C ILE C 64 -31.63 8.55 -156.68
N GLN C 65 -32.82 8.31 -157.22
CA GLN C 65 -32.96 7.37 -158.33
C GLN C 65 -32.56 8.01 -159.67
N GLN C 66 -32.87 9.30 -159.82
CA GLN C 66 -32.44 10.05 -161.00
C GLN C 66 -30.92 10.15 -161.09
N LEU C 67 -30.25 10.17 -159.94
CA LEU C 67 -28.79 10.24 -159.88
C LEU C 67 -28.14 8.88 -160.20
N VAL C 68 -28.73 7.79 -159.73
CA VAL C 68 -28.26 6.45 -160.08
C VAL C 68 -28.46 6.20 -161.58
N GLN C 69 -29.58 6.69 -162.13
CA GLN C 69 -29.84 6.62 -163.56
C GLN C 69 -28.88 7.49 -164.40
N ASP C 70 -28.51 8.67 -163.90
CA ASP C 70 -27.61 9.57 -164.62
C ASP C 70 -26.12 9.16 -164.53
N ILE C 71 -25.75 8.51 -163.42
CA ILE C 71 -24.40 7.95 -163.26
C ILE C 71 -24.27 6.61 -164.01
N ALA C 72 -25.38 5.90 -164.17
CA ALA C 72 -25.39 4.63 -164.91
C ALA C 72 -25.21 4.83 -166.42
N SER C 73 -25.47 6.04 -166.92
CA SER C 73 -25.32 6.33 -168.36
C SER C 73 -23.94 6.92 -168.71
N LEU C 74 -23.14 7.25 -167.71
CA LEU C 74 -21.79 7.80 -167.92
C LEU C 74 -20.79 6.69 -168.29
N THR C 75 -19.88 6.97 -169.21
CA THR C 75 -18.84 6.00 -169.57
C THR C 75 -17.81 5.93 -168.43
N LEU C 76 -16.83 5.03 -168.52
CA LEU C 76 -15.93 4.75 -167.40
C LEU C 76 -15.02 5.95 -167.05
N LEU C 77 -14.51 6.62 -168.08
CA LEU C 77 -13.63 7.79 -167.94
C LEU C 77 -14.37 8.97 -167.28
N GLU C 78 -15.68 9.02 -167.50
CA GLU C 78 -16.54 10.05 -166.90
C GLU C 78 -16.96 9.74 -165.44
N ILE C 79 -17.04 8.45 -165.08
CA ILE C 79 -17.27 8.08 -163.68
C ILE C 79 -15.98 8.27 -162.88
N SER C 80 -14.84 8.07 -163.53
CA SER C 80 -13.53 8.35 -162.92
C SER C 80 -13.28 9.86 -162.80
N ASP C 81 -13.79 10.63 -163.76
CA ASP C 81 -13.79 12.10 -163.66
C ASP C 81 -14.74 12.57 -162.54
N LEU C 82 -15.83 11.83 -162.33
CA LEU C 82 -16.79 12.11 -161.26
C LEU C 82 -16.16 11.85 -159.88
N ASN C 83 -15.47 10.70 -159.75
CA ASN C 83 -14.76 10.40 -158.51
C ASN C 83 -13.61 11.39 -158.25
N GLU C 84 -12.96 11.82 -159.33
CA GLU C 84 -11.87 12.80 -159.24
C GLU C 84 -12.38 14.18 -158.79
N LEU C 85 -13.54 14.59 -159.31
CA LEU C 85 -14.15 15.89 -158.93
C LEU C 85 -14.82 15.84 -157.55
N LEU C 86 -15.28 14.67 -157.12
CA LEU C 86 -15.83 14.49 -155.77
C LEU C 86 -14.73 14.36 -154.71
N LYS C 87 -13.55 13.89 -155.10
CA LYS C 87 -12.39 13.90 -154.21
C LYS C 87 -11.72 15.29 -154.21
N LYS C 88 -11.90 16.04 -155.29
CA LYS C 88 -11.43 17.42 -155.35
C LYS C 88 -12.27 18.34 -154.45
N THR C 89 -13.60 18.32 -154.65
CA THR C 89 -14.50 19.15 -153.86
C THR C 89 -14.55 18.79 -152.36
N LEU C 90 -14.99 17.56 -152.07
CA LEU C 90 -15.19 17.09 -150.70
C LEU C 90 -13.92 16.55 -150.02
N LYS C 91 -13.14 15.76 -150.76
CA LYS C 91 -11.94 15.09 -150.23
C LYS C 91 -12.25 14.26 -148.99
N ILE D 64 -21.42 15.22 -165.56
CA ILE D 64 -20.50 15.08 -164.43
C ILE D 64 -20.59 16.26 -163.46
N GLN D 65 -20.81 17.47 -164.00
CA GLN D 65 -20.96 18.67 -163.18
C GLN D 65 -22.36 18.76 -162.56
N GLN D 66 -23.38 18.42 -163.34
CA GLN D 66 -24.76 18.43 -162.88
C GLN D 66 -25.02 17.33 -161.84
N LEU D 67 -24.20 16.28 -161.85
CA LEU D 67 -24.30 15.20 -160.87
C LEU D 67 -23.68 15.61 -159.51
N VAL D 68 -22.55 16.33 -159.55
CA VAL D 68 -21.92 16.86 -158.34
C VAL D 68 -22.75 18.03 -157.77
N GLN D 69 -23.49 18.73 -158.63
CA GLN D 69 -24.41 19.79 -158.18
C GLN D 69 -25.72 19.23 -157.63
N ASP D 70 -26.22 18.12 -158.19
CA ASP D 70 -27.44 17.48 -157.70
C ASP D 70 -27.22 16.59 -156.45
N ILE D 71 -26.01 16.08 -156.26
CA ILE D 71 -25.63 15.35 -155.04
C ILE D 71 -25.41 16.33 -153.88
N ALA D 72 -25.01 17.56 -154.22
CA ALA D 72 -24.76 18.61 -153.25
C ALA D 72 -26.05 19.28 -152.75
N SER D 73 -27.17 19.03 -153.43
CA SER D 73 -28.45 19.59 -152.99
C SER D 73 -29.27 18.58 -152.16
N LEU D 74 -28.72 17.38 -152.00
CA LEU D 74 -29.40 16.31 -151.24
C LEU D 74 -29.14 16.41 -149.73
N THR D 75 -30.17 16.15 -148.94
CA THR D 75 -30.03 16.10 -147.48
C THR D 75 -29.25 14.84 -147.08
N LEU D 76 -28.72 14.80 -145.87
CA LEU D 76 -27.84 13.72 -145.42
C LEU D 76 -28.50 12.33 -145.46
N LEU D 77 -29.79 12.28 -145.13
CA LEU D 77 -30.58 11.04 -145.21
C LEU D 77 -30.58 10.46 -146.62
N GLU D 78 -30.69 11.35 -147.60
CA GLU D 78 -30.79 10.98 -149.01
C GLU D 78 -29.44 10.57 -149.63
N ILE D 79 -28.34 11.11 -149.12
CA ILE D 79 -27.01 10.66 -149.55
C ILE D 79 -26.66 9.35 -148.85
N SER D 80 -27.25 9.12 -147.67
CA SER D 80 -27.14 7.83 -146.99
C SER D 80 -27.87 6.73 -147.78
N ASP D 81 -29.13 7.01 -148.15
CA ASP D 81 -29.92 6.10 -148.99
C ASP D 81 -29.29 5.92 -150.38
N LEU D 82 -28.64 6.98 -150.87
CA LEU D 82 -27.92 6.95 -152.15
C LEU D 82 -26.70 6.03 -152.10
N ASN D 83 -25.94 6.10 -150.99
CA ASN D 83 -24.81 5.19 -150.78
C ASN D 83 -25.26 3.74 -150.60
N GLU D 84 -26.38 3.54 -149.90
CA GLU D 84 -26.95 2.19 -149.73
C GLU D 84 -27.42 1.59 -151.07
N LEU D 85 -28.01 2.42 -151.94
CA LEU D 85 -28.40 1.97 -153.29
C LEU D 85 -27.18 1.72 -154.19
N LEU D 86 -26.12 2.52 -154.03
CA LEU D 86 -24.87 2.30 -154.77
C LEU D 86 -24.12 1.06 -154.30
N LYS D 87 -24.36 0.65 -153.05
CA LYS D 87 -23.82 -0.60 -152.51
C LYS D 87 -24.62 -1.81 -152.97
N LYS D 88 -25.95 -1.67 -152.97
CA LYS D 88 -26.85 -2.75 -153.40
C LYS D 88 -26.71 -3.05 -154.90
N THR D 89 -26.64 -2.00 -155.72
CA THR D 89 -26.51 -2.17 -157.17
C THR D 89 -25.10 -2.61 -157.59
N LEU D 90 -24.08 -1.95 -157.05
CA LEU D 90 -22.69 -2.19 -157.44
C LEU D 90 -21.79 -2.41 -156.24
N ILE E 64 -20.40 -6.47 -174.86
CA ILE E 64 -19.49 -6.74 -173.74
C ILE E 64 -19.03 -8.20 -173.72
N GLN E 65 -19.51 -8.97 -174.70
CA GLN E 65 -19.14 -10.38 -174.83
C GLN E 65 -17.77 -10.58 -175.50
N GLN E 66 -17.48 -9.72 -176.48
CA GLN E 66 -16.19 -9.77 -177.19
C GLN E 66 -15.02 -9.33 -176.28
N LEU E 67 -15.32 -8.55 -175.25
CA LEU E 67 -14.32 -8.15 -174.26
C LEU E 67 -14.06 -9.25 -173.21
N VAL E 68 -15.08 -10.06 -172.91
CA VAL E 68 -14.91 -11.26 -172.07
C VAL E 68 -14.12 -12.33 -172.84
N GLN E 69 -14.37 -12.42 -174.15
CA GLN E 69 -13.59 -13.30 -175.02
C GLN E 69 -12.15 -12.81 -175.21
N ASP E 70 -11.96 -11.49 -175.21
CA ASP E 70 -10.60 -10.91 -175.31
C ASP E 70 -9.82 -11.03 -174.00
N ILE E 71 -10.51 -10.97 -172.87
CA ILE E 71 -9.88 -11.11 -171.55
C ILE E 71 -9.60 -12.58 -171.18
N ALA E 72 -10.46 -13.50 -171.64
CA ALA E 72 -10.27 -14.93 -171.37
C ALA E 72 -9.23 -15.58 -172.30
N SER E 73 -8.86 -14.90 -173.38
CA SER E 73 -7.84 -15.38 -174.31
C SER E 73 -6.45 -14.78 -174.06
N LEU E 74 -6.35 -13.88 -173.07
CA LEU E 74 -5.08 -13.30 -172.66
C LEU E 74 -4.35 -14.21 -171.67
N THR E 75 -3.03 -14.23 -171.76
CA THR E 75 -2.20 -14.99 -170.82
C THR E 75 -2.08 -14.23 -169.49
N LEU E 76 -1.21 -14.69 -168.59
CA LEU E 76 -1.09 -14.09 -167.26
C LEU E 76 -0.34 -12.74 -167.28
N LEU E 77 0.68 -12.63 -168.14
CA LEU E 77 1.47 -11.39 -168.25
C LEU E 77 0.68 -10.26 -168.91
N GLU E 78 -0.21 -10.60 -169.83
CA GLU E 78 -1.05 -9.61 -170.52
C GLU E 78 -2.21 -9.13 -169.64
N ILE E 79 -2.67 -9.97 -168.72
CA ILE E 79 -3.69 -9.59 -167.73
C ILE E 79 -3.08 -8.82 -166.54
N SER E 80 -1.81 -9.11 -166.22
CA SER E 80 -1.08 -8.29 -165.24
C SER E 80 -0.76 -6.90 -165.82
N ASP E 81 -0.38 -6.85 -167.09
CA ASP E 81 -0.19 -5.58 -167.81
C ASP E 81 -1.53 -4.82 -167.97
N LEU E 82 -2.60 -5.57 -168.23
CA LEU E 82 -3.96 -5.01 -168.29
C LEU E 82 -4.36 -4.40 -166.95
N ASN E 83 -4.02 -5.07 -165.86
CA ASN E 83 -4.24 -4.55 -164.50
C ASN E 83 -3.45 -3.27 -164.23
N GLU E 84 -2.16 -3.26 -164.59
CA GLU E 84 -1.31 -2.06 -164.42
C GLU E 84 -1.84 -0.86 -165.22
N LEU E 85 -2.25 -1.08 -166.47
CA LEU E 85 -2.77 0.00 -167.32
C LEU E 85 -4.19 0.46 -166.94
N LEU E 86 -5.01 -0.45 -166.40
CA LEU E 86 -6.36 -0.10 -165.92
C LEU E 86 -6.34 0.58 -164.54
N LYS E 87 -5.30 0.33 -163.74
CA LYS E 87 -5.08 1.08 -162.51
C LYS E 87 -4.43 2.45 -162.79
N LYS E 88 -3.61 2.52 -163.84
CA LYS E 88 -2.98 3.79 -164.26
C LYS E 88 -3.95 4.77 -164.93
N THR E 89 -4.84 4.24 -165.78
CA THR E 89 -5.84 5.07 -166.47
C THR E 89 -6.81 5.75 -165.48
N LEU E 90 -7.23 5.01 -164.46
CA LEU E 90 -8.14 5.53 -163.44
C LEU E 90 -7.47 5.58 -162.07
N ILE F 64 -4.76 -5.37 -175.81
CA ILE F 64 -4.63 -4.82 -174.47
C ILE F 64 -4.92 -3.31 -174.45
N GLN F 65 -4.51 -2.60 -175.50
CA GLN F 65 -4.81 -1.17 -175.65
C GLN F 65 -6.22 -0.93 -176.19
N GLN F 66 -6.61 -1.73 -177.20
CA GLN F 66 -7.97 -1.66 -177.76
C GLN F 66 -8.99 -2.20 -176.76
N LEU F 67 -8.51 -3.00 -175.81
CA LEU F 67 -9.33 -3.56 -174.75
C LEU F 67 -9.63 -2.51 -173.66
N VAL F 68 -8.62 -1.69 -173.32
CA VAL F 68 -8.80 -0.57 -172.40
C VAL F 68 -9.63 0.55 -173.06
N GLN F 69 -9.45 0.71 -174.37
CA GLN F 69 -10.27 1.67 -175.13
C GLN F 69 -11.74 1.23 -175.26
N ASP F 70 -11.97 -0.07 -175.38
CA ASP F 70 -13.34 -0.62 -175.46
C ASP F 70 -14.03 -0.77 -174.08
N ILE F 71 -13.25 -0.90 -173.01
CA ILE F 71 -13.77 -0.90 -171.63
C ILE F 71 -14.03 0.54 -171.13
N ALA F 72 -13.24 1.50 -171.59
CA ALA F 72 -13.41 2.90 -171.20
C ALA F 72 -14.55 3.60 -171.96
N SER F 73 -15.03 2.99 -173.04
CA SER F 73 -16.16 3.54 -173.81
C SER F 73 -17.49 2.97 -173.34
N LEU F 74 -17.43 1.98 -172.45
CA LEU F 74 -18.61 1.35 -171.87
C LEU F 74 -19.28 2.22 -170.82
N THR F 75 -20.60 2.39 -170.94
CA THR F 75 -21.38 3.07 -169.90
C THR F 75 -21.42 2.18 -168.65
N LEU F 76 -21.74 2.75 -167.49
CA LEU F 76 -21.65 2.04 -166.21
C LEU F 76 -22.44 0.71 -166.16
N LEU F 77 -23.57 0.67 -166.87
CA LEU F 77 -24.41 -0.53 -166.91
C LEU F 77 -23.74 -1.69 -167.67
N GLU F 78 -22.99 -1.37 -168.72
CA GLU F 78 -22.27 -2.37 -169.51
C GLU F 78 -20.96 -2.86 -168.85
N ILE F 79 -20.35 -2.02 -168.00
CA ILE F 79 -19.22 -2.48 -167.18
C ILE F 79 -19.73 -3.25 -165.96
N SER F 80 -20.96 -2.94 -165.53
CA SER F 80 -21.65 -3.69 -164.47
C SER F 80 -22.00 -5.09 -164.95
N ASP F 81 -22.45 -5.20 -166.20
CA ASP F 81 -22.74 -6.49 -166.82
C ASP F 81 -21.46 -7.23 -167.25
N LEU F 82 -20.41 -6.47 -167.61
CA LEU F 82 -19.10 -7.06 -167.93
C LEU F 82 -18.45 -7.69 -166.69
N ASN F 83 -18.46 -6.96 -165.57
CA ASN F 83 -17.94 -7.49 -164.31
C ASN F 83 -18.87 -8.56 -163.70
N GLU F 84 -20.16 -8.46 -163.97
CA GLU F 84 -21.12 -9.50 -163.54
C GLU F 84 -20.90 -10.81 -164.30
N LEU F 85 -20.55 -10.73 -165.59
CA LEU F 85 -20.24 -11.92 -166.38
C LEU F 85 -18.79 -12.43 -166.20
N LEU F 86 -17.90 -11.56 -165.71
CA LEU F 86 -16.54 -11.98 -165.33
C LEU F 86 -16.46 -12.55 -163.90
N LYS F 87 -17.46 -12.24 -163.06
CA LYS F 87 -17.53 -12.75 -161.69
C LYS F 87 -18.07 -14.18 -161.62
N LYS F 88 -18.87 -14.58 -162.62
CA LYS F 88 -19.45 -15.92 -162.69
C LYS F 88 -18.46 -16.97 -163.19
N THR F 89 -17.31 -16.49 -163.66
CA THR F 89 -16.18 -17.31 -164.12
C THR F 89 -16.59 -18.55 -164.92
N SER G 39 -18.84 29.44 -2.00
CA SER G 39 -18.84 29.63 -3.44
C SER G 39 -18.12 30.91 -3.85
N LYS G 40 -18.02 31.10 -5.16
CA LYS G 40 -17.34 32.27 -5.67
C LYS G 40 -18.22 33.51 -5.55
N ASN G 41 -19.47 33.41 -5.96
CA ASN G 41 -20.36 34.57 -5.97
C ASN G 41 -21.15 34.74 -4.70
N LEU G 42 -21.25 35.97 -4.23
CA LEU G 42 -21.88 36.27 -2.96
C LEU G 42 -22.66 37.57 -2.95
N GLY G 43 -23.68 37.60 -2.09
CA GLY G 43 -24.39 38.82 -1.80
C GLY G 43 -24.97 39.65 -2.94
N GLY G 44 -25.42 39.02 -4.01
CA GLY G 44 -26.07 39.79 -5.04
C GLY G 44 -27.46 40.26 -4.64
N LYS G 45 -27.87 39.91 -3.43
CA LYS G 45 -29.28 40.03 -3.05
C LYS G 45 -29.59 41.32 -2.35
N SER G 46 -30.31 42.20 -3.03
CA SER G 46 -30.84 43.37 -2.37
C SER G 46 -32.13 43.75 -3.06
N PRO G 47 -33.07 44.31 -2.30
CA PRO G 47 -34.38 44.62 -2.84
C PRO G 47 -34.33 45.78 -3.80
N GLY G 48 -35.37 45.92 -4.62
CA GLY G 48 -35.48 47.06 -5.51
C GLY G 48 -35.78 48.33 -4.72
N LYS G 49 -35.24 49.45 -5.18
CA LYS G 49 -35.32 50.70 -4.45
C LYS G 49 -36.61 51.45 -4.73
N ARG G 50 -37.43 50.90 -5.63
CA ARG G 50 -38.64 51.56 -6.10
C ARG G 50 -38.39 52.95 -6.65
N PHE G 51 -37.27 53.15 -7.32
CA PHE G 51 -37.07 54.37 -8.08
C PHE G 51 -38.07 54.37 -9.20
N GLY G 52 -38.68 55.50 -9.46
CA GLY G 52 -39.61 55.59 -10.54
C GLY G 52 -40.27 56.92 -10.50
N ILE G 53 -41.38 57.03 -11.20
CA ILE G 53 -42.02 58.31 -11.30
C ILE G 53 -43.42 58.21 -10.75
N LYS G 54 -43.66 58.93 -9.66
CA LYS G 54 -44.83 58.69 -8.83
C LYS G 54 -46.09 59.32 -9.38
N LYS G 55 -46.00 60.59 -9.79
CA LYS G 55 -47.10 61.26 -10.46
C LYS G 55 -46.80 61.38 -11.94
N MET G 56 -47.84 61.31 -12.75
CA MET G 56 -47.68 61.25 -14.19
C MET G 56 -48.27 62.48 -14.82
N GLU G 57 -47.92 62.77 -16.05
CA GLU G 57 -48.41 63.97 -16.72
C GLU G 57 -49.93 64.10 -16.61
N GLY G 58 -50.38 65.28 -16.19
CA GLY G 58 -51.80 65.57 -16.16
C GLY G 58 -52.44 65.35 -14.81
N HIS G 59 -51.68 64.80 -13.88
CA HIS G 59 -52.18 64.56 -12.53
C HIS G 59 -52.24 65.82 -11.71
N TYR G 60 -53.10 65.80 -10.70
CA TYR G 60 -53.19 66.89 -9.77
C TYR G 60 -52.28 66.64 -8.59
N VAL G 61 -51.59 67.67 -8.12
CA VAL G 61 -50.72 67.49 -6.96
C VAL G 61 -50.93 68.57 -5.93
N HIS G 62 -50.58 68.26 -4.69
CA HIS G 62 -50.62 69.23 -3.61
C HIS G 62 -49.19 69.49 -3.21
N ALA G 63 -48.92 70.67 -2.69
CA ALA G 63 -47.53 71.06 -2.45
C ALA G 63 -46.84 70.08 -1.54
N GLY G 64 -45.70 69.58 -1.98
CA GLY G 64 -44.94 68.63 -1.19
C GLY G 64 -45.05 67.21 -1.67
N ASN G 65 -45.95 66.94 -2.61
CA ASN G 65 -46.04 65.62 -3.20
C ASN G 65 -44.77 65.26 -3.93
N ILE G 66 -44.30 64.04 -3.75
CA ILE G 66 -43.12 63.63 -4.49
C ILE G 66 -43.51 63.23 -5.90
N LEU G 67 -42.94 63.89 -6.90
CA LEU G 67 -43.29 63.62 -8.28
C LEU G 67 -42.56 62.42 -8.86
N ALA G 68 -41.28 62.29 -8.53
CA ALA G 68 -40.46 61.20 -9.04
C ALA G 68 -39.32 60.95 -8.09
N THR G 69 -38.65 59.81 -8.24
CA THR G 69 -37.46 59.54 -7.44
C THR G 69 -36.47 58.72 -8.26
N GLN G 70 -35.18 58.98 -8.12
CA GLN G 70 -34.23 58.46 -9.10
C GLN G 70 -32.81 58.28 -8.56
N ARG G 71 -32.07 57.35 -9.15
CA ARG G 71 -30.69 57.14 -8.73
C ARG G 71 -29.71 58.15 -9.35
N HIS G 72 -29.90 58.45 -10.63
CA HIS G 72 -29.15 59.50 -11.32
C HIS G 72 -30.17 60.48 -11.86
N PHE G 73 -29.75 61.66 -12.30
CA PHE G 73 -30.75 62.54 -12.89
C PHE G 73 -31.22 61.96 -14.19
N ARG G 74 -32.51 61.69 -14.24
CA ARG G 74 -33.15 61.22 -15.43
C ARG G 74 -34.09 62.34 -15.78
N TRP G 75 -35.01 62.63 -14.87
CA TRP G 75 -35.82 63.83 -14.98
C TRP G 75 -35.25 64.97 -14.16
N HIS G 76 -35.06 66.14 -14.77
CA HIS G 76 -34.64 67.31 -14.03
C HIS G 76 -35.80 68.17 -13.55
N PRO G 77 -35.64 68.84 -12.41
CA PRO G 77 -36.71 69.67 -11.91
C PRO G 77 -36.91 70.93 -12.75
N GLY G 78 -38.16 71.21 -13.09
CA GLY G 78 -38.55 72.40 -13.82
C GLY G 78 -39.24 73.41 -12.92
N ALA G 79 -40.14 74.19 -13.50
CA ALA G 79 -40.82 75.24 -12.75
C ALA G 79 -41.62 74.71 -11.57
N HIS G 80 -41.46 75.34 -10.41
CA HIS G 80 -42.19 75.01 -9.19
C HIS G 80 -41.93 73.61 -8.70
N VAL G 81 -40.79 73.07 -9.06
CA VAL G 81 -40.43 71.73 -8.62
C VAL G 81 -39.10 71.76 -7.90
N GLY G 82 -39.14 71.37 -6.64
CA GLY G 82 -37.96 71.37 -5.82
C GLY G 82 -37.19 70.09 -5.98
N LEU G 83 -35.90 70.20 -5.78
CA LEU G 83 -34.99 69.07 -5.84
C LEU G 83 -34.62 68.67 -4.43
N GLY G 84 -34.67 67.36 -4.15
CA GLY G 84 -34.25 66.86 -2.86
C GLY G 84 -32.76 66.60 -2.89
N LYS G 85 -32.17 66.28 -1.74
CA LYS G 85 -30.74 66.04 -1.72
C LYS G 85 -30.43 64.63 -2.21
N ASN G 86 -31.45 63.79 -2.29
CA ASN G 86 -31.31 62.43 -2.82
C ASN G 86 -31.64 62.39 -4.30
N LYS G 87 -31.79 63.57 -4.88
CA LYS G 87 -32.19 63.76 -6.28
C LYS G 87 -33.61 63.37 -6.56
N CYS G 88 -34.53 63.64 -5.64
CA CYS G 88 -35.91 63.37 -5.97
C CYS G 88 -36.67 64.67 -6.13
N LEU G 89 -37.71 64.64 -6.95
CA LEU G 89 -38.42 65.83 -7.33
C LEU G 89 -39.74 65.94 -6.61
N TYR G 90 -40.02 67.10 -6.04
CA TYR G 90 -41.30 67.27 -5.35
C TYR G 90 -41.95 68.59 -5.69
N ALA G 91 -43.27 68.62 -5.67
CA ALA G 91 -44.00 69.82 -6.06
C ALA G 91 -43.94 70.89 -4.98
N LEU G 92 -43.65 72.12 -5.38
CA LEU G 92 -43.67 73.25 -4.47
C LEU G 92 -44.97 74.01 -4.47
N GLU G 93 -45.85 73.71 -5.43
CA GLU G 93 -47.13 74.40 -5.52
C GLU G 93 -48.23 73.42 -5.87
N GLU G 94 -49.46 73.71 -5.44
CA GLU G 94 -50.58 72.89 -5.82
C GLU G 94 -50.98 73.16 -7.26
N GLY G 95 -51.18 72.10 -8.04
CA GLY G 95 -51.39 72.25 -9.46
C GLY G 95 -51.32 70.97 -10.27
N VAL G 96 -50.94 71.13 -11.54
CA VAL G 96 -50.93 70.03 -12.49
C VAL G 96 -49.53 69.72 -13.02
N VAL G 97 -49.16 68.45 -13.02
CA VAL G 97 -47.84 68.03 -13.45
C VAL G 97 -47.70 67.99 -14.96
N ARG G 98 -46.61 68.54 -15.48
CA ARG G 98 -46.35 68.48 -16.91
C ARG G 98 -44.92 68.09 -17.19
N TYR G 99 -44.70 67.28 -18.21
CA TYR G 99 -43.35 66.90 -18.57
C TYR G 99 -42.97 67.54 -19.89
N THR G 100 -41.69 67.83 -20.05
CA THR G 100 -41.27 68.69 -21.14
C THR G 100 -39.82 68.40 -21.57
N LYS G 101 -39.47 68.59 -22.84
CA LYS G 101 -38.06 68.57 -23.19
C LYS G 101 -37.56 70.00 -23.32
N GLU G 102 -36.35 70.28 -22.84
CA GLU G 102 -35.84 71.65 -22.86
C GLU G 102 -34.33 71.77 -22.90
N VAL G 103 -33.85 72.96 -23.23
CA VAL G 103 -32.41 73.17 -23.34
C VAL G 103 -31.75 73.23 -21.98
N TYR G 104 -30.56 72.66 -21.91
CA TYR G 104 -29.89 72.45 -20.66
C TYR G 104 -28.67 73.33 -20.58
N VAL G 105 -28.69 74.27 -19.65
CA VAL G 105 -27.58 75.19 -19.51
C VAL G 105 -27.03 75.10 -18.10
N PRO G 106 -26.03 74.25 -17.90
CA PRO G 106 -25.47 73.90 -16.60
C PRO G 106 -24.92 75.09 -15.85
N ASN G 107 -24.88 75.01 -14.52
CA ASN G 107 -24.32 76.06 -13.68
C ASN G 107 -22.80 76.15 -13.82
N PRO G 108 -22.27 77.35 -14.13
CA PRO G 108 -20.84 77.57 -14.35
C PRO G 108 -19.96 77.19 -13.16
N SER G 109 -20.55 76.98 -11.99
CA SER G 109 -19.81 76.47 -10.83
C SER G 109 -19.54 74.98 -10.94
N ASN G 110 -20.26 74.30 -11.83
CA ASN G 110 -20.10 72.87 -12.05
C ASN G 110 -19.07 72.63 -13.14
N SER G 111 -17.91 72.09 -12.77
CA SER G 111 -16.82 71.91 -13.71
C SER G 111 -17.16 70.94 -14.84
N GLU G 112 -17.58 69.73 -14.45
CA GLU G 112 -17.82 68.65 -15.40
C GLU G 112 -18.77 69.06 -16.51
N ALA G 113 -19.92 69.55 -16.13
CA ALA G 113 -20.96 69.91 -17.07
C ALA G 113 -20.50 71.01 -18.03
N VAL G 114 -19.76 71.99 -17.51
CA VAL G 114 -19.23 73.06 -18.36
C VAL G 114 -18.25 72.50 -19.37
N ASP G 115 -17.41 71.56 -18.95
CA ASP G 115 -16.50 70.90 -19.88
C ASP G 115 -17.25 70.16 -20.96
N LEU G 116 -18.29 69.41 -20.58
CA LEU G 116 -19.09 68.70 -21.56
C LEU G 116 -19.71 69.66 -22.56
N VAL G 117 -20.18 70.80 -22.07
CA VAL G 117 -20.83 71.75 -22.95
C VAL G 117 -19.82 72.40 -23.88
N THR G 118 -18.62 72.61 -23.38
CA THR G 118 -17.61 73.37 -24.10
C THR G 118 -17.05 72.58 -25.29
N ARG G 119 -17.08 71.26 -25.20
CA ARG G 119 -16.51 70.45 -26.26
C ARG G 119 -17.47 70.16 -27.41
N LEU G 120 -18.70 70.65 -27.32
CA LEU G 120 -19.70 70.38 -28.34
C LEU G 120 -19.44 71.12 -29.64
N PRO G 121 -19.81 70.52 -30.78
CA PRO G 121 -19.82 71.20 -32.07
C PRO G 121 -20.73 72.43 -32.04
N GLN G 122 -20.41 73.45 -32.82
CA GLN G 122 -20.97 74.78 -32.62
C GLN G 122 -22.48 74.96 -32.81
N GLY G 123 -23.13 74.02 -33.48
CA GLY G 123 -24.57 74.16 -33.67
C GLY G 123 -25.36 73.44 -32.61
N ALA G 124 -24.68 72.57 -31.88
CA ALA G 124 -25.32 71.59 -30.99
C ALA G 124 -25.89 72.22 -29.74
N VAL G 125 -27.00 71.67 -29.26
CA VAL G 125 -27.55 72.09 -27.99
C VAL G 125 -28.04 70.91 -27.16
N LEU G 126 -27.52 70.79 -25.94
CA LEU G 126 -27.98 69.77 -25.01
C LEU G 126 -29.45 69.89 -24.66
N TYR G 127 -30.19 68.78 -24.72
CA TYR G 127 -31.57 68.78 -24.25
C TYR G 127 -31.75 67.78 -23.10
N LYS G 128 -32.68 68.06 -22.21
CA LYS G 128 -32.99 67.19 -21.08
C LYS G 128 -34.49 67.18 -20.85
N THR G 129 -34.94 66.30 -19.97
CA THR G 129 -36.36 66.18 -19.67
C THR G 129 -36.77 66.77 -18.31
N PHE G 130 -37.75 67.65 -18.29
CA PHE G 130 -38.11 68.39 -17.11
C PHE G 130 -39.53 68.15 -16.61
N VAL G 131 -39.72 68.39 -15.32
CA VAL G 131 -41.04 68.28 -14.70
C VAL G 131 -41.47 69.60 -14.12
N HIS G 132 -42.66 70.04 -14.48
CA HIS G 132 -43.18 71.28 -13.94
C HIS G 132 -44.48 71.06 -13.24
N VAL G 133 -44.85 72.01 -12.42
CA VAL G 133 -46.19 72.05 -11.92
C VAL G 133 -46.80 73.37 -12.37
N VAL G 134 -47.86 73.28 -13.16
CA VAL G 134 -48.63 74.46 -13.49
C VAL G 134 -49.58 74.76 -12.34
N PRO G 135 -49.35 75.89 -11.68
CA PRO G 135 -50.09 76.27 -10.46
C PRO G 135 -51.55 76.52 -10.74
N ALA G 136 -52.42 75.99 -9.89
CA ALA G 136 -53.84 75.96 -10.16
C ALA G 136 -54.60 77.11 -9.48
N LYS G 137 -54.58 77.11 -8.15
CA LYS G 137 -55.25 78.15 -7.36
C LYS G 137 -54.63 79.52 -7.59
N PRO G 138 -55.44 80.57 -7.53
CA PRO G 138 -54.86 81.92 -7.55
C PRO G 138 -54.11 82.15 -6.25
N GLU G 139 -53.09 82.98 -6.29
CA GLU G 139 -52.20 83.20 -5.15
C GLU G 139 -52.94 83.53 -3.85
N GLY G 140 -54.02 84.30 -3.98
CA GLY G 140 -54.85 84.67 -2.86
C GLY G 140 -55.92 85.61 -3.40
N THR G 141 -56.87 85.98 -2.57
CA THR G 141 -57.96 86.82 -3.03
C THR G 141 -58.07 88.07 -2.17
N PHE G 142 -58.80 89.06 -2.66
CA PHE G 142 -59.10 90.24 -1.86
C PHE G 142 -60.52 90.21 -1.33
N LYS G 143 -60.67 90.25 -0.01
CA LYS G 143 -61.99 90.15 0.60
C LYS G 143 -62.34 91.44 1.31
N LEU G 144 -63.64 91.66 1.51
CA LEU G 144 -64.09 92.88 2.20
C LEU G 144 -64.17 92.62 3.69
N VAL G 145 -63.26 93.25 4.43
CA VAL G 145 -63.20 93.05 5.86
C VAL G 145 -64.27 93.84 6.57
N ALA G 146 -64.12 95.15 6.55
CA ALA G 146 -65.05 96.02 7.25
C ALA G 146 -65.27 97.29 6.46
N MET G 147 -66.51 97.76 6.45
CA MET G 147 -66.81 99.03 5.84
C MET G 147 -66.97 100.07 6.93
N LEU G 148 -65.99 100.97 7.01
CA LEU G 148 -65.96 101.99 8.06
C LEU G 148 -66.78 103.22 7.66
N PRO H 2 -70.82 14.44 49.40
CA PRO H 2 -71.37 15.20 50.52
C PRO H 2 -70.28 15.97 51.26
N LEU H 3 -70.68 16.74 52.27
CA LEU H 3 -69.75 17.60 52.99
C LEU H 3 -69.70 17.31 54.47
N HIS H 4 -68.53 17.49 55.08
CA HIS H 4 -68.41 17.51 56.52
C HIS H 4 -69.18 18.73 57.02
N LYS H 5 -69.80 18.67 58.19
CA LYS H 5 -70.48 19.86 58.65
C LYS H 5 -69.50 20.86 59.23
N VAL H 6 -68.43 20.38 59.86
CA VAL H 6 -67.48 21.33 60.39
C VAL H 6 -66.16 21.14 59.66
N PRO H 7 -65.51 22.25 59.30
CA PRO H 7 -64.25 22.23 58.56
C PRO H 7 -63.20 21.43 59.28
N VAL H 8 -62.28 20.82 58.54
CA VAL H 8 -61.31 19.92 59.15
C VAL H 8 -60.17 20.66 59.84
N GLY H 9 -60.16 21.99 59.70
CA GLY H 9 -59.20 22.78 60.44
C GLY H 9 -59.62 22.79 61.90
N LEU H 10 -60.92 22.66 62.12
CA LEU H 10 -61.48 22.72 63.47
C LEU H 10 -61.64 21.37 64.14
N TRP H 11 -61.17 20.30 63.50
CA TRP H 11 -61.29 18.98 64.11
C TRP H 11 -60.32 18.79 65.27
N LYS H 12 -59.20 19.50 65.23
CA LYS H 12 -58.26 19.46 66.34
C LYS H 12 -58.84 20.17 67.55
N GLN H 13 -59.47 21.32 67.31
CA GLN H 13 -60.07 22.11 68.39
C GLN H 13 -61.25 21.40 69.04
N LEU H 14 -62.18 20.89 68.23
CA LEU H 14 -63.37 20.25 68.77
C LEU H 14 -63.08 18.85 69.27
N ARG H 15 -61.84 18.40 69.04
CA ARG H 15 -61.33 17.19 69.66
C ARG H 15 -61.08 17.45 71.15
N LEU H 16 -60.78 18.70 71.47
CA LEU H 16 -60.44 19.13 72.82
C LEU H 16 -61.67 19.53 73.66
N TRP H 17 -62.82 19.68 73.01
CA TRP H 17 -64.06 20.07 73.69
C TRP H 17 -64.89 18.87 74.15
N GLU H 18 -64.48 17.68 73.74
CA GLU H 18 -65.19 16.46 74.07
C GLU H 18 -64.23 15.51 74.78
N GLY H 19 -64.77 14.51 75.47
CA GLY H 19 -63.94 13.53 76.13
C GLY H 19 -63.09 14.14 77.24
N ILE H 20 -62.04 13.41 77.62
CA ILE H 20 -61.27 13.73 78.82
C ILE H 20 -60.64 15.12 78.80
N TYR H 21 -60.40 15.66 77.61
CA TYR H 21 -59.78 16.97 77.48
C TYR H 21 -60.67 18.06 78.10
N SER H 22 -61.96 17.77 78.16
CA SER H 22 -62.91 18.70 78.74
C SER H 22 -62.63 18.90 80.23
N ARG H 23 -62.17 17.83 80.87
CA ARG H 23 -62.04 17.81 82.33
C ARG H 23 -60.68 18.30 82.79
N LEU H 24 -59.87 18.76 81.86
CA LEU H 24 -58.59 19.37 82.20
C LEU H 24 -58.83 20.72 82.86
N PRO H 25 -57.91 21.15 83.75
CA PRO H 25 -58.02 22.46 84.39
C PRO H 25 -57.97 23.59 83.37
N ARG H 26 -58.81 24.60 83.58
CA ARG H 26 -58.99 25.66 82.59
C ARG H 26 -57.74 26.49 82.33
N HIS H 27 -56.94 26.73 83.36
CA HIS H 27 -55.75 27.55 83.19
C HIS H 27 -54.76 26.90 82.23
N TYR H 28 -54.69 25.58 82.27
CA TYR H 28 -53.84 24.83 81.35
C TYR H 28 -54.31 24.99 79.92
N LEU H 29 -55.59 24.70 79.69
CA LEU H 29 -56.17 24.81 78.37
C LEU H 29 -56.04 26.23 77.81
N ARG H 30 -56.06 27.22 78.70
CA ARG H 30 -55.89 28.61 78.28
C ARG H 30 -54.41 28.96 78.05
N SER H 31 -53.51 28.16 78.61
CA SER H 31 -52.10 28.32 78.29
C SER H 31 -51.78 27.70 76.93
N LEU H 32 -52.51 26.65 76.57
CA LEU H 32 -52.34 26.05 75.25
C LEU H 32 -53.06 26.80 74.13
N GLU H 33 -54.24 27.34 74.43
CA GLU H 33 -55.08 27.99 73.45
C GLU H 33 -54.37 29.11 72.72
N GLU H 34 -53.87 30.09 73.48
CA GLU H 34 -53.28 31.27 72.88
C GLU H 34 -51.84 31.00 72.45
N ALA H 35 -51.59 31.14 71.16
CA ALA H 35 -50.26 31.02 70.62
C ALA H 35 -49.72 32.41 70.38
N ARG H 36 -48.79 32.82 71.23
CA ARG H 36 -48.14 34.11 71.11
C ARG H 36 -47.06 34.00 70.05
N THR H 37 -46.85 35.06 69.28
CA THR H 37 -45.86 35.02 68.22
C THR H 37 -44.45 34.99 68.81
N PRO H 38 -43.71 33.91 68.56
CA PRO H 38 -42.35 33.73 69.09
C PRO H 38 -41.44 34.89 68.69
N THR H 39 -40.49 35.22 69.56
CA THR H 39 -39.56 36.30 69.27
C THR H 39 -38.77 36.00 68.02
N PRO H 40 -38.69 36.97 67.09
CA PRO H 40 -37.90 36.81 65.86
C PRO H 40 -36.44 36.48 66.18
N VAL H 41 -35.91 35.44 65.54
CA VAL H 41 -34.57 34.96 65.82
C VAL H 41 -33.68 35.03 64.61
N HIS H 42 -34.08 34.31 63.58
CA HIS H 42 -33.32 34.26 62.34
C HIS H 42 -33.66 35.43 61.42
N TYR H 43 -34.92 35.61 61.04
CA TYR H 43 -35.26 36.84 60.33
C TYR H 43 -35.19 38.06 61.24
N ARG H 44 -34.90 39.22 60.65
CA ARG H 44 -34.78 40.45 61.40
C ARG H 44 -35.87 41.44 61.02
N PRO H 45 -36.76 41.75 61.96
CA PRO H 45 -38.01 42.48 61.71
C PRO H 45 -37.79 43.97 61.51
N HIS H 46 -38.60 44.59 60.66
CA HIS H 46 -38.64 46.04 60.53
C HIS H 46 -39.68 46.59 61.49
N GLY H 47 -39.36 47.71 62.12
CA GLY H 47 -40.20 48.23 63.18
C GLY H 47 -41.55 48.74 62.73
N ALA H 48 -41.53 49.65 61.77
CA ALA H 48 -42.72 50.38 61.39
C ALA H 48 -43.79 49.50 60.76
N LYS H 49 -45.03 49.91 60.89
CA LYS H 49 -46.12 49.29 60.16
C LYS H 49 -46.18 49.85 58.75
N PHE H 50 -45.81 51.12 58.59
CA PHE H 50 -45.87 51.76 57.28
C PHE H 50 -44.49 52.10 56.80
N LYS H 51 -44.27 51.97 55.50
CA LYS H 51 -42.96 52.17 54.93
C LYS H 51 -43.11 52.88 53.61
N ILE H 52 -42.27 53.88 53.33
CA ILE H 52 -42.35 54.57 52.05
C ILE H 52 -41.59 53.82 50.96
N ASN H 53 -42.33 53.43 49.93
CA ASN H 53 -41.78 52.70 48.79
C ASN H 53 -40.72 53.55 48.11
N PRO H 54 -39.48 53.05 48.05
CA PRO H 54 -38.32 53.79 47.52
C PRO H 54 -38.47 54.19 46.05
N LYS H 55 -38.96 53.28 45.21
CA LYS H 55 -39.16 53.55 43.79
C LYS H 55 -40.40 54.41 43.54
N ASN H 56 -41.47 54.08 44.25
CA ASN H 56 -42.80 54.66 44.04
C ASN H 56 -43.07 56.03 44.69
N TRP H 57 -42.44 56.26 45.84
CA TRP H 57 -42.64 57.45 46.69
C TRP H 57 -44.04 57.50 47.28
N GLN H 58 -44.55 56.35 47.70
CA GLN H 58 -45.87 56.28 48.31
C GLN H 58 -45.86 55.53 49.63
N ARG H 59 -46.84 55.81 50.48
CA ARG H 59 -46.96 55.16 51.78
C ARG H 59 -47.51 53.75 51.62
N GLU H 60 -46.76 52.77 52.09
CA GLU H 60 -47.08 51.37 51.85
C GLU H 60 -47.20 50.56 53.14
N ARG H 61 -48.33 49.90 53.33
CA ARG H 61 -48.55 48.99 54.44
C ARG H 61 -47.51 47.87 54.40
N VAL H 62 -46.98 47.48 55.54
CA VAL H 62 -45.89 46.49 55.58
C VAL H 62 -46.05 45.54 56.75
N GLU H 63 -45.87 44.24 56.49
CA GLU H 63 -46.02 43.24 57.53
C GLU H 63 -44.76 42.42 57.70
N ASP H 64 -44.70 41.73 58.83
CA ASP H 64 -43.54 40.91 59.15
C ASP H 64 -43.93 39.45 59.04
N VAL H 65 -43.23 38.70 58.20
CA VAL H 65 -43.56 37.30 58.03
C VAL H 65 -42.44 36.42 58.53
N PRO H 66 -42.72 35.64 59.57
CA PRO H 66 -41.74 34.77 60.21
C PRO H 66 -41.20 33.72 59.27
N ILE H 67 -39.93 33.39 59.45
CA ILE H 67 -39.29 32.40 58.61
C ILE H 67 -39.34 31.02 59.25
N PRO H 68 -39.90 30.04 58.52
CA PRO H 68 -40.12 28.71 59.06
C PRO H 68 -38.79 28.10 59.50
N VAL H 69 -38.75 27.63 60.74
CA VAL H 69 -37.52 27.10 61.29
C VAL H 69 -37.77 25.71 61.83
N HIS H 70 -36.83 24.81 61.60
CA HIS H 70 -36.96 23.41 61.97
C HIS H 70 -36.19 23.08 63.23
N TYR H 71 -36.86 22.39 64.15
CA TYR H 71 -36.25 22.00 65.40
C TYR H 71 -36.06 20.51 65.44
N PRO H 72 -34.81 20.05 65.25
CA PRO H 72 -34.55 18.61 65.35
C PRO H 72 -34.83 18.15 66.76
N PRO H 73 -35.26 16.90 66.94
CA PRO H 73 -35.68 16.39 68.25
C PRO H 73 -34.57 16.41 69.31
N GLU H 74 -33.32 16.55 68.87
CA GLU H 74 -32.21 16.66 69.80
C GLU H 74 -32.10 18.07 70.38
N SER H 75 -32.92 18.97 69.84
CA SER H 75 -32.99 20.33 70.34
C SER H 75 -33.88 20.40 71.57
N GLN H 76 -34.72 19.38 71.74
CA GLN H 76 -35.62 19.34 72.89
C GLN H 76 -34.91 18.85 74.15
N LEU H 77 -33.75 18.22 73.96
CA LEU H 77 -32.96 17.77 75.09
C LEU H 77 -32.04 18.85 75.67
N GLY H 78 -31.67 19.85 74.86
CA GLY H 78 -30.91 20.98 75.33
C GLY H 78 -31.72 22.28 75.34
N LEU H 79 -31.01 23.42 75.39
CA LEU H 79 -31.63 24.72 75.19
C LEU H 79 -30.87 25.50 74.11
N TRP H 80 -31.49 25.70 72.95
CA TRP H 80 -30.78 26.31 71.83
C TRP H 80 -31.04 27.80 71.67
N GLY H 81 -31.81 28.37 72.59
CA GLY H 81 -32.09 29.80 72.53
C GLY H 81 -33.13 30.10 71.48
N GLY H 82 -34.15 29.25 71.41
CA GLY H 82 -35.29 29.46 70.53
C GLY H 82 -34.96 29.43 69.05
N GLU H 83 -33.75 29.03 68.73
CA GLU H 83 -33.37 28.92 67.33
C GLU H 83 -33.29 27.47 66.89
N GLY H 84 -32.93 27.25 65.63
CA GLY H 84 -32.98 25.92 65.04
C GLY H 84 -32.43 25.89 63.64
N TRP H 85 -32.83 24.86 62.90
CA TRP H 85 -32.41 24.71 61.52
C TRP H 85 -33.24 25.56 60.58
N VAL H 86 -32.59 26.27 59.68
CA VAL H 86 -33.33 26.98 58.66
C VAL H 86 -33.24 26.23 57.34
N LEU H 87 -34.35 25.64 56.93
CA LEU H 87 -34.38 24.92 55.68
C LEU H 87 -34.89 25.82 54.59
N GLY H 88 -34.19 25.86 53.47
CA GLY H 88 -34.58 26.78 52.43
C GLY H 88 -33.80 26.60 51.16
N HIS H 89 -33.80 27.63 50.34
CA HIS H 89 -33.02 27.63 49.12
C HIS H 89 -32.20 28.89 49.04
N ARG H 90 -31.20 28.89 48.18
CA ARG H 90 -30.41 30.07 47.93
C ARG H 90 -30.09 30.18 46.46
N TYR H 91 -29.79 31.38 45.99
CA TYR H 91 -29.20 31.53 44.68
C TYR H 91 -27.70 31.52 44.87
N VAL H 92 -26.96 30.86 43.99
CA VAL H 92 -25.51 30.96 44.08
C VAL H 92 -25.11 32.34 43.56
N ASN H 93 -24.05 32.92 44.14
CA ASN H 93 -23.58 34.26 43.79
C ASN H 93 -24.55 35.38 44.12
N ASN H 94 -25.75 35.02 44.57
CA ASN H 94 -26.79 35.99 44.87
C ASN H 94 -27.35 36.69 43.63
N ASP H 95 -26.84 36.34 42.45
CA ASP H 95 -27.53 36.73 41.22
C ASP H 95 -28.80 35.93 41.15
N LYS H 96 -29.93 36.59 40.96
CA LYS H 96 -31.19 35.90 40.80
C LYS H 96 -31.17 35.02 39.55
N LEU H 97 -30.25 35.30 38.62
CA LEU H 97 -30.21 34.52 37.39
C LEU H 97 -29.37 33.26 37.46
N SER H 98 -28.78 32.96 38.60
CA SER H 98 -27.94 31.76 38.69
C SER H 98 -28.78 30.55 39.08
N LYS H 99 -28.13 29.41 39.36
CA LYS H 99 -28.86 28.23 39.81
C LYS H 99 -29.56 28.47 41.12
N ARG H 100 -30.68 27.80 41.33
CA ARG H 100 -31.33 27.84 42.63
C ARG H 100 -31.14 26.52 43.33
N VAL H 101 -30.75 26.58 44.59
CA VAL H 101 -30.17 25.41 45.23
C VAL H 101 -30.66 25.21 46.67
N ARG H 102 -31.01 23.99 47.04
CA ARG H 102 -31.44 23.79 48.41
C ARG H 102 -30.26 23.97 49.36
N LYS H 103 -30.54 24.60 50.50
CA LYS H 103 -29.53 24.92 51.51
C LYS H 103 -30.15 24.87 52.88
N VAL H 104 -29.38 24.41 53.84
CA VAL H 104 -29.86 24.35 55.22
C VAL H 104 -28.84 25.01 56.14
N TRP H 105 -29.30 25.96 56.95
CA TRP H 105 -28.43 26.62 57.90
C TRP H 105 -28.60 26.06 59.30
N LYS H 106 -27.54 25.42 59.81
CA LYS H 106 -27.54 24.79 61.13
C LYS H 106 -26.82 25.63 62.18
N PRO H 107 -27.45 25.80 63.35
CA PRO H 107 -26.87 26.47 64.52
C PRO H 107 -25.56 25.84 64.98
N GLN H 108 -24.66 26.63 65.56
CA GLN H 108 -23.42 26.08 66.13
C GLN H 108 -23.63 25.68 67.59
N LEU H 109 -23.48 24.40 67.90
CA LEU H 109 -23.84 23.90 69.22
C LEU H 109 -22.64 23.69 70.13
N PHE H 110 -22.86 23.91 71.42
CA PHE H 110 -21.79 23.75 72.40
C PHE H 110 -22.22 22.95 73.61
N GLN H 111 -21.25 22.26 74.18
CA GLN H 111 -21.46 21.56 75.43
C GLN H 111 -21.07 22.50 76.55
N ARG H 112 -22.04 22.88 77.38
CA ARG H 112 -21.77 23.76 78.49
C ARG H 112 -22.52 23.28 79.72
N GLU H 113 -21.90 23.34 80.89
CA GLU H 113 -22.60 22.99 82.10
C GLU H 113 -23.07 24.24 82.82
N LEU H 114 -24.36 24.27 83.15
CA LEU H 114 -24.98 25.44 83.75
C LEU H 114 -25.45 25.15 85.17
N TYR H 115 -25.39 26.16 86.02
CA TYR H 115 -25.76 26.02 87.42
C TYR H 115 -27.12 26.64 87.72
N SER H 116 -28.04 25.82 88.20
CA SER H 116 -29.33 26.32 88.67
C SER H 116 -29.30 26.46 90.18
N GLU H 117 -29.61 27.68 90.63
CA GLU H 117 -29.65 28.02 92.05
C GLU H 117 -30.78 27.32 92.77
N ILE H 118 -31.97 27.49 92.23
CA ILE H 118 -33.18 27.00 92.86
C ILE H 118 -33.20 25.48 92.91
N LEU H 119 -32.75 24.83 91.85
CA LEU H 119 -32.73 23.37 91.83
C LEU H 119 -31.40 22.85 92.38
N ASP H 120 -30.50 23.78 92.66
CA ASP H 120 -29.16 23.49 93.18
C ASP H 120 -28.46 22.37 92.43
N LYS H 121 -28.20 22.59 91.14
CA LYS H 121 -27.64 21.50 90.36
C LYS H 121 -26.86 22.00 89.14
N ARG H 122 -25.91 21.19 88.66
CA ARG H 122 -25.21 21.52 87.44
C ARG H 122 -25.60 20.58 86.33
N PHE H 123 -26.32 21.09 85.34
CA PHE H 123 -26.71 20.27 84.20
C PHE H 123 -25.72 20.44 83.07
N THR H 124 -25.38 19.36 82.37
CA THR H 124 -24.58 19.49 81.16
C THR H 124 -25.53 19.56 79.97
N VAL H 125 -25.59 20.73 79.35
CA VAL H 125 -26.59 20.99 78.33
C VAL H 125 -25.92 21.45 77.05
N THR H 126 -26.50 21.05 75.92
CA THR H 126 -26.11 21.60 74.64
C THR H 126 -26.84 22.92 74.48
N VAL H 127 -26.08 23.99 74.32
CA VAL H 127 -26.68 25.29 74.12
C VAL H 127 -26.02 26.03 72.99
N THR H 128 -26.66 27.10 72.55
CA THR H 128 -26.09 27.94 71.52
C THR H 128 -25.45 29.16 72.15
N MET H 129 -24.78 29.97 71.33
CA MET H 129 -24.19 31.20 71.82
C MET H 129 -25.31 32.17 72.14
N ARG H 130 -26.42 32.02 71.41
CA ARG H 130 -27.60 32.83 71.64
C ARG H 130 -28.22 32.56 73.00
N THR H 131 -28.24 31.29 73.40
CA THR H 131 -28.77 30.94 74.72
C THR H 131 -27.92 31.59 75.81
N LEU H 132 -26.60 31.53 75.66
CA LEU H 132 -25.70 32.13 76.65
C LEU H 132 -25.90 33.64 76.71
N ASP H 133 -26.11 34.26 75.56
CA ASP H 133 -26.34 35.70 75.53
C ASP H 133 -27.67 36.09 76.18
N LEU H 134 -28.68 35.23 76.05
CA LEU H 134 -29.97 35.52 76.68
C LEU H 134 -29.91 35.29 78.18
N ILE H 135 -29.13 34.31 78.61
CA ILE H 135 -28.90 34.06 80.02
C ILE H 135 -28.14 35.25 80.63
N ASP H 136 -27.12 35.72 79.93
CA ASP H 136 -26.39 36.92 80.31
C ASP H 136 -27.30 38.12 80.44
N GLN H 137 -28.17 38.29 79.45
CA GLN H 137 -29.07 39.43 79.37
C GLN H 137 -30.15 39.42 80.46
N ALA H 138 -30.60 38.23 80.83
CA ALA H 138 -31.62 38.11 81.88
C ALA H 138 -30.97 37.92 83.26
N CYS H 139 -29.64 37.91 83.27
CA CYS H 139 -28.83 38.02 84.50
C CYS H 139 -28.76 36.77 85.38
N GLY H 140 -29.44 35.70 84.97
CA GLY H 140 -29.28 34.43 85.67
C GLY H 140 -29.80 33.28 84.84
N PHE H 141 -29.28 32.09 85.08
CA PHE H 141 -29.80 30.91 84.42
C PHE H 141 -31.25 30.73 84.81
N ASP H 142 -31.49 30.73 86.11
CA ASP H 142 -32.82 30.53 86.65
C ASP H 142 -33.77 31.65 86.26
N PHE H 143 -33.23 32.86 86.20
CA PHE H 143 -33.98 34.00 85.70
C PHE H 143 -34.44 33.73 84.29
N TYR H 144 -33.48 33.46 83.41
CA TYR H 144 -33.72 33.19 82.01
C TYR H 144 -34.80 32.13 81.81
N ILE H 145 -34.77 31.10 82.64
CA ILE H 145 -35.78 30.05 82.51
C ILE H 145 -37.14 30.50 83.00
N LEU H 146 -37.18 31.25 84.10
CA LEU H 146 -38.46 31.71 84.62
C LEU H 146 -39.02 32.88 83.79
N LYS H 147 -38.11 33.70 83.26
CA LYS H 147 -38.48 34.99 82.69
C LYS H 147 -38.90 34.92 81.23
N THR H 148 -38.83 33.74 80.63
CA THR H 148 -39.06 33.60 79.20
C THR H 148 -40.32 32.76 78.95
N PRO H 149 -41.11 33.14 77.93
CA PRO H 149 -42.33 32.38 77.64
C PRO H 149 -42.06 31.05 76.96
N LYS H 150 -43.05 30.16 76.95
CA LYS H 150 -42.91 28.83 76.39
C LYS H 150 -42.40 28.85 74.94
N GLU H 151 -42.92 29.78 74.15
CA GLU H 151 -42.59 29.86 72.73
C GLU H 151 -41.13 30.21 72.48
N ASP H 152 -40.54 31.01 73.36
CA ASP H 152 -39.17 31.51 73.16
C ASP H 152 -38.05 30.54 73.56
N LEU H 153 -38.31 29.66 74.52
CA LEU H 153 -37.35 28.63 74.90
C LEU H 153 -37.26 27.53 73.85
N CYS H 154 -38.46 27.06 73.48
CA CYS H 154 -38.69 26.03 72.46
C CYS H 154 -38.38 24.61 72.91
N SER H 155 -37.74 24.47 74.07
CA SER H 155 -37.37 23.14 74.52
C SER H 155 -38.34 22.57 75.53
N LYS H 156 -38.59 21.26 75.42
CA LYS H 156 -39.38 20.55 76.40
C LYS H 156 -38.60 20.48 77.72
N PHE H 157 -37.28 20.43 77.61
CA PHE H 157 -36.39 20.41 78.77
C PHE H 157 -36.37 21.75 79.49
N GLY H 158 -36.49 22.83 78.74
CA GLY H 158 -36.63 24.15 79.33
C GLY H 158 -37.91 24.25 80.13
N MET H 159 -38.99 23.75 79.55
CA MET H 159 -40.28 23.77 80.23
C MET H 159 -40.31 22.87 81.45
N ASP H 160 -39.49 21.82 81.45
CA ASP H 160 -39.41 20.94 82.62
C ASP H 160 -38.52 21.50 83.73
N LEU H 161 -37.44 22.17 83.35
CA LEU H 161 -36.66 22.97 84.29
C LEU H 161 -37.57 23.98 84.98
N LYS H 162 -38.28 24.74 84.17
CA LYS H 162 -39.21 25.76 84.66
C LYS H 162 -40.29 25.16 85.56
N ARG H 163 -40.89 24.04 85.16
CA ARG H 163 -41.90 23.41 86.00
C ARG H 163 -41.31 23.01 87.35
N GLY H 164 -40.10 22.48 87.31
CA GLY H 164 -39.42 22.09 88.53
C GLY H 164 -39.18 23.23 89.51
N MET H 165 -38.53 24.29 89.05
CA MET H 165 -38.21 25.40 89.97
C MET H 165 -39.45 26.24 90.32
N LEU H 166 -40.44 26.25 89.46
CA LEU H 166 -41.73 26.86 89.77
C LEU H 166 -42.41 26.11 90.92
N LEU H 167 -42.31 24.79 90.87
CA LEU H 167 -42.81 23.96 91.96
C LEU H 167 -42.03 24.21 93.24
N ARG H 168 -40.71 24.31 93.12
CA ARG H 168 -39.87 24.54 94.29
C ARG H 168 -40.16 25.90 94.93
N LEU H 169 -40.57 26.87 94.12
CA LEU H 169 -40.95 28.20 94.63
C LEU H 169 -42.33 28.21 95.28
N ALA H 170 -43.33 27.61 94.63
CA ALA H 170 -44.68 27.61 95.19
C ALA H 170 -44.78 26.75 96.45
N ARG H 171 -43.94 25.72 96.54
CA ARG H 171 -43.89 24.85 97.72
C ARG H 171 -43.07 25.43 98.86
N GLN H 172 -42.08 26.25 98.51
CA GLN H 172 -41.03 26.68 99.43
C GLN H 172 -40.34 25.47 100.01
N ASP H 173 -40.01 24.53 99.12
CA ASP H 173 -39.47 23.23 99.52
C ASP H 173 -38.23 23.37 100.39
N PRO H 174 -38.30 22.84 101.62
CA PRO H 174 -37.22 22.87 102.59
C PRO H 174 -35.98 22.09 102.13
N GLN H 175 -36.16 21.12 101.25
CA GLN H 175 -35.07 20.24 100.84
C GLN H 175 -34.08 20.91 99.90
N LEU H 176 -34.38 22.15 99.51
CA LEU H 176 -33.46 22.96 98.73
C LEU H 176 -32.09 23.01 99.38
N HIS H 177 -32.00 23.68 100.51
CA HIS H 177 -30.77 23.72 101.30
C HIS H 177 -31.14 23.33 102.72
N PRO H 178 -31.03 22.03 103.04
CA PRO H 178 -31.51 21.46 104.30
C PRO H 178 -30.85 22.08 105.55
N ASP H 179 -29.56 22.38 105.44
CA ASP H 179 -28.78 22.87 106.59
C ASP H 179 -28.92 24.38 106.89
N ASP H 180 -29.08 25.19 105.84
CA ASP H 180 -29.02 26.65 105.97
C ASP H 180 -30.30 27.35 105.51
N PRO H 181 -31.24 27.59 106.43
CA PRO H 181 -32.43 28.38 106.08
C PRO H 181 -32.10 29.82 105.66
N ALA H 182 -30.90 30.28 106.00
CA ALA H 182 -30.42 31.59 105.59
C ALA H 182 -30.30 31.68 104.07
N ARG H 183 -29.48 30.78 103.51
CA ARG H 183 -29.36 30.67 102.05
C ARG H 183 -30.72 30.46 101.41
N ARG H 184 -31.54 29.61 102.02
CA ARG H 184 -32.84 29.24 101.47
C ARG H 184 -33.75 30.45 101.31
N ALA H 185 -33.91 31.22 102.38
CA ALA H 185 -34.73 32.42 102.33
C ALA H 185 -34.11 33.45 101.38
N ALA H 186 -32.78 33.56 101.41
CA ALA H 186 -32.06 34.48 100.55
C ALA H 186 -32.36 34.23 99.07
N ILE H 187 -32.34 32.96 98.68
CA ILE H 187 -32.60 32.57 97.31
C ILE H 187 -34.06 32.71 96.94
N TYR H 188 -34.94 32.16 97.77
CA TYR H 188 -36.37 32.25 97.52
C TYR H 188 -36.83 33.70 97.44
N ASP H 189 -36.00 34.59 97.98
CA ASP H 189 -36.28 36.01 97.98
C ASP H 189 -36.29 36.65 96.59
N ARG H 190 -35.19 36.52 95.86
CA ARG H 190 -35.01 37.28 94.61
C ARG H 190 -36.02 36.86 93.54
N TYR H 191 -36.53 35.64 93.64
CA TYR H 191 -37.41 35.09 92.63
C TYR H 191 -38.88 35.26 92.96
N LYS H 192 -39.18 36.00 94.01
CA LYS H 192 -40.54 36.15 94.51
C LYS H 192 -41.53 36.74 93.51
N ALA H 193 -41.03 37.30 92.41
CA ALA H 193 -41.90 37.88 91.40
C ALA H 193 -42.64 36.82 90.59
N PHE H 194 -42.03 35.65 90.45
CA PHE H 194 -42.57 34.62 89.58
C PHE H 194 -43.45 33.62 90.31
N VAL H 195 -43.53 33.73 91.63
CA VAL H 195 -44.28 32.76 92.43
C VAL H 195 -45.75 32.70 92.05
N ILE H 196 -46.21 31.49 91.79
CA ILE H 196 -47.53 31.22 91.26
C ILE H 196 -48.13 30.15 92.18
N PRO H 197 -49.47 30.02 92.24
CA PRO H 197 -50.00 28.99 93.15
C PRO H 197 -49.60 27.56 92.77
N GLU H 198 -49.99 26.58 93.60
CA GLU H 198 -49.54 25.20 93.40
C GLU H 198 -50.31 24.45 92.32
N ALA H 199 -51.62 24.65 92.27
CA ALA H 199 -52.45 24.00 91.27
C ALA H 199 -52.00 24.38 89.86
N GLU H 200 -51.48 25.60 89.72
CA GLU H 200 -50.98 26.07 88.45
C GLU H 200 -49.59 25.53 88.15
N ALA H 201 -48.75 25.44 89.17
CA ALA H 201 -47.33 25.22 89.00
C ALA H 201 -46.97 23.83 88.50
N GLU H 202 -47.85 22.86 88.71
CA GLU H 202 -47.51 21.51 88.27
C GLU H 202 -48.02 21.21 86.87
N TRP H 203 -48.82 22.11 86.31
CA TRP H 203 -49.29 21.95 84.95
C TRP H 203 -48.56 22.77 83.89
N VAL H 204 -47.52 23.51 84.28
CA VAL H 204 -46.91 24.47 83.37
C VAL H 204 -46.25 23.85 82.13
N GLY H 205 -45.32 22.93 82.33
CA GLY H 205 -44.49 22.47 81.24
C GLY H 205 -45.03 21.27 80.48
N LEU H 206 -46.33 21.05 80.53
CA LEU H 206 -46.87 19.77 80.08
C LEU H 206 -47.34 19.72 78.63
N THR H 207 -46.91 18.65 77.96
CA THR H 207 -47.42 18.25 76.65
C THR H 207 -48.88 17.85 76.82
N LEU H 208 -49.65 17.91 75.74
CA LEU H 208 -51.05 17.49 75.82
C LEU H 208 -51.14 16.02 76.24
N ASP H 209 -50.15 15.23 75.81
CA ASP H 209 -50.08 13.82 76.18
C ASP H 209 -49.93 13.64 77.68
N GLU H 210 -48.88 14.24 78.21
CA GLU H 210 -48.57 14.14 79.63
C GLU H 210 -49.75 14.65 80.46
N ALA H 211 -50.35 15.74 80.00
CA ALA H 211 -51.52 16.30 80.67
C ALA H 211 -52.66 15.31 80.73
N VAL H 212 -53.05 14.79 79.57
CA VAL H 212 -54.13 13.81 79.50
C VAL H 212 -53.86 12.62 80.41
N GLU H 213 -52.63 12.15 80.40
CA GLU H 213 -52.23 11.06 81.28
C GLU H 213 -52.44 11.41 82.75
N LYS H 214 -51.90 12.54 83.17
CA LYS H 214 -52.00 13.00 84.55
C LYS H 214 -53.46 13.07 85.00
N GLN H 215 -54.28 13.73 84.19
CA GLN H 215 -55.69 13.87 84.49
C GLN H 215 -56.39 12.52 84.53
N ARG H 216 -55.92 11.58 83.72
CA ARG H 216 -56.49 10.23 83.75
C ARG H 216 -56.13 9.52 85.06
N LEU H 217 -54.95 9.80 85.60
CA LEU H 217 -54.52 9.18 86.85
C LEU H 217 -55.22 9.75 88.06
N LEU H 218 -55.51 11.05 88.03
CA LEU H 218 -56.25 11.67 89.13
C LEU H 218 -57.70 11.19 89.17
N GLU H 219 -58.20 10.77 88.01
CA GLU H 219 -59.58 10.29 87.89
C GLU H 219 -59.66 8.78 88.06
N GLU H 220 -58.55 8.16 88.43
CA GLU H 220 -58.50 6.69 88.49
C GLU H 220 -59.21 6.17 89.74
N LYS H 221 -60.28 5.41 89.51
CA LYS H 221 -61.09 4.86 90.59
C LYS H 221 -61.63 3.48 90.23
N ASP H 222 -61.54 2.54 91.18
CA ASP H 222 -62.16 1.24 91.01
C ASP H 222 -63.65 1.37 91.26
N PRO H 223 -64.46 0.99 90.27
CA PRO H 223 -65.92 1.16 90.31
C PRO H 223 -66.52 0.60 91.60
N ILE H 224 -67.38 1.39 92.23
CA ILE H 224 -67.90 1.05 93.55
C ILE H 224 -68.88 -0.11 93.50
N PRO H 225 -68.63 -1.13 94.32
CA PRO H 225 -69.47 -2.33 94.43
C PRO H 225 -70.94 -1.96 94.61
N LEU H 226 -71.85 -2.67 93.96
CA LEU H 226 -73.27 -2.34 94.05
C LEU H 226 -73.87 -2.65 95.42
N PHE H 227 -73.13 -3.43 96.21
CA PHE H 227 -73.53 -3.72 97.57
C PHE H 227 -73.55 -2.44 98.41
N LYS H 228 -72.51 -1.62 98.27
CA LYS H 228 -72.43 -0.31 98.93
C LYS H 228 -73.64 0.58 98.58
N ILE H 229 -73.78 0.90 97.31
CA ILE H 229 -74.88 1.72 96.82
C ILE H 229 -76.26 1.22 97.26
N PHE H 230 -76.50 -0.08 97.13
CA PHE H 230 -77.78 -0.64 97.56
C PHE H 230 -77.99 -0.55 99.08
N VAL H 231 -76.91 -0.70 99.84
CA VAL H 231 -76.96 -0.53 101.29
C VAL H 231 -77.33 0.92 101.66
N GLU H 232 -76.78 1.90 100.94
CA GLU H 232 -77.10 3.31 101.22
C GLU H 232 -78.54 3.70 100.84
N GLU H 233 -79.03 3.19 99.71
CA GLU H 233 -80.45 3.35 99.38
C GLU H 233 -81.35 2.74 100.46
N LEU H 234 -80.97 1.55 100.93
CA LEU H 234 -81.76 0.87 101.96
C LEU H 234 -81.75 1.60 103.31
N LEU H 235 -80.61 2.19 103.68
CA LEU H 235 -80.53 2.97 104.92
C LEU H 235 -81.32 4.26 104.79
N GLY H 236 -81.30 4.88 103.61
CA GLY H 236 -82.15 6.04 103.35
C GLY H 236 -83.62 5.70 103.57
N GLN H 237 -84.07 4.61 102.93
CA GLN H 237 -85.45 4.16 103.06
C GLN H 237 -85.86 3.76 104.49
N LEU H 238 -84.96 3.11 105.22
CA LEU H 238 -85.23 2.68 106.59
C LEU H 238 -85.26 3.86 107.58
N GLN H 239 -84.39 4.85 107.36
CA GLN H 239 -84.39 6.06 108.18
C GLN H 239 -85.56 6.99 107.87
N GLN H 240 -86.11 6.90 106.66
CA GLN H 240 -87.35 7.62 106.37
C GLN H 240 -88.62 6.84 106.75
N GLN H 241 -88.49 5.53 106.97
CA GLN H 241 -89.59 4.75 107.55
C GLN H 241 -89.63 4.87 109.07
N ALA H 242 -88.47 5.14 109.68
CA ALA H 242 -88.39 5.35 111.13
C ALA H 242 -88.81 6.76 111.58
N LEU H 243 -88.55 7.76 110.74
CA LEU H 243 -88.84 9.16 111.06
C LEU H 243 -90.28 9.57 110.73
N SER H 244 -90.99 8.74 109.98
CA SER H 244 -92.36 9.03 109.59
C SER H 244 -93.39 8.63 110.66
N GLU H 245 -92.96 7.79 111.60
CA GLU H 245 -93.83 7.36 112.69
C GLU H 245 -93.38 7.95 114.03
N GLY I 65 -72.41 -48.75 79.89
CA GLY I 65 -72.74 -47.34 79.89
C GLY I 65 -72.62 -46.72 78.51
N LEU I 66 -72.44 -47.56 77.50
CA LEU I 66 -72.25 -47.07 76.16
C LEU I 66 -73.56 -46.86 75.41
N GLU I 67 -74.65 -47.37 75.98
CA GLU I 67 -75.95 -47.32 75.31
C GLU I 67 -76.63 -45.99 75.51
N GLU I 68 -76.10 -45.16 76.40
CA GLU I 68 -76.66 -43.85 76.61
C GLU I 68 -76.50 -42.97 75.38
N PHE I 69 -75.76 -43.49 74.40
CA PHE I 69 -75.62 -42.77 73.15
C PHE I 69 -76.77 -43.07 72.20
N PHE I 70 -77.61 -44.04 72.54
CA PHE I 70 -78.72 -44.38 71.68
C PHE I 70 -80.04 -44.27 72.39
N ASP I 71 -81.10 -44.08 71.62
CA ASP I 71 -82.44 -44.06 72.18
C ASP I 71 -82.80 -45.48 72.62
N ASP I 72 -83.78 -45.62 73.50
CA ASP I 72 -84.27 -46.95 73.91
C ASP I 72 -84.64 -47.74 72.67
N PRO I 73 -84.20 -49.00 72.62
CA PRO I 73 -84.40 -49.84 71.43
C PRO I 73 -85.86 -49.91 70.98
N LYS I 74 -86.79 -49.58 71.88
CA LYS I 74 -88.20 -49.49 71.52
C LYS I 74 -88.46 -48.42 70.47
N ASN I 75 -87.60 -47.42 70.42
CA ASN I 75 -87.80 -46.27 69.53
C ASN I 75 -87.09 -46.34 68.18
N TRP I 76 -86.29 -47.36 67.96
CA TRP I 76 -85.28 -47.30 66.91
C TRP I 76 -85.82 -47.11 65.49
N GLY I 77 -86.71 -47.97 65.03
CA GLY I 77 -87.16 -47.86 63.66
C GLY I 77 -88.28 -46.87 63.39
N GLU I 78 -88.72 -46.14 64.41
CA GLU I 78 -89.97 -45.38 64.28
C GLU I 78 -89.80 -43.98 63.70
N GLU I 79 -90.76 -43.59 62.87
CA GLU I 79 -90.79 -42.28 62.22
C GLU I 79 -90.83 -41.13 63.22
N LYS I 80 -91.92 -41.05 63.95
CA LYS I 80 -92.12 -39.95 64.90
C LYS I 80 -91.94 -40.40 66.33
N VAL I 81 -90.99 -39.77 67.01
CA VAL I 81 -90.82 -39.96 68.44
C VAL I 81 -91.15 -38.66 69.13
N LYS I 82 -92.27 -38.61 69.85
CA LYS I 82 -92.73 -37.33 70.37
C LYS I 82 -91.93 -36.93 71.59
N SER I 83 -92.17 -35.72 72.08
CA SER I 83 -91.30 -35.10 73.08
C SER I 83 -91.86 -33.79 73.57
N GLY I 84 -91.39 -33.37 74.74
CA GLY I 84 -91.93 -32.21 75.39
C GLY I 84 -91.33 -30.93 74.88
N ALA I 85 -91.79 -29.81 75.42
CA ALA I 85 -91.24 -28.52 75.07
C ALA I 85 -89.93 -28.29 75.79
N SER I 86 -89.09 -27.44 75.22
CA SER I 86 -87.83 -27.07 75.84
C SER I 86 -88.09 -26.24 77.08
N TRP I 87 -87.09 -26.17 77.96
CA TRP I 87 -87.18 -25.31 79.14
C TRP I 87 -87.14 -23.84 78.79
N THR I 88 -88.08 -23.07 79.33
CA THR I 88 -88.01 -21.63 79.28
C THR I 88 -86.96 -21.17 80.28
N CYS I 89 -86.41 -19.98 80.10
CA CYS I 89 -85.52 -19.41 81.10
C CYS I 89 -86.21 -19.33 82.44
N GLN I 90 -87.43 -18.83 82.43
CA GLN I 90 -88.21 -18.62 83.64
C GLN I 90 -88.30 -19.86 84.51
N GLN I 91 -88.55 -20.99 83.89
CA GLN I 91 -88.69 -22.24 84.62
C GLN I 91 -87.39 -22.62 85.30
N LEU I 92 -86.28 -22.20 84.70
CA LEU I 92 -84.97 -22.49 85.26
C LEU I 92 -84.58 -21.53 86.37
N ARG I 93 -85.04 -20.28 86.32
CA ARG I 93 -84.69 -19.33 87.37
C ARG I 93 -85.20 -19.80 88.73
N ASN I 94 -86.18 -20.69 88.70
CA ASN I 94 -86.75 -21.26 89.92
C ASN I 94 -85.90 -22.35 90.54
N LYS I 95 -85.11 -23.03 89.71
CA LYS I 95 -84.33 -24.15 90.18
C LYS I 95 -83.07 -23.69 90.91
N SER I 96 -82.56 -24.52 91.82
CA SER I 96 -81.36 -24.18 92.57
C SER I 96 -80.12 -24.35 91.72
N ASN I 97 -78.97 -24.02 92.28
CA ASN I 97 -77.73 -24.18 91.54
C ASN I 97 -77.38 -25.64 91.33
N GLU I 98 -77.56 -26.44 92.38
CA GLU I 98 -77.27 -27.87 92.29
C GLU I 98 -78.09 -28.55 91.21
N ASP I 99 -79.38 -28.25 91.19
CA ASP I 99 -80.28 -28.91 90.26
C ASP I 99 -79.99 -28.49 88.84
N LEU I 100 -79.53 -27.26 88.65
CA LEU I 100 -79.12 -26.84 87.32
C LEU I 100 -77.89 -27.60 86.92
N HIS I 101 -76.96 -27.72 87.85
CA HIS I 101 -75.75 -28.46 87.61
C HIS I 101 -76.08 -29.89 87.17
N LYS I 102 -77.10 -30.50 87.76
CA LYS I 102 -77.47 -31.86 87.34
C LYS I 102 -78.19 -31.87 86.00
N LEU I 103 -79.18 -30.99 85.87
CA LEU I 103 -79.97 -30.89 84.65
C LEU I 103 -79.06 -30.69 83.45
N TRP I 104 -77.93 -30.03 83.66
CA TRP I 104 -76.97 -29.81 82.61
C TRP I 104 -76.50 -31.13 82.03
N TYR I 105 -76.25 -32.09 82.91
CA TYR I 105 -75.76 -33.36 82.45
C TYR I 105 -76.86 -34.21 81.87
N VAL I 106 -78.04 -34.09 82.44
CA VAL I 106 -79.18 -34.79 81.85
C VAL I 106 -79.38 -34.34 80.41
N LEU I 107 -79.31 -33.04 80.19
CA LEU I 107 -79.43 -32.47 78.85
C LEU I 107 -78.25 -32.87 77.96
N LEU I 108 -77.07 -32.94 78.56
CA LEU I 108 -75.89 -33.28 77.79
C LEU I 108 -75.98 -34.67 77.21
N LYS I 109 -76.33 -35.64 78.04
CA LYS I 109 -76.44 -37.01 77.56
C LYS I 109 -77.40 -37.12 76.39
N GLU I 110 -78.51 -36.39 76.50
CA GLU I 110 -79.51 -36.38 75.44
C GLU I 110 -79.00 -35.72 74.17
N ARG I 111 -78.25 -34.63 74.32
CA ARG I 111 -77.69 -33.97 73.15
C ARG I 111 -76.71 -34.87 72.41
N ASN I 112 -75.85 -35.54 73.17
CA ASN I 112 -74.95 -36.51 72.56
C ASN I 112 -75.74 -37.56 71.80
N MET I 113 -76.75 -38.14 72.46
CA MET I 113 -77.55 -39.14 71.80
C MET I 113 -78.13 -38.66 70.49
N LEU I 114 -78.66 -37.45 70.52
CA LEU I 114 -79.31 -36.90 69.35
C LEU I 114 -78.34 -36.62 68.22
N LEU I 115 -77.15 -36.12 68.56
CA LEU I 115 -76.15 -35.88 67.53
C LEU I 115 -75.73 -37.18 66.86
N THR I 116 -75.53 -38.21 67.69
CA THR I 116 -75.23 -39.53 67.18
C THR I 116 -76.29 -39.99 66.19
N LEU I 117 -77.54 -39.90 66.62
CA LEU I 117 -78.64 -40.33 65.77
C LEU I 117 -78.63 -39.56 64.47
N GLU I 118 -78.41 -38.26 64.55
CA GLU I 118 -78.31 -37.38 63.40
C GLU I 118 -77.33 -37.90 62.35
N GLN I 119 -76.06 -38.01 62.76
CA GLN I 119 -75.02 -38.49 61.84
C GLN I 119 -75.34 -39.86 61.29
N GLU I 120 -75.84 -40.74 62.15
CA GLU I 120 -76.18 -42.09 61.72
C GLU I 120 -77.33 -42.10 60.71
N ALA I 121 -78.20 -41.09 60.78
CA ALA I 121 -79.26 -40.96 59.81
C ALA I 121 -78.66 -40.58 58.47
N LYS I 122 -77.81 -39.56 58.48
CA LYS I 122 -77.13 -39.16 57.25
C LYS I 122 -76.43 -40.35 56.60
N ARG I 123 -75.86 -41.21 57.43
CA ARG I 123 -75.11 -42.36 56.94
C ARG I 123 -75.99 -43.38 56.18
N GLN I 124 -77.23 -43.51 56.61
CA GLN I 124 -78.13 -44.49 56.04
C GLN I 124 -79.01 -43.90 54.93
N ARG I 125 -78.75 -42.64 54.58
CA ARG I 125 -79.53 -41.91 53.59
C ARG I 125 -80.99 -41.79 53.99
N LEU I 126 -81.26 -41.79 55.29
CA LEU I 126 -82.63 -41.72 55.76
C LEU I 126 -82.88 -40.40 56.49
N PRO I 127 -84.13 -39.92 56.47
CA PRO I 127 -84.47 -38.74 57.27
C PRO I 127 -84.40 -39.05 58.75
N MET I 128 -83.89 -38.11 59.56
CA MET I 128 -83.79 -38.34 60.99
C MET I 128 -85.16 -38.35 61.64
N PRO I 129 -85.37 -39.28 62.60
CA PRO I 129 -86.64 -39.28 63.34
C PRO I 129 -86.84 -38.00 64.15
N SER I 130 -87.98 -37.32 63.92
CA SER I 130 -88.38 -36.10 64.64
C SER I 130 -87.21 -35.17 64.99
N PRO I 131 -86.57 -34.58 63.97
CA PRO I 131 -85.35 -33.78 64.13
C PRO I 131 -85.48 -32.65 65.13
N GLU I 132 -86.72 -32.19 65.30
CA GLU I 132 -87.04 -31.07 66.17
C GLU I 132 -86.48 -31.19 67.58
N ARG I 133 -86.40 -32.40 68.11
CA ARG I 133 -85.82 -32.62 69.44
C ARG I 133 -84.49 -31.90 69.57
N LEU I 134 -83.61 -32.10 68.59
CA LEU I 134 -82.27 -31.55 68.64
C LEU I 134 -82.32 -30.04 68.82
N GLU I 135 -83.28 -29.39 68.18
CA GLU I 135 -83.47 -27.96 68.37
C GLU I 135 -83.76 -27.68 69.84
N LYS I 136 -84.83 -28.30 70.32
CA LYS I 136 -85.36 -28.04 71.65
C LYS I 136 -84.26 -28.15 72.69
N VAL I 137 -83.60 -29.30 72.71
CA VAL I 137 -82.52 -29.57 73.64
C VAL I 137 -81.51 -28.44 73.64
N VAL I 138 -81.04 -28.08 72.45
CA VAL I 138 -80.05 -27.01 72.35
C VAL I 138 -80.55 -25.78 73.08
N ASP I 139 -81.76 -25.35 72.73
CA ASP I 139 -82.34 -24.15 73.33
C ASP I 139 -82.33 -24.28 74.84
N SER I 140 -82.77 -25.44 75.32
CA SER I 140 -82.79 -25.69 76.75
C SER I 140 -81.42 -25.41 77.33
N MET I 141 -80.41 -26.08 76.80
CA MET I 141 -79.06 -25.92 77.34
C MET I 141 -78.68 -24.48 77.26
N ASP I 142 -78.95 -23.90 76.09
CA ASP I 142 -78.63 -22.51 75.86
C ASP I 142 -79.28 -21.67 76.94
N ALA I 143 -80.59 -21.86 77.12
CA ALA I 143 -81.34 -21.14 78.14
C ALA I 143 -80.67 -21.31 79.49
N LEU I 144 -80.35 -22.55 79.85
CA LEU I 144 -79.72 -22.86 81.13
C LEU I 144 -78.46 -22.01 81.29
N ASP I 145 -77.62 -21.99 80.26
CA ASP I 145 -76.41 -21.19 80.29
C ASP I 145 -76.76 -19.75 80.65
N LYS I 146 -77.68 -19.17 79.88
CA LYS I 146 -78.08 -17.78 80.08
C LYS I 146 -78.45 -17.51 81.53
N VAL I 147 -79.07 -18.49 82.18
CA VAL I 147 -79.47 -18.30 83.57
C VAL I 147 -78.28 -18.25 84.49
N VAL I 148 -77.42 -19.25 84.40
CA VAL I 148 -76.31 -19.33 85.34
C VAL I 148 -75.42 -18.10 85.19
N GLN I 149 -75.15 -17.74 83.94
CA GLN I 149 -74.43 -16.52 83.65
C GLN I 149 -75.00 -15.34 84.42
N GLU I 150 -76.32 -15.15 84.34
CA GLU I 150 -76.98 -14.05 85.06
C GLU I 150 -76.56 -14.05 86.52
N ARG I 151 -76.73 -15.20 87.16
CA ARG I 151 -76.50 -15.28 88.59
C ARG I 151 -75.07 -14.93 88.94
N GLU I 152 -74.14 -15.19 88.02
CA GLU I 152 -72.77 -14.78 88.26
C GLU I 152 -72.63 -13.28 88.07
N ASP I 153 -73.14 -12.81 86.93
CA ASP I 153 -72.86 -11.46 86.50
C ASP I 153 -73.58 -10.48 87.43
N ALA I 154 -74.74 -10.90 87.92
CA ALA I 154 -75.42 -10.16 88.96
C ALA I 154 -74.51 -10.11 90.16
N LEU I 155 -74.12 -11.29 90.63
CA LEU I 155 -73.31 -11.42 91.82
C LEU I 155 -72.04 -10.59 91.82
N ARG I 156 -71.28 -10.65 90.74
CA ARG I 156 -70.02 -9.91 90.73
C ARG I 156 -70.30 -8.40 90.72
N LEU I 157 -71.40 -8.00 90.08
CA LEU I 157 -71.82 -6.60 90.13
C LEU I 157 -71.98 -6.15 91.57
N LEU I 158 -72.44 -7.06 92.41
CA LEU I 158 -72.54 -6.79 93.84
C LEU I 158 -71.16 -6.69 94.47
N GLN I 159 -70.34 -7.71 94.26
CA GLN I 159 -69.09 -7.84 95.02
C GLN I 159 -68.05 -6.88 94.52
N THR I 160 -67.70 -7.00 93.26
CA THR I 160 -66.72 -6.13 92.66
C THR I 160 -67.38 -4.88 92.09
N GLY I 161 -68.27 -5.07 91.12
CA GLY I 161 -68.89 -3.94 90.47
C GLY I 161 -68.38 -3.70 89.06
N GLN I 162 -67.62 -4.66 88.56
CA GLN I 162 -67.19 -4.63 87.17
C GLN I 162 -68.23 -5.31 86.29
N GLU I 163 -68.48 -4.75 85.12
CA GLU I 163 -69.50 -5.30 84.23
C GLU I 163 -68.95 -6.44 83.36
N LYS I 164 -67.63 -6.52 83.26
CA LYS I 164 -66.98 -7.50 82.39
C LYS I 164 -66.12 -8.47 83.21
N ALA I 165 -66.33 -9.77 83.03
CA ALA I 165 -65.64 -10.77 83.84
C ALA I 165 -64.17 -10.89 83.45
N ARG I 166 -63.83 -10.43 82.26
CA ARG I 166 -62.45 -10.44 81.82
C ARG I 166 -61.91 -9.03 81.78
N PRO I 167 -60.78 -8.79 82.46
CA PRO I 167 -60.14 -7.48 82.49
C PRO I 167 -59.80 -7.01 81.08
N GLY I 168 -60.06 -5.76 80.76
CA GLY I 168 -59.71 -5.27 79.45
C GLY I 168 -59.66 -3.77 79.36
N ALA I 169 -59.13 -3.26 78.26
CA ALA I 169 -58.94 -1.81 78.14
C ALA I 169 -59.22 -1.31 76.74
N TRP I 170 -59.62 -0.05 76.65
CA TRP I 170 -59.81 0.57 75.36
C TRP I 170 -58.48 1.07 74.88
N ARG I 171 -58.07 0.61 73.70
CA ARG I 171 -56.76 0.98 73.19
C ARG I 171 -56.84 1.40 71.75
N ARG I 172 -55.74 1.95 71.26
CA ARG I 172 -55.65 2.40 69.90
C ARG I 172 -54.47 1.65 69.26
N ASP I 173 -54.75 0.79 68.28
CA ASP I 173 -53.72 -0.06 67.68
C ASP I 173 -52.92 0.66 66.58
N ILE I 174 -52.06 -0.09 65.87
CA ILE I 174 -51.24 0.53 64.83
C ILE I 174 -52.08 1.14 63.75
N PHE I 175 -53.24 0.55 63.49
CA PHE I 175 -54.04 0.99 62.37
C PHE I 175 -54.91 2.16 62.71
N GLY I 176 -54.81 2.65 63.93
CA GLY I 176 -55.57 3.81 64.32
C GLY I 176 -57.01 3.51 64.67
N ARG I 177 -57.42 2.25 64.56
CA ARG I 177 -58.74 1.86 65.02
C ARG I 177 -58.79 1.88 66.53
N ILE I 178 -59.95 2.18 67.09
CA ILE I 178 -60.13 2.08 68.52
C ILE I 178 -60.68 0.71 68.86
N ILE I 179 -59.86 -0.08 69.51
CA ILE I 179 -60.12 -1.49 69.70
C ILE I 179 -60.35 -1.78 71.19
N TRP I 180 -61.17 -2.78 71.49
CA TRP I 180 -61.23 -3.27 72.84
C TRP I 180 -60.25 -4.41 73.00
N HIS I 181 -59.26 -4.21 73.85
CA HIS I 181 -58.20 -5.17 74.04
C HIS I 181 -58.45 -6.01 75.29
N LYS I 182 -58.73 -7.30 75.07
CA LYS I 182 -58.91 -8.25 76.16
C LYS I 182 -57.55 -8.54 76.76
N PHE I 183 -57.48 -8.78 78.06
CA PHE I 183 -56.19 -9.07 78.64
C PHE I 183 -55.91 -10.56 78.63
N LYS I 184 -54.69 -10.90 79.03
CA LYS I 184 -54.18 -12.25 78.93
C LYS I 184 -53.45 -12.55 80.23
N GLN I 185 -53.41 -13.81 80.65
CA GLN I 185 -52.73 -14.15 81.89
C GLN I 185 -51.28 -14.45 81.67
N TRP I 186 -50.40 -13.82 82.44
CA TRP I 186 -48.98 -14.04 82.31
C TRP I 186 -48.34 -14.24 83.68
N PRO I 187 -47.34 -15.11 83.75
CA PRO I 187 -46.60 -15.37 84.98
C PRO I 187 -45.69 -14.22 85.38
N ILE I 188 -45.38 -13.34 84.43
CA ILE I 188 -44.48 -12.22 84.67
C ILE I 188 -45.14 -10.89 84.36
N PRO I 189 -44.67 -9.80 85.00
CA PRO I 189 -45.31 -8.50 84.78
C PRO I 189 -44.98 -7.92 83.42
N TRP I 190 -45.77 -6.96 82.97
CA TRP I 190 -45.76 -6.56 81.57
C TRP I 190 -44.48 -5.96 81.04
N TYR I 191 -43.69 -5.30 81.89
CA TYR I 191 -42.50 -4.64 81.39
C TYR I 191 -41.34 -5.62 81.21
N LEU I 192 -41.49 -6.84 81.71
CA LEU I 192 -40.49 -7.87 81.54
C LEU I 192 -40.81 -8.84 80.41
N ASN I 193 -41.90 -8.58 79.71
CA ASN I 193 -42.41 -9.50 78.70
C ASN I 193 -42.04 -9.08 77.28
N LYS I 194 -41.11 -9.82 76.68
CA LYS I 194 -40.60 -9.58 75.34
C LYS I 194 -41.73 -9.45 74.30
N LYS I 195 -42.43 -10.55 74.12
CA LYS I 195 -43.50 -10.68 73.13
C LYS I 195 -44.54 -9.58 73.23
N TYR I 196 -45.08 -9.37 74.43
CA TYR I 196 -46.06 -8.30 74.63
C TYR I 196 -45.46 -6.94 74.33
N ASN I 197 -44.24 -6.72 74.81
CA ASN I 197 -43.60 -5.43 74.66
C ASN I 197 -43.42 -5.02 73.21
N ARG I 198 -43.34 -5.97 72.30
CA ARG I 198 -43.19 -5.55 70.90
C ARG I 198 -44.50 -5.33 70.13
N LYS I 199 -45.64 -5.41 70.79
CA LYS I 199 -46.87 -4.85 70.22
C LYS I 199 -46.85 -3.33 70.35
N ARG I 200 -47.58 -2.63 69.49
CA ARG I 200 -47.69 -1.18 69.61
C ARG I 200 -49.11 -0.73 69.79
N PHE I 201 -49.51 -0.20 70.95
CA PHE I 201 -50.81 0.45 70.97
C PHE I 201 -50.56 1.93 70.91
N PHE I 202 -50.65 2.48 69.71
CA PHE I 202 -50.64 3.90 69.44
C PHE I 202 -50.54 4.00 67.93
N ALA I 203 -50.91 5.13 67.37
CA ALA I 203 -50.82 5.28 65.93
C ALA I 203 -49.69 6.24 65.62
N MET I 204 -49.05 6.06 64.46
CA MET I 204 -48.04 7.01 64.05
C MET I 204 -48.73 8.18 63.34
N PRO I 205 -47.96 9.22 62.95
CA PRO I 205 -48.68 10.36 62.38
C PRO I 205 -49.36 10.07 61.03
N TYR I 206 -48.76 9.25 60.17
CA TYR I 206 -49.35 9.03 58.85
C TYR I 206 -50.74 8.43 58.94
N VAL I 207 -50.92 7.56 59.92
CA VAL I 207 -52.18 6.89 60.12
C VAL I 207 -53.35 7.85 60.13
N GLU I 208 -53.12 9.06 60.64
CA GLU I 208 -54.18 10.07 60.73
C GLU I 208 -54.92 10.20 59.41
N ARG I 209 -54.17 10.33 58.33
CA ARG I 209 -54.80 10.48 57.02
C ARG I 209 -55.82 9.38 56.76
N PHE I 210 -55.40 8.13 56.92
CA PHE I 210 -56.27 6.99 56.70
C PHE I 210 -57.49 7.03 57.57
N VAL I 211 -57.31 7.41 58.83
CA VAL I 211 -58.46 7.53 59.73
C VAL I 211 -59.51 8.43 59.10
N ARG I 212 -59.06 9.58 58.61
CA ARG I 212 -59.97 10.50 57.94
C ARG I 212 -60.69 9.78 56.82
N MET I 213 -59.94 9.09 55.96
CA MET I 213 -60.55 8.39 54.85
C MET I 213 -61.63 7.47 55.35
N ARG I 214 -61.33 6.73 56.42
CA ARG I 214 -62.30 5.81 56.98
C ARG I 214 -63.59 6.53 57.22
N ILE I 215 -63.52 7.62 57.98
CA ILE I 215 -64.70 8.40 58.31
C ILE I 215 -65.49 8.70 57.07
N GLU I 216 -64.80 9.28 56.10
CA GLU I 216 -65.45 9.74 54.88
C GLU I 216 -66.16 8.60 54.19
N LYS I 217 -65.45 7.47 54.05
CA LYS I 217 -66.04 6.33 53.38
C LYS I 217 -67.32 5.98 54.10
N GLN I 218 -67.22 5.86 55.42
CA GLN I 218 -68.36 5.52 56.25
C GLN I 218 -69.50 6.49 55.96
N ALA I 219 -69.16 7.77 55.98
CA ALA I 219 -70.14 8.84 55.82
C ALA I 219 -70.88 8.70 54.51
N ARG I 220 -70.15 8.33 53.46
CA ARG I 220 -70.75 8.16 52.15
C ARG I 220 -71.80 7.08 52.21
N ILE I 221 -71.42 5.95 52.78
CA ILE I 221 -72.29 4.79 52.80
C ILE I 221 -73.59 5.19 53.46
N LYS I 222 -73.48 5.66 54.69
CA LYS I 222 -74.65 6.13 55.42
C LYS I 222 -75.44 7.11 54.55
N ALA I 223 -74.74 8.07 53.96
CA ALA I 223 -75.37 9.12 53.18
C ALA I 223 -76.29 8.55 52.11
N ARG I 224 -75.84 7.50 51.42
CA ARG I 224 -76.64 7.02 50.31
C ARG I 224 -77.47 5.83 50.69
N LYS I 225 -77.40 5.41 51.94
CA LYS I 225 -78.38 4.46 52.42
C LYS I 225 -79.65 5.25 52.67
N ARG I 226 -79.46 6.36 53.35
CA ARG I 226 -80.52 7.29 53.71
C ARG I 226 -81.32 7.72 52.50
N SER I 227 -80.63 8.27 51.51
CA SER I 227 -81.25 8.73 50.28
C SER I 227 -82.02 7.63 49.60
N LEU I 228 -81.61 6.40 49.82
CA LEU I 228 -82.30 5.29 49.20
C LEU I 228 -83.67 5.20 49.84
N GLU I 229 -83.68 5.13 51.15
CA GLU I 229 -84.90 4.92 51.91
C GLU I 229 -85.93 6.00 51.57
N ARG I 230 -85.49 7.25 51.62
CA ARG I 230 -86.30 8.40 51.26
C ARG I 230 -86.99 8.16 49.92
N LYS I 231 -86.20 7.76 48.93
CA LYS I 231 -86.71 7.51 47.59
C LYS I 231 -87.78 6.42 47.58
N LYS I 232 -87.50 5.33 48.30
CA LYS I 232 -88.43 4.21 48.36
C LYS I 232 -89.77 4.69 48.84
N GLU I 233 -89.77 5.73 49.65
CA GLU I 233 -91.03 6.25 50.15
C GLU I 233 -91.80 6.91 49.03
N LYS I 234 -91.15 7.86 48.34
CA LYS I 234 -91.82 8.63 47.31
C LYS I 234 -92.51 7.72 46.33
N PHE I 235 -91.76 6.75 45.83
CA PHE I 235 -92.26 5.77 44.89
C PHE I 235 -93.55 5.14 45.39
N LEU I 236 -93.49 4.58 46.59
CA LEU I 236 -94.65 3.93 47.20
C LEU I 236 -95.85 4.90 47.29
N GLN I 237 -95.60 6.16 47.61
CA GLN I 237 -96.69 7.11 47.75
C GLN I 237 -97.41 7.39 46.43
N GLU I 238 -96.72 7.20 45.30
CA GLU I 238 -97.41 7.38 44.04
C GLU I 238 -97.97 6.06 43.53
N LYS I 239 -97.54 4.96 44.15
CA LYS I 239 -98.03 3.64 43.79
C LYS I 239 -99.33 3.35 44.52
N PHE I 240 -99.37 3.71 45.81
CA PHE I 240 -100.54 3.53 46.65
C PHE I 240 -100.95 4.84 47.32
N PRO I 241 -101.65 5.70 46.56
CA PRO I 241 -102.06 7.02 47.05
C PRO I 241 -103.36 6.96 47.85
N HIS I 242 -103.37 6.16 48.91
CA HIS I 242 -104.58 6.00 49.72
C HIS I 242 -104.69 7.14 50.74
N LEU I 243 -103.69 8.01 50.77
CA LEU I 243 -103.67 9.15 51.69
C LEU I 243 -104.61 10.26 51.22
N LYS J 35 -43.42 36.51 -22.51
CA LYS J 35 -44.70 36.65 -21.82
C LYS J 35 -45.86 36.72 -22.79
N PHE J 36 -46.96 36.09 -22.40
CA PHE J 36 -48.20 36.28 -23.12
C PHE J 36 -48.84 37.54 -22.60
N THR J 37 -49.34 38.36 -23.50
CA THR J 37 -49.76 39.70 -23.12
C THR J 37 -51.01 40.09 -23.87
N ARG J 38 -51.42 41.35 -23.73
CA ARG J 38 -52.50 41.82 -24.58
C ARG J 38 -51.92 41.94 -25.99
N SER J 39 -52.73 42.34 -26.96
CA SER J 39 -52.17 42.44 -28.30
C SER J 39 -52.64 43.66 -29.09
N ARG J 40 -51.67 44.43 -29.60
CA ARG J 40 -51.94 45.48 -30.56
C ARG J 40 -52.45 44.87 -31.86
N ILE J 41 -53.35 45.58 -32.51
CA ILE J 41 -53.83 45.14 -33.81
C ILE J 41 -53.69 46.26 -34.81
N PRO J 42 -52.61 46.21 -35.61
CA PRO J 42 -52.25 47.29 -36.55
C PRO J 42 -53.45 47.74 -37.38
N ASP J 43 -53.57 49.04 -37.59
CA ASP J 43 -54.76 49.62 -38.20
C ASP J 43 -54.96 49.16 -39.62
N LYS J 44 -53.90 48.70 -40.26
CA LYS J 44 -53.96 48.23 -41.63
C LYS J 44 -55.00 47.12 -41.79
N VAL J 45 -55.21 46.37 -40.71
CA VAL J 45 -56.19 45.29 -40.71
C VAL J 45 -57.58 45.82 -41.02
N PHE J 46 -57.89 46.98 -40.45
CA PHE J 46 -59.24 47.55 -40.53
C PHE J 46 -59.44 48.53 -41.70
N GLN J 47 -58.48 48.62 -42.60
CA GLN J 47 -58.72 49.30 -43.88
C GLN J 47 -59.30 48.31 -44.88
N PRO J 48 -60.60 48.44 -45.19
CA PRO J 48 -61.29 47.47 -46.05
C PRO J 48 -60.93 47.63 -47.52
N SER J 49 -60.83 46.52 -48.23
CA SER J 49 -60.58 46.53 -49.67
C SER J 49 -61.89 46.80 -50.41
N PRO J 50 -61.80 47.33 -51.64
CA PRO J 50 -63.02 47.67 -52.39
C PRO J 50 -63.95 46.48 -52.67
N GLU J 51 -63.40 45.28 -52.73
CA GLU J 51 -64.17 44.07 -53.05
C GLU J 51 -65.02 43.64 -51.87
N ASP J 52 -64.54 43.98 -50.68
CA ASP J 52 -65.17 43.54 -49.44
C ASP J 52 -66.58 44.06 -49.33
N HIS J 53 -66.82 45.27 -49.81
CA HIS J 53 -68.16 45.86 -49.77
C HIS J 53 -69.13 44.96 -50.52
N GLU J 54 -68.76 44.59 -51.74
CA GLU J 54 -69.53 43.64 -52.53
C GLU J 54 -69.72 42.34 -51.77
N LYS J 55 -68.64 41.89 -51.14
CA LYS J 55 -68.61 40.56 -50.56
C LYS J 55 -69.53 40.38 -49.36
N TYR J 56 -69.43 41.26 -48.37
CA TYR J 56 -70.25 41.11 -47.17
C TYR J 56 -71.53 41.92 -47.22
N GLY J 57 -71.69 42.69 -48.30
CA GLY J 57 -72.94 43.39 -48.52
C GLY J 57 -73.12 44.68 -47.74
N GLY J 58 -72.04 45.42 -47.57
CA GLY J 58 -72.11 46.75 -46.99
C GLY J 58 -72.11 47.79 -48.09
N ASP J 59 -72.57 48.98 -47.76
CA ASP J 59 -72.57 50.09 -48.72
C ASP J 59 -71.26 50.86 -48.63
N PRO J 60 -70.57 51.03 -49.76
CA PRO J 60 -69.29 51.76 -49.77
C PRO J 60 -69.41 53.18 -49.23
N GLN J 61 -70.54 53.83 -49.51
CA GLN J 61 -70.77 55.20 -49.06
C GLN J 61 -71.09 55.37 -47.57
N TYR J 62 -72.14 54.69 -47.09
CA TYR J 62 -72.66 54.93 -45.73
C TYR J 62 -72.51 53.74 -44.78
N PRO J 63 -71.78 53.94 -43.68
CA PRO J 63 -71.66 52.92 -42.64
C PRO J 63 -73.01 52.66 -41.98
N HIS J 64 -73.20 51.46 -41.44
CA HIS J 64 -74.44 51.12 -40.79
C HIS J 64 -74.48 51.69 -39.39
N LYS J 65 -75.68 51.91 -38.87
CA LYS J 65 -75.85 52.54 -37.57
C LYS J 65 -75.61 51.60 -36.38
N LEU J 66 -76.15 50.39 -36.45
CA LEU J 66 -76.16 49.52 -35.28
C LEU J 66 -75.58 48.12 -35.48
N HIS J 67 -74.96 47.62 -34.42
CA HIS J 67 -74.43 46.26 -34.39
C HIS J 67 -75.38 45.29 -33.74
N ILE J 68 -75.48 44.10 -34.30
CA ILE J 68 -75.99 42.96 -33.57
C ILE J 68 -74.82 42.06 -33.24
N VAL J 69 -74.49 41.96 -31.97
CA VAL J 69 -73.41 41.14 -31.52
C VAL J 69 -73.94 39.90 -30.85
N THR J 70 -73.29 38.79 -31.13
CA THR J 70 -73.65 37.51 -30.54
C THR J 70 -72.40 36.85 -30.01
N ARG J 71 -72.47 36.19 -28.87
CA ARG J 71 -71.27 35.52 -28.40
C ARG J 71 -71.25 34.09 -28.91
N ILE J 72 -70.35 33.85 -29.83
CA ILE J 72 -70.22 32.57 -30.50
C ILE J 72 -69.36 31.54 -29.77
N LYS J 73 -68.31 32.00 -29.11
CA LYS J 73 -67.38 31.11 -28.41
C LYS J 73 -67.42 31.31 -26.90
N SER J 74 -66.56 30.62 -26.18
CA SER J 74 -66.58 30.73 -24.73
C SER J 74 -65.39 31.50 -24.22
N THR J 75 -65.59 32.15 -23.09
CA THR J 75 -64.54 32.92 -22.47
C THR J 75 -63.57 32.07 -21.66
N LYS J 76 -63.99 30.86 -21.29
CA LYS J 76 -63.08 29.93 -20.61
C LYS J 76 -61.86 29.70 -21.48
N ARG J 77 -60.71 29.55 -20.85
CA ARG J 77 -59.44 29.35 -21.54
C ARG J 77 -58.92 30.60 -22.23
N ARG J 78 -59.63 31.71 -22.06
CA ARG J 78 -59.17 33.01 -22.56
C ARG J 78 -58.80 33.92 -21.39
N PRO J 79 -57.89 34.89 -21.62
CA PRO J 79 -57.38 35.83 -20.62
C PRO J 79 -58.47 36.59 -19.90
N TYR J 80 -58.21 37.01 -18.66
CA TYR J 80 -59.26 37.67 -17.88
C TYR J 80 -59.77 38.94 -18.54
N TRP J 81 -58.90 39.63 -19.27
CA TRP J 81 -59.35 40.88 -19.83
C TRP J 81 -60.43 40.67 -20.91
N GLU J 82 -60.32 39.59 -21.68
CA GLU J 82 -61.38 39.28 -22.63
C GLU J 82 -62.66 38.87 -21.89
N LYS J 83 -62.51 38.15 -20.77
CA LYS J 83 -63.69 37.78 -20.00
C LYS J 83 -64.45 39.03 -19.56
N ASP J 84 -63.70 40.03 -19.10
CA ASP J 84 -64.31 41.26 -18.64
C ASP J 84 -64.98 42.02 -19.76
N ILE J 85 -64.30 42.14 -20.89
CA ILE J 85 -64.91 42.81 -22.03
C ILE J 85 -66.24 42.16 -22.38
N ILE J 86 -66.24 40.83 -22.42
CA ILE J 86 -67.48 40.12 -22.74
C ILE J 86 -68.55 40.41 -21.71
N LYS J 87 -68.17 40.57 -20.45
CA LYS J 87 -69.17 40.91 -19.45
C LYS J 87 -69.75 42.30 -19.69
N MET J 88 -68.88 43.26 -19.99
CA MET J 88 -69.36 44.63 -20.09
C MET J 88 -70.04 44.91 -21.43
N LEU J 89 -69.99 43.98 -22.37
CA LEU J 89 -70.77 44.16 -23.58
C LEU J 89 -72.14 43.54 -23.49
N GLY J 90 -72.45 42.94 -22.36
CA GLY J 90 -73.72 42.28 -22.17
C GLY J 90 -73.81 40.97 -22.92
N LEU J 91 -72.66 40.43 -23.25
CA LEU J 91 -72.56 39.21 -24.03
C LEU J 91 -72.46 37.95 -23.22
N GLU J 92 -72.72 38.04 -21.92
CA GLU J 92 -72.51 36.93 -21.01
C GLU J 92 -73.03 35.60 -21.53
N LYS J 93 -74.29 35.59 -21.96
CA LYS J 93 -74.95 34.39 -22.43
C LYS J 93 -74.73 34.14 -23.91
N ALA J 94 -74.45 32.89 -24.28
CA ALA J 94 -74.14 32.55 -25.67
C ALA J 94 -75.34 32.58 -26.59
N HIS J 95 -75.09 32.74 -27.89
CA HIS J 95 -76.12 32.67 -28.91
C HIS J 95 -77.33 33.51 -28.59
N THR J 96 -77.11 34.63 -27.92
CA THR J 96 -78.19 35.56 -27.69
C THR J 96 -77.75 36.86 -28.34
N PRO J 97 -78.65 37.47 -29.11
CA PRO J 97 -78.26 38.71 -29.77
C PRO J 97 -78.34 39.89 -28.82
N GLN J 98 -77.51 40.88 -29.09
CA GLN J 98 -77.47 42.10 -28.28
C GLN J 98 -77.14 43.25 -29.22
N VAL J 99 -77.65 44.45 -28.98
CA VAL J 99 -77.42 45.50 -29.95
C VAL J 99 -76.56 46.64 -29.39
N HIS J 100 -75.62 47.11 -30.20
CA HIS J 100 -74.68 48.14 -29.76
C HIS J 100 -74.49 49.24 -30.77
N LYS J 101 -74.10 50.42 -30.30
CA LYS J 101 -73.84 51.51 -31.21
C LYS J 101 -72.60 51.20 -32.05
N ASN J 102 -72.53 51.78 -33.24
CA ASN J 102 -71.41 51.55 -34.13
C ASN J 102 -70.26 52.55 -33.90
N ILE J 103 -70.40 53.34 -32.84
CA ILE J 103 -69.37 54.30 -32.47
C ILE J 103 -68.04 53.68 -32.03
N PRO J 104 -66.93 54.39 -32.23
CA PRO J 104 -65.56 53.92 -31.95
C PRO J 104 -65.33 53.42 -30.53
N SER J 105 -65.95 54.06 -29.54
CA SER J 105 -65.81 53.63 -28.15
C SER J 105 -66.14 52.17 -27.97
N VAL J 106 -67.17 51.71 -28.65
CA VAL J 106 -67.60 50.34 -28.57
C VAL J 106 -66.73 49.45 -29.45
N ASN J 107 -66.48 49.94 -30.65
CA ASN J 107 -65.64 49.22 -31.59
C ASN J 107 -64.28 48.85 -31.03
N ALA J 108 -63.78 49.62 -30.07
CA ALA J 108 -62.54 49.25 -29.40
C ALA J 108 -62.67 47.90 -28.67
N LYS J 109 -63.73 47.78 -27.89
CA LYS J 109 -63.94 46.56 -27.13
C LYS J 109 -64.22 45.40 -28.08
N LEU J 110 -65.14 45.61 -29.01
CA LEU J 110 -65.43 44.57 -29.98
C LEU J 110 -64.14 44.13 -30.67
N LYS J 111 -63.26 45.07 -30.97
CA LYS J 111 -61.97 44.74 -31.59
C LYS J 111 -61.19 43.80 -30.70
N VAL J 112 -61.21 44.03 -29.39
CA VAL J 112 -60.50 43.12 -28.49
C VAL J 112 -61.02 41.69 -28.55
N VAL J 113 -62.33 41.54 -28.46
CA VAL J 113 -62.90 40.19 -28.40
C VAL J 113 -63.37 39.61 -29.73
N LYS J 114 -63.03 40.25 -30.83
CA LYS J 114 -63.61 39.90 -32.13
C LYS J 114 -63.56 38.42 -32.51
N HIS J 115 -62.69 37.64 -31.88
CA HIS J 115 -62.63 36.22 -32.19
C HIS J 115 -63.68 35.40 -31.44
N LEU J 116 -64.32 36.01 -30.46
CA LEU J 116 -65.31 35.32 -29.65
C LEU J 116 -66.73 35.59 -30.11
N ILE J 117 -66.89 36.44 -31.11
CA ILE J 117 -68.23 36.95 -31.40
C ILE J 117 -68.60 36.90 -32.87
N ARG J 118 -69.87 37.14 -33.13
CA ARG J 118 -70.33 37.38 -34.48
C ARG J 118 -71.06 38.71 -34.52
N ILE J 119 -70.64 39.58 -35.44
CA ILE J 119 -71.22 40.90 -35.60
C ILE J 119 -71.94 41.00 -36.91
N LYS J 120 -73.19 41.43 -36.88
CA LYS J 120 -73.90 41.64 -38.12
C LYS J 120 -74.63 42.96 -38.04
N PRO J 121 -74.64 43.72 -39.14
CA PRO J 121 -75.30 45.03 -39.13
C PRO J 121 -76.80 44.89 -38.99
N LEU J 122 -77.41 45.66 -38.10
CA LEU J 122 -78.87 45.63 -37.95
C LEU J 122 -79.52 46.35 -39.13
N LYS J 123 -80.59 45.76 -39.65
CA LYS J 123 -81.33 46.36 -40.76
C LYS J 123 -82.76 46.66 -40.37
N LEU J 124 -83.31 47.73 -40.92
CA LEU J 124 -84.67 48.13 -40.61
C LEU J 124 -85.48 48.36 -41.88
N PRO J 125 -86.06 47.28 -42.44
CA PRO J 125 -86.79 47.38 -43.70
C PRO J 125 -88.04 48.23 -43.55
N GLN J 126 -88.71 48.05 -42.43
CA GLN J 126 -89.94 48.77 -42.17
C GLN J 126 -89.66 50.01 -41.35
N GLY J 127 -88.38 50.28 -41.12
CA GLY J 127 -87.96 51.45 -40.37
C GLY J 127 -88.10 51.24 -38.88
N LEU J 128 -87.68 52.23 -38.10
CA LEU J 128 -87.74 52.14 -36.65
C LEU J 128 -89.16 51.95 -36.13
N PRO J 129 -89.30 51.19 -35.03
CA PRO J 129 -90.59 50.96 -34.38
C PRO J 129 -91.16 52.21 -33.70
N THR J 130 -92.44 52.49 -33.91
CA THR J 130 -93.11 53.53 -33.16
C THR J 130 -93.58 52.92 -31.85
N GLU J 131 -94.41 53.63 -31.09
CA GLU J 131 -94.85 53.10 -29.82
C GLU J 131 -96.05 52.17 -29.94
N GLU J 132 -96.66 52.14 -31.11
CA GLU J 132 -97.74 51.19 -31.37
C GLU J 132 -97.19 49.83 -31.75
N ASP J 133 -95.94 49.84 -32.21
CA ASP J 133 -95.32 48.64 -32.76
C ASP J 133 -94.44 47.89 -31.78
N MET J 134 -94.38 48.37 -30.54
CA MET J 134 -93.47 47.79 -29.57
C MET J 134 -93.79 46.34 -29.22
N ALA J 135 -95.06 46.00 -29.19
CA ALA J 135 -95.45 44.65 -28.83
C ALA J 135 -95.17 43.65 -29.95
N ASN J 136 -95.22 44.13 -31.20
CA ASN J 136 -95.18 43.25 -32.36
C ASN J 136 -93.82 43.09 -32.98
N THR J 137 -92.77 43.62 -32.37
CA THR J 137 -91.46 43.57 -32.97
C THR J 137 -90.85 42.18 -32.92
N CYS J 138 -90.05 41.84 -33.93
CA CYS J 138 -89.26 40.60 -33.88
C CYS J 138 -87.97 40.68 -34.68
N LEU J 139 -86.96 39.94 -34.25
CA LEU J 139 -85.65 40.02 -34.88
C LEU J 139 -85.28 38.77 -35.68
N LYS J 140 -85.26 38.90 -37.00
CA LYS J 140 -84.95 37.77 -37.87
C LYS J 140 -83.45 37.55 -38.08
N SER J 141 -83.10 36.27 -38.15
CA SER J 141 -81.73 35.79 -38.21
C SER J 141 -80.85 36.41 -39.29
N ASN J 142 -81.46 36.87 -40.37
CA ASN J 142 -80.70 37.56 -41.42
C ASN J 142 -80.27 38.92 -40.90
N GLY J 143 -80.71 39.22 -39.69
CA GLY J 143 -80.25 40.36 -38.94
C GLY J 143 -81.19 41.54 -39.10
N GLU J 144 -82.43 41.27 -39.49
CA GLU J 144 -83.30 42.41 -39.76
C GLU J 144 -84.48 42.44 -38.80
N LEU J 145 -84.85 43.65 -38.39
CA LEU J 145 -85.88 43.82 -37.38
C LEU J 145 -87.21 44.11 -38.03
N VAL J 146 -88.13 43.16 -37.92
CA VAL J 146 -89.44 43.31 -38.51
C VAL J 146 -90.37 43.92 -37.48
N VAL J 147 -91.05 44.99 -37.87
CA VAL J 147 -91.89 45.74 -36.96
C VAL J 147 -93.29 45.12 -36.77
N ARG J 148 -93.92 44.68 -37.85
CA ARG J 148 -95.23 44.08 -37.72
C ARG J 148 -95.12 42.56 -37.85
N TRP J 149 -95.38 41.87 -36.74
CA TRP J 149 -95.21 40.43 -36.68
C TRP J 149 -96.57 39.78 -36.47
N LEU J 150 -96.95 38.92 -37.41
CA LEU J 150 -98.15 38.11 -37.32
C LEU J 150 -99.43 38.95 -37.20
N LEU J 151 -99.80 39.57 -38.32
CA LEU J 151 -101.10 40.22 -38.51
C LEU J 151 -102.21 39.19 -38.77
N ASN J 152 -103.23 39.20 -37.91
CA ASN J 152 -104.41 38.33 -38.03
C ASN J 152 -104.11 36.89 -38.44
N ASP K 35 8.96 90.11 -44.82
CA ASP K 35 8.29 89.14 -43.96
C ASP K 35 9.19 88.70 -42.81
N CYS K 36 10.44 89.12 -42.85
CA CYS K 36 11.42 88.68 -41.87
C CYS K 36 11.26 89.41 -40.55
N ASN K 37 10.53 90.53 -40.56
CA ASN K 37 10.32 91.33 -39.37
C ASN K 37 9.04 90.94 -38.63
N ARG K 38 8.36 89.92 -39.14
CA ARG K 38 7.08 89.48 -38.61
C ARG K 38 7.10 89.25 -37.10
N ALA K 39 7.82 88.22 -36.66
CA ALA K 39 7.88 87.87 -35.25
C ALA K 39 9.08 88.49 -34.56
N LEU K 40 9.84 89.32 -35.29
CA LEU K 40 11.07 89.88 -34.75
C LEU K 40 10.86 90.82 -33.56
N LEU K 41 9.68 91.42 -33.49
CA LEU K 41 9.42 92.42 -32.46
C LEU K 41 8.65 91.81 -31.30
N THR K 42 9.36 91.60 -30.19
CA THR K 42 8.77 91.00 -29.01
C THR K 42 9.59 91.30 -27.76
N ARG K 43 8.97 91.08 -26.60
CA ARG K 43 9.67 91.15 -25.32
C ARG K 43 9.63 89.78 -24.68
N LEU K 44 10.55 89.50 -23.77
CA LEU K 44 10.52 88.23 -23.08
C LEU K 44 9.36 88.22 -22.09
N HIS K 45 8.58 87.14 -22.12
CA HIS K 45 7.30 87.13 -21.41
C HIS K 45 7.31 86.48 -20.04
N ARG K 46 8.47 86.02 -19.57
CA ARG K 46 8.52 85.42 -18.24
C ARG K 46 8.39 86.49 -17.17
N GLN K 47 7.82 86.12 -16.03
CA GLN K 47 7.44 87.09 -15.00
C GLN K 47 8.63 87.73 -14.31
N THR K 48 9.51 86.89 -13.77
CA THR K 48 10.70 87.38 -13.07
C THR K 48 11.99 86.98 -13.79
N TYR K 49 12.67 87.98 -14.36
CA TYR K 49 13.82 87.74 -15.23
C TYR K 49 14.84 88.88 -15.15
N ALA K 50 16.08 88.58 -15.49
CA ALA K 50 17.16 89.57 -15.39
C ALA K 50 17.04 90.62 -16.49
N ARG K 51 17.93 91.61 -16.47
CA ARG K 51 17.94 92.62 -17.52
C ARG K 51 18.56 92.00 -18.75
N LEU K 52 17.92 92.17 -19.89
CA LEU K 52 18.45 91.65 -21.14
C LEU K 52 18.91 92.80 -22.02
N TYR K 53 20.12 92.68 -22.54
CA TYR K 53 20.73 93.75 -23.31
C TYR K 53 21.13 93.27 -24.70
N PRO K 54 20.93 94.14 -25.71
CA PRO K 54 21.23 93.80 -27.11
C PRO K 54 22.70 93.46 -27.29
N VAL K 55 22.96 92.35 -27.97
CA VAL K 55 24.32 91.88 -28.20
C VAL K 55 24.49 91.48 -29.66
N LEU K 56 25.61 91.87 -30.27
CA LEU K 56 25.90 91.46 -31.63
C LEU K 56 26.85 90.26 -31.62
N LEU K 57 26.37 89.13 -32.09
CA LEU K 57 27.13 87.89 -32.04
C LEU K 57 27.63 87.47 -33.43
N VAL K 58 28.93 87.28 -33.54
CA VAL K 58 29.52 86.79 -34.78
C VAL K 58 29.98 85.35 -34.62
N LYS K 59 29.31 84.44 -35.32
CA LYS K 59 29.76 83.06 -35.39
C LYS K 59 30.88 82.99 -36.40
N GLN K 60 31.30 81.80 -36.81
CA GLN K 60 32.38 81.79 -37.77
C GLN K 60 31.77 81.68 -39.15
N ASP K 61 31.54 82.86 -39.71
CA ASP K 61 31.04 83.05 -41.06
C ASP K 61 31.70 84.29 -41.64
N GLY K 62 31.52 85.39 -40.89
CA GLY K 62 31.45 86.73 -41.43
C GLY K 62 30.05 87.25 -41.18
N SER K 63 29.18 86.40 -40.63
CA SER K 63 27.79 86.75 -40.32
C SER K 63 27.56 87.19 -38.88
N THR K 64 26.64 88.14 -38.69
CA THR K 64 26.30 88.66 -37.36
C THR K 64 24.80 88.51 -37.04
N ILE K 65 24.51 88.24 -35.77
CA ILE K 65 23.14 88.06 -35.29
C ILE K 65 22.89 88.95 -34.08
N HIS K 66 21.63 89.13 -33.70
CA HIS K 66 21.30 89.88 -32.50
C HIS K 66 20.79 88.94 -31.40
N ILE K 67 21.57 88.78 -30.35
CA ILE K 67 21.17 87.98 -29.20
C ILE K 67 20.92 88.87 -27.99
N ARG K 68 19.83 88.63 -27.28
CA ARG K 68 19.62 89.33 -26.02
C ARG K 68 20.39 88.59 -24.93
N TYR K 69 21.35 89.29 -24.33
CA TYR K 69 22.17 88.69 -23.29
C TYR K 69 22.34 89.66 -22.11
N ARG K 70 22.44 89.10 -20.91
CA ARG K 70 22.44 89.87 -19.66
C ARG K 70 23.60 90.87 -19.58
N GLU K 71 24.71 90.50 -20.20
CA GLU K 71 25.90 91.34 -20.21
C GLU K 71 25.77 92.42 -21.30
N PRO K 72 25.94 93.68 -20.89
CA PRO K 72 25.84 94.91 -21.71
C PRO K 72 26.81 94.97 -22.90
N ARG K 73 27.78 94.06 -22.91
CA ARG K 73 28.80 94.02 -23.97
C ARG K 73 28.20 94.04 -25.36
N ARG K 74 28.67 94.95 -26.19
CA ARG K 74 28.06 95.19 -27.48
C ARG K 74 28.37 94.11 -28.51
N MET K 75 29.34 93.25 -28.22
CA MET K 75 29.72 92.22 -29.20
C MET K 75 30.33 90.96 -28.57
N LEU K 76 30.14 89.84 -29.24
CA LEU K 76 30.82 88.59 -28.87
C LEU K 76 31.07 87.76 -30.14
N THR K 77 32.12 86.95 -30.11
CA THR K 77 32.50 86.20 -31.31
C THR K 77 33.05 84.80 -31.00
N MET K 78 32.60 83.80 -31.75
CA MET K 78 33.02 82.41 -31.56
C MET K 78 34.14 81.97 -32.50
N PRO K 79 35.18 81.31 -31.95
CA PRO K 79 36.28 80.70 -32.71
C PRO K 79 35.95 79.31 -33.24
N ALA L 79 -50.20 -18.53 3.95
CA ALA L 79 -51.10 -17.87 3.01
C ALA L 79 -52.48 -17.64 3.62
N ALA L 80 -52.84 -16.39 3.75
CA ALA L 80 -54.08 -15.97 4.38
C ALA L 80 -55.07 -15.41 3.38
N PRO L 81 -56.31 -15.88 3.44
CA PRO L 81 -57.38 -15.48 2.52
C PRO L 81 -57.45 -13.99 2.35
N LYS L 82 -57.57 -13.55 1.10
CA LYS L 82 -57.56 -12.14 0.79
C LYS L 82 -58.92 -11.51 0.99
N ASN L 83 -59.97 -12.29 0.88
CA ASN L 83 -61.32 -11.79 1.16
C ASN L 83 -62.22 -12.83 1.75
N ARG L 84 -63.23 -12.36 2.45
CA ARG L 84 -64.23 -13.24 3.00
C ARG L 84 -64.98 -13.93 1.88
N ARG L 85 -65.13 -15.24 1.95
CA ARG L 85 -65.93 -15.93 0.95
C ARG L 85 -67.39 -15.69 1.21
N SER L 86 -68.12 -15.23 0.20
CA SER L 86 -69.54 -14.93 0.39
C SER L 86 -70.37 -16.18 0.54
N ILE L 87 -71.55 -16.01 1.11
CA ILE L 87 -72.43 -17.14 1.38
C ILE L 87 -72.88 -17.84 0.11
N GLU L 88 -72.87 -17.15 -1.02
CA GLU L 88 -73.31 -17.78 -2.26
C GLU L 88 -72.27 -18.75 -2.74
N VAL L 89 -71.03 -18.31 -2.71
CA VAL L 89 -69.93 -19.17 -3.06
C VAL L 89 -69.92 -20.38 -2.17
N ASN L 90 -70.06 -20.13 -0.88
CA ASN L 90 -70.00 -21.21 0.09
C ASN L 90 -71.10 -22.22 -0.09
N ARG L 91 -72.33 -21.77 -0.30
CA ARG L 91 -73.42 -22.70 -0.58
C ARG L 91 -73.10 -23.51 -1.80
N CYS L 92 -72.50 -22.89 -2.80
CA CYS L 92 -72.07 -23.63 -3.97
C CYS L 92 -71.11 -24.74 -3.63
N ARG L 93 -70.21 -24.50 -2.69
CA ARG L 93 -69.28 -25.55 -2.33
C ARG L 93 -69.91 -26.64 -1.48
N ARG L 94 -70.65 -26.29 -0.44
CA ARG L 94 -71.09 -27.38 0.44
C ARG L 94 -72.41 -28.01 0.09
N ARG L 95 -73.15 -27.46 -0.85
CA ARG L 95 -74.36 -28.15 -1.29
C ARG L 95 -74.14 -28.90 -2.59
N ASN L 96 -72.90 -28.88 -3.07
CA ASN L 96 -72.51 -29.60 -4.26
C ASN L 96 -72.81 -31.08 -4.18
N PRO L 97 -73.25 -31.70 -5.29
CA PRO L 97 -73.63 -33.12 -5.36
C PRO L 97 -72.61 -34.09 -4.77
N GLN L 98 -71.33 -33.77 -4.94
CA GLN L 98 -70.28 -34.67 -4.52
C GLN L 98 -70.10 -34.69 -2.99
N LYS L 99 -70.57 -33.65 -2.31
CA LYS L 99 -70.49 -33.61 -0.85
C LYS L 99 -71.76 -34.11 -0.17
N LEU L 100 -72.80 -34.39 -0.94
CA LEU L 100 -74.05 -34.88 -0.36
C LEU L 100 -73.92 -36.34 -0.02
N ILE L 101 -74.66 -36.79 0.99
CA ILE L 101 -74.71 -38.20 1.29
C ILE L 101 -75.39 -38.92 0.13
N LYS L 102 -74.82 -40.03 -0.31
CA LYS L 102 -75.38 -40.74 -1.44
C LYS L 102 -76.30 -41.85 -0.98
N VAL L 103 -77.44 -41.97 -1.66
CA VAL L 103 -78.47 -42.93 -1.29
C VAL L 103 -78.07 -44.38 -1.55
N LYS L 104 -78.14 -45.21 -0.52
CA LYS L 104 -77.78 -46.61 -0.65
C LYS L 104 -78.92 -47.44 -1.22
N ASN L 105 -78.67 -48.13 -2.32
CA ASN L 105 -79.70 -48.92 -2.99
C ASN L 105 -79.66 -50.42 -2.68
N ASN L 106 -78.69 -50.84 -1.90
CA ASN L 106 -78.52 -52.27 -1.67
C ASN L 106 -79.19 -52.78 -0.39
N ILE L 107 -79.99 -51.96 0.26
CA ILE L 107 -80.71 -52.38 1.46
C ILE L 107 -81.86 -53.33 1.18
N ASP L 108 -82.00 -54.36 2.02
CA ASP L 108 -83.10 -55.32 1.91
C ASP L 108 -83.54 -55.88 3.27
N VAL L 109 -84.56 -56.72 3.27
CA VAL L 109 -85.05 -57.32 4.52
C VAL L 109 -84.57 -58.74 4.71
N CYS L 110 -84.18 -59.05 5.93
CA CYS L 110 -83.78 -60.39 6.31
C CYS L 110 -85.01 -61.29 6.29
N PRO L 111 -84.94 -62.38 5.51
CA PRO L 111 -86.04 -63.33 5.37
C PRO L 111 -86.42 -63.94 6.71
N GLU L 112 -85.46 -63.92 7.62
CA GLU L 112 -85.65 -64.54 8.91
C GLU L 112 -86.40 -63.63 9.88
N CYS L 113 -85.72 -62.59 10.35
CA CYS L 113 -86.28 -61.72 11.39
C CYS L 113 -87.02 -60.50 10.88
N GLY L 114 -86.93 -60.24 9.58
CA GLY L 114 -87.60 -59.10 9.00
C GLY L 114 -87.07 -57.74 9.43
N HIS L 115 -85.83 -57.70 9.87
CA HIS L 115 -85.14 -56.44 10.07
C HIS L 115 -84.44 -56.06 8.79
N LEU L 116 -83.56 -55.06 8.83
CA LEU L 116 -82.90 -54.60 7.63
C LEU L 116 -81.45 -55.05 7.55
N LYS L 117 -80.96 -55.23 6.34
CA LYS L 117 -79.57 -55.57 6.13
C LYS L 117 -79.10 -55.16 4.75
N GLN L 118 -77.81 -54.92 4.59
CA GLN L 118 -77.27 -54.74 3.25
C GLN L 118 -77.07 -56.11 2.64
N LYS L 119 -77.16 -56.21 1.32
CA LYS L 119 -77.20 -57.51 0.69
C LYS L 119 -75.91 -58.31 0.84
N HIS L 120 -74.78 -57.63 0.90
CA HIS L 120 -73.48 -58.31 0.96
C HIS L 120 -72.98 -58.53 2.38
N ILE L 121 -73.81 -58.21 3.37
CA ILE L 121 -73.41 -58.28 4.76
C ILE L 121 -74.34 -59.19 5.55
N LEU L 122 -73.82 -59.87 6.57
CA LEU L 122 -74.66 -60.67 7.45
C LEU L 122 -75.68 -59.79 8.14
N CYS L 123 -76.82 -60.37 8.49
CA CYS L 123 -77.82 -59.60 9.21
C CYS L 123 -77.39 -59.35 10.65
N GLY L 124 -77.45 -58.10 11.09
CA GLY L 124 -76.98 -57.72 12.41
C GLY L 124 -77.73 -58.39 13.55
N TYR L 125 -79.05 -58.40 13.43
CA TYR L 125 -79.91 -59.00 14.44
C TYR L 125 -79.61 -60.49 14.64
N CYS L 126 -79.66 -61.24 13.53
CA CYS L 126 -79.40 -62.66 13.58
C CYS L 126 -78.01 -62.96 14.13
N TYR L 127 -77.04 -62.20 13.65
CA TYR L 127 -75.68 -62.37 14.13
C TYR L 127 -75.58 -62.05 15.62
N GLU L 128 -76.45 -61.20 16.14
CA GLU L 128 -76.50 -60.99 17.58
C GLU L 128 -77.02 -62.20 18.32
N LYS L 129 -78.05 -62.84 17.77
CA LYS L 129 -78.52 -64.10 18.36
C LYS L 129 -77.36 -65.06 18.52
N VAL L 130 -76.71 -65.31 17.39
CA VAL L 130 -75.62 -66.26 17.34
C VAL L 130 -74.49 -65.87 18.30
N ARG L 131 -74.17 -64.59 18.34
CA ARG L 131 -73.11 -64.11 19.20
C ARG L 131 -73.41 -64.37 20.67
N LYS L 132 -74.62 -64.04 21.11
CA LYS L 132 -75.01 -64.29 22.50
C LYS L 132 -74.91 -65.77 22.86
N GLU L 133 -75.47 -66.62 22.00
CA GLU L 133 -75.41 -68.05 22.29
C GLU L 133 -73.97 -68.56 22.34
N THR L 134 -73.16 -68.12 21.38
CA THR L 134 -71.75 -68.48 21.34
C THR L 134 -71.06 -68.09 22.63
N ALA L 135 -71.37 -66.88 23.11
CA ALA L 135 -70.84 -66.41 24.38
C ALA L 135 -71.20 -67.36 25.51
N GLU L 136 -72.46 -67.73 25.60
CA GLU L 136 -72.87 -68.61 26.69
C GLU L 136 -72.14 -69.95 26.64
N ILE L 137 -72.08 -70.52 25.44
CA ILE L 137 -71.37 -71.77 25.25
C ILE L 137 -69.91 -71.66 25.70
N ARG L 138 -69.22 -70.62 25.25
CA ARG L 138 -67.83 -70.43 25.61
C ARG L 138 -67.65 -70.26 27.11
N ARG L 139 -68.61 -69.61 27.75
CA ARG L 139 -68.57 -69.44 29.20
C ARG L 139 -68.59 -70.81 29.85
N GLN L 140 -69.54 -71.63 29.43
CA GLN L 140 -69.69 -72.93 30.05
C GLN L 140 -68.57 -73.89 29.70
N MET L 141 -67.84 -73.61 28.62
CA MET L 141 -66.70 -74.46 28.29
C MET L 141 -65.42 -73.84 28.83
N GLY L 142 -65.58 -72.70 29.50
CA GLY L 142 -64.48 -72.15 30.28
C GLY L 142 -64.61 -72.67 31.69
N LYS L 143 -65.84 -73.03 32.08
CA LYS L 143 -66.04 -73.62 33.41
C LYS L 143 -65.52 -75.04 33.49
N GLN L 144 -65.48 -75.73 32.36
CA GLN L 144 -65.00 -77.10 32.34
C GLN L 144 -63.48 -77.17 32.31
N GLU L 145 -62.87 -76.04 31.99
CA GLU L 145 -61.42 -75.93 31.99
C GLU L 145 -60.95 -75.16 33.21
N GLY L 146 -60.28 -75.86 34.11
CA GLY L 146 -59.91 -75.29 35.39
C GLY L 146 -58.97 -74.11 35.33
N GLY L 147 -58.39 -73.85 34.16
CA GLY L 147 -57.44 -72.76 34.05
C GLY L 147 -57.23 -72.25 32.64
N PRO L 148 -56.27 -71.31 32.50
CA PRO L 148 -55.95 -70.63 31.25
C PRO L 148 -55.47 -71.56 30.14
N PHE L 149 -54.56 -72.47 30.46
CA PHE L 149 -53.87 -73.22 29.43
C PHE L 149 -54.41 -74.60 29.13
N ARG L 150 -55.50 -74.99 29.75
CA ARG L 150 -56.03 -76.30 29.43
C ARG L 150 -57.10 -76.21 28.36
N ALA L 151 -56.76 -76.71 27.18
CA ALA L 151 -57.71 -76.86 26.08
C ALA L 151 -57.70 -78.30 25.64
N PRO L 152 -58.87 -78.85 25.32
CA PRO L 152 -59.00 -80.29 25.06
C PRO L 152 -58.18 -80.75 23.86
N THR L 153 -57.78 -82.02 23.87
CA THR L 153 -57.09 -82.62 22.75
C THR L 153 -58.09 -83.35 21.85
N THR L 154 -59.37 -83.19 22.17
CA THR L 154 -60.44 -83.84 21.41
C THR L 154 -61.41 -82.82 20.84
N GLU L 155 -62.18 -83.24 19.85
CA GLU L 155 -63.27 -82.44 19.32
C GLU L 155 -64.33 -82.25 20.40
N THR L 156 -65.10 -81.18 20.34
CA THR L 156 -66.14 -80.96 21.34
C THR L 156 -67.52 -80.87 20.68
N VAL L 157 -68.56 -81.14 21.47
CA VAL L 157 -69.94 -81.11 20.99
C VAL L 157 -70.86 -80.54 22.05
N VAL L 158 -71.74 -79.64 21.64
CA VAL L 158 -72.60 -78.94 22.57
C VAL L 158 -74.01 -79.54 22.56
N LEU L 159 -74.57 -79.76 23.75
CA LEU L 159 -75.87 -80.40 23.91
C LEU L 159 -76.87 -79.55 24.69
N TYR L 160 -78.14 -79.87 24.56
CA TYR L 160 -79.22 -79.09 25.17
C TYR L 160 -80.17 -80.00 25.95
N SER L 161 -81.10 -79.40 26.68
CA SER L 161 -82.00 -80.14 27.55
C SER L 161 -82.72 -81.28 26.82
N GLY L 162 -82.64 -82.47 27.41
CA GLY L 162 -83.26 -83.64 26.84
C GLY L 162 -82.53 -84.18 25.64
N GLU L 163 -81.21 -84.25 25.73
CA GLU L 163 -80.40 -84.81 24.66
C GLU L 163 -79.32 -85.74 25.21
N THR L 164 -78.85 -86.65 24.36
CA THR L 164 -77.85 -87.63 24.74
C THR L 164 -76.83 -87.78 23.62
N PRO L 165 -75.54 -87.92 23.96
CA PRO L 165 -74.49 -88.08 22.95
C PRO L 165 -74.66 -89.31 22.07
N SER L 166 -74.56 -89.11 20.76
CA SER L 166 -74.62 -90.20 19.79
C SER L 166 -73.36 -91.07 19.87
N GLU L 167 -73.44 -92.28 19.33
CA GLU L 167 -72.27 -93.15 19.24
C GLU L 167 -71.15 -92.51 18.42
N GLN L 168 -71.54 -91.79 17.37
CA GLN L 168 -70.57 -91.08 16.54
C GLN L 168 -69.93 -89.91 17.29
N ASP L 169 -70.68 -89.33 18.22
CA ASP L 169 -70.25 -88.14 18.94
C ASP L 169 -69.62 -88.40 20.29
N GLN L 170 -69.59 -89.66 20.71
CA GLN L 170 -68.94 -90.00 21.98
C GLN L 170 -67.43 -90.09 21.79
N GLY L 171 -66.71 -89.86 22.87
CA GLY L 171 -65.26 -89.77 22.82
C GLY L 171 -64.87 -88.31 22.65
N LYS L 172 -65.85 -87.44 22.83
CA LYS L 172 -65.67 -86.01 22.67
C LYS L 172 -65.97 -85.27 23.96
N ARG L 173 -65.46 -84.05 24.07
CA ARG L 173 -65.81 -83.15 25.16
C ARG L 173 -67.28 -82.76 25.06
N ILE L 174 -67.99 -82.76 26.18
CA ILE L 174 -69.42 -82.47 26.14
C ILE L 174 -69.83 -81.26 26.96
N ILE L 175 -70.45 -80.29 26.31
CA ILE L 175 -71.00 -79.13 26.99
C ILE L 175 -72.51 -79.22 27.07
N GLU L 176 -73.05 -79.13 28.28
CA GLU L 176 -74.49 -79.26 28.50
C GLU L 176 -75.15 -77.94 28.88
N ARG L 177 -76.00 -77.42 28.01
CA ARG L 177 -76.69 -76.16 28.28
C ARG L 177 -78.14 -76.36 28.66
N GLU L 178 -78.67 -75.49 29.51
CA GLU L 178 -80.01 -75.63 30.07
C GLU L 178 -81.14 -75.33 29.07
N ARG L 179 -80.96 -74.28 28.28
CA ARG L 179 -81.93 -73.86 27.28
C ARG L 179 -82.27 -75.00 26.31
N LYS L 180 -83.51 -75.04 25.81
CA LYS L 180 -83.86 -75.98 24.75
C LYS L 180 -83.14 -75.58 23.47
N ARG L 181 -82.74 -76.57 22.68
CA ARG L 181 -82.01 -76.31 21.43
C ARG L 181 -82.79 -75.37 20.53
N PRO L 182 -82.17 -74.24 20.18
CA PRO L 182 -82.72 -73.16 19.35
C PRO L 182 -83.12 -73.64 17.97
N SER L 183 -84.15 -73.02 17.40
CA SER L 183 -84.69 -73.44 16.11
C SER L 183 -83.66 -73.36 14.98
N TRP L 184 -82.84 -72.32 14.97
CA TRP L 184 -81.89 -72.13 13.88
C TRP L 184 -80.73 -73.11 13.97
N PHE L 185 -80.35 -73.46 15.19
CA PHE L 185 -79.24 -74.37 15.46
C PHE L 185 -79.69 -75.80 15.17
N THR L 186 -78.99 -76.50 14.28
CA THR L 186 -79.39 -77.88 13.99
C THR L 186 -78.65 -78.84 14.93
N GLN L 187 -79.01 -80.12 14.89
CA GLN L 187 -78.39 -81.11 15.77
C GLN L 187 -77.08 -81.64 15.22
N ASN L 188 -77.06 -81.91 13.91
CA ASN L 188 -75.87 -82.36 13.20
C ASN L 188 -75.21 -83.58 13.85
N SER M 13 -5.57 52.48 11.49
CA SER M 13 -5.96 53.60 12.34
C SER M 13 -7.36 53.41 12.91
N LYS M 14 -7.53 53.80 14.17
CA LYS M 14 -8.85 53.79 14.78
C LYS M 14 -9.29 55.22 14.99
N THR M 15 -10.60 55.43 14.99
CA THR M 15 -11.14 56.72 15.40
C THR M 15 -11.75 56.56 16.80
N ILE M 16 -12.26 57.67 17.34
CA ILE M 16 -12.69 57.70 18.72
C ILE M 16 -13.92 58.57 18.88
N LEU M 17 -14.81 58.19 19.79
CA LEU M 17 -16.00 58.97 20.02
C LEU M 17 -15.86 59.79 21.29
N VAL M 18 -15.74 61.11 21.13
CA VAL M 18 -15.51 61.98 22.27
C VAL M 18 -16.72 62.83 22.58
N LYS M 19 -16.93 63.11 23.86
CA LYS M 19 -18.01 63.97 24.31
C LYS M 19 -17.53 65.40 24.32
N MET M 20 -18.27 66.29 23.67
CA MET M 20 -17.83 67.67 23.62
C MET M 20 -18.80 68.63 24.29
N MET M 21 -18.20 69.52 25.07
CA MET M 21 -18.89 70.38 26.02
C MET M 21 -18.78 71.86 25.66
N SER M 22 -19.85 72.58 25.93
CA SER M 22 -19.92 74.01 25.66
C SER M 22 -19.10 74.79 26.67
N GLN M 23 -18.47 75.86 26.19
CA GLN M 23 -17.78 76.80 27.06
C GLN M 23 -18.73 77.92 27.43
N ALA M 24 -19.98 77.77 27.02
CA ALA M 24 -21.02 78.77 27.27
C ALA M 24 -21.57 78.63 28.68
N GLY M 25 -21.08 77.64 29.41
CA GLY M 25 -21.47 77.42 30.79
C GLY M 25 -22.76 76.64 30.88
N THR M 26 -23.49 76.66 29.77
CA THR M 26 -24.63 75.78 29.61
C THR M 26 -24.10 74.37 29.55
N GLY M 27 -24.62 73.48 30.38
CA GLY M 27 -24.31 72.08 30.18
C GLY M 27 -24.96 71.71 28.86
N PHE M 28 -24.15 71.34 27.88
CA PHE M 28 -24.66 70.80 26.64
C PHE M 28 -23.58 69.93 26.03
N SER M 29 -23.99 68.81 25.44
CA SER M 29 -23.02 67.83 25.00
C SER M 29 -23.35 67.36 23.60
N PHE M 30 -22.31 67.16 22.78
CA PHE M 30 -22.53 66.38 21.58
C PHE M 30 -21.29 65.56 21.25
N ASN M 31 -21.53 64.35 20.77
CA ASN M 31 -20.45 63.40 20.57
C ASN M 31 -19.92 63.43 19.14
N THR M 32 -18.61 63.26 18.98
CA THR M 32 -18.00 63.36 17.66
C THR M 32 -16.94 62.29 17.44
N LYS M 33 -16.90 61.76 16.22
CA LYS M 33 -15.84 60.87 15.79
C LYS M 33 -14.62 61.72 15.44
N ARG M 34 -13.50 61.41 16.07
CA ARG M 34 -12.27 62.17 15.91
C ARG M 34 -11.09 61.21 15.79
N SER M 35 -10.11 61.57 14.96
CA SER M 35 -8.94 60.74 14.74
C SER M 35 -8.15 60.49 16.02
N ARG M 36 -7.81 59.23 16.27
CA ARG M 36 -7.15 58.83 17.51
C ARG M 36 -5.79 59.49 17.71
N LEU M 37 -5.00 59.56 16.65
CA LEU M 37 -3.63 60.07 16.75
C LEU M 37 -3.58 61.59 16.62
N ARG M 38 -4.74 62.22 16.53
CA ARG M 38 -4.79 63.67 16.40
C ARG M 38 -4.84 64.38 17.76
N GLU M 39 -4.81 65.71 17.72
CA GLU M 39 -4.86 66.56 18.90
C GLU M 39 -6.26 66.64 19.52
N LYS M 40 -6.32 67.08 20.78
CA LYS M 40 -7.58 67.33 21.46
C LYS M 40 -8.44 68.31 20.65
N LEU M 41 -9.67 67.91 20.39
CA LEU M 41 -10.54 68.61 19.45
C LEU M 41 -11.17 69.87 20.03
N THR M 42 -11.26 70.91 19.22
CA THR M 42 -11.96 72.14 19.60
C THR M 42 -12.73 72.70 18.41
N LEU M 43 -13.99 73.05 18.63
CA LEU M 43 -14.86 73.43 17.52
C LEU M 43 -15.71 74.65 17.81
N LEU M 44 -16.37 75.17 16.79
CA LEU M 44 -17.44 76.16 16.98
C LEU M 44 -18.77 75.50 16.65
N HIS M 45 -19.60 75.27 17.66
CA HIS M 45 -20.85 74.57 17.44
C HIS M 45 -22.05 75.46 17.77
N TYR M 46 -23.24 74.92 17.66
CA TYR M 46 -24.44 75.66 18.02
C TYR M 46 -24.96 75.20 19.37
N ASP M 47 -25.03 76.10 20.34
CA ASP M 47 -25.67 75.80 21.62
C ASP M 47 -27.09 76.33 21.61
N PRO M 48 -28.06 75.40 21.78
CA PRO M 48 -29.52 75.62 21.72
C PRO M 48 -30.08 76.45 22.87
N VAL M 49 -29.47 76.31 24.05
CA VAL M 49 -29.93 77.03 25.22
C VAL M 49 -29.62 78.53 25.11
N VAL M 50 -28.37 78.85 24.78
CA VAL M 50 -27.96 80.23 24.59
C VAL M 50 -28.35 80.71 23.19
N LYS M 51 -28.73 79.75 22.34
CA LYS M 51 -29.10 80.02 20.95
C LYS M 51 -28.00 80.77 20.21
N LYS M 52 -26.77 80.27 20.32
CA LYS M 52 -25.64 80.96 19.67
C LYS M 52 -24.65 79.99 19.06
N LYS M 53 -23.75 80.52 18.24
CA LYS M 53 -22.61 79.73 17.80
C LYS M 53 -21.45 80.02 18.74
N VAL M 54 -21.10 79.01 19.53
CA VAL M 54 -20.16 79.15 20.63
C VAL M 54 -18.98 78.20 20.47
N LEU M 55 -18.02 78.26 21.39
CA LEU M 55 -16.88 77.36 21.34
C LEU M 55 -17.13 76.13 22.19
N PHE M 56 -16.90 74.96 21.59
CA PHE M 56 -17.00 73.68 22.29
C PHE M 56 -15.62 73.05 22.40
N VAL M 57 -15.30 72.56 23.59
CA VAL M 57 -14.05 71.86 23.80
C VAL M 57 -14.36 70.46 24.29
N GLU M 58 -13.51 69.51 23.91
CA GLU M 58 -13.73 68.13 24.29
C GLU M 58 -13.50 67.92 25.78
N GLN M 59 -14.55 67.51 26.49
CA GLN M 59 -14.42 67.23 27.91
C GLN M 59 -13.87 65.84 28.17
N LYS M 60 -14.50 64.85 27.54
CA LYS M 60 -14.32 63.44 27.88
C LYS M 60 -14.15 62.57 26.63
N LYS M 61 -13.69 61.35 26.85
CA LYS M 61 -13.63 60.32 25.80
C LYS M 61 -14.67 59.23 26.09
N ILE M 62 -15.68 59.11 25.21
CA ILE M 62 -16.76 58.15 25.45
C ILE M 62 -16.46 56.75 24.92
N ARG M 63 -16.35 56.62 23.59
CA ARG M 63 -16.17 55.32 22.95
C ARG M 63 -14.83 55.28 22.21
N SER M 64 -14.31 54.07 21.96
CA SER M 64 -13.02 53.93 21.29
C SER M 64 -13.16 53.29 19.92
N LYS N 50 -32.74 -20.95 30.17
CA LYS N 50 -33.10 -21.61 28.92
C LYS N 50 -34.59 -21.42 28.63
N ALA N 51 -35.46 -22.21 29.27
CA ALA N 51 -36.90 -21.98 29.17
C ALA N 51 -37.36 -21.26 30.41
N ARG N 52 -38.36 -20.39 30.26
CA ARG N 52 -38.75 -19.49 31.33
C ARG N 52 -40.21 -19.65 31.66
N GLY N 53 -40.63 -19.01 32.73
CA GLY N 53 -42.03 -18.99 33.11
C GLY N 53 -42.24 -19.79 34.37
N ASN N 54 -41.25 -20.61 34.70
CA ASN N 54 -41.32 -21.39 35.92
C ASN N 54 -40.66 -20.64 37.07
N GLU N 55 -40.48 -19.34 36.91
CA GLU N 55 -39.85 -18.50 37.91
C GLU N 55 -40.34 -18.66 39.34
N TYR N 56 -41.57 -19.11 39.54
CA TYR N 56 -42.08 -19.23 40.90
C TYR N 56 -41.87 -20.61 41.49
N GLN N 57 -40.96 -20.72 42.45
CA GLN N 57 -40.69 -22.01 43.08
C GLN N 57 -41.10 -21.96 44.53
N PRO N 58 -42.21 -22.59 44.86
CA PRO N 58 -42.95 -22.32 46.09
C PRO N 58 -42.24 -22.81 47.33
N SER N 59 -42.26 -21.95 48.35
CA SER N 59 -41.81 -22.31 49.68
C SER N 59 -42.66 -21.57 50.69
N ASN N 60 -43.14 -22.25 51.72
CA ASN N 60 -44.04 -21.56 52.63
C ASN N 60 -43.28 -20.67 53.56
N ILE N 61 -42.09 -21.11 53.94
CA ILE N 61 -41.27 -20.29 54.79
C ILE N 61 -40.94 -18.99 54.09
N LYS N 62 -40.48 -19.07 52.85
CA LYS N 62 -40.16 -17.86 52.10
C LYS N 62 -41.38 -16.98 51.95
N ARG N 63 -42.50 -17.60 51.63
CA ARG N 63 -43.74 -16.87 51.42
C ARG N 63 -44.06 -16.02 52.61
N LYS N 64 -44.09 -16.66 53.78
CA LYS N 64 -44.53 -15.96 54.96
C LYS N 64 -43.47 -15.03 55.53
N HIS N 65 -42.20 -15.28 55.23
CA HIS N 65 -41.19 -14.35 55.69
C HIS N 65 -41.19 -13.10 54.85
N LYS N 66 -41.41 -13.24 53.55
CA LYS N 66 -41.40 -12.08 52.70
C LYS N 66 -42.68 -11.29 52.78
N HIS N 67 -43.80 -11.95 52.59
CA HIS N 67 -45.07 -11.25 52.50
C HIS N 67 -46.01 -11.34 53.68
N GLY N 68 -45.62 -12.00 54.75
CA GLY N 68 -46.55 -12.27 55.84
C GLY N 68 -46.99 -11.10 56.69
N TRP N 69 -47.97 -11.34 57.55
CA TRP N 69 -48.54 -10.32 58.44
C TRP N 69 -47.46 -9.68 59.28
N VAL N 70 -46.65 -10.47 59.95
CA VAL N 70 -45.63 -9.92 60.82
C VAL N 70 -44.67 -9.03 60.07
N ARG N 71 -44.24 -9.50 58.91
CA ARG N 71 -43.34 -8.72 58.08
C ARG N 71 -43.96 -7.39 57.69
N ARG N 72 -45.25 -7.38 57.45
CA ARG N 72 -45.88 -6.14 57.09
C ARG N 72 -46.01 -5.23 58.29
N LEU N 73 -46.08 -5.76 59.49
CA LEU N 73 -46.22 -4.86 60.62
C LEU N 73 -44.89 -4.43 61.21
N ARG N 74 -43.78 -4.98 60.73
CA ARG N 74 -42.50 -4.60 61.34
C ARG N 74 -41.91 -3.30 60.84
N THR N 75 -42.50 -2.70 59.81
CA THR N 75 -41.96 -1.45 59.27
C THR N 75 -43.10 -0.48 59.03
N PRO N 76 -42.82 0.84 59.08
CA PRO N 76 -43.91 1.78 58.84
C PRO N 76 -44.53 1.61 57.45
N THR N 77 -43.68 1.40 56.45
CA THR N 77 -44.19 1.25 55.10
C THR N 77 -45.12 0.06 54.98
N GLY N 78 -44.75 -1.06 55.60
CA GLY N 78 -45.59 -2.24 55.57
C GLY N 78 -46.95 -1.95 56.16
N VAL N 79 -46.95 -1.21 57.26
CA VAL N 79 -48.20 -0.85 57.89
C VAL N 79 -49.04 0.00 56.94
N GLN N 80 -48.39 0.85 56.16
CA GLN N 80 -49.14 1.62 55.18
C GLN N 80 -49.73 0.73 54.10
N VAL N 81 -49.03 -0.35 53.75
CA VAL N 81 -49.61 -1.33 52.85
C VAL N 81 -50.90 -1.90 53.43
N ILE N 82 -50.81 -2.43 54.64
CA ILE N 82 -51.99 -2.98 55.28
C ILE N 82 -53.12 -1.97 55.31
N LEU N 83 -52.78 -0.72 55.60
CA LEU N 83 -53.79 0.32 55.70
C LEU N 83 -54.46 0.58 54.37
N ARG N 84 -53.69 0.59 53.30
CA ARG N 84 -54.26 0.80 51.98
C ARG N 84 -55.21 -0.33 51.63
N ARG N 85 -54.79 -1.56 51.92
CA ARG N 85 -55.63 -2.70 51.57
C ARG N 85 -56.89 -2.69 52.37
N MET N 86 -56.80 -2.32 53.64
CA MET N 86 -57.97 -2.19 54.48
C MET N 86 -58.91 -1.17 53.89
N HIS N 87 -58.34 -0.06 53.42
CA HIS N 87 -59.13 0.99 52.84
C HIS N 87 -59.91 0.51 51.64
N LYS N 88 -59.22 -0.14 50.71
CA LYS N 88 -59.86 -0.69 49.53
C LYS N 88 -60.83 -1.81 49.89
N GLY N 89 -60.73 -2.33 51.11
CA GLY N 89 -61.61 -3.38 51.58
C GLY N 89 -61.26 -4.75 51.06
N ARG N 90 -59.97 -5.07 51.02
CA ARG N 90 -59.53 -6.37 50.54
C ARG N 90 -59.93 -7.48 51.47
N LYS N 91 -60.25 -8.63 50.92
CA LYS N 91 -60.61 -9.77 51.73
C LYS N 91 -59.38 -10.30 52.44
N SER N 92 -58.26 -10.31 51.75
CA SER N 92 -57.01 -10.75 52.35
C SER N 92 -56.01 -9.62 52.46
N LEU N 93 -55.75 -9.17 53.68
CA LEU N 93 -54.82 -8.07 53.89
C LEU N 93 -53.39 -8.47 53.58
N SER N 94 -53.06 -9.70 53.89
CA SER N 94 -51.71 -10.17 53.70
C SER N 94 -51.68 -11.67 53.57
N HIS N 95 -50.54 -12.21 53.14
CA HIS N 95 -50.36 -13.65 53.16
C HIS N 95 -50.40 -14.26 54.57
N VAL O 94 -51.58 35.86 27.22
CA VAL O 94 -52.70 36.42 27.94
C VAL O 94 -53.42 35.36 28.75
N THR O 95 -53.77 35.68 29.98
CA THR O 95 -54.59 34.79 30.77
C THR O 95 -56.06 35.18 30.66
N TYR O 96 -56.87 34.31 30.07
CA TYR O 96 -58.28 34.59 29.88
C TYR O 96 -59.12 34.37 31.12
N PHE O 97 -58.78 33.37 31.89
CA PHE O 97 -59.42 33.15 33.18
C PHE O 97 -58.37 32.92 34.22
N SER O 98 -58.30 33.81 35.20
CA SER O 98 -57.23 33.74 36.17
C SER O 98 -57.48 32.56 37.05
N SER O 99 -56.56 32.26 37.96
CA SER O 99 -56.81 31.14 38.83
C SER O 99 -57.63 31.56 40.03
N ARG O 100 -57.13 32.49 40.83
CA ARG O 100 -57.89 32.93 42.00
C ARG O 100 -59.24 33.55 41.65
N LYS O 101 -59.23 34.59 40.84
CA LYS O 101 -60.44 35.35 40.62
C LYS O 101 -61.34 34.85 39.49
N GLY O 102 -60.82 34.04 38.60
CA GLY O 102 -61.57 33.67 37.42
C GLY O 102 -61.83 34.81 36.44
N LYS O 103 -61.14 35.94 36.62
CA LYS O 103 -61.24 37.07 35.69
C LYS O 103 -60.19 37.00 34.60
N ARG O 104 -60.08 38.07 33.83
CA ARG O 104 -59.17 38.15 32.69
C ARG O 104 -58.05 39.14 32.94
N LYS O 105 -56.81 38.66 33.00
CA LYS O 105 -55.68 39.51 33.35
C LYS O 105 -55.20 40.44 32.25
N THR O 106 -54.44 41.46 32.63
CA THR O 106 -53.84 42.37 31.66
C THR O 106 -52.37 42.06 31.49
N VAL O 107 -51.83 42.30 30.31
CA VAL O 107 -50.42 42.09 30.08
C VAL O 107 -49.68 43.37 30.32
N LYS O 108 -48.93 43.45 31.42
CA LYS O 108 -48.42 44.75 31.84
C LYS O 108 -47.41 45.30 30.87
N ALA O 109 -46.72 44.40 30.19
CA ALA O 109 -45.70 44.79 29.24
C ALA O 109 -46.26 45.74 28.19
N VAL O 110 -47.56 45.69 27.98
CA VAL O 110 -48.24 46.63 27.11
C VAL O 110 -48.42 47.98 27.78
N ILE O 111 -48.93 47.94 29.00
CA ILE O 111 -49.19 49.16 29.74
C ILE O 111 -47.94 49.99 29.90
N TYR O 112 -46.78 49.36 29.94
CA TYR O 112 -45.59 50.19 30.06
C TYR O 112 -45.21 50.92 28.79
N ARG O 113 -45.35 50.32 27.62
CA ARG O 113 -44.93 51.08 26.45
C ARG O 113 -45.99 51.75 25.59
N PHE O 114 -47.27 51.59 25.86
CA PHE O 114 -48.23 52.30 25.02
C PHE O 114 -49.15 53.19 25.82
N LEU O 115 -49.94 53.98 25.12
CA LEU O 115 -50.89 54.85 25.78
C LEU O 115 -52.20 54.83 25.03
N ARG O 116 -53.28 54.51 25.71
CA ARG O 116 -54.53 54.42 25.01
C ARG O 116 -55.37 55.67 25.18
N LEU O 117 -55.64 56.38 24.09
CA LEU O 117 -56.57 57.49 24.15
C LEU O 117 -57.96 56.90 24.26
N HIS O 118 -58.97 57.71 24.51
CA HIS O 118 -60.27 57.13 24.81
C HIS O 118 -61.02 56.80 23.54
N SER O 119 -60.59 57.42 22.46
CA SER O 119 -61.20 57.22 21.17
C SER O 119 -60.95 55.82 20.67
N GLY O 120 -59.90 55.20 21.19
CA GLY O 120 -59.45 53.90 20.72
C GLY O 120 -58.11 53.93 20.01
N LEU O 121 -57.60 55.11 19.76
CA LEU O 121 -56.26 55.25 19.21
C LEU O 121 -55.20 54.89 20.23
N TRP O 122 -54.17 54.16 19.83
CA TRP O 122 -53.07 53.89 20.73
C TRP O 122 -51.86 54.69 20.30
N LEU O 123 -51.02 55.05 21.26
CA LEU O 123 -49.89 55.91 20.99
C LEU O 123 -48.61 55.30 21.53
N ARG O 124 -47.53 55.42 20.77
CA ARG O 124 -46.30 54.75 21.11
C ARG O 124 -45.10 55.60 20.79
N ARG O 125 -43.98 55.31 21.42
CA ARG O 125 -42.71 55.90 21.02
C ARG O 125 -42.11 55.17 19.83
N LYS O 126 -41.21 55.82 19.12
CA LYS O 126 -40.53 55.18 17.99
C LYS O 126 -39.40 54.27 18.50
N ALA O 127 -39.01 53.26 17.73
CA ALA O 127 -38.05 52.27 18.22
C ALA O 127 -36.60 52.67 17.93
N GLY O 128 -35.77 52.62 18.96
CA GLY O 128 -34.36 52.96 18.80
C GLY O 128 -34.12 54.45 18.89
N TYR O 129 -35.05 55.16 19.52
CA TYR O 129 -34.96 56.60 19.59
C TYR O 129 -33.90 57.09 20.58
N LYS O 130 -33.49 56.22 21.50
CA LYS O 130 -32.41 56.58 22.41
C LYS O 130 -31.09 56.00 21.97
N LYS O 131 -31.10 55.24 20.88
CA LYS O 131 -29.95 54.42 20.51
C LYS O 131 -29.02 55.06 19.49
N LYS O 132 -27.73 55.09 19.80
CA LYS O 132 -26.69 55.53 18.86
C LYS O 132 -27.02 56.85 18.18
N LEU O 133 -27.06 57.93 18.93
CA LEU O 133 -27.53 59.19 18.37
C LEU O 133 -26.50 59.94 17.55
N TRP O 134 -25.22 59.76 17.89
CA TRP O 134 -24.15 60.46 17.20
C TRP O 134 -24.03 60.04 15.75
N LYS O 135 -24.55 58.86 15.46
CA LYS O 135 -24.40 58.26 14.16
C LYS O 135 -25.55 58.65 13.22
N LYS O 136 -26.49 59.45 13.71
CA LYS O 136 -27.72 59.72 12.95
C LYS O 136 -27.90 61.17 12.53
N THR O 137 -28.65 61.36 11.46
CA THR O 137 -28.97 62.67 10.93
C THR O 137 -29.81 63.45 11.92
N ALA O 138 -29.79 64.78 11.82
CA ALA O 138 -30.71 65.60 12.59
C ALA O 138 -32.16 65.27 12.22
N ALA O 139 -32.42 65.14 10.93
CA ALA O 139 -33.75 64.84 10.43
C ALA O 139 -34.27 63.52 11.00
N ARG O 140 -33.47 62.48 10.84
CA ARG O 140 -33.78 61.17 11.38
C ARG O 140 -34.01 61.20 12.89
N LYS O 141 -33.15 61.93 13.60
CA LYS O 141 -33.32 62.10 15.03
C LYS O 141 -34.71 62.62 15.32
N ARG O 142 -35.13 63.64 14.58
CA ARG O 142 -36.47 64.16 14.79
C ARG O 142 -37.54 63.13 14.52
N ARG O 143 -37.42 62.43 13.39
CA ARG O 143 -38.38 61.40 13.02
C ARG O 143 -38.52 60.38 14.13
N LEU O 144 -37.43 60.16 14.87
CA LEU O 144 -37.44 59.24 15.99
C LEU O 144 -38.09 59.82 17.24
N ARG O 145 -37.89 61.11 17.48
CA ARG O 145 -38.36 61.68 18.73
C ARG O 145 -39.88 61.78 18.80
N GLU O 146 -40.56 61.44 17.73
CA GLU O 146 -42.01 61.56 17.65
C GLU O 146 -42.79 60.59 18.53
N PHE O 147 -44.06 60.94 18.77
CA PHE O 147 -45.03 60.01 19.33
C PHE O 147 -45.94 59.65 18.19
N VAL O 148 -46.17 58.36 17.96
CA VAL O 148 -46.92 57.99 16.78
C VAL O 148 -48.07 57.05 17.06
N PHE O 149 -48.96 56.94 16.09
CA PHE O 149 -50.17 56.15 16.21
C PHE O 149 -50.04 54.76 15.62
N CYS O 150 -50.72 53.78 16.22
CA CYS O 150 -50.71 52.42 15.70
C CYS O 150 -51.84 52.11 14.75
N ASN O 151 -51.55 51.29 13.76
CA ASN O 151 -52.56 50.88 12.79
C ASN O 151 -53.62 50.02 13.44
N LYS O 152 -54.73 49.84 12.74
CA LYS O 152 -55.87 49.14 13.31
C LYS O 152 -55.52 47.79 13.92
N THR O 153 -54.80 46.97 13.18
CA THR O 153 -54.50 45.62 13.63
C THR O 153 -53.83 45.63 15.00
N GLN O 154 -52.75 46.38 15.11
CA GLN O 154 -52.07 46.57 16.37
C GLN O 154 -53.01 47.08 17.45
N SER O 155 -53.93 47.96 17.10
CA SER O 155 -54.83 48.52 18.09
C SER O 155 -55.74 47.45 18.66
N LYS O 156 -56.25 46.59 17.81
CA LYS O 156 -57.10 45.52 18.28
C LYS O 156 -56.32 44.53 19.11
N LEU O 157 -55.09 44.27 18.68
CA LEU O 157 -54.23 43.39 19.43
C LEU O 157 -54.01 43.91 20.85
N LEU O 158 -53.64 45.18 20.95
CA LEU O 158 -53.34 45.76 22.25
C LEU O 158 -54.56 45.84 23.11
N ASP O 159 -55.70 46.07 22.49
CA ASP O 159 -56.94 46.05 23.23
C ASP O 159 -57.17 44.68 23.84
N LYS O 160 -56.97 43.62 23.06
CA LYS O 160 -57.20 42.28 23.58
C LYS O 160 -56.24 41.93 24.72
N MET O 161 -55.08 42.55 24.72
CA MET O 161 -54.04 42.23 25.69
C MET O 161 -54.20 43.03 26.94
N THR O 162 -55.28 43.77 27.01
CA THR O 162 -55.46 44.76 28.06
C THR O 162 -56.90 44.73 28.58
N THR O 163 -57.07 44.80 29.89
CA THR O 163 -58.41 44.69 30.45
C THR O 163 -59.21 45.98 30.30
N SER O 164 -60.41 45.98 30.85
CA SER O 164 -61.36 47.06 30.65
C SER O 164 -60.95 48.34 31.36
N PHE O 165 -60.28 48.20 32.49
CA PHE O 165 -59.87 49.32 33.31
C PHE O 165 -59.04 50.32 32.53
N TRP O 166 -58.23 49.84 31.61
CA TRP O 166 -57.33 50.73 30.90
C TRP O 166 -58.02 51.46 29.80
N LYS O 167 -59.29 51.13 29.57
CA LYS O 167 -60.04 51.84 28.56
C LYS O 167 -61.00 52.89 29.11
N ARG O 168 -61.03 53.07 30.43
CA ARG O 168 -61.98 54.01 31.04
C ARG O 168 -61.65 55.46 30.71
N ARG O 169 -62.65 56.34 30.81
CA ARG O 169 -62.43 57.76 30.57
C ARG O 169 -61.77 58.36 31.79
N ASN O 170 -60.57 58.89 31.60
CA ASN O 170 -59.82 59.47 32.71
C ASN O 170 -59.83 60.98 32.67
N TRP O 171 -60.02 61.61 33.81
CA TRP O 171 -59.78 63.04 33.88
C TRP O 171 -58.62 63.30 34.82
N TYR O 172 -57.47 63.63 34.27
CA TYR O 172 -56.34 63.92 35.13
C TYR O 172 -56.18 65.42 35.21
N ALA O 173 -55.77 65.91 36.36
CA ALA O 173 -55.41 67.31 36.45
C ALA O 173 -54.12 67.50 35.70
N ASP O 174 -54.00 68.62 34.99
CA ASP O 174 -52.75 69.00 34.32
C ASP O 174 -52.38 68.14 33.10
N ASP O 175 -53.19 67.13 32.80
CA ASP O 175 -52.85 66.14 31.77
C ASP O 175 -52.60 66.72 30.37
N PRO O 176 -51.39 66.43 29.81
CA PRO O 176 -51.01 66.84 28.46
C PRO O 176 -51.98 66.33 27.41
N TYR O 177 -52.48 65.13 27.63
CA TYR O 177 -53.17 64.40 26.58
C TYR O 177 -54.68 64.52 26.61
N GLN O 178 -55.21 65.28 27.57
CA GLN O 178 -56.66 65.41 27.68
C GLN O 178 -57.24 66.05 26.43
N LYS O 179 -56.46 66.92 25.84
CA LYS O 179 -56.78 67.59 24.60
C LYS O 179 -57.14 66.59 23.49
N TYR O 180 -56.46 65.44 23.49
CA TYR O 180 -56.50 64.46 22.41
C TYR O 180 -57.45 63.27 22.56
N GLN O 181 -58.25 63.23 23.61
CA GLN O 181 -58.99 62.00 23.90
C GLN O 181 -60.21 61.79 23.01
N ASP O 182 -60.94 62.85 22.72
CA ASP O 182 -62.05 62.79 21.79
C ASP O 182 -61.64 62.91 20.33
N ARG O 183 -62.49 62.42 19.44
CA ARG O 183 -62.30 62.64 18.02
C ARG O 183 -63.28 63.66 17.44
N THR O 184 -62.83 64.47 16.49
CA THR O 184 -63.66 65.52 15.91
C THR O 184 -63.71 65.46 14.38
N ASN O 185 -64.82 65.87 13.80
CA ASN O 185 -64.97 66.00 12.35
C ASN O 185 -64.59 64.76 11.56
N LEU O 186 -64.79 63.59 12.15
CA LEU O 186 -64.41 62.38 11.44
C LEU O 186 -65.59 61.87 10.65
N LYS O 187 -65.51 61.97 9.33
CA LYS O 187 -66.58 61.52 8.47
C LYS O 187 -66.22 60.16 7.92
N VAL O 188 -66.94 59.15 8.39
CA VAL O 188 -66.70 57.78 7.98
C VAL O 188 -68.02 57.02 7.86
N PHE P 63 -21.64 -8.57 -51.26
CA PHE P 63 -22.73 -7.62 -51.09
C PHE P 63 -22.56 -6.81 -49.81
N LYS P 64 -22.86 -5.52 -49.90
CA LYS P 64 -22.89 -4.67 -48.71
C LYS P 64 -24.22 -3.97 -48.68
N THR P 65 -24.88 -3.98 -47.53
CA THR P 65 -26.10 -3.22 -47.41
C THR P 65 -25.75 -1.77 -47.09
N LYS P 66 -26.23 -0.86 -47.93
CA LYS P 66 -25.90 0.54 -47.80
C LYS P 66 -27.13 1.43 -47.83
N GLY P 67 -27.02 2.62 -47.27
CA GLY P 67 -28.10 3.59 -47.31
C GLY P 67 -28.08 4.41 -48.58
N VAL P 68 -26.88 4.60 -49.10
CA VAL P 68 -26.69 5.33 -50.34
C VAL P 68 -25.96 4.46 -51.36
N LEU P 69 -26.53 4.32 -52.54
CA LEU P 69 -25.87 3.54 -53.57
C LEU P 69 -25.12 4.46 -54.52
N LYS P 70 -23.88 4.10 -54.83
CA LYS P 70 -23.19 4.82 -55.87
C LYS P 70 -22.27 3.91 -56.63
N LYS P 71 -22.21 4.14 -57.94
CA LYS P 71 -21.38 3.36 -58.81
C LYS P 71 -19.91 3.63 -58.54
N ARG P 72 -19.13 2.57 -58.37
CA ARG P 72 -17.71 2.75 -58.08
C ARG P 72 -16.85 2.64 -59.32
N CYS P 73 -17.46 2.34 -60.45
CA CYS P 73 -16.75 2.32 -61.72
C CYS P 73 -17.74 2.41 -62.87
N ARG P 74 -17.25 2.40 -64.10
CA ARG P 74 -18.14 2.62 -65.23
C ARG P 74 -18.92 1.36 -65.59
N ASP P 75 -18.53 0.24 -64.99
CA ASP P 75 -19.15 -1.03 -65.30
C ASP P 75 -20.30 -1.42 -64.38
N CYS P 76 -20.52 -0.63 -63.34
CA CYS P 76 -21.62 -0.88 -62.41
C CYS P 76 -22.94 -0.53 -63.05
N TYR P 77 -23.94 -1.39 -62.88
CA TYR P 77 -25.28 -1.02 -63.29
C TYR P 77 -26.23 -1.22 -62.13
N LEU P 78 -27.39 -0.60 -62.27
CA LEU P 78 -28.22 -0.24 -61.15
C LEU P 78 -29.64 -0.74 -61.35
N VAL P 79 -30.08 -1.67 -60.51
CA VAL P 79 -31.24 -2.49 -60.85
C VAL P 79 -32.25 -2.62 -59.72
N LYS P 80 -33.54 -2.58 -60.04
CA LYS P 80 -34.53 -2.69 -58.97
C LYS P 80 -35.17 -4.07 -58.87
N ARG P 81 -34.81 -4.81 -57.83
CA ARG P 81 -35.29 -6.18 -57.64
C ARG P 81 -35.81 -6.40 -56.23
N ARG P 82 -36.83 -7.22 -56.11
CA ARG P 82 -37.43 -7.55 -54.81
C ARG P 82 -37.74 -6.29 -53.99
N GLY P 83 -38.18 -5.25 -54.67
CA GLY P 83 -38.58 -4.01 -54.02
C GLY P 83 -37.44 -3.21 -53.44
N ARG P 84 -36.23 -3.49 -53.90
CA ARG P 84 -35.06 -2.75 -53.45
C ARG P 84 -34.27 -2.29 -54.64
N TRP P 85 -33.30 -1.42 -54.39
CA TRP P 85 -32.33 -1.08 -55.40
C TRP P 85 -31.03 -1.82 -55.16
N PHE P 86 -30.35 -2.17 -56.24
CA PHE P 86 -29.10 -2.91 -56.18
C PHE P 86 -28.06 -2.32 -57.10
N ILE P 87 -26.80 -2.52 -56.76
CA ILE P 87 -25.74 -2.25 -57.71
C ILE P 87 -25.02 -3.55 -58.04
N TYR P 88 -25.15 -4.01 -59.27
CA TYR P 88 -24.39 -5.18 -59.68
C TYR P 88 -23.24 -4.74 -60.56
N CYS P 89 -22.12 -5.44 -60.45
CA CYS P 89 -20.97 -5.15 -61.28
C CYS P 89 -20.39 -6.47 -61.73
N LYS P 90 -20.19 -6.64 -63.04
CA LYS P 90 -19.62 -7.87 -63.54
C LYS P 90 -18.10 -7.87 -63.46
N THR P 91 -17.47 -6.73 -63.70
CA THR P 91 -16.02 -6.66 -63.62
C THR P 91 -15.49 -6.80 -62.19
N ASN P 92 -15.87 -5.91 -61.28
CA ASN P 92 -15.45 -6.06 -59.89
C ASN P 92 -16.63 -6.45 -59.03
N PRO P 93 -16.70 -7.71 -58.63
CA PRO P 93 -17.81 -8.13 -57.77
C PRO P 93 -17.81 -7.38 -56.45
N LYS P 94 -16.66 -6.80 -56.09
CA LYS P 94 -16.57 -6.07 -54.84
C LYS P 94 -17.42 -4.81 -54.86
N HIS P 95 -17.95 -4.44 -56.02
CA HIS P 95 -18.73 -3.23 -56.09
C HIS P 95 -20.22 -3.47 -55.82
N LYS P 96 -20.59 -4.71 -55.54
CA LYS P 96 -21.98 -5.05 -55.28
C LYS P 96 -22.57 -4.31 -54.08
N GLN P 97 -23.76 -3.76 -54.24
CA GLN P 97 -24.42 -2.99 -53.19
C GLN P 97 -25.91 -3.22 -53.16
N ARG P 98 -26.46 -3.33 -51.95
CA ARG P 98 -27.90 -3.47 -51.78
C ARG P 98 -28.43 -2.36 -50.90
N GLN P 99 -29.34 -1.56 -51.45
CA GLN P 99 -29.92 -0.47 -50.69
C GLN P 99 -30.73 -1.01 -49.54
N MET P 100 -30.58 -0.43 -48.35
CA MET P 100 -31.39 -0.85 -47.21
C MET P 100 -32.64 0.01 -47.08
N ASP S 80 65.31 -26.63 -46.08
CA ASP S 80 65.90 -27.69 -45.27
C ASP S 80 64.96 -28.90 -45.15
N LYS S 81 63.72 -28.64 -44.72
CA LYS S 81 62.71 -29.69 -44.68
C LYS S 81 61.48 -29.26 -45.46
N VAL S 82 61.24 -29.95 -46.58
CA VAL S 82 60.03 -29.75 -47.36
C VAL S 82 59.21 -31.03 -47.26
N ARG S 83 57.94 -30.89 -46.87
CA ARG S 83 57.09 -32.06 -46.62
C ARG S 83 56.87 -32.86 -47.90
N LYS S 84 57.18 -34.16 -47.83
CA LYS S 84 56.90 -35.07 -48.92
C LYS S 84 55.40 -35.07 -49.19
N ASN S 85 55.02 -35.02 -50.47
CA ASN S 85 53.61 -35.05 -50.76
C ASN S 85 53.19 -36.50 -50.94
N LYS S 86 52.50 -37.02 -49.93
CA LYS S 86 51.99 -38.37 -49.98
C LYS S 86 50.49 -38.38 -49.75
N ASP S 87 49.76 -38.65 -50.82
CA ASP S 87 48.32 -38.82 -50.79
C ASP S 87 47.96 -39.76 -51.92
N ALA S 88 46.98 -40.63 -51.72
CA ALA S 88 46.56 -41.51 -52.80
C ALA S 88 45.86 -40.68 -53.87
N VAL S 89 46.36 -40.75 -55.09
CA VAL S 89 45.76 -40.02 -56.21
C VAL S 89 45.11 -41.04 -57.13
N ARG S 90 43.94 -40.67 -57.67
CA ARG S 90 43.22 -41.50 -58.63
C ARG S 90 44.12 -41.81 -59.83
N ARG S 91 44.30 -43.09 -60.14
CA ARG S 91 45.25 -43.54 -61.17
C ARG S 91 44.95 -42.96 -62.56
N PRO S 92 45.99 -42.79 -63.39
CA PRO S 92 45.79 -42.33 -64.77
C PRO S 92 44.91 -43.30 -65.56
N GLN S 93 44.26 -42.80 -66.61
CA GLN S 93 43.24 -43.57 -67.33
C GLN S 93 43.75 -44.93 -67.81
N ALA S 94 42.98 -45.97 -67.53
CA ALA S 94 43.36 -47.34 -67.89
C ALA S 94 43.52 -47.50 -69.40
N ASP S 95 44.47 -48.34 -69.79
CA ASP S 95 44.78 -48.63 -71.20
C ASP S 95 43.58 -49.21 -71.95
N PRO S 96 43.52 -48.99 -73.27
CA PRO S 96 42.48 -49.61 -74.10
C PRO S 96 42.55 -51.15 -74.08
N ALA S 97 43.68 -51.69 -73.63
CA ALA S 97 43.91 -53.14 -73.61
C ALA S 97 43.10 -53.87 -72.54
N LEU S 98 43.09 -53.30 -71.33
CA LEU S 98 42.55 -53.99 -70.15
C LEU S 98 41.08 -53.66 -69.78
N LEU S 99 40.41 -52.84 -70.59
CA LEU S 99 39.08 -52.39 -70.25
C LEU S 99 38.00 -53.43 -70.51
N THR S 100 37.38 -53.87 -69.43
CA THR S 100 36.38 -54.94 -69.42
C THR S 100 34.96 -54.37 -69.58
N PRO S 101 34.04 -55.15 -70.16
CA PRO S 101 32.62 -54.77 -70.17
C PRO S 101 32.10 -54.54 -68.76
N ARG S 102 31.40 -53.42 -68.59
CA ARG S 102 30.90 -52.97 -67.30
C ARG S 102 29.39 -53.20 -67.18
N SER S 103 28.82 -52.84 -66.03
CA SER S 103 27.39 -52.93 -65.81
C SER S 103 26.83 -51.53 -65.51
N PRO S 104 25.61 -51.23 -66.02
CA PRO S 104 25.00 -49.89 -65.93
C PRO S 104 24.56 -49.47 -64.53
N VAL S 105 24.89 -48.24 -64.16
CA VAL S 105 24.38 -47.63 -62.95
C VAL S 105 23.43 -46.51 -63.35
N VAL S 106 22.21 -46.59 -62.86
CA VAL S 106 21.13 -45.69 -63.27
C VAL S 106 20.45 -45.01 -62.08
N THR S 107 20.49 -43.67 -62.07
CA THR S 107 19.79 -42.90 -61.04
C THR S 107 18.37 -42.58 -61.47
N ILE S 108 17.38 -42.84 -60.62
CA ILE S 108 16.04 -42.47 -60.99
C ILE S 108 15.67 -41.16 -60.32
N MET S 109 15.58 -40.10 -61.12
CA MET S 109 15.41 -38.74 -60.61
C MET S 109 14.14 -38.08 -61.13
N GLY S 110 13.71 -37.03 -60.43
CA GLY S 110 12.57 -36.27 -60.88
C GLY S 110 11.76 -35.67 -59.74
N HIS S 111 10.65 -35.07 -60.11
CA HIS S 111 9.81 -34.35 -59.16
C HIS S 111 9.13 -35.26 -58.15
N VAL S 112 8.62 -34.66 -57.08
CA VAL S 112 7.86 -35.36 -56.05
C VAL S 112 6.65 -36.13 -56.61
N ASP S 113 6.46 -37.35 -56.11
CA ASP S 113 5.27 -38.17 -56.39
C ASP S 113 5.08 -38.47 -57.88
N HIS S 114 6.17 -38.54 -58.64
CA HIS S 114 6.10 -38.95 -60.03
C HIS S 114 6.40 -40.44 -60.18
N GLY S 115 6.64 -41.11 -59.05
CA GLY S 115 6.62 -42.57 -59.00
C GLY S 115 7.92 -43.34 -59.11
N LYS S 116 9.05 -42.69 -58.82
CA LYS S 116 10.34 -43.37 -58.84
C LYS S 116 10.35 -44.66 -58.00
N THR S 117 9.95 -44.53 -56.74
CA THR S 117 9.93 -45.65 -55.82
C THR S 117 9.05 -46.79 -56.33
N THR S 118 7.97 -46.44 -57.03
CA THR S 118 7.08 -47.43 -57.60
C THR S 118 7.74 -48.20 -58.76
N LEU S 119 8.46 -47.48 -59.63
CA LEU S 119 9.30 -48.12 -60.66
C LEU S 119 10.20 -49.17 -60.03
N LEU S 120 11.06 -48.72 -59.13
CA LEU S 120 11.95 -49.62 -58.42
C LEU S 120 11.25 -50.84 -57.82
N ASP S 121 10.13 -50.58 -57.14
CA ASP S 121 9.36 -51.63 -56.49
C ASP S 121 8.89 -52.70 -57.45
N LYS S 122 8.33 -52.28 -58.59
CA LYS S 122 7.81 -53.25 -59.54
C LYS S 122 8.97 -53.99 -60.21
N PHE S 123 10.12 -53.34 -60.30
CA PHE S 123 11.32 -53.99 -60.84
C PHE S 123 11.86 -55.11 -59.94
N ARG S 124 12.06 -54.79 -58.67
CA ARG S 124 12.73 -55.70 -57.75
C ARG S 124 11.80 -56.72 -57.10
N LYS S 125 10.51 -56.65 -57.45
CA LYS S 125 9.50 -57.56 -56.90
C LYS S 125 9.32 -57.38 -55.39
N THR S 126 9.57 -56.17 -54.91
CA THR S 126 9.40 -55.82 -53.50
C THR S 126 8.52 -54.58 -53.36
N GLN S 127 7.92 -54.38 -52.18
CA GLN S 127 7.21 -53.11 -51.92
C GLN S 127 7.90 -52.30 -50.82
N VAL S 128 8.64 -51.26 -51.23
CA VAL S 128 9.19 -50.28 -50.29
C VAL S 128 8.43 -48.94 -50.29
N ALA S 129 7.45 -48.78 -51.19
CA ALA S 129 6.65 -47.54 -51.24
C ALA S 129 5.55 -47.59 -50.21
N ALA S 130 5.17 -48.82 -49.83
CA ALA S 130 4.17 -49.05 -48.80
C ALA S 130 4.77 -48.93 -47.40
N VAL S 131 6.01 -49.39 -47.25
CA VAL S 131 6.71 -49.42 -45.96
C VAL S 131 7.35 -48.08 -45.58
N GLU S 132 7.69 -47.27 -46.58
CA GLU S 132 8.33 -45.96 -46.35
C GLU S 132 7.55 -45.09 -45.38
N THR S 133 8.28 -44.44 -44.49
CA THR S 133 7.68 -43.55 -43.51
C THR S 133 7.17 -42.27 -44.18
N GLY S 134 5.88 -41.99 -44.03
CA GLY S 134 5.27 -40.79 -44.61
C GLY S 134 4.99 -40.92 -46.10
N GLY S 135 5.25 -42.10 -46.65
CA GLY S 135 5.16 -42.31 -48.09
C GLY S 135 6.20 -41.46 -48.79
N ILE S 136 7.32 -41.25 -48.09
CA ILE S 136 8.36 -40.34 -48.53
C ILE S 136 9.71 -41.05 -48.67
N THR S 137 10.43 -40.75 -49.75
CA THR S 137 11.80 -41.21 -49.89
C THR S 137 12.71 -40.12 -49.37
N GLN S 138 13.32 -40.36 -48.20
CA GLN S 138 14.28 -39.45 -47.59
C GLN S 138 15.74 -39.87 -47.74
N HIS S 139 15.96 -41.03 -48.35
CA HIS S 139 17.32 -41.59 -48.43
C HIS S 139 17.73 -41.97 -49.84
N ILE S 140 19.02 -41.80 -50.14
CA ILE S 140 19.58 -42.40 -51.34
C ILE S 140 19.82 -43.88 -51.05
N GLY S 141 19.53 -44.74 -52.03
CA GLY S 141 19.83 -46.15 -51.86
C GLY S 141 20.06 -46.81 -53.21
N ALA S 142 20.87 -47.88 -53.17
CA ALA S 142 21.26 -48.61 -54.36
C ALA S 142 20.54 -49.95 -54.37
N PHE S 143 20.22 -50.43 -55.56
CA PHE S 143 19.56 -51.72 -55.66
C PHE S 143 20.07 -52.47 -56.88
N LEU S 144 20.26 -53.78 -56.74
CA LEU S 144 20.74 -54.62 -57.83
C LEU S 144 19.56 -55.28 -58.54
N VAL S 145 19.39 -54.98 -59.83
CA VAL S 145 18.26 -55.47 -60.60
C VAL S 145 18.72 -56.31 -61.81
N SER S 146 18.27 -57.55 -61.86
CA SER S 146 18.51 -58.42 -63.02
C SER S 146 17.25 -58.54 -63.87
N LEU S 147 17.37 -58.19 -65.16
CA LEU S 147 16.22 -58.26 -66.07
C LEU S 147 16.11 -59.67 -66.67
N PRO S 148 15.04 -59.93 -67.45
CA PRO S 148 14.98 -61.23 -68.12
C PRO S 148 16.11 -61.45 -69.15
N SER S 149 16.54 -60.39 -69.83
CA SER S 149 17.56 -60.48 -70.88
C SER S 149 18.97 -60.75 -70.32
N GLY S 150 19.10 -60.75 -68.99
CA GLY S 150 20.38 -61.01 -68.34
C GLY S 150 21.13 -59.73 -68.01
N GLU S 151 20.41 -58.61 -68.04
CA GLU S 151 20.99 -57.30 -67.79
C GLU S 151 21.07 -56.98 -66.29
N LYS S 152 22.28 -56.73 -65.80
CA LYS S 152 22.48 -56.35 -64.40
C LYS S 152 22.61 -54.83 -64.31
N ILE S 153 21.63 -54.19 -63.65
CA ILE S 153 21.60 -52.74 -63.54
C ILE S 153 21.46 -52.31 -62.09
N THR S 154 22.23 -51.28 -61.70
CA THR S 154 22.21 -50.80 -60.34
C THR S 154 21.48 -49.45 -60.22
N PHE S 155 20.33 -49.47 -59.56
CA PHE S 155 19.47 -48.29 -59.47
C PHE S 155 19.69 -47.47 -58.20
N LEU S 156 19.68 -46.16 -58.35
CA LEU S 156 19.80 -45.27 -57.22
C LEU S 156 18.51 -44.45 -57.04
N ASP S 157 17.93 -44.53 -55.84
CA ASP S 157 16.67 -43.82 -55.57
C ASP S 157 16.92 -42.47 -54.88
N THR S 158 16.59 -41.38 -55.57
CA THR S 158 16.75 -40.03 -55.03
C THR S 158 15.42 -39.37 -54.66
N PRO S 159 15.33 -38.85 -53.42
CA PRO S 159 14.21 -38.05 -52.90
C PRO S 159 13.86 -36.88 -53.79
N GLY S 160 12.61 -36.44 -53.74
CA GLY S 160 12.14 -35.41 -54.64
C GLY S 160 12.06 -34.01 -54.07
N HIS S 161 12.20 -33.87 -52.76
CA HIS S 161 12.02 -32.57 -52.10
C HIS S 161 13.17 -31.62 -52.39
N ALA S 162 12.86 -30.32 -52.34
CA ALA S 162 13.86 -29.30 -52.66
C ALA S 162 14.98 -29.25 -51.61
N ALA S 163 14.71 -29.80 -50.44
CA ALA S 163 15.67 -29.79 -49.34
C ALA S 163 16.86 -30.71 -49.63
N PHE S 164 16.65 -31.70 -50.49
CA PHE S 164 17.60 -32.78 -50.72
C PHE S 164 18.54 -32.61 -51.92
N SER S 165 18.57 -31.43 -52.52
CA SER S 165 19.39 -31.20 -53.72
C SER S 165 20.87 -31.57 -53.56
N ALA S 166 21.36 -31.63 -52.31
CA ALA S 166 22.75 -32.03 -52.07
C ALA S 166 22.91 -33.51 -52.41
N MET S 167 21.91 -34.29 -52.05
CA MET S 167 21.86 -35.72 -52.35
C MET S 167 21.77 -35.99 -53.84
N ARG S 168 20.82 -35.32 -54.50
CA ARG S 168 20.61 -35.45 -55.94
C ARG S 168 21.91 -35.27 -56.72
N ALA S 169 22.66 -34.23 -56.37
CA ALA S 169 23.96 -33.96 -57.00
C ALA S 169 24.86 -35.20 -56.98
N ARG S 170 24.95 -35.87 -55.83
CA ARG S 170 25.74 -37.10 -55.71
C ARG S 170 25.29 -38.12 -56.73
N GLY S 171 23.97 -38.28 -56.84
CA GLY S 171 23.40 -39.23 -57.77
C GLY S 171 23.83 -38.97 -59.20
N ALA S 172 24.12 -37.71 -59.53
CA ALA S 172 24.52 -37.35 -60.88
C ALA S 172 26.00 -37.66 -61.13
N GLN S 173 26.78 -37.76 -60.06
CA GLN S 173 28.22 -38.00 -60.17
C GLN S 173 28.61 -39.46 -60.36
N VAL S 174 27.95 -40.36 -59.64
CA VAL S 174 28.38 -41.75 -59.58
C VAL S 174 27.74 -42.62 -60.66
N THR S 175 26.96 -42.00 -61.54
CA THR S 175 26.09 -42.78 -62.43
C THR S 175 26.40 -42.71 -63.92
N ASP S 176 26.11 -43.83 -64.59
CA ASP S 176 26.22 -43.96 -66.03
C ASP S 176 25.04 -43.27 -66.71
N ILE S 177 23.83 -43.74 -66.39
CA ILE S 177 22.60 -43.23 -66.99
C ILE S 177 21.63 -42.67 -65.93
N VAL S 178 20.86 -41.64 -66.30
CA VAL S 178 19.80 -41.15 -65.42
C VAL S 178 18.42 -41.30 -66.07
N VAL S 179 17.49 -41.91 -65.33
CA VAL S 179 16.10 -41.99 -65.76
C VAL S 179 15.33 -40.82 -65.17
N LEU S 180 14.88 -39.92 -66.04
CA LEU S 180 14.12 -38.75 -65.60
C LEU S 180 12.62 -39.05 -65.69
N VAL S 181 11.98 -39.13 -64.53
CA VAL S 181 10.57 -39.51 -64.48
C VAL S 181 9.69 -38.28 -64.36
N VAL S 182 8.79 -38.08 -65.34
CA VAL S 182 7.90 -36.92 -65.33
C VAL S 182 6.44 -37.32 -65.52
N ALA S 183 5.61 -37.06 -64.50
CA ALA S 183 4.18 -37.43 -64.55
C ALA S 183 3.47 -36.75 -65.72
N ALA S 184 2.66 -37.53 -66.44
CA ALA S 184 2.04 -37.08 -67.68
C ALA S 184 1.00 -35.98 -67.45
N ASP S 185 0.21 -36.12 -66.39
CA ASP S 185 -0.84 -35.16 -66.09
C ASP S 185 -0.28 -33.82 -65.59
N ASP S 186 0.91 -33.84 -65.01
CA ASP S 186 1.55 -32.62 -64.52
C ASP S 186 2.46 -31.99 -65.56
N GLY S 187 3.55 -32.68 -65.89
CA GLY S 187 4.53 -32.16 -66.82
C GLY S 187 5.74 -31.61 -66.11
N VAL S 188 6.57 -30.88 -66.87
CA VAL S 188 7.81 -30.32 -66.35
C VAL S 188 7.58 -29.33 -65.20
N MET S 189 8.28 -29.55 -64.09
CA MET S 189 8.16 -28.71 -62.90
C MET S 189 9.53 -28.46 -62.26
N LYS S 190 9.54 -27.87 -61.07
CA LYS S 190 10.77 -27.39 -60.45
C LYS S 190 11.86 -28.46 -60.25
N GLN S 191 11.52 -29.54 -59.55
CA GLN S 191 12.48 -30.59 -59.26
C GLN S 191 12.93 -31.33 -60.53
N THR S 192 12.06 -31.32 -61.53
CA THR S 192 12.39 -31.87 -62.84
C THR S 192 13.45 -31.00 -63.53
N VAL S 193 13.32 -29.68 -63.38
CA VAL S 193 14.28 -28.73 -63.93
C VAL S 193 15.64 -28.83 -63.22
N GLU S 194 15.61 -28.93 -61.89
CA GLU S 194 16.83 -29.12 -61.11
C GLU S 194 17.53 -30.41 -61.49
N SER S 195 16.74 -31.49 -61.60
CA SER S 195 17.24 -32.79 -62.04
C SER S 195 17.91 -32.69 -63.41
N ILE S 196 17.25 -31.97 -64.32
CA ILE S 196 17.79 -31.68 -65.65
C ILE S 196 19.15 -30.98 -65.56
N GLN S 197 19.25 -29.96 -64.71
CA GLN S 197 20.52 -29.25 -64.57
C GLN S 197 21.62 -30.14 -63.97
N HIS S 198 21.25 -31.01 -63.03
CA HIS S 198 22.18 -31.96 -62.43
C HIS S 198 22.78 -32.90 -63.45
N ALA S 199 21.91 -33.52 -64.25
CA ALA S 199 22.38 -34.47 -65.27
C ALA S 199 23.04 -33.76 -66.46
N LYS S 200 22.73 -32.47 -66.63
CA LYS S 200 23.30 -31.67 -67.73
C LYS S 200 24.72 -31.24 -67.42
N ASP S 201 24.96 -30.87 -66.17
CA ASP S 201 26.29 -30.41 -65.75
C ASP S 201 27.25 -31.56 -65.51
N ALA S 202 26.72 -32.71 -65.08
CA ALA S 202 27.54 -33.90 -64.83
C ALA S 202 27.78 -34.69 -66.11
N GLN S 203 27.21 -34.21 -67.21
CA GLN S 203 27.40 -34.78 -68.55
C GLN S 203 26.96 -36.24 -68.65
N VAL S 204 25.90 -36.58 -67.92
CA VAL S 204 25.35 -37.93 -67.92
C VAL S 204 24.21 -38.08 -68.95
N PRO S 205 24.18 -39.22 -69.67
CA PRO S 205 23.07 -39.53 -70.58
C PRO S 205 21.72 -39.68 -69.86
N ILE S 206 20.68 -39.03 -70.37
CA ILE S 206 19.35 -39.06 -69.74
C ILE S 206 18.30 -39.79 -70.59
N ILE S 207 17.34 -40.40 -69.91
CA ILE S 207 16.24 -41.13 -70.55
C ILE S 207 14.91 -40.66 -69.99
N LEU S 208 14.08 -40.05 -70.82
CA LEU S 208 12.82 -39.53 -70.33
C LEU S 208 11.75 -40.62 -70.24
N ALA S 209 11.23 -40.81 -69.04
CA ALA S 209 10.11 -41.71 -68.81
C ALA S 209 8.91 -40.86 -68.42
N VAL S 210 7.92 -40.82 -69.31
CA VAL S 210 6.69 -40.10 -69.02
C VAL S 210 5.77 -41.02 -68.23
N ASN S 211 5.35 -40.60 -67.05
CA ASN S 211 4.66 -41.50 -66.13
C ASN S 211 3.23 -41.10 -65.88
N LYS S 212 2.45 -42.08 -65.42
CA LYS S 212 1.01 -41.96 -65.24
C LYS S 212 0.29 -41.67 -66.55
N CYS S 213 0.37 -42.62 -67.49
CA CYS S 213 -0.37 -42.54 -68.75
C CYS S 213 -1.67 -43.35 -68.67
N ASP S 214 -1.89 -44.01 -67.53
CA ASP S 214 -3.14 -44.74 -67.30
C ASP S 214 -4.16 -43.79 -66.68
N LYS S 215 -3.79 -42.52 -66.60
CA LYS S 215 -4.67 -41.51 -66.04
C LYS S 215 -5.63 -40.98 -67.09
N ALA S 216 -6.54 -40.11 -66.67
CA ALA S 216 -7.54 -39.54 -67.55
C ALA S 216 -6.94 -38.41 -68.39
N GLU S 217 -6.18 -37.53 -67.74
CA GLU S 217 -5.69 -36.32 -68.38
C GLU S 217 -4.30 -36.49 -69.00
N ALA S 218 -3.79 -37.72 -69.03
CA ALA S 218 -2.42 -37.98 -69.48
C ALA S 218 -2.12 -37.43 -70.88
N ASP S 219 -1.08 -36.59 -70.96
CA ASP S 219 -0.70 -35.89 -72.20
C ASP S 219 0.82 -35.85 -72.39
N PRO S 220 1.42 -36.92 -72.93
CA PRO S 220 2.85 -36.97 -73.22
C PRO S 220 3.34 -35.85 -74.14
N GLU S 221 2.46 -35.35 -75.01
CA GLU S 221 2.80 -34.30 -75.96
C GLU S 221 3.25 -33.00 -75.27
N LYS S 222 2.44 -32.53 -74.32
CA LYS S 222 2.76 -31.34 -73.52
C LYS S 222 4.13 -31.48 -72.86
N VAL S 223 4.35 -32.65 -72.24
CA VAL S 223 5.63 -32.99 -71.61
C VAL S 223 6.78 -32.84 -72.60
N LYS S 224 6.61 -33.36 -73.80
CA LYS S 224 7.66 -33.27 -74.83
C LYS S 224 7.94 -31.82 -75.28
N LYS S 225 6.89 -31.01 -75.43
CA LYS S 225 7.06 -29.60 -75.78
C LYS S 225 7.82 -28.85 -74.68
N GLU S 226 7.36 -29.02 -73.45
CA GLU S 226 7.99 -28.40 -72.28
C GLU S 226 9.45 -28.82 -72.16
N LEU S 227 9.73 -30.08 -72.50
CA LEU S 227 11.12 -30.54 -72.56
C LEU S 227 11.90 -29.79 -73.63
N LEU S 228 11.26 -29.55 -74.78
CA LEU S 228 11.90 -28.80 -75.87
C LEU S 228 12.20 -27.34 -75.47
N ALA S 229 11.46 -26.81 -74.52
CA ALA S 229 11.75 -25.47 -73.98
C ALA S 229 13.10 -25.42 -73.25
N TYR S 230 13.43 -26.50 -72.56
CA TYR S 230 14.62 -26.58 -71.69
C TYR S 230 15.85 -27.17 -72.37
N ASP S 231 15.77 -27.34 -73.69
CA ASP S 231 16.86 -27.89 -74.52
C ASP S 231 17.09 -29.37 -74.24
N VAL S 232 15.99 -30.09 -74.07
CA VAL S 232 16.01 -31.55 -74.06
C VAL S 232 15.16 -32.06 -75.24
N VAL S 233 15.80 -32.66 -76.24
CA VAL S 233 15.11 -33.03 -77.47
C VAL S 233 14.70 -34.52 -77.49
N CYS S 234 13.41 -34.77 -77.66
CA CYS S 234 12.84 -36.12 -77.64
C CYS S 234 13.22 -36.95 -78.87
N GLU S 235 13.10 -38.27 -78.74
CA GLU S 235 13.44 -39.20 -79.81
C GLU S 235 12.54 -39.01 -81.05
N ASP S 236 11.38 -38.38 -80.84
CA ASP S 236 10.46 -38.10 -81.93
C ASP S 236 10.91 -36.90 -82.75
N TYR S 237 11.62 -35.98 -82.10
CA TYR S 237 12.06 -34.74 -82.72
C TYR S 237 13.46 -34.86 -83.32
N GLY S 238 14.03 -36.06 -83.25
CA GLY S 238 15.33 -36.32 -83.81
C GLY S 238 16.45 -36.34 -82.78
N GLY S 239 16.21 -35.72 -81.63
CA GLY S 239 17.19 -35.68 -80.57
C GLY S 239 17.51 -37.06 -80.03
N ASP S 240 18.59 -37.16 -79.25
CA ASP S 240 19.05 -38.45 -78.76
C ASP S 240 18.36 -38.86 -77.45
N VAL S 241 17.64 -37.93 -76.81
CA VAL S 241 16.96 -38.26 -75.56
C VAL S 241 15.76 -39.13 -75.86
N GLN S 242 15.75 -40.31 -75.26
CA GLN S 242 14.80 -41.36 -75.60
C GLN S 242 13.54 -41.29 -74.73
N ALA S 243 12.39 -41.04 -75.36
CA ALA S 243 11.14 -40.84 -74.64
C ALA S 243 10.25 -42.09 -74.61
N VAL S 244 10.07 -42.65 -73.42
CA VAL S 244 9.17 -43.79 -73.25
C VAL S 244 8.01 -43.43 -72.33
N PRO S 245 6.78 -43.40 -72.88
CA PRO S 245 5.57 -43.32 -72.05
C PRO S 245 5.31 -44.65 -71.33
N VAL S 246 5.09 -44.60 -70.02
CA VAL S 246 5.01 -45.77 -69.14
C VAL S 246 3.98 -45.52 -68.05
N SER S 247 3.22 -46.56 -67.70
CA SER S 247 2.38 -46.52 -66.51
C SER S 247 3.01 -47.43 -65.45
N ALA S 248 3.36 -46.86 -64.30
CA ALA S 248 4.07 -47.62 -63.27
C ALA S 248 3.16 -48.53 -62.44
N LEU S 249 1.88 -48.16 -62.34
CA LEU S 249 0.90 -49.00 -61.64
C LEU S 249 0.45 -50.20 -62.47
N THR S 250 0.16 -49.96 -63.75
CA THR S 250 -0.36 -51.01 -64.63
C THR S 250 0.75 -51.74 -65.42
N GLY S 251 1.98 -51.24 -65.33
CA GLY S 251 3.11 -51.89 -65.98
C GLY S 251 3.06 -51.91 -67.49
N ASP S 252 2.96 -50.73 -68.09
CA ASP S 252 2.65 -50.62 -69.51
C ASP S 252 3.88 -50.85 -70.40
N ASN S 253 4.75 -49.84 -70.45
CA ASN S 253 5.92 -49.86 -71.33
C ASN S 253 7.20 -50.33 -70.67
N LEU S 254 7.10 -50.85 -69.45
CA LEU S 254 8.26 -51.17 -68.62
C LEU S 254 9.39 -51.88 -69.39
N MET S 255 9.01 -52.80 -70.27
CA MET S 255 9.95 -53.51 -71.12
C MET S 255 10.67 -52.56 -72.10
N ALA S 256 9.93 -51.56 -72.59
CA ALA S 256 10.46 -50.60 -73.57
C ALA S 256 11.42 -49.59 -72.94
N LEU S 257 11.16 -49.24 -71.69
CA LEU S 257 12.10 -48.40 -70.93
C LEU S 257 13.34 -49.23 -70.58
N ALA S 258 13.11 -50.50 -70.23
CA ALA S 258 14.20 -51.44 -69.96
C ALA S 258 15.14 -51.56 -71.15
N GLU S 259 14.57 -51.69 -72.35
CA GLU S 259 15.37 -51.84 -73.56
C GLU S 259 15.96 -50.49 -74.04
N ALA S 260 15.29 -49.39 -73.70
CA ALA S 260 15.86 -48.04 -73.91
C ALA S 260 17.16 -47.90 -73.14
N THR S 261 17.10 -48.24 -71.86
CA THR S 261 18.27 -48.21 -70.97
C THR S 261 19.36 -49.19 -71.43
N VAL S 262 18.99 -50.41 -71.79
CA VAL S 262 19.96 -51.39 -72.27
C VAL S 262 20.68 -50.90 -73.54
N ALA S 263 19.90 -50.36 -74.48
CA ALA S 263 20.42 -49.85 -75.75
C ALA S 263 21.39 -48.68 -75.54
N LEU S 264 21.01 -47.74 -74.68
CA LEU S 264 21.92 -46.63 -74.37
C LEU S 264 23.18 -47.13 -73.65
N ALA S 265 23.01 -48.18 -72.84
CA ALA S 265 24.13 -48.78 -72.09
C ALA S 265 25.15 -49.42 -73.02
N GLU S 266 24.68 -50.13 -74.03
CA GLU S 266 25.55 -50.70 -75.05
C GLU S 266 26.14 -49.61 -75.94
N MET S 267 25.39 -48.51 -76.10
CA MET S 267 25.83 -47.39 -76.93
C MET S 267 26.99 -46.62 -76.32
N LEU S 268 26.99 -46.51 -74.99
CA LEU S 268 28.05 -45.80 -74.27
C LEU S 268 29.37 -46.61 -74.23
N GLU S 269 29.25 -47.93 -74.35
CA GLU S 269 30.38 -48.85 -74.21
C GLU S 269 31.07 -48.70 -72.86
N LEU S 270 30.38 -49.12 -71.80
CA LEU S 270 30.87 -49.00 -70.43
C LEU S 270 32.06 -49.92 -70.17
N LYS S 271 33.13 -49.33 -69.64
CA LYS S 271 34.39 -50.06 -69.42
C LYS S 271 34.90 -49.90 -67.99
N ALA S 272 35.65 -50.89 -67.52
CA ALA S 272 36.18 -50.84 -66.17
C ALA S 272 37.38 -51.79 -66.03
N ASP S 273 38.20 -51.57 -65.00
CA ASP S 273 39.40 -52.37 -64.78
C ASP S 273 39.26 -53.25 -63.52
N PRO S 274 39.04 -54.56 -63.73
CA PRO S 274 38.81 -55.53 -62.66
C PRO S 274 40.06 -55.92 -61.88
N ASN S 275 41.22 -55.87 -62.51
CA ASN S 275 42.46 -56.36 -61.90
C ASN S 275 43.13 -55.35 -60.95
N GLY S 276 43.00 -54.06 -61.27
CA GLY S 276 43.68 -53.00 -60.52
C GLY S 276 43.18 -52.81 -59.11
N PRO S 277 43.69 -51.79 -58.41
CA PRO S 277 43.26 -51.54 -57.03
C PRO S 277 41.83 -51.01 -56.99
N VAL S 278 41.27 -50.80 -55.82
CA VAL S 278 39.87 -50.42 -55.71
C VAL S 278 39.65 -48.91 -55.64
N GLU S 279 39.07 -48.35 -56.68
CA GLU S 279 38.59 -46.96 -56.66
C GLU S 279 37.07 -46.97 -56.64
N GLY S 280 36.48 -46.14 -55.79
CA GLY S 280 35.04 -46.17 -55.57
C GLY S 280 34.47 -44.85 -55.11
N THR S 281 33.20 -44.86 -54.72
CA THR S 281 32.55 -43.65 -54.21
C THR S 281 31.55 -44.02 -53.10
N VAL S 282 31.47 -43.18 -52.06
CA VAL S 282 30.58 -43.43 -50.93
C VAL S 282 29.20 -42.83 -51.12
N ILE S 283 28.17 -43.65 -51.00
CA ILE S 283 26.79 -43.20 -51.05
C ILE S 283 26.34 -42.65 -49.70
N GLU S 284 26.17 -43.56 -48.74
CA GLU S 284 25.63 -43.20 -47.43
C GLU S 284 26.37 -43.88 -46.29
N SER S 285 26.82 -43.09 -45.33
CA SER S 285 27.54 -43.61 -44.18
C SER S 285 26.67 -43.54 -42.93
N PHE S 286 26.49 -44.69 -42.29
CA PHE S 286 25.66 -44.76 -41.12
C PHE S 286 26.32 -45.66 -40.07
N THR S 287 25.78 -45.62 -38.85
CA THR S 287 26.31 -46.41 -37.74
C THR S 287 25.36 -47.56 -37.37
N ASP S 288 25.91 -48.75 -37.23
CA ASP S 288 25.17 -49.92 -36.78
C ASP S 288 25.79 -50.38 -35.46
N LYS S 289 24.97 -50.85 -34.52
CA LYS S 289 25.49 -51.30 -33.22
C LYS S 289 26.31 -52.59 -33.33
N GLY S 290 25.79 -53.56 -34.08
CA GLY S 290 26.46 -54.83 -34.22
C GLY S 290 27.58 -54.80 -35.24
N ARG S 291 27.38 -54.00 -36.28
CA ARG S 291 28.33 -53.92 -37.39
C ARG S 291 29.30 -52.73 -37.30
N GLY S 292 29.22 -51.94 -36.24
CA GLY S 292 30.07 -50.76 -36.11
C GLY S 292 29.79 -49.71 -37.17
N LEU S 293 30.84 -49.04 -37.64
CA LEU S 293 30.65 -48.04 -38.70
C LEU S 293 30.45 -48.73 -40.05
N VAL S 294 29.47 -48.28 -40.83
CA VAL S 294 29.17 -48.91 -42.11
C VAL S 294 28.93 -47.88 -43.23
N THR S 295 29.45 -48.15 -44.43
CA THR S 295 29.19 -47.26 -45.57
C THR S 295 28.53 -47.98 -46.74
N THR S 296 27.91 -47.23 -47.65
CA THR S 296 27.35 -47.80 -48.87
C THR S 296 28.14 -47.25 -50.04
N ALA S 297 28.71 -48.14 -50.84
CA ALA S 297 29.64 -47.69 -51.86
C ALA S 297 29.48 -48.39 -53.22
N ILE S 298 29.50 -47.57 -54.27
CA ILE S 298 29.55 -48.06 -55.63
C ILE S 298 30.99 -48.15 -56.08
N ILE S 299 31.48 -49.37 -56.30
CA ILE S 299 32.85 -49.55 -56.77
C ILE S 299 32.94 -49.03 -58.20
N GLN S 300 33.84 -48.07 -58.42
CA GLN S 300 34.06 -47.55 -59.76
C GLN S 300 34.88 -48.56 -60.56
N ARG S 301 36.11 -48.82 -60.11
CA ARG S 301 36.91 -49.88 -60.70
C ARG S 301 37.67 -50.67 -59.63
N GLY S 302 38.14 -51.85 -60.00
CA GLY S 302 38.89 -52.69 -59.09
C GLY S 302 38.03 -53.74 -58.41
N THR S 303 38.65 -54.87 -58.10
CA THR S 303 37.97 -55.93 -57.35
C THR S 303 38.25 -55.78 -55.87
N LEU S 304 37.18 -55.70 -55.07
CA LEU S 304 37.29 -55.59 -53.64
C LEU S 304 37.22 -56.96 -52.97
N ARG S 305 38.19 -57.28 -52.13
CA ARG S 305 38.22 -58.57 -51.46
C ARG S 305 38.40 -58.41 -49.95
N LYS S 306 37.92 -59.39 -49.20
CA LYS S 306 37.90 -59.33 -47.74
C LYS S 306 39.28 -59.23 -47.10
N GLY S 307 39.47 -58.21 -46.25
CA GLY S 307 40.73 -58.01 -45.55
C GLY S 307 41.59 -56.90 -46.14
N SER S 308 41.04 -56.18 -47.12
CA SER S 308 41.78 -55.11 -47.78
C SER S 308 41.85 -53.86 -46.91
N VAL S 309 42.52 -52.82 -47.40
CA VAL S 309 42.66 -51.58 -46.64
C VAL S 309 42.28 -50.38 -47.52
N LEU S 310 41.29 -49.63 -47.07
CA LEU S 310 40.74 -48.51 -47.83
C LEU S 310 40.92 -47.17 -47.14
N VAL S 311 40.87 -46.11 -47.93
CA VAL S 311 40.96 -44.75 -47.43
C VAL S 311 39.92 -43.87 -48.11
N ALA S 312 39.09 -43.21 -47.31
CA ALA S 312 38.09 -42.28 -47.81
C ALA S 312 38.12 -41.01 -46.98
N GLY S 313 38.17 -39.86 -47.66
CA GLY S 313 38.23 -38.59 -46.99
C GLY S 313 39.40 -38.51 -46.03
N LYS S 314 39.12 -38.17 -44.78
CA LYS S 314 40.13 -38.10 -43.73
C LYS S 314 40.24 -39.37 -42.88
N CYS S 315 39.52 -40.42 -43.26
CA CYS S 315 39.53 -41.65 -42.48
C CYS S 315 39.82 -42.90 -43.29
N TRP S 316 40.11 -43.99 -42.59
CA TRP S 316 40.48 -45.24 -43.23
C TRP S 316 39.74 -46.44 -42.63
N ALA S 317 39.84 -47.56 -43.32
CA ALA S 317 39.17 -48.78 -42.88
C ALA S 317 39.91 -50.03 -43.29
N LYS S 318 39.74 -51.07 -42.49
CA LYS S 318 40.14 -52.40 -42.88
C LYS S 318 38.87 -53.24 -42.97
N VAL S 319 38.63 -53.84 -44.13
CA VAL S 319 37.34 -54.48 -44.37
C VAL S 319 37.21 -55.81 -43.64
N ARG S 320 36.19 -55.90 -42.78
CA ARG S 320 35.90 -57.13 -42.06
C ARG S 320 34.82 -57.88 -42.79
N LEU S 321 33.65 -57.26 -42.89
CA LEU S 321 32.59 -57.82 -43.70
C LEU S 321 32.02 -56.82 -44.67
N MET S 322 32.08 -57.15 -45.94
CA MET S 322 31.30 -56.44 -46.93
C MET S 322 30.08 -57.27 -47.25
N PHE S 323 28.94 -56.62 -47.39
CA PHE S 323 27.67 -57.33 -47.52
C PHE S 323 26.75 -56.73 -48.58
N ASP S 324 25.57 -57.32 -48.74
CA ASP S 324 24.56 -56.80 -49.65
C ASP S 324 23.29 -56.46 -48.89
N GLU S 325 22.49 -55.58 -49.48
CA GLU S 325 21.35 -54.94 -48.82
C GLU S 325 20.31 -55.91 -48.24
N ASN S 326 20.31 -57.14 -48.74
CA ASN S 326 19.33 -58.12 -48.30
C ASN S 326 19.85 -58.95 -47.12
N GLY S 327 21.05 -58.62 -46.66
CA GLY S 327 21.65 -59.31 -45.55
C GLY S 327 22.77 -60.26 -45.97
N LYS S 328 22.83 -60.52 -47.27
CA LYS S 328 23.84 -61.41 -47.82
C LYS S 328 25.24 -60.89 -47.57
N THR S 329 26.12 -61.77 -47.12
CA THR S 329 27.54 -61.43 -47.02
C THR S 329 28.24 -61.92 -48.28
N ILE S 330 28.68 -60.99 -49.12
CA ILE S 330 29.29 -61.37 -50.40
C ILE S 330 30.82 -61.35 -50.32
N ASP S 331 31.45 -62.34 -50.93
CA ASP S 331 32.89 -62.51 -50.84
C ASP S 331 33.67 -61.61 -51.80
N GLU S 332 33.04 -61.21 -52.89
CA GLU S 332 33.69 -60.32 -53.84
C GLU S 332 32.79 -59.23 -54.38
N ALA S 333 33.39 -58.08 -54.66
CA ALA S 333 32.71 -56.97 -55.29
C ALA S 333 33.45 -56.60 -56.57
N TYR S 334 32.69 -56.30 -57.62
CA TYR S 334 33.31 -55.95 -58.89
C TYR S 334 32.90 -54.53 -59.24
N PRO S 335 33.47 -53.97 -60.33
CA PRO S 335 33.03 -52.64 -60.77
C PRO S 335 31.50 -52.52 -60.91
N SER S 336 30.98 -51.37 -60.51
CA SER S 336 29.56 -50.97 -60.61
C SER S 336 28.64 -51.66 -59.61
N MET S 337 29.19 -52.58 -58.82
CA MET S 337 28.42 -53.27 -57.78
C MET S 337 28.22 -52.39 -56.53
N PRO S 338 26.97 -52.20 -56.11
CA PRO S 338 26.73 -51.58 -54.79
C PRO S 338 27.11 -52.53 -53.65
N VAL S 339 27.91 -52.06 -52.70
CA VAL S 339 28.36 -52.89 -51.57
C VAL S 339 28.46 -52.10 -50.27
N GLY S 340 27.94 -52.67 -49.19
CA GLY S 340 28.10 -52.11 -47.86
C GLY S 340 29.44 -52.52 -47.29
N ILE S 341 30.11 -51.62 -46.58
CA ILE S 341 31.46 -51.89 -46.10
C ILE S 341 31.60 -51.60 -44.61
N THR S 342 32.30 -52.50 -43.93
CA THR S 342 32.46 -52.45 -42.48
C THR S 342 33.95 -52.33 -42.12
N GLY S 343 34.26 -51.79 -40.94
CA GLY S 343 35.62 -51.66 -40.48
C GLY S 343 36.22 -50.26 -40.52
N TRP S 344 35.37 -49.25 -40.70
CA TRP S 344 35.82 -47.86 -40.65
C TRP S 344 36.13 -47.42 -39.21
N ARG S 345 37.24 -46.72 -39.03
CA ARG S 345 37.55 -46.15 -37.72
C ARG S 345 36.72 -44.89 -37.52
N ASP S 346 36.66 -44.08 -38.58
CA ASP S 346 35.80 -42.90 -38.59
C ASP S 346 34.83 -42.95 -39.77
N LEU S 347 33.76 -42.18 -39.68
CA LEU S 347 32.77 -42.14 -40.74
C LEU S 347 33.16 -41.18 -41.85
N PRO S 348 33.16 -41.68 -43.10
CA PRO S 348 33.48 -40.88 -44.28
C PRO S 348 32.36 -39.92 -44.62
N SER S 349 32.71 -38.74 -45.12
CA SER S 349 31.69 -37.81 -45.61
C SER S 349 31.08 -38.39 -46.88
N ALA S 350 29.77 -38.53 -46.92
CA ALA S 350 29.08 -39.10 -48.06
C ALA S 350 29.39 -38.31 -49.34
N GLY S 351 29.56 -39.03 -50.44
CA GLY S 351 29.94 -38.40 -51.70
C GLY S 351 31.44 -38.28 -51.82
N GLU S 352 32.15 -39.11 -51.07
CA GLU S 352 33.61 -39.13 -51.07
C GLU S 352 34.15 -40.29 -51.89
N GLU S 353 35.27 -40.09 -52.57
CA GLU S 353 35.86 -41.16 -53.36
C GLU S 353 36.76 -42.04 -52.49
N ILE S 354 36.65 -43.36 -52.70
CA ILE S 354 37.42 -44.34 -51.97
C ILE S 354 38.64 -44.80 -52.75
N LEU S 355 39.81 -44.77 -52.11
CA LEU S 355 41.02 -45.30 -52.74
C LEU S 355 41.66 -46.36 -51.86
N GLU S 356 42.01 -47.50 -52.44
CA GLU S 356 42.65 -48.56 -51.68
C GLU S 356 44.14 -48.37 -51.59
N VAL S 357 44.67 -48.55 -50.39
CA VAL S 357 46.12 -48.54 -50.20
C VAL S 357 46.69 -49.92 -49.91
N GLU S 358 48.01 -49.97 -49.76
CA GLU S 358 48.74 -51.22 -49.61
C GLU S 358 48.69 -51.81 -48.20
N SER S 359 48.95 -50.98 -47.19
CA SER S 359 49.00 -51.46 -45.81
C SER S 359 48.54 -50.39 -44.84
N GLU S 360 48.48 -50.74 -43.56
CA GLU S 360 47.95 -49.86 -42.52
C GLU S 360 48.81 -48.61 -42.30
N PRO S 361 50.14 -48.80 -42.13
CA PRO S 361 50.94 -47.59 -41.90
C PRO S 361 50.83 -46.59 -43.04
N ARG S 362 50.72 -47.09 -44.26
CA ARG S 362 50.54 -46.26 -45.44
C ARG S 362 49.22 -45.47 -45.33
N ALA S 363 48.18 -46.16 -44.87
CA ALA S 363 46.88 -45.55 -44.66
C ALA S 363 46.97 -44.37 -43.68
N ARG S 364 47.59 -44.64 -42.54
CA ARG S 364 47.76 -43.60 -41.54
C ARG S 364 48.58 -42.44 -42.08
N GLU S 365 49.56 -42.74 -42.93
CA GLU S 365 50.33 -41.69 -43.60
C GLU S 365 49.40 -40.76 -44.40
N VAL S 366 48.54 -41.37 -45.20
CA VAL S 366 47.58 -40.61 -46.00
C VAL S 366 46.69 -39.71 -45.14
N VAL S 367 46.10 -40.33 -44.12
CA VAL S 367 45.28 -39.63 -43.14
C VAL S 367 46.00 -38.39 -42.60
N ASP S 368 47.15 -38.63 -41.99
CA ASP S 368 47.99 -37.57 -41.44
C ASP S 368 48.25 -36.45 -42.44
N TRP S 369 48.57 -36.82 -43.67
CA TRP S 369 48.86 -35.80 -44.68
C TRP S 369 47.64 -34.92 -44.95
N ARG S 370 46.49 -35.54 -45.15
CA ARG S 370 45.29 -34.77 -45.46
C ARG S 370 44.93 -33.86 -44.28
N LYS S 371 45.01 -34.40 -43.07
CA LYS S 371 44.75 -33.62 -41.86
C LYS S 371 45.66 -32.41 -41.78
N TYR S 372 46.96 -32.67 -41.82
CA TYR S 372 47.98 -31.63 -41.79
C TYR S 372 47.68 -30.54 -42.81
N GLU S 373 47.35 -30.95 -44.04
CA GLU S 373 46.99 -30.03 -45.12
C GLU S 373 45.83 -29.10 -44.74
N GLN S 374 44.67 -29.72 -44.46
CA GLN S 374 43.48 -28.97 -44.05
C GLN S 374 43.77 -27.98 -42.91
N GLU S 375 44.56 -28.44 -41.94
CA GLU S 375 44.95 -27.62 -40.81
C GLU S 375 45.82 -26.44 -41.23
N GLN S 376 46.62 -26.63 -42.28
CA GLN S 376 47.40 -25.54 -42.82
C GLN S 376 46.49 -24.48 -43.41
N GLU S 377 45.51 -24.92 -44.22
CA GLU S 377 44.56 -23.99 -44.83
C GLU S 377 43.81 -23.17 -43.78
N LYS S 378 43.18 -23.89 -42.87
CA LYS S 378 42.45 -23.28 -41.77
C LYS S 378 43.36 -22.31 -41.01
N GLY S 379 44.59 -22.76 -40.77
CA GLY S 379 45.58 -21.97 -40.07
C GLY S 379 45.90 -20.66 -40.76
N GLN S 380 45.91 -20.67 -42.09
CA GLN S 380 46.13 -19.46 -42.88
C GLN S 380 44.97 -18.48 -42.71
N GLU S 381 43.75 -18.98 -42.91
CA GLU S 381 42.56 -18.14 -42.77
C GLU S 381 42.50 -17.45 -41.40
N ASP S 382 42.63 -18.29 -40.38
CA ASP S 382 42.64 -17.82 -39.00
C ASP S 382 43.80 -16.86 -38.75
N LEU S 383 44.91 -17.10 -39.42
CA LEU S 383 46.07 -16.22 -39.31
C LEU S 383 45.71 -14.82 -39.80
N LYS S 384 44.98 -14.76 -40.90
CA LYS S 384 44.52 -13.47 -41.42
C LYS S 384 43.59 -12.77 -40.42
N ILE S 385 42.58 -13.50 -39.93
CA ILE S 385 41.66 -12.94 -38.93
C ILE S 385 42.39 -12.35 -37.72
N ILE S 386 43.24 -13.17 -37.13
CA ILE S 386 44.05 -12.78 -35.98
C ILE S 386 44.90 -11.55 -36.25
N GLU S 387 45.60 -11.56 -37.39
CA GLU S 387 46.42 -10.43 -37.80
C GLU S 387 45.59 -9.16 -37.77
N GLU S 388 44.38 -9.25 -38.31
CA GLU S 388 43.47 -8.11 -38.29
C GLU S 388 43.19 -7.64 -36.86
N LYS S 389 42.71 -8.55 -36.00
CA LYS S 389 42.33 -8.17 -34.64
C LYS S 389 43.50 -7.56 -33.84
N ARG S 390 44.66 -8.19 -33.91
CA ARG S 390 45.82 -7.73 -33.18
C ARG S 390 46.39 -6.45 -33.79
N LYS S 391 46.06 -6.19 -35.05
CA LYS S 391 46.42 -4.92 -35.67
C LYS S 391 45.49 -3.81 -35.17
N GLU S 392 44.23 -4.16 -34.93
CA GLU S 392 43.29 -3.24 -34.29
C GLU S 392 43.80 -2.85 -32.92
N HIS S 393 44.19 -3.87 -32.14
CA HIS S 393 44.72 -3.62 -30.80
C HIS S 393 46.00 -2.79 -30.85
N LYS S 394 46.85 -3.13 -31.80
CA LYS S 394 48.09 -2.39 -32.05
C LYS S 394 47.82 -0.91 -32.24
N GLU S 395 46.91 -0.62 -33.17
CA GLU S 395 46.50 0.72 -33.47
C GLU S 395 45.91 1.44 -32.24
N ALA S 396 45.09 0.72 -31.48
CA ALA S 396 44.48 1.29 -30.27
C ALA S 396 45.53 1.62 -29.22
N HIS S 397 46.61 0.85 -29.21
CA HIS S 397 47.73 1.08 -28.31
C HIS S 397 48.51 2.33 -28.74
N GLN S 398 48.79 2.43 -30.03
CA GLN S 398 49.48 3.60 -30.58
C GLN S 398 48.67 4.86 -30.28
N LYS S 399 47.36 4.73 -30.42
CA LYS S 399 46.43 5.79 -30.03
C LYS S 399 46.63 6.16 -28.57
N ALA S 400 46.35 5.22 -27.69
CA ALA S 400 46.37 5.48 -26.25
C ALA S 400 47.71 6.03 -25.73
N ARG S 401 48.81 5.70 -26.42
CA ARG S 401 50.13 6.14 -26.00
C ARG S 401 50.52 7.49 -26.63
N GLU S 402 50.62 7.53 -27.96
CA GLU S 402 51.13 8.70 -28.67
C GLU S 402 50.24 9.94 -28.56
N LYS S 403 48.93 9.75 -28.53
CA LYS S 403 47.98 10.85 -28.42
C LYS S 403 48.08 11.56 -27.07
N TYR S 404 48.49 10.82 -26.06
CA TYR S 404 48.50 11.30 -24.68
C TYR S 404 49.84 11.92 -24.28
N GLY S 405 50.71 12.16 -25.28
CA GLY S 405 51.94 12.90 -25.04
C GLY S 405 53.08 12.20 -24.33
N HIS S 406 53.62 11.16 -24.96
CA HIS S 406 54.79 10.44 -24.43
C HIS S 406 55.94 11.36 -24.03
N LEU S 407 56.49 11.12 -22.84
CA LEU S 407 57.68 11.82 -22.35
C LEU S 407 58.67 10.79 -21.78
N LEU S 408 58.27 10.19 -20.67
CA LEU S 408 58.95 9.06 -20.05
C LEU S 408 57.82 8.20 -19.51
N TRP S 409 58.06 6.92 -19.21
CA TRP S 409 56.97 6.04 -18.79
C TRP S 409 56.43 6.40 -17.40
N LYS S 410 57.26 7.01 -16.57
CA LYS S 410 56.79 7.52 -15.28
C LYS S 410 55.94 8.78 -15.48
N LYS S 411 56.41 9.68 -16.34
CA LYS S 411 55.66 10.89 -16.68
C LYS S 411 54.46 10.55 -17.57
N ARG S 412 54.51 9.38 -18.21
CA ARG S 412 53.37 8.87 -18.96
C ARG S 412 52.34 8.29 -17.99
N SER S 413 52.83 7.70 -16.90
CA SER S 413 51.93 7.22 -15.85
C SER S 413 51.23 8.42 -15.21
N ILE S 414 51.98 9.48 -14.93
CA ILE S 414 51.39 10.68 -14.33
C ILE S 414 50.46 11.41 -15.33
N LEU S 415 50.81 11.41 -16.62
CA LEU S 415 50.00 12.06 -17.66
C LEU S 415 48.90 11.13 -18.18
N ARG S 416 48.79 9.95 -17.58
CA ARG S 416 47.70 9.04 -17.87
C ARG S 416 46.50 9.44 -17.03
N PHE S 417 46.64 10.52 -16.27
CA PHE S 417 45.53 11.02 -15.47
C PHE S 417 44.75 12.16 -16.13
N LEU S 418 45.13 12.51 -17.37
CA LEU S 418 44.33 13.41 -18.19
C LEU S 418 43.01 12.75 -18.56
N GLU S 419 43.07 11.49 -19.01
CA GLU S 419 41.89 10.65 -19.06
C GLU S 419 41.96 9.68 -17.88
N ARG S 420 41.15 9.94 -16.85
CA ARG S 420 41.25 9.18 -15.61
C ARG S 420 40.12 8.17 -15.52
N LYS S 421 38.88 8.65 -15.50
CA LYS S 421 37.73 7.75 -15.46
C LYS S 421 37.58 7.02 -16.80
N GLU S 422 37.58 5.69 -16.72
CA GLU S 422 37.47 4.83 -17.89
C GLU S 422 36.32 3.86 -17.69
N GLN S 423 35.28 4.03 -18.50
CA GLN S 423 34.07 3.21 -18.34
C GLN S 423 33.98 2.15 -19.44
N ILE S 424 34.20 0.88 -19.09
CA ILE S 424 33.96 -0.20 -19.98
C ILE S 424 33.61 -1.43 -19.20
N PRO S 425 32.65 -2.18 -19.70
CA PRO S 425 32.08 -3.26 -18.88
C PRO S 425 32.04 -4.55 -19.67
N LEU S 426 32.63 -5.59 -19.09
CA LEU S 426 32.73 -6.90 -19.74
C LEU S 426 32.40 -8.03 -18.75
N LYS S 427 31.39 -8.82 -19.11
CA LYS S 427 30.98 -9.96 -18.32
C LYS S 427 31.25 -11.31 -19.02
N PRO S 428 31.85 -12.26 -18.31
CA PRO S 428 32.23 -13.56 -18.88
C PRO S 428 31.19 -14.66 -18.67
N LYS S 429 30.04 -14.29 -18.10
CA LYS S 429 28.96 -15.24 -17.85
C LYS S 429 28.20 -15.61 -19.13
N GLU S 430 27.54 -16.77 -19.12
CA GLU S 430 26.85 -17.29 -20.31
C GLU S 430 25.35 -16.97 -20.36
N LYS S 431 24.86 -16.20 -19.38
CA LYS S 431 23.47 -15.79 -19.36
C LYS S 431 23.26 -14.40 -19.99
N ARG S 432 24.33 -13.85 -20.55
CA ARG S 432 24.29 -12.50 -21.15
C ARG S 432 23.56 -12.46 -22.49
N GLU S 433 23.63 -13.54 -23.26
CA GLU S 433 23.01 -13.62 -24.59
C GLU S 433 21.64 -14.30 -24.61
N ARG S 434 21.16 -14.73 -23.44
CA ARG S 434 19.85 -15.40 -23.32
C ARG S 434 18.69 -14.44 -23.62
N ASP S 435 18.92 -13.15 -23.36
CA ASP S 435 17.94 -12.10 -23.65
C ASP S 435 18.00 -11.68 -25.11
N SER S 436 19.11 -12.00 -25.77
CA SER S 436 19.27 -11.80 -27.21
C SER S 436 18.65 -12.97 -27.95
N ASN S 437 18.20 -13.95 -27.18
CA ASN S 437 17.47 -15.11 -27.68
C ASN S 437 18.25 -15.91 -28.71
N VAL S 438 19.28 -16.58 -28.23
CA VAL S 438 20.04 -17.48 -29.06
C VAL S 438 19.48 -18.88 -28.89
N LEU S 439 19.43 -19.63 -29.98
CA LEU S 439 18.93 -20.99 -29.92
C LEU S 439 20.03 -22.01 -30.17
N SER S 440 20.33 -22.80 -29.15
CA SER S 440 21.33 -23.86 -29.27
C SER S 440 20.67 -25.16 -29.73
N VAL S 441 21.25 -25.75 -30.77
CA VAL S 441 20.65 -26.91 -31.43
C VAL S 441 21.62 -28.06 -31.65
N ILE S 442 21.25 -29.25 -31.19
CA ILE S 442 22.00 -30.45 -31.50
C ILE S 442 21.25 -31.29 -32.53
N ILE S 443 21.96 -31.75 -33.55
CA ILE S 443 21.36 -32.58 -34.57
C ILE S 443 21.97 -33.97 -34.62
N LYS S 444 21.12 -34.98 -34.52
CA LYS S 444 21.54 -36.35 -34.67
C LYS S 444 20.70 -37.03 -35.74
N GLY S 445 21.32 -37.37 -36.86
CA GLY S 445 20.61 -38.03 -37.94
C GLY S 445 20.91 -39.52 -38.00
N ASP S 446 20.20 -40.24 -38.86
CA ASP S 446 20.50 -41.66 -39.09
C ASP S 446 21.67 -41.82 -40.06
N VAL S 447 21.68 -41.01 -41.12
CA VAL S 447 22.75 -41.07 -42.10
C VAL S 447 23.40 -39.72 -42.37
N ASP S 448 24.56 -39.75 -42.99
CA ASP S 448 25.33 -38.54 -43.28
C ASP S 448 24.55 -37.56 -44.17
N GLY S 449 23.97 -38.08 -45.25
CA GLY S 449 23.25 -37.24 -46.21
C GLY S 449 22.13 -36.45 -45.58
N SER S 450 21.38 -37.11 -44.70
CA SER S 450 20.30 -36.47 -43.96
C SER S 450 20.81 -35.30 -43.13
N VAL S 451 21.79 -35.56 -42.27
CA VAL S 451 22.42 -34.54 -41.45
C VAL S 451 22.87 -33.36 -42.31
N GLU S 452 23.51 -33.65 -43.44
CA GLU S 452 23.98 -32.61 -44.35
C GLU S 452 22.83 -31.76 -44.89
N ALA S 453 21.73 -32.42 -45.25
CA ALA S 453 20.54 -31.72 -45.75
C ALA S 453 20.06 -30.74 -44.70
N ILE S 454 19.99 -31.23 -43.46
CA ILE S 454 19.56 -30.39 -42.34
C ILE S 454 20.48 -29.19 -42.13
N LEU S 455 21.79 -29.43 -42.21
CA LEU S 455 22.76 -28.35 -42.03
C LEU S 455 22.69 -27.32 -43.17
N ASN S 456 22.28 -27.79 -44.34
CA ASN S 456 22.12 -26.91 -45.50
C ASN S 456 20.86 -26.06 -45.36
N ILE S 457 19.81 -26.65 -44.81
CA ILE S 457 18.59 -25.92 -44.50
C ILE S 457 18.86 -24.85 -43.45
N ILE S 458 19.63 -25.21 -42.43
CA ILE S 458 20.01 -24.28 -41.38
C ILE S 458 20.89 -23.15 -41.92
N ASP S 459 21.79 -23.50 -42.84
CA ASP S 459 22.66 -22.52 -43.49
C ASP S 459 21.87 -21.46 -44.25
N THR S 460 20.63 -21.79 -44.59
CA THR S 460 19.75 -20.89 -45.34
C THR S 460 19.14 -19.80 -44.45
N TYR S 461 19.41 -19.87 -43.14
CA TYR S 461 18.76 -18.99 -42.18
C TYR S 461 19.21 -17.54 -42.35
N ASP S 462 18.25 -16.67 -42.67
CA ASP S 462 18.57 -15.30 -43.04
C ASP S 462 18.43 -14.20 -41.98
N ALA S 463 17.76 -14.46 -40.85
CA ALA S 463 17.50 -13.36 -39.92
C ALA S 463 18.23 -13.53 -38.59
N SER S 464 19.34 -12.80 -38.46
CA SER S 464 20.15 -12.89 -37.25
C SER S 464 19.87 -11.73 -36.30
N HIS S 465 19.05 -10.79 -36.74
CA HIS S 465 18.66 -9.65 -35.90
C HIS S 465 17.42 -10.02 -35.10
N GLU S 466 16.82 -11.13 -35.48
CA GLU S 466 15.66 -11.66 -34.78
C GLU S 466 16.14 -12.59 -33.68
N CYS S 467 16.61 -13.77 -34.10
CA CYS S 467 17.24 -14.73 -33.19
C CYS S 467 18.56 -15.17 -33.80
N GLU S 468 19.28 -16.03 -33.10
CA GLU S 468 20.47 -16.62 -33.70
C GLU S 468 20.41 -18.13 -33.58
N LEU S 469 20.45 -18.78 -34.74
CA LEU S 469 20.48 -20.24 -34.77
C LEU S 469 21.93 -20.69 -34.68
N GLU S 470 22.25 -21.47 -33.67
CA GLU S 470 23.61 -21.93 -33.47
C GLU S 470 23.67 -23.44 -33.32
N LEU S 471 24.44 -24.06 -34.21
CA LEU S 471 24.60 -25.50 -34.18
C LEU S 471 25.84 -25.85 -33.37
N VAL S 472 25.61 -26.45 -32.20
CA VAL S 472 26.70 -26.82 -31.31
C VAL S 472 27.38 -28.12 -31.76
N HIS S 473 26.57 -29.14 -32.01
CA HIS S 473 27.08 -30.46 -32.31
C HIS S 473 26.22 -31.12 -33.37
N PHE S 474 26.84 -31.62 -34.44
CA PHE S 474 26.12 -32.44 -35.40
C PHE S 474 26.84 -33.76 -35.55
N GLY S 475 26.11 -34.85 -35.35
CA GLY S 475 26.72 -36.16 -35.38
C GLY S 475 25.75 -37.21 -35.85
N VAL S 476 26.30 -38.35 -36.28
CA VAL S 476 25.51 -39.45 -36.80
C VAL S 476 25.37 -40.53 -35.72
N GLY S 477 24.19 -41.13 -35.66
CA GLY S 477 23.90 -42.12 -34.64
C GLY S 477 22.91 -41.60 -33.62
N ASP S 478 22.40 -42.53 -32.80
CA ASP S 478 21.37 -42.20 -31.81
C ASP S 478 21.88 -41.30 -30.69
N VAL S 479 20.95 -40.68 -29.98
CA VAL S 479 21.26 -39.73 -28.92
C VAL S 479 21.87 -40.41 -27.69
N SER S 480 23.08 -39.98 -27.33
CA SER S 480 23.81 -40.52 -26.19
C SER S 480 23.86 -39.54 -25.02
N ALA S 481 24.50 -39.95 -23.94
CA ALA S 481 24.59 -39.14 -22.72
C ALA S 481 25.35 -37.83 -22.97
N ASN S 482 26.42 -37.95 -23.75
CA ASN S 482 27.27 -36.81 -24.11
C ASN S 482 26.47 -35.66 -24.68
N ASP S 483 25.63 -35.98 -25.66
CA ASP S 483 24.82 -34.99 -26.34
C ASP S 483 23.86 -34.32 -25.37
N VAL S 484 23.33 -35.11 -24.44
CA VAL S 484 22.47 -34.57 -23.38
C VAL S 484 23.22 -33.53 -22.58
N ASN S 485 24.45 -33.86 -22.20
CA ASN S 485 25.28 -32.93 -21.44
C ASN S 485 25.53 -31.63 -22.19
N LEU S 486 26.00 -31.76 -23.43
CA LEU S 486 26.26 -30.59 -24.28
C LEU S 486 25.04 -29.69 -24.38
N ALA S 487 23.88 -30.31 -24.60
CA ALA S 487 22.63 -29.57 -24.74
C ALA S 487 22.29 -28.86 -23.44
N GLU S 488 22.51 -29.55 -22.32
CA GLU S 488 22.19 -28.99 -21.03
C GLU S 488 23.03 -27.75 -20.75
N THR S 489 24.31 -27.82 -21.11
CA THR S 489 25.24 -26.73 -20.81
C THR S 489 24.95 -25.46 -21.62
N PHE S 490 24.49 -25.62 -22.86
CA PHE S 490 24.16 -24.48 -23.69
C PHE S 490 22.67 -24.13 -23.73
N ASP S 491 21.88 -24.85 -22.95
CA ASP S 491 20.43 -24.80 -23.02
C ASP S 491 19.99 -25.14 -24.43
N GLY S 492 20.29 -26.34 -24.87
CA GLY S 492 20.05 -26.72 -26.24
C GLY S 492 18.86 -27.62 -26.45
N VAL S 493 18.49 -27.79 -27.71
CA VAL S 493 17.44 -28.71 -28.09
C VAL S 493 18.08 -29.83 -28.87
N ILE S 494 17.68 -31.07 -28.60
CA ILE S 494 18.22 -32.16 -29.40
C ILE S 494 17.21 -32.58 -30.46
N TYR S 495 17.57 -32.38 -31.72
CA TYR S 495 16.69 -32.80 -32.80
C TYR S 495 17.17 -34.11 -33.40
N GLY S 496 16.41 -35.17 -33.16
CA GLY S 496 16.72 -36.46 -33.73
C GLY S 496 16.07 -36.67 -35.09
N PHE S 497 16.77 -37.39 -35.96
CA PHE S 497 16.24 -37.74 -37.27
C PHE S 497 16.40 -39.24 -37.50
N ASN S 498 15.27 -39.95 -37.49
CA ASN S 498 15.26 -41.41 -37.63
C ASN S 498 16.17 -42.10 -36.64
N VAL S 499 16.41 -41.44 -35.51
CA VAL S 499 17.27 -42.00 -34.49
C VAL S 499 16.46 -42.45 -33.29
N ASN S 500 17.16 -43.00 -32.30
CA ASN S 500 16.52 -43.57 -31.14
C ASN S 500 16.99 -42.92 -29.84
N ALA S 501 16.11 -42.85 -28.84
CA ALA S 501 16.48 -42.38 -27.52
C ALA S 501 15.98 -43.35 -26.45
N GLY S 502 16.89 -43.96 -25.71
CA GLY S 502 16.54 -44.97 -24.73
C GLY S 502 15.88 -44.42 -23.48
N ASN S 503 15.68 -45.30 -22.50
CA ASN S 503 15.07 -44.89 -21.23
C ASN S 503 16.01 -44.04 -20.41
N VAL S 504 17.22 -44.56 -20.24
CA VAL S 504 18.25 -43.90 -19.45
C VAL S 504 18.50 -42.48 -19.94
N ILE S 505 18.70 -42.35 -21.25
CA ILE S 505 18.95 -41.05 -21.87
C ILE S 505 17.82 -40.07 -21.61
N GLN S 506 16.59 -40.55 -21.68
CA GLN S 506 15.44 -39.67 -21.53
C GLN S 506 15.19 -39.28 -20.08
N GLN S 507 15.48 -40.18 -19.15
CA GLN S 507 15.38 -39.87 -17.74
C GLN S 507 16.43 -38.85 -17.34
N SER S 508 17.63 -39.04 -17.88
CA SER S 508 18.71 -38.09 -17.66
C SER S 508 18.38 -36.70 -18.22
N ALA S 509 17.89 -36.66 -19.46
CA ALA S 509 17.53 -35.39 -20.09
C ALA S 509 16.35 -34.74 -19.38
N ALA S 510 15.51 -35.56 -18.74
CA ALA S 510 14.43 -35.05 -17.91
C ALA S 510 14.99 -34.39 -16.66
N LYS S 511 15.96 -35.05 -16.04
CA LYS S 511 16.61 -34.50 -14.85
C LYS S 511 17.31 -33.18 -15.14
N LYS S 512 17.97 -33.10 -16.28
CA LYS S 512 18.79 -31.93 -16.57
C LYS S 512 18.02 -30.84 -17.33
N GLY S 513 16.73 -31.08 -17.56
CA GLY S 513 15.91 -30.09 -18.25
C GLY S 513 16.28 -29.93 -19.71
N VAL S 514 16.43 -31.05 -20.41
CA VAL S 514 16.76 -31.05 -21.82
C VAL S 514 15.63 -31.67 -22.63
N LYS S 515 15.34 -31.09 -23.79
CA LYS S 515 14.25 -31.62 -24.63
C LYS S 515 14.76 -32.34 -25.87
N ILE S 516 14.30 -33.59 -26.00
CA ILE S 516 14.63 -34.44 -27.12
C ILE S 516 13.42 -34.57 -28.07
N LYS S 517 13.56 -33.99 -29.27
CA LYS S 517 12.50 -34.05 -30.25
C LYS S 517 12.89 -34.95 -31.43
N LEU S 518 12.25 -36.11 -31.53
CA LEU S 518 12.55 -37.10 -32.56
C LEU S 518 11.60 -37.00 -33.76
N HIS S 519 12.16 -36.78 -34.94
CA HIS S 519 11.36 -36.67 -36.17
C HIS S 519 11.77 -37.72 -37.20
N LYS S 520 10.80 -38.42 -37.77
CA LYS S 520 11.06 -39.36 -38.86
C LYS S 520 10.90 -38.70 -40.23
N ILE S 521 10.39 -37.47 -40.23
CA ILE S 521 10.22 -36.70 -41.46
C ILE S 521 10.98 -35.39 -41.36
N ILE S 522 11.52 -34.94 -42.49
CA ILE S 522 12.42 -33.78 -42.50
C ILE S 522 11.71 -32.42 -42.33
N TYR S 523 10.60 -32.21 -43.03
CA TYR S 523 9.91 -30.94 -42.94
C TYR S 523 9.13 -30.81 -41.63
N ARG S 524 8.87 -31.91 -40.94
CA ARG S 524 8.32 -31.84 -39.59
C ARG S 524 9.38 -31.25 -38.67
N LEU S 525 10.62 -31.68 -38.90
CA LEU S 525 11.78 -31.19 -38.18
C LEU S 525 11.97 -29.69 -38.42
N VAL S 526 11.90 -29.27 -39.68
CA VAL S 526 12.06 -27.84 -40.00
C VAL S 526 10.91 -26.98 -39.46
N GLU S 527 9.70 -27.51 -39.55
CA GLU S 527 8.53 -26.85 -38.97
C GLU S 527 8.71 -26.65 -37.47
N ASP S 528 9.28 -27.66 -36.81
CA ASP S 528 9.51 -27.58 -35.38
C ASP S 528 10.63 -26.60 -35.06
N LEU S 529 11.60 -26.47 -35.97
CA LEU S 529 12.64 -25.46 -35.84
C LEU S 529 12.06 -24.06 -35.89
N GLN S 530 11.23 -23.79 -36.90
CA GLN S 530 10.52 -22.51 -37.00
C GLN S 530 9.69 -22.25 -35.75
N GLU S 531 9.05 -23.31 -35.26
CA GLU S 531 8.24 -23.24 -34.06
C GLU S 531 9.05 -22.77 -32.87
N GLU S 532 10.21 -23.38 -32.68
CA GLU S 532 11.10 -23.03 -31.58
C GLU S 532 11.61 -21.59 -31.70
N LEU S 533 12.16 -21.27 -32.88
CA LEU S 533 12.71 -19.95 -33.16
C LEU S 533 11.71 -18.82 -32.95
N SER S 534 10.49 -19.00 -33.45
CA SER S 534 9.43 -18.02 -33.23
C SER S 534 9.01 -17.99 -31.75
N SER S 535 8.99 -19.15 -31.12
CA SER S 535 8.72 -19.25 -29.69
C SER S 535 9.64 -18.38 -28.88
N ARG S 536 10.89 -18.27 -29.32
CA ARG S 536 11.85 -17.46 -28.55
C ARG S 536 11.95 -16.00 -29.02
N LEU S 537 11.20 -15.67 -30.08
CA LEU S 537 11.31 -14.39 -30.74
C LEU S 537 10.87 -13.27 -29.84
N PRO S 538 11.61 -12.13 -29.83
CA PRO S 538 11.17 -10.97 -29.03
C PRO S 538 9.77 -10.52 -29.45
N CYS S 539 8.86 -10.39 -28.48
CA CYS S 539 7.49 -10.02 -28.79
C CYS S 539 7.41 -8.55 -29.19
N ALA S 540 6.76 -8.29 -30.32
CA ALA S 540 6.63 -6.92 -30.81
C ALA S 540 5.53 -6.21 -30.02
N VAL S 541 5.89 -5.16 -29.30
CA VAL S 541 4.94 -4.48 -28.42
C VAL S 541 4.29 -3.30 -29.13
N GLU S 542 2.96 -3.31 -29.21
CA GLU S 542 2.23 -2.21 -29.82
C GLU S 542 1.48 -1.40 -28.77
N GLU S 543 1.67 -0.09 -28.82
CA GLU S 543 0.97 0.82 -27.92
C GLU S 543 -0.29 1.34 -28.59
N HIS S 544 -1.44 0.99 -28.04
CA HIS S 544 -2.69 1.57 -28.53
C HIS S 544 -3.39 2.33 -27.40
N PRO S 545 -4.04 3.46 -27.76
CA PRO S 545 -4.60 4.39 -26.77
C PRO S 545 -5.90 3.89 -26.13
N VAL S 546 -6.10 4.28 -24.87
CA VAL S 546 -7.32 3.97 -24.14
C VAL S 546 -8.17 5.23 -24.07
N GLY S 547 -7.63 6.27 -23.46
CA GLY S 547 -8.34 7.53 -23.35
C GLY S 547 -7.48 8.78 -23.38
N GLU S 548 -8.14 9.93 -23.44
CA GLU S 548 -7.45 11.23 -23.42
C GLU S 548 -8.19 12.24 -22.55
N ALA S 549 -7.49 12.80 -21.56
CA ALA S 549 -8.07 13.81 -20.66
C ALA S 549 -7.26 15.09 -20.65
N SER S 550 -7.94 16.24 -20.62
CA SER S 550 -7.25 17.54 -20.51
C SER S 550 -7.31 18.09 -19.09
N ILE S 551 -6.17 18.59 -18.59
CA ILE S 551 -6.07 19.11 -17.23
C ILE S 551 -6.62 20.54 -17.15
N LEU S 552 -7.28 20.87 -16.04
CA LEU S 552 -7.95 22.16 -15.87
C LEU S 552 -7.31 23.01 -14.77
N ALA S 553 -7.40 22.53 -13.54
CA ALA S 553 -6.85 23.24 -12.39
C ALA S 553 -5.78 22.40 -11.70
N THR S 554 -4.89 23.07 -10.97
CA THR S 554 -3.86 22.36 -10.21
C THR S 554 -4.00 22.64 -8.71
N PHE S 555 -3.89 21.58 -7.91
CA PHE S 555 -4.05 21.67 -6.47
C PHE S 555 -2.75 21.36 -5.73
N SER S 556 -2.63 21.85 -4.50
CA SER S 556 -1.59 21.42 -3.58
C SER S 556 -2.26 20.84 -2.34
N VAL S 557 -2.13 19.54 -2.14
CA VAL S 557 -2.83 18.87 -1.05
C VAL S 557 -1.86 18.36 0.01
N THR S 558 -2.17 18.61 1.28
CA THR S 558 -1.28 18.20 2.36
C THR S 558 -1.76 16.93 3.05
N GLU S 559 -1.05 15.83 2.81
CA GLU S 559 -1.38 14.55 3.43
C GLU S 559 -0.15 13.93 4.10
N GLY S 560 -0.18 13.83 5.43
CA GLY S 560 0.91 13.24 6.17
C GLY S 560 2.22 14.01 6.04
N LYS S 561 2.14 15.33 6.18
CA LYS S 561 3.30 16.22 6.13
C LYS S 561 4.04 16.21 4.79
N LYS S 562 3.34 15.82 3.74
CA LYS S 562 3.91 15.84 2.39
C LYS S 562 3.01 16.63 1.45
N LYS S 563 3.59 17.57 0.71
CA LYS S 563 2.83 18.41 -0.20
C LYS S 563 2.73 17.73 -1.55
N VAL S 564 1.52 17.33 -1.92
CA VAL S 564 1.28 16.60 -3.14
C VAL S 564 0.67 17.51 -4.19
N PRO S 565 1.34 17.66 -5.34
CA PRO S 565 0.78 18.32 -6.52
C PRO S 565 -0.34 17.48 -7.13
N VAL S 566 -1.50 18.08 -7.40
CA VAL S 566 -2.64 17.34 -7.93
C VAL S 566 -3.09 17.97 -9.25
N ALA S 567 -3.32 17.13 -10.25
CA ALA S 567 -3.82 17.58 -11.52
C ALA S 567 -5.31 17.29 -11.60
N GLY S 568 -6.11 18.35 -11.54
CA GLY S 568 -7.53 18.26 -11.85
C GLY S 568 -7.75 18.09 -13.34
N CYS S 569 -8.46 17.04 -13.73
CA CYS S 569 -8.60 16.70 -15.14
C CYS S 569 -10.04 16.44 -15.54
N ARG S 570 -10.32 16.60 -16.82
CA ARG S 570 -11.58 16.19 -17.38
C ARG S 570 -11.31 15.24 -18.55
N VAL S 571 -11.90 14.07 -18.51
CA VAL S 571 -11.69 13.07 -19.56
C VAL S 571 -12.57 13.35 -20.77
N GLN S 572 -11.92 13.52 -21.92
CA GLN S 572 -12.59 13.95 -23.15
C GLN S 572 -13.02 12.79 -24.04
N LYS S 573 -12.05 12.03 -24.55
CA LYS S 573 -12.36 10.87 -25.38
C LYS S 573 -11.67 9.63 -24.84
N GLY S 574 -12.46 8.58 -24.61
CA GLY S 574 -11.97 7.37 -24.00
C GLY S 574 -12.07 7.44 -22.49
N GLN S 575 -11.25 6.65 -21.80
CA GLN S 575 -11.30 6.58 -20.34
C GLN S 575 -9.91 6.43 -19.73
N LEU S 576 -9.82 6.64 -18.42
CA LEU S 576 -8.57 6.47 -17.67
C LEU S 576 -8.68 5.39 -16.61
N GLU S 577 -7.88 4.34 -16.73
CA GLU S 577 -7.82 3.29 -15.72
C GLU S 577 -6.49 3.38 -14.96
N LYS S 578 -6.50 3.02 -13.69
CA LYS S 578 -5.37 3.25 -12.79
C LYS S 578 -4.12 2.40 -13.14
N GLN S 579 -4.32 1.19 -13.64
CA GLN S 579 -3.20 0.28 -13.89
C GLN S 579 -2.57 0.40 -15.30
N LYS S 580 -3.23 1.14 -16.18
CA LYS S 580 -2.71 1.39 -17.54
C LYS S 580 -1.53 2.35 -17.51
N LYS S 581 -0.73 2.39 -18.58
CA LYS S 581 0.45 3.25 -18.57
C LYS S 581 0.13 4.65 -19.12
N PHE S 582 0.67 5.69 -18.47
CA PHE S 582 0.31 7.07 -18.81
C PHE S 582 1.44 7.86 -19.46
N LYS S 583 1.07 8.79 -20.34
CA LYS S 583 2.06 9.73 -20.86
C LYS S 583 1.48 11.15 -20.92
N LEU S 584 2.35 12.13 -20.63
CA LEU S 584 1.96 13.55 -20.57
C LEU S 584 2.25 14.25 -21.90
N THR S 585 1.40 15.19 -22.27
CA THR S 585 1.51 15.91 -23.53
C THR S 585 1.44 17.43 -23.32
N ARG S 586 2.50 18.14 -23.74
CA ARG S 586 2.51 19.60 -23.73
C ARG S 586 2.57 20.17 -25.15
N ASN S 587 1.47 20.74 -25.62
CA ASN S 587 1.40 21.38 -26.94
C ASN S 587 1.97 20.51 -28.08
N GLY S 588 1.77 19.20 -27.99
CA GLY S 588 2.27 18.26 -28.98
C GLY S 588 3.52 17.49 -28.57
N HIS S 589 4.27 18.03 -27.61
CA HIS S 589 5.45 17.34 -27.06
C HIS S 589 5.03 16.25 -26.08
N VAL S 590 5.91 15.28 -25.86
CA VAL S 590 5.67 14.29 -24.80
C VAL S 590 6.65 14.51 -23.65
N ILE S 591 6.13 15.03 -22.54
CA ILE S 591 6.94 15.39 -21.38
C ILE S 591 7.25 14.21 -20.45
N TRP S 592 6.27 13.35 -20.21
CA TRP S 592 6.39 12.32 -19.18
C TRP S 592 5.87 10.95 -19.62
N LYS S 593 6.47 9.89 -19.06
CA LYS S 593 6.00 8.51 -19.25
C LYS S 593 6.03 7.78 -17.91
N GLY S 594 4.93 7.13 -17.54
CA GLY S 594 4.91 6.37 -16.30
C GLY S 594 3.55 6.09 -15.71
N SER S 595 3.53 5.66 -14.44
CA SER S 595 2.29 5.30 -13.77
C SER S 595 1.94 6.32 -12.70
N LEU S 596 0.64 6.55 -12.52
CA LEU S 596 0.13 7.41 -11.47
C LEU S 596 0.43 6.82 -10.09
N THR S 597 0.53 7.68 -9.08
CA THR S 597 0.55 7.22 -7.70
C THR S 597 -0.92 7.10 -7.24
N SER S 598 -1.70 8.18 -7.27
CA SER S 598 -3.11 8.07 -6.86
C SER S 598 -4.08 8.74 -7.83
N LEU S 599 -5.01 7.96 -8.36
CA LEU S 599 -6.15 8.49 -9.09
C LEU S 599 -7.34 8.54 -8.14
N LYS S 600 -7.82 9.74 -7.87
CA LYS S 600 -8.85 9.90 -6.86
C LYS S 600 -9.92 10.89 -7.33
N HIS S 601 -11.17 10.48 -7.27
CA HIS S 601 -12.27 11.30 -7.79
C HIS S 601 -13.29 11.61 -6.68
N HIS S 602 -13.34 12.89 -6.28
CA HIS S 602 -14.24 13.39 -5.24
C HIS S 602 -14.12 12.69 -3.88
N LYS S 603 -12.92 12.68 -3.31
CA LYS S 603 -12.59 12.04 -2.03
C LYS S 603 -12.58 10.51 -2.12
N ASP S 604 -12.97 9.97 -3.28
CA ASP S 604 -12.95 8.53 -3.49
C ASP S 604 -11.90 8.14 -4.52
N ASP S 605 -11.17 7.07 -4.23
CA ASP S 605 -10.31 6.45 -5.22
C ASP S 605 -11.20 5.60 -6.12
N ILE S 606 -11.08 5.78 -7.43
CA ILE S 606 -11.91 5.05 -8.39
C ILE S 606 -11.02 4.41 -9.47
N SER S 607 -11.23 3.12 -9.74
CA SER S 607 -10.37 2.39 -10.65
C SER S 607 -10.48 2.89 -12.09
N ILE S 608 -11.71 3.11 -12.55
CA ILE S 608 -11.95 3.52 -13.93
C ILE S 608 -12.85 4.76 -14.02
N VAL S 609 -12.31 5.88 -14.50
CA VAL S 609 -13.15 7.06 -14.78
C VAL S 609 -13.59 7.06 -16.23
N LYS S 610 -14.88 7.22 -16.45
CA LYS S 610 -15.39 7.23 -17.81
C LYS S 610 -15.22 8.63 -18.41
N THR S 611 -15.82 8.82 -19.58
CA THR S 611 -15.73 10.10 -20.30
C THR S 611 -16.56 11.20 -19.66
N GLY S 612 -16.01 12.42 -19.63
CA GLY S 612 -16.72 13.57 -19.09
C GLY S 612 -16.55 13.70 -17.60
N MET S 613 -16.09 12.63 -16.98
CA MET S 613 -15.85 12.58 -15.54
C MET S 613 -14.67 13.48 -15.17
N ASP S 614 -14.79 14.17 -14.03
CA ASP S 614 -13.68 14.94 -13.47
C ASP S 614 -12.87 14.06 -12.53
N CYS S 615 -11.55 14.20 -12.56
CA CYS S 615 -10.71 13.32 -11.72
C CYS S 615 -9.44 14.00 -11.24
N GLY S 616 -9.05 13.72 -9.99
CA GLY S 616 -7.76 14.13 -9.48
C GLY S 616 -6.65 13.13 -9.78
N LEU S 617 -5.47 13.64 -10.10
CA LEU S 617 -4.32 12.80 -10.48
C LEU S 617 -3.05 13.19 -9.72
N SER S 618 -2.46 12.24 -9.02
CA SER S 618 -1.15 12.46 -8.40
C SER S 618 -0.12 11.49 -8.95
N LEU S 619 0.93 12.06 -9.55
CA LEU S 619 2.04 11.30 -10.14
C LEU S 619 3.06 10.79 -9.11
N ASP S 620 3.83 9.77 -9.51
CA ASP S 620 4.95 9.30 -8.69
C ASP S 620 6.18 10.20 -8.86
N GLU S 621 6.28 10.85 -10.02
CA GLU S 621 7.39 11.75 -10.33
C GLU S 621 7.12 13.15 -9.80
N ASP S 622 7.98 13.62 -8.90
CA ASP S 622 7.82 14.94 -8.29
C ASP S 622 8.32 16.06 -9.20
N ASN S 623 9.30 15.73 -10.04
CA ASN S 623 9.93 16.70 -10.95
C ASN S 623 8.99 17.23 -12.04
N MET S 624 7.84 16.58 -12.22
CA MET S 624 6.90 16.99 -13.24
C MET S 624 6.09 18.23 -12.83
N GLU S 625 5.95 19.16 -13.77
CA GLU S 625 5.13 20.35 -13.56
C GLU S 625 3.81 20.23 -14.31
N PHE S 626 2.70 20.47 -13.61
CA PHE S 626 1.38 20.48 -14.24
C PHE S 626 0.93 21.90 -14.52
N GLN S 627 0.82 22.24 -15.81
CA GLN S 627 0.30 23.54 -16.21
C GLN S 627 -1.22 23.50 -16.33
N VAL S 628 -1.82 24.62 -16.70
CA VAL S 628 -3.27 24.72 -16.79
C VAL S 628 -3.81 24.14 -18.11
N GLY S 629 -2.98 24.15 -19.15
CA GLY S 629 -3.45 23.75 -20.48
C GLY S 629 -2.95 22.41 -21.03
N ASP S 630 -2.31 21.61 -20.20
CA ASP S 630 -1.69 20.35 -20.65
C ASP S 630 -2.70 19.29 -21.05
N ARG S 631 -2.24 18.31 -21.81
CA ARG S 631 -3.03 17.15 -22.18
C ARG S 631 -2.45 15.90 -21.55
N ILE S 632 -3.28 14.91 -21.27
CA ILE S 632 -2.80 13.63 -20.75
C ILE S 632 -3.37 12.47 -21.57
N VAL S 633 -2.49 11.61 -22.06
CA VAL S 633 -2.95 10.44 -22.80
C VAL S 633 -2.71 9.16 -21.99
N CYS S 634 -3.77 8.37 -21.89
CA CYS S 634 -3.69 7.04 -21.27
C CYS S 634 -3.53 5.98 -22.35
N TYR S 635 -2.52 5.11 -22.21
CA TYR S 635 -2.36 4.04 -23.19
C TYR S 635 -2.16 2.65 -22.59
N GLU S 636 -2.49 1.67 -23.42
CA GLU S 636 -2.36 0.27 -23.08
C GLU S 636 -1.44 -0.39 -24.11
N GLU S 637 -0.62 -1.32 -23.65
CA GLU S 637 0.31 -2.02 -24.54
C GLU S 637 -0.11 -3.46 -24.78
N LYS S 638 -0.44 -3.78 -26.02
CA LYS S 638 -0.78 -5.15 -26.40
C LYS S 638 0.41 -5.81 -27.11
N GLN S 639 0.57 -7.10 -26.88
CA GLN S 639 1.72 -7.84 -27.40
C GLN S 639 1.39 -8.62 -28.66
N ILE S 640 2.04 -8.22 -29.76
CA ILE S 640 1.93 -8.94 -31.02
C ILE S 640 3.07 -9.95 -31.11
N GLN S 641 2.72 -11.21 -31.34
CA GLN S 641 3.71 -12.26 -31.43
C GLN S 641 4.14 -12.50 -32.86
N ALA S 642 5.38 -12.17 -33.17
CA ALA S 642 5.85 -12.36 -34.52
C ALA S 642 6.46 -13.73 -34.73
N LYS S 643 6.11 -14.35 -35.85
CA LYS S 643 6.69 -15.65 -36.22
C LYS S 643 8.07 -15.47 -36.83
N THR S 644 8.72 -16.60 -37.14
CA THR S 644 10.06 -16.57 -37.72
C THR S 644 10.07 -15.79 -39.02
N SER S 645 10.94 -14.81 -39.12
CA SER S 645 11.13 -14.05 -40.35
C SER S 645 11.87 -14.88 -41.40
N TRP S 646 12.31 -16.08 -41.00
CA TRP S 646 13.04 -16.99 -41.88
C TRP S 646 12.12 -18.00 -42.56
N ASP S 647 12.12 -17.95 -43.88
CA ASP S 647 11.39 -18.91 -44.69
C ASP S 647 12.37 -19.76 -45.50
N PRO S 648 12.51 -21.03 -45.13
CA PRO S 648 13.38 -21.95 -45.89
C PRO S 648 12.88 -22.07 -47.32
N GLY S 649 13.80 -22.03 -48.27
CA GLY S 649 13.46 -22.07 -49.69
C GLY S 649 12.49 -23.18 -50.04
N PHE S 650 12.63 -24.32 -49.36
CA PHE S 650 11.73 -25.44 -49.56
C PHE S 650 10.44 -25.26 -48.74
N ALA T 61 -30.35 -6.15 55.72
CA ALA T 61 -30.80 -6.21 57.11
C ALA T 61 -29.63 -5.92 58.05
N THR T 62 -29.61 -6.60 59.19
CA THR T 62 -28.49 -6.49 60.11
C THR T 62 -27.94 -7.86 60.49
N SER T 63 -26.64 -7.99 60.33
CA SER T 63 -25.93 -9.19 60.75
C SER T 63 -25.08 -8.85 61.96
N VAL T 64 -24.86 -9.83 62.82
CA VAL T 64 -24.00 -9.64 63.97
C VAL T 64 -22.64 -10.25 63.70
N SER T 65 -21.58 -9.56 64.09
CA SER T 65 -20.24 -10.06 63.85
C SER T 65 -19.97 -11.33 64.65
N TRP T 66 -19.15 -12.20 64.10
CA TRP T 66 -18.84 -13.47 64.75
C TRP T 66 -17.86 -13.25 65.87
N LYS T 67 -17.39 -12.03 65.98
CA LYS T 67 -16.19 -11.75 66.73
C LYS T 67 -16.45 -11.63 68.21
N SER T 68 -17.65 -11.99 68.66
CA SER T 68 -17.90 -11.96 70.10
C SER T 68 -17.66 -13.26 70.82
N ARG T 69 -16.56 -13.32 71.54
CA ARG T 69 -16.31 -14.34 72.53
C ARG T 69 -15.53 -13.64 73.62
N THR T 70 -16.00 -13.68 74.86
CA THR T 70 -15.37 -12.86 75.88
C THR T 70 -14.12 -13.49 76.49
N LYS T 71 -14.15 -14.78 76.76
CA LYS T 71 -13.05 -15.43 77.48
C LYS T 71 -12.03 -16.03 76.52
N TYR T 72 -10.76 -15.87 76.88
CA TYR T 72 -9.65 -16.37 76.06
C TYR T 72 -9.54 -17.89 76.10
N THR T 73 -9.31 -18.49 74.94
CA THR T 73 -9.19 -19.94 74.85
C THR T 73 -8.11 -20.33 73.88
N VAL T 74 -7.37 -21.36 74.24
CA VAL T 74 -6.36 -21.84 73.35
C VAL T 74 -7.01 -22.68 72.25
N MET T 75 -8.18 -23.22 72.55
CA MET T 75 -8.90 -24.05 71.60
C MET T 75 -9.39 -23.25 70.41
N PRO T 76 -9.33 -23.85 69.21
CA PRO T 76 -9.76 -23.19 67.98
C PRO T 76 -11.23 -22.86 68.01
N VAL T 77 -11.57 -21.62 67.68
CA VAL T 77 -12.95 -21.19 67.74
C VAL T 77 -13.46 -20.95 66.33
N LYS T 78 -14.75 -21.20 66.11
CA LYS T 78 -15.29 -21.14 64.75
C LYS T 78 -15.69 -19.74 64.35
N MET T 79 -15.43 -19.41 63.09
CA MET T 79 -15.62 -18.07 62.57
C MET T 79 -16.36 -18.05 61.25
N ARG T 80 -17.05 -16.94 60.99
CA ARG T 80 -17.80 -16.78 59.75
C ARG T 80 -17.15 -15.74 58.87
N LYS T 81 -16.73 -16.15 57.68
CA LYS T 81 -16.22 -15.20 56.71
C LYS T 81 -17.39 -14.38 56.20
N SER T 82 -17.14 -13.13 55.81
CA SER T 82 -18.15 -12.36 55.11
C SER T 82 -17.49 -11.73 53.93
N GLY T 83 -17.84 -12.16 52.71
CA GLY T 83 -17.02 -11.70 51.62
C GLY T 83 -17.30 -10.25 51.43
N GLY T 84 -16.36 -9.41 51.82
CA GLY T 84 -16.41 -8.00 51.52
C GLY T 84 -17.63 -7.20 51.95
N ARG T 85 -18.58 -7.81 52.64
CA ARG T 85 -19.81 -7.08 52.92
C ARG T 85 -19.77 -6.43 54.29
N ASN T 86 -20.22 -5.19 54.39
CA ASN T 86 -20.38 -4.60 55.72
C ASN T 86 -21.62 -5.17 56.38
N HIS T 87 -21.94 -4.68 57.57
CA HIS T 87 -23.04 -5.23 58.33
C HIS T 87 -24.39 -4.90 57.70
N THR T 88 -24.39 -3.96 56.76
CA THR T 88 -25.59 -3.61 56.01
C THR T 88 -25.87 -4.64 54.92
N GLY T 89 -24.82 -5.29 54.45
CA GLY T 89 -24.94 -6.32 53.44
C GLY T 89 -24.38 -5.93 52.08
N GLN T 90 -24.09 -4.66 51.89
CA GLN T 90 -23.48 -4.20 50.64
C GLN T 90 -22.02 -4.58 50.55
N ILE T 91 -21.47 -4.60 49.35
CA ILE T 91 -20.04 -4.84 49.21
C ILE T 91 -19.25 -3.63 49.62
N GLN T 92 -18.33 -3.79 50.55
CA GLN T 92 -17.42 -2.71 50.88
C GLN T 92 -16.08 -2.98 50.20
N VAL T 93 -15.51 -4.14 50.51
CA VAL T 93 -14.27 -4.56 49.87
C VAL T 93 -14.49 -5.55 48.73
N HIS T 94 -14.07 -5.21 47.52
CA HIS T 94 -14.23 -6.14 46.41
C HIS T 94 -13.21 -7.25 46.43
N GLY T 95 -13.55 -8.36 45.79
CA GLY T 95 -12.60 -9.41 45.53
C GLY T 95 -12.34 -10.38 46.67
N ILE T 96 -13.31 -10.51 47.57
CA ILE T 96 -13.19 -11.40 48.72
C ILE T 96 -14.32 -12.39 48.81
N GLY T 97 -14.03 -13.67 48.86
CA GLY T 97 -14.99 -14.60 49.41
C GLY T 97 -14.78 -16.07 49.13
N GLY T 98 -15.45 -16.89 49.94
CA GLY T 98 -15.51 -18.32 49.75
C GLY T 98 -14.21 -19.07 49.64
N GLY T 99 -13.32 -18.93 50.61
CA GLY T 99 -12.13 -19.75 50.61
C GLY T 99 -12.45 -21.08 51.27
N HIS T 100 -11.42 -21.75 51.75
CA HIS T 100 -11.61 -22.91 52.61
C HIS T 100 -12.25 -22.47 53.92
N LYS T 101 -12.94 -23.38 54.60
CA LYS T 101 -13.47 -23.09 55.92
C LYS T 101 -12.33 -22.96 56.93
N GLN T 102 -12.37 -21.96 57.81
CA GLN T 102 -11.29 -21.77 58.79
C GLN T 102 -11.75 -21.62 60.23
N ARG T 103 -11.13 -22.34 61.15
CA ARG T 103 -11.26 -22.00 62.58
C ARG T 103 -10.23 -20.94 62.93
N TYR T 104 -10.49 -20.15 63.97
CA TYR T 104 -9.59 -19.08 64.39
C TYR T 104 -8.87 -19.35 65.71
N ARG T 105 -7.55 -19.22 65.75
CA ARG T 105 -6.85 -19.33 67.04
C ARG T 105 -6.60 -17.97 67.64
N MET T 106 -7.08 -17.76 68.85
CA MET T 106 -6.89 -16.49 69.52
C MET T 106 -5.45 -16.28 69.88
N ILE T 107 -4.91 -15.14 69.48
CA ILE T 107 -3.52 -14.86 69.77
C ILE T 107 -3.39 -13.84 70.86
N ASP T 108 -2.55 -14.11 71.83
CA ASP T 108 -2.29 -13.11 72.85
C ASP T 108 -1.16 -12.23 72.36
N PHE T 109 -1.44 -10.97 72.10
CA PHE T 109 -0.42 -10.10 71.54
C PHE T 109 0.29 -9.28 72.58
N LEU T 110 -0.17 -9.40 73.82
CA LEU T 110 0.54 -8.78 74.91
C LEU T 110 1.48 -9.84 75.44
N ARG T 111 2.77 -9.68 75.19
CA ARG T 111 3.69 -10.76 75.49
C ARG T 111 3.96 -10.83 76.99
N PHE T 112 4.00 -9.67 77.64
CA PHE T 112 4.14 -9.66 79.08
C PHE T 112 2.79 -9.56 79.75
N ARG T 113 2.35 -10.68 80.31
CA ARG T 113 1.04 -10.75 80.94
C ARG T 113 1.11 -11.64 82.17
N PRO T 114 1.45 -11.07 83.33
CA PRO T 114 1.58 -11.85 84.55
C PRO T 114 0.32 -12.67 84.78
N GLU T 115 0.47 -13.95 85.06
CA GLU T 115 -0.67 -14.83 85.27
C GLU T 115 -1.58 -14.29 86.37
N HIS T 116 -1.05 -14.20 87.59
CA HIS T 116 -1.77 -13.59 88.70
C HIS T 116 -1.21 -12.21 89.01
N GLU T 117 -2.05 -11.29 89.45
CA GLU T 117 -1.60 -9.95 89.82
C GLU T 117 -0.83 -9.99 91.13
N SER T 118 -0.83 -11.15 91.78
CA SER T 118 -0.12 -11.34 93.04
C SER T 118 1.40 -11.28 92.86
N LYS T 119 1.95 -12.08 91.95
CA LYS T 119 3.38 -12.01 91.66
C LYS T 119 3.65 -11.37 90.30
N PRO T 120 4.07 -10.10 90.33
CA PRO T 120 4.33 -9.22 89.18
C PRO T 120 5.61 -9.52 88.39
N GLY T 121 6.53 -10.26 88.98
CA GLY T 121 7.87 -10.41 88.41
C GLY T 121 7.93 -11.01 87.01
N PRO T 122 9.05 -10.78 86.32
CA PRO T 122 9.39 -11.41 85.03
C PRO T 122 9.30 -12.93 85.11
N PHE T 123 8.61 -13.55 84.17
CA PHE T 123 8.31 -14.97 84.26
C PHE T 123 8.75 -15.71 83.02
N GLU T 124 8.73 -17.03 83.09
CA GLU T 124 9.29 -17.84 82.03
C GLU T 124 8.31 -18.91 81.56
N GLU T 125 8.26 -19.15 80.25
CA GLU T 125 7.29 -20.08 79.68
C GLU T 125 7.92 -21.10 78.75
N LYS T 126 7.28 -22.26 78.62
CA LYS T 126 7.80 -23.31 77.77
C LYS T 126 7.03 -23.39 76.46
N VAL T 127 7.75 -23.59 75.36
CA VAL T 127 7.12 -23.77 74.07
C VAL T 127 6.84 -25.22 73.82
N ILE T 128 5.55 -25.52 73.75
CA ILE T 128 5.03 -26.86 73.51
C ILE T 128 4.99 -27.33 72.07
N ALA T 129 4.43 -26.50 71.19
CA ALA T 129 4.29 -26.87 69.78
C ALA T 129 4.29 -25.66 68.87
N VAL T 130 4.73 -25.85 67.63
CA VAL T 130 4.66 -24.77 66.66
C VAL T 130 3.84 -25.15 65.45
N ARG T 131 2.70 -24.48 65.31
CA ARG T 131 1.66 -24.89 64.37
C ARG T 131 1.40 -23.91 63.25
N TYR T 132 0.91 -24.44 62.16
CA TYR T 132 0.45 -23.65 61.05
C TYR T 132 -0.78 -22.89 61.47
N ASP T 133 -0.92 -21.65 61.02
CA ASP T 133 -2.16 -20.93 61.27
C ASP T 133 -2.73 -20.44 59.96
N PRO T 134 -4.04 -20.66 59.76
CA PRO T 134 -4.73 -20.26 58.53
C PRO T 134 -4.96 -18.77 58.44
N CYS T 135 -5.08 -18.14 59.59
CA CYS T 135 -5.54 -16.77 59.64
C CYS T 135 -4.47 -15.75 59.32
N ARG T 136 -3.23 -16.07 59.62
CA ARG T 136 -2.13 -15.14 59.38
C ARG T 136 -0.99 -15.80 58.65
N SER T 137 -0.04 -15.00 58.20
CA SER T 137 1.07 -15.51 57.41
C SER T 137 2.11 -16.21 58.27
N ALA T 138 2.32 -15.70 59.48
CA ALA T 138 3.32 -16.25 60.38
C ALA T 138 2.89 -17.55 61.00
N ASP T 139 3.84 -18.37 61.41
CA ASP T 139 3.53 -19.61 62.14
C ASP T 139 3.43 -19.30 63.62
N ILE T 140 2.53 -19.97 64.32
CA ILE T 140 2.31 -19.64 65.72
C ILE T 140 2.70 -20.74 66.68
N ALA T 141 2.99 -20.35 67.91
CA ALA T 141 3.45 -21.30 68.90
C ALA T 141 2.58 -21.34 70.14
N LEU T 142 2.35 -22.55 70.62
CA LEU T 142 1.61 -22.80 71.82
C LEU T 142 2.53 -22.77 73.02
N VAL T 143 2.28 -21.84 73.92
CA VAL T 143 3.21 -21.53 74.98
C VAL T 143 2.56 -21.63 76.34
N ALA T 144 3.14 -22.42 77.23
CA ALA T 144 2.52 -22.66 78.52
C ALA T 144 3.41 -22.33 79.70
N GLY T 145 2.81 -21.73 80.72
CA GLY T 145 3.51 -21.47 81.96
C GLY T 145 2.48 -21.36 83.07
N GLY T 146 2.91 -21.66 84.29
CA GLY T 146 2.00 -21.70 85.42
C GLY T 146 0.87 -22.65 85.13
N ASN T 147 -0.36 -22.15 85.27
CA ASN T 147 -1.55 -22.92 84.91
C ASN T 147 -2.13 -22.61 83.55
N ARG T 148 -1.50 -21.69 82.80
CA ARG T 148 -2.14 -21.19 81.59
C ARG T 148 -1.33 -21.42 80.31
N LYS T 149 -2.05 -21.63 79.21
CA LYS T 149 -1.46 -21.70 77.89
C LYS T 149 -1.95 -20.52 77.08
N ARG T 150 -1.17 -20.10 76.10
CA ARG T 150 -1.64 -19.13 75.13
C ARG T 150 -0.90 -19.30 73.82
N TRP T 151 -1.51 -18.81 72.75
CA TRP T 151 -0.84 -18.78 71.46
C TRP T 151 -0.06 -17.49 71.36
N ILE T 152 1.19 -17.57 70.92
CA ILE T 152 1.94 -16.37 70.58
C ILE T 152 2.51 -16.51 69.21
N ILE T 153 2.88 -15.40 68.60
CA ILE T 153 3.45 -15.47 67.27
C ILE T 153 4.88 -15.95 67.34
N ALA T 154 5.17 -17.05 66.65
CA ALA T 154 6.45 -17.72 66.77
C ALA T 154 7.58 -17.01 66.02
N THR T 155 8.72 -16.87 66.68
CA THR T 155 9.93 -16.38 66.04
C THR T 155 10.56 -17.47 65.18
N GLU T 156 11.41 -17.06 64.25
CA GLU T 156 11.90 -17.92 63.16
C GLU T 156 12.39 -19.32 63.56
N ASN T 157 13.27 -19.42 64.54
CA ASN T 157 13.82 -20.73 64.92
C ASN T 157 13.16 -21.40 66.12
N MET T 158 12.11 -20.79 66.65
CA MET T 158 11.39 -21.37 67.78
C MET T 158 10.92 -22.77 67.46
N LYS T 159 11.30 -23.72 68.31
CA LYS T 159 10.95 -25.12 68.08
C LYS T 159 10.29 -25.67 69.33
N ALA T 160 9.65 -26.82 69.19
CA ALA T 160 8.95 -27.43 70.31
C ALA T 160 9.93 -27.81 71.41
N GLY T 161 9.41 -27.92 72.63
CA GLY T 161 10.25 -28.23 73.77
C GLY T 161 11.28 -27.15 73.97
N ASP T 162 10.82 -25.91 74.14
CA ASP T 162 11.76 -24.80 74.22
C ASP T 162 11.48 -23.91 75.42
N THR T 163 12.36 -22.96 75.69
CA THR T 163 12.12 -22.04 76.80
C THR T 163 12.22 -20.59 76.35
N VAL T 164 11.27 -19.80 76.82
CA VAL T 164 11.12 -18.41 76.40
C VAL T 164 10.89 -17.50 77.60
N LEU T 165 11.63 -16.41 77.67
CA LEU T 165 11.52 -15.50 78.81
C LEU T 165 10.67 -14.27 78.51
N ASN T 166 9.77 -13.92 79.43
CA ASN T 166 9.00 -12.67 79.34
C ASN T 166 9.32 -11.75 80.50
N SER T 167 9.83 -10.56 80.18
CA SER T 167 10.31 -9.65 81.22
C SER T 167 10.00 -8.19 80.96
N ASP T 168 9.58 -7.47 81.99
CA ASP T 168 9.37 -6.03 81.90
C ASP T 168 10.53 -5.22 82.47
N HIS T 169 11.52 -5.92 83.00
CA HIS T 169 12.57 -5.28 83.79
C HIS T 169 13.65 -4.64 82.94
N ILE T 170 13.93 -3.36 83.18
CA ILE T 170 15.09 -2.73 82.57
C ILE T 170 16.26 -2.76 83.54
N GLY T 171 17.41 -2.31 83.09
CA GLY T 171 18.62 -2.36 83.89
C GLY T 171 19.73 -1.72 83.11
N ARG T 172 20.79 -1.32 83.80
CA ARG T 172 21.83 -0.52 83.18
C ARG T 172 22.64 -1.31 82.16
N MET T 173 22.66 -2.62 82.30
CA MET T 173 23.58 -3.49 81.55
C MET T 173 23.01 -4.09 80.25
N ALA T 174 21.80 -3.69 79.88
CA ALA T 174 21.04 -4.32 78.80
C ALA T 174 20.89 -5.82 79.01
N VAL T 175 20.90 -6.60 77.92
CA VAL T 175 20.65 -8.03 77.98
C VAL T 175 21.28 -8.75 76.77
N ALA T 176 21.74 -9.98 76.96
CA ALA T 176 22.06 -10.83 75.82
C ALA T 176 20.76 -11.41 75.27
N ALA T 177 20.46 -11.10 74.02
CA ALA T 177 19.13 -11.37 73.48
C ALA T 177 19.03 -12.75 72.82
N ARG T 178 18.12 -13.57 73.33
CA ARG T 178 17.76 -14.81 72.65
C ARG T 178 16.63 -14.49 71.68
N GLU T 179 16.01 -15.52 71.11
CA GLU T 179 14.96 -15.28 70.13
C GLU T 179 13.60 -14.99 70.77
N GLY T 180 12.98 -15.98 71.36
CA GLY T 180 11.64 -15.79 71.88
C GLY T 180 11.49 -14.74 72.98
N ASP T 181 12.60 -14.27 73.52
CA ASP T 181 12.58 -13.33 74.63
C ASP T 181 11.82 -12.06 74.30
N ALA T 182 11.01 -11.62 75.25
CA ALA T 182 10.35 -10.34 75.16
C ALA T 182 10.90 -9.40 76.22
N HIS T 183 11.35 -8.23 75.81
CA HIS T 183 11.87 -7.27 76.76
C HIS T 183 11.33 -5.89 76.48
N PRO T 184 11.44 -4.98 77.45
CA PRO T 184 11.17 -3.60 77.08
C PRO T 184 12.28 -3.12 76.15
N LEU T 185 11.96 -2.24 75.21
CA LEU T 185 12.92 -1.79 74.23
C LEU T 185 14.17 -1.22 74.87
N GLY T 186 13.99 -0.52 75.98
CA GLY T 186 15.12 0.10 76.67
C GLY T 186 16.17 -0.90 77.09
N ALA T 187 15.76 -2.16 77.24
CA ALA T 187 16.64 -3.17 77.79
C ALA T 187 17.48 -3.87 76.74
N LEU T 188 17.18 -3.62 75.47
CA LEU T 188 17.89 -4.29 74.39
C LEU T 188 19.12 -3.53 73.91
N PRO T 189 20.06 -4.23 73.29
CA PRO T 189 21.18 -3.60 72.58
C PRO T 189 20.65 -2.71 71.47
N VAL T 190 21.49 -1.83 70.94
CA VAL T 190 20.99 -0.81 70.03
C VAL T 190 20.91 -1.27 68.57
N GLY T 191 21.42 -2.46 68.26
CA GLY T 191 21.34 -2.96 66.89
C GLY T 191 20.40 -4.12 66.68
N THR T 192 19.62 -4.45 67.72
CA THR T 192 18.86 -5.69 67.77
C THR T 192 17.74 -5.76 66.74
N LEU T 193 17.31 -6.98 66.42
CA LEU T 193 16.17 -7.22 65.55
C LEU T 193 14.93 -7.52 66.37
N ILE T 194 13.84 -6.80 66.12
CA ILE T 194 12.64 -6.98 66.93
C ILE T 194 11.39 -7.21 66.11
N ASN T 195 10.41 -7.88 66.73
CA ASN T 195 9.09 -8.00 66.15
C ASN T 195 8.01 -7.90 67.21
N ASN T 196 6.76 -7.79 66.75
CA ASN T 196 5.62 -7.63 67.64
C ASN T 196 5.80 -6.42 68.54
N VAL T 197 5.83 -5.25 67.93
CA VAL T 197 6.14 -4.03 68.64
C VAL T 197 4.90 -3.27 69.12
N GLU T 198 4.88 -2.98 70.41
CA GLU T 198 3.86 -2.15 71.03
C GLU T 198 3.95 -0.73 70.51
N SER T 199 2.89 0.05 70.66
CA SER T 199 2.98 1.48 70.40
C SER T 199 3.10 2.23 71.72
N GLU T 200 2.01 2.32 72.47
CA GLU T 200 2.06 2.81 73.84
C GLU T 200 2.22 1.64 74.79
N PRO T 201 2.87 1.86 75.95
CA PRO T 201 3.12 0.73 76.85
C PRO T 201 1.85 0.14 77.43
N GLY T 202 1.72 -1.18 77.36
CA GLY T 202 0.56 -1.87 77.89
C GLY T 202 -0.53 -2.10 76.86
N ARG T 203 -0.30 -1.61 75.66
CA ARG T 203 -1.32 -1.64 74.62
C ARG T 203 -1.45 -2.99 73.93
N GLY T 204 -0.33 -3.66 73.73
CA GLY T 204 -0.32 -4.91 72.98
C GLY T 204 0.28 -4.70 71.61
N ALA T 205 0.85 -5.76 71.05
CA ALA T 205 1.60 -5.66 69.81
C ALA T 205 0.70 -5.43 68.61
N GLN T 206 1.14 -4.55 67.72
CA GLN T 206 0.43 -4.25 66.50
C GLN T 206 1.37 -4.39 65.33
N TYR T 207 2.46 -3.64 65.39
CA TYR T 207 3.44 -3.55 64.31
C TYR T 207 4.41 -4.72 64.24
N ILE T 208 4.77 -5.07 63.01
CA ILE T 208 5.72 -6.14 62.70
C ILE T 208 5.26 -7.52 63.16
N ARG T 209 4.02 -7.92 62.85
CA ARG T 209 3.67 -9.31 63.07
C ARG T 209 3.66 -10.23 61.85
N ALA T 210 3.86 -9.70 60.66
CA ALA T 210 3.71 -10.55 59.47
C ALA T 210 4.84 -11.55 59.37
N ALA T 211 4.63 -12.60 58.59
CA ALA T 211 5.65 -13.66 58.45
C ALA T 211 7.00 -13.14 57.97
N GLY T 212 8.05 -13.51 58.68
CA GLY T 212 9.41 -13.26 58.23
C GLY T 212 9.83 -11.81 58.27
N THR T 213 9.06 -10.98 58.94
CA THR T 213 9.36 -9.57 59.01
C THR T 213 10.17 -9.29 60.25
N CYS T 214 11.04 -8.30 60.16
CA CYS T 214 11.73 -7.84 61.35
C CYS T 214 11.97 -6.35 61.25
N GLY T 215 11.83 -5.67 62.39
CA GLY T 215 12.24 -4.28 62.47
C GLY T 215 13.59 -4.28 63.14
N VAL T 216 14.15 -3.09 63.31
CA VAL T 216 15.42 -2.99 64.00
C VAL T 216 15.40 -1.78 64.91
N LEU T 217 15.91 -1.97 66.13
CA LEU T 217 16.08 -0.87 67.05
C LEU T 217 17.21 0.01 66.56
N LEU T 218 16.95 1.30 66.42
CA LEU T 218 17.93 2.24 65.87
C LEU T 218 18.70 2.93 66.98
N ARG T 219 18.01 3.69 67.82
CA ARG T 219 18.72 4.27 68.96
C ARG T 219 17.85 4.55 70.17
N LYS T 220 18.49 4.98 71.26
CA LYS T 220 17.79 5.26 72.51
C LYS T 220 18.16 6.63 73.03
N VAL T 221 17.17 7.51 73.08
CA VAL T 221 17.41 8.90 73.46
C VAL T 221 16.33 9.37 74.42
N ASN T 222 16.74 9.94 75.55
CA ASN T 222 15.80 10.64 76.41
C ASN T 222 14.67 9.74 76.91
N GLY T 223 15.02 8.56 77.42
CA GLY T 223 14.04 7.62 77.93
C GLY T 223 13.05 7.21 76.87
N THR T 224 13.55 7.03 75.65
CA THR T 224 12.69 6.76 74.51
C THR T 224 13.46 5.94 73.46
N ALA T 225 12.76 5.04 72.78
CA ALA T 225 13.36 4.21 71.75
C ALA T 225 12.91 4.63 70.36
N ILE T 226 13.85 4.67 69.42
CA ILE T 226 13.51 4.88 68.01
C ILE T 226 13.88 3.65 67.18
N ILE T 227 12.86 3.10 66.53
CA ILE T 227 12.95 1.82 65.81
C ILE T 227 12.62 1.99 64.32
N GLN T 228 13.01 1.02 63.51
CA GLN T 228 12.77 1.10 62.08
C GLN T 228 11.80 0.02 61.59
N LEU T 229 10.60 0.44 61.20
CA LEU T 229 9.57 -0.46 60.71
C LEU T 229 9.97 -1.14 59.41
N PRO T 230 9.33 -2.27 59.07
CA PRO T 230 9.69 -3.03 57.87
C PRO T 230 9.51 -2.24 56.57
N SER T 231 8.75 -1.16 56.63
CA SER T 231 8.56 -0.30 55.48
C SER T 231 9.69 0.72 55.38
N LYS T 232 10.66 0.57 56.28
CA LYS T 232 11.82 1.46 56.38
C LYS T 232 11.43 2.86 56.83
N ARG T 233 10.31 2.95 57.55
CA ARG T 233 9.95 4.20 58.19
C ARG T 233 10.33 4.13 59.66
N GLN T 234 10.72 5.26 60.25
CA GLN T 234 11.13 5.28 61.65
C GLN T 234 9.99 5.64 62.60
N MET T 235 10.02 5.02 63.77
CA MET T 235 8.93 5.12 64.74
C MET T 235 9.49 5.31 66.14
N GLN T 236 9.00 6.34 66.83
CA GLN T 236 9.50 6.70 68.16
C GLN T 236 8.48 6.36 69.25
N VAL T 237 8.96 5.69 70.30
CA VAL T 237 8.13 5.04 71.30
C VAL T 237 8.77 5.22 72.68
N LEU T 238 8.01 5.13 73.77
CA LEU T 238 8.64 5.07 75.10
C LEU T 238 9.48 3.80 75.19
N GLU T 239 10.55 3.82 75.97
CA GLU T 239 11.45 2.66 76.01
C GLU T 239 10.89 1.60 76.96
N THR T 240 9.74 1.90 77.55
CA THR T 240 9.07 0.97 78.45
C THR T 240 8.17 -0.02 77.72
N CYS T 241 8.16 0.05 76.40
CA CYS T 241 7.31 -0.81 75.59
C CYS T 241 7.97 -2.14 75.23
N ILE T 242 7.18 -3.21 75.27
CA ILE T 242 7.72 -4.54 75.05
C ILE T 242 7.86 -4.87 73.59
N ALA T 243 8.87 -5.66 73.27
CA ALA T 243 9.02 -6.22 71.94
C ALA T 243 9.70 -7.57 72.06
N THR T 244 9.48 -8.40 71.05
CA THR T 244 10.05 -9.73 71.02
C THR T 244 11.29 -9.69 70.15
N VAL T 245 12.28 -10.51 70.45
CA VAL T 245 13.55 -10.39 69.76
C VAL T 245 13.78 -11.39 68.64
N GLY T 246 13.70 -10.94 67.40
CA GLY T 246 14.04 -11.83 66.29
C GLY T 246 13.19 -11.58 65.08
N ARG T 247 13.34 -12.43 64.07
CA ARG T 247 12.51 -12.35 62.87
C ARG T 247 11.34 -13.30 63.04
N VAL T 248 10.19 -12.90 62.52
CA VAL T 248 8.99 -13.72 62.64
C VAL T 248 9.12 -14.99 61.81
N SER T 249 8.27 -15.96 62.08
CA SER T 249 8.36 -17.30 61.51
C SER T 249 8.21 -17.32 60.02
N ASN T 250 8.63 -18.44 59.42
CA ASN T 250 8.23 -18.75 58.07
C ASN T 250 8.74 -17.70 57.10
N VAL T 251 10.05 -17.65 56.94
CA VAL T 251 10.70 -16.57 56.21
C VAL T 251 10.56 -16.70 54.70
N ASP T 252 10.25 -17.91 54.25
CA ASP T 252 10.15 -18.19 52.83
C ASP T 252 8.76 -17.95 52.26
N HIS T 253 7.85 -17.42 53.07
CA HIS T 253 6.48 -17.15 52.66
C HIS T 253 6.44 -16.21 51.46
N ASN T 254 7.51 -15.44 51.32
CA ASN T 254 7.69 -14.54 50.20
C ASN T 254 7.81 -15.28 48.87
N LYS T 255 8.53 -16.39 48.90
CA LYS T 255 8.90 -17.11 47.69
C LYS T 255 7.91 -18.19 47.31
N ARG T 256 6.81 -18.30 48.05
CA ARG T 256 5.78 -19.28 47.72
C ARG T 256 5.17 -18.95 46.37
N VAL T 257 4.92 -19.98 45.57
CA VAL T 257 4.36 -19.78 44.25
C VAL T 257 2.97 -20.38 44.17
N ILE T 258 1.97 -19.53 44.04
CA ILE T 258 0.62 -19.99 43.81
C ILE T 258 0.58 -20.57 42.41
N GLY T 259 0.16 -21.81 42.25
CA GLY T 259 0.39 -22.46 40.96
C GLY T 259 -0.65 -22.19 39.89
N LYS T 260 -1.88 -21.95 40.33
CA LYS T 260 -3.02 -21.95 39.44
C LYS T 260 -4.07 -21.05 40.03
N ALA T 261 -4.96 -20.51 39.20
CA ALA T 261 -5.99 -19.61 39.70
C ALA T 261 -6.77 -20.23 40.87
N GLY T 262 -6.96 -21.54 40.78
CA GLY T 262 -7.67 -22.28 41.79
C GLY T 262 -7.16 -22.03 43.18
N ARG T 263 -5.84 -22.00 43.33
CA ARG T 263 -5.26 -21.87 44.66
C ARG T 263 -5.66 -20.53 45.24
N ASN T 264 -5.58 -19.51 44.40
CA ASN T 264 -6.06 -18.20 44.79
C ASN T 264 -7.49 -18.25 45.28
N ARG T 265 -8.33 -19.05 44.62
CA ARG T 265 -9.69 -19.17 45.15
C ARG T 265 -9.71 -19.86 46.50
N TRP T 266 -8.82 -20.83 46.71
CA TRP T 266 -8.77 -21.52 47.99
C TRP T 266 -8.46 -20.55 49.09
N LEU T 267 -7.69 -19.51 48.76
CA LEU T 267 -7.32 -18.51 49.75
C LEU T 267 -8.39 -17.45 49.95
N GLY T 268 -9.53 -17.61 49.28
CA GLY T 268 -10.65 -16.74 49.50
C GLY T 268 -10.57 -15.43 48.74
N LYS T 269 -9.85 -15.46 47.63
CA LYS T 269 -9.72 -14.28 46.76
C LYS T 269 -10.49 -14.48 45.47
N ARG T 270 -11.46 -13.61 45.21
CA ARG T 270 -12.20 -13.69 43.96
C ARG T 270 -11.46 -12.89 42.90
N PRO T 271 -11.61 -13.28 41.63
CA PRO T 271 -10.81 -12.71 40.54
C PRO T 271 -11.00 -11.21 40.37
N ASN T 272 -10.09 -10.54 39.68
CA ASN T 272 -10.21 -9.10 39.51
C ASN T 272 -11.39 -8.83 38.59
N SER T 273 -11.78 -7.58 38.39
CA SER T 273 -12.91 -7.33 37.51
C SER T 273 -12.45 -7.44 36.08
N GLY T 274 -13.38 -7.39 35.15
CA GLY T 274 -13.00 -7.53 33.76
C GLY T 274 -12.96 -6.21 33.04
N LEU T 275 -13.57 -5.21 33.65
CA LEU T 275 -13.62 -3.88 33.08
C LEU T 275 -12.23 -3.36 32.80
N TRP T 276 -12.07 -2.67 31.68
CA TRP T 276 -10.80 -2.08 31.35
C TRP T 276 -10.78 -0.62 31.75
N GLN T 277 -9.84 -0.24 32.59
CA GLN T 277 -9.72 1.15 32.99
C GLN T 277 -8.43 1.74 32.48
N ARG T 278 -8.52 2.84 31.76
CA ARG T 278 -7.33 3.54 31.33
C ARG T 278 -6.58 4.05 32.54
N LYS T 279 -5.26 3.87 32.56
CA LYS T 279 -4.45 4.34 33.69
C LYS T 279 -4.47 5.85 33.79
N GLY T 280 -4.55 6.37 35.01
CA GLY T 280 -4.65 7.80 35.22
C GLY T 280 -3.34 8.44 35.64
N GLY T 281 -3.43 9.66 36.16
CA GLY T 281 -2.25 10.40 36.56
C GLY T 281 -1.53 9.74 37.71
N TRP T 282 -2.29 9.13 38.61
CA TRP T 282 -1.76 8.48 39.80
C TRP T 282 -0.64 7.49 39.47
N ALA T 283 -0.75 6.83 38.32
CA ALA T 283 0.23 5.80 37.94
C ALA T 283 1.49 6.42 37.41
N GLY T 284 2.58 5.69 37.57
CA GLY T 284 3.88 6.11 37.11
C GLY T 284 4.79 5.60 38.18
N ARG T 285 6.07 5.96 38.14
CA ARG T 285 6.93 5.66 39.26
C ARG T 285 7.17 6.94 40.03
N LYS T 286 6.56 7.04 41.21
CA LYS T 286 6.72 8.22 42.04
C LYS T 286 7.88 8.01 42.99
N ILE T 287 8.84 8.93 43.01
CA ILE T 287 9.91 8.83 44.00
C ILE T 287 9.75 9.92 45.05
N ARG T 288 9.27 9.50 46.21
CA ARG T 288 8.95 10.39 47.31
C ARG T 288 9.96 10.32 48.45
N PRO T 289 10.41 11.48 48.93
CA PRO T 289 11.28 11.48 50.11
C PRO T 289 10.61 10.75 51.25
N LEU T 290 11.33 9.82 51.88
CA LEU T 290 10.78 9.02 52.97
C LEU T 290 10.14 9.89 54.05
N PRO T 291 8.91 9.55 54.47
CA PRO T 291 8.10 10.39 55.35
C PRO T 291 8.78 10.70 56.69
N PRO T 292 8.38 11.80 57.34
CA PRO T 292 8.92 12.14 58.65
C PRO T 292 8.60 11.05 59.67
N MET T 293 9.33 11.05 60.78
CA MET T 293 9.23 9.98 61.77
C MET T 293 8.00 10.07 62.67
N LYS T 294 7.26 8.97 62.77
CA LYS T 294 6.08 8.90 63.64
C LYS T 294 6.50 8.82 65.09
N SER T 295 5.84 9.60 65.94
CA SER T 295 6.14 9.61 67.35
C SER T 295 4.88 9.47 68.18
N TYR T 296 4.81 8.41 68.98
CA TYR T 296 3.68 8.20 69.86
C TYR T 296 3.99 8.75 71.24
N VAL T 297 5.16 9.36 71.38
CA VAL T 297 5.51 10.03 72.63
C VAL T 297 4.74 11.32 72.77
N LYS T 298 3.96 11.43 73.82
CA LYS T 298 3.14 12.61 74.03
C LYS T 298 3.90 13.60 74.90
N LEU T 299 4.26 14.73 74.29
CA LEU T 299 4.97 15.79 75.00
C LEU T 299 4.03 16.55 75.93
N PRO T 300 4.53 16.95 77.11
CA PRO T 300 3.72 17.67 78.11
C PRO T 300 3.24 19.04 77.62
N HIS U 42 -90.78 -45.23 -7.55
CA HIS U 42 -90.15 -46.55 -7.57
C HIS U 42 -88.65 -46.45 -7.29
N GLY U 43 -88.19 -47.26 -6.33
CA GLY U 43 -86.84 -47.20 -5.82
C GLY U 43 -85.89 -48.26 -6.34
N LYS U 44 -86.12 -48.75 -7.56
CA LYS U 44 -85.68 -50.10 -7.97
C LYS U 44 -84.26 -50.44 -7.59
N SER U 45 -84.14 -51.59 -6.93
CA SER U 45 -82.91 -52.01 -6.30
C SER U 45 -81.89 -52.47 -7.33
N VAL U 46 -80.64 -52.51 -6.92
CA VAL U 46 -79.57 -52.95 -7.78
C VAL U 46 -79.62 -54.47 -7.91
N THR U 47 -79.05 -54.99 -8.99
CA THR U 47 -79.10 -56.42 -9.27
C THR U 47 -77.90 -56.83 -10.09
N TRP U 48 -77.41 -58.05 -9.89
CA TRP U 48 -76.41 -58.60 -10.78
C TRP U 48 -76.88 -59.95 -11.31
N TRP U 49 -76.13 -60.52 -12.23
CA TRP U 49 -76.60 -61.67 -12.99
C TRP U 49 -76.79 -62.89 -12.12
N ASP U 50 -76.01 -62.94 -11.06
CA ASP U 50 -75.94 -64.11 -10.22
C ASP U 50 -77.05 -64.18 -9.20
N GLU U 51 -77.64 -63.03 -8.92
CA GLU U 51 -78.31 -62.83 -7.65
C GLU U 51 -79.41 -63.83 -7.34
N HIS U 52 -80.34 -64.02 -8.26
CA HIS U 52 -81.52 -64.81 -7.94
C HIS U 52 -81.39 -66.27 -8.32
N LEU U 53 -80.25 -66.64 -8.87
CA LEU U 53 -80.06 -68.02 -9.28
C LEU U 53 -79.87 -68.91 -8.06
N SER U 54 -80.31 -70.17 -8.15
CA SER U 54 -80.07 -71.12 -7.08
C SER U 54 -78.72 -71.78 -7.29
N GLU U 55 -78.32 -72.64 -6.35
CA GLU U 55 -77.01 -73.28 -6.43
C GLU U 55 -77.03 -74.29 -7.55
N GLU U 56 -78.22 -74.79 -7.83
CA GLU U 56 -78.40 -75.73 -8.92
C GLU U 56 -78.17 -75.05 -10.26
N ASN U 57 -78.73 -73.86 -10.43
CA ASN U 57 -78.77 -73.21 -11.74
C ASN U 57 -77.52 -72.47 -12.18
N VAL U 58 -76.67 -72.08 -11.25
CA VAL U 58 -75.46 -71.36 -11.60
C VAL U 58 -74.53 -72.19 -12.51
N PRO U 59 -74.22 -73.44 -12.12
CA PRO U 59 -73.42 -74.25 -13.04
C PRO U 59 -74.08 -74.38 -14.40
N PHE U 60 -75.41 -74.50 -14.38
CA PHE U 60 -76.16 -74.63 -15.62
C PHE U 60 -75.97 -73.43 -16.52
N VAL U 61 -76.26 -72.24 -15.99
CA VAL U 61 -76.13 -71.00 -16.75
C VAL U 61 -74.74 -70.85 -17.33
N LYS U 62 -73.74 -71.10 -16.49
CA LYS U 62 -72.36 -71.04 -16.95
C LYS U 62 -72.12 -71.97 -18.14
N GLN U 63 -72.56 -73.22 -18.01
CA GLN U 63 -72.47 -74.18 -19.12
C GLN U 63 -73.12 -73.66 -20.37
N LEU U 64 -74.30 -73.09 -20.21
CA LEU U 64 -75.09 -72.56 -21.30
C LEU U 64 -74.29 -71.54 -22.10
N VAL U 65 -73.84 -70.52 -21.40
CA VAL U 65 -73.09 -69.44 -22.02
C VAL U 65 -71.83 -69.95 -22.69
N SER U 66 -71.02 -70.72 -21.95
CA SER U 66 -69.73 -71.16 -22.49
C SER U 66 -69.90 -72.06 -23.71
N ASP U 67 -70.88 -72.96 -23.66
CA ASP U 67 -71.14 -73.84 -24.79
C ASP U 67 -71.54 -73.04 -26.01
N GLU U 68 -72.43 -72.06 -25.81
CA GLU U 68 -72.80 -71.24 -26.96
C GLU U 68 -71.61 -70.43 -27.48
N ASN U 69 -70.67 -70.08 -26.60
CA ASN U 69 -69.46 -69.40 -27.03
C ASN U 69 -68.65 -70.30 -27.94
N LYS U 70 -68.43 -71.54 -27.51
CA LYS U 70 -67.71 -72.50 -28.34
C LYS U 70 -68.37 -72.65 -29.70
N ALA U 71 -69.69 -72.82 -29.71
CA ALA U 71 -70.44 -72.95 -30.96
C ALA U 71 -70.20 -71.76 -31.87
N GLN U 72 -70.45 -70.56 -31.35
CA GLN U 72 -70.33 -69.35 -32.15
C GLN U 72 -68.92 -69.13 -32.69
N LEU U 73 -67.90 -69.39 -31.87
CA LEU U 73 -66.52 -69.18 -32.32
C LEU U 73 -66.13 -70.20 -33.38
N ALA U 74 -66.60 -71.44 -33.23
CA ALA U 74 -66.28 -72.46 -34.22
C ALA U 74 -67.09 -72.30 -35.49
N SER U 75 -68.16 -71.51 -35.43
CA SER U 75 -69.01 -71.33 -36.60
C SER U 75 -68.39 -70.37 -37.61
N LYS U 76 -67.77 -69.32 -37.11
CA LYS U 76 -67.20 -68.30 -37.98
C LYS U 76 -65.78 -68.67 -38.35
N LEU U 77 -65.39 -69.86 -37.91
CA LEU U 77 -64.05 -70.41 -38.15
C LEU U 77 -63.75 -70.65 -39.64
N CYS U 78 -64.79 -70.60 -40.47
CA CYS U 78 -64.62 -70.88 -41.89
C CYS U 78 -65.15 -69.73 -42.77
N PRO U 79 -64.37 -68.65 -42.89
CA PRO U 79 -64.75 -67.41 -43.57
C PRO U 79 -64.93 -67.51 -45.07
N LEU U 80 -64.04 -68.23 -45.73
CA LEU U 80 -63.92 -68.16 -47.17
C LEU U 80 -65.03 -68.93 -47.87
N LYS U 81 -65.66 -69.85 -47.14
CA LYS U 81 -66.76 -70.64 -47.70
C LYS U 81 -68.12 -70.04 -47.40
N ASP U 82 -68.16 -68.90 -46.73
CA ASP U 82 -69.46 -68.39 -46.34
C ASP U 82 -70.03 -67.40 -47.36
N GLU U 83 -69.66 -66.13 -47.24
CA GLU U 83 -69.94 -65.14 -48.26
C GLU U 83 -68.86 -64.08 -48.27
N PRO U 84 -67.63 -64.47 -48.61
CA PRO U 84 -66.55 -63.49 -48.53
C PRO U 84 -66.79 -62.31 -49.45
N TRP U 85 -66.44 -61.11 -48.98
CA TRP U 85 -66.49 -59.94 -49.84
C TRP U 85 -65.40 -60.07 -50.90
N PRO U 86 -65.61 -59.43 -52.06
CA PRO U 86 -64.65 -59.57 -53.16
C PRO U 86 -63.23 -59.23 -52.75
N ILE U 87 -62.30 -60.10 -53.09
CA ILE U 87 -60.89 -59.88 -52.84
C ILE U 87 -60.26 -59.10 -54.01
N HIS U 88 -59.48 -58.08 -53.69
CA HIS U 88 -58.88 -57.23 -54.70
C HIS U 88 -57.38 -57.45 -54.70
N PRO U 89 -56.73 -57.18 -55.84
CA PRO U 89 -55.27 -57.29 -55.83
C PRO U 89 -54.64 -56.12 -55.09
N TRP U 90 -53.33 -56.14 -54.94
CA TRP U 90 -52.64 -55.10 -54.19
C TRP U 90 -52.28 -53.89 -55.03
N GLU U 91 -52.82 -52.74 -54.65
CA GLU U 91 -52.43 -51.48 -55.26
C GLU U 91 -51.30 -50.85 -54.45
N PRO U 92 -50.51 -49.96 -55.07
CA PRO U 92 -49.31 -49.42 -54.41
C PRO U 92 -49.56 -48.66 -53.10
N GLY U 93 -50.55 -47.81 -53.03
CA GLY U 93 -50.75 -46.97 -51.86
C GLY U 93 -51.65 -47.56 -50.79
N SER U 94 -51.80 -48.88 -50.82
CA SER U 94 -52.78 -49.58 -49.99
C SER U 94 -52.35 -49.85 -48.53
N SER U 95 -53.33 -50.03 -47.65
CA SER U 95 -53.05 -50.34 -46.24
C SER U 95 -53.98 -51.40 -45.62
N ARG U 96 -53.36 -52.40 -45.01
CA ARG U 96 -54.02 -53.56 -44.41
C ARG U 96 -54.72 -53.31 -43.08
N VAL U 97 -55.59 -54.24 -42.68
CA VAL U 97 -56.10 -54.25 -41.31
C VAL U 97 -55.04 -54.59 -40.29
N GLY U 98 -55.32 -54.26 -39.04
CA GLY U 98 -54.43 -54.65 -37.95
C GLY U 98 -55.03 -55.73 -37.06
N LEU U 99 -54.38 -55.96 -35.92
CA LEU U 99 -54.80 -56.98 -34.97
C LEU U 99 -54.91 -56.43 -33.57
N ILE U 100 -55.50 -57.23 -32.70
CA ILE U 100 -55.45 -56.94 -31.29
C ILE U 100 -54.88 -58.13 -30.56
N ALA U 101 -53.74 -57.95 -29.92
CA ALA U 101 -53.07 -59.05 -29.28
C ALA U 101 -52.94 -58.84 -27.79
N LEU U 102 -52.25 -59.75 -27.15
CA LEU U 102 -52.13 -59.78 -25.71
C LEU U 102 -50.65 -59.88 -25.42
N LYS U 103 -50.12 -58.94 -24.64
CA LYS U 103 -48.70 -58.96 -24.35
C LYS U 103 -48.41 -60.07 -23.37
N LEU U 104 -47.56 -61.01 -23.76
CA LEU U 104 -47.27 -62.17 -22.93
C LEU U 104 -46.14 -61.89 -21.98
N GLY U 105 -44.96 -61.63 -22.53
CA GLY U 105 -43.78 -61.40 -21.73
C GLY U 105 -42.65 -61.11 -22.67
N MET U 106 -41.41 -61.25 -22.20
CA MET U 106 -40.27 -61.01 -23.06
C MET U 106 -39.29 -62.16 -23.04
N MET U 107 -38.54 -62.27 -24.11
CA MET U 107 -37.67 -63.40 -24.34
C MET U 107 -36.45 -62.95 -25.09
N PRO U 108 -35.30 -63.55 -24.80
CA PRO U 108 -34.13 -63.27 -25.64
C PRO U 108 -34.19 -64.06 -26.94
N LEU U 109 -33.50 -63.58 -27.96
CA LEU U 109 -33.40 -64.27 -29.23
C LEU U 109 -32.11 -63.85 -29.91
N TRP U 110 -31.48 -64.76 -30.65
CA TRP U 110 -30.18 -64.41 -31.22
C TRP U 110 -30.14 -64.41 -32.73
N THR U 111 -29.23 -63.63 -33.28
CA THR U 111 -29.09 -63.49 -34.71
C THR U 111 -27.76 -64.08 -35.18
N LYS U 112 -27.72 -64.56 -36.42
CA LYS U 112 -26.58 -65.33 -36.93
C LYS U 112 -25.24 -64.59 -36.87
N ASP U 113 -25.31 -63.27 -36.69
CA ASP U 113 -24.10 -62.46 -36.54
C ASP U 113 -23.57 -62.51 -35.12
N GLY U 114 -24.34 -63.14 -34.23
CA GLY U 114 -23.91 -63.31 -32.85
C GLY U 114 -24.59 -62.37 -31.88
N GLN U 115 -25.24 -61.33 -32.38
CA GLN U 115 -25.87 -60.34 -31.51
C GLN U 115 -27.10 -60.88 -30.81
N LYS U 116 -27.39 -60.29 -29.66
CA LYS U 116 -28.52 -60.69 -28.85
C LYS U 116 -29.60 -59.62 -28.90
N HIS U 117 -30.83 -60.05 -29.15
CA HIS U 117 -31.97 -59.14 -29.14
C HIS U 117 -32.96 -59.60 -28.12
N VAL U 118 -33.82 -58.71 -27.69
CA VAL U 118 -34.87 -59.11 -26.78
C VAL U 118 -36.20 -58.84 -27.47
N VAL U 119 -37.13 -59.77 -27.33
CA VAL U 119 -38.36 -59.69 -28.07
C VAL U 119 -39.58 -59.69 -27.18
N THR U 120 -40.68 -59.18 -27.71
CA THR U 120 -41.91 -59.24 -26.97
C THR U 120 -42.83 -60.25 -27.62
N LEU U 121 -43.41 -61.14 -26.83
CA LEU U 121 -44.36 -62.10 -27.38
C LEU U 121 -45.76 -61.53 -27.35
N LEU U 122 -46.38 -61.40 -28.51
CA LEU U 122 -47.75 -60.94 -28.57
C LEU U 122 -48.65 -62.07 -29.02
N GLN U 123 -49.57 -62.49 -28.18
CA GLN U 123 -50.48 -63.54 -28.59
C GLN U 123 -51.85 -63.03 -29.03
N VAL U 124 -52.23 -63.34 -30.25
CA VAL U 124 -53.59 -63.04 -30.70
C VAL U 124 -54.55 -64.10 -30.16
N GLN U 125 -55.58 -63.66 -29.45
CA GLN U 125 -56.41 -64.64 -28.76
C GLN U 125 -57.69 -64.93 -29.54
N ASP U 126 -58.65 -64.01 -29.52
CA ASP U 126 -59.78 -64.13 -30.42
C ASP U 126 -59.95 -62.82 -31.13
N CYS U 127 -59.65 -62.79 -32.42
CA CYS U 127 -59.66 -61.52 -33.11
C CYS U 127 -60.63 -61.56 -34.26
N HIS U 128 -61.64 -60.70 -34.24
CA HIS U 128 -62.58 -60.66 -35.33
C HIS U 128 -62.84 -59.23 -35.75
N VAL U 129 -63.11 -59.02 -37.02
CA VAL U 129 -63.56 -57.71 -37.45
C VAL U 129 -65.03 -57.60 -37.07
N LEU U 130 -65.43 -56.43 -36.61
CA LEU U 130 -66.73 -56.28 -36.00
C LEU U 130 -67.67 -55.50 -36.87
N LYS U 131 -67.33 -54.26 -37.20
CA LYS U 131 -68.11 -53.58 -38.21
C LYS U 131 -67.27 -52.85 -39.21
N TYR U 132 -67.95 -52.33 -40.23
CA TYR U 132 -67.30 -51.67 -41.35
C TYR U 132 -67.96 -50.34 -41.62
N THR U 133 -67.19 -49.27 -41.47
CA THR U 133 -67.68 -47.95 -41.81
C THR U 133 -67.05 -47.54 -43.14
N PRO U 134 -67.89 -47.20 -44.13
CA PRO U 134 -67.36 -46.89 -45.46
C PRO U 134 -66.56 -45.59 -45.47
N LYS U 135 -65.97 -45.28 -46.62
CA LYS U 135 -65.03 -44.17 -46.73
C LYS U 135 -65.66 -42.82 -46.42
N GLU U 136 -66.85 -42.58 -46.98
CA GLU U 136 -67.50 -41.29 -46.91
C GLU U 136 -68.16 -41.06 -45.56
N ASN U 137 -68.34 -42.14 -44.82
CA ASN U 137 -69.05 -42.09 -43.56
C ASN U 137 -68.11 -41.84 -42.37
N HIS U 138 -66.81 -41.86 -42.61
CA HIS U 138 -65.86 -41.82 -41.50
C HIS U 138 -64.85 -40.67 -41.55
N ASN U 139 -63.80 -40.82 -42.35
CA ASN U 139 -62.80 -39.76 -42.50
C ASN U 139 -62.93 -38.99 -43.82
N GLY U 140 -63.80 -39.47 -44.69
CA GLY U 140 -63.83 -38.99 -46.06
C GLY U 140 -62.62 -39.38 -46.88
N ARG U 141 -61.71 -40.15 -46.26
CA ARG U 141 -60.46 -40.54 -46.91
C ARG U 141 -60.32 -42.06 -46.98
N MET U 142 -60.26 -42.69 -45.81
CA MET U 142 -60.10 -44.13 -45.73
C MET U 142 -61.26 -44.78 -44.98
N ALA U 143 -61.56 -46.02 -45.33
CA ALA U 143 -62.61 -46.78 -44.66
C ALA U 143 -62.14 -47.16 -43.26
N ALA U 144 -63.08 -47.51 -42.39
CA ALA U 144 -62.70 -47.87 -41.03
C ALA U 144 -63.24 -49.24 -40.64
N LEU U 145 -62.32 -50.15 -40.33
CA LEU U 145 -62.70 -51.46 -39.81
C LEU U 145 -62.63 -51.45 -38.31
N THR U 146 -63.55 -52.15 -37.66
CA THR U 146 -63.50 -52.21 -36.22
C THR U 146 -63.16 -53.62 -35.78
N VAL U 147 -62.18 -53.75 -34.90
CA VAL U 147 -61.66 -55.06 -34.57
C VAL U 147 -61.73 -55.34 -33.07
N GLY U 148 -62.18 -56.54 -32.74
CA GLY U 148 -62.31 -56.97 -31.36
C GLY U 148 -61.15 -57.78 -30.81
N GLY U 149 -60.97 -57.69 -29.49
CA GLY U 149 -59.90 -58.36 -28.79
C GLY U 149 -60.42 -59.61 -28.10
N LYS U 150 -59.83 -59.98 -26.97
CA LYS U 150 -60.13 -61.29 -26.40
C LYS U 150 -61.53 -61.35 -25.80
N THR U 151 -62.03 -62.58 -25.70
CA THR U 151 -63.39 -62.86 -25.23
C THR U 151 -63.55 -62.58 -23.76
N VAL U 152 -64.70 -62.03 -23.38
CA VAL U 152 -65.00 -61.77 -21.98
C VAL U 152 -66.37 -62.29 -21.60
N SER U 153 -66.70 -62.13 -20.33
CA SER U 153 -67.99 -62.61 -19.83
C SER U 153 -69.13 -61.80 -20.39
N HIS U 154 -70.25 -62.47 -20.62
CA HIS U 154 -71.44 -61.80 -21.10
C HIS U 154 -72.01 -60.89 -20.05
N PHE U 155 -71.93 -61.35 -18.80
CA PHE U 155 -72.74 -60.81 -17.74
C PHE U 155 -72.38 -59.40 -17.33
N HIS U 156 -71.12 -59.06 -17.48
CA HIS U 156 -70.65 -57.78 -17.00
C HIS U 156 -70.57 -56.69 -18.05
N LYS U 157 -71.11 -56.93 -19.24
CA LYS U 157 -71.23 -55.85 -20.19
C LYS U 157 -72.61 -55.20 -20.15
N SER U 158 -72.83 -54.28 -21.09
CA SER U 158 -74.01 -53.44 -21.12
C SER U 158 -74.99 -53.89 -22.18
N ALA U 159 -76.28 -53.67 -21.93
CA ALA U 159 -77.35 -54.10 -22.83
C ALA U 159 -77.08 -53.75 -24.29
N SER U 160 -76.71 -52.50 -24.53
CA SER U 160 -76.40 -52.02 -25.88
C SER U 160 -75.37 -52.90 -26.55
N ILE U 161 -74.26 -53.09 -25.85
CA ILE U 161 -73.15 -53.85 -26.37
C ILE U 161 -73.54 -55.30 -26.62
N LEU U 162 -74.22 -55.90 -25.65
CA LEU U 162 -74.69 -57.26 -25.80
C LEU U 162 -75.58 -57.43 -27.03
N GLU U 163 -76.43 -56.43 -27.29
CA GLU U 163 -77.22 -56.43 -28.52
C GLU U 163 -76.32 -56.41 -29.74
N PHE U 164 -75.31 -55.54 -29.69
CA PHE U 164 -74.40 -55.42 -30.82
C PHE U 164 -73.79 -56.77 -31.18
N TYR U 165 -73.31 -57.51 -30.19
CA TYR U 165 -72.70 -58.79 -30.49
C TYR U 165 -73.74 -59.85 -30.83
N GLN U 166 -74.94 -59.69 -30.30
CA GLN U 166 -76.04 -60.62 -30.56
C GLN U 166 -76.32 -60.70 -32.05
N GLU U 167 -76.44 -59.54 -32.69
CA GLU U 167 -76.76 -59.44 -34.10
C GLU U 167 -75.56 -59.80 -34.96
N LEU U 168 -74.43 -59.96 -34.31
CA LEU U 168 -73.21 -60.41 -34.96
C LEU U 168 -73.11 -61.93 -34.89
N GLY U 169 -73.13 -62.46 -33.68
CA GLY U 169 -73.04 -63.89 -33.47
C GLY U 169 -71.72 -64.30 -32.87
N LEU U 170 -70.94 -63.31 -32.49
CA LEU U 170 -69.77 -63.50 -31.65
C LEU U 170 -70.07 -63.29 -30.18
N PRO U 171 -69.23 -63.86 -29.29
CA PRO U 171 -69.20 -63.49 -27.88
C PRO U 171 -68.49 -62.14 -27.72
N PRO U 172 -68.82 -61.38 -26.67
CA PRO U 172 -68.29 -60.02 -26.45
C PRO U 172 -66.77 -59.95 -26.39
N LYS U 173 -66.18 -58.92 -26.97
CA LYS U 173 -64.73 -58.73 -26.93
C LYS U 173 -64.37 -57.69 -25.86
N GLN U 174 -63.22 -57.88 -25.24
CA GLN U 174 -62.79 -56.94 -24.21
C GLN U 174 -62.49 -55.59 -24.77
N LYS U 175 -61.59 -55.58 -25.74
CA LYS U 175 -61.11 -54.33 -26.29
C LYS U 175 -61.48 -54.22 -27.76
N VAL U 176 -61.84 -53.01 -28.19
CA VAL U 176 -62.26 -52.78 -29.56
C VAL U 176 -61.55 -51.58 -30.11
N LYS U 177 -60.95 -51.71 -31.28
CA LYS U 177 -60.22 -50.58 -31.82
C LYS U 177 -60.61 -50.34 -33.27
N ILE U 178 -60.21 -49.20 -33.81
CA ILE U 178 -60.57 -48.84 -35.18
C ILE U 178 -59.34 -48.70 -36.06
N PHE U 179 -59.40 -49.30 -37.24
CA PHE U 179 -58.29 -49.28 -38.19
C PHE U 179 -58.67 -48.60 -39.49
N ASN U 180 -57.86 -47.64 -39.90
CA ASN U 180 -58.02 -47.02 -41.18
C ASN U 180 -57.51 -47.93 -42.27
N VAL U 181 -58.30 -48.09 -43.32
CA VAL U 181 -58.07 -49.09 -44.33
C VAL U 181 -58.42 -48.57 -45.72
N THR U 182 -57.54 -48.78 -46.69
CA THR U 182 -57.85 -48.42 -48.07
C THR U 182 -58.91 -49.38 -48.61
N GLU U 183 -59.84 -48.85 -49.41
CA GLU U 183 -61.09 -49.56 -49.64
C GLU U 183 -60.97 -50.87 -50.41
N ASN U 184 -59.77 -51.17 -50.89
CA ASN U 184 -59.52 -52.46 -51.50
C ASN U 184 -59.14 -53.53 -50.48
N ALA U 185 -58.90 -53.11 -49.24
CA ALA U 185 -58.46 -54.03 -48.19
C ALA U 185 -59.58 -54.51 -47.27
N VAL U 186 -60.79 -54.04 -47.51
CA VAL U 186 -61.91 -54.31 -46.61
C VAL U 186 -62.28 -55.78 -46.46
N ILE U 187 -62.58 -56.20 -45.24
CA ILE U 187 -63.06 -57.56 -44.99
C ILE U 187 -64.51 -57.51 -44.54
N LYS U 188 -65.10 -58.68 -44.31
CA LYS U 188 -66.49 -58.79 -43.90
C LYS U 188 -66.56 -58.99 -42.41
N PRO U 189 -67.33 -58.11 -41.72
CA PRO U 189 -67.51 -58.22 -40.27
C PRO U 189 -67.93 -59.63 -39.89
N GLY U 190 -67.32 -60.18 -38.84
CA GLY U 190 -67.53 -61.56 -38.47
C GLY U 190 -66.44 -62.48 -39.01
N THR U 191 -65.28 -61.93 -39.33
CA THR U 191 -64.23 -62.72 -39.93
C THR U 191 -63.08 -62.83 -38.97
N PRO U 192 -62.50 -64.02 -38.84
CA PRO U 192 -61.38 -64.22 -37.92
C PRO U 192 -60.06 -63.72 -38.47
N LEU U 193 -59.19 -63.30 -37.56
CA LEU U 193 -57.87 -62.81 -37.91
C LEU U 193 -56.83 -63.57 -37.10
N TYR U 194 -55.74 -63.96 -37.75
CA TYR U 194 -54.74 -64.80 -37.08
C TYR U 194 -53.37 -64.18 -37.09
N ALA U 195 -52.43 -64.84 -36.42
CA ALA U 195 -51.11 -64.28 -36.26
C ALA U 195 -50.35 -64.29 -37.57
N ALA U 196 -50.68 -65.23 -38.45
CA ALA U 196 -49.96 -65.36 -39.72
C ALA U 196 -50.18 -64.14 -40.60
N HIS U 197 -51.08 -63.27 -40.19
CA HIS U 197 -51.36 -62.04 -40.90
C HIS U 197 -50.12 -61.17 -41.03
N PHE U 198 -49.15 -61.39 -40.17
CA PHE U 198 -47.86 -60.75 -40.30
C PHE U 198 -46.80 -61.78 -40.65
N ARG U 199 -46.02 -61.52 -41.68
CA ARG U 199 -44.89 -62.38 -41.98
C ARG U 199 -43.58 -61.88 -41.40
N PRO U 200 -42.75 -62.79 -40.90
CA PRO U 200 -41.43 -62.49 -40.36
C PRO U 200 -40.56 -61.70 -41.30
N GLY U 201 -40.04 -60.63 -40.74
CA GLY U 201 -39.26 -59.59 -41.38
C GLY U 201 -40.41 -58.75 -41.85
N GLN U 202 -40.43 -57.52 -41.42
CA GLN U 202 -41.58 -56.64 -41.61
C GLN U 202 -41.36 -55.58 -40.58
N TYR U 203 -42.19 -54.56 -40.55
CA TYR U 203 -42.13 -53.67 -39.42
C TYR U 203 -43.53 -53.32 -39.00
N VAL U 204 -43.77 -53.38 -37.70
CA VAL U 204 -45.10 -53.05 -37.24
C VAL U 204 -45.10 -51.90 -36.26
N ASP U 205 -46.30 -51.48 -35.90
CA ASP U 205 -46.52 -50.43 -34.92
C ASP U 205 -47.42 -50.97 -33.84
N VAL U 206 -47.06 -50.70 -32.60
CA VAL U 206 -47.82 -51.27 -31.51
C VAL U 206 -48.32 -50.20 -30.58
N THR U 207 -49.62 -50.19 -30.33
CA THR U 207 -50.22 -49.14 -29.54
C THR U 207 -50.90 -49.68 -28.29
N ALA U 208 -50.63 -49.07 -27.15
CA ALA U 208 -51.34 -49.49 -25.93
C ALA U 208 -51.32 -48.43 -24.85
N LYS U 209 -52.13 -48.64 -23.83
CA LYS U 209 -52.02 -47.87 -22.60
C LYS U 209 -50.76 -48.23 -21.85
N THR U 210 -49.94 -47.22 -21.55
CA THR U 210 -48.70 -47.42 -20.81
C THR U 210 -48.94 -47.76 -19.35
N ILE U 211 -47.91 -48.28 -18.68
CA ILE U 211 -48.07 -48.67 -17.29
C ILE U 211 -48.39 -47.49 -16.39
N GLY U 212 -49.53 -47.56 -15.71
CA GLY U 212 -49.93 -46.45 -14.86
C GLY U 212 -49.14 -46.32 -13.58
N LYS U 213 -48.44 -45.20 -13.47
CA LYS U 213 -47.64 -44.93 -12.29
C LYS U 213 -48.34 -43.97 -11.38
N GLY U 214 -49.52 -43.53 -11.77
CA GLY U 214 -50.39 -42.83 -10.83
C GLY U 214 -49.99 -41.38 -10.68
N PHE U 215 -50.34 -40.74 -9.58
CA PHE U 215 -49.99 -39.34 -9.43
C PHE U 215 -48.52 -39.22 -9.06
N GLN U 216 -47.74 -38.57 -9.90
CA GLN U 216 -46.30 -38.56 -9.67
C GLN U 216 -45.76 -37.18 -9.48
N GLY U 217 -44.61 -37.13 -8.81
CA GLY U 217 -43.95 -35.88 -8.54
C GLY U 217 -43.30 -35.34 -9.78
N VAL U 218 -42.56 -34.25 -9.62
CA VAL U 218 -41.98 -33.58 -10.76
C VAL U 218 -40.71 -34.28 -11.25
N MET U 219 -40.06 -35.06 -10.40
CA MET U 219 -38.83 -35.71 -10.83
C MET U 219 -39.09 -36.95 -11.65
N ARG U 220 -40.04 -37.76 -11.21
CA ARG U 220 -40.34 -38.96 -11.98
C ARG U 220 -41.12 -38.64 -13.24
N ARG U 221 -41.97 -37.62 -13.20
CA ARG U 221 -42.86 -37.34 -14.32
C ARG U 221 -42.19 -36.61 -15.45
N TRP U 222 -41.24 -35.77 -15.10
CA TRP U 222 -40.65 -34.82 -16.04
C TRP U 222 -39.18 -35.08 -16.12
N GLY U 223 -38.54 -35.25 -14.98
CA GLY U 223 -37.13 -35.58 -15.03
C GLY U 223 -36.30 -34.41 -14.59
N PHE U 224 -36.95 -33.49 -13.91
CA PHE U 224 -36.27 -32.42 -13.23
C PHE U 224 -35.23 -32.98 -12.28
N LYS U 225 -34.09 -32.30 -12.15
CA LYS U 225 -33.21 -32.57 -11.03
C LYS U 225 -33.92 -32.07 -9.80
N GLY U 226 -33.53 -32.55 -8.63
CA GLY U 226 -34.07 -31.94 -7.43
C GLY U 226 -33.12 -30.87 -6.97
N GLN U 227 -33.26 -30.43 -5.73
CA GLN U 227 -32.23 -29.60 -5.13
C GLN U 227 -31.31 -30.53 -4.35
N PRO U 228 -30.08 -30.10 -4.07
CA PRO U 228 -29.13 -30.93 -3.34
C PRO U 228 -29.71 -31.45 -2.03
N ALA U 229 -29.21 -32.58 -1.54
CA ALA U 229 -29.76 -33.17 -0.33
C ALA U 229 -29.30 -32.48 0.92
N THR U 230 -28.00 -32.29 1.03
CA THR U 230 -27.45 -32.02 2.34
C THR U 230 -27.03 -30.61 2.76
N HIS U 231 -26.83 -29.67 1.86
CA HIS U 231 -26.01 -28.53 2.26
C HIS U 231 -26.78 -27.44 2.97
N GLY U 232 -27.92 -27.82 3.52
CA GLY U 232 -28.73 -26.92 4.32
C GLY U 232 -30.08 -26.64 3.72
N GLN U 233 -30.38 -27.30 2.60
CA GLN U 233 -31.72 -27.25 2.01
C GLN U 233 -32.79 -27.65 3.02
N THR U 234 -33.84 -26.84 3.13
CA THR U 234 -34.93 -27.14 4.05
C THR U 234 -36.20 -27.52 3.31
N LYS U 235 -36.57 -28.79 3.41
CA LYS U 235 -37.85 -29.27 2.92
C LYS U 235 -38.00 -29.08 1.43
N THR U 236 -36.89 -28.93 0.72
CA THR U 236 -36.98 -28.79 -0.73
C THR U 236 -36.46 -29.92 -1.64
N HIS U 237 -35.98 -31.02 -1.11
CA HIS U 237 -35.16 -31.91 -1.92
C HIS U 237 -35.74 -32.43 -3.26
N ARG U 238 -37.02 -32.25 -3.49
CA ARG U 238 -37.68 -32.77 -4.71
C ARG U 238 -38.44 -31.71 -5.50
N ARG U 239 -39.12 -30.80 -4.82
CA ARG U 239 -39.97 -29.79 -5.44
C ARG U 239 -39.45 -29.13 -6.72
N PRO U 240 -40.36 -28.75 -7.62
CA PRO U 240 -40.09 -28.19 -8.96
C PRO U 240 -39.31 -26.89 -8.98
N GLY U 241 -39.13 -26.22 -7.84
CA GLY U 241 -38.38 -24.97 -7.87
C GLY U 241 -39.27 -23.83 -8.30
N ALA U 242 -38.74 -22.87 -9.05
CA ALA U 242 -39.57 -21.75 -9.52
C ALA U 242 -40.43 -22.19 -10.68
N ILE U 243 -41.71 -21.86 -10.65
CA ILE U 243 -42.56 -22.29 -11.75
C ILE U 243 -42.82 -21.24 -12.79
N SER U 244 -42.33 -20.03 -12.59
CA SER U 244 -42.46 -19.01 -13.63
C SER U 244 -41.66 -17.75 -13.38
N THR U 245 -41.83 -16.81 -14.29
CA THR U 245 -41.20 -15.51 -14.26
C THR U 245 -41.91 -14.56 -13.32
N GLY U 246 -41.20 -13.56 -12.81
CA GLY U 246 -41.82 -12.56 -11.98
C GLY U 246 -42.78 -11.62 -12.69
N ASP U 247 -42.40 -11.14 -13.86
CA ASP U 247 -43.20 -10.15 -14.57
C ASP U 247 -44.49 -10.70 -15.14
N VAL U 248 -44.41 -11.88 -15.71
CA VAL U 248 -45.53 -12.49 -16.37
C VAL U 248 -46.75 -12.56 -15.45
N ALA U 249 -46.51 -12.74 -14.16
CA ALA U 249 -47.54 -12.63 -13.13
C ALA U 249 -48.59 -13.72 -13.19
N ARG U 250 -48.45 -14.64 -14.13
CA ARG U 250 -49.25 -15.85 -14.14
C ARG U 250 -48.30 -17.00 -14.36
N VAL U 251 -48.82 -18.22 -14.45
CA VAL U 251 -47.97 -19.32 -14.88
C VAL U 251 -48.50 -19.84 -16.19
N TRP U 252 -47.61 -20.05 -17.15
CA TRP U 252 -47.99 -20.39 -18.50
C TRP U 252 -48.70 -21.71 -18.59
N PRO U 253 -49.59 -21.86 -19.57
CA PRO U 253 -50.33 -23.09 -19.79
C PRO U 253 -49.49 -24.35 -20.03
N GLY U 254 -48.28 -24.23 -20.54
CA GLY U 254 -47.55 -25.45 -20.79
C GLY U 254 -46.97 -26.11 -19.54
N THR U 255 -46.91 -25.35 -18.45
CA THR U 255 -45.97 -25.59 -17.37
C THR U 255 -45.93 -27.01 -16.80
N LYS U 256 -44.72 -27.56 -16.72
CA LYS U 256 -44.52 -28.92 -16.22
C LYS U 256 -44.65 -28.99 -14.71
N MET U 257 -45.60 -29.78 -14.25
CA MET U 257 -45.96 -29.80 -12.85
C MET U 257 -46.36 -31.18 -12.41
N PRO U 258 -46.35 -31.43 -11.10
CA PRO U 258 -46.73 -32.75 -10.59
C PRO U 258 -48.08 -33.17 -11.11
N GLY U 259 -48.25 -34.44 -11.41
CA GLY U 259 -49.53 -34.88 -11.96
C GLY U 259 -49.55 -36.31 -12.41
N GLN U 260 -50.67 -36.71 -13.01
CA GLN U 260 -50.86 -38.09 -13.43
C GLN U 260 -49.81 -38.56 -14.43
N LEU U 261 -49.30 -39.76 -14.21
CA LEU U 261 -48.27 -40.34 -15.07
C LEU U 261 -48.59 -41.77 -15.46
N GLY U 262 -48.75 -41.93 -16.76
CA GLY U 262 -48.66 -43.22 -17.41
C GLY U 262 -49.88 -43.94 -17.92
N ASN U 263 -51.07 -43.66 -17.43
CA ASN U 263 -52.15 -44.45 -17.99
C ASN U 263 -52.73 -43.68 -19.15
N ILE U 264 -52.38 -44.10 -20.34
CA ILE U 264 -52.43 -43.21 -21.51
C ILE U 264 -51.89 -43.96 -22.69
N ASP U 265 -52.20 -43.52 -23.91
CA ASP U 265 -51.86 -44.35 -25.04
C ASP U 265 -50.64 -43.87 -25.78
N ARG U 266 -49.75 -44.81 -26.05
CA ARG U 266 -48.60 -44.51 -26.85
C ARG U 266 -48.41 -45.56 -27.90
N THR U 267 -47.54 -45.25 -28.84
CA THR U 267 -47.25 -46.12 -29.95
C THR U 267 -45.75 -46.32 -30.11
N ALA U 268 -45.35 -47.58 -30.18
CA ALA U 268 -44.01 -47.90 -30.60
C ALA U 268 -44.01 -48.03 -32.10
N PHE U 269 -43.01 -47.43 -32.75
CA PHE U 269 -42.91 -47.53 -34.19
C PHE U 269 -41.75 -48.39 -34.60
N GLY U 270 -41.65 -48.66 -35.90
CA GLY U 270 -40.52 -49.37 -36.46
C GLY U 270 -40.06 -50.64 -35.76
N LEU U 271 -40.98 -51.48 -35.34
CA LEU U 271 -40.58 -52.73 -34.70
C LEU U 271 -40.49 -53.86 -35.69
N LYS U 272 -39.34 -54.51 -35.74
CA LYS U 272 -39.18 -55.65 -36.63
C LYS U 272 -39.88 -56.85 -36.04
N VAL U 273 -40.52 -57.64 -36.87
CA VAL U 273 -41.03 -58.91 -36.38
C VAL U 273 -40.08 -60.02 -36.83
N TRP U 274 -39.66 -60.81 -35.85
CA TRP U 274 -38.67 -61.84 -36.08
C TRP U 274 -39.32 -63.16 -36.39
N ARG U 275 -40.14 -63.63 -35.47
CA ARG U 275 -40.63 -64.99 -35.52
C ARG U 275 -42.15 -65.05 -35.40
N ILE U 276 -42.76 -66.05 -36.03
CA ILE U 276 -44.19 -66.28 -35.84
C ILE U 276 -44.50 -67.71 -35.45
N ASN U 277 -45.21 -67.90 -34.36
CA ASN U 277 -45.70 -69.20 -33.96
C ASN U 277 -47.13 -69.38 -34.43
N THR U 278 -47.35 -70.28 -35.37
CA THR U 278 -48.67 -70.46 -35.96
C THR U 278 -49.61 -71.33 -35.13
N LYS U 279 -49.07 -72.22 -34.32
CA LYS U 279 -49.90 -73.07 -33.48
C LYS U 279 -50.65 -72.27 -32.42
N HIS U 280 -49.93 -71.46 -31.66
CA HIS U 280 -50.53 -70.69 -30.58
C HIS U 280 -50.90 -69.27 -30.98
N ASN U 281 -50.57 -68.89 -32.22
CA ASN U 281 -50.75 -67.54 -32.72
C ASN U 281 -49.95 -66.51 -31.94
N ILE U 282 -48.63 -66.56 -32.06
CA ILE U 282 -47.77 -65.64 -31.34
C ILE U 282 -46.82 -64.90 -32.25
N ILE U 283 -46.77 -63.59 -32.10
CA ILE U 283 -45.86 -62.74 -32.86
C ILE U 283 -44.66 -62.34 -32.01
N TYR U 284 -43.46 -62.52 -32.52
CA TYR U 284 -42.30 -62.10 -31.75
C TYR U 284 -41.86 -60.76 -32.29
N VAL U 285 -42.05 -59.70 -31.52
CA VAL U 285 -41.64 -58.40 -32.03
C VAL U 285 -40.32 -58.02 -31.41
N ASN U 286 -39.73 -56.95 -31.90
CA ASN U 286 -38.41 -56.57 -31.46
C ASN U 286 -38.53 -55.49 -30.41
N GLY U 287 -37.67 -55.55 -29.40
CA GLY U 287 -37.67 -54.52 -28.38
C GLY U 287 -38.87 -54.55 -27.45
N SER U 288 -39.23 -53.39 -26.94
CA SER U 288 -40.26 -53.31 -25.92
C SER U 288 -41.52 -52.62 -26.42
N VAL U 289 -42.65 -53.16 -26.00
CA VAL U 289 -43.93 -52.66 -26.40
C VAL U 289 -44.68 -52.06 -25.21
N PRO U 290 -45.13 -50.80 -25.34
CA PRO U 290 -45.79 -50.13 -24.21
C PRO U 290 -47.00 -50.85 -23.69
N GLY U 291 -47.01 -51.18 -22.40
CA GLY U 291 -48.18 -51.67 -21.71
C GLY U 291 -47.65 -52.60 -20.64
N HIS U 292 -48.49 -53.02 -19.70
CA HIS U 292 -48.06 -54.03 -18.74
C HIS U 292 -48.25 -55.41 -19.36
N LYS U 293 -47.54 -56.43 -18.88
CA LYS U 293 -47.78 -57.74 -19.45
C LYS U 293 -49.20 -58.17 -19.11
N ASN U 294 -49.80 -58.93 -20.04
CA ASN U 294 -51.18 -59.42 -19.96
C ASN U 294 -52.24 -58.38 -20.33
N CYS U 295 -51.79 -57.19 -20.69
CA CYS U 295 -52.69 -56.18 -21.27
C CYS U 295 -52.91 -56.41 -22.76
N LEU U 296 -54.03 -55.89 -23.29
CA LEU U 296 -54.29 -55.91 -24.73
C LEU U 296 -53.55 -54.82 -25.49
N VAL U 297 -53.33 -55.05 -26.78
CA VAL U 297 -52.43 -54.23 -27.56
C VAL U 297 -52.90 -54.15 -29.01
N LYS U 298 -52.57 -53.06 -29.71
CA LYS U 298 -53.07 -52.88 -31.06
C LYS U 298 -51.95 -52.86 -32.09
N ILE U 299 -51.90 -53.87 -32.97
CA ILE U 299 -50.81 -53.96 -33.94
C ILE U 299 -51.22 -53.61 -35.36
N LYS U 300 -50.31 -52.99 -36.09
CA LYS U 300 -50.57 -52.73 -37.50
C LYS U 300 -49.25 -52.63 -38.24
N ASP U 301 -49.29 -52.41 -39.55
CA ASP U 301 -48.05 -52.27 -40.31
C ASP U 301 -47.47 -50.88 -40.08
N SER U 302 -46.14 -50.80 -40.08
CA SER U 302 -45.48 -49.54 -39.78
C SER U 302 -45.79 -48.47 -40.80
N LYS U 303 -46.18 -47.33 -40.29
CA LYS U 303 -46.56 -46.22 -41.13
C LYS U 303 -45.35 -45.33 -41.34
N LEU U 304 -44.23 -45.73 -40.77
CA LEU U 304 -42.98 -45.03 -41.02
C LEU U 304 -42.69 -45.07 -42.51
N PRO U 305 -42.25 -43.93 -43.06
CA PRO U 305 -42.00 -43.73 -44.48
C PRO U 305 -41.09 -44.77 -45.12
N ALA U 306 -40.03 -45.16 -44.42
CA ALA U 306 -39.04 -46.08 -44.98
C ALA U 306 -39.67 -47.42 -45.37
N TYR U 307 -40.68 -47.82 -44.61
CA TYR U 307 -41.30 -49.13 -44.78
C TYR U 307 -42.58 -49.11 -45.61
N LYS U 308 -42.90 -47.97 -46.19
CA LYS U 308 -44.23 -47.70 -46.76
C LYS U 308 -44.82 -48.80 -47.65
N ASP U 309 -44.08 -49.24 -48.65
CA ASP U 309 -44.65 -50.12 -49.67
C ASP U 309 -44.44 -51.61 -49.40
N PHE U 310 -43.93 -51.93 -48.23
CA PHE U 310 -43.57 -53.30 -47.87
C PHE U 310 -44.72 -54.31 -48.01
N CYS U 311 -45.94 -53.80 -48.08
CA CYS U 311 -47.16 -54.63 -48.08
C CYS U 311 -47.31 -55.64 -49.24
N LYS U 312 -46.67 -55.40 -50.37
CA LYS U 312 -46.93 -56.18 -51.58
C LYS U 312 -46.65 -57.67 -51.44
N ASN U 313 -45.78 -58.01 -50.51
CA ASN U 313 -45.37 -59.39 -50.31
C ASN U 313 -46.20 -60.10 -49.25
N LEU U 314 -47.25 -59.42 -48.79
CA LEU U 314 -47.99 -59.86 -47.62
C LEU U 314 -49.38 -60.38 -48.01
N PRO U 315 -49.95 -61.25 -47.17
CA PRO U 315 -51.19 -61.98 -47.45
C PRO U 315 -52.37 -61.04 -47.45
N PHE U 316 -52.72 -60.46 -48.59
CA PHE U 316 -53.53 -59.27 -48.55
C PHE U 316 -54.89 -59.19 -49.28
N PRO U 317 -55.96 -59.71 -48.68
CA PRO U 317 -56.81 -58.80 -47.92
C PRO U 317 -56.31 -58.88 -46.48
N THR U 318 -56.04 -60.14 -46.12
CA THR U 318 -55.52 -60.68 -44.84
C THR U 318 -55.14 -62.15 -45.08
N TYR U 319 -54.77 -62.84 -44.02
CA TYR U 319 -54.44 -64.25 -44.12
C TYR U 319 -55.67 -65.14 -43.94
N PHE U 320 -55.78 -66.16 -44.79
CA PHE U 320 -56.91 -67.07 -44.74
C PHE U 320 -56.47 -68.52 -44.66
N PRO U 321 -56.40 -69.06 -43.44
CA PRO U 321 -55.97 -70.45 -43.25
C PRO U 321 -56.81 -71.45 -44.05
N ASP U 322 -58.03 -71.07 -44.40
CA ASP U 322 -58.88 -71.89 -45.26
C ASP U 322 -58.34 -72.08 -46.67
N GLY U 323 -58.14 -70.96 -47.36
CA GLY U 323 -58.03 -70.94 -48.82
C GLY U 323 -56.90 -71.69 -49.48
N ASP U 324 -55.71 -71.61 -48.89
CA ASP U 324 -54.52 -72.20 -49.50
C ASP U 324 -54.60 -73.73 -49.52
N GLU U 325 -55.23 -74.30 -48.48
CA GLU U 325 -55.34 -75.75 -48.30
C GLU U 325 -53.98 -76.41 -48.11
N GLU U 326 -53.00 -75.63 -47.64
CA GLU U 326 -51.68 -76.12 -47.27
C GLU U 326 -51.25 -75.48 -45.96
N ALA U 327 -50.95 -76.32 -44.96
CA ALA U 327 -50.61 -75.81 -43.64
C ALA U 327 -49.30 -75.03 -43.67
N LEU U 328 -49.16 -74.10 -42.73
CA LEU U 328 -47.91 -73.39 -42.54
C LEU U 328 -47.04 -74.16 -41.56
N PRO U 329 -45.73 -73.92 -41.59
CA PRO U 329 -44.83 -74.56 -40.61
C PRO U 329 -45.20 -74.18 -39.19
N GLU U 330 -44.73 -74.92 -38.20
CA GLU U 330 -44.99 -74.58 -36.81
C GLU U 330 -44.56 -73.15 -36.52
N ASP U 331 -43.40 -72.77 -37.08
CA ASP U 331 -42.83 -71.46 -36.87
C ASP U 331 -42.27 -70.89 -38.16
N LEU U 332 -42.37 -69.57 -38.31
CA LEU U 332 -41.75 -68.88 -39.43
C LEU U 332 -40.67 -67.96 -38.88
N TYR U 333 -39.49 -67.98 -39.50
CA TYR U 333 -38.40 -67.18 -38.99
C TYR U 333 -37.87 -66.17 -39.99
N ASP U 334 -37.23 -65.12 -39.51
CA ASP U 334 -36.45 -64.26 -40.36
C ASP U 334 -35.13 -64.98 -40.65
N GLU U 335 -34.49 -64.63 -41.76
CA GLU U 335 -33.30 -65.34 -42.22
C GLU U 335 -32.06 -65.00 -41.41
N ASN U 336 -32.18 -64.01 -40.53
CA ASN U 336 -31.05 -63.64 -39.69
C ASN U 336 -31.12 -64.30 -38.32
N VAL U 337 -32.17 -65.08 -38.08
CA VAL U 337 -32.42 -65.64 -36.76
C VAL U 337 -31.83 -67.03 -36.52
N CYS U 338 -31.01 -67.17 -35.49
CA CYS U 338 -30.57 -68.48 -35.05
C CYS U 338 -31.74 -69.24 -34.49
N GLN U 339 -31.97 -70.44 -35.00
CA GLN U 339 -33.12 -71.21 -34.60
C GLN U 339 -32.81 -72.08 -33.39
N PRO U 340 -33.86 -72.47 -32.64
CA PRO U 340 -33.77 -73.27 -31.42
C PRO U 340 -32.98 -74.57 -31.62
N GLY U 341 -32.80 -74.96 -32.86
CA GLY U 341 -31.91 -76.05 -33.16
C GLY U 341 -31.29 -75.66 -34.48
N ALA U 342 -30.04 -76.05 -34.65
CA ALA U 342 -29.15 -75.36 -35.57
C ALA U 342 -27.71 -75.86 -35.43
N PRO U 343 -26.85 -75.48 -36.37
CA PRO U 343 -25.42 -75.76 -36.28
C PRO U 343 -24.66 -75.20 -35.07
N SER U 344 -25.22 -74.28 -34.27
CA SER U 344 -24.46 -73.71 -33.14
C SER U 344 -23.21 -72.95 -33.59
N ILE U 345 -23.42 -71.71 -34.03
CA ILE U 345 -22.54 -70.98 -34.95
C ILE U 345 -21.04 -70.98 -34.71
N THR U 346 -20.32 -71.23 -35.79
CA THR U 346 -18.87 -71.20 -35.83
C THR U 346 -18.37 -70.18 -36.83
N PHE U 347 -17.61 -69.20 -36.36
CA PHE U 347 -17.00 -68.23 -37.26
C PHE U 347 -15.85 -68.89 -38.01
N THR U 348 -15.56 -68.36 -39.19
CA THR U 348 -14.47 -68.88 -40.03
C THR U 348 -13.97 -67.81 -41.02
N PRO V 45 -125.90 50.39 48.07
CA PRO V 45 -125.03 51.58 47.97
C PRO V 45 -123.95 51.41 46.91
N PRO V 46 -123.92 52.28 45.88
CA PRO V 46 -122.89 52.18 44.83
C PRO V 46 -121.47 52.43 45.35
N VAL V 47 -120.54 51.52 45.03
CA VAL V 47 -119.13 51.71 45.36
C VAL V 47 -118.39 52.24 44.13
N LEU V 48 -117.92 53.47 44.21
CA LEU V 48 -117.24 54.11 43.10
C LEU V 48 -115.81 54.47 43.47
N ARG V 49 -114.84 54.03 42.68
CA ARG V 49 -113.45 54.26 43.06
C ARG V 49 -112.68 55.08 42.01
N LYS V 50 -112.27 56.27 42.44
CA LYS V 50 -111.46 57.18 41.66
C LYS V 50 -109.97 56.85 41.80
N CYS V 51 -109.18 57.09 40.75
CA CYS V 51 -107.72 56.94 40.82
C CYS V 51 -107.05 57.85 41.84
N GLU V 52 -106.05 57.34 42.54
CA GLU V 52 -105.36 58.13 43.56
C GLU V 52 -104.08 58.78 43.06
N LEU V 53 -103.77 58.58 41.78
CA LEU V 53 -102.52 59.08 41.23
C LEU V 53 -102.73 59.91 39.96
N PRO V 54 -101.83 60.87 39.71
CA PRO V 54 -102.01 61.73 38.53
C PRO V 54 -101.95 60.93 37.24
N VAL V 55 -102.96 61.08 36.40
CA VAL V 55 -102.92 60.50 35.07
C VAL V 55 -102.32 61.54 34.13
N PRO V 56 -101.67 61.08 33.06
CA PRO V 56 -101.19 62.03 32.05
C PRO V 56 -102.35 62.80 31.41
N ALA V 57 -102.11 64.04 31.04
CA ALA V 57 -103.15 64.91 30.51
C ALA V 57 -103.80 64.34 29.25
N HIS V 58 -103.01 63.66 28.43
CA HIS V 58 -103.45 63.24 27.11
C HIS V 58 -104.24 61.93 27.16
N ARG V 59 -104.42 61.40 28.36
CA ARG V 59 -104.98 60.06 28.48
C ARG V 59 -105.99 59.93 29.61
N ARG V 60 -107.19 59.41 29.28
CA ARG V 60 -108.21 59.15 30.29
C ARG V 60 -108.01 57.77 30.88
N PRO V 61 -108.40 57.59 32.14
CA PRO V 61 -108.35 56.26 32.76
C PRO V 61 -109.26 55.25 32.08
N VAL V 62 -109.24 54.02 32.58
CA VAL V 62 -110.04 52.94 32.02
C VAL V 62 -110.98 52.52 33.12
N GLN V 63 -112.07 51.84 32.80
CA GLN V 63 -113.02 51.50 33.85
C GLN V 63 -113.39 50.03 33.87
N ALA V 64 -113.77 49.56 35.05
CA ALA V 64 -114.17 48.18 35.21
C ALA V 64 -115.25 48.05 36.27
N TRP V 65 -116.14 47.08 36.06
CA TRP V 65 -117.14 46.74 37.06
C TRP V 65 -116.49 46.32 38.36
N ILE V 66 -117.05 46.77 39.49
CA ILE V 66 -116.68 46.17 40.76
C ILE V 66 -117.68 45.12 41.13
N GLU V 67 -117.23 43.87 41.11
CA GLU V 67 -118.08 42.74 41.39
C GLU V 67 -117.99 42.40 42.85
N SER V 68 -119.07 41.87 43.40
CA SER V 68 -118.99 41.36 44.75
C SER V 68 -119.08 39.85 44.70
N LEU V 69 -118.47 39.20 45.68
CA LEU V 69 -118.38 37.76 45.69
C LEU V 69 -119.45 37.10 46.54
N ARG V 70 -120.29 37.90 47.19
CA ARG V 70 -121.24 37.35 48.15
C ARG V 70 -122.42 36.62 47.50
N GLY V 71 -123.10 37.26 46.56
CA GLY V 71 -124.19 36.60 45.89
C GLY V 71 -123.71 35.93 44.61
N TYR V 72 -124.43 34.90 44.16
CA TYR V 72 -124.22 34.40 42.83
C TYR V 72 -124.53 35.51 41.84
N GLU V 73 -125.64 36.18 42.09
CA GLU V 73 -126.30 37.00 41.09
C GLU V 73 -125.88 38.46 41.06
N GLN V 74 -125.13 38.91 42.05
CA GLN V 74 -124.75 40.31 42.00
C GLN V 74 -123.42 40.42 41.27
N GLU V 75 -123.53 40.92 40.05
CA GLU V 75 -122.41 40.95 39.13
C GLU V 75 -121.74 42.30 39.20
N ARG V 76 -122.43 43.36 38.81
CA ARG V 76 -121.84 44.69 38.97
C ARG V 76 -122.44 45.41 40.18
N VAL V 77 -121.64 45.47 41.24
CA VAL V 77 -121.98 46.15 42.47
C VAL V 77 -121.38 47.57 42.52
N GLY V 78 -120.48 47.88 41.59
CA GLY V 78 -119.87 49.20 41.56
C GLY V 78 -119.10 49.55 40.30
N LEU V 79 -118.39 50.68 40.34
CA LEU V 79 -117.62 51.14 39.18
C LEU V 79 -116.26 51.70 39.57
N THR V 80 -115.21 51.22 38.90
CA THR V 80 -113.84 51.58 39.24
C THR V 80 -113.07 52.18 38.06
N GLU V 81 -112.30 53.22 38.35
CA GLU V 81 -111.32 53.67 37.37
C GLU V 81 -109.97 53.05 37.68
N LEU V 82 -109.39 52.41 36.67
CA LEU V 82 -108.03 51.89 36.71
C LEU V 82 -107.12 52.82 35.93
N HIS V 83 -105.93 53.04 36.49
CA HIS V 83 -104.97 53.94 35.89
C HIS V 83 -104.47 53.40 34.56
N PRO V 84 -104.45 54.24 33.52
CA PRO V 84 -104.13 53.82 32.17
C PRO V 84 -102.67 53.37 31.99
N ASP V 85 -101.78 53.90 32.80
CA ASP V 85 -100.37 53.59 32.64
C ASP V 85 -100.03 52.26 33.29
N VAL V 86 -101.03 51.63 33.89
CA VAL V 86 -100.87 50.29 34.41
C VAL V 86 -101.72 49.32 33.60
N PHE V 87 -103.01 49.53 33.57
CA PHE V 87 -103.90 48.59 32.88
C PHE V 87 -104.12 48.86 31.38
N SER V 88 -103.81 50.07 30.91
CA SER V 88 -103.94 50.38 29.50
C SER V 88 -102.62 50.39 28.71
N THR V 89 -101.51 50.00 29.34
CA THR V 89 -100.20 50.00 28.69
C THR V 89 -100.19 49.24 27.36
N ALA V 90 -99.44 49.74 26.37
CA ALA V 90 -99.34 49.09 25.07
C ALA V 90 -98.95 47.62 25.22
N PRO V 91 -99.78 46.71 24.67
CA PRO V 91 -99.55 45.29 24.93
C PRO V 91 -98.26 44.83 24.28
N ARG V 92 -97.44 44.19 25.09
CA ARG V 92 -96.16 43.76 24.62
C ARG V 92 -96.03 42.30 24.94
N LEU V 93 -96.16 41.44 23.95
CA LEU V 93 -96.15 40.01 24.21
C LEU V 93 -94.72 39.54 24.29
N ASP V 94 -93.88 40.33 23.65
CA ASP V 94 -92.44 40.17 23.62
C ASP V 94 -91.89 40.22 25.07
N ILE V 95 -92.23 41.28 25.76
CA ILE V 95 -91.73 41.47 27.12
C ILE V 95 -92.33 40.43 28.04
N LEU V 96 -93.58 40.08 27.79
CA LEU V 96 -94.22 39.00 28.52
C LEU V 96 -93.36 37.75 28.46
N HIS V 97 -92.97 37.39 27.24
CA HIS V 97 -92.12 36.25 27.02
C HIS V 97 -90.81 36.35 27.81
N GLN V 98 -90.10 37.47 27.65
CA GLN V 98 -88.87 37.66 28.41
C GLN V 98 -89.05 37.34 29.86
N VAL V 99 -90.10 37.89 30.45
CA VAL V 99 -90.28 37.75 31.88
C VAL V 99 -90.73 36.35 32.29
N ALA V 100 -91.53 35.69 31.47
CA ALA V 100 -91.98 34.35 31.81
C ALA V 100 -90.81 33.39 31.79
N ILE V 101 -89.99 33.56 30.77
CA ILE V 101 -88.80 32.75 30.65
C ILE V 101 -87.89 33.02 31.84
N TRP V 102 -87.70 34.29 32.17
CA TRP V 102 -86.86 34.63 33.31
C TRP V 102 -87.36 33.96 34.57
N GLN V 103 -88.65 34.08 34.85
CA GLN V 103 -89.24 33.45 36.02
C GLN V 103 -88.98 31.97 36.04
N LYS V 104 -89.04 31.35 34.87
CA LYS V 104 -88.85 29.92 34.85
C LYS V 104 -87.42 29.55 35.17
N ASN V 105 -86.49 30.16 34.46
CA ASN V 105 -85.11 29.73 34.53
C ASN V 105 -84.30 30.22 35.69
N PHE V 106 -84.43 31.47 36.08
CA PHE V 106 -83.48 32.07 37.00
C PHE V 106 -83.39 31.32 38.32
N LYS V 107 -84.41 30.56 38.66
CA LYS V 107 -84.38 29.78 39.90
C LYS V 107 -83.57 28.53 39.74
N ARG V 108 -83.46 28.07 38.50
CA ARG V 108 -83.03 26.71 38.22
C ARG V 108 -81.56 26.40 38.50
N ILE V 109 -81.36 25.27 39.15
CA ILE V 109 -80.06 24.71 39.38
C ILE V 109 -80.06 23.25 38.96
N SER V 110 -79.30 22.91 37.93
CA SER V 110 -79.27 21.52 37.51
C SER V 110 -78.25 20.76 38.29
N TYR V 111 -78.66 19.73 39.01
CA TYR V 111 -77.66 18.88 39.61
C TYR V 111 -77.59 17.73 38.68
N ALA V 112 -76.67 17.77 37.75
CA ALA V 112 -76.46 16.64 36.89
C ALA V 112 -74.98 16.62 36.66
N LYS V 113 -74.36 15.50 36.95
CA LYS V 113 -72.93 15.45 36.81
C LYS V 113 -72.59 14.16 36.17
N THR V 114 -71.42 14.11 35.55
CA THR V 114 -71.03 12.93 34.85
C THR V 114 -69.53 12.88 35.04
N LYS V 115 -68.95 11.70 35.12
CA LYS V 115 -67.55 11.64 35.46
C LYS V 115 -66.66 11.76 34.23
N THR V 116 -65.72 12.70 34.29
CA THR V 116 -64.72 12.80 33.25
C THR V 116 -63.82 11.62 33.39
N ARG V 117 -63.03 11.34 32.38
CA ARG V 117 -62.13 10.20 32.45
C ARG V 117 -61.24 10.26 33.67
N ALA V 118 -61.06 11.44 34.25
CA ALA V 118 -60.20 11.57 35.41
C ALA V 118 -60.82 11.06 36.70
N GLU V 119 -62.15 11.08 36.78
CA GLU V 119 -62.80 10.75 38.03
C GLU V 119 -63.31 9.32 38.10
N VAL V 120 -63.16 8.59 37.01
CA VAL V 120 -63.53 7.19 36.97
C VAL V 120 -62.50 6.38 37.76
N ARG V 121 -62.83 5.15 38.10
CA ARG V 121 -62.19 4.47 39.22
C ARG V 121 -60.77 3.92 39.06
N GLY V 122 -60.25 3.82 37.87
CA GLY V 122 -59.06 3.02 37.69
C GLY V 122 -58.36 3.46 36.45
N GLY V 123 -57.56 2.59 35.87
CA GLY V 123 -57.06 2.86 34.53
C GLY V 123 -56.09 4.00 34.62
N GLY V 124 -55.08 3.79 35.43
CA GLY V 124 -53.97 4.71 35.44
C GLY V 124 -52.89 4.15 34.54
N ARG V 125 -53.06 2.92 34.06
CA ARG V 125 -51.96 2.29 33.36
C ARG V 125 -52.27 1.89 31.94
N LYS V 126 -51.23 1.88 31.12
CA LYS V 126 -51.35 1.54 29.71
C LYS V 126 -51.71 0.07 29.54
N PRO V 127 -52.91 -0.20 29.01
CA PRO V 127 -53.50 -1.55 28.91
C PRO V 127 -52.67 -2.55 28.14
N TRP V 128 -51.86 -2.08 27.21
CA TRP V 128 -50.85 -2.94 26.62
C TRP V 128 -49.82 -2.06 25.97
N VAL V 129 -48.73 -2.64 25.49
CA VAL V 129 -47.62 -1.82 25.05
C VAL V 129 -47.92 -1.15 23.73
N GLN V 130 -47.37 0.05 23.55
CA GLN V 130 -47.67 0.90 22.42
C GLN V 130 -47.55 0.19 21.09
N LYS V 131 -46.52 -0.62 20.92
CA LYS V 131 -46.25 -1.22 19.62
C LYS V 131 -46.15 -2.73 19.64
N GLY V 132 -46.47 -3.34 18.50
CA GLY V 132 -46.19 -4.73 18.26
C GLY V 132 -47.32 -5.69 18.56
N SER V 133 -48.23 -5.26 19.44
CA SER V 133 -49.35 -6.12 19.84
C SER V 133 -50.31 -6.34 18.68
N GLY V 134 -50.28 -5.42 17.72
CA GLY V 134 -51.08 -5.57 16.54
C GLY V 134 -52.39 -4.83 16.63
N ARG V 135 -52.74 -4.31 17.80
CA ARG V 135 -54.02 -3.63 17.94
C ARG V 135 -53.92 -2.15 18.21
N ALA V 136 -55.07 -1.50 18.33
CA ALA V 136 -55.13 -0.06 18.50
C ALA V 136 -54.47 0.37 19.78
N ARG V 137 -53.96 1.59 19.79
CA ARG V 137 -53.18 2.07 20.90
C ARG V 137 -54.05 2.83 21.88
N HIS V 138 -53.78 2.66 23.16
CA HIS V 138 -54.55 3.32 24.18
C HIS V 138 -53.71 3.67 25.37
N GLY V 139 -54.14 4.71 26.05
CA GLY V 139 -53.70 5.02 27.40
C GLY V 139 -54.76 4.35 28.23
N SER V 140 -55.18 4.99 29.30
CA SER V 140 -56.13 4.41 30.24
C SER V 140 -57.35 3.71 29.65
N ILE V 141 -57.73 2.61 30.27
CA ILE V 141 -58.95 1.92 29.90
C ILE V 141 -60.19 2.69 30.30
N ARG V 142 -60.02 3.82 30.95
CA ARG V 142 -61.16 4.67 31.30
C ARG V 142 -61.41 5.82 30.33
N SER V 143 -60.69 5.87 29.23
CA SER V 143 -60.89 6.88 28.21
C SER V 143 -62.32 6.86 27.66
N PRO V 144 -62.82 8.00 27.15
CA PRO V 144 -64.19 8.10 26.67
C PRO V 144 -64.53 7.18 25.52
N ILE V 145 -63.52 6.62 24.88
CA ILE V 145 -63.77 5.63 23.86
C ILE V 145 -64.25 4.32 24.45
N TRP V 146 -63.61 3.89 25.52
CA TRP V 146 -63.87 2.59 26.12
C TRP V 146 -65.22 2.45 26.76
N ARG V 147 -65.62 1.20 27.00
CA ARG V 147 -66.93 0.93 27.55
C ARG V 147 -67.16 1.64 28.85
N GLY V 148 -66.51 1.20 29.90
CA GLY V 148 -66.83 1.72 31.21
C GLY V 148 -66.33 3.13 31.44
N GLY V 149 -65.69 3.69 30.42
CA GLY V 149 -64.92 4.91 30.57
C GLY V 149 -65.68 6.18 30.88
N GLY V 150 -64.92 7.26 31.02
CA GLY V 150 -65.45 8.54 31.41
C GLY V 150 -66.22 9.18 30.29
N VAL V 151 -66.92 10.26 30.60
CA VAL V 151 -67.74 10.92 29.61
C VAL V 151 -67.05 12.11 28.99
N ALA V 152 -67.02 12.14 27.68
CA ALA V 152 -66.24 13.12 26.95
C ALA V 152 -66.61 14.55 27.31
N HIS V 153 -67.87 14.93 27.18
CA HIS V 153 -68.20 16.23 27.69
C HIS V 153 -69.21 16.16 28.79
N GLY V 154 -70.48 16.01 28.46
CA GLY V 154 -71.43 15.71 29.51
C GLY V 154 -71.64 16.83 30.50
N PRO V 155 -72.65 16.69 31.34
CA PRO V 155 -72.97 17.76 32.27
C PRO V 155 -71.91 17.85 33.32
N ARG V 156 -71.70 19.03 33.88
CA ARG V 156 -70.67 19.19 34.87
C ARG V 156 -71.17 19.94 36.07
N GLY V 157 -71.13 19.27 37.22
CA GLY V 157 -71.33 19.93 38.50
C GLY V 157 -72.76 20.35 38.67
N PRO V 158 -73.15 20.78 39.87
CA PRO V 158 -74.39 21.53 39.94
C PRO V 158 -74.16 22.84 39.20
N THR V 159 -75.10 23.19 38.34
CA THR V 159 -74.94 24.33 37.44
C THR V 159 -76.05 25.31 37.66
N SER V 160 -75.73 26.57 37.87
CA SER V 160 -76.78 27.54 38.07
C SER V 160 -77.02 28.31 36.79
N TYR V 161 -78.29 28.44 36.44
CA TYR V 161 -78.68 29.41 35.45
C TYR V 161 -79.29 30.53 36.24
N TYR V 162 -78.61 31.65 36.37
CA TYR V 162 -79.19 32.70 37.16
C TYR V 162 -78.89 34.03 36.53
N TYR V 163 -79.91 34.85 36.36
CA TYR V 163 -79.66 36.18 35.82
C TYR V 163 -80.77 37.08 36.24
N MET V 164 -80.54 38.37 36.14
CA MET V 164 -81.57 39.30 36.54
C MET V 164 -81.98 40.18 35.40
N LEU V 165 -83.19 39.97 34.92
CA LEU V 165 -83.82 40.98 34.09
C LEU V 165 -83.83 42.29 34.87
N PRO V 166 -83.38 43.37 34.24
CA PRO V 166 -83.32 44.69 34.86
C PRO V 166 -84.69 45.12 35.36
N MET V 167 -84.75 45.77 36.53
CA MET V 167 -85.99 46.05 37.23
C MET V 167 -87.11 46.53 36.34
N LYS V 168 -86.88 47.67 35.69
CA LYS V 168 -87.91 48.31 34.89
C LYS V 168 -88.55 47.35 33.90
N VAL V 169 -87.79 46.36 33.45
CA VAL V 169 -88.34 45.34 32.55
C VAL V 169 -89.34 44.42 33.25
N ARG V 170 -89.00 43.96 34.43
CA ARG V 170 -89.90 43.07 35.16
C ARG V 170 -91.16 43.81 35.58
N VAL V 171 -91.01 45.09 35.87
CA VAL V 171 -92.15 45.93 36.12
C VAL V 171 -93.07 46.03 34.90
N GLN V 172 -92.47 46.37 33.76
CA GLN V 172 -93.20 46.38 32.50
C GLN V 172 -93.92 45.06 32.28
N GLY V 173 -93.30 43.99 32.73
CA GLY V 173 -93.88 42.67 32.58
C GLY V 173 -95.19 42.61 33.32
N LEU V 174 -95.16 42.93 34.60
CA LEU V 174 -96.39 42.91 35.39
C LEU V 174 -97.49 43.80 34.82
N LYS V 175 -97.12 45.03 34.49
CA LYS V 175 -98.08 45.94 33.87
C LYS V 175 -98.73 45.29 32.67
N VAL V 176 -97.92 44.79 31.75
CA VAL V 176 -98.44 44.19 30.55
C VAL V 176 -99.37 43.01 30.85
N ALA V 177 -98.98 42.17 31.80
CA ALA V 177 -99.80 41.04 32.14
C ALA V 177 -101.18 41.50 32.60
N LEU V 178 -101.22 42.53 33.44
CA LEU V 178 -102.51 43.05 33.89
C LEU V 178 -103.30 43.63 32.73
N THR V 179 -102.65 44.43 31.91
CA THR V 179 -103.28 45.02 30.74
C THR V 179 -103.96 43.99 29.89
N VAL V 180 -103.21 42.94 29.58
CA VAL V 180 -103.70 41.90 28.70
C VAL V 180 -104.84 41.13 29.35
N LYS V 181 -104.74 40.91 30.65
CA LYS V 181 -105.82 40.23 31.35
C LYS V 181 -107.09 41.04 31.26
N LEU V 182 -106.95 42.37 31.28
CA LEU V 182 -108.10 43.26 31.20
C LEU V 182 -108.69 43.33 29.81
N ALA V 183 -107.83 43.50 28.82
CA ALA V 183 -108.28 43.68 27.44
C ALA V 183 -109.03 42.45 26.92
N GLN V 184 -108.74 41.30 27.50
CA GLN V 184 -109.36 40.06 27.06
C GLN V 184 -110.54 39.64 27.92
N ASP V 185 -110.95 40.52 28.83
CA ASP V 185 -112.21 40.38 29.58
C ASP V 185 -112.08 39.42 30.74
N ASP V 186 -110.86 38.92 30.94
CA ASP V 186 -110.61 37.94 31.99
C ASP V 186 -110.15 38.53 33.33
N LEU V 187 -110.16 39.85 33.46
CA LEU V 187 -109.86 40.50 34.74
C LEU V 187 -111.13 40.93 35.44
N HIS V 188 -111.25 40.59 36.71
CA HIS V 188 -112.42 40.99 37.47
C HIS V 188 -112.04 41.66 38.76
N ILE V 189 -112.34 42.94 38.87
CA ILE V 189 -112.09 43.64 40.12
C ILE V 189 -113.21 43.31 41.07
N VAL V 190 -112.86 42.73 42.19
CA VAL V 190 -113.83 42.36 43.18
C VAL V 190 -113.61 43.25 44.40
N ASP V 191 -114.68 43.51 45.14
CA ASP V 191 -114.55 44.17 46.43
C ASP V 191 -114.38 43.08 47.46
N SER V 192 -114.32 43.42 48.74
CA SER V 192 -114.54 42.39 49.77
C SER V 192 -113.57 41.22 49.67
N LEU V 193 -114.12 40.12 49.14
CA LEU V 193 -113.67 38.72 49.25
C LEU V 193 -114.38 37.98 50.38
N GLU V 194 -115.25 38.66 51.13
CA GLU V 194 -116.11 37.97 52.08
C GLU V 194 -116.94 36.91 51.36
N LEU V 195 -116.82 35.66 51.80
CA LEU V 195 -117.63 34.56 51.30
C LEU V 195 -118.72 34.09 52.27
N PRO V 196 -119.95 33.90 51.78
CA PRO V 196 -121.12 33.46 52.54
C PRO V 196 -120.95 32.13 53.26
N THR V 197 -119.92 31.36 52.92
CA THR V 197 -119.75 30.02 53.47
C THR V 197 -118.42 29.40 53.06
N ALA V 198 -118.00 28.36 53.77
CA ALA V 198 -116.70 27.75 53.56
C ALA V 198 -116.75 26.54 52.62
N ASP V 199 -117.93 26.24 52.09
CA ASP V 199 -118.06 25.16 51.12
C ASP V 199 -117.46 25.60 49.78
N PRO V 200 -116.42 24.87 49.32
CA PRO V 200 -115.76 25.17 48.06
C PRO V 200 -116.69 25.02 46.85
N GLN V 201 -117.66 24.12 46.96
CA GLN V 201 -118.62 23.93 45.87
C GLN V 201 -119.27 25.24 45.51
N TYR V 202 -119.53 26.05 46.53
CA TYR V 202 -120.07 27.39 46.35
C TYR V 202 -119.21 28.18 45.36
N LEU V 203 -117.91 28.17 45.59
CA LEU V 203 -116.97 28.91 44.75
C LEU V 203 -116.96 28.37 43.33
N ILE V 204 -116.84 27.05 43.19
CA ILE V 204 -116.87 26.41 41.87
C ILE V 204 -118.09 26.83 41.06
N GLU V 205 -119.27 26.68 41.66
CA GLU V 205 -120.51 26.97 40.97
C GLU V 205 -120.67 28.45 40.70
N LEU V 206 -120.08 29.28 41.56
CA LEU V 206 -120.05 30.72 41.34
C LEU V 206 -119.27 31.03 40.06
N ALA V 207 -118.12 30.39 39.90
CA ALA V 207 -117.31 30.60 38.71
C ALA V 207 -117.99 30.00 37.49
N ARG V 208 -118.84 29.00 37.70
CA ARG V 208 -119.61 28.44 36.60
C ARG V 208 -120.71 29.40 36.17
N TYR V 209 -121.28 30.12 37.12
CA TYR V 209 -122.40 31.01 36.81
C TYR V 209 -121.93 32.28 36.09
N ARG V 210 -120.73 32.74 36.42
CA ARG V 210 -120.24 33.98 35.82
C ARG V 210 -119.37 33.72 34.59
N ARG V 211 -119.23 32.44 34.24
CA ARG V 211 -118.37 32.02 33.15
C ARG V 211 -116.96 32.57 33.35
N TRP V 212 -116.30 32.06 34.36
CA TRP V 212 -114.97 32.52 34.73
C TRP V 212 -113.84 31.67 34.18
N GLY V 213 -114.18 30.57 33.52
CA GLY V 213 -113.15 29.65 33.05
C GLY V 213 -112.75 28.66 34.11
N ASP V 214 -111.81 27.78 33.75
CA ASP V 214 -111.44 26.64 34.59
C ASP V 214 -110.65 27.03 35.82
N SER V 215 -109.73 27.96 35.64
CA SER V 215 -108.81 28.31 36.71
C SER V 215 -108.96 29.75 37.09
N VAL V 216 -108.75 30.04 38.38
CA VAL V 216 -108.92 31.40 38.87
C VAL V 216 -107.82 31.76 39.86
N LEU V 217 -107.24 32.93 39.68
CA LEU V 217 -106.24 33.43 40.60
C LEU V 217 -106.78 34.58 41.42
N LEU V 218 -106.95 34.36 42.72
CA LEU V 218 -107.52 35.37 43.60
C LEU V 218 -106.44 36.12 44.38
N VAL V 219 -106.34 37.43 44.14
CA VAL V 219 -105.29 38.22 44.75
C VAL V 219 -105.80 39.14 45.85
N ASP V 220 -105.25 38.95 47.04
CA ASP V 220 -105.67 39.68 48.22
C ASP V 220 -104.52 40.55 48.74
N LEU V 221 -104.83 41.57 49.53
CA LEU V 221 -103.83 42.54 49.96
C LEU V 221 -102.73 42.00 50.86
N GLU V 222 -103.09 41.37 51.98
CA GLU V 222 -102.06 40.86 52.88
C GLU V 222 -102.35 39.44 53.32
N HIS V 223 -101.32 38.76 53.81
CA HIS V 223 -101.44 37.32 54.06
C HIS V 223 -102.30 37.01 55.28
N GLU V 224 -102.13 37.78 56.35
CA GLU V 224 -102.84 37.49 57.59
C GLU V 224 -104.29 37.98 57.55
N ASP V 225 -104.55 38.96 56.70
CA ASP V 225 -105.84 39.63 56.68
C ASP V 225 -106.88 38.94 55.82
N MET V 226 -106.51 37.82 55.22
CA MET V 226 -107.43 37.07 54.39
C MET V 226 -108.56 36.49 55.23
N PRO V 227 -109.81 36.79 54.83
CA PRO V 227 -111.00 36.23 55.47
C PRO V 227 -110.96 34.71 55.49
N GLN V 228 -111.43 34.11 56.57
CA GLN V 228 -111.24 32.69 56.80
C GLN V 228 -112.08 31.80 55.89
N ASN V 229 -113.25 32.30 55.49
CA ASN V 229 -114.10 31.55 54.58
C ASN V 229 -113.39 31.24 53.28
N VAL V 230 -112.71 32.25 52.75
CA VAL V 230 -111.96 32.10 51.52
C VAL V 230 -110.82 31.11 51.69
N VAL V 231 -110.04 31.27 52.76
CA VAL V 231 -108.91 30.38 53.01
C VAL V 231 -109.37 28.92 53.09
N ALA V 232 -110.41 28.68 53.87
CA ALA V 232 -111.03 27.35 53.94
C ALA V 232 -111.39 26.84 52.55
N ALA V 233 -112.27 27.57 51.86
CA ALA V 233 -112.74 27.18 50.54
C ALA V 233 -111.61 26.85 49.55
N THR V 234 -110.59 27.69 49.55
CA THR V 234 -109.56 27.66 48.53
C THR V 234 -108.40 26.74 48.91
N SER V 235 -108.40 26.25 50.15
CA SER V 235 -107.33 25.36 50.54
C SER V 235 -107.55 23.95 49.98
N GLY V 236 -108.81 23.61 49.71
CA GLY V 236 -109.14 22.28 49.22
C GLY V 236 -109.37 22.24 47.73
N LEU V 237 -109.03 23.32 47.05
CA LEU V 237 -109.28 23.45 45.62
C LEU V 237 -108.00 23.39 44.82
N LYS V 238 -108.06 22.69 43.70
CA LYS V 238 -106.90 22.62 42.82
C LYS V 238 -106.73 23.83 41.92
N THR V 239 -107.80 24.20 41.22
CA THR V 239 -107.72 25.23 40.20
C THR V 239 -107.80 26.67 40.73
N PHE V 240 -108.42 26.86 41.89
CA PHE V 240 -108.52 28.18 42.47
C PHE V 240 -107.36 28.44 43.38
N ASN V 241 -106.71 29.58 43.22
CA ASN V 241 -105.52 29.81 44.01
C ASN V 241 -105.49 31.18 44.66
N LEU V 242 -105.41 31.17 45.98
CA LEU V 242 -105.40 32.40 46.75
C LEU V 242 -104.00 32.83 47.06
N VAL V 243 -103.68 34.08 46.72
CA VAL V 243 -102.32 34.55 46.92
C VAL V 243 -102.32 36.03 47.33
N PRO V 244 -101.38 36.40 48.22
CA PRO V 244 -101.18 37.80 48.62
C PRO V 244 -100.67 38.65 47.47
N ALA V 245 -100.78 39.97 47.62
CA ALA V 245 -100.41 40.88 46.55
C ALA V 245 -98.94 40.78 46.20
N VAL V 246 -98.06 40.66 47.19
CA VAL V 246 -96.64 40.59 46.89
C VAL V 246 -96.28 39.31 46.13
N GLY V 247 -97.23 38.39 46.01
CA GLY V 247 -97.00 37.16 45.29
C GLY V 247 -97.57 37.16 43.88
N LEU V 248 -97.98 38.33 43.41
CA LEU V 248 -98.46 38.42 42.04
C LEU V 248 -97.26 38.33 41.10
N ASN V 249 -97.42 37.65 39.98
CA ASN V 249 -96.33 37.46 39.04
C ASN V 249 -96.85 37.07 37.66
N VAL V 250 -96.02 37.24 36.65
CA VAL V 250 -96.45 36.94 35.29
C VAL V 250 -96.83 35.47 35.07
N HIS V 251 -95.99 34.56 35.52
CA HIS V 251 -96.23 33.15 35.29
C HIS V 251 -97.59 32.71 35.80
N SER V 252 -97.87 33.00 37.07
CA SER V 252 -99.15 32.63 37.67
C SER V 252 -100.32 33.25 36.93
N MET V 253 -100.15 34.49 36.50
CA MET V 253 -101.20 35.15 35.76
C MET V 253 -101.46 34.53 34.40
N LEU V 254 -100.44 33.95 33.79
CA LEU V 254 -100.66 33.27 32.52
C LEU V 254 -101.09 31.82 32.71
N LYS V 255 -100.88 31.28 33.90
CA LYS V 255 -101.27 29.90 34.19
C LYS V 255 -102.76 29.82 34.48
N HIS V 256 -103.28 30.84 35.13
CA HIS V 256 -104.70 30.87 35.46
C HIS V 256 -105.46 31.66 34.42
N GLN V 257 -106.66 31.19 34.08
CA GLN V 257 -107.40 31.82 33.00
C GLN V 257 -107.98 33.16 33.41
N THR V 258 -108.38 33.28 34.67
CA THR V 258 -109.07 34.46 35.13
C THR V 258 -108.41 35.07 36.35
N LEU V 259 -108.25 36.38 36.34
CA LEU V 259 -107.64 37.08 37.45
C LEU V 259 -108.68 37.83 38.25
N VAL V 260 -108.64 37.67 39.57
CA VAL V 260 -109.56 38.37 40.46
C VAL V 260 -108.81 39.23 41.48
N LEU V 261 -108.94 40.55 41.37
CA LEU V 261 -108.19 41.45 42.24
C LEU V 261 -109.06 42.08 43.31
N THR V 262 -108.58 42.12 44.56
CA THR V 262 -109.31 42.90 45.55
C THR V 262 -109.18 44.38 45.22
N LEU V 263 -110.08 45.22 45.72
CA LEU V 263 -110.00 46.65 45.45
C LEU V 263 -108.79 47.37 46.09
N PRO V 264 -108.56 47.14 47.40
CA PRO V 264 -107.32 47.71 47.95
C PRO V 264 -106.09 47.17 47.24
N THR V 265 -106.18 45.94 46.74
CA THR V 265 -105.10 45.33 45.96
C THR V 265 -104.78 46.14 44.71
N VAL V 266 -105.82 46.58 44.01
CA VAL V 266 -105.64 47.45 42.86
C VAL V 266 -104.98 48.75 43.28
N ALA V 267 -105.50 49.35 44.35
CA ALA V 267 -104.91 50.59 44.86
C ALA V 267 -103.43 50.42 45.16
N PHE V 268 -103.06 49.21 45.56
CA PHE V 268 -101.70 48.87 45.94
C PHE V 268 -100.81 48.73 44.71
N LEU V 269 -101.15 47.77 43.85
CA LEU V 269 -100.44 47.54 42.60
C LEU V 269 -100.24 48.80 41.79
N GLU V 270 -101.31 49.57 41.65
CA GLU V 270 -101.28 50.79 40.86
C GLU V 270 -100.11 51.66 41.27
N GLU V 271 -100.03 51.91 42.58
CA GLU V 271 -98.98 52.74 43.14
C GLU V 271 -97.59 52.11 43.01
N LYS V 272 -97.46 50.87 43.46
CA LYS V 272 -96.17 50.18 43.42
C LYS V 272 -95.56 50.18 42.03
N LEU V 273 -96.37 49.84 41.03
CA LEU V 273 -95.88 49.77 39.66
C LEU V 273 -95.61 51.16 39.09
N LEU V 274 -96.51 52.09 39.33
CA LEU V 274 -96.32 53.43 38.77
C LEU V 274 -95.10 54.13 39.32
N TRP V 275 -94.70 53.76 40.53
CA TRP V 275 -93.60 54.46 41.17
C TRP V 275 -92.32 54.47 40.34
N HIS V 276 -92.21 53.55 39.39
CA HIS V 276 -90.96 53.38 38.66
C HIS V 276 -90.80 54.29 37.45
N ASN V 277 -91.87 54.90 36.99
CA ASN V 277 -91.76 55.79 35.86
C ASN V 277 -91.10 57.08 36.26
N SER V 278 -91.30 57.47 37.51
CA SER V 278 -90.80 58.74 37.98
C SER V 278 -89.49 58.62 38.75
N ARG V 279 -88.97 57.41 38.88
CA ARG V 279 -87.87 57.20 39.83
C ARG V 279 -86.49 57.38 39.23
N TYR V 280 -85.59 57.90 40.06
CA TYR V 280 -84.17 57.89 39.76
C TYR V 280 -83.65 56.48 39.76
N THR V 281 -82.47 56.29 39.17
CA THR V 281 -81.72 55.09 39.41
C THR V 281 -81.23 55.07 40.84
N PRO V 282 -81.20 53.89 41.47
CA PRO V 282 -80.74 53.78 42.86
C PRO V 282 -79.32 54.26 43.03
N LEU V 283 -79.09 55.01 44.10
CA LEU V 283 -77.76 55.39 44.51
C LEU V 283 -77.15 54.21 45.25
N TYR V 284 -77.81 53.79 46.32
CA TYR V 284 -77.53 52.53 46.98
C TYR V 284 -78.86 51.76 47.05
N PRO V 285 -78.85 50.52 47.56
CA PRO V 285 -80.08 49.72 47.59
C PRO V 285 -81.28 50.40 48.23
N PHE V 286 -82.46 50.16 47.69
CA PHE V 286 -83.65 50.84 48.15
C PHE V 286 -84.11 50.37 49.52
N ARG V 287 -83.49 49.33 50.06
CA ARG V 287 -83.85 48.85 51.37
C ARG V 287 -83.32 49.81 52.45
N LEU V 288 -82.34 50.62 52.06
CA LEU V 288 -81.73 51.63 52.93
C LEU V 288 -82.54 52.95 52.95
N PRO V 289 -82.25 53.87 53.90
CA PRO V 289 -83.01 55.12 53.98
C PRO V 289 -82.92 56.01 52.75
N TYR V 290 -84.08 56.42 52.25
CA TYR V 290 -84.13 57.43 51.22
C TYR V 290 -84.97 58.58 51.74
N CYS V 291 -84.82 59.74 51.13
CA CYS V 291 -85.57 60.92 51.53
C CYS V 291 -87.08 60.66 51.60
N ASP V 292 -87.73 60.51 50.44
CA ASP V 292 -89.17 60.30 50.37
C ASP V 292 -89.59 58.87 50.60
N PHE V 293 -88.70 57.95 50.24
CA PHE V 293 -89.02 56.54 50.13
C PHE V 293 -88.94 55.81 51.46
N PRO V 294 -89.88 54.85 51.67
CA PRO V 294 -89.86 53.92 52.81
C PRO V 294 -88.63 52.99 52.81
N THR W 53 -25.68 32.35 65.05
CA THR W 53 -27.02 32.56 64.51
C THR W 53 -26.95 33.24 63.16
N VAL W 54 -27.64 32.67 62.17
CA VAL W 54 -27.70 33.30 60.87
C VAL W 54 -28.98 34.10 60.71
N ILE W 55 -28.81 35.33 60.28
CA ILE W 55 -29.93 36.18 60.00
C ILE W 55 -30.10 36.23 58.50
N VAL W 56 -31.30 35.83 58.09
CA VAL W 56 -31.57 35.51 56.70
C VAL W 56 -32.76 36.32 56.19
N GLU W 57 -32.82 36.57 54.88
CA GLU W 57 -33.88 37.39 54.33
C GLU W 57 -34.47 36.78 53.05
N ARG W 58 -35.74 37.06 52.76
CA ARG W 58 -36.38 36.54 51.56
C ARG W 58 -36.05 37.32 50.28
N TRP W 59 -35.86 36.57 49.19
CA TRP W 59 -35.54 37.14 47.89
C TRP W 59 -36.76 37.67 47.15
N TRP W 60 -37.91 37.08 47.46
CA TRP W 60 -39.17 37.43 46.83
C TRP W 60 -40.07 38.05 47.85
N LYS W 61 -40.75 39.12 47.45
CA LYS W 61 -41.61 39.82 48.37
C LYS W 61 -42.89 39.05 48.62
N VAL W 62 -43.23 38.80 49.87
CA VAL W 62 -44.49 38.17 50.19
C VAL W 62 -45.61 39.18 50.08
N PRO W 63 -46.76 38.77 49.50
CA PRO W 63 -47.94 39.62 49.52
C PRO W 63 -48.44 39.88 50.94
N LEU W 64 -49.52 40.64 51.08
CA LEU W 64 -50.00 41.03 52.40
C LEU W 64 -51.29 40.29 52.76
N ALA W 65 -51.47 39.93 54.03
CA ALA W 65 -52.80 39.61 54.51
C ALA W 65 -52.99 40.33 55.84
N GLY W 66 -53.89 41.30 55.90
CA GLY W 66 -53.85 42.28 56.98
C GLY W 66 -54.78 42.14 58.16
N GLU W 67 -55.82 41.35 58.00
CA GLU W 67 -56.88 41.30 59.00
C GLU W 67 -56.45 40.49 60.21
N GLY W 68 -55.26 39.92 60.14
CA GLY W 68 -54.85 38.92 61.12
C GLY W 68 -54.82 37.57 60.44
N ARG W 69 -55.26 37.54 59.18
CA ARG W 69 -55.06 36.36 58.34
C ARG W 69 -53.58 36.03 58.20
N LYS W 70 -53.26 34.75 58.10
CA LYS W 70 -51.88 34.33 57.91
C LYS W 70 -51.46 34.49 56.45
N PRO W 71 -50.19 34.86 56.20
CA PRO W 71 -49.71 35.12 54.85
C PRO W 71 -49.80 33.89 54.00
N ARG W 72 -50.08 34.08 52.72
CA ARG W 72 -50.21 32.95 51.83
C ARG W 72 -48.86 32.69 51.17
N LEU W 73 -48.23 31.59 51.55
CA LEU W 73 -46.87 31.34 51.13
C LEU W 73 -46.77 30.38 49.96
N HIS W 74 -45.83 30.70 49.07
CA HIS W 74 -45.58 29.93 47.87
C HIS W 74 -44.20 29.33 48.05
N ARG W 75 -43.75 28.51 47.12
CA ARG W 75 -42.45 27.88 47.31
C ARG W 75 -41.34 28.89 47.06
N ARG W 76 -41.60 29.91 46.24
CA ARG W 76 -40.56 30.87 45.91
C ARG W 76 -40.24 31.76 47.09
N HIS W 77 -41.03 31.66 48.14
CA HIS W 77 -40.79 32.41 49.35
C HIS W 77 -39.82 31.69 50.27
N ARG W 78 -39.33 30.53 49.82
CA ARG W 78 -38.34 29.79 50.60
C ARG W 78 -36.93 30.08 50.12
N VAL W 79 -36.77 31.01 49.20
CA VAL W 79 -35.43 31.31 48.74
C VAL W 79 -34.86 32.46 49.54
N TYR W 80 -33.82 32.19 50.32
CA TYR W 80 -33.26 33.17 51.22
C TYR W 80 -31.91 33.67 50.77
N LYS W 81 -31.60 34.93 51.10
CA LYS W 81 -30.25 35.42 50.96
C LYS W 81 -29.72 35.64 52.36
N LEU W 82 -28.41 35.50 52.54
CA LEU W 82 -27.84 35.57 53.88
C LEU W 82 -27.37 36.98 54.18
N VAL W 83 -28.10 37.69 55.04
CA VAL W 83 -27.74 39.07 55.34
C VAL W 83 -26.67 39.18 56.41
N GLU W 84 -26.70 38.25 57.36
CA GLU W 84 -25.76 38.36 58.47
C GLU W 84 -25.44 37.02 59.10
N ASP W 85 -24.23 36.88 59.61
CA ASP W 85 -23.98 35.83 60.58
C ASP W 85 -23.55 36.46 61.89
N THR W 86 -24.42 36.33 62.89
CA THR W 86 -24.21 36.95 64.19
C THR W 86 -22.85 36.58 64.77
N LYS W 87 -22.44 35.33 64.55
CA LYS W 87 -21.20 34.83 65.12
C LYS W 87 -19.99 35.54 64.55
N HIS W 88 -20.17 36.26 63.46
CA HIS W 88 -19.05 36.98 62.87
C HIS W 88 -19.00 38.45 63.24
N ARG W 89 -19.98 38.92 63.99
CA ARG W 89 -19.97 40.30 64.47
C ARG W 89 -18.79 40.53 65.41
N PRO W 90 -18.23 41.74 65.43
CA PRO W 90 -17.23 42.01 66.46
C PRO W 90 -17.90 41.89 67.81
N LYS W 91 -17.34 41.09 68.71
CA LYS W 91 -18.11 40.71 69.89
C LYS W 91 -18.05 41.73 71.03
N ASP W 92 -19.16 41.84 71.74
CA ASP W 92 -19.30 42.80 72.83
C ASP W 92 -18.55 42.36 74.09
N ASN W 93 -18.72 43.14 75.15
CA ASN W 93 -18.11 42.83 76.44
C ASN W 93 -19.19 42.60 77.49
N LEU W 94 -18.81 41.94 78.57
CA LEU W 94 -19.72 41.69 79.67
C LEU W 94 -19.34 42.57 80.87
N GLU W 95 -20.34 43.20 81.46
CA GLU W 95 -20.16 44.06 82.62
C GLU W 95 -20.52 43.33 83.92
N LEU W 96 -19.58 43.29 84.86
CA LEU W 96 -19.75 42.52 86.08
C LEU W 96 -19.40 43.29 87.34
N VAL W 97 -19.89 42.79 88.47
CA VAL W 97 -19.61 43.33 89.80
C VAL W 97 -18.89 42.27 90.62
N LEU W 98 -17.63 42.52 90.96
CA LEU W 98 -16.82 41.51 91.64
C LEU W 98 -17.20 41.33 93.12
N THR W 99 -17.38 40.08 93.55
CA THR W 99 -17.66 39.78 94.96
C THR W 99 -16.43 39.34 95.75
N GLN W 100 -15.29 39.25 95.09
CA GLN W 100 -14.00 39.05 95.75
C GLN W 100 -12.98 39.91 95.05
N SER W 101 -11.72 39.74 95.39
CA SER W 101 -10.68 40.48 94.68
C SER W 101 -9.96 39.59 93.67
N VAL W 102 -10.20 39.87 92.39
CA VAL W 102 -9.55 39.14 91.31
C VAL W 102 -8.16 39.73 91.08
N GLU W 103 -7.22 38.87 90.72
CA GLU W 103 -5.82 39.26 90.55
C GLU W 103 -5.62 40.51 89.71
N GLU W 104 -5.88 40.40 88.41
CA GLU W 104 -5.65 41.49 87.48
C GLU W 104 -6.76 42.53 87.49
N LEU W 105 -8.00 42.08 87.47
CA LEU W 105 -9.16 42.94 87.23
C LEU W 105 -9.40 43.98 88.31
N GLY W 106 -9.55 43.56 89.55
CA GLY W 106 -9.79 44.51 90.61
C GLY W 106 -10.31 44.00 91.94
N VAL W 107 -10.71 44.97 92.77
CA VAL W 107 -11.14 44.77 94.14
C VAL W 107 -12.53 44.21 94.31
N ARG W 108 -12.81 43.68 95.49
CA ARG W 108 -14.17 43.35 95.88
C ARG W 108 -15.02 44.61 95.82
N GLY W 109 -16.27 44.49 95.36
CA GLY W 109 -17.14 45.64 95.22
C GLY W 109 -16.67 46.58 94.13
N ASP W 110 -16.45 46.03 92.94
CA ASP W 110 -15.94 46.80 91.81
C ASP W 110 -16.70 46.48 90.52
N LEU W 111 -16.87 47.50 89.66
CA LEU W 111 -17.58 47.36 88.38
C LEU W 111 -16.59 47.28 87.22
N VAL W 112 -16.49 46.11 86.59
CA VAL W 112 -15.46 45.88 85.59
C VAL W 112 -16.07 45.34 84.29
N SER W 113 -15.38 45.56 83.16
CA SER W 113 -15.82 45.03 81.87
C SER W 113 -14.80 44.06 81.28
N VAL W 114 -15.21 42.81 81.08
CA VAL W 114 -14.33 41.79 80.52
C VAL W 114 -14.90 41.22 79.25
N LYS W 115 -14.17 40.28 78.63
CA LYS W 115 -14.68 39.59 77.47
C LYS W 115 -15.46 38.36 77.93
N LYS W 116 -16.55 38.05 77.23
CA LYS W 116 -17.54 37.09 77.71
C LYS W 116 -16.97 35.70 78.00
N SER W 117 -15.81 35.39 77.43
CA SER W 117 -15.15 34.11 77.67
C SER W 117 -14.72 34.00 79.13
N VAL W 118 -13.93 34.98 79.57
CA VAL W 118 -13.42 35.07 80.93
C VAL W 118 -14.56 35.16 81.95
N GLY W 119 -15.59 35.92 81.60
CA GLY W 119 -16.73 36.12 82.48
C GLY W 119 -17.60 34.90 82.65
N ARG W 120 -17.88 34.21 81.54
CA ARG W 120 -18.73 33.02 81.59
C ARG W 120 -18.02 31.81 82.16
N ASN W 121 -16.78 31.59 81.74
CA ASN W 121 -16.10 30.34 82.06
C ASN W 121 -15.14 30.34 83.25
N ARG W 122 -14.96 31.50 83.90
CA ARG W 122 -14.09 31.59 85.07
C ARG W 122 -14.77 32.24 86.26
N LEU W 123 -15.02 33.54 86.15
CA LEU W 123 -15.56 34.35 87.24
C LEU W 123 -16.92 33.88 87.76
N LEU W 124 -17.94 33.91 86.89
CA LEU W 124 -19.30 33.55 87.30
C LEU W 124 -19.48 32.14 87.91
N PRO W 125 -18.81 31.10 87.37
CA PRO W 125 -18.93 29.81 88.05
C PRO W 125 -18.25 29.73 89.43
N GLN W 126 -17.17 30.49 89.62
CA GLN W 126 -16.39 30.46 90.86
C GLN W 126 -16.93 31.40 91.93
N GLY W 127 -18.02 32.10 91.63
CA GLY W 127 -18.61 33.03 92.57
C GLY W 127 -17.71 34.21 92.81
N LEU W 128 -16.81 34.47 91.87
CA LEU W 128 -15.88 35.59 91.97
C LEU W 128 -16.52 36.88 91.47
N ALA W 129 -17.69 36.76 90.85
CA ALA W 129 -18.41 37.93 90.35
C ALA W 129 -19.89 37.67 90.19
N VAL W 130 -20.66 38.75 90.12
CA VAL W 130 -22.09 38.64 89.86
C VAL W 130 -22.44 39.62 88.74
N TYR W 131 -23.62 39.47 88.16
CA TYR W 131 -24.04 40.31 87.05
C TYR W 131 -24.28 41.76 87.47
N ALA W 132 -24.28 42.65 86.48
CA ALA W 132 -24.43 44.09 86.69
C ALA W 132 -25.83 44.53 87.10
N SER W 133 -26.76 43.59 87.23
CA SER W 133 -28.19 43.89 87.46
C SER W 133 -28.46 44.91 88.55
N PRO W 134 -29.48 45.76 88.35
CA PRO W 134 -29.85 46.82 89.30
C PRO W 134 -30.07 46.31 90.74
N GLU W 135 -30.81 45.21 90.90
CA GLU W 135 -31.08 44.65 92.22
C GLU W 135 -29.78 44.18 92.88
N ASN W 136 -28.86 43.69 92.06
CA ASN W 136 -27.57 43.26 92.54
C ASN W 136 -26.62 44.45 92.73
N LYS W 137 -26.97 45.56 92.09
CA LYS W 137 -26.16 46.78 92.11
C LYS W 137 -26.37 47.57 93.40
N LYS W 138 -27.62 47.67 93.82
CA LYS W 138 -27.94 48.44 95.03
C LYS W 138 -27.28 47.83 96.27
N LEU W 139 -27.03 46.52 96.22
CA LEU W 139 -26.34 45.83 97.30
C LEU W 139 -24.95 46.43 97.51
N PHE W 140 -24.28 46.75 96.41
CA PHE W 140 -22.94 47.32 96.49
C PHE W 140 -22.96 48.85 96.57
N GLU W 141 -24.12 49.45 96.30
CA GLU W 141 -24.33 50.85 96.68
C GLU W 141 -24.30 50.96 98.21
N GLU W 142 -25.13 50.15 98.85
CA GLU W 142 -25.18 50.07 100.31
C GLU W 142 -23.84 49.65 100.91
N GLU W 143 -23.19 48.65 100.32
CA GLU W 143 -21.88 48.21 100.77
C GLU W 143 -20.84 49.33 100.65
N LYS W 144 -20.96 50.14 99.59
CA LYS W 144 -20.05 51.28 99.41
C LYS W 144 -20.32 52.39 100.44
N LEU W 145 -21.58 52.57 100.84
CA LEU W 145 -21.91 53.57 101.87
C LEU W 145 -21.49 53.12 103.28
N LEU W 146 -21.54 51.81 103.54
CA LEU W 146 -21.20 51.29 104.87
C LEU W 146 -19.74 50.84 104.99
N ARG W 147 -19.00 50.92 103.87
CA ARG W 147 -17.56 50.65 103.86
C ARG W 147 -16.77 51.89 104.30
N GLN W 148 -16.95 52.98 103.56
CA GLN W 148 -16.27 54.26 103.81
C GLN W 148 -16.59 54.87 105.18
N GLU W 149 -17.54 54.25 105.89
CA GLU W 149 -17.93 54.69 107.23
C GLU W 149 -16.86 54.32 108.27
N GLY W 150 -16.68 53.02 108.50
CA GLY W 150 -15.70 52.53 109.45
C GLY W 150 -14.72 51.54 108.84
N GLY X 29 -40.38 21.14 -18.97
CA GLY X 29 -40.39 22.22 -19.93
C GLY X 29 -39.08 22.33 -20.70
N SER X 30 -39.17 22.71 -21.98
CA SER X 30 -37.99 22.76 -22.84
C SER X 30 -37.66 24.19 -23.21
N LYS X 31 -36.40 24.47 -23.52
CA LYS X 31 -35.99 25.80 -23.95
C LYS X 31 -36.67 26.15 -25.27
N ALA X 32 -36.74 27.43 -25.61
CA ALA X 32 -37.40 27.86 -26.85
C ALA X 32 -36.74 27.21 -28.04
N VAL X 33 -35.42 27.20 -28.02
CA VAL X 33 -34.61 26.55 -29.04
C VAL X 33 -34.17 25.21 -28.54
N THR X 34 -34.18 24.20 -29.41
CA THR X 34 -33.75 22.87 -29.00
C THR X 34 -33.29 22.01 -30.16
N ARG X 35 -32.61 20.91 -29.84
CA ARG X 35 -32.08 20.03 -30.87
C ARG X 35 -33.11 19.18 -31.59
N HIS X 36 -34.14 18.76 -30.87
CA HIS X 36 -34.98 17.66 -31.34
C HIS X 36 -36.29 17.99 -32.06
N ARG X 37 -36.53 19.25 -32.40
CA ARG X 37 -37.66 19.66 -33.27
C ARG X 37 -39.00 19.92 -32.57
N ARG X 38 -39.13 19.57 -31.29
CA ARG X 38 -40.10 20.27 -30.44
C ARG X 38 -41.58 20.28 -30.86
N VAL X 39 -42.31 19.23 -30.52
CA VAL X 39 -43.74 19.14 -30.79
C VAL X 39 -44.51 20.39 -30.45
N MET X 40 -45.31 20.87 -31.39
CA MET X 40 -46.11 22.07 -31.21
C MET X 40 -47.40 21.82 -30.45
N HIS X 41 -47.89 22.86 -29.77
CA HIS X 41 -49.24 22.85 -29.21
C HIS X 41 -50.22 22.55 -30.34
N PHE X 42 -51.23 21.74 -30.07
CA PHE X 42 -52.09 21.25 -31.15
C PHE X 42 -52.68 22.38 -31.99
N GLU X 43 -53.10 23.45 -31.34
CA GLU X 43 -53.69 24.55 -32.05
C GLU X 43 -52.73 25.16 -33.03
N ARG X 44 -51.46 25.22 -32.65
CA ARG X 44 -50.46 25.75 -33.56
C ARG X 44 -50.32 24.81 -34.75
N GLN X 45 -50.45 23.51 -34.52
CA GLN X 45 -50.39 22.54 -35.59
C GLN X 45 -51.52 22.74 -36.58
N LYS X 46 -52.71 22.97 -36.06
CA LYS X 46 -53.85 23.27 -36.91
C LYS X 46 -53.53 24.51 -37.73
N LEU X 47 -53.02 25.54 -37.06
CA LEU X 47 -52.69 26.78 -37.72
C LEU X 47 -51.72 26.56 -38.87
N MET X 48 -50.70 25.75 -38.64
CA MET X 48 -49.72 25.42 -39.66
C MET X 48 -50.35 24.67 -40.81
N ALA X 49 -51.27 23.76 -40.51
CA ALA X 49 -51.89 22.94 -41.55
C ALA X 49 -52.84 23.72 -42.41
N VAL X 50 -53.39 24.78 -41.85
CA VAL X 50 -54.34 25.59 -42.59
C VAL X 50 -53.63 26.52 -43.56
N THR X 51 -52.49 27.02 -43.15
CA THR X 51 -51.80 28.07 -43.89
C THR X 51 -50.83 27.56 -44.96
N GLU X 52 -50.83 26.26 -45.24
CA GLU X 52 -49.92 25.70 -46.23
C GLU X 52 -50.03 26.39 -47.58
N TYR X 53 -48.92 26.44 -48.30
CA TYR X 53 -48.89 26.98 -49.65
C TYR X 53 -49.76 26.18 -50.59
N ILE X 54 -50.59 26.85 -51.36
CA ILE X 54 -51.33 26.19 -52.42
C ILE X 54 -50.93 26.74 -53.77
N PRO X 55 -50.27 25.91 -54.58
CA PRO X 55 -49.80 26.35 -55.89
C PRO X 55 -50.96 26.63 -56.82
N PRO X 56 -50.85 27.68 -57.64
CA PRO X 56 -51.93 27.96 -58.60
C PRO X 56 -52.01 26.84 -59.61
N LYS X 57 -53.24 26.42 -59.92
CA LYS X 57 -53.46 25.32 -60.85
C LYS X 57 -54.15 25.85 -62.09
N PRO X 58 -53.44 25.84 -63.23
CA PRO X 58 -54.02 26.35 -64.47
C PRO X 58 -55.24 25.53 -64.89
N THR X 59 -56.19 26.15 -65.57
CA THR X 59 -57.41 25.47 -65.99
C THR X 59 -57.08 24.34 -66.95
N ILE X 60 -56.22 24.64 -67.92
CA ILE X 60 -55.70 23.65 -68.84
C ILE X 60 -54.19 23.58 -68.70
N ASN X 61 -53.65 22.37 -68.68
CA ASN X 61 -52.21 22.19 -68.62
C ASN X 61 -51.55 22.74 -69.87
N PRO X 62 -50.52 23.59 -69.69
CA PRO X 62 -49.83 24.23 -70.81
C PRO X 62 -49.21 23.24 -71.78
N ARG X 63 -48.95 22.02 -71.33
CA ARG X 63 -48.37 21.00 -72.19
C ARG X 63 -49.41 20.44 -73.15
N CYS X 64 -50.62 20.18 -72.67
CA CYS X 64 -51.66 19.58 -73.50
C CYS X 64 -52.35 20.64 -74.36
N LEU X 65 -51.95 21.90 -74.15
CA LEU X 65 -52.34 23.01 -75.03
C LEU X 65 -51.56 22.89 -76.34
N PRO X 66 -51.95 23.65 -77.38
CA PRO X 66 -51.17 23.51 -78.62
C PRO X 66 -49.74 23.98 -78.39
N PRO X 67 -48.86 23.80 -79.39
CA PRO X 67 -47.46 24.17 -79.13
C PRO X 67 -47.30 25.64 -78.83
N PRO X 68 -46.22 25.99 -78.10
CA PRO X 68 -45.82 27.38 -77.87
C PRO X 68 -45.53 28.05 -79.21
N PRO X 69 -45.45 29.39 -79.24
CA PRO X 69 -45.16 30.01 -80.53
C PRO X 69 -43.80 29.58 -81.07
N THR X 70 -43.46 29.99 -82.28
CA THR X 70 -42.29 29.45 -82.94
C THR X 70 -41.02 30.26 -82.65
N PRO X 71 -40.01 29.59 -82.05
CA PRO X 71 -38.68 30.11 -81.70
C PRO X 71 -37.62 29.94 -82.81
N PRO X 72 -37.56 30.87 -83.79
CA PRO X 72 -36.65 30.65 -84.91
C PRO X 72 -35.18 30.57 -84.47
N GLN X 73 -34.50 29.51 -84.87
CA GLN X 73 -33.09 29.35 -84.55
C GLN X 73 -32.24 30.18 -85.51
N GLU X 74 -31.05 30.57 -85.08
CA GLU X 74 -30.20 31.43 -85.90
C GLU X 74 -28.93 30.73 -86.39
N GLU X 75 -28.57 31.00 -87.64
CA GLU X 75 -27.37 30.44 -88.25
C GLU X 75 -26.12 30.88 -87.52
N THR X 76 -25.25 29.92 -87.22
CA THR X 76 -23.95 30.23 -86.66
C THR X 76 -22.96 30.55 -87.77
N GLY X 77 -21.74 30.89 -87.38
CA GLY X 77 -20.68 31.11 -88.35
C GLY X 77 -20.27 29.78 -88.97
N LEU X 78 -20.35 28.73 -88.17
CA LEU X 78 -20.00 27.39 -88.62
C LEU X 78 -20.85 26.98 -89.80
N VAL X 79 -22.15 27.15 -89.66
CA VAL X 79 -23.11 26.79 -90.69
C VAL X 79 -22.89 27.57 -91.99
N ARG X 80 -22.61 28.88 -91.86
CA ARG X 80 -22.36 29.71 -93.04
C ARG X 80 -21.06 29.34 -93.74
N LEU X 81 -20.02 29.07 -92.95
CA LEU X 81 -18.73 28.66 -93.50
C LEU X 81 -18.86 27.33 -94.25
N LEU X 82 -19.63 26.42 -93.68
CA LEU X 82 -19.87 25.13 -94.32
C LEU X 82 -20.68 25.29 -95.61
N ARG X 83 -21.72 26.11 -95.57
CA ARG X 83 -22.51 26.38 -96.77
C ARG X 83 -21.64 26.96 -97.90
N ARG X 84 -20.86 27.99 -97.57
CA ARG X 84 -19.93 28.60 -98.53
C ARG X 84 -18.99 27.56 -99.12
N GLU X 85 -18.36 26.81 -98.21
CA GLU X 85 -17.38 25.80 -98.58
C GLU X 85 -17.97 24.76 -99.52
N ILE X 86 -19.19 24.34 -99.23
CA ILE X 86 -19.85 23.31 -100.03
C ILE X 86 -20.29 23.87 -101.37
N ALA X 87 -20.75 25.11 -101.39
CA ALA X 87 -21.09 25.77 -102.66
C ALA X 87 -19.87 25.77 -103.57
N ALA X 88 -18.74 26.24 -103.02
CA ALA X 88 -17.47 26.22 -103.72
C ALA X 88 -17.09 24.80 -104.16
N VAL X 89 -17.36 23.81 -103.31
CA VAL X 89 -17.04 22.41 -103.61
C VAL X 89 -17.82 21.94 -104.83
N PHE X 90 -19.10 22.29 -104.92
CA PHE X 90 -19.91 21.88 -106.04
C PHE X 90 -19.58 22.71 -107.30
N ARG X 91 -19.08 23.92 -107.12
CA ARG X 91 -18.63 24.70 -108.27
C ARG X 91 -17.37 24.13 -108.91
N ASP X 92 -16.31 24.01 -108.12
CA ASP X 92 -14.97 23.75 -108.64
C ASP X 92 -14.77 22.37 -109.27
N ASN X 93 -15.00 21.30 -108.50
CA ASN X 93 -14.72 19.96 -108.98
C ASN X 93 -15.69 19.50 -110.04
N ARG X 94 -15.15 18.90 -111.10
CA ARG X 94 -15.98 18.35 -112.15
C ARG X 94 -16.58 17.02 -111.69
N MET X 95 -15.79 16.23 -110.96
CA MET X 95 -16.29 14.93 -110.50
C MET X 95 -16.52 14.87 -109.00
N ILE X 96 -17.77 14.77 -108.60
CA ILE X 96 -18.12 14.58 -107.20
C ILE X 96 -18.75 13.20 -107.03
N ALA X 97 -18.04 12.30 -106.36
CA ALA X 97 -18.48 10.93 -106.22
C ALA X 97 -18.80 10.55 -104.77
N VAL X 98 -20.07 10.24 -104.51
CA VAL X 98 -20.49 9.84 -103.17
C VAL X 98 -20.10 8.40 -102.88
N CYS X 99 -19.35 8.21 -101.81
CA CYS X 99 -18.90 6.89 -101.42
C CYS X 99 -19.13 6.69 -99.93
N GLN X 100 -19.95 5.70 -99.57
CA GLN X 100 -20.31 5.48 -98.16
C GLN X 100 -19.08 5.35 -97.28
N HIS X 101 -19.02 6.18 -96.25
CA HIS X 101 -17.89 6.19 -95.33
C HIS X 101 -17.87 4.91 -94.54
N VAL X 102 -16.74 4.23 -94.54
CA VAL X 102 -16.64 2.93 -93.90
C VAL X 102 -15.50 2.93 -92.88
N ALA X 103 -15.71 2.24 -91.76
CA ALA X 103 -14.72 2.22 -90.70
C ALA X 103 -13.46 1.47 -91.12
N LEU X 104 -12.34 2.17 -91.07
CA LEU X 104 -11.03 1.62 -91.43
C LEU X 104 -10.03 1.98 -90.35
N SER X 105 -8.86 1.34 -90.40
CA SER X 105 -7.76 1.77 -89.53
C SER X 105 -7.36 3.18 -89.95
N ALA X 106 -6.77 3.92 -89.04
CA ALA X 106 -6.26 5.25 -89.37
C ALA X 106 -5.16 5.13 -90.42
N GLU X 107 -4.37 4.06 -90.30
CA GLU X 107 -3.32 3.75 -91.25
C GLU X 107 -3.87 3.60 -92.67
N ASP X 108 -4.92 2.80 -92.80
CA ASP X 108 -5.53 2.51 -94.08
C ASP X 108 -6.20 3.75 -94.69
N LYS X 109 -6.78 4.58 -93.83
CA LYS X 109 -7.43 5.81 -94.28
C LYS X 109 -6.38 6.79 -94.79
N LEU X 110 -5.26 6.85 -94.09
CA LEU X 110 -4.13 7.67 -94.53
C LEU X 110 -3.58 7.19 -95.87
N LEU X 111 -3.39 5.88 -95.98
CA LEU X 111 -2.92 5.27 -97.23
C LEU X 111 -3.88 5.59 -98.36
N LEU X 112 -5.18 5.55 -98.08
CA LEU X 112 -6.18 5.83 -99.08
C LEU X 112 -6.10 7.29 -99.52
N ARG X 113 -5.97 8.19 -98.54
CA ARG X 113 -5.81 9.61 -98.83
C ARG X 113 -4.58 9.89 -99.69
N HIS X 114 -3.53 9.11 -99.46
CA HIS X 114 -2.28 9.28 -100.19
C HIS X 114 -2.38 8.71 -101.61
N GLN X 115 -3.06 7.58 -101.76
CA GLN X 115 -3.30 7.00 -103.08
C GLN X 115 -4.22 7.90 -103.90
N LEU X 116 -5.02 8.70 -103.21
CA LEU X 116 -5.79 9.74 -103.88
C LEU X 116 -4.92 10.96 -104.14
N ARG X 117 -3.89 11.15 -103.31
CA ARG X 117 -2.97 12.26 -103.52
C ARG X 117 -2.07 12.02 -104.74
N LYS X 118 -1.85 10.75 -105.08
CA LYS X 118 -1.00 10.39 -106.21
C LYS X 118 -1.64 10.75 -107.55
N HIS X 119 -2.95 10.54 -107.65
CA HIS X 119 -3.66 10.99 -108.84
C HIS X 119 -4.27 12.37 -108.62
N LYS X 120 -3.93 12.99 -107.48
CA LYS X 120 -4.24 14.39 -107.16
C LYS X 120 -5.69 14.57 -106.68
N ILE X 121 -6.49 13.50 -106.71
CA ILE X 121 -7.87 13.58 -106.25
C ILE X 121 -7.96 13.82 -104.73
N LEU X 122 -8.90 14.68 -104.34
CA LEU X 122 -9.05 15.10 -102.95
C LEU X 122 -10.30 14.49 -102.32
N MET X 123 -10.30 14.26 -101.01
CA MET X 123 -11.50 13.78 -100.35
C MET X 123 -11.99 14.77 -99.30
N LYS X 124 -13.31 14.83 -99.12
CA LYS X 124 -13.92 15.78 -98.19
C LYS X 124 -15.09 15.14 -97.45
N ILE X 125 -15.32 15.62 -96.23
CA ILE X 125 -16.42 15.12 -95.41
C ILE X 125 -17.21 16.26 -94.79
N PHE X 126 -18.52 16.22 -94.98
CA PHE X 126 -19.42 17.22 -94.40
C PHE X 126 -20.52 16.54 -93.60
N PRO X 127 -21.05 17.23 -92.59
CA PRO X 127 -22.17 16.70 -91.81
C PRO X 127 -23.47 16.66 -92.61
N ASN X 128 -24.27 15.61 -92.43
CA ASN X 128 -25.56 15.51 -93.09
C ASN X 128 -26.48 16.67 -92.76
N GLN X 129 -26.32 17.17 -91.55
CA GLN X 129 -27.16 18.23 -91.02
C GLN X 129 -27.19 19.44 -91.95
N VAL X 130 -26.02 19.96 -92.30
CA VAL X 130 -25.92 21.14 -93.15
C VAL X 130 -25.81 20.79 -94.64
N LEU X 131 -25.53 19.53 -94.96
CA LEU X 131 -25.40 19.10 -96.35
C LEU X 131 -26.75 18.83 -97.00
N LYS X 132 -27.68 18.23 -96.25
CA LYS X 132 -28.96 17.84 -96.81
C LYS X 132 -29.85 19.01 -97.26
N PRO X 133 -30.04 20.05 -96.43
CA PRO X 133 -30.89 21.16 -96.92
C PRO X 133 -30.28 21.88 -98.12
N PHE X 134 -28.96 22.09 -98.05
CA PHE X 134 -28.22 22.67 -99.16
C PHE X 134 -28.45 21.90 -100.45
N LEU X 135 -28.46 20.58 -100.34
CA LEU X 135 -28.58 19.73 -101.52
C LEU X 135 -30.02 19.60 -102.02
N GLU X 136 -31.00 19.74 -101.13
CA GLU X 136 -32.40 19.69 -101.56
C GLU X 136 -32.83 21.00 -102.22
N GLU X 137 -32.18 22.10 -101.84
CA GLU X 137 -32.42 23.38 -102.52
C GLU X 137 -31.52 23.55 -103.74
N SER X 138 -30.50 22.70 -103.84
CA SER X 138 -29.59 22.67 -104.97
C SER X 138 -30.20 21.99 -106.21
N LYS X 139 -29.56 22.23 -107.35
CA LYS X 139 -29.91 21.52 -108.57
C LYS X 139 -29.61 20.03 -108.48
N TYR X 140 -28.90 19.63 -107.42
CA TYR X 140 -28.41 18.27 -107.26
C TYR X 140 -29.32 17.35 -106.44
N GLN X 141 -30.53 17.82 -106.12
CA GLN X 141 -31.39 17.17 -105.13
C GLN X 141 -31.62 15.67 -105.34
N ASN X 142 -31.42 15.19 -106.56
CA ASN X 142 -31.58 13.76 -106.86
C ASN X 142 -30.55 12.87 -106.12
N LEU X 143 -29.59 13.49 -105.45
CA LEU X 143 -28.61 12.76 -104.66
C LEU X 143 -29.05 12.63 -103.19
N LEU X 144 -30.21 13.19 -102.84
CA LEU X 144 -30.73 13.12 -101.47
C LEU X 144 -30.81 11.70 -100.88
N PRO X 145 -31.35 10.72 -101.64
CA PRO X 145 -31.44 9.36 -101.06
C PRO X 145 -30.09 8.71 -100.74
N LEU X 146 -29.00 9.27 -101.24
CA LEU X 146 -27.67 8.70 -101.03
C LEU X 146 -27.07 9.00 -99.66
N PHE X 147 -27.42 10.17 -99.12
CA PHE X 147 -26.75 10.69 -97.93
C PHE X 147 -27.40 10.27 -96.62
N VAL X 148 -28.41 9.41 -96.68
CA VAL X 148 -29.16 9.02 -95.49
C VAL X 148 -28.29 8.35 -94.43
N GLY X 149 -27.31 7.55 -94.86
CA GLY X 149 -26.41 6.91 -93.92
C GLY X 149 -25.14 7.72 -93.70
N HIS X 150 -24.07 7.04 -93.29
CA HIS X 150 -22.74 7.62 -93.29
C HIS X 150 -22.31 7.90 -94.73
N ASN X 151 -21.42 8.85 -94.93
CA ASN X 151 -20.92 9.10 -96.27
C ASN X 151 -19.59 9.83 -96.34
N LEU X 152 -18.97 9.75 -97.50
CA LEU X 152 -17.71 10.40 -97.80
C LEU X 152 -17.77 10.98 -99.21
N LEU X 153 -17.44 12.27 -99.33
CA LEU X 153 -17.55 12.96 -100.61
C LEU X 153 -16.20 12.98 -101.33
N LEU X 154 -16.12 12.34 -102.50
CA LEU X 154 -14.88 12.35 -103.27
C LEU X 154 -14.85 13.49 -104.28
N VAL X 155 -13.93 14.42 -104.07
CA VAL X 155 -13.78 15.62 -104.88
C VAL X 155 -12.66 15.49 -105.92
N SER X 156 -13.00 15.75 -107.18
CA SER X 156 -12.02 15.68 -108.26
C SER X 156 -12.12 16.84 -109.24
N GLU X 157 -11.03 17.60 -109.32
CA GLU X 157 -10.85 18.63 -110.33
C GLU X 157 -10.08 18.06 -111.53
N GLU X 158 -10.55 18.34 -112.74
CA GLU X 158 -10.00 17.73 -113.96
C GLU X 158 -9.98 16.21 -113.82
N PRO X 159 -11.17 15.59 -113.87
CA PRO X 159 -11.41 14.20 -113.44
C PRO X 159 -10.83 13.12 -114.33
N LYS X 160 -10.26 12.11 -113.70
CA LYS X 160 -10.07 10.81 -114.35
C LYS X 160 -10.67 9.76 -113.43
N VAL X 161 -11.75 9.15 -113.90
CA VAL X 161 -12.57 8.26 -113.07
C VAL X 161 -11.94 6.89 -112.90
N LYS X 162 -11.35 6.38 -113.98
CA LYS X 162 -10.79 5.03 -113.98
C LYS X 162 -9.69 4.89 -112.93
N GLU X 163 -9.04 5.99 -112.61
CA GLU X 163 -7.96 6.02 -111.62
C GLU X 163 -8.50 5.97 -110.20
N MET X 164 -9.71 6.50 -110.00
CA MET X 164 -10.39 6.42 -108.70
C MET X 164 -10.91 5.00 -108.49
N VAL X 165 -11.56 4.49 -109.54
CA VAL X 165 -12.04 3.12 -109.58
C VAL X 165 -10.92 2.10 -109.34
N ARG X 166 -9.71 2.40 -109.83
CA ARG X 166 -8.54 1.54 -109.58
C ARG X 166 -8.31 1.33 -108.07
N ILE X 167 -8.38 2.40 -107.30
CA ILE X 167 -8.13 2.32 -105.88
C ILE X 167 -9.34 1.73 -105.15
N LEU X 168 -10.54 2.13 -105.56
CA LEU X 168 -11.74 1.59 -104.93
C LEU X 168 -11.85 0.08 -105.15
N LYS X 169 -11.28 -0.38 -106.25
CA LYS X 169 -11.26 -1.81 -106.58
C LYS X 169 -10.49 -2.61 -105.55
N GLY X 170 -9.42 -2.01 -105.02
CA GLY X 170 -8.54 -2.67 -104.08
C GLY X 170 -9.25 -3.08 -102.80
N ILE X 171 -10.20 -2.26 -102.38
CA ILE X 171 -10.97 -2.55 -101.18
C ILE X 171 -12.41 -2.91 -101.55
N PRO X 172 -12.77 -4.19 -101.39
CA PRO X 172 -14.06 -4.75 -101.82
C PRO X 172 -15.26 -4.26 -101.01
N PHE X 173 -15.05 -3.92 -99.74
CA PHE X 173 -16.15 -3.56 -98.86
C PHE X 173 -16.41 -2.05 -98.83
N LEU X 174 -15.75 -1.32 -99.73
CA LEU X 174 -15.84 0.14 -99.73
C LEU X 174 -16.52 0.61 -101.02
N PRO X 175 -17.86 0.68 -100.98
CA PRO X 175 -18.69 0.90 -102.17
C PRO X 175 -18.75 2.34 -102.67
N LEU X 176 -18.79 2.50 -103.99
CA LEU X 176 -19.07 3.78 -104.61
C LEU X 176 -20.54 3.77 -105.02
N LEU X 177 -21.30 4.78 -104.61
CA LEU X 177 -22.75 4.70 -104.74
C LEU X 177 -23.29 5.50 -105.92
N GLY X 178 -23.39 6.81 -105.73
CA GLY X 178 -23.85 7.68 -106.79
C GLY X 178 -22.74 8.57 -107.27
N GLY X 179 -23.10 9.68 -107.89
CA GLY X 179 -22.13 10.71 -108.18
C GLY X 179 -22.57 11.60 -109.32
N CYS X 180 -21.78 12.63 -109.59
CA CYS X 180 -22.00 13.44 -110.77
C CYS X 180 -20.66 13.73 -111.45
N ILE X 181 -20.53 13.28 -112.69
CA ILE X 181 -19.36 13.57 -113.49
C ILE X 181 -19.72 14.54 -114.60
N ASP X 182 -19.17 15.75 -114.52
CA ASP X 182 -19.45 16.82 -115.47
C ASP X 182 -20.96 16.94 -115.72
N ASP X 183 -21.70 17.26 -114.65
CA ASP X 183 -23.16 17.44 -114.66
C ASP X 183 -23.97 16.15 -114.93
N THR X 184 -23.30 15.04 -115.22
CA THR X 184 -24.02 13.78 -115.45
C THR X 184 -24.15 12.98 -114.15
N ILE X 185 -25.36 12.84 -113.65
CA ILE X 185 -25.61 12.07 -112.43
C ILE X 185 -25.68 10.57 -112.72
N LEU X 186 -24.80 9.82 -112.06
CA LEU X 186 -24.64 8.39 -112.35
C LEU X 186 -24.65 7.51 -111.09
N SER X 187 -25.06 6.27 -111.30
CA SER X 187 -24.85 5.21 -110.31
C SER X 187 -23.46 4.64 -110.53
N ARG X 188 -23.15 3.54 -109.86
CA ARG X 188 -21.83 2.93 -109.97
C ARG X 188 -21.56 2.46 -111.40
N GLN X 189 -22.60 1.96 -112.05
CA GLN X 189 -22.48 1.48 -113.43
C GLN X 189 -22.16 2.61 -114.41
N GLY X 190 -22.63 3.82 -114.09
CA GLY X 190 -22.34 4.99 -114.91
C GLY X 190 -20.87 5.36 -114.82
N PHE X 191 -20.28 5.09 -113.66
CA PHE X 191 -18.86 5.31 -113.43
C PHE X 191 -18.01 4.21 -114.09
N ILE X 192 -18.54 2.99 -114.09
CA ILE X 192 -17.92 1.89 -114.81
C ILE X 192 -17.91 2.16 -116.33
N ASN X 193 -18.98 2.79 -116.82
CA ASN X 193 -19.09 3.16 -118.23
C ASN X 193 -18.20 4.36 -118.61
N TYR X 194 -18.18 5.38 -117.77
CA TYR X 194 -17.33 6.55 -117.97
C TYR X 194 -15.86 6.18 -117.91
N SER X 195 -15.56 5.13 -117.13
CA SER X 195 -14.18 4.66 -116.94
C SER X 195 -13.63 4.03 -118.22
N LYS X 196 -14.35 3.03 -118.74
CA LYS X 196 -13.91 2.28 -119.91
C LYS X 196 -13.80 3.19 -121.14
N LEU X 197 -14.34 4.39 -121.01
CA LEU X 197 -14.37 5.35 -122.10
C LEU X 197 -13.01 6.04 -122.34
N PRO X 198 -12.67 6.30 -123.61
CA PRO X 198 -11.44 7.04 -123.92
C PRO X 198 -11.50 8.50 -123.47
N SER X 199 -10.41 9.24 -123.66
CA SER X 199 -10.35 10.64 -123.29
C SER X 199 -11.21 11.49 -124.24
N LEU X 200 -11.56 12.69 -123.81
CA LEU X 200 -12.37 13.60 -124.63
C LEU X 200 -11.66 13.95 -125.95
N ALA X 201 -10.34 13.92 -125.95
CA ALA X 201 -9.55 14.17 -127.17
C ALA X 201 -9.74 13.06 -128.21
N LEU X 202 -9.71 11.81 -127.75
CA LEU X 202 -9.89 10.66 -128.63
C LEU X 202 -11.31 10.59 -129.19
N VAL X 203 -12.29 10.87 -128.33
CA VAL X 203 -13.70 10.84 -128.72
C VAL X 203 -14.05 11.99 -129.69
N GLN X 204 -13.58 13.20 -129.38
CA GLN X 204 -13.74 14.33 -130.29
C GLN X 204 -12.92 14.15 -131.57
N GLY X 205 -11.94 13.25 -131.51
CA GLY X 205 -11.16 12.88 -132.69
C GLY X 205 -11.87 11.88 -133.60
N GLU X 206 -12.59 10.94 -133.00
CA GLU X 206 -13.34 9.93 -133.76
C GLU X 206 -14.69 10.49 -134.26
N LEU X 207 -15.15 11.56 -133.62
CA LEU X 207 -16.37 12.25 -134.02
C LEU X 207 -16.32 12.75 -135.47
N VAL X 208 -15.20 13.35 -135.84
CA VAL X 208 -15.02 13.90 -137.19
C VAL X 208 -14.83 12.78 -138.22
N GLY X 209 -14.44 11.59 -137.74
CA GLY X 209 -14.31 10.42 -138.60
C GLY X 209 -15.63 9.72 -138.83
N GLY X 210 -16.52 9.81 -137.84
CA GLY X 210 -17.86 9.24 -137.94
C GLY X 210 -18.85 10.14 -138.65
N LEU X 211 -18.61 11.45 -138.61
CA LEU X 211 -19.43 12.42 -139.32
C LEU X 211 -19.09 12.52 -140.82
N THR X 212 -17.81 12.37 -141.14
CA THR X 212 -17.35 12.41 -142.53
C THR X 212 -17.34 11.02 -143.18
N PHE X 213 -17.87 10.02 -142.45
CA PHE X 213 -17.96 8.65 -142.95
C PHE X 213 -18.87 8.57 -144.17
N LEU X 214 -19.82 9.49 -144.30
CA LEU X 214 -20.76 9.48 -145.42
C LEU X 214 -20.09 9.87 -146.76
N THR X 215 -19.25 10.91 -146.75
CA THR X 215 -18.52 11.33 -147.94
C THR X 215 -17.42 10.31 -148.30
N ALA X 216 -16.72 9.85 -147.27
CA ALA X 216 -15.70 8.81 -147.42
C ALA X 216 -16.28 7.50 -147.96
N GLN X 217 -17.54 7.22 -147.62
CA GLN X 217 -18.24 6.02 -148.12
C GLN X 217 -18.80 6.22 -149.53
N THR X 218 -19.24 7.44 -149.86
CA THR X 218 -19.66 7.74 -151.23
C THR X 218 -18.48 7.58 -152.19
N TYR X 219 -17.32 8.13 -151.80
CA TYR X 219 -16.12 8.02 -152.63
C TYR X 219 -15.49 6.61 -152.59
N SER X 220 -15.61 5.90 -151.47
CA SER X 220 -15.07 4.53 -151.38
C SER X 220 -15.92 3.53 -152.17
N MET X 221 -17.24 3.75 -152.20
CA MET X 221 -18.15 2.90 -152.98
C MET X 221 -18.20 3.27 -154.46
N LEU X 222 -17.91 4.54 -154.79
CA LEU X 222 -17.82 4.96 -156.19
C LEU X 222 -16.47 4.53 -156.83
N GLN X 223 -15.45 4.32 -156.00
CA GLN X 223 -14.14 3.84 -156.47
C GLN X 223 -13.98 2.33 -156.29
N HIS X 224 -15.00 1.67 -155.73
CA HIS X 224 -14.96 0.22 -155.55
C HIS X 224 -15.26 -0.51 -156.85
N GLN X 225 -16.01 0.16 -157.73
CA GLN X 225 -16.33 -0.36 -159.05
C GLN X 225 -15.09 -0.60 -159.94
N PRO X 226 -14.11 0.34 -159.95
CA PRO X 226 -12.85 0.00 -160.64
C PRO X 226 -11.98 -1.04 -159.91
N ARG X 227 -12.12 -1.18 -158.58
CA ARG X 227 -11.32 -2.14 -157.83
C ARG X 227 -11.87 -3.57 -157.91
N GLN X 228 -13.14 -3.70 -158.29
CA GLN X 228 -13.72 -5.02 -158.54
C GLN X 228 -13.04 -5.69 -159.74
N LEU X 229 -12.73 -4.91 -160.77
CA LEU X 229 -12.05 -5.42 -161.98
C LEU X 229 -10.61 -5.87 -161.67
N THR X 230 -9.91 -5.09 -160.84
CA THR X 230 -8.56 -5.43 -160.38
C THR X 230 -8.57 -6.71 -159.53
N ALA X 231 -9.49 -6.79 -158.56
CA ALA X 231 -9.64 -7.98 -157.73
C ALA X 231 -9.97 -9.23 -158.57
N LEU X 232 -10.81 -9.06 -159.59
CA LEU X 232 -11.19 -10.17 -160.49
C LEU X 232 -10.03 -10.67 -161.38
N LEU X 233 -9.38 -9.75 -162.09
CA LEU X 233 -8.28 -10.13 -162.99
C LEU X 233 -7.07 -10.66 -162.21
N ASP X 234 -6.83 -10.13 -161.01
CA ASP X 234 -5.80 -10.67 -160.13
C ASP X 234 -6.22 -12.02 -159.54
N GLN X 235 -7.53 -12.24 -159.42
CA GLN X 235 -8.06 -13.54 -159.03
C GLN X 235 -7.84 -14.59 -160.13
N TYR X 236 -7.86 -14.15 -161.40
CA TYR X 236 -7.56 -15.04 -162.52
C TYR X 236 -6.04 -15.26 -162.72
N VAL X 237 -5.23 -14.26 -162.37
CA VAL X 237 -3.76 -14.44 -162.40
C VAL X 237 -3.31 -15.30 -161.19
N LYS X 238 -4.15 -15.33 -160.15
CA LYS X 238 -3.89 -16.17 -158.98
C LYS X 238 -4.08 -17.68 -159.27
N GLN X 239 -5.00 -18.01 -160.16
CA GLN X 239 -5.35 -19.40 -160.46
C GLN X 239 -4.26 -20.15 -161.24
N GLN X 240 -3.48 -19.41 -162.03
CA GLN X 240 -2.45 -20.03 -162.87
C GLN X 240 -1.04 -19.53 -162.52
N SER Y 17 4.17 -8.97 -82.57
CA SER Y 17 3.34 -8.80 -81.39
C SER Y 17 2.96 -7.33 -81.16
N GLY Y 18 3.46 -6.45 -82.03
CA GLY Y 18 3.13 -5.04 -81.92
C GLY Y 18 4.17 -4.09 -82.52
N MET Y 19 4.18 -2.87 -82.03
CA MET Y 19 5.14 -1.87 -82.49
C MET Y 19 5.92 -1.23 -81.34
N ILE Y 20 7.05 -0.61 -81.68
CA ILE Y 20 7.94 0.04 -80.71
C ILE Y 20 8.44 1.38 -81.26
N ARG Y 21 8.35 2.43 -80.46
CA ARG Y 21 8.94 3.71 -80.83
C ARG Y 21 10.27 3.90 -80.11
N ALA Y 22 11.37 3.95 -80.86
CA ALA Y 22 12.68 4.08 -80.24
C ALA Y 22 13.46 5.28 -80.78
N ILE Y 23 13.69 6.26 -79.91
CA ILE Y 23 14.51 7.42 -80.29
C ILE Y 23 15.96 7.13 -79.93
N VAL Y 24 16.81 7.00 -80.94
CA VAL Y 24 18.18 6.55 -80.69
C VAL Y 24 19.22 7.40 -81.44
N ARG Y 25 20.36 7.65 -80.80
CA ARG Y 25 21.43 8.49 -81.35
C ARG Y 25 22.10 7.87 -82.58
N ALA Y 26 22.80 8.70 -83.35
CA ALA Y 26 23.32 8.32 -84.67
C ALA Y 26 24.14 7.04 -84.70
N GLY Y 27 25.36 7.09 -84.16
CA GLY Y 27 26.25 5.95 -84.22
C GLY Y 27 26.16 5.06 -82.99
N GLN Y 28 25.16 5.29 -82.16
CA GLN Y 28 25.08 4.62 -80.87
C GLN Y 28 23.88 3.67 -80.76
N ALA Y 29 24.17 2.37 -80.75
CA ALA Y 29 23.16 1.36 -80.45
C ALA Y 29 23.78 0.31 -79.53
N ARG Y 30 23.25 0.16 -78.32
CA ARG Y 30 23.88 -0.71 -77.32
C ARG Y 30 22.92 -1.73 -76.69
N PRO Y 31 23.42 -2.97 -76.46
CA PRO Y 31 22.64 -4.07 -75.89
C PRO Y 31 22.34 -3.89 -74.39
N GLY Y 32 21.73 -2.76 -74.06
CA GLY Y 32 21.31 -2.47 -72.70
C GLY Y 32 20.15 -1.51 -72.79
N PRO Y 33 19.63 -1.06 -71.64
CA PRO Y 33 18.50 -0.11 -71.62
C PRO Y 33 18.78 1.16 -72.43
N PRO Y 34 17.79 1.65 -73.21
CA PRO Y 34 16.40 1.17 -73.34
C PRO Y 34 16.20 -0.15 -74.11
N LEU Y 35 17.08 -0.48 -75.05
CA LEU Y 35 16.85 -1.60 -75.97
C LEU Y 35 16.75 -2.96 -75.27
N GLY Y 36 17.46 -3.13 -74.16
CA GLY Y 36 17.46 -4.40 -73.44
C GLY Y 36 16.13 -4.79 -72.81
N PRO Y 37 15.58 -3.92 -71.95
CA PRO Y 37 14.24 -4.15 -71.40
C PRO Y 37 13.11 -4.07 -72.43
N ILE Y 38 13.26 -3.22 -73.46
CA ILE Y 38 12.20 -3.04 -74.45
C ILE Y 38 12.16 -4.18 -75.49
N LEU Y 39 13.22 -4.33 -76.28
CA LEU Y 39 13.27 -5.37 -77.30
C LEU Y 39 13.47 -6.76 -76.70
N GLY Y 40 14.15 -6.85 -75.56
CA GLY Y 40 14.39 -8.12 -74.90
C GLY Y 40 13.13 -8.73 -74.31
N GLN Y 41 12.14 -7.88 -74.03
CA GLN Y 41 10.87 -8.34 -73.48
C GLN Y 41 9.95 -8.90 -74.56
N ARG Y 42 10.10 -8.41 -75.78
CA ARG Y 42 9.31 -8.88 -76.92
C ARG Y 42 9.83 -10.22 -77.44
N GLY Y 43 11.03 -10.60 -77.01
CA GLY Y 43 11.66 -11.83 -77.45
C GLY Y 43 12.42 -11.67 -78.76
N VAL Y 44 12.94 -10.47 -78.99
CA VAL Y 44 13.62 -10.14 -80.24
C VAL Y 44 15.14 -10.02 -80.03
N SER Y 45 15.91 -10.51 -81.01
CA SER Y 45 17.37 -10.42 -80.98
C SER Y 45 17.84 -8.97 -80.93
N ILE Y 46 18.65 -8.64 -79.92
CA ILE Y 46 19.13 -7.29 -79.71
C ILE Y 46 20.32 -6.97 -80.63
N ASN Y 47 21.20 -7.95 -80.80
CA ASN Y 47 22.43 -7.78 -81.58
C ASN Y 47 22.17 -7.62 -83.08
N GLN Y 48 21.22 -8.39 -83.60
CA GLN Y 48 20.84 -8.28 -85.01
C GLN Y 48 20.34 -6.86 -85.32
N PHE Y 49 19.52 -6.34 -84.41
CA PHE Y 49 18.95 -5.00 -84.58
C PHE Y 49 20.01 -3.91 -84.41
N CYS Y 50 20.92 -4.08 -83.45
CA CYS Y 50 22.04 -3.14 -83.32
C CYS Y 50 22.86 -3.12 -84.60
N LYS Y 51 23.08 -4.30 -85.17
CA LYS Y 51 23.82 -4.43 -86.42
C LYS Y 51 23.14 -3.69 -87.58
N GLU Y 52 21.87 -4.01 -87.83
CA GLU Y 52 21.14 -3.39 -88.94
C GLU Y 52 20.98 -1.87 -88.76
N PHE Y 53 20.53 -1.48 -87.57
CA PHE Y 53 20.34 -0.09 -87.21
C PHE Y 53 21.62 0.72 -87.37
N ASN Y 54 22.74 0.17 -86.93
CA ASN Y 54 24.01 0.87 -87.09
C ASN Y 54 24.49 0.88 -88.54
N GLU Y 55 24.18 -0.19 -89.29
CA GLU Y 55 24.43 -0.20 -90.73
C GLU Y 55 23.79 1.00 -91.40
N LYS Y 56 22.51 1.22 -91.09
CA LYS Y 56 21.76 2.30 -91.70
C LYS Y 56 22.13 3.69 -91.16
N THR Y 57 22.46 3.77 -89.87
CA THR Y 57 22.68 5.06 -89.20
C THR Y 57 24.15 5.47 -89.09
N LYS Y 58 25.08 4.64 -89.58
CA LYS Y 58 26.48 5.03 -89.66
C LYS Y 58 26.73 5.91 -90.87
N ASP Y 59 25.73 5.98 -91.76
CA ASP Y 59 25.82 6.77 -92.97
C ASP Y 59 25.38 8.21 -92.73
N ILE Y 60 24.84 8.47 -91.54
CA ILE Y 60 24.55 9.83 -91.10
C ILE Y 60 25.65 10.28 -90.14
N LYS Y 61 26.51 11.18 -90.62
CA LYS Y 61 27.64 11.67 -89.85
C LYS Y 61 27.27 12.99 -89.19
N GLU Y 62 26.02 13.41 -89.41
CA GLU Y 62 25.51 14.65 -88.83
C GLU Y 62 25.29 14.46 -87.32
N GLY Y 63 25.30 13.21 -86.86
CA GLY Y 63 25.17 12.90 -85.44
C GLY Y 63 23.83 13.23 -84.83
N ILE Y 64 22.75 12.76 -85.45
CA ILE Y 64 21.39 13.12 -85.06
C ILE Y 64 20.58 11.95 -84.50
N PRO Y 65 20.15 12.03 -83.23
CA PRO Y 65 19.23 10.99 -82.73
C PRO Y 65 17.89 11.00 -83.47
N LEU Y 66 17.54 9.84 -84.03
CA LEU Y 66 16.30 9.69 -84.79
C LEU Y 66 15.28 8.79 -84.08
N PRO Y 67 14.03 9.26 -83.99
CA PRO Y 67 12.92 8.37 -83.64
C PRO Y 67 12.71 7.35 -84.76
N THR Y 68 12.57 6.08 -84.39
CA THR Y 68 12.40 5.02 -85.38
C THR Y 68 11.28 4.06 -84.96
N LYS Y 69 10.58 3.53 -85.95
CA LYS Y 69 9.45 2.63 -85.73
C LYS Y 69 9.86 1.18 -85.97
N ILE Y 70 9.89 0.41 -84.89
CA ILE Y 70 10.27 -1.00 -84.92
C ILE Y 70 9.04 -1.88 -84.90
N PHE Y 71 8.75 -2.55 -86.00
CA PHE Y 71 7.65 -3.50 -86.00
C PHE Y 71 8.13 -4.86 -85.50
N VAL Y 72 7.56 -5.30 -84.37
CA VAL Y 72 7.95 -6.60 -83.80
C VAL Y 72 6.87 -7.65 -84.07
N LYS Y 73 7.26 -8.68 -84.82
CA LYS Y 73 6.36 -9.69 -85.36
C LYS Y 73 6.08 -10.85 -84.39
N PRO Y 74 4.98 -11.61 -84.63
CA PRO Y 74 4.62 -12.79 -83.84
C PRO Y 74 5.69 -13.91 -83.78
N ASP Y 75 6.52 -14.03 -84.82
CA ASP Y 75 7.53 -15.08 -84.86
C ASP Y 75 8.86 -14.62 -84.24
N ARG Y 76 8.83 -13.42 -83.65
CA ARG Y 76 9.95 -12.79 -82.93
C ARG Y 76 10.99 -12.15 -83.86
N THR Y 77 10.79 -12.30 -85.18
CA THR Y 77 11.55 -11.54 -86.17
C THR Y 77 11.05 -10.09 -86.17
N PHE Y 78 11.64 -9.23 -86.98
CA PHE Y 78 11.29 -7.82 -86.92
C PHE Y 78 11.51 -7.06 -88.22
N GLU Y 79 10.92 -5.88 -88.28
CA GLU Y 79 11.19 -4.93 -89.36
C GLU Y 79 11.44 -3.54 -88.77
N ILE Y 80 12.13 -2.69 -89.52
CA ILE Y 80 12.52 -1.39 -88.99
C ILE Y 80 12.31 -0.26 -90.01
N LYS Y 81 11.75 0.86 -89.54
CA LYS Y 81 11.60 2.05 -90.35
C LYS Y 81 12.19 3.28 -89.66
N ILE Y 82 13.24 3.84 -90.26
CA ILE Y 82 13.91 5.00 -89.69
C ILE Y 82 13.27 6.30 -90.18
N GLY Y 83 12.93 7.16 -89.24
CA GLY Y 83 12.37 8.46 -89.58
C GLY Y 83 13.37 9.58 -89.38
N GLN Y 84 12.95 10.79 -89.76
CA GLN Y 84 13.74 11.99 -89.50
C GLN Y 84 13.97 12.16 -88.01
N PRO Y 85 15.12 12.75 -87.65
CA PRO Y 85 15.46 13.03 -86.25
C PRO Y 85 14.49 14.00 -85.57
N THR Y 86 14.52 14.02 -84.25
CA THR Y 86 13.62 14.85 -83.45
C THR Y 86 13.78 16.34 -83.76
N VAL Y 87 12.69 17.08 -83.70
CA VAL Y 87 12.73 18.53 -83.88
C VAL Y 87 13.47 19.19 -82.73
N SER Y 88 13.43 18.55 -81.56
CA SER Y 88 14.12 19.05 -80.38
C SER Y 88 15.61 19.18 -80.67
N TYR Y 89 16.18 18.19 -81.34
CA TYR Y 89 17.58 18.23 -81.72
C TYR Y 89 17.85 19.31 -82.77
N PHE Y 90 17.06 19.29 -83.84
CA PHE Y 90 17.25 20.25 -84.94
C PHE Y 90 17.23 21.69 -84.44
N LEU Y 91 16.34 21.97 -83.48
CA LEU Y 91 16.25 23.30 -82.92
C LEU Y 91 17.32 23.58 -81.85
N LYS Y 92 17.72 22.57 -81.10
CA LYS Y 92 18.84 22.72 -80.16
C LYS Y 92 20.11 23.10 -80.93
N ALA Y 93 20.26 22.56 -82.14
CA ALA Y 93 21.39 22.87 -83.01
C ALA Y 93 21.20 24.21 -83.73
N ALA Y 94 19.97 24.53 -84.10
CA ALA Y 94 19.69 25.78 -84.80
C ALA Y 94 19.94 27.01 -83.92
N ALA Y 95 19.67 26.88 -82.63
CA ALA Y 95 19.91 27.95 -81.67
C ALA Y 95 21.31 27.82 -81.06
N GLY Y 96 21.95 26.69 -81.34
CA GLY Y 96 23.31 26.44 -80.89
C GLY Y 96 23.41 26.10 -79.41
N ILE Y 97 22.27 25.93 -78.75
CA ILE Y 97 22.26 25.67 -77.32
C ILE Y 97 22.41 24.19 -77.00
N GLU Y 98 22.46 23.86 -75.72
CA GLU Y 98 22.68 22.49 -75.28
C GLU Y 98 21.39 21.88 -74.75
N LYS Y 99 20.92 22.40 -73.62
CA LYS Y 99 19.64 21.98 -73.05
C LYS Y 99 18.63 23.11 -73.15
N GLY Y 100 17.36 22.74 -73.26
CA GLY Y 100 16.29 23.71 -73.39
C GLY Y 100 15.98 24.42 -72.09
N ALA Y 101 15.09 25.42 -72.17
CA ALA Y 101 14.76 26.26 -71.02
C ALA Y 101 14.17 25.47 -69.86
N ARG Y 102 14.61 25.81 -68.65
CA ARG Y 102 14.07 25.23 -67.43
C ARG Y 102 12.62 25.67 -67.26
N HIS Y 103 12.42 26.98 -67.26
CA HIS Y 103 11.09 27.57 -67.30
C HIS Y 103 10.86 28.22 -68.67
N THR Y 104 10.01 27.60 -69.47
CA THR Y 104 9.86 28.00 -70.88
C THR Y 104 8.89 29.17 -71.06
N GLY Y 105 9.33 30.19 -71.80
CA GLY Y 105 8.51 31.36 -72.06
C GLY Y 105 8.69 32.42 -70.98
N LYS Y 106 9.12 31.98 -69.79
CA LYS Y 106 9.51 32.89 -68.72
C LYS Y 106 10.90 33.41 -69.05
N GLU Y 107 11.71 32.52 -69.61
CA GLU Y 107 13.08 32.83 -69.99
C GLU Y 107 13.33 32.39 -71.42
N VAL Y 108 14.43 32.85 -71.99
CA VAL Y 108 14.82 32.44 -73.33
C VAL Y 108 16.00 31.48 -73.27
N ALA Y 109 16.03 30.55 -74.22
CA ALA Y 109 17.11 29.57 -74.34
C ALA Y 109 18.02 29.94 -75.50
N GLY Y 110 17.46 29.99 -76.70
CA GLY Y 110 18.22 30.35 -77.89
C GLY Y 110 17.38 31.10 -78.92
N LEU Y 111 18.05 31.61 -79.95
CA LEU Y 111 17.41 32.42 -80.98
C LEU Y 111 17.56 31.85 -82.39
N VAL Y 112 16.49 31.97 -83.18
CA VAL Y 112 16.51 31.53 -84.58
C VAL Y 112 15.74 32.50 -85.50
N THR Y 113 15.88 32.29 -86.82
CA THR Y 113 15.17 33.08 -87.83
C THR Y 113 14.32 32.20 -88.75
N LEU Y 114 13.72 32.82 -89.76
CA LEU Y 114 12.97 32.10 -90.79
C LEU Y 114 13.74 30.95 -91.40
N LYS Y 115 15.02 31.22 -91.70
CA LYS Y 115 15.86 30.30 -92.44
C LYS Y 115 15.99 28.94 -91.73
N HIS Y 116 16.28 28.98 -90.44
CA HIS Y 116 16.43 27.76 -89.62
C HIS Y 116 15.20 26.86 -89.71
N VAL Y 117 14.06 27.46 -89.39
CA VAL Y 117 12.79 26.75 -89.39
C VAL Y 117 12.48 26.19 -90.77
N TYR Y 118 12.75 26.97 -91.82
CA TYR Y 118 12.47 26.52 -93.18
C TYR Y 118 13.32 25.28 -93.53
N GLU Y 119 14.63 25.37 -93.25
CA GLU Y 119 15.54 24.25 -93.50
C GLU Y 119 15.09 22.99 -92.76
N ILE Y 120 14.89 23.11 -91.45
CA ILE Y 120 14.44 22.01 -90.62
C ILE Y 120 13.13 21.42 -91.16
N ALA Y 121 12.26 22.29 -91.69
CA ALA Y 121 10.99 21.89 -92.26
C ALA Y 121 11.11 21.06 -93.53
N ARG Y 122 11.82 21.55 -94.54
CA ARG Y 122 11.99 20.79 -95.78
C ARG Y 122 12.87 19.56 -95.55
N VAL Y 123 13.53 19.51 -94.40
CA VAL Y 123 14.21 18.30 -93.96
C VAL Y 123 13.20 17.28 -93.40
N LYS Y 124 12.28 17.75 -92.57
CA LYS Y 124 11.31 16.85 -91.92
C LYS Y 124 10.08 16.57 -92.77
N ALA Y 125 10.06 17.12 -93.98
CA ALA Y 125 8.93 16.91 -94.89
C ALA Y 125 8.90 15.47 -95.39
N GLN Y 126 10.04 14.79 -95.33
CA GLN Y 126 10.14 13.41 -95.78
C GLN Y 126 9.96 12.42 -94.63
N ASP Y 127 9.65 12.94 -93.45
CA ASP Y 127 9.34 12.12 -92.29
C ASP Y 127 8.12 11.24 -92.56
N ASP Y 128 8.06 10.06 -91.94
CA ASP Y 128 6.96 9.11 -92.13
C ASP Y 128 5.59 9.76 -91.92
N ALA Y 129 5.48 10.55 -90.85
CA ALA Y 129 4.22 11.16 -90.47
C ALA Y 129 3.78 12.25 -91.46
N PHE Y 130 4.71 13.12 -91.86
CA PHE Y 130 4.38 14.23 -92.76
C PHE Y 130 4.46 13.82 -94.23
N ALA Y 131 4.88 12.59 -94.50
CA ALA Y 131 5.01 12.11 -95.87
C ALA Y 131 3.64 11.91 -96.50
N LEU Y 132 2.81 11.13 -95.82
CA LEU Y 132 1.48 10.79 -96.31
C LEU Y 132 0.61 12.03 -96.39
N GLN Y 133 0.81 12.95 -95.45
CA GLN Y 133 0.16 14.25 -95.49
C GLN Y 133 0.75 15.08 -96.62
N ASP Y 134 -0.12 15.60 -97.47
CA ASP Y 134 0.30 16.36 -98.63
C ASP Y 134 0.57 17.83 -98.27
N VAL Y 135 0.50 18.13 -96.98
CA VAL Y 135 0.59 19.50 -96.47
C VAL Y 135 1.77 20.29 -97.02
N PRO Y 136 1.52 21.57 -97.35
CA PRO Y 136 2.61 22.43 -97.81
C PRO Y 136 3.64 22.67 -96.72
N LEU Y 137 4.71 23.39 -97.04
CA LEU Y 137 5.79 23.58 -96.07
C LEU Y 137 5.40 24.62 -95.01
N SER Y 138 4.43 25.47 -95.34
CA SER Y 138 3.93 26.47 -94.39
C SER Y 138 3.38 25.79 -93.13
N SER Y 139 2.65 24.69 -93.36
CA SER Y 139 2.09 23.91 -92.27
C SER Y 139 3.18 23.30 -91.38
N VAL Y 140 4.16 22.66 -92.00
CA VAL Y 140 5.25 22.04 -91.27
C VAL Y 140 6.05 23.08 -90.48
N VAL Y 141 6.23 24.26 -91.09
CA VAL Y 141 6.91 25.37 -90.42
C VAL Y 141 6.11 25.84 -89.21
N ARG Y 142 4.79 25.86 -89.35
CA ARG Y 142 3.92 26.15 -88.22
C ARG Y 142 4.20 25.16 -87.10
N SER Y 143 4.24 23.88 -87.46
CA SER Y 143 4.54 22.81 -86.50
C SER Y 143 5.86 23.02 -85.78
N ILE Y 144 6.89 23.37 -86.54
CA ILE Y 144 8.22 23.54 -85.98
C ILE Y 144 8.28 24.77 -85.07
N ILE Y 145 7.60 25.85 -85.46
CA ILE Y 145 7.51 27.04 -84.62
C ILE Y 145 6.86 26.69 -83.28
N GLY Y 146 5.76 25.96 -83.36
CA GLY Y 146 5.06 25.51 -82.17
C GLY Y 146 5.97 24.66 -81.30
N SER Y 147 6.78 23.81 -81.93
CA SER Y 147 7.70 22.96 -81.20
C SER Y 147 8.83 23.79 -80.59
N ALA Y 148 9.05 24.98 -81.14
CA ALA Y 148 10.06 25.90 -80.64
C ALA Y 148 9.57 26.65 -79.42
N ARG Y 149 8.28 26.97 -79.43
CA ARG Y 149 7.66 27.66 -78.31
C ARG Y 149 7.91 26.96 -76.97
N SER Y 150 7.78 25.64 -76.96
CA SER Y 150 7.89 24.86 -75.72
C SER Y 150 9.33 24.46 -75.39
N LEU Y 151 10.22 24.61 -76.38
CA LEU Y 151 11.62 24.27 -76.21
C LEU Y 151 12.37 25.46 -75.62
N GLY Y 152 11.70 26.61 -75.60
CA GLY Y 152 12.26 27.83 -75.02
C GLY Y 152 13.01 28.65 -76.05
N ILE Y 153 12.79 28.34 -77.31
CA ILE Y 153 13.54 28.97 -78.40
C ILE Y 153 12.68 30.01 -79.13
N ARG Y 154 13.26 31.19 -79.34
CA ARG Y 154 12.49 32.29 -79.93
C ARG Y 154 12.83 32.53 -81.40
N VAL Y 155 11.79 32.62 -82.23
CA VAL Y 155 11.94 33.02 -83.63
C VAL Y 155 12.02 34.54 -83.77
N VAL Y 156 12.66 35.03 -84.83
CA VAL Y 156 12.59 36.45 -85.24
C VAL Y 156 12.60 36.54 -86.78
N LYS Y 157 11.87 37.50 -87.34
CA LYS Y 157 11.76 37.65 -88.80
C LYS Y 157 13.09 37.83 -89.54
N ASP Y 158 13.67 39.03 -89.48
CA ASP Y 158 15.02 39.26 -89.98
C ASP Y 158 15.92 39.71 -88.83
N LEU Y 159 16.73 38.81 -88.32
CA LEU Y 159 17.56 39.14 -87.16
C LEU Y 159 19.09 39.30 -87.37
N SER Y 160 19.63 39.04 -88.57
CA SER Y 160 21.07 38.67 -88.74
C SER Y 160 22.17 39.52 -88.03
N SER Y 161 22.24 40.82 -88.30
CA SER Y 161 23.24 41.66 -87.63
C SER Y 161 22.91 41.76 -86.14
N GLU Y 162 21.61 41.89 -85.86
CA GLU Y 162 21.09 41.85 -84.50
C GLU Y 162 21.07 40.41 -83.97
N GLU Y 163 21.21 39.42 -84.87
CA GLU Y 163 21.41 38.02 -84.47
C GLU Y 163 22.75 37.92 -83.77
N LEU Y 164 23.76 38.58 -84.33
CA LEU Y 164 25.07 38.50 -83.67
C LEU Y 164 25.25 39.48 -82.51
N ALA Y 165 24.68 40.69 -82.64
CA ALA Y 165 24.62 41.61 -81.49
C ALA Y 165 23.94 40.88 -80.32
N ALA Y 166 22.81 40.23 -80.63
CA ALA Y 166 22.15 39.34 -79.69
C ALA Y 166 23.15 38.33 -79.16
N PHE Y 167 23.59 37.39 -79.99
CA PHE Y 167 24.41 36.27 -79.52
C PHE Y 167 25.50 36.72 -78.56
N GLN Y 168 26.13 37.84 -78.85
CA GLN Y 168 27.13 38.39 -77.94
C GLN Y 168 26.52 38.96 -76.63
N LYS Y 169 25.25 39.38 -76.66
CA LYS Y 169 24.54 39.77 -75.43
C LYS Y 169 23.84 38.59 -74.74
N GLU Y 170 22.89 38.00 -75.46
CA GLU Y 170 22.15 36.81 -75.10
C GLU Y 170 23.00 35.67 -74.55
N ARG Y 171 24.09 35.31 -75.21
CA ARG Y 171 24.92 34.22 -74.68
C ARG Y 171 25.51 34.56 -73.32
N ALA Y 172 25.92 35.83 -73.15
CA ALA Y 172 26.45 36.29 -71.88
C ALA Y 172 25.37 36.25 -70.80
N LEU Y 173 24.14 36.54 -71.20
CA LEU Y 173 23.00 36.51 -70.29
C LEU Y 173 22.57 35.08 -69.93
N PHE Y 174 22.76 34.16 -70.88
CA PHE Y 174 22.41 32.75 -70.71
C PHE Y 174 23.48 32.06 -69.88
N LEU Y 175 24.71 32.56 -69.98
CA LEU Y 175 25.81 32.09 -69.15
C LEU Y 175 25.62 32.63 -67.74
N ALA Y 176 25.16 33.88 -67.64
CA ALA Y 176 24.87 34.49 -66.35
C ALA Y 176 23.76 33.72 -65.64
N ALA Y 177 22.71 33.38 -66.41
CA ALA Y 177 21.55 32.68 -65.86
C ALA Y 177 21.83 31.21 -65.58
N GLN Y 178 22.70 30.60 -66.39
CA GLN Y 178 23.07 29.19 -66.21
C GLN Y 178 24.05 29.02 -65.04
N ARG Y 179 24.91 30.01 -64.85
CA ARG Y 179 25.83 30.01 -63.72
C ARG Y 179 25.08 30.34 -62.42
N GLU Y 180 24.14 31.26 -62.51
CA GLU Y 180 23.29 31.59 -61.36
C GLU Y 180 22.41 30.40 -60.98
N ALA Y 181 21.91 29.69 -61.99
CA ALA Y 181 21.09 28.50 -61.76
C ALA Y 181 21.92 27.33 -61.24
N ASP Y 182 23.17 27.24 -61.67
CA ASP Y 182 24.08 26.19 -61.18
C ASP Y 182 24.49 26.46 -59.73
N LEU Y 183 24.68 27.74 -59.40
CA LEU Y 183 25.01 28.16 -58.04
C LEU Y 183 23.84 27.96 -57.09
N ALA Y 184 22.65 28.36 -57.53
CA ALA Y 184 21.43 28.20 -56.74
C ALA Y 184 21.07 26.72 -56.63
N ALA Y 185 21.47 25.92 -57.61
CA ALA Y 185 21.28 24.47 -57.57
C ALA Y 185 22.27 23.80 -56.63
N GLN Y 186 23.45 24.42 -56.50
CA GLN Y 186 24.43 23.97 -55.51
C GLN Y 186 23.95 24.29 -54.10
N ALA Y 187 23.34 25.47 -53.94
CA ALA Y 187 22.80 25.91 -52.65
C ALA Y 187 21.55 25.12 -52.24
N GLU Y 188 20.75 24.73 -53.23
CA GLU Y 188 19.57 23.91 -52.98
C GLU Y 188 19.91 22.41 -52.85
N ALA Y 189 21.06 22.00 -53.40
CA ALA Y 189 21.55 20.64 -53.21
C ALA Y 189 22.18 20.50 -51.84
N ALA Y 190 22.82 21.58 -51.37
CA ALA Y 190 23.41 21.64 -50.04
C ALA Y 190 22.35 21.79 -48.94
N LYS Y 191 21.33 22.61 -49.21
CA LYS Y 191 20.23 22.80 -48.26
C LYS Y 191 19.41 21.53 -48.09
N LYS Y 192 19.39 20.70 -49.13
CA LYS Y 192 18.65 19.43 -49.10
C LYS Y 192 19.45 18.36 -48.36
N HIS Z 129 15.96 -45.91 -110.48
CA HIS Z 129 15.98 -45.77 -109.02
C HIS Z 129 16.69 -46.96 -108.36
N PHE Z 130 17.38 -46.68 -107.26
CA PHE Z 130 18.26 -47.67 -106.62
C PHE Z 130 17.86 -47.98 -105.17
N THR Z 131 18.29 -49.14 -104.69
CA THR Z 131 17.95 -49.60 -103.34
C THR Z 131 19.20 -49.79 -102.48
N VAL Z 132 19.30 -49.04 -101.39
CA VAL Z 132 20.41 -49.19 -100.45
C VAL Z 132 20.04 -50.20 -99.35
N ARG Z 133 20.76 -51.33 -99.35
CA ARG Z 133 20.56 -52.38 -98.38
C ARG Z 133 21.81 -52.58 -97.54
N LEU Z 134 21.61 -52.85 -96.26
CA LEU Z 134 22.72 -53.17 -95.37
C LEU Z 134 22.88 -54.70 -95.32
N THR Z 135 23.97 -55.21 -95.87
CA THR Z 135 24.20 -56.65 -95.90
C THR Z 135 24.55 -57.13 -94.51
N GLU Z 136 25.67 -56.66 -93.97
CA GLU Z 136 26.06 -57.10 -92.63
C GLU Z 136 26.75 -56.02 -91.79
N ALA Z 137 26.66 -56.15 -90.47
CA ALA Z 137 27.30 -55.22 -89.55
C ALA Z 137 28.59 -55.81 -89.00
N LYS Z 138 29.72 -55.19 -89.32
CA LYS Z 138 31.01 -55.63 -88.81
C LYS Z 138 31.01 -55.57 -87.28
N PRO Z 139 31.60 -56.58 -86.63
CA PRO Z 139 31.55 -56.78 -85.16
C PRO Z 139 31.93 -55.55 -84.32
N VAL Z 140 32.93 -54.79 -84.78
CA VAL Z 140 33.42 -53.61 -84.06
C VAL Z 140 32.54 -52.36 -84.23
N ASP Z 141 31.96 -52.23 -85.42
CA ASP Z 141 31.33 -50.98 -85.86
C ASP Z 141 29.83 -50.82 -85.59
N LYS Z 142 29.23 -51.76 -84.86
CA LYS Z 142 27.78 -51.73 -84.59
C LYS Z 142 27.28 -50.39 -84.05
N VAL Z 143 28.00 -49.81 -83.10
CA VAL Z 143 27.67 -48.50 -82.53
C VAL Z 143 27.71 -47.39 -83.59
N LYS Z 144 28.86 -47.26 -84.23
CA LYS Z 144 29.10 -46.30 -85.31
C LYS Z 144 28.05 -46.42 -86.43
N LEU Z 145 27.72 -47.66 -86.76
CA LEU Z 145 26.74 -47.98 -87.81
C LEU Z 145 25.31 -47.60 -87.40
N ILE Z 146 24.93 -47.83 -86.14
CA ILE Z 146 23.61 -47.40 -85.65
C ILE Z 146 23.51 -45.87 -85.64
N LYS Z 147 24.62 -45.21 -85.29
CA LYS Z 147 24.70 -43.76 -85.36
C LYS Z 147 24.45 -43.25 -86.79
N GLU Z 148 25.16 -43.83 -87.75
CA GLU Z 148 25.01 -43.43 -89.15
C GLU Z 148 23.63 -43.76 -89.73
N ILE Z 149 23.05 -44.89 -89.32
CA ILE Z 149 21.68 -45.27 -89.70
C ILE Z 149 20.68 -44.22 -89.21
N LYS Z 150 20.78 -43.90 -87.93
CA LYS Z 150 19.88 -42.95 -87.28
C LYS Z 150 20.04 -41.54 -87.87
N SER Z 151 21.24 -41.22 -88.34
CA SER Z 151 21.49 -39.93 -89.00
C SER Z 151 20.92 -39.86 -90.43
N HIS Z 152 21.10 -40.94 -91.19
CA HIS Z 152 20.72 -40.96 -92.61
C HIS Z 152 19.23 -41.26 -92.91
N ILE Z 153 18.56 -42.08 -92.09
CA ILE Z 153 17.14 -42.37 -92.35
C ILE Z 153 16.27 -41.16 -91.96
N GLN Z 154 16.76 -40.38 -91.00
CA GLN Z 154 16.19 -39.10 -90.54
C GLN Z 154 14.85 -39.25 -89.78
N GLY Z 155 14.21 -40.40 -89.92
CA GLY Z 155 12.96 -40.67 -89.23
C GLY Z 155 13.03 -41.67 -88.10
N ILE Z 156 14.19 -42.31 -87.95
CA ILE Z 156 14.28 -43.53 -87.16
C ILE Z 156 14.79 -43.36 -85.72
N ASN Z 157 14.12 -44.03 -84.78
CA ASN Z 157 14.48 -44.08 -83.35
C ASN Z 157 15.71 -44.96 -83.08
N LEU Z 158 16.32 -44.81 -81.90
CA LEU Z 158 17.50 -45.59 -81.54
C LEU Z 158 17.21 -47.09 -81.34
N VAL Z 159 16.06 -47.42 -80.74
CA VAL Z 159 15.66 -48.82 -80.57
C VAL Z 159 15.36 -49.46 -81.94
N GLN Z 160 14.73 -48.68 -82.82
CA GLN Z 160 14.40 -49.13 -84.18
C GLN Z 160 15.65 -49.28 -85.06
N ALA Z 161 16.61 -48.37 -84.91
CA ALA Z 161 17.88 -48.45 -85.64
C ALA Z 161 18.74 -49.61 -85.11
N LYS Z 162 18.63 -49.88 -83.80
CA LYS Z 162 19.34 -51.01 -83.19
C LYS Z 162 18.76 -52.35 -83.65
N LYS Z 163 17.43 -52.46 -83.65
CA LYS Z 163 16.75 -53.65 -84.18
C LYS Z 163 16.93 -53.78 -85.70
N LEU Z 164 17.23 -52.67 -86.39
CA LEU Z 164 17.50 -52.69 -87.83
C LEU Z 164 18.92 -53.21 -88.13
N VAL Z 165 19.91 -52.78 -87.33
CA VAL Z 165 21.29 -53.20 -87.53
C VAL Z 165 21.52 -54.63 -86.96
N GLU Z 166 20.63 -55.08 -86.07
CA GLU Z 166 20.69 -56.45 -85.54
C GLU Z 166 19.86 -57.48 -86.33
N SER Z 167 19.03 -57.01 -87.26
CA SER Z 167 18.17 -57.89 -88.07
C SER Z 167 18.76 -58.21 -89.45
N LEU Z 168 19.99 -57.76 -89.69
CA LEU Z 168 20.62 -57.85 -91.01
C LEU Z 168 20.72 -59.28 -91.55
N PRO Z 169 20.66 -59.44 -92.89
CA PRO Z 169 20.52 -58.40 -93.92
C PRO Z 169 19.14 -57.72 -93.97
N GLN Z 170 19.15 -56.41 -94.22
CA GLN Z 170 17.94 -55.59 -94.18
C GLN Z 170 17.99 -54.49 -95.24
N GLU Z 171 16.83 -54.08 -95.76
CA GLU Z 171 16.76 -52.99 -96.73
C GLU Z 171 16.49 -51.66 -96.05
N ILE Z 172 17.49 -50.79 -96.08
CA ILE Z 172 17.40 -49.46 -95.46
C ILE Z 172 16.54 -48.49 -96.29
N LYS Z 173 16.86 -48.35 -97.57
CA LYS Z 173 16.21 -47.33 -98.39
C LYS Z 173 15.84 -47.84 -99.80
N ALA Z 174 14.64 -47.49 -100.26
CA ALA Z 174 14.19 -47.88 -101.59
C ALA Z 174 13.80 -46.68 -102.45
N ASN Z 175 13.99 -46.81 -103.75
CA ASN Z 175 13.59 -45.80 -104.74
C ASN Z 175 14.31 -44.45 -104.58
N VAL Z 176 15.53 -44.48 -104.06
CA VAL Z 176 16.40 -43.30 -104.03
C VAL Z 176 17.26 -43.25 -105.30
N PRO Z 177 17.57 -42.04 -105.80
CA PRO Z 177 18.41 -41.89 -107.00
C PRO Z 177 19.84 -42.41 -106.82
N LYS Z 178 20.69 -42.23 -107.83
CA LYS Z 178 22.05 -42.77 -107.79
C LYS Z 178 22.97 -41.98 -106.85
N ALA Z 179 22.88 -40.65 -106.88
CA ALA Z 179 23.71 -39.81 -106.02
C ALA Z 179 23.50 -40.12 -104.53
N GLU Z 180 22.23 -40.16 -104.11
CA GLU Z 180 21.87 -40.45 -102.72
C GLU Z 180 22.25 -41.87 -102.28
N ALA Z 181 22.09 -42.84 -103.18
CA ALA Z 181 22.43 -44.24 -102.89
C ALA Z 181 23.95 -44.44 -102.75
N GLU Z 182 24.71 -43.78 -103.61
CA GLU Z 182 26.18 -43.85 -103.54
C GLU Z 182 26.73 -43.08 -102.33
N LYS Z 183 26.08 -41.99 -101.94
CA LYS Z 183 26.48 -41.22 -100.76
C LYS Z 183 26.14 -41.96 -99.45
N ILE Z 184 24.97 -42.58 -99.40
CA ILE Z 184 24.56 -43.39 -98.24
C ILE Z 184 25.43 -44.65 -98.12
N LYS Z 185 25.77 -45.28 -99.25
CA LYS Z 185 26.66 -46.44 -99.23
C LYS Z 185 28.10 -46.06 -98.87
N ALA Z 186 28.56 -44.88 -99.33
CA ALA Z 186 29.90 -44.39 -98.98
C ALA Z 186 29.99 -44.05 -97.49
N ALA Z 187 28.92 -43.47 -96.95
CA ALA Z 187 28.87 -43.11 -95.53
C ALA Z 187 28.68 -44.32 -94.60
N LEU Z 188 27.96 -45.34 -95.07
CA LEU Z 188 27.76 -46.57 -94.31
C LEU Z 188 28.94 -47.55 -94.41
N GLU Z 189 29.73 -47.44 -95.48
CA GLU Z 189 31.00 -48.16 -95.59
C GLU Z 189 32.13 -47.41 -94.86
N ALA Z 190 31.99 -46.10 -94.69
CA ALA Z 190 32.96 -45.30 -93.93
C ALA Z 190 32.87 -45.54 -92.42
N VAL Z 191 31.67 -45.90 -91.94
CA VAL Z 191 31.45 -46.23 -90.53
C VAL Z 191 31.58 -47.74 -90.28
N GLY Z 192 31.94 -48.50 -91.31
CA GLY Z 192 32.23 -49.91 -91.16
C GLY Z 192 31.12 -50.91 -91.38
N GLY Z 193 30.11 -50.54 -92.16
CA GLY Z 193 29.08 -51.50 -92.54
C GLY Z 193 29.36 -52.16 -93.88
N THR Z 194 28.84 -53.38 -94.07
CA THR Z 194 28.89 -54.05 -95.37
C THR Z 194 27.58 -53.81 -96.11
N VAL Z 195 27.67 -53.01 -97.18
CA VAL Z 195 26.51 -52.44 -97.89
C VAL Z 195 26.48 -52.89 -99.36
N VAL Z 196 25.28 -53.11 -99.90
CA VAL Z 196 25.10 -53.50 -101.30
C VAL Z 196 24.04 -52.64 -102.00
N LEU Z 197 24.46 -51.94 -103.06
CA LEU Z 197 23.54 -51.13 -103.86
C LEU Z 197 22.98 -51.91 -105.04
N GLU Z 198 21.66 -51.83 -105.23
CA GLU Z 198 20.98 -52.61 -106.26
C GLU Z 198 20.07 -51.72 -107.13
N SER AA 2 -103.91 -5.18 -42.66
CA SER AA 2 -103.68 -4.57 -41.37
C SER AA 2 -104.40 -5.32 -40.28
N SER AA 3 -105.49 -5.98 -40.65
CA SER AA 3 -106.27 -6.68 -39.64
C SER AA 3 -105.84 -8.11 -39.55
N PHE AA 4 -105.14 -8.43 -38.47
CA PHE AA 4 -104.65 -9.77 -38.24
C PHE AA 4 -105.04 -10.04 -36.82
N SER AA 5 -104.97 -11.30 -36.40
CA SER AA 5 -105.15 -11.57 -34.97
C SER AA 5 -103.88 -11.09 -34.30
N LYS AA 6 -103.81 -11.13 -32.98
CA LYS AA 6 -102.62 -10.61 -32.30
C LYS AA 6 -101.41 -11.49 -32.55
N ALA AA 7 -101.56 -12.77 -32.23
CA ALA AA 7 -100.47 -13.74 -32.35
C ALA AA 7 -99.83 -13.79 -33.73
N PRO AA 8 -100.63 -13.97 -34.80
CA PRO AA 8 -99.99 -14.03 -36.12
C PRO AA 8 -99.38 -12.71 -36.55
N GLN AA 9 -99.96 -11.60 -36.10
CA GLN AA 9 -99.40 -10.29 -36.39
C GLN AA 9 -97.98 -10.22 -35.85
N GLN AA 10 -97.87 -10.43 -34.54
CA GLN AA 10 -96.58 -10.37 -33.86
C GLN AA 10 -95.60 -11.36 -34.45
N TRP AA 11 -96.08 -12.54 -34.85
CA TRP AA 11 -95.19 -13.54 -35.43
C TRP AA 11 -94.64 -13.06 -36.76
N ALA AA 12 -95.48 -12.36 -37.51
CA ALA AA 12 -95.08 -11.88 -38.82
C ALA AA 12 -94.03 -10.82 -38.70
N THR AA 13 -94.24 -9.90 -37.76
CA THR AA 13 -93.33 -8.77 -37.60
C THR AA 13 -91.92 -9.20 -37.28
N PHE AA 14 -91.78 -10.08 -36.30
CA PHE AA 14 -90.47 -10.47 -35.80
C PHE AA 14 -89.85 -11.67 -36.49
N ALA AA 15 -90.48 -12.09 -37.58
CA ALA AA 15 -90.01 -13.20 -38.41
C ALA AA 15 -88.54 -13.12 -38.83
N ARG AA 16 -87.85 -14.26 -38.79
CA ARG AA 16 -86.49 -14.34 -39.33
C ARG AA 16 -86.52 -14.48 -40.83
N VAL AA 17 -85.54 -13.93 -41.50
CA VAL AA 17 -85.50 -13.95 -42.94
C VAL AA 17 -84.14 -14.47 -43.37
N TRP AA 18 -84.07 -15.21 -44.47
CA TRP AA 18 -82.79 -15.69 -44.95
C TRP AA 18 -82.34 -14.94 -46.20
N TYR AA 19 -81.19 -14.29 -46.10
CA TYR AA 19 -80.63 -13.56 -47.23
C TYR AA 19 -79.52 -14.35 -47.88
N LEU AA 20 -79.40 -14.22 -49.20
CA LEU AA 20 -78.29 -14.83 -49.92
C LEU AA 20 -77.35 -13.78 -50.43
N LEU AA 21 -76.06 -14.05 -50.32
CA LEU AA 21 -75.06 -13.08 -50.72
C LEU AA 21 -73.97 -13.78 -51.51
N ASP AA 22 -73.82 -13.38 -52.76
CA ASP AA 22 -72.80 -13.95 -53.63
C ASP AA 22 -71.50 -13.22 -53.37
N GLY AA 23 -70.42 -13.96 -53.17
CA GLY AA 23 -69.15 -13.37 -52.82
C GLY AA 23 -68.10 -13.28 -53.91
N LYS AA 24 -68.38 -13.84 -55.09
CA LYS AA 24 -67.36 -13.92 -56.13
C LYS AA 24 -66.81 -12.55 -56.50
N MET AA 25 -65.48 -12.41 -56.42
CA MET AA 25 -64.79 -11.18 -56.77
C MET AA 25 -65.16 -9.98 -55.91
N GLN AA 26 -65.53 -10.23 -54.66
CA GLN AA 26 -65.89 -9.15 -53.77
C GLN AA 26 -64.84 -9.02 -52.70
N PRO AA 27 -64.64 -7.81 -52.17
CA PRO AA 27 -63.77 -7.63 -51.00
C PRO AA 27 -64.44 -8.17 -49.76
N PRO AA 28 -63.71 -8.91 -48.94
CA PRO AA 28 -64.31 -9.49 -47.75
C PRO AA 28 -64.88 -8.43 -46.85
N GLY AA 29 -64.27 -7.25 -46.84
CA GLY AA 29 -64.77 -6.18 -46.02
C GLY AA 29 -66.16 -5.70 -46.40
N LYS AA 30 -66.35 -5.38 -47.67
CA LYS AA 30 -67.63 -4.86 -48.13
C LYS AA 30 -68.72 -5.90 -47.97
N LEU AA 31 -68.35 -7.15 -48.12
CA LEU AA 31 -69.25 -8.26 -47.85
C LEU AA 31 -69.68 -8.23 -46.40
N ALA AA 32 -68.68 -8.19 -45.53
CA ALA AA 32 -68.89 -8.25 -44.09
C ALA AA 32 -69.68 -7.06 -43.59
N ALA AA 33 -69.62 -5.94 -44.28
CA ALA AA 33 -70.37 -4.76 -43.85
C ALA AA 33 -71.87 -5.07 -43.87
N MET AA 34 -72.37 -5.46 -45.04
CA MET AA 34 -73.79 -5.73 -45.16
C MET AA 34 -74.20 -7.00 -44.44
N ALA AA 35 -73.30 -7.98 -44.43
CA ALA AA 35 -73.55 -9.18 -43.66
C ALA AA 35 -73.78 -8.83 -42.20
N SER AA 36 -72.96 -7.92 -41.70
CA SER AA 36 -73.05 -7.46 -40.33
C SER AA 36 -74.38 -6.80 -40.06
N VAL AA 37 -74.74 -5.85 -40.91
CA VAL AA 37 -76.00 -5.17 -40.71
C VAL AA 37 -77.19 -6.15 -40.65
N LYS AA 38 -77.26 -7.07 -41.61
CA LYS AA 38 -78.38 -8.03 -41.61
C LYS AA 38 -78.32 -8.95 -40.41
N LEU AA 39 -77.12 -9.32 -39.98
CA LEU AA 39 -76.98 -10.18 -38.82
C LEU AA 39 -77.53 -9.54 -37.56
N GLN AA 40 -77.21 -8.26 -37.33
CA GLN AA 40 -77.68 -7.58 -36.13
C GLN AA 40 -79.15 -7.21 -36.21
N GLY AA 41 -79.68 -7.24 -37.42
CA GLY AA 41 -81.05 -6.80 -37.64
C GLY AA 41 -81.17 -5.30 -37.53
N LEU AA 42 -80.22 -4.59 -38.11
CA LEU AA 42 -80.23 -3.13 -38.11
C LEU AA 42 -80.94 -2.60 -39.32
N HIS AA 43 -81.46 -3.51 -40.13
CA HIS AA 43 -82.19 -3.14 -41.34
C HIS AA 43 -83.67 -3.16 -41.08
N LYS AA 44 -84.05 -3.55 -39.87
CA LYS AA 44 -85.45 -3.62 -39.50
C LYS AA 44 -85.85 -2.42 -38.66
N PRO AA 45 -86.83 -1.65 -39.12
CA PRO AA 45 -87.32 -0.52 -38.34
C PRO AA 45 -87.77 -0.90 -36.94
N VAL AA 46 -88.02 -2.18 -36.68
CA VAL AA 46 -88.43 -2.61 -35.34
C VAL AA 46 -87.25 -2.89 -34.43
N TYR AA 47 -86.05 -2.69 -34.96
CA TYR AA 47 -84.82 -3.05 -34.27
C TYR AA 47 -84.73 -2.54 -32.85
N HIS AA 48 -84.22 -3.40 -31.99
CA HIS AA 48 -83.78 -3.00 -30.69
C HIS AA 48 -82.70 -3.95 -30.26
N GLN AA 49 -81.88 -3.56 -29.28
CA GLN AA 49 -80.81 -4.45 -28.87
C GLN AA 49 -81.31 -5.63 -28.06
N LEU AA 50 -82.43 -5.48 -27.39
CA LEU AA 50 -82.92 -6.57 -26.56
C LEU AA 50 -83.94 -7.44 -27.24
N SER AA 51 -84.34 -7.08 -28.45
CA SER AA 51 -85.14 -7.97 -29.26
C SER AA 51 -84.20 -8.88 -30.01
N ASP AA 52 -84.58 -10.13 -30.18
CA ASP AA 52 -83.65 -11.08 -30.74
C ASP AA 52 -83.42 -10.85 -32.23
N CYS AA 53 -84.15 -9.91 -32.81
CA CYS AA 53 -84.20 -9.78 -34.27
C CYS AA 53 -82.83 -9.68 -34.90
N GLY AA 54 -82.58 -10.61 -35.80
CA GLY AA 54 -81.37 -10.65 -36.59
C GLY AA 54 -81.71 -11.72 -37.58
N ASP AA 55 -81.11 -11.69 -38.75
CA ASP AA 55 -81.54 -12.57 -39.81
C ASP AA 55 -80.44 -13.51 -40.21
N HIS AA 56 -80.78 -14.59 -40.90
CA HIS AA 56 -79.77 -15.48 -41.43
C HIS AA 56 -79.15 -14.90 -42.66
N VAL AA 57 -77.84 -15.04 -42.75
CA VAL AA 57 -77.14 -14.64 -43.94
C VAL AA 57 -76.39 -15.83 -44.47
N VAL AA 58 -76.56 -16.11 -45.76
CA VAL AA 58 -75.83 -17.17 -46.40
C VAL AA 58 -74.87 -16.58 -47.42
N ILE AA 59 -73.57 -16.69 -47.17
CA ILE AA 59 -72.60 -16.18 -48.12
C ILE AA 59 -71.99 -17.31 -48.90
N MET AA 60 -71.89 -17.18 -50.21
CA MET AA 60 -71.35 -18.27 -51.00
C MET AA 60 -70.28 -17.79 -51.95
N ASN AA 61 -69.58 -18.74 -52.56
CA ASN AA 61 -68.43 -18.44 -53.40
C ASN AA 61 -67.30 -17.75 -52.64
N THR AA 62 -67.22 -18.04 -51.35
CA THR AA 62 -66.25 -17.41 -50.47
C THR AA 62 -64.81 -17.61 -50.94
N ARG AA 63 -64.54 -18.75 -51.55
CA ARG AA 63 -63.20 -19.04 -52.05
C ARG AA 63 -62.74 -18.01 -53.09
N HIS AA 64 -63.69 -17.44 -53.81
CA HIS AA 64 -63.41 -16.56 -54.94
C HIS AA 64 -63.36 -15.09 -54.55
N ILE AA 65 -63.34 -14.84 -53.26
CA ILE AA 65 -63.20 -13.52 -52.68
C ILE AA 65 -61.99 -12.77 -53.25
N ALA AA 66 -62.09 -11.44 -53.36
CA ALA AA 66 -60.98 -10.62 -53.87
C ALA AA 66 -60.49 -9.58 -52.87
N PHE AA 67 -59.23 -9.19 -52.98
CA PHE AA 67 -58.62 -8.29 -52.01
C PHE AA 67 -57.94 -7.12 -52.69
N SER AA 68 -58.37 -5.90 -52.41
CA SER AA 68 -57.78 -4.76 -53.10
C SER AA 68 -56.33 -4.57 -52.71
N GLY AA 69 -55.53 -4.04 -53.63
CA GLY AA 69 -54.12 -3.81 -53.38
C GLY AA 69 -53.35 -5.09 -53.13
N ASN AA 70 -52.31 -4.99 -52.32
CA ASN AA 70 -51.46 -6.12 -52.02
C ASN AA 70 -51.84 -6.87 -50.78
N LYS AA 71 -53.01 -6.56 -50.22
CA LYS AA 71 -53.44 -7.13 -48.96
C LYS AA 71 -53.26 -8.65 -48.85
N TRP AA 72 -53.41 -9.38 -49.94
CA TRP AA 72 -53.15 -10.82 -49.91
C TRP AA 72 -51.79 -11.14 -49.32
N GLU AA 73 -50.80 -10.33 -49.68
CA GLU AA 73 -49.45 -10.49 -49.17
C GLU AA 73 -49.21 -9.81 -47.83
N GLN AA 74 -49.73 -8.61 -47.65
CA GLN AA 74 -49.39 -7.85 -46.46
C GLN AA 74 -50.19 -8.20 -45.22
N LYS AA 75 -51.48 -8.42 -45.38
CA LYS AA 75 -52.37 -8.55 -44.24
C LYS AA 75 -52.08 -9.83 -43.49
N VAL AA 76 -51.82 -9.74 -42.19
CA VAL AA 76 -51.59 -10.98 -41.45
C VAL AA 76 -52.60 -11.19 -40.33
N TYR AA 77 -52.96 -12.44 -40.17
CA TYR AA 77 -53.86 -12.87 -39.14
C TYR AA 77 -53.04 -13.54 -38.08
N SER AA 78 -53.08 -12.99 -36.87
CA SER AA 78 -52.29 -13.55 -35.80
C SER AA 78 -53.19 -14.23 -34.80
N SER AA 79 -52.68 -15.29 -34.19
CA SER AA 79 -53.39 -15.98 -33.15
C SER AA 79 -52.39 -16.57 -32.17
N HIS AA 80 -52.84 -16.95 -30.98
CA HIS AA 80 -51.93 -17.51 -30.01
C HIS AA 80 -52.54 -18.70 -29.29
N THR AA 81 -51.85 -19.84 -29.34
CA THR AA 81 -52.38 -21.06 -28.74
C THR AA 81 -52.41 -20.96 -27.23
N GLY AA 82 -51.62 -20.05 -26.70
CA GLY AA 82 -51.56 -19.84 -25.26
C GLY AA 82 -50.35 -20.47 -24.63
N TYR AA 83 -49.77 -21.47 -25.28
CA TYR AA 83 -48.53 -22.11 -24.82
C TYR AA 83 -47.34 -21.29 -25.24
N PRO AA 84 -46.29 -21.26 -24.42
CA PRO AA 84 -45.12 -20.48 -24.79
C PRO AA 84 -44.58 -20.92 -26.15
N GLY AA 85 -44.29 -19.93 -27.00
CA GLY AA 85 -43.86 -20.20 -28.35
C GLY AA 85 -45.00 -20.61 -29.24
N GLY AA 86 -46.22 -20.27 -28.81
CA GLY AA 86 -47.41 -20.62 -29.54
C GLY AA 86 -48.00 -19.45 -30.29
N PHE AA 87 -47.16 -18.45 -30.56
CA PHE AA 87 -47.64 -17.29 -31.28
C PHE AA 87 -47.50 -17.51 -32.79
N ARG AA 88 -48.61 -17.33 -33.50
CA ARG AA 88 -48.67 -17.69 -34.90
C ARG AA 88 -49.14 -16.55 -35.77
N GLN AA 89 -48.30 -16.13 -36.71
CA GLN AA 89 -48.68 -15.09 -37.65
C GLN AA 89 -48.83 -15.72 -39.02
N VAL AA 90 -49.91 -15.41 -39.71
CA VAL AA 90 -50.13 -16.01 -41.00
C VAL AA 90 -50.63 -15.03 -42.05
N THR AA 91 -49.93 -14.96 -43.17
CA THR AA 91 -50.34 -14.12 -44.28
C THR AA 91 -51.71 -14.54 -44.82
N ALA AA 92 -52.54 -13.57 -45.19
CA ALA AA 92 -53.91 -13.83 -45.62
C ALA AA 92 -53.97 -14.86 -46.73
N ALA AA 93 -52.99 -14.83 -47.63
CA ALA AA 93 -52.90 -15.82 -48.68
C ALA AA 93 -52.82 -17.23 -48.09
N GLN AA 94 -52.01 -17.39 -47.06
CA GLN AA 94 -51.84 -18.71 -46.46
C GLN AA 94 -53.10 -19.16 -45.76
N LEU AA 95 -53.68 -18.27 -44.97
CA LEU AA 95 -54.88 -18.59 -44.24
C LEU AA 95 -55.97 -19.02 -45.19
N HIS AA 96 -56.09 -18.30 -46.30
CA HIS AA 96 -57.14 -18.56 -47.27
C HIS AA 96 -56.90 -19.83 -48.04
N GLN AA 97 -55.64 -20.10 -48.32
CA GLN AA 97 -55.24 -21.33 -48.96
C GLN AA 97 -55.66 -22.52 -48.10
N LYS AA 98 -55.44 -22.40 -46.80
CA LYS AA 98 -55.75 -23.47 -45.85
C LYS AA 98 -57.25 -23.70 -45.62
N ASP AA 99 -57.96 -22.64 -45.24
CA ASP AA 99 -59.39 -22.68 -44.88
C ASP AA 99 -60.21 -21.63 -45.61
N PRO AA 100 -60.87 -22.00 -46.72
CA PRO AA 100 -61.50 -21.07 -47.66
C PRO AA 100 -62.48 -20.10 -47.01
N VAL AA 101 -63.11 -20.54 -45.94
CA VAL AA 101 -64.12 -19.73 -45.26
C VAL AA 101 -63.54 -18.66 -44.32
N ALA AA 102 -62.33 -18.90 -43.83
CA ALA AA 102 -61.72 -18.10 -42.76
C ALA AA 102 -61.82 -16.59 -42.95
N ILE AA 103 -61.27 -16.07 -44.04
CA ILE AA 103 -61.17 -14.62 -44.24
C ILE AA 103 -62.46 -13.85 -44.01
N VAL AA 104 -63.50 -14.26 -44.72
CA VAL AA 104 -64.76 -13.55 -44.65
C VAL AA 104 -65.37 -13.70 -43.26
N LYS AA 105 -65.12 -14.85 -42.64
CA LYS AA 105 -65.69 -15.13 -41.33
C LYS AA 105 -65.09 -14.21 -40.30
N LEU AA 106 -63.76 -14.12 -40.31
CA LEU AA 106 -63.07 -13.23 -39.40
C LEU AA 106 -63.47 -11.79 -39.58
N ALA AA 107 -63.62 -11.37 -40.83
CA ALA AA 107 -64.07 -9.99 -41.06
C ALA AA 107 -65.45 -9.73 -40.42
N ILE AA 108 -66.41 -10.61 -40.70
CA ILE AA 108 -67.74 -10.43 -40.12
C ILE AA 108 -67.70 -10.46 -38.61
N TYR AA 109 -66.89 -11.37 -38.07
CA TYR AA 109 -66.76 -11.51 -36.63
C TYR AA 109 -66.14 -10.28 -36.02
N GLY AA 110 -65.40 -9.54 -36.83
CA GLY AA 110 -64.76 -8.35 -36.35
C GLY AA 110 -65.70 -7.17 -36.37
N MET AA 111 -66.68 -7.21 -37.27
CA MET AA 111 -67.55 -6.03 -37.41
C MET AA 111 -68.84 -6.08 -36.61
N LEU AA 112 -69.12 -7.19 -35.94
CA LEU AA 112 -70.28 -7.25 -35.08
C LEU AA 112 -69.98 -6.54 -33.78
N PRO AA 113 -71.02 -6.12 -33.03
CA PRO AA 113 -70.76 -5.49 -31.73
C PRO AA 113 -70.13 -6.50 -30.79
N LYS AA 114 -69.32 -6.05 -29.82
CA LYS AA 114 -68.41 -6.96 -29.13
C LYS AA 114 -69.00 -7.64 -27.89
N ASN AA 115 -70.30 -7.48 -27.70
CA ASN AA 115 -71.01 -8.13 -26.60
C ASN AA 115 -71.23 -9.62 -26.81
N LEU AA 116 -72.08 -10.20 -25.99
CA LEU AA 116 -72.34 -11.63 -26.04
C LEU AA 116 -73.18 -12.06 -27.22
N HIS AA 117 -74.06 -11.19 -27.66
CA HIS AA 117 -74.93 -11.53 -28.76
C HIS AA 117 -74.15 -11.82 -30.03
N ARG AA 118 -72.94 -11.27 -30.13
CA ARG AA 118 -72.03 -11.58 -31.22
C ARG AA 118 -71.90 -13.07 -31.42
N ARG AA 119 -71.80 -13.82 -30.33
CA ARG AA 119 -71.63 -15.26 -30.43
C ARG AA 119 -72.87 -15.93 -31.00
N THR AA 120 -74.03 -15.40 -30.65
CA THR AA 120 -75.28 -15.94 -31.17
C THR AA 120 -75.48 -15.59 -32.64
N MET AA 121 -75.35 -14.32 -32.99
CA MET AA 121 -75.62 -13.94 -34.38
C MET AA 121 -74.55 -14.46 -35.32
N MET AA 122 -73.50 -15.03 -34.77
CA MET AA 122 -72.51 -15.71 -35.58
C MET AA 122 -73.02 -17.09 -35.94
N GLN AA 123 -74.02 -17.55 -35.19
CA GLN AA 123 -74.60 -18.86 -35.44
C GLN AA 123 -75.60 -18.80 -36.56
N ARG AA 124 -76.03 -17.59 -36.89
CA ARG AA 124 -76.96 -17.41 -38.00
C ARG AA 124 -76.25 -17.07 -39.28
N LEU AA 125 -74.93 -17.12 -39.27
CA LEU AA 125 -74.14 -16.93 -40.47
C LEU AA 125 -73.81 -18.28 -41.09
N HIS AA 126 -73.87 -18.37 -42.41
CA HIS AA 126 -73.57 -19.63 -43.12
C HIS AA 126 -72.65 -19.40 -44.28
N LEU AA 127 -71.49 -20.02 -44.26
CA LEU AA 127 -70.48 -19.73 -45.27
C LEU AA 127 -70.10 -20.95 -46.10
N PHE AA 128 -70.28 -20.82 -47.40
CA PHE AA 128 -69.94 -21.88 -48.34
C PHE AA 128 -68.88 -21.46 -49.36
N PRO AA 129 -67.77 -22.19 -49.41
CA PRO AA 129 -66.62 -21.87 -50.26
C PRO AA 129 -66.96 -21.70 -51.74
N ASP AA 130 -67.81 -22.57 -52.26
CA ASP AA 130 -68.24 -22.55 -53.67
C ASP AA 130 -69.74 -22.52 -53.66
N GLU AA 131 -70.41 -22.72 -54.79
CA GLU AA 131 -71.84 -22.87 -54.64
C GLU AA 131 -72.15 -24.35 -54.62
N ASP AA 132 -72.22 -24.87 -53.40
CA ASP AA 132 -72.87 -26.13 -53.09
C ASP AA 132 -73.55 -25.87 -51.78
N ILE AA 133 -74.86 -25.91 -51.77
CA ILE AA 133 -75.56 -25.58 -50.55
C ILE AA 133 -76.51 -26.71 -50.28
N PRO AA 134 -76.61 -27.12 -49.02
CA PRO AA 134 -77.60 -28.13 -48.65
C PRO AA 134 -78.97 -27.66 -49.11
N GLU AA 135 -79.74 -28.53 -49.76
CA GLU AA 135 -81.03 -28.11 -50.28
C GLU AA 135 -81.92 -27.56 -49.18
N ASP AA 136 -81.71 -28.07 -47.96
CA ASP AA 136 -82.41 -27.59 -46.78
C ASP AA 136 -82.25 -26.09 -46.65
N ILE AA 137 -81.01 -25.61 -46.72
CA ILE AA 137 -80.73 -24.19 -46.56
C ILE AA 137 -81.14 -23.40 -47.80
N LEU AA 138 -81.09 -24.03 -48.97
CA LEU AA 138 -81.57 -23.37 -50.19
C LEU AA 138 -83.05 -23.04 -50.11
N LYS AA 139 -83.82 -23.92 -49.48
CA LYS AA 139 -85.25 -23.72 -49.43
C LYS AA 139 -85.67 -22.63 -48.46
N ASN AA 140 -84.72 -22.09 -47.69
CA ASN AA 140 -85.07 -20.99 -46.80
C ASN AA 140 -84.88 -19.61 -47.40
N LEU AA 141 -84.19 -19.50 -48.53
CA LEU AA 141 -83.78 -18.19 -49.00
C LEU AA 141 -84.94 -17.34 -49.47
N VAL AA 142 -85.09 -16.16 -48.87
CA VAL AA 142 -86.07 -15.19 -49.32
C VAL AA 142 -85.59 -14.34 -50.49
N GLU AA 143 -84.38 -13.79 -50.36
CA GLU AA 143 -83.93 -12.88 -51.40
C GLU AA 143 -82.42 -12.74 -51.45
N GLU AA 144 -81.92 -12.21 -52.56
CA GLU AA 144 -80.49 -12.08 -52.74
C GLU AA 144 -80.05 -10.62 -52.78
N LEU AA 145 -79.15 -10.26 -51.86
CA LEU AA 145 -78.60 -8.92 -51.80
C LEU AA 145 -77.72 -8.64 -53.01
N PRO AA 146 -77.73 -7.38 -53.48
CA PRO AA 146 -76.88 -6.96 -54.59
C PRO AA 146 -75.42 -6.95 -54.18
N GLN AA 147 -74.53 -7.42 -55.05
CA GLN AA 147 -73.10 -7.41 -54.75
C GLN AA 147 -72.56 -5.99 -54.66
N PRO AA 148 -71.83 -5.70 -53.57
CA PRO AA 148 -71.33 -4.35 -53.24
C PRO AA 148 -70.21 -3.81 -54.15
N ARG AA 149 -69.53 -4.65 -54.92
CA ARG AA 149 -68.55 -4.16 -55.87
C ARG AA 149 -68.94 -4.53 -57.29
N LYS AA 150 -68.98 -3.56 -58.20
CA LYS AA 150 -69.21 -3.90 -59.60
C LYS AA 150 -67.95 -4.50 -60.19
N VAL AA 151 -68.06 -5.72 -60.69
CA VAL AA 151 -66.90 -6.44 -61.22
C VAL AA 151 -66.61 -6.09 -62.68
N PRO AA 152 -65.42 -5.51 -62.93
CA PRO AA 152 -65.01 -5.13 -64.28
C PRO AA 152 -64.84 -6.34 -65.18
N ARG AA 153 -65.29 -6.25 -66.43
CA ARG AA 153 -65.13 -7.36 -67.35
C ARG AA 153 -63.70 -7.37 -67.86
N ARG AA 154 -63.19 -8.56 -68.16
CA ARG AA 154 -61.88 -8.67 -68.77
C ARG AA 154 -61.98 -8.22 -70.21
N LEU AA 155 -60.89 -8.29 -70.96
CA LEU AA 155 -60.91 -7.81 -72.33
C LEU AA 155 -61.68 -8.75 -73.25
N ASP AA 156 -61.67 -10.04 -72.95
CA ASP AA 156 -62.35 -11.01 -73.79
C ASP AA 156 -63.86 -11.06 -73.56
N GLU AA 157 -64.33 -10.34 -72.56
CA GLU AA 157 -65.75 -10.32 -72.23
C GLU AA 157 -66.53 -9.36 -73.11
N TYR AA 158 -65.83 -8.42 -73.73
CA TYR AA 158 -66.49 -7.40 -74.51
C TYR AA 158 -66.92 -7.91 -75.88
N THR AA 159 -68.15 -7.59 -76.27
CA THR AA 159 -68.65 -7.89 -77.61
C THR AA 159 -67.86 -7.09 -78.65
N GLN AA 160 -67.75 -7.61 -79.87
CA GLN AA 160 -67.01 -6.92 -80.91
C GLN AA 160 -67.66 -5.58 -81.25
N GLU AA 161 -68.97 -5.50 -81.05
CA GLU AA 161 -69.68 -4.24 -81.22
C GLU AA 161 -69.09 -3.15 -80.32
N GLU AA 162 -68.91 -3.48 -79.05
CA GLU AA 162 -68.39 -2.53 -78.08
C GLU AA 162 -66.93 -2.20 -78.35
N ILE AA 163 -66.18 -3.16 -78.87
CA ILE AA 163 -64.78 -2.95 -79.20
C ILE AA 163 -64.63 -1.99 -80.38
N GLU AA 164 -65.52 -2.12 -81.36
CA GLU AA 164 -65.48 -1.24 -82.53
C GLU AA 164 -66.16 0.09 -82.25
N ALA AA 165 -66.93 0.15 -81.16
CA ALA AA 165 -67.62 1.37 -80.78
C ALA AA 165 -66.71 2.31 -80.01
N PHE AA 166 -65.61 1.79 -79.49
CA PHE AA 166 -64.63 2.60 -78.77
C PHE AA 166 -63.51 2.98 -79.75
N PRO AA 167 -63.18 4.28 -79.79
CA PRO AA 167 -62.29 4.87 -80.81
C PRO AA 167 -60.84 4.40 -80.75
N ARG AA 168 -60.21 4.23 -81.90
CA ARG AA 168 -58.75 4.07 -81.92
C ARG AA 168 -58.20 5.45 -81.67
N VAL AA 169 -57.42 5.57 -80.61
CA VAL AA 169 -56.96 6.85 -80.13
C VAL AA 169 -55.77 7.38 -80.91
N TRP AA 170 -54.88 6.48 -81.30
CA TRP AA 170 -53.64 6.87 -81.94
C TRP AA 170 -53.37 6.00 -83.15
N SER AA 171 -52.62 6.51 -84.09
CA SER AA 171 -52.36 5.78 -85.32
C SER AA 171 -50.89 5.33 -85.40
N PRO AA 172 -50.67 4.02 -85.24
CA PRO AA 172 -49.32 3.43 -85.33
C PRO AA 172 -48.72 3.52 -86.71
N PRO AA 173 -47.41 3.78 -86.79
CA PRO AA 173 -46.69 3.75 -88.07
C PRO AA 173 -46.67 2.33 -88.61
N GLU AA 174 -46.82 2.18 -89.93
CA GLU AA 174 -46.87 0.85 -90.52
C GLU AA 174 -45.52 0.15 -90.45
N ASP AA 175 -44.45 0.93 -90.31
CA ASP AA 175 -43.11 0.39 -90.25
C ASP AA 175 -42.85 -0.35 -88.96
N TYR AA 176 -43.45 0.14 -87.88
CA TYR AA 176 -43.20 -0.38 -86.55
C TYR AA 176 -43.69 -1.80 -86.36
N ARG AA 177 -42.91 -2.61 -85.64
CA ARG AA 177 -43.22 -4.02 -85.50
C ARG AA 177 -43.64 -4.35 -84.07
N LEU AA 178 -44.58 -5.28 -83.95
CA LEU AA 178 -45.13 -5.66 -82.65
C LEU AA 178 -44.86 -7.12 -82.32
N ALA BA 31 -16.78 -48.22 -16.30
CA ALA BA 31 -17.24 -46.87 -16.02
C ALA BA 31 -16.18 -46.10 -15.24
N ILE BA 32 -15.08 -45.83 -15.92
CA ILE BA 32 -14.08 -44.93 -15.40
C ILE BA 32 -14.48 -43.51 -15.75
N GLN BA 33 -14.42 -42.62 -14.78
CA GLN BA 33 -14.80 -41.22 -14.98
C GLN BA 33 -13.80 -40.28 -14.37
N LYS BA 34 -14.09 -38.98 -14.37
CA LYS BA 34 -13.17 -38.02 -13.77
C LYS BA 34 -12.89 -38.39 -12.34
N MET BA 35 -11.64 -38.21 -11.95
CA MET BA 35 -11.16 -38.47 -10.59
C MET BA 35 -11.20 -39.93 -10.15
N THR BA 36 -11.19 -40.86 -11.09
CA THR BA 36 -11.01 -42.25 -10.69
C THR BA 36 -9.54 -42.57 -10.60
N ARG BA 37 -9.18 -43.35 -9.61
CA ARG BA 37 -7.83 -43.84 -9.51
C ARG BA 37 -7.70 -45.09 -10.37
N VAL BA 38 -6.67 -45.13 -11.20
CA VAL BA 38 -6.48 -46.23 -12.14
C VAL BA 38 -5.17 -46.95 -11.91
N ARG BA 39 -5.07 -48.16 -12.44
CA ARG BA 39 -3.87 -48.97 -12.28
C ARG BA 39 -3.19 -49.17 -13.62
N VAL BA 40 -2.00 -48.59 -13.80
CA VAL BA 40 -1.34 -48.69 -15.10
C VAL BA 40 -0.73 -50.06 -15.27
N VAL BA 41 -1.19 -50.78 -16.29
CA VAL BA 41 -0.81 -52.16 -16.46
C VAL BA 41 0.55 -52.39 -17.12
N ASP BA 42 0.81 -51.68 -18.22
CA ASP BA 42 2.03 -51.92 -19.00
C ASP BA 42 3.31 -51.54 -18.27
N ASN BA 43 4.43 -52.13 -18.68
CA ASN BA 43 5.74 -51.74 -18.17
C ASN BA 43 6.13 -50.37 -18.70
N SER BA 44 6.38 -49.43 -17.79
CA SER BA 44 6.72 -48.08 -18.23
C SER BA 44 7.51 -47.31 -17.20
N ALA BA 45 8.19 -46.26 -17.69
CA ALA BA 45 8.82 -45.31 -16.81
C ALA BA 45 7.78 -44.79 -15.84
N LEU BA 46 6.82 -44.04 -16.37
CA LEU BA 46 5.72 -43.46 -15.60
C LEU BA 46 4.94 -44.49 -14.79
N GLY BA 47 4.51 -45.55 -15.47
CA GLY BA 47 3.63 -46.53 -14.88
C GLY BA 47 4.15 -47.22 -13.63
N THR BA 48 5.39 -47.69 -13.69
CA THR BA 48 5.94 -48.51 -12.63
C THR BA 48 6.47 -47.74 -11.43
N THR BA 49 7.20 -46.66 -11.68
CA THR BA 49 7.89 -45.96 -10.59
C THR BA 49 6.91 -45.28 -9.62
N PRO BA 50 7.14 -45.44 -8.31
CA PRO BA 50 6.22 -44.93 -7.30
C PRO BA 50 6.13 -43.41 -7.28
N TYR BA 51 5.07 -42.93 -6.64
CA TYR BA 51 4.79 -41.52 -6.52
C TYR BA 51 3.85 -41.40 -5.34
N HIS BA 52 3.69 -40.21 -4.79
CA HIS BA 52 2.84 -40.09 -3.60
C HIS BA 52 1.34 -40.09 -3.93
N ARG BA 53 0.96 -39.55 -5.08
CA ARG BA 53 -0.44 -39.59 -5.52
C ARG BA 53 -0.67 -40.67 -6.55
N PRO BA 54 -1.68 -41.52 -6.34
CA PRO BA 54 -2.02 -42.53 -7.36
C PRO BA 54 -2.36 -41.85 -8.69
N PRO BA 55 -2.12 -42.53 -9.81
CA PRO BA 55 -2.45 -41.92 -11.11
C PRO BA 55 -3.95 -41.70 -11.22
N ARG BA 56 -4.36 -40.49 -11.59
CA ARG BA 56 -5.78 -40.14 -11.55
C ARG BA 56 -6.33 -39.86 -12.92
N CYS BA 57 -7.62 -40.09 -13.11
CA CYS BA 57 -8.23 -39.74 -14.38
C CYS BA 57 -8.76 -38.32 -14.38
N ILE BA 58 -8.26 -37.53 -15.32
CA ILE BA 58 -8.67 -36.14 -15.44
C ILE BA 58 -9.92 -36.02 -16.28
N HIS BA 59 -9.84 -36.45 -17.54
CA HIS BA 59 -10.89 -36.20 -18.50
C HIS BA 59 -11.07 -37.40 -19.41
N VAL BA 60 -12.29 -37.83 -19.68
CA VAL BA 60 -12.44 -38.89 -20.66
C VAL BA 60 -12.97 -38.33 -21.97
N TYR BA 61 -12.50 -38.89 -23.08
CA TYR BA 61 -12.66 -38.28 -24.39
C TYR BA 61 -13.94 -38.69 -25.09
N ASN BA 62 -14.76 -39.44 -24.37
CA ASN BA 62 -16.12 -39.73 -24.77
C ASN BA 62 -17.01 -38.49 -24.67
N LYS BA 63 -18.17 -38.47 -25.29
CA LYS BA 63 -19.10 -37.33 -25.09
C LYS BA 63 -19.90 -37.46 -23.79
N THR BA 64 -20.36 -38.66 -23.49
CA THR BA 64 -20.72 -38.98 -22.12
C THR BA 64 -19.45 -38.90 -21.29
N GLY BA 65 -19.52 -38.37 -20.08
CA GLY BA 65 -18.31 -38.29 -19.28
C GLY BA 65 -17.81 -39.64 -18.78
N VAL BA 66 -18.43 -40.73 -19.22
CA VAL BA 66 -18.11 -42.06 -18.71
C VAL BA 66 -17.33 -42.92 -19.70
N GLY BA 67 -16.17 -43.41 -19.25
CA GLY BA 67 -15.33 -44.26 -20.09
C GLY BA 67 -15.64 -45.74 -19.99
N LYS BA 68 -15.47 -46.43 -21.11
CA LYS BA 68 -15.62 -47.89 -21.13
C LYS BA 68 -14.39 -48.52 -21.77
N VAL BA 69 -14.43 -49.83 -21.96
CA VAL BA 69 -13.29 -50.52 -22.56
C VAL BA 69 -13.01 -49.98 -23.95
N GLY BA 70 -11.74 -49.68 -24.21
CA GLY BA 70 -11.37 -49.14 -25.50
C GLY BA 70 -11.79 -47.71 -25.65
N ASP BA 71 -11.51 -46.93 -24.62
CA ASP BA 71 -11.85 -45.50 -24.61
C ASP BA 71 -10.68 -44.65 -24.19
N ARG BA 72 -10.42 -43.59 -24.95
CA ARG BA 72 -9.31 -42.69 -24.65
C ARG BA 72 -9.55 -41.98 -23.33
N ILE BA 73 -8.48 -41.53 -22.70
CA ILE BA 73 -8.56 -40.93 -21.38
C ILE BA 73 -7.42 -39.96 -21.20
N LEU BA 74 -7.61 -38.92 -20.40
CA LEU BA 74 -6.45 -38.13 -19.99
C LEU BA 74 -6.09 -38.46 -18.56
N LEU BA 75 -4.81 -38.60 -18.32
CA LEU BA 75 -4.32 -39.07 -17.05
C LEU BA 75 -3.38 -38.06 -16.42
N ALA BA 76 -3.52 -37.88 -15.11
CA ALA BA 76 -2.53 -37.16 -14.34
C ALA BA 76 -1.67 -38.17 -13.59
N ILE BA 77 -0.42 -38.32 -14.03
CA ILE BA 77 0.55 -39.19 -13.38
C ILE BA 77 1.82 -38.42 -13.12
N ARG BA 78 2.36 -38.58 -11.91
CA ARG BA 78 3.61 -37.96 -11.54
C ARG BA 78 3.64 -36.50 -11.94
N GLY BA 79 2.56 -35.79 -11.61
CA GLY BA 79 2.48 -34.37 -11.86
C GLY BA 79 2.54 -33.94 -13.31
N GLN BA 80 2.18 -34.83 -14.22
CA GLN BA 80 2.12 -34.45 -15.63
C GLN BA 80 1.00 -35.21 -16.30
N LYS BA 81 0.58 -34.74 -17.47
CA LYS BA 81 -0.55 -35.34 -18.16
C LYS BA 81 -0.11 -36.25 -19.31
N LYS BA 82 -0.73 -37.43 -19.38
CA LYS BA 82 -0.41 -38.42 -20.41
C LYS BA 82 -1.73 -38.98 -20.93
N LYS BA 83 -1.78 -39.55 -22.13
CA LYS BA 83 -3.08 -40.06 -22.55
C LYS BA 83 -3.14 -41.54 -22.27
N ALA BA 84 -4.30 -42.09 -21.96
CA ALA BA 84 -4.35 -43.51 -21.68
C ALA BA 84 -5.47 -44.19 -22.42
N LEU BA 85 -5.36 -45.51 -22.56
CA LEU BA 85 -6.46 -46.28 -23.11
C LEU BA 85 -7.02 -47.20 -22.05
N ILE BA 86 -8.33 -47.23 -21.90
CA ILE BA 86 -8.94 -48.11 -20.93
C ILE BA 86 -8.96 -49.54 -21.42
N VAL BA 87 -8.34 -50.41 -20.64
CA VAL BA 87 -8.19 -51.80 -21.00
C VAL BA 87 -9.29 -52.64 -20.38
N GLY BA 88 -9.39 -52.66 -19.05
CA GLY BA 88 -10.46 -53.38 -18.42
C GLY BA 88 -10.90 -52.61 -17.21
N HIS BA 89 -12.10 -52.90 -16.71
CA HIS BA 89 -12.63 -52.13 -15.59
C HIS BA 89 -13.54 -52.98 -14.76
N ARG BA 90 -13.89 -52.48 -13.58
CA ARG BA 90 -14.62 -53.28 -12.61
C ARG BA 90 -16.12 -53.27 -12.82
N MET BA 91 -16.60 -52.38 -13.66
CA MET BA 91 -18.04 -52.28 -13.89
C MET BA 91 -18.49 -53.30 -14.91
N PRO BA 92 -19.59 -53.98 -14.63
CA PRO BA 92 -20.17 -54.97 -15.54
C PRO BA 92 -20.53 -54.36 -16.88
N GLY BA 93 -20.68 -55.22 -17.88
CA GLY BA 93 -20.82 -54.81 -19.27
C GLY BA 93 -21.61 -55.90 -19.95
N PRO BA 94 -21.70 -55.86 -21.29
CA PRO BA 94 -22.50 -56.83 -22.06
C PRO BA 94 -22.13 -58.27 -21.69
N ARG BA 95 -23.06 -59.23 -21.81
CA ARG BA 95 -22.73 -60.59 -21.38
C ARG BA 95 -21.57 -61.15 -22.17
N MET BA 96 -20.84 -62.07 -21.54
CA MET BA 96 -19.75 -62.81 -22.16
C MET BA 96 -18.53 -61.92 -22.37
N THR BA 97 -18.67 -60.66 -21.97
CA THR BA 97 -17.55 -59.73 -21.87
C THR BA 97 -16.85 -59.93 -20.52
N PRO BA 98 -15.52 -59.92 -20.51
CA PRO BA 98 -14.79 -60.07 -19.25
C PRO BA 98 -14.95 -58.87 -18.34
N ARG BA 99 -14.99 -59.14 -17.04
CA ARG BA 99 -15.04 -58.09 -16.04
C ARG BA 99 -13.89 -58.27 -15.07
N PHE BA 100 -13.23 -57.17 -14.68
CA PHE BA 100 -11.93 -57.26 -14.04
C PHE BA 100 -11.93 -56.75 -12.62
N ASP BA 101 -10.91 -57.11 -11.85
CA ASP BA 101 -10.85 -56.75 -10.43
C ASP BA 101 -10.17 -55.42 -10.18
N SER BA 102 -9.68 -54.78 -11.24
CA SER BA 102 -9.05 -53.47 -11.12
C SER BA 102 -9.44 -52.61 -12.31
N ASN BA 103 -9.19 -51.32 -12.22
CA ASN BA 103 -9.42 -50.46 -13.36
C ASN BA 103 -8.11 -50.24 -14.09
N ASN BA 104 -8.00 -50.82 -15.27
CA ASN BA 104 -6.71 -50.96 -15.93
C ASN BA 104 -6.57 -50.03 -17.14
N VAL BA 105 -5.41 -49.42 -17.27
CA VAL BA 105 -5.16 -48.54 -18.41
C VAL BA 105 -3.83 -48.85 -19.06
N VAL BA 106 -3.65 -48.31 -20.25
CA VAL BA 106 -2.38 -48.41 -20.94
C VAL BA 106 -1.93 -47.02 -21.34
N LEU BA 107 -0.77 -46.63 -20.81
CA LEU BA 107 -0.19 -45.34 -21.12
C LEU BA 107 0.08 -45.22 -22.59
N LEU BA 108 -0.17 -44.02 -23.07
CA LEU BA 108 -0.35 -43.77 -24.49
C LEU BA 108 0.05 -42.35 -24.84
N GLU BA 109 0.71 -42.22 -25.99
CA GLU BA 109 1.13 -40.93 -26.52
C GLU BA 109 0.09 -40.37 -27.48
N ASP BA 110 0.43 -39.27 -28.13
CA ASP BA 110 -0.51 -38.55 -28.98
C ASP BA 110 -0.80 -39.24 -30.31
N ASN BA 111 0.15 -40.06 -30.77
CA ASN BA 111 0.02 -40.69 -32.08
C ASN BA 111 -0.79 -41.97 -32.02
N GLY BA 112 -1.11 -42.41 -30.81
CA GLY BA 112 -1.76 -43.68 -30.63
C GLY BA 112 -0.72 -44.77 -30.45
N ASN BA 113 0.52 -44.35 -30.23
CA ASN BA 113 1.60 -45.29 -30.01
C ASN BA 113 1.73 -45.60 -28.54
N PRO BA 114 1.67 -46.88 -28.18
CA PRO BA 114 1.84 -47.27 -26.79
C PRO BA 114 3.24 -46.95 -26.33
N VAL BA 115 3.34 -46.34 -25.15
CA VAL BA 115 4.63 -45.95 -24.62
C VAL BA 115 5.29 -47.11 -23.88
N GLY BA 116 4.50 -48.15 -23.64
CA GLY BA 116 5.00 -49.34 -22.98
C GLY BA 116 5.59 -50.31 -23.98
N THR BA 117 6.52 -51.14 -23.53
CA THR BA 117 7.08 -52.17 -24.39
C THR BA 117 6.12 -53.33 -24.53
N ARG BA 118 5.59 -53.79 -23.40
CA ARG BA 118 4.64 -54.90 -23.41
C ARG BA 118 3.73 -54.94 -22.20
N ILE BA 119 2.60 -55.61 -22.36
CA ILE BA 119 1.53 -55.65 -21.38
C ILE BA 119 1.34 -57.05 -20.84
N LYS BA 120 1.55 -57.25 -19.55
CA LYS BA 120 1.45 -58.61 -19.03
C LYS BA 120 0.01 -59.02 -18.77
N THR BA 121 -0.68 -58.31 -17.87
CA THR BA 121 -2.03 -58.66 -17.44
C THR BA 121 -3.03 -58.75 -18.61
N PRO BA 122 -4.05 -59.60 -18.49
CA PRO BA 122 -4.95 -59.90 -19.59
C PRO BA 122 -5.79 -58.73 -20.09
N ILE BA 123 -6.36 -58.90 -21.27
CA ILE BA 123 -7.07 -57.85 -21.99
C ILE BA 123 -8.28 -58.45 -22.69
N PRO BA 124 -9.40 -57.72 -22.74
CA PRO BA 124 -10.59 -58.12 -23.49
C PRO BA 124 -10.30 -58.50 -24.93
N SER BA 125 -10.86 -59.61 -25.39
CA SER BA 125 -10.69 -60.03 -26.78
C SER BA 125 -11.39 -59.03 -27.68
N SER BA 126 -12.44 -58.43 -27.13
CA SER BA 126 -13.28 -57.48 -27.84
C SER BA 126 -12.48 -56.37 -28.50
N LEU BA 127 -11.39 -55.96 -27.87
CA LEU BA 127 -10.53 -54.91 -28.39
C LEU BA 127 -10.08 -55.15 -29.83
N ARG BA 128 -9.96 -56.41 -30.23
CA ARG BA 128 -9.48 -56.73 -31.57
C ARG BA 128 -10.51 -56.40 -32.65
N GLN BA 129 -11.70 -56.02 -32.22
CA GLN BA 129 -12.73 -55.56 -33.15
C GLN BA 129 -12.25 -54.30 -33.84
N ARG BA 130 -11.69 -53.37 -33.07
CA ARG BA 130 -11.11 -52.19 -33.69
C ARG BA 130 -9.63 -52.40 -33.92
N GLU BA 131 -9.26 -52.59 -35.17
CA GLU BA 131 -7.86 -52.71 -35.52
C GLU BA 131 -7.21 -51.36 -35.75
N GLY BA 132 -7.95 -50.47 -36.40
CA GLY BA 132 -7.41 -49.23 -36.90
C GLY BA 132 -6.62 -48.43 -35.89
N GLU BA 133 -7.24 -48.15 -34.74
CA GLU BA 133 -6.58 -47.35 -33.72
C GLU BA 133 -5.64 -48.17 -32.86
N PHE BA 134 -6.06 -49.38 -32.53
CA PHE BA 134 -5.43 -50.15 -31.47
C PHE BA 134 -4.37 -51.11 -31.97
N SER BA 135 -4.07 -51.04 -33.26
CA SER BA 135 -3.09 -51.92 -33.89
C SER BA 135 -1.81 -52.02 -33.07
N LYS BA 136 -1.13 -50.89 -32.93
CA LYS BA 136 0.15 -50.84 -32.23
C LYS BA 136 0.04 -51.21 -30.76
N VAL BA 137 -1.14 -51.03 -30.17
CA VAL BA 137 -1.32 -51.42 -28.76
C VAL BA 137 -1.55 -52.91 -28.64
N LEU BA 138 -2.39 -53.44 -29.52
CA LEU BA 138 -2.69 -54.86 -29.53
C LEU BA 138 -1.45 -55.68 -29.80
N ALA BA 139 -0.57 -55.14 -30.62
CA ALA BA 139 0.66 -55.83 -30.99
C ALA BA 139 1.50 -56.25 -29.78
N ILE BA 140 1.52 -55.42 -28.74
CA ILE BA 140 2.37 -55.69 -27.58
C ILE BA 140 1.64 -56.42 -26.45
N ALA BA 141 0.39 -56.79 -26.69
CA ALA BA 141 -0.38 -57.49 -25.68
C ALA BA 141 -0.06 -58.98 -25.64
N GLN BA 142 0.02 -59.54 -24.44
CA GLN BA 142 0.32 -60.96 -24.27
C GLN BA 142 -0.94 -61.81 -24.19
N ASN BA 143 -1.66 -61.67 -23.09
CA ASN BA 143 -2.81 -62.53 -22.80
C ASN BA 143 -4.14 -61.88 -23.13
N PHE BA 144 -4.96 -62.59 -23.89
CA PHE BA 144 -6.30 -62.12 -24.23
C PHE BA 144 -7.34 -62.98 -23.52
N VAL BA 145 -8.29 -62.30 -22.89
CA VAL BA 145 -9.38 -62.97 -22.18
C VAL BA 145 -10.71 -62.24 -22.39
N GLY CA 9 -106.39 54.62 24.17
CA GLY CA 9 -105.04 54.84 23.67
C GLY CA 9 -104.60 53.86 22.60
N PRO CA 10 -103.98 52.73 23.02
CA PRO CA 10 -103.29 51.71 22.23
C PRO CA 10 -104.22 50.79 21.43
N ARG CA 11 -104.50 51.16 20.18
CA ARG CA 11 -105.43 50.44 19.33
C ARG CA 11 -105.18 48.94 19.27
N ALA CA 12 -103.94 48.55 19.55
CA ALA CA 12 -103.56 47.16 19.68
C ALA CA 12 -104.50 46.41 20.61
N LEU CA 13 -104.83 47.05 21.73
CA LEU CA 13 -105.74 46.46 22.71
C LEU CA 13 -107.01 45.97 22.04
N ASP CA 14 -107.54 46.74 21.10
CA ASP CA 14 -108.81 46.40 20.48
C ASP CA 14 -108.72 45.12 19.66
N LEU CA 15 -107.53 44.79 19.20
CA LEU CA 15 -107.34 43.54 18.48
C LEU CA 15 -107.34 42.38 19.46
N LEU CA 16 -106.83 42.62 20.66
CA LEU CA 16 -106.70 41.58 21.68
C LEU CA 16 -108.02 40.98 22.15
N ARG CA 17 -109.14 41.66 21.92
CA ARG CA 17 -110.43 41.06 22.19
C ARG CA 17 -110.69 39.90 21.23
N ALA CA 18 -110.34 40.14 19.97
CA ALA CA 18 -110.60 39.19 18.88
C ALA CA 18 -109.82 37.89 19.01
N LEU CA 19 -108.60 37.97 19.55
CA LEU CA 19 -107.69 36.83 19.59
C LEU CA 19 -107.86 35.98 20.84
N PRO CA 20 -107.41 34.71 20.79
CA PRO CA 20 -107.43 33.79 21.93
C PRO CA 20 -106.59 34.26 23.11
N ARG CA 21 -106.80 33.67 24.29
CA ARG CA 21 -106.07 34.06 25.49
C ARG CA 21 -104.58 34.09 25.28
N VAL CA 22 -103.93 35.08 25.83
CA VAL CA 22 -102.50 35.00 25.97
C VAL CA 22 -102.23 34.01 27.09
N SER CA 23 -101.49 32.95 26.79
CA SER CA 23 -101.19 31.94 27.79
C SER CA 23 -99.77 31.50 27.67
N LEU CA 24 -99.36 30.55 28.48
CA LEU CA 24 -97.99 30.06 28.39
C LEU CA 24 -97.76 29.29 27.10
N ALA CA 25 -98.84 28.73 26.56
CA ALA CA 25 -98.74 27.92 25.36
C ALA CA 25 -98.31 28.71 24.13
N ASN CA 26 -98.77 29.95 23.99
CA ASN CA 26 -98.33 30.73 22.84
C ASN CA 26 -97.50 31.96 23.24
N LEU CA 27 -96.19 31.85 23.12
CA LEU CA 27 -95.31 32.96 23.44
C LEU CA 27 -94.14 32.97 22.50
N LYS CA 28 -93.91 34.08 21.84
CA LYS CA 28 -92.83 34.14 20.88
C LYS CA 28 -91.80 35.16 21.31
N PRO CA 29 -90.55 34.74 21.44
CA PRO CA 29 -89.50 35.76 21.54
C PRO CA 29 -89.48 36.65 20.30
N ASN CA 30 -89.19 37.93 20.50
CA ASN CA 30 -89.10 38.90 19.42
C ASN CA 30 -88.17 38.39 18.32
N PRO CA 31 -88.60 38.47 17.05
CA PRO CA 31 -87.79 37.89 15.98
C PRO CA 31 -86.44 38.59 15.83
N GLY CA 32 -85.37 37.81 15.78
CA GLY CA 32 -84.04 38.36 15.71
C GLY CA 32 -83.36 38.38 17.06
N SER CA 33 -84.15 38.17 18.11
CA SER CA 33 -83.63 38.18 19.47
C SER CA 33 -82.65 37.04 19.70
N ARG CA 34 -82.98 35.86 19.21
CA ARG CA 34 -82.09 34.73 19.41
C ARG CA 34 -81.50 34.23 18.12
N LYS CA 35 -80.22 34.50 17.92
CA LYS CA 35 -79.53 33.94 16.79
C LYS CA 35 -79.22 32.51 17.15
N PRO CA 36 -79.80 31.55 16.41
CA PRO CA 36 -79.70 30.14 16.80
C PRO CA 36 -78.27 29.64 16.70
N GLU CA 37 -77.81 28.92 17.73
CA GLU CA 37 -76.45 28.38 17.70
C GLU CA 37 -76.37 27.20 16.75
N ARG CA 38 -75.17 26.91 16.28
CA ARG CA 38 -75.01 25.85 15.31
C ARG CA 38 -74.01 24.85 15.82
N ARG CA 39 -74.23 23.57 15.51
CA ARG CA 39 -73.40 22.53 16.03
C ARG CA 39 -72.70 21.78 14.93
N PRO CA 40 -71.49 21.29 15.21
CA PRO CA 40 -70.71 20.56 14.22
C PRO CA 40 -71.31 19.19 13.92
N ARG CA 41 -72.47 19.21 13.28
CA ARG CA 41 -73.10 17.99 12.82
C ARG CA 41 -73.49 18.16 11.38
N GLY CA 42 -73.48 17.07 10.63
CA GLY CA 42 -73.97 17.11 9.29
C GLY CA 42 -72.88 17.43 8.30
N ARG CA 43 -73.27 17.55 7.05
CA ARG CA 43 -72.30 17.74 6.00
C ARG CA 43 -71.66 19.09 6.08
N ARG CA 44 -72.42 20.11 6.40
CA ARG CA 44 -71.85 21.45 6.34
C ARG CA 44 -70.94 21.72 7.50
N ARG CA 45 -71.48 21.63 8.69
CA ARG CA 45 -70.72 22.02 9.85
C ARG CA 45 -69.90 20.88 10.45
N GLY CA 46 -69.86 19.73 9.79
CA GLY CA 46 -69.02 18.63 10.27
C GLY CA 46 -67.74 18.48 9.46
N ARG CA 47 -67.01 17.38 9.71
CA ARG CA 47 -65.82 17.06 8.93
C ARG CA 47 -64.82 18.18 8.93
N LYS CA 48 -64.08 18.28 10.02
CA LYS CA 48 -63.09 19.33 10.29
C LYS CA 48 -63.73 20.55 10.94
N CYS CA 49 -65.05 20.62 10.91
CA CYS CA 49 -65.80 21.48 11.82
C CYS CA 49 -65.30 22.90 12.03
N GLY CA 50 -64.83 23.52 10.97
CA GLY CA 50 -64.41 24.89 11.07
C GLY CA 50 -63.02 25.05 11.64
N ARG CA 51 -62.31 23.96 11.85
CA ARG CA 51 -60.99 24.08 12.44
C ARG CA 51 -59.85 24.02 11.46
N GLY CA 52 -60.12 23.84 10.19
CA GLY CA 52 -59.03 23.81 9.22
C GLY CA 52 -58.41 22.45 9.12
N HIS CA 53 -57.13 22.39 8.73
CA HIS CA 53 -56.52 21.10 8.45
C HIS CA 53 -55.12 20.89 8.99
N LYS CA 54 -54.99 19.91 9.88
CA LYS CA 54 -53.74 19.60 10.55
C LYS CA 54 -53.16 20.85 11.16
N GLY CA 55 -51.86 21.01 11.06
CA GLY CA 55 -51.22 22.20 11.59
C GLY CA 55 -51.44 22.36 13.08
N GLU CA 56 -51.10 23.52 13.60
CA GLU CA 56 -51.25 23.79 15.01
C GLU CA 56 -52.64 24.21 15.34
N ARG CA 57 -53.33 24.77 14.37
CA ARG CA 57 -54.64 25.31 14.62
C ARG CA 57 -55.73 24.27 14.67
N GLN CA 58 -55.67 23.23 13.86
CA GLN CA 58 -56.72 22.24 13.92
C GLN CA 58 -56.62 21.46 15.20
N ARG CA 59 -55.43 21.45 15.78
CA ARG CA 59 -55.22 20.68 16.99
C ARG CA 59 -55.47 21.50 18.24
N GLY CA 60 -55.63 22.81 18.06
CA GLY CA 60 -56.00 23.71 19.13
C GLY CA 60 -54.86 24.44 19.81
N THR CA 61 -53.65 24.23 19.33
CA THR CA 61 -52.48 24.65 20.07
C THR CA 61 -51.79 25.94 19.69
N ARG CA 62 -52.34 26.74 18.78
CA ARG CA 62 -51.63 27.92 18.32
C ARG CA 62 -51.20 28.80 19.49
N PRO CA 63 -50.06 29.48 19.34
CA PRO CA 63 -49.38 30.17 20.43
C PRO CA 63 -50.21 31.27 21.05
N ARG CA 64 -49.63 31.93 22.04
CA ARG CA 64 -50.35 32.94 22.81
C ARG CA 64 -50.60 34.16 21.97
N LEU CA 65 -51.23 35.19 22.55
CA LEU CA 65 -51.74 36.30 21.76
C LEU CA 65 -50.68 37.16 21.07
N GLY CA 66 -49.74 37.70 21.81
CA GLY CA 66 -48.81 38.64 21.23
C GLY CA 66 -47.77 38.01 20.34
N PHE CA 67 -47.69 36.68 20.36
CA PHE CA 67 -46.59 35.98 19.72
C PHE CA 67 -46.66 36.03 18.20
N GLU CA 68 -45.59 36.52 17.58
CA GLU CA 68 -45.59 36.73 16.14
C GLU CA 68 -44.97 35.62 15.35
N GLY CA 69 -44.64 34.51 15.98
CA GLY CA 69 -44.06 33.43 15.22
C GLY CA 69 -42.56 33.46 15.38
N GLY CA 70 -42.11 34.11 16.44
CA GLY CA 70 -40.73 34.06 16.83
C GLY CA 70 -39.93 35.30 16.50
N GLN CA 71 -40.39 36.07 15.53
CA GLN CA 71 -39.75 37.34 15.29
C GLN CA 71 -40.09 38.20 16.48
N THR CA 72 -39.17 39.06 16.90
CA THR CA 72 -39.38 39.82 18.13
C THR CA 72 -40.69 40.58 18.08
N PRO CA 73 -41.59 40.29 19.03
CA PRO CA 73 -43.00 40.71 19.00
C PRO CA 73 -43.15 42.20 18.87
N PHE CA 74 -44.23 42.64 18.25
CA PHE CA 74 -44.40 44.07 18.06
C PHE CA 74 -44.50 44.77 19.39
N TYR CA 75 -45.32 44.26 20.30
CA TYR CA 75 -45.51 44.96 21.56
C TYR CA 75 -44.26 44.93 22.44
N LEU CA 76 -43.30 44.07 22.14
CA LEU CA 76 -42.04 44.14 22.88
C LEU CA 76 -40.87 44.84 22.19
N ARG CA 77 -40.95 45.18 20.92
CA ARG CA 77 -39.80 45.85 20.31
C ARG CA 77 -39.86 47.35 20.54
N ILE CA 78 -41.07 47.88 20.71
CA ILE CA 78 -41.26 49.26 21.09
C ILE CA 78 -40.69 49.52 22.48
N PRO CA 79 -39.96 50.62 22.68
CA PRO CA 79 -39.33 50.88 23.99
C PRO CA 79 -40.30 51.30 25.09
N LYS CA 80 -39.98 51.02 26.34
CA LYS CA 80 -40.81 51.44 27.45
C LYS CA 80 -40.69 52.92 27.66
N TYR CA 81 -41.81 53.57 27.95
CA TYR CA 81 -41.80 54.99 28.23
C TYR CA 81 -42.88 55.30 29.21
N GLY CA 82 -42.62 56.16 30.19
CA GLY CA 82 -43.66 56.45 31.16
C GLY CA 82 -44.78 57.15 30.43
N PHE CA 83 -45.95 56.53 30.44
CA PHE CA 83 -47.15 57.09 29.83
C PHE CA 83 -48.14 56.99 30.94
N ASN CA 84 -48.32 55.74 31.32
CA ASN CA 84 -49.19 55.36 32.40
C ASN CA 84 -48.42 55.37 33.69
N GLU CA 85 -47.21 55.89 33.63
CA GLU CA 85 -46.34 55.96 34.78
C GLU CA 85 -46.99 56.64 35.98
N GLY CA 86 -47.00 55.94 37.11
CA GLY CA 86 -47.59 56.43 38.34
C GLY CA 86 -49.03 56.88 38.19
N HIS CA 87 -49.75 56.28 37.26
CA HIS CA 87 -51.11 56.71 36.92
C HIS CA 87 -52.06 56.54 38.09
N SER CA 88 -51.80 55.56 38.93
CA SER CA 88 -52.74 55.25 39.98
C SER CA 88 -52.74 56.35 41.02
N PHE CA 89 -51.68 57.15 41.03
CA PHE CA 89 -51.55 58.20 42.02
C PHE CA 89 -51.88 59.59 41.53
N ARG CA 90 -52.21 59.71 40.26
CA ARG CA 90 -52.63 60.99 39.74
C ARG CA 90 -54.00 61.34 40.29
N HIS CA 91 -54.27 62.63 40.42
CA HIS CA 91 -55.55 63.07 40.93
C HIS CA 91 -56.55 63.25 39.82
N GLN CA 92 -57.78 62.84 40.07
CA GLN CA 92 -58.80 62.90 39.04
C GLN CA 92 -60.02 63.73 39.41
N TYR CA 93 -60.25 64.82 38.70
CA TYR CA 93 -61.38 65.65 39.02
C TYR CA 93 -62.47 65.56 37.97
N GLN CA 94 -63.58 64.95 38.35
CA GLN CA 94 -64.74 64.82 37.47
C GLN CA 94 -65.28 66.18 37.09
N PRO CA 95 -65.32 66.48 35.78
CA PRO CA 95 -65.71 67.82 35.32
C PRO CA 95 -67.20 68.06 35.43
N LEU CA 96 -67.55 69.29 35.78
CA LEU CA 96 -68.94 69.73 35.74
C LEU CA 96 -69.02 71.08 35.06
N SER CA 97 -69.67 71.12 33.90
CA SER CA 97 -69.82 72.35 33.14
C SER CA 97 -70.89 73.22 33.74
N LEU CA 98 -70.81 74.52 33.45
CA LEU CA 98 -71.86 75.41 33.90
C LEU CA 98 -73.15 75.09 33.19
N ASN CA 99 -73.04 74.58 31.96
CA ASN CA 99 -74.20 74.14 31.20
C ASN CA 99 -75.02 73.13 31.97
N ARG CA 100 -74.35 72.10 32.47
CA ARG CA 100 -75.06 71.06 33.20
C ARG CA 100 -75.56 71.57 34.54
N LEU CA 101 -74.81 72.47 35.19
CA LEU CA 101 -75.24 72.98 36.47
C LEU CA 101 -76.53 73.78 36.30
N GLN CA 102 -76.55 74.62 35.28
CA GLN CA 102 -77.71 75.43 34.98
C GLN CA 102 -78.89 74.55 34.65
N TYR CA 103 -78.67 73.57 33.78
CA TYR CA 103 -79.73 72.63 33.42
C TYR CA 103 -80.26 71.91 34.64
N LEU CA 104 -79.41 71.68 35.62
CA LEU CA 104 -79.80 70.99 36.84
C LEU CA 104 -80.66 71.87 37.72
N ILE CA 105 -80.28 73.14 37.84
CA ILE CA 105 -81.05 74.10 38.61
C ILE CA 105 -82.41 74.37 37.97
N ASP CA 106 -82.42 74.51 36.65
CA ASP CA 106 -83.63 74.80 35.90
C ASP CA 106 -84.72 73.77 36.07
N LEU CA 107 -84.31 72.51 36.16
CA LEU CA 107 -85.27 71.43 36.34
C LEU CA 107 -85.46 71.09 37.80
N GLY CA 108 -84.81 71.88 38.65
CA GLY CA 108 -84.98 71.77 40.08
C GLY CA 108 -84.52 70.44 40.61
N ARG CA 109 -83.30 70.07 40.27
CA ARG CA 109 -82.69 68.89 40.84
C ARG CA 109 -81.86 69.34 42.01
N VAL CA 110 -80.89 70.19 41.75
CA VAL CA 110 -80.27 70.96 42.82
C VAL CA 110 -81.03 72.28 42.97
N ASP CA 111 -81.25 72.72 44.20
CA ASP CA 111 -81.87 74.03 44.42
C ASP CA 111 -80.82 75.06 44.85
N PRO CA 112 -80.80 76.21 44.17
CA PRO CA 112 -79.80 77.26 44.42
C PRO CA 112 -79.98 77.92 45.79
N THR CA 113 -81.14 77.72 46.38
CA THR CA 113 -81.49 78.34 47.66
C THR CA 113 -80.50 78.00 48.77
N GLN CA 114 -80.32 76.70 49.02
CA GLN CA 114 -79.36 76.24 50.02
C GLN CA 114 -77.99 76.02 49.39
N PRO CA 115 -76.92 75.99 50.21
CA PRO CA 115 -75.57 75.90 49.63
C PRO CA 115 -75.33 74.59 48.90
N ILE CA 116 -74.70 74.69 47.73
CA ILE CA 116 -74.43 73.53 46.89
C ILE CA 116 -73.02 73.02 47.08
N ASP CA 117 -72.91 71.81 47.61
CA ASP CA 117 -71.62 71.14 47.71
C ASP CA 117 -71.73 69.80 47.00
N LEU CA 118 -70.67 69.01 47.09
CA LEU CA 118 -70.61 67.72 46.42
C LEU CA 118 -71.83 66.84 46.65
N THR CA 119 -72.22 66.66 47.91
CA THR CA 119 -73.33 65.77 48.25
C THR CA 119 -74.62 66.17 47.52
N GLN CA 120 -74.82 67.47 47.34
CA GLN CA 120 -75.99 67.95 46.63
C GLN CA 120 -75.95 67.59 45.16
N LEU CA 121 -74.76 67.71 44.56
CA LEU CA 121 -74.57 67.33 43.17
C LEU CA 121 -74.80 65.84 42.98
N VAL CA 122 -74.30 65.05 43.91
CA VAL CA 122 -74.47 63.61 43.82
C VAL CA 122 -75.93 63.23 43.95
N ASN CA 123 -76.62 63.88 44.88
CA ASN CA 123 -78.01 63.52 45.13
C ASN CA 123 -78.95 63.87 44.00
N GLY CA 124 -78.53 64.81 43.15
CA GLY CA 124 -79.31 65.16 41.99
C GLY CA 124 -78.92 64.29 40.81
N ARG CA 125 -77.95 63.41 41.04
CA ARG CA 125 -77.28 62.63 39.99
C ARG CA 125 -76.86 63.51 38.84
N GLY CA 126 -76.33 64.68 39.16
CA GLY CA 126 -75.81 65.55 38.12
C GLY CA 126 -74.39 65.13 37.86
N VAL CA 127 -73.82 64.45 38.84
CA VAL CA 127 -72.46 64.02 38.74
C VAL CA 127 -72.28 62.71 39.47
N THR CA 128 -71.21 61.99 39.15
CA THR CA 128 -70.94 60.73 39.81
C THR CA 128 -69.49 60.63 40.20
N ILE CA 129 -69.24 60.36 41.48
CA ILE CA 129 -67.88 60.25 41.95
C ILE CA 129 -67.53 58.85 42.40
N GLN CA 130 -66.38 58.36 41.99
CA GLN CA 130 -65.91 57.06 42.45
C GLN CA 130 -64.49 57.18 42.99
N PRO CA 131 -64.36 57.36 44.30
CA PRO CA 131 -63.11 57.62 45.01
C PRO CA 131 -62.11 56.51 44.78
N SER CA 132 -62.63 55.30 44.61
CA SER CA 132 -61.78 54.15 44.36
C SER CA 132 -60.89 54.35 43.14
N LYS CA 133 -61.38 55.14 42.18
CA LYS CA 133 -60.64 55.43 40.96
C LYS CA 133 -59.78 56.67 41.09
N ARG CA 134 -59.61 57.12 42.34
CA ARG CA 134 -58.80 58.28 42.68
C ARG CA 134 -59.44 59.57 42.22
N ASP CA 135 -60.76 59.58 42.18
CA ASP CA 135 -61.48 60.82 42.00
C ASP CA 135 -61.30 61.62 43.27
N TYR CA 136 -60.77 62.83 43.13
CA TYR CA 136 -60.62 63.72 44.28
C TYR CA 136 -61.75 64.72 44.34
N GLY CA 137 -62.63 64.71 43.36
CA GLY CA 137 -63.84 65.50 43.46
C GLY CA 137 -64.29 66.11 42.16
N VAL CA 138 -65.18 67.09 42.26
CA VAL CA 138 -65.66 67.78 41.08
C VAL CA 138 -64.79 68.97 40.72
N GLN CA 139 -64.52 69.15 39.42
CA GLN CA 139 -63.94 70.41 38.97
C GLN CA 139 -64.91 71.17 38.06
N LEU CA 140 -64.92 72.49 38.20
CA LEU CA 140 -65.87 73.32 37.48
C LEU CA 140 -65.27 73.87 36.20
N VAL CA 141 -65.94 73.61 35.08
CA VAL CA 141 -65.48 74.09 33.80
C VAL CA 141 -66.47 75.05 33.18
N GLU CA 142 -65.97 75.85 32.26
CA GLU CA 142 -66.64 77.07 31.83
C GLU CA 142 -67.58 76.90 30.64
N GLU CA 143 -67.84 75.66 30.24
CA GLU CA 143 -68.57 75.39 29.00
C GLU CA 143 -69.83 76.24 28.76
N GLY CA 144 -70.60 76.48 29.80
CA GLY CA 144 -71.83 77.26 29.64
C GLY CA 144 -71.81 78.69 30.14
N ALA CA 145 -70.61 79.27 30.29
CA ALA CA 145 -70.41 80.56 30.95
C ALA CA 145 -71.34 81.68 30.46
N ASP CA 146 -71.45 81.82 29.14
CA ASP CA 146 -72.21 82.93 28.58
C ASP CA 146 -73.69 82.84 28.87
N THR CA 147 -74.17 81.61 29.02
CA THR CA 147 -75.60 81.39 29.18
C THR CA 147 -76.03 81.23 30.62
N PHE CA 148 -75.10 81.38 31.56
CA PHE CA 148 -75.35 80.94 32.92
C PHE CA 148 -75.94 82.06 33.75
N LYS CA 149 -77.23 81.93 34.06
CA LYS CA 149 -77.96 82.98 34.77
C LYS CA 149 -78.26 82.75 36.25
N ALA CA 150 -77.95 81.57 36.79
CA ALA CA 150 -78.38 81.26 38.15
C ALA CA 150 -77.47 81.87 39.22
N LYS CA 151 -78.03 82.05 40.42
CA LYS CA 151 -77.27 82.62 41.54
C LYS CA 151 -77.04 81.58 42.64
N VAL CA 152 -75.79 81.17 42.82
CA VAL CA 152 -75.49 80.02 43.65
C VAL CA 152 -74.37 80.21 44.67
N ASN CA 153 -74.45 79.44 45.74
CA ASN CA 153 -73.29 79.21 46.59
C ASN CA 153 -72.80 77.81 46.35
N ILE CA 154 -71.62 77.71 45.75
CA ILE CA 154 -71.12 76.44 45.27
C ILE CA 154 -69.74 76.14 45.86
N GLU CA 155 -69.50 74.87 46.12
CA GLU CA 155 -68.21 74.42 46.61
C GLU CA 155 -67.70 73.25 45.80
N VAL CA 156 -66.61 73.46 45.08
CA VAL CA 156 -66.03 72.40 44.27
C VAL CA 156 -64.57 72.24 44.66
N GLN CA 157 -63.88 71.24 44.11
CA GLN CA 157 -62.50 71.01 44.50
C GLN CA 157 -61.49 71.65 43.56
N MET CA 158 -61.98 72.10 42.41
CA MET CA 158 -61.16 72.89 41.49
C MET CA 158 -62.05 73.73 40.60
N ALA CA 159 -61.53 74.85 40.15
CA ALA CA 159 -62.32 75.70 39.28
C ALA CA 159 -61.40 76.52 38.39
N SER CA 160 -61.95 76.96 37.26
CA SER CA 160 -61.19 77.75 36.31
C SER CA 160 -61.59 79.21 36.45
N GLU CA 161 -60.66 80.12 36.17
CA GLU CA 161 -60.93 81.54 36.29
C GLU CA 161 -62.25 81.91 35.65
N LEU CA 162 -62.43 81.49 34.41
CA LEU CA 162 -63.61 81.85 33.66
C LEU CA 162 -64.89 81.35 34.33
N ALA CA 163 -64.85 80.15 34.90
CA ALA CA 163 -66.00 79.58 35.60
C ALA CA 163 -66.37 80.44 36.81
N ILE CA 164 -65.34 80.74 37.60
CA ILE CA 164 -65.52 81.58 38.77
C ILE CA 164 -66.16 82.89 38.39
N ALA CA 165 -65.52 83.61 37.46
CA ALA CA 165 -66.06 84.88 36.96
C ALA CA 165 -67.53 84.74 36.61
N ALA CA 166 -67.83 83.69 35.87
CA ALA CA 166 -69.19 83.44 35.42
C ALA CA 166 -70.15 83.28 36.60
N ILE CA 167 -69.67 82.75 37.71
CA ILE CA 167 -70.57 82.68 38.86
C ILE CA 167 -70.66 84.00 39.61
N GLU CA 168 -69.54 84.71 39.76
CA GLU CA 168 -69.54 86.00 40.44
C GLU CA 168 -70.47 87.00 39.78
N LYS CA 169 -70.44 87.03 38.46
CA LYS CA 169 -71.23 88.00 37.72
C LYS CA 169 -72.70 87.95 38.11
N ASN CA 170 -73.18 86.77 38.48
CA ASN CA 170 -74.59 86.62 38.87
C ASN CA 170 -74.81 86.80 40.36
N GLY CA 171 -73.76 87.15 41.09
CA GLY CA 171 -73.89 87.49 42.50
C GLY CA 171 -73.83 86.31 43.43
N GLY CA 172 -73.17 85.24 43.02
CA GLY CA 172 -73.01 84.07 43.86
C GLY CA 172 -71.61 83.97 44.42
N VAL CA 173 -71.31 82.86 45.09
CA VAL CA 173 -70.01 82.67 45.70
C VAL CA 173 -69.43 81.29 45.40
N VAL CA 174 -68.20 81.26 44.89
CA VAL CA 174 -67.49 80.01 44.67
C VAL CA 174 -66.35 79.82 45.64
N THR CA 175 -66.16 78.59 46.08
CA THR CA 175 -65.09 78.27 46.97
C THR CA 175 -64.52 76.90 46.63
N THR CA 176 -63.20 76.79 46.61
CA THR CA 176 -62.58 75.52 46.33
C THR CA 176 -62.11 74.85 47.61
N ALA CA 177 -62.64 73.66 47.88
CA ALA CA 177 -62.32 72.95 49.11
C ALA CA 177 -61.64 71.64 48.80
N PHE CA 178 -60.88 71.11 49.74
CA PHE CA 178 -60.18 69.86 49.53
C PHE CA 178 -60.76 68.75 50.38
N TYR CA 179 -60.85 67.56 49.81
CA TYR CA 179 -61.21 66.37 50.57
C TYR CA 179 -60.21 65.26 50.31
N ASP CA 180 -59.82 64.57 51.37
CA ASP CA 180 -58.98 63.39 51.21
C ASP CA 180 -59.85 62.23 50.73
N PRO CA 181 -59.23 61.14 50.21
CA PRO CA 181 -59.99 60.01 49.69
C PRO CA 181 -61.07 59.46 50.63
N ARG CA 182 -60.72 59.22 51.89
CA ARG CA 182 -61.69 58.69 52.84
C ARG CA 182 -62.85 59.66 53.04
N SER CA 183 -62.47 60.92 53.29
CA SER CA 183 -63.43 62.01 53.41
C SER CA 183 -64.37 62.01 52.24
N LEU CA 184 -63.79 62.04 51.05
CA LEU CA 184 -64.57 62.14 49.83
C LEU CA 184 -65.58 61.02 49.73
N GLU CA 185 -65.11 59.81 49.97
CA GLU CA 185 -65.99 58.65 49.99
C GLU CA 185 -67.19 58.91 50.90
N ILE CA 186 -66.93 59.36 52.12
CA ILE CA 186 -68.04 59.60 53.05
C ILE CA 186 -68.98 60.71 52.57
N LEU CA 187 -68.39 61.74 51.97
CA LEU CA 187 -69.13 62.91 51.52
C LEU CA 187 -70.10 62.59 50.40
N CYS CA 188 -69.69 61.73 49.47
CA CYS CA 188 -70.54 61.41 48.33
C CYS CA 188 -71.69 60.49 48.69
N LYS CA 189 -71.41 59.51 49.52
CA LYS CA 189 -72.45 58.58 49.94
C LYS CA 189 -72.57 58.56 51.47
N PRO CA 190 -73.21 59.59 52.03
CA PRO CA 190 -73.36 59.74 53.48
C PRO CA 190 -74.22 58.67 54.17
N VAL CA 191 -75.38 58.35 53.62
CA VAL CA 191 -76.29 57.41 54.27
C VAL CA 191 -75.71 55.99 54.42
N PRO CA 192 -74.96 55.52 53.42
CA PRO CA 192 -74.24 54.27 53.69
C PRO CA 192 -73.14 54.43 54.73
N PHE CA 193 -72.64 55.63 54.93
CA PHE CA 193 -71.63 55.83 55.96
C PHE CA 193 -72.25 55.81 57.34
N PHE CA 194 -73.46 56.33 57.46
CA PHE CA 194 -74.09 56.45 58.75
C PHE CA 194 -74.60 55.11 59.24
N LEU CA 195 -74.75 54.16 58.34
CA LEU CA 195 -75.14 52.81 58.72
C LEU CA 195 -73.92 52.03 59.15
N ARG CA 196 -72.76 52.67 59.07
CA ARG CA 196 -71.53 52.00 59.37
C ARG CA 196 -71.27 51.92 60.87
N GLY CA 197 -71.87 52.84 61.62
CA GLY CA 197 -71.75 52.84 63.07
C GLY CA 197 -70.41 53.37 63.57
N GLN CA 198 -69.85 54.32 62.85
CA GLN CA 198 -68.57 54.88 63.22
C GLN CA 198 -68.71 56.37 63.45
N PRO CA 199 -67.77 56.97 64.21
CA PRO CA 199 -67.83 58.43 64.35
C PRO CA 199 -67.59 59.12 63.03
N ILE CA 200 -67.78 60.43 62.99
CA ILE CA 200 -67.53 61.16 61.76
C ILE CA 200 -66.09 61.60 61.83
N PRO CA 201 -65.27 61.11 60.91
CA PRO CA 201 -63.83 61.34 60.98
C PRO CA 201 -63.46 62.78 60.67
N LYS CA 202 -62.26 63.17 61.08
CA LYS CA 202 -61.74 64.49 60.75
C LYS CA 202 -61.55 64.56 59.25
N ARG CA 203 -61.68 65.75 58.69
CA ARG CA 203 -61.28 65.96 57.32
C ARG CA 203 -59.76 66.21 57.28
N MET CA 204 -59.03 65.42 56.50
CA MET CA 204 -57.59 65.60 56.36
C MET CA 204 -57.25 66.89 55.64
N LEU CA 205 -56.01 67.32 55.78
CA LEU CA 205 -55.51 68.44 54.99
C LEU CA 205 -55.07 68.01 53.60
N PRO CA 206 -54.88 68.98 52.69
CA PRO CA 206 -54.21 68.73 51.41
C PRO CA 206 -52.75 68.35 51.59
N PRO CA 207 -52.19 67.53 50.67
CA PRO CA 207 -50.75 67.23 50.72
C PRO CA 207 -49.93 68.40 50.19
N GLU CA 208 -48.60 68.30 50.30
CA GLU CA 208 -47.75 69.47 50.09
C GLU CA 208 -47.86 70.02 48.69
N ALA CA 209 -48.22 69.17 47.74
CA ALA CA 209 -48.35 69.60 46.36
C ALA CA 209 -49.53 70.54 46.19
N LEU CA 210 -50.65 70.23 46.84
CA LEU CA 210 -51.88 70.96 46.60
C LEU CA 210 -52.07 72.16 47.51
N VAL CA 211 -51.17 72.33 48.46
CA VAL CA 211 -51.27 73.46 49.37
C VAL CA 211 -51.21 74.82 48.65
N PRO CA 212 -50.24 75.03 47.74
CA PRO CA 212 -50.22 76.36 47.12
C PRO CA 212 -51.47 76.67 46.31
N TYR CA 213 -52.23 75.64 45.94
CA TYR CA 213 -53.48 75.85 45.24
C TYR CA 213 -54.55 76.36 46.17
N TYR CA 214 -54.70 75.72 47.33
CA TYR CA 214 -55.80 76.03 48.24
C TYR CA 214 -55.53 77.19 49.18
N THR CA 215 -54.30 77.69 49.16
CA THR CA 215 -53.93 78.85 49.97
C THR CA 215 -54.10 80.18 49.23
N ASP CA 216 -54.37 80.11 47.93
CA ASP CA 216 -54.51 81.32 47.11
C ASP CA 216 -55.95 81.80 47.00
N ALA CA 217 -56.12 83.11 47.06
CA ALA CA 217 -57.42 83.70 46.89
C ALA CA 217 -57.76 83.71 45.42
N LYS CA 218 -56.73 83.58 44.60
CA LYS CA 218 -56.89 83.42 43.16
C LYS CA 218 -57.93 82.33 42.90
N ASN CA 219 -57.77 81.20 43.58
CA ASN CA 219 -58.63 80.05 43.38
C ASN CA 219 -59.84 80.03 44.32
N ARG CA 220 -59.98 81.08 45.12
CA ARG CA 220 -60.99 81.11 46.18
C ARG CA 220 -60.85 79.87 47.04
N GLY CA 221 -59.61 79.59 47.43
CA GLY CA 221 -59.28 78.44 48.25
C GLY CA 221 -59.89 78.50 49.63
N TYR CA 222 -60.32 77.34 50.11
CA TYR CA 222 -60.95 77.26 51.42
C TYR CA 222 -59.93 77.50 52.54
N LEU CA 223 -58.65 77.36 52.24
CA LEU CA 223 -57.63 77.70 53.22
C LEU CA 223 -57.04 79.08 53.02
N ALA CA 224 -57.59 79.82 52.07
CA ALA CA 224 -57.04 81.13 51.74
C ALA CA 224 -57.36 82.18 52.80
N ASP CA 225 -56.58 83.26 52.81
CA ASP CA 225 -56.77 84.39 53.71
C ASP CA 225 -57.86 85.33 53.20
N PRO CA 226 -59.01 85.38 53.89
CA PRO CA 226 -60.18 86.17 53.47
C PRO CA 226 -59.90 87.67 53.31
N ALA CA 227 -58.76 88.15 53.80
CA ALA CA 227 -58.34 89.52 53.55
C ALA CA 227 -58.08 89.76 52.06
N ARG CA 228 -57.55 88.73 51.39
CA ARG CA 228 -57.23 88.85 49.97
C ARG CA 228 -58.46 88.70 49.08
N PHE CA 229 -59.46 87.98 49.57
CA PHE CA 229 -60.63 87.62 48.78
C PHE CA 229 -61.28 88.75 48.00
N PRO CA 230 -61.67 89.85 48.69
CA PRO CA 230 -62.41 90.88 47.94
C PRO CA 230 -61.55 91.51 46.84
N GLU CA 231 -60.24 91.49 47.05
CA GLU CA 231 -59.31 92.14 46.14
C GLU CA 231 -59.26 91.36 44.83
N ALA CA 232 -58.82 90.11 44.91
CA ALA CA 232 -58.80 89.21 43.76
C ALA CA 232 -60.17 89.13 43.08
N ARG CA 233 -61.21 88.97 43.90
CA ARG CA 233 -62.57 88.91 43.41
C ARG CA 233 -62.94 90.13 42.57
N LEU CA 234 -62.41 91.28 42.94
CA LEU CA 234 -62.64 92.49 42.16
C LEU CA 234 -61.79 92.45 40.89
N GLU CA 235 -60.57 91.94 41.02
CA GLU CA 235 -59.65 91.83 39.89
C GLU CA 235 -60.27 91.06 38.73
N LEU CA 236 -60.98 89.98 39.07
CA LEU CA 236 -61.74 89.24 38.08
C LEU CA 236 -62.69 90.17 37.31
N ALA CA 237 -63.47 90.96 38.05
CA ALA CA 237 -64.42 91.87 37.44
C ALA CA 237 -63.75 92.94 36.57
N ARG CA 238 -62.55 93.38 36.94
CA ARG CA 238 -61.80 94.25 36.04
C ARG CA 238 -61.55 93.51 34.75
N LYS CA 239 -61.00 92.30 34.86
CA LYS CA 239 -60.58 91.58 33.67
C LYS CA 239 -61.73 91.24 32.74
N TYR CA 240 -62.86 90.76 33.26
CA TYR CA 240 -63.98 90.36 32.39
C TYR CA 240 -65.05 91.42 32.22
N GLY CA 241 -64.81 92.61 32.78
CA GLY CA 241 -65.63 93.75 32.47
C GLY CA 241 -67.10 93.65 32.87
N TYR CA 242 -67.35 93.41 34.15
CA TYR CA 242 -68.71 93.40 34.68
C TYR CA 242 -68.70 94.04 36.07
N VAL CA 243 -69.82 94.64 36.45
CA VAL CA 243 -69.92 95.29 37.75
C VAL CA 243 -70.15 94.25 38.84
N LEU CA 244 -69.25 94.23 39.81
CA LEU CA 244 -69.29 93.26 40.89
C LEU CA 244 -70.36 93.61 41.91
N PRO CA 245 -71.38 92.75 42.05
CA PRO CA 245 -72.47 93.02 42.99
C PRO CA 245 -72.00 92.98 44.43
N ASP CA 246 -72.72 93.66 45.33
CA ASP CA 246 -72.41 93.60 46.74
C ASP CA 246 -73.22 92.47 47.33
N ILE CA 247 -72.51 91.41 47.72
CA ILE CA 247 -73.16 90.21 48.22
C ILE CA 247 -73.75 90.49 49.60
N THR CA 248 -73.17 91.47 50.27
CA THR CA 248 -73.53 91.81 51.63
C THR CA 248 -74.98 92.27 51.75
N LYS CA 249 -75.47 92.97 50.73
CA LYS CA 249 -76.78 93.60 50.78
C LYS CA 249 -77.92 92.70 50.32
N ASP CA 250 -77.59 91.47 49.94
CA ASP CA 250 -78.60 90.51 49.51
C ASP CA 250 -79.33 89.83 50.68
N GLU CA 251 -80.54 89.37 50.41
CA GLU CA 251 -81.38 88.76 51.43
C GLU CA 251 -80.98 87.32 51.75
N LEU CA 252 -80.40 86.64 50.77
CA LEU CA 252 -79.95 85.28 50.97
C LEU CA 252 -78.51 85.22 51.48
N PHE CA 253 -77.94 86.39 51.75
CA PHE CA 253 -76.53 86.52 52.11
C PHE CA 253 -76.06 85.62 53.25
N LYS CA 254 -76.94 85.34 54.21
CA LYS CA 254 -76.56 84.50 55.34
C LYS CA 254 -76.21 83.09 54.89
N MET CA 255 -76.89 82.62 53.85
CA MET CA 255 -76.64 81.32 53.25
C MET CA 255 -75.39 81.37 52.37
N LEU CA 256 -75.14 82.50 51.74
CA LEU CA 256 -74.03 82.69 50.80
C LEU CA 256 -72.65 82.71 51.47
N SER CA 257 -72.58 83.13 52.73
CA SER CA 257 -71.30 83.24 53.42
C SER CA 257 -70.92 81.93 54.07
N THR CA 258 -71.88 81.00 54.10
CA THR CA 258 -71.73 79.75 54.85
C THR CA 258 -70.50 78.98 54.44
N ARG CA 259 -69.68 78.62 55.43
CA ARG CA 259 -68.48 77.87 55.17
C ARG CA 259 -68.56 76.49 55.78
N LYS CA 260 -67.49 75.73 55.60
CA LYS CA 260 -67.23 74.58 56.44
C LYS CA 260 -65.92 74.84 57.15
N ASP CA 261 -65.75 74.21 58.30
CA ASP CA 261 -64.42 74.17 58.89
C ASP CA 261 -63.55 73.37 57.97
N PRO CA 262 -62.29 73.75 57.85
CA PRO CA 262 -61.33 72.95 57.09
C PRO CA 262 -61.23 71.51 57.61
N ARG CA 263 -61.61 71.26 58.85
CA ARG CA 263 -61.58 69.92 59.41
C ARG CA 263 -62.94 69.19 59.41
N GLN CA 264 -63.95 69.82 58.83
CA GLN CA 264 -65.32 69.33 58.92
C GLN CA 264 -65.85 68.77 57.60
N ILE CA 265 -66.51 67.61 57.63
CA ILE CA 265 -67.06 67.01 56.42
C ILE CA 265 -68.37 67.63 55.95
N PHE CA 266 -69.30 67.80 56.87
CA PHE CA 266 -70.66 68.20 56.51
C PHE CA 266 -71.01 69.61 56.96
N PHE CA 267 -72.22 70.03 56.64
CA PHE CA 267 -72.75 71.30 57.14
C PHE CA 267 -73.52 71.04 58.42
N GLY CA 268 -73.04 71.59 59.52
CA GLY CA 268 -73.79 71.55 60.76
C GLY CA 268 -73.60 70.31 61.59
N LEU CA 269 -72.72 69.42 61.13
CA LEU CA 269 -72.30 68.31 61.96
C LEU CA 269 -70.83 68.54 62.30
N ALA CA 270 -70.25 67.68 63.11
CA ALA CA 270 -68.92 67.95 63.61
C ALA CA 270 -68.15 66.66 63.75
N PRO CA 271 -66.83 66.75 63.58
CA PRO CA 271 -66.01 65.54 63.69
C PRO CA 271 -66.17 64.89 65.04
N GLY CA 272 -66.46 63.60 65.02
CA GLY CA 272 -66.56 62.84 66.24
C GLY CA 272 -67.95 62.51 66.67
N TRP CA 273 -68.97 63.09 66.04
CA TRP CA 273 -70.34 62.75 66.39
C TRP CA 273 -70.71 61.41 65.81
N VAL CA 274 -71.87 60.91 66.15
CA VAL CA 274 -72.31 59.62 65.66
C VAL CA 274 -73.79 59.70 65.38
N VAL CA 275 -74.21 59.33 64.18
CA VAL CA 275 -75.60 59.52 63.83
C VAL CA 275 -76.40 58.25 64.00
N ASN CA 276 -77.28 58.23 65.00
CA ASN CA 276 -78.12 57.07 65.19
C ASN CA 276 -79.40 57.30 64.43
N MET CA 277 -79.56 56.59 63.32
CA MET CA 277 -80.61 56.91 62.36
C MET CA 277 -81.92 56.20 62.65
N ALA CA 278 -81.88 55.19 63.51
CA ALA CA 278 -83.10 54.51 63.89
C ALA CA 278 -83.87 55.32 64.94
N ASP CA 279 -83.13 55.99 65.81
CA ASP CA 279 -83.73 56.84 66.84
C ASP CA 279 -83.85 58.30 66.41
N LYS CA 280 -83.22 58.64 65.28
CA LYS CA 280 -83.13 60.02 64.80
C LYS CA 280 -82.42 60.90 65.82
N LYS CA 281 -81.34 60.38 66.39
CA LYS CA 281 -80.54 61.12 67.38
C LYS CA 281 -79.12 61.32 66.91
N ILE CA 282 -78.44 62.30 67.48
CA ILE CA 282 -76.99 62.43 67.33
C ILE CA 282 -76.38 62.09 68.68
N LEU CA 283 -75.17 61.54 68.67
CA LEU CA 283 -74.44 61.26 69.90
C LEU CA 283 -73.11 61.98 69.85
N LYS CA 284 -72.77 62.69 70.92
CA LYS CA 284 -71.54 63.47 70.95
C LYS CA 284 -70.66 63.08 72.13
N PRO CA 285 -69.34 63.03 71.92
CA PRO CA 285 -68.43 62.68 73.01
C PRO CA 285 -68.30 63.79 74.05
N THR CA 286 -68.42 63.43 75.32
CA THR CA 286 -68.24 64.39 76.40
C THR CA 286 -66.82 64.34 76.93
N ASP CA 287 -66.08 63.31 76.52
CA ASP CA 287 -64.73 63.07 77.02
C ASP CA 287 -63.80 64.21 76.61
N GLU CA 288 -62.77 64.47 77.41
CA GLU CA 288 -61.81 65.53 77.12
C GLU CA 288 -60.82 65.14 76.02
N ASN CA 289 -60.27 63.94 76.12
CA ASN CA 289 -59.31 63.47 75.12
C ASN CA 289 -59.94 63.37 73.74
N LEU CA 290 -61.12 62.75 73.67
CA LEU CA 290 -61.86 62.63 72.41
C LEU CA 290 -62.13 63.99 71.80
N LEU CA 291 -62.62 64.92 72.62
CA LEU CA 291 -62.94 66.25 72.14
C LEU CA 291 -61.70 67.03 71.73
N LYS CA 292 -60.55 66.68 72.31
CA LYS CA 292 -59.29 67.34 71.95
C LYS CA 292 -58.82 66.83 70.60
N TYR CA 293 -58.95 65.53 70.41
CA TYR CA 293 -58.54 64.85 69.20
C TYR CA 293 -59.38 65.24 67.99
N TYR CA 294 -60.70 65.12 68.11
CA TYR CA 294 -61.60 65.43 67.01
C TYR CA 294 -61.60 66.91 66.64
N SER CA 295 -61.33 67.78 67.61
CA SER CA 295 -61.40 69.22 67.37
C SER CA 295 -60.04 69.83 67.03
N SER CA 296 -59.03 68.97 66.92
CA SER CA 296 -57.70 69.40 66.49
C SER CA 296 -57.49 69.13 65.00
N PHE DA 30 -23.48 15.90 -85.64
CA PHE DA 30 -23.20 17.34 -85.66
C PHE DA 30 -23.86 18.04 -84.47
N LYS DA 31 -23.07 18.88 -83.80
CA LYS DA 31 -23.59 19.76 -82.77
C LYS DA 31 -22.85 21.09 -82.88
N THR DA 32 -23.59 22.19 -82.74
CA THR DA 32 -22.98 23.50 -82.84
C THR DA 32 -22.38 23.88 -81.49
N LEU DA 33 -21.28 24.60 -81.52
CA LEU DA 33 -20.60 24.98 -80.29
C LEU DA 33 -21.26 26.18 -79.63
N LEU DA 34 -20.74 26.53 -78.46
CA LEU DA 34 -21.23 27.67 -77.70
C LEU DA 34 -20.04 28.41 -77.12
N PRO DA 35 -20.16 29.74 -77.00
CA PRO DA 35 -19.08 30.50 -76.37
C PRO DA 35 -18.86 30.07 -74.92
N VAL DA 36 -17.60 29.81 -74.57
CA VAL DA 36 -17.25 29.36 -73.22
C VAL DA 36 -17.10 30.58 -72.30
N PRO DA 37 -17.58 30.47 -71.06
CA PRO DA 37 -17.40 31.59 -70.12
C PRO DA 37 -15.93 31.87 -69.84
N THR DA 38 -15.52 33.14 -69.99
CA THR DA 38 -14.13 33.50 -69.83
C THR DA 38 -13.97 34.48 -68.68
N PHE DA 39 -12.94 34.26 -67.86
CA PHE DA 39 -12.68 35.15 -66.74
C PHE DA 39 -11.37 35.89 -66.95
N GLU DA 40 -11.47 37.14 -67.41
CA GLU DA 40 -10.31 38.00 -67.52
C GLU DA 40 -10.24 38.97 -66.33
N ASP DA 41 -11.35 39.05 -65.61
CA ASP DA 41 -11.54 40.05 -64.57
C ASP DA 41 -11.24 39.53 -63.17
N VAL DA 42 -10.93 38.25 -63.08
CA VAL DA 42 -10.71 37.63 -61.79
C VAL DA 42 -9.30 37.87 -61.32
N ALA DA 43 -9.16 38.53 -60.18
CA ALA DA 43 -7.87 38.76 -59.58
C ALA DA 43 -7.70 37.87 -58.34
N ILE DA 44 -6.74 36.95 -58.40
CA ILE DA 44 -6.50 36.03 -57.30
C ILE DA 44 -5.59 36.65 -56.24
N PRO DA 45 -6.06 36.67 -54.98
CA PRO DA 45 -5.25 37.19 -53.87
C PRO DA 45 -4.17 36.21 -53.43
N GLU DA 46 -3.12 36.74 -52.80
CA GLU DA 46 -2.11 35.87 -52.21
C GLU DA 46 -2.70 35.18 -50.99
N LYS DA 47 -2.10 34.05 -50.62
CA LYS DA 47 -2.67 33.17 -49.61
C LYS DA 47 -4.13 32.87 -49.93
N PRO DA 48 -4.37 32.18 -51.05
CA PRO DA 48 -5.74 31.86 -51.47
C PRO DA 48 -6.39 30.81 -50.57
N LYS DA 49 -5.57 30.00 -49.91
CA LYS DA 49 -6.07 28.95 -49.04
C LYS DA 49 -6.62 29.54 -47.74
N LEU DA 50 -7.43 28.75 -47.03
CA LEU DA 50 -8.08 29.23 -45.81
C LEU DA 50 -7.12 29.35 -44.64
N ARG DA 51 -7.20 30.47 -43.93
CA ARG DA 51 -6.35 30.71 -42.77
C ARG DA 51 -6.64 29.70 -41.68
N PHE DA 52 -5.61 29.36 -40.92
CA PHE DA 52 -5.79 28.53 -39.74
C PHE DA 52 -6.50 29.35 -38.66
N VAL DA 53 -7.52 28.78 -38.03
CA VAL DA 53 -8.21 29.48 -36.94
C VAL DA 53 -7.96 28.80 -35.60
N GLU DA 54 -8.05 29.59 -34.54
CA GLU DA 54 -7.55 29.14 -33.25
C GLU DA 54 -8.62 28.48 -32.38
N ARG DA 55 -8.21 27.43 -31.70
CA ARG DA 55 -9.06 26.65 -30.82
C ARG DA 55 -9.68 27.51 -29.72
N VAL DA 56 -8.88 28.39 -29.15
CA VAL DA 56 -9.31 29.26 -28.07
C VAL DA 56 -8.83 30.66 -28.39
N PRO DA 57 -9.67 31.68 -28.14
CA PRO DA 57 -9.24 33.05 -28.46
C PRO DA 57 -7.99 33.43 -27.67
N LEU DA 58 -7.22 34.39 -28.17
CA LEU DA 58 -5.96 34.76 -27.55
C LEU DA 58 -6.15 35.40 -26.18
N VAL DA 59 -7.32 36.02 -25.98
CA VAL DA 59 -7.66 36.58 -24.67
C VAL DA 59 -8.88 35.84 -24.16
N PRO DA 60 -8.66 34.67 -23.54
CA PRO DA 60 -9.72 33.75 -23.12
C PRO DA 60 -10.70 34.40 -22.14
N LYS DA 61 -11.99 34.28 -22.41
CA LYS DA 61 -13.00 34.93 -21.57
C LYS DA 61 -13.04 34.27 -20.20
N VAL DA 62 -12.81 35.06 -19.17
CA VAL DA 62 -12.82 34.56 -17.80
C VAL DA 62 -14.25 34.48 -17.26
N ARG DA 63 -15.05 35.51 -17.55
CA ARG DA 63 -16.40 35.56 -17.03
C ARG DA 63 -17.35 34.68 -17.84
N ARG DA 64 -17.98 33.74 -17.15
CA ARG DA 64 -18.87 32.78 -17.80
C ARG DA 64 -20.17 33.43 -18.23
N GLU DA 65 -20.52 33.26 -19.50
CA GLU DA 65 -21.69 33.90 -20.07
C GLU DA 65 -22.91 33.00 -20.04
N ARG DA 66 -24.08 33.58 -19.82
CA ARG DA 66 -25.33 32.84 -19.96
C ARG DA 66 -25.48 32.44 -21.41
N LYS DA 67 -26.26 31.40 -21.68
CA LYS DA 67 -26.40 31.00 -23.08
C LYS DA 67 -27.61 31.60 -23.74
N ASN DA 68 -27.40 32.57 -24.63
CA ASN DA 68 -28.50 33.00 -25.45
C ASN DA 68 -28.66 31.89 -26.42
N LEU DA 69 -29.83 31.31 -26.45
CA LEU DA 69 -30.07 30.41 -27.55
C LEU DA 69 -30.66 31.28 -28.62
N SER DA 70 -30.95 32.52 -28.27
CA SER DA 70 -31.61 33.44 -29.16
C SER DA 70 -30.68 33.90 -30.26
N ASP DA 71 -29.41 33.53 -30.19
CA ASP DA 71 -28.49 33.88 -31.26
C ASP DA 71 -28.40 32.81 -32.34
N ILE DA 72 -29.00 31.64 -32.09
CA ILE DA 72 -29.18 30.66 -33.14
C ILE DA 72 -30.56 30.78 -33.79
N ARG DA 73 -31.43 31.54 -33.16
CA ARG DA 73 -32.85 31.46 -33.46
C ARG DA 73 -33.30 32.48 -34.50
N GLY DA 74 -34.13 32.04 -35.43
CA GLY DA 74 -34.66 32.94 -36.44
C GLY DA 74 -33.70 33.28 -37.56
N PRO DA 75 -34.10 34.16 -38.48
CA PRO DA 75 -33.31 34.53 -39.65
C PRO DA 75 -32.05 35.28 -39.27
N SER DA 76 -31.06 35.26 -40.15
CA SER DA 76 -29.79 35.91 -39.88
C SER DA 76 -29.81 37.33 -40.44
N THR DA 77 -29.17 38.25 -39.73
CA THR DA 77 -29.00 39.61 -40.22
C THR DA 77 -27.66 39.75 -40.93
N GLU DA 78 -26.58 39.55 -40.18
CA GLU DA 78 -25.24 39.70 -40.74
C GLU DA 78 -24.84 38.56 -41.69
N ALA DA 79 -23.95 38.88 -42.62
CA ALA DA 79 -23.32 37.91 -43.52
C ALA DA 79 -24.29 37.22 -44.46
N THR DA 80 -25.30 37.94 -44.90
CA THR DA 80 -26.31 37.37 -45.78
C THR DA 80 -25.93 37.51 -47.25
N GLU DA 81 -24.94 38.35 -47.53
CA GLU DA 81 -24.62 38.69 -48.92
C GLU DA 81 -23.20 38.32 -49.32
N PHE DA 82 -22.98 38.25 -50.63
CA PHE DA 82 -21.65 38.01 -51.14
C PHE DA 82 -20.76 39.23 -51.06
N THR DA 83 -19.45 39.01 -50.97
CA THR DA 83 -18.54 40.13 -50.98
C THR DA 83 -17.62 40.13 -52.19
N GLU DA 84 -16.52 39.38 -52.11
CA GLU DA 84 -15.62 39.19 -53.25
C GLU DA 84 -15.99 38.01 -54.15
N GLY DA 85 -16.29 36.87 -53.52
CA GLY DA 85 -16.40 35.61 -54.22
C GLY DA 85 -17.74 35.39 -54.87
N ARG DA 86 -17.81 34.48 -55.83
CA ARG DA 86 -19.06 34.15 -56.50
C ARG DA 86 -19.74 32.86 -55.99
N PHE DA 87 -19.09 32.12 -55.09
CA PHE DA 87 -19.67 30.88 -54.57
C PHE DA 87 -19.67 30.89 -53.05
N ALA DA 88 -20.53 30.10 -52.43
CA ALA DA 88 -20.57 30.05 -50.98
C ALA DA 88 -21.23 28.81 -50.45
N ILE DA 89 -21.00 28.54 -49.17
CA ILE DA 89 -21.81 27.58 -48.44
C ILE DA 89 -22.86 28.33 -47.64
N LEU DA 90 -24.12 27.99 -47.84
CA LEU DA 90 -25.25 28.67 -47.19
C LEU DA 90 -25.90 27.82 -46.10
N ALA DA 91 -26.14 28.43 -44.94
CA ALA DA 91 -26.67 27.69 -43.80
C ALA DA 91 -28.20 27.73 -43.75
N LEU DA 92 -28.82 26.57 -43.95
CA LEU DA 92 -30.28 26.49 -43.95
C LEU DA 92 -30.90 26.27 -42.59
N GLY DA 93 -30.11 25.81 -41.63
CA GLY DA 93 -30.56 25.76 -40.26
C GLY DA 93 -29.83 26.79 -39.44
N GLY DA 94 -30.08 26.82 -38.14
CA GLY DA 94 -29.21 27.51 -37.21
C GLY DA 94 -28.33 26.47 -36.56
N GLY DA 95 -27.20 26.87 -35.98
CA GLY DA 95 -26.38 25.92 -35.24
C GLY DA 95 -25.18 26.53 -34.56
N TYR DA 96 -24.35 25.67 -33.99
CA TYR DA 96 -23.11 26.06 -33.37
C TYR DA 96 -21.92 25.42 -34.06
N LEU DA 97 -20.98 26.22 -34.52
CA LEU DA 97 -19.74 25.70 -35.09
C LEU DA 97 -18.64 25.68 -34.08
N HIS DA 98 -18.10 24.51 -33.73
CA HIS DA 98 -16.92 24.52 -32.88
C HIS DA 98 -15.67 24.17 -33.68
N TRP DA 99 -14.54 24.09 -32.98
CA TRP DA 99 -13.25 24.00 -33.64
C TRP DA 99 -13.13 22.83 -34.60
N GLY DA 100 -13.73 21.70 -34.22
CA GLY DA 100 -13.70 20.51 -35.06
C GLY DA 100 -14.22 20.82 -36.44
N HIS DA 101 -15.34 21.54 -36.50
CA HIS DA 101 -15.96 21.90 -37.75
C HIS DA 101 -15.02 22.75 -38.59
N PHE DA 102 -14.42 23.76 -37.96
CA PHE DA 102 -13.50 24.62 -38.68
C PHE DA 102 -12.34 23.84 -39.27
N GLU DA 103 -11.75 22.95 -38.47
CA GLU DA 103 -10.68 22.10 -38.96
C GLU DA 103 -11.09 21.33 -40.18
N MET DA 104 -12.26 20.71 -40.07
CA MET DA 104 -12.80 19.94 -41.18
C MET DA 104 -12.85 20.77 -42.44
N MET DA 105 -13.49 21.94 -42.36
CA MET DA 105 -13.66 22.77 -43.54
C MET DA 105 -12.33 23.20 -44.12
N ARG DA 106 -11.43 23.59 -43.23
CA ARG DA 106 -10.14 24.10 -43.67
C ARG DA 106 -9.40 23.03 -44.44
N LEU DA 107 -9.28 21.84 -43.86
CA LEU DA 107 -8.50 20.79 -44.49
C LEU DA 107 -9.14 20.39 -45.81
N THR DA 108 -10.44 20.07 -45.75
CA THR DA 108 -11.15 19.61 -46.94
C THR DA 108 -11.03 20.62 -48.09
N ILE DA 109 -11.40 21.87 -47.84
CA ILE DA 109 -11.34 22.86 -48.90
C ILE DA 109 -9.91 23.10 -49.39
N ASN DA 110 -8.96 23.17 -48.46
CA ASN DA 110 -7.58 23.43 -48.86
C ASN DA 110 -7.00 22.35 -49.77
N ARG DA 111 -7.28 21.08 -49.53
CA ARG DA 111 -6.76 20.11 -50.49
C ARG DA 111 -7.73 19.77 -51.61
N SER DA 112 -8.91 20.36 -51.63
CA SER DA 112 -9.81 20.14 -52.77
C SER DA 112 -9.81 21.25 -53.83
N MET DA 113 -8.96 22.26 -53.65
CA MET DA 113 -8.95 23.37 -54.61
C MET DA 113 -7.62 23.54 -55.33
N ASP DA 114 -7.67 24.20 -56.50
CA ASP DA 114 -6.46 24.62 -57.21
C ASP DA 114 -6.04 25.99 -56.68
N PRO DA 115 -4.92 26.04 -55.94
CA PRO DA 115 -4.51 27.29 -55.31
C PRO DA 115 -4.25 28.39 -56.34
N LYS DA 116 -4.05 28.01 -57.60
CA LYS DA 116 -3.84 28.99 -58.65
C LYS DA 116 -5.13 29.66 -59.09
N ASN DA 117 -6.14 28.84 -59.36
CA ASN DA 117 -7.37 29.32 -59.97
C ASN DA 117 -8.52 29.68 -59.03
N MET DA 118 -8.41 29.33 -57.75
CA MET DA 118 -9.49 29.56 -56.79
C MET DA 118 -8.98 30.18 -55.50
N PHE DA 119 -9.84 30.91 -54.82
CA PHE DA 119 -9.51 31.38 -53.48
C PHE DA 119 -10.72 31.26 -52.57
N ALA DA 120 -10.47 31.07 -51.28
CA ALA DA 120 -11.55 30.91 -50.32
C ALA DA 120 -11.44 31.92 -49.19
N LEU DA 121 -12.55 32.11 -48.50
CA LEU DA 121 -12.60 33.14 -47.47
C LEU DA 121 -13.55 32.75 -46.34
N TRP DA 122 -13.16 33.05 -45.11
CA TRP DA 122 -14.04 32.83 -43.97
C TRP DA 122 -15.09 33.92 -43.89
N ARG DA 123 -16.37 33.53 -43.90
CA ARG DA 123 -17.44 34.48 -43.64
C ARG DA 123 -17.91 34.40 -42.20
N VAL DA 124 -17.22 33.59 -41.42
CA VAL DA 124 -17.58 33.32 -40.04
C VAL DA 124 -16.40 33.64 -39.12
N PRO DA 125 -16.66 34.28 -37.98
CA PRO DA 125 -15.57 34.58 -37.03
C PRO DA 125 -15.08 33.34 -36.30
N ALA DA 126 -13.89 33.38 -35.74
CA ALA DA 126 -13.37 32.23 -34.99
C ALA DA 126 -14.17 32.07 -33.72
N PRO DA 127 -14.25 30.84 -33.17
CA PRO DA 127 -15.19 30.63 -32.06
C PRO DA 127 -14.90 31.49 -30.84
N PHE DA 128 -15.86 32.34 -30.50
CA PHE DA 128 -15.69 33.25 -29.37
C PHE DA 128 -16.56 33.00 -28.15
N LYS DA 129 -17.52 32.10 -28.23
CA LYS DA 129 -18.54 32.03 -27.19
C LYS DA 129 -18.31 30.87 -26.26
N PRO DA 130 -18.04 31.16 -25.00
CA PRO DA 130 -17.72 30.13 -24.01
C PRO DA 130 -18.91 29.26 -23.71
N ILE DA 131 -18.68 27.96 -23.59
CA ILE DA 131 -19.74 27.01 -23.31
C ILE DA 131 -19.27 26.10 -22.19
N THR DA 132 -20.08 25.99 -21.15
CA THR DA 132 -19.62 25.30 -19.96
C THR DA 132 -20.02 23.84 -19.90
N ARG DA 133 -19.49 23.15 -18.90
CA ARG DA 133 -19.84 21.78 -18.58
C ARG DA 133 -19.62 21.58 -17.11
N LYS DA 134 -20.19 20.52 -16.57
CA LYS DA 134 -19.82 20.08 -15.25
C LYS DA 134 -19.24 18.70 -15.43
N GLY DA 135 -18.47 18.24 -14.46
CA GLY DA 135 -17.99 16.87 -14.49
C GLY DA 135 -19.19 15.94 -14.56
N MET DA 136 -19.15 14.97 -15.46
CA MET DA 136 -20.21 13.97 -15.50
C MET DA 136 -20.34 13.35 -14.12
N GLY DA 137 -21.57 13.26 -13.63
CA GLY DA 137 -21.80 12.66 -12.33
C GLY DA 137 -22.05 13.65 -11.22
N GLN DA 138 -22.16 14.93 -11.58
CA GLN DA 138 -22.45 15.96 -10.60
C GLN DA 138 -23.94 15.97 -10.31
N ARG DA 139 -24.29 16.31 -9.07
CA ARG DA 139 -25.67 16.60 -8.77
C ARG DA 139 -26.06 17.97 -9.32
N MET DA 140 -27.35 18.19 -9.44
CA MET DA 140 -27.86 19.46 -9.88
C MET DA 140 -27.61 20.55 -8.84
N GLY DA 141 -27.24 21.74 -9.31
CA GLY DA 141 -26.89 22.82 -8.40
C GLY DA 141 -25.39 22.91 -8.14
N GLY DA 142 -25.01 23.80 -7.23
CA GLY DA 142 -23.63 23.95 -6.84
C GLY DA 142 -22.92 25.12 -7.49
N GLY DA 143 -23.45 25.59 -8.61
CA GLY DA 143 -22.89 26.76 -9.26
C GLY DA 143 -23.00 26.56 -10.75
N LYS DA 144 -22.36 27.45 -11.52
CA LYS DA 144 -22.27 27.24 -12.96
C LYS DA 144 -21.12 26.26 -13.18
N GLY DA 145 -20.89 25.83 -14.41
CA GLY DA 145 -19.85 24.85 -14.69
C GLY DA 145 -18.55 25.55 -14.97
N ALA DA 146 -17.64 24.86 -15.64
CA ALA DA 146 -16.38 25.47 -16.06
C ALA DA 146 -16.34 25.49 -17.57
N ILE DA 147 -15.52 26.36 -18.15
CA ILE DA 147 -15.58 26.59 -19.58
C ILE DA 147 -14.88 25.49 -20.34
N ASP DA 148 -15.65 24.73 -21.11
CA ASP DA 148 -15.12 23.59 -21.82
C ASP DA 148 -14.47 23.95 -23.15
N HIS DA 149 -15.20 24.69 -23.97
CA HIS DA 149 -14.76 24.98 -25.32
C HIS DA 149 -15.50 26.20 -25.83
N TYR DA 150 -15.17 26.64 -27.03
CA TYR DA 150 -15.80 27.84 -27.57
C TYR DA 150 -16.51 27.48 -28.86
N VAL DA 151 -17.51 28.28 -29.22
CA VAL DA 151 -18.25 28.03 -30.45
C VAL DA 151 -18.59 29.32 -31.17
N THR DA 152 -19.11 29.18 -32.38
CA THR DA 152 -19.65 30.31 -33.07
C THR DA 152 -21.09 30.06 -33.37
N PRO DA 153 -21.94 31.03 -33.05
CA PRO DA 153 -23.35 30.91 -33.39
C PRO DA 153 -23.59 31.22 -34.85
N VAL DA 154 -24.47 30.46 -35.47
CA VAL DA 154 -24.78 30.64 -36.88
C VAL DA 154 -26.28 30.62 -37.08
N LYS DA 155 -26.84 31.75 -37.52
CA LYS DA 155 -28.26 31.81 -37.81
C LYS DA 155 -28.56 31.44 -39.26
N ALA DA 156 -29.69 30.79 -39.50
CA ALA DA 156 -30.07 30.38 -40.85
C ALA DA 156 -30.11 31.54 -41.84
N GLY DA 157 -29.51 31.31 -43.00
CA GLY DA 157 -29.45 32.30 -44.05
C GLY DA 157 -28.09 32.97 -44.15
N ARG DA 158 -27.13 32.44 -43.41
CA ARG DA 158 -25.81 33.06 -43.37
C ARG DA 158 -24.81 32.26 -44.17
N LEU DA 159 -23.91 32.96 -44.86
CA LEU DA 159 -22.84 32.32 -45.61
C LEU DA 159 -21.72 31.89 -44.70
N ILE DA 160 -21.35 30.62 -44.73
CA ILE DA 160 -20.24 30.13 -43.93
C ILE DA 160 -18.87 30.39 -44.56
N VAL DA 161 -18.73 30.05 -45.83
CA VAL DA 161 -17.45 30.14 -46.50
C VAL DA 161 -17.68 30.63 -47.92
N GLU DA 162 -16.84 31.55 -48.36
CA GLU DA 162 -17.04 32.17 -49.66
C GLU DA 162 -15.88 31.90 -50.60
N MET DA 163 -16.14 31.20 -51.69
CA MET DA 163 -15.10 30.88 -52.65
C MET DA 163 -15.27 31.61 -53.97
N GLY DA 164 -14.23 32.36 -54.36
CA GLY DA 164 -14.17 32.93 -55.68
C GLY DA 164 -13.13 32.24 -56.55
N GLY DA 165 -13.03 32.70 -57.80
CA GLY DA 165 -12.00 32.18 -58.68
C GLY DA 165 -12.40 32.24 -60.15
N ARG DA 166 -11.52 31.69 -60.99
CA ARG DA 166 -11.77 31.62 -62.42
C ARG DA 166 -12.52 30.32 -62.70
N CYS DA 167 -12.95 29.67 -61.63
CA CYS DA 167 -13.76 28.46 -61.73
C CYS DA 167 -15.19 28.68 -62.20
N GLU DA 168 -15.72 27.66 -62.86
CA GLU DA 168 -17.16 27.50 -63.04
C GLU DA 168 -17.76 26.98 -61.75
N PHE DA 169 -19.06 27.20 -61.55
CA PHE DA 169 -19.69 26.80 -60.30
C PHE DA 169 -19.65 25.30 -60.04
N LYS DA 170 -19.63 24.51 -61.10
CA LYS DA 170 -19.89 23.08 -60.93
C LYS DA 170 -18.83 22.31 -60.13
N GLU DA 171 -17.56 22.57 -60.38
CA GLU DA 171 -16.49 21.90 -59.64
C GLU DA 171 -16.53 22.21 -58.13
N VAL DA 172 -16.49 23.51 -57.87
CA VAL DA 172 -16.62 24.05 -56.54
C VAL DA 172 -17.84 23.45 -55.86
N GLN DA 173 -18.96 23.37 -56.56
CA GLN DA 173 -20.17 22.78 -56.01
C GLN DA 173 -19.92 21.35 -55.57
N GLY DA 174 -19.30 20.59 -56.47
CA GLY DA 174 -19.03 19.19 -56.22
C GLY DA 174 -18.35 18.98 -54.90
N PHE DA 175 -17.21 19.65 -54.66
CA PHE DA 175 -16.55 19.36 -53.37
C PHE DA 175 -17.11 20.16 -52.19
N LEU DA 176 -17.74 21.30 -52.45
CA LEU DA 176 -18.28 22.13 -51.38
C LEU DA 176 -19.47 21.45 -50.73
N ASP DA 177 -20.20 20.65 -51.51
CA ASP DA 177 -21.36 19.97 -50.95
C ASP DA 177 -20.98 18.95 -49.88
N LEU DA 178 -19.76 18.43 -49.96
CA LEU DA 178 -19.25 17.55 -48.90
C LEU DA 178 -19.19 18.30 -47.58
N VAL DA 179 -18.43 19.38 -47.59
CA VAL DA 179 -18.28 20.24 -46.43
C VAL DA 179 -19.64 20.65 -45.90
N ALA DA 180 -20.50 21.07 -46.81
CA ALA DA 180 -21.83 21.49 -46.46
C ALA DA 180 -22.55 20.39 -45.73
N HIS DA 181 -22.37 19.17 -46.20
CA HIS DA 181 -23.09 18.06 -45.63
C HIS DA 181 -22.55 17.74 -44.24
N LYS DA 182 -21.27 18.00 -44.02
CA LYS DA 182 -20.67 17.64 -42.73
C LYS DA 182 -20.80 18.74 -41.66
N LEU DA 183 -21.52 19.81 -41.98
CA LEU DA 183 -21.81 20.85 -40.99
C LEU DA 183 -22.99 20.45 -40.11
N PRO DA 184 -23.09 21.03 -38.92
CA PRO DA 184 -24.12 20.68 -37.92
C PRO DA 184 -25.53 20.95 -38.39
N PHE DA 185 -25.73 22.09 -39.03
CA PHE DA 185 -27.02 22.46 -39.58
C PHE DA 185 -27.17 21.95 -41.02
N PRO DA 186 -28.40 21.91 -41.54
CA PRO DA 186 -28.55 21.64 -42.97
C PRO DA 186 -28.02 22.81 -43.78
N ALA DA 187 -27.34 22.53 -44.88
CA ALA DA 187 -26.69 23.59 -45.65
C ALA DA 187 -26.53 23.23 -47.12
N LYS DA 188 -26.32 24.24 -47.96
CA LYS DA 188 -26.22 24.02 -49.39
C LYS DA 188 -25.00 24.70 -49.98
N ALA DA 189 -24.66 24.33 -51.21
CA ALA DA 189 -23.66 25.08 -51.95
C ALA DA 189 -24.38 25.98 -52.94
N VAL DA 190 -24.02 27.26 -52.96
CA VAL DA 190 -24.74 28.19 -53.82
C VAL DA 190 -23.82 29.14 -54.57
N SER DA 191 -24.33 29.69 -55.67
CA SER DA 191 -23.64 30.75 -56.38
C SER DA 191 -24.47 32.00 -56.28
N ARG DA 192 -24.01 33.10 -56.88
CA ARG DA 192 -24.82 34.30 -56.90
C ARG DA 192 -26.12 34.02 -57.64
N GLU DA 193 -25.97 33.38 -58.79
CA GLU DA 193 -27.11 33.01 -59.62
C GLU DA 193 -28.10 32.12 -58.87
N THR DA 194 -27.59 31.09 -58.21
CA THR DA 194 -28.43 30.14 -57.49
C THR DA 194 -29.18 30.83 -56.35
N LEU DA 195 -28.48 31.69 -55.62
CA LEU DA 195 -29.07 32.38 -54.48
C LEU DA 195 -30.20 33.30 -54.92
N GLU DA 196 -29.93 34.18 -55.88
CA GLU DA 196 -30.96 35.08 -56.36
C GLU DA 196 -32.13 34.32 -56.96
N LYS DA 197 -31.82 33.21 -57.63
CA LYS DA 197 -32.84 32.32 -58.15
C LYS DA 197 -33.78 31.88 -57.05
N MET DA 198 -33.23 31.36 -55.95
CA MET DA 198 -34.10 30.82 -54.91
C MET DA 198 -34.80 31.91 -54.10
N ARG DA 199 -34.24 33.13 -54.08
CA ARG DA 199 -34.94 34.22 -53.40
C ARG DA 199 -36.13 34.71 -54.23
N LYS DA 200 -35.92 34.89 -55.53
CA LYS DA 200 -37.02 35.30 -56.41
C LYS DA 200 -38.10 34.22 -56.43
N ASP DA 201 -37.68 32.96 -56.42
CA ASP DA 201 -38.64 31.86 -56.33
C ASP DA 201 -39.40 31.93 -55.02
N GLN DA 202 -38.70 32.27 -53.95
CA GLN DA 202 -39.32 32.36 -52.64
C GLN DA 202 -40.39 33.43 -52.59
N GLU DA 203 -40.13 34.61 -53.15
CA GLU DA 203 -41.16 35.66 -53.10
C GLU DA 203 -42.26 35.40 -54.12
N GLU DA 204 -41.90 34.80 -55.24
CA GLU DA 204 -42.87 34.49 -56.27
C GLU DA 204 -43.84 33.45 -55.77
N ARG DA 205 -43.37 32.56 -54.91
CA ARG DA 205 -44.24 31.55 -54.33
C ARG DA 205 -45.24 32.22 -53.42
N GLU DA 206 -44.83 33.31 -52.79
CA GLU DA 206 -45.71 33.94 -51.82
C GLU DA 206 -46.65 34.97 -52.43
N ARG DA 207 -46.41 35.42 -53.66
CA ARG DA 207 -47.44 36.23 -54.32
C ARG DA 207 -48.35 35.38 -55.23
N ASN DA 208 -47.97 34.12 -55.43
CA ASN DA 208 -48.78 33.16 -56.18
C ASN DA 208 -49.87 32.52 -55.36
N ASN DA 209 -49.68 32.53 -54.04
CA ASN DA 209 -50.42 31.66 -53.13
C ASN DA 209 -51.91 31.74 -53.32
N GLN DA 210 -52.54 30.59 -53.45
CA GLN DA 210 -53.96 30.54 -53.71
C GLN DA 210 -54.80 30.69 -52.45
N ASN DA 211 -54.38 30.10 -51.34
CA ASN DA 211 -55.25 30.17 -50.16
C ASN DA 211 -55.12 31.50 -49.44
N PRO DA 212 -56.26 32.05 -49.01
CA PRO DA 212 -56.37 33.40 -48.46
C PRO DA 212 -55.64 33.53 -47.15
N TRP DA 213 -55.38 32.39 -46.54
CA TRP DA 213 -54.95 32.37 -45.16
C TRP DA 213 -53.47 32.14 -45.02
N THR DA 214 -52.77 33.20 -44.64
CA THR DA 214 -51.35 33.10 -44.40
C THR DA 214 -51.08 33.28 -42.93
N PHE DA 215 -50.01 32.66 -42.46
CA PHE DA 215 -49.57 32.79 -41.08
C PHE DA 215 -49.45 34.24 -40.65
N GLU DA 216 -48.88 35.08 -41.52
CA GLU DA 216 -48.77 36.50 -41.22
C GLU DA 216 -50.12 37.10 -40.92
N ARG DA 217 -51.03 36.95 -41.88
CA ARG DA 217 -52.33 37.60 -41.80
C ARG DA 217 -53.07 37.21 -40.54
N ILE DA 218 -52.95 35.95 -40.15
CA ILE DA 218 -53.64 35.46 -38.98
C ILE DA 218 -52.98 35.90 -37.69
N ALA DA 219 -51.67 35.79 -37.62
CA ALA DA 219 -50.96 36.12 -36.40
C ALA DA 219 -51.05 37.60 -36.06
N THR DA 220 -50.71 38.46 -37.02
CA THR DA 220 -50.69 39.89 -36.75
C THR DA 220 -52.03 40.40 -36.26
N ALA DA 221 -53.12 39.87 -36.82
CA ALA DA 221 -54.44 40.33 -36.47
C ALA DA 221 -55.02 39.59 -35.27
N ASN DA 222 -54.24 38.65 -34.73
CA ASN DA 222 -54.67 37.86 -33.58
C ASN DA 222 -56.01 37.20 -33.84
N MET DA 223 -56.15 36.56 -34.98
CA MET DA 223 -57.38 35.86 -35.28
C MET DA 223 -57.46 34.59 -34.47
N LEU DA 224 -58.67 34.23 -34.07
CA LEU DA 224 -58.93 33.10 -33.19
C LEU DA 224 -58.21 33.19 -31.86
N GLY DA 225 -57.78 34.39 -31.46
CA GLY DA 225 -56.94 34.53 -30.28
C GLY DA 225 -55.65 33.72 -30.37
N ILE DA 226 -55.24 33.44 -31.60
CA ILE DA 226 -54.10 32.56 -31.86
C ILE DA 226 -52.81 33.02 -31.20
N ARG DA 227 -52.71 34.31 -30.87
CA ARG DA 227 -51.51 34.81 -30.22
C ARG DA 227 -51.24 34.06 -28.94
N LYS DA 228 -52.27 33.47 -28.35
CA LYS DA 228 -52.13 32.76 -27.09
C LYS DA 228 -51.12 31.63 -27.21
N VAL DA 229 -51.21 30.89 -28.30
CA VAL DA 229 -50.33 29.77 -28.57
C VAL DA 229 -49.00 30.16 -29.24
N LEU DA 230 -48.99 31.27 -29.95
CA LEU DA 230 -47.77 31.74 -30.60
C LEU DA 230 -46.80 32.44 -29.65
N SER DA 231 -45.53 32.50 -30.05
CA SER DA 231 -44.52 33.34 -29.41
C SER DA 231 -44.53 34.74 -30.01
N PRO DA 232 -44.07 35.76 -29.27
CA PRO DA 232 -43.99 37.09 -29.86
C PRO DA 232 -43.09 37.12 -31.08
N TYR DA 233 -41.97 36.42 -31.00
CA TYR DA 233 -41.04 36.36 -32.11
C TYR DA 233 -41.71 35.92 -33.39
N ASP DA 234 -42.76 35.12 -33.27
CA ASP DA 234 -43.47 34.63 -34.44
C ASP DA 234 -43.93 35.73 -35.37
N LEU DA 235 -44.31 36.87 -34.80
CA LEU DA 235 -44.77 37.98 -35.63
C LEU DA 235 -43.73 38.35 -36.69
N THR DA 236 -42.46 38.24 -36.34
CA THR DA 236 -41.38 38.43 -37.29
C THR DA 236 -41.09 37.17 -38.11
N HIS DA 237 -41.11 36.01 -37.46
CA HIS DA 237 -40.66 34.77 -38.08
C HIS DA 237 -41.68 34.25 -39.08
N LYS DA 238 -42.95 34.54 -38.83
CA LYS DA 238 -44.02 34.27 -39.78
C LYS DA 238 -44.19 32.79 -40.07
N GLY DA 239 -43.87 31.96 -39.10
CA GLY DA 239 -44.07 30.52 -39.22
C GLY DA 239 -43.02 29.84 -40.06
N ARG DA 240 -42.08 30.60 -40.59
CA ARG DA 240 -41.01 30.04 -41.39
C ARG DA 240 -39.91 29.46 -40.51
N TYR DA 241 -39.65 30.09 -39.37
CA TYR DA 241 -38.64 29.57 -38.43
C TYR DA 241 -39.30 29.07 -37.17
N TRP DA 242 -38.90 27.89 -36.75
CA TRP DA 242 -39.40 27.29 -35.52
C TRP DA 242 -38.21 26.73 -34.77
N GLY DA 243 -37.92 27.29 -33.60
CA GLY DA 243 -36.70 26.94 -32.89
C GLY DA 243 -35.50 27.33 -33.73
N LYS DA 244 -34.57 26.39 -33.92
CA LYS DA 244 -33.43 26.63 -34.78
C LYS DA 244 -33.68 26.12 -36.18
N PHE DA 245 -34.89 25.61 -36.41
CA PHE DA 245 -35.21 25.00 -37.69
C PHE DA 245 -35.82 26.00 -38.63
N TYR DA 246 -35.45 25.90 -39.90
CA TYR DA 246 -36.01 26.78 -40.90
C TYR DA 246 -36.51 25.95 -42.04
N THR DA 247 -37.80 26.04 -42.32
CA THR DA 247 -38.34 25.32 -43.46
C THR DA 247 -38.71 26.29 -44.55
N PRO DA 248 -37.98 26.25 -45.66
CA PRO DA 248 -38.11 27.19 -46.77
C PRO DA 248 -39.44 27.08 -47.51
N GLU DA 249 -40.16 25.99 -47.31
CA GLU DA 249 -41.38 25.70 -48.06
C GLU DA 249 -42.57 26.46 -47.53
N ARG DA 250 -42.34 27.25 -46.48
CA ARG DA 250 -43.43 27.76 -45.66
C ARG DA 250 -44.03 29.09 -46.08
N VAL DA 251 -43.62 29.61 -47.24
CA VAL DA 251 -44.14 30.89 -47.71
C VAL DA 251 -43.78 32.03 -46.76
N ILE EA 9 -46.25 -46.19 -6.05
CA ILE EA 9 -46.63 -47.25 -6.97
C ILE EA 9 -46.59 -48.62 -6.33
N SER EA 10 -47.77 -49.17 -6.12
CA SER EA 10 -47.95 -50.34 -5.31
C SER EA 10 -47.94 -51.66 -6.08
N HIS EA 11 -47.61 -51.63 -7.36
CA HIS EA 11 -47.93 -52.76 -8.26
C HIS EA 11 -47.45 -54.13 -7.81
N GLY EA 12 -48.40 -55.05 -7.71
CA GLY EA 12 -48.08 -56.41 -7.35
C GLY EA 12 -47.62 -56.60 -5.93
N ARG EA 13 -48.03 -55.73 -5.03
CA ARG EA 13 -47.73 -55.94 -3.62
C ARG EA 13 -48.86 -56.72 -2.99
N VAL EA 14 -48.57 -57.92 -2.54
CA VAL EA 14 -49.61 -58.80 -2.00
C VAL EA 14 -49.97 -58.50 -0.55
N PHE EA 15 -49.00 -58.07 0.24
CA PHE EA 15 -49.20 -57.90 1.66
C PHE EA 15 -49.53 -56.48 2.05
N ARG EA 16 -50.59 -56.29 2.82
CA ARG EA 16 -50.90 -54.94 3.25
C ARG EA 16 -50.13 -54.55 4.50
N ARG EA 17 -49.81 -53.27 4.59
CA ARG EA 17 -49.07 -52.75 5.72
C ARG EA 17 -49.94 -52.51 6.94
N LEU EA 18 -49.56 -53.13 8.04
CA LEU EA 18 -50.29 -53.02 9.28
C LEU EA 18 -49.33 -52.71 10.40
N GLY EA 19 -49.86 -52.38 11.57
CA GLY EA 19 -49.04 -52.24 12.76
C GLY EA 19 -47.98 -51.16 12.68
N LEU EA 20 -46.91 -51.36 13.43
CA LEU EA 20 -45.86 -50.37 13.53
C LEU EA 20 -44.76 -50.61 12.52
N GLY EA 21 -44.91 -51.65 11.71
CA GLY EA 21 -43.87 -52.05 10.79
C GLY EA 21 -44.09 -53.49 10.42
N PRO EA 22 -43.27 -54.04 9.49
CA PRO EA 22 -43.41 -55.43 9.06
C PRO EA 22 -43.45 -56.42 10.22
N GLU EA 23 -42.53 -56.26 11.18
CA GLU EA 23 -42.52 -57.14 12.33
C GLU EA 23 -43.81 -57.06 13.16
N SER EA 24 -44.29 -55.85 13.41
CA SER EA 24 -45.53 -55.68 14.18
C SER EA 24 -46.69 -56.30 13.45
N ARG EA 25 -46.62 -56.28 12.12
CA ARG EA 25 -47.62 -56.95 11.31
C ARG EA 25 -47.61 -58.44 11.61
N ILE EA 26 -46.44 -59.05 11.56
CA ILE EA 26 -46.36 -60.47 11.87
C ILE EA 26 -46.89 -60.77 13.25
N HIS EA 27 -46.61 -59.91 14.21
CA HIS EA 27 -47.08 -60.22 15.55
C HIS EA 27 -48.59 -60.00 15.71
N LEU EA 28 -49.14 -59.05 14.97
CA LEU EA 28 -50.58 -58.87 14.96
C LEU EA 28 -51.26 -60.11 14.45
N LEU EA 29 -50.72 -60.64 13.36
CA LEU EA 29 -51.28 -61.85 12.80
C LEU EA 29 -51.05 -63.04 13.73
N GLN EA 30 -49.95 -63.03 14.46
CA GLN EA 30 -49.67 -64.04 15.44
C GLN EA 30 -50.82 -64.14 16.40
N ASN EA 31 -51.13 -63.01 17.01
CA ASN EA 31 -52.21 -62.97 17.97
C ASN EA 31 -53.53 -63.36 17.38
N LEU EA 32 -53.83 -62.86 16.18
CA LEU EA 32 -55.08 -63.20 15.55
C LEU EA 32 -55.21 -64.69 15.32
N LEU EA 33 -54.13 -65.30 14.85
CA LEU EA 33 -54.11 -66.71 14.53
C LEU EA 33 -54.29 -67.52 15.78
N THR EA 34 -53.58 -67.16 16.85
CA THR EA 34 -53.72 -67.88 18.11
C THR EA 34 -55.15 -67.83 18.58
N GLY EA 35 -55.74 -66.64 18.49
CA GLY EA 35 -57.14 -66.48 18.85
C GLY EA 35 -58.01 -67.40 18.02
N LEU EA 36 -57.69 -67.51 16.74
CA LEU EA 36 -58.49 -68.31 15.83
C LEU EA 36 -58.40 -69.80 16.11
N VAL EA 37 -57.20 -70.26 16.45
CA VAL EA 37 -57.02 -71.68 16.71
C VAL EA 37 -57.65 -72.04 18.05
N ARG EA 38 -57.64 -71.12 18.99
CA ARG EA 38 -58.26 -71.41 20.27
C ARG EA 38 -59.77 -71.41 20.14
N HIS EA 39 -60.36 -70.28 19.77
CA HIS EA 39 -61.81 -70.13 19.81
C HIS EA 39 -62.55 -70.57 18.54
N GLU EA 40 -61.79 -70.79 17.47
CA GLU EA 40 -62.29 -71.30 16.19
C GLU EA 40 -63.21 -70.36 15.43
N ARG EA 41 -63.72 -69.32 16.09
CA ARG EA 41 -64.38 -68.25 15.37
C ARG EA 41 -64.09 -66.92 16.04
N ILE EA 42 -63.55 -65.96 15.29
CA ILE EA 42 -63.30 -64.64 15.87
C ILE EA 42 -63.78 -63.54 14.96
N GLU EA 43 -63.85 -62.32 15.48
CA GLU EA 43 -64.23 -61.19 14.65
C GLU EA 43 -63.25 -60.06 14.82
N ALA EA 44 -62.87 -59.42 13.71
CA ALA EA 44 -61.91 -58.35 13.79
C ALA EA 44 -62.05 -57.43 12.60
N SER EA 45 -61.09 -56.51 12.48
CA SER EA 45 -61.07 -55.60 11.36
C SER EA 45 -61.06 -56.37 10.05
N TRP EA 46 -61.99 -56.03 9.16
CA TRP EA 46 -62.12 -56.72 7.88
C TRP EA 46 -60.79 -56.86 7.16
N ALA EA 47 -60.01 -55.79 7.14
CA ALA EA 47 -58.72 -55.83 6.49
C ALA EA 47 -57.81 -56.84 7.15
N ARG EA 48 -57.75 -56.80 8.48
CA ARG EA 48 -56.83 -57.69 9.18
C ARG EA 48 -57.24 -59.13 9.07
N VAL EA 49 -58.54 -59.37 9.07
CA VAL EA 49 -59.02 -60.72 8.94
C VAL EA 49 -58.67 -61.24 7.55
N ASP EA 50 -58.95 -60.43 6.53
CA ASP EA 50 -58.57 -60.77 5.18
C ASP EA 50 -57.10 -61.14 5.09
N GLU EA 51 -56.25 -60.29 5.65
CA GLU EA 51 -54.83 -60.55 5.69
C GLU EA 51 -54.51 -61.88 6.37
N LEU EA 52 -55.21 -62.14 7.47
CA LEU EA 52 -54.99 -63.34 8.26
C LEU EA 52 -55.32 -64.63 7.54
N ARG EA 53 -56.37 -64.58 6.74
CA ARG EA 53 -56.96 -65.77 6.15
C ARG EA 53 -55.96 -66.70 5.49
N GLY EA 54 -55.05 -66.13 4.71
CA GLY EA 54 -54.02 -66.92 4.08
C GLY EA 54 -53.20 -67.74 5.07
N TYR EA 55 -52.72 -67.06 6.10
CA TYR EA 55 -51.95 -67.73 7.13
C TYR EA 55 -52.76 -68.81 7.80
N ALA EA 56 -54.00 -68.49 8.11
CA ALA EA 56 -54.87 -69.44 8.79
C ALA EA 56 -55.05 -70.68 7.95
N GLU EA 57 -55.00 -70.51 6.64
CA GLU EA 57 -55.17 -71.64 5.73
C GLU EA 57 -53.90 -72.47 5.62
N LYS EA 58 -52.75 -71.82 5.60
CA LYS EA 58 -51.51 -72.57 5.50
C LYS EA 58 -51.16 -73.30 6.80
N LEU EA 59 -51.67 -72.80 7.91
CA LEU EA 59 -51.31 -73.42 9.19
C LEU EA 59 -51.86 -74.81 9.25
N ILE EA 60 -53.03 -75.00 8.67
CA ILE EA 60 -53.65 -76.31 8.65
C ILE EA 60 -52.83 -77.23 7.77
N ASP EA 61 -52.22 -76.68 6.73
CA ASP EA 61 -51.38 -77.48 5.86
C ASP EA 61 -50.11 -77.94 6.56
N TYR EA 62 -49.53 -77.07 7.38
CA TYR EA 62 -48.41 -77.53 8.17
C TYR EA 62 -48.87 -78.55 9.20
N GLY EA 63 -50.11 -78.42 9.66
CA GLY EA 63 -50.66 -79.35 10.61
C GLY EA 63 -50.79 -80.74 10.02
N LYS EA 64 -51.17 -80.79 8.76
CA LYS EA 64 -51.32 -82.05 8.05
C LYS EA 64 -49.99 -82.78 7.87
N LEU EA 65 -48.88 -82.04 7.91
CA LEU EA 65 -47.56 -82.65 7.79
C LEU EA 65 -47.23 -83.53 8.98
N GLY EA 66 -48.05 -83.44 10.03
CA GLY EA 66 -47.93 -84.33 11.16
C GLY EA 66 -46.98 -83.88 12.25
N ASP EA 67 -47.23 -84.36 13.45
CA ASP EA 67 -46.47 -84.06 14.66
C ASP EA 67 -44.96 -84.17 14.50
N THR EA 68 -44.54 -85.22 13.80
CA THR EA 68 -43.15 -85.62 13.74
C THR EA 68 -42.28 -84.76 12.82
N ASN EA 69 -42.89 -84.09 11.85
CA ASN EA 69 -42.16 -83.17 10.99
C ASN EA 69 -41.60 -82.01 11.80
N GLU EA 70 -40.31 -81.75 11.70
CA GLU EA 70 -39.68 -80.72 12.51
C GLU EA 70 -40.05 -79.32 12.07
N ARG EA 71 -40.01 -79.10 10.76
CA ARG EA 71 -40.36 -77.80 10.19
C ARG EA 71 -41.74 -77.37 10.63
N ALA EA 72 -42.70 -78.27 10.45
CA ALA EA 72 -44.07 -77.98 10.86
C ALA EA 72 -44.15 -77.70 12.36
N MET EA 73 -43.32 -78.37 13.13
CA MET EA 73 -43.38 -78.21 14.58
C MET EA 73 -42.88 -76.85 15.03
N ARG EA 74 -41.72 -76.41 14.53
CA ARG EA 74 -41.24 -75.12 15.00
C ARG EA 74 -42.02 -73.99 14.31
N MET EA 75 -42.63 -74.30 13.18
CA MET EA 75 -43.58 -73.38 12.56
C MET EA 75 -44.76 -73.13 13.49
N ALA EA 76 -45.39 -74.22 13.90
CA ALA EA 76 -46.51 -74.13 14.84
C ALA EA 76 -46.06 -73.53 16.16
N ASP EA 77 -44.78 -73.66 16.46
CA ASP EA 77 -44.25 -73.15 17.71
C ASP EA 77 -44.18 -71.65 17.66
N PHE EA 78 -43.80 -71.12 16.51
CA PHE EA 78 -43.74 -69.69 16.35
C PHE EA 78 -45.12 -69.08 16.27
N TRP EA 79 -45.98 -69.66 15.45
CA TRP EA 79 -47.27 -69.01 15.20
C TRP EA 79 -48.25 -69.14 16.34
N LEU EA 80 -48.45 -70.34 16.87
CA LEU EA 80 -49.34 -70.48 18.00
C LEU EA 80 -48.60 -70.04 19.24
N THR EA 81 -49.10 -68.99 19.84
CA THR EA 81 -48.41 -68.38 20.94
C THR EA 81 -48.61 -69.09 22.27
N GLU EA 82 -49.86 -69.41 22.60
CA GLU EA 82 -50.12 -70.18 23.81
C GLU EA 82 -49.82 -71.61 23.48
N LYS EA 83 -48.84 -72.19 24.19
CA LYS EA 83 -48.23 -73.41 23.70
C LYS EA 83 -49.20 -74.58 23.73
N ASP EA 84 -50.16 -74.50 24.64
CA ASP EA 84 -51.12 -75.59 24.81
C ASP EA 84 -51.91 -75.90 23.54
N LEU EA 85 -51.96 -74.94 22.62
CA LEU EA 85 -52.71 -75.12 21.38
C LEU EA 85 -52.02 -76.04 20.41
N ILE EA 86 -50.70 -76.10 20.50
CA ILE EA 86 -49.93 -76.84 19.50
C ILE EA 86 -50.40 -78.29 19.36
N PRO EA 87 -50.73 -78.97 20.47
CA PRO EA 87 -51.42 -80.24 20.27
C PRO EA 87 -52.76 -80.10 19.55
N LYS EA 88 -53.58 -79.12 19.91
CA LYS EA 88 -54.89 -78.97 19.28
C LYS EA 88 -54.79 -78.84 17.77
N LEU EA 89 -53.80 -78.09 17.30
CA LEU EA 89 -53.55 -77.97 15.87
C LEU EA 89 -53.32 -79.33 15.24
N PHE EA 90 -52.44 -80.12 15.86
CA PHE EA 90 -52.03 -81.38 15.26
C PHE EA 90 -53.01 -82.52 15.49
N GLN EA 91 -53.61 -82.59 16.68
CA GLN EA 91 -54.45 -83.71 17.01
C GLN EA 91 -55.95 -83.48 16.89
N VAL EA 92 -56.36 -82.26 16.55
CA VAL EA 92 -57.78 -81.96 16.42
C VAL EA 92 -58.13 -81.33 15.08
N LEU EA 93 -57.59 -80.13 14.84
CA LEU EA 93 -57.85 -79.39 13.62
C LEU EA 93 -57.35 -80.14 12.39
N ALA EA 94 -56.05 -80.44 12.36
CA ALA EA 94 -55.46 -81.13 11.22
C ALA EA 94 -56.12 -82.47 10.86
N PRO EA 95 -56.58 -83.26 11.86
CA PRO EA 95 -57.31 -84.46 11.44
C PRO EA 95 -58.64 -84.18 10.75
N ARG EA 96 -59.37 -83.17 11.20
CA ARG EA 96 -60.74 -83.01 10.71
C ARG EA 96 -60.75 -82.35 9.35
N PHE EA 97 -59.58 -81.94 8.91
CA PHE EA 97 -59.41 -81.62 7.50
C PHE EA 97 -58.54 -82.69 6.88
N GLN EA 98 -59.17 -83.55 6.11
CA GLN EA 98 -58.43 -84.65 5.52
C GLN EA 98 -58.71 -84.72 4.03
N GLY EA 99 -59.98 -84.97 3.71
CA GLY EA 99 -60.41 -84.97 2.33
C GLY EA 99 -60.11 -83.65 1.66
N GLN EA 100 -60.61 -82.57 2.25
CA GLN EA 100 -60.56 -81.27 1.57
C GLN EA 100 -59.16 -80.70 1.49
N ASN EA 101 -58.76 -80.34 0.27
CA ASN EA 101 -57.53 -79.60 0.03
C ASN EA 101 -57.48 -78.20 0.66
N GLY EA 102 -58.27 -77.27 0.16
CA GLY EA 102 -58.20 -75.89 0.62
C GLY EA 102 -59.35 -75.24 1.38
N GLY EA 103 -60.38 -75.99 1.73
CA GLY EA 103 -61.62 -75.34 2.12
C GLY EA 103 -61.76 -74.87 3.55
N TYR EA 104 -60.64 -74.74 4.26
CA TYR EA 104 -60.66 -74.70 5.73
C TYR EA 104 -61.42 -73.54 6.36
N THR EA 105 -61.44 -72.41 5.69
CA THR EA 105 -61.84 -71.17 6.34
C THR EA 105 -63.06 -70.52 5.73
N ARG EA 106 -63.97 -70.07 6.58
CA ARG EA 106 -65.11 -69.28 6.15
C ARG EA 106 -64.94 -67.85 6.66
N MET EA 107 -65.06 -66.86 5.79
CA MET EA 107 -64.90 -65.47 6.20
C MET EA 107 -66.01 -64.60 5.67
N LEU EA 108 -66.74 -63.94 6.56
CA LEU EA 108 -67.86 -63.12 6.12
C LEU EA 108 -67.78 -61.71 6.63
N GLN EA 109 -68.45 -60.78 5.96
CA GLN EA 109 -68.48 -59.43 6.47
C GLN EA 109 -69.65 -59.25 7.41
N ILE EA 110 -69.33 -58.80 8.61
CA ILE EA 110 -70.29 -58.50 9.66
C ILE EA 110 -70.70 -57.02 9.54
N PRO EA 111 -71.84 -56.61 10.13
CA PRO EA 111 -72.16 -55.18 10.07
C PRO EA 111 -71.12 -54.31 10.78
N ASN EA 112 -70.94 -53.07 10.33
CA ASN EA 112 -69.90 -52.18 10.87
C ASN EA 112 -69.94 -52.06 12.38
N ARG EA 113 -68.76 -52.00 12.99
CA ARG EA 113 -68.61 -51.95 14.45
C ARG EA 113 -69.44 -50.83 15.05
N ASN EA 114 -70.11 -51.09 16.17
CA ASN EA 114 -71.00 -50.09 16.75
C ASN EA 114 -70.29 -48.98 17.51
N GLU EA 115 -69.00 -49.15 17.75
CA GLU EA 115 -68.17 -48.13 18.38
C GLU EA 115 -68.02 -46.94 17.46
N GLN EA 116 -67.62 -45.80 18.01
CA GLN EA 116 -67.61 -44.59 17.24
C GLN EA 116 -66.60 -44.58 16.10
N ASP EA 117 -65.71 -45.56 16.05
CA ASP EA 117 -64.77 -45.57 14.95
C ASP EA 117 -65.38 -46.21 13.73
N ARG EA 118 -66.53 -46.85 13.89
CA ARG EA 118 -67.28 -47.42 12.79
C ARG EA 118 -66.43 -48.18 11.80
N ALA EA 119 -65.76 -49.23 12.25
CA ALA EA 119 -64.82 -49.91 11.36
C ALA EA 119 -65.55 -50.89 10.47
N LYS EA 120 -64.82 -51.48 9.53
CA LYS EA 120 -65.37 -52.49 8.65
C LYS EA 120 -64.95 -53.83 9.23
N MET EA 121 -65.93 -54.69 9.47
CA MET EA 121 -65.72 -55.85 10.32
C MET EA 121 -65.98 -57.18 9.64
N ALA EA 122 -65.26 -58.19 10.09
CA ALA EA 122 -65.41 -59.51 9.50
C ALA EA 122 -65.33 -60.57 10.56
N VAL EA 123 -66.03 -61.67 10.31
CA VAL EA 123 -65.93 -62.82 11.17
C VAL EA 123 -65.26 -63.92 10.40
N ILE EA 124 -64.32 -64.61 11.05
CA ILE EA 124 -63.58 -65.65 10.38
C ILE EA 124 -63.61 -66.91 11.22
N GLU EA 125 -63.58 -68.03 10.53
CA GLU EA 125 -63.98 -69.27 11.14
C GLU EA 125 -63.32 -70.48 10.51
N TYR EA 126 -63.03 -71.49 11.32
CA TYR EA 126 -62.59 -72.77 10.80
C TYR EA 126 -63.81 -73.63 10.57
N LYS EA 127 -63.97 -74.16 9.37
CA LYS EA 127 -65.14 -74.97 9.08
C LYS EA 127 -65.21 -76.19 9.98
N GLY EA 128 -66.43 -76.65 10.26
CA GLY EA 128 -66.61 -77.86 11.03
C GLY EA 128 -66.44 -77.69 12.53
N ASN EA 129 -66.41 -76.46 12.97
CA ASN EA 129 -66.35 -76.15 14.40
C ASN EA 129 -67.68 -76.46 15.07
N CYS EA 130 -67.67 -76.57 16.40
CA CYS EA 130 -68.91 -76.79 17.11
C CYS EA 130 -69.39 -75.52 17.76
N LEU EA 131 -70.24 -74.81 17.06
CA LEU EA 131 -70.78 -73.54 17.50
C LEU EA 131 -72.09 -73.36 16.79
N PRO EA 132 -72.96 -72.50 17.31
CA PRO EA 132 -74.14 -72.15 16.52
C PRO EA 132 -73.70 -71.65 15.15
N PRO EA 133 -74.31 -72.15 14.08
CA PRO EA 133 -73.86 -71.79 12.74
C PRO EA 133 -74.12 -70.34 12.42
N LEU EA 134 -73.17 -69.72 11.73
CA LEU EA 134 -73.33 -68.39 11.18
C LEU EA 134 -74.52 -68.31 10.24
N PRO EA 135 -75.30 -67.23 10.32
CA PRO EA 135 -76.42 -67.06 9.39
C PRO EA 135 -75.93 -66.74 7.98
N LEU EA 136 -75.38 -67.73 7.28
CA LEU EA 136 -74.87 -67.52 5.94
C LEU EA 136 -75.96 -67.06 5.01
N PRO EA 137 -75.59 -66.35 3.94
CA PRO EA 137 -76.59 -66.05 2.92
C PRO EA 137 -77.00 -67.33 2.19
N ARG EA 138 -78.29 -67.53 2.02
CA ARG EA 138 -78.76 -68.67 1.23
C ARG EA 138 -79.02 -68.22 -0.20
N ARG EA 139 -78.68 -69.07 -1.15
CA ARG EA 139 -79.10 -68.87 -2.52
C ARG EA 139 -80.61 -69.02 -2.53
N ASP EA 140 -81.27 -68.48 -3.56
CA ASP EA 140 -82.71 -68.67 -3.68
C ASP EA 140 -83.02 -70.15 -3.88
N SER EA 141 -84.23 -70.57 -3.54
CA SER EA 141 -84.58 -71.97 -3.73
C SER EA 141 -84.83 -72.25 -5.20
N ASN EA 142 -85.06 -73.51 -5.54
CA ASN EA 142 -85.29 -73.86 -6.93
C ASN EA 142 -86.73 -73.64 -7.32
N LEU EA 143 -87.58 -73.38 -6.34
CA LEU EA 143 -89.00 -73.23 -6.61
C LEU EA 143 -89.33 -71.81 -7.04
N THR EA 144 -88.35 -70.93 -6.90
CA THR EA 144 -88.48 -69.53 -7.32
C THR EA 144 -88.75 -69.43 -8.81
N LEU EA 145 -89.61 -68.48 -9.19
CA LEU EA 145 -90.10 -68.34 -10.56
C LEU EA 145 -89.00 -68.40 -11.65
N LEU EA 146 -87.97 -67.58 -11.49
CA LEU EA 146 -86.90 -67.53 -12.46
C LEU EA 146 -86.19 -68.87 -12.56
N ASN EA 147 -85.86 -69.44 -11.41
CA ASN EA 147 -85.18 -70.72 -11.38
C ASN EA 147 -86.00 -71.83 -12.01
N GLN EA 148 -87.32 -71.75 -11.87
CA GLN EA 148 -88.21 -72.72 -12.48
C GLN EA 148 -88.10 -72.60 -13.99
N LEU EA 149 -88.23 -71.37 -14.48
CA LEU EA 149 -88.03 -71.10 -15.90
C LEU EA 149 -86.72 -71.68 -16.42
N LEU EA 150 -85.67 -71.64 -15.60
CA LEU EA 150 -84.41 -72.26 -16.02
C LEU EA 150 -84.48 -73.78 -15.97
N GLN EA 151 -85.22 -74.34 -15.00
CA GLN EA 151 -85.39 -75.78 -14.92
C GLN EA 151 -86.00 -76.30 -16.22
N GLY EA 152 -86.95 -75.54 -16.76
CA GLY EA 152 -87.52 -75.86 -18.05
C GLY EA 152 -86.45 -76.05 -19.09
N LEU EA 153 -85.61 -75.04 -19.23
CA LEU EA 153 -84.51 -75.07 -20.18
C LEU EA 153 -83.62 -76.29 -19.98
N ARG EA 154 -83.34 -76.61 -18.73
CA ARG EA 154 -82.47 -77.74 -18.43
C ARG EA 154 -83.08 -79.04 -18.94
N GLN EA 155 -84.34 -79.27 -18.58
CA GLN EA 155 -84.98 -80.51 -18.98
C GLN EA 155 -85.11 -80.59 -20.50
N ASP EA 156 -85.15 -79.45 -21.18
CA ASP EA 156 -85.14 -79.48 -22.65
C ASP EA 156 -83.74 -79.60 -23.25
N GLN EA 157 -82.70 -79.42 -22.44
CA GLN EA 157 -81.35 -79.79 -22.85
C GLN EA 157 -81.15 -81.30 -22.71
N GLU EA 158 -81.88 -81.89 -21.76
CA GLU EA 158 -81.84 -83.33 -21.59
C GLU EA 158 -82.69 -84.05 -22.64
N ALA EA 159 -83.83 -83.46 -22.99
CA ALA EA 159 -84.75 -84.07 -23.95
C ALA EA 159 -84.21 -84.03 -25.38
N SER EA 160 -83.38 -83.03 -25.67
CA SER EA 160 -82.83 -82.87 -27.01
C SER EA 160 -81.48 -83.58 -27.20
N SER EA 161 -81.06 -84.32 -26.17
CA SER EA 161 -79.82 -85.10 -26.26
C SER EA 161 -80.11 -86.59 -26.06
N PRO FA 38 -80.44 103.24 1.98
CA PRO FA 38 -78.99 103.48 2.02
C PRO FA 38 -78.51 104.38 0.89
N VAL FA 39 -77.20 104.38 0.63
CA VAL FA 39 -76.63 105.16 -0.47
C VAL FA 39 -76.38 104.26 -1.67
N GLU FA 40 -76.71 104.73 -2.86
CA GLU FA 40 -76.47 103.95 -4.06
C GLU FA 40 -74.97 103.82 -4.32
N ASN FA 41 -74.19 104.69 -3.68
CA ASN FA 41 -72.74 104.58 -3.75
C ASN FA 41 -72.20 103.47 -2.86
N GLU FA 42 -72.94 103.16 -1.81
CA GLU FA 42 -72.46 102.29 -0.74
C GLU FA 42 -72.24 100.84 -1.19
N ALA FA 43 -72.84 100.45 -2.32
CA ALA FA 43 -72.67 99.11 -2.85
C ALA FA 43 -71.21 98.82 -3.18
N VAL FA 44 -70.75 97.64 -2.81
CA VAL FA 44 -69.34 97.27 -2.91
C VAL FA 44 -69.12 95.94 -3.64
N ALA FA 45 -69.78 94.90 -3.11
CA ALA FA 45 -69.56 93.47 -3.38
C ALA FA 45 -68.38 92.98 -2.56
N PRO FA 46 -68.46 91.73 -2.09
CA PRO FA 46 -67.56 91.21 -1.06
C PRO FA 46 -66.17 90.93 -1.56
N GLU FA 47 -66.08 90.46 -2.79
CA GLU FA 47 -64.81 90.07 -3.36
C GLU FA 47 -64.34 91.10 -4.38
N PHE FA 48 -63.25 91.78 -4.08
CA PHE FA 48 -62.75 92.81 -4.97
C PHE FA 48 -61.82 92.22 -6.01
N THR FA 49 -62.11 92.51 -7.27
CA THR FA 49 -61.30 92.00 -8.37
C THR FA 49 -60.26 93.04 -8.80
N ASN FA 50 -58.99 92.67 -8.71
CA ASN FA 50 -57.93 93.56 -9.16
C ASN FA 50 -57.28 92.99 -10.43
N ARG FA 51 -57.56 93.62 -11.56
CA ARG FA 51 -57.12 93.10 -12.86
C ARG FA 51 -55.66 93.41 -13.13
N ASN FA 52 -55.07 94.26 -12.31
CA ASN FA 52 -53.73 94.76 -12.58
C ASN FA 52 -52.66 93.70 -12.40
N PRO FA 53 -51.96 93.35 -13.50
CA PRO FA 53 -50.95 92.29 -13.52
C PRO FA 53 -49.72 92.66 -12.72
N ARG FA 54 -49.48 93.95 -12.58
CA ARG FA 54 -48.28 94.42 -11.94
C ARG FA 54 -48.44 94.37 -10.42
N ASN FA 55 -49.69 94.18 -9.99
CA ASN FA 55 -50.08 94.33 -8.59
C ASN FA 55 -49.36 93.46 -7.59
N LEU FA 56 -49.64 92.16 -7.62
CA LEU FA 56 -49.18 91.25 -6.60
C LEU FA 56 -47.66 91.22 -6.49
N GLU FA 57 -46.99 91.58 -7.58
CA GLU FA 57 -45.54 91.71 -7.58
C GLU FA 57 -45.08 92.82 -6.66
N LEU FA 58 -45.71 93.98 -6.82
CA LEU FA 58 -45.35 95.16 -6.03
C LEU FA 58 -45.67 94.90 -4.57
N LEU FA 59 -46.71 94.13 -4.34
CA LEU FA 59 -47.11 93.78 -2.99
C LEU FA 59 -46.19 92.75 -2.36
N ALA FA 60 -45.36 92.13 -3.20
CA ALA FA 60 -44.42 91.06 -2.80
C ALA FA 60 -45.13 89.74 -2.50
N VAL FA 61 -46.45 89.72 -2.64
CA VAL FA 61 -47.25 88.54 -2.31
C VAL FA 61 -47.35 87.53 -3.46
N ALA FA 62 -46.95 87.90 -4.66
CA ALA FA 62 -47.13 87.03 -5.81
C ALA FA 62 -46.20 85.82 -5.76
N ARG FA 63 -46.35 84.97 -6.76
CA ARG FA 63 -45.52 83.77 -6.88
C ARG FA 63 -44.30 84.03 -7.74
N LYS FA 64 -43.11 83.78 -7.20
CA LYS FA 64 -41.95 83.70 -8.07
C LYS FA 64 -41.93 82.27 -8.59
N GLU FA 65 -40.99 81.93 -9.47
CA GLU FA 65 -40.88 80.53 -9.85
C GLU FA 65 -39.74 79.88 -9.11
N ARG FA 66 -40.05 79.11 -8.09
CA ARG FA 66 -39.01 78.35 -7.44
C ARG FA 66 -38.81 77.19 -8.37
N GLY FA 67 -37.60 76.67 -8.46
CA GLY FA 67 -37.45 75.48 -9.26
C GLY FA 67 -36.16 75.45 -10.01
N TRP FA 68 -36.12 74.60 -11.03
CA TRP FA 68 -34.93 74.38 -11.82
C TRP FA 68 -33.85 74.03 -10.82
N GLY FA 69 -32.69 74.66 -10.86
CA GLY FA 69 -31.73 74.35 -9.82
C GLY FA 69 -30.99 73.07 -10.11
N THR FA 70 -31.39 72.39 -11.18
CA THR FA 70 -30.43 71.58 -11.90
C THR FA 70 -29.69 72.51 -12.87
N VAL FA 71 -30.42 73.48 -13.40
CA VAL FA 71 -29.87 74.39 -14.41
C VAL FA 71 -29.66 75.79 -13.88
N TRP FA 72 -29.20 76.65 -14.78
CA TRP FA 72 -28.75 77.98 -14.41
C TRP FA 72 -29.07 78.96 -15.53
N PRO FA 73 -29.40 80.22 -15.20
CA PRO FA 73 -29.47 80.79 -13.85
C PRO FA 73 -30.79 80.47 -13.15
N SER FA 74 -30.93 80.93 -11.93
CA SER FA 74 -32.19 80.80 -11.21
C SER FA 74 -33.28 81.50 -12.00
N ARG FA 75 -34.43 80.85 -12.11
CA ARG FA 75 -35.57 81.46 -12.77
C ARG FA 75 -36.50 82.09 -11.73
N GLU FA 76 -36.04 82.19 -10.49
CA GLU FA 76 -36.88 82.75 -9.43
C GLU FA 76 -36.68 84.25 -9.25
N PHE FA 77 -37.69 84.99 -9.69
CA PHE FA 77 -37.68 86.45 -9.68
C PHE FA 77 -38.93 86.98 -10.33
N TRP FA 78 -39.30 88.22 -10.04
CA TRP FA 78 -40.24 88.93 -10.90
C TRP FA 78 -39.54 89.62 -12.05
N HIS FA 79 -38.39 90.24 -11.78
CA HIS FA 79 -37.65 90.96 -12.81
C HIS FA 79 -36.18 90.61 -12.78
N ARG FA 80 -35.58 90.54 -13.95
CA ARG FA 80 -34.20 90.10 -14.06
C ARG FA 80 -33.41 90.99 -14.99
N LEU FA 81 -32.29 91.50 -14.51
CA LEU FA 81 -31.41 92.27 -15.36
C LEU FA 81 -30.58 91.33 -16.22
N ARG FA 82 -30.49 91.63 -17.50
CA ARG FA 82 -29.78 90.77 -18.44
C ARG FA 82 -28.83 91.62 -19.26
N VAL FA 83 -27.53 91.36 -19.16
CA VAL FA 83 -26.57 92.17 -19.89
C VAL FA 83 -25.83 91.40 -20.96
N ILE FA 84 -26.14 91.72 -22.22
CA ILE FA 84 -25.54 91.06 -23.37
C ILE FA 84 -24.42 91.90 -23.94
N ARG FA 85 -23.25 91.30 -24.10
CA ARG FA 85 -22.14 92.02 -24.70
C ARG FA 85 -21.72 91.43 -26.04
N THR FA 86 -22.08 92.11 -27.12
CA THR FA 86 -21.63 91.81 -28.46
C THR FA 86 -20.22 92.34 -28.61
N GLN FA 87 -19.47 91.83 -29.59
CA GLN FA 87 -18.18 92.42 -29.92
C GLN FA 87 -18.29 93.88 -30.36
N HIS FA 88 -19.51 94.34 -30.62
CA HIS FA 88 -19.74 95.74 -30.94
C HIS FA 88 -20.49 96.51 -29.85
N HIS FA 89 -21.71 96.08 -29.55
CA HIS FA 89 -22.60 96.84 -28.67
C HIS FA 89 -22.85 96.19 -27.31
N ILE FA 90 -23.17 97.04 -26.34
CA ILE FA 90 -23.61 96.59 -25.02
C ILE FA 90 -25.10 96.78 -24.87
N GLU FA 91 -25.81 95.71 -24.54
CA GLU FA 91 -27.26 95.78 -24.46
C GLU FA 91 -27.76 95.33 -23.10
N ALA FA 92 -28.42 96.22 -22.37
CA ALA FA 92 -28.97 95.86 -21.06
C ALA FA 92 -30.48 95.82 -21.10
N LEU FA 93 -31.02 94.63 -20.85
CA LEU FA 93 -32.45 94.43 -20.85
C LEU FA 93 -32.94 94.18 -19.44
N VAL FA 94 -34.18 94.56 -19.18
CA VAL FA 94 -34.84 94.10 -17.99
C VAL FA 94 -35.97 93.19 -18.42
N GLU FA 95 -35.96 91.98 -17.91
CA GLU FA 95 -36.88 90.94 -18.34
C GLU FA 95 -37.85 90.58 -17.25
N HIS FA 96 -38.99 90.04 -17.67
CA HIS FA 96 -39.96 89.45 -16.79
C HIS FA 96 -39.92 87.97 -17.09
N ARG FA 97 -40.32 87.11 -16.16
CA ARG FA 97 -40.12 85.67 -16.35
C ARG FA 97 -40.84 85.15 -17.58
N ASN FA 98 -41.79 85.93 -18.10
CA ASN FA 98 -42.45 85.62 -19.35
C ASN FA 98 -41.51 85.63 -20.53
N GLY FA 99 -40.29 86.13 -20.31
CA GLY FA 99 -39.32 86.31 -21.36
C GLY FA 99 -39.47 87.70 -21.96
N GLN FA 100 -40.63 88.30 -21.73
CA GLN FA 100 -40.96 89.62 -22.25
C GLN FA 100 -40.00 90.67 -21.73
N VAL FA 101 -39.39 91.41 -22.65
CA VAL FA 101 -38.54 92.51 -22.23
C VAL FA 101 -39.42 93.70 -21.87
N VAL FA 102 -39.20 94.21 -20.68
CA VAL FA 102 -40.04 95.27 -20.12
C VAL FA 102 -39.45 96.63 -20.45
N VAL FA 103 -38.24 96.89 -19.96
CA VAL FA 103 -37.58 98.14 -20.23
C VAL FA 103 -36.10 97.87 -20.52
N SER FA 104 -35.58 98.52 -21.55
CA SER FA 104 -34.22 98.25 -22.01
C SER FA 104 -33.44 99.48 -22.44
N ALA FA 105 -32.12 99.33 -22.44
CA ALA FA 105 -31.24 100.35 -23.00
C ALA FA 105 -30.15 99.67 -23.80
N SER FA 106 -30.03 100.05 -25.06
CA SER FA 106 -29.05 99.44 -25.94
C SER FA 106 -28.12 100.49 -26.52
N THR FA 107 -26.98 100.06 -27.02
CA THR FA 107 -26.04 100.97 -27.63
C THR FA 107 -26.29 101.13 -29.11
N ARG FA 108 -27.17 100.28 -29.65
CA ARG FA 108 -27.56 100.38 -31.05
C ARG FA 108 -28.52 101.55 -31.20
N GLU FA 109 -29.15 101.88 -30.09
CA GLU FA 109 -30.10 102.99 -29.97
C GLU FA 109 -29.45 104.31 -30.35
N TRP FA 110 -30.06 105.06 -31.27
CA TRP FA 110 -29.46 106.30 -31.75
C TRP FA 110 -29.30 107.33 -30.64
N ALA FA 111 -30.23 107.36 -29.70
CA ALA FA 111 -30.16 108.33 -28.63
C ALA FA 111 -28.83 108.23 -27.87
N ILE FA 112 -28.45 107.02 -27.50
CA ILE FA 112 -27.22 106.78 -26.77
C ILE FA 112 -25.99 106.77 -27.68
N LYS FA 113 -26.18 106.22 -28.88
CA LYS FA 113 -25.11 106.05 -29.85
C LYS FA 113 -24.43 107.37 -30.18
N LYS FA 114 -25.24 108.38 -30.46
CA LYS FA 114 -24.76 109.64 -30.99
C LYS FA 114 -24.02 110.47 -29.96
N HIS FA 115 -24.34 110.30 -28.68
CA HIS FA 115 -23.72 111.14 -27.67
C HIS FA 115 -22.33 110.68 -27.35
N LEU FA 116 -22.10 109.37 -27.38
CA LEU FA 116 -20.80 108.90 -26.96
C LEU FA 116 -20.07 108.05 -27.95
N TYR FA 117 -18.86 107.68 -27.53
CA TYR FA 117 -17.83 107.18 -28.40
C TYR FA 117 -17.46 105.77 -28.00
N SER FA 118 -17.06 104.96 -28.97
CA SER FA 118 -16.59 103.60 -28.69
C SER FA 118 -17.65 102.75 -27.98
N THR FA 119 -18.62 102.32 -28.76
CA THR FA 119 -19.80 101.59 -28.30
C THR FA 119 -19.50 100.41 -27.37
N ARG FA 120 -18.31 99.83 -27.50
CA ARG FA 120 -17.97 98.63 -26.73
C ARG FA 120 -17.19 98.92 -25.44
N ASN FA 121 -16.87 100.19 -25.19
CA ASN FA 121 -16.03 100.56 -24.04
C ASN FA 121 -16.65 100.37 -22.67
N VAL FA 122 -15.80 100.32 -21.64
CA VAL FA 122 -16.22 100.34 -20.25
C VAL FA 122 -17.17 101.50 -20.04
N VAL FA 123 -16.76 102.62 -20.59
CA VAL FA 123 -17.53 103.84 -20.58
C VAL FA 123 -18.97 103.60 -21.00
N ALA FA 124 -19.12 102.87 -22.11
CA ALA FA 124 -20.44 102.57 -22.65
C ALA FA 124 -21.28 101.78 -21.66
N CYS FA 125 -20.67 100.79 -21.00
CA CYS FA 125 -21.38 100.01 -20.00
C CYS FA 125 -21.91 100.92 -18.91
N GLU FA 126 -21.02 101.74 -18.35
CA GLU FA 126 -21.44 102.70 -17.33
C GLU FA 126 -22.65 103.51 -17.80
N SER FA 127 -22.50 104.07 -18.99
CA SER FA 127 -23.55 104.85 -19.61
C SER FA 127 -24.90 104.12 -19.64
N VAL FA 128 -24.92 103.00 -20.34
CA VAL FA 128 -26.12 102.17 -20.46
C VAL FA 128 -26.73 101.88 -19.10
N GLY FA 129 -25.88 101.62 -18.12
CA GLY FA 129 -26.35 101.45 -16.75
C GLY FA 129 -27.13 102.64 -16.23
N ARG FA 130 -26.57 103.85 -16.41
CA ARG FA 130 -27.24 105.05 -15.95
C ARG FA 130 -28.57 105.27 -16.66
N VAL FA 131 -28.55 105.16 -17.98
CA VAL FA 131 -29.76 105.26 -18.78
C VAL FA 131 -30.84 104.30 -18.29
N LEU FA 132 -30.43 103.06 -18.06
CA LEU FA 132 -31.35 102.00 -17.66
C LEU FA 132 -31.95 102.30 -16.31
N ALA FA 133 -31.12 102.75 -15.37
CA ALA FA 133 -31.61 103.12 -14.04
C ALA FA 133 -32.69 104.17 -14.16
N GLU FA 134 -32.40 105.19 -14.97
CA GLU FA 134 -33.35 106.25 -15.21
C GLU FA 134 -34.68 105.71 -15.71
N ARG FA 135 -34.63 104.95 -16.81
CA ARG FA 135 -35.85 104.42 -17.41
C ARG FA 135 -36.60 103.46 -16.49
N CYS FA 136 -35.86 102.76 -15.63
CA CYS FA 136 -36.44 101.85 -14.66
C CYS FA 136 -37.28 102.61 -13.64
N LEU FA 137 -36.69 103.65 -13.06
CA LEU FA 137 -37.44 104.49 -12.15
C LEU FA 137 -38.68 105.01 -12.84
N GLU FA 138 -38.50 105.49 -14.07
CA GLU FA 138 -39.63 106.01 -14.83
C GLU FA 138 -40.69 104.96 -15.07
N ALA FA 139 -40.29 103.70 -15.06
CA ALA FA 139 -41.22 102.60 -15.34
C ALA FA 139 -41.88 102.04 -14.10
N GLY FA 140 -41.39 102.45 -12.93
CA GLY FA 140 -41.97 102.04 -11.68
C GLY FA 140 -41.45 100.71 -11.16
N ILE FA 141 -40.27 100.31 -11.60
CA ILE FA 141 -39.69 99.06 -11.12
C ILE FA 141 -38.36 99.34 -10.42
N ASN FA 142 -38.35 99.09 -9.12
CA ASN FA 142 -37.20 99.39 -8.28
C ASN FA 142 -36.31 98.19 -7.96
N PHE FA 143 -36.74 97.00 -8.35
CA PHE FA 143 -36.05 95.79 -7.93
C PHE FA 143 -35.88 94.83 -9.06
N MET FA 144 -34.70 94.23 -9.14
CA MET FA 144 -34.49 93.19 -10.12
C MET FA 144 -33.34 92.32 -9.68
N VAL FA 145 -33.27 91.12 -10.24
CA VAL FA 145 -32.18 90.24 -9.91
C VAL FA 145 -31.14 90.30 -11.00
N TYR FA 146 -29.88 90.25 -10.61
CA TYR FA 146 -28.81 90.15 -11.58
C TYR FA 146 -27.95 88.94 -11.29
N HIS FA 147 -27.84 88.05 -12.27
CA HIS FA 147 -27.09 86.83 -12.11
C HIS FA 147 -25.95 86.73 -13.09
N PRO FA 148 -24.82 87.32 -12.76
CA PRO FA 148 -23.69 87.29 -13.69
C PRO FA 148 -22.93 85.98 -13.62
N THR FA 149 -21.98 85.82 -14.51
CA THR FA 149 -21.08 84.67 -14.49
C THR FA 149 -19.89 85.04 -13.64
N PRO FA 150 -19.27 84.07 -12.96
CA PRO FA 150 -18.14 84.33 -12.06
C PRO FA 150 -17.09 85.27 -12.65
N TRP FA 151 -16.81 85.12 -13.93
CA TRP FA 151 -15.83 85.99 -14.56
C TRP FA 151 -16.39 87.32 -15.03
N GLU FA 152 -17.71 87.41 -15.14
CA GLU FA 152 -18.34 88.69 -15.46
C GLU FA 152 -18.45 89.53 -14.21
N ALA FA 153 -18.34 88.86 -13.07
CA ALA FA 153 -18.41 89.52 -11.77
C ALA FA 153 -17.10 90.25 -11.49
N ALA FA 154 -16.00 89.69 -12.01
CA ALA FA 154 -14.68 90.27 -11.82
C ALA FA 154 -14.39 91.40 -12.81
N SER FA 155 -15.16 91.44 -13.90
CA SER FA 155 -14.91 92.43 -14.97
C SER FA 155 -15.25 93.84 -14.54
N ASP FA 156 -14.47 94.80 -15.02
CA ASP FA 156 -14.63 96.19 -14.63
C ASP FA 156 -15.90 96.79 -15.20
N SER FA 157 -16.12 96.56 -16.48
CA SER FA 157 -17.29 97.09 -17.17
C SER FA 157 -18.58 96.79 -16.41
N ILE FA 158 -18.70 95.57 -15.93
CA ILE FA 158 -19.91 95.16 -15.26
C ILE FA 158 -19.96 95.63 -13.81
N LYS FA 159 -18.83 95.69 -13.11
CA LYS FA 159 -18.81 96.26 -11.77
C LYS FA 159 -19.31 97.69 -11.80
N ARG FA 160 -18.90 98.41 -12.83
CA ARG FA 160 -19.28 99.81 -12.97
C ARG FA 160 -20.71 99.95 -13.50
N LEU FA 161 -21.18 98.93 -14.21
CA LEU FA 161 -22.58 98.87 -14.60
C LEU FA 161 -23.48 98.74 -13.37
N GLN FA 162 -23.09 97.84 -12.48
CA GLN FA 162 -23.79 97.64 -11.23
C GLN FA 162 -23.75 98.90 -10.38
N HIS FA 163 -22.58 99.52 -10.30
CA HIS FA 163 -22.47 100.79 -9.57
C HIS FA 163 -23.44 101.82 -10.11
N ALA FA 164 -23.41 102.01 -11.42
CA ALA FA 164 -24.30 102.96 -12.10
C ALA FA 164 -25.75 102.66 -11.79
N MET FA 165 -26.09 101.38 -11.76
CA MET FA 165 -27.45 100.95 -11.48
C MET FA 165 -27.85 101.24 -10.03
N THR FA 166 -26.88 101.13 -9.12
CA THR FA 166 -27.14 101.35 -7.70
C THR FA 166 -27.36 102.83 -7.40
N GLU FA 167 -26.45 103.67 -7.90
CA GLU FA 167 -26.57 105.11 -7.67
C GLU FA 167 -27.83 105.65 -8.34
N GLY FA 168 -28.32 104.91 -9.33
CA GLY FA 168 -29.54 105.29 -10.03
C GLY FA 168 -30.76 105.02 -9.18
N GLY FA 169 -30.59 104.20 -8.15
CA GLY FA 169 -31.66 103.97 -7.20
C GLY FA 169 -32.34 102.63 -7.37
N VAL FA 170 -31.92 101.87 -8.36
CA VAL FA 170 -32.48 100.54 -8.55
C VAL FA 170 -31.70 99.52 -7.72
N VAL FA 171 -32.40 98.82 -6.85
CA VAL FA 171 -31.75 97.79 -6.05
C VAL FA 171 -31.77 96.46 -6.78
N LEU FA 172 -30.60 95.83 -6.87
CA LEU FA 172 -30.56 94.44 -7.32
C LEU FA 172 -31.03 93.60 -6.12
N ARG FA 173 -31.07 92.28 -6.25
CA ARG FA 173 -31.49 91.44 -5.11
C ARG FA 173 -32.92 91.76 -4.62
N GLU FA 174 -33.92 91.27 -5.35
CA GLU FA 174 -35.34 91.49 -5.05
C GLU FA 174 -35.78 91.19 -3.60
N PRO FA 175 -36.86 91.85 -3.15
CA PRO FA 175 -37.40 91.56 -1.82
C PRO FA 175 -37.93 90.15 -1.74
N ARG FA 176 -38.01 89.57 -0.55
CA ARG FA 176 -38.41 88.18 -0.46
C ARG FA 176 -39.90 88.07 -0.73
N ARG FA 177 -40.39 86.85 -0.87
CA ARG FA 177 -41.81 86.62 -1.03
C ARG FA 177 -42.45 86.61 0.34
N ILE FA 178 -43.73 86.89 0.42
CA ILE FA 178 -44.43 86.82 1.69
C ILE FA 178 -45.30 85.56 1.77
N TYR FA 179 -45.09 84.78 2.84
CA TYR FA 179 -45.62 83.42 2.95
C TYR FA 179 -45.19 82.66 1.73
N GLU FA 180 -43.88 82.46 1.57
CA GLU FA 180 -43.36 81.95 0.32
C GLU FA 180 -43.69 80.50 0.05
N ALA GA 53 2.14 -104.10 -32.43
CA ALA GA 53 1.72 -103.08 -31.47
C ALA GA 53 0.66 -103.63 -30.51
N PHE GA 54 0.83 -103.33 -29.22
CA PHE GA 54 -0.08 -103.82 -28.16
C PHE GA 54 -0.98 -102.71 -27.63
N GLN GA 55 -2.28 -103.02 -27.54
CA GLN GA 55 -3.25 -102.10 -26.95
C GLN GA 55 -3.74 -102.64 -25.60
N PRO GA 56 -3.41 -101.95 -24.50
CA PRO GA 56 -3.75 -102.35 -23.13
C PRO GA 56 -5.26 -102.47 -22.90
N PRO GA 57 -5.70 -103.29 -21.91
CA PRO GA 57 -7.13 -103.47 -21.64
C PRO GA 57 -7.82 -102.19 -21.14
N PRO GA 58 -8.96 -101.83 -21.74
CA PRO GA 58 -9.72 -100.64 -21.32
C PRO GA 58 -10.16 -100.70 -19.86
N LYS GA 59 -10.46 -99.54 -19.27
CA LYS GA 59 -10.82 -99.44 -17.85
C LYS GA 59 -12.12 -100.18 -17.54
N PRO GA 60 -12.08 -101.08 -16.55
CA PRO GA 60 -13.25 -101.90 -16.16
C PRO GA 60 -14.28 -101.17 -15.31
N VAL GA 61 -15.54 -101.59 -15.43
CA VAL GA 61 -16.56 -101.24 -14.45
C VAL GA 61 -16.83 -102.48 -13.59
N ILE GA 62 -16.37 -102.45 -12.35
CA ILE GA 62 -16.43 -103.60 -11.45
C ILE GA 62 -17.65 -103.56 -10.51
N VAL GA 63 -18.50 -102.55 -10.71
CA VAL GA 63 -19.59 -102.28 -9.80
C VAL GA 63 -20.69 -103.35 -9.82
N ASP GA 64 -20.98 -103.91 -8.65
CA ASP GA 64 -22.14 -104.77 -8.48
C ASP GA 64 -23.20 -103.98 -7.69
N LYS GA 65 -24.28 -103.61 -8.37
CA LYS GA 65 -25.32 -102.75 -7.78
C LYS GA 65 -26.22 -103.52 -6.81
N ARG GA 66 -26.04 -104.83 -6.75
CA ARG GA 66 -26.79 -105.68 -5.80
C ARG GA 66 -26.19 -105.63 -4.39
N ARG GA 67 -24.87 -105.43 -4.30
CA ARG GA 67 -24.19 -105.35 -3.00
C ARG GA 67 -24.48 -104.04 -2.31
N PRO GA 68 -24.52 -103.00 -3.11
CA PRO GA 68 -24.82 -101.65 -2.61
C PRO GA 68 -25.81 -100.95 -3.56
N GLN GA 69 -26.80 -100.36 -2.91
CA GLN GA 69 -27.99 -99.89 -3.58
C GLN GA 69 -27.91 -98.42 -3.89
N ARG GA 70 -28.40 -97.96 -5.06
CA ARG GA 70 -28.09 -96.60 -5.52
C ARG GA 70 -29.40 -95.91 -6.00
N PRO GA 71 -30.04 -95.19 -5.09
CA PRO GA 71 -31.26 -94.49 -5.46
C PRO GA 71 -30.96 -93.25 -6.29
N GLU GA 72 -31.94 -92.79 -7.09
CA GLU GA 72 -31.75 -91.56 -7.89
C GLU GA 72 -32.80 -90.45 -7.68
N THR GA 73 -32.34 -89.26 -7.31
CA THR GA 73 -33.21 -88.08 -7.21
C THR GA 73 -32.95 -87.18 -8.40
N ARG GA 74 -34.02 -86.86 -9.12
CA ARG GA 74 -33.95 -86.02 -10.30
C ARG GA 74 -33.23 -84.71 -10.01
N PHE GA 75 -32.40 -84.27 -10.95
CA PHE GA 75 -31.84 -82.94 -10.88
C PHE GA 75 -32.43 -82.06 -11.95
N LEU GA 76 -33.01 -80.94 -11.53
CA LEU GA 76 -33.64 -80.02 -12.47
C LEU GA 76 -32.83 -78.75 -12.58
N SER GA 77 -32.36 -78.48 -13.79
CA SER GA 77 -31.64 -77.23 -14.06
C SER GA 77 -32.47 -76.06 -13.58
N PRO GA 78 -31.89 -75.19 -12.75
CA PRO GA 78 -32.61 -74.15 -12.02
C PRO GA 78 -33.44 -73.24 -12.92
N GLU GA 79 -33.08 -73.13 -14.20
CA GLU GA 79 -33.76 -72.18 -15.09
C GLU GA 79 -35.08 -72.68 -15.63
N PHE GA 80 -35.40 -73.94 -15.40
CA PHE GA 80 -36.69 -74.42 -15.81
C PHE GA 80 -37.75 -73.99 -14.80
N ILE GA 81 -37.30 -73.65 -13.61
CA ILE GA 81 -38.20 -73.13 -12.59
C ILE GA 81 -38.61 -71.71 -12.92
N PRO GA 82 -39.90 -71.50 -13.21
CA PRO GA 82 -40.35 -70.17 -13.59
C PRO GA 82 -40.43 -69.26 -12.36
N PRO GA 83 -40.28 -67.95 -12.57
CA PRO GA 83 -40.37 -66.95 -11.51
C PRO GA 83 -41.77 -66.87 -10.92
N ARG GA 84 -41.97 -65.99 -9.96
CA ARG GA 84 -43.21 -65.99 -9.20
C ARG GA 84 -44.31 -65.07 -9.71
N GLY GA 85 -44.01 -64.24 -10.70
CA GLY GA 85 -44.93 -63.21 -11.14
C GLY GA 85 -46.23 -63.74 -11.72
N ARG GA 86 -47.11 -62.84 -12.16
CA ARG GA 86 -48.38 -63.30 -12.73
C ARG GA 86 -48.30 -63.56 -14.22
N THR GA 87 -47.09 -63.59 -14.75
CA THR GA 87 -46.88 -63.96 -16.14
C THR GA 87 -47.62 -65.25 -16.52
N ASN GA 88 -48.34 -65.19 -17.64
CA ASN GA 88 -49.11 -66.32 -18.16
C ASN GA 88 -48.23 -67.54 -18.46
N PRO GA 89 -48.61 -68.72 -17.92
CA PRO GA 89 -47.90 -69.99 -18.04
C PRO GA 89 -47.50 -70.36 -19.47
N LEU GA 90 -48.32 -69.96 -20.43
CA LEU GA 90 -48.03 -70.20 -21.84
C LEU GA 90 -46.61 -69.77 -22.21
N LYS GA 91 -46.23 -68.56 -21.79
CA LYS GA 91 -44.93 -68.03 -22.17
C LYS GA 91 -43.80 -68.97 -21.73
N PHE GA 92 -43.96 -69.54 -20.55
CA PHE GA 92 -42.99 -70.48 -20.06
C PHE GA 92 -43.03 -71.79 -20.83
N GLN GA 93 -44.21 -72.23 -21.25
CA GLN GA 93 -44.28 -73.40 -22.12
C GLN GA 93 -43.46 -73.20 -23.38
N ILE GA 94 -43.68 -72.07 -24.03
CA ILE GA 94 -42.95 -71.73 -25.25
C ILE GA 94 -41.44 -71.74 -25.04
N GLU GA 95 -41.01 -70.91 -24.09
CA GLU GA 95 -39.59 -70.81 -23.78
C GLU GA 95 -38.99 -72.18 -23.50
N ARG GA 96 -39.72 -72.99 -22.74
CA ARG GA 96 -39.22 -74.31 -22.36
C ARG GA 96 -39.04 -75.19 -23.59
N LYS GA 97 -40.00 -75.14 -24.52
CA LYS GA 97 -39.83 -75.89 -25.76
C LYS GA 97 -38.55 -75.46 -26.46
N ASP GA 98 -38.26 -74.16 -26.44
CA ASP GA 98 -37.08 -73.70 -27.16
C ASP GA 98 -35.76 -74.09 -26.50
N MET GA 99 -35.70 -74.02 -25.18
CA MET GA 99 -34.45 -74.41 -24.53
C MET GA 99 -34.27 -75.93 -24.57
N LEU GA 100 -35.37 -76.67 -24.55
CA LEU GA 100 -35.27 -78.11 -24.73
C LEU GA 100 -34.75 -78.44 -26.11
N GLU GA 101 -35.22 -77.70 -27.10
CA GLU GA 101 -34.73 -77.84 -28.48
C GLU GA 101 -33.24 -77.57 -28.57
N ARG GA 102 -32.80 -76.53 -27.88
CA ARG GA 102 -31.38 -76.19 -27.88
C ARG GA 102 -30.53 -77.25 -27.18
N ARG GA 103 -31.09 -77.90 -26.16
CA ARG GA 103 -30.32 -78.89 -25.42
C ARG GA 103 -30.03 -80.15 -26.22
N LYS GA 104 -30.66 -80.31 -27.37
CA LYS GA 104 -30.40 -81.46 -28.21
C LYS GA 104 -29.05 -81.32 -28.90
N ILE GA 105 -28.67 -80.09 -29.21
CA ILE GA 105 -27.37 -79.83 -29.84
C ILE GA 105 -26.25 -79.75 -28.83
N LEU GA 106 -26.24 -78.65 -28.10
CA LEU GA 106 -25.27 -78.43 -27.05
C LEU GA 106 -25.65 -79.26 -25.85
N HIS GA 107 -24.70 -80.01 -25.30
CA HIS GA 107 -25.02 -80.76 -24.09
C HIS GA 107 -24.72 -79.92 -22.86
N ILE GA 108 -25.77 -79.57 -22.13
CA ILE GA 108 -25.63 -78.84 -20.88
C ILE GA 108 -25.60 -79.81 -19.71
N PRO GA 109 -24.45 -79.89 -19.04
CA PRO GA 109 -24.21 -80.78 -17.91
C PRO GA 109 -24.82 -80.26 -16.62
N GLU GA 110 -25.11 -81.17 -15.70
CA GLU GA 110 -25.51 -80.76 -14.36
C GLU GA 110 -24.34 -80.05 -13.69
N PHE GA 111 -24.63 -79.03 -12.90
CA PHE GA 111 -23.59 -78.38 -12.10
C PHE GA 111 -24.16 -77.33 -11.16
N TYR GA 112 -23.37 -76.99 -10.16
CA TYR GA 112 -23.80 -76.17 -9.05
C TYR GA 112 -22.81 -75.06 -8.84
N VAL GA 113 -23.18 -74.09 -8.02
CA VAL GA 113 -22.25 -73.05 -7.66
C VAL GA 113 -21.08 -73.64 -6.89
N GLY GA 114 -19.87 -73.33 -7.35
CA GLY GA 114 -18.67 -73.80 -6.68
C GLY GA 114 -17.99 -74.91 -7.45
N SER GA 115 -18.70 -75.46 -8.44
CA SER GA 115 -18.13 -76.45 -9.33
C SER GA 115 -17.31 -75.76 -10.40
N ILE GA 116 -16.22 -76.39 -10.82
CA ILE GA 116 -15.32 -75.75 -11.77
C ILE GA 116 -15.58 -76.19 -13.21
N LEU GA 117 -15.77 -75.20 -14.08
CA LEU GA 117 -16.17 -75.47 -15.45
C LEU GA 117 -15.19 -74.89 -16.45
N ARG GA 118 -15.18 -75.47 -17.63
CA ARG GA 118 -14.48 -74.90 -18.78
C ARG GA 118 -15.48 -74.72 -19.89
N VAL GA 119 -15.49 -73.53 -20.47
CA VAL GA 119 -16.44 -73.19 -21.51
C VAL GA 119 -15.72 -72.81 -22.78
N THR GA 120 -16.16 -73.41 -23.89
CA THR GA 120 -15.64 -73.07 -25.18
C THR GA 120 -16.61 -72.15 -25.90
N THR GA 121 -16.09 -71.09 -26.49
CA THR GA 121 -16.91 -70.08 -27.16
C THR GA 121 -16.45 -69.89 -28.58
N ALA GA 122 -17.30 -69.32 -29.41
CA ALA GA 122 -16.89 -68.92 -30.74
C ALA GA 122 -16.47 -67.47 -30.73
N ASP GA 123 -15.19 -67.23 -31.00
CA ASP GA 123 -14.65 -65.87 -31.02
C ASP GA 123 -14.14 -65.48 -32.41
N PRO GA 124 -14.76 -64.46 -33.01
CA PRO GA 124 -14.41 -64.01 -34.36
C PRO GA 124 -12.97 -63.52 -34.47
N TYR GA 125 -12.49 -62.87 -33.42
CA TYR GA 125 -11.23 -62.13 -33.49
C TYR GA 125 -10.00 -62.90 -33.03
N ALA GA 126 -10.16 -64.17 -32.65
CA ALA GA 126 -9.00 -64.96 -32.26
C ALA GA 126 -8.40 -65.69 -33.46
N SER GA 127 -7.25 -66.32 -33.26
CA SER GA 127 -6.57 -67.03 -34.33
C SER GA 127 -7.29 -68.34 -34.65
N ALA GA 128 -7.42 -69.19 -33.64
CA ALA GA 128 -8.37 -70.28 -33.71
C ALA GA 128 -9.68 -69.66 -33.30
N LYS GA 129 -10.73 -69.89 -34.06
CA LYS GA 129 -11.99 -69.18 -33.84
C LYS GA 129 -12.62 -69.53 -32.50
N THR GA 130 -12.05 -70.52 -31.83
CA THR GA 130 -12.49 -70.95 -30.51
C THR GA 130 -11.80 -70.14 -29.41
N SER GA 131 -12.52 -69.90 -28.31
CA SER GA 131 -11.93 -69.29 -27.12
C SER GA 131 -12.30 -70.08 -25.86
N GLN GA 132 -11.30 -70.62 -25.18
CA GLN GA 132 -11.52 -71.36 -23.95
C GLN GA 132 -11.50 -70.45 -22.74
N PHE GA 133 -12.34 -70.73 -21.75
CA PHE GA 133 -12.17 -70.08 -20.46
C PHE GA 133 -12.53 -71.03 -19.34
N LEU GA 134 -11.73 -71.04 -18.28
CA LEU GA 134 -11.96 -71.96 -17.18
C LEU GA 134 -12.07 -71.21 -15.88
N GLY GA 135 -13.09 -71.55 -15.08
CA GLY GA 135 -13.25 -70.88 -13.82
C GLY GA 135 -14.20 -71.58 -12.88
N ILE GA 136 -14.24 -71.10 -11.65
CA ILE GA 136 -15.21 -71.57 -10.68
C ILE GA 136 -16.52 -70.85 -10.94
N CYS GA 137 -17.63 -71.52 -10.68
CA CYS GA 137 -18.92 -70.89 -10.91
C CYS GA 137 -19.38 -70.14 -9.67
N ILE GA 138 -19.45 -68.82 -9.81
CA ILE GA 138 -19.80 -67.94 -8.72
C ILE GA 138 -21.28 -67.89 -8.42
N GLN GA 139 -22.11 -67.70 -9.45
CA GLN GA 139 -23.56 -67.71 -9.24
C GLN GA 139 -24.29 -68.12 -10.50
N ARG GA 140 -25.42 -68.77 -10.33
CA ARG GA 140 -26.29 -69.02 -11.45
C ARG GA 140 -27.53 -68.22 -11.22
N SER GA 141 -27.96 -67.51 -12.24
CA SER GA 141 -29.16 -66.71 -12.11
C SER GA 141 -29.85 -66.57 -13.46
N GLY GA 142 -31.17 -66.51 -13.42
CA GLY GA 142 -31.91 -66.26 -14.62
C GLY GA 142 -33.17 -67.07 -14.59
N SER GA 143 -33.75 -67.23 -15.78
CA SER GA 143 -34.81 -68.19 -16.00
C SER GA 143 -35.09 -68.18 -17.49
N GLY GA 144 -35.71 -69.25 -17.96
CA GLY GA 144 -35.99 -69.39 -19.36
C GLY GA 144 -34.74 -69.27 -20.19
N LEU GA 145 -34.91 -68.78 -21.40
CA LEU GA 145 -33.85 -68.76 -22.38
C LEU GA 145 -32.67 -67.91 -21.95
N GLY GA 146 -32.91 -67.00 -21.01
CA GLY GA 146 -31.92 -66.00 -20.71
C GLY GA 146 -30.97 -66.38 -19.59
N ALA GA 147 -31.13 -67.57 -19.04
CA ALA GA 147 -30.40 -67.97 -17.83
C ALA GA 147 -28.89 -67.91 -18.01
N THR GA 148 -28.20 -67.51 -16.95
CA THR GA 148 -26.78 -67.25 -17.01
C THR GA 148 -26.01 -67.92 -15.89
N PHE GA 149 -24.69 -67.92 -16.02
CA PHE GA 149 -23.85 -68.29 -14.90
C PHE GA 149 -22.56 -67.49 -15.00
N ILE GA 150 -21.88 -67.31 -13.88
CA ILE GA 150 -20.67 -66.53 -13.86
C ILE GA 150 -19.44 -67.38 -13.55
N LEU GA 151 -18.34 -67.11 -14.23
CA LEU GA 151 -17.10 -67.83 -14.00
C LEU GA 151 -15.99 -66.89 -13.52
N ARG GA 152 -15.31 -67.32 -12.45
CA ARG GA 152 -14.29 -66.53 -11.79
C ARG GA 152 -12.94 -67.23 -11.84
N ASN GA 153 -11.93 -66.55 -12.33
CA ASN GA 153 -10.58 -67.09 -12.26
C ASN GA 153 -9.52 -66.00 -12.24
N THR GA 154 -8.43 -66.25 -11.54
CA THR GA 154 -7.34 -65.31 -11.51
C THR GA 154 -6.30 -65.65 -12.55
N ILE GA 155 -5.88 -64.66 -13.32
CA ILE GA 155 -4.82 -64.87 -14.31
C ILE GA 155 -3.72 -63.86 -14.10
N GLU GA 156 -2.53 -64.35 -13.75
CA GLU GA 156 -1.37 -63.49 -13.54
C GLU GA 156 -1.51 -62.60 -12.32
N GLY GA 157 -2.61 -62.73 -11.59
CA GLY GA 157 -2.84 -61.89 -10.44
C GLY GA 157 -3.97 -60.93 -10.70
N GLN GA 158 -4.45 -60.92 -11.93
CA GLN GA 158 -5.64 -60.17 -12.27
C GLN GA 158 -6.88 -61.05 -12.10
N GLY GA 159 -7.74 -60.70 -11.17
CA GLY GA 159 -8.99 -61.42 -11.01
C GLY GA 159 -9.88 -61.16 -12.21
N VAL GA 160 -10.58 -62.18 -12.71
CA VAL GA 160 -11.44 -62.01 -13.87
C VAL GA 160 -12.76 -62.78 -13.74
N GLU GA 161 -13.84 -62.14 -14.12
CA GLU GA 161 -15.12 -62.82 -14.23
C GLU GA 161 -15.69 -62.70 -15.62
N ILE GA 162 -16.42 -63.72 -16.04
CA ILE GA 162 -17.20 -63.65 -17.25
C ILE GA 162 -18.61 -64.08 -16.94
N CYS GA 163 -19.58 -63.48 -17.60
CA CYS GA 163 -20.96 -63.90 -17.43
C CYS GA 163 -21.45 -64.55 -18.71
N PHE GA 164 -21.71 -65.86 -18.66
CA PHE GA 164 -22.14 -66.61 -19.84
C PHE GA 164 -23.63 -66.84 -19.85
N GLU GA 165 -24.22 -66.72 -21.03
CA GLU GA 165 -25.61 -67.12 -21.23
C GLU GA 165 -25.66 -68.55 -21.74
N LEU GA 166 -26.31 -69.43 -20.98
CA LEU GA 166 -26.36 -70.84 -21.30
C LEU GA 166 -26.77 -71.12 -22.73
N TYR GA 167 -27.81 -70.43 -23.18
CA TYR GA 167 -28.42 -70.79 -24.42
C TYR GA 167 -27.92 -69.98 -25.60
N ASN GA 168 -26.92 -69.13 -25.35
CA ASN GA 168 -26.31 -68.39 -26.43
C ASN GA 168 -25.61 -69.34 -27.40
N PRO GA 169 -26.01 -69.31 -28.68
CA PRO GA 169 -25.44 -70.16 -29.73
C PRO GA 169 -23.94 -69.98 -29.95
N ARG GA 170 -23.35 -68.92 -29.43
CA ARG GA 170 -21.91 -68.73 -29.55
C ARG GA 170 -21.14 -69.72 -28.70
N ILE GA 171 -21.84 -70.44 -27.83
CA ILE GA 171 -21.20 -71.42 -26.98
C ILE GA 171 -21.09 -72.79 -27.66
N GLN GA 172 -19.85 -73.24 -27.83
CA GLN GA 172 -19.57 -74.52 -28.46
C GLN GA 172 -19.79 -75.67 -27.50
N GLU GA 173 -19.02 -75.66 -26.42
CA GLU GA 173 -19.04 -76.77 -25.48
C GLU GA 173 -18.89 -76.31 -24.02
N ILE GA 174 -19.71 -76.90 -23.15
CA ILE GA 174 -19.56 -76.70 -21.71
C ILE GA 174 -19.02 -77.97 -21.09
N GLN GA 175 -17.87 -77.88 -20.43
CA GLN GA 175 -17.27 -79.05 -19.83
C GLN GA 175 -17.07 -78.87 -18.33
N VAL GA 176 -17.52 -79.84 -17.55
CA VAL GA 176 -17.38 -79.77 -16.10
C VAL GA 176 -16.10 -80.45 -15.65
N VAL GA 177 -15.13 -79.67 -15.21
CA VAL GA 177 -13.87 -80.27 -14.79
C VAL GA 177 -13.99 -80.76 -13.36
N LYS GA 178 -14.75 -80.08 -12.52
CA LYS GA 178 -15.01 -80.62 -11.20
C LYS GA 178 -16.44 -80.38 -10.75
N LEU GA 179 -17.14 -81.45 -10.39
CA LEU GA 179 -18.50 -81.29 -9.93
C LEU GA 179 -18.52 -81.14 -8.44
N GLU GA 180 -19.06 -80.04 -7.96
CA GLU GA 180 -18.96 -79.72 -6.55
C GLU GA 180 -20.08 -78.80 -6.07
N LYS GA 181 -20.39 -78.90 -4.78
CA LYS GA 181 -21.23 -77.93 -4.10
C LYS GA 181 -20.37 -77.23 -3.08
N ARG GA 182 -20.71 -76.01 -2.71
CA ARG GA 182 -20.05 -75.37 -1.58
C ARG GA 182 -21.11 -74.87 -0.64
N LEU GA 183 -20.71 -74.44 0.55
CA LEU GA 183 -21.67 -74.17 1.61
C LEU GA 183 -22.74 -73.12 1.28
N ASP GA 184 -22.55 -72.36 0.21
CA ASP GA 184 -23.43 -71.23 -0.09
C ASP GA 184 -24.04 -71.24 -1.49
N ASN GA 185 -25.31 -70.86 -1.59
CA ASN GA 185 -26.01 -70.87 -2.88
C ASN GA 185 -25.35 -69.93 -3.85
N SER GA 186 -24.77 -68.86 -3.32
CA SER GA 186 -23.97 -67.98 -4.15
C SER GA 186 -22.74 -67.52 -3.41
N LEU GA 187 -21.58 -67.66 -4.03
CA LEU GA 187 -20.42 -67.04 -3.45
C LEU GA 187 -19.91 -65.95 -4.37
N LEU GA 188 -20.23 -64.71 -4.03
CA LEU GA 188 -19.66 -63.59 -4.74
C LEU GA 188 -18.54 -63.07 -3.90
N TYR GA 189 -18.42 -63.65 -2.71
CA TYR GA 189 -17.51 -63.10 -1.73
C TYR GA 189 -16.10 -63.55 -2.01
N LEU GA 190 -15.94 -64.36 -3.04
CA LEU GA 190 -14.61 -64.74 -3.45
C LEU GA 190 -13.87 -63.52 -3.98
N ARG GA 191 -14.60 -62.46 -4.28
CA ARG GA 191 -13.96 -61.21 -4.69
C ARG GA 191 -13.13 -60.67 -3.55
N ASP GA 192 -13.61 -60.87 -2.34
CA ASP GA 192 -12.96 -60.36 -1.15
C ASP GA 192 -12.00 -61.34 -0.48
N ALA GA 193 -12.02 -62.60 -0.91
CA ALA GA 193 -11.13 -63.61 -0.35
C ALA GA 193 -9.71 -63.46 -0.85
N LEU GA 194 -8.76 -64.04 -0.12
CA LEU GA 194 -7.39 -64.12 -0.59
C LEU GA 194 -7.36 -64.81 -1.93
N PRO GA 195 -6.46 -64.40 -2.83
CA PRO GA 195 -6.46 -64.84 -4.24
C PRO GA 195 -6.47 -66.34 -4.49
N GLU GA 196 -5.99 -67.17 -3.55
CA GLU GA 196 -5.88 -68.61 -3.80
C GLU GA 196 -7.18 -69.25 -4.21
N TYR GA 197 -8.26 -68.79 -3.61
CA TYR GA 197 -9.55 -69.40 -3.80
C TYR GA 197 -10.15 -68.99 -5.13
N SER GA 198 -9.59 -67.96 -5.74
CA SER GA 198 -10.01 -67.55 -7.07
C SER GA 198 -9.10 -68.10 -8.18
N THR GA 199 -8.12 -68.91 -7.81
CA THR GA 199 -7.12 -69.34 -8.77
C THR GA 199 -7.18 -70.81 -9.07
N PHE GA 200 -7.21 -71.13 -10.37
CA PHE GA 200 -7.23 -72.52 -10.80
C PHE GA 200 -6.37 -72.70 -12.02
N ASP GA 201 -5.69 -73.84 -12.12
CA ASP GA 201 -4.86 -74.12 -13.28
C ASP GA 201 -5.74 -74.15 -14.51
N VAL GA 202 -5.36 -73.37 -15.53
CA VAL GA 202 -6.13 -73.26 -16.75
C VAL GA 202 -6.24 -74.61 -17.45
N ASN GA 203 -5.22 -75.44 -17.26
CA ASN GA 203 -5.12 -76.72 -17.94
C ASN GA 203 -5.55 -77.94 -17.14
N MET GA 204 -6.06 -77.74 -15.92
CA MET GA 204 -6.32 -78.88 -15.04
C MET GA 204 -7.31 -79.86 -15.65
N LYS GA 205 -7.05 -81.15 -15.46
CA LYS GA 205 -7.80 -82.21 -16.12
C LYS GA 205 -9.07 -82.59 -15.39
N PRO GA 206 -10.12 -82.95 -16.15
CA PRO GA 206 -11.41 -83.37 -15.60
C PRO GA 206 -11.28 -84.50 -14.59
N ILE GA 207 -12.18 -84.50 -13.60
CA ILE GA 207 -12.19 -85.54 -12.59
C ILE GA 207 -13.57 -86.17 -12.54
N THR GA 208 -13.62 -87.50 -12.45
CA THR GA 208 -14.89 -88.21 -12.58
C THR GA 208 -15.33 -88.82 -11.25
N GLN GA 209 -16.64 -88.99 -11.09
CA GLN GA 209 -17.18 -89.53 -9.85
C GLN GA 209 -18.25 -90.61 -10.06
N GLU GA 210 -18.54 -91.33 -9.00
CA GLU GA 210 -19.70 -92.22 -8.94
C GLU GA 210 -20.91 -91.42 -8.44
N PHE GA 211 -22.09 -91.69 -8.99
CA PHE GA 211 -23.27 -90.90 -8.64
C PHE GA 211 -23.67 -91.00 -7.17
N ASN GA 212 -23.53 -92.18 -6.58
CA ASN GA 212 -23.99 -92.44 -5.22
C ASN GA 212 -23.30 -91.55 -4.18
N GLN GA 213 -22.24 -90.86 -4.60
CA GLN GA 213 -21.57 -89.89 -3.74
C GLN GA 213 -22.42 -88.62 -3.58
N GLU GA 214 -23.46 -88.51 -4.40
CA GLU GA 214 -24.45 -87.45 -4.30
C GLU GA 214 -23.84 -86.04 -4.25
N VAL GA 215 -23.14 -85.67 -5.33
CA VAL GA 215 -22.60 -84.32 -5.49
C VAL GA 215 -21.96 -83.79 -4.22
N PRO GA 216 -20.74 -84.25 -3.91
CA PRO GA 216 -20.06 -83.96 -2.65
C PRO GA 216 -20.05 -82.48 -2.31
N VAL GA 217 -20.42 -82.15 -1.08
CA VAL GA 217 -20.43 -80.77 -0.64
C VAL GA 217 -19.11 -80.43 0.03
N ASN GA 218 -18.33 -79.60 -0.65
CA ASN GA 218 -17.04 -79.21 -0.13
C ASN GA 218 -17.26 -78.22 0.99
N GLN GA 219 -16.80 -78.57 2.18
CA GLN GA 219 -16.94 -77.65 3.29
C GLN GA 219 -15.61 -76.98 3.48
N LEU GA 220 -15.54 -75.74 3.05
CA LEU GA 220 -14.31 -74.99 3.11
C LEU GA 220 -14.61 -73.57 3.55
N LYS GA 221 -14.09 -73.20 4.71
CA LYS GA 221 -14.17 -71.81 5.12
C LYS GA 221 -13.04 -71.05 4.43
N VAL GA 222 -13.22 -69.75 4.25
CA VAL GA 222 -12.25 -68.97 3.50
C VAL GA 222 -11.64 -67.85 4.34
N LYS GA 223 -10.39 -67.49 4.04
CA LYS GA 223 -9.74 -66.33 4.62
C LYS GA 223 -10.05 -65.08 3.80
N MET GA 224 -10.15 -63.94 4.46
CA MET GA 224 -10.50 -62.70 3.77
C MET GA 224 -9.39 -61.68 3.74
N LYS GA 225 -9.44 -60.79 2.76
CA LYS GA 225 -8.62 -59.58 2.80
C LYS GA 225 -9.18 -58.73 3.93
N PRO GA 226 -8.43 -57.72 4.38
CA PRO GA 226 -9.01 -56.86 5.43
C PRO GA 226 -10.18 -56.03 4.92
N LYS GA 227 -11.10 -55.67 5.79
CA LYS GA 227 -12.26 -54.85 5.41
C LYS GA 227 -11.78 -53.49 4.90
N PRO GA 228 -12.63 -52.80 4.12
CA PRO GA 228 -13.99 -53.10 3.66
C PRO GA 228 -14.03 -54.15 2.57
N TRP GA 229 -15.21 -54.69 2.34
CA TRP GA 229 -15.41 -55.73 1.35
C TRP GA 229 -16.39 -55.20 0.33
N SER GA 230 -16.50 -55.86 -0.82
CA SER GA 230 -17.42 -55.41 -1.85
C SER GA 230 -18.85 -55.29 -1.34
N LYS GA 231 -19.26 -56.20 -0.47
CA LYS GA 231 -20.55 -56.12 0.20
C LYS GA 231 -20.32 -56.42 1.66
N ARG GA 232 -21.31 -56.20 2.52
CA ARG GA 232 -21.10 -56.59 3.91
C ARG GA 232 -21.60 -57.99 4.10
N TRP GA 233 -20.71 -58.95 4.26
CA TRP GA 233 -21.12 -60.33 4.23
C TRP GA 233 -21.51 -60.82 5.60
N GLU GA 234 -21.15 -60.01 6.59
CA GLU GA 234 -21.41 -60.31 7.97
C GLU GA 234 -22.89 -60.25 8.29
N ARG GA 235 -23.62 -59.48 7.47
CA ARG GA 235 -25.03 -59.20 7.73
C ARG GA 235 -25.91 -60.41 7.44
N PRO GA 236 -26.97 -60.57 8.22
CA PRO GA 236 -27.83 -61.76 8.20
C PRO GA 236 -28.50 -62.00 6.86
N LYS GA 237 -28.73 -60.96 6.09
CA LYS GA 237 -29.49 -61.14 4.86
C LYS GA 237 -28.73 -62.04 3.89
N PHE GA 238 -27.41 -62.10 4.03
CA PHE GA 238 -26.61 -62.92 3.15
C PHE GA 238 -26.52 -64.39 3.54
N ASN GA 239 -26.60 -64.67 4.84
CA ASN GA 239 -26.60 -66.04 5.35
C ASN GA 239 -25.38 -66.85 4.92
N ILE GA 240 -24.19 -66.35 5.22
CA ILE GA 240 -22.98 -66.96 4.68
C ILE GA 240 -22.19 -67.80 5.66
N LYS GA 241 -22.16 -69.12 5.43
CA LYS GA 241 -21.37 -69.99 6.29
C LYS GA 241 -19.98 -70.23 5.74
N GLY GA 242 -19.74 -69.77 4.52
CA GLY GA 242 -18.50 -70.05 3.82
C GLY GA 242 -17.30 -69.24 4.25
N ILE GA 243 -17.55 -68.07 4.85
CA ILE GA 243 -16.45 -67.25 5.34
C ILE GA 243 -16.04 -67.68 6.73
N ARG GA 244 -14.75 -67.53 7.02
CA ARG GA 244 -14.29 -67.76 8.36
C ARG GA 244 -14.32 -66.42 9.08
N PHE GA 245 -15.29 -66.24 9.96
CA PHE GA 245 -15.54 -64.92 10.54
C PHE GA 245 -14.80 -64.66 11.84
N ASP GA 246 -14.29 -65.72 12.45
CA ASP GA 246 -13.63 -65.60 13.73
C ASP GA 246 -12.28 -64.91 13.59
N LEU GA 247 -11.65 -65.10 12.45
CA LEU GA 247 -10.35 -64.48 12.21
C LEU GA 247 -10.48 -63.02 11.79
N CYS GA 248 -11.56 -62.72 11.07
CA CYS GA 248 -11.76 -61.36 10.55
C CYS GA 248 -12.26 -60.35 11.56
N LEU GA 249 -13.28 -60.74 12.32
CA LEU GA 249 -14.10 -59.75 13.01
C LEU GA 249 -14.08 -59.83 14.53
N THR GA 250 -14.32 -58.68 15.16
CA THR GA 250 -14.49 -58.59 16.60
C THR GA 250 -15.82 -59.23 17.00
N GLU GA 251 -15.97 -59.58 18.26
CA GLU GA 251 -17.27 -59.99 18.77
C GLU GA 251 -18.28 -58.85 18.66
N GLU GA 252 -17.81 -57.63 18.89
CA GLU GA 252 -18.67 -56.44 18.84
C GLU GA 252 -19.24 -56.22 17.45
N GLN GA 253 -18.46 -56.51 16.43
CA GLN GA 253 -18.93 -56.38 15.06
C GLN GA 253 -19.98 -57.42 14.74
N MET GA 254 -19.89 -58.57 15.39
CA MET GA 254 -20.87 -59.62 15.19
C MET GA 254 -22.17 -59.34 15.94
N ARG GA 255 -22.07 -58.65 17.08
CA ARG GA 255 -23.27 -58.14 17.74
C ARG GA 255 -23.92 -57.10 16.85
N GLU GA 256 -23.11 -56.20 16.32
CA GLU GA 256 -23.59 -55.13 15.45
C GLU GA 256 -24.32 -55.68 14.26
N ALA GA 257 -23.74 -56.68 13.63
CA ALA GA 257 -24.35 -57.26 12.45
C ALA GA 257 -25.74 -57.84 12.73
N GLN GA 258 -26.03 -58.20 13.97
CA GLN GA 258 -27.28 -58.86 14.27
C GLN GA 258 -28.46 -57.90 14.41
N LYS GA 259 -28.19 -56.61 14.37
CA LYS GA 259 -29.26 -55.62 14.48
C LYS GA 259 -30.09 -55.58 13.22
N TRP GA 260 -29.56 -56.16 12.16
CA TRP GA 260 -30.27 -56.23 10.89
C TRP GA 260 -30.99 -57.55 10.69
N SER GA 261 -30.96 -58.42 11.70
CA SER GA 261 -31.63 -59.71 11.57
C SER GA 261 -33.13 -59.52 11.54
N GLN GA 262 -33.80 -60.27 10.67
CA GLN GA 262 -35.25 -60.25 10.59
C GLN GA 262 -35.78 -61.65 10.80
N PRO GA 263 -35.88 -62.08 12.05
CA PRO GA 263 -36.15 -63.49 12.40
C PRO GA 263 -37.45 -63.97 11.82
N TRP GA 264 -38.48 -63.16 11.96
CA TRP GA 264 -39.83 -63.54 11.59
C TRP GA 264 -39.92 -64.07 10.15
N LEU GA 265 -39.01 -63.62 9.29
CA LEU GA 265 -39.01 -64.04 7.90
C LEU GA 265 -39.02 -65.54 7.71
N GLU GA 266 -38.37 -66.28 8.59
CA GLU GA 266 -38.32 -67.73 8.42
C GLU GA 266 -39.70 -68.35 8.52
N PHE GA 267 -40.51 -67.74 9.37
CA PHE GA 267 -41.81 -68.27 9.72
C PHE GA 267 -42.95 -67.65 8.93
N ASP GA 268 -42.63 -66.85 7.92
CA ASP GA 268 -43.65 -66.07 7.22
C ASP GA 268 -44.62 -66.86 6.34
N MET GA 269 -44.43 -68.17 6.15
CA MET GA 269 -45.46 -68.94 5.45
C MET GA 269 -45.68 -68.29 4.09
N MET GA 270 -46.72 -67.46 4.04
CA MET GA 270 -47.17 -66.79 2.84
C MET GA 270 -46.04 -66.21 1.96
N ARG GA 271 -44.90 -65.89 2.54
CA ARG GA 271 -43.76 -65.46 1.73
C ARG GA 271 -43.08 -66.59 0.97
N GLU GA 272 -43.50 -67.81 1.23
CA GLU GA 272 -42.80 -68.95 0.64
C GLU GA 272 -43.42 -69.36 -0.69
N TYR GA 273 -42.55 -69.63 -1.66
CA TYR GA 273 -42.95 -69.99 -3.02
C TYR GA 273 -43.08 -71.50 -3.15
N ASP GA 274 -44.19 -71.95 -3.71
CA ASP GA 274 -44.36 -73.38 -3.94
C ASP GA 274 -44.15 -73.72 -5.40
N THR GA 275 -43.61 -74.91 -5.61
CA THR GA 275 -43.05 -75.31 -6.88
C THR GA 275 -43.67 -76.62 -7.37
N SER GA 276 -43.62 -77.62 -6.51
CA SER GA 276 -43.68 -79.03 -6.88
C SER GA 276 -44.67 -79.40 -7.98
N LYS GA 277 -45.85 -78.81 -8.00
CA LYS GA 277 -46.79 -79.09 -9.08
C LYS GA 277 -46.21 -78.66 -10.43
N ILE GA 278 -45.69 -77.44 -10.47
CA ILE GA 278 -44.99 -76.93 -11.65
C ILE GA 278 -43.87 -77.87 -12.07
N GLU GA 279 -43.04 -78.27 -11.11
CA GLU GA 279 -41.91 -79.15 -11.38
C GLU GA 279 -42.33 -80.48 -11.98
N ALA GA 280 -43.33 -81.11 -11.40
CA ALA GA 280 -43.87 -82.35 -11.96
C ALA GA 280 -44.27 -82.13 -13.40
N ALA GA 281 -44.97 -81.03 -13.63
CA ALA GA 281 -45.43 -80.71 -14.99
C ALA GA 281 -44.27 -80.61 -15.99
N ILE GA 282 -43.27 -79.79 -15.67
CA ILE GA 282 -42.21 -79.56 -16.65
C ILE GA 282 -41.28 -80.75 -16.75
N TRP GA 283 -41.30 -81.62 -15.75
CA TRP GA 283 -40.51 -82.83 -15.84
C TRP GA 283 -41.19 -83.75 -16.85
N ASP GA 284 -42.50 -83.84 -16.72
CA ASP GA 284 -43.32 -84.54 -17.71
C ASP GA 284 -43.00 -84.04 -19.12
N GLU GA 285 -42.94 -82.72 -19.23
CA GLU GA 285 -42.59 -82.07 -20.50
C GLU GA 285 -41.22 -82.47 -21.03
N ILE GA 286 -40.24 -82.57 -20.14
CA ILE GA 286 -38.89 -83.00 -20.53
C ILE GA 286 -38.84 -84.42 -21.06
N GLU GA 287 -39.44 -85.36 -20.32
CA GLU GA 287 -39.53 -86.75 -20.81
C GLU GA 287 -40.20 -86.79 -22.18
N ALA GA 288 -41.31 -86.06 -22.31
CA ALA GA 288 -42.02 -85.96 -23.57
C ALA GA 288 -41.15 -85.38 -24.71
N SER GA 289 -40.14 -84.59 -24.35
CA SER GA 289 -39.18 -84.11 -25.35
C SER GA 289 -38.12 -85.16 -25.71
N LYS GA 290 -37.69 -85.96 -24.74
CA LYS GA 290 -36.74 -87.04 -25.02
C LYS GA 290 -37.34 -88.07 -25.99
N ASN GA 291 -38.58 -88.47 -25.70
CA ASN GA 291 -39.24 -89.52 -26.49
C ASN GA 291 -39.28 -89.23 -27.99
N SER GA 292 -39.71 -88.03 -28.35
CA SER GA 292 -39.79 -87.64 -29.76
C SER GA 292 -38.39 -87.50 -30.35
N LEU HA 10 -79.09 15.54 31.63
CA LEU HA 10 -80.13 15.03 30.74
C LEU HA 10 -79.52 14.27 29.57
N ARG HA 11 -79.54 12.94 29.68
CA ARG HA 11 -79.01 12.07 28.65
C ARG HA 11 -80.04 11.82 27.57
N SER HA 12 -79.66 12.07 26.32
CA SER HA 12 -80.57 11.85 25.21
C SER HA 12 -80.04 10.80 24.28
N ARG HA 13 -80.82 9.76 24.04
CA ARG HA 13 -80.41 8.74 23.10
C ARG HA 13 -81.36 8.73 21.93
N VAL HA 14 -80.91 8.20 20.80
CA VAL HA 14 -81.76 8.14 19.65
C VAL HA 14 -82.64 6.91 19.68
N THR HA 15 -83.93 7.14 19.81
CA THR HA 15 -84.87 6.05 19.99
C THR HA 15 -85.34 5.43 18.69
N ASP HA 16 -85.44 6.24 17.65
CA ASP HA 16 -86.08 5.85 16.41
C ASP HA 16 -85.13 5.32 15.37
N ARG HA 17 -83.90 5.01 15.77
CA ARG HA 17 -82.85 4.62 14.83
C ARG HA 17 -83.31 3.57 13.81
N TYR HA 18 -84.23 2.73 14.22
CA TYR HA 18 -84.87 1.74 13.35
C TYR HA 18 -85.31 2.32 12.01
N TRP HA 19 -86.17 3.32 12.06
CA TRP HA 19 -86.71 3.93 10.85
C TRP HA 19 -85.65 4.68 10.03
N ARG HA 20 -84.74 5.36 10.70
CA ARG HA 20 -83.59 5.94 10.03
C ARG HA 20 -82.95 4.90 9.13
N VAL HA 21 -82.72 3.72 9.69
CA VAL HA 21 -82.13 2.64 8.91
C VAL HA 21 -83.06 2.17 7.77
N GLN HA 22 -84.35 2.01 8.06
CA GLN HA 22 -85.26 1.50 7.03
C GLN HA 22 -85.33 2.40 5.81
N GLU HA 23 -85.21 3.71 6.00
CA GLU HA 23 -85.34 4.61 4.86
C GLU HA 23 -84.19 4.45 3.86
N VAL HA 24 -83.07 3.95 4.35
CA VAL HA 24 -81.99 3.51 3.47
C VAL HA 24 -82.22 2.11 2.92
N LEU HA 25 -82.54 1.17 3.81
CA LEU HA 25 -82.51 -0.25 3.42
C LEU HA 25 -83.58 -0.62 2.41
N LYS HA 26 -84.70 0.09 2.39
CA LYS HA 26 -85.78 -0.28 1.48
C LYS HA 26 -85.31 -0.17 0.04
N HIS HA 27 -84.40 0.75 -0.24
CA HIS HA 27 -83.90 0.90 -1.59
C HIS HA 27 -82.91 -0.17 -1.95
N ALA HA 28 -82.42 -0.87 -0.94
CA ALA HA 28 -81.36 -1.84 -1.18
C ALA HA 28 -81.85 -3.28 -1.30
N ARG HA 29 -83.15 -3.53 -1.09
CA ARG HA 29 -83.65 -4.90 -1.01
C ARG HA 29 -83.29 -5.78 -2.19
N HIS HA 30 -83.32 -5.21 -3.39
CA HIS HA 30 -83.19 -6.01 -4.60
C HIS HA 30 -81.74 -6.14 -5.06
N PHE HA 31 -80.80 -5.67 -4.25
CA PHE HA 31 -79.38 -5.85 -4.56
C PHE HA 31 -78.96 -7.29 -4.34
N ARG HA 32 -77.83 -7.67 -4.94
CA ARG HA 32 -77.26 -8.99 -4.69
C ARG HA 32 -76.21 -8.91 -3.61
N GLY HA 33 -76.12 -9.93 -2.77
CA GLY HA 33 -75.04 -10.01 -1.80
C GLY HA 33 -75.31 -9.40 -0.45
N ARG HA 34 -74.27 -8.98 0.24
CA ARG HA 34 -74.46 -8.42 1.57
C ARG HA 34 -74.86 -6.96 1.50
N LYS HA 35 -74.84 -6.38 0.31
CA LYS HA 35 -75.28 -5.00 0.14
C LYS HA 35 -76.72 -4.80 0.50
N ASN HA 36 -77.51 -5.86 0.51
CA ASN HA 36 -78.94 -5.70 0.70
C ASN HA 36 -79.38 -5.83 2.15
N ARG HA 37 -78.41 -5.96 3.04
CA ARG HA 37 -78.68 -6.18 4.44
C ARG HA 37 -78.01 -5.17 5.32
N CYS HA 38 -76.68 -5.16 5.24
CA CYS HA 38 -75.85 -4.41 6.17
C CYS HA 38 -75.81 -2.94 5.87
N TYR HA 39 -76.24 -2.17 6.85
CA TYR HA 39 -76.49 -0.76 6.65
C TYR HA 39 -75.30 -0.03 6.07
N ARG HA 40 -74.11 -0.43 6.47
CA ARG HA 40 -72.89 0.17 5.95
C ARG HA 40 -72.76 0.00 4.41
N LEU HA 41 -72.60 -1.24 3.99
CA LEU HA 41 -72.53 -1.58 2.57
C LEU HA 41 -73.70 -1.05 1.79
N ALA HA 42 -74.88 -1.17 2.38
CA ALA HA 42 -76.11 -0.76 1.75
C ALA HA 42 -76.17 0.74 1.52
N VAL HA 43 -75.79 1.52 2.50
CA VAL HA 43 -75.79 2.96 2.36
C VAL HA 43 -74.91 3.34 1.19
N ARG HA 44 -73.72 2.75 1.12
CA ARG HA 44 -72.86 3.09 0.01
C ARG HA 44 -73.51 2.74 -1.32
N ALA HA 45 -73.98 1.51 -1.44
CA ALA HA 45 -74.55 1.02 -2.68
C ALA HA 45 -75.77 1.82 -3.12
N VAL HA 46 -76.59 2.22 -2.17
CA VAL HA 46 -77.77 3.00 -2.48
C VAL HA 46 -77.38 4.34 -3.03
N THR HA 47 -76.45 5.01 -2.36
CA THR HA 47 -75.98 6.28 -2.89
C THR HA 47 -75.47 6.12 -4.31
N ARG HA 48 -74.68 5.09 -4.58
CA ARG HA 48 -74.23 4.88 -5.95
C ARG HA 48 -75.38 4.66 -6.89
N ALA HA 49 -76.42 3.99 -6.40
CA ALA HA 49 -77.58 3.70 -7.21
C ALA HA 49 -78.26 4.98 -7.64
N PHE HA 50 -78.50 5.88 -6.70
CA PHE HA 50 -79.13 7.14 -7.03
C PHE HA 50 -78.31 7.95 -8.02
N VAL HA 51 -77.01 8.05 -7.77
CA VAL HA 51 -76.18 8.82 -8.68
C VAL HA 51 -76.27 8.29 -10.08
N LYS HA 52 -76.03 6.98 -10.17
CA LYS HA 52 -76.10 6.29 -11.45
C LYS HA 52 -77.41 6.57 -12.11
N CYS HA 53 -78.45 6.63 -11.30
CA CYS HA 53 -79.78 6.87 -11.79
C CYS HA 53 -79.97 8.23 -12.44
N THR HA 54 -79.50 9.29 -11.80
CA THR HA 54 -79.70 10.61 -12.42
C THR HA 54 -78.87 10.78 -13.66
N ARG HA 55 -77.61 10.37 -13.57
CA ARG HA 55 -76.78 10.41 -14.76
C ARG HA 55 -77.49 9.70 -15.90
N ALA HA 56 -78.09 8.56 -15.59
CA ALA HA 56 -78.81 7.81 -16.60
C ALA HA 56 -80.04 8.53 -17.07
N ARG HA 57 -80.64 9.34 -16.20
CA ARG HA 57 -81.80 10.12 -16.62
C ARG HA 57 -81.42 11.04 -17.75
N ARG HA 58 -80.25 11.66 -17.63
CA ARG HA 58 -79.75 12.46 -18.74
C ARG HA 58 -79.43 11.60 -19.96
N LEU HA 59 -78.79 10.47 -19.75
CA LEU HA 59 -78.36 9.60 -20.85
C LEU HA 59 -79.50 8.99 -21.69
N LYS HA 60 -80.59 8.68 -21.01
CA LYS HA 60 -81.76 8.04 -21.59
C LYS HA 60 -82.25 8.72 -22.85
N LYS HA 61 -82.24 10.04 -22.82
CA LYS HA 61 -82.67 10.84 -23.95
C LYS HA 61 -81.76 10.61 -25.16
N ARG HA 62 -80.44 10.61 -24.95
CA ARG HA 62 -79.51 10.29 -26.05
C ARG HA 62 -79.71 8.89 -26.58
N SER HA 63 -79.90 7.93 -25.68
CA SER HA 63 -80.11 6.54 -26.09
C SER HA 63 -81.31 6.45 -27.01
N LEU HA 64 -82.43 7.00 -26.56
CA LEU HA 64 -83.65 6.93 -27.35
C LEU HA 64 -83.49 7.62 -28.67
N ARG HA 65 -82.87 8.80 -28.70
CA ARG HA 65 -82.68 9.47 -29.98
C ARG HA 65 -81.81 8.63 -30.92
N THR HA 66 -80.80 7.96 -30.38
CA THR HA 66 -79.96 7.13 -31.23
C THR HA 66 -80.74 5.95 -31.76
N LEU HA 67 -81.60 5.39 -30.90
CA LEU HA 67 -82.50 4.33 -31.32
C LEU HA 67 -83.32 4.77 -32.51
N TRP HA 68 -84.05 5.87 -32.34
CA TRP HA 68 -84.85 6.42 -33.41
C TRP HA 68 -84.08 6.62 -34.68
N ILE HA 69 -82.88 7.17 -34.59
CA ILE HA 69 -82.12 7.40 -35.79
C ILE HA 69 -81.77 6.09 -36.47
N ASN HA 70 -81.46 5.07 -35.69
CA ASN HA 70 -81.19 3.78 -36.28
C ASN HA 70 -82.39 3.24 -37.02
N ARG HA 71 -83.55 3.38 -36.41
CA ARG HA 71 -84.78 2.87 -37.01
C ARG HA 71 -85.11 3.60 -38.30
N ILE HA 72 -85.03 4.92 -38.27
CA ILE HA 72 -85.25 5.70 -39.46
C ILE HA 72 -84.27 5.34 -40.55
N THR HA 73 -83.01 5.12 -40.17
CA THR HA 73 -82.01 4.72 -41.15
C THR HA 73 -82.42 3.45 -41.83
N ALA HA 74 -82.87 2.47 -41.05
CA ALA HA 74 -83.34 1.23 -41.63
C ALA HA 74 -84.45 1.48 -42.63
N ALA HA 75 -85.52 2.11 -42.15
CA ALA HA 75 -86.71 2.33 -42.93
C ALA HA 75 -86.45 3.09 -44.20
N SER HA 76 -85.48 3.99 -44.18
CA SER HA 76 -85.12 4.71 -45.38
C SER HA 76 -84.30 3.85 -46.33
N GLN HA 77 -83.35 3.11 -45.78
CA GLN HA 77 -82.49 2.27 -46.61
C GLN HA 77 -83.33 1.28 -47.38
N GLU HA 78 -84.48 0.92 -46.81
CA GLU HA 78 -85.43 0.06 -47.52
C GLU HA 78 -85.84 0.64 -48.86
N HIS HA 79 -86.05 1.95 -48.90
CA HIS HA 79 -86.48 2.60 -50.13
C HIS HA 79 -85.32 3.09 -50.96
N GLY HA 80 -84.11 2.75 -50.58
CA GLY HA 80 -82.95 3.10 -51.38
C GLY HA 80 -82.60 4.56 -51.21
N LEU HA 81 -82.63 4.99 -49.95
CA LEU HA 81 -82.36 6.36 -49.60
C LEU HA 81 -81.57 6.39 -48.31
N LYS HA 82 -80.39 7.01 -48.29
CA LYS HA 82 -79.62 7.00 -47.05
C LYS HA 82 -80.26 7.95 -46.04
N TYR HA 83 -79.78 7.94 -44.81
CA TYR HA 83 -80.41 8.72 -43.76
C TYR HA 83 -80.24 10.23 -43.94
N PRO HA 84 -78.98 10.71 -44.10
CA PRO HA 84 -78.82 12.17 -44.20
C PRO HA 84 -79.67 12.78 -45.30
N ALA HA 85 -79.62 12.16 -46.47
CA ALA HA 85 -80.39 12.63 -47.61
C ALA HA 85 -81.85 12.76 -47.23
N PHE HA 86 -82.41 11.67 -46.71
CA PHE HA 86 -83.81 11.64 -46.31
C PHE HA 86 -84.14 12.80 -45.39
N ILE HA 87 -83.37 12.93 -44.32
CA ILE HA 87 -83.66 13.94 -43.32
C ILE HA 87 -83.56 15.38 -43.83
N ILE HA 88 -82.47 15.75 -44.48
CA ILE HA 88 -82.33 17.16 -44.81
C ILE HA 88 -83.27 17.51 -45.95
N ASN HA 89 -83.56 16.54 -46.81
CA ASN HA 89 -84.45 16.89 -47.88
C ASN HA 89 -85.87 16.95 -47.38
N LEU HA 90 -86.14 16.32 -46.25
CA LEU HA 90 -87.44 16.54 -45.62
C LEU HA 90 -87.51 17.92 -45.00
N ILE HA 91 -86.38 18.41 -44.49
CA ILE HA 91 -86.37 19.76 -43.94
C ILE HA 91 -86.57 20.79 -45.04
N LYS HA 92 -85.92 20.57 -46.17
CA LYS HA 92 -85.99 21.49 -47.29
C LYS HA 92 -87.40 21.58 -47.89
N CYS HA 93 -88.29 20.71 -47.43
CA CYS HA 93 -89.70 20.78 -47.81
C CYS HA 93 -90.53 21.50 -46.77
N GLN HA 94 -89.85 22.00 -45.74
CA GLN HA 94 -90.51 22.64 -44.60
C GLN HA 94 -91.45 21.66 -43.94
N VAL HA 95 -91.07 20.40 -43.92
CA VAL HA 95 -91.80 19.41 -43.16
C VAL HA 95 -91.04 19.15 -41.87
N GLU HA 96 -91.56 19.63 -40.75
CA GLU HA 96 -90.80 19.43 -39.53
C GLU HA 96 -91.45 18.40 -38.66
N LEU HA 97 -90.83 17.23 -38.66
CA LEU HA 97 -91.30 16.10 -37.91
C LEU HA 97 -90.12 15.60 -37.14
N ASN HA 98 -90.17 15.64 -35.80
CA ASN HA 98 -89.03 15.20 -35.03
C ASN HA 98 -88.79 13.72 -35.24
N ARG HA 99 -87.60 13.26 -34.88
CA ARG HA 99 -87.21 11.90 -35.18
C ARG HA 99 -88.04 10.84 -34.49
N LYS HA 100 -88.60 11.18 -33.33
CA LYS HA 100 -89.46 10.25 -32.60
C LYS HA 100 -90.62 9.84 -33.45
N VAL HA 101 -91.32 10.86 -33.92
CA VAL HA 101 -92.47 10.68 -34.77
C VAL HA 101 -92.13 10.00 -36.09
N LEU HA 102 -90.97 10.34 -36.65
CA LEU HA 102 -90.56 9.74 -37.91
C LEU HA 102 -90.33 8.26 -37.78
N ALA HA 103 -89.67 7.85 -36.70
CA ALA HA 103 -89.47 6.42 -36.44
C ALA HA 103 -90.83 5.73 -36.29
N ASP HA 104 -91.71 6.34 -35.51
CA ASP HA 104 -93.02 5.72 -35.30
C ASP HA 104 -93.80 5.54 -36.58
N LEU HA 105 -93.72 6.53 -37.46
CA LEU HA 105 -94.29 6.37 -38.78
C LEU HA 105 -93.67 5.17 -39.46
N ALA HA 106 -92.34 5.10 -39.44
CA ALA HA 106 -91.63 4.02 -40.11
C ALA HA 106 -92.12 2.64 -39.69
N ILE HA 107 -92.41 2.48 -38.41
CA ILE HA 107 -92.91 1.20 -37.93
C ILE HA 107 -94.39 1.00 -38.19
N TYR HA 108 -95.21 1.88 -37.65
CA TYR HA 108 -96.65 1.68 -37.69
C TYR HA 108 -97.40 2.27 -38.89
N GLU HA 109 -96.71 2.99 -39.76
CA GLU HA 109 -97.36 3.57 -40.94
C GLU HA 109 -96.53 3.48 -42.21
N PRO HA 110 -96.21 2.27 -42.64
CA PRO HA 110 -95.25 2.07 -43.73
C PRO HA 110 -95.60 2.78 -45.02
N LYS HA 111 -96.90 2.99 -45.28
CA LYS HA 111 -97.30 3.72 -46.48
C LYS HA 111 -96.91 5.20 -46.42
N THR HA 112 -97.36 5.87 -45.37
CA THR HA 112 -97.10 7.28 -45.17
C THR HA 112 -95.61 7.53 -45.21
N PHE HA 113 -94.87 6.59 -44.67
CA PHE HA 113 -93.43 6.70 -44.67
C PHE HA 113 -92.89 6.55 -46.07
N LYS HA 114 -93.41 5.62 -46.85
CA LYS HA 114 -92.95 5.51 -48.22
C LYS HA 114 -93.24 6.81 -48.96
N SER HA 115 -94.35 7.45 -48.62
CA SER HA 115 -94.68 8.74 -49.20
C SER HA 115 -93.61 9.75 -48.85
N LEU HA 116 -93.29 9.86 -47.57
CA LEU HA 116 -92.26 10.79 -47.12
C LEU HA 116 -90.95 10.55 -47.85
N ALA HA 117 -90.55 9.29 -47.94
CA ALA HA 117 -89.33 8.93 -48.65
C ALA HA 117 -89.41 9.37 -50.09
N ALA HA 118 -90.59 9.22 -50.69
CA ALA HA 118 -90.79 9.63 -52.07
C ALA HA 118 -90.61 11.13 -52.22
N LEU HA 119 -91.20 11.85 -51.28
CA LEU HA 119 -91.10 13.30 -51.23
C LEU HA 119 -89.66 13.71 -51.21
N ALA HA 120 -88.94 13.19 -50.23
CA ALA HA 120 -87.53 13.52 -50.06
C ALA HA 120 -86.71 13.21 -51.31
N LYS HA 121 -86.92 12.03 -51.89
CA LYS HA 121 -86.14 11.67 -53.06
C LYS HA 121 -86.40 12.67 -54.17
N ARG HA 122 -87.67 13.05 -54.29
CA ARG HA 122 -88.07 14.04 -55.27
C ARG HA 122 -87.32 15.34 -55.06
N ARG HA 123 -87.39 15.86 -53.84
CA ARG HA 123 -86.80 17.15 -53.50
C ARG HA 123 -85.29 17.15 -53.73
N ARG HA 124 -84.66 16.03 -53.45
CA ARG HA 124 -83.24 15.90 -53.68
C ARG HA 124 -82.92 15.97 -55.15
N GLU HA 125 -83.65 15.19 -55.96
CA GLU HA 125 -83.41 15.20 -57.39
C GLU HA 125 -83.62 16.61 -57.95
N GLU HA 126 -84.59 17.29 -57.38
CA GLU HA 126 -84.86 18.67 -57.75
C GLU HA 126 -83.65 19.54 -57.49
N GLY HA 127 -83.06 19.37 -56.30
CA GLY HA 127 -81.88 20.13 -55.93
C GLY HA 127 -80.71 19.90 -56.86
N PHE HA 128 -80.46 18.64 -57.21
CA PHE HA 128 -79.39 18.34 -58.16
C PHE HA 128 -79.66 19.01 -59.48
N ALA HA 129 -80.91 18.91 -59.93
CA ALA HA 129 -81.30 19.49 -61.21
C ALA HA 129 -81.05 21.00 -61.23
N ALA HA 130 -81.33 21.65 -60.10
CA ALA HA 130 -81.16 23.10 -59.98
C ALA HA 130 -79.69 23.52 -59.91
N ALA HA 131 -78.89 22.74 -59.19
CA ALA HA 131 -77.46 23.03 -59.10
C ALA HA 131 -76.76 22.82 -60.44
N LEU HA 132 -77.21 21.80 -61.17
CA LEU HA 132 -76.63 21.48 -62.47
C LEU HA 132 -77.09 22.43 -63.56
N GLY HA 133 -78.34 22.89 -63.47
CA GLY HA 133 -78.93 23.74 -64.48
C GLY HA 133 -78.26 25.10 -64.66
N ASP HA 134 -77.74 25.65 -63.55
CA ASP HA 134 -77.01 26.92 -63.55
C ASP HA 134 -77.83 28.11 -64.05
N GLY HA 135 -79.05 28.23 -63.54
CA GLY HA 135 -79.90 29.36 -63.86
C GLY HA 135 -80.92 29.60 -62.77
N LYS HA 136 -81.38 30.84 -62.65
CA LYS HA 136 -82.33 31.20 -61.61
C LYS HA 136 -83.78 30.89 -61.97
N GLU HA 137 -84.05 30.75 -63.27
CA GLU HA 137 -85.44 30.62 -63.76
C GLU HA 137 -86.18 29.41 -63.20
N PRO HA 138 -85.63 28.19 -63.37
CA PRO HA 138 -86.45 27.07 -62.88
C PRO HA 138 -86.58 27.07 -61.35
N ASP HA 139 -87.80 26.93 -60.88
CA ASP HA 139 -88.04 26.61 -59.48
C ASP HA 139 -88.81 25.32 -59.43
N GLY HA 140 -88.18 24.27 -58.92
CA GLY HA 140 -88.82 22.98 -58.80
C GLY HA 140 -90.10 23.11 -58.00
N ILE HA 141 -91.08 22.30 -58.33
CA ILE HA 141 -92.39 22.41 -57.70
C ILE HA 141 -92.28 22.30 -56.19
N PHE HA 142 -91.47 21.37 -55.71
CA PHE HA 142 -91.39 21.11 -54.29
C PHE HA 142 -90.31 21.95 -53.62
N SER HA 143 -89.52 22.65 -54.43
CA SER HA 143 -88.44 23.48 -53.94
C SER HA 143 -88.88 24.89 -53.59
N ARG HA 144 -90.17 25.17 -53.77
CA ARG HA 144 -90.69 26.49 -53.46
C ARG HA 144 -90.81 26.68 -51.95
N VAL HA 145 -90.48 27.87 -51.51
CA VAL HA 145 -90.43 28.19 -50.09
C VAL HA 145 -91.61 29.05 -49.67
N VAL HA 146 -92.48 28.49 -48.85
CA VAL HA 146 -93.66 29.19 -48.42
C VAL HA 146 -93.41 30.05 -47.18
N GLN HA 147 -94.09 31.18 -47.11
CA GLN HA 147 -94.08 32.00 -45.91
C GLN HA 147 -95.39 31.86 -45.16
N HIS HA 148 -95.30 32.00 -43.84
CA HIS HA 148 -96.44 31.96 -42.93
C HIS HA 148 -97.58 32.90 -43.31
N ARG HA 149 -98.82 32.46 -43.11
CA ARG HA 149 -99.99 33.33 -43.21
C ARG HA 149 -100.87 33.25 -41.96
N VAL IA 55 -68.09 10.08 -78.80
CA VAL IA 55 -68.76 9.60 -77.60
C VAL IA 55 -68.07 8.35 -77.05
N PRO IA 56 -66.95 8.53 -76.32
CA PRO IA 56 -66.31 7.34 -75.77
C PRO IA 56 -66.90 6.96 -74.42
N LYS IA 57 -66.50 5.81 -73.88
CA LYS IA 57 -67.02 5.39 -72.59
C LYS IA 57 -65.93 4.84 -71.70
N THR IA 58 -65.66 5.55 -70.60
CA THR IA 58 -64.73 5.07 -69.61
C THR IA 58 -65.46 5.00 -68.29
N SER IA 59 -64.89 4.28 -67.33
CA SER IA 59 -65.50 4.09 -66.02
C SER IA 59 -65.90 5.42 -65.39
N LEU IA 60 -65.12 6.45 -65.69
CA LEU IA 60 -65.27 7.74 -65.05
C LEU IA 60 -66.12 8.73 -65.86
N GLY IA 61 -65.75 8.98 -67.11
CA GLY IA 61 -66.33 10.06 -67.89
C GLY IA 61 -67.84 10.24 -67.78
N SER IA 62 -68.56 9.13 -67.53
CA SER IA 62 -69.97 9.23 -67.15
C SER IA 62 -70.17 9.05 -65.64
N PRO IA 63 -70.84 10.02 -64.99
CA PRO IA 63 -71.19 9.97 -63.57
C PRO IA 63 -71.87 8.66 -63.18
N PRO IA 64 -71.53 8.14 -62.00
CA PRO IA 64 -71.97 6.82 -61.54
C PRO IA 64 -73.29 6.85 -60.80
N TRP IA 65 -74.37 7.18 -61.50
CA TRP IA 65 -75.69 7.29 -60.87
C TRP IA 65 -76.71 7.51 -61.98
N PRO IA 66 -77.95 7.03 -61.77
CA PRO IA 66 -78.95 7.11 -62.83
C PRO IA 66 -79.25 8.54 -63.20
N ASP IA 67 -79.22 8.84 -64.49
CA ASP IA 67 -79.61 10.14 -64.99
C ASP IA 67 -81.06 10.41 -64.61
N ILE IA 68 -81.39 11.67 -64.34
CA ILE IA 68 -82.74 11.99 -63.92
C ILE IA 68 -83.45 12.90 -64.91
N VAL IA 69 -84.72 12.60 -65.14
CA VAL IA 69 -85.58 13.45 -65.95
C VAL IA 69 -86.83 13.77 -65.14
N LEU IA 70 -86.97 15.05 -64.80
CA LEU IA 70 -88.11 15.51 -64.04
C LEU IA 70 -89.14 16.15 -64.96
N PRO IA 71 -90.41 15.78 -64.80
CA PRO IA 71 -91.52 16.17 -65.69
C PRO IA 71 -91.64 17.67 -65.86
N ASP IA 72 -92.10 18.10 -67.04
CA ASP IA 72 -92.31 19.52 -67.31
C ASP IA 72 -93.31 20.11 -66.32
N PRO IA 73 -92.98 21.28 -65.74
CA PRO IA 73 -93.75 21.95 -64.68
C PRO IA 73 -95.24 22.11 -64.96
N VAL IA 74 -95.62 22.32 -66.21
CA VAL IA 74 -97.02 22.55 -66.57
C VAL IA 74 -97.87 21.29 -66.41
N GLU IA 75 -97.44 20.21 -67.06
CA GLU IA 75 -98.10 18.91 -66.96
C GLU IA 75 -98.14 18.47 -65.51
N GLU IA 76 -97.07 18.78 -64.78
CA GLU IA 76 -97.00 18.52 -63.35
C GLU IA 76 -98.09 19.26 -62.60
N THR IA 77 -98.28 20.53 -62.90
CA THR IA 77 -99.29 21.31 -62.20
C THR IA 77 -100.69 20.75 -62.45
N ARG IA 78 -100.98 20.43 -63.72
CA ARG IA 78 -102.25 19.79 -64.04
C ARG IA 78 -102.45 18.50 -63.25
N HIS IA 79 -101.43 17.65 -63.32
CA HIS IA 79 -101.44 16.36 -62.64
C HIS IA 79 -101.73 16.54 -61.16
N HIS IA 80 -101.08 17.54 -60.56
CA HIS IA 80 -101.26 17.83 -59.15
C HIS IA 80 -102.69 18.20 -58.84
N ALA IA 81 -103.23 19.14 -59.62
CA ALA IA 81 -104.60 19.58 -59.40
C ALA IA 81 -105.55 18.40 -59.48
N GLU IA 82 -105.32 17.54 -60.47
CA GLU IA 82 -106.10 16.33 -60.65
C GLU IA 82 -106.08 15.42 -59.42
N VAL IA 83 -104.87 15.11 -58.95
CA VAL IA 83 -104.71 14.27 -57.76
C VAL IA 83 -105.42 14.88 -56.56
N VAL IA 84 -105.13 16.14 -56.31
CA VAL IA 84 -105.77 16.87 -55.22
C VAL IA 84 -107.28 16.75 -55.29
N GLY IA 85 -107.83 16.91 -56.49
CA GLY IA 85 -109.25 16.78 -56.69
C GLY IA 85 -109.75 15.40 -56.30
N GLN IA 86 -109.00 14.38 -56.72
CA GLN IA 86 -109.34 13.00 -56.40
C GLN IA 86 -109.42 12.75 -54.89
N VAL IA 87 -108.37 13.17 -54.18
CA VAL IA 87 -108.34 13.01 -52.73
C VAL IA 87 -109.47 13.79 -52.08
N ASN IA 88 -109.71 15.01 -52.56
CA ASN IA 88 -110.77 15.84 -52.02
C ASN IA 88 -112.12 15.15 -52.16
N GLU IA 89 -112.29 14.43 -53.28
CA GLU IA 89 -113.48 13.62 -53.48
C GLU IA 89 -113.57 12.52 -52.44
N LEU IA 90 -112.43 11.90 -52.16
CA LEU IA 90 -112.40 10.90 -51.10
C LEU IA 90 -112.84 11.46 -49.76
N ILE IA 91 -112.42 12.68 -49.44
CA ILE IA 91 -112.79 13.29 -48.16
C ILE IA 91 -114.28 13.61 -48.12
N ALA IA 92 -114.77 14.24 -49.19
CA ALA IA 92 -116.17 14.64 -49.25
C ALA IA 92 -117.10 13.44 -49.21
N ALA IA 93 -116.67 12.33 -49.77
CA ALA IA 93 -117.46 11.10 -49.79
C ALA IA 93 -117.48 10.41 -48.43
N GLY IA 94 -116.51 10.73 -47.58
CA GLY IA 94 -116.39 10.10 -46.27
C GLY IA 94 -115.86 8.69 -46.36
N ARG IA 95 -115.06 8.43 -47.39
CA ARG IA 95 -114.58 7.07 -47.63
C ARG IA 95 -113.34 6.69 -46.82
N TYR IA 96 -112.83 7.61 -46.03
CA TYR IA 96 -111.68 7.34 -45.19
C TYR IA 96 -112.10 6.62 -43.93
N GLY IA 97 -111.38 5.57 -43.56
CA GLY IA 97 -111.74 4.84 -42.36
C GLY IA 97 -111.45 5.46 -41.00
N ARG IA 98 -110.17 5.64 -40.68
CA ARG IA 98 -109.76 6.12 -39.35
C ARG IA 98 -108.54 6.98 -39.53
N LEU IA 99 -108.49 8.08 -38.82
CA LEU IA 99 -107.40 9.00 -39.04
C LEU IA 99 -106.40 8.97 -37.92
N PHE IA 100 -105.14 9.20 -38.26
CA PHE IA 100 -104.15 9.49 -37.24
C PHE IA 100 -103.56 10.84 -37.57
N ALA IA 101 -103.03 11.54 -36.58
CA ALA IA 101 -102.47 12.84 -36.83
C ALA IA 101 -101.26 13.12 -35.97
N VAL IA 102 -100.23 13.67 -36.60
CA VAL IA 102 -99.10 14.17 -35.85
C VAL IA 102 -99.37 15.59 -35.45
N VAL IA 103 -99.31 15.81 -34.14
CA VAL IA 103 -99.75 17.04 -33.49
C VAL IA 103 -98.64 17.64 -32.66
N HIS IA 104 -98.37 18.94 -32.82
CA HIS IA 104 -97.39 19.59 -31.95
C HIS IA 104 -98.08 20.21 -30.75
N PHE IA 105 -97.76 19.71 -29.58
CA PHE IA 105 -98.41 20.15 -28.36
C PHE IA 105 -97.44 20.19 -27.19
N ALA IA 106 -97.49 21.27 -26.42
CA ALA IA 106 -96.71 21.36 -25.18
C ALA IA 106 -95.24 21.04 -25.37
N GLY IA 107 -94.68 21.43 -26.49
CA GLY IA 107 -93.26 21.28 -26.71
C GLY IA 107 -92.87 19.99 -27.39
N HIS IA 108 -93.80 19.05 -27.52
CA HIS IA 108 -93.50 17.77 -28.12
C HIS IA 108 -94.39 17.47 -29.30
N GLN IA 109 -93.99 16.52 -30.12
CA GLN IA 109 -94.83 16.06 -31.21
C GLN IA 109 -95.37 14.68 -30.88
N TRP IA 110 -96.66 14.48 -31.14
CA TRP IA 110 -97.29 13.20 -30.84
C TRP IA 110 -97.96 12.56 -32.05
N LYS IA 111 -97.91 11.24 -32.12
CA LYS IA 111 -98.68 10.48 -33.11
C LYS IA 111 -99.98 10.07 -32.46
N VAL IA 112 -101.08 10.59 -32.97
CA VAL IA 112 -102.33 10.61 -32.23
C VAL IA 112 -103.46 9.96 -33.02
N THR IA 113 -104.40 9.33 -32.33
CA THR IA 113 -105.55 8.73 -33.00
C THR IA 113 -106.74 8.78 -32.06
N ALA IA 114 -107.95 8.68 -32.59
CA ALA IA 114 -109.14 8.72 -31.74
C ALA IA 114 -109.09 7.66 -30.66
N GLU IA 115 -109.63 8.00 -29.49
CA GLU IA 115 -109.79 7.11 -28.32
C GLU IA 115 -108.52 6.96 -27.51
N ASP IA 116 -107.44 7.62 -27.92
CA ASP IA 116 -106.14 7.41 -27.29
C ASP IA 116 -105.82 8.33 -26.13
N LEU IA 117 -104.62 8.16 -25.59
CA LEU IA 117 -104.19 8.79 -24.36
C LEU IA 117 -102.80 9.37 -24.49
N ILE IA 118 -102.61 10.59 -24.03
CA ILE IA 118 -101.24 11.10 -23.91
C ILE IA 118 -101.02 11.73 -22.56
N LEU IA 119 -99.78 11.68 -22.10
CA LEU IA 119 -99.42 12.18 -20.80
C LEU IA 119 -98.52 13.39 -20.96
N ILE IA 120 -99.06 14.56 -20.66
CA ILE IA 120 -98.32 15.80 -20.79
C ILE IA 120 -97.61 16.05 -19.48
N GLU IA 121 -96.36 16.47 -19.58
CA GLU IA 121 -95.51 16.53 -18.42
C GLU IA 121 -95.65 17.80 -17.62
N ASN IA 122 -96.54 18.70 -18.01
CA ASN IA 122 -96.75 19.89 -17.22
C ASN IA 122 -98.20 20.23 -17.04
N GLU IA 123 -98.46 21.19 -16.16
CA GLU IA 123 -99.81 21.62 -15.85
C GLU IA 123 -100.46 22.38 -17.00
N LEU IA 124 -101.76 22.16 -17.19
CA LEU IA 124 -102.56 22.95 -18.12
C LEU IA 124 -103.64 23.65 -17.34
N ASP IA 125 -104.04 24.85 -17.74
CA ASP IA 125 -105.16 25.43 -17.02
C ASP IA 125 -106.45 25.09 -17.74
N VAL IA 126 -107.08 24.03 -17.23
CA VAL IA 126 -108.38 23.58 -17.68
C VAL IA 126 -108.94 22.72 -16.58
N ALA IA 127 -110.25 22.73 -16.40
CA ALA IA 127 -110.86 21.81 -15.47
C ALA IA 127 -110.78 20.41 -16.05
N CYS IA 128 -110.90 19.39 -15.22
CA CYS IA 128 -111.03 18.04 -15.74
C CYS IA 128 -112.38 17.88 -16.42
N GLY IA 129 -112.37 17.34 -17.63
CA GLY IA 129 -113.60 17.09 -18.34
C GLY IA 129 -113.78 18.07 -19.47
N GLU IA 130 -112.93 19.09 -19.52
CA GLU IA 130 -113.00 20.08 -20.58
C GLU IA 130 -112.59 19.51 -21.93
N ARG IA 131 -113.21 20.02 -22.99
CA ARG IA 131 -112.80 19.62 -24.33
C ARG IA 131 -111.99 20.74 -24.96
N ILE IA 132 -111.02 20.34 -25.75
CA ILE IA 132 -109.95 21.19 -26.19
C ILE IA 132 -109.69 20.93 -27.66
N ARG IA 133 -109.49 21.99 -28.44
CA ARG IA 133 -109.06 21.79 -29.80
C ARG IA 133 -107.55 21.91 -29.88
N LEU IA 134 -106.86 20.80 -30.14
CA LEU IA 134 -105.42 20.88 -30.36
C LEU IA 134 -105.17 21.50 -31.73
N GLU IA 135 -104.42 22.59 -31.76
CA GLU IA 135 -104.38 23.44 -32.95
C GLU IA 135 -103.27 23.09 -33.93
N LYS IA 136 -102.02 23.11 -33.48
CA LYS IA 136 -100.95 22.82 -34.40
C LYS IA 136 -100.98 21.36 -34.82
N VAL IA 137 -101.12 21.13 -36.12
CA VAL IA 137 -101.21 19.78 -36.65
C VAL IA 137 -100.32 19.63 -37.85
N LEU IA 138 -99.29 18.83 -37.70
CA LEU IA 138 -98.28 18.68 -38.74
C LEU IA 138 -98.71 17.70 -39.80
N LEU IA 139 -99.41 16.66 -39.40
CA LEU IA 139 -99.71 15.62 -40.37
C LEU IA 139 -101.06 14.99 -40.17
N VAL IA 140 -101.82 14.78 -41.22
CA VAL IA 140 -103.00 13.92 -41.05
C VAL IA 140 -102.87 12.76 -41.99
N GLY IA 141 -103.35 11.60 -41.57
CA GLY IA 141 -103.23 10.45 -42.42
C GLY IA 141 -104.35 9.47 -42.23
N ALA IA 142 -104.55 8.71 -43.30
CA ALA IA 142 -105.57 7.68 -43.38
C ALA IA 142 -105.02 6.61 -44.29
N ASP IA 143 -105.66 5.46 -44.24
CA ASP IA 143 -105.20 4.28 -44.95
C ASP IA 143 -104.75 4.59 -46.39
N ASN IA 144 -105.55 5.36 -47.11
CA ASN IA 144 -105.22 5.65 -48.50
C ASN IA 144 -104.58 7.00 -48.82
N PHE IA 145 -104.45 7.89 -47.85
CA PHE IA 145 -103.85 9.19 -48.19
C PHE IA 145 -103.30 9.94 -46.99
N THR IA 146 -102.47 10.95 -47.28
CA THR IA 146 -101.85 11.75 -46.23
C THR IA 146 -101.74 13.22 -46.60
N LEU IA 147 -102.07 14.09 -45.66
CA LEU IA 147 -101.86 15.51 -45.82
C LEU IA 147 -100.68 15.95 -44.96
N LEU IA 148 -99.74 16.66 -45.57
CA LEU IA 148 -98.58 17.19 -44.86
C LEU IA 148 -98.68 18.70 -44.69
N GLY IA 149 -98.19 19.21 -43.57
CA GLY IA 149 -98.21 20.64 -43.34
C GLY IA 149 -96.90 21.29 -43.74
N LYS IA 150 -96.91 22.61 -43.93
CA LYS IA 150 -95.68 23.31 -44.28
C LYS IA 150 -95.41 24.56 -43.42
N PRO IA 151 -95.00 24.37 -42.16
CA PRO IA 151 -95.05 23.09 -41.47
C PRO IA 151 -96.32 22.93 -40.67
N LEU IA 152 -97.48 23.29 -41.20
CA LEU IA 152 -98.72 23.24 -40.43
C LEU IA 152 -99.91 23.12 -41.35
N LEU IA 153 -100.99 22.52 -40.85
CA LEU IA 153 -102.19 22.41 -41.64
C LEU IA 153 -103.10 23.58 -41.33
N GLY IA 154 -103.81 24.08 -42.34
CA GLY IA 154 -104.78 25.14 -42.12
C GLY IA 154 -105.89 24.69 -41.18
N LYS IA 155 -106.29 25.57 -40.27
CA LYS IA 155 -107.28 25.20 -39.26
C LYS IA 155 -108.64 24.84 -39.85
N GLU IA 156 -108.87 25.25 -41.09
CA GLU IA 156 -110.11 24.89 -41.77
C GLU IA 156 -110.06 23.45 -42.26
N LEU IA 157 -108.85 22.95 -42.43
CA LEU IA 157 -108.65 21.64 -43.04
C LEU IA 157 -108.84 20.47 -42.07
N VAL IA 158 -108.40 20.62 -40.83
CA VAL IA 158 -108.53 19.52 -39.87
C VAL IA 158 -108.71 20.00 -38.45
N ARG IA 159 -109.52 19.30 -37.68
CA ARG IA 159 -109.77 19.67 -36.31
C ARG IA 159 -109.70 18.44 -35.41
N VAL IA 160 -108.78 18.48 -34.43
CA VAL IA 160 -108.62 17.37 -33.49
C VAL IA 160 -108.97 17.81 -32.08
N GLU IA 161 -109.95 17.14 -31.49
CA GLU IA 161 -110.44 17.48 -30.16
C GLU IA 161 -110.07 16.43 -29.14
N ALA IA 162 -109.60 16.90 -27.99
CA ALA IA 162 -109.19 16.04 -26.90
C ALA IA 162 -109.81 16.50 -25.60
N THR IA 163 -110.07 15.55 -24.71
CA THR IA 163 -110.59 15.86 -23.39
C THR IA 163 -109.47 15.73 -22.37
N VAL IA 164 -109.45 16.57 -21.35
CA VAL IA 164 -108.51 16.34 -20.27
C VAL IA 164 -109.18 15.46 -19.25
N ILE IA 165 -108.65 14.26 -19.12
CA ILE IA 165 -109.12 13.32 -18.12
C ILE IA 165 -108.61 13.67 -16.75
N GLU IA 166 -107.28 13.63 -16.59
CA GLU IA 166 -106.74 13.59 -15.24
C GLU IA 166 -105.60 14.56 -14.95
N LYS IA 167 -105.80 15.47 -14.01
CA LYS IA 167 -104.67 16.25 -13.52
C LYS IA 167 -104.07 15.47 -12.37
N THR IA 168 -102.75 15.40 -12.32
CA THR IA 168 -102.10 14.59 -11.30
C THR IA 168 -100.67 15.05 -11.05
N GLU IA 169 -99.90 14.24 -10.33
CA GLU IA 169 -98.48 14.50 -10.19
C GLU IA 169 -97.69 13.23 -10.45
N SER IA 170 -96.46 13.42 -10.90
CA SER IA 170 -95.57 12.32 -11.22
C SER IA 170 -95.15 11.55 -9.97
N TRP IA 171 -94.68 10.32 -10.16
CA TRP IA 171 -94.05 9.59 -9.07
C TRP IA 171 -92.77 10.33 -8.67
N PRO IA 172 -92.24 10.10 -7.46
CA PRO IA 172 -91.05 10.85 -7.06
C PRO IA 172 -89.79 10.44 -7.83
N LYS IA 173 -89.07 11.41 -8.40
CA LYS IA 173 -87.86 11.11 -9.16
C LYS IA 173 -86.63 11.60 -8.42
N ILE IA 174 -85.81 10.69 -7.95
CA ILE IA 174 -84.66 11.07 -7.14
C ILE IA 174 -83.55 11.67 -8.00
N ASN IA 175 -82.89 12.68 -7.47
CA ASN IA 175 -81.79 13.33 -8.14
C ASN IA 175 -80.64 13.54 -7.18
N MET IA 176 -79.52 12.88 -7.42
CA MET IA 176 -78.42 12.86 -6.46
C MET IA 176 -77.09 13.27 -7.03
N LYS IA 177 -76.48 14.29 -6.46
CA LYS IA 177 -75.15 14.66 -6.88
C LYS IA 177 -74.15 14.15 -5.88
N PHE IA 178 -72.98 13.75 -6.36
CA PHE IA 178 -71.97 13.15 -5.50
C PHE IA 178 -70.60 13.45 -6.00
N GLN IA 179 -69.64 13.64 -5.10
CA GLN IA 179 -68.25 13.80 -5.57
C GLN IA 179 -67.23 13.10 -4.69
N LYS IA 180 -66.36 12.28 -5.29
CA LYS IA 180 -65.39 11.50 -4.53
C LYS IA 180 -64.62 12.34 -3.57
N ARG IA 181 -64.58 11.90 -2.31
CA ARG IA 181 -63.71 12.44 -1.26
C ARG IA 181 -63.63 13.96 -1.23
N LYS IA 182 -64.68 14.62 -1.66
CA LYS IA 182 -64.90 16.02 -1.37
C LYS IA 182 -65.95 16.20 -0.30
N ASN IA 183 -66.48 15.10 0.22
CA ASN IA 183 -67.59 15.16 1.16
C ASN IA 183 -68.75 15.98 0.62
N TYR IA 184 -69.20 15.67 -0.58
CA TYR IA 184 -70.33 16.40 -1.11
C TYR IA 184 -71.35 15.48 -1.75
N GLN IA 185 -72.51 15.43 -1.10
CA GLN IA 185 -73.71 14.80 -1.62
C GLN IA 185 -74.81 15.81 -1.62
N ARG IA 186 -75.76 15.63 -2.52
CA ARG IA 186 -77.00 16.35 -2.37
C ARG IA 186 -78.07 15.41 -2.87
N LYS IA 187 -79.22 15.40 -2.23
CA LYS IA 187 -80.31 14.55 -2.68
C LYS IA 187 -81.59 15.33 -2.74
N ARG IA 188 -82.15 15.45 -3.94
CA ARG IA 188 -83.39 16.17 -4.10
C ARG IA 188 -84.44 15.30 -4.77
N ILE IA 189 -85.66 15.31 -4.25
CA ILE IA 189 -86.73 14.52 -4.85
C ILE IA 189 -87.68 15.39 -5.65
N THR IA 190 -87.78 15.12 -6.95
CA THR IA 190 -88.64 15.90 -7.82
C THR IA 190 -90.03 15.29 -7.98
N VAL IA 191 -91.06 16.10 -7.79
CA VAL IA 191 -92.39 15.68 -8.18
C VAL IA 191 -92.99 16.69 -9.15
N ASN IA 192 -93.18 16.20 -10.35
CA ASN IA 192 -93.59 16.98 -11.49
C ASN IA 192 -95.11 16.91 -11.64
N PRO IA 193 -95.79 18.05 -11.81
CA PRO IA 193 -97.22 17.99 -12.13
C PRO IA 193 -97.50 17.44 -13.53
N GLN IA 194 -98.49 16.56 -13.65
CA GLN IA 194 -98.82 15.90 -14.91
C GLN IA 194 -100.26 16.09 -15.33
N THR IA 195 -100.52 15.94 -16.63
CA THR IA 195 -101.88 16.04 -17.13
C THR IA 195 -102.17 14.98 -18.20
N VAL IA 196 -103.19 14.15 -17.98
CA VAL IA 196 -103.55 13.12 -18.94
C VAL IA 196 -104.73 13.50 -19.79
N LEU IA 197 -104.47 13.57 -21.11
CA LEU IA 197 -105.48 13.86 -22.10
C LEU IA 197 -105.95 12.62 -22.85
N ARG IA 198 -107.26 12.49 -23.01
CA ARG IA 198 -107.83 11.52 -23.93
C ARG IA 198 -108.12 12.24 -25.20
N ILE IA 199 -107.48 11.88 -26.30
CA ILE IA 199 -107.86 12.57 -27.50
C ILE IA 199 -109.14 11.89 -27.98
N ASN IA 200 -110.10 12.71 -28.42
CA ASN IA 200 -111.44 12.24 -28.72
C ASN IA 200 -111.65 11.97 -30.18
N SER IA 201 -111.49 13.00 -30.99
CA SER IA 201 -111.82 12.84 -32.38
C SER IA 201 -110.92 13.60 -33.32
N ILE IA 202 -110.61 12.99 -34.46
CA ILE IA 202 -109.97 13.71 -35.53
C ILE IA 202 -110.95 13.84 -36.68
N GLU IA 203 -111.37 15.06 -36.98
CA GLU IA 203 -112.27 15.31 -38.09
C GLU IA 203 -111.53 16.07 -39.17
N ILE IA 204 -111.91 15.82 -40.41
CA ILE IA 204 -111.19 16.41 -41.52
C ILE IA 204 -112.19 16.94 -42.55
N ALA IA 205 -112.10 18.22 -42.85
CA ALA IA 205 -113.10 18.87 -43.70
C ALA IA 205 -112.71 18.82 -45.18
N PRO IA 206 -113.71 18.71 -46.06
CA PRO IA 206 -113.49 18.53 -47.50
C PRO IA 206 -112.72 19.65 -48.20
N CYS IA 207 -112.56 20.81 -47.56
CA CYS IA 207 -112.02 21.95 -48.29
C CYS IA 207 -110.51 21.81 -48.48
N LEU IA 208 -110.11 21.66 -49.74
CA LEU IA 208 -108.74 21.45 -50.10
C LEU IA 208 -108.59 21.93 -51.53
N CYS IA 209 -107.43 22.49 -51.88
CA CYS IA 209 -107.27 23.06 -53.21
C CYS IA 209 -105.92 22.70 -53.86
N ILE JA 45 -83.83 -17.67 23.67
CA ILE JA 45 -84.26 -18.80 22.85
C ILE JA 45 -85.67 -18.63 22.32
N SER JA 46 -86.02 -19.42 21.33
CA SER JA 46 -87.37 -19.38 20.79
C SER JA 46 -87.90 -20.78 20.52
N ARG JA 47 -89.02 -21.15 21.12
CA ARG JA 47 -89.60 -22.46 20.83
C ARG JA 47 -90.98 -22.31 20.21
N LYS JA 48 -91.07 -22.56 18.92
CA LYS JA 48 -92.28 -22.28 18.14
C LYS JA 48 -92.78 -23.58 17.58
N TRP JA 49 -91.87 -24.25 16.90
CA TRP JA 49 -92.11 -25.52 16.23
C TRP JA 49 -92.95 -26.46 17.07
N GLU JA 50 -92.71 -26.45 18.37
CA GLU JA 50 -93.48 -27.29 19.29
C GLU JA 50 -94.96 -26.94 19.35
N LYS JA 51 -95.27 -25.65 19.29
CA LYS JA 51 -96.66 -25.20 19.41
C LYS JA 51 -97.46 -25.46 18.14
N LYS JA 52 -96.77 -25.83 17.05
CA LYS JA 52 -97.45 -26.04 15.78
C LYS JA 52 -98.38 -27.23 15.82
N ASN JA 53 -98.13 -28.14 16.76
CA ASN JA 53 -98.98 -29.30 16.94
C ASN JA 53 -100.25 -28.99 17.69
N LYS JA 54 -100.32 -27.81 18.30
CA LYS JA 54 -101.42 -27.51 19.19
C LYS JA 54 -102.54 -26.77 18.47
N ILE JA 55 -102.36 -26.53 17.18
CA ILE JA 55 -103.38 -25.87 16.39
C ILE JA 55 -104.60 -26.77 16.18
N VAL JA 56 -105.79 -26.21 16.34
CA VAL JA 56 -107.00 -26.95 16.01
C VAL JA 56 -107.76 -26.30 14.88
N TYR JA 57 -108.09 -27.09 13.86
CA TYR JA 57 -108.85 -26.61 12.72
C TYR JA 57 -110.35 -26.74 12.97
N PRO JA 58 -111.15 -25.93 12.26
CA PRO JA 58 -112.60 -26.12 12.26
C PRO JA 58 -113.00 -27.35 11.45
N PRO JA 59 -114.02 -28.08 11.91
CA PRO JA 59 -114.44 -29.34 11.29
C PRO JA 59 -114.76 -29.21 9.81
N GLN JA 60 -114.63 -30.33 9.11
CA GLN JA 60 -114.77 -30.37 7.67
C GLN JA 60 -116.23 -30.52 7.26
N LEU JA 61 -116.72 -29.58 6.46
CA LEU JA 61 -118.02 -29.76 5.82
C LEU JA 61 -117.95 -30.94 4.87
N PRO JA 62 -118.95 -31.83 4.92
CA PRO JA 62 -118.93 -33.01 4.04
C PRO JA 62 -118.95 -32.62 2.57
N GLY JA 63 -118.21 -33.35 1.74
CA GLY JA 63 -118.10 -33.04 0.33
C GLY JA 63 -116.78 -32.36 -0.03
N GLU JA 64 -116.11 -31.81 0.98
CA GLU JA 64 -114.79 -31.23 0.82
C GLU JA 64 -113.73 -32.32 0.88
N PRO JA 65 -112.56 -32.10 0.25
CA PRO JA 65 -111.49 -33.10 0.31
C PRO JA 65 -110.93 -33.28 1.72
N ARG JA 66 -110.67 -34.53 2.10
CA ARG JA 66 -110.14 -34.84 3.42
C ARG JA 66 -108.74 -34.27 3.62
N ARG JA 67 -108.57 -33.50 4.69
CA ARG JA 67 -107.29 -32.84 4.94
C ARG JA 67 -106.24 -33.79 5.53
N PRO JA 68 -105.05 -33.82 4.90
CA PRO JA 68 -103.95 -34.69 5.33
C PRO JA 68 -103.31 -34.23 6.63
N ALA JA 69 -103.00 -35.18 7.50
CA ALA JA 69 -102.42 -34.90 8.81
C ALA JA 69 -101.03 -34.30 8.73
N GLU JA 70 -100.68 -33.46 9.71
CA GLU JA 70 -99.36 -32.85 9.78
C GLU JA 70 -98.83 -32.93 11.19
N ILE JA 71 -97.63 -33.50 11.33
CA ILE JA 71 -97.04 -33.67 12.63
C ILE JA 71 -95.71 -32.98 12.68
N TYR JA 72 -95.62 -31.97 13.52
CA TYR JA 72 -94.37 -31.27 13.73
C TYR JA 72 -93.67 -31.86 14.93
N HIS JA 73 -92.38 -32.13 14.81
CA HIS JA 73 -91.66 -32.66 15.93
C HIS JA 73 -90.21 -32.24 15.83
N CYS JA 74 -89.53 -32.17 16.96
CA CYS JA 74 -88.14 -31.74 16.93
C CYS JA 74 -87.35 -32.19 18.15
N ARG JA 75 -86.05 -32.12 18.04
CA ARG JA 75 -85.20 -32.40 19.19
C ARG JA 75 -84.23 -31.25 19.38
N ARG JA 76 -84.14 -30.75 20.61
CA ARG JA 76 -83.36 -29.55 20.87
C ARG JA 76 -82.00 -29.82 21.49
N GLN JA 77 -81.03 -29.01 21.12
CA GLN JA 77 -79.74 -28.97 21.80
C GLN JA 77 -79.02 -30.31 21.75
N ILE JA 78 -78.86 -30.84 20.55
CA ILE JA 78 -78.07 -32.04 20.27
C ILE JA 78 -76.58 -31.69 20.22
N LYS JA 79 -75.71 -32.65 20.53
CA LYS JA 79 -74.29 -32.36 20.61
C LYS JA 79 -73.61 -32.44 19.25
N TYR JA 80 -74.39 -32.68 18.21
CA TYR JA 80 -73.89 -32.62 16.85
C TYR JA 80 -73.67 -31.19 16.35
N SER JA 81 -72.83 -31.01 15.34
CA SER JA 81 -72.75 -29.73 14.64
C SER JA 81 -74.00 -29.47 13.81
N LYS JA 82 -74.22 -28.22 13.46
CA LYS JA 82 -75.39 -27.86 12.68
C LYS JA 82 -75.27 -28.30 11.22
N ASP JA 83 -74.06 -28.18 10.66
CA ASP JA 83 -73.85 -28.47 9.24
C ASP JA 83 -73.77 -29.94 8.92
N LYS JA 84 -72.97 -30.63 9.71
CA LYS JA 84 -72.86 -32.06 9.62
C LYS JA 84 -74.26 -32.63 9.64
N MET JA 85 -75.09 -32.07 10.53
CA MET JA 85 -76.47 -32.47 10.65
C MET JA 85 -77.26 -32.10 9.42
N TRP JA 86 -76.96 -30.95 8.81
CA TRP JA 86 -77.70 -30.53 7.62
C TRP JA 86 -77.65 -31.57 6.54
N TYR JA 87 -76.50 -32.18 6.33
CA TYR JA 87 -76.45 -33.20 5.28
C TYR JA 87 -77.46 -34.31 5.51
N LEU JA 88 -77.50 -34.81 6.73
CA LEU JA 88 -78.43 -35.86 7.08
C LEU JA 88 -79.87 -35.43 6.89
N ALA JA 89 -80.19 -34.23 7.36
CA ALA JA 89 -81.55 -33.73 7.24
C ALA JA 89 -81.97 -33.59 5.78
N LYS JA 90 -81.03 -33.20 4.93
CA LYS JA 90 -81.29 -33.00 3.51
C LYS JA 90 -81.56 -34.32 2.81
N LEU JA 91 -80.78 -35.32 3.18
CA LEU JA 91 -80.90 -36.65 2.59
C LEU JA 91 -82.32 -37.20 2.60
N ILE JA 92 -83.01 -37.06 3.72
CA ILE JA 92 -84.28 -37.72 3.87
C ILE JA 92 -85.49 -36.88 3.52
N ARG JA 93 -85.28 -35.69 2.96
CA ARG JA 93 -86.41 -34.87 2.52
C ARG JA 93 -87.22 -35.54 1.43
N GLY JA 94 -88.53 -35.60 1.63
CA GLY JA 94 -89.43 -36.09 0.61
C GLY JA 94 -89.42 -37.60 0.44
N MET JA 95 -88.73 -38.31 1.32
CA MET JA 95 -88.79 -39.76 1.35
C MET JA 95 -89.97 -40.23 2.18
N SER JA 96 -90.54 -41.37 1.82
CA SER JA 96 -91.50 -42.04 2.69
C SER JA 96 -90.78 -42.43 3.97
N ILE JA 97 -91.48 -42.38 5.10
CA ILE JA 97 -90.80 -42.51 6.39
C ILE JA 97 -90.02 -43.81 6.51
N ASP JA 98 -90.52 -44.88 5.91
CA ASP JA 98 -89.82 -46.16 6.00
C ASP JA 98 -88.53 -46.12 5.20
N GLN JA 99 -88.58 -45.45 4.07
CA GLN JA 99 -87.41 -45.30 3.24
C GLN JA 99 -86.34 -44.52 4.00
N ALA JA 100 -86.75 -43.43 4.64
CA ALA JA 100 -85.85 -42.63 5.43
C ALA JA 100 -85.23 -43.42 6.56
N LEU JA 101 -86.05 -44.19 7.26
CA LEU JA 101 -85.53 -45.01 8.35
C LEU JA 101 -84.50 -46.00 7.84
N ALA JA 102 -84.78 -46.57 6.68
CA ALA JA 102 -83.86 -47.50 6.07
C ALA JA 102 -82.53 -46.82 5.77
N GLN JA 103 -82.58 -45.68 5.10
CA GLN JA 103 -81.36 -44.96 4.73
C GLN JA 103 -80.54 -44.57 5.93
N LEU JA 104 -81.20 -44.11 6.98
CA LEU JA 104 -80.50 -43.68 8.18
C LEU JA 104 -79.84 -44.83 8.88
N GLU JA 105 -80.54 -45.95 8.90
CA GLU JA 105 -80.07 -47.14 9.60
C GLU JA 105 -78.61 -47.47 9.32
N PHE JA 106 -78.20 -47.31 8.08
CA PHE JA 106 -76.86 -47.72 7.69
C PHE JA 106 -75.84 -46.60 7.56
N SER JA 107 -76.26 -45.36 7.81
CA SER JA 107 -75.30 -44.26 7.79
C SER JA 107 -74.36 -44.40 8.96
N ASP JA 108 -73.12 -43.97 8.78
CA ASP JA 108 -72.16 -44.07 9.84
C ASP JA 108 -72.06 -42.79 10.66
N LYS JA 109 -72.82 -41.78 10.26
CA LYS JA 109 -72.79 -40.51 10.97
C LYS JA 109 -73.39 -40.65 12.36
N LYS JA 110 -72.89 -39.87 13.30
CA LYS JA 110 -73.37 -39.89 14.68
C LYS JA 110 -74.77 -39.33 14.73
N GLY JA 111 -75.04 -38.38 13.84
CA GLY JA 111 -76.32 -37.72 13.80
C GLY JA 111 -77.41 -38.63 13.31
N ALA JA 112 -77.03 -39.61 12.50
CA ALA JA 112 -77.98 -40.52 11.89
C ALA JA 112 -78.89 -41.16 12.91
N GLN JA 113 -78.31 -41.67 13.99
CA GLN JA 113 -79.12 -42.33 14.98
C GLN JA 113 -80.02 -41.36 15.73
N ILE JA 114 -79.58 -40.13 15.91
CA ILE JA 114 -80.42 -39.12 16.54
C ILE JA 114 -81.65 -38.89 15.70
N ILE JA 115 -81.44 -38.59 14.42
CA ILE JA 115 -82.56 -38.34 13.54
C ILE JA 115 -83.49 -39.53 13.49
N LYS JA 116 -82.92 -40.72 13.47
CA LYS JA 116 -83.75 -41.93 13.47
C LYS JA 116 -84.65 -41.99 14.70
N GLU JA 117 -84.08 -41.73 15.87
CA GLU JA 117 -84.90 -41.74 17.08
C GLU JA 117 -86.02 -40.71 16.98
N VAL JA 118 -85.69 -39.53 16.48
CA VAL JA 118 -86.69 -38.49 16.32
C VAL JA 118 -87.82 -38.92 15.40
N LEU JA 119 -87.48 -39.55 14.28
CA LEU JA 119 -88.48 -40.03 13.34
C LEU JA 119 -89.38 -41.08 13.96
N LEU JA 120 -88.80 -42.01 14.71
CA LEU JA 120 -89.63 -43.02 15.36
C LEU JA 120 -90.61 -42.39 16.34
N GLU JA 121 -90.11 -41.48 17.16
CA GLU JA 121 -90.97 -40.75 18.09
C GLU JA 121 -92.09 -40.02 17.35
N ALA JA 122 -91.76 -39.43 16.21
CA ALA JA 122 -92.73 -38.71 15.42
C ALA JA 122 -93.81 -39.65 14.89
N GLN JA 123 -93.38 -40.82 14.43
CA GLN JA 123 -94.30 -41.84 13.94
C GLN JA 123 -95.31 -42.21 15.02
N ASP JA 124 -94.81 -42.59 16.18
CA ASP JA 124 -95.70 -43.00 17.25
C ASP JA 124 -96.61 -41.85 17.72
N MET JA 125 -96.09 -40.64 17.72
CA MET JA 125 -96.93 -39.48 17.99
C MET JA 125 -98.06 -39.40 16.99
N ALA JA 126 -97.73 -39.68 15.73
CA ALA JA 126 -98.68 -39.52 14.65
C ALA JA 126 -99.81 -40.51 14.78
N VAL JA 127 -99.49 -41.73 15.17
CA VAL JA 127 -100.55 -42.73 15.30
C VAL JA 127 -101.34 -42.57 16.59
N ARG JA 128 -100.64 -42.31 17.70
CA ARG JA 128 -101.28 -42.22 19.00
C ARG JA 128 -102.04 -40.91 19.21
N ASP JA 129 -101.33 -39.79 19.28
CA ASP JA 129 -101.91 -38.49 19.61
C ASP JA 129 -102.78 -37.87 18.53
N HIS JA 130 -102.23 -37.70 17.34
CA HIS JA 130 -103.05 -37.25 16.22
C HIS JA 130 -103.67 -38.51 15.67
N ASN JA 131 -104.57 -38.41 14.72
CA ASN JA 131 -105.24 -39.64 14.37
C ASN JA 131 -104.84 -39.98 12.95
N VAL JA 132 -104.00 -40.99 12.87
CA VAL JA 132 -103.46 -41.46 11.60
C VAL JA 132 -103.49 -42.98 11.59
N GLU JA 133 -104.25 -43.57 10.71
CA GLU JA 133 -104.09 -44.99 10.48
C GLU JA 133 -102.89 -45.18 9.57
N PHE JA 134 -102.32 -46.39 9.58
CA PHE JA 134 -101.19 -46.71 8.71
C PHE JA 134 -99.94 -45.89 9.00
N ARG JA 135 -99.22 -46.26 10.04
CA ARG JA 135 -97.98 -45.58 10.38
C ARG JA 135 -96.96 -45.57 9.25
N SER JA 136 -97.18 -46.37 8.21
CA SER JA 136 -96.29 -46.36 7.06
C SER JA 136 -96.70 -45.31 6.03
N ASN JA 137 -97.78 -44.59 6.33
CA ASN JA 137 -98.37 -43.67 5.37
C ASN JA 137 -97.82 -42.25 5.48
N LEU JA 138 -96.77 -42.07 6.26
CA LEU JA 138 -96.15 -40.77 6.41
C LEU JA 138 -94.94 -40.55 5.52
N TYR JA 139 -94.77 -39.33 5.01
CA TYR JA 139 -93.53 -38.94 4.34
C TYR JA 139 -92.95 -37.72 5.01
N VAL JA 140 -91.70 -37.42 4.71
CA VAL JA 140 -91.03 -36.31 5.35
C VAL JA 140 -91.20 -35.04 4.53
N ALA JA 141 -91.98 -34.11 5.06
CA ALA JA 141 -92.26 -32.86 4.39
C ALA JA 141 -91.11 -31.92 4.59
N GLU JA 142 -90.84 -31.61 5.85
CA GLU JA 142 -89.71 -30.72 6.09
C GLU JA 142 -88.70 -31.30 7.02
N SER JA 143 -87.43 -31.17 6.68
CA SER JA 143 -86.40 -31.65 7.57
C SER JA 143 -85.25 -30.69 7.54
N THR JA 144 -84.84 -30.20 8.71
CA THR JA 144 -83.79 -29.20 8.71
C THR JA 144 -83.05 -29.07 10.04
N SER JA 145 -81.90 -28.41 10.02
CA SER JA 145 -81.11 -28.23 11.23
C SER JA 145 -80.94 -26.77 11.58
N GLY JA 146 -81.24 -26.42 12.83
CA GLY JA 146 -80.97 -25.07 13.29
C GLY JA 146 -79.75 -25.08 14.20
N ARG JA 147 -79.23 -23.91 14.54
CA ARG JA 147 -78.11 -23.88 15.46
C ARG JA 147 -78.64 -23.70 16.87
N GLY JA 148 -77.99 -24.33 17.84
CA GLY JA 148 -78.39 -24.19 19.24
C GLY JA 148 -77.54 -23.17 19.97
N GLN JA 149 -77.59 -23.17 21.30
CA GLN JA 149 -76.69 -22.29 22.04
C GLN JA 149 -75.34 -22.95 22.26
N TYR JA 150 -74.27 -22.23 21.94
CA TYR JA 150 -72.94 -22.79 22.00
C TYR JA 150 -72.27 -22.51 23.33
N LEU JA 151 -71.45 -23.44 23.80
CA LEU JA 151 -70.53 -23.16 24.91
C LEU JA 151 -69.21 -22.62 24.41
N LYS JA 152 -68.59 -21.71 25.14
CA LYS JA 152 -67.27 -21.22 24.72
C LYS JA 152 -66.13 -21.69 25.64
N ARG JA 153 -65.06 -22.17 25.03
CA ARG JA 153 -63.93 -22.74 25.72
C ARG JA 153 -62.63 -22.23 25.15
N ILE JA 154 -61.53 -22.48 25.82
CA ILE JA 154 -60.22 -22.08 25.33
C ILE JA 154 -59.59 -23.19 24.51
N ARG JA 155 -58.91 -22.85 23.43
CA ARG JA 155 -58.08 -23.83 22.78
C ARG JA 155 -56.63 -23.39 22.72
N TYR JA 156 -55.75 -24.10 23.41
CA TYR JA 156 -54.39 -23.65 23.62
C TYR JA 156 -53.53 -23.76 22.39
N HIS JA 157 -52.55 -22.88 22.22
CA HIS JA 157 -51.76 -22.99 21.01
C HIS JA 157 -50.28 -23.25 21.18
N GLY JA 158 -49.52 -22.23 21.50
CA GLY JA 158 -48.09 -22.38 21.63
C GLY JA 158 -47.58 -20.98 21.53
N ARG JA 159 -46.34 -20.75 21.96
CA ARG JA 159 -45.89 -19.39 22.19
C ARG JA 159 -46.92 -18.62 23.02
N GLY JA 160 -47.64 -19.33 23.89
CA GLY JA 160 -48.59 -18.71 24.77
C GLY JA 160 -49.80 -18.09 24.12
N ARG JA 161 -49.99 -18.34 22.83
CA ARG JA 161 -51.19 -17.92 22.14
C ARG JA 161 -52.35 -18.87 22.40
N PHE JA 162 -53.57 -18.39 22.19
CA PHE JA 162 -54.74 -19.24 22.28
C PHE JA 162 -55.75 -18.86 21.23
N GLY JA 163 -56.54 -19.84 20.81
CA GLY JA 163 -57.72 -19.56 20.02
C GLY JA 163 -58.93 -19.75 20.90
N ILE JA 164 -60.09 -19.32 20.44
CA ILE JA 164 -61.27 -19.48 21.26
C ILE JA 164 -62.27 -20.39 20.55
N MET JA 165 -62.57 -21.49 21.23
CA MET JA 165 -63.22 -22.68 20.69
C MET JA 165 -64.67 -22.77 21.11
N GLU JA 166 -65.52 -23.31 20.26
CA GLU JA 166 -66.92 -23.38 20.58
C GLU JA 166 -67.44 -24.80 20.60
N LYS JA 167 -67.82 -25.27 21.78
CA LYS JA 167 -68.56 -26.52 21.86
C LYS JA 167 -69.92 -26.26 21.25
N VAL JA 168 -70.25 -27.07 20.25
CA VAL JA 168 -71.32 -26.76 19.33
C VAL JA 168 -72.56 -27.58 19.59
N PHE JA 169 -73.73 -26.97 19.46
CA PHE JA 169 -74.99 -27.69 19.60
C PHE JA 169 -75.91 -27.35 18.45
N CYS JA 170 -76.97 -28.13 18.28
CA CYS JA 170 -77.89 -27.88 17.18
C CYS JA 170 -79.28 -28.44 17.41
N HIS JA 171 -80.25 -27.99 16.64
CA HIS JA 171 -81.60 -28.53 16.72
C HIS JA 171 -81.93 -29.28 15.49
N TYR JA 172 -82.71 -30.33 15.63
CA TYR JA 172 -83.21 -30.98 14.44
C TYR JA 172 -84.73 -30.89 14.35
N PHE JA 173 -85.21 -30.37 13.23
CA PHE JA 173 -86.64 -30.22 12.96
C PHE JA 173 -87.15 -31.17 11.92
N VAL JA 174 -88.34 -31.71 12.15
CA VAL JA 174 -88.99 -32.52 11.14
C VAL JA 174 -90.50 -32.27 11.14
N LYS JA 175 -91.08 -32.32 9.95
CA LYS JA 175 -92.52 -32.24 9.76
C LYS JA 175 -92.94 -33.35 8.85
N LEU JA 176 -93.79 -34.23 9.36
CA LEU JA 176 -94.31 -35.37 8.65
C LEU JA 176 -95.71 -35.11 8.15
N VAL JA 177 -96.03 -35.62 6.98
CA VAL JA 177 -97.35 -35.42 6.42
C VAL JA 177 -97.94 -36.77 6.04
N GLU JA 178 -99.25 -36.92 6.21
CA GLU JA 178 -99.89 -38.19 5.92
C GLU JA 178 -100.24 -38.32 4.45
N GLY JA 179 -99.67 -39.34 3.80
CA GLY JA 179 -99.95 -39.60 2.41
C GLY JA 179 -98.77 -40.26 1.73
N PRO JA 180 -98.92 -40.59 0.44
CA PRO JA 180 -97.76 -41.08 -0.30
C PRO JA 180 -96.84 -39.91 -0.62
N PRO JA 181 -95.55 -40.19 -0.85
CA PRO JA 181 -94.62 -39.11 -1.15
C PRO JA 181 -94.95 -38.44 -2.47
N PRO JA 182 -94.90 -37.12 -2.52
CA PRO JA 182 -95.13 -36.39 -3.78
C PRO JA 182 -94.05 -36.74 -4.78
N PRO JA 183 -94.44 -36.90 -6.06
CA PRO JA 183 -93.54 -37.39 -7.12
C PRO JA 183 -92.39 -36.44 -7.41
N ARG JA 184 -91.19 -36.99 -7.55
CA ARG JA 184 -90.01 -36.19 -7.87
C ARG JA 184 -90.05 -35.68 -9.30
N GLU JA 185 -89.73 -34.41 -9.50
CA GLU JA 185 -89.86 -33.76 -10.79
C GLU JA 185 -88.83 -34.23 -11.82
N ALA JA 186 -89.32 -34.68 -12.97
CA ALA JA 186 -88.44 -35.04 -14.08
C ALA JA 186 -87.92 -33.76 -14.73
N PRO JA 187 -86.65 -33.78 -15.16
CA PRO JA 187 -86.05 -32.61 -15.82
C PRO JA 187 -86.77 -32.30 -17.13
N LYS JA 188 -86.63 -31.08 -17.63
CA LYS JA 188 -87.39 -30.65 -18.80
C LYS JA 188 -87.07 -31.46 -20.05
N THR JA 189 -88.12 -31.91 -20.72
CA THR JA 189 -87.99 -32.59 -22.00
C THR JA 189 -87.59 -31.58 -23.07
N ALA JA 190 -86.99 -32.05 -24.15
CA ALA JA 190 -86.67 -31.20 -25.29
C ALA JA 190 -87.89 -30.44 -25.77
N VAL JA 191 -89.02 -31.13 -25.77
CA VAL JA 191 -90.30 -30.54 -26.16
C VAL JA 191 -90.63 -29.34 -25.30
N ALA JA 192 -90.41 -29.47 -23.99
CA ALA JA 192 -90.73 -28.41 -23.04
C ALA JA 192 -89.86 -27.19 -23.28
N HIS JA 193 -88.57 -27.41 -23.41
CA HIS JA 193 -87.63 -26.34 -23.69
C HIS JA 193 -88.06 -25.60 -24.94
N ALA JA 194 -88.31 -26.34 -26.02
CA ALA JA 194 -88.68 -25.73 -27.28
C ALA JA 194 -89.97 -24.91 -27.15
N ARG JA 195 -90.96 -25.47 -26.47
CA ARG JA 195 -92.18 -24.71 -26.18
C ARG JA 195 -91.85 -23.39 -25.52
N GLU JA 196 -91.11 -23.42 -24.42
CA GLU JA 196 -90.76 -22.19 -23.70
C GLU JA 196 -90.03 -21.17 -24.55
N TYR JA 197 -89.11 -21.65 -25.39
CA TYR JA 197 -88.38 -20.75 -26.25
C TYR JA 197 -89.29 -20.08 -27.24
N ILE JA 198 -90.12 -20.87 -27.90
CA ILE JA 198 -91.08 -20.32 -28.83
C ILE JA 198 -91.96 -19.29 -28.14
N GLN JA 199 -92.52 -19.65 -26.99
CA GLN JA 199 -93.40 -18.75 -26.27
C GLN JA 199 -92.70 -17.45 -25.95
N GLU JA 200 -91.43 -17.53 -25.60
CA GLU JA 200 -90.66 -16.32 -25.34
C GLU JA 200 -90.51 -15.49 -26.60
N LEU JA 201 -90.19 -16.13 -27.72
CA LEU JA 201 -90.08 -15.41 -28.99
C LEU JA 201 -91.37 -14.71 -29.30
N ARG JA 202 -92.46 -15.33 -28.87
CA ARG JA 202 -93.77 -14.87 -29.19
C ARG JA 202 -94.20 -13.75 -28.26
N ASN JA 203 -93.53 -13.63 -27.13
CA ASN JA 203 -93.87 -12.58 -26.19
C ASN JA 203 -93.24 -11.24 -26.54
N ARG JA 204 -92.38 -11.22 -27.55
CA ARG JA 204 -91.65 -10.01 -27.92
C ARG JA 204 -92.59 -8.87 -28.30
N THR JA 205 -92.14 -7.65 -28.08
CA THR JA 205 -92.94 -6.47 -28.37
C THR JA 205 -92.07 -5.42 -29.01
N ILE JA 206 -92.66 -4.56 -29.83
CA ILE JA 206 -91.87 -3.48 -30.37
C ILE JA 206 -91.57 -2.49 -29.25
N THR JA 207 -90.30 -2.20 -29.05
CA THR JA 207 -89.83 -1.55 -27.83
C THR JA 207 -89.62 -0.05 -28.00
N HIS JA 208 -90.09 0.72 -27.02
CA HIS JA 208 -89.99 2.18 -27.07
C HIS JA 208 -90.61 2.70 -28.37
N ALA JA 209 -91.64 1.99 -28.81
CA ALA JA 209 -92.00 2.05 -30.21
C ALA JA 209 -93.10 2.99 -30.62
N LEU JA 210 -93.88 3.50 -29.69
CA LEU JA 210 -95.04 4.24 -30.16
C LEU JA 210 -94.95 5.73 -29.84
N ALA KA 2 -63.62 -28.18 78.88
CA ALA KA 2 -64.49 -27.11 78.40
C ALA KA 2 -63.85 -26.27 77.31
N ARG KA 3 -64.66 -25.73 76.39
CA ARG KA 3 -64.14 -25.04 75.20
C ARG KA 3 -64.62 -23.62 75.07
N ASN KA 4 -63.87 -22.81 74.31
CA ASN KA 4 -64.21 -21.40 74.08
C ASN KA 4 -64.08 -20.57 75.33
N VAL KA 5 -63.66 -21.20 76.41
CA VAL KA 5 -63.56 -20.52 77.69
C VAL KA 5 -62.11 -20.38 78.10
N LEU KA 6 -61.82 -19.32 78.85
CA LEU KA 6 -60.53 -19.09 79.43
C LEU KA 6 -60.18 -20.14 80.48
N TYR KA 7 -58.91 -20.53 80.58
CA TYR KA 7 -58.48 -21.43 81.66
C TYR KA 7 -57.56 -20.63 82.56
N PRO KA 8 -57.61 -20.91 83.87
CA PRO KA 8 -56.72 -20.18 84.76
C PRO KA 8 -55.30 -20.61 84.55
N LEU KA 9 -54.39 -19.65 84.46
CA LEU KA 9 -52.98 -19.93 84.30
C LEU KA 9 -52.48 -20.75 85.46
N TYR KA 10 -51.70 -21.79 85.18
CA TYR KA 10 -51.21 -22.63 86.26
C TYR KA 10 -49.79 -22.27 86.66
N GLN KA 11 -49.60 -21.95 87.92
CA GLN KA 11 -48.27 -21.86 88.46
C GLN KA 11 -48.11 -22.89 89.57
N LEU KA 12 -46.92 -23.00 90.12
CA LEU KA 12 -46.61 -24.11 91.01
C LEU KA 12 -47.36 -24.05 92.32
N GLY KA 13 -48.08 -25.11 92.63
CA GLY KA 13 -48.84 -25.20 93.87
C GLY KA 13 -50.23 -24.60 93.79
N ASN KA 14 -50.79 -24.59 92.58
CA ASN KA 14 -52.12 -24.07 92.34
C ASN KA 14 -53.20 -25.11 92.62
N PRO KA 15 -54.46 -24.67 92.82
CA PRO KA 15 -55.60 -25.56 92.98
C PRO KA 15 -55.82 -26.45 91.78
N GLN KA 16 -56.44 -27.60 92.01
CA GLN KA 16 -56.83 -28.46 90.92
C GLN KA 16 -57.90 -27.78 90.09
N LEU KA 17 -57.67 -27.72 88.79
CA LEU KA 17 -58.61 -27.09 87.88
C LEU KA 17 -59.85 -27.94 87.67
N ARG KA 18 -61.02 -27.35 87.83
CA ARG KA 18 -62.26 -28.11 87.69
C ARG KA 18 -63.20 -27.46 86.71
N VAL KA 19 -63.89 -28.29 85.94
CA VAL KA 19 -64.93 -27.81 85.08
C VAL KA 19 -66.25 -28.39 85.53
N PHE KA 20 -67.16 -27.53 85.96
CA PHE KA 20 -68.43 -28.01 86.51
C PHE KA 20 -69.47 -28.34 85.46
N ARG KA 21 -69.66 -27.46 84.48
CA ARG KA 21 -70.54 -27.80 83.36
C ARG KA 21 -69.71 -27.85 82.10
N THR KA 22 -69.49 -29.05 81.56
CA THR KA 22 -68.62 -29.15 80.40
C THR KA 22 -69.31 -28.66 79.15
N ASN KA 23 -68.52 -28.04 78.30
CA ASN KA 23 -69.02 -27.47 77.08
C ASN KA 23 -69.12 -28.45 75.95
N PHE KA 24 -68.40 -29.57 76.06
CA PHE KA 24 -68.16 -30.43 74.92
C PHE KA 24 -69.37 -31.24 74.51
N PHE KA 25 -69.28 -31.88 73.35
CA PHE KA 25 -70.35 -32.69 72.81
C PHE KA 25 -69.75 -33.70 71.87
N ILE KA 26 -70.43 -34.83 71.71
CA ILE KA 26 -69.76 -35.99 71.17
C ILE KA 26 -70.69 -36.79 70.28
N GLN KA 27 -70.20 -37.24 69.15
CA GLN KA 27 -70.99 -38.19 68.38
C GLN KA 27 -70.34 -39.55 68.36
N LEU KA 28 -71.10 -40.57 68.72
CA LEU KA 28 -70.64 -41.93 68.50
C LEU KA 28 -70.97 -42.27 67.05
N VAL KA 29 -69.97 -42.66 66.27
CA VAL KA 29 -70.17 -42.89 64.85
C VAL KA 29 -69.80 -44.30 64.41
N ARG KA 30 -70.42 -44.77 63.34
CA ARG KA 30 -70.08 -46.08 62.78
C ARG KA 30 -68.83 -45.97 61.92
N PRO KA 31 -67.84 -46.83 62.18
CA PRO KA 31 -66.58 -46.83 61.44
C PRO KA 31 -66.78 -47.05 59.96
N GLY KA 32 -66.00 -46.38 59.13
CA GLY KA 32 -66.09 -46.54 57.69
C GLY KA 32 -65.29 -47.74 57.23
N THR KA 33 -64.37 -48.19 58.07
CA THR KA 33 -63.49 -49.31 57.76
C THR KA 33 -63.69 -50.38 58.83
N ALA KA 34 -63.22 -51.60 58.57
CA ALA KA 34 -63.32 -52.67 59.57
C ALA KA 34 -62.51 -52.31 60.80
N GLN KA 35 -63.06 -52.61 61.98
CA GLN KA 35 -62.39 -52.28 63.23
C GLN KA 35 -62.53 -53.40 64.24
N PRO KA 36 -61.51 -53.60 65.09
CA PRO KA 36 -61.59 -54.64 66.13
C PRO KA 36 -62.73 -54.36 67.11
N GLU KA 37 -63.22 -55.40 67.78
CA GLU KA 37 -64.41 -55.25 68.64
C GLU KA 37 -64.11 -54.36 69.84
N ASP KA 38 -62.84 -54.29 70.21
CA ASP KA 38 -62.38 -53.40 71.27
C ASP KA 38 -62.79 -51.96 71.03
N THR KA 39 -62.89 -51.59 69.76
CA THR KA 39 -62.79 -50.19 69.37
C THR KA 39 -64.11 -49.49 69.06
N VAL KA 40 -64.26 -48.34 69.70
CA VAL KA 40 -65.38 -47.47 69.48
C VAL KA 40 -64.83 -46.23 68.80
N GLN KA 41 -65.64 -45.54 68.01
CA GLN KA 41 -65.14 -44.36 67.32
C GLN KA 41 -66.06 -43.16 67.47
N PHE KA 42 -65.48 -42.02 67.86
CA PHE KA 42 -66.23 -40.80 68.09
C PHE KA 42 -65.80 -39.66 67.17
N ARG KA 43 -66.69 -38.70 66.98
CA ARG KA 43 -66.32 -37.41 66.45
C ARG KA 43 -66.47 -36.41 67.56
N ILE KA 44 -65.39 -35.70 67.85
CA ILE KA 44 -65.36 -34.83 69.00
C ILE KA 44 -65.08 -33.39 68.54
N PRO KA 45 -65.16 -32.42 69.45
CA PRO KA 45 -64.82 -31.06 69.01
C PRO KA 45 -63.32 -30.89 68.87
N MET KA 46 -62.92 -29.93 68.06
CA MET KA 46 -61.54 -29.80 67.64
C MET KA 46 -60.55 -29.59 68.79
N GLU KA 47 -61.07 -29.03 69.88
CA GLU KA 47 -60.24 -28.54 70.98
C GLU KA 47 -60.16 -29.50 72.15
N MET KA 48 -60.77 -30.66 72.01
CA MET KA 48 -60.78 -31.65 73.06
C MET KA 48 -59.58 -32.58 72.96
N THR KA 49 -58.79 -32.67 74.03
CA THR KA 49 -57.61 -33.54 74.07
C THR KA 49 -57.96 -35.02 74.28
N ARG KA 50 -57.00 -35.89 74.01
CA ARG KA 50 -57.07 -37.31 74.32
C ARG KA 50 -57.58 -37.54 75.74
N VAL KA 51 -56.83 -36.95 76.67
CA VAL KA 51 -57.07 -37.09 78.09
C VAL KA 51 -58.47 -36.64 78.44
N ASP KA 52 -58.85 -35.52 77.85
CA ASP KA 52 -60.17 -34.96 78.00
C ASP KA 52 -61.26 -35.99 77.73
N LEU KA 53 -61.18 -36.61 76.56
CA LEU KA 53 -62.17 -37.57 76.14
C LEU KA 53 -62.18 -38.79 77.03
N ARG KA 54 -61.01 -39.23 77.47
CA ARG KA 54 -60.97 -40.36 78.40
C ARG KA 54 -61.75 -40.05 79.68
N ASN KA 55 -61.42 -38.92 80.29
CA ASN KA 55 -62.10 -38.51 81.51
C ASN KA 55 -63.59 -38.30 81.31
N TYR KA 56 -63.95 -37.75 80.16
CA TYR KA 56 -65.32 -37.51 79.78
C TYR KA 56 -66.12 -38.80 79.77
N LEU KA 57 -65.61 -39.79 79.04
CA LEU KA 57 -66.24 -41.10 78.97
C LEU KA 57 -66.39 -41.75 80.32
N GLU KA 58 -65.26 -41.84 81.03
CA GLU KA 58 -65.23 -42.51 82.33
C GLU KA 58 -66.15 -41.88 83.36
N ARG KA 59 -66.12 -40.56 83.46
CA ARG KA 59 -66.93 -39.88 84.47
C ARG KA 59 -68.39 -39.76 84.11
N ILE KA 60 -68.71 -39.31 82.91
CA ILE KA 60 -70.11 -39.11 82.59
C ILE KA 60 -70.82 -40.43 82.29
N TYR KA 61 -70.23 -41.26 81.42
CA TYR KA 61 -70.93 -42.46 81.00
C TYR KA 61 -70.52 -43.76 81.70
N ASN KA 62 -69.49 -43.71 82.54
CA ASN KA 62 -68.93 -44.90 83.19
C ASN KA 62 -68.49 -45.99 82.22
N VAL KA 63 -67.64 -45.60 81.28
CA VAL KA 63 -67.07 -46.53 80.32
C VAL KA 63 -65.62 -46.81 80.68
N PRO KA 64 -65.25 -48.09 80.80
CA PRO KA 64 -63.89 -48.51 81.14
C PRO KA 64 -62.90 -48.37 79.99
N VAL KA 65 -62.30 -47.19 79.82
CA VAL KA 65 -61.45 -46.93 78.66
C VAL KA 65 -60.00 -47.37 78.82
N ALA KA 66 -59.56 -48.27 77.96
CA ALA KA 66 -58.17 -48.72 77.93
C ALA KA 66 -57.23 -47.78 77.19
N ALA KA 67 -57.60 -47.36 75.98
CA ALA KA 67 -56.67 -46.48 75.25
C ALA KA 67 -57.33 -45.57 74.23
N VAL KA 68 -56.77 -44.38 74.02
CA VAL KA 68 -57.37 -43.42 73.09
C VAL KA 68 -56.38 -42.86 72.09
N ARG KA 69 -56.79 -42.79 70.82
CA ARG KA 69 -55.97 -42.19 69.78
C ARG KA 69 -56.81 -41.21 68.98
N THR KA 70 -56.23 -40.10 68.55
CA THR KA 70 -57.03 -39.13 67.80
C THR KA 70 -56.35 -38.69 66.50
N ARG KA 71 -57.15 -38.23 65.55
CA ARG KA 71 -56.60 -37.65 64.35
C ARG KA 71 -57.49 -36.53 63.88
N VAL KA 72 -56.96 -35.66 63.04
CA VAL KA 72 -57.74 -34.55 62.53
C VAL KA 72 -58.07 -34.71 61.05
N GLN KA 73 -59.35 -34.92 60.76
CA GLN KA 73 -59.78 -35.05 59.38
C GLN KA 73 -60.03 -33.70 58.74
N TYR KA 74 -59.42 -33.55 57.56
CA TYR KA 74 -59.51 -32.31 56.80
C TYR KA 74 -60.68 -32.33 55.83
N GLY KA 75 -61.59 -31.37 55.98
CA GLY KA 75 -62.72 -31.28 55.06
C GLY KA 75 -62.40 -30.52 53.79
N SER KA 76 -62.98 -30.95 52.67
CA SER KA 76 -62.63 -30.39 51.37
C SER KA 76 -63.05 -28.95 51.19
N ASN KA 77 -62.13 -28.16 50.67
CA ASN KA 77 -62.37 -26.79 50.30
C ASN KA 77 -62.65 -26.63 48.80
N ARG KA 78 -62.81 -27.75 48.10
CA ARG KA 78 -62.83 -27.76 46.63
C ARG KA 78 -64.11 -27.28 45.97
N ARG KA 79 -65.25 -27.60 46.57
CA ARG KA 79 -66.52 -27.33 45.92
C ARG KA 79 -66.82 -25.85 45.80
N ARG KA 80 -67.29 -25.41 44.64
CA ARG KA 80 -67.51 -23.99 44.37
C ARG KA 80 -68.96 -23.56 44.40
N ASP KA 81 -69.17 -22.35 44.91
CA ASP KA 81 -70.45 -21.66 44.92
C ASP KA 81 -70.85 -21.22 43.52
N HIS KA 82 -72.12 -20.83 43.32
CA HIS KA 82 -72.54 -20.20 42.06
C HIS KA 82 -71.76 -18.92 41.76
N ARG KA 83 -71.21 -18.30 42.80
CA ARG KA 83 -70.36 -17.13 42.65
C ARG KA 83 -68.92 -17.53 42.40
N ASN KA 84 -68.68 -18.82 42.32
CA ASN KA 84 -67.34 -19.40 42.22
C ASN KA 84 -66.50 -19.16 43.47
N ILE KA 85 -67.15 -18.90 44.60
CA ILE KA 85 -66.45 -18.85 45.88
C ILE KA 85 -66.36 -20.25 46.45
N ARG KA 86 -65.28 -20.56 47.15
CA ARG KA 86 -65.10 -21.91 47.67
C ARG KA 86 -65.94 -22.14 48.92
N ILE KA 87 -66.51 -23.34 49.03
CA ILE KA 87 -67.26 -23.75 50.21
C ILE KA 87 -66.41 -24.70 51.04
N LYS KA 88 -66.39 -24.53 52.36
CA LYS KA 88 -65.57 -25.42 53.17
C LYS KA 88 -66.39 -26.35 54.02
N LYS KA 89 -66.26 -27.65 53.77
CA LYS KA 89 -66.76 -28.64 54.71
C LYS KA 89 -65.83 -28.61 55.91
N PRO KA 90 -66.38 -28.40 57.11
CA PRO KA 90 -65.54 -28.06 58.25
C PRO KA 90 -64.65 -29.21 58.72
N ASP KA 91 -63.43 -28.92 59.15
CA ASP KA 91 -62.52 -29.93 59.65
C ASP KA 91 -63.07 -30.53 60.93
N TYR KA 92 -62.67 -31.74 61.29
CA TYR KA 92 -63.13 -32.28 62.55
C TYR KA 92 -62.19 -33.29 63.14
N LYS KA 93 -62.38 -33.61 64.42
CA LYS KA 93 -61.47 -34.50 65.11
C LYS KA 93 -62.13 -35.83 65.37
N VAL KA 94 -61.40 -36.90 65.08
CA VAL KA 94 -61.91 -38.24 65.25
C VAL KA 94 -61.14 -38.95 66.32
N ALA KA 95 -61.85 -39.69 67.16
CA ALA KA 95 -61.22 -40.39 68.26
C ALA KA 95 -61.53 -41.87 68.24
N TYR KA 96 -60.49 -42.67 68.32
CA TYR KA 96 -60.65 -44.11 68.46
C TYR KA 96 -60.40 -44.47 69.90
N VAL KA 97 -61.36 -45.08 70.56
CA VAL KA 97 -61.15 -45.52 71.92
C VAL KA 97 -61.21 -47.04 71.97
N GLN KA 98 -60.55 -47.61 72.96
CA GLN KA 98 -60.50 -49.04 73.12
C GLN KA 98 -60.84 -49.38 74.55
N LEU KA 99 -61.74 -50.36 74.70
CA LEU KA 99 -62.36 -50.70 75.97
C LEU KA 99 -61.57 -51.69 76.82
N ALA KA 100 -61.63 -51.48 78.14
CA ALA KA 100 -60.69 -52.08 79.08
C ALA KA 100 -60.84 -53.56 79.43
N LEU KA 101 -62.03 -53.95 79.87
CA LEU KA 101 -62.17 -55.20 80.60
C LEU KA 101 -62.37 -56.38 79.66
N GLY KA 102 -62.22 -56.09 78.37
CA GLY KA 102 -62.42 -57.10 77.35
C GLY KA 102 -63.82 -56.92 76.80
N GLN KA 103 -64.46 -55.85 77.24
CA GLN KA 103 -65.80 -55.52 76.78
C GLN KA 103 -65.81 -55.26 75.29
N THR KA 104 -66.69 -55.96 74.60
CA THR KA 104 -66.81 -55.81 73.17
C THR KA 104 -67.97 -54.88 72.86
N PHE KA 105 -67.77 -53.96 71.92
CA PHE KA 105 -68.89 -53.19 71.43
C PHE KA 105 -69.30 -53.66 70.04
N THR KA 106 -70.45 -53.20 69.55
CA THR KA 106 -70.83 -53.33 68.16
C THR KA 106 -71.77 -52.18 67.84
N PHE KA 107 -71.63 -51.57 66.68
CA PHE KA 107 -72.51 -50.46 66.38
C PHE KA 107 -73.87 -51.00 66.00
N PRO KA 108 -74.88 -50.65 66.80
CA PRO KA 108 -76.23 -51.17 66.69
C PRO KA 108 -76.90 -50.73 65.40
N ASP KA 109 -77.86 -51.51 64.92
CA ASP KA 109 -78.64 -51.09 63.76
C ASP KA 109 -79.77 -50.21 64.24
N LEU KA 110 -79.77 -48.95 63.81
CA LEU KA 110 -80.75 -47.98 64.30
C LEU KA 110 -81.94 -47.88 63.38
N PHE KA 111 -81.93 -48.62 62.30
CA PHE KA 111 -83.03 -48.54 61.35
C PHE KA 111 -83.48 -49.90 60.84
N PRO KA 112 -84.03 -50.73 61.74
CA PRO KA 112 -84.64 -51.99 61.32
C PRO KA 112 -85.98 -51.69 60.69
N GLU KA 113 -86.34 -52.41 59.64
CA GLU KA 113 -87.57 -52.11 58.93
C GLU KA 113 -88.73 -52.95 59.45
N ARG KA 114 -89.87 -52.29 59.66
CA ARG KA 114 -91.10 -52.96 60.03
C ARG KA 114 -91.65 -53.71 58.81
N LYS KA 115 -91.96 -54.99 58.98
CA LYS KA 115 -92.44 -55.82 57.87
C LYS KA 115 -93.87 -55.45 57.46
N GLY KA 116 -94.65 -54.93 58.41
CA GLY KA 116 -96.03 -54.51 58.16
C GLY KA 116 -96.08 -53.25 57.29
N ALA KA 117 -95.15 -52.32 57.55
CA ALA KA 117 -95.06 -51.07 56.79
C ALA KA 117 -94.50 -51.29 55.37
N SER KA 118 -93.61 -52.28 55.23
CA SER KA 118 -93.04 -52.64 53.93
C SER KA 118 -94.05 -53.44 53.09
N VAL KA 119 -94.87 -54.27 53.74
CA VAL KA 119 -95.96 -54.96 53.06
C VAL KA 119 -97.07 -53.98 52.65
N ASP KA 120 -97.30 -52.96 53.48
CA ASP KA 120 -98.23 -51.88 53.14
C ASP KA 120 -97.67 -51.01 52.00
N VAL KA 121 -96.35 -50.90 51.93
CA VAL KA 121 -95.69 -50.18 50.83
C VAL KA 121 -95.78 -50.94 49.50
N ASP KA 122 -95.59 -52.26 49.55
CA ASP KA 122 -95.73 -53.11 48.36
C ASP KA 122 -97.19 -53.21 47.89
N VAL KA 123 -98.12 -53.18 48.84
CA VAL KA 123 -99.56 -53.16 48.52
C VAL KA 123 -100.02 -51.81 47.95
N ARG KA 124 -99.45 -50.72 48.47
CA ARG KA 124 -99.73 -49.38 47.94
C ARG KA 124 -99.11 -49.19 46.54
N ASP KA 125 -97.98 -49.86 46.29
CA ASP KA 125 -97.34 -49.84 44.97
C ASP KA 125 -98.10 -50.71 43.96
N GLN KA 126 -98.64 -51.84 44.40
CA GLN KA 126 -99.50 -52.67 43.54
C GLN KA 126 -100.82 -51.97 43.23
N VAL KA 127 -101.34 -51.22 44.20
CA VAL KA 127 -102.57 -50.43 44.02
C VAL KA 127 -102.36 -49.22 43.10
N LEU KA 128 -101.20 -48.55 43.23
CA LEU KA 128 -100.85 -47.46 42.33
C LEU KA 128 -100.63 -47.96 40.91
N GLU KA 129 -99.97 -49.11 40.77
CA GLU KA 129 -99.76 -49.74 39.46
C GLU KA 129 -101.09 -50.19 38.84
N ASP KA 130 -102.02 -50.61 39.70
CA ASP KA 130 -103.38 -50.95 39.25
C ASP KA 130 -104.16 -49.72 38.80
N GLN KA 131 -103.94 -48.58 39.45
CA GLN KA 131 -104.60 -47.31 39.07
C GLN KA 131 -104.05 -46.76 37.74
N ARG KA 132 -102.73 -46.86 37.55
CA ARG KA 132 -102.09 -46.46 36.30
C ARG KA 132 -102.37 -47.43 35.16
N GLN KA 133 -102.67 -48.68 35.50
CA GLN KA 133 -103.11 -49.67 34.51
C GLN KA 133 -104.59 -49.47 34.18
N LYS KA 134 -105.33 -48.89 35.12
CA LYS KA 134 -106.75 -48.58 34.92
C LYS KA 134 -106.96 -47.34 34.04
N HIS KA 135 -106.11 -46.33 34.24
CA HIS KA 135 -106.22 -45.10 33.45
C HIS KA 135 -105.63 -45.25 32.04
N SER KA 136 -104.77 -46.25 31.86
CA SER KA 136 -104.12 -46.49 30.56
C SER KA 136 -105.14 -46.68 29.44
N PRO KA 137 -104.94 -45.98 28.32
CA PRO KA 137 -105.88 -46.00 27.19
C PRO KA 137 -106.11 -47.40 26.64
N ASP KA 138 -107.32 -47.64 26.15
CA ASP KA 138 -107.67 -48.90 25.50
C ASP KA 138 -107.12 -48.91 24.07
N PRO KA 139 -106.27 -49.89 23.75
CA PRO KA 139 -105.65 -50.01 22.42
C PRO KA 139 -106.66 -49.91 21.28
N ARG KA 140 -107.80 -50.56 21.43
CA ARG KA 140 -108.76 -50.64 20.34
C ARG KA 140 -109.65 -49.41 20.18
N ARG KA 141 -109.62 -48.51 21.16
CA ARG KA 141 -110.42 -47.30 21.03
C ARG KA 141 -109.73 -46.30 20.11
N GLY KA 142 -108.42 -46.41 20.02
CA GLY KA 142 -107.65 -45.63 19.06
C GLY KA 142 -107.58 -44.15 19.36
N GLY KA 143 -107.82 -43.77 20.61
CA GLY KA 143 -107.68 -42.38 21.01
C GLY KA 143 -108.97 -41.61 21.09
N VAL KA 144 -110.09 -42.30 20.94
CA VAL KA 144 -111.39 -41.69 21.18
C VAL KA 144 -111.66 -41.63 22.68
N PRO KA 145 -111.95 -40.43 23.21
CA PRO KA 145 -112.17 -40.27 24.65
C PRO KA 145 -113.28 -41.17 25.17
N GLY KA 146 -112.98 -41.92 26.23
CA GLY KA 146 -113.86 -42.94 26.73
C GLY KA 146 -114.82 -42.48 27.80
N TRP KA 147 -115.05 -41.17 27.85
CA TRP KA 147 -116.01 -40.62 28.80
C TRP KA 147 -117.45 -40.85 28.35
N PHE KA 148 -117.70 -40.50 27.10
CA PHE KA 148 -119.05 -40.47 26.56
C PHE KA 148 -119.63 -41.86 26.46
N GLY KA 149 -120.87 -42.01 26.92
CA GLY KA 149 -121.58 -43.27 26.73
C GLY KA 149 -121.71 -43.52 25.24
N LEU KA 150 -122.33 -42.57 24.55
CA LEU KA 150 -122.46 -42.59 23.08
C LEU KA 150 -122.97 -41.24 22.57
N SER LA 11 -83.23 -23.24 63.35
CA SER LA 11 -82.42 -22.94 62.18
C SER LA 11 -82.92 -21.67 61.48
N LYS LA 12 -82.00 -20.73 61.26
CA LYS LA 12 -82.33 -19.50 60.56
C LYS LA 12 -81.64 -19.43 59.21
N VAL LA 13 -82.43 -19.53 58.14
CA VAL LA 13 -81.91 -19.39 56.79
C VAL LA 13 -81.93 -17.90 56.41
N THR LA 14 -80.78 -17.36 56.04
CA THR LA 14 -80.70 -15.97 55.65
C THR LA 14 -80.99 -15.80 54.15
N LEU LA 15 -82.00 -15.00 53.85
CA LEU LA 15 -82.41 -14.78 52.46
C LEU LA 15 -81.65 -13.62 51.83
N PRO LA 16 -81.41 -13.70 50.52
CA PRO LA 16 -80.81 -12.59 49.77
C PRO LA 16 -81.66 -11.33 49.90
N PRO LA 17 -81.02 -10.15 49.84
CA PRO LA 17 -81.69 -8.84 50.05
C PRO LA 17 -82.89 -8.63 49.13
N ASN LA 18 -82.77 -9.02 47.87
CA ASN LA 18 -83.90 -8.98 46.93
C ASN LA 18 -84.45 -10.38 46.71
N TYR LA 19 -85.71 -10.57 47.08
CA TYR LA 19 -86.29 -11.91 47.14
C TYR LA 19 -87.78 -11.86 46.87
N ARG LA 20 -88.31 -12.87 46.19
CA ARG LA 20 -89.75 -12.94 46.00
C ARG LA 20 -90.38 -13.98 46.92
N TYR LA 21 -91.57 -13.67 47.43
CA TYR LA 21 -92.25 -14.60 48.33
C TYR LA 21 -93.41 -15.32 47.66
N GLY LA 22 -93.20 -16.61 47.45
CA GLY LA 22 -94.06 -17.46 46.64
C GLY LA 22 -94.98 -18.43 47.36
N MET LA 23 -95.36 -18.11 48.60
CA MET LA 23 -96.27 -18.96 49.37
C MET LA 23 -95.63 -20.28 49.75
N SER LA 24 -94.49 -20.60 49.15
CA SER LA 24 -93.74 -21.76 49.56
C SER LA 24 -92.81 -21.31 50.68
N ARG LA 25 -92.70 -22.17 51.69
CA ARG LA 25 -91.82 -21.91 52.82
C ARG LA 25 -90.40 -21.69 52.33
N PRO LA 26 -89.83 -20.51 52.62
CA PRO LA 26 -88.57 -20.02 52.06
C PRO LA 26 -87.36 -20.97 52.13
N GLY LA 27 -87.36 -21.95 53.03
CA GLY LA 27 -86.25 -22.88 53.11
C GLY LA 27 -86.50 -24.24 52.48
N SER LA 28 -87.44 -24.31 51.54
CA SER LA 28 -87.98 -25.60 51.11
C SER LA 28 -87.68 -25.92 49.66
N LEU LA 29 -87.80 -27.19 49.33
CA LEU LA 29 -87.49 -27.69 48.00
C LEU LA 29 -88.29 -26.99 46.89
N SER LA 30 -89.58 -26.74 47.13
CA SER LA 30 -90.39 -25.96 46.20
C SER LA 30 -89.76 -24.61 45.93
N ASP LA 31 -89.22 -24.02 46.98
CA ASP LA 31 -88.63 -22.69 46.91
C ASP LA 31 -87.28 -22.67 46.21
N LYS LA 32 -86.37 -23.56 46.62
CA LYS LA 32 -85.06 -23.65 45.99
C LYS LA 32 -85.19 -23.99 44.52
N ARG LA 33 -86.26 -24.71 44.18
CA ARG LA 33 -86.52 -25.04 42.79
C ARG LA 33 -87.10 -23.85 42.02
N LYS LA 34 -88.00 -23.10 42.64
CA LYS LA 34 -88.53 -21.90 41.99
C LYS LA 34 -87.47 -20.82 41.83
N ASN LA 35 -86.84 -20.42 42.93
CA ASN LA 35 -85.77 -19.42 42.86
C ASN LA 35 -84.45 -19.94 43.46
N PRO LA 36 -83.58 -20.48 42.59
CA PRO LA 36 -82.27 -21.09 42.85
C PRO LA 36 -81.30 -20.08 43.46
N PRO LA 37 -80.06 -20.49 43.81
CA PRO LA 37 -79.12 -19.62 44.52
C PRO LA 37 -78.91 -18.20 43.97
N GLY LA 38 -78.91 -18.02 42.65
CA GLY LA 38 -78.52 -16.73 42.11
C GLY LA 38 -79.62 -15.81 41.61
N THR LA 39 -80.88 -16.14 41.87
CA THR LA 39 -82.00 -15.40 41.28
C THR LA 39 -82.23 -14.03 41.92
N ARG LA 40 -82.26 -13.00 41.08
CA ARG LA 40 -82.62 -11.67 41.52
C ARG LA 40 -83.69 -11.16 40.58
N ARG LA 41 -84.92 -11.07 41.06
CA ARG LA 41 -86.00 -10.68 40.18
C ARG LA 41 -86.41 -9.26 40.47
N ARG LA 42 -87.38 -8.77 39.72
CA ARG LA 42 -87.85 -7.40 39.90
C ARG LA 42 -88.59 -7.28 41.22
N ARG LA 43 -88.31 -6.21 41.96
CA ARG LA 43 -88.96 -5.97 43.25
C ARG LA 43 -90.44 -5.71 43.05
N VAL LA 44 -91.27 -6.40 43.81
CA VAL LA 44 -92.70 -6.14 43.75
C VAL LA 44 -93.03 -5.06 44.76
N PRO LA 45 -93.59 -3.93 44.27
CA PRO LA 45 -93.93 -2.86 45.20
C PRO LA 45 -94.98 -3.32 46.20
N VAL LA 46 -94.68 -3.12 47.48
CA VAL LA 46 -95.56 -3.55 48.56
C VAL LA 46 -95.92 -2.36 49.44
N GLU LA 47 -97.22 -2.15 49.66
CA GLU LA 47 -97.69 -1.07 50.52
C GLU LA 47 -97.24 -1.30 51.96
N PRO LA 48 -96.38 -0.40 52.48
CA PRO LA 48 -95.80 -0.60 53.80
C PRO LA 48 -96.85 -0.50 54.90
N ILE LA 49 -96.84 -1.46 55.82
CA ILE LA 49 -97.78 -1.47 56.93
C ILE LA 49 -97.07 -1.78 58.22
N SER LA 50 -97.12 -0.85 59.17
CA SER LA 50 -96.55 -1.06 60.49
C SER LA 50 -97.22 -2.25 61.14
N ASP LA 51 -96.48 -3.01 61.94
CA ASP LA 51 -97.02 -4.23 62.53
C ASP LA 51 -98.19 -3.94 63.47
N GLU LA 52 -98.34 -2.68 63.85
CA GLU LA 52 -99.40 -2.25 64.75
C GLU LA 52 -100.65 -1.78 63.99
N ASP LA 53 -100.54 -1.63 62.68
CA ASP LA 53 -101.69 -1.30 61.85
C ASP LA 53 -102.27 -2.53 61.15
N TRP LA 54 -101.72 -3.71 61.44
CA TRP LA 54 -102.07 -4.92 60.71
C TRP LA 54 -103.23 -5.62 61.40
N HIS LA 55 -104.40 -5.59 60.77
CA HIS LA 55 -105.63 -6.01 61.43
C HIS LA 55 -106.10 -7.44 61.10
N LEU LA 56 -105.35 -8.16 60.26
CA LEU LA 56 -105.79 -9.49 59.84
C LEU LA 56 -104.93 -10.60 60.41
N PHE LA 57 -105.55 -11.51 61.14
CA PHE LA 57 -104.85 -12.68 61.66
C PHE LA 57 -105.39 -13.92 60.99
N CYS LA 58 -104.90 -15.08 61.42
CA CYS LA 58 -105.35 -16.33 60.82
C CYS LA 58 -106.48 -16.97 61.63
N GLY LA 59 -107.54 -17.38 60.94
CA GLY LA 59 -108.67 -18.02 61.57
C GLY LA 59 -109.95 -17.20 61.61
N ASP LA 60 -109.85 -15.91 61.31
CA ASP LA 60 -111.03 -15.03 61.39
C ASP LA 60 -111.83 -15.00 60.09
N LYS LA 61 -113.15 -14.97 60.22
CA LYS LA 61 -114.04 -14.99 59.08
C LYS LA 61 -113.99 -13.67 58.33
N VAL LA 62 -113.72 -13.73 57.03
CA VAL LA 62 -113.58 -12.54 56.20
C VAL LA 62 -114.36 -12.62 54.91
N GLU LA 63 -114.64 -11.45 54.32
CA GLU LA 63 -115.37 -11.38 53.06
C GLU LA 63 -114.48 -10.88 51.91
N ILE LA 64 -114.64 -11.48 50.74
CA ILE LA 64 -113.85 -11.13 49.56
C ILE LA 64 -114.55 -10.11 48.68
N LEU LA 65 -113.88 -8.99 48.42
CA LEU LA 65 -114.47 -7.90 47.64
C LEU LA 65 -114.16 -7.96 46.15
N GLU LA 66 -113.32 -8.92 45.75
CA GLU LA 66 -112.80 -8.95 44.38
C GLU LA 66 -112.61 -10.37 43.86
N GLY LA 67 -112.51 -10.51 42.54
CA GLY LA 67 -112.27 -11.81 41.94
C GLY LA 67 -113.55 -12.50 41.49
N LYS LA 68 -113.42 -13.74 41.01
CA LYS LA 68 -114.57 -14.48 40.53
C LYS LA 68 -115.46 -14.93 41.66
N ASP LA 69 -114.86 -15.13 42.84
CA ASP LA 69 -115.64 -15.44 44.02
C ASP LA 69 -115.69 -14.21 44.92
N ALA LA 70 -116.83 -13.54 44.94
CA ALA LA 70 -116.97 -12.25 45.62
C ALA LA 70 -118.29 -12.19 46.36
N GLY LA 71 -118.27 -11.55 47.53
CA GLY LA 71 -119.44 -11.51 48.40
C GLY LA 71 -119.48 -12.76 49.25
N LYS LA 72 -118.48 -13.62 49.09
CA LYS LA 72 -118.40 -14.84 49.87
C LYS LA 72 -117.65 -14.59 51.18
N GLN LA 73 -117.60 -15.62 52.03
CA GLN LA 73 -116.97 -15.50 53.35
C GLN LA 73 -116.23 -16.77 53.70
N GLY LA 74 -115.05 -16.62 54.28
CA GLY LA 74 -114.27 -17.79 54.61
C GLY LA 74 -113.31 -17.59 55.76
N LYS LA 75 -112.63 -18.67 56.11
CA LYS LA 75 -111.66 -18.67 57.20
C LYS LA 75 -110.24 -18.47 56.67
N VAL LA 76 -109.52 -17.50 57.24
CA VAL LA 76 -108.13 -17.24 56.86
C VAL LA 76 -107.21 -18.31 57.43
N VAL LA 77 -106.48 -19.00 56.56
CA VAL LA 77 -105.58 -20.05 57.00
C VAL LA 77 -104.18 -19.50 57.26
N GLN LA 78 -103.57 -18.95 56.22
CA GLN LA 78 -102.22 -18.46 56.31
C GLN LA 78 -102.11 -17.00 55.88
N VAL LA 79 -101.29 -16.23 56.58
CA VAL LA 79 -100.93 -14.88 56.14
C VAL LA 79 -99.45 -14.79 55.80
N ILE LA 80 -99.17 -14.07 54.72
CA ILE LA 80 -97.80 -13.77 54.34
C ILE LA 80 -97.59 -12.27 54.47
N ARG LA 81 -96.85 -11.87 55.50
CA ARG LA 81 -96.80 -10.45 55.83
C ARG LA 81 -95.88 -9.70 54.89
N GLN LA 82 -94.88 -10.40 54.36
CA GLN LA 82 -93.91 -9.74 53.51
C GLN LA 82 -94.54 -9.17 52.25
N ARG LA 83 -95.40 -9.95 51.61
CA ARG LA 83 -96.11 -9.47 50.43
C ARG LA 83 -97.55 -8.99 50.70
N ASN LA 84 -97.94 -8.94 51.97
CA ASN LA 84 -99.30 -8.52 52.40
C ASN LA 84 -100.40 -9.42 51.84
N TRP LA 85 -100.40 -10.68 52.28
CA TRP LA 85 -101.31 -11.68 51.71
C TRP LA 85 -102.14 -12.42 52.73
N VAL LA 86 -103.29 -12.89 52.28
CA VAL LA 86 -104.12 -13.79 53.06
C VAL LA 86 -104.46 -15.01 52.22
N VAL LA 87 -104.82 -16.11 52.87
CA VAL LA 87 -105.30 -17.27 52.16
C VAL LA 87 -106.63 -17.70 52.77
N VAL LA 88 -107.71 -17.58 52.01
CA VAL LA 88 -109.00 -18.04 52.48
C VAL LA 88 -109.31 -19.42 51.90
N GLU LA 89 -109.32 -20.44 52.75
CA GLU LA 89 -109.36 -21.81 52.26
C GLU LA 89 -110.59 -22.12 51.43
N GLY LA 90 -110.36 -22.75 50.28
CA GLY LA 90 -111.41 -23.17 49.39
C GLY LA 90 -112.27 -22.03 48.89
N LEU LA 91 -111.68 -20.84 48.70
CA LEU LA 91 -112.45 -19.74 48.14
C LEU LA 91 -111.86 -19.15 46.86
N ASN LA 92 -110.78 -18.37 46.98
CA ASN LA 92 -110.10 -17.91 45.78
C ASN LA 92 -109.40 -19.14 45.19
N THR LA 93 -109.69 -19.49 43.95
CA THR LA 93 -109.36 -20.84 43.50
C THR LA 93 -108.99 -21.01 42.03
N HIS LA 94 -108.09 -21.95 41.79
CA HIS LA 94 -107.70 -22.40 40.45
C HIS LA 94 -107.22 -23.85 40.62
N TYR LA 95 -107.26 -24.64 39.55
CA TYR LA 95 -107.10 -26.08 39.73
C TYR LA 95 -105.76 -26.60 39.22
N ARG LA 96 -105.21 -27.58 39.92
CA ARG LA 96 -103.86 -28.06 39.62
C ARG LA 96 -103.70 -29.55 39.90
N TYR LA 97 -102.92 -30.25 39.07
CA TYR LA 97 -102.69 -31.68 39.31
C TYR LA 97 -101.54 -31.91 40.28
N VAL LA 98 -101.67 -32.91 41.14
CA VAL LA 98 -100.64 -33.20 42.12
C VAL LA 98 -99.87 -34.47 41.80
N GLY LA 99 -100.55 -35.62 41.80
CA GLY LA 99 -99.83 -36.87 41.58
C GLY LA 99 -99.32 -36.91 40.15
N LYS LA 100 -98.07 -37.29 39.93
CA LYS LA 100 -97.59 -37.42 38.55
C LYS LA 100 -96.59 -38.55 38.32
N THR LA 101 -96.83 -39.30 37.24
CA THR LA 101 -95.80 -40.14 36.62
C THR LA 101 -96.09 -40.16 35.12
N VAL LA 102 -95.19 -40.78 34.35
CA VAL LA 102 -95.21 -40.67 32.90
C VAL LA 102 -96.54 -41.14 32.29
N ASP LA 103 -97.10 -42.21 32.83
CA ASP LA 103 -98.37 -42.74 32.33
C ASP LA 103 -99.60 -42.19 33.06
N TYR LA 104 -99.40 -41.48 34.16
CA TYR LA 104 -100.53 -41.15 35.02
C TYR LA 104 -100.51 -39.71 35.54
N ARG LA 105 -101.55 -38.94 35.22
CA ARG LA 105 -101.71 -37.63 35.83
C ARG LA 105 -102.81 -37.74 36.90
N GLY LA 106 -102.40 -37.75 38.15
CA GLY LA 106 -103.34 -37.95 39.23
C GLY LA 106 -103.86 -36.75 39.98
N THR LA 107 -105.10 -36.90 40.44
CA THR LA 107 -105.66 -36.08 41.49
C THR LA 107 -105.72 -34.58 41.21
N MET LA 108 -106.66 -34.12 40.40
CA MET LA 108 -106.80 -32.67 40.25
C MET LA 108 -107.40 -32.05 41.51
N ILE LA 109 -106.60 -31.16 42.10
CA ILE LA 109 -106.86 -30.50 43.37
C ILE LA 109 -107.15 -29.02 43.21
N PRO LA 110 -108.23 -28.54 43.83
CA PRO LA 110 -108.42 -27.08 43.92
C PRO LA 110 -107.35 -26.44 44.80
N SER LA 111 -106.74 -25.37 44.30
CA SER LA 111 -105.70 -24.65 45.02
C SER LA 111 -106.07 -23.18 45.17
N GLU LA 112 -105.47 -22.55 46.18
CA GLU LA 112 -105.84 -21.20 46.57
C GLU LA 112 -104.86 -20.16 46.09
N ALA LA 113 -105.39 -19.12 45.45
CA ALA LA 113 -104.60 -17.97 45.10
C ALA LA 113 -104.71 -16.94 46.21
N PRO LA 114 -103.56 -16.38 46.64
CA PRO LA 114 -103.55 -15.45 47.77
C PRO LA 114 -104.24 -14.15 47.41
N LEU LA 115 -104.60 -13.38 48.42
CA LEU LA 115 -105.26 -12.10 48.20
C LEU LA 115 -104.56 -10.98 48.94
N LEU LA 116 -104.55 -9.81 48.31
CA LEU LA 116 -104.08 -8.59 48.96
C LEU LA 116 -105.07 -8.23 50.06
N HIS LA 117 -104.65 -7.42 51.01
CA HIS LA 117 -105.51 -7.06 52.13
C HIS LA 117 -106.52 -5.97 51.75
N ASN LA 118 -106.44 -5.48 50.51
CA ASN LA 118 -107.42 -4.53 49.99
C ASN LA 118 -108.67 -5.22 49.45
N GLN LA 119 -108.52 -6.49 49.12
CA GLN LA 119 -109.61 -7.26 48.53
C GLN LA 119 -110.36 -8.10 49.57
N VAL LA 120 -109.95 -7.96 50.82
CA VAL LA 120 -110.55 -8.74 51.90
C VAL LA 120 -110.91 -7.86 53.10
N LYS LA 121 -112.18 -7.87 53.48
CA LYS LA 121 -112.65 -7.10 54.64
C LYS LA 121 -113.05 -8.01 55.80
N LEU LA 122 -112.63 -7.62 57.00
CA LEU LA 122 -112.88 -8.41 58.20
C LEU LA 122 -114.35 -8.33 58.62
N VAL LA 123 -114.93 -9.49 58.91
CA VAL LA 123 -116.36 -9.58 59.22
C VAL LA 123 -116.63 -9.70 60.72
N ASP LA 124 -117.49 -8.83 61.25
CA ASP LA 124 -117.89 -8.89 62.66
C ASP LA 124 -118.92 -10.00 62.89
N PRO LA 125 -118.77 -10.74 63.99
CA PRO LA 125 -119.54 -11.97 64.26
C PRO LA 125 -121.06 -11.83 64.20
N THR LA 126 -121.60 -10.73 64.69
CA THR LA 126 -123.03 -10.63 64.93
C THR LA 126 -123.95 -10.69 63.68
N ASP LA 127 -123.82 -9.72 62.77
CA ASP LA 127 -124.71 -9.67 61.60
C ASP LA 127 -124.09 -10.23 60.31
N ARG LA 128 -122.85 -10.72 60.40
CA ARG LA 128 -122.13 -11.33 59.28
C ARG LA 128 -121.91 -10.39 58.09
N LYS LA 129 -121.87 -9.08 58.34
CA LYS LA 129 -121.54 -8.10 57.31
C LYS LA 129 -120.03 -7.80 57.29
N PRO LA 130 -119.50 -7.33 56.15
CA PRO LA 130 -118.11 -6.86 56.09
C PRO LA 130 -117.95 -5.51 56.76
N THR LA 131 -116.82 -5.27 57.42
CA THR LA 131 -116.65 -4.03 58.19
C THR LA 131 -115.23 -3.49 58.17
N ASP LA 132 -115.09 -2.21 58.50
CA ASP LA 132 -113.79 -1.58 58.60
C ASP LA 132 -113.27 -1.63 60.03
N VAL LA 133 -112.24 -2.42 60.24
CA VAL LA 133 -111.71 -2.65 61.58
C VAL LA 133 -110.73 -1.55 61.97
N GLU LA 134 -110.81 -1.09 63.21
CA GLU LA 134 -109.92 -0.05 63.71
C GLU LA 134 -109.41 -0.40 65.10
N TRP LA 135 -108.11 -0.27 65.33
CA TRP LA 135 -107.54 -0.65 66.63
C TRP LA 135 -107.88 0.34 67.74
N ARG LA 136 -108.45 -0.18 68.82
CA ARG LA 136 -108.81 0.65 69.98
C ARG LA 136 -108.24 0.10 71.29
N PHE LA 137 -107.92 1.03 72.18
CA PHE LA 137 -107.51 0.71 73.54
C PHE LA 137 -108.71 0.91 74.47
N THR LA 138 -109.07 -0.12 75.22
CA THR LA 138 -110.18 -0.01 76.16
C THR LA 138 -109.66 0.30 77.57
N GLU LA 139 -110.56 0.28 78.55
CA GLU LA 139 -110.25 0.73 79.90
C GLU LA 139 -109.49 -0.28 80.74
N ALA LA 140 -109.46 -1.53 80.29
CA ALA LA 140 -108.83 -2.60 81.06
C ALA LA 140 -107.34 -2.78 80.71
N GLY LA 141 -106.83 -1.93 79.83
CA GLY LA 141 -105.46 -2.04 79.35
C GLY LA 141 -105.39 -3.05 78.22
N GLU LA 142 -106.52 -3.25 77.55
CA GLU LA 142 -106.66 -4.25 76.50
C GLU LA 142 -106.71 -3.60 75.12
N ARG LA 143 -106.18 -4.29 74.12
CA ARG LA 143 -106.17 -3.78 72.76
C ARG LA 143 -107.03 -4.63 71.84
N VAL LA 144 -108.15 -4.08 71.38
CA VAL LA 144 -109.08 -4.87 70.59
C VAL LA 144 -109.47 -4.16 69.28
N ARG LA 145 -109.93 -4.95 68.32
CA ARG LA 145 -110.42 -4.44 67.05
C ARG LA 145 -111.87 -3.98 67.16
N VAL LA 146 -112.13 -2.75 66.76
CA VAL LA 146 -113.48 -2.19 66.83
C VAL LA 146 -113.99 -1.79 65.46
N SER LA 147 -115.19 -2.26 65.13
CA SER LA 147 -115.82 -1.95 63.85
C SER LA 147 -116.21 -0.47 63.77
N THR LA 148 -115.95 0.14 62.61
CA THR LA 148 -116.33 1.54 62.39
C THR LA 148 -117.81 1.67 62.11
N ARG LA 149 -118.32 0.82 61.23
CA ARG LA 149 -119.71 0.85 60.79
C ARG LA 149 -120.69 0.39 61.88
N SER LA 150 -120.46 -0.80 62.42
CA SER LA 150 -121.39 -1.39 63.39
C SER LA 150 -121.13 -0.97 64.84
N GLY LA 151 -119.93 -0.46 65.12
CA GLY LA 151 -119.57 -0.06 66.47
C GLY LA 151 -119.58 -1.17 67.51
N ARG LA 152 -118.95 -2.29 67.17
CA ARG LA 152 -118.83 -3.44 68.08
C ARG LA 152 -117.35 -3.80 68.20
N ILE LA 153 -117.00 -4.62 69.18
CA ILE LA 153 -115.64 -5.14 69.22
C ILE LA 153 -115.61 -6.56 68.60
N ILE LA 154 -114.57 -6.80 67.82
CA ILE LA 154 -114.35 -8.08 67.15
C ILE LA 154 -113.27 -8.87 67.88
N PRO LA 155 -113.57 -10.14 68.18
CA PRO LA 155 -112.62 -10.98 68.92
C PRO LA 155 -111.32 -11.18 68.16
N LYS LA 156 -110.41 -11.99 68.71
CA LYS LA 156 -109.26 -12.43 67.93
C LYS LA 156 -109.37 -13.95 67.78
N PRO LA 157 -109.01 -14.45 66.59
CA PRO LA 157 -109.22 -15.84 66.19
C PRO LA 157 -108.23 -16.82 66.80
N GLU LA 158 -108.50 -17.33 67.99
CA GLU LA 158 -107.71 -18.41 68.54
C GLU LA 158 -107.63 -19.54 67.51
N PHE LA 159 -106.41 -19.99 67.25
CA PHE LA 159 -106.11 -20.86 66.12
C PHE LA 159 -105.14 -21.94 66.59
N PRO LA 160 -105.21 -23.15 65.99
CA PRO LA 160 -104.20 -24.17 66.35
C PRO LA 160 -102.79 -23.72 65.97
N ARG LA 161 -101.79 -24.53 66.28
CA ARG LA 161 -100.42 -24.12 66.03
C ARG LA 161 -99.69 -25.12 65.13
N ALA LA 162 -98.55 -24.68 64.60
CA ALA LA 162 -97.79 -25.43 63.59
C ALA LA 162 -97.41 -26.85 64.00
N ASP LA 163 -97.32 -27.11 65.30
CA ASP LA 163 -96.90 -28.42 65.80
C ASP LA 163 -98.00 -29.47 65.68
N GLY LA 164 -99.26 -29.01 65.68
CA GLY LA 164 -100.39 -29.91 65.69
C GLY LA 164 -100.54 -30.57 67.05
N ILE LA 165 -99.97 -29.93 68.07
CA ILE LA 165 -99.99 -30.44 69.43
C ILE LA 165 -100.86 -29.57 70.35
N VAL LA 166 -101.99 -30.13 70.79
CA VAL LA 166 -102.91 -29.42 71.68
C VAL LA 166 -102.57 -29.74 73.15
N PRO LA 167 -102.32 -28.69 73.96
CA PRO LA 167 -101.86 -28.81 75.36
C PRO LA 167 -102.86 -29.52 76.28
N GLU LA 168 -104.15 -29.40 75.98
CA GLU LA 168 -105.19 -29.98 76.81
C GLU LA 168 -105.16 -31.50 76.76
N THR LA 169 -105.06 -32.06 75.56
CA THR LA 169 -104.93 -33.50 75.42
C THR LA 169 -103.47 -33.85 75.17
N TRP LA 170 -102.81 -34.38 76.19
CA TRP LA 170 -101.39 -34.66 76.13
C TRP LA 170 -101.01 -35.77 77.10
N ILE LA 171 -100.02 -36.57 76.74
CA ILE LA 171 -99.55 -37.66 77.61
C ILE LA 171 -98.03 -37.64 77.73
N ASP LA 172 -97.54 -37.58 78.97
CA ASP LA 172 -96.10 -37.47 79.21
C ASP LA 172 -95.34 -38.75 78.91
N GLY LA 173 -94.32 -38.64 78.07
CA GLY LA 173 -93.44 -39.75 77.77
C GLY LA 173 -92.42 -39.94 78.88
N PRO LA 174 -91.44 -40.83 78.64
CA PRO LA 174 -90.39 -41.15 79.61
C PRO LA 174 -89.46 -39.97 79.89
N LYS LA 175 -89.14 -39.22 78.84
CA LYS LA 175 -88.19 -38.12 78.93
C LYS LA 175 -88.86 -36.75 79.12
N ASP LA 176 -90.17 -36.73 79.33
CA ASP LA 176 -90.88 -35.49 79.68
C ASP LA 176 -90.96 -35.26 81.19
N THR LA 177 -90.83 -34.01 81.61
CA THR LA 177 -90.97 -33.66 83.02
C THR LA 177 -92.40 -33.21 83.31
N SER LA 178 -92.95 -33.66 84.43
CA SER LA 178 -94.31 -33.32 84.80
C SER LA 178 -94.45 -31.86 85.26
N VAL LA 179 -95.66 -31.31 85.12
CA VAL LA 179 -95.95 -29.92 85.49
C VAL LA 179 -95.50 -29.62 86.92
N GLU LA 180 -95.79 -30.58 87.79
CA GLU LA 180 -95.48 -30.50 89.21
C GLU LA 180 -94.01 -30.21 89.49
N ASP LA 181 -93.13 -31.07 88.97
CA ASP LA 181 -91.70 -30.96 89.24
C ASP LA 181 -91.07 -29.79 88.51
N ALA LA 182 -91.70 -29.36 87.43
CA ALA LA 182 -91.17 -28.26 86.64
C ALA LA 182 -91.45 -26.92 87.32
N LEU LA 183 -92.67 -26.76 87.82
CA LEU LA 183 -93.06 -25.48 88.41
C LEU LA 183 -92.49 -25.31 89.82
N GLU LA 184 -92.05 -26.42 90.41
CA GLU LA 184 -91.49 -26.41 91.76
C GLU LA 184 -90.34 -25.44 91.90
N LYS LA 185 -90.38 -24.59 92.92
CA LYS LA 185 -89.29 -23.65 93.16
C LYS LA 185 -88.34 -24.16 94.24
N THR LA 186 -87.12 -24.52 93.83
CA THR LA 186 -86.08 -24.98 94.74
C THR LA 186 -85.05 -23.89 95.08
N TYR LA 187 -85.21 -22.72 94.47
CA TYR LA 187 -84.19 -21.67 94.55
C TYR LA 187 -84.12 -20.99 95.91
N VAL LA 188 -82.91 -20.88 96.46
CA VAL LA 188 -82.68 -20.14 97.69
C VAL LA 188 -81.62 -19.07 97.43
N PRO LA 189 -82.08 -17.85 97.14
CA PRO LA 189 -81.27 -16.79 96.52
C PRO LA 189 -80.12 -16.32 97.40
N ARG LA 190 -79.03 -17.07 97.43
CA ARG LA 190 -77.89 -16.68 98.27
C ARG LA 190 -76.64 -16.40 97.42
N LEU LA 191 -75.66 -15.74 98.04
CA LEU LA 191 -74.61 -15.03 97.31
C LEU LA 191 -73.42 -15.85 96.82
N LYS LA 192 -73.46 -17.15 96.97
CA LYS LA 192 -72.42 -18.00 96.39
C LYS LA 192 -72.68 -18.31 94.90
N THR LA 193 -71.62 -18.62 94.16
CA THR LA 193 -71.74 -19.00 92.74
C THR LA 193 -72.15 -20.45 92.58
N LEU LA 194 -72.37 -20.87 91.33
CA LEU LA 194 -72.67 -22.26 91.05
C LEU LA 194 -71.53 -23.16 91.53
N GLU LA 195 -70.31 -22.69 91.31
CA GLU LA 195 -69.12 -23.45 91.66
C GLU LA 195 -69.03 -23.70 93.16
N GLU LA 196 -69.11 -22.63 93.93
CA GLU LA 196 -68.99 -22.72 95.38
C GLU LA 196 -70.09 -23.61 95.94
N GLU LA 197 -71.30 -23.39 95.44
CA GLU LA 197 -72.47 -24.18 95.84
C GLU LA 197 -72.25 -25.66 95.62
N VAL LA 198 -71.94 -26.03 94.38
CA VAL LA 198 -71.80 -27.42 94.02
C VAL LA 198 -70.66 -28.08 94.78
N MET LA 199 -69.53 -27.39 94.84
CA MET LA 199 -68.34 -27.94 95.49
C MET LA 199 -68.57 -28.15 96.98
N GLU LA 200 -69.34 -27.25 97.57
CA GLU LA 200 -69.76 -27.41 98.97
C GLU LA 200 -70.70 -28.60 99.10
N ALA LA 201 -71.57 -28.78 98.11
CA ALA LA 201 -72.59 -29.83 98.16
C ALA LA 201 -72.01 -31.22 97.91
N MET LA 202 -71.00 -31.32 97.05
CA MET LA 202 -70.40 -32.61 96.75
C MET LA 202 -69.30 -32.95 97.75
N GLY LA 203 -69.12 -32.07 98.72
CA GLY LA 203 -68.16 -32.32 99.79
C GLY LA 203 -66.73 -32.30 99.30
N ILE LA 204 -66.52 -31.75 98.12
CA ILE LA 204 -65.18 -31.65 97.56
C ILE LA 204 -64.36 -30.64 98.35
N GLN LA 205 -63.21 -31.08 98.85
CA GLN LA 205 -62.42 -30.27 99.75
C GLN LA 205 -61.16 -29.72 99.07
N GLU LA 206 -61.07 -28.41 98.98
CA GLU LA 206 -59.90 -27.78 98.37
C GLU LA 206 -59.24 -26.77 99.30
N THR LA 207 -57.92 -26.86 99.37
CA THR LA 207 -57.12 -26.05 100.28
C THR LA 207 -56.40 -24.92 99.57
N ARG LA 208 -55.53 -25.26 98.62
CA ARG LA 208 -54.59 -24.31 98.01
C ARG LA 208 -55.28 -23.15 97.32
N ARG LA 209 -54.55 -22.05 97.15
CA ARG LA 209 -55.07 -20.88 96.46
C ARG LA 209 -54.16 -20.50 95.30
N HIS LA 210 -54.66 -19.69 94.37
CA HIS LA 210 -53.87 -19.33 93.19
C HIS LA 210 -52.78 -18.31 93.50
N LYS LA 211 -51.60 -18.53 92.93
CA LYS LA 211 -50.54 -17.54 92.99
C LYS LA 211 -50.92 -16.33 92.17
N LYS LA 212 -50.28 -15.19 92.43
CA LYS LA 212 -50.66 -13.96 91.75
C LYS LA 212 -50.49 -14.05 90.25
N VAL LA 213 -51.51 -13.59 89.52
CA VAL LA 213 -51.49 -13.59 88.07
C VAL LA 213 -51.48 -12.16 87.53
N TYR LA 214 -50.65 -11.90 86.54
CA TYR LA 214 -50.61 -10.57 85.94
C TYR LA 214 -51.50 -10.51 84.71
N TRP LA 215 -52.38 -9.51 84.65
CA TRP LA 215 -53.22 -9.35 83.46
C TRP LA 215 -52.84 -8.14 82.64
N TYR LA 216 -52.69 -8.35 81.33
CA TYR LA 216 -52.54 -7.24 80.40
C TYR LA 216 -52.72 -7.68 78.94
N ALA MA 30 -3.75 -3.49 76.20
CA ALA MA 30 -4.26 -4.84 76.03
C ALA MA 30 -5.40 -4.84 75.03
N TYR MA 31 -5.63 -6.00 74.42
CA TYR MA 31 -6.70 -6.14 73.47
C TYR MA 31 -7.82 -6.93 74.10
N GLU MA 32 -8.93 -6.26 74.38
CA GLU MA 32 -10.05 -6.92 75.04
C GLU MA 32 -10.87 -7.72 74.06
N TRP MA 33 -11.48 -8.80 74.55
CA TRP MA 33 -11.97 -9.84 73.65
C TRP MA 33 -13.45 -9.79 73.26
N GLY MA 34 -14.22 -8.88 73.80
CA GLY MA 34 -15.58 -8.75 73.33
C GLY MA 34 -15.58 -7.96 72.05
N VAL MA 35 -16.74 -7.57 71.57
CA VAL MA 35 -16.82 -6.51 70.56
C VAL MA 35 -18.05 -5.65 70.86
N ARG MA 36 -17.87 -4.33 70.86
CA ARG MA 36 -18.92 -3.39 71.29
C ARG MA 36 -20.27 -3.71 70.67
N SER MA 37 -20.25 -4.02 69.38
CA SER MA 37 -21.47 -4.33 68.65
C SER MA 37 -22.23 -5.47 69.31
N THR MA 38 -21.53 -6.44 69.86
CA THR MA 38 -22.19 -7.56 70.49
C THR MA 38 -22.70 -7.35 71.91
N ARG MA 39 -21.84 -6.81 72.78
CA ARG MA 39 -22.16 -6.68 74.19
C ARG MA 39 -23.50 -5.99 74.35
N LYS MA 40 -24.35 -6.52 75.23
CA LYS MA 40 -25.73 -6.04 75.34
C LYS MA 40 -25.75 -4.54 75.48
N PRO MA 41 -26.61 -3.87 74.70
CA PRO MA 41 -26.59 -2.41 74.54
C PRO MA 41 -26.75 -1.70 75.87
N GLU MA 42 -25.91 -0.70 76.13
CA GLU MA 42 -26.01 0.09 77.36
C GLU MA 42 -27.39 0.70 77.44
N PRO MA 43 -27.98 0.76 78.65
CA PRO MA 43 -29.33 1.30 78.83
C PRO MA 43 -29.46 2.69 78.20
N PRO MA 44 -30.60 2.97 77.54
CA PRO MA 44 -30.81 4.27 76.92
C PRO MA 44 -30.60 5.40 77.94
N PRO MA 45 -29.98 6.51 77.53
CA PRO MA 45 -29.73 7.61 78.46
C PRO MA 45 -31.03 8.04 79.14
N LEU MA 46 -31.04 8.10 80.46
CA LEU MA 46 -32.27 8.27 81.21
C LEU MA 46 -32.93 9.60 80.86
N ASP MA 47 -34.27 9.62 80.87
CA ASP MA 47 -35.03 10.78 80.44
C ASP MA 47 -34.74 12.03 81.27
N ARG MA 48 -34.72 13.18 80.61
CA ARG MA 48 -34.29 14.44 81.24
C ARG MA 48 -35.13 14.84 82.45
N VAL MA 49 -36.36 14.37 82.50
CA VAL MA 49 -37.27 14.70 83.60
C VAL MA 49 -36.83 14.02 84.89
N TYR MA 50 -35.83 13.16 84.81
CA TYR MA 50 -35.34 12.46 85.99
C TYR MA 50 -34.14 13.15 86.63
N GLU MA 51 -33.67 14.24 86.01
CA GLU MA 51 -32.59 15.03 86.57
C GLU MA 51 -33.11 16.19 87.42
N ILE MA 52 -34.40 16.45 87.35
CA ILE MA 52 -34.98 17.63 87.99
C ILE MA 52 -35.48 17.28 89.39
N PRO MA 53 -34.81 17.82 90.42
CA PRO MA 53 -35.18 17.55 91.81
C PRO MA 53 -36.64 17.92 92.13
N GLY MA 54 -37.28 17.10 92.97
CA GLY MA 54 -38.61 17.41 93.48
C GLY MA 54 -39.71 17.44 92.45
N LEU MA 55 -39.56 16.64 91.40
CA LEU MA 55 -40.53 16.63 90.32
C LEU MA 55 -40.90 15.19 89.93
N GLU MA 56 -42.20 14.89 89.94
CA GLU MA 56 -42.67 13.58 89.56
C GLU MA 56 -42.79 13.46 88.05
N PRO MA 57 -41.95 12.64 87.44
CA PRO MA 57 -42.07 12.42 85.99
C PRO MA 57 -43.37 11.67 85.68
N ILE MA 58 -43.94 11.92 84.50
CA ILE MA 58 -45.15 11.23 84.12
C ILE MA 58 -44.85 10.19 83.06
N THR MA 59 -45.20 8.95 83.34
CA THR MA 59 -44.75 7.83 82.54
C THR MA 59 -45.90 7.03 81.98
N TYR MA 60 -45.58 6.18 81.01
CA TYR MA 60 -46.58 5.32 80.40
C TYR MA 60 -46.83 4.12 81.28
N ALA MA 61 -46.14 4.05 82.41
CA ALA MA 61 -46.29 2.96 83.35
C ALA MA 61 -47.75 2.78 83.74
N GLY MA 62 -48.49 3.87 83.67
CA GLY MA 62 -49.90 3.83 84.00
C GLY MA 62 -50.71 3.00 83.03
N LYS MA 63 -50.38 3.11 81.75
CA LYS MA 63 -51.19 2.48 80.71
C LYS MA 63 -50.72 1.06 80.36
N MET MA 64 -49.67 0.60 81.05
CA MET MA 64 -49.11 -0.74 80.86
C MET MA 64 -48.67 -1.01 79.44
N HIS MA 65 -48.08 -0.01 78.79
CA HIS MA 65 -47.51 -0.20 77.47
C HIS MA 65 -46.81 1.04 77.01
N PHE MA 66 -45.91 0.87 76.05
CA PHE MA 66 -45.10 1.99 75.61
C PHE MA 66 -45.95 3.03 74.94
N MET MA 67 -45.63 4.29 75.19
CA MET MA 67 -46.20 5.38 74.43
C MET MA 67 -45.12 6.39 74.13
N PRO MA 68 -45.11 6.92 72.90
CA PRO MA 68 -44.21 8.05 72.66
C PRO MA 68 -44.80 9.31 73.26
N GLY MA 69 -43.94 10.23 73.69
CA GLY MA 69 -44.41 11.47 74.26
C GLY MA 69 -44.39 11.43 75.77
N LEU MA 70 -44.23 10.24 76.34
CA LEU MA 70 -44.19 10.09 77.78
C LEU MA 70 -42.81 9.59 78.18
N ALA MA 71 -42.46 9.81 79.44
CA ALA MA 71 -41.14 9.41 79.91
C ALA MA 71 -41.09 7.93 80.28
N ARG MA 72 -39.94 7.32 80.02
CA ARG MA 72 -39.70 5.91 80.29
C ARG MA 72 -39.65 5.64 81.78
N PRO MA 73 -40.50 4.73 82.27
CA PRO MA 73 -40.58 4.41 83.70
C PRO MA 73 -39.42 3.55 84.16
N VAL MA 74 -39.00 3.71 85.41
CA VAL MA 74 -37.98 2.84 85.98
C VAL MA 74 -38.63 1.90 86.98
N PHE MA 75 -38.32 0.62 86.88
CA PHE MA 75 -38.99 -0.38 87.71
C PHE MA 75 -38.02 -1.04 88.66
N PRO MA 76 -38.53 -1.43 89.85
CA PRO MA 76 -37.70 -2.16 90.82
C PRO MA 76 -37.38 -3.55 90.30
N PRO MA 77 -36.16 -4.05 90.56
CA PRO MA 77 -35.87 -5.43 90.17
C PRO MA 77 -36.96 -6.35 90.74
N TRP MA 78 -37.48 -7.22 89.90
CA TRP MA 78 -38.75 -7.89 90.20
C TRP MA 78 -38.62 -9.06 91.17
N ASP MA 79 -39.47 -9.06 92.19
CA ASP MA 79 -39.46 -10.09 93.22
C ASP MA 79 -40.83 -10.77 93.33
N PRO MA 80 -40.95 -11.90 92.65
CA PRO MA 80 -42.13 -12.78 92.66
C PRO MA 80 -42.16 -13.51 93.99
N GLY MA 81 -42.83 -12.94 95.00
CA GLY MA 81 -42.61 -13.30 96.39
C GLY MA 81 -42.43 -14.78 96.69
N TRP MA 82 -43.14 -15.63 95.95
CA TRP MA 82 -42.90 -17.07 95.99
C TRP MA 82 -41.88 -17.46 94.91
N THR MA 83 -40.80 -18.15 95.30
CA THR MA 83 -39.77 -18.51 94.33
C THR MA 83 -40.12 -19.79 93.57
N HIS MA 84 -39.87 -19.75 92.26
CA HIS MA 84 -40.08 -20.90 91.38
C HIS MA 84 -38.74 -21.60 91.13
N PRO MA 85 -38.70 -22.92 91.32
CA PRO MA 85 -37.48 -23.70 91.14
C PRO MA 85 -36.78 -23.51 89.79
N LYS MA 86 -37.52 -23.56 88.68
CA LYS MA 86 -36.90 -23.46 87.36
C LYS MA 86 -36.54 -22.04 86.92
N PHE MA 87 -37.48 -21.12 87.08
CA PHE MA 87 -37.37 -19.81 86.42
C PHE MA 87 -36.65 -18.77 87.26
N ARG MA 88 -36.15 -19.17 88.42
CA ARG MA 88 -35.37 -18.26 89.26
C ARG MA 88 -33.97 -18.06 88.69
N ARG MA 89 -33.33 -16.97 89.09
CA ARG MA 89 -31.95 -16.71 88.71
C ARG MA 89 -31.04 -17.74 89.36
N LEU MA 90 -29.96 -18.09 88.67
CA LEU MA 90 -28.99 -19.04 89.19
C LEU MA 90 -28.36 -18.57 90.48
N PRO MA 91 -28.45 -19.39 91.54
CA PRO MA 91 -27.85 -19.02 92.82
C PRO MA 91 -26.34 -18.83 92.69
N PRO MA 92 -25.82 -17.70 93.17
CA PRO MA 92 -24.38 -17.44 93.12
C PRO MA 92 -23.63 -18.57 93.83
N LEU MA 93 -22.43 -18.86 93.38
CA LEU MA 93 -21.72 -20.05 93.82
C LEU MA 93 -21.36 -20.00 95.30
N HIS MA 94 -21.05 -18.82 95.82
CA HIS MA 94 -20.57 -18.68 97.19
C HIS MA 94 -21.63 -18.98 98.25
N GLU MA 95 -22.89 -19.10 97.83
CA GLU MA 95 -24.00 -19.30 98.77
C GLU MA 95 -24.14 -20.75 99.21
N HIS MA 96 -23.45 -21.64 98.51
CA HIS MA 96 -23.57 -23.07 98.77
C HIS MA 96 -22.95 -23.45 100.12
N PRO MA 97 -23.56 -24.42 100.81
CA PRO MA 97 -23.05 -24.92 102.10
C PRO MA 97 -21.65 -25.52 102.01
N LEU MA 98 -21.29 -26.03 100.83
CA LEU MA 98 -20.01 -26.71 100.65
C LEU MA 98 -18.93 -25.78 100.11
N TYR MA 99 -19.26 -24.49 99.95
CA TYR MA 99 -18.29 -23.54 99.43
C TYR MA 99 -17.12 -23.37 100.40
N LYS MA 100 -15.92 -23.30 99.84
CA LYS MA 100 -14.71 -23.09 100.63
C LYS MA 100 -13.79 -22.13 99.90
N ASP MA 101 -12.92 -21.44 100.62
CA ASP MA 101 -12.05 -20.44 100.00
C ASP MA 101 -10.75 -21.03 99.48
N GLN MA 102 -10.45 -22.26 99.87
CA GLN MA 102 -9.28 -22.95 99.35
C GLN MA 102 -9.56 -23.50 97.97
N ALA MA 103 -8.81 -23.04 96.98
CA ALA MA 103 -8.98 -23.58 95.65
C ALA MA 103 -8.53 -25.04 95.67
N CYS MA 104 -9.41 -25.93 95.26
CA CYS MA 104 -9.05 -27.34 95.19
C CYS MA 104 -8.98 -27.78 93.74
N TYR MA 105 -7.86 -28.38 93.35
CA TYR MA 105 -7.71 -28.79 91.96
C TYR MA 105 -8.19 -30.21 91.76
N VAL MA 106 -9.15 -30.35 90.86
CA VAL MA 106 -9.83 -31.61 90.65
C VAL MA 106 -9.37 -32.26 89.37
N PHE MA 107 -9.24 -33.58 89.40
CA PHE MA 107 -9.00 -34.36 88.21
C PHE MA 107 -10.17 -35.28 88.00
N HIS MA 108 -10.91 -35.07 86.91
CA HIS MA 108 -12.01 -35.95 86.59
C HIS MA 108 -11.72 -36.69 85.31
N GLN MA 109 -12.64 -37.56 84.92
CA GLN MA 109 -12.44 -38.49 83.83
C GLN MA 109 -11.91 -37.87 82.53
N ARG MA 110 -12.34 -36.65 82.25
CA ARG MA 110 -12.01 -36.00 80.98
C ARG MA 110 -10.86 -35.00 80.96
N CYS MA 111 -10.15 -34.79 82.06
CA CYS MA 111 -9.05 -33.83 82.07
C CYS MA 111 -7.80 -34.34 81.37
N ARG MA 112 -7.17 -33.48 80.60
CA ARG MA 112 -5.91 -33.83 79.96
C ARG MA 112 -4.77 -33.18 80.70
N LEU MA 113 -3.71 -33.94 80.94
CA LEU MA 113 -2.54 -33.36 81.56
C LEU MA 113 -1.53 -32.99 80.50
N LEU MA 114 -0.95 -31.81 80.65
CA LEU MA 114 -0.02 -31.31 79.66
C LEU MA 114 1.19 -32.21 79.50
N GLU MA 115 1.90 -32.43 80.60
CA GLU MA 115 2.96 -33.42 80.63
C GLU MA 115 2.36 -34.63 81.31
N GLY MA 116 2.04 -35.67 80.56
CA GLY MA 116 1.13 -36.65 81.11
C GLY MA 116 1.68 -37.49 82.25
N VAL MA 117 2.70 -38.28 81.97
CA VAL MA 117 3.09 -39.23 82.98
C VAL MA 117 3.94 -38.53 84.02
N LYS MA 118 4.71 -37.53 83.60
CA LYS MA 118 5.50 -36.75 84.55
C LYS MA 118 4.59 -36.17 85.63
N GLN MA 119 3.59 -35.42 85.20
CA GLN MA 119 2.64 -34.80 86.13
C GLN MA 119 1.97 -35.82 86.99
N ALA MA 120 1.48 -36.88 86.35
CA ALA MA 120 0.79 -37.93 87.07
C ALA MA 120 1.64 -38.40 88.24
N LEU MA 121 2.88 -38.77 87.93
CA LEU MA 121 3.80 -39.25 88.93
C LEU MA 121 3.99 -38.22 90.03
N TRP MA 122 4.23 -36.97 89.66
CA TRP MA 122 4.51 -35.95 90.66
C TRP MA 122 3.33 -35.75 91.61
N LEU MA 123 2.12 -35.73 91.07
CA LEU MA 123 0.95 -35.56 91.91
C LEU MA 123 0.76 -36.77 92.80
N THR MA 124 1.17 -37.93 92.28
CA THR MA 124 0.96 -39.18 92.98
C THR MA 124 2.12 -39.57 93.91
N LYS MA 125 3.24 -38.87 93.78
CA LYS MA 125 4.48 -39.25 94.46
C LYS MA 125 4.82 -40.69 94.12
N THR MA 126 5.27 -40.90 92.89
CA THR MA 126 5.41 -42.26 92.38
C THR MA 126 6.63 -42.44 91.49
N GLN MA 127 7.27 -43.60 91.56
CA GLN MA 127 8.32 -43.91 90.60
C GLN MA 127 7.79 -44.81 89.48
N LEU MA 128 8.26 -44.56 88.28
CA LEU MA 128 7.85 -45.31 87.10
C LEU MA 128 8.83 -46.44 86.78
N ILE MA 129 8.31 -47.59 86.38
CA ILE MA 129 9.15 -48.73 86.00
C ILE MA 129 8.71 -49.26 84.65
N GLU MA 130 9.66 -49.56 83.77
CA GLU MA 130 9.36 -49.88 82.38
C GLU MA 130 8.40 -51.05 82.15
N GLY MA 131 8.83 -52.27 82.42
CA GLY MA 131 7.99 -53.41 82.11
C GLY MA 131 6.83 -53.60 83.07
N LEU MA 132 6.17 -54.74 82.97
CA LEU MA 132 5.21 -55.16 83.98
C LEU MA 132 5.95 -55.92 85.07
N PRO MA 133 5.34 -56.05 86.27
CA PRO MA 133 5.93 -56.87 87.33
C PRO MA 133 6.19 -58.30 86.84
N GLU MA 134 7.22 -58.94 87.37
CA GLU MA 134 7.61 -60.25 86.87
C GLU MA 134 6.63 -61.34 87.25
N LYS MA 135 5.89 -61.14 88.34
CA LYS MA 135 4.81 -62.06 88.71
C LYS MA 135 3.84 -62.22 87.56
N VAL MA 136 3.44 -61.07 87.02
CA VAL MA 136 2.47 -61.01 85.95
C VAL MA 136 3.00 -61.65 84.66
N LEU MA 137 4.27 -61.39 84.35
CA LEU MA 137 4.89 -61.97 83.16
C LEU MA 137 4.98 -63.49 83.25
N ARG MA 138 5.39 -63.99 84.42
CA ARG MA 138 5.41 -65.44 84.66
C ARG MA 138 4.01 -66.01 84.48
N LEU MA 139 3.01 -65.26 84.96
CA LEU MA 139 1.63 -65.66 84.75
C LEU MA 139 1.28 -65.71 83.26
N ALA MA 140 1.94 -64.86 82.48
CA ALA MA 140 1.67 -64.74 81.05
C ALA MA 140 2.34 -65.81 80.18
N ASP MA 141 3.52 -66.25 80.57
CA ASP MA 141 4.31 -67.13 79.69
C ASP MA 141 4.12 -68.62 79.96
N ASP MA 142 3.28 -68.96 80.94
CA ASP MA 142 2.97 -70.36 81.21
C ASP MA 142 1.93 -70.86 80.20
N PRO MA 143 2.31 -71.83 79.37
CA PRO MA 143 1.41 -72.39 78.35
C PRO MA 143 0.14 -72.99 78.95
N ARG MA 144 0.17 -73.26 80.26
CA ARG MA 144 -1.03 -73.74 80.96
C ARG MA 144 -2.14 -72.70 80.95
N ASN MA 145 -1.76 -71.43 80.92
CA ASN MA 145 -2.71 -70.35 81.12
C ASN MA 145 -3.39 -69.84 79.85
N HIS MA 146 -3.02 -70.41 78.71
CA HIS MA 146 -3.64 -70.04 77.45
C HIS MA 146 -5.05 -70.60 77.36
N ILE MA 147 -5.86 -70.04 76.46
CA ILE MA 147 -7.18 -70.59 76.18
C ILE MA 147 -7.03 -71.76 75.21
N GLU MA 148 -8.14 -72.35 74.80
CA GLU MA 148 -8.12 -73.52 73.94
C GLU MA 148 -7.34 -73.26 72.67
N ASN MA 149 -7.89 -72.45 71.76
CA ASN MA 149 -7.08 -71.91 70.69
C ASN MA 149 -7.03 -70.40 70.82
N GLN MA 150 -5.87 -69.88 71.20
CA GLN MA 150 -5.75 -68.47 71.46
C GLN MA 150 -5.79 -67.64 70.18
N ASP MA 151 -4.92 -67.95 69.25
CA ASP MA 151 -4.81 -67.16 68.03
C ASP MA 151 -6.15 -67.14 67.30
N GLU MA 152 -6.78 -68.30 67.22
CA GLU MA 152 -8.07 -68.41 66.58
C GLU MA 152 -9.10 -67.50 67.25
N ARG MA 153 -9.33 -67.73 68.53
CA ARG MA 153 -10.38 -67.00 69.26
C ARG MA 153 -10.15 -65.51 69.27
N VAL MA 154 -8.91 -65.09 69.40
CA VAL MA 154 -8.64 -63.65 69.50
C VAL MA 154 -8.71 -62.98 68.15
N LEU MA 155 -8.24 -63.67 67.10
CA LEU MA 155 -8.45 -63.14 65.76
C LEU MA 155 -9.93 -62.97 65.51
N ASN MA 156 -10.72 -63.92 65.99
CA ASN MA 156 -12.17 -63.81 65.89
C ASN MA 156 -12.76 -62.66 66.70
N ALA MA 157 -12.20 -62.40 67.87
CA ALA MA 157 -12.71 -61.31 68.71
C ALA MA 157 -12.44 -59.98 68.04
N ILE MA 158 -11.24 -59.85 67.51
CA ILE MA 158 -10.87 -58.66 66.76
C ILE MA 158 -11.79 -58.47 65.57
N SER MA 159 -11.90 -59.50 64.73
CA SER MA 159 -12.72 -59.38 63.53
C SER MA 159 -14.17 -59.08 63.87
N HIS MA 160 -14.68 -59.70 64.92
CA HIS MA 160 -16.03 -59.45 65.38
C HIS MA 160 -16.20 -57.99 65.72
N ALA MA 161 -15.32 -57.50 66.58
CA ALA MA 161 -15.43 -56.11 67.05
C ALA MA 161 -15.29 -55.12 65.91
N ARG MA 162 -14.31 -55.35 65.07
CA ARG MA 162 -13.97 -54.39 64.06
C ARG MA 162 -14.86 -54.46 62.82
N LEU MA 163 -15.51 -55.60 62.61
CA LEU MA 163 -16.36 -55.80 61.43
C LEU MA 163 -17.74 -56.38 61.73
N TRP MA 164 -17.75 -57.61 62.22
CA TRP MA 164 -18.96 -58.43 62.25
C TRP MA 164 -20.07 -57.98 63.19
N HIS MA 165 -19.77 -57.10 64.13
CA HIS MA 165 -20.74 -56.83 65.18
C HIS MA 165 -21.80 -55.82 64.75
N SER MA 166 -21.65 -55.24 63.58
CA SER MA 166 -22.57 -54.20 63.11
C SER MA 166 -23.16 -54.51 61.75
N THR MA 167 -24.27 -53.83 61.46
CA THR MA 167 -24.95 -54.01 60.20
C THR MA 167 -24.21 -53.28 59.10
N GLU MA 168 -23.56 -52.18 59.47
CA GLU MA 168 -22.88 -51.31 58.53
C GLU MA 168 -21.57 -51.89 58.02
N ASP MA 169 -21.08 -51.38 56.90
CA ASP MA 169 -19.83 -51.84 56.32
C ASP MA 169 -18.63 -51.58 57.23
N ILE MA 170 -18.49 -50.34 57.68
CA ILE MA 170 -17.34 -49.96 58.48
C ILE MA 170 -17.76 -49.28 59.76
N PRO MA 171 -17.91 -50.05 60.84
CA PRO MA 171 -18.36 -49.56 62.15
C PRO MA 171 -17.46 -48.45 62.68
N LYS MA 172 -18.02 -47.54 63.46
CA LYS MA 172 -17.23 -46.45 64.03
C LYS MA 172 -16.59 -46.92 65.30
N ARG MA 173 -15.74 -46.08 65.87
CA ARG MA 173 -14.96 -46.48 67.04
C ARG MA 173 -15.84 -46.53 68.27
N GLU MA 174 -16.84 -45.67 68.31
CA GLU MA 174 -17.71 -45.54 69.46
C GLU MA 174 -18.37 -46.84 69.79
N THR MA 175 -18.67 -47.62 68.76
CA THR MA 175 -19.13 -48.98 68.98
C THR MA 175 -18.01 -49.97 69.25
N TYR MA 176 -16.97 -49.95 68.44
CA TYR MA 176 -16.09 -51.10 68.45
C TYR MA 176 -15.06 -51.10 69.57
N CYS MA 177 -14.82 -49.97 70.22
CA CYS MA 177 -13.90 -50.02 71.35
C CYS MA 177 -14.48 -50.80 72.56
N PRO MA 178 -15.66 -50.40 73.06
CA PRO MA 178 -16.20 -51.15 74.20
C PRO MA 178 -16.47 -52.61 73.85
N VAL MA 179 -16.83 -52.86 72.60
CA VAL MA 179 -17.07 -54.21 72.15
C VAL MA 179 -15.82 -55.06 72.23
N ILE MA 180 -14.67 -54.54 71.81
CA ILE MA 180 -13.49 -55.38 71.82
C ILE MA 180 -12.98 -55.58 73.24
N VAL MA 181 -13.09 -54.54 74.07
CA VAL MA 181 -12.66 -54.73 75.45
C VAL MA 181 -13.52 -55.80 76.11
N ASP MA 182 -14.82 -55.75 75.87
CA ASP MA 182 -15.70 -56.73 76.46
C ASP MA 182 -15.50 -58.14 75.88
N SER MA 183 -15.20 -58.23 74.59
CA SER MA 183 -14.90 -59.52 73.97
C SER MA 183 -13.72 -60.16 74.68
N LEU MA 184 -12.67 -59.37 74.90
CA LEU MA 184 -11.49 -59.88 75.57
C LEU MA 184 -11.80 -60.27 77.01
N ILE MA 185 -12.55 -59.43 77.73
CA ILE MA 185 -12.97 -59.77 79.09
C ILE MA 185 -13.68 -61.11 79.11
N GLN MA 186 -14.46 -61.39 78.07
CA GLN MA 186 -15.14 -62.66 77.98
C GLN MA 186 -14.17 -63.82 77.76
N LEU MA 187 -13.26 -63.64 76.80
CA LEU MA 187 -12.25 -64.65 76.53
C LEU MA 187 -11.48 -65.04 77.78
N CYS MA 188 -11.19 -64.06 78.63
CA CYS MA 188 -10.50 -64.34 79.87
C CYS MA 188 -11.41 -64.97 80.90
N LYS MA 189 -12.64 -64.49 80.96
CA LYS MA 189 -13.64 -65.03 81.85
C LYS MA 189 -13.88 -66.51 81.59
N SER MA 190 -13.54 -66.96 80.39
CA SER MA 190 -13.72 -68.37 80.02
C SER MA 190 -12.81 -69.30 80.81
N GLN MA 191 -11.88 -68.73 81.56
CA GLN MA 191 -10.92 -69.51 82.32
C GLN MA 191 -11.41 -69.80 83.72
N ILE MA 192 -12.65 -69.40 84.02
CA ILE MA 192 -13.27 -69.63 85.32
C ILE MA 192 -13.46 -71.13 85.57
N LEU MA 193 -13.34 -71.90 84.51
CA LEU MA 193 -13.48 -73.34 84.58
C LEU MA 193 -12.25 -73.99 85.23
N LYS MA 194 -11.08 -73.51 84.81
CA LYS MA 194 -9.81 -74.06 85.26
C LYS MA 194 -9.36 -73.53 86.63
N HIS MA 195 -9.52 -72.23 86.88
CA HIS MA 195 -9.14 -71.61 88.16
C HIS MA 195 -10.36 -71.04 88.85
N PRO MA 196 -11.16 -71.87 89.53
CA PRO MA 196 -12.44 -71.30 89.97
C PRO MA 196 -12.35 -70.39 91.18
N SER MA 197 -11.39 -69.47 91.19
CA SER MA 197 -11.38 -68.39 92.14
C SER MA 197 -11.87 -67.11 91.49
N LEU MA 198 -12.10 -67.16 90.19
CA LEU MA 198 -12.38 -65.95 89.42
C LEU MA 198 -13.82 -65.52 89.61
N ALA MA 199 -14.61 -66.38 90.24
CA ALA MA 199 -16.01 -66.07 90.48
C ALA MA 199 -16.15 -65.20 91.72
N ARG MA 200 -15.01 -64.87 92.33
CA ARG MA 200 -14.98 -64.04 93.51
C ARG MA 200 -15.02 -62.57 93.12
N ARG MA 201 -15.17 -62.32 91.82
CA ARG MA 201 -15.16 -60.96 91.29
C ARG MA 201 -16.52 -60.52 90.76
N ILE MA 202 -16.75 -59.22 90.79
CA ILE MA 202 -17.97 -58.64 90.22
C ILE MA 202 -17.59 -57.40 89.43
N CYS MA 203 -18.32 -57.11 88.37
CA CYS MA 203 -18.01 -55.94 87.57
C CYS MA 203 -19.00 -54.80 87.86
N ALA MA 204 -18.52 -53.56 87.82
CA ALA MA 204 -19.37 -52.41 88.11
C ALA MA 204 -19.19 -51.30 87.08
N GLN MA 205 -20.24 -50.52 86.88
CA GLN MA 205 -20.19 -49.42 85.92
C GLN MA 205 -20.58 -48.11 86.57
N ASN MA 206 -19.78 -47.08 86.31
CA ASN MA 206 -20.11 -45.71 86.70
C ASN MA 206 -20.35 -45.51 88.19
N ASN MA 207 -19.29 -45.61 88.97
CA ASN MA 207 -19.37 -45.32 90.40
C ASN MA 207 -18.72 -43.99 90.74
N THR MA 208 -19.36 -43.25 91.62
CA THR MA 208 -18.77 -42.02 92.13
C THR MA 208 -17.50 -42.35 92.90
N LEU MA 209 -16.40 -41.71 92.54
CA LEU MA 209 -15.16 -41.91 93.26
C LEU MA 209 -14.60 -40.57 93.70
N SER MA 210 -14.36 -40.42 95.00
CA SER MA 210 -13.81 -39.18 95.51
C SER MA 210 -12.60 -39.44 96.39
N ALA MA 211 -11.43 -39.03 95.93
CA ALA MA 211 -10.25 -39.16 96.75
C ALA MA 211 -9.57 -37.82 96.89
N THR MA 212 -9.58 -37.30 98.11
CA THR MA 212 -8.94 -36.03 98.39
C THR MA 212 -7.62 -36.26 99.06
N TRP MA 213 -6.59 -35.56 98.60
CA TRP MA 213 -5.33 -35.63 99.30
C TRP MA 213 -4.54 -34.35 99.10
N ASN MA 214 -3.64 -34.12 100.05
CA ASN MA 214 -2.92 -32.88 100.10
C ASN MA 214 -1.47 -33.08 99.72
N ARG MA 215 -1.03 -32.39 98.69
CA ARG MA 215 0.34 -32.54 98.20
C ARG MA 215 1.05 -31.21 98.05
N GLU MA 216 2.05 -30.98 98.90
CA GLU MA 216 2.92 -29.81 98.80
C GLU MA 216 2.17 -28.48 98.80
N SER MA 217 1.29 -28.30 99.79
CA SER MA 217 0.46 -27.08 99.93
C SER MA 217 -0.60 -26.95 98.85
N ILE MA 218 -0.61 -27.87 97.88
CA ILE MA 218 -1.64 -27.90 96.86
C ILE MA 218 -2.66 -28.96 97.19
N LEU MA 219 -3.94 -28.61 97.12
CA LEU MA 219 -4.99 -29.56 97.46
C LEU MA 219 -5.54 -30.24 96.21
N LEU MA 220 -5.40 -31.55 96.14
CA LEU MA 220 -5.84 -32.30 94.96
C LEU MA 220 -6.99 -33.23 95.27
N GLN MA 221 -7.92 -33.36 94.33
CA GLN MA 221 -8.99 -34.34 94.46
C GLN MA 221 -9.25 -35.05 93.16
N VAL MA 222 -9.07 -36.36 93.13
CA VAL MA 222 -9.46 -37.11 91.94
C VAL MA 222 -10.89 -37.57 92.17
N HIS MA 223 -11.76 -37.05 91.32
CA HIS MA 223 -13.18 -37.15 91.58
C HIS MA 223 -13.95 -37.39 90.30
N GLY MA 224 -14.84 -38.36 90.30
CA GLY MA 224 -15.59 -38.62 89.09
C GLY MA 224 -15.97 -40.06 88.88
N SER MA 225 -16.22 -40.42 87.63
CA SER MA 225 -16.49 -41.80 87.28
C SER MA 225 -15.52 -42.28 86.23
N SER MA 226 -15.05 -43.51 86.37
CA SER MA 226 -14.41 -44.17 85.26
C SER MA 226 -15.46 -45.01 84.56
N GLY MA 227 -15.09 -45.62 83.44
CA GLY MA 227 -16.06 -46.40 82.70
C GLY MA 227 -16.50 -47.70 83.36
N ALA MA 228 -15.54 -48.59 83.59
CA ALA MA 228 -15.86 -49.94 84.06
C ALA MA 228 -14.80 -50.39 85.03
N ARG MA 229 -15.25 -51.10 86.06
CA ARG MA 229 -14.40 -51.39 87.19
C ARG MA 229 -14.57 -52.82 87.63
N LEU MA 230 -13.47 -53.58 87.63
CA LEU MA 230 -13.55 -54.96 88.09
C LEU MA 230 -13.17 -55.06 89.56
N ASN MA 231 -14.12 -55.45 90.40
CA ASN MA 231 -13.90 -55.56 91.84
C ASN MA 231 -13.74 -57.00 92.30
N ALA MA 232 -12.93 -57.20 93.34
CA ALA MA 232 -12.71 -58.52 93.89
C ALA MA 232 -13.08 -58.61 95.36
N LYS MA 233 -13.34 -59.82 95.82
CA LYS MA 233 -13.66 -60.09 97.22
C LYS MA 233 -12.41 -60.05 98.09
N ASP MA 234 -11.30 -60.51 97.53
CA ASP MA 234 -10.04 -60.58 98.28
C ASP MA 234 -8.98 -59.70 97.63
N PRO MA 235 -8.15 -59.04 98.45
CA PRO MA 235 -7.19 -58.07 97.92
C PRO MA 235 -6.10 -58.71 97.11
N LEU MA 236 -5.25 -57.87 96.53
CA LEU MA 236 -4.21 -58.32 95.62
C LEU MA 236 -2.84 -58.33 96.31
N PRO MA 237 -2.11 -59.46 96.20
CA PRO MA 237 -0.80 -59.58 96.87
C PRO MA 237 0.22 -58.60 96.30
N PRO MA 238 0.93 -57.89 97.18
CA PRO MA 238 1.89 -56.84 96.81
C PRO MA 238 3.01 -57.36 95.91
N VAL MA 239 3.27 -56.65 94.82
CA VAL MA 239 4.13 -57.16 93.75
C VAL MA 239 5.57 -56.70 93.79
N ALA MA 240 5.95 -55.88 94.76
CA ALA MA 240 7.31 -55.38 94.78
C ALA MA 240 8.08 -55.89 95.99
N SER MA 241 9.28 -56.39 95.76
CA SER MA 241 10.17 -56.80 96.84
C SER MA 241 10.61 -55.59 97.64
N GLN MA 242 11.05 -55.79 98.87
CA GLN MA 242 11.42 -54.68 99.74
C GLN MA 242 12.58 -53.86 99.17
N GLU MA 243 13.42 -54.51 98.36
CA GLU MA 243 14.53 -53.83 97.70
C GLU MA 243 14.06 -52.71 96.79
N GLU MA 244 12.94 -52.95 96.10
CA GLU MA 244 12.35 -51.96 95.22
C GLU MA 244 11.84 -50.78 96.04
N VAL MA 245 11.08 -51.10 97.08
CA VAL MA 245 10.49 -50.07 97.92
C VAL MA 245 11.55 -49.19 98.58
N GLU MA 246 12.68 -49.78 98.96
CA GLU MA 246 13.74 -49.00 99.58
C GLU MA 246 14.59 -48.25 98.55
N ALA MA 247 14.69 -48.81 97.34
CA ALA MA 247 15.36 -48.11 96.26
C ALA MA 247 14.50 -46.95 95.80
N THR MA 248 13.25 -46.96 96.25
CA THR MA 248 12.32 -45.87 95.95
C THR MA 248 12.56 -44.66 96.83
N LYS MA 249 13.21 -44.89 97.97
CA LYS MA 249 13.46 -43.85 98.95
C LYS MA 249 14.50 -42.85 98.45
N ASN MA 250 15.38 -43.32 97.56
CA ASN MA 250 16.47 -42.51 97.03
C ASN MA 250 16.18 -41.88 95.67
N HIS MA 251 15.00 -42.14 95.12
CA HIS MA 251 14.65 -41.66 93.79
C HIS MA 251 14.14 -40.22 93.81
N VAL MA 252 14.71 -39.38 92.96
CA VAL MA 252 14.31 -37.97 92.89
C VAL MA 252 13.26 -37.73 91.82
N LEU MA 253 12.15 -37.11 92.18
CA LEU MA 253 11.08 -36.81 91.24
C LEU MA 253 11.50 -35.78 90.21
N GLU MA 254 11.33 -36.08 88.93
CA GLU MA 254 11.64 -35.14 87.87
C GLU MA 254 10.67 -33.96 87.94
N THR MA 255 11.13 -32.79 87.52
CA THR MA 255 10.29 -31.61 87.60
C THR MA 255 10.36 -30.79 86.32
N PHE MA 256 9.21 -30.23 85.98
CA PHE MA 256 9.04 -29.38 84.81
C PHE MA 256 8.91 -27.95 85.29
N TYR MA 257 9.94 -27.14 85.09
CA TYR MA 257 9.97 -25.87 85.83
C TYR MA 257 8.86 -24.89 85.44
N PRO MA 258 8.72 -24.58 84.14
CA PRO MA 258 7.79 -23.48 83.85
C PRO MA 258 6.35 -23.88 84.15
N ILE MA 259 6.02 -25.13 83.87
CA ILE MA 259 4.66 -25.64 84.01
C ILE MA 259 4.38 -26.07 85.44
N SER MA 260 3.29 -25.54 86.02
CA SER MA 260 2.89 -25.93 87.37
C SER MA 260 2.30 -27.34 87.33
N PRO MA 261 2.43 -28.11 88.41
CA PRO MA 261 1.99 -29.51 88.37
C PRO MA 261 0.48 -29.62 88.28
N THR MA 262 -0.20 -28.54 88.61
CA THR MA 262 -1.64 -28.52 88.66
C THR MA 262 -2.25 -28.35 87.25
N MET MA 263 -1.40 -28.03 86.27
CA MET MA 263 -1.85 -27.73 84.91
C MET MA 263 -2.76 -28.76 84.28
N GLY MA 264 -3.90 -28.30 83.78
CA GLY MA 264 -4.84 -29.19 83.13
C GLY MA 264 -5.91 -29.70 84.06
N LEU MA 265 -5.83 -29.35 85.33
CA LEU MA 265 -6.86 -29.77 86.27
C LEU MA 265 -7.95 -28.72 86.33
N GLN MA 266 -8.95 -28.97 87.16
CA GLN MA 266 -10.07 -28.06 87.29
C GLN MA 266 -10.03 -27.32 88.62
N GLU MA 267 -9.78 -26.02 88.55
CA GLU MA 267 -9.80 -25.21 89.76
C GLU MA 267 -11.23 -25.16 90.27
N CYS MA 268 -11.43 -25.54 91.52
CA CYS MA 268 -12.77 -25.70 92.02
C CYS MA 268 -12.94 -25.17 93.43
N ASN MA 269 -13.94 -24.31 93.63
CA ASN MA 269 -14.19 -23.74 94.94
C ASN MA 269 -15.31 -24.37 95.75
N VAL MA 270 -16.01 -25.34 95.18
CA VAL MA 270 -17.03 -26.04 95.95
C VAL MA 270 -16.84 -27.54 95.84
N TYR MA 271 -16.49 -28.16 96.96
CA TYR MA 271 -16.11 -29.56 96.97
C TYR MA 271 -16.25 -30.13 98.36
N ASP MA 272 -16.31 -31.46 98.46
CA ASP MA 272 -16.32 -32.12 99.76
C ASP MA 272 -15.01 -32.83 99.97
N VAL MA 273 -14.46 -32.74 101.18
CA VAL MA 273 -13.36 -33.61 101.50
C VAL MA 273 -13.88 -34.74 102.37
N ASN MA 274 -14.05 -35.89 101.75
CA ASN MA 274 -14.38 -37.12 102.43
C ASN MA 274 -13.87 -38.23 101.56
N ASP MA 275 -13.42 -39.31 102.18
CA ASP MA 275 -12.98 -40.43 101.38
C ASP MA 275 -14.21 -41.16 100.90
N ASP MA 276 -14.33 -41.27 99.59
CA ASP MA 276 -15.46 -41.98 99.01
C ASP MA 276 -15.05 -42.94 97.92
N THR MA 277 -15.28 -44.22 98.19
CA THR MA 277 -15.24 -45.23 97.16
C THR MA 277 -16.71 -45.45 96.85
N GLY MA 278 -17.02 -45.81 95.61
CA GLY MA 278 -18.40 -45.69 95.15
C GLY MA 278 -19.41 -46.54 95.86
N PHE MA 279 -18.94 -47.27 96.87
CA PHE MA 279 -19.79 -48.22 97.56
C PHE MA 279 -19.91 -47.88 99.03
N GLN MA 280 -21.05 -48.20 99.62
CA GLN MA 280 -21.25 -47.97 101.04
C GLN MA 280 -20.55 -49.06 101.85
N GLU MA 281 -20.68 -48.98 103.17
CA GLU MA 281 -20.07 -49.96 104.05
C GLU MA 281 -20.62 -51.35 103.80
N GLY MA 282 -19.82 -52.37 104.08
CA GLY MA 282 -20.31 -53.74 104.01
C GLY MA 282 -20.49 -54.27 102.61
N TYR MA 283 -19.76 -53.69 101.67
CA TYR MA 283 -19.80 -54.18 100.30
C TYR MA 283 -19.04 -55.49 100.19
N PRO MA 284 -19.73 -56.54 99.75
CA PRO MA 284 -19.19 -57.90 99.63
C PRO MA 284 -17.95 -58.00 98.75
N TYR MA 285 -17.74 -57.04 97.86
CA TYR MA 285 -16.60 -57.07 96.94
C TYR MA 285 -15.72 -55.85 97.10
N PRO MA 286 -15.10 -55.69 98.27
CA PRO MA 286 -14.48 -54.42 98.66
C PRO MA 286 -13.20 -54.00 97.92
N CYS MA 287 -12.51 -54.92 97.23
CA CYS MA 287 -11.17 -54.58 96.76
C CYS MA 287 -11.05 -54.36 95.24
N PRO MA 288 -10.87 -53.10 94.82
CA PRO MA 288 -10.63 -52.77 93.41
C PRO MA 288 -9.52 -53.59 92.81
N HIS MA 289 -9.79 -54.16 91.65
CA HIS MA 289 -8.86 -55.07 91.01
C HIS MA 289 -8.31 -54.45 89.73
N THR MA 290 -9.19 -54.19 88.78
CA THR MA 290 -8.79 -53.59 87.52
C THR MA 290 -9.75 -52.49 87.07
N LEU MA 291 -9.20 -51.38 86.59
CA LEU MA 291 -10.01 -50.31 86.01
C LEU MA 291 -9.88 -50.32 84.49
N TYR MA 292 -10.99 -50.10 83.79
CA TYR MA 292 -10.96 -50.10 82.33
C TYR MA 292 -11.29 -48.74 81.74
N PHE MA 293 -10.36 -48.21 80.96
CA PHE MA 293 -10.53 -46.90 80.34
C PHE MA 293 -10.57 -47.00 78.84
N LEU MA 294 -11.73 -46.72 78.27
CA LEU MA 294 -11.87 -46.73 76.84
C LEU MA 294 -11.75 -45.32 76.30
N GLU MA 295 -11.05 -45.17 75.18
CA GLU MA 295 -11.26 -43.98 74.40
C GLU MA 295 -12.13 -44.34 73.23
N SER MA 296 -13.43 -44.05 73.34
CA SER MA 296 -14.31 -44.25 72.23
C SER MA 296 -14.81 -42.89 71.82
N ALA MA 297 -14.25 -42.40 70.74
CA ALA MA 297 -14.66 -41.15 70.18
C ALA MA 297 -14.27 -41.24 68.75
N ASN MA 298 -15.04 -40.66 67.86
CA ASN MA 298 -14.73 -40.79 66.46
C ASN MA 298 -13.55 -39.89 66.09
N LEU MA 299 -13.69 -38.60 66.30
CA LEU MA 299 -12.62 -37.64 66.02
C LEU MA 299 -11.35 -37.85 66.81
N ARG MA 300 -10.19 -37.68 66.17
CA ARG MA 300 -8.91 -37.65 66.88
C ARG MA 300 -8.93 -36.67 68.04
N PRO MA 301 -9.22 -35.39 67.77
CA PRO MA 301 -9.06 -34.41 68.85
C PRO MA 301 -9.92 -34.68 70.07
N ARG MA 302 -10.92 -35.54 69.97
CA ARG MA 302 -11.75 -35.81 71.14
C ARG MA 302 -11.29 -37.04 71.90
N ARG MA 303 -10.23 -37.68 71.41
CA ARG MA 303 -9.62 -38.77 72.13
C ARG MA 303 -8.43 -38.27 72.92
N PHE MA 304 -7.79 -39.15 73.66
CA PHE MA 304 -6.61 -38.77 74.42
C PHE MA 304 -5.36 -39.17 73.65
N GLN MA 305 -4.32 -38.35 73.74
CA GLN MA 305 -3.02 -38.83 73.31
C GLN MA 305 -2.68 -40.00 74.21
N PRO MA 306 -1.99 -41.01 73.67
CA PRO MA 306 -1.65 -42.20 74.45
C PRO MA 306 -1.05 -41.84 75.80
N ASP MA 307 -0.16 -40.86 75.78
CA ASP MA 307 0.49 -40.39 76.99
C ASP MA 307 -0.52 -39.87 78.03
N GLN MA 308 -1.36 -38.95 77.62
CA GLN MA 308 -2.39 -38.39 78.49
C GLN MA 308 -3.25 -39.48 79.10
N LEU MA 309 -3.50 -40.52 78.31
CA LEU MA 309 -4.30 -41.65 78.78
C LEU MA 309 -3.58 -42.37 79.90
N ARG MA 310 -2.31 -42.64 79.68
CA ARG MA 310 -1.48 -43.23 80.73
C ARG MA 310 -1.62 -42.42 82.01
N ALA MA 311 -1.52 -41.11 81.89
CA ALA MA 311 -1.65 -40.25 83.06
C ALA MA 311 -3.00 -40.43 83.76
N LYS MA 312 -4.05 -40.46 82.95
CA LYS MA 312 -5.40 -40.63 83.45
C LYS MA 312 -5.51 -41.88 84.30
N MET MA 313 -4.98 -42.99 83.80
CA MET MA 313 -5.12 -44.22 84.55
C MET MA 313 -4.18 -44.27 85.75
N ILE MA 314 -3.05 -43.57 85.69
CA ILE MA 314 -2.23 -43.42 86.89
C ILE MA 314 -3.03 -42.77 88.00
N LEU MA 315 -3.56 -41.58 87.71
CA LEU MA 315 -4.29 -40.81 88.71
C LEU MA 315 -5.50 -41.55 89.24
N PHE MA 316 -6.23 -42.20 88.35
CA PHE MA 316 -7.45 -42.83 88.79
C PHE MA 316 -7.18 -44.10 89.57
N ALA MA 317 -6.21 -44.89 89.11
CA ALA MA 317 -5.83 -46.08 89.85
C ALA MA 317 -5.44 -45.64 91.24
N PHE MA 318 -4.65 -44.58 91.29
CA PHE MA 318 -4.19 -44.04 92.55
C PHE MA 318 -5.33 -43.63 93.47
N GLY MA 319 -6.33 -42.95 92.93
CA GLY MA 319 -7.48 -42.57 93.73
C GLY MA 319 -8.19 -43.79 94.29
N SER MA 320 -8.42 -44.77 93.41
CA SER MA 320 -9.10 -45.99 93.82
C SER MA 320 -8.37 -46.67 94.95
N ALA MA 321 -7.04 -46.67 94.86
CA ALA MA 321 -6.22 -47.27 95.90
C ALA MA 321 -6.36 -46.49 97.19
N LEU MA 322 -6.12 -45.19 97.10
CA LEU MA 322 -6.11 -44.29 98.24
C LEU MA 322 -7.39 -44.38 99.07
N ALA MA 323 -8.53 -44.46 98.39
CA ALA MA 323 -9.81 -44.65 99.07
C ALA MA 323 -9.74 -45.84 100.01
N GLN MA 324 -9.49 -47.01 99.44
CA GLN MA 324 -9.31 -48.23 100.19
C GLN MA 324 -8.32 -48.09 101.34
N ALA MA 325 -7.15 -47.55 101.01
CA ALA MA 325 -6.08 -47.37 101.98
C ALA MA 325 -6.54 -46.55 103.17
N ARG MA 326 -7.47 -45.64 102.95
CA ARG MA 326 -7.99 -44.86 104.06
C ARG MA 326 -9.22 -45.50 104.69
N LEU MA 327 -9.72 -46.56 104.06
CA LEU MA 327 -10.78 -47.35 104.69
C LEU MA 327 -10.26 -48.34 105.72
N LEU MA 328 -9.19 -49.06 105.37
CA LEU MA 328 -8.70 -50.16 106.20
C LEU MA 328 -7.72 -49.69 107.28
N TYR MA 329 -7.34 -48.42 107.19
CA TYR MA 329 -6.30 -47.87 108.05
C TYR MA 329 -6.79 -46.56 108.67
N GLY MA 330 -7.19 -45.62 107.83
CA GLY MA 330 -7.76 -44.37 108.27
C GLY MA 330 -6.96 -43.13 107.98
N ASN MA 331 -7.61 -41.98 108.15
CA ASN MA 331 -7.16 -40.70 107.60
C ASN MA 331 -5.76 -40.29 107.97
N ASP MA 332 -5.21 -40.89 109.03
CA ASP MA 332 -3.85 -40.61 109.46
C ASP MA 332 -2.86 -40.89 108.33
N SER MA 333 -1.85 -40.03 108.20
CA SER MA 333 -0.87 -40.15 107.13
C SER MA 333 0.34 -40.95 107.58
N LYS MA 334 0.53 -42.12 106.98
CA LYS MA 334 1.56 -43.05 107.40
C LYS MA 334 2.09 -43.86 106.22
N VAL MA 335 3.32 -44.37 106.33
CA VAL MA 335 3.78 -45.37 105.37
C VAL MA 335 3.03 -46.64 105.64
N LEU MA 336 2.82 -47.45 104.61
CA LEU MA 336 1.97 -48.61 104.75
C LEU MA 336 2.76 -49.90 104.92
N GLU MA 337 2.41 -50.63 105.97
CA GLU MA 337 2.98 -51.94 106.24
C GLU MA 337 2.41 -52.97 105.27
N GLN MA 338 1.23 -52.66 104.75
CA GLN MA 338 0.54 -53.55 103.82
C GLN MA 338 0.12 -52.78 102.56
N PRO MA 339 0.97 -52.80 101.53
CA PRO MA 339 0.76 -52.07 100.27
C PRO MA 339 -0.57 -52.39 99.61
N VAL MA 340 -1.16 -51.43 98.91
CA VAL MA 340 -2.40 -51.71 98.18
C VAL MA 340 -2.13 -51.76 96.69
N VAL MA 341 -2.64 -52.78 96.00
CA VAL MA 341 -2.33 -52.88 94.58
C VAL MA 341 -3.56 -52.81 93.68
N VAL MA 342 -3.47 -51.99 92.64
CA VAL MA 342 -4.58 -51.81 91.70
C VAL MA 342 -4.04 -51.88 90.28
N GLN MA 343 -4.85 -52.36 89.34
CA GLN MA 343 -4.43 -52.42 87.94
C GLN MA 343 -5.33 -51.56 87.05
N SER MA 344 -4.82 -51.24 85.86
CA SER MA 344 -5.60 -50.47 84.91
C SER MA 344 -5.25 -50.81 83.46
N VAL MA 345 -6.27 -50.86 82.62
CA VAL MA 345 -6.10 -51.11 81.19
C VAL MA 345 -6.78 -50.01 80.40
N GLY MA 346 -6.22 -49.62 79.26
CA GLY MA 346 -6.83 -48.56 78.49
C GLY MA 346 -6.68 -48.71 77.00
N THR MA 347 -7.55 -48.08 76.23
CA THR MA 347 -7.67 -48.44 74.84
C THR MA 347 -8.05 -47.36 73.82
N ASP MA 348 -7.41 -47.45 72.66
CA ASP MA 348 -7.92 -46.86 71.43
C ASP MA 348 -8.95 -47.82 70.87
N GLY MA 349 -8.78 -49.07 71.25
CA GLY MA 349 -9.47 -50.21 70.66
C GLY MA 349 -8.55 -50.96 69.72
N ARG MA 350 -7.55 -50.31 69.13
CA ARG MA 350 -6.44 -51.04 68.51
C ARG MA 350 -5.15 -51.00 69.33
N LEU MA 351 -5.13 -50.18 70.38
CA LEU MA 351 -3.89 -49.90 71.10
C LEU MA 351 -4.10 -49.92 72.60
N PHE MA 352 -3.26 -50.67 73.30
CA PHE MA 352 -3.51 -50.90 74.72
C PHE MA 352 -2.47 -50.30 75.65
N GLN MA 353 -2.92 -49.86 76.81
CA GLN MA 353 -2.05 -49.34 77.83
C GLN MA 353 -2.23 -50.16 79.10
N PHE MA 354 -1.16 -50.81 79.56
CA PHE MA 354 -1.23 -51.63 80.77
C PHE MA 354 -0.54 -50.97 81.95
N LEU MA 355 -1.17 -51.03 83.10
CA LEU MA 355 -0.63 -50.38 84.27
C LEU MA 355 -0.87 -51.18 85.55
N VAL MA 356 0.17 -51.29 86.37
CA VAL MA 356 -0.01 -51.84 87.71
C VAL MA 356 0.56 -50.88 88.72
N LEU MA 357 -0.22 -50.59 89.75
CA LEU MA 357 0.14 -49.59 90.73
C LEU MA 357 0.17 -50.17 92.13
N GLN MA 358 1.25 -49.89 92.84
CA GLN MA 358 1.37 -50.26 94.24
C GLN MA 358 1.46 -49.02 95.11
N LEU MA 359 0.49 -48.87 95.99
CA LEU MA 359 0.43 -47.74 96.90
C LEU MA 359 1.08 -48.10 98.23
N ASN MA 360 2.24 -47.48 98.50
CA ASN MA 360 2.95 -47.64 99.77
C ASN MA 360 2.80 -46.54 100.81
N THR MA 361 2.17 -45.41 100.46
CA THR MA 361 2.23 -44.22 101.30
C THR MA 361 0.96 -43.40 101.35
N THR MA 362 0.51 -43.06 102.54
CA THR MA 362 -0.61 -42.15 102.66
C THR MA 362 -0.19 -40.70 102.98
N ASP MA 363 1.10 -40.45 103.21
CA ASP MA 363 1.52 -39.06 103.44
C ASP MA 363 2.26 -38.50 102.24
N LEU MA 364 1.55 -37.67 101.49
CA LEU MA 364 2.07 -37.12 100.27
C LEU MA 364 2.51 -35.67 100.42
N ALA MA 365 2.31 -35.12 101.60
CA ALA MA 365 2.61 -33.70 101.83
C ALA MA 365 4.10 -33.45 101.60
N SER MA 366 4.95 -34.26 102.21
CA SER MA 366 6.39 -34.14 102.03
C SER MA 366 6.82 -34.79 100.73
N ASP MA 367 7.91 -34.30 100.18
CA ASP MA 367 8.45 -34.85 98.96
C ASP MA 367 9.51 -35.93 99.20
N GLU MA 368 9.98 -36.04 100.43
CA GLU MA 368 11.26 -36.72 100.70
C GLU MA 368 11.19 -38.18 101.15
N GLY MA 369 10.00 -38.72 101.33
CA GLY MA 369 9.86 -40.04 101.94
C GLY MA 369 9.98 -41.20 100.97
N VAL MA 370 9.25 -42.28 101.28
CA VAL MA 370 9.10 -43.42 100.39
C VAL MA 370 8.02 -43.15 99.36
N LYS MA 371 8.27 -43.51 98.11
CA LYS MA 371 7.32 -43.21 97.05
C LYS MA 371 6.54 -44.43 96.59
N ASN MA 372 5.32 -44.22 96.12
CA ASN MA 372 4.52 -45.28 95.54
C ASN MA 372 5.12 -45.78 94.23
N LEU MA 373 4.71 -46.96 93.81
CA LEU MA 373 5.30 -47.60 92.64
C LEU MA 373 4.33 -47.80 91.49
N ALA MA 374 4.78 -47.62 90.27
CA ALA MA 374 3.93 -47.89 89.11
C ALA MA 374 4.70 -48.53 87.96
N TRP MA 375 4.19 -49.66 87.49
CA TRP MA 375 4.72 -50.33 86.31
C TRP MA 375 3.83 -50.03 85.12
N VAL MA 376 4.41 -49.52 84.05
CA VAL MA 376 3.62 -49.15 82.89
C VAL MA 376 4.13 -49.76 81.61
N ASP MA 377 3.36 -50.68 81.05
CA ASP MA 377 3.67 -51.23 79.74
C ASP MA 377 2.87 -50.44 78.70
N SER MA 378 3.59 -49.67 77.90
CA SER MA 378 2.97 -48.66 77.07
C SER MA 378 3.03 -48.99 75.58
N ASP MA 379 1.99 -48.53 74.88
CA ASP MA 379 1.91 -48.63 73.43
C ASP MA 379 2.03 -50.06 72.91
N GLN MA 380 1.20 -50.92 73.46
CA GLN MA 380 1.16 -52.31 73.03
C GLN MA 380 0.08 -52.50 71.98
N LEU MA 381 0.51 -52.78 70.75
CA LEU MA 381 -0.41 -52.95 69.64
C LEU MA 381 -1.06 -54.32 69.64
N LEU MA 382 -2.38 -54.38 69.68
CA LEU MA 382 -3.07 -55.66 69.57
C LEU MA 382 -3.11 -56.14 68.12
N TYR MA 383 -3.16 -55.18 67.20
CA TYR MA 383 -3.02 -55.48 65.78
C TYR MA 383 -2.57 -54.23 65.05
N GLN MA 384 -1.96 -54.39 63.89
CA GLN MA 384 -1.43 -53.24 63.18
C GLN MA 384 -2.55 -52.45 62.54
N HIS MA 385 -3.27 -53.07 61.62
CA HIS MA 385 -4.33 -52.39 60.89
C HIS MA 385 -5.46 -53.36 60.59
N PHE MA 386 -6.59 -52.84 60.13
CA PHE MA 386 -7.69 -53.72 59.77
C PHE MA 386 -8.34 -53.28 58.46
N TRP MA 387 -8.64 -54.25 57.61
CA TRP MA 387 -9.36 -53.96 56.37
C TRP MA 387 -10.76 -54.55 56.43
N CYS MA 388 -11.77 -53.69 56.27
CA CYS MA 388 -13.16 -54.15 56.23
C CYS MA 388 -13.66 -54.50 54.84
N LEU MA 389 -12.95 -54.06 53.81
CA LEU MA 389 -13.33 -54.38 52.45
C LEU MA 389 -12.09 -54.83 51.73
N PRO MA 390 -12.22 -55.82 50.85
CA PRO MA 390 -11.01 -56.29 50.16
C PRO MA 390 -10.37 -55.16 49.37
N VAL MA 391 -9.08 -54.93 49.57
CA VAL MA 391 -8.41 -53.87 48.84
C VAL MA 391 -7.83 -54.46 47.56
N ILE MA 392 -8.22 -53.80 46.47
CA ILE MA 392 -8.07 -54.27 45.09
C ILE MA 392 -7.20 -53.32 44.26
N LYS MA 393 -6.25 -53.90 43.52
CA LYS MA 393 -5.32 -53.12 42.72
C LYS MA 393 -5.18 -53.74 41.33
N LYS MA 394 -5.54 -52.98 40.29
CA LYS MA 394 -5.54 -53.45 38.91
C LYS MA 394 -6.40 -54.70 38.74
N LYS MA 395 -7.62 -54.64 39.25
CA LYS MA 395 -8.65 -55.66 39.08
C LYS MA 395 -8.28 -57.02 39.68
N VAL MA 396 -7.35 -57.02 40.62
CA VAL MA 396 -7.02 -58.23 41.37
C VAL MA 396 -7.14 -57.93 42.85
N VAL MA 397 -7.29 -58.97 43.66
CA VAL MA 397 -7.36 -58.74 45.10
C VAL MA 397 -5.97 -58.88 45.69
N VAL MA 398 -5.41 -57.76 46.14
CA VAL MA 398 -4.12 -57.77 46.81
C VAL MA 398 -4.29 -58.10 48.28
N GLU MA 399 -5.01 -57.25 49.00
CA GLU MA 399 -5.16 -57.54 50.43
C GLU MA 399 -6.57 -57.92 50.84
N PRO MA 400 -6.73 -59.09 51.49
CA PRO MA 400 -8.03 -59.65 51.86
C PRO MA 400 -8.62 -58.95 53.06
N VAL MA 401 -9.84 -59.31 53.43
CA VAL MA 401 -10.47 -58.69 54.59
C VAL MA 401 -9.94 -59.29 55.87
N GLY MA 402 -9.61 -58.44 56.83
CA GLY MA 402 -9.16 -58.96 58.10
C GLY MA 402 -8.12 -58.07 58.75
N PRO MA 403 -7.56 -58.52 59.87
CA PRO MA 403 -6.44 -57.83 60.53
C PRO MA 403 -5.08 -58.06 59.87
N ILE MA 404 -4.26 -57.03 59.84
CA ILE MA 404 -2.89 -57.12 59.38
C ILE MA 404 -1.97 -57.15 60.57
N GLY MA 405 -1.34 -58.28 60.80
CA GLY MA 405 -0.37 -58.40 61.87
C GLY MA 405 -1.20 -58.63 63.11
N PHE MA 406 -0.70 -59.47 63.98
CA PHE MA 406 -1.43 -59.75 65.19
C PHE MA 406 -0.41 -60.01 66.27
N GLN MA 407 -0.53 -59.33 67.40
CA GLN MA 407 0.39 -59.59 68.49
C GLN MA 407 -0.32 -60.43 69.53
N PRO MA 408 0.01 -61.72 69.60
CA PRO MA 408 -0.59 -62.51 70.67
C PRO MA 408 -0.06 -62.06 72.02
N GLU MA 409 1.06 -61.35 72.01
CA GLU MA 409 1.70 -60.87 73.23
C GLU MA 409 0.80 -59.97 74.03
N THR MA 410 0.17 -59.01 73.36
CA THR MA 410 -0.63 -58.04 74.08
C THR MA 410 -1.83 -58.71 74.73
N PHE MA 411 -2.44 -59.67 74.03
CA PHE MA 411 -3.53 -60.38 74.67
C PHE MA 411 -3.01 -61.24 75.81
N ARG MA 412 -1.80 -61.74 75.67
CA ARG MA 412 -1.21 -62.54 76.73
C ARG MA 412 -1.06 -61.69 78.00
N LYS MA 413 -0.60 -60.47 77.83
CA LYS MA 413 -0.47 -59.55 78.95
C LYS MA 413 -1.83 -59.22 79.55
N PHE MA 414 -2.81 -59.05 78.68
CA PHE MA 414 -4.18 -58.80 79.10
C PHE MA 414 -4.66 -59.92 80.03
N LEU MA 415 -4.50 -61.15 79.55
CA LEU MA 415 -4.89 -62.34 80.28
C LEU MA 415 -4.20 -62.36 81.61
N ALA MA 416 -2.91 -62.08 81.58
CA ALA MA 416 -2.09 -62.05 82.77
C ALA MA 416 -2.70 -61.13 83.82
N LEU MA 417 -2.98 -59.89 83.42
CA LEU MA 417 -3.57 -58.94 84.34
C LEU MA 417 -4.94 -59.39 84.83
N TYR MA 418 -5.66 -60.14 84.00
CA TYR MA 418 -6.96 -60.62 84.43
C TYR MA 418 -6.78 -61.75 85.44
N LEU MA 419 -5.68 -62.49 85.30
CA LEU MA 419 -5.45 -63.68 86.10
C LEU MA 419 -4.67 -63.43 87.37
N HIS MA 420 -4.37 -62.17 87.65
CA HIS MA 420 -3.47 -61.82 88.75
C HIS MA 420 -3.96 -62.25 90.13
N GLY MA 421 -5.27 -62.43 90.27
CA GLY MA 421 -5.84 -62.89 91.52
C GLY MA 421 -5.54 -64.35 91.80
N ALA MA 422 -5.72 -65.20 90.80
CA ALA MA 422 -5.45 -66.63 90.95
C ALA MA 422 -4.20 -67.04 90.16
N ARG NA 27 -40.70 49.18 -29.84
CA ARG NA 27 -41.62 49.86 -30.74
C ARG NA 27 -41.20 51.32 -30.92
N ARG NA 28 -40.65 51.62 -32.09
CA ARG NA 28 -40.20 52.98 -32.36
C ARG NA 28 -41.28 53.80 -33.04
N ALA NA 29 -41.36 55.08 -32.71
CA ALA NA 29 -42.19 55.98 -33.48
C ALA NA 29 -41.30 56.83 -34.38
N ALA NA 30 -41.91 57.63 -35.24
CA ALA NA 30 -41.18 58.45 -36.18
C ALA NA 30 -41.24 59.90 -35.74
N PRO NA 31 -40.08 60.56 -35.63
CA PRO NA 31 -40.04 61.98 -35.25
C PRO NA 31 -40.95 62.82 -36.14
N LEU NA 32 -41.62 63.81 -35.57
CA LEU NA 32 -42.44 64.69 -36.38
C LEU NA 32 -41.68 65.96 -36.64
N GLY NA 33 -41.18 66.15 -37.86
CA GLY NA 33 -40.31 67.27 -38.12
C GLY NA 33 -38.92 66.99 -37.60
N PRO NA 34 -38.04 68.00 -37.63
CA PRO NA 34 -36.63 67.81 -37.37
C PRO NA 34 -36.31 67.50 -35.92
N MET NA 35 -35.36 66.59 -35.72
CA MET NA 35 -34.75 66.38 -34.43
C MET NA 35 -33.71 67.48 -34.26
N PRO NA 36 -33.42 67.89 -33.03
CA PRO NA 36 -32.56 69.05 -32.85
C PRO NA 36 -31.13 68.95 -33.37
N ASN NA 37 -30.40 67.89 -33.05
CA ASN NA 37 -28.99 67.86 -33.44
C ASN NA 37 -28.71 67.06 -34.70
N GLU NA 38 -29.76 66.63 -35.37
CA GLU NA 38 -29.63 65.74 -36.53
C GLU NA 38 -28.84 66.36 -37.67
N ASP NA 39 -28.61 67.67 -37.61
CA ASP NA 39 -27.96 68.39 -38.70
C ASP NA 39 -26.46 68.14 -38.82
N ILE NA 40 -25.73 68.24 -37.71
CA ILE NA 40 -24.28 68.21 -37.80
C ILE NA 40 -23.73 66.79 -37.99
N ASP NA 41 -22.58 66.69 -38.65
CA ASP NA 41 -21.97 65.41 -38.99
C ASP NA 41 -21.19 64.79 -37.85
N VAL NA 42 -21.54 63.56 -37.49
CA VAL NA 42 -20.80 62.83 -36.46
C VAL NA 42 -19.49 62.33 -37.04
N SER NA 43 -19.54 61.92 -38.30
CA SER NA 43 -18.33 61.53 -39.01
C SER NA 43 -17.37 62.70 -38.98
N ASP NA 44 -16.13 62.42 -38.57
CA ASP NA 44 -15.08 63.44 -38.49
C ASP NA 44 -15.44 64.58 -37.53
N LEU NA 45 -15.45 64.27 -36.24
CA LEU NA 45 -15.72 65.27 -35.22
C LEU NA 45 -14.59 66.28 -35.07
N GLU NA 46 -13.37 65.83 -35.32
CA GLU NA 46 -12.20 66.67 -35.11
C GLU NA 46 -12.15 67.88 -36.04
N ARG NA 47 -12.79 67.78 -37.21
CA ARG NA 47 -12.79 68.89 -38.16
C ARG NA 47 -13.95 69.84 -37.96
N LEU NA 48 -14.75 69.61 -36.92
CA LEU NA 48 -15.86 70.49 -36.61
C LEU NA 48 -15.46 71.57 -35.62
N LYS NA 49 -15.94 72.79 -35.83
CA LYS NA 49 -15.62 73.89 -34.95
C LYS NA 49 -16.50 73.84 -33.70
N LYS NA 50 -15.89 73.98 -32.52
CA LYS NA 50 -16.64 73.93 -31.27
C LYS NA 50 -16.64 75.29 -30.59
N TYR NA 51 -17.63 75.56 -29.74
CA TYR NA 51 -17.51 76.74 -28.90
C TYR NA 51 -16.79 76.34 -27.66
N ARG NA 52 -15.59 76.86 -27.48
CA ARG NA 52 -14.83 76.53 -26.29
C ARG NA 52 -15.28 77.46 -25.16
N SER NA 53 -16.14 78.40 -25.50
CA SER NA 53 -16.69 79.33 -24.52
C SER NA 53 -17.96 78.81 -23.90
N PHE NA 54 -18.09 78.91 -22.58
CA PHE NA 54 -19.35 78.62 -21.94
C PHE NA 54 -20.42 79.56 -22.47
N ASP NA 55 -20.02 80.81 -22.65
CA ASP NA 55 -20.95 81.87 -22.98
C ASP NA 55 -21.57 81.75 -24.37
N ARG NA 56 -20.76 81.40 -25.36
CA ARG NA 56 -21.27 81.14 -26.70
C ARG NA 56 -22.37 80.09 -26.65
N TYR NA 57 -22.09 79.02 -25.92
CA TYR NA 57 -23.08 77.97 -25.73
C TYR NA 57 -24.35 78.55 -25.15
N ARG NA 58 -24.23 79.28 -24.05
CA ARG NA 58 -25.40 79.86 -23.41
C ARG NA 58 -26.26 80.64 -24.40
N ARG NA 59 -25.60 81.45 -25.23
CA ARG NA 59 -26.30 82.21 -26.25
C ARG NA 59 -27.08 81.32 -27.20
N ARG NA 60 -26.36 80.38 -27.80
CA ARG NA 60 -26.96 79.51 -28.80
C ARG NA 60 -28.18 78.81 -28.21
N ALA NA 61 -28.05 78.42 -26.95
CA ALA NA 61 -29.13 77.75 -26.24
C ALA NA 61 -30.34 78.63 -26.06
N GLU NA 62 -30.12 79.88 -25.66
CA GLU NA 62 -31.26 80.77 -25.46
C GLU NA 62 -31.95 81.11 -26.77
N GLN NA 63 -31.20 81.11 -27.87
CA GLN NA 63 -31.83 81.27 -29.18
C GLN NA 63 -32.67 80.05 -29.52
N GLU NA 64 -32.15 78.86 -29.21
CA GLU NA 64 -32.87 77.63 -29.46
C GLU NA 64 -34.14 77.51 -28.62
N ALA NA 65 -34.13 78.12 -27.45
CA ALA NA 65 -35.28 78.04 -26.57
C ALA NA 65 -36.39 79.00 -26.99
N ARG NA 66 -36.12 79.85 -27.98
CA ARG NA 66 -37.12 80.78 -28.44
C ARG NA 66 -37.87 80.33 -29.70
N LYS NA 67 -37.47 79.20 -30.27
CA LYS NA 67 -38.09 78.72 -31.49
C LYS NA 67 -39.31 77.83 -31.17
N PRO NA 68 -40.27 77.78 -32.11
CA PRO NA 68 -41.53 77.04 -31.91
C PRO NA 68 -41.41 75.55 -32.23
N HIS NA 69 -40.96 74.75 -31.26
CA HIS NA 69 -40.75 73.31 -31.47
C HIS NA 69 -42.04 72.50 -31.55
N TRP NA 70 -41.93 71.28 -32.05
CA TRP NA 70 -43.08 70.40 -32.25
C TRP NA 70 -43.36 69.47 -31.08
N TRP NA 71 -42.62 69.61 -29.99
CA TRP NA 71 -42.80 68.75 -28.82
C TRP NA 71 -43.25 69.57 -27.63
N ARG NA 72 -43.81 68.92 -26.61
CA ARG NA 72 -44.33 69.67 -25.47
C ARG NA 72 -43.22 70.49 -24.82
N THR NA 73 -43.47 71.79 -24.67
CA THR NA 73 -42.45 72.70 -24.18
C THR NA 73 -42.95 73.60 -23.07
N TYR NA 74 -42.04 74.26 -22.38
CA TYR NA 74 -42.39 75.11 -21.27
C TYR NA 74 -43.28 76.27 -21.68
N ARG NA 75 -42.89 76.95 -22.75
CA ARG NA 75 -43.65 78.06 -23.29
C ARG NA 75 -45.11 77.71 -23.52
N GLU NA 76 -45.33 76.50 -24.02
CA GLU NA 76 -46.68 76.04 -24.34
C GLU NA 76 -47.61 76.04 -23.13
N HIS NA 77 -47.15 75.45 -22.03
CA HIS NA 77 -47.98 75.31 -20.83
C HIS NA 77 -48.04 76.56 -19.97
N PHE NA 78 -46.96 77.32 -19.97
CA PHE NA 78 -46.84 78.43 -19.03
C PHE NA 78 -47.25 79.76 -19.58
N GLY NA 79 -48.01 79.73 -20.68
CA GLY NA 79 -48.78 80.90 -21.01
C GLY NA 79 -48.06 82.07 -21.64
N GLU NA 80 -47.60 81.85 -22.85
CA GLU NA 80 -47.08 82.92 -23.71
C GLU NA 80 -48.15 84.00 -23.94
N GLU NA 81 -49.35 83.78 -23.40
CA GLU NA 81 -50.47 84.73 -23.45
C GLU NA 81 -50.95 84.97 -24.88
N SER NA 82 -51.65 83.97 -25.40
CA SER NA 82 -52.29 83.95 -26.72
C SER NA 82 -51.30 83.59 -27.82
N GLY NA 83 -50.02 83.46 -27.46
CA GLY NA 83 -48.97 83.12 -28.41
C GLY NA 83 -48.92 84.11 -29.55
N PRO NA 84 -49.03 83.60 -30.79
CA PRO NA 84 -49.17 84.48 -31.96
C PRO NA 84 -50.51 85.23 -31.95
N LYS NA 85 -50.46 86.54 -32.14
CA LYS NA 85 -51.68 87.35 -32.16
C LYS NA 85 -51.59 88.39 -33.27
N ASP NA 86 -52.57 88.38 -34.17
CA ASP NA 86 -52.68 89.43 -35.18
C ASP NA 86 -53.26 90.68 -34.53
N ARG NA 87 -52.52 91.78 -34.61
CA ARG NA 87 -52.86 92.97 -33.84
C ARG NA 87 -53.70 93.96 -34.60
N VAL NA 88 -54.94 94.14 -34.15
CA VAL NA 88 -55.75 95.23 -34.67
C VAL NA 88 -55.10 96.49 -34.14
N ASP NA 89 -54.71 97.37 -35.04
CA ASP NA 89 -53.94 98.54 -34.66
C ASP NA 89 -54.74 99.81 -34.90
N ILE NA 90 -55.10 100.50 -33.82
CA ILE NA 90 -55.63 101.83 -34.01
C ILE NA 90 -54.58 102.83 -33.62
N GLY NA 91 -53.80 103.26 -34.61
CA GLY NA 91 -52.68 104.15 -34.36
C GLY NA 91 -52.77 105.52 -35.00
N LEU NA 92 -51.76 106.34 -34.69
CA LEU NA 92 -51.40 107.42 -35.58
C LEU NA 92 -50.34 106.89 -36.53
N PRO NA 93 -50.48 107.19 -37.83
CA PRO NA 93 -49.53 106.72 -38.83
C PRO NA 93 -48.10 107.14 -38.51
N PRO NA 94 -47.16 106.19 -38.58
CA PRO NA 94 -45.73 106.41 -38.33
C PRO NA 94 -45.15 107.52 -39.19
N PRO NA 95 -44.34 108.41 -38.59
CA PRO NA 95 -43.70 109.53 -39.28
C PRO NA 95 -42.86 109.07 -40.47
N LYS NA 96 -43.00 109.74 -41.61
CA LYS NA 96 -42.29 109.35 -42.81
C LYS NA 96 -40.95 110.06 -42.92
N VAL NA 97 -39.87 109.28 -42.85
CA VAL NA 97 -38.51 109.82 -42.87
C VAL NA 97 -37.63 109.05 -43.85
N SER NA 98 -36.78 109.77 -44.58
CA SER NA 98 -35.90 109.16 -45.57
C SER NA 98 -34.79 108.34 -44.92
N ARG NA 99 -34.72 107.08 -45.34
CA ARG NA 99 -33.76 106.12 -44.81
C ARG NA 99 -32.32 106.57 -45.09
N THR NA 100 -32.02 106.76 -46.37
CA THR NA 100 -30.66 107.00 -46.83
C THR NA 100 -30.09 108.31 -46.30
N GLN NA 101 -30.91 109.35 -46.32
CA GLN NA 101 -30.52 110.67 -45.85
C GLN NA 101 -30.11 110.61 -44.38
N GLN NA 102 -31.03 110.10 -43.56
CA GLN NA 102 -30.80 109.89 -42.14
C GLN NA 102 -29.52 109.11 -41.89
N LEU NA 103 -29.37 108.00 -42.61
CA LEU NA 103 -28.17 107.17 -42.50
C LEU NA 103 -26.91 107.98 -42.73
N LEU NA 104 -26.89 108.74 -43.82
CA LEU NA 104 -25.76 109.59 -44.16
C LEU NA 104 -25.43 110.56 -43.04
N GLU NA 105 -26.45 111.28 -42.57
CA GLU NA 105 -26.26 112.26 -41.51
C GLU NA 105 -25.65 111.63 -40.25
N ARG NA 106 -26.16 110.46 -39.87
CA ARG NA 106 -25.67 109.79 -38.68
C ARG NA 106 -24.23 109.33 -38.84
N LYS NA 107 -23.94 108.72 -39.99
CA LYS NA 107 -22.58 108.34 -40.33
C LYS NA 107 -21.64 109.54 -40.13
N GLN NA 108 -22.05 110.68 -40.67
CA GLN NA 108 -21.27 111.91 -40.57
C GLN NA 108 -21.03 112.33 -39.13
N ALA NA 109 -22.13 112.41 -38.37
CA ALA NA 109 -22.06 112.78 -36.96
C ALA NA 109 -21.07 111.90 -36.20
N LEU NA 110 -21.10 110.61 -36.46
CA LEU NA 110 -20.22 109.66 -35.79
C LEU NA 110 -18.77 109.80 -36.25
N ARG NA 111 -18.58 110.14 -37.51
CA ARG NA 111 -17.25 110.48 -38.01
C ARG NA 111 -16.67 111.62 -37.21
N GLU NA 112 -17.44 112.70 -37.11
CA GLU NA 112 -17.06 113.90 -36.38
C GLU NA 112 -16.74 113.60 -34.93
N LEU NA 113 -17.60 112.83 -34.28
CA LEU NA 113 -17.44 112.50 -32.88
C LEU NA 113 -16.23 111.60 -32.63
N ARG NA 114 -15.97 110.68 -33.55
CA ARG NA 114 -14.83 109.78 -33.43
C ARG NA 114 -13.54 110.53 -33.71
N ALA NA 115 -13.64 111.59 -34.50
CA ALA NA 115 -12.48 112.36 -34.94
C ALA NA 115 -11.68 112.97 -33.80
N ASN NA 116 -12.37 113.57 -32.83
CA ASN NA 116 -11.72 114.30 -31.76
C ASN NA 116 -10.77 113.45 -30.91
N VAL NA 117 -9.64 114.04 -30.53
CA VAL NA 117 -8.69 113.39 -29.65
C VAL NA 117 -9.13 113.49 -28.19
N GLU NA 118 -9.77 114.60 -27.87
CA GLU NA 118 -10.38 114.84 -26.56
C GLU NA 118 -11.29 113.69 -26.12
N GLU NA 119 -12.14 113.26 -27.03
CA GLU NA 119 -13.08 112.16 -26.80
C GLU NA 119 -12.36 110.86 -26.47
N GLU NA 120 -11.34 110.55 -27.25
CA GLU NA 120 -10.56 109.34 -27.02
C GLU NA 120 -9.87 109.39 -25.66
N ARG NA 121 -9.34 110.56 -25.30
CA ARG NA 121 -8.78 110.75 -23.95
C ARG NA 121 -9.83 110.44 -22.90
N ALA NA 122 -11.04 110.93 -23.12
CA ALA NA 122 -12.15 110.67 -22.20
C ALA NA 122 -12.44 109.17 -22.09
N ALA NA 123 -12.23 108.45 -23.19
CA ALA NA 123 -12.50 107.01 -23.21
C ALA NA 123 -11.44 106.17 -22.49
N ARG NA 124 -10.16 106.38 -22.78
CA ARG NA 124 -9.11 105.53 -22.21
C ARG NA 124 -8.99 105.67 -20.71
N LEU NA 125 -9.28 106.87 -20.21
CA LEU NA 125 -9.03 107.20 -18.82
C LEU NA 125 -10.27 106.98 -17.95
N GLN NA 126 -11.29 106.41 -18.58
CA GLN NA 126 -12.52 105.99 -17.91
C GLN NA 126 -13.29 107.15 -17.31
N THR NA 127 -13.06 108.34 -17.84
CA THR NA 127 -13.83 109.50 -17.41
C THR NA 127 -14.68 110.01 -18.55
N ALA NA 128 -15.98 109.77 -18.45
CA ALA NA 128 -16.93 110.34 -19.40
C ALA NA 128 -18.32 110.33 -18.80
N ARG NA 129 -19.18 111.18 -19.32
CA ARG NA 129 -20.55 111.26 -18.85
C ARG NA 129 -21.46 111.52 -20.03
N ILE NA 130 -22.68 111.02 -19.94
CA ILE NA 130 -23.65 111.29 -20.97
C ILE NA 130 -24.71 112.28 -20.48
N PRO NA 131 -24.94 113.34 -21.25
CA PRO NA 131 -25.91 114.40 -20.94
C PRO NA 131 -27.35 113.86 -20.95
N LEU NA 132 -27.72 113.19 -19.86
CA LEU NA 132 -28.92 112.37 -19.78
C LEU NA 132 -30.20 113.04 -20.29
N GLU NA 133 -30.32 114.35 -20.07
CA GLU NA 133 -31.51 115.07 -20.50
C GLU NA 133 -31.68 115.00 -22.01
N ALA NA 134 -30.57 115.13 -22.72
CA ALA NA 134 -30.59 115.11 -24.18
C ALA NA 134 -30.93 113.71 -24.70
N VAL NA 135 -30.43 112.69 -24.01
CA VAL NA 135 -30.70 111.31 -24.38
C VAL NA 135 -32.17 111.02 -24.17
N ARG NA 136 -32.71 111.57 -23.09
CA ARG NA 136 -34.13 111.45 -22.79
C ARG NA 136 -34.98 112.16 -23.85
N ALA NA 137 -34.50 113.30 -24.35
CA ALA NA 137 -35.20 114.02 -25.41
C ALA NA 137 -35.21 113.22 -26.71
N GLU NA 138 -34.02 112.76 -27.12
CA GLU NA 138 -33.87 111.94 -28.32
C GLU NA 138 -34.71 110.67 -28.26
N TRP NA 139 -34.67 110.02 -27.10
CA TRP NA 139 -35.43 108.79 -26.86
C TRP NA 139 -36.92 109.06 -26.99
N GLU NA 140 -37.36 110.17 -26.39
CA GLU NA 140 -38.76 110.57 -26.50
C GLU NA 140 -39.14 110.77 -27.95
N ARG NA 141 -38.19 111.29 -28.72
CA ARG NA 141 -38.43 111.65 -30.11
C ARG NA 141 -38.42 110.42 -31.04
N THR NA 142 -37.60 109.43 -30.71
CA THR NA 142 -37.31 108.35 -31.65
C THR NA 142 -37.96 106.99 -31.37
N CYS NA 143 -37.38 106.22 -30.45
CA CYS NA 143 -37.88 104.88 -30.15
C CYS NA 143 -38.73 104.83 -28.89
N GLY NA 144 -38.86 105.97 -28.24
CA GLY NA 144 -39.66 106.09 -27.05
C GLY NA 144 -41.05 105.50 -27.19
N PRO NA 145 -41.82 105.93 -28.21
CA PRO NA 145 -43.19 105.43 -28.40
C PRO NA 145 -43.31 103.91 -28.33
N TYR NA 146 -42.32 103.20 -28.88
CA TYR NA 146 -42.37 101.75 -28.87
C TYR NA 146 -42.12 101.18 -27.48
N HIS NA 147 -41.18 101.77 -26.76
CA HIS NA 147 -40.89 101.33 -25.40
C HIS NA 147 -42.09 101.57 -24.50
N LYS NA 148 -42.67 102.76 -24.61
CA LYS NA 148 -43.88 103.08 -23.86
C LYS NA 148 -44.97 102.09 -24.24
N GLN NA 149 -45.02 101.72 -25.51
CA GLN NA 149 -46.00 100.76 -25.96
C GLN NA 149 -45.84 99.45 -25.23
N ARG NA 150 -44.63 98.90 -25.25
CA ARG NA 150 -44.46 97.58 -24.66
C ARG NA 150 -44.61 97.64 -23.14
N LEU NA 151 -44.38 98.79 -22.53
CA LEU NA 151 -44.68 98.93 -21.11
C LEU NA 151 -46.18 98.85 -20.89
N ALA NA 152 -46.93 99.49 -21.77
CA ALA NA 152 -48.38 99.45 -21.69
C ALA NA 152 -48.91 98.04 -21.89
N GLU NA 153 -48.26 97.30 -22.80
CA GLU NA 153 -48.60 95.92 -23.08
C GLU NA 153 -48.36 95.08 -21.84
N TYR NA 154 -47.20 95.30 -21.24
CA TYR NA 154 -46.81 94.63 -20.03
C TYR NA 154 -47.81 94.84 -18.91
N CYS NA 155 -48.24 96.08 -18.72
CA CYS NA 155 -49.17 96.39 -17.64
C CYS NA 155 -50.62 96.17 -18.06
N GLY NA 156 -50.80 95.69 -19.28
CA GLY NA 156 -52.12 95.29 -19.74
C GLY NA 156 -53.09 96.44 -19.93
N LEU NA 157 -52.57 97.61 -20.31
CA LEU NA 157 -53.41 98.74 -20.64
C LEU NA 157 -54.33 98.37 -21.80
N TYR NA 158 -53.71 97.87 -22.85
CA TYR NA 158 -54.43 97.50 -24.06
C TYR NA 158 -55.44 96.40 -23.83
N ARG NA 159 -55.14 95.50 -22.90
CA ARG NA 159 -56.03 94.37 -22.66
C ARG NA 159 -57.32 94.82 -22.01
N ASP NA 160 -57.24 95.80 -21.11
CA ASP NA 160 -58.42 96.27 -20.39
C ASP NA 160 -59.14 97.45 -21.04
N LEU NA 161 -58.54 98.06 -22.05
CA LEU NA 161 -59.13 99.24 -22.66
C LEU NA 161 -59.80 98.91 -23.98
N PHE NA 162 -58.99 98.59 -24.98
CA PHE NA 162 -59.48 98.32 -26.32
C PHE NA 162 -59.62 96.82 -26.64
N HIS NA 163 -59.22 96.02 -25.65
CA HIS NA 163 -59.35 94.56 -25.59
C HIS NA 163 -58.43 93.78 -26.49
N GLY NA 164 -58.22 94.24 -27.71
CA GLY NA 164 -57.32 93.56 -28.60
C GLY NA 164 -56.21 94.42 -29.14
N ALA NA 165 -56.34 95.72 -28.86
CA ALA NA 165 -55.78 96.68 -29.77
C ALA NA 165 -54.54 97.35 -29.23
N THR NA 166 -53.55 97.47 -30.10
CA THR NA 166 -52.31 98.11 -29.73
C THR NA 166 -52.19 99.39 -30.52
N PHE NA 167 -51.80 100.47 -29.84
CA PHE NA 167 -51.40 101.65 -30.56
C PHE NA 167 -50.08 102.12 -30.05
N VAL NA 168 -49.31 102.72 -30.94
CA VAL NA 168 -48.06 103.34 -30.55
C VAL NA 168 -48.35 104.79 -30.20
N PRO NA 169 -47.87 105.23 -29.03
CA PRO NA 169 -48.06 106.61 -28.57
C PRO NA 169 -47.17 107.59 -29.32
N ARG NA 170 -47.61 108.01 -30.51
CA ARG NA 170 -46.82 108.88 -31.36
C ARG NA 170 -46.50 110.22 -30.72
N VAL NA 171 -47.49 110.85 -30.11
CA VAL NA 171 -47.25 112.12 -29.46
C VAL NA 171 -46.88 111.88 -27.99
N PRO NA 172 -45.73 112.41 -27.57
CA PRO NA 172 -45.37 112.27 -26.16
C PRO NA 172 -46.30 113.09 -25.30
N LEU NA 173 -46.63 112.57 -24.11
CA LEU NA 173 -47.55 113.23 -23.21
C LEU NA 173 -46.85 113.52 -21.89
N HIS NA 174 -46.75 114.80 -21.53
CA HIS NA 174 -46.09 115.17 -20.29
C HIS NA 174 -47.10 115.60 -19.24
N VAL NA 175 -47.25 114.77 -18.21
CA VAL NA 175 -48.17 115.08 -17.13
C VAL NA 175 -47.39 115.30 -15.85
N ALA NA 176 -47.81 116.26 -15.05
CA ALA NA 176 -47.18 116.48 -13.76
C ALA NA 176 -48.16 116.99 -12.72
N TYR NA 177 -47.82 116.81 -11.45
CA TYR NA 177 -48.65 117.25 -10.36
C TYR NA 177 -47.90 118.28 -9.52
N ALA NA 178 -48.66 119.17 -8.88
CA ALA NA 178 -48.07 120.16 -7.99
C ALA NA 178 -48.17 119.68 -6.54
N VAL NA 179 -47.01 119.40 -5.94
CA VAL NA 179 -46.97 118.96 -4.55
C VAL NA 179 -46.82 120.14 -3.59
N GLY NA 180 -46.50 121.29 -4.17
CA GLY NA 180 -46.22 122.50 -3.41
C GLY NA 180 -45.92 123.59 -4.42
N GLU NA 181 -45.24 124.64 -3.99
CA GLU NA 181 -44.90 125.71 -4.90
C GLU NA 181 -43.75 125.31 -5.82
N ASP NA 182 -42.68 124.78 -5.25
CA ASP NA 182 -41.49 124.45 -6.02
C ASP NA 182 -41.43 122.99 -6.47
N ASP NA 183 -42.40 122.19 -6.04
CA ASP NA 183 -42.35 120.74 -6.26
C ASP NA 183 -43.20 120.29 -7.43
N LEU NA 184 -42.63 119.42 -8.25
CA LEU NA 184 -43.34 118.88 -9.39
C LEU NA 184 -43.17 117.37 -9.49
N MET NA 185 -44.26 116.63 -9.38
CA MET NA 185 -44.22 115.18 -9.47
C MET NA 185 -44.67 114.69 -10.84
N PRO NA 186 -43.72 114.17 -11.64
CA PRO NA 186 -44.02 113.74 -13.00
C PRO NA 186 -44.81 112.43 -13.05
N VAL NA 187 -45.69 112.28 -14.03
CA VAL NA 187 -46.25 110.96 -14.28
C VAL NA 187 -45.64 110.40 -15.56
N TYR NA 188 -44.67 109.53 -15.39
CA TYR NA 188 -44.21 108.65 -16.44
C TYR NA 188 -45.11 107.45 -16.51
N HIS NA 189 -45.04 106.75 -17.63
CA HIS NA 189 -45.63 105.43 -17.78
C HIS NA 189 -45.21 104.44 -16.68
N GLY NA 190 -46.19 103.89 -15.95
CA GLY NA 190 -45.92 102.86 -14.96
C GLY NA 190 -45.42 103.26 -13.58
N ASN NA 191 -45.13 104.55 -13.41
CA ASN NA 191 -44.55 105.08 -12.17
C ASN NA 191 -45.52 105.07 -10.99
N GLU NA 192 -45.01 105.19 -9.76
CA GLU NA 192 -45.87 105.28 -8.59
C GLU NA 192 -46.07 106.70 -8.07
N VAL NA 193 -47.34 107.04 -7.80
CA VAL NA 193 -47.71 108.35 -7.26
C VAL NA 193 -48.65 108.18 -6.07
N THR NA 194 -48.50 109.04 -5.07
CA THR NA 194 -49.36 109.05 -3.90
C THR NA 194 -50.59 109.93 -4.13
N PRO NA 195 -51.78 109.47 -3.71
CA PRO NA 195 -53.04 110.21 -3.87
C PRO NA 195 -53.01 111.63 -3.30
N THR NA 196 -52.15 111.87 -2.32
CA THR NA 196 -51.95 113.21 -1.80
C THR NA 196 -51.50 114.14 -2.92
N GLU NA 197 -50.50 113.69 -3.67
CA GLU NA 197 -49.99 114.44 -4.80
C GLU NA 197 -51.06 114.73 -5.85
N ALA NA 198 -51.98 113.81 -5.99
CA ALA NA 198 -52.94 113.87 -7.08
C ALA NA 198 -54.26 114.54 -6.69
N ALA NA 199 -54.31 115.14 -5.51
CA ALA NA 199 -55.53 115.83 -5.02
C ALA NA 199 -56.07 116.92 -5.97
N GLN NA 200 -55.20 117.49 -6.81
CA GLN NA 200 -55.60 118.52 -7.76
C GLN NA 200 -55.39 118.06 -9.19
N ALA NA 201 -56.09 118.65 -10.14
CA ALA NA 201 -55.87 118.33 -11.55
C ALA NA 201 -54.45 118.72 -11.98
N PRO NA 202 -53.78 117.84 -12.75
CA PRO NA 202 -52.38 117.94 -13.19
C PRO NA 202 -52.16 118.88 -14.38
N GLU NA 203 -50.91 119.32 -14.55
CA GLU NA 203 -50.50 120.08 -15.72
C GLU NA 203 -50.15 119.15 -16.86
N VAL NA 204 -50.68 119.46 -18.03
CA VAL NA 204 -50.57 118.59 -19.20
C VAL NA 204 -49.92 119.33 -20.37
N THR NA 205 -48.92 118.70 -20.99
CA THR NA 205 -48.16 119.33 -22.07
C THR NA 205 -47.83 118.37 -23.21
N TYR NA 206 -48.09 118.79 -24.43
CA TYR NA 206 -47.70 118.05 -25.64
C TYR NA 206 -47.62 119.00 -26.82
N GLU NA 207 -46.97 118.58 -27.89
CA GLU NA 207 -46.68 119.50 -28.99
C GLU NA 207 -47.58 119.31 -30.20
N ALA NA 208 -48.43 120.30 -30.45
CA ALA NA 208 -49.23 120.36 -31.67
C ALA NA 208 -49.52 121.80 -32.05
N ASP NA 209 -49.53 122.09 -33.35
CA ASP NA 209 -49.99 123.39 -33.83
C ASP NA 209 -51.50 123.38 -33.78
N GLU NA 210 -52.16 124.49 -34.07
CA GLU NA 210 -53.62 124.42 -34.02
C GLU NA 210 -54.32 124.64 -35.36
N GLY NA 211 -54.68 123.52 -35.96
CA GLY NA 211 -55.95 123.33 -36.63
C GLY NA 211 -56.59 122.31 -35.71
N SER NA 212 -55.80 121.95 -34.70
CA SER NA 212 -55.95 120.71 -33.94
C SER NA 212 -57.07 120.68 -32.93
N LEU NA 213 -57.58 119.48 -32.69
CA LEU NA 213 -58.56 119.24 -31.65
C LEU NA 213 -58.19 117.93 -30.95
N TRP NA 214 -58.25 117.95 -29.62
CA TRP NA 214 -57.86 116.77 -28.85
C TRP NA 214 -58.84 116.45 -27.74
N THR NA 215 -58.71 115.23 -27.22
CA THR NA 215 -59.50 114.82 -26.07
C THR NA 215 -58.58 114.10 -25.07
N LEU NA 216 -58.63 114.53 -23.82
CA LEU NA 216 -57.84 113.89 -22.78
C LEU NA 216 -58.74 113.13 -21.81
N LEU NA 217 -58.25 111.98 -21.36
CA LEU NA 217 -59.06 111.07 -20.57
C LEU NA 217 -58.26 110.44 -19.42
N LEU NA 218 -58.79 110.51 -18.21
CA LEU NA 218 -58.16 109.87 -17.06
C LEU NA 218 -59.05 108.77 -16.51
N THR NA 219 -58.56 107.54 -16.58
CA THR NA 219 -59.38 106.40 -16.19
C THR NA 219 -58.74 105.57 -15.09
N ASN NA 220 -59.55 105.21 -14.10
CA ASN NA 220 -59.14 104.26 -13.08
C ASN NA 220 -59.55 102.88 -13.54
N LEU NA 221 -58.55 102.06 -13.91
CA LEU NA 221 -58.78 100.81 -14.64
C LEU NA 221 -59.36 99.72 -13.77
N ASP NA 222 -59.02 99.78 -12.50
CA ASP NA 222 -59.51 98.82 -11.51
C ASP NA 222 -59.81 99.63 -10.28
N GLY NA 223 -60.65 99.08 -9.41
CA GLY NA 223 -61.09 99.85 -8.27
C GLY NA 223 -62.53 100.25 -8.42
N HIS NA 224 -63.14 99.89 -9.54
CA HIS NA 224 -64.59 99.93 -9.58
C HIS NA 224 -65.06 98.86 -8.62
N LEU NA 225 -66.01 99.22 -7.76
CA LEU NA 225 -66.41 98.31 -6.70
C LEU NA 225 -67.37 97.21 -7.18
N LEU NA 226 -68.43 97.56 -7.89
CA LEU NA 226 -69.42 96.56 -8.26
C LEU NA 226 -69.11 95.71 -9.50
N GLU NA 227 -68.37 96.28 -10.45
CA GLU NA 227 -68.29 95.72 -11.80
C GLU NA 227 -66.87 95.42 -12.26
N PRO NA 228 -66.45 94.15 -12.15
CA PRO NA 228 -65.10 93.69 -12.50
C PRO NA 228 -64.63 94.15 -13.88
N ASP NA 229 -65.56 94.28 -14.83
CA ASP NA 229 -65.21 94.59 -16.22
C ASP NA 229 -65.28 96.09 -16.54
N ALA NA 230 -65.56 96.90 -15.54
CA ALA NA 230 -65.77 98.33 -15.76
C ALA NA 230 -64.81 99.17 -14.93
N GLU NA 231 -64.66 100.42 -15.32
CA GLU NA 231 -63.69 101.31 -14.69
C GLU NA 231 -64.29 102.68 -14.36
N TYR NA 232 -63.53 103.54 -13.69
CA TYR NA 232 -64.06 104.85 -13.30
C TYR NA 232 -63.49 105.95 -14.16
N VAL NA 233 -64.32 106.89 -14.60
CA VAL NA 233 -63.77 108.09 -15.21
C VAL NA 233 -63.48 109.08 -14.11
N HIS NA 234 -62.24 109.55 -14.08
CA HIS NA 234 -61.86 110.57 -13.14
C HIS NA 234 -62.00 111.93 -13.80
N TRP NA 235 -61.24 112.13 -14.87
CA TRP NA 235 -61.17 113.43 -15.50
C TRP NA 235 -61.26 113.33 -17.02
N LEU NA 236 -62.30 113.91 -17.60
CA LEU NA 236 -62.48 113.87 -19.04
C LEU NA 236 -62.62 115.26 -19.62
N VAL NA 237 -61.70 115.64 -20.50
CA VAL NA 237 -61.73 116.97 -21.09
C VAL NA 237 -61.90 116.84 -22.61
N THR NA 238 -62.52 117.82 -23.25
CA THR NA 238 -62.82 117.67 -24.68
C THR NA 238 -62.71 118.94 -25.53
N ASN NA 239 -62.58 118.73 -26.84
CA ASN NA 239 -62.41 119.77 -27.85
C ASN NA 239 -61.30 120.73 -27.44
N ILE NA 240 -60.11 120.16 -27.38
CA ILE NA 240 -58.94 120.86 -26.88
C ILE NA 240 -58.18 121.52 -28.02
N PRO NA 241 -58.23 122.86 -28.09
CA PRO NA 241 -57.45 123.53 -29.12
C PRO NA 241 -55.96 123.39 -28.85
N GLY NA 242 -55.20 122.94 -29.84
CA GLY NA 242 -53.75 122.91 -29.76
C GLY NA 242 -53.16 122.28 -28.51
N ASN NA 243 -52.26 123.01 -27.87
CA ASN NA 243 -51.65 122.59 -26.63
C ASN NA 243 -52.40 123.17 -25.42
N ARG NA 244 -53.49 123.87 -25.69
CA ARG NA 244 -54.20 124.58 -24.64
C ARG NA 244 -55.08 123.61 -23.84
N VAL NA 245 -54.72 123.42 -22.57
CA VAL NA 245 -55.40 122.41 -21.76
C VAL NA 245 -56.72 122.90 -21.16
N THR NA 246 -56.69 124.08 -20.59
CA THR NA 246 -57.83 124.59 -19.83
C THR NA 246 -58.94 125.09 -20.75
N GLU NA 247 -58.56 125.44 -21.97
CA GLU NA 247 -59.50 126.05 -22.92
C GLU NA 247 -60.59 125.09 -23.38
N GLY NA 248 -60.35 123.80 -23.25
CA GLY NA 248 -61.32 122.79 -23.67
C GLY NA 248 -62.47 122.66 -22.69
N GLN NA 249 -63.63 122.24 -23.20
CA GLN NA 249 -64.80 122.07 -22.33
C GLN NA 249 -64.67 120.78 -21.55
N GLU NA 250 -64.83 120.86 -20.24
CA GLU NA 250 -64.65 119.66 -19.43
C GLU NA 250 -65.95 118.89 -19.31
N THR NA 251 -65.91 117.64 -19.75
CA THR NA 251 -67.05 116.75 -19.67
C THR NA 251 -67.23 116.29 -18.24
N CYS NA 252 -66.21 115.61 -17.72
CA CYS NA 252 -66.18 115.18 -16.33
C CYS NA 252 -65.05 115.87 -15.54
N PRO NA 253 -65.42 116.69 -14.54
CA PRO NA 253 -64.49 117.44 -13.68
C PRO NA 253 -63.55 116.53 -12.91
N TYR NA 254 -62.35 117.02 -12.62
CA TYR NA 254 -61.33 116.18 -11.99
C TYR NA 254 -61.76 115.61 -10.64
N LEU NA 255 -61.63 114.31 -10.51
CA LEU NA 255 -61.84 113.61 -9.24
C LEU NA 255 -60.59 112.89 -8.76
N PRO NA 256 -60.07 113.27 -7.58
CA PRO NA 256 -58.82 112.70 -7.07
C PRO NA 256 -58.85 111.18 -6.96
N PRO NA 257 -57.70 110.53 -7.16
CA PRO NA 257 -57.51 109.07 -7.06
C PRO NA 257 -57.97 108.52 -5.73
N PHE NA 258 -58.78 107.47 -5.77
CA PHE NA 258 -59.25 106.88 -4.53
C PHE NA 258 -59.25 105.36 -4.63
N PRO NA 259 -58.07 104.75 -4.47
CA PRO NA 259 -58.04 103.30 -4.26
C PRO NA 259 -58.67 102.95 -2.91
N ALA NA 260 -58.77 101.66 -2.61
CA ALA NA 260 -59.34 101.26 -1.33
C ALA NA 260 -58.23 100.68 -0.47
N ARG NA 261 -58.39 100.78 0.84
CA ARG NA 261 -57.30 100.49 1.78
C ARG NA 261 -56.64 99.14 1.54
N GLY NA 262 -57.43 98.08 1.45
CA GLY NA 262 -56.88 96.75 1.30
C GLY NA 262 -56.17 96.49 -0.02
N SER NA 263 -56.90 96.70 -1.12
CA SER NA 263 -56.37 96.43 -2.45
C SER NA 263 -55.16 97.29 -2.77
N GLY NA 264 -54.13 96.67 -3.31
CA GLY NA 264 -52.94 97.41 -3.68
C GLY NA 264 -52.96 97.92 -5.11
N PHE NA 265 -52.29 99.05 -5.32
CA PHE NA 265 -51.87 99.51 -6.64
C PHE NA 265 -52.88 99.42 -7.78
N HIS NA 266 -53.86 100.32 -7.77
CA HIS NA 266 -54.72 100.54 -8.91
C HIS NA 266 -53.92 101.29 -9.98
N ARG NA 267 -54.24 101.11 -11.26
CA ARG NA 267 -53.54 101.86 -12.31
C ARG NA 267 -54.43 102.89 -12.99
N PHE NA 268 -53.92 104.12 -13.06
CA PHE NA 268 -54.61 105.22 -13.71
C PHE NA 268 -54.01 105.52 -15.07
N ALA NA 269 -54.89 105.79 -16.04
CA ALA NA 269 -54.48 105.95 -17.43
C ALA NA 269 -54.85 107.33 -17.98
N PHE NA 270 -53.84 108.04 -18.47
CA PHE NA 270 -54.02 109.25 -19.26
C PHE NA 270 -53.94 108.92 -20.73
N LEU NA 271 -55.08 109.08 -21.39
CA LEU NA 271 -55.21 108.82 -22.81
C LEU NA 271 -55.42 110.12 -23.58
N LEU NA 272 -54.78 110.20 -24.76
CA LEU NA 272 -54.86 111.40 -25.58
C LEU NA 272 -55.29 111.07 -27.01
N PHE NA 273 -56.48 111.53 -27.37
CA PHE NA 273 -57.01 111.26 -28.69
C PHE NA 273 -56.91 112.48 -29.59
N LYS NA 274 -56.45 112.27 -30.83
CA LYS NA 274 -56.44 113.32 -31.85
C LYS NA 274 -57.71 113.24 -32.67
N GLN NA 275 -58.53 114.29 -32.61
CA GLN NA 275 -59.82 114.25 -33.30
C GLN NA 275 -59.84 115.27 -34.43
N ASP NA 276 -60.68 115.02 -35.43
CA ASP NA 276 -60.75 115.87 -36.62
C ASP NA 276 -61.90 116.86 -36.52
N LYS NA 277 -63.12 116.36 -36.65
CA LYS NA 277 -64.31 117.17 -36.47
C LYS NA 277 -64.45 117.56 -35.01
N ARG NA 278 -65.05 118.70 -34.74
CA ARG NA 278 -65.51 118.98 -33.40
C ARG NA 278 -66.60 117.97 -33.05
N ILE NA 279 -66.48 117.33 -31.90
CA ILE NA 279 -67.51 116.38 -31.48
C ILE NA 279 -68.23 116.88 -30.24
N ASP NA 280 -69.55 116.80 -30.27
CA ASP NA 280 -70.34 117.17 -29.10
C ASP NA 280 -71.15 115.98 -28.63
N PHE NA 281 -70.99 115.66 -27.35
CA PHE NA 281 -71.73 114.57 -26.74
C PHE NA 281 -72.46 115.05 -25.49
N SER NA 282 -73.78 115.07 -25.58
CA SER NA 282 -74.61 115.33 -24.42
C SER NA 282 -74.77 114.02 -23.65
N GLY NA 283 -74.55 112.91 -24.34
CA GLY NA 283 -74.68 111.60 -23.75
C GLY NA 283 -73.60 111.33 -22.73
N ASP NA 284 -72.38 111.77 -23.02
CA ASP NA 284 -71.24 111.51 -22.15
C ASP NA 284 -71.04 112.60 -21.11
N THR NA 285 -71.78 113.69 -21.23
CA THR NA 285 -71.63 114.82 -20.31
C THR NA 285 -72.14 114.45 -18.93
N ARG NA 286 -71.41 114.89 -17.90
CA ARG NA 286 -71.75 114.60 -16.52
C ARG NA 286 -72.03 115.91 -15.78
N PRO NA 287 -72.78 115.84 -14.67
CA PRO NA 287 -73.06 117.02 -13.83
C PRO NA 287 -71.77 117.67 -13.31
N SER NA 288 -71.86 118.93 -12.88
CA SER NA 288 -70.66 119.66 -12.44
C SER NA 288 -70.03 119.13 -11.15
N PRO NA 289 -70.80 118.96 -10.06
CA PRO NA 289 -70.13 118.31 -8.92
C PRO NA 289 -69.81 116.83 -9.14
N CYS NA 290 -70.79 116.08 -9.67
CA CYS NA 290 -70.69 114.64 -10.00
C CYS NA 290 -69.95 113.77 -9.00
N TYR NA 291 -70.47 113.67 -7.78
CA TYR NA 291 -69.81 112.85 -6.77
C TYR NA 291 -70.43 111.46 -6.67
N GLN NA 292 -71.37 111.16 -7.56
CA GLN NA 292 -71.97 109.83 -7.60
C GLN NA 292 -71.10 108.86 -8.38
N LEU NA 293 -70.98 107.64 -7.87
CA LEU NA 293 -70.16 106.62 -8.51
C LEU NA 293 -70.87 105.93 -9.67
N ALA NA 294 -72.19 105.83 -9.60
CA ALA NA 294 -72.96 105.24 -10.68
C ALA NA 294 -72.91 106.13 -11.92
N GLN NA 295 -72.66 107.41 -11.69
CA GLN NA 295 -72.54 108.38 -12.78
C GLN NA 295 -71.17 108.32 -13.45
N ARG NA 296 -70.12 108.05 -12.67
CA ARG NA 296 -68.85 107.76 -13.32
C ARG NA 296 -68.66 106.26 -13.31
N THR NA 297 -68.98 105.66 -14.43
CA THR NA 297 -68.79 104.25 -14.66
C THR NA 297 -68.50 104.22 -16.12
N PHE NA 298 -67.50 103.48 -16.53
CA PHE NA 298 -66.96 103.74 -17.83
C PHE NA 298 -66.43 102.53 -18.53
N HIS NA 299 -66.63 102.49 -19.83
CA HIS NA 299 -65.97 101.50 -20.63
C HIS NA 299 -65.26 102.22 -21.76
N THR NA 300 -63.94 102.22 -21.70
CA THR NA 300 -63.10 102.90 -22.66
C THR NA 300 -63.39 102.36 -24.05
N PHE NA 301 -63.63 101.06 -24.11
CA PHE NA 301 -64.01 100.38 -25.34
C PHE NA 301 -65.23 101.02 -25.99
N ASP NA 302 -66.37 100.96 -25.30
CA ASP NA 302 -67.61 101.53 -25.82
C ASP NA 302 -67.48 103.01 -26.21
N PHE NA 303 -66.92 103.79 -25.29
CA PHE NA 303 -66.69 105.21 -25.49
C PHE NA 303 -65.88 105.48 -26.75
N TYR NA 304 -64.94 104.59 -27.03
CA TYR NA 304 -64.13 104.73 -28.23
C TYR NA 304 -64.88 104.28 -29.49
N LYS NA 305 -65.64 103.19 -29.37
CA LYS NA 305 -66.49 102.69 -30.44
C LYS NA 305 -67.38 103.79 -30.99
N LYS NA 306 -68.04 104.50 -30.07
CA LYS NA 306 -68.87 105.64 -30.43
C LYS NA 306 -68.18 106.60 -31.40
N HIS NA 307 -67.11 107.21 -30.90
CA HIS NA 307 -66.45 108.34 -31.55
C HIS NA 307 -65.30 107.90 -32.44
N GLN NA 308 -65.23 106.59 -32.66
CA GLN NA 308 -64.14 105.94 -33.39
C GLN NA 308 -63.70 106.62 -34.69
N ASP NA 309 -64.67 107.13 -35.44
CA ASP NA 309 -64.36 107.73 -36.74
C ASP NA 309 -63.53 109.00 -36.63
N ALA NA 310 -63.91 109.90 -35.72
CA ALA NA 310 -63.17 111.14 -35.54
C ALA NA 310 -61.93 111.00 -34.64
N MET NA 311 -62.07 110.26 -33.54
CA MET NA 311 -60.99 110.13 -32.56
C MET NA 311 -59.98 109.05 -32.90
N THR NA 312 -58.72 109.43 -32.96
CA THR NA 312 -57.65 108.44 -33.01
C THR NA 312 -56.70 108.60 -31.82
N PRO NA 313 -56.60 107.55 -30.99
CA PRO NA 313 -55.76 107.63 -29.79
C PRO NA 313 -54.30 107.87 -30.14
N ALA NA 314 -53.69 108.82 -29.44
CA ALA NA 314 -52.34 109.26 -29.78
C ALA NA 314 -51.40 109.20 -28.58
N GLY NA 315 -51.66 110.00 -27.56
CA GLY NA 315 -50.79 110.03 -26.39
C GLY NA 315 -51.16 109.04 -25.29
N LEU NA 316 -50.15 108.58 -24.55
CA LEU NA 316 -50.42 107.74 -23.39
C LEU NA 316 -49.42 107.95 -22.26
N ALA NA 317 -49.93 108.10 -21.04
CA ALA NA 317 -49.07 108.04 -19.85
C ALA NA 317 -49.90 107.56 -18.68
N PHE NA 318 -49.33 106.74 -17.80
CA PHE NA 318 -50.13 106.09 -16.76
C PHE NA 318 -49.34 105.86 -15.48
N PHE NA 319 -50.02 105.75 -14.34
CA PHE NA 319 -49.28 105.53 -13.10
C PHE NA 319 -49.93 104.52 -12.15
N GLN NA 320 -49.11 103.98 -11.25
CA GLN NA 320 -49.51 103.02 -10.24
C GLN NA 320 -49.79 103.74 -8.94
N CYS NA 321 -50.90 103.43 -8.28
CA CYS NA 321 -51.29 104.17 -7.10
C CYS NA 321 -51.94 103.32 -6.02
N ARG NA 322 -51.45 103.46 -4.78
CA ARG NA 322 -51.96 102.68 -3.65
C ARG NA 322 -52.58 103.59 -2.59
N TRP NA 323 -53.48 103.03 -1.78
CA TRP NA 323 -54.14 103.79 -0.73
C TRP NA 323 -53.17 104.50 0.21
N ASP NA 324 -53.49 105.75 0.52
CA ASP NA 324 -52.75 106.51 1.53
C ASP NA 324 -53.76 107.31 2.35
N ASP NA 325 -53.29 107.93 3.42
CA ASP NA 325 -54.15 108.61 4.39
C ASP NA 325 -55.23 109.51 3.78
N SER NA 326 -54.81 110.40 2.87
CA SER NA 326 -55.69 111.43 2.33
C SER NA 326 -56.97 110.87 1.72
N VAL NA 327 -56.87 109.66 1.18
CA VAL NA 327 -57.99 109.00 0.52
C VAL NA 327 -59.19 108.87 1.45
N THR NA 328 -58.92 108.68 2.74
CA THR NA 328 -59.99 108.53 3.71
C THR NA 328 -60.94 109.72 3.63
N ARG NA 329 -60.36 110.90 3.45
CA ARG NA 329 -61.14 112.13 3.40
C ARG NA 329 -62.12 112.09 2.25
N VAL NA 330 -61.71 111.51 1.13
CA VAL NA 330 -62.58 111.46 -0.03
C VAL NA 330 -63.90 110.80 0.31
N PHE NA 331 -63.85 109.51 0.60
CA PHE NA 331 -65.06 108.72 0.83
C PHE NA 331 -66.07 109.37 1.76
N HIS NA 332 -65.60 109.89 2.88
CA HIS NA 332 -66.48 110.55 3.85
C HIS NA 332 -66.99 111.88 3.32
N GLN NA 333 -66.06 112.71 2.85
CA GLN NA 333 -66.35 114.12 2.58
C GLN NA 333 -67.01 114.37 1.24
N LEU NA 334 -66.56 113.67 0.20
CA LEU NA 334 -67.05 113.88 -1.15
C LEU NA 334 -68.17 112.91 -1.52
N LEU NA 335 -67.85 111.62 -1.52
CA LEU NA 335 -68.80 110.60 -1.97
C LEU NA 335 -69.90 110.31 -0.95
N ASP NA 336 -69.76 110.88 0.25
CA ASP NA 336 -70.72 110.68 1.33
C ASP NA 336 -70.91 109.18 1.59
N MET NA 337 -69.80 108.47 1.73
CA MET NA 337 -69.80 107.03 1.91
C MET NA 337 -69.08 106.62 3.18
N ARG NA 338 -69.32 105.39 3.62
CA ARG NA 338 -68.39 104.74 4.51
C ARG NA 338 -67.18 104.32 3.67
N GLU NA 339 -66.04 104.10 4.30
CA GLU NA 339 -64.84 103.72 3.57
C GLU NA 339 -64.60 102.21 3.59
N PRO NA 340 -64.69 101.56 2.42
CA PRO NA 340 -64.43 100.12 2.33
C PRO NA 340 -62.95 99.77 2.49
N VAL NA 341 -62.66 98.74 3.29
CA VAL NA 341 -61.30 98.25 3.50
C VAL NA 341 -61.23 96.76 3.18
N PHE NA 342 -60.13 96.34 2.56
CA PHE NA 342 -60.00 94.96 2.11
C PHE NA 342 -58.85 94.23 2.75
N GLU NA 343 -58.89 92.90 2.67
CA GLU NA 343 -57.75 92.11 3.08
C GLU NA 343 -57.19 91.33 1.93
N PHE NA 344 -56.08 90.66 2.18
CA PHE NA 344 -55.61 89.66 1.26
C PHE NA 344 -55.73 88.32 1.92
N VAL NA 345 -56.66 87.51 1.41
CA VAL NA 345 -56.97 86.25 2.05
C VAL NA 345 -56.45 85.07 1.25
N ARG NA 346 -55.60 84.28 1.89
CA ARG NA 346 -55.05 83.10 1.26
C ARG NA 346 -55.95 81.89 1.52
N PRO NA 347 -56.03 80.97 0.55
CA PRO NA 347 -56.91 79.81 0.71
C PRO NA 347 -56.48 78.95 1.87
N PRO NA 348 -57.44 78.31 2.56
CA PRO NA 348 -57.12 77.45 3.71
C PRO NA 348 -56.28 76.26 3.27
N PRO NA 349 -55.32 75.84 4.10
CA PRO NA 349 -54.38 74.76 3.76
C PRO NA 349 -55.09 73.43 3.49
N TYR NA 350 -54.58 72.68 2.53
CA TYR NA 350 -55.21 71.42 2.18
C TYR NA 350 -54.81 70.28 3.11
N HIS NA 351 -55.81 69.66 3.73
CA HIS NA 351 -55.61 68.43 4.47
C HIS NA 351 -56.32 67.22 3.85
N PRO NA 352 -55.62 66.08 3.75
CA PRO NA 352 -56.18 64.80 3.29
C PRO NA 352 -57.38 64.37 4.12
N LYS NA 353 -58.23 63.49 3.60
CA LYS NA 353 -59.35 62.96 4.37
C LYS NA 353 -58.82 62.40 5.68
N GLN NA 354 -59.52 62.66 6.77
CA GLN NA 354 -59.07 62.15 8.05
C GLN NA 354 -59.31 60.65 8.12
N LYS NA 355 -58.38 59.90 8.70
CA LYS NA 355 -58.48 58.45 8.78
C LYS NA 355 -58.81 57.98 10.19
N ARG NA 356 -59.56 56.89 10.32
CA ARG NA 356 -59.91 56.39 11.65
C ARG NA 356 -58.68 55.97 12.42
N PHE NA 357 -57.75 55.30 11.76
CA PHE NA 357 -56.49 54.93 12.39
C PHE NA 357 -55.32 55.50 11.63
N PRO NA 358 -54.96 56.75 11.92
CA PRO NA 358 -53.81 57.33 11.21
C PRO NA 358 -52.58 56.56 11.58
N HIS NA 359 -51.88 56.04 10.60
CA HIS NA 359 -50.87 55.09 10.97
C HIS NA 359 -49.52 55.74 10.86
N ARG NA 360 -48.73 55.58 11.91
CA ARG NA 360 -47.38 56.11 11.91
C ARG NA 360 -47.35 57.62 11.71
N GLN NA 361 -48.35 58.30 12.25
CA GLN NA 361 -48.45 59.74 12.08
C GLN NA 361 -48.22 60.36 13.44
N PRO NA 362 -47.55 61.52 13.46
CA PRO NA 362 -47.24 62.21 14.72
C PRO NA 362 -48.52 62.54 15.45
N LEU NA 363 -48.45 62.73 16.76
CA LEU NA 363 -49.63 63.01 17.54
C LEU NA 363 -50.35 64.26 17.04
N ARG NA 364 -49.57 65.26 16.66
CA ARG NA 364 -50.13 66.54 16.26
C ARG NA 364 -51.06 66.41 15.06
N TYR NA 365 -51.08 65.23 14.45
CA TYR NA 365 -52.07 64.87 13.43
C TYR NA 365 -53.46 65.21 13.87
N LEU NA 366 -53.81 64.86 15.10
CA LEU NA 366 -55.18 65.07 15.53
C LEU NA 366 -55.54 66.55 15.58
N ASP NA 367 -54.54 67.43 15.53
CA ASP NA 367 -54.81 68.85 15.66
C ASP NA 367 -55.14 69.52 14.34
N ARG NA 368 -54.86 68.82 13.24
CA ARG NA 368 -55.05 69.41 11.93
C ARG NA 368 -56.52 69.45 11.58
N TYR NA 369 -57.27 68.51 12.11
CA TYR NA 369 -58.70 68.43 11.82
C TYR NA 369 -59.51 69.02 12.96
N ARG NA 370 -58.80 69.50 13.98
CA ARG NA 370 -59.42 70.17 15.12
C ARG NA 370 -60.20 71.39 14.66
N ASP NA 371 -61.38 71.59 15.24
CA ASP NA 371 -62.25 72.69 14.83
C ASP NA 371 -61.75 74.03 15.40
N SER NA 372 -61.73 74.12 16.73
CA SER NA 372 -61.20 75.30 17.42
C SER NA 372 -60.54 74.88 18.72
N HIS NA 373 -59.54 75.62 19.18
CA HIS NA 373 -58.80 75.17 20.35
C HIS NA 373 -59.45 75.69 21.60
N GLU NA 374 -60.14 74.77 22.26
CA GLU NA 374 -61.02 75.01 23.41
C GLU NA 374 -61.52 73.65 23.77
N PRO NA 375 -61.49 73.30 25.05
CA PRO NA 375 -62.06 71.99 25.34
C PRO NA 375 -63.57 72.04 25.27
N THR NA 376 -64.20 70.91 24.93
CA THR NA 376 -65.64 70.82 24.95
C THR NA 376 -66.06 69.56 25.66
N TYR NA 377 -66.77 69.73 26.76
CA TYR NA 377 -67.18 68.61 27.57
C TYR NA 377 -68.62 68.35 27.20
N GLY NA 378 -68.88 67.25 26.50
CA GLY NA 378 -70.15 67.15 25.82
C GLY NA 378 -71.37 67.06 26.71
N ILE NA 379 -71.47 66.02 27.52
CA ILE NA 379 -72.59 65.92 28.47
C ILE NA 379 -72.17 66.35 29.85
N TYR NA 380 -70.89 66.65 30.00
CA TYR NA 380 -70.35 66.89 31.32
C TYR NA 380 -70.41 68.37 31.66
N SER OA 30 -127.59 -57.59 -32.05
CA SER OA 30 -127.42 -56.34 -31.31
C SER OA 30 -126.39 -55.43 -31.97
N GLN OA 31 -126.79 -54.18 -32.21
CA GLN OA 31 -125.89 -53.20 -32.83
C GLN OA 31 -125.18 -52.39 -31.75
N LEU OA 32 -123.87 -52.60 -31.62
CA LEU OA 32 -123.10 -51.97 -30.55
C LEU OA 32 -121.68 -51.60 -30.99
N SER OA 33 -121.21 -50.45 -30.53
CA SER OA 33 -119.84 -49.98 -30.78
C SER OA 33 -118.86 -50.71 -29.85
N PRO OA 34 -117.55 -50.66 -30.16
CA PRO OA 34 -116.59 -51.26 -29.22
C PRO OA 34 -116.60 -50.56 -27.86
N THR OA 35 -116.79 -49.24 -27.84
CA THR OA 35 -116.77 -48.48 -26.60
C THR OA 35 -118.01 -48.74 -25.75
N GLU OA 36 -119.14 -48.97 -26.43
CA GLU OA 36 -120.40 -49.23 -25.74
C GLU OA 36 -120.34 -50.50 -24.90
N LEU OA 37 -119.67 -51.53 -25.42
CA LEU OA 37 -119.48 -52.79 -24.69
C LEU OA 37 -118.76 -52.54 -23.38
N ILE OA 38 -117.64 -51.83 -23.50
CA ILE OA 38 -116.85 -51.39 -22.36
C ILE OA 38 -117.72 -50.66 -21.32
N GLU OA 39 -118.44 -49.65 -21.78
CA GLU OA 39 -119.33 -48.89 -20.91
C GLU OA 39 -120.30 -49.78 -20.17
N MET OA 40 -120.99 -50.64 -20.92
CA MET OA 40 -121.97 -51.55 -20.34
C MET OA 40 -121.36 -52.42 -19.25
N GLN OA 41 -120.29 -53.13 -19.61
CA GLN OA 41 -119.65 -54.05 -18.68
C GLN OA 41 -119.18 -53.33 -17.42
N ASN OA 42 -118.55 -52.18 -17.60
CA ASN OA 42 -118.06 -51.41 -16.45
C ASN OA 42 -119.19 -50.93 -15.55
N ASP OA 43 -120.31 -50.52 -16.15
CA ASP OA 43 -121.45 -50.06 -15.38
C ASP OA 43 -122.11 -51.20 -14.61
N LEU OA 44 -122.14 -52.39 -15.22
CA LEU OA 44 -122.64 -53.57 -14.53
C LEU OA 44 -121.76 -53.93 -13.35
N PHE OA 45 -120.44 -53.90 -13.59
CA PHE OA 45 -119.46 -54.18 -12.55
C PHE OA 45 -119.61 -53.23 -11.38
N ASN OA 46 -119.75 -51.94 -11.69
CA ASN OA 46 -119.94 -50.92 -10.67
C ASN OA 46 -121.25 -51.13 -9.91
N LYS OA 47 -122.30 -51.51 -10.63
CA LYS OA 47 -123.59 -51.82 -10.00
C LYS OA 47 -123.42 -52.93 -8.96
N GLU OA 48 -122.81 -54.03 -9.39
CA GLU OA 48 -122.59 -55.17 -8.52
C GLU OA 48 -121.77 -54.78 -7.30
N LYS OA 49 -120.66 -54.08 -7.54
CA LYS OA 49 -119.77 -53.68 -6.47
C LYS OA 49 -120.49 -52.81 -5.44
N ASN OA 50 -121.31 -51.89 -5.92
CA ASN OA 50 -122.10 -51.04 -5.03
C ASN OA 50 -123.16 -51.84 -4.28
N ARG OA 51 -123.63 -52.92 -4.90
CA ARG OA 51 -124.60 -53.79 -4.23
C ARG OA 51 -123.92 -54.55 -3.07
N GLN OA 52 -122.73 -55.09 -3.33
CA GLN OA 52 -121.95 -55.77 -2.31
C GLN OA 52 -121.60 -54.80 -1.17
N LEU OA 53 -121.33 -53.55 -1.54
CA LEU OA 53 -121.06 -52.51 -0.54
C LEU OA 53 -122.29 -52.22 0.32
N SER OA 54 -123.46 -52.14 -0.31
CA SER OA 54 -124.70 -51.87 0.40
C SER OA 54 -125.09 -53.02 1.32
N LEU OA 55 -124.71 -54.24 0.95
CA LEU OA 55 -125.01 -55.42 1.76
C LEU OA 55 -124.47 -55.32 3.18
N THR OA 56 -123.31 -54.68 3.33
CA THR OA 56 -122.72 -54.44 4.64
C THR OA 56 -123.19 -53.09 5.18
N PRO OA 57 -124.04 -53.13 6.22
CA PRO OA 57 -124.72 -51.94 6.77
C PRO OA 57 -123.80 -50.96 7.49
N ARG OA 58 -122.81 -51.49 8.18
CA ARG OA 58 -122.07 -50.71 9.16
C ARG OA 58 -120.56 -50.78 8.97
N THR OA 59 -119.86 -50.19 9.92
CA THR OA 59 -118.46 -50.50 10.12
C THR OA 59 -118.41 -51.58 11.19
N GLU OA 60 -117.98 -52.76 10.78
CA GLU OA 60 -117.89 -53.92 11.67
C GLU OA 60 -116.44 -54.27 11.91
N LYS OA 61 -116.09 -54.61 13.14
CA LYS OA 61 -114.69 -54.86 13.45
C LYS OA 61 -114.34 -56.33 13.51
N ILE OA 62 -113.44 -56.76 12.62
CA ILE OA 62 -112.91 -58.11 12.63
C ILE OA 62 -111.49 -58.10 13.15
N GLU OA 63 -111.08 -59.16 13.83
CA GLU OA 63 -109.72 -59.20 14.34
C GLU OA 63 -108.83 -60.18 13.59
N VAL OA 64 -107.89 -59.61 12.83
CA VAL OA 64 -106.93 -60.38 12.06
C VAL OA 64 -105.67 -60.63 12.89
N LYS OA 65 -105.15 -61.85 12.81
CA LYS OA 65 -103.93 -62.17 13.54
C LYS OA 65 -102.83 -62.43 12.53
N HIS OA 66 -101.58 -62.22 12.93
CA HIS OA 66 -100.47 -62.39 12.01
C HIS OA 66 -99.69 -63.67 12.34
N VAL OA 67 -99.74 -64.64 11.44
CA VAL OA 67 -99.08 -65.91 11.63
C VAL OA 67 -97.70 -65.92 11.00
N GLY OA 68 -97.29 -64.77 10.47
CA GLY OA 68 -96.00 -64.66 9.82
C GLY OA 68 -94.82 -65.03 10.70
N LYS OA 69 -93.75 -65.45 10.05
CA LYS OA 69 -92.49 -65.83 10.70
C LYS OA 69 -91.82 -64.62 11.33
N THR OA 70 -92.23 -63.44 10.88
CA THR OA 70 -91.51 -62.21 11.14
C THR OA 70 -91.99 -61.42 12.37
N ASP OA 71 -93.21 -60.91 12.32
CA ASP OA 71 -93.73 -60.08 13.40
C ASP OA 71 -94.90 -60.76 14.07
N PRO OA 72 -94.61 -61.77 14.87
CA PRO OA 72 -95.66 -62.64 15.41
C PRO OA 72 -96.50 -61.94 16.48
N GLY OA 73 -97.72 -62.44 16.68
CA GLY OA 73 -98.59 -61.92 17.72
C GLY OA 73 -99.22 -60.59 17.38
N THR OA 74 -98.81 -59.99 16.27
CA THR OA 74 -99.38 -58.73 15.84
C THR OA 74 -100.84 -58.92 15.48
N VAL OA 75 -101.69 -58.01 15.95
CA VAL OA 75 -103.12 -58.15 15.73
C VAL OA 75 -103.72 -56.91 15.14
N PHE OA 76 -104.24 -57.03 13.93
CA PHE OA 76 -104.89 -55.94 13.26
C PHE OA 76 -106.38 -55.91 13.58
N VAL OA 77 -106.93 -54.73 13.80
CA VAL OA 77 -108.36 -54.61 14.04
C VAL OA 77 -108.99 -53.82 12.90
N MET OA 78 -109.79 -54.50 12.08
CA MET OA 78 -110.10 -54.03 10.75
C MET OA 78 -111.59 -53.92 10.41
N ASN OA 79 -111.90 -53.14 9.37
CA ASN OA 79 -113.27 -53.01 8.91
C ASN OA 79 -113.68 -54.13 7.96
N LYS OA 80 -114.67 -54.89 8.38
CA LYS OA 80 -115.18 -56.02 7.60
C LYS OA 80 -115.67 -55.61 6.22
N ASN OA 81 -115.25 -56.36 5.21
CA ASN OA 81 -115.61 -56.11 3.81
C ASN OA 81 -115.18 -54.75 3.29
N ILE OA 82 -114.19 -54.16 3.94
CA ILE OA 82 -113.60 -52.91 3.50
C ILE OA 82 -112.09 -53.04 3.46
N SER OA 83 -111.51 -53.28 4.62
CA SER OA 83 -110.07 -53.45 4.76
C SER OA 83 -109.57 -54.65 3.97
N THR OA 84 -108.37 -54.54 3.42
CA THR OA 84 -107.77 -55.58 2.61
C THR OA 84 -106.45 -55.98 3.24
N PRO OA 85 -105.91 -57.14 2.85
CA PRO OA 85 -104.59 -57.49 3.37
C PRO OA 85 -103.51 -56.50 2.97
N TYR OA 86 -103.71 -55.75 1.90
CA TYR OA 86 -102.78 -54.69 1.57
C TYR OA 86 -102.85 -53.60 2.63
N SER OA 87 -104.06 -53.11 2.86
CA SER OA 87 -104.33 -52.14 3.92
C SER OA 87 -103.87 -52.70 5.26
N CYS OA 88 -103.75 -54.01 5.32
CA CYS OA 88 -103.25 -54.66 6.51
C CYS OA 88 -101.73 -54.56 6.58
N ALA OA 89 -101.07 -54.69 5.44
CA ALA OA 89 -99.63 -54.54 5.40
C ALA OA 89 -99.24 -53.12 5.72
N MET OA 90 -100.10 -52.17 5.35
CA MET OA 90 -99.79 -50.77 5.56
C MET OA 90 -99.59 -50.42 7.02
N HIS OA 91 -100.09 -51.23 7.94
CA HIS OA 91 -99.85 -50.96 9.35
C HIS OA 91 -98.47 -51.42 9.78
N LEU OA 92 -97.89 -52.35 9.04
CA LEU OA 92 -96.57 -52.88 9.38
C LEU OA 92 -95.45 -51.97 8.89
N SER OA 93 -95.27 -51.91 7.58
CA SER OA 93 -94.22 -51.09 6.98
C SER OA 93 -94.33 -51.15 5.47
N GLU OA 94 -93.68 -50.20 4.81
CA GLU OA 94 -93.72 -50.12 3.36
C GLU OA 94 -93.09 -51.37 2.77
N TRP OA 95 -92.23 -52.02 3.55
CA TRP OA 95 -91.52 -53.18 3.09
C TRP OA 95 -92.48 -54.30 2.72
N TYR OA 96 -93.45 -54.55 3.57
CA TYR OA 96 -94.47 -55.53 3.25
C TYR OA 96 -95.25 -55.12 2.02
N CYS OA 97 -95.66 -53.85 1.98
CA CYS OA 97 -96.43 -53.33 0.86
C CYS OA 97 -95.76 -53.60 -0.47
N ARG OA 98 -94.45 -53.38 -0.56
CA ARG OA 98 -93.77 -53.59 -1.82
C ARG OA 98 -93.42 -55.05 -2.07
N LYS OA 99 -93.04 -55.77 -1.03
CA LYS OA 99 -92.60 -57.15 -1.20
C LYS OA 99 -93.72 -58.18 -1.24
N SER OA 100 -94.89 -57.84 -0.72
CA SER OA 100 -95.93 -58.86 -0.60
C SER OA 100 -96.84 -58.91 -1.81
N ILE OA 101 -96.72 -59.98 -2.58
CA ILE OA 101 -97.58 -60.22 -3.71
C ILE OA 101 -98.91 -60.84 -3.33
N LEU OA 102 -98.85 -61.87 -2.48
CA LEU OA 102 -100.08 -62.63 -2.24
C LEU OA 102 -100.33 -62.85 -0.77
N ALA OA 103 -101.58 -62.87 -0.34
CA ALA OA 103 -101.81 -62.98 1.09
C ALA OA 103 -102.49 -64.27 1.50
N LEU OA 104 -101.80 -65.11 2.24
CA LEU OA 104 -102.41 -66.34 2.70
C LEU OA 104 -103.33 -66.05 3.89
N VAL OA 105 -104.62 -66.31 3.70
CA VAL OA 105 -105.62 -66.21 4.76
C VAL OA 105 -106.06 -67.61 5.12
N ASP OA 106 -105.79 -68.01 6.35
CA ASP OA 106 -105.93 -69.39 6.76
C ASP OA 106 -105.12 -70.25 5.80
N GLY OA 107 -105.77 -71.13 5.05
CA GLY OA 107 -105.05 -71.98 4.13
C GLY OA 107 -105.16 -71.55 2.69
N GLN OA 108 -105.78 -70.40 2.44
CA GLN OA 108 -106.09 -70.06 1.06
C GLN OA 108 -105.40 -68.80 0.60
N PRO OA 109 -104.98 -68.79 -0.67
CA PRO OA 109 -104.45 -67.57 -1.28
C PRO OA 109 -105.51 -66.49 -1.49
N TRP OA 110 -105.17 -65.26 -1.11
CA TRP OA 110 -106.02 -64.08 -1.26
C TRP OA 110 -105.30 -63.02 -2.05
N ASP OA 111 -106.03 -62.33 -2.92
CA ASP OA 111 -105.46 -61.21 -3.66
C ASP OA 111 -105.29 -60.07 -2.70
N MET OA 112 -104.27 -59.27 -2.91
CA MET OA 112 -103.93 -58.20 -1.99
C MET OA 112 -105.03 -57.19 -1.78
N TYR OA 113 -105.79 -56.93 -2.83
CA TYR OA 113 -106.85 -55.93 -2.75
C TYR OA 113 -108.23 -56.51 -2.51
N LYS OA 114 -108.34 -57.82 -2.32
CA LYS OA 114 -109.62 -58.45 -2.01
C LYS OA 114 -109.99 -58.29 -0.53
N PRO OA 115 -111.10 -57.58 -0.25
CA PRO OA 115 -111.50 -57.22 1.11
C PRO OA 115 -111.77 -58.42 2.00
N LEU OA 116 -111.21 -58.41 3.21
CA LEU OA 116 -111.39 -59.50 4.15
C LEU OA 116 -112.83 -59.62 4.61
N THR OA 117 -113.30 -60.84 4.80
CA THR OA 117 -114.69 -61.10 5.14
C THR OA 117 -114.90 -61.31 6.64
N LYS OA 118 -114.28 -62.36 7.17
CA LYS OA 118 -114.43 -62.68 8.57
C LYS OA 118 -113.11 -62.51 9.32
N SER OA 119 -113.16 -62.71 10.64
CA SER OA 119 -111.95 -62.67 11.45
C SER OA 119 -111.12 -63.93 11.22
N CYS OA 120 -109.80 -63.78 11.17
CA CYS OA 120 -108.93 -64.83 10.66
C CYS OA 120 -107.46 -64.60 11.02
N GLU OA 121 -106.59 -65.39 10.40
CA GLU OA 121 -105.15 -65.20 10.54
C GLU OA 121 -104.46 -65.05 9.17
N ILE OA 122 -103.49 -64.13 9.10
CA ILE OA 122 -102.90 -63.70 7.83
C ILE OA 122 -101.40 -63.92 7.80
N LYS OA 123 -100.91 -64.33 6.63
CA LYS OA 123 -99.50 -64.51 6.39
C LYS OA 123 -99.24 -63.86 5.03
N PHE OA 124 -98.05 -63.32 4.81
CA PHE OA 124 -97.80 -62.68 3.52
C PHE OA 124 -96.81 -63.47 2.69
N LEU OA 125 -96.97 -63.39 1.38
CA LEU OA 125 -96.26 -64.25 0.45
C LEU OA 125 -95.54 -63.46 -0.62
N THR OA 126 -94.28 -63.86 -0.82
CA THR OA 126 -93.30 -63.14 -1.61
C THR OA 126 -92.72 -64.01 -2.71
N PHE OA 127 -92.10 -63.40 -3.70
CA PHE OA 127 -91.46 -64.16 -4.77
C PHE OA 127 -90.26 -64.96 -4.31
N LYS OA 128 -89.49 -64.39 -3.40
CA LYS OA 128 -88.23 -65.01 -2.98
C LYS OA 128 -88.43 -65.92 -1.78
N ASP OA 129 -89.69 -66.12 -1.44
CA ASP OA 129 -90.11 -67.03 -0.37
C ASP OA 129 -89.74 -68.47 -0.72
N ASP OA 130 -89.72 -69.36 0.27
CA ASP OA 130 -89.26 -70.74 0.06
C ASP OA 130 -90.14 -71.63 -0.83
N ASP OA 131 -91.47 -71.57 -0.66
CA ASP OA 131 -92.38 -72.36 -1.51
C ASP OA 131 -93.35 -71.44 -2.25
N PRO OA 132 -92.83 -70.64 -3.18
CA PRO OA 132 -93.53 -69.55 -3.85
C PRO OA 132 -94.69 -70.01 -4.75
N GLY OA 133 -94.82 -71.32 -4.99
CA GLY OA 133 -95.64 -71.83 -6.07
C GLY OA 133 -97.02 -71.20 -6.25
N GLU OA 134 -97.70 -70.94 -5.13
CA GLU OA 134 -98.96 -70.18 -5.15
C GLU OA 134 -98.81 -68.85 -5.86
N VAL OA 135 -97.93 -68.04 -5.31
CA VAL OA 135 -97.56 -66.77 -5.90
C VAL OA 135 -97.20 -66.90 -7.38
N ASN OA 136 -96.40 -67.90 -7.72
CA ASN OA 136 -96.03 -68.13 -9.11
C ASN OA 136 -97.25 -68.30 -10.02
N LYS OA 137 -98.17 -69.16 -9.60
CA LYS OA 137 -99.41 -69.36 -10.33
C LYS OA 137 -100.12 -68.03 -10.53
N ALA OA 138 -100.27 -67.30 -9.42
CA ALA OA 138 -100.95 -66.02 -9.45
C ALA OA 138 -100.34 -65.06 -10.47
N TYR OA 139 -99.02 -65.02 -10.50
CA TYR OA 139 -98.30 -64.15 -11.41
C TYR OA 139 -98.53 -64.50 -12.86
N TRP OA 140 -98.38 -65.79 -13.14
CA TRP OA 140 -98.61 -66.31 -14.48
C TRP OA 140 -100.01 -65.93 -14.98
N ARG OA 141 -101.02 -66.18 -14.14
CA ARG OA 141 -102.40 -65.81 -14.47
C ARG OA 141 -102.54 -64.35 -14.80
N SER OA 142 -102.01 -63.51 -13.92
CA SER OA 142 -102.11 -62.07 -14.08
C SER OA 142 -101.54 -61.62 -15.41
N CYS OA 143 -100.32 -62.03 -15.70
CA CYS OA 143 -99.69 -61.68 -16.97
C CYS OA 143 -100.50 -62.14 -18.15
N ALA OA 144 -101.03 -63.36 -18.03
CA ALA OA 144 -101.88 -63.92 -19.08
C ALA OA 144 -103.05 -62.99 -19.37
N MET OA 145 -103.77 -62.64 -18.31
CA MET OA 145 -104.88 -61.71 -18.40
C MET OA 145 -104.49 -60.39 -19.07
N MET OA 146 -103.34 -59.87 -18.70
CA MET OA 146 -102.82 -58.66 -19.33
C MET OA 146 -102.70 -58.83 -20.83
N MET OA 147 -102.11 -59.95 -21.24
CA MET OA 147 -101.95 -60.20 -22.65
C MET OA 147 -103.31 -60.26 -23.35
N GLY OA 148 -104.27 -60.91 -22.69
CA GLY OA 148 -105.62 -60.98 -23.21
C GLY OA 148 -106.16 -59.59 -23.51
N CYS OA 149 -106.07 -58.71 -22.53
CA CYS OA 149 -106.51 -57.34 -22.72
C CYS OA 149 -105.79 -56.66 -23.88
N VAL OA 150 -104.48 -56.87 -23.98
CA VAL OA 150 -103.70 -56.28 -25.06
C VAL OA 150 -104.18 -56.72 -26.43
N ILE OA 151 -104.41 -58.01 -26.58
CA ILE OA 151 -104.87 -58.58 -27.84
C ILE OA 151 -106.25 -58.07 -28.24
N GLU OA 152 -107.22 -58.15 -27.33
CA GLU OA 152 -108.59 -57.78 -27.67
C GLU OA 152 -108.72 -56.38 -28.27
N ARG OA 153 -107.93 -55.44 -27.77
CA ARG OA 153 -108.05 -54.06 -28.22
C ARG OA 153 -107.05 -53.66 -29.30
N ALA OA 154 -106.26 -54.63 -29.77
CA ALA OA 154 -105.24 -54.35 -30.78
C ALA OA 154 -105.68 -54.65 -32.21
N PHE OA 155 -106.92 -55.07 -32.40
CA PHE OA 155 -107.42 -55.40 -33.73
C PHE OA 155 -108.45 -54.40 -34.21
N LYS OA 156 -108.49 -54.19 -35.54
CA LYS OA 156 -109.40 -53.24 -36.17
C LYS OA 156 -110.86 -53.53 -35.84
N ASP OA 157 -111.65 -52.46 -35.71
CA ASP OA 157 -113.07 -52.58 -35.35
C ASP OA 157 -113.84 -53.47 -36.30
N GLU OA 158 -113.40 -53.49 -37.56
CA GLU OA 158 -114.04 -54.30 -38.60
C GLU OA 158 -114.10 -55.78 -38.22
N TYR OA 159 -113.05 -56.26 -37.57
CA TYR OA 159 -112.97 -57.68 -37.27
C TYR OA 159 -113.57 -58.00 -35.91
N VAL OA 160 -113.61 -59.29 -35.59
CA VAL OA 160 -114.23 -59.75 -34.36
C VAL OA 160 -113.28 -60.62 -33.57
N VAL OA 161 -112.92 -60.16 -32.38
CA VAL OA 161 -111.96 -60.86 -31.54
C VAL OA 161 -112.62 -61.49 -30.33
N SER OA 162 -112.58 -62.81 -30.28
CA SER OA 162 -113.19 -63.53 -29.18
C SER OA 162 -112.13 -64.15 -28.28
N LEU OA 163 -112.00 -63.61 -27.07
CA LEU OA 163 -111.12 -64.21 -26.08
C LEU OA 163 -111.78 -65.49 -25.59
N VAL OA 164 -111.00 -66.54 -25.44
CA VAL OA 164 -111.54 -67.81 -25.01
C VAL OA 164 -111.28 -68.01 -23.53
N ARG OA 165 -110.04 -68.31 -23.19
CA ARG OA 165 -109.65 -68.50 -21.81
C ARG OA 165 -108.14 -68.36 -21.64
N ALA OA 166 -107.69 -68.54 -20.41
CA ALA OA 166 -106.28 -68.55 -20.10
C ALA OA 166 -105.94 -69.91 -19.51
N PRO OA 167 -105.62 -70.86 -20.40
CA PRO OA 167 -105.34 -72.24 -19.99
C PRO OA 167 -104.24 -72.25 -18.97
N GLU OA 168 -104.41 -73.02 -17.88
CA GLU OA 168 -103.45 -72.90 -16.82
C GLU OA 168 -102.31 -73.86 -17.02
N VAL OA 169 -101.17 -73.30 -17.38
CA VAL OA 169 -99.95 -74.05 -17.53
C VAL OA 169 -99.15 -74.01 -16.25
N PRO OA 170 -98.37 -75.06 -15.98
CA PRO OA 170 -97.37 -74.92 -14.93
C PRO OA 170 -96.30 -73.96 -15.42
N VAL OA 171 -95.48 -73.43 -14.53
CA VAL OA 171 -94.51 -72.44 -14.96
C VAL OA 171 -93.23 -73.07 -15.49
N ILE OA 172 -93.07 -74.39 -15.32
CA ILE OA 172 -91.92 -75.04 -15.91
C ILE OA 172 -92.08 -75.08 -17.43
N ALA OA 173 -93.33 -75.14 -17.88
CA ALA OA 173 -93.62 -74.89 -19.29
C ALA OA 173 -93.15 -73.48 -19.59
N GLY OA 174 -92.49 -73.29 -20.72
CA GLY OA 174 -91.68 -72.10 -20.92
C GLY OA 174 -92.38 -70.76 -21.11
N ALA OA 175 -93.70 -70.73 -20.95
CA ALA OA 175 -94.40 -69.48 -21.18
C ALA OA 175 -95.74 -69.46 -20.49
N PHE OA 176 -96.47 -68.37 -20.67
CA PHE OA 176 -97.87 -68.32 -20.32
C PHE OA 176 -98.60 -67.98 -21.59
N CYS OA 177 -99.90 -68.27 -21.63
CA CYS OA 177 -100.62 -68.19 -22.88
C CYS OA 177 -102.10 -67.88 -22.76
N TYR OA 178 -102.66 -67.40 -23.85
CA TYR OA 178 -104.06 -67.02 -23.90
C TYR OA 178 -104.69 -67.50 -25.20
N ASP OA 179 -105.92 -68.01 -25.13
CA ASP OA 179 -106.59 -68.55 -26.31
C ASP OA 179 -107.60 -67.57 -26.89
N VAL OA 180 -107.50 -67.34 -28.19
CA VAL OA 180 -108.33 -66.35 -28.86
C VAL OA 180 -108.77 -66.82 -30.25
N VAL OA 181 -110.05 -66.65 -30.54
CA VAL OA 181 -110.58 -66.93 -31.87
C VAL OA 181 -110.76 -65.61 -32.64
N LEU OA 182 -110.47 -65.63 -33.93
CA LEU OA 182 -110.47 -64.41 -34.72
C LEU OA 182 -111.45 -64.50 -35.89
N ASP OA 183 -111.77 -63.34 -36.48
CA ASP OA 183 -112.71 -63.26 -37.59
C ASP OA 183 -112.31 -64.18 -38.73
N LYS OA 184 -113.31 -64.74 -39.41
CA LYS OA 184 -113.09 -65.79 -40.39
C LYS OA 184 -112.25 -65.34 -41.60
N ARG OA 185 -112.40 -64.08 -42.00
CA ARG OA 185 -111.66 -63.58 -43.15
C ARG OA 185 -110.19 -63.33 -42.79
N LEU OA 186 -109.89 -63.48 -41.51
CA LEU OA 186 -108.55 -63.26 -40.98
C LEU OA 186 -107.76 -64.56 -40.80
N ASP OA 187 -108.37 -65.69 -41.16
CA ASP OA 187 -107.83 -67.00 -40.81
C ASP OA 187 -106.51 -67.38 -41.48
N GLU OA 188 -106.14 -66.66 -42.53
CA GLU OA 188 -104.95 -67.04 -43.30
C GLU OA 188 -103.62 -66.57 -42.72
N TRP OA 189 -103.57 -65.36 -42.16
CA TRP OA 189 -102.29 -64.77 -41.77
C TRP OA 189 -101.82 -65.13 -40.36
N MET OA 190 -100.51 -65.28 -40.23
CA MET OA 190 -99.84 -65.35 -38.94
C MET OA 190 -98.96 -64.12 -38.83
N PRO OA 191 -98.83 -63.57 -37.61
CA PRO OA 191 -98.16 -62.27 -37.42
C PRO OA 191 -96.68 -62.24 -37.76
N THR OA 192 -96.17 -61.02 -37.87
CA THR OA 192 -94.77 -60.75 -38.18
C THR OA 192 -94.12 -60.14 -36.95
N LYS OA 193 -92.80 -60.25 -36.87
CA LYS OA 193 -92.06 -59.72 -35.73
C LYS OA 193 -92.50 -58.30 -35.39
N GLU OA 194 -92.83 -57.53 -36.41
CA GLU OA 194 -93.38 -56.20 -36.24
C GLU OA 194 -94.61 -56.22 -35.36
N ASN OA 195 -95.56 -57.08 -35.72
CA ASN OA 195 -96.84 -57.17 -35.03
C ASN OA 195 -96.69 -57.63 -33.59
N LEU OA 196 -95.94 -58.72 -33.40
CA LEU OA 196 -95.65 -59.20 -32.06
C LEU OA 196 -95.01 -58.11 -31.22
N HIS OA 197 -94.06 -57.39 -31.81
CA HIS OA 197 -93.42 -56.29 -31.12
C HIS OA 197 -94.42 -55.20 -30.79
N SER OA 198 -95.47 -55.08 -31.59
CA SER OA 198 -96.52 -54.11 -31.32
C SER OA 198 -97.32 -54.52 -30.09
N PHE OA 199 -97.73 -55.79 -30.03
CA PHE OA 199 -98.38 -56.33 -28.85
C PHE OA 199 -97.56 -56.02 -27.62
N THR OA 200 -96.28 -56.35 -27.69
CA THR OA 200 -95.38 -56.16 -26.57
C THR OA 200 -95.33 -54.70 -26.16
N LYS OA 201 -95.20 -53.81 -27.14
CA LYS OA 201 -95.20 -52.38 -26.87
C LYS OA 201 -96.44 -51.94 -26.12
N ASP OA 202 -97.58 -52.52 -26.50
CA ASP OA 202 -98.85 -52.15 -25.90
C ASP OA 202 -98.98 -52.70 -24.47
N ALA OA 203 -98.41 -53.87 -24.24
CA ALA OA 203 -98.42 -54.44 -22.90
C ALA OA 203 -97.52 -53.64 -21.97
N ARG OA 204 -96.38 -53.18 -22.48
CA ARG OA 204 -95.50 -52.33 -21.71
C ARG OA 204 -96.18 -51.00 -21.43
N ALA OA 205 -96.98 -50.54 -22.40
CA ALA OA 205 -97.76 -49.33 -22.23
C ALA OA 205 -98.72 -49.53 -21.09
N LEU OA 206 -99.25 -50.73 -21.01
CA LEU OA 206 -100.22 -51.11 -20.01
C LEU OA 206 -99.57 -51.16 -18.62
N ILE OA 207 -98.34 -51.66 -18.58
CA ILE OA 207 -97.59 -51.74 -17.33
C ILE OA 207 -97.24 -50.37 -16.81
N TYR OA 208 -96.73 -49.53 -17.72
CA TYR OA 208 -96.25 -48.21 -17.38
C TYR OA 208 -97.24 -47.46 -16.48
N LYS OA 209 -98.43 -47.18 -16.99
CA LYS OA 209 -99.48 -46.71 -16.11
C LYS OA 209 -99.81 -47.84 -15.15
N ASP OA 210 -99.84 -47.53 -13.86
CA ASP OA 210 -99.94 -48.56 -12.84
C ASP OA 210 -101.40 -48.79 -12.46
N LEU OA 211 -101.92 -49.94 -12.86
CA LEU OA 211 -103.32 -50.28 -12.61
C LEU OA 211 -103.46 -51.38 -11.57
N PRO OA 212 -104.26 -51.14 -10.54
CA PRO OA 212 -104.51 -52.21 -9.56
C PRO OA 212 -105.41 -53.29 -10.17
N PHE OA 213 -105.17 -54.54 -9.83
CA PHE OA 213 -106.11 -55.60 -10.17
C PHE OA 213 -107.24 -55.64 -9.15
N GLU OA 214 -108.47 -55.50 -9.64
CA GLU OA 214 -109.65 -55.48 -8.79
C GLU OA 214 -110.40 -56.80 -8.89
N THR OA 215 -110.96 -57.25 -7.77
CA THR OA 215 -111.64 -58.54 -7.73
C THR OA 215 -113.10 -58.42 -7.29
N LEU OA 216 -113.96 -59.28 -7.82
CA LEU OA 216 -115.35 -59.33 -7.38
C LEU OA 216 -115.91 -60.76 -7.46
N GLU OA 217 -116.70 -61.14 -6.46
CA GLU OA 217 -117.38 -62.43 -6.46
C GLU OA 217 -118.81 -62.24 -6.94
N VAL OA 218 -119.19 -62.98 -7.99
CA VAL OA 218 -120.52 -62.76 -8.56
C VAL OA 218 -121.34 -64.03 -8.69
N GLU OA 219 -122.65 -63.86 -8.84
CA GLU OA 219 -123.56 -64.95 -9.17
C GLU OA 219 -123.63 -65.10 -10.68
N ALA OA 220 -123.74 -66.34 -11.15
CA ALA OA 220 -123.74 -66.64 -12.59
C ALA OA 220 -124.75 -65.81 -13.38
N LYS OA 221 -125.93 -65.60 -12.79
CA LYS OA 221 -127.01 -64.83 -13.42
C LYS OA 221 -126.53 -63.48 -13.93
N VAL OA 222 -125.83 -62.74 -13.08
CA VAL OA 222 -125.35 -61.40 -13.43
C VAL OA 222 -123.93 -61.41 -14.00
N ALA OA 223 -123.31 -62.58 -13.99
CA ALA OA 223 -122.02 -62.75 -14.64
C ALA OA 223 -122.22 -62.87 -16.14
N LEU OA 224 -123.20 -63.69 -16.53
CA LEU OA 224 -123.47 -63.93 -17.94
C LEU OA 224 -123.92 -62.68 -18.67
N GLU OA 225 -124.60 -61.78 -17.95
CA GLU OA 225 -125.10 -60.55 -18.54
C GLU OA 225 -123.98 -59.60 -18.93
N ILE OA 226 -122.84 -59.75 -18.26
CA ILE OA 226 -121.69 -58.89 -18.54
C ILE OA 226 -121.03 -59.28 -19.86
N PHE OA 227 -120.74 -60.57 -20.00
CA PHE OA 227 -120.02 -61.04 -21.18
C PHE OA 227 -120.87 -61.09 -22.44
N GLN OA 228 -122.02 -61.76 -22.37
CA GLN OA 228 -122.90 -61.82 -23.53
C GLN OA 228 -122.19 -62.38 -24.75
N HIS OA 229 -121.95 -61.48 -25.70
CA HIS OA 229 -121.57 -61.79 -27.08
C HIS OA 229 -120.48 -62.84 -27.28
N ASN OA 230 -119.58 -62.99 -26.32
CA ASN OA 230 -118.61 -64.07 -26.45
C ASN OA 230 -119.20 -65.37 -25.95
N LYS OA 231 -119.34 -66.33 -26.85
CA LYS OA 231 -120.01 -67.58 -26.54
C LYS OA 231 -119.14 -68.40 -25.63
N TYR OA 232 -117.87 -68.49 -26.02
CA TYR OA 232 -116.88 -69.30 -25.34
C TYR OA 232 -116.74 -68.87 -23.89
N LYS OA 233 -116.81 -67.56 -23.68
CA LYS OA 233 -116.81 -67.00 -22.34
C LYS OA 233 -118.00 -67.55 -21.55
N LEU OA 234 -119.18 -67.51 -22.15
CA LEU OA 234 -120.39 -67.97 -21.48
C LEU OA 234 -120.28 -69.45 -21.11
N ASP OA 235 -119.70 -70.23 -22.00
CA ASP OA 235 -119.44 -71.64 -21.74
C ASP OA 235 -118.52 -71.78 -20.53
N PHE OA 236 -117.43 -71.03 -20.56
CA PHE OA 236 -116.44 -71.09 -19.48
C PHE OA 236 -117.07 -70.76 -18.13
N ILE OA 237 -117.84 -69.68 -18.10
CA ILE OA 237 -118.58 -69.28 -16.91
C ILE OA 237 -119.49 -70.40 -16.45
N GLU OA 238 -120.14 -71.05 -17.41
CA GLU OA 238 -121.07 -72.12 -17.10
C GLU OA 238 -120.37 -73.27 -16.39
N GLU OA 239 -119.24 -73.72 -16.95
CA GLU OA 239 -118.47 -74.80 -16.36
C GLU OA 239 -117.90 -74.43 -15.00
N LYS OA 240 -117.40 -73.21 -14.91
CA LYS OA 240 -116.73 -72.72 -13.71
C LYS OA 240 -117.73 -72.60 -12.55
N ALA OA 241 -118.94 -72.16 -12.88
CA ALA OA 241 -120.01 -72.06 -11.88
C ALA OA 241 -120.62 -73.42 -11.59
N SER OA 242 -120.44 -74.36 -12.52
CA SER OA 242 -121.01 -75.70 -12.36
C SER OA 242 -120.35 -76.50 -11.24
N GLN OA 243 -119.05 -76.27 -11.03
CA GLN OA 243 -118.30 -77.02 -10.04
C GLN OA 243 -118.39 -76.38 -8.64
N ASN OA 244 -119.02 -75.22 -8.57
CA ASN OA 244 -119.29 -74.55 -7.29
C ASN OA 244 -120.77 -74.54 -6.95
N PRO OA 245 -121.12 -75.13 -5.78
CA PRO OA 245 -122.50 -75.33 -5.32
C PRO OA 245 -123.38 -74.08 -5.39
N GLU OA 246 -122.81 -72.92 -5.10
CA GLU OA 246 -123.60 -71.70 -4.97
C GLU OA 246 -123.64 -70.89 -6.25
N ARG OA 247 -123.05 -71.46 -7.31
CA ARG OA 247 -122.97 -70.79 -8.62
C ARG OA 247 -122.18 -69.49 -8.56
N ILE OA 248 -120.99 -69.52 -7.95
CA ILE OA 248 -120.17 -68.33 -7.81
C ILE OA 248 -119.04 -68.27 -8.84
N VAL OA 249 -118.91 -67.10 -9.46
CA VAL OA 249 -117.89 -66.86 -10.48
C VAL OA 249 -116.93 -65.78 -10.02
N LYS OA 250 -115.65 -66.01 -10.26
CA LYS OA 250 -114.60 -65.09 -9.85
C LYS OA 250 -114.23 -64.12 -10.96
N LEU OA 251 -114.54 -62.84 -10.74
CA LEU OA 251 -114.23 -61.81 -11.73
C LEU OA 251 -113.04 -60.96 -11.33
N HIS OA 252 -112.22 -60.61 -12.31
CA HIS OA 252 -111.14 -59.66 -12.12
C HIS OA 252 -111.24 -58.58 -13.17
N ARG OA 253 -110.79 -57.39 -12.82
CA ARG OA 253 -110.84 -56.27 -13.74
C ARG OA 253 -109.68 -55.32 -13.49
N PHE OA 254 -109.09 -54.79 -14.54
CA PHE OA 254 -108.16 -53.70 -14.37
C PHE OA 254 -108.33 -52.69 -15.49
N GLY OA 255 -108.25 -51.41 -15.14
CA GLY OA 255 -108.62 -50.37 -16.08
C GLY OA 255 -110.06 -50.58 -16.51
N ASP OA 256 -110.26 -50.66 -17.81
CA ASP OA 256 -111.61 -50.90 -18.36
C ASP OA 256 -111.85 -52.37 -18.65
N PHE OA 257 -110.83 -53.20 -18.48
CA PHE OA 257 -110.95 -54.57 -18.95
C PHE OA 257 -111.38 -55.54 -17.87
N ILE OA 258 -112.34 -56.40 -18.21
CA ILE OA 258 -112.85 -57.40 -17.27
C ILE OA 258 -112.67 -58.80 -17.82
N ASP OA 259 -112.37 -59.76 -16.93
CA ASP OA 259 -112.23 -61.15 -17.31
C ASP OA 259 -112.50 -62.09 -16.15
N VAL OA 260 -112.91 -63.32 -16.47
CA VAL OA 260 -113.08 -64.37 -15.47
C VAL OA 260 -111.79 -65.18 -15.40
N SER OA 261 -111.37 -65.56 -14.20
CA SER OA 261 -110.17 -66.38 -14.06
C SER OA 261 -110.18 -67.28 -12.85
N GLU OA 262 -109.38 -68.34 -12.92
CA GLU OA 262 -109.18 -69.24 -11.80
C GLU OA 262 -108.15 -68.66 -10.87
N GLY OA 263 -108.44 -68.68 -9.58
CA GLY OA 263 -107.46 -68.27 -8.59
C GLY OA 263 -107.19 -66.77 -8.57
N PRO OA 264 -106.47 -66.33 -7.54
CA PRO OA 264 -106.13 -64.93 -7.26
C PRO OA 264 -105.09 -64.37 -8.21
N LEU OA 265 -104.94 -63.05 -8.19
CA LEU OA 265 -103.98 -62.35 -9.04
C LEU OA 265 -103.05 -61.44 -8.24
N ILE OA 266 -101.98 -60.98 -8.87
CA ILE OA 266 -101.08 -60.04 -8.22
C ILE OA 266 -101.77 -58.68 -8.06
N PRO OA 267 -101.33 -57.88 -7.08
CA PRO OA 267 -101.95 -56.59 -6.76
C PRO OA 267 -101.86 -55.48 -7.81
N ARG OA 268 -100.70 -55.32 -8.45
CA ARG OA 268 -100.50 -54.19 -9.37
C ARG OA 268 -100.11 -54.65 -10.76
N THR OA 269 -100.24 -53.77 -11.74
CA THR OA 269 -99.69 -54.05 -13.06
C THR OA 269 -98.19 -53.78 -13.03
N SER OA 270 -97.79 -52.85 -12.18
CA SER OA 270 -96.41 -52.40 -12.09
C SER OA 270 -95.43 -53.48 -11.69
N ILE OA 271 -95.96 -54.59 -11.20
CA ILE OA 271 -95.10 -55.64 -10.69
C ILE OA 271 -94.26 -56.26 -11.82
N CYS OA 272 -94.82 -56.33 -13.02
CA CYS OA 272 -94.09 -56.87 -14.16
C CYS OA 272 -93.01 -55.91 -14.65
N PHE OA 273 -91.86 -56.45 -15.04
CA PHE OA 273 -90.81 -55.61 -15.57
C PHE OA 273 -90.48 -56.00 -16.99
N GLN OA 274 -89.78 -57.10 -17.13
CA GLN OA 274 -89.55 -57.66 -18.44
C GLN OA 274 -90.83 -58.33 -18.87
N TYR OA 275 -91.30 -57.98 -20.05
CA TYR OA 275 -92.54 -58.54 -20.57
C TYR OA 275 -92.41 -58.71 -22.07
N GLU OA 276 -92.90 -59.84 -22.56
CA GLU OA 276 -92.81 -60.12 -23.98
C GLU OA 276 -94.00 -60.92 -24.44
N VAL OA 277 -94.46 -60.62 -25.65
CA VAL OA 277 -95.36 -61.53 -26.32
C VAL OA 277 -94.49 -62.27 -27.31
N SER OA 278 -94.28 -63.56 -27.03
CA SER OA 278 -93.28 -64.32 -27.75
C SER OA 278 -93.74 -64.64 -29.15
N ALA OA 279 -94.74 -65.51 -29.26
CA ALA OA 279 -95.18 -65.97 -30.58
C ALA OA 279 -96.59 -66.53 -30.51
N VAL OA 280 -97.24 -66.66 -31.66
CA VAL OA 280 -98.57 -67.26 -31.69
C VAL OA 280 -98.55 -68.58 -32.44
N HIS OA 281 -99.50 -69.45 -32.10
CA HIS OA 281 -99.56 -70.76 -32.71
C HIS OA 281 -101.00 -71.13 -33.04
N ASN OA 282 -101.24 -71.49 -34.30
CA ASN OA 282 -102.59 -71.86 -34.70
C ASN OA 282 -102.89 -73.30 -34.33
N LEU OA 283 -103.94 -73.50 -33.55
CA LEU OA 283 -104.38 -74.82 -33.15
C LEU OA 283 -105.88 -74.96 -33.38
N GLN OA 284 -106.27 -75.99 -34.13
CA GLN OA 284 -107.66 -76.08 -34.57
C GLN OA 284 -108.42 -77.32 -34.10
N THR OA 285 -109.60 -77.08 -33.52
CA THR OA 285 -110.54 -78.13 -33.22
C THR OA 285 -111.36 -78.38 -34.48
N GLN OA 286 -112.33 -79.28 -34.40
CA GLN OA 286 -113.24 -79.53 -35.51
C GLN OA 286 -114.24 -78.37 -35.64
N SER OA 287 -114.66 -77.82 -34.51
CA SER OA 287 -115.71 -76.80 -34.49
C SER OA 287 -115.19 -75.36 -34.45
N SER OA 288 -113.87 -75.18 -34.36
CA SER OA 288 -113.30 -73.84 -34.29
C SER OA 288 -111.82 -73.80 -34.68
N LEU OA 289 -111.33 -72.61 -35.02
CA LEU OA 289 -109.91 -72.39 -35.24
C LEU OA 289 -109.38 -71.44 -34.17
N VAL OA 290 -108.55 -71.96 -33.27
CA VAL OA 290 -108.13 -71.21 -32.10
C VAL OA 290 -106.66 -70.83 -32.12
N ARG OA 291 -106.39 -69.53 -32.01
CA ARG OA 291 -105.03 -69.04 -31.94
C ARG OA 291 -104.55 -69.01 -30.49
N ARG OA 292 -103.36 -69.55 -30.23
CA ARG OA 292 -102.78 -69.55 -28.90
C ARG OA 292 -101.64 -68.55 -28.86
N PHE OA 293 -101.84 -67.48 -28.10
CA PHE OA 293 -100.82 -66.45 -27.93
C PHE OA 293 -99.94 -66.77 -26.75
N GLN OA 294 -98.64 -66.91 -27.00
CA GLN OA 294 -97.69 -67.21 -25.94
C GLN OA 294 -96.74 -66.06 -25.70
N GLY OA 295 -96.53 -65.78 -24.42
CA GLY OA 295 -95.66 -64.70 -23.98
C GLY OA 295 -94.97 -65.09 -22.69
N LEU OA 296 -94.01 -64.28 -22.28
CA LEU OA 296 -93.14 -64.59 -21.15
C LEU OA 296 -92.79 -63.33 -20.39
N SER OA 297 -92.74 -63.40 -19.07
CA SER OA 297 -92.42 -62.20 -18.30
C SER OA 297 -91.85 -62.51 -16.93
N LEU OA 298 -91.26 -61.49 -16.32
CA LEU OA 298 -90.67 -61.60 -14.99
C LEU OA 298 -90.96 -60.34 -14.19
N PRO OA 299 -91.11 -60.50 -12.87
CA PRO OA 299 -91.38 -59.38 -11.96
C PRO OA 299 -90.13 -58.58 -11.65
N VAL OA 300 -90.29 -57.33 -11.23
CA VAL OA 300 -89.16 -56.48 -10.92
C VAL OA 300 -88.25 -57.10 -9.87
N HIS OA 301 -88.82 -57.90 -8.99
CA HIS OA 301 -88.05 -58.52 -7.92
C HIS OA 301 -87.08 -59.54 -8.45
N LEU OA 302 -87.52 -60.31 -9.43
CA LEU OA 302 -86.72 -61.39 -9.97
C LEU OA 302 -85.97 -61.10 -11.26
N ARG OA 303 -85.97 -59.85 -11.71
CA ARG OA 303 -85.56 -59.54 -13.08
C ARG OA 303 -84.23 -60.16 -13.49
N ALA OA 304 -84.20 -60.73 -14.68
CA ALA OA 304 -83.09 -61.55 -15.12
C ALA OA 304 -82.19 -60.84 -16.13
N HIS OA 305 -80.92 -61.20 -16.11
CA HIS OA 305 -79.94 -60.60 -16.99
C HIS OA 305 -80.29 -60.81 -18.45
N PHE OA 306 -79.84 -59.89 -19.30
CA PHE OA 306 -80.16 -59.88 -20.73
C PHE OA 306 -79.95 -61.21 -21.45
N THR OA 307 -78.82 -61.85 -21.19
CA THR OA 307 -78.51 -63.10 -21.85
C THR OA 307 -79.46 -64.22 -21.43
N ILE OA 308 -79.63 -64.39 -20.12
CA ILE OA 308 -80.60 -65.31 -19.56
C ILE OA 308 -81.97 -65.13 -20.19
N TRP OA 309 -82.41 -63.88 -20.18
CA TRP OA 309 -83.66 -63.48 -20.80
C TRP OA 309 -83.76 -63.98 -22.22
N ASN OA 310 -82.73 -63.76 -23.02
CA ASN OA 310 -82.77 -64.22 -24.40
C ASN OA 310 -82.94 -65.73 -24.51
N LYS OA 311 -82.23 -66.50 -23.68
CA LYS OA 311 -82.42 -67.95 -23.73
C LYS OA 311 -83.87 -68.36 -23.41
N LEU OA 312 -84.40 -67.82 -22.31
CA LEU OA 312 -85.77 -68.13 -21.91
C LEU OA 312 -86.77 -67.75 -22.99
N LEU OA 313 -86.51 -66.61 -23.62
CA LEU OA 313 -87.35 -66.12 -24.70
C LEU OA 313 -87.31 -67.07 -25.89
N GLU OA 314 -86.14 -67.65 -26.15
CA GLU OA 314 -86.05 -68.66 -27.20
C GLU OA 314 -86.90 -69.85 -26.87
N ARG OA 315 -86.88 -70.28 -25.61
CA ARG OA 315 -87.71 -71.44 -25.28
C ARG OA 315 -89.21 -71.12 -25.30
N SER OA 316 -89.56 -69.86 -25.07
CA SER OA 316 -90.97 -69.48 -25.03
C SER OA 316 -91.64 -69.45 -26.41
N ARG OA 317 -90.87 -69.66 -27.47
CA ARG OA 317 -91.46 -69.69 -28.81
C ARG OA 317 -92.12 -71.03 -29.13
N LYS OA 318 -91.65 -72.10 -28.49
CA LYS OA 318 -92.19 -73.43 -28.76
C LYS OA 318 -93.61 -73.57 -28.22
N MET OA 319 -94.40 -74.42 -28.86
CA MET OA 319 -95.78 -74.64 -28.44
C MET OA 319 -95.85 -75.24 -27.04
N VAL OA 320 -96.71 -74.67 -26.22
CA VAL OA 320 -96.91 -75.14 -24.86
C VAL OA 320 -98.26 -75.79 -24.72
N THR OA 321 -98.28 -77.10 -24.57
CA THR OA 321 -99.57 -77.77 -24.39
C THR OA 321 -99.72 -78.44 -23.03
N GLU OA 322 -100.48 -77.80 -22.14
CA GLU OA 322 -101.22 -78.51 -21.09
C GLU OA 322 -102.58 -77.86 -20.92
N ASP OA 323 -103.64 -78.55 -21.34
CA ASP OA 323 -104.99 -78.15 -20.96
C ASP OA 323 -105.55 -79.03 -19.83
N LYS OA 324 -104.79 -80.06 -19.47
CA LYS OA 324 -105.22 -81.07 -18.49
C LYS OA 324 -104.08 -82.04 -18.15
N ILE PA 83 11.83 61.65 -21.28
CA ILE PA 83 12.25 61.99 -19.93
C ILE PA 83 12.38 63.51 -19.75
N PRO PA 84 11.26 64.17 -19.44
CA PRO PA 84 11.12 65.64 -19.43
C PRO PA 84 11.90 66.38 -18.33
N ILE PA 85 12.67 67.39 -18.72
CA ILE PA 85 13.12 68.45 -17.80
C ILE PA 85 12.99 69.82 -18.47
N GLU PA 86 12.08 70.66 -17.98
CA GLU PA 86 11.84 71.98 -18.57
C GLU PA 86 12.78 73.09 -18.06
N ASP PA 87 12.97 74.10 -18.91
CA ASP PA 87 13.70 75.31 -18.53
C ASP PA 87 12.79 76.48 -18.15
N PHE PA 88 11.47 76.26 -18.17
CA PHE PA 88 10.49 77.29 -17.84
C PHE PA 88 10.61 77.84 -16.42
N ILE PA 89 11.33 77.10 -15.58
CA ILE PA 89 11.49 77.44 -14.17
C ILE PA 89 12.30 78.72 -13.97
N THR PA 90 11.97 79.46 -12.92
CA THR PA 90 12.73 80.65 -12.55
C THR PA 90 13.92 80.26 -11.70
N PRO PA 91 15.13 80.62 -12.16
CA PRO PA 91 16.40 80.32 -11.46
C PRO PA 91 16.46 80.95 -10.06
N VAL PA 92 17.34 80.39 -9.22
CA VAL PA 92 17.44 80.80 -7.82
C VAL PA 92 18.15 82.14 -7.66
N LYS PA 93 19.06 82.45 -8.59
CA LYS PA 93 19.83 83.69 -8.55
C LYS PA 93 18.95 84.93 -8.50
N PHE PA 94 17.75 84.82 -9.07
CA PHE PA 94 16.90 85.97 -9.35
C PHE PA 94 16.07 86.42 -8.14
N LEU PA 95 16.10 85.62 -7.07
CA LEU PA 95 15.24 85.80 -5.90
C LEU PA 95 15.37 87.15 -5.16
N ASN PA 96 16.50 87.40 -4.51
CA ASN PA 96 16.65 88.54 -3.59
C ASN PA 96 17.30 89.79 -4.20
N LYS PA 97 17.61 89.75 -5.48
CA LYS PA 97 18.25 90.87 -6.19
C LYS PA 97 17.17 91.80 -6.76
N GLU PA 98 15.93 91.50 -6.40
CA GLU PA 98 14.72 92.19 -6.85
C GLU PA 98 14.74 93.71 -6.68
N ARG PA 99 15.51 94.16 -5.71
CA ARG PA 99 15.42 95.53 -5.22
C ARG PA 99 15.96 96.58 -6.19
N GLN PA 100 16.53 96.14 -7.31
CA GLN PA 100 17.22 97.05 -8.21
C GLN PA 100 16.29 97.92 -9.05
N ARG PA 101 15.06 97.45 -9.27
CA ARG PA 101 14.17 98.18 -10.17
C ARG PA 101 12.82 98.55 -9.54
N PRO PA 102 12.82 99.31 -8.42
CA PRO PA 102 11.52 99.80 -7.95
C PRO PA 102 10.80 100.90 -8.78
N PRO PA 103 11.51 101.97 -9.23
CA PRO PA 103 10.69 103.05 -9.77
C PRO PA 103 10.18 102.84 -11.20
N VAL PA 104 8.92 103.18 -11.45
CA VAL PA 104 8.41 103.42 -12.80
C VAL PA 104 7.40 104.56 -12.74
N GLU PA 105 7.60 105.59 -13.57
CA GLU PA 105 6.64 106.69 -13.65
C GLU PA 105 6.56 107.31 -15.03
N LEU PA 106 5.34 107.66 -15.43
CA LEU PA 106 5.11 108.33 -16.69
C LEU PA 106 4.22 109.56 -16.46
N PRO PA 107 4.41 110.59 -17.28
CA PRO PA 107 3.48 111.72 -17.34
C PRO PA 107 2.25 111.37 -18.18
N PHE PA 108 1.39 112.35 -18.45
CA PHE PA 108 0.31 112.17 -19.40
C PHE PA 108 0.89 111.81 -20.76
N GLU PA 109 2.04 112.42 -21.06
CA GLU PA 109 2.74 112.27 -22.34
C GLU PA 109 3.08 110.84 -22.74
N GLU PA 110 3.97 110.20 -21.97
CA GLU PA 110 4.43 108.85 -22.28
C GLU PA 110 3.29 107.85 -22.29
N SER PA 111 2.38 108.00 -21.33
CA SER PA 111 1.18 107.18 -21.25
C SER PA 111 0.36 107.22 -22.53
N GLU PA 112 -0.17 108.40 -22.84
CA GLU PA 112 -1.03 108.57 -24.01
C GLU PA 112 -0.31 108.24 -25.33
N ARG PA 113 0.98 108.56 -25.39
CA ARG PA 113 1.81 108.22 -26.53
C ARG PA 113 1.88 106.71 -26.74
N ARG PA 114 2.26 105.99 -25.68
CA ARG PA 114 2.37 104.54 -25.74
C ARG PA 114 1.05 103.87 -26.13
N ALA PA 115 -0.04 104.32 -25.51
CA ALA PA 115 -1.35 103.74 -25.79
C ALA PA 115 -1.79 103.99 -27.23
N LEU PA 116 -1.71 105.25 -27.66
CA LEU PA 116 -2.02 105.63 -29.04
C LEU PA 116 -1.24 104.79 -30.03
N LEU PA 117 0.06 104.71 -29.78
CA LEU PA 117 0.97 103.88 -30.55
C LEU PA 117 0.50 102.43 -30.61
N LEU PA 118 0.02 101.94 -29.48
CA LEU PA 118 -0.43 100.55 -29.39
C LEU PA 118 -1.64 100.30 -30.28
N LYS PA 119 -2.62 101.21 -30.23
CA LYS PA 119 -3.81 101.07 -31.07
C LYS PA 119 -3.44 101.11 -32.54
N ARG PA 120 -2.63 102.11 -32.88
CA ARG PA 120 -2.04 102.26 -34.21
C ARG PA 120 -1.44 100.93 -34.68
N TRP PA 121 -0.65 100.35 -33.79
CA TRP PA 121 0.07 99.10 -34.01
C TRP PA 121 -0.87 97.94 -34.26
N SER PA 122 -1.98 97.90 -33.52
CA SER PA 122 -2.95 96.83 -33.70
C SER PA 122 -3.57 96.93 -35.09
N LEU PA 123 -3.95 98.14 -35.49
CA LEU PA 123 -4.51 98.35 -36.82
C LEU PA 123 -3.53 97.87 -37.90
N TYR PA 124 -2.27 98.27 -37.72
CA TYR PA 124 -1.20 97.90 -38.63
C TYR PA 124 -1.04 96.38 -38.77
N LYS PA 125 -0.84 95.72 -37.64
CA LYS PA 125 -0.71 94.27 -37.59
C LYS PA 125 -1.91 93.59 -38.23
N GLN PA 126 -3.09 94.16 -38.05
CA GLN PA 126 -4.29 93.60 -38.68
C GLN PA 126 -4.18 93.64 -40.19
N ARG PA 127 -3.91 94.82 -40.74
CA ARG PA 127 -3.76 94.94 -42.19
C ARG PA 127 -2.68 93.98 -42.71
N GLU PA 128 -1.64 93.81 -41.90
CA GLU PA 128 -0.54 92.90 -42.25
C GLU PA 128 -1.02 91.45 -42.35
N HIS PA 129 -1.70 90.97 -41.32
CA HIS PA 129 -2.27 89.62 -41.33
C HIS PA 129 -3.21 89.45 -42.51
N GLU PA 130 -3.96 90.51 -42.80
CA GLU PA 130 -4.92 90.47 -43.90
C GLU PA 130 -4.23 90.25 -45.24
N MET PA 131 -3.23 91.07 -45.55
CA MET PA 131 -2.56 90.94 -46.84
C MET PA 131 -1.78 89.62 -46.91
N GLU PA 132 -1.31 89.16 -45.76
CA GLU PA 132 -0.66 87.85 -45.70
C GLU PA 132 -1.61 86.72 -46.10
N ARG PA 133 -2.78 86.69 -45.46
CA ARG PA 133 -3.78 85.67 -45.75
C ARG PA 133 -4.29 85.75 -47.18
N SER PA 134 -4.46 86.96 -47.67
CA SER PA 134 -4.89 87.17 -49.05
C SER PA 134 -3.82 86.64 -50.00
N ALA PA 135 -2.56 86.82 -49.61
CA ALA PA 135 -1.44 86.33 -50.40
C ALA PA 135 -1.44 84.81 -50.50
N ILE PA 136 -1.45 84.14 -49.34
CA ILE PA 136 -1.43 82.68 -49.35
C ILE PA 136 -2.69 82.14 -50.04
N ARG PA 137 -3.79 82.87 -49.93
CA ARG PA 137 -5.02 82.49 -50.61
C ARG PA 137 -4.85 82.55 -52.14
N SER PA 138 -4.24 83.63 -52.63
CA SER PA 138 -3.98 83.78 -54.07
C SER PA 138 -3.04 82.68 -54.57
N LEU PA 139 -2.02 82.39 -53.78
CA LEU PA 139 -1.11 81.30 -54.07
C LEU PA 139 -1.85 79.96 -54.20
N LEU PA 140 -2.71 79.67 -53.23
CA LEU PA 140 -3.52 78.45 -53.23
C LEU PA 140 -4.45 78.40 -54.43
N GLU PA 141 -4.93 79.57 -54.87
CA GLU PA 141 -5.80 79.63 -56.05
C GLU PA 141 -5.01 79.33 -57.33
N ALA PA 142 -3.77 79.81 -57.38
CA ALA PA 142 -2.85 79.46 -58.46
C ALA PA 142 -2.61 77.94 -58.47
N GLN PA 143 -2.54 77.34 -57.28
CA GLN PA 143 -2.45 75.89 -57.16
C GLN PA 143 -3.69 75.18 -57.72
N GLU PA 144 -4.87 75.70 -57.42
CA GLU PA 144 -6.11 75.15 -57.94
C GLU PA 144 -6.14 75.16 -59.47
N GLU PA 145 -5.97 76.35 -60.05
CA GLU PA 145 -5.98 76.48 -61.50
C GLU PA 145 -4.93 75.59 -62.15
N ALA PA 146 -3.73 75.62 -61.58
CA ALA PA 146 -2.62 74.80 -62.06
C ALA PA 146 -2.96 73.32 -62.09
N LEU PA 147 -3.12 72.74 -60.90
CA LEU PA 147 -3.37 71.31 -60.75
C LEU PA 147 -4.57 70.85 -61.57
N GLN PA 148 -5.64 71.65 -61.56
CA GLN PA 148 -6.84 71.30 -62.33
C GLN PA 148 -6.56 71.30 -63.83
N GLU PA 149 -5.77 72.27 -64.28
CA GLU PA 149 -5.32 72.33 -65.67
C GLU PA 149 -4.54 71.07 -66.09
N LEU PA 150 -3.63 70.65 -65.21
CA LEU PA 150 -2.83 69.43 -65.44
C LEU PA 150 -3.67 68.16 -65.43
N ARG PA 151 -4.73 68.12 -64.62
CA ARG PA 151 -5.64 66.97 -64.59
C ARG PA 151 -6.51 66.91 -65.84
N LEU PA 152 -6.97 68.08 -66.28
CA LEU PA 152 -7.79 68.17 -67.49
C LEU PA 152 -6.99 67.83 -68.74
N SER PA 153 -5.68 68.08 -68.70
CA SER PA 153 -4.84 67.71 -69.83
C SER PA 153 -4.44 66.22 -69.77
N SER PA 154 -3.55 65.86 -68.85
CA SER PA 154 -3.09 64.47 -68.69
C SER PA 154 -3.43 63.88 -67.32
N PRO PA 155 -4.24 62.80 -67.30
CA PRO PA 155 -4.59 62.09 -66.07
C PRO PA 155 -3.35 61.44 -65.40
N GLU PA 156 -2.44 60.96 -66.23
CA GLU PA 156 -1.20 60.38 -65.73
C GLU PA 156 -0.39 61.41 -64.94
N LEU PA 157 -0.55 62.69 -65.28
CA LEU PA 157 0.21 63.75 -64.63
C LEU PA 157 -0.29 64.14 -63.24
N HIS PA 158 -1.57 63.90 -62.94
CA HIS PA 158 -2.04 64.03 -61.56
C HIS PA 158 -2.04 62.66 -60.89
N ALA PA 159 -1.66 61.62 -61.63
CA ALA PA 159 -1.23 60.39 -61.00
C ALA PA 159 0.16 60.62 -60.39
N GLU PA 160 1.04 61.23 -61.19
CA GLU PA 160 2.40 61.56 -60.75
C GLU PA 160 2.49 62.58 -59.62
N ALA PA 161 1.94 63.77 -59.85
CA ALA PA 161 2.29 64.96 -59.07
C ALA PA 161 1.40 65.25 -57.87
N THR PA 162 0.34 64.45 -57.70
CA THR PA 162 -0.55 64.61 -56.56
C THR PA 162 -0.01 63.86 -55.34
N LYS PA 163 0.97 62.99 -55.59
CA LYS PA 163 1.67 62.29 -54.52
C LYS PA 163 2.79 63.16 -53.96
N ARG PA 164 3.08 63.01 -52.67
CA ARG PA 164 4.13 63.77 -52.00
C ARG PA 164 5.45 62.98 -51.93
N ASP PA 165 6.54 63.59 -52.40
CA ASP PA 165 7.82 62.91 -52.51
C ASP PA 165 8.56 62.77 -51.17
N PRO PA 166 9.37 61.70 -51.04
CA PRO PA 166 10.25 61.44 -49.89
C PRO PA 166 11.36 62.49 -49.69
N SER PA 167 11.57 63.36 -50.67
CA SER PA 167 12.62 64.38 -50.58
C SER PA 167 12.33 65.46 -49.52
N LEU PA 168 11.12 65.45 -48.98
CA LEU PA 168 10.68 66.51 -48.07
C LEU PA 168 10.84 66.17 -46.59
N PHE PA 169 11.36 64.99 -46.29
CA PHE PA 169 11.43 64.55 -44.90
C PHE PA 169 12.34 65.46 -44.06
N PRO PA 170 13.64 65.56 -44.42
CA PRO PA 170 14.46 66.42 -43.56
C PRO PA 170 14.67 67.83 -44.11
N PHE PA 171 13.59 68.60 -44.31
CA PHE PA 171 13.75 69.96 -44.83
C PHE PA 171 14.36 70.87 -43.77
N GLU PA 172 15.49 71.50 -44.12
CA GLU PA 172 16.17 72.40 -43.19
C GLU PA 172 16.55 73.70 -43.88
N ARG PA 173 16.34 74.80 -43.17
CA ARG PA 173 16.53 76.13 -43.73
C ARG PA 173 17.03 77.07 -42.64
N GLN PA 174 17.97 77.95 -42.99
CA GLN PA 174 18.49 78.91 -42.02
C GLN PA 174 17.96 80.30 -42.28
N GLY PA 175 17.69 81.02 -41.20
CA GLY PA 175 17.17 82.37 -41.29
C GLY PA 175 18.24 83.35 -41.72
N PRO PA 176 17.82 84.50 -42.25
CA PRO PA 176 18.72 85.58 -42.70
C PRO PA 176 19.57 86.14 -41.56
N ASP PA 177 20.65 86.83 -41.89
CA ASP PA 177 21.50 87.45 -40.88
C ASP PA 177 21.59 88.96 -41.06
N TYR PA 178 22.29 89.61 -40.13
CA TYR PA 178 22.50 91.04 -40.19
C TYR PA 178 23.62 91.43 -41.17
N THR PA 179 24.77 90.76 -41.04
CA THR PA 179 25.93 90.99 -41.91
C THR PA 179 26.25 89.79 -42.80
N PRO PA 180 26.30 89.99 -44.12
CA PRO PA 180 26.68 88.87 -45.00
C PRO PA 180 28.12 88.41 -44.75
N PRO PA 181 28.39 87.10 -44.90
CA PRO PA 181 29.72 86.52 -44.61
C PRO PA 181 30.85 87.16 -45.41
N GLY QA 14 -49.60 -19.97 42.34
CA GLY QA 14 -49.63 -18.69 43.01
C GLY QA 14 -49.94 -18.85 44.48
N ALA QA 15 -49.57 -20.02 45.00
CA ALA QA 15 -49.90 -20.44 46.34
C ALA QA 15 -51.38 -20.31 46.65
N ASP QA 16 -51.70 -20.01 47.89
CA ASP QA 16 -53.09 -19.85 48.26
C ASP QA 16 -53.24 -18.76 49.33
N ARG QA 17 -53.92 -17.67 49.00
CA ARG QA 17 -54.06 -16.60 49.97
C ARG QA 17 -55.21 -16.81 50.93
N MET QA 18 -56.33 -17.26 50.39
CA MET QA 18 -57.58 -17.22 51.11
C MET QA 18 -57.72 -18.30 52.17
N SER QA 19 -57.38 -19.54 51.81
CA SER QA 19 -57.52 -20.66 52.72
C SER QA 19 -56.69 -20.44 53.98
N LYS QA 20 -57.24 -20.84 55.12
CA LYS QA 20 -56.61 -20.53 56.40
C LYS QA 20 -55.34 -21.34 56.62
N TRP QA 21 -54.51 -20.82 57.50
CA TRP QA 21 -53.16 -21.30 57.75
C TRP QA 21 -53.22 -22.35 58.85
N THR QA 22 -52.86 -23.59 58.52
CA THR QA 22 -53.08 -24.71 59.41
C THR QA 22 -51.85 -25.59 59.40
N SER QA 23 -51.66 -26.37 60.47
CA SER QA 23 -50.51 -27.24 60.57
C SER QA 23 -50.37 -28.20 59.40
N LYS QA 24 -51.46 -28.49 58.70
CA LYS QA 24 -51.39 -29.39 57.57
C LYS QA 24 -50.62 -28.76 56.41
N ARG QA 25 -50.56 -27.44 56.39
CA ARG QA 25 -50.10 -26.73 55.21
C ARG QA 25 -48.59 -26.58 55.03
N GLY QA 26 -47.83 -26.41 56.10
CA GLY QA 26 -46.44 -26.02 55.91
C GLY QA 26 -45.42 -27.13 55.78
N PRO QA 27 -44.17 -26.87 56.19
CA PRO QA 27 -43.11 -27.88 56.28
C PRO QA 27 -43.24 -28.73 57.54
N ARG QA 28 -42.30 -29.65 57.72
CA ARG QA 28 -42.26 -30.48 58.92
C ARG QA 28 -42.17 -29.59 60.15
N THR QA 29 -41.45 -28.48 60.04
CA THR QA 29 -41.11 -27.67 61.18
C THR QA 29 -42.27 -26.86 61.73
N PHE QA 30 -43.38 -26.89 61.02
CA PHE QA 30 -44.52 -26.07 61.41
C PHE QA 30 -45.58 -26.90 62.09
N CYS QA 31 -45.72 -26.73 63.40
CA CYS QA 31 -46.78 -27.40 64.13
C CYS QA 31 -47.55 -26.37 64.90
N LYS QA 32 -48.79 -26.21 64.53
CA LYS QA 32 -49.62 -25.26 65.20
C LYS QA 32 -50.84 -26.00 65.68
N GLY QA 33 -51.08 -26.02 66.98
CA GLY QA 33 -52.21 -26.75 67.51
C GLY QA 33 -53.53 -26.23 66.96
N ARG QA 34 -54.58 -27.02 67.12
CA ARG QA 34 -55.89 -26.61 66.65
C ARG QA 34 -56.64 -25.86 67.73
N GLY QA 35 -55.96 -25.57 68.82
CA GLY QA 35 -56.58 -24.81 69.88
C GLY QA 35 -56.97 -25.56 71.14
N ALA QA 36 -56.53 -26.80 71.27
CA ALA QA 36 -56.66 -27.49 72.56
C ALA QA 36 -55.67 -26.87 73.53
N LYS QA 37 -55.92 -27.01 74.82
CA LYS QA 37 -55.07 -26.32 75.80
C LYS QA 37 -53.99 -27.21 76.35
N GLY QA 38 -52.79 -26.65 76.49
CA GLY QA 38 -51.64 -27.39 76.96
C GLY QA 38 -51.81 -28.01 78.33
N THR QA 39 -51.46 -29.28 78.43
CA THR QA 39 -51.57 -30.00 79.67
C THR QA 39 -50.24 -30.15 80.43
N GLY QA 40 -49.16 -29.56 79.93
CA GLY QA 40 -47.89 -29.78 80.57
C GLY QA 40 -46.69 -29.06 79.98
N PHE QA 41 -45.51 -29.58 80.25
CA PHE QA 41 -44.28 -28.95 79.78
C PHE QA 41 -43.26 -29.99 79.34
N HIS QA 42 -42.19 -29.56 78.70
CA HIS QA 42 -41.14 -30.48 78.29
C HIS QA 42 -40.12 -30.73 79.39
N GLY QA 43 -39.90 -31.99 79.71
CA GLY QA 43 -39.04 -32.36 80.83
C GLY QA 43 -37.58 -32.55 80.47
N ARG QA 44 -36.85 -33.23 81.36
CA ARG QA 44 -35.41 -33.38 81.22
C ARG QA 44 -35.01 -34.28 80.07
N ASP QA 45 -35.64 -35.45 80.01
CA ASP QA 45 -35.31 -36.46 79.02
C ASP QA 45 -35.75 -36.05 77.62
N GLY QA 46 -36.43 -34.91 77.54
CA GLY QA 46 -37.01 -34.46 76.28
C GLY QA 46 -38.43 -34.99 76.24
N LYS QA 47 -38.69 -36.02 77.04
CA LYS QA 47 -40.03 -36.56 77.15
C LYS QA 47 -40.94 -35.52 77.80
N PHE QA 48 -42.22 -35.65 77.52
CA PHE QA 48 -43.20 -34.67 77.91
C PHE QA 48 -43.80 -34.99 79.25
N VAL QA 49 -43.99 -33.97 80.07
CA VAL QA 49 -44.54 -34.18 81.40
C VAL QA 49 -45.89 -33.51 81.56
N GLN QA 50 -46.84 -34.28 82.04
CA GLN QA 50 -48.17 -33.78 82.29
C GLN QA 50 -48.29 -33.30 83.71
N ILE QA 51 -49.00 -32.21 83.89
CA ILE QA 51 -49.26 -31.70 85.22
C ILE QA 51 -50.69 -31.95 85.61
N LYS QA 52 -50.90 -32.85 86.56
CA LYS QA 52 -52.25 -33.32 86.88
C LYS QA 52 -53.23 -32.19 87.15
N GLU QA 53 -52.69 -31.04 87.54
CA GLU QA 53 -53.51 -29.90 87.88
C GLU QA 53 -54.03 -29.14 86.67
N MET QA 54 -53.31 -29.23 85.55
CA MET QA 54 -53.75 -28.53 84.34
C MET QA 54 -54.84 -29.28 83.60
N ILE QA 55 -54.93 -30.59 83.82
CA ILE QA 55 -55.94 -31.39 83.17
C ILE QA 55 -57.27 -31.19 83.84
N PRO QA 56 -58.28 -30.71 83.09
CA PRO QA 56 -59.57 -30.37 83.69
C PRO QA 56 -60.22 -31.58 84.32
N GLU QA 57 -60.63 -31.45 85.57
CA GLU QA 57 -61.33 -32.54 86.23
C GLU QA 57 -62.81 -32.28 86.15
N LEU QA 58 -63.52 -33.14 85.46
CA LEU QA 58 -64.94 -32.98 85.35
C LEU QA 58 -65.62 -33.28 86.67
N VAL QA 59 -66.50 -32.38 87.10
CA VAL QA 59 -67.26 -32.61 88.32
C VAL QA 59 -68.67 -33.03 87.95
N VAL QA 60 -68.96 -34.30 88.14
CA VAL QA 60 -70.23 -34.88 87.74
C VAL QA 60 -71.01 -35.39 88.92
N PRO QA 61 -72.21 -34.83 89.13
CA PRO QA 61 -73.12 -35.19 90.22
C PRO QA 61 -73.75 -36.54 89.97
N GLU QA 62 -74.28 -37.17 91.02
CA GLU QA 62 -75.00 -38.41 90.82
C GLU QA 62 -76.42 -38.10 90.35
N LEU QA 63 -76.76 -38.54 89.13
CA LEU QA 63 -78.06 -38.19 88.53
C LEU QA 63 -79.16 -39.20 88.81
N ALA QA 64 -78.80 -40.36 89.34
CA ALA QA 64 -79.68 -41.51 89.36
C ALA QA 64 -80.97 -41.29 90.15
N GLY QA 65 -80.83 -40.77 91.37
CA GLY QA 65 -81.98 -40.66 92.27
C GLY QA 65 -82.75 -39.36 92.16
N PHE QA 66 -82.65 -38.69 91.02
CA PHE QA 66 -83.19 -37.34 90.90
C PHE QA 66 -84.13 -37.23 89.69
N LYS QA 67 -85.21 -36.48 89.88
CA LYS QA 67 -86.23 -36.40 88.84
C LYS QA 67 -86.25 -35.02 88.20
N LEU QA 68 -85.74 -34.98 86.98
CA LEU QA 68 -85.91 -33.88 86.06
C LEU QA 68 -85.59 -34.51 84.72
N LYS QA 69 -86.10 -33.97 83.63
CA LYS QA 69 -85.93 -34.63 82.34
C LYS QA 69 -85.48 -33.62 81.30
N PRO QA 70 -84.92 -34.09 80.19
CA PRO QA 70 -84.46 -33.16 79.15
C PRO QA 70 -85.56 -32.31 78.51
N TYR QA 71 -86.81 -32.73 78.61
CA TYR QA 71 -87.92 -31.97 78.05
C TYR QA 71 -88.99 -31.66 79.09
N VAL QA 72 -89.86 -30.72 78.78
CA VAL QA 72 -90.90 -30.29 79.72
C VAL QA 72 -92.29 -30.58 79.18
N ASN QA 73 -93.22 -30.95 80.07
CA ASN QA 73 -94.60 -31.16 79.69
C ASN QA 73 -95.19 -29.95 79.00
N TYR QA 74 -96.01 -30.19 77.99
CA TYR QA 74 -96.50 -29.11 77.13
C TYR QA 74 -97.56 -28.25 77.78
N ARG QA 75 -98.37 -28.84 78.66
CA ARG QA 75 -99.43 -28.08 79.30
C ARG QA 75 -98.87 -27.27 80.47
N ALA QA 76 -97.64 -27.57 80.85
CA ALA QA 76 -96.94 -26.80 81.89
C ALA QA 76 -96.72 -25.37 81.40
N PRO QA 77 -97.04 -24.39 82.25
CA PRO QA 77 -97.01 -22.99 81.83
C PRO QA 77 -95.60 -22.41 81.81
N GLU QA 78 -95.39 -21.43 80.94
CA GLU QA 78 -94.21 -20.60 81.02
C GLU QA 78 -94.52 -19.53 82.06
N GLY QA 79 -93.71 -18.50 82.14
CA GLY QA 79 -93.96 -17.45 83.10
C GLY QA 79 -93.54 -16.10 82.57
N THR QA 80 -93.98 -15.05 83.26
CA THR QA 80 -93.57 -13.69 82.94
C THR QA 80 -92.06 -13.59 83.11
N ASP QA 81 -91.37 -13.04 82.11
CA ASP QA 81 -89.93 -13.14 82.05
C ASP QA 81 -89.26 -11.96 82.74
N THR QA 82 -88.65 -12.25 83.89
CA THR QA 82 -87.91 -11.24 84.63
C THR QA 82 -86.43 -11.61 84.71
N PRO QA 83 -85.60 -10.91 83.93
CA PRO QA 83 -84.16 -11.09 84.04
C PRO QA 83 -83.68 -10.72 85.43
N LEU QA 84 -82.91 -11.60 86.06
CA LEU QA 84 -82.37 -11.31 87.38
C LEU QA 84 -81.46 -10.10 87.33
N THR QA 85 -81.67 -9.16 88.25
CA THR QA 85 -80.88 -7.95 88.33
C THR QA 85 -80.13 -7.93 89.67
N ALA QA 86 -79.04 -7.17 89.74
CA ALA QA 86 -78.26 -7.06 90.95
C ALA QA 86 -79.13 -6.59 92.13
N LYS QA 87 -80.14 -5.79 91.80
CA LYS QA 87 -81.06 -5.29 92.80
C LYS QA 87 -81.91 -6.40 93.42
N GLN QA 88 -82.60 -7.18 92.58
CA GLN QA 88 -83.44 -8.27 93.07
C GLN QA 88 -82.66 -9.24 93.93
N LEU QA 89 -81.42 -9.53 93.51
CA LEU QA 89 -80.55 -10.40 94.26
C LEU QA 89 -80.14 -9.76 95.58
N PHE QA 90 -80.00 -8.44 95.59
CA PHE QA 90 -79.72 -7.76 96.85
C PHE QA 90 -80.89 -7.92 97.81
N LEU QA 91 -82.11 -7.76 97.28
CA LEU QA 91 -83.33 -7.79 98.09
C LEU QA 91 -83.72 -9.18 98.60
N GLU QA 92 -83.38 -10.24 97.86
CA GLU QA 92 -83.71 -11.59 98.31
C GLU QA 92 -82.74 -12.12 99.35
N THR QA 93 -81.64 -11.41 99.54
CA THR QA 93 -80.57 -11.91 100.40
C THR QA 93 -80.18 -10.96 101.53
N ALA QA 94 -79.60 -9.82 101.17
CA ALA QA 94 -79.05 -8.89 102.16
C ALA QA 94 -80.10 -8.01 102.82
N ALA QA 95 -81.21 -7.77 102.13
CA ALA QA 95 -82.24 -6.84 102.63
C ALA QA 95 -82.97 -7.33 103.89
N PRO QA 96 -83.42 -8.61 103.93
CA PRO QA 96 -84.00 -9.05 105.20
C PRO QA 96 -83.03 -8.98 106.39
N ALA QA 97 -81.77 -9.39 106.18
CA ALA QA 97 -80.78 -9.39 107.26
C ALA QA 97 -80.43 -7.96 107.71
N ILE QA 98 -80.17 -7.07 106.76
CA ILE QA 98 -79.86 -5.68 107.06
C ILE QA 98 -81.04 -5.01 107.77
N GLU QA 99 -82.25 -5.27 107.30
CA GLU QA 99 -83.42 -4.68 107.95
C GLU QA 99 -83.60 -5.22 109.38
N LYS QA 100 -83.39 -6.52 109.56
CA LYS QA 100 -83.46 -7.14 110.88
C LYS QA 100 -82.46 -6.54 111.86
N ASP QA 101 -81.24 -6.27 111.39
CA ASP QA 101 -80.21 -5.75 112.29
C ASP QA 101 -80.17 -4.21 112.42
N PHE QA 102 -80.84 -3.49 111.52
CA PHE QA 102 -81.02 -2.06 111.72
C PHE QA 102 -82.21 -1.76 112.61
N LYS QA 103 -83.26 -2.57 112.48
CA LYS QA 103 -84.43 -2.46 113.34
C LYS QA 103 -84.06 -2.76 114.79
N ALA QA 104 -83.02 -3.58 114.97
CA ALA QA 104 -82.50 -3.89 116.31
C ALA QA 104 -81.31 -2.99 116.67
N GLY QA 105 -80.93 -2.12 115.74
CA GLY QA 105 -79.87 -1.16 115.98
C GLY QA 105 -78.47 -1.75 116.06
N THR QA 106 -78.32 -2.99 115.60
CA THR QA 106 -77.03 -3.69 115.66
C THR QA 106 -76.23 -3.50 114.37
N PHE QA 107 -76.77 -2.68 113.47
CA PHE QA 107 -76.17 -2.43 112.17
C PHE QA 107 -74.81 -1.72 112.27
N ASP QA 108 -73.83 -2.24 111.54
CA ASP QA 108 -72.46 -1.72 111.56
C ASP QA 108 -71.94 -1.43 110.16
N PRO QA 109 -72.06 -0.16 109.70
CA PRO QA 109 -71.61 0.25 108.37
C PRO QA 109 -70.16 -0.12 108.04
N GLU QA 110 -69.34 -0.35 109.06
CA GLU QA 110 -67.94 -0.74 108.84
C GLU QA 110 -67.78 -2.15 108.29
N HIS QA 111 -68.33 -3.15 108.98
CA HIS QA 111 -68.22 -4.54 108.52
C HIS QA 111 -69.56 -5.11 108.04
N LEU QA 112 -69.66 -5.28 106.73
CA LEU QA 112 -70.87 -5.82 106.13
C LEU QA 112 -70.72 -7.32 105.87
N GLU QA 113 -69.57 -7.85 106.30
CA GLU QA 113 -69.17 -9.22 105.94
C GLU QA 113 -70.13 -10.30 106.41
N LYS QA 114 -70.90 -10.03 107.45
CA LYS QA 114 -71.86 -11.00 107.96
C LYS QA 114 -73.02 -11.19 106.99
N TYR QA 115 -73.28 -10.17 106.17
CA TYR QA 115 -74.38 -10.20 105.21
C TYR QA 115 -74.01 -10.92 103.92
N GLY QA 116 -72.72 -11.21 103.77
CA GLY QA 116 -72.23 -11.88 102.56
C GLY QA 116 -71.42 -11.02 101.61
N PHE QA 117 -71.18 -9.76 101.97
CA PHE QA 117 -70.32 -8.90 101.16
C PHE QA 117 -68.86 -9.30 101.35
N GLU QA 118 -68.10 -9.30 100.24
CA GLU QA 118 -66.68 -9.60 100.29
C GLU QA 118 -65.85 -8.40 99.84
N PRO QA 119 -65.01 -7.86 100.74
CA PRO QA 119 -64.19 -6.67 100.49
C PRO QA 119 -63.21 -6.86 99.34
N THR QA 120 -62.53 -8.01 99.32
CA THR QA 120 -61.56 -8.30 98.26
C THR QA 120 -61.64 -9.77 97.84
N GLN QA 121 -61.29 -10.04 96.59
CA GLN QA 121 -61.48 -11.35 96.00
C GLN QA 121 -60.28 -12.28 96.12
N GLU QA 122 -59.12 -11.74 96.51
CA GLU QA 122 -57.89 -12.51 96.36
C GLU QA 122 -57.74 -13.66 97.37
N GLY QA 123 -58.55 -13.64 98.41
CA GLY QA 123 -58.51 -14.71 99.38
C GLY QA 123 -59.15 -15.98 98.86
N LYS QA 124 -60.37 -15.86 98.35
CA LYS QA 124 -61.20 -17.02 98.06
C LYS QA 124 -60.84 -17.74 96.77
N LEU QA 125 -61.24 -19.01 96.72
CA LEU QA 125 -60.91 -19.92 95.63
C LEU QA 125 -61.44 -19.49 94.28
N PHE QA 126 -62.75 -19.28 94.16
CA PHE QA 126 -63.28 -18.78 92.91
C PHE QA 126 -63.54 -17.30 93.02
N GLN QA 127 -62.72 -16.50 92.35
CA GLN QA 127 -62.93 -15.05 92.40
C GLN QA 127 -63.75 -14.61 91.22
N LEU QA 128 -64.57 -13.61 91.43
CA LEU QA 128 -65.46 -13.15 90.38
C LEU QA 128 -64.82 -12.22 89.36
N TYR QA 129 -64.10 -11.18 89.79
CA TYR QA 129 -63.64 -10.22 88.80
C TYR QA 129 -62.48 -10.64 87.89
N PRO QA 130 -61.32 -11.03 88.45
CA PRO QA 130 -60.42 -11.55 87.42
C PRO QA 130 -60.92 -12.90 86.86
N LYS QA 131 -61.92 -13.50 87.49
CA LYS QA 131 -62.59 -14.71 86.96
C LYS QA 131 -61.67 -15.91 86.86
N ASN QA 132 -61.39 -16.49 88.01
CA ASN QA 132 -60.50 -17.65 88.13
C ASN QA 132 -60.98 -18.96 87.52
N PHE QA 133 -62.26 -19.10 87.28
CA PHE QA 133 -62.76 -20.41 86.89
C PHE QA 133 -63.38 -20.40 85.51
N PRO QA 134 -63.17 -21.47 84.75
CA PRO QA 134 -63.75 -21.62 83.41
C PRO QA 134 -65.28 -21.74 83.38
N ARG QA 135 -65.82 -22.67 84.17
CA ARG QA 135 -67.24 -23.01 84.13
C ARG QA 135 -67.64 -23.85 85.33
N THR RA 35 -97.06 10.32 -65.51
CA THR RA 35 -96.70 8.94 -65.19
C THR RA 35 -95.30 8.89 -64.56
N TYR RA 36 -95.12 9.60 -63.45
CA TYR RA 36 -93.84 9.64 -62.78
C TYR RA 36 -93.98 9.58 -61.25
N SER RA 37 -93.24 8.66 -60.64
CA SER RA 37 -93.06 8.62 -59.19
C SER RA 37 -91.60 8.38 -58.88
N SER RA 38 -91.13 8.91 -57.77
CA SER RA 38 -89.71 8.80 -57.43
C SER RA 38 -89.32 7.37 -57.11
N LEU RA 39 -90.28 6.59 -56.63
CA LEU RA 39 -90.01 5.21 -56.25
C LEU RA 39 -90.90 4.24 -57.02
N PRO RA 40 -90.36 3.07 -57.38
CA PRO RA 40 -91.10 2.04 -58.09
C PRO RA 40 -92.40 1.66 -57.38
N ASP RA 41 -93.45 1.33 -58.14
CA ASP RA 41 -94.74 0.95 -57.55
C ASP RA 41 -94.88 -0.57 -57.38
N ASP RA 42 -93.80 -1.29 -57.67
CA ASP RA 42 -93.75 -2.74 -57.53
C ASP RA 42 -94.26 -3.22 -56.19
N TYR RA 43 -93.87 -2.52 -55.14
CA TYR RA 43 -94.03 -2.99 -53.77
C TYR RA 43 -94.80 -2.00 -52.92
N ASN RA 44 -95.28 -2.46 -51.77
CA ASN RA 44 -95.99 -1.63 -50.82
C ASN RA 44 -97.19 -0.94 -51.45
N CYS RA 45 -97.11 0.37 -51.59
CA CYS RA 45 -98.20 1.14 -52.17
C CYS RA 45 -97.76 2.01 -53.34
N LYS RA 46 -98.69 2.28 -54.24
CA LYS RA 46 -98.47 3.20 -55.34
C LYS RA 46 -98.55 4.61 -54.77
N VAL RA 47 -97.53 5.44 -55.00
CA VAL RA 47 -97.46 6.74 -54.34
C VAL RA 47 -97.65 7.92 -55.30
N GLU RA 48 -98.67 8.73 -55.03
CA GLU RA 48 -98.90 9.95 -55.78
C GLU RA 48 -98.65 11.17 -54.92
N LEU RA 49 -97.85 12.09 -55.42
CA LEU RA 49 -97.50 13.29 -54.67
C LEU RA 49 -98.00 14.53 -55.34
N ALA RA 50 -98.78 15.31 -54.62
CA ALA RA 50 -99.31 16.51 -55.22
C ALA RA 50 -99.19 17.68 -54.26
N LEU RA 51 -99.10 18.86 -54.84
CA LEU RA 51 -99.00 20.08 -54.08
C LEU RA 51 -100.25 20.91 -54.28
N THR RA 52 -100.90 21.27 -53.18
CA THR RA 52 -102.07 22.14 -53.22
C THR RA 52 -101.77 23.42 -53.99
N SER RA 53 -102.72 23.88 -54.81
CA SER RA 53 -102.54 25.06 -55.66
C SER RA 53 -102.12 26.29 -54.86
N ASP RA 54 -102.59 26.34 -53.62
CA ASP RA 54 -102.15 27.35 -52.67
C ASP RA 54 -100.62 27.28 -52.47
N GLY RA 55 -100.11 26.07 -52.28
CA GLY RA 55 -98.69 25.85 -52.10
C GLY RA 55 -98.37 25.46 -50.67
N ARG RA 56 -99.37 25.58 -49.80
CA ARG RA 56 -99.15 25.42 -48.38
C ARG RA 56 -99.45 24.03 -47.84
N THR RA 57 -99.84 23.10 -48.70
CA THR RA 57 -100.12 21.74 -48.24
C THR RA 57 -99.67 20.69 -49.23
N ILE RA 58 -99.04 19.64 -48.72
CA ILE RA 58 -98.71 18.49 -49.55
C ILE RA 58 -99.69 17.37 -49.32
N VAL RA 59 -100.21 16.80 -50.39
CA VAL RA 59 -101.11 15.68 -50.25
C VAL RA 59 -100.55 14.49 -51.01
N CYS RA 60 -100.72 13.30 -50.44
CA CYS RA 60 -100.22 12.10 -51.08
C CYS RA 60 -101.27 11.00 -51.07
N TYR RA 61 -101.58 10.53 -52.27
CA TYR RA 61 -102.55 9.46 -52.45
C TYR RA 61 -101.80 8.14 -52.51
N HIS RA 62 -102.12 7.22 -51.62
CA HIS RA 62 -101.39 5.95 -51.61
C HIS RA 62 -102.26 4.72 -51.34
N PRO RA 63 -102.93 4.21 -52.37
CA PRO RA 63 -103.68 2.96 -52.23
C PRO RA 63 -102.74 1.77 -52.22
N SER RA 64 -103.09 0.69 -51.52
CA SER RA 64 -102.21 -0.48 -51.43
C SER RA 64 -101.99 -1.15 -52.78
N VAL RA 65 -100.84 -1.82 -52.92
CA VAL RA 65 -100.58 -2.63 -54.10
C VAL RA 65 -100.72 -4.10 -53.76
N ASP RA 66 -101.69 -4.75 -54.39
CA ASP RA 66 -101.97 -6.15 -54.17
C ASP RA 66 -101.03 -7.05 -54.96
N ILE RA 67 -100.72 -8.21 -54.39
CA ILE RA 67 -99.85 -9.17 -55.03
C ILE RA 67 -100.55 -9.91 -56.16
N PRO RA 68 -100.04 -9.74 -57.39
CA PRO RA 68 -100.66 -10.34 -58.58
C PRO RA 68 -100.64 -11.85 -58.54
N TYR RA 69 -101.70 -12.48 -59.03
CA TYR RA 69 -101.84 -13.93 -59.00
C TYR RA 69 -100.65 -14.66 -59.58
N GLU RA 70 -100.16 -14.15 -60.70
CA GLU RA 70 -99.06 -14.80 -61.42
C GLU RA 70 -97.78 -14.82 -60.61
N HIS RA 71 -97.75 -14.04 -59.53
CA HIS RA 71 -96.55 -13.94 -58.71
C HIS RA 71 -96.54 -14.90 -57.53
N THR RA 72 -97.52 -15.79 -57.47
CA THR RA 72 -97.61 -16.71 -56.34
C THR RA 72 -97.49 -18.15 -56.79
N LYS RA 73 -97.18 -19.05 -55.86
CA LYS RA 73 -97.14 -20.46 -56.18
C LYS RA 73 -98.16 -21.23 -55.36
N PRO RA 74 -98.64 -22.37 -55.89
CA PRO RA 74 -99.74 -23.09 -55.23
C PRO RA 74 -99.35 -23.68 -53.89
N ILE RA 75 -100.30 -23.70 -52.95
CA ILE RA 75 -100.07 -24.25 -51.61
C ILE RA 75 -99.55 -25.68 -51.64
N PRO RA 76 -98.39 -25.90 -50.99
CA PRO RA 76 -97.85 -27.26 -50.88
C PRO RA 76 -98.78 -28.14 -50.06
N ARG RA 77 -99.14 -29.30 -50.58
CA ARG RA 77 -100.05 -30.20 -49.88
C ARG RA 77 -99.39 -31.53 -49.60
N PRO RA 78 -99.13 -31.82 -48.32
CA PRO RA 78 -98.56 -33.10 -47.95
C PRO RA 78 -99.35 -33.79 -46.84
N ASP RA 79 -100.04 -34.88 -47.18
CA ASP RA 79 -100.65 -35.78 -46.19
C ASP RA 79 -100.49 -37.25 -46.57
N PRO RA 80 -99.77 -38.02 -45.75
CA PRO RA 80 -99.61 -39.46 -45.97
C PRO RA 80 -99.60 -40.26 -44.66
N VAL RA 81 -100.45 -41.28 -44.56
CA VAL RA 81 -100.41 -42.19 -43.40
C VAL RA 81 -100.05 -43.62 -43.79
N HIS RA 82 -98.81 -44.02 -43.48
CA HIS RA 82 -98.34 -45.38 -43.72
C HIS RA 82 -98.37 -46.26 -42.47
N ASN RA 83 -98.77 -45.69 -41.33
CA ASN RA 83 -98.73 -46.37 -40.04
C ASN RA 83 -99.70 -47.55 -40.01
N ILE RA 84 -100.51 -47.65 -41.06
CA ILE RA 84 -101.53 -48.69 -41.16
C ILE RA 84 -100.96 -50.08 -41.41
N GLU RA 85 -101.39 -51.02 -40.57
CA GLU RA 85 -101.19 -52.44 -40.83
C GLU RA 85 -102.52 -53.02 -41.28
N GLU RA 86 -102.52 -53.68 -42.43
CA GLU RA 86 -103.74 -54.22 -43.01
C GLU RA 86 -104.47 -55.15 -42.05
N THR RA 87 -103.71 -55.98 -41.33
CA THR RA 87 -104.29 -56.99 -40.44
C THR RA 87 -104.97 -56.38 -39.22
N HIS RA 88 -104.23 -55.58 -38.47
CA HIS RA 88 -104.80 -54.91 -37.29
C HIS RA 88 -104.68 -53.40 -37.40
N ASP RA 89 -105.81 -52.72 -37.61
CA ASP RA 89 -105.81 -51.27 -37.77
C ASP RA 89 -106.11 -50.48 -36.48
N LEU RA 90 -106.57 -51.16 -35.42
CA LEU RA 90 -106.64 -50.50 -34.12
C LEU RA 90 -105.24 -50.60 -33.54
N VAL RA 91 -104.45 -51.46 -34.15
CA VAL RA 91 -103.01 -51.51 -33.93
C VAL RA 91 -102.36 -50.37 -34.72
N LEU RA 92 -102.93 -50.07 -35.88
CA LEU RA 92 -102.41 -49.01 -36.75
C LEU RA 92 -102.58 -47.65 -36.10
N LYS RA 93 -103.71 -47.47 -35.43
CA LYS RA 93 -103.98 -46.23 -34.70
C LYS RA 93 -103.12 -46.16 -33.45
N THR RA 94 -102.63 -47.31 -32.99
CA THR RA 94 -101.71 -47.37 -31.85
C THR RA 94 -100.27 -47.24 -32.34
N ARG RA 95 -100.09 -47.26 -33.66
CA ARG RA 95 -98.76 -47.12 -34.26
C ARG RA 95 -98.34 -45.65 -34.36
N LEU RA 96 -99.31 -44.74 -34.36
CA LEU RA 96 -99.03 -43.31 -34.39
C LEU RA 96 -98.81 -42.77 -32.98
N GLU RA 97 -99.19 -43.56 -31.98
CA GLU RA 97 -98.99 -43.20 -30.58
C GLU RA 97 -97.70 -43.84 -30.05
N GLU RA 98 -96.97 -44.50 -30.94
CA GLU RA 98 -95.79 -45.30 -30.57
C GLU RA 98 -94.49 -44.51 -30.54
N LYS RA 99 -94.57 -43.20 -30.74
CA LYS RA 99 -93.38 -42.36 -30.80
C LYS RA 99 -93.03 -41.69 -29.46
N GLY RA 100 -91.77 -41.85 -29.05
CA GLY RA 100 -91.18 -41.15 -27.90
C GLY RA 100 -89.70 -41.51 -27.77
N GLU RA 101 -88.93 -40.65 -27.10
CA GLU RA 101 -87.50 -40.90 -26.85
C GLU RA 101 -86.97 -40.03 -25.71
N HIS RA 102 -85.79 -40.39 -25.18
CA HIS RA 102 -85.18 -39.63 -24.10
C HIS RA 102 -83.67 -39.46 -24.30
N LEU RA 103 -83.16 -38.28 -24.00
CA LEU RA 103 -81.72 -38.02 -24.12
C LEU RA 103 -81.08 -37.46 -22.86
N GLU RA 104 -79.75 -37.35 -22.91
CA GLU RA 104 -78.96 -36.70 -21.87
C GLU RA 104 -78.93 -35.19 -22.01
N GLN RA 105 -78.65 -34.50 -20.92
CA GLN RA 105 -78.59 -33.04 -20.91
C GLN RA 105 -77.76 -32.43 -22.03
N GLY RA 106 -76.51 -32.85 -22.14
CA GLY RA 106 -75.61 -32.29 -23.14
C GLY RA 106 -76.10 -32.42 -24.58
N PRO RA 107 -76.31 -33.64 -25.06
CA PRO RA 107 -76.76 -33.86 -26.43
C PRO RA 107 -78.12 -33.22 -26.72
N MET RA 108 -79.02 -33.24 -25.74
CA MET RA 108 -80.28 -32.55 -25.86
C MET RA 108 -80.06 -31.09 -26.17
N ILE RA 109 -79.22 -30.45 -25.38
CA ILE RA 109 -78.96 -29.04 -25.58
C ILE RA 109 -78.30 -28.77 -26.93
N GLU RA 110 -77.36 -29.62 -27.34
CA GLU RA 110 -76.75 -29.46 -28.66
C GLU RA 110 -77.82 -29.47 -29.74
N GLN RA 111 -78.71 -30.44 -29.66
CA GLN RA 111 -79.76 -30.59 -30.66
C GLN RA 111 -80.71 -29.39 -30.69
N LEU RA 112 -81.13 -28.97 -29.51
CA LEU RA 112 -81.93 -27.76 -29.36
C LEU RA 112 -81.28 -26.55 -30.00
N SER RA 113 -80.01 -26.33 -29.71
CA SER RA 113 -79.32 -25.16 -30.20
C SER RA 113 -79.02 -25.25 -31.70
N LYS RA 114 -79.03 -26.45 -32.27
CA LYS RA 114 -78.96 -26.53 -33.73
C LYS RA 114 -80.31 -26.21 -34.35
N MET RA 115 -81.39 -26.64 -33.71
CA MET RA 115 -82.74 -26.32 -34.20
C MET RA 115 -82.96 -24.85 -34.39
N PHE RA 116 -82.74 -24.10 -33.33
CA PHE RA 116 -83.09 -22.69 -33.31
C PHE RA 116 -81.94 -21.77 -33.63
N PHE RA 117 -80.80 -22.34 -33.99
CA PHE RA 117 -79.62 -21.55 -34.30
C PHE RA 117 -79.26 -20.63 -33.16
N THR RA 118 -79.03 -21.24 -32.00
CA THR RA 118 -78.56 -20.55 -30.82
C THR RA 118 -77.24 -21.17 -30.41
N THR RA 119 -76.52 -20.49 -29.55
CA THR RA 119 -75.43 -21.10 -28.83
C THR RA 119 -75.98 -21.96 -27.70
N LYS RA 120 -75.19 -22.88 -27.15
CA LYS RA 120 -75.71 -23.78 -26.11
C LYS RA 120 -76.16 -23.04 -24.84
N HIS RA 121 -75.44 -21.98 -24.50
CA HIS RA 121 -75.52 -21.35 -23.19
C HIS RA 121 -76.92 -20.99 -22.72
N ARG RA 122 -77.75 -20.55 -23.64
CA ARG RA 122 -79.11 -20.15 -23.32
C ARG RA 122 -79.96 -21.23 -22.66
N TRP RA 123 -79.64 -22.49 -22.92
CA TRP RA 123 -80.54 -23.57 -22.56
C TRP RA 123 -80.33 -24.15 -21.17
N TYR RA 124 -79.22 -23.81 -20.55
CA TYR RA 124 -78.98 -24.28 -19.20
C TYR RA 124 -79.92 -23.55 -18.25
N PRO RA 125 -80.23 -24.16 -17.10
CA PRO RA 125 -81.11 -23.56 -16.10
C PRO RA 125 -80.54 -22.29 -15.52
N ARG RA 126 -81.20 -21.80 -14.49
CA ARG RA 126 -80.70 -20.63 -13.78
C ARG RA 126 -81.05 -20.73 -12.29
N GLY RA 127 -80.18 -20.19 -11.44
CA GLY RA 127 -80.28 -20.43 -10.01
C GLY RA 127 -81.51 -19.91 -9.30
N GLN RA 128 -81.68 -20.32 -8.05
CA GLN RA 128 -82.80 -19.91 -7.23
C GLN RA 128 -82.93 -18.40 -7.17
N TYR RA 129 -81.82 -17.74 -6.88
CA TYR RA 129 -81.82 -16.30 -6.72
C TYR RA 129 -82.35 -15.59 -7.94
N HIS RA 130 -82.10 -16.13 -9.13
CA HIS RA 130 -82.65 -15.52 -10.32
C HIS RA 130 -84.09 -15.90 -10.54
N ARG RA 131 -84.45 -17.15 -10.25
CA ARG RA 131 -85.81 -17.57 -10.54
C ARG RA 131 -86.79 -16.84 -9.65
N ARG RA 132 -86.31 -16.39 -8.50
CA ARG RA 132 -87.19 -15.74 -7.54
C ARG RA 132 -87.43 -14.25 -7.78
N ARG RA 133 -86.58 -13.58 -8.54
CA ARG RA 133 -86.85 -12.18 -8.79
C ARG RA 133 -87.57 -11.90 -10.10
N ARG RA 134 -87.94 -12.93 -10.84
CA ARG RA 134 -88.83 -12.71 -11.98
C ARG RA 134 -90.15 -12.25 -11.43
N LYS RA 135 -90.65 -11.12 -11.93
CA LYS RA 135 -91.93 -10.60 -11.48
C LYS RA 135 -93.03 -11.62 -11.72
N PRO RA 136 -93.91 -11.80 -10.72
CA PRO RA 136 -95.01 -12.76 -10.84
C PRO RA 136 -96.03 -12.33 -11.89
N ASN RA 137 -96.39 -11.05 -11.88
CA ASN RA 137 -97.37 -10.50 -12.80
C ASN RA 137 -96.85 -9.28 -13.51
N PRO RA 138 -96.25 -9.49 -14.68
CA PRO RA 138 -95.72 -8.37 -15.46
C PRO RA 138 -96.85 -7.52 -16.01
N PRO RA 139 -96.60 -6.21 -16.19
CA PRO RA 139 -97.58 -5.29 -16.77
C PRO RA 139 -97.90 -5.66 -18.20
N LYS RA 140 -99.11 -5.35 -18.65
CA LYS RA 140 -99.51 -5.66 -20.01
C LYS RA 140 -100.04 -4.42 -20.70
N ASP RA 141 -99.63 -4.22 -21.94
CA ASP RA 141 -100.17 -3.16 -22.75
C ASP RA 141 -101.18 -3.75 -23.72
N ARG RA 142 -101.79 -2.92 -24.55
CA ARG RA 142 -102.81 -3.36 -25.50
C ARG RA 142 -103.95 -4.11 -24.80
N THR SA 2 -86.06 4.64 -7.19
CA THR SA 2 -85.41 4.17 -8.43
C THR SA 2 -86.34 3.33 -9.30
N ALA SA 3 -86.06 3.24 -10.59
CA ALA SA 3 -86.99 2.60 -11.51
C ALA SA 3 -86.92 1.10 -11.44
N ARG SA 4 -85.71 0.56 -11.29
CA ARG SA 4 -85.57 -0.88 -11.12
C ARG SA 4 -85.99 -1.28 -9.73
N GLY SA 5 -85.97 -0.32 -8.81
CA GLY SA 5 -86.32 -0.59 -7.44
C GLY SA 5 -87.80 -0.81 -7.22
N THR SA 6 -88.62 -0.02 -7.90
CA THR SA 6 -90.06 -0.02 -7.64
C THR SA 6 -90.87 -0.73 -8.74
N ALA SA 7 -92.19 -0.77 -8.54
CA ALA SA 7 -93.12 -1.28 -9.54
C ALA SA 7 -93.32 -0.26 -10.66
N SER SA 8 -94.14 -0.60 -11.64
CA SER SA 8 -94.43 0.29 -12.75
C SER SA 8 -95.74 -0.11 -13.40
N ARG SA 9 -96.32 0.79 -14.18
CA ARG SA 9 -97.55 0.44 -14.88
C ARG SA 9 -97.61 1.15 -16.19
N PHE SA 10 -98.44 0.66 -17.09
CA PHE SA 10 -98.70 1.37 -18.33
C PHE SA 10 -99.73 2.43 -18.10
N LEU SA 11 -99.69 3.46 -18.95
CA LEU SA 11 -100.62 4.55 -18.82
C LEU SA 11 -102.01 4.09 -19.16
N THR SA 12 -102.94 4.24 -18.23
CA THR SA 12 -104.31 3.81 -18.47
C THR SA 12 -105.28 4.72 -17.81
N SER SA 13 -106.55 4.54 -18.17
CA SER SA 13 -107.62 5.20 -17.48
C SER SA 13 -108.51 4.14 -16.88
N VAL SA 14 -109.25 4.53 -15.87
CA VAL SA 14 -110.22 3.60 -15.30
C VAL SA 14 -111.51 3.69 -16.10
N LEU SA 15 -111.91 2.55 -16.68
CA LEU SA 15 -113.16 2.44 -17.40
C LEU SA 15 -113.25 3.37 -18.60
N HIS SA 16 -112.14 3.49 -19.33
CA HIS SA 16 -112.08 4.34 -20.51
C HIS SA 16 -112.70 5.69 -20.26
N ASN SA 17 -112.35 6.29 -19.14
CA ASN SA 17 -112.88 7.57 -18.75
C ASN SA 17 -112.68 8.63 -19.82
N GLY SA 18 -113.68 9.47 -20.01
CA GLY SA 18 -113.57 10.59 -20.92
C GLY SA 18 -113.75 10.20 -22.37
N LEU SA 19 -113.94 8.92 -22.63
CA LEU SA 19 -114.20 8.49 -23.99
C LEU SA 19 -115.62 8.83 -24.36
N GLY SA 20 -116.57 8.14 -23.72
CA GLY SA 20 -117.96 8.51 -23.83
C GLY SA 20 -118.26 9.79 -23.10
N ARG SA 21 -118.00 9.79 -21.81
CA ARG SA 21 -118.27 10.94 -20.95
C ARG SA 21 -117.31 10.92 -19.78
N TYR SA 22 -117.10 12.06 -19.16
CA TYR SA 22 -116.13 12.15 -18.09
C TYR SA 22 -116.78 11.92 -16.74
N VAL SA 23 -116.18 11.04 -15.95
CA VAL SA 23 -116.70 10.73 -14.62
C VAL SA 23 -115.65 11.01 -13.58
N GLN SA 24 -115.91 11.97 -12.71
CA GLN SA 24 -114.96 12.32 -11.66
C GLN SA 24 -114.73 11.11 -10.78
N GLN SA 25 -113.48 10.68 -10.67
CA GLN SA 25 -113.15 9.40 -10.06
C GLN SA 25 -113.12 9.46 -8.54
N LEU SA 26 -112.99 10.65 -7.99
CA LEU SA 26 -112.99 10.79 -6.55
C LEU SA 26 -114.41 10.57 -6.04
N GLN SA 27 -114.55 9.64 -5.12
CA GLN SA 27 -115.86 9.22 -4.65
C GLN SA 27 -116.19 9.84 -3.32
N ARG SA 28 -115.38 9.58 -2.31
CA ARG SA 28 -115.61 10.23 -1.04
C ARG SA 28 -114.35 10.76 -0.38
N LEU SA 29 -114.57 11.66 0.56
CA LEU SA 29 -113.52 12.42 1.21
C LEU SA 29 -113.81 12.47 2.70
N SER SA 30 -112.92 11.97 3.54
CA SER SA 30 -113.21 11.96 4.96
C SER SA 30 -112.17 12.71 5.77
N PHE SA 31 -112.59 13.78 6.43
CA PHE SA 31 -111.71 14.55 7.31
C PHE SA 31 -111.82 14.12 8.75
N SER SA 32 -110.71 14.15 9.46
CA SER SA 32 -110.74 13.93 10.89
C SER SA 32 -109.91 15.00 11.57
N LEU SA 33 -110.54 15.81 12.42
CA LEU SA 33 -109.76 16.85 13.08
C LEU SA 33 -110.15 17.04 14.53
N SER SA 34 -109.45 17.92 15.23
CA SER SA 34 -109.73 18.19 16.63
C SER SA 34 -110.30 19.57 16.78
N ARG SA 35 -111.33 19.72 17.59
CA ARG SA 35 -111.81 21.06 17.81
C ARG SA 35 -110.72 21.82 18.56
N ASP SA 36 -110.09 21.17 19.54
CA ASP SA 36 -109.14 21.85 20.42
C ASP SA 36 -107.71 22.00 19.91
N ALA SA 37 -107.15 20.93 19.34
CA ALA SA 37 -105.70 20.88 19.12
C ALA SA 37 -105.22 21.87 18.07
N PRO SA 38 -104.05 22.49 18.31
CA PRO SA 38 -103.49 23.51 17.43
C PRO SA 38 -103.08 22.98 16.07
N SER SA 39 -102.64 21.73 16.02
CA SER SA 39 -102.16 21.15 14.78
C SER SA 39 -103.22 21.11 13.71
N SER SA 40 -104.47 21.07 14.15
CA SER SA 40 -105.59 20.95 13.24
C SER SA 40 -106.16 22.31 12.86
N ARG SA 41 -105.51 23.37 13.32
CA ARG SA 41 -106.02 24.72 13.15
C ARG SA 41 -106.42 25.02 11.72
N GLY SA 42 -105.48 24.86 10.79
CA GLY SA 42 -105.78 25.06 9.38
C GLY SA 42 -107.01 24.27 8.96
N ALA SA 43 -107.02 22.98 9.28
CA ALA SA 43 -108.10 22.10 8.89
C ALA SA 43 -109.44 22.63 9.36
N ARG SA 44 -109.46 23.27 10.52
CA ARG SA 44 -110.71 23.80 11.03
C ARG SA 44 -111.21 24.92 10.16
N GLU SA 45 -110.32 25.85 9.83
CA GLU SA 45 -110.68 26.97 8.98
C GLU SA 45 -111.25 26.44 7.67
N PHE SA 46 -110.56 25.48 7.09
CA PHE SA 46 -111.00 24.85 5.86
C PHE SA 46 -112.43 24.35 5.96
N VAL SA 47 -112.76 23.72 7.09
CA VAL SA 47 -114.10 23.19 7.26
C VAL SA 47 -115.10 24.32 7.33
N GLU SA 48 -114.74 25.42 8.00
CA GLU SA 48 -115.62 26.57 8.07
C GLU SA 48 -115.91 27.14 6.68
N ARG SA 49 -114.89 27.75 6.08
CA ARG SA 49 -115.08 28.47 4.82
C ARG SA 49 -115.24 27.59 3.56
N GLU SA 50 -114.26 26.75 3.30
CA GLU SA 50 -114.13 26.15 1.97
C GLU SA 50 -115.00 24.92 1.71
N VAL SA 51 -115.06 24.00 2.65
CA VAL SA 51 -115.68 22.69 2.44
C VAL SA 51 -117.02 22.82 1.77
N THR SA 52 -117.87 23.65 2.37
CA THR SA 52 -119.20 23.90 1.87
C THR SA 52 -119.13 24.18 0.38
N ASP SA 53 -118.46 25.26 0.02
CA ASP SA 53 -118.33 25.63 -1.38
C ASP SA 53 -117.78 24.48 -2.23
N PHE SA 54 -116.76 23.80 -1.71
CA PHE SA 54 -116.16 22.69 -2.42
C PHE SA 54 -117.21 21.65 -2.76
N ALA SA 55 -118.05 21.32 -1.77
CA ALA SA 55 -119.07 20.31 -1.95
C ALA SA 55 -120.05 20.67 -3.07
N ARG SA 56 -120.26 21.97 -3.31
CA ARG SA 56 -121.17 22.37 -4.38
C ARG SA 56 -120.49 22.27 -5.73
N ARG SA 57 -119.19 22.51 -5.74
CA ARG SA 57 -118.43 22.43 -6.98
C ARG SA 57 -118.35 20.99 -7.45
N ASN SA 58 -118.35 20.07 -6.48
CA ASN SA 58 -118.23 18.66 -6.77
C ASN SA 58 -119.36 17.87 -6.13
N PRO SA 59 -120.51 17.82 -6.82
CA PRO SA 59 -121.72 17.21 -6.29
C PRO SA 59 -121.63 15.69 -6.13
N GLY SA 60 -120.66 15.10 -6.82
CA GLY SA 60 -120.58 13.65 -6.89
C GLY SA 60 -119.68 12.99 -5.86
N VAL SA 61 -119.04 13.80 -5.02
CA VAL SA 61 -118.21 13.26 -3.96
C VAL SA 61 -118.83 13.52 -2.60
N VAL SA 62 -118.96 12.47 -1.80
CA VAL SA 62 -119.51 12.63 -0.47
C VAL SA 62 -118.43 13.07 0.49
N ILE SA 63 -118.73 14.04 1.36
CA ILE SA 63 -117.72 14.54 2.27
C ILE SA 63 -118.10 14.37 3.73
N TYR SA 64 -117.38 13.50 4.42
CA TYR SA 64 -117.66 13.26 5.83
C TYR SA 64 -116.67 14.04 6.67
N VAL SA 65 -117.16 14.74 7.68
CA VAL SA 65 -116.27 15.45 8.59
C VAL SA 65 -116.45 14.98 10.02
N ASN SA 66 -115.40 14.45 10.62
CA ASN SA 66 -115.47 14.02 12.00
C ASN SA 66 -114.58 14.81 12.93
N PRO SA 67 -115.19 15.69 13.74
CA PRO SA 67 -114.42 16.12 14.89
C PRO SA 67 -114.27 14.98 15.90
N ARG SA 68 -113.03 14.69 16.26
CA ARG SA 68 -112.71 13.70 17.27
C ARG SA 68 -111.41 14.14 17.93
N PRO SA 69 -111.11 13.63 19.12
CA PRO SA 69 -109.84 14.01 19.76
C PRO SA 69 -108.62 13.35 19.12
N CYS SA 70 -108.06 13.96 18.08
CA CYS SA 70 -106.83 13.43 17.45
C CYS SA 70 -105.68 14.43 17.42
N CYS SA 71 -104.45 13.93 17.38
CA CYS SA 71 -103.29 14.81 17.25
C CYS SA 71 -102.84 15.11 15.82
N VAL SA 72 -103.24 14.30 14.85
CA VAL SA 72 -102.75 14.44 13.49
C VAL SA 72 -103.88 14.36 12.47
N PRO SA 73 -104.40 15.52 12.07
CA PRO SA 73 -105.54 15.59 11.17
C PRO SA 73 -105.23 14.92 9.84
N ARG SA 74 -106.12 14.05 9.39
CA ARG SA 74 -105.92 13.36 8.13
C ARG SA 74 -107.09 13.58 7.23
N VAL SA 75 -106.87 13.40 5.93
CA VAL SA 75 -107.96 13.33 4.99
C VAL SA 75 -107.82 12.05 4.19
N VAL SA 76 -108.88 11.26 4.18
CA VAL SA 76 -108.83 10.00 3.47
C VAL SA 76 -109.64 10.07 2.18
N ALA SA 77 -108.92 10.11 1.07
CA ALA SA 77 -109.58 10.07 -0.22
C ALA SA 77 -109.90 8.63 -0.55
N GLU SA 78 -110.99 8.45 -1.27
CA GLU SA 78 -111.45 7.13 -1.65
C GLU SA 78 -112.03 7.21 -3.05
N TYR SA 79 -111.62 6.30 -3.93
CA TYR SA 79 -111.93 6.41 -5.35
C TYR SA 79 -112.80 5.27 -5.85
N LEU SA 80 -113.52 5.52 -6.93
CA LEU SA 80 -114.35 4.52 -7.60
C LEU SA 80 -113.57 3.25 -7.86
N ASN SA 81 -112.31 3.45 -8.18
CA ASN SA 81 -111.36 2.41 -8.52
C ASN SA 81 -111.17 1.36 -7.43
N GLY SA 82 -111.64 1.68 -6.23
CA GLY SA 82 -111.43 0.85 -5.07
C GLY SA 82 -110.23 1.34 -4.29
N ALA SA 83 -109.47 2.24 -4.91
CA ALA SA 83 -108.24 2.75 -4.29
C ALA SA 83 -108.52 3.69 -3.13
N VAL SA 84 -107.74 3.57 -2.07
CA VAL SA 84 -107.83 4.47 -0.92
C VAL SA 84 -106.50 5.16 -0.69
N ARG SA 85 -106.53 6.49 -0.72
CA ARG SA 85 -105.32 7.26 -0.54
C ARG SA 85 -105.38 8.10 0.73
N GLU SA 86 -104.39 7.92 1.58
CA GLU SA 86 -104.33 8.62 2.85
C GLU SA 86 -103.53 9.90 2.72
N GLU SA 87 -103.92 10.94 3.44
CA GLU SA 87 -103.12 12.15 3.45
C GLU SA 87 -103.10 12.84 4.81
N SER SA 88 -102.01 13.53 5.11
CA SER SA 88 -101.92 14.26 6.35
C SER SA 88 -102.05 15.75 6.09
N ILE SA 89 -103.08 16.36 6.67
CA ILE SA 89 -103.29 17.80 6.55
C ILE SA 89 -102.71 18.52 7.77
N HIS SA 90 -102.00 17.75 8.60
CA HIS SA 90 -101.39 18.25 9.82
C HIS SA 90 -100.52 19.49 9.64
N CYS SA 91 -100.85 20.52 10.41
CA CYS SA 91 -100.11 21.77 10.44
C CYS SA 91 -99.97 22.46 9.10
N LYS SA 92 -101.08 22.69 8.41
CA LYS SA 92 -101.01 23.38 7.14
C LYS SA 92 -101.95 24.57 7.13
N SER SA 93 -101.78 25.46 6.14
CA SER SA 93 -102.62 26.65 6.03
C SER SA 93 -104.00 26.23 5.59
N VAL SA 94 -104.88 27.20 5.37
CA VAL SA 94 -106.14 26.91 4.73
C VAL SA 94 -105.87 26.75 3.24
N GLU SA 95 -104.97 27.59 2.75
CA GLU SA 95 -104.61 27.60 1.35
C GLU SA 95 -104.03 26.27 0.91
N GLU SA 96 -103.11 25.74 1.72
CA GLU SA 96 -102.45 24.48 1.39
C GLU SA 96 -103.43 23.33 1.34
N ILE SA 97 -104.32 23.26 2.33
CA ILE SA 97 -105.35 22.22 2.37
C ILE SA 97 -106.22 22.31 1.13
N ALA SA 98 -106.61 23.53 0.78
CA ALA SA 98 -107.41 23.75 -0.43
C ALA SA 98 -106.73 23.13 -1.64
N ALA SA 99 -105.46 23.49 -1.84
CA ALA SA 99 -104.69 22.95 -2.96
C ALA SA 99 -104.67 21.42 -2.94
N LEU SA 100 -104.39 20.85 -1.76
CA LEU SA 100 -104.32 19.41 -1.60
C LEU SA 100 -105.61 18.72 -1.99
N VAL SA 101 -106.70 19.15 -1.38
CA VAL SA 101 -108.01 18.60 -1.67
C VAL SA 101 -108.31 18.68 -3.15
N GLN SA 102 -107.91 19.77 -3.80
CA GLN SA 102 -108.06 19.84 -5.24
C GLN SA 102 -107.30 18.73 -5.96
N LYS SA 103 -106.03 18.55 -5.62
CA LYS SA 103 -105.25 17.45 -6.21
C LYS SA 103 -106.01 16.15 -6.09
N LEU SA 104 -106.51 15.89 -4.89
CA LEU SA 104 -107.26 14.67 -4.66
C LEU SA 104 -108.48 14.59 -5.55
N ALA SA 105 -109.10 15.73 -5.83
CA ALA SA 105 -110.31 15.74 -6.65
C ALA SA 105 -110.02 15.40 -8.10
N ASP SA 106 -108.84 15.77 -8.59
CA ASP SA 106 -108.55 15.58 -10.01
C ASP SA 106 -107.82 14.29 -10.38
N GLN SA 107 -107.45 13.50 -9.37
CA GLN SA 107 -106.69 12.29 -9.61
C GLN SA 107 -107.53 11.10 -10.05
N SER SA 108 -106.89 10.16 -10.74
CA SER SA 108 -107.58 8.97 -11.22
C SER SA 108 -107.77 7.94 -10.14
N GLY SA 109 -106.87 7.91 -9.16
CA GLY SA 109 -106.94 6.90 -8.14
C GLY SA 109 -106.11 5.70 -8.54
N LEU SA 110 -105.51 5.78 -9.72
CA LEU SA 110 -104.52 4.80 -10.12
C LEU SA 110 -103.29 4.95 -9.26
N ASP SA 111 -102.49 3.89 -9.18
CA ASP SA 111 -101.28 3.94 -8.35
C ASP SA 111 -100.26 4.90 -8.92
N VAL SA 112 -99.66 5.72 -8.06
CA VAL SA 112 -98.68 6.67 -8.55
C VAL SA 112 -97.30 6.04 -8.46
N ILE SA 113 -96.82 5.64 -9.62
CA ILE SA 113 -95.57 4.93 -9.74
C ILE SA 113 -95.04 5.28 -11.10
N ARG SA 114 -93.90 4.72 -11.46
CA ARG SA 114 -93.35 4.99 -12.76
C ARG SA 114 -94.37 4.61 -13.81
N ILE SA 115 -94.46 5.41 -14.87
CA ILE SA 115 -95.30 5.08 -16.00
C ILE SA 115 -94.41 4.81 -17.18
N ARG SA 116 -94.55 3.64 -17.78
CA ARG SA 116 -93.57 3.21 -18.76
C ARG SA 116 -93.49 4.09 -19.99
N LYS SA 117 -94.61 4.43 -20.60
CA LYS SA 117 -94.53 5.35 -21.73
C LYS SA 117 -95.73 6.28 -21.73
N PRO SA 118 -95.52 7.53 -22.19
CA PRO SA 118 -96.43 8.66 -22.09
C PRO SA 118 -97.76 8.51 -22.81
N PHE SA 119 -97.87 7.50 -23.67
CA PHE SA 119 -99.05 7.35 -24.49
C PHE SA 119 -99.60 5.95 -24.37
N HIS SA 120 -100.88 5.80 -24.67
CA HIS SA 120 -101.48 4.50 -24.73
C HIS SA 120 -102.39 4.46 -25.91
N THR SA 121 -102.21 3.43 -26.73
CA THR SA 121 -103.05 3.31 -27.89
C THR SA 121 -103.48 1.88 -28.06
N ASP SA 122 -104.76 1.70 -28.34
CA ASP SA 122 -105.20 0.46 -28.92
C ASP SA 122 -105.33 0.75 -30.40
N SER SA 123 -104.84 -0.17 -31.23
CA SER SA 123 -104.75 0.09 -32.67
C SER SA 123 -103.92 1.33 -32.95
N PRO SA 124 -102.61 1.25 -32.76
CA PRO SA 124 -101.62 2.25 -33.17
C PRO SA 124 -101.41 2.23 -34.67
N SER SA 125 -101.86 1.13 -35.25
CA SER SA 125 -101.32 0.58 -36.47
C SER SA 125 -102.04 0.93 -37.76
N ILE SA 126 -102.99 1.85 -37.74
CA ILE SA 126 -103.83 2.06 -38.91
C ILE SA 126 -103.00 2.14 -40.19
N GLN SA 127 -103.42 1.36 -41.20
CA GLN SA 127 -102.79 1.24 -42.52
C GLN SA 127 -101.67 0.19 -42.59
N GLY SA 128 -101.30 -0.39 -41.46
CA GLY SA 128 -100.46 -1.58 -41.49
C GLY SA 128 -99.55 -1.63 -40.30
N GLN SA 129 -98.78 -2.69 -40.17
CA GLN SA 129 -97.68 -2.66 -39.23
C GLN SA 129 -96.55 -3.33 -39.91
N TRP SA 130 -95.39 -2.70 -39.86
CA TRP SA 130 -94.27 -3.17 -40.64
C TRP SA 130 -93.96 -4.62 -40.35
N HIS SA 131 -93.65 -5.36 -41.40
CA HIS SA 131 -93.15 -6.71 -41.24
C HIS SA 131 -92.14 -6.88 -42.35
N PRO SA 132 -91.19 -7.80 -42.17
CA PRO SA 132 -90.05 -7.91 -43.08
C PRO SA 132 -90.41 -7.97 -44.55
N PHE SA 133 -91.63 -8.36 -44.88
CA PHE SA 133 -92.01 -8.44 -46.28
C PHE SA 133 -92.72 -7.21 -46.83
N THR SA 134 -93.04 -6.25 -45.96
CA THR SA 134 -93.89 -5.15 -46.40
C THR SA 134 -93.26 -4.36 -47.54
N ASN SA 135 -91.95 -4.18 -47.51
CA ASN SA 135 -91.31 -3.39 -48.55
C ASN SA 135 -90.61 -4.20 -49.62
N LYS SA 136 -90.72 -5.53 -49.55
CA LYS SA 136 -90.01 -6.36 -50.53
C LYS SA 136 -90.83 -6.60 -51.79
N PRO SA 137 -90.17 -6.55 -52.94
CA PRO SA 137 -90.85 -6.84 -54.20
C PRO SA 137 -91.11 -8.33 -54.33
N THR SA 138 -92.27 -8.70 -54.86
CA THR SA 138 -92.53 -10.08 -55.21
C THR SA 138 -92.00 -10.36 -56.61
N THR SA 139 -91.54 -11.58 -56.85
CA THR SA 139 -91.05 -11.94 -58.18
C THR SA 139 -92.08 -12.76 -58.96
N LEU SA 140 -91.74 -13.12 -60.20
CA LEU SA 140 -92.63 -13.93 -61.02
C LEU SA 140 -92.53 -15.41 -60.67
N GLY SA 141 -93.67 -16.05 -60.44
CA GLY SA 141 -93.70 -17.45 -60.08
C GLY SA 141 -93.48 -17.66 -58.60
N GLY SA 142 -93.01 -16.63 -57.93
CA GLY SA 142 -92.71 -16.69 -56.51
C GLY SA 142 -91.50 -17.54 -56.23
N LEU SA 143 -90.51 -17.45 -57.11
CA LEU SA 143 -89.33 -18.28 -56.98
C LEU SA 143 -88.35 -17.71 -55.97
N ARG SA 144 -87.64 -18.61 -55.30
CA ARG SA 144 -86.57 -18.22 -54.39
C ARG SA 144 -85.37 -17.76 -55.20
N PRO SA 145 -84.30 -17.28 -54.55
CA PRO SA 145 -83.17 -16.77 -55.33
C PRO SA 145 -82.48 -17.72 -56.33
N ARG SA 146 -82.10 -18.92 -55.94
CA ARG SA 146 -81.45 -19.83 -56.89
C ARG SA 146 -82.39 -20.88 -57.46
N GLU SA 147 -83.66 -20.79 -57.09
CA GLU SA 147 -84.65 -21.76 -57.52
C GLU SA 147 -84.87 -21.74 -59.03
N VAL SA 148 -84.95 -22.93 -59.61
CA VAL SA 148 -85.26 -23.06 -61.03
C VAL SA 148 -86.59 -23.80 -61.20
N GLN SA 149 -87.24 -23.62 -62.34
CA GLN SA 149 -88.56 -24.20 -62.54
C GLN SA 149 -88.62 -25.06 -63.80
N ALA TA 31 -83.64 -0.01 28.24
CA ALA TA 31 -84.81 0.84 28.17
C ALA TA 31 -84.45 2.26 27.74
N LYS TA 32 -85.29 2.85 26.90
CA LYS TA 32 -85.16 4.25 26.52
C LYS TA 32 -86.49 4.94 26.83
N LYS TA 33 -86.43 6.17 27.34
CA LYS TA 33 -87.62 6.80 27.92
C LYS TA 33 -88.38 7.60 26.86
N GLY TA 34 -89.54 7.09 26.47
CA GLY TA 34 -90.43 7.85 25.62
C GLY TA 34 -91.60 7.03 25.13
N PHE TA 35 -92.67 7.73 24.79
CA PHE TA 35 -93.83 7.09 24.22
C PHE TA 35 -93.61 6.91 22.74
N ARG TA 36 -93.08 7.95 22.12
CA ARG TA 36 -93.19 8.11 20.67
C ARG TA 36 -92.80 6.90 19.86
N ALA TA 37 -91.57 6.44 20.07
CA ALA TA 37 -91.06 5.32 19.29
C ALA TA 37 -91.91 4.08 19.53
N ALA TA 38 -92.40 3.90 20.75
CA ALA TA 38 -93.20 2.74 21.08
C ALA TA 38 -94.48 2.75 20.25
N TYR TA 39 -95.14 3.89 20.21
CA TYR TA 39 -96.38 4.01 19.47
C TYR TA 39 -96.14 3.74 17.99
N ARG TA 40 -95.18 4.49 17.47
CA ARG TA 40 -94.84 4.38 16.07
C ARG TA 40 -94.56 2.94 15.69
N PHE TA 41 -94.03 2.17 16.64
CA PHE TA 41 -93.73 0.77 16.37
C PHE TA 41 -94.98 -0.06 16.41
N GLN TA 42 -95.89 0.27 17.33
CA GLN TA 42 -97.18 -0.42 17.39
C GLN TA 42 -97.84 -0.41 16.02
N LYS TA 43 -97.72 0.72 15.33
CA LYS TA 43 -98.20 0.75 13.95
C LYS TA 43 -97.55 -0.29 13.03
N GLU TA 44 -96.24 -0.48 13.16
CA GLU TA 44 -95.55 -1.50 12.37
C GLU TA 44 -96.03 -2.90 12.69
N LEU TA 45 -96.18 -3.18 13.98
CA LEU TA 45 -96.71 -4.46 14.43
C LEU TA 45 -98.03 -4.74 13.76
N GLU TA 46 -98.92 -3.76 13.77
CA GLU TA 46 -100.20 -3.93 13.10
C GLU TA 46 -100.04 -4.23 11.61
N ARG TA 47 -99.20 -3.46 10.92
CA ARG TA 47 -98.95 -3.72 9.50
C ARG TA 47 -98.49 -5.14 9.19
N TRP TA 48 -97.52 -5.65 9.97
CA TRP TA 48 -97.06 -7.02 9.78
C TRP TA 48 -98.17 -8.02 10.04
N ARG TA 49 -98.93 -7.79 11.11
CA ARG TA 49 -100.06 -8.65 11.46
C ARG TA 49 -101.04 -8.75 10.29
N LEU TA 50 -101.23 -7.64 9.58
CA LEU TA 50 -102.11 -7.63 8.42
C LEU TA 50 -101.46 -8.22 7.17
N LEU TA 51 -100.13 -8.25 7.13
CA LEU TA 51 -99.44 -8.82 5.99
C LEU TA 51 -99.42 -10.32 6.07
N ARG TA 52 -99.27 -10.84 7.28
CA ARG TA 52 -99.14 -12.29 7.45
C ARG TA 52 -100.52 -12.96 7.42
N CYS TA 53 -101.52 -12.37 8.08
CA CYS TA 53 -102.91 -12.81 7.88
C CYS TA 53 -103.78 -11.68 7.33
N PRO TA 54 -104.11 -11.72 6.02
CA PRO TA 54 -105.00 -10.69 5.50
C PRO TA 54 -106.43 -10.90 5.99
N PRO TA 55 -107.10 -9.82 6.44
CA PRO TA 55 -108.49 -9.92 6.91
C PRO TA 55 -109.45 -10.10 5.74
N PRO TA 56 -110.48 -10.92 5.93
CA PRO TA 56 -111.46 -11.15 4.86
C PRO TA 56 -112.21 -9.87 4.52
N PRO TA 57 -112.41 -9.59 3.23
CA PRO TA 57 -113.01 -8.33 2.77
C PRO TA 57 -114.38 -8.04 3.39
N VAL TA 58 -114.57 -6.78 3.77
CA VAL TA 58 -115.74 -6.33 4.51
C VAL TA 58 -116.54 -5.31 3.69
N ARG TA 59 -117.86 -5.30 3.83
CA ARG TA 59 -118.72 -4.34 3.14
C ARG TA 59 -118.29 -2.92 3.42
N ARG TA 60 -118.34 -2.07 2.40
CA ARG TA 60 -118.03 -0.66 2.60
C ARG TA 60 -119.09 -0.05 3.49
N SER TA 61 -120.25 -0.70 3.53
CA SER TA 61 -121.34 -0.26 4.38
C SER TA 61 -121.05 -0.43 5.86
N GLU TA 62 -120.24 -1.43 6.21
CA GLU TA 62 -119.99 -1.75 7.62
C GLU TA 62 -118.76 -1.06 8.18
N LYS TA 63 -118.13 -0.23 7.35
CA LYS TA 63 -116.97 0.56 7.72
C LYS TA 63 -117.38 1.94 8.28
N PRO TA 64 -116.46 2.61 9.00
CA PRO TA 64 -116.75 3.81 9.79
C PRO TA 64 -117.56 4.95 9.15
N ASN TA 65 -117.25 5.40 7.93
CA ASN TA 65 -118.00 6.53 7.38
C ASN TA 65 -119.00 6.10 6.32
N TRP TA 66 -120.28 6.10 6.69
CA TRP TA 66 -121.35 5.68 5.78
C TRP TA 66 -122.62 6.46 6.03
N ASP TA 67 -123.19 7.02 4.98
CA ASP TA 67 -124.56 7.50 5.03
C ASP TA 67 -125.21 7.00 3.75
N TYR TA 68 -126.15 6.07 3.85
CA TYR TA 68 -126.61 5.40 2.65
C TYR TA 68 -127.25 6.38 1.66
N HIS TA 69 -128.09 7.25 2.19
CA HIS TA 69 -128.83 8.22 1.39
C HIS TA 69 -127.92 9.12 0.55
N ALA TA 70 -126.97 9.78 1.21
CA ALA TA 70 -126.04 10.68 0.56
C ALA TA 70 -125.27 9.95 -0.53
N GLU TA 71 -124.91 8.71 -0.25
CA GLU TA 71 -124.22 7.87 -1.20
C GLU TA 71 -125.03 7.70 -2.47
N ILE TA 72 -126.29 7.31 -2.30
CA ILE TA 72 -127.19 7.18 -3.45
C ILE TA 72 -127.23 8.47 -4.27
N GLN TA 73 -127.55 9.57 -3.62
CA GLN TA 73 -127.64 10.85 -4.33
C GLN TA 73 -126.37 11.16 -5.12
N ALA TA 74 -125.22 10.86 -4.51
CA ALA TA 74 -123.94 11.06 -5.16
C ALA TA 74 -123.81 10.17 -6.39
N PHE TA 75 -124.19 8.90 -6.25
CA PHE TA 75 -124.20 7.97 -7.36
C PHE TA 75 -124.95 8.59 -8.52
N GLY TA 76 -126.10 9.16 -8.22
CA GLY TA 76 -126.89 9.82 -9.23
C GLY TA 76 -126.12 10.95 -9.90
N HIS TA 77 -125.66 11.89 -9.10
CA HIS TA 77 -125.09 13.13 -9.64
C HIS TA 77 -123.81 12.92 -10.45
N ARG TA 78 -122.99 11.97 -10.03
CA ARG TA 78 -121.68 11.80 -10.64
C ARG TA 78 -121.77 11.23 -12.05
N LEU TA 79 -122.85 10.52 -12.34
CA LEU TA 79 -123.07 9.94 -13.66
C LEU TA 79 -123.72 10.95 -14.59
N GLN TA 80 -124.07 12.11 -14.05
CA GLN TA 80 -124.79 13.15 -14.75
C GLN TA 80 -126.14 12.66 -15.22
N GLU TA 81 -126.84 11.95 -14.34
CA GLU TA 81 -128.16 11.43 -14.64
C GLU TA 81 -129.12 11.88 -13.55
N THR TA 82 -130.41 11.73 -13.82
CA THR TA 82 -131.41 12.07 -12.82
C THR TA 82 -132.29 10.86 -12.54
N PHE TA 83 -132.23 10.36 -11.32
CA PHE TA 83 -133.00 9.20 -10.93
C PHE TA 83 -134.09 9.57 -9.93
N SER TA 84 -135.17 8.80 -9.93
CA SER TA 84 -136.09 8.79 -8.80
C SER TA 84 -135.42 8.02 -7.68
N LEU TA 85 -135.28 8.66 -6.51
CA LEU TA 85 -134.56 8.04 -5.41
C LEU TA 85 -135.24 6.76 -4.94
N ASP TA 86 -136.56 6.73 -5.06
CA ASP TA 86 -137.31 5.54 -4.75
C ASP TA 86 -136.91 4.40 -5.68
N LEU TA 87 -136.88 4.70 -6.97
CA LEU TA 87 -136.55 3.70 -7.96
C LEU TA 87 -135.14 3.15 -7.80
N LEU TA 88 -134.17 4.04 -7.62
CA LEU TA 88 -132.79 3.61 -7.44
C LEU TA 88 -132.62 2.81 -6.16
N LYS TA 89 -133.16 3.31 -5.05
CA LYS TA 89 -133.08 2.58 -3.78
C LYS TA 89 -133.68 1.20 -3.95
N THR TA 90 -134.74 1.11 -4.75
CA THR TA 90 -135.34 -0.16 -5.10
C THR TA 90 -134.36 -1.03 -5.88
N ALA TA 91 -133.61 -0.41 -6.79
CA ALA TA 91 -132.76 -1.13 -7.71
C ALA TA 91 -131.64 -1.90 -7.03
N PHE TA 92 -131.13 -1.37 -5.92
CA PHE TA 92 -129.96 -1.96 -5.29
C PHE TA 92 -130.35 -3.04 -4.29
N VAL TA 93 -131.64 -3.34 -4.23
CA VAL TA 93 -132.14 -4.40 -3.37
C VAL TA 93 -132.08 -5.73 -4.12
N ASN TA 94 -131.78 -6.82 -3.41
CA ASN TA 94 -131.80 -8.13 -4.02
C ASN TA 94 -132.57 -9.16 -3.20
N SER TA 95 -132.94 -10.26 -3.84
CA SER TA 95 -133.69 -11.33 -3.20
C SER TA 95 -132.99 -11.85 -1.94
N CYS TA 96 -131.73 -12.21 -2.12
CA CYS TA 96 -130.92 -12.80 -1.05
C CYS TA 96 -130.84 -11.89 0.17
N TYR TA 97 -130.76 -10.59 -0.05
CA TYR TA 97 -130.70 -9.65 1.07
C TYR TA 97 -131.98 -9.78 1.90
N ILE TA 98 -133.10 -9.89 1.19
CA ILE TA 98 -134.39 -10.01 1.86
C ILE TA 98 -134.51 -11.34 2.61
N LYS TA 99 -134.06 -12.44 2.01
CA LYS TA 99 -134.13 -13.74 2.68
C LYS TA 99 -133.23 -13.82 3.91
N SER TA 100 -132.05 -13.20 3.83
CA SER TA 100 -131.14 -13.14 4.97
C SER TA 100 -131.77 -12.28 6.07
N GLU TA 101 -132.39 -11.19 5.65
CA GLU TA 101 -133.07 -10.31 6.58
C GLU TA 101 -134.23 -11.03 7.26
N GLU TA 102 -134.81 -11.99 6.55
CA GLU TA 102 -135.89 -12.81 7.10
C GLU TA 102 -135.33 -13.89 8.02
N ALA TA 103 -134.08 -14.29 7.81
CA ALA TA 103 -133.41 -15.18 8.74
C ALA TA 103 -133.20 -14.47 10.07
N LYS TA 104 -132.66 -13.25 10.01
CA LYS TA 104 -132.47 -12.45 11.23
C LYS TA 104 -133.80 -12.10 11.88
N ARG TA 105 -134.83 -11.94 11.05
CA ARG TA 105 -136.18 -11.68 11.53
C ARG TA 105 -136.77 -12.85 12.31
N GLN TA 106 -136.68 -14.06 11.73
CA GLN TA 106 -137.30 -15.23 12.33
C GLN TA 106 -136.49 -15.84 13.47
N LYS TA 107 -135.19 -15.56 13.50
CA LYS TA 107 -134.34 -16.12 14.54
C LYS TA 107 -134.41 -15.35 15.87
N LEU TA 108 -134.72 -14.06 15.81
CA LEU TA 108 -134.85 -13.26 17.03
C LEU TA 108 -136.30 -13.07 17.52
N GLY TA 109 -137.26 -13.56 16.75
CA GLY TA 109 -138.66 -13.45 17.10
C GLY TA 109 -139.28 -12.08 16.86
N ILE TA 110 -138.63 -11.28 16.01
CA ILE TA 110 -139.07 -9.91 15.73
C ILE TA 110 -140.25 -9.84 14.75
N ASP TA 111 -141.00 -8.74 14.82
CA ASP TA 111 -142.04 -8.45 13.82
C ASP TA 111 -141.50 -7.45 12.78
N LYS TA 112 -141.36 -7.95 11.56
CA LYS TA 112 -140.75 -7.24 10.43
C LYS TA 112 -141.75 -7.18 9.28
N GLU TA 113 -142.39 -8.32 9.00
CA GLU TA 113 -143.07 -8.67 7.75
C GLU TA 113 -143.71 -7.51 6.98
N ALA TA 114 -144.62 -6.76 7.60
CA ALA TA 114 -145.20 -5.57 6.97
C ALA TA 114 -144.15 -4.67 6.29
N ALA TA 115 -143.23 -4.10 7.08
CA ALA TA 115 -142.22 -3.16 6.56
C ALA TA 115 -141.12 -3.82 5.70
N LEU TA 116 -140.84 -5.10 5.96
CA LEU TA 116 -139.79 -5.84 5.26
C LEU TA 116 -140.22 -6.35 3.87
N LEU TA 117 -141.45 -6.83 3.78
CA LEU TA 117 -142.00 -7.35 2.53
C LEU TA 117 -142.55 -6.20 1.68
N ASN TA 118 -142.44 -5.00 2.21
CA ASN TA 118 -142.75 -3.77 1.47
C ASN TA 118 -141.55 -3.31 0.65
N LEU TA 119 -140.48 -4.10 0.70
CA LEU TA 119 -139.20 -3.68 0.12
C LEU TA 119 -139.15 -3.68 -1.40
N LYS TA 120 -140.00 -4.47 -2.05
CA LYS TA 120 -140.13 -4.37 -3.51
C LYS TA 120 -138.81 -4.59 -4.22
N ASP TA 121 -138.38 -5.84 -4.35
CA ASP TA 121 -137.04 -6.14 -4.87
C ASP TA 121 -136.87 -5.74 -6.32
N ASN TA 122 -135.68 -5.99 -6.85
CA ASN TA 122 -135.29 -5.40 -8.12
C ASN TA 122 -135.61 -6.26 -9.33
N GLN TA 123 -136.25 -7.40 -9.10
CA GLN TA 123 -136.52 -8.36 -10.16
C GLN TA 123 -137.07 -7.71 -11.43
N GLU TA 124 -138.21 -7.05 -11.28
CA GLU TA 124 -138.87 -6.34 -12.36
C GLU TA 124 -137.95 -5.39 -13.15
N LEU TA 125 -137.30 -4.49 -12.42
CA LEU TA 125 -136.43 -3.48 -13.02
C LEU TA 125 -135.27 -4.14 -13.77
N SER TA 126 -134.74 -5.22 -13.22
CA SER TA 126 -133.62 -5.91 -13.85
C SER TA 126 -134.08 -6.52 -15.17
N GLU TA 127 -135.27 -7.09 -15.18
CA GLU TA 127 -135.76 -7.68 -16.43
C GLU TA 127 -135.96 -6.61 -17.50
N GLN TA 128 -136.66 -5.53 -17.16
CA GLN TA 128 -136.81 -4.39 -18.08
C GLN TA 128 -135.47 -3.94 -18.63
N GLY TA 129 -134.51 -3.81 -17.72
CA GLY TA 129 -133.18 -3.34 -18.04
C GLY TA 129 -132.44 -4.22 -19.01
N ILE TA 130 -132.38 -5.52 -18.74
CA ILE TA 130 -131.68 -6.44 -19.65
C ILE TA 130 -132.34 -6.46 -21.01
N SER TA 131 -133.67 -6.61 -21.03
CA SER TA 131 -134.40 -6.64 -22.29
C SER TA 131 -134.09 -5.40 -23.12
N PHE TA 132 -134.23 -4.23 -22.48
CA PHE TA 132 -133.98 -2.98 -23.17
C PHE TA 132 -132.55 -2.86 -23.66
N SER TA 133 -131.60 -3.22 -22.82
CA SER TA 133 -130.18 -3.09 -23.17
C SER TA 133 -129.84 -3.95 -24.38
N GLN TA 134 -130.36 -5.17 -24.38
CA GLN TA 134 -130.12 -6.06 -25.51
C GLN TA 134 -130.71 -5.49 -26.78
N THR TA 135 -131.95 -5.00 -26.68
CA THR TA 135 -132.59 -4.32 -27.82
C THR TA 135 -131.74 -3.17 -28.36
N CYS TA 136 -131.39 -2.25 -27.45
CA CYS TA 136 -130.60 -1.07 -27.73
C CYS TA 136 -129.27 -1.39 -28.41
N LEU TA 137 -128.42 -2.15 -27.72
CA LEU TA 137 -127.16 -2.62 -28.29
C LEU TA 137 -127.34 -3.23 -29.66
N THR TA 138 -128.29 -4.15 -29.78
CA THR TA 138 -128.56 -4.81 -31.05
C THR TA 138 -128.81 -3.81 -32.14
N GLN TA 139 -129.61 -2.79 -31.84
CA GLN TA 139 -129.89 -1.75 -32.81
C GLN TA 139 -128.62 -0.97 -33.16
N PHE TA 140 -127.85 -0.61 -32.14
CA PHE TA 140 -126.58 0.10 -32.32
C PHE TA 140 -125.70 -0.58 -33.34
N PHE TA 141 -125.42 -1.85 -33.07
CA PHE TA 141 -124.54 -2.64 -33.91
C PHE TA 141 -125.12 -2.82 -35.29
N GLU TA 142 -126.40 -3.16 -35.35
CA GLU TA 142 -127.07 -3.41 -36.61
C GLU TA 142 -126.99 -2.18 -37.51
N ASP TA 143 -126.95 -1.00 -36.90
CA ASP TA 143 -126.79 0.24 -37.67
C ASP TA 143 -125.34 0.52 -38.05
N ALA TA 144 -124.41 0.19 -37.15
CA ALA TA 144 -123.00 0.46 -37.39
C ALA TA 144 -122.36 -0.54 -38.37
N PHE TA 145 -122.71 -1.81 -38.23
CA PHE TA 145 -122.16 -2.85 -39.09
C PHE TA 145 -123.25 -3.57 -39.85
N PRO TA 146 -123.68 -2.99 -40.97
CA PRO TA 146 -124.78 -3.53 -41.77
C PRO TA 146 -124.53 -4.96 -42.24
N ASP TA 147 -123.26 -5.31 -42.37
CA ASP TA 147 -122.87 -6.58 -42.96
C ASP TA 147 -122.61 -7.69 -41.95
N LEU TA 148 -122.75 -7.36 -40.67
CA LEU TA 148 -122.59 -8.37 -39.64
C LEU TA 148 -123.78 -9.33 -39.70
N PRO TA 149 -123.50 -10.63 -39.87
CA PRO TA 149 -124.58 -11.64 -39.79
C PRO TA 149 -125.21 -11.70 -38.41
N THR TA 150 -126.48 -12.06 -38.34
CA THR TA 150 -127.26 -12.01 -37.10
C THR TA 150 -126.62 -12.80 -35.97
N GLU TA 151 -126.08 -13.96 -36.31
CA GLU TA 151 -125.37 -14.79 -35.35
C GLU TA 151 -124.25 -13.98 -34.69
N GLY TA 152 -123.56 -13.19 -35.50
CA GLY TA 152 -122.47 -12.36 -35.03
C GLY TA 152 -122.87 -11.25 -34.08
N VAL TA 153 -123.81 -10.41 -34.51
CA VAL TA 153 -124.28 -9.32 -33.65
C VAL TA 153 -124.83 -9.90 -32.35
N THR TA 154 -125.46 -11.06 -32.44
CA THR TA 154 -125.91 -11.77 -31.26
C THR TA 154 -124.73 -12.08 -30.35
N SER TA 155 -123.66 -12.58 -30.95
CA SER TA 155 -122.45 -12.88 -30.18
C SER TA 155 -121.94 -11.64 -29.45
N LEU TA 156 -121.91 -10.52 -30.17
CA LEU TA 156 -121.41 -9.26 -29.62
C LEU TA 156 -122.23 -8.78 -28.43
N VAL TA 157 -123.55 -8.72 -28.62
CA VAL TA 157 -124.43 -8.34 -27.53
C VAL TA 157 -124.27 -9.29 -26.35
N ASP TA 158 -124.12 -10.59 -26.64
CA ASP TA 158 -123.85 -11.58 -25.60
C ASP TA 158 -122.59 -11.22 -24.82
N PHE TA 159 -121.61 -10.69 -25.54
CA PHE TA 159 -120.33 -10.36 -24.92
C PHE TA 159 -120.40 -9.11 -24.05
N LEU TA 160 -121.09 -8.07 -24.52
CA LEU TA 160 -121.13 -6.83 -23.76
C LEU TA 160 -122.11 -6.91 -22.59
N THR TA 161 -122.96 -7.93 -22.62
CA THR TA 161 -123.90 -8.22 -21.54
C THR TA 161 -123.34 -9.33 -20.62
N SER TA 162 -122.10 -9.72 -20.86
CA SER TA 162 -121.48 -10.86 -20.17
C SER TA 162 -121.36 -10.65 -18.67
N GLU TA 163 -121.18 -11.77 -17.97
CA GLU TA 163 -120.84 -11.75 -16.56
C GLU TA 163 -119.63 -10.86 -16.33
N GLU TA 164 -118.54 -11.18 -17.03
CA GLU TA 164 -117.26 -10.51 -16.84
C GLU TA 164 -117.33 -9.00 -17.01
N VAL TA 165 -117.74 -8.58 -18.20
CA VAL TA 165 -117.68 -7.18 -18.59
C VAL TA 165 -118.56 -6.31 -17.73
N VAL TA 166 -119.81 -6.73 -17.56
CA VAL TA 166 -120.73 -6.00 -16.72
C VAL TA 166 -120.24 -5.94 -15.28
N CYS TA 167 -119.78 -7.05 -14.72
CA CYS TA 167 -119.28 -7.03 -13.34
C CYS TA 167 -118.15 -6.04 -13.17
N HIS TA 168 -117.22 -6.06 -14.12
CA HIS TA 168 -116.12 -5.12 -14.14
C HIS TA 168 -116.64 -3.68 -14.07
N VAL TA 169 -117.49 -3.34 -15.04
CA VAL TA 169 -118.01 -1.98 -15.11
C VAL TA 169 -118.74 -1.56 -13.83
N ALA TA 170 -119.64 -2.42 -13.36
CA ALA TA 170 -120.45 -2.13 -12.18
C ALA TA 170 -119.57 -1.92 -10.96
N ARG TA 171 -118.55 -2.74 -10.86
CA ARG TA 171 -117.62 -2.68 -9.75
C ARG TA 171 -116.90 -1.35 -9.78
N ASN TA 172 -116.54 -0.88 -10.96
CA ASN TA 172 -115.86 0.40 -11.06
C ASN TA 172 -116.77 1.63 -11.02
N LEU TA 173 -118.08 1.44 -11.10
CA LEU TA 173 -119.00 2.56 -10.95
C LEU TA 173 -119.56 2.67 -9.55
N ALA TA 174 -119.05 1.83 -8.65
CA ALA TA 174 -119.47 1.76 -7.25
C ALA TA 174 -120.90 1.25 -7.11
N VAL TA 175 -121.26 0.27 -7.94
CA VAL TA 175 -122.54 -0.40 -7.78
C VAL TA 175 -122.41 -1.46 -6.69
N GLU TA 176 -121.28 -2.16 -6.68
CA GLU TA 176 -121.04 -3.17 -5.66
C GLU TA 176 -121.08 -2.55 -4.28
N GLN TA 177 -120.71 -1.28 -4.21
CA GLN TA 177 -120.73 -0.53 -2.97
C GLN TA 177 -122.16 -0.37 -2.41
N LEU TA 178 -123.07 0.04 -3.29
CA LEU TA 178 -124.43 0.33 -2.90
C LEU TA 178 -125.35 -0.88 -2.82
N ALA TA 179 -124.95 -1.96 -3.48
CA ALA TA 179 -125.81 -3.14 -3.60
C ALA TA 179 -126.07 -3.79 -2.25
N LEU TA 180 -127.32 -4.13 -1.99
CA LEU TA 180 -127.67 -4.81 -0.75
C LEU TA 180 -127.76 -6.30 -0.99
N SER TA 181 -126.90 -7.06 -0.33
CA SER TA 181 -126.84 -8.49 -0.56
C SER TA 181 -126.18 -9.26 0.58
N ALA TA 182 -126.42 -10.57 0.62
CA ALA TA 182 -125.61 -11.46 1.46
C ALA TA 182 -124.26 -11.69 0.80
N GLU TA 183 -123.27 -12.15 1.57
CA GLU TA 183 -121.96 -12.55 1.02
C GLU TA 183 -121.17 -11.45 0.27
N PHE TA 184 -120.56 -10.55 1.04
CA PHE TA 184 -120.03 -9.28 0.51
C PHE TA 184 -119.32 -9.27 -0.85
N PRO TA 185 -118.48 -10.27 -1.15
CA PRO TA 185 -117.87 -10.18 -2.49
C PRO TA 185 -118.91 -10.10 -3.63
N VAL TA 186 -120.19 -10.35 -3.32
CA VAL TA 186 -121.32 -10.16 -4.23
C VAL TA 186 -121.12 -10.94 -5.52
N PRO TA 187 -121.43 -12.25 -5.45
CA PRO TA 187 -121.24 -13.16 -6.57
C PRO TA 187 -121.80 -12.56 -7.85
N PRO TA 188 -121.06 -12.70 -8.95
CA PRO TA 188 -121.28 -12.04 -10.23
C PRO TA 188 -122.72 -12.03 -10.77
N PRO TA 189 -123.48 -13.15 -10.66
CA PRO TA 189 -124.85 -13.05 -11.18
C PRO TA 189 -125.68 -11.95 -10.49
N VAL TA 190 -125.55 -11.85 -9.18
CA VAL TA 190 -126.23 -10.81 -8.42
C VAL TA 190 -125.82 -9.43 -8.88
N LEU TA 191 -124.53 -9.28 -9.20
CA LEU TA 191 -124.02 -7.99 -9.66
C LEU TA 191 -124.61 -7.61 -11.02
N ARG TA 192 -124.59 -8.54 -11.97
CA ARG TA 192 -125.22 -8.29 -13.26
C ARG TA 192 -126.65 -7.84 -13.07
N GLN TA 193 -127.38 -8.62 -12.27
CA GLN TA 193 -128.74 -8.29 -11.89
C GLN TA 193 -128.85 -6.85 -11.45
N THR TA 194 -127.92 -6.44 -10.60
CA THR TA 194 -127.98 -5.12 -9.99
C THR TA 194 -127.69 -4.01 -10.98
N PHE TA 195 -126.70 -4.24 -11.84
CA PHE TA 195 -126.33 -3.26 -12.86
C PHE TA 195 -127.50 -2.99 -13.78
N PHE TA 196 -128.10 -4.05 -14.30
CA PHE TA 196 -129.19 -3.84 -15.24
C PHE TA 196 -130.42 -3.35 -14.50
N ALA TA 197 -130.50 -3.65 -13.21
CA ALA TA 197 -131.53 -3.06 -12.37
C ALA TA 197 -131.42 -1.56 -12.46
N VAL TA 198 -130.21 -1.06 -12.26
CA VAL TA 198 -129.99 0.38 -12.32
C VAL TA 198 -130.33 0.92 -13.69
N ILE TA 199 -129.98 0.16 -14.73
CA ILE TA 199 -130.35 0.57 -16.08
C ILE TA 199 -131.87 0.79 -16.19
N GLY TA 200 -132.63 -0.20 -15.71
CA GLY TA 200 -134.08 -0.13 -15.75
C GLY TA 200 -134.61 1.06 -14.98
N ALA TA 201 -134.03 1.30 -13.81
CA ALA TA 201 -134.39 2.45 -13.01
C ALA TA 201 -134.19 3.73 -13.80
N LEU TA 202 -133.10 3.79 -14.56
CA LEU TA 202 -132.84 4.95 -15.39
C LEU TA 202 -133.86 5.06 -16.52
N LEU TA 203 -134.29 3.91 -17.04
CA LEU TA 203 -135.24 3.88 -18.16
C LEU TA 203 -136.61 4.37 -17.72
N GLN TA 204 -136.96 4.10 -16.48
CA GLN TA 204 -138.18 4.67 -15.92
C GLN TA 204 -137.99 6.16 -15.68
N SER TA 205 -136.88 6.51 -15.02
CA SER TA 205 -136.62 7.89 -14.62
C SER TA 205 -136.47 8.85 -15.80
N SER TA 206 -135.76 8.43 -16.84
CA SER TA 206 -135.65 9.23 -18.06
C SER TA 206 -135.94 8.34 -19.26
N GLY TA 207 -136.16 8.97 -20.42
CA GLY TA 207 -136.59 8.24 -21.60
C GLY TA 207 -135.56 7.26 -22.14
N PRO TA 208 -135.95 6.47 -23.15
CA PRO TA 208 -135.07 5.53 -23.83
C PRO TA 208 -133.86 6.22 -24.46
N GLU TA 209 -133.99 7.51 -24.75
CA GLU TA 209 -132.90 8.26 -25.35
C GLU TA 209 -131.69 8.36 -24.41
N ARG TA 210 -131.96 8.89 -23.23
CA ARG TA 210 -130.94 9.07 -22.21
C ARG TA 210 -130.26 7.76 -21.86
N THR TA 211 -131.06 6.71 -21.68
CA THR TA 211 -130.55 5.39 -21.34
C THR TA 211 -129.71 4.81 -22.45
N ALA TA 212 -130.10 5.08 -23.69
CA ALA TA 212 -129.31 4.65 -24.83
C ALA TA 212 -127.93 5.28 -24.72
N LEU TA 213 -127.90 6.57 -24.39
CA LEU TA 213 -126.60 7.23 -24.19
C LEU TA 213 -125.78 6.55 -23.10
N PHE TA 214 -126.39 6.32 -21.95
CA PHE TA 214 -125.71 5.64 -20.85
C PHE TA 214 -125.11 4.31 -21.26
N ILE TA 215 -125.89 3.51 -22.00
CA ILE TA 215 -125.42 2.22 -22.48
C ILE TA 215 -124.25 2.36 -23.44
N ARG TA 216 -124.32 3.29 -24.37
CA ARG TA 216 -123.21 3.43 -25.31
C ARG TA 216 -121.96 3.99 -24.63
N ASP TA 217 -122.13 4.68 -23.51
CA ASP TA 217 -120.98 5.19 -22.76
C ASP TA 217 -120.30 4.14 -21.86
N PHE TA 218 -121.09 3.41 -21.08
CA PHE TA 218 -120.49 2.46 -20.15
C PHE TA 218 -120.48 1.00 -20.54
N LEU TA 219 -121.03 0.66 -21.71
CA LEU TA 219 -120.92 -0.72 -22.18
C LEU TA 219 -120.12 -0.77 -23.47
N ILE TA 220 -120.63 -0.09 -24.50
CA ILE TA 220 -119.99 -0.11 -25.81
C ILE TA 220 -118.51 0.23 -25.75
N THR TA 221 -118.12 1.08 -24.81
CA THR TA 221 -116.71 1.41 -24.67
C THR TA 221 -115.85 0.21 -24.31
N GLN TA 222 -116.44 -0.83 -23.71
CA GLN TA 222 -115.68 -2.02 -23.36
C GLN TA 222 -115.29 -2.83 -24.60
N MET TA 223 -115.80 -2.39 -25.73
CA MET TA 223 -115.51 -3.03 -27.00
C MET TA 223 -114.27 -2.35 -27.62
N THR TA 224 -113.68 -1.40 -26.91
CA THR TA 224 -112.54 -0.66 -27.42
C THR TA 224 -111.25 -1.47 -27.37
N GLY TA 225 -110.59 -1.58 -28.51
CA GLY TA 225 -109.33 -2.31 -28.58
C GLY TA 225 -109.54 -3.78 -28.84
N LYS TA 226 -110.78 -4.22 -28.68
CA LYS TA 226 -111.11 -5.62 -28.89
C LYS TA 226 -111.17 -5.97 -30.36
N GLU TA 227 -111.02 -7.25 -30.64
CA GLU TA 227 -111.16 -7.77 -32.00
C GLU TA 227 -112.60 -8.15 -32.28
N LEU TA 228 -112.82 -8.80 -33.42
CA LEU TA 228 -114.12 -9.39 -33.71
C LEU TA 228 -114.13 -10.81 -33.18
N PHE TA 229 -113.24 -11.63 -33.73
CA PHE TA 229 -113.16 -13.04 -33.38
C PHE TA 229 -112.60 -13.24 -31.99
N GLU TA 230 -112.22 -12.15 -31.35
CA GLU TA 230 -111.90 -12.21 -29.93
C GLU TA 230 -113.16 -12.55 -29.14
N MET TA 231 -114.26 -11.87 -29.46
CA MET TA 231 -115.54 -12.17 -28.84
C MET TA 231 -116.51 -13.10 -29.59
N TRP TA 232 -116.27 -13.40 -30.87
CA TRP TA 232 -117.21 -14.25 -31.62
C TRP TA 232 -116.99 -15.77 -31.45
N THR TA 233 -115.74 -16.21 -31.47
CA THR TA 233 -115.36 -17.60 -31.12
C THR TA 233 -115.64 -18.68 -32.19
N ILE TA 234 -116.15 -18.28 -33.36
CA ILE TA 234 -116.38 -19.25 -34.44
C ILE TA 234 -115.15 -20.10 -34.81
N THR TA 235 -115.35 -21.41 -34.95
CA THR TA 235 -114.24 -22.37 -35.07
C THR TA 235 -113.79 -22.82 -36.47
N ASN TA 236 -114.57 -22.52 -37.51
CA ASN TA 236 -114.11 -22.85 -38.86
C ASN TA 236 -114.33 -21.67 -39.79
N PRO TA 237 -113.35 -20.77 -39.85
CA PRO TA 237 -113.44 -19.53 -40.60
C PRO TA 237 -113.66 -19.77 -42.09
N MET TA 238 -113.03 -20.82 -42.62
CA MET TA 238 -113.11 -21.08 -44.05
C MET TA 238 -114.55 -21.32 -44.50
N GLY TA 239 -115.23 -22.26 -43.84
CA GLY TA 239 -116.60 -22.58 -44.18
C GLY TA 239 -117.47 -21.35 -44.18
N LEU TA 240 -117.41 -20.61 -43.09
CA LEU TA 240 -118.19 -19.40 -42.93
C LEU TA 240 -117.92 -18.40 -44.06
N LEU TA 241 -116.66 -18.29 -44.47
CA LEU TA 241 -116.31 -17.41 -45.58
C LEU TA 241 -116.94 -17.88 -46.88
N VAL TA 242 -116.94 -19.18 -47.11
CA VAL TA 242 -117.51 -19.73 -48.33
C VAL TA 242 -119.01 -19.43 -48.40
N GLU TA 243 -119.71 -19.65 -47.29
CA GLU TA 243 -121.13 -19.32 -47.22
C GLU TA 243 -121.40 -17.83 -47.48
N GLU TA 244 -120.67 -16.98 -46.77
CA GLU TA 244 -120.85 -15.54 -46.93
C GLU TA 244 -120.48 -15.04 -48.32
N LEU TA 245 -119.65 -15.80 -49.03
CA LEU TA 245 -119.35 -15.48 -50.41
C LEU TA 245 -120.42 -16.01 -51.38
N LYS TA 246 -121.07 -17.11 -51.03
CA LYS TA 246 -122.23 -17.56 -51.78
C LYS TA 246 -123.30 -16.47 -51.76
N LYS TA 247 -123.57 -15.95 -50.57
CA LYS TA 247 -124.55 -14.86 -50.45
C LYS TA 247 -124.22 -13.67 -51.34
N ARG TA 248 -122.93 -13.35 -51.48
CA ARG TA 248 -122.50 -12.19 -52.28
C ARG TA 248 -122.37 -12.54 -53.75
N LYS TA 249 -122.65 -13.79 -54.08
CA LYS TA 249 -122.59 -14.28 -55.45
C LYS TA 249 -121.16 -14.23 -56.00
N ILE TA 250 -120.18 -14.45 -55.13
CA ILE TA 250 -118.78 -14.67 -55.52
C ILE TA 250 -118.45 -16.12 -55.23
N SER TA 251 -117.54 -16.73 -55.99
CA SER TA 251 -117.53 -18.18 -56.05
C SER TA 251 -116.61 -18.93 -55.09
N ALA TA 252 -115.33 -18.99 -55.41
CA ALA TA 252 -114.46 -20.00 -54.83
C ALA TA 252 -113.13 -19.44 -54.38
N PRO TA 253 -113.01 -19.06 -53.10
CA PRO TA 253 -111.71 -18.56 -52.64
C PRO TA 253 -110.62 -19.63 -52.80
N GLU TA 254 -109.53 -19.28 -53.47
CA GLU TA 254 -108.41 -20.21 -53.68
C GLU TA 254 -107.24 -19.79 -52.83
N SER TA 255 -106.80 -20.69 -51.97
CA SER TA 255 -105.66 -20.40 -51.13
C SER TA 255 -104.38 -20.52 -51.95
N ARG TA 256 -103.60 -19.46 -51.94
CA ARG TA 256 -102.41 -19.37 -52.77
C ARG TA 256 -101.27 -18.86 -51.90
N LEU TA 257 -100.11 -19.52 -51.94
CA LEU TA 257 -98.98 -19.10 -51.10
C LEU TA 257 -98.22 -17.92 -51.68
N THR TA 258 -98.07 -16.89 -50.87
CA THR TA 258 -97.56 -15.59 -51.29
C THR TA 258 -96.13 -15.34 -50.89
N ARG TA 259 -95.92 -15.27 -49.59
CA ARG TA 259 -94.61 -15.05 -48.99
C ARG TA 259 -94.23 -16.22 -48.12
N GLN TA 260 -92.94 -16.58 -48.11
CA GLN TA 260 -92.49 -17.57 -47.14
C GLN TA 260 -91.03 -17.38 -46.77
N SER TA 261 -90.70 -17.61 -45.50
CA SER TA 261 -89.30 -17.58 -45.10
C SER TA 261 -88.88 -18.76 -44.23
N GLY TA 262 -88.06 -19.60 -44.83
CA GLY TA 262 -87.50 -20.79 -44.22
C GLY TA 262 -88.64 -21.78 -44.20
N SER TA 263 -88.49 -22.95 -44.78
CA SER TA 263 -89.53 -23.95 -44.63
C SER TA 263 -88.99 -25.06 -43.79
N THR TA 264 -87.68 -25.06 -43.66
CA THR TA 264 -86.97 -26.18 -43.09
C THR TA 264 -86.66 -25.86 -41.64
N THR TA 265 -86.98 -24.62 -41.27
CA THR TA 265 -86.70 -24.08 -39.96
C THR TA 265 -87.67 -24.57 -38.90
N ALA TA 266 -87.30 -24.38 -37.65
CA ALA TA 266 -88.23 -24.59 -36.56
C ALA TA 266 -89.18 -23.39 -36.43
N LEU TA 267 -88.82 -22.28 -37.06
CA LEU TA 267 -89.68 -21.09 -37.05
C LEU TA 267 -89.89 -20.52 -38.44
N PRO TA 268 -90.70 -21.19 -39.25
CA PRO TA 268 -91.06 -20.73 -40.58
C PRO TA 268 -92.06 -19.60 -40.52
N VAL TA 269 -92.20 -18.86 -41.61
CA VAL TA 269 -93.26 -17.86 -41.74
C VAL TA 269 -93.94 -17.96 -43.08
N TYR TA 270 -95.25 -18.10 -43.07
CA TYR TA 270 -95.99 -18.17 -44.30
C TYR TA 270 -96.98 -17.05 -44.40
N PHE TA 271 -97.15 -16.53 -45.60
CA PHE TA 271 -98.23 -15.61 -45.91
C PHE TA 271 -99.12 -16.25 -46.96
N VAL TA 272 -100.34 -16.57 -46.59
CA VAL TA 272 -101.30 -17.15 -47.51
C VAL TA 272 -102.28 -16.10 -47.98
N GLY TA 273 -102.39 -15.96 -49.30
CA GLY TA 273 -103.41 -15.12 -49.91
C GLY TA 273 -104.65 -15.91 -50.31
N LEU TA 274 -105.79 -15.23 -50.35
CA LEU TA 274 -107.04 -15.82 -50.80
C LEU TA 274 -107.51 -15.12 -52.04
N TYR TA 275 -107.63 -15.85 -53.14
CA TYR TA 275 -107.97 -15.23 -54.40
C TYR TA 275 -109.34 -15.62 -54.92
N CYS TA 276 -110.07 -14.63 -55.42
CA CYS TA 276 -111.36 -14.87 -56.05
C CYS TA 276 -111.31 -14.38 -57.48
N ASP TA 277 -111.37 -15.32 -58.41
CA ASP TA 277 -111.24 -15.00 -59.83
C ASP TA 277 -109.96 -14.20 -60.04
N ARG TA 278 -108.90 -14.64 -59.36
CA ARG TA 278 -107.57 -14.08 -59.50
C ARG TA 278 -107.41 -12.65 -58.96
N LYS TA 279 -108.48 -12.06 -58.43
CA LYS TA 279 -108.33 -10.90 -57.56
C LYS TA 279 -108.05 -11.33 -56.12
N LEU TA 280 -107.25 -10.55 -55.41
CA LEU TA 280 -106.86 -10.88 -54.04
C LEU TA 280 -107.75 -10.22 -53.00
N ILE TA 281 -108.56 -11.01 -52.30
CA ILE TA 281 -109.45 -10.44 -51.29
C ILE TA 281 -108.82 -10.20 -49.92
N ALA TA 282 -107.85 -11.03 -49.53
CA ALA TA 282 -107.29 -10.97 -48.18
C ALA TA 282 -106.12 -11.91 -47.99
N GLU TA 283 -105.32 -11.64 -46.97
CA GLU TA 283 -104.04 -12.31 -46.83
C GLU TA 283 -103.58 -12.38 -45.37
N GLY TA 284 -102.90 -13.46 -44.97
CA GLY TA 284 -102.46 -13.58 -43.59
C GLY TA 284 -101.26 -14.47 -43.34
N PRO TA 285 -100.52 -14.20 -42.26
CA PRO TA 285 -99.30 -14.78 -41.72
C PRO TA 285 -99.53 -16.03 -40.85
N GLY TA 286 -98.49 -16.83 -40.65
CA GLY TA 286 -98.57 -17.92 -39.69
C GLY TA 286 -97.31 -18.77 -39.65
N GLU TA 287 -97.23 -19.68 -38.69
CA GLU TA 287 -96.14 -20.65 -38.64
C GLU TA 287 -96.35 -21.72 -39.68
N THR TA 288 -97.56 -22.28 -39.70
CA THR TA 288 -97.90 -23.37 -40.60
C THR TA 288 -98.77 -22.85 -41.73
N VAL TA 289 -98.63 -23.46 -42.90
CA VAL TA 289 -99.46 -23.12 -44.05
C VAL TA 289 -100.94 -23.20 -43.71
N LEU TA 290 -101.31 -24.16 -42.86
CA LEU TA 290 -102.68 -24.31 -42.41
C LEU TA 290 -103.14 -23.13 -41.56
N VAL TA 291 -102.35 -22.81 -40.55
CA VAL TA 291 -102.64 -21.69 -39.66
C VAL TA 291 -102.79 -20.40 -40.44
N ALA TA 292 -101.89 -20.21 -41.41
CA ALA TA 292 -101.91 -19.01 -42.23
C ALA TA 292 -103.16 -18.95 -43.08
N GLU TA 293 -103.48 -20.06 -43.75
CA GLU TA 293 -104.70 -20.12 -44.55
C GLU TA 293 -105.92 -19.73 -43.71
N GLU TA 294 -106.00 -20.33 -42.53
CA GLU TA 294 -107.05 -19.99 -41.58
C GLU TA 294 -107.07 -18.50 -41.27
N GLU TA 295 -105.89 -17.92 -41.11
CA GLU TA 295 -105.81 -16.50 -40.83
C GLU TA 295 -106.36 -15.66 -41.96
N ALA TA 296 -105.92 -15.92 -43.17
CA ALA TA 296 -106.42 -15.21 -44.33
C ALA TA 296 -107.94 -15.31 -44.40
N ALA TA 297 -108.48 -16.46 -44.03
CA ALA TA 297 -109.93 -16.59 -43.91
C ALA TA 297 -110.48 -15.56 -42.93
N ARG TA 298 -109.88 -15.50 -41.74
CA ARG TA 298 -110.36 -14.57 -40.73
C ARG TA 298 -110.28 -13.12 -41.21
N VAL TA 299 -109.21 -12.79 -41.91
CA VAL TA 299 -109.04 -11.45 -42.43
C VAL TA 299 -110.13 -11.10 -43.42
N ALA TA 300 -110.36 -12.01 -44.37
CA ALA TA 300 -111.37 -11.79 -45.38
C ALA TA 300 -112.70 -11.54 -44.71
N LEU TA 301 -113.01 -12.37 -43.73
CA LEU TA 301 -114.21 -12.22 -42.96
C LEU TA 301 -114.32 -10.82 -42.37
N ARG TA 302 -113.22 -10.38 -41.76
CA ARG TA 302 -113.18 -9.06 -41.14
C ARG TA 302 -113.34 -7.93 -42.14
N LYS TA 303 -112.93 -8.13 -43.38
CA LYS TA 303 -113.14 -7.11 -44.39
C LYS TA 303 -114.59 -7.09 -44.85
N LEU TA 304 -115.14 -8.27 -45.07
CA LEU TA 304 -116.54 -8.39 -45.49
C LEU TA 304 -117.50 -7.80 -44.48
N PHE TA 305 -117.27 -8.09 -43.20
CA PHE TA 305 -118.21 -7.64 -42.18
C PHE TA 305 -117.96 -6.21 -41.76
N GLY TA 306 -116.89 -5.62 -42.28
CA GLY TA 306 -116.57 -4.24 -41.95
C GLY TA 306 -116.11 -4.06 -40.51
N PHE TA 307 -115.72 -5.16 -39.87
CA PHE TA 307 -115.03 -5.09 -38.60
C PHE TA 307 -113.54 -5.16 -38.89
N THR TA 308 -112.85 -4.03 -38.75
CA THR TA 308 -111.53 -3.88 -39.30
C THR TA 308 -110.75 -2.92 -38.41
N GLU TA 309 -109.43 -2.87 -38.55
CA GLU TA 309 -108.67 -1.89 -37.79
C GLU TA 309 -108.93 -0.50 -38.33
N ASN TA 310 -108.82 -0.35 -39.64
CA ASN TA 310 -108.98 0.93 -40.29
C ASN TA 310 -110.37 1.52 -40.13
N ARG TA 311 -111.32 0.71 -39.65
CA ARG TA 311 -112.71 1.08 -39.63
C ARG TA 311 -112.97 2.37 -38.85
N ARG TA 312 -114.00 3.10 -39.25
CA ARG TA 312 -114.40 4.32 -38.54
C ARG TA 312 -114.56 4.04 -37.07
N PRO TA 313 -113.88 4.83 -36.24
CA PRO TA 313 -114.05 4.71 -34.80
C PRO TA 313 -115.46 5.10 -34.43
N TRP TA 314 -115.95 4.57 -33.31
CA TRP TA 314 -117.32 4.77 -32.91
C TRP TA 314 -117.63 6.25 -32.72
N ASP TA 315 -118.89 6.64 -32.92
CA ASP TA 315 -119.27 8.04 -32.72
C ASP TA 315 -119.76 8.30 -31.31
N TYR TA 316 -119.08 9.19 -30.62
CA TYR TA 316 -119.59 9.69 -29.37
C TYR TA 316 -119.89 11.17 -29.56
N SER TA 317 -121.17 11.51 -29.58
CA SER TA 317 -121.60 12.84 -29.98
C SER TA 317 -123.01 13.11 -29.43
N LYS TA 318 -123.47 14.36 -29.48
CA LYS TA 318 -124.79 14.71 -28.94
C LYS TA 318 -125.74 15.20 -30.03
N PRO TA 319 -126.48 14.26 -30.64
CA PRO TA 319 -127.40 14.55 -31.75
C PRO TA 319 -128.55 15.48 -31.36
N LYS UA 38 -32.39 -3.14 18.33
CA LYS UA 38 -32.86 -3.74 19.57
C LYS UA 38 -33.50 -5.10 19.32
N LYS UA 39 -33.82 -5.79 20.40
CA LYS UA 39 -34.61 -7.01 20.32
C LYS UA 39 -36.03 -6.69 20.79
N ARG UA 40 -36.97 -6.64 19.85
CA ARG UA 40 -38.33 -6.26 20.21
C ARG UA 40 -39.25 -7.47 20.27
N PHE UA 41 -39.89 -7.62 21.43
CA PHE UA 41 -40.70 -8.76 21.72
C PHE UA 41 -41.96 -8.35 22.46
N THR UA 42 -43.11 -8.82 21.98
CA THR UA 42 -44.38 -8.58 22.65
C THR UA 42 -44.89 -9.84 23.34
N PRO UA 43 -44.91 -9.84 24.67
CA PRO UA 43 -45.42 -10.99 25.41
C PRO UA 43 -46.91 -11.13 25.22
N PRO UA 44 -47.37 -12.36 24.97
CA PRO UA 44 -48.79 -12.63 24.74
C PRO UA 44 -49.62 -12.43 26.00
N THR UA 45 -50.82 -11.87 25.87
CA THR UA 45 -51.69 -11.69 27.03
C THR UA 45 -52.95 -12.54 26.92
N TYR UA 46 -53.21 -13.31 27.96
CA TYR UA 46 -54.39 -14.15 28.01
C TYR UA 46 -55.65 -13.36 28.25
N GLN UA 47 -56.79 -13.94 27.93
CA GLN UA 47 -58.07 -13.35 28.29
C GLN UA 47 -58.52 -13.87 29.65
N PRO UA 48 -59.39 -13.11 30.35
CA PRO UA 48 -59.93 -13.56 31.65
C PRO UA 48 -60.53 -14.96 31.60
N LYS UA 49 -60.22 -15.78 32.59
CA LYS UA 49 -60.64 -17.17 32.59
C LYS UA 49 -62.14 -17.39 32.63
N TYR UA 50 -62.90 -16.39 33.09
CA TYR UA 50 -64.33 -16.62 33.28
C TYR UA 50 -65.05 -16.70 31.94
N LYS UA 51 -64.45 -16.12 30.91
CA LYS UA 51 -65.05 -16.13 29.60
C LYS UA 51 -65.10 -17.55 29.05
N SER UA 52 -64.03 -18.29 29.30
CA SER UA 52 -63.89 -19.64 28.76
C SER UA 52 -64.56 -20.69 29.62
N GLU UA 53 -65.00 -20.31 30.82
CA GLU UA 53 -65.71 -21.25 31.66
C GLU UA 53 -67.10 -20.74 31.95
N LYS UA 54 -68.07 -21.35 31.30
CA LYS UA 54 -69.47 -21.04 31.50
C LYS UA 54 -70.23 -22.30 31.19
N GLU UA 55 -71.30 -22.55 31.93
CA GLU UA 55 -72.04 -23.77 31.74
C GLU UA 55 -73.50 -23.47 31.50
N PHE UA 56 -74.20 -24.48 31.02
CA PHE UA 56 -75.63 -24.42 30.87
C PHE UA 56 -76.32 -24.53 32.23
N VAL UA 57 -77.57 -24.10 32.27
CA VAL UA 57 -78.42 -24.28 33.45
C VAL UA 57 -79.73 -24.95 33.04
N GLU UA 58 -80.66 -25.06 33.98
CA GLU UA 58 -82.00 -25.57 33.72
C GLU UA 58 -82.06 -27.02 33.23
N HIS UA 59 -81.73 -27.98 34.09
CA HIS UA 59 -82.15 -29.35 33.87
C HIS UA 59 -83.34 -29.60 34.80
N ALA UA 60 -84.53 -29.70 34.22
CA ALA UA 60 -85.77 -29.77 35.00
C ALA UA 60 -86.03 -31.17 35.52
N ARG UA 61 -86.45 -31.25 36.78
CA ARG UA 61 -86.73 -32.54 37.42
C ARG UA 61 -87.93 -32.43 38.38
N LYS UA 62 -88.68 -33.52 38.49
CA LYS UA 62 -89.78 -33.61 39.45
C LYS UA 62 -89.44 -34.60 40.55
N ALA UA 63 -89.20 -34.09 41.75
CA ALA UA 63 -88.82 -34.96 42.86
C ALA UA 63 -89.89 -35.01 43.94
N GLY UA 64 -90.61 -36.12 44.00
CA GLY UA 64 -91.47 -36.41 45.13
C GLY UA 64 -90.64 -36.76 46.35
N LEU UA 65 -90.83 -36.00 47.41
CA LEU UA 65 -90.17 -36.28 48.69
C LEU UA 65 -91.18 -35.98 49.80
N VAL UA 66 -91.31 -36.92 50.73
CA VAL UA 66 -92.39 -36.86 51.73
C VAL UA 66 -92.19 -35.78 52.79
N ILE UA 67 -90.93 -35.38 53.02
CA ILE UA 67 -90.62 -34.44 54.11
C ILE UA 67 -91.22 -33.03 53.90
N PRO UA 68 -91.00 -32.38 52.73
CA PRO UA 68 -91.68 -31.08 52.55
C PRO UA 68 -93.20 -31.23 52.34
N HIS UA 69 -93.64 -32.41 51.90
CA HIS UA 69 -95.06 -32.71 51.74
C HIS UA 69 -95.77 -32.75 53.10
N GLU UA 70 -95.04 -33.16 54.14
CA GLU UA 70 -95.58 -33.19 55.49
C GLU UA 70 -95.56 -31.80 56.16
N ARG UA 71 -94.62 -30.96 55.74
CA ARG UA 71 -94.38 -29.69 56.40
C ARG UA 71 -95.34 -28.62 55.89
N LEU UA 72 -96.27 -29.02 55.03
CA LEU UA 72 -97.27 -28.11 54.52
C LEU UA 72 -98.05 -27.47 55.66
N GLU UA 73 -98.02 -26.14 55.71
CA GLU UA 73 -98.59 -25.39 56.82
C GLU UA 73 -100.10 -25.25 56.69
N ARG UA 74 -100.58 -25.22 55.46
CA ARG UA 74 -102.01 -25.19 55.21
C ARG UA 74 -102.40 -26.43 54.40
N PRO UA 75 -102.72 -27.51 55.10
CA PRO UA 75 -103.02 -28.81 54.49
C PRO UA 75 -104.04 -28.70 53.38
N ILE UA 76 -103.92 -29.57 52.38
CA ILE UA 76 -104.70 -29.46 51.16
C ILE UA 76 -106.20 -29.57 51.40
N HIS UA 77 -106.93 -28.57 50.93
CA HIS UA 77 -108.37 -28.49 51.13
C HIS UA 77 -109.10 -29.12 49.96
N LEU UA 78 -109.82 -30.21 50.21
CA LEU UA 78 -110.51 -30.91 49.14
C LEU UA 78 -111.98 -30.52 49.07
N ALA UA 79 -112.46 -30.22 47.86
CA ALA UA 79 -113.88 -30.02 47.66
C ALA UA 79 -114.60 -31.35 47.47
N CYS UA 80 -113.85 -32.40 47.13
CA CYS UA 80 -114.44 -33.69 46.80
C CYS UA 80 -113.59 -34.90 47.21
N THR UA 81 -114.21 -36.07 47.18
CA THR UA 81 -113.49 -37.33 47.40
C THR UA 81 -113.35 -38.11 46.10
N ALA UA 82 -112.19 -38.74 45.90
CA ALA UA 82 -111.82 -39.32 44.60
C ALA UA 82 -112.62 -40.55 44.20
N GLY UA 83 -113.12 -41.30 45.18
CA GLY UA 83 -113.82 -42.53 44.89
C GLY UA 83 -115.33 -42.42 44.97
N ILE UA 84 -116.00 -43.52 44.63
CA ILE UA 84 -117.44 -43.65 44.80
C ILE UA 84 -117.66 -44.81 45.78
N PHE UA 85 -118.23 -44.50 46.96
CA PHE UA 85 -118.23 -45.44 48.09
C PHE UA 85 -118.86 -46.78 47.76
N ASP UA 86 -120.12 -46.74 47.37
CA ASP UA 86 -120.86 -47.96 47.10
C ASP UA 86 -121.44 -47.91 45.71
N ALA UA 87 -120.99 -48.85 44.88
CA ALA UA 87 -121.40 -48.86 43.48
C ALA UA 87 -122.66 -49.70 43.32
N TYR UA 88 -123.76 -49.03 43.01
CA TYR UA 88 -125.02 -49.70 42.76
C TYR UA 88 -124.88 -50.66 41.58
N VAL UA 89 -125.20 -51.93 41.81
CA VAL UA 89 -125.06 -52.93 40.76
C VAL UA 89 -126.44 -53.38 40.26
N PRO UA 90 -126.81 -52.92 39.06
CA PRO UA 90 -128.15 -52.98 38.44
C PRO UA 90 -128.60 -54.37 37.96
N PRO UA 91 -129.91 -54.54 37.70
CA PRO UA 91 -130.45 -55.81 37.17
C PRO UA 91 -129.92 -56.15 35.78
N GLU UA 92 -129.63 -57.42 35.54
CA GLU UA 92 -129.04 -57.85 34.28
C GLU UA 92 -130.04 -57.82 33.13
N GLY UA 93 -131.32 -57.75 33.47
CA GLY UA 93 -132.37 -57.65 32.48
C GLY UA 93 -132.92 -56.25 32.34
N ASP UA 94 -132.12 -55.26 32.74
CA ASP UA 94 -132.58 -53.86 32.79
C ASP UA 94 -132.90 -53.25 31.43
N ALA UA 95 -132.56 -53.96 30.36
CA ALA UA 95 -132.91 -53.52 29.01
C ALA UA 95 -134.35 -53.88 28.62
N ARG UA 96 -134.82 -55.04 29.10
CA ARG UA 96 -136.14 -55.54 28.76
C ARG UA 96 -137.25 -55.08 29.72
N ILE UA 97 -136.84 -54.51 30.86
CA ILE UA 97 -137.78 -53.92 31.81
C ILE UA 97 -137.94 -52.40 31.53
N SER UA 98 -137.10 -51.87 30.63
CA SER UA 98 -137.14 -50.45 30.28
C SER UA 98 -138.26 -50.12 29.28
N SER UA 99 -138.67 -51.12 28.51
CA SER UA 99 -139.78 -50.97 27.57
C SER UA 99 -141.13 -51.14 28.29
N LEU UA 100 -141.07 -51.56 29.56
CA LEU UA 100 -142.23 -51.70 30.42
C LEU UA 100 -142.25 -50.58 31.48
N SER UA 101 -143.22 -49.67 31.38
CA SER UA 101 -143.23 -48.48 32.23
C SER UA 101 -143.44 -48.77 33.71
N LYS UA 102 -144.55 -49.43 34.05
CA LYS UA 102 -144.95 -49.59 35.45
C LYS UA 102 -144.27 -50.80 36.10
N GLU UA 103 -143.40 -51.47 35.35
CA GLU UA 103 -142.47 -52.43 35.93
C GLU UA 103 -141.27 -51.67 36.48
N GLY UA 104 -140.58 -50.96 35.59
CA GLY UA 104 -139.44 -50.14 35.96
C GLY UA 104 -139.72 -49.12 37.04
N LEU UA 105 -140.72 -48.26 36.85
CA LEU UA 105 -141.03 -47.22 37.85
C LEU UA 105 -141.30 -47.83 39.23
N ALA UA 106 -142.13 -48.87 39.24
CA ALA UA 106 -142.50 -49.57 40.47
C ALA UA 106 -141.27 -50.16 41.18
N GLN UA 107 -140.49 -50.97 40.47
CA GLN UA 107 -139.33 -51.62 41.08
C GLN UA 107 -138.28 -50.60 41.57
N ARG UA 108 -138.07 -49.53 40.80
CA ARG UA 108 -137.14 -48.48 41.20
C ARG UA 108 -137.59 -47.79 42.50
N ALA UA 109 -138.80 -47.24 42.48
CA ALA UA 109 -139.33 -46.53 43.66
C ALA UA 109 -139.34 -47.46 44.88
N GLU UA 110 -139.72 -48.71 44.64
CA GLU UA 110 -139.72 -49.74 45.69
C GLU UA 110 -138.34 -49.92 46.31
N ARG UA 111 -137.34 -50.13 45.46
CA ARG UA 111 -135.97 -50.32 45.95
C ARG UA 111 -135.42 -49.08 46.64
N LEU UA 112 -135.95 -47.90 46.29
CA LEU UA 112 -135.54 -46.68 46.98
C LEU UA 112 -136.16 -46.60 48.39
N LYS UA 113 -137.46 -46.86 48.49
CA LYS UA 113 -138.15 -46.77 49.77
C LYS UA 113 -137.77 -47.90 50.74
N LYS UA 114 -137.43 -49.06 50.21
CA LYS UA 114 -137.20 -50.26 51.03
C LYS UA 114 -135.84 -50.27 51.75
N ASN UA 115 -134.83 -49.62 51.16
CA ASN UA 115 -133.47 -49.70 51.68
C ASN UA 115 -133.24 -48.86 52.94
N VAL UA 116 -132.53 -49.45 53.90
CA VAL UA 116 -132.21 -48.81 55.17
C VAL UA 116 -131.16 -47.71 55.01
N ALA UA 117 -130.05 -48.06 54.38
CA ALA UA 117 -128.94 -47.14 54.17
C ALA UA 117 -129.38 -45.90 53.40
N SER UA 118 -130.16 -46.12 52.34
CA SER UA 118 -130.68 -45.05 51.50
C SER UA 118 -131.36 -43.95 52.30
N GLN UA 119 -132.34 -44.34 53.11
CA GLN UA 119 -133.12 -43.37 53.86
C GLN UA 119 -132.39 -42.88 55.10
N LEU UA 120 -131.41 -43.64 55.58
CA LEU UA 120 -130.52 -43.14 56.62
C LEU UA 120 -129.77 -41.91 56.11
N SER UA 121 -129.13 -42.07 54.95
CA SER UA 121 -128.39 -40.97 54.35
C SER UA 121 -129.31 -39.81 53.96
N ILE UA 122 -130.47 -40.12 53.39
CA ILE UA 122 -131.43 -39.07 53.01
C ILE UA 122 -131.86 -38.29 54.26
N ARG UA 123 -131.92 -38.97 55.39
CA ARG UA 123 -132.20 -38.30 56.66
C ARG UA 123 -131.02 -37.41 57.10
N LYS UA 124 -129.79 -37.89 56.95
CA LYS UA 124 -128.63 -37.07 57.30
C LYS UA 124 -128.58 -35.78 56.48
N ILE UA 125 -128.87 -35.90 55.19
CA ILE UA 125 -128.89 -34.75 54.28
C ILE UA 125 -130.04 -33.80 54.58
N ARG UA 126 -131.24 -34.36 54.84
CA ARG UA 126 -132.40 -33.55 55.18
C ARG UA 126 -132.20 -32.78 56.49
N GLU UA 127 -131.54 -33.42 57.46
CA GLU UA 127 -131.32 -32.84 58.79
C GLU UA 127 -130.21 -31.81 58.79
N SER UA 128 -129.16 -32.06 58.01
CA SER UA 128 -128.08 -31.10 57.89
C SER UA 128 -128.46 -29.97 56.91
N ASP UA 129 -129.21 -30.32 55.86
CA ASP UA 129 -129.60 -29.37 54.82
C ASP UA 129 -131.12 -29.33 54.60
N PRO UA 130 -131.80 -28.38 55.26
CA PRO UA 130 -133.24 -28.19 55.16
C PRO UA 130 -133.70 -27.83 53.75
N ASN UA 131 -135.01 -27.99 53.50
CA ASN UA 131 -135.61 -27.73 52.19
C ASN UA 131 -134.96 -28.59 51.11
N PHE UA 132 -134.87 -29.88 51.40
CA PHE UA 132 -134.27 -30.84 50.47
C PHE UA 132 -135.31 -31.90 50.10
N LYS UA 133 -135.47 -32.14 48.80
CA LYS UA 133 -136.47 -33.10 48.35
C LYS UA 133 -135.91 -34.10 47.34
N ILE UA 134 -136.30 -35.37 47.51
CA ILE UA 134 -135.85 -36.44 46.64
C ILE UA 134 -136.65 -36.47 45.34
N LYS UA 135 -137.91 -36.04 45.39
CA LYS UA 135 -138.78 -36.10 44.22
C LYS UA 135 -138.49 -35.02 43.18
N ASP UA 136 -137.89 -33.91 43.62
CA ASP UA 136 -137.48 -32.82 42.72
C ASP UA 136 -136.13 -33.05 42.05
N PHE UA 137 -135.28 -33.86 42.69
CA PHE UA 137 -133.85 -33.92 42.36
C PHE UA 137 -133.46 -34.43 40.98
N PRO UA 138 -134.08 -35.52 40.48
CA PRO UA 138 -133.68 -35.99 39.15
C PRO UA 138 -133.83 -34.93 38.04
N GLU UA 139 -134.71 -33.97 38.26
CA GLU UA 139 -134.83 -32.81 37.36
C GLU UA 139 -133.54 -31.99 37.34
N LYS UA 140 -133.12 -31.55 38.52
CA LYS UA 140 -131.86 -30.80 38.68
C LYS UA 140 -130.69 -31.56 38.09
N ALA UA 141 -130.63 -32.85 38.41
CA ALA UA 141 -129.55 -33.72 37.95
C ALA UA 141 -129.49 -33.74 36.43
N LYS UA 142 -130.63 -33.96 35.80
CA LYS UA 142 -130.74 -33.95 34.35
C LYS UA 142 -130.21 -32.63 33.78
N ASP UA 143 -130.65 -31.51 34.37
CA ASP UA 143 -130.20 -30.20 33.92
C ASP UA 143 -128.68 -30.01 34.04
N ILE UA 144 -128.12 -30.44 35.18
CA ILE UA 144 -126.68 -30.46 35.38
C ILE UA 144 -125.98 -31.20 34.24
N PHE UA 145 -126.50 -32.38 33.91
CA PHE UA 145 -125.97 -33.20 32.83
C PHE UA 145 -125.93 -32.41 31.53
N ILE UA 146 -127.11 -31.95 31.11
CA ILE UA 146 -127.25 -31.25 29.85
C ILE UA 146 -126.30 -30.05 29.76
N GLU UA 147 -126.26 -29.23 30.80
CA GLU UA 147 -125.37 -28.07 30.80
C GLU UA 147 -123.90 -28.44 30.78
N ALA UA 148 -123.51 -29.49 31.50
CA ALA UA 148 -122.11 -29.91 31.55
C ALA UA 148 -121.60 -30.33 30.16
N HIS UA 149 -122.38 -31.18 29.49
CA HIS UA 149 -121.92 -31.62 28.18
C HIS UA 149 -122.03 -30.48 27.15
N LEU UA 150 -123.05 -29.64 27.30
CA LEU UA 150 -123.15 -28.46 26.44
C LEU UA 150 -122.00 -27.48 26.72
N CYS UA 151 -121.33 -27.66 27.85
CA CYS UA 151 -120.10 -26.92 28.13
C CYS UA 151 -118.96 -27.54 27.35
N LEU UA 152 -118.93 -28.88 27.33
CA LEU UA 152 -117.90 -29.57 26.54
C LEU UA 152 -117.95 -29.18 25.07
N ASN UA 153 -119.14 -28.92 24.55
CA ASN UA 153 -119.25 -28.41 23.17
C ASN UA 153 -118.48 -27.12 22.95
N ASN UA 154 -118.82 -26.12 23.75
CA ASN UA 154 -118.26 -24.78 23.65
C ASN UA 154 -116.84 -24.71 24.21
N SER UA 155 -116.44 -25.73 24.94
CA SER UA 155 -115.13 -25.81 25.61
C SER UA 155 -114.95 -24.69 26.62
N ASP UA 156 -115.97 -24.46 27.45
CA ASP UA 156 -115.91 -23.47 28.51
C ASP UA 156 -115.67 -24.15 29.86
N HIS UA 157 -114.46 -24.01 30.39
CA HIS UA 157 -114.05 -24.74 31.58
C HIS UA 157 -114.46 -24.09 32.90
N ASP UA 158 -114.73 -22.79 32.85
CA ASP UA 158 -115.09 -22.04 34.06
C ASP UA 158 -116.42 -22.50 34.63
N ARG UA 159 -117.43 -22.59 33.76
CA ARG UA 159 -118.75 -23.06 34.16
C ARG UA 159 -118.69 -24.55 34.50
N LEU UA 160 -117.85 -25.27 33.74
CA LEU UA 160 -117.67 -26.69 33.93
C LEU UA 160 -117.08 -26.99 35.30
N HIS UA 161 -116.37 -26.04 35.87
CA HIS UA 161 -115.85 -26.25 37.22
C HIS UA 161 -116.92 -26.01 38.29
N THR UA 162 -117.97 -25.29 37.94
CA THR UA 162 -119.10 -25.12 38.86
C THR UA 162 -119.97 -26.37 38.82
N LEU UA 163 -120.18 -26.91 37.63
CA LEU UA 163 -121.05 -28.07 37.49
C LEU UA 163 -120.41 -29.36 37.98
N VAL UA 164 -119.40 -29.86 37.29
CA VAL UA 164 -118.80 -31.15 37.65
C VAL UA 164 -117.75 -31.10 38.75
N THR UA 165 -117.57 -32.24 39.39
CA THR UA 165 -116.62 -32.45 40.48
C THR UA 165 -115.16 -32.53 40.03
N GLU UA 166 -114.24 -32.40 40.99
CA GLU UA 166 -112.81 -32.53 40.75
C GLU UA 166 -112.36 -33.89 40.23
N ASN UA 167 -113.09 -34.95 40.56
CA ASN UA 167 -112.74 -36.28 40.08
C ASN UA 167 -113.18 -36.53 38.65
N CYS UA 168 -114.28 -35.89 38.26
CA CYS UA 168 -114.86 -36.07 36.94
C CYS UA 168 -114.16 -35.23 35.85
N PHE UA 169 -113.79 -34.00 36.21
CA PHE UA 169 -113.23 -33.03 35.27
C PHE UA 169 -112.02 -33.53 34.46
N PRO UA 170 -111.00 -34.09 35.14
CA PRO UA 170 -109.89 -34.67 34.37
C PRO UA 170 -110.38 -35.63 33.31
N ASP UA 171 -111.39 -36.43 33.64
CA ASP UA 171 -111.81 -37.48 32.73
C ASP UA 171 -112.49 -36.90 31.50
N MET UA 172 -113.58 -36.17 31.67
CA MET UA 172 -114.28 -35.66 30.49
C MET UA 172 -113.49 -34.60 29.71
N VAL UA 173 -112.61 -33.83 30.36
CA VAL UA 173 -111.84 -32.82 29.61
C VAL UA 173 -110.56 -33.31 28.93
N TRP UA 174 -109.80 -34.16 29.62
CA TRP UA 174 -108.41 -34.46 29.24
C TRP UA 174 -108.19 -34.77 27.77
N ASP UA 175 -108.70 -35.91 27.34
CA ASP UA 175 -108.39 -36.45 26.03
C ASP UA 175 -108.96 -35.59 24.92
N ILE UA 176 -109.98 -34.81 25.24
CA ILE UA 176 -110.77 -34.17 24.20
C ILE UA 176 -110.32 -32.74 23.88
N ARG UA 177 -109.27 -32.28 24.54
CA ARG UA 177 -108.93 -30.86 24.48
C ARG UA 177 -108.38 -30.39 23.13
N TYR UA 178 -107.72 -31.29 22.39
CA TYR UA 178 -107.23 -30.91 21.07
C TYR UA 178 -108.19 -31.34 19.97
N LYS UA 179 -109.35 -31.84 20.37
CA LYS UA 179 -110.35 -32.26 19.39
C LYS UA 179 -111.58 -31.35 19.44
N THR UA 180 -112.52 -31.56 18.52
CA THR UA 180 -113.75 -30.78 18.50
C THR UA 180 -114.90 -31.68 18.86
N VAL UA 181 -115.79 -31.22 19.74
CA VAL UA 181 -116.93 -32.06 20.12
C VAL UA 181 -118.26 -31.41 19.76
N ARG UA 182 -119.15 -32.18 19.17
CA ARG UA 182 -120.50 -31.71 18.95
C ARG UA 182 -121.47 -32.73 19.51
N TRP UA 183 -122.14 -32.31 20.57
CA TRP UA 183 -122.99 -33.18 21.36
C TRP UA 183 -124.34 -32.52 21.57
N SER UA 184 -125.42 -33.21 21.21
CA SER UA 184 -126.74 -32.65 21.40
C SER UA 184 -127.64 -33.60 22.15
N PHE UA 185 -128.58 -33.03 22.89
CA PHE UA 185 -129.57 -33.76 23.64
C PHE UA 185 -130.88 -33.74 22.86
N VAL UA 186 -131.44 -34.90 22.53
CA VAL UA 186 -132.69 -34.85 21.79
C VAL UA 186 -133.88 -35.33 22.64
N GLU UA 187 -133.84 -36.58 23.10
CA GLU UA 187 -134.93 -37.10 23.93
C GLU UA 187 -134.45 -37.74 25.24
N SER UA 188 -135.32 -37.76 26.24
CA SER UA 188 -135.14 -38.64 27.39
C SER UA 188 -136.27 -39.65 27.39
N LEU UA 189 -135.95 -40.90 27.10
CA LEU UA 189 -136.97 -41.92 26.89
C LEU UA 189 -137.71 -42.27 28.18
N GLU UA 190 -136.96 -42.64 29.20
CA GLU UA 190 -137.54 -42.88 30.53
C GLU UA 190 -137.12 -41.76 31.48
N PRO UA 191 -138.09 -41.07 32.10
CA PRO UA 191 -137.79 -40.00 33.07
C PRO UA 191 -136.81 -40.45 34.16
N PRO UA 192 -135.85 -39.58 34.50
CA PRO UA 192 -134.67 -39.88 35.33
C PRO UA 192 -135.03 -40.49 36.68
N GLN UA 193 -134.37 -41.60 37.04
CA GLN UA 193 -134.72 -42.29 38.26
C GLN UA 193 -133.64 -42.16 39.32
N VAL UA 194 -134.04 -41.97 40.57
CA VAL UA 194 -133.06 -41.92 41.65
C VAL UA 194 -132.90 -43.30 42.26
N VAL UA 195 -131.75 -43.91 42.04
CA VAL UA 195 -131.52 -45.27 42.51
C VAL UA 195 -131.16 -45.36 43.99
N GLN UA 196 -130.17 -44.59 44.43
CA GLN UA 196 -129.65 -44.74 45.79
C GLN UA 196 -128.97 -43.49 46.32
N VAL UA 197 -128.80 -43.43 47.64
CA VAL UA 197 -128.11 -42.32 48.29
C VAL UA 197 -127.14 -42.88 49.35
N ARG UA 198 -125.98 -42.24 49.48
CA ARG UA 198 -124.96 -42.67 50.44
C ARG UA 198 -124.23 -41.47 51.04
N CYS UA 199 -123.66 -41.64 52.22
CA CYS UA 199 -122.89 -40.59 52.85
C CYS UA 199 -121.57 -41.10 53.43
N SER UA 200 -120.52 -40.33 53.24
CA SER UA 200 -119.24 -40.65 53.84
C SER UA 200 -118.98 -39.73 55.02
N SER UA 201 -118.84 -40.33 56.20
CA SER UA 201 -118.60 -39.54 57.40
C SER UA 201 -117.11 -39.55 57.73
N LEU UA 202 -116.47 -38.40 57.55
CA LEU UA 202 -115.07 -38.24 57.91
C LEU UA 202 -115.01 -37.66 59.33
N MET UA 203 -114.52 -38.47 60.26
CA MET UA 203 -114.47 -38.08 61.67
C MET UA 203 -113.41 -37.01 61.92
N ASN UA 204 -112.45 -36.91 60.98
CA ASN UA 204 -111.41 -35.89 61.05
C ASN UA 204 -111.99 -34.48 60.91
N GLN UA 205 -112.67 -34.27 59.79
CA GLN UA 205 -113.16 -32.95 59.40
C GLN UA 205 -114.60 -32.69 59.84
N GLY UA 206 -115.28 -33.74 60.28
CA GLY UA 206 -116.72 -33.66 60.51
C GLY UA 206 -117.45 -33.40 59.20
N ASN UA 207 -116.81 -33.76 58.10
CA ASN UA 207 -117.31 -33.47 56.75
C ASN UA 207 -118.12 -34.61 56.15
N ILE UA 208 -119.28 -34.27 55.60
CA ILE UA 208 -120.15 -35.26 55.01
C ILE UA 208 -120.40 -34.94 53.54
N TYR UA 209 -120.27 -35.95 52.68
CA TYR UA 209 -120.51 -35.77 51.27
C TYR UA 209 -121.70 -36.61 50.79
N GLY UA 210 -122.79 -35.93 50.45
CA GLY UA 210 -123.94 -36.63 49.91
C GLY UA 210 -123.69 -37.13 48.50
N GLN UA 211 -123.86 -38.43 48.27
CA GLN UA 211 -123.64 -39.00 46.94
C GLN UA 211 -124.88 -39.65 46.38
N VAL UA 212 -125.44 -39.04 45.35
CA VAL UA 212 -126.72 -39.50 44.81
C VAL UA 212 -126.55 -40.16 43.44
N THR UA 213 -126.95 -41.44 43.34
CA THR UA 213 -126.86 -42.14 42.07
C THR UA 213 -128.15 -42.04 41.26
N VAL UA 214 -128.08 -41.36 40.12
CA VAL UA 214 -129.24 -41.24 39.25
C VAL UA 214 -129.05 -42.04 37.98
N ARG UA 215 -129.88 -43.06 37.81
CA ARG UA 215 -129.91 -43.83 36.58
C ARG UA 215 -130.68 -43.05 35.52
N MET UA 216 -130.09 -42.88 34.35
CA MET UA 216 -130.85 -42.24 33.29
C MET UA 216 -130.64 -42.84 31.90
N HIS UA 217 -131.76 -42.89 31.19
CA HIS UA 217 -131.93 -43.47 29.87
C HIS UA 217 -132.19 -42.30 28.92
N THR UA 218 -131.43 -42.23 27.83
CA THR UA 218 -131.31 -40.98 27.09
C THR UA 218 -131.16 -41.15 25.58
N ARG UA 219 -131.45 -40.09 24.84
CA ARG UA 219 -131.20 -40.03 23.41
C ARG UA 219 -130.25 -38.88 23.08
N GLN UA 220 -129.04 -39.23 22.63
CA GLN UA 220 -127.97 -38.27 22.45
C GLN UA 220 -127.33 -38.36 21.07
N THR UA 221 -126.80 -37.24 20.58
CA THR UA 221 -126.05 -37.24 19.33
C THR UA 221 -124.62 -36.79 19.57
N LEU UA 222 -123.67 -37.67 19.30
CA LEU UA 222 -122.26 -37.38 19.56
C LEU UA 222 -121.39 -37.48 18.31
N ALA UA 223 -120.66 -36.42 18.03
CA ALA UA 223 -119.70 -36.41 16.93
C ALA UA 223 -118.39 -35.84 17.45
N ILE UA 224 -117.31 -36.62 17.34
CA ILE UA 224 -116.00 -36.11 17.72
C ILE UA 224 -115.12 -35.93 16.49
N TYR UA 225 -114.63 -34.71 16.30
CA TYR UA 225 -113.76 -34.40 15.19
C TYR UA 225 -112.31 -34.32 15.63
N ASP UA 226 -111.42 -34.77 14.76
CA ASP UA 226 -109.98 -34.71 14.95
C ASP UA 226 -109.43 -33.30 14.73
N ARG UA 227 -108.25 -33.00 15.26
CA ARG UA 227 -107.73 -31.64 15.25
C ARG UA 227 -107.49 -31.08 13.85
N PHE UA 228 -107.60 -31.94 12.86
CA PHE UA 228 -107.54 -31.50 11.47
C PHE UA 228 -108.92 -31.31 10.90
N GLY UA 229 -109.92 -31.52 11.74
CA GLY UA 229 -111.30 -31.23 11.36
C GLY UA 229 -111.99 -32.39 10.69
N ARG UA 230 -111.27 -33.51 10.58
CA ARG UA 230 -111.80 -34.70 9.94
C ARG UA 230 -112.46 -35.61 10.96
N LEU UA 231 -113.66 -36.08 10.62
CA LEU UA 231 -114.49 -36.87 11.52
C LEU UA 231 -113.75 -38.08 12.08
N MET UA 232 -114.02 -38.40 13.34
CA MET UA 232 -113.28 -39.43 14.05
C MET UA 232 -114.18 -40.50 14.64
N TYR UA 233 -115.10 -40.11 15.53
CA TYR UA 233 -115.90 -41.09 16.26
C TYR UA 233 -117.25 -41.47 15.64
N GLY UA 234 -118.23 -40.58 15.66
CA GLY UA 234 -119.57 -40.97 15.26
C GLY UA 234 -120.37 -39.90 14.58
N GLN UA 235 -121.44 -40.29 13.90
CA GLN UA 235 -122.21 -39.39 13.05
C GLN UA 235 -122.91 -38.28 13.82
N GLU UA 236 -123.24 -37.20 13.14
CA GLU UA 236 -123.95 -36.10 13.77
C GLU UA 236 -125.47 -36.24 13.62
N ASP UA 237 -125.89 -37.15 12.75
CA ASP UA 237 -127.32 -37.33 12.46
C ASP UA 237 -128.03 -38.45 13.22
N VAL UA 238 -127.28 -39.30 13.91
CA VAL UA 238 -127.91 -40.45 14.57
C VAL UA 238 -128.23 -40.16 16.04
N PRO UA 239 -129.53 -40.11 16.38
CA PRO UA 239 -129.95 -39.99 17.77
C PRO UA 239 -129.80 -41.33 18.50
N ARG UA 240 -128.58 -41.62 18.96
CA ARG UA 240 -128.28 -42.91 19.55
C ARG UA 240 -128.74 -43.01 21.01
N ASP UA 241 -129.15 -44.21 21.43
CA ASP UA 241 -129.72 -44.45 22.76
C ASP UA 241 -128.70 -44.87 23.80
N VAL UA 242 -128.65 -44.14 24.91
CA VAL UA 242 -127.65 -44.35 25.94
C VAL UA 242 -128.27 -44.70 27.29
N LEU UA 243 -127.57 -45.51 28.08
CA LEU UA 243 -127.99 -45.80 29.44
C LEU UA 243 -126.82 -45.64 30.38
N GLU UA 244 -126.91 -44.69 31.31
CA GLU UA 244 -125.76 -44.38 32.14
C GLU UA 244 -126.11 -44.20 33.60
N TYR UA 245 -125.20 -44.64 34.49
CA TYR UA 245 -125.51 -44.46 35.89
C TYR UA 245 -124.67 -43.33 36.47
N VAL UA 246 -125.30 -42.19 36.71
CA VAL UA 246 -124.54 -40.98 37.01
C VAL UA 246 -124.53 -40.63 38.49
N VAL UA 247 -123.35 -40.68 39.08
CA VAL UA 247 -123.18 -40.34 40.49
C VAL UA 247 -122.94 -38.85 40.66
N PHE UA 248 -123.67 -38.27 41.61
CA PHE UA 248 -123.56 -36.86 41.95
C PHE UA 248 -123.01 -36.74 43.36
N GLU UA 249 -122.39 -35.61 43.66
CA GLU UA 249 -121.83 -35.38 44.99
C GLU UA 249 -122.05 -33.95 45.46
N LYS UA 250 -122.24 -33.77 46.76
CA LYS UA 250 -122.31 -32.44 47.35
C LYS UA 250 -121.64 -32.42 48.71
N HIS UA 251 -120.83 -31.38 48.94
CA HIS UA 251 -120.27 -31.13 50.25
C HIS UA 251 -121.33 -30.44 51.09
N LEU UA 252 -121.54 -30.96 52.31
CA LEU UA 252 -122.63 -30.52 53.16
C LEU UA 252 -122.22 -29.40 54.10
N VAL UA 253 -121.24 -29.68 54.95
CA VAL UA 253 -120.70 -28.69 55.89
C VAL UA 253 -120.31 -27.37 55.20
N ASP UA 254 -119.90 -27.47 53.94
CA ASP UA 254 -119.64 -26.30 53.11
C ASP UA 254 -120.88 -25.41 53.02
N PRO UA 255 -120.72 -24.11 53.29
CA PRO UA 255 -121.84 -23.16 53.20
C PRO UA 255 -122.30 -22.89 51.76
N TYR UA 256 -121.43 -23.11 50.78
CA TYR UA 256 -121.78 -22.80 49.39
C TYR UA 256 -122.33 -23.98 48.60
N GLY UA 257 -122.21 -25.18 49.17
CA GLY UA 257 -123.13 -26.27 48.90
C GLY UA 257 -123.56 -26.59 47.49
N SER UA 258 -122.62 -26.72 46.56
CA SER UA 258 -123.01 -27.01 45.19
C SER UA 258 -123.41 -28.47 45.00
N TRP UA 259 -124.42 -28.71 44.17
CA TRP UA 259 -124.71 -30.05 43.67
C TRP UA 259 -123.93 -30.27 42.38
N ARG UA 260 -123.04 -31.25 42.39
CA ARG UA 260 -122.11 -31.45 41.29
C ARG UA 260 -122.19 -32.86 40.69
N MET UA 261 -121.65 -33.02 39.49
CA MET UA 261 -121.62 -34.34 38.85
C MET UA 261 -120.30 -35.02 39.16
N HIS UA 262 -120.36 -36.08 39.96
CA HIS UA 262 -119.17 -36.72 40.47
C HIS UA 262 -118.56 -37.74 39.53
N GLY UA 263 -119.32 -38.77 39.20
CA GLY UA 263 -118.76 -39.86 38.43
C GLY UA 263 -119.76 -40.50 37.50
N LYS UA 264 -119.27 -41.40 36.65
CA LYS UA 264 -120.10 -42.11 35.70
C LYS UA 264 -119.83 -43.60 35.81
N ILE UA 265 -120.82 -44.35 36.26
CA ILE UA 265 -120.67 -45.79 36.36
C ILE UA 265 -121.35 -46.50 35.19
N ILE UA 266 -120.52 -47.36 34.60
CA ILE UA 266 -120.83 -48.30 33.55
C ILE UA 266 -121.05 -49.68 34.13
N PRO UA 267 -122.16 -50.33 33.77
CA PRO UA 267 -122.47 -51.70 34.20
C PRO UA 267 -121.58 -52.74 33.50
N PRO UA 268 -121.36 -53.90 34.15
CA PRO UA 268 -120.51 -54.96 33.56
C PRO UA 268 -121.12 -55.60 32.31
N TRP UA 269 -122.44 -55.51 32.15
CA TRP UA 269 -123.09 -56.10 30.98
C TRP UA 269 -123.31 -55.09 29.85
N ALA UA 270 -122.85 -53.86 30.06
CA ALA UA 270 -123.15 -52.73 29.18
C ALA UA 270 -122.88 -53.03 27.71
N PRO UA 271 -123.82 -52.67 26.83
CA PRO UA 271 -123.67 -52.88 25.38
C PRO UA 271 -122.38 -52.26 24.87
N PRO UA 272 -121.59 -53.03 24.09
CA PRO UA 272 -120.33 -52.55 23.55
C PRO UA 272 -120.53 -51.24 22.78
N LYS UA 273 -119.70 -50.25 23.07
CA LYS UA 273 -119.83 -48.93 22.47
C LYS UA 273 -119.61 -49.00 20.97
N GLN UA 274 -120.22 -48.07 20.22
CA GLN UA 274 -120.16 -48.11 18.77
C GLN UA 274 -118.73 -48.12 18.27
N PRO UA 275 -118.51 -48.74 17.09
CA PRO UA 275 -117.14 -48.96 16.60
C PRO UA 275 -116.46 -47.66 16.16
N ILE UA 276 -115.14 -47.66 16.22
CA ILE UA 276 -114.35 -46.53 15.74
C ILE UA 276 -114.37 -46.51 14.23
N LEU UA 277 -114.04 -45.37 13.65
CA LEU UA 277 -113.93 -45.29 12.21
C LEU UA 277 -112.64 -45.95 11.72
N LYS UA 278 -111.50 -45.42 12.14
CA LYS UA 278 -110.20 -45.88 11.63
C LYS UA 278 -109.83 -47.30 12.07
N THR UA 279 -108.92 -47.91 11.31
CA THR UA 279 -108.37 -49.21 11.62
C THR UA 279 -107.22 -49.08 12.62
N VAL UA 280 -107.05 -50.08 13.48
CA VAL UA 280 -106.02 -50.00 14.50
C VAL UA 280 -105.16 -51.26 14.56
N MET UA 281 -103.87 -51.09 14.81
CA MET UA 281 -102.97 -52.22 14.93
C MET UA 281 -102.43 -52.39 16.35
N ILE UA 282 -102.40 -53.63 16.82
CA ILE UA 282 -101.86 -53.93 18.15
C ILE UA 282 -100.61 -54.78 18.05
N PRO UA 283 -99.46 -54.20 18.36
CA PRO UA 283 -98.18 -54.87 18.14
C PRO UA 283 -97.99 -56.10 19.01
N GLY UA 284 -97.18 -57.04 18.53
CA GLY UA 284 -96.80 -58.20 19.30
C GLY UA 284 -95.65 -57.79 20.20
N PRO UA 285 -95.29 -58.64 21.18
CA PRO UA 285 -94.25 -58.26 22.14
C PRO UA 285 -92.92 -57.97 21.46
N GLN UA 286 -92.34 -56.82 21.78
CA GLN UA 286 -91.07 -56.42 21.19
C GLN UA 286 -89.94 -57.29 21.73
N LEU UA 287 -89.18 -57.90 20.82
CA LEU UA 287 -88.19 -58.88 21.21
C LEU UA 287 -86.76 -58.40 21.02
N LYS UA 288 -85.91 -58.65 22.01
CA LYS UA 288 -84.48 -58.49 21.86
C LYS UA 288 -83.97 -59.67 21.01
N PRO UA 289 -82.69 -59.68 20.61
CA PRO UA 289 -82.29 -60.77 19.72
C PRO UA 289 -82.37 -62.19 20.30
N TRP UA 290 -81.89 -62.40 21.52
CA TRP UA 290 -81.74 -63.75 22.07
C TRP UA 290 -83.04 -64.32 22.66
N GLU UA 291 -84.08 -63.50 22.67
CA GLU UA 291 -85.36 -63.90 23.24
C GLU UA 291 -86.29 -64.48 22.16
N GLU UA 292 -86.56 -65.79 22.24
CA GLU UA 292 -87.45 -66.44 21.29
C GLU UA 292 -88.91 -66.15 21.59
N PHE UA 293 -89.74 -66.27 20.56
CA PHE UA 293 -91.17 -66.00 20.70
C PHE UA 293 -91.93 -67.22 21.25
N GLU UA 294 -92.96 -66.96 22.05
CA GLU UA 294 -93.77 -68.02 22.62
C GLU UA 294 -95.27 -67.75 22.46
N GLU UA 295 -95.98 -68.68 21.82
CA GLU UA 295 -97.39 -68.51 21.48
C GLU UA 295 -98.34 -69.25 22.41
N PRO UA 296 -99.19 -68.51 23.14
CA PRO UA 296 -100.25 -69.12 23.95
C PRO UA 296 -101.44 -69.60 23.10
N GLN UA 297 -102.24 -70.54 23.62
CA GLN UA 297 -103.43 -71.02 22.92
C GLN UA 297 -104.71 -70.66 23.68
N SER VA 43 -6.72 66.03 -80.63
CA SER VA 43 -6.16 67.10 -79.80
C SER VA 43 -4.72 66.77 -79.36
N PRO VA 44 -3.73 67.09 -80.23
CA PRO VA 44 -2.32 66.89 -79.87
C PRO VA 44 -1.88 67.80 -78.72
N TRP VA 45 -1.18 67.24 -77.75
CA TRP VA 45 -0.79 68.01 -76.57
C TRP VA 45 0.73 68.22 -76.48
N ARG VA 46 1.14 69.47 -76.58
CA ARG VA 46 2.55 69.83 -76.49
C ARG VA 46 2.97 69.90 -75.01
N LEU VA 47 3.97 69.09 -74.65
CA LEU VA 47 4.37 68.92 -73.26
C LEU VA 47 5.59 69.75 -72.89
N LEU VA 48 5.39 70.77 -72.06
CA LEU VA 48 6.50 71.62 -71.63
C LEU VA 48 6.50 71.81 -70.12
N GLY VA 49 7.58 71.36 -69.47
CA GLY VA 49 7.81 71.68 -68.07
C GLY VA 49 8.40 73.07 -67.97
N ALA VA 50 8.39 73.64 -66.78
CA ALA VA 50 8.93 74.98 -66.55
C ALA VA 50 9.34 75.15 -65.10
N LEU VA 51 10.13 76.18 -64.81
CA LEU VA 51 10.62 76.35 -63.46
C LEU VA 51 10.67 77.78 -62.94
N CYS VA 52 10.15 77.96 -61.73
CA CYS VA 52 10.30 79.21 -60.98
C CYS VA 52 11.45 79.03 -59.99
N LEU VA 53 12.54 79.76 -60.21
CA LEU VA 53 13.75 79.56 -59.42
C LEU VA 53 13.92 80.65 -58.36
N GLN VA 54 13.84 80.26 -57.09
CA GLN VA 54 13.85 81.22 -55.99
C GLN VA 54 15.19 81.31 -55.28
N ARG VA 55 15.75 82.51 -55.25
CA ARG VA 55 16.95 82.80 -54.48
C ARG VA 55 16.52 83.24 -53.08
N PRO VA 56 17.14 82.65 -52.04
CA PRO VA 56 16.88 83.04 -50.66
C PRO VA 56 17.36 84.45 -50.33
N PRO VA 57 16.49 85.26 -49.70
CA PRO VA 57 16.96 86.55 -49.16
C PRO VA 57 18.02 86.33 -48.08
N LEU VA 58 19.12 87.05 -48.19
CA LEU VA 58 20.29 86.82 -47.34
C LEU VA 58 20.25 87.64 -46.06
N VAL VA 59 20.21 88.96 -46.20
CA VAL VA 59 20.23 89.85 -45.04
C VAL VA 59 18.86 90.50 -44.79
N THR VA 60 18.54 90.67 -43.50
CA THR VA 60 17.25 91.22 -43.07
C THR VA 60 17.01 92.66 -43.51
N LYS VA 61 15.75 93.03 -43.65
CA LYS VA 61 15.35 94.36 -44.11
C LYS VA 61 15.39 95.39 -42.98
N PRO VA 62 15.48 96.68 -43.35
CA PRO VA 62 15.28 97.76 -42.38
C PRO VA 62 13.81 97.85 -41.97
N LEU VA 63 13.53 98.54 -40.87
CA LEU VA 63 12.18 98.54 -40.30
C LEU VA 63 11.35 99.77 -40.67
N THR VA 64 10.08 99.54 -40.95
CA THR VA 64 9.07 100.58 -41.12
C THR VA 64 9.05 101.50 -39.90
N PRO VA 65 8.80 102.82 -40.09
CA PRO VA 65 8.81 103.80 -38.98
C PRO VA 65 8.01 103.33 -37.77
N LEU VA 66 6.85 102.75 -38.05
CA LEU VA 66 5.97 102.22 -37.03
C LEU VA 66 6.63 101.09 -36.26
N GLN VA 67 7.22 100.15 -36.99
CA GLN VA 67 7.93 99.03 -36.38
C GLN VA 67 9.12 99.52 -35.56
N GLU VA 68 9.69 100.65 -35.95
CA GLU VA 68 10.82 101.23 -35.23
C GLU VA 68 10.37 101.82 -33.90
N GLU VA 69 9.31 102.63 -33.93
CA GLU VA 69 8.76 103.21 -32.72
C GLU VA 69 8.32 102.11 -31.76
N MET VA 70 7.71 101.07 -32.33
CA MET VA 70 7.28 99.91 -31.56
C MET VA 70 8.47 99.18 -30.94
N ALA VA 71 9.55 99.07 -31.70
CA ALA VA 71 10.78 98.46 -31.21
C ALA VA 71 11.31 99.23 -30.01
N ASP VA 72 11.32 100.56 -30.13
CA ASP VA 72 11.72 101.43 -29.04
C ASP VA 72 10.89 101.15 -27.79
N LEU VA 73 9.56 101.13 -27.98
CA LEU VA 73 8.64 100.89 -26.87
C LEU VA 73 8.88 99.55 -26.18
N LEU VA 74 9.02 98.50 -26.97
CA LEU VA 74 9.29 97.16 -26.43
C LEU VA 74 10.59 97.14 -25.65
N GLN VA 75 11.61 97.82 -26.18
CA GLN VA 75 12.87 97.97 -25.45
C GLN VA 75 12.62 98.58 -24.08
N GLN VA 76 12.00 99.76 -24.09
CA GLN VA 76 11.75 100.53 -22.88
C GLN VA 76 11.01 99.71 -21.83
N ILE VA 77 9.89 99.11 -22.21
CA ILE VA 77 9.07 98.36 -21.27
C ILE VA 77 9.80 97.10 -20.78
N GLU VA 78 10.50 96.43 -21.70
CA GLU VA 78 11.29 95.24 -21.34
C GLU VA 78 12.28 95.57 -20.23
N ILE VA 79 13.02 96.68 -20.39
CA ILE VA 79 14.00 97.06 -19.38
C ILE VA 79 13.28 97.66 -18.16
N GLU VA 80 12.02 98.03 -18.33
CA GLU VA 80 11.23 98.56 -17.23
C GLU VA 80 10.80 97.46 -16.26
N ARG VA 81 10.42 96.30 -16.78
CA ARG VA 81 9.99 95.20 -15.91
C ARG VA 81 11.15 94.32 -15.46
N SER VA 82 12.33 94.61 -15.99
CA SER VA 82 13.50 93.76 -15.77
C SER VA 82 13.98 93.72 -14.32
N LEU VA 83 14.58 92.61 -13.94
CA LEU VA 83 15.11 92.43 -12.59
C LEU VA 83 16.63 92.57 -12.55
N TYR VA 84 17.09 93.65 -11.91
CA TYR VA 84 18.50 94.02 -11.70
C TYR VA 84 19.38 93.91 -12.97
N SER VA 85 20.66 93.66 -12.78
CA SER VA 85 21.57 93.07 -13.77
C SER VA 85 22.79 92.67 -12.96
N ASP VA 86 23.60 91.73 -13.42
CA ASP VA 86 24.83 91.44 -12.69
C ASP VA 86 25.79 92.61 -12.86
N HIS VA 87 25.91 93.05 -14.12
CA HIS VA 87 26.71 94.21 -14.48
C HIS VA 87 26.25 95.47 -13.75
N GLU VA 88 24.93 95.65 -13.66
CA GLU VA 88 24.39 96.83 -13.00
C GLU VA 88 24.42 96.69 -11.48
N LEU VA 89 24.44 95.46 -10.98
CA LEU VA 89 24.68 95.22 -9.56
C LEU VA 89 26.08 95.69 -9.20
N ARG VA 90 27.07 95.23 -9.96
CA ARG VA 90 28.47 95.61 -9.69
C ARG VA 90 28.77 97.07 -10.05
N ALA VA 91 27.94 97.67 -10.91
CA ALA VA 91 28.08 99.09 -11.23
C ALA VA 91 27.52 99.99 -10.13
N LEU VA 92 26.28 99.71 -9.71
CA LEU VA 92 25.60 100.56 -8.73
C LEU VA 92 26.09 100.32 -7.30
N ASP VA 93 26.20 99.06 -6.90
CA ASP VA 93 26.66 98.72 -5.56
C ASP VA 93 28.04 99.31 -5.29
N GLU VA 94 28.91 99.30 -6.29
CA GLU VA 94 30.24 99.89 -6.15
C GLU VA 94 30.22 101.42 -6.31
N ALA VA 95 29.28 101.96 -7.10
CA ALA VA 95 29.12 103.41 -7.19
C ALA VA 95 28.75 104.01 -5.83
N GLN VA 96 27.95 103.28 -5.06
CA GLN VA 96 27.60 103.71 -3.69
C GLN VA 96 28.67 103.34 -2.64
N GLN VA 97 29.19 102.12 -2.71
CA GLN VA 97 30.16 101.62 -1.73
C GLN VA 97 31.52 102.32 -1.82
N LEU VA 98 31.87 102.82 -3.01
CA LEU VA 98 33.08 103.64 -3.15
C LEU VA 98 32.84 105.04 -2.57
N ALA VA 99 31.62 105.56 -2.72
CA ALA VA 99 31.23 106.81 -2.07
C ALA VA 99 31.25 106.65 -0.55
N LYS VA 100 31.07 105.43 -0.06
CA LYS VA 100 31.21 105.14 1.37
C LYS VA 100 32.63 104.75 1.82
N LYS VA 101 33.51 104.39 0.88
CA LYS VA 101 34.92 104.13 1.22
C LYS VA 101 35.81 105.37 1.07
N LYS VA 102 35.29 106.41 0.42
CA LYS VA 102 36.00 107.69 0.27
C LYS VA 102 35.92 108.56 1.53
N SER VA 103 34.70 108.68 2.07
CA SER VA 103 34.46 109.55 3.22
C SER VA 103 34.91 108.94 4.55
N ASP VA 104 34.79 107.63 4.70
CA ASP VA 104 35.18 106.94 5.93
C ASP VA 104 36.69 106.76 6.01
N LEU VA 116 36.35 97.48 -12.50
CA LEU VA 116 35.02 97.98 -12.18
C LEU VA 116 34.09 97.89 -13.41
N ALA VA 117 32.98 98.61 -13.38
CA ALA VA 117 32.00 98.59 -14.47
C ALA VA 117 32.41 99.46 -15.65
N GLN VA 118 32.89 100.67 -15.37
CA GLN VA 118 33.25 101.63 -16.43
C GLN VA 118 34.40 101.11 -17.27
N ASP VA 119 35.32 100.40 -16.63
CA ASP VA 119 36.42 99.74 -17.32
C ASP VA 119 35.89 98.82 -18.42
N LEU VA 120 34.98 97.93 -18.02
CA LEU VA 120 34.33 97.00 -18.94
C LEU VA 120 33.56 97.73 -20.04
N GLU VA 121 32.82 98.77 -19.65
CA GLU VA 121 32.08 99.61 -20.59
C GLU VA 121 32.98 100.11 -21.71
N ASP VA 122 34.05 100.79 -21.33
CA ASP VA 122 34.95 101.42 -22.30
C ASP VA 122 35.70 100.37 -23.13
N MET VA 123 36.07 99.26 -22.50
CA MET VA 123 36.69 98.13 -23.20
C MET VA 123 35.80 97.61 -24.32
N TRP VA 124 34.53 97.38 -24.02
CA TRP VA 124 33.59 96.84 -24.99
C TRP VA 124 33.25 97.89 -26.06
N GLU VA 125 33.20 99.16 -25.65
CA GLU VA 125 33.07 100.27 -26.58
C GLU VA 125 34.16 100.24 -27.64
N GLN VA 126 35.41 100.18 -27.20
CA GLN VA 126 36.54 100.22 -28.13
C GLN VA 126 36.66 98.94 -28.96
N LYS VA 127 36.36 97.78 -28.37
CA LYS VA 127 36.44 96.52 -29.11
C LYS VA 127 35.35 96.44 -30.17
N PHE VA 128 34.23 97.11 -29.92
CA PHE VA 128 33.16 97.21 -30.91
C PHE VA 128 33.51 98.22 -32.01
N LEU VA 129 33.95 99.40 -31.60
CA LEU VA 129 34.25 100.50 -32.52
C LEU VA 129 35.40 100.16 -33.47
N HIS VA 130 36.41 99.48 -32.93
CA HIS VA 130 37.57 99.07 -33.73
C HIS VA 130 37.14 98.15 -34.86
N PHE VA 131 36.26 97.21 -34.55
CA PHE VA 131 35.82 96.22 -35.53
C PHE VA 131 34.94 96.85 -36.61
N LYS VA 132 34.99 96.29 -37.82
CA LYS VA 132 34.19 96.78 -38.93
C LYS VA 132 33.42 95.63 -39.59
N LEU VA 133 32.31 95.97 -40.25
CA LEU VA 133 31.37 94.96 -40.72
C LEU VA 133 31.15 94.96 -42.23
N GLY VA 134 30.60 93.85 -42.73
CA GLY VA 134 30.29 93.70 -44.13
C GLY VA 134 29.23 94.67 -44.61
N ALA VA 135 29.36 95.10 -45.86
CA ALA VA 135 28.44 96.06 -46.45
C ALA VA 135 27.07 95.44 -46.65
N ARG VA 136 26.04 96.20 -46.31
CA ARG VA 136 24.67 95.77 -46.52
C ARG VA 136 24.30 95.91 -48.00
N LEU VA 137 25.02 96.77 -48.72
CA LEU VA 137 24.80 96.92 -50.15
C LEU VA 137 26.00 96.44 -50.97
N THR VA 138 25.86 95.27 -51.59
CA THR VA 138 26.74 94.81 -52.65
C THR VA 138 26.09 95.01 -54.03
N GLU VA 139 24.91 95.62 -54.03
CA GLU VA 139 24.14 95.88 -55.25
C GLU VA 139 24.34 97.30 -55.77
N ALA VA 140 23.95 98.28 -54.96
CA ALA VA 140 23.93 99.69 -55.37
C ALA VA 140 25.32 100.34 -55.44
N ASP VA 141 26.34 99.69 -54.90
CA ASP VA 141 27.71 100.15 -55.11
C ASP VA 141 28.12 99.79 -56.53
N LYS VA 142 27.66 98.63 -57.00
CA LYS VA 142 27.72 98.28 -58.43
C LYS VA 142 26.63 99.06 -59.17
N LYS VA 143 25.40 98.94 -58.68
CA LYS VA 143 24.23 99.67 -59.18
C LYS VA 143 23.82 99.27 -60.60
N ASP VA 144 24.60 98.40 -61.21
CA ASP VA 144 24.39 98.02 -62.60
C ASP VA 144 23.77 96.64 -62.74
N ASP VA 145 24.52 95.62 -62.31
CA ASP VA 145 24.23 94.23 -62.66
C ASP VA 145 22.87 93.73 -62.20
N ARG VA 146 22.07 93.28 -63.17
CA ARG VA 146 20.88 92.50 -62.90
C ARG VA 146 21.24 91.02 -63.03
N THR VA 147 22.43 90.77 -63.57
CA THR VA 147 22.86 89.42 -63.90
C THR VA 147 23.74 88.81 -62.82
N SER VA 148 24.02 89.58 -61.78
CA SER VA 148 24.83 89.09 -60.67
C SER VA 148 23.96 88.35 -59.66
N LEU VA 149 24.42 87.16 -59.26
CA LEU VA 149 23.70 86.32 -58.31
C LEU VA 149 23.88 86.84 -56.89
N HIS VA 150 24.86 87.72 -56.72
CA HIS VA 150 25.19 88.28 -55.42
C HIS VA 150 24.50 89.64 -55.20
N ARG VA 151 23.68 90.04 -56.16
CA ARG VA 151 23.11 91.39 -56.23
C ARG VA 151 22.34 91.86 -54.97
N LYS VA 152 21.14 91.33 -54.75
CA LYS VA 152 20.28 91.84 -53.67
C LYS VA 152 20.26 90.95 -52.44
N LEU VA 153 20.70 91.50 -51.32
CA LEU VA 153 20.76 90.77 -50.06
C LEU VA 153 19.41 90.72 -49.33
N ASP VA 154 18.61 91.79 -49.48
CA ASP VA 154 17.37 91.91 -48.71
C ASP VA 154 16.25 91.00 -49.21
N ARG VA 155 16.02 91.00 -50.52
CA ARG VA 155 14.88 90.28 -51.07
C ARG VA 155 15.22 88.90 -51.61
N ASN VA 156 14.20 88.19 -52.05
CA ASN VA 156 14.38 86.94 -52.78
C ASN VA 156 14.47 87.24 -54.27
N LEU VA 157 15.32 86.50 -54.97
CA LEU VA 157 15.54 86.76 -56.39
C LEU VA 157 15.14 85.58 -57.27
N ILE VA 158 14.85 85.88 -58.53
CA ILE VA 158 14.40 84.88 -59.49
C ILE VA 158 15.16 84.99 -60.81
N LEU VA 159 15.31 83.86 -61.51
CA LEU VA 159 16.11 83.78 -62.72
C LEU VA 159 15.31 83.99 -64.01
N LEU VA 160 15.84 84.82 -64.90
CA LEU VA 160 15.26 85.00 -66.23
C LEU VA 160 16.33 84.74 -67.30
N VAL VA 161 15.88 84.37 -68.51
CA VAL VA 161 16.80 84.08 -69.61
C VAL VA 161 16.35 84.78 -70.89
N ARG VA 162 17.29 85.05 -71.79
CA ARG VA 162 16.96 85.63 -73.09
C ARG VA 162 17.17 84.61 -74.21
N GLU VA 163 16.13 84.43 -75.03
CA GLU VA 163 16.21 83.56 -76.20
C GLU VA 163 15.50 84.16 -77.40
N LYS VA 164 16.13 84.13 -78.57
CA LYS VA 164 15.44 84.52 -79.80
C LYS VA 164 15.31 83.31 -80.71
N LEU VA 165 14.10 82.78 -80.84
CA LEU VA 165 13.90 81.58 -81.66
C LEU VA 165 13.56 81.94 -83.10
N GLY VA 166 13.51 80.93 -83.97
CA GLY VA 166 13.38 81.13 -85.40
C GLY VA 166 12.20 81.99 -85.80
N ASP VA 167 11.03 81.62 -85.29
CA ASP VA 167 9.82 82.38 -85.54
C ASP VA 167 9.47 83.33 -84.40
N GLN VA 168 10.31 83.39 -83.35
CA GLN VA 168 9.88 84.04 -82.11
C GLN VA 168 10.92 84.91 -81.39
N ASP VA 169 10.42 85.81 -80.54
CA ASP VA 169 11.23 86.59 -79.61
C ASP VA 169 10.81 86.28 -78.17
N ILE VA 170 11.69 85.61 -77.42
CA ILE VA 170 11.34 85.05 -76.12
C ILE VA 170 12.16 85.60 -74.94
N TRP VA 171 11.49 86.32 -74.04
CA TRP VA 171 12.04 86.59 -72.72
C TRP VA 171 11.44 85.55 -71.77
N MET VA 172 12.29 84.72 -71.20
CA MET VA 172 11.85 83.43 -70.69
C MET VA 172 12.19 83.13 -69.24
N LEU VA 173 11.16 82.91 -68.42
CA LEU VA 173 11.36 82.23 -67.14
C LEU VA 173 11.76 80.80 -67.49
N PRO VA 174 12.89 80.30 -66.94
CA PRO VA 174 13.55 79.11 -67.50
C PRO VA 174 12.61 77.93 -67.71
N GLN VA 175 12.65 77.38 -68.92
CA GLN VA 175 11.67 76.39 -69.34
C GLN VA 175 12.29 75.04 -69.63
N SER VA 176 11.45 74.01 -69.57
CA SER VA 176 11.88 72.64 -69.79
C SER VA 176 11.05 72.01 -70.91
N ASP VA 177 11.55 70.90 -71.43
CA ASP VA 177 10.80 70.12 -72.41
C ASP VA 177 10.84 68.66 -71.98
N TRP VA 178 9.67 68.09 -71.70
CA TRP VA 178 9.67 66.74 -71.16
C TRP VA 178 9.00 65.74 -72.09
N GLN VA 179 9.70 64.63 -72.30
CA GLN VA 179 9.17 63.49 -73.01
C GLN VA 179 8.15 62.76 -72.13
N PRO VA 180 7.06 62.24 -72.73
CA PRO VA 180 5.95 61.58 -72.03
C PRO VA 180 6.37 60.54 -70.97
N GLY VA 181 7.49 59.85 -71.18
CA GLY VA 181 7.96 58.86 -70.22
C GLY VA 181 8.57 59.46 -68.96
N GLU VA 182 9.03 60.70 -69.06
CA GLU VA 182 9.63 61.44 -67.94
C GLU VA 182 8.59 61.97 -66.94
N THR VA 183 9.05 62.26 -65.72
CA THR VA 183 8.25 62.98 -64.72
C THR VA 183 8.57 64.47 -64.80
N LEU VA 184 7.56 65.32 -64.59
CA LEU VA 184 7.76 66.77 -64.57
C LEU VA 184 8.88 67.20 -63.62
N ARG VA 185 8.95 66.51 -62.49
CA ARG VA 185 9.99 66.70 -61.48
C ARG VA 185 11.40 66.50 -62.06
N GLN VA 186 11.65 65.28 -62.53
CA GLN VA 186 12.94 64.90 -63.12
C GLN VA 186 13.38 65.84 -64.23
N THR VA 187 12.41 66.28 -65.03
CA THR VA 187 12.67 67.19 -66.15
C THR VA 187 13.00 68.59 -65.65
N ALA VA 188 12.31 69.03 -64.60
CA ALA VA 188 12.63 70.29 -63.94
C ALA VA 188 14.09 70.28 -63.51
N GLU VA 189 14.46 69.34 -62.64
CA GLU VA 189 15.85 69.22 -62.17
C GLU VA 189 16.88 69.14 -63.31
N ARG VA 190 16.62 68.23 -64.25
CA ARG VA 190 17.48 68.02 -65.41
C ARG VA 190 17.73 69.32 -66.16
N THR VA 191 16.65 70.01 -66.53
CA THR VA 191 16.72 71.27 -67.25
C THR VA 191 17.51 72.31 -66.47
N LEU VA 192 17.26 72.38 -65.16
CA LEU VA 192 18.01 73.26 -64.27
C LEU VA 192 19.52 73.04 -64.36
N ALA VA 193 19.96 71.85 -63.99
CA ALA VA 193 21.39 71.52 -63.99
C ALA VA 193 22.03 71.67 -65.37
N THR VA 194 21.30 71.31 -66.42
CA THR VA 194 21.82 71.30 -67.78
C THR VA 194 21.95 72.67 -68.44
N LEU VA 195 20.89 73.47 -68.39
CA LEU VA 195 20.82 74.72 -69.13
C LEU VA 195 21.81 75.79 -68.64
N SER VA 196 21.86 75.98 -67.32
CA SER VA 196 22.60 77.09 -66.73
C SER VA 196 24.12 76.90 -66.75
N GLU VA 197 24.56 75.70 -67.12
CA GLU VA 197 25.99 75.35 -67.16
C GLU VA 197 26.65 75.54 -65.79
N ASN VA 198 25.89 75.30 -64.73
CA ASN VA 198 26.37 75.59 -63.38
C ASN VA 198 26.07 74.45 -62.41
N ASN VA 199 26.82 74.39 -61.30
CA ASN VA 199 26.56 73.38 -60.28
C ASN VA 199 25.69 73.93 -59.18
N MET VA 200 24.43 73.50 -59.13
CA MET VA 200 23.47 74.12 -58.23
C MET VA 200 22.90 73.15 -57.21
N GLU VA 201 23.07 73.49 -55.94
CA GLU VA 201 22.33 72.79 -54.90
C GLU VA 201 21.07 73.60 -54.64
N ALA VA 202 19.94 73.03 -55.05
CA ALA VA 202 18.64 73.66 -54.86
C ALA VA 202 17.66 72.61 -54.33
N LYS VA 203 17.17 72.82 -53.12
CA LYS VA 203 16.26 71.87 -52.51
C LYS VA 203 14.85 72.18 -53.00
N PHE VA 204 14.25 71.21 -53.70
CA PHE VA 204 12.88 71.33 -54.18
C PHE VA 204 11.90 71.08 -53.05
N LEU VA 205 10.71 71.64 -53.17
CA LEU VA 205 9.74 71.50 -52.10
C LEU VA 205 8.83 70.29 -52.29
N GLY VA 206 7.87 70.40 -53.21
CA GLY VA 206 6.91 69.33 -53.41
C GLY VA 206 7.08 68.58 -54.71
N ASN VA 207 6.27 67.53 -54.86
CA ASN VA 207 6.19 66.82 -56.13
C ASN VA 207 5.08 67.45 -56.97
N ALA VA 208 4.33 68.34 -56.33
CA ALA VA 208 3.27 69.10 -56.99
C ALA VA 208 3.82 70.41 -57.54
N PRO VA 209 3.33 70.83 -58.72
CA PRO VA 209 3.78 72.04 -59.42
C PRO VA 209 3.17 73.33 -58.89
N CYS VA 210 3.84 74.45 -59.12
CA CYS VA 210 3.42 75.74 -58.60
C CYS VA 210 2.28 76.36 -59.41
N GLY VA 211 2.52 76.70 -60.67
CA GLY VA 211 1.43 77.29 -61.45
C GLY VA 211 1.50 77.09 -62.96
N HIS VA 212 0.34 77.06 -63.60
CA HIS VA 212 0.23 76.53 -64.96
C HIS VA 212 -0.43 77.48 -65.96
N TYR VA 213 0.16 77.59 -67.15
CA TYR VA 213 -0.36 78.47 -68.21
C TYR VA 213 -0.30 77.83 -69.60
N LYS VA 214 -1.46 77.77 -70.27
CA LYS VA 214 -1.59 77.05 -71.54
C LYS VA 214 -1.62 77.97 -72.77
N PHE VA 215 -0.79 77.65 -73.76
CA PHE VA 215 -0.86 78.29 -75.07
C PHE VA 215 -1.32 77.28 -76.13
N LYS VA 216 -2.50 77.49 -76.68
CA LYS VA 216 -3.05 76.55 -77.66
C LYS VA 216 -3.12 77.17 -79.06
N PHE VA 217 -2.29 76.67 -79.96
CA PHE VA 217 -2.25 77.16 -81.33
C PHE VA 217 -3.42 76.61 -82.15
N LEU VA 227 -3.27 72.09 -82.42
CA LEU VA 227 -2.36 71.84 -81.30
C LEU VA 227 -2.93 72.38 -80.00
N GLY VA 228 -2.34 71.95 -78.88
CA GLY VA 228 -2.60 72.52 -77.58
C GLY VA 228 -1.32 72.31 -76.80
N ALA VA 229 -1.06 73.15 -75.81
CA ALA VA 229 0.21 73.09 -75.11
C ALA VA 229 0.10 73.57 -73.67
N LYS VA 230 1.10 73.20 -72.86
CA LYS VA 230 1.08 73.44 -71.42
C LYS VA 230 2.41 73.98 -70.91
N VAL VA 231 2.35 74.95 -70.00
CA VAL VA 231 3.55 75.40 -69.30
C VAL VA 231 3.36 75.21 -67.80
N PHE VA 232 4.12 74.28 -67.22
CA PHE VA 232 3.97 73.93 -65.81
C PHE VA 232 5.14 74.42 -64.97
N PHE VA 233 4.89 75.44 -64.16
CA PHE VA 233 5.94 76.07 -63.35
C PHE VA 233 6.07 75.42 -61.97
N PHE VA 234 7.32 75.13 -61.62
CA PHE VA 234 7.69 74.47 -60.37
C PHE VA 234 8.48 75.43 -59.48
N LYS VA 235 8.47 75.19 -58.18
CA LYS VA 235 9.25 76.02 -57.28
C LYS VA 235 10.49 75.30 -56.76
N ALA VA 236 11.64 75.92 -56.97
CA ALA VA 236 12.91 75.39 -56.50
C ALA VA 236 13.59 76.37 -55.58
N LEU VA 237 13.99 75.90 -54.41
CA LEU VA 237 14.64 76.74 -53.41
C LEU VA 237 16.14 76.57 -53.49
N LEU VA 238 16.84 77.65 -53.84
CA LEU VA 238 18.28 77.58 -54.08
C LEU VA 238 19.11 77.58 -52.80
N LEU VA 239 19.88 76.53 -52.59
CA LEU VA 239 20.76 76.48 -51.43
C LEU VA 239 22.07 77.17 -51.77
N THR VA 240 22.91 76.49 -52.55
CA THR VA 240 24.16 77.11 -53.03
C THR VA 240 24.39 76.84 -54.52
N GLY VA 241 24.34 77.89 -55.33
CA GLY VA 241 24.69 77.78 -56.74
C GLY VA 241 26.16 78.10 -57.00
N ASP VA 242 26.74 77.42 -57.97
CA ASP VA 242 28.09 77.72 -58.46
C ASP VA 242 27.97 78.01 -59.94
N PHE VA 243 28.15 79.27 -60.34
CA PHE VA 243 27.93 79.61 -61.74
C PHE VA 243 29.23 79.54 -62.54
N SER VA 244 29.30 78.55 -63.43
CA SER VA 244 30.47 78.36 -64.29
C SER VA 244 30.36 79.25 -65.52
N GLN VA 245 31.48 79.85 -65.92
CA GLN VA 245 31.50 80.85 -66.98
C GLN VA 245 30.55 82.00 -66.65
N ALA VA 246 30.92 82.81 -65.66
CA ALA VA 246 30.09 83.92 -65.22
C ALA VA 246 29.86 84.96 -66.32
N GLY VA 247 30.71 84.94 -67.34
CA GLY VA 247 30.62 85.88 -68.46
C GLY VA 247 30.01 85.31 -69.73
N LYS VA 248 29.23 84.24 -69.61
CA LYS VA 248 28.64 83.58 -70.77
C LYS VA 248 27.61 84.47 -71.48
N LYS VA 249 27.40 84.22 -72.77
CA LYS VA 249 26.56 85.05 -73.62
C LYS VA 249 25.07 84.96 -73.30
N GLY VA 250 24.60 83.76 -72.97
CA GLY VA 250 23.21 83.56 -72.57
C GLY VA 250 22.90 84.49 -71.43
N HIS VA 251 21.81 85.25 -71.54
CA HIS VA 251 21.55 86.32 -70.59
C HIS VA 251 20.71 85.82 -69.41
N HIS VA 252 21.33 85.74 -68.23
CA HIS VA 252 20.64 85.30 -67.03
C HIS VA 252 20.47 86.49 -66.07
N VAL VA 253 19.21 86.86 -65.82
CA VAL VA 253 18.90 88.04 -65.04
C VAL VA 253 18.30 87.66 -63.69
N TRP VA 254 18.99 88.02 -62.61
CA TRP VA 254 18.50 87.76 -61.25
C TRP VA 254 17.73 88.97 -60.72
N VAL VA 255 16.46 88.75 -60.39
CA VAL VA 255 15.50 89.85 -60.30
C VAL VA 255 14.48 89.73 -59.16
N SER VA 256 14.11 90.87 -58.57
CA SER VA 256 13.14 90.92 -57.48
C SER VA 256 11.69 90.92 -58.00
N LYS VA 257 10.72 91.17 -57.14
CA LYS VA 257 9.32 91.17 -57.54
C LYS VA 257 8.98 92.30 -58.51
N GLU VA 258 9.34 93.53 -58.16
CA GLU VA 258 9.05 94.70 -58.99
C GLU VA 258 9.68 94.58 -60.36
N GLU VA 259 10.95 94.15 -60.37
CA GLU VA 259 11.69 93.94 -61.60
C GLU VA 259 11.12 92.78 -62.43
N LEU VA 260 10.54 91.80 -61.74
CA LEU VA 260 9.87 90.70 -62.41
C LEU VA 260 8.60 91.20 -63.09
N GLY VA 261 8.00 92.22 -62.48
CA GLY VA 261 6.88 92.91 -63.09
C GLY VA 261 7.31 93.71 -64.32
N ASP VA 262 8.52 94.28 -64.28
CA ASP VA 262 9.02 95.10 -65.38
C ASP VA 262 9.44 94.35 -66.66
N TYR VA 263 10.31 93.35 -66.52
CA TYR VA 263 10.91 92.68 -67.68
C TYR VA 263 9.98 91.72 -68.41
N LEU VA 264 8.82 91.44 -67.83
CA LEU VA 264 7.99 90.36 -68.36
C LEU VA 264 6.84 90.87 -69.21
N LYS VA 265 6.99 90.65 -70.52
CA LYS VA 265 5.97 90.96 -71.51
C LYS VA 265 4.71 90.07 -71.44
N PRO VA 266 4.87 88.72 -71.49
CA PRO VA 266 3.72 87.86 -71.77
C PRO VA 266 2.66 87.88 -70.68
N LYS VA 267 1.48 87.35 -71.00
CA LYS VA 267 0.46 87.10 -70.00
C LYS VA 267 0.65 85.71 -69.36
N TYR VA 268 1.50 84.88 -69.97
CA TYR VA 268 1.85 83.58 -69.38
C TYR VA 268 2.87 83.79 -68.26
N LEU VA 269 3.76 84.76 -68.48
CA LEU VA 269 4.74 85.13 -67.47
C LEU VA 269 4.26 86.31 -66.59
N ALA VA 270 3.13 86.91 -66.95
CA ALA VA 270 2.56 88.01 -66.15
C ALA VA 270 1.90 87.48 -64.89
N GLN VA 271 1.45 86.23 -64.93
CA GLN VA 271 0.73 85.62 -63.83
C GLN VA 271 1.65 84.81 -62.90
N VAL VA 272 2.95 84.88 -63.15
CA VAL VA 272 3.93 84.22 -62.28
C VAL VA 272 4.08 85.00 -60.97
N ARG VA 273 3.93 86.32 -61.04
CA ARG VA 273 3.95 87.15 -59.84
C ARG VA 273 2.67 86.97 -59.02
N ARG VA 274 1.75 86.18 -59.55
CA ARG VA 274 0.55 85.80 -58.83
C ARG VA 274 0.81 84.68 -57.81
N PHE VA 275 1.65 83.71 -58.17
CA PHE VA 275 2.04 82.66 -57.21
C PHE VA 275 3.40 82.94 -56.55
N LEU VA 276 4.04 84.03 -56.94
CA LEU VA 276 5.31 84.44 -56.33
C LEU VA 276 5.06 84.89 -54.89
N LEU VA 277 6.11 84.86 -54.07
CA LEU VA 277 6.01 85.37 -52.70
C LEU VA 277 6.42 86.83 -52.67
N ASP VA 278 5.47 87.71 -52.39
CA ASP VA 278 5.71 89.15 -52.56
C ASP VA 278 6.63 89.72 -51.49
N LEU VA 279 6.65 89.08 -50.32
CA LEU VA 279 7.46 89.53 -49.19
C LEU VA 279 7.25 91.01 -48.89
N TYR WA 48 -38.49 58.47 -23.91
CA TYR WA 48 -39.18 57.19 -23.82
C TYR WA 48 -39.20 56.51 -25.19
N ARG WA 49 -38.92 55.22 -25.23
CA ARG WA 49 -38.69 54.54 -26.50
C ARG WA 49 -39.88 54.61 -27.47
N SER WA 50 -41.08 54.54 -26.93
CA SER WA 50 -42.28 54.52 -27.76
C SER WA 50 -42.58 55.84 -28.45
N LYS WA 51 -42.10 56.92 -27.85
CA LYS WA 51 -42.46 58.26 -28.28
C LYS WA 51 -41.65 58.75 -29.47
N PRO WA 52 -42.16 59.79 -30.17
CA PRO WA 52 -41.44 60.40 -31.28
C PRO WA 52 -40.23 61.18 -30.80
N THR WA 53 -40.28 61.62 -29.56
CA THR WA 53 -39.27 62.52 -29.03
C THR WA 53 -38.10 61.76 -28.47
N HIS WA 54 -38.10 60.45 -28.64
CA HIS WA 54 -37.07 59.62 -28.07
C HIS WA 54 -35.67 60.01 -28.50
N GLY WA 55 -34.76 59.99 -27.54
CA GLY WA 55 -33.35 60.26 -27.81
C GLY WA 55 -33.09 61.71 -28.11
N ILE WA 56 -33.99 62.58 -27.67
CA ILE WA 56 -33.82 63.99 -27.89
C ILE WA 56 -32.64 64.50 -27.09
N GLY WA 57 -32.36 63.84 -25.96
CA GLY WA 57 -31.34 64.30 -25.05
C GLY WA 57 -30.02 63.63 -25.30
N ARG WA 58 -30.02 62.79 -26.31
CA ARG WA 58 -28.85 62.03 -26.72
C ARG WA 58 -27.70 62.98 -27.12
N TYR WA 59 -26.55 62.82 -26.48
CA TYR WA 59 -25.42 63.73 -26.71
C TYR WA 59 -24.14 62.99 -27.04
N LYS WA 60 -23.77 62.00 -26.23
CA LYS WA 60 -22.41 61.45 -26.21
C LYS WA 60 -21.78 61.19 -27.57
N HIS WA 61 -22.57 60.99 -28.61
CA HIS WA 61 -21.99 60.83 -29.93
C HIS WA 61 -21.38 62.13 -30.45
N LEU WA 62 -21.74 63.27 -29.85
CA LEU WA 62 -21.20 64.57 -30.26
C LEU WA 62 -19.83 64.88 -29.69
N VAL WA 63 -19.53 64.33 -28.52
CA VAL WA 63 -18.26 64.57 -27.87
C VAL WA 63 -17.53 63.28 -27.63
N LYS WA 64 -16.32 63.15 -28.16
CA LYS WA 64 -15.61 61.90 -27.92
C LYS WA 64 -14.56 62.08 -26.85
N ALA WA 65 -14.88 61.53 -25.69
CA ALA WA 65 -13.99 61.44 -24.55
C ALA WA 65 -14.01 60.00 -24.06
N GLN WA 66 -12.89 59.30 -24.21
CA GLN WA 66 -12.85 57.86 -24.03
C GLN WA 66 -11.55 57.41 -23.35
N VAL WA 77 2.11 56.33 -35.11
CA VAL WA 77 0.97 56.81 -35.87
C VAL WA 77 1.33 56.96 -37.36
N ARG WA 78 0.43 56.49 -38.23
CA ARG WA 78 0.76 56.31 -39.64
C ARG WA 78 0.47 57.51 -40.53
N PRO WA 79 1.40 57.82 -41.45
CA PRO WA 79 1.14 58.61 -42.65
C PRO WA 79 0.33 57.81 -43.68
N ILE WA 80 -0.69 58.42 -44.29
CA ILE WA 80 -1.47 57.71 -45.30
C ILE WA 80 -1.11 58.16 -46.72
N ASN WA 81 -0.41 57.29 -47.46
CA ASN WA 81 0.01 57.66 -48.79
C ASN WA 81 -0.72 56.85 -49.85
N LEU WA 82 -1.69 57.49 -50.51
CA LEU WA 82 -2.47 56.79 -51.53
C LEU WA 82 -2.04 57.13 -52.97
N GLY WA 83 -1.10 58.06 -53.12
CA GLY WA 83 -0.55 58.40 -54.42
C GLY WA 83 -1.37 59.36 -55.28
N THR WA 84 -2.66 59.47 -54.97
CA THR WA 84 -3.54 60.44 -55.63
C THR WA 84 -4.04 61.42 -54.58
N ASP WA 85 -4.80 60.93 -53.61
CA ASP WA 85 -5.01 61.71 -52.39
C ASP WA 85 -3.97 61.24 -51.40
N TYR WA 86 -2.98 62.09 -51.17
CA TYR WA 86 -1.78 61.70 -50.46
C TYR WA 86 -1.68 62.49 -49.17
N GLU WA 87 -1.89 61.81 -48.06
CA GLU WA 87 -1.86 62.47 -46.77
C GLU WA 87 -0.61 62.10 -45.99
N TYR WA 88 0.34 63.02 -45.88
CA TYR WA 88 1.54 62.71 -45.13
C TYR WA 88 1.52 63.46 -43.81
N GLY WA 89 1.30 62.71 -42.74
CA GLY WA 89 1.11 63.30 -41.43
C GLY WA 89 2.29 63.11 -40.51
N VAL WA 90 2.00 63.17 -39.21
CA VAL WA 90 2.96 63.02 -38.11
C VAL WA 90 4.29 63.71 -38.39
N LEU WA 91 4.24 65.05 -38.49
CA LEU WA 91 5.44 65.80 -38.82
C LEU WA 91 5.88 66.72 -37.68
N ASN WA 92 7.20 66.78 -37.48
CA ASN WA 92 7.80 67.55 -36.40
C ASN WA 92 8.46 68.83 -36.88
N ILE WA 93 8.06 69.96 -36.32
CA ILE WA 93 8.72 71.22 -36.62
C ILE WA 93 9.62 71.63 -35.46
N HIS WA 94 10.92 71.65 -35.71
CA HIS WA 94 11.91 72.04 -34.72
C HIS WA 94 12.39 73.46 -34.97
N LEU WA 95 12.02 74.37 -34.08
CA LEU WA 95 12.52 75.74 -34.14
C LEU WA 95 13.61 75.95 -33.12
N ILE WA 96 14.83 76.12 -33.59
CA ILE WA 96 15.97 76.20 -32.70
C ILE WA 96 16.71 77.52 -32.87
N ALA WA 97 16.92 78.20 -31.75
CA ALA WA 97 17.60 79.50 -31.79
C ALA WA 97 18.27 79.81 -30.45
N TYR WA 98 19.17 80.78 -30.47
CA TYR WA 98 19.93 81.15 -29.28
C TYR WA 98 19.14 82.06 -28.33
N ASP WA 99 18.18 82.80 -28.88
CA ASP WA 99 17.38 83.72 -28.07
C ASP WA 99 16.06 83.09 -27.64
N MET WA 100 15.74 83.20 -26.35
CA MET WA 100 14.49 82.68 -25.83
C MET WA 100 13.28 83.34 -26.47
N ALA WA 101 13.22 84.66 -26.35
CA ALA WA 101 12.07 85.44 -26.79
C ALA WA 101 11.78 85.22 -28.26
N LEU WA 102 12.83 85.18 -29.06
CA LEU WA 102 12.67 85.01 -30.49
C LEU WA 102 12.09 83.66 -30.84
N ALA WA 103 12.67 82.61 -30.27
CA ALA WA 103 12.23 81.24 -30.51
C ALA WA 103 10.78 81.07 -30.11
N GLU WA 104 10.45 81.55 -28.93
CA GLU WA 104 9.06 81.47 -28.45
C GLU WA 104 8.12 82.22 -29.39
N SER WA 105 8.56 83.40 -29.84
CA SER WA 105 7.71 84.22 -30.69
C SER WA 105 7.42 83.54 -32.02
N TYR WA 106 8.45 82.96 -32.63
CA TYR WA 106 8.24 82.32 -33.91
C TYR WA 106 7.46 81.03 -33.76
N ALA WA 107 7.70 80.31 -32.67
CA ALA WA 107 6.93 79.11 -32.37
C ALA WA 107 5.46 79.48 -32.28
N GLN WA 108 5.20 80.57 -31.59
CA GLN WA 108 3.87 81.13 -31.45
C GLN WA 108 3.26 81.41 -32.82
N TYR WA 109 4.01 82.11 -33.67
CA TYR WA 109 3.53 82.45 -34.99
C TYR WA 109 3.16 81.20 -35.78
N VAL WA 110 4.00 80.17 -35.67
CA VAL WA 110 3.74 78.91 -36.34
C VAL WA 110 2.43 78.31 -35.86
N HIS WA 111 2.29 78.21 -34.55
CA HIS WA 111 1.09 77.66 -33.93
C HIS WA 111 -0.17 78.35 -34.45
N ASN WA 112 -0.20 79.67 -34.32
CA ASN WA 112 -1.35 80.45 -34.74
C ASN WA 112 -1.64 80.29 -36.23
N LEU WA 113 -0.57 80.33 -37.03
CA LEU WA 113 -0.69 80.14 -38.47
C LEU WA 113 -1.39 78.81 -38.76
N CYS WA 114 -0.94 77.76 -38.08
CA CYS WA 114 -1.54 76.44 -38.24
C CYS WA 114 -3.02 76.43 -37.89
N ASN WA 115 -3.35 77.02 -36.75
CA ASN WA 115 -4.75 77.08 -36.35
C ASN WA 115 -5.61 77.83 -37.36
N HIS WA 116 -5.00 78.79 -38.06
CA HIS WA 116 -5.74 79.55 -39.06
C HIS WA 116 -5.91 78.78 -40.37
N LEU WA 117 -4.95 77.92 -40.69
CA LEU WA 117 -4.96 77.21 -41.97
C LEU WA 117 -5.72 75.89 -41.88
N ALA WA 118 -6.34 75.66 -40.73
CA ALA WA 118 -7.11 74.45 -40.44
C ALA WA 118 -6.21 73.22 -40.24
N ILE WA 119 -4.91 73.41 -40.42
CA ILE WA 119 -3.94 72.35 -40.16
C ILE WA 119 -3.94 72.00 -38.68
N LYS WA 120 -4.12 70.72 -38.38
CA LYS WA 120 -4.30 70.28 -37.00
C LYS WA 120 -2.98 70.15 -36.27
N VAL WA 121 -2.82 70.94 -35.22
CA VAL WA 121 -1.67 70.83 -34.35
C VAL WA 121 -1.99 69.91 -33.20
N GLU WA 122 -1.09 68.99 -32.90
CA GLU WA 122 -1.34 68.08 -31.80
C GLU WA 122 -0.57 68.50 -30.56
N GLU WA 123 0.76 68.47 -30.61
CA GLU WA 123 1.54 68.83 -29.43
C GLU WA 123 2.51 69.96 -29.73
N SER WA 124 2.50 70.96 -28.86
CA SER WA 124 3.47 72.05 -28.92
C SER WA 124 4.24 72.11 -27.63
N TYR WA 125 5.53 71.78 -27.67
CA TYR WA 125 6.31 71.71 -26.44
C TYR WA 125 7.77 72.09 -26.61
N ALA WA 126 8.41 72.39 -25.49
CA ALA WA 126 9.80 72.84 -25.51
C ALA WA 126 10.78 71.69 -25.30
N MET WA 127 11.85 71.69 -26.08
CA MET WA 127 12.94 70.72 -25.91
C MET WA 127 13.99 71.26 -24.95
N PRO WA 128 14.69 70.35 -24.23
CA PRO WA 128 15.70 70.75 -23.24
C PRO WA 128 16.77 71.67 -23.82
N THR WA 129 17.05 72.77 -23.13
CA THR WA 129 18.05 73.74 -23.59
C THR WA 129 19.46 73.18 -23.44
N LYS WA 130 20.30 73.36 -24.46
CA LYS WA 130 21.67 72.85 -24.39
C LYS WA 130 22.64 73.97 -24.01
N THR WA 131 23.36 73.78 -22.91
CA THR WA 131 24.23 74.82 -22.39
C THR WA 131 25.64 74.72 -22.99
N MET WA 132 26.00 75.74 -23.77
CA MET WA 132 27.30 75.77 -24.44
C MET WA 132 28.33 76.56 -23.65
N GLU WA 133 29.51 75.97 -23.49
CA GLU WA 133 30.64 76.67 -22.91
C GLU WA 133 31.71 76.89 -23.97
N VAL WA 134 31.85 78.14 -24.41
CA VAL WA 134 32.76 78.45 -25.52
C VAL WA 134 34.16 78.80 -25.03
N LEU WA 135 35.14 78.04 -25.50
CA LEU WA 135 36.53 78.24 -25.12
C LEU WA 135 37.31 78.98 -26.21
N GLN WA 136 37.65 80.23 -25.93
CA GLN WA 136 38.35 81.09 -26.87
C GLN WA 136 39.85 81.13 -26.54
N LEU WA 137 40.68 81.07 -27.57
CA LEU WA 137 42.13 81.05 -27.38
C LEU WA 137 42.67 82.42 -26.94
N GLN WA 138 43.55 82.39 -25.95
CA GLN WA 138 44.25 83.59 -25.50
C GLN WA 138 45.59 83.68 -26.22
N GLU WA 139 45.98 84.89 -26.64
CA GLU WA 139 47.21 85.06 -27.42
C GLU WA 139 48.47 85.08 -26.57
N GLN WA 140 48.41 85.78 -25.44
CA GLN WA 140 49.55 85.90 -24.54
C GLN WA 140 50.05 84.53 -24.08
N GLY WA 141 49.25 83.85 -23.26
CA GLY WA 141 49.51 82.45 -22.94
C GLY WA 141 49.23 81.61 -24.17
N SER WA 142 50.19 80.77 -24.57
CA SER WA 142 50.09 80.03 -25.83
C SER WA 142 48.89 79.08 -25.88
N LYS WA 143 48.83 78.14 -24.94
CA LYS WA 143 47.74 77.15 -24.89
C LYS WA 143 46.61 77.60 -23.96
N MET WA 144 46.75 78.81 -23.39
CA MET WA 144 45.79 79.34 -22.42
C MET WA 144 44.39 79.52 -23.01
N PHE WA 145 43.37 79.13 -22.25
CA PHE WA 145 41.98 79.26 -22.67
C PHE WA 145 41.21 80.31 -21.84
N LEU WA 146 40.27 80.97 -22.50
CA LEU WA 146 39.33 81.89 -21.85
C LEU WA 146 37.92 81.40 -22.18
N ASP WA 147 36.91 81.87 -21.47
CA ASP WA 147 35.56 81.32 -21.66
C ASP WA 147 34.44 82.34 -21.83
N ALA WA 148 33.41 81.94 -22.58
CA ALA WA 148 32.17 82.71 -22.70
C ALA WA 148 30.98 81.75 -22.78
N VAL WA 149 29.91 82.05 -22.05
CA VAL WA 149 28.79 81.12 -21.91
C VAL WA 149 27.60 81.44 -22.84
N LEU WA 150 27.09 80.40 -23.50
CA LEU WA 150 25.94 80.52 -24.39
C LEU WA 150 24.90 79.43 -24.10
N THR WA 151 23.71 79.59 -24.65
CA THR WA 151 22.64 78.60 -24.48
C THR WA 151 21.81 78.45 -25.75
N THR WA 152 21.50 77.19 -26.09
CA THR WA 152 20.69 76.87 -27.26
C THR WA 152 19.27 76.47 -26.85
N HIS WA 153 18.29 77.17 -27.39
CA HIS WA 153 16.88 76.92 -27.07
C HIS WA 153 16.13 76.24 -28.22
N GLU WA 154 15.27 75.29 -27.87
CA GLU WA 154 14.52 74.53 -28.85
C GLU WA 154 13.04 74.45 -28.54
N ARG WA 155 12.22 74.72 -29.56
CA ARG WA 155 10.77 74.56 -29.45
C ARG WA 155 10.28 73.61 -30.53
N VAL WA 156 9.14 72.98 -30.28
CA VAL WA 156 8.62 71.95 -31.17
C VAL WA 156 7.14 72.09 -31.41
N VAL WA 157 6.74 72.04 -32.68
CA VAL WA 157 5.34 72.06 -33.06
C VAL WA 157 5.00 70.87 -33.95
N GLN WA 158 4.10 70.00 -33.48
CA GLN WA 158 3.73 68.79 -34.21
C GLN WA 158 2.47 69.00 -35.04
N ILE WA 159 2.55 68.73 -36.33
CA ILE WA 159 1.34 68.80 -37.15
C ILE WA 159 0.94 67.39 -37.61
N SER WA 160 -0.37 67.12 -37.51
CA SER WA 160 -0.90 65.77 -37.71
C SER WA 160 -1.31 65.41 -39.14
N GLY WA 161 -1.46 66.40 -40.01
CA GLY WA 161 -1.87 66.09 -41.36
C GLY WA 161 -1.45 67.11 -42.37
N LEU WA 162 -1.28 66.65 -43.60
CA LEU WA 162 -0.85 67.51 -44.69
C LEU WA 162 -1.15 66.86 -46.03
N SER WA 163 -1.16 67.67 -47.09
CA SER WA 163 -1.23 67.17 -48.45
C SER WA 163 -0.06 67.77 -49.20
N ALA WA 164 0.22 67.25 -50.39
CA ALA WA 164 1.32 67.75 -51.19
C ALA WA 164 1.25 69.26 -51.39
N THR WA 165 0.10 69.71 -51.87
CA THR WA 165 -0.12 71.13 -52.16
C THR WA 165 0.06 71.99 -50.91
N PHE WA 166 -0.50 71.53 -49.80
CA PHE WA 166 -0.40 72.26 -48.54
C PHE WA 166 1.00 72.24 -47.96
N ALA WA 167 1.75 71.17 -48.23
CA ALA WA 167 3.15 71.11 -47.83
C ALA WA 167 3.93 72.20 -48.55
N GLU WA 168 3.78 72.22 -49.87
CA GLU WA 168 4.43 73.22 -50.71
C GLU WA 168 4.12 74.64 -50.23
N ILE WA 169 2.84 74.95 -50.09
CA ILE WA 169 2.41 76.26 -49.60
C ILE WA 169 2.99 76.60 -48.23
N PHE WA 170 2.77 75.68 -47.29
CA PHE WA 170 3.21 75.83 -45.92
C PHE WA 170 4.68 76.22 -45.81
N LEU WA 171 5.55 75.41 -46.39
CA LEU WA 171 6.99 75.65 -46.28
C LEU WA 171 7.36 77.03 -46.82
N GLU WA 172 6.73 77.41 -47.92
CA GLU WA 172 6.88 78.76 -48.45
C GLU WA 172 6.62 79.76 -47.35
N ILE WA 173 5.45 79.67 -46.72
CA ILE WA 173 5.10 80.67 -45.73
C ILE WA 173 6.03 80.66 -44.53
N ILE WA 174 6.40 79.47 -44.05
CA ILE WA 174 7.28 79.35 -42.90
C ILE WA 174 8.64 79.99 -43.14
N HIS WA 175 9.30 79.58 -44.22
CA HIS WA 175 10.66 80.05 -44.45
C HIS WA 175 10.67 81.51 -44.94
N SER WA 176 9.55 81.97 -45.52
CA SER WA 176 9.47 83.36 -45.93
C SER WA 176 9.49 84.27 -44.72
N ASN WA 177 8.84 83.84 -43.65
CA ASN WA 177 8.67 84.66 -42.47
C ASN WA 177 9.74 84.44 -41.41
N LEU WA 178 10.72 83.61 -41.73
CA LEU WA 178 11.81 83.33 -40.81
C LEU WA 178 12.48 84.61 -40.29
N PRO WA 179 12.58 84.73 -38.96
CA PRO WA 179 13.33 85.80 -38.29
C PRO WA 179 14.83 85.53 -38.34
N GLU WA 180 15.64 86.55 -38.11
CA GLU WA 180 17.09 86.37 -38.11
C GLU WA 180 17.53 85.52 -36.93
N GLY WA 181 18.54 84.68 -37.14
CA GLY WA 181 19.07 83.83 -36.09
C GLY WA 181 18.13 82.73 -35.69
N VAL WA 182 17.35 82.25 -36.66
CA VAL WA 182 16.36 81.20 -36.41
C VAL WA 182 16.60 80.00 -37.32
N LYS WA 183 16.88 78.86 -36.71
CA LYS WA 183 17.13 77.65 -37.47
C LYS WA 183 15.91 76.75 -37.48
N LEU WA 184 15.47 76.38 -38.68
CA LEU WA 184 14.21 75.65 -38.87
C LEU WA 184 14.47 74.21 -39.29
N SER WA 185 13.65 73.29 -38.78
CA SER WA 185 13.79 71.89 -39.14
C SER WA 185 12.45 71.17 -39.30
N VAL WA 186 12.38 70.29 -40.29
CA VAL WA 186 11.22 69.43 -40.49
C VAL WA 186 11.67 67.99 -40.37
N ARG WA 187 10.96 67.20 -39.57
CA ARG WA 187 11.32 65.80 -39.33
C ARG WA 187 10.10 64.90 -39.14
N GLU WA 188 10.36 63.66 -38.72
CA GLU WA 188 9.31 62.67 -38.55
C GLU WA 188 9.08 62.41 -37.07
N HIS WA 189 7.86 61.98 -36.75
CA HIS WA 189 7.37 61.91 -35.38
C HIS WA 189 8.26 61.15 -34.39
N THR WA 190 9.07 60.20 -34.86
CA THR WA 190 9.86 59.42 -33.92
C THR WA 190 11.10 60.19 -33.47
N GLU WA 191 11.12 60.51 -32.17
CA GLU WA 191 12.20 61.26 -31.54
C GLU WA 191 12.25 60.86 -30.08
N GLU WA 192 13.45 60.91 -29.50
CA GLU WA 192 13.63 60.39 -28.16
C GLU WA 192 14.09 61.49 -27.21
N ASP WA 193 13.28 61.75 -26.20
CA ASP WA 193 13.57 62.78 -25.21
C ASP WA 193 14.26 62.18 -23.99
N GLU XA 34 -64.47 51.40 80.91
CA GLU XA 34 -64.09 52.81 80.97
C GLU XA 34 -64.60 53.59 79.76
N TYR XA 35 -65.82 53.29 79.33
CA TYR XA 35 -66.42 53.94 78.16
C TYR XA 35 -66.60 55.43 78.41
N PRO XA 36 -65.96 56.26 77.56
CA PRO XA 36 -66.08 57.72 77.66
C PRO XA 36 -67.53 58.19 77.56
N SER XA 37 -67.82 59.35 78.13
CA SER XA 37 -69.19 59.84 78.27
C SER XA 37 -69.74 60.44 76.99
N PHE XA 38 -71.04 60.33 76.80
CA PHE XA 38 -71.67 60.90 75.61
C PHE XA 38 -72.98 61.60 75.91
N VAL XA 39 -73.40 62.46 74.98
CA VAL XA 39 -74.60 63.27 75.16
C VAL XA 39 -75.54 63.09 73.98
N GLU XA 40 -76.82 62.85 74.27
CA GLU XA 40 -77.81 62.58 73.22
C GLU XA 40 -78.72 63.77 72.94
N SER XA 41 -78.56 64.41 71.79
CA SER XA 41 -79.39 65.55 71.42
C SER XA 41 -80.12 65.31 70.10
N VAL XA 42 -81.36 65.77 70.02
CA VAL XA 42 -82.19 65.56 68.84
C VAL XA 42 -82.15 66.76 67.89
N ASP XA 43 -81.40 67.78 68.28
CA ASP XA 43 -81.56 69.10 67.68
C ASP XA 43 -80.81 69.36 66.38
N GLU XA 44 -79.79 68.55 66.09
CA GLU XA 44 -79.02 68.80 64.87
C GLU XA 44 -79.47 67.89 63.73
N TYR XA 45 -80.46 67.04 63.99
CA TYR XA 45 -80.84 66.02 63.01
C TYR XA 45 -81.36 66.60 61.69
N HIS XA 46 -81.75 67.87 61.69
CA HIS XA 46 -82.18 68.52 60.46
C HIS XA 46 -80.99 68.74 59.52
N PHE XA 47 -79.77 68.62 60.06
CA PHE XA 47 -78.56 68.67 59.25
C PHE XA 47 -78.29 67.35 58.56
N VAL XA 48 -78.79 66.27 59.14
CA VAL XA 48 -78.70 64.96 58.52
C VAL XA 48 -79.81 64.77 57.48
N GLU XA 49 -80.98 65.36 57.72
CA GLU XA 49 -82.07 65.27 56.73
C GLU XA 49 -81.70 65.82 55.35
N ARG XA 50 -80.73 66.73 55.30
CA ARG XA 50 -80.25 67.27 54.02
C ARG XA 50 -79.58 66.22 53.16
N LEU XA 51 -79.00 65.22 53.79
CA LEU XA 51 -78.10 64.29 53.12
C LEU XA 51 -78.81 63.06 52.55
N LEU XA 52 -80.08 62.89 52.90
CA LEU XA 52 -80.87 61.82 52.32
C LEU XA 52 -81.28 62.19 50.91
N PRO XA 53 -80.85 61.39 49.93
CA PRO XA 53 -81.19 61.61 48.53
C PRO XA 53 -82.62 61.18 48.22
N PRO XA 54 -83.28 61.87 47.29
CA PRO XA 54 -84.62 61.52 46.85
C PRO XA 54 -84.61 60.28 45.96
N ALA XA 55 -85.61 59.43 46.09
CA ALA XA 55 -85.70 58.27 45.22
C ALA XA 55 -86.57 58.54 44.00
N SER XA 56 -87.27 59.66 44.03
CA SER XA 56 -88.12 60.04 42.91
C SER XA 56 -87.59 61.32 42.31
N ILE XA 57 -87.93 61.58 41.06
CA ILE XA 57 -87.42 62.75 40.36
C ILE XA 57 -88.42 63.90 40.47
N PRO XA 58 -87.96 65.04 40.99
CA PRO XA 58 -88.77 66.24 41.24
C PRO XA 58 -89.45 66.77 39.98
N ARG XA 59 -90.74 67.07 40.05
CA ARG XA 59 -91.40 67.82 39.01
C ARG XA 59 -90.70 69.17 38.88
N PRO XA 60 -90.55 69.65 37.64
CA PRO XA 60 -89.78 70.88 37.42
C PRO XA 60 -90.46 72.10 38.05
N PRO XA 61 -89.67 73.07 38.53
CA PRO XA 61 -90.20 74.30 39.14
C PRO XA 61 -90.82 75.20 38.10
N LYS XA 62 -91.94 75.82 38.44
CA LYS XA 62 -92.57 76.76 37.54
C LYS XA 62 -91.68 78.00 37.42
N HIS XA 63 -91.55 78.54 36.22
CA HIS XA 63 -90.81 79.78 36.03
C HIS XA 63 -91.73 80.89 35.57
N GLU XA 64 -91.18 82.10 35.47
CA GLU XA 64 -91.93 83.23 34.95
C GLU XA 64 -91.71 83.42 33.46
N HIS XA 65 -90.72 82.71 32.94
CA HIS XA 65 -90.30 82.94 31.57
C HIS XA 65 -89.88 81.65 30.89
N TYR XA 66 -90.39 81.41 29.69
CA TYR XA 66 -89.94 80.26 28.90
C TYR XA 66 -89.49 80.69 27.52
N PRO XA 67 -88.47 80.02 26.97
CA PRO XA 67 -87.71 78.91 27.56
C PRO XA 67 -86.72 79.36 28.63
N THR XA 68 -86.32 78.42 29.48
CA THR XA 68 -85.40 78.69 30.57
C THR XA 68 -83.98 78.92 30.06
N PRO XA 69 -83.08 79.43 30.92
CA PRO XA 69 -81.69 79.61 30.53
C PRO XA 69 -81.04 78.41 29.84
N SER XA 70 -81.35 77.19 30.31
CA SER XA 70 -80.75 76.01 29.71
C SER XA 70 -81.52 75.58 28.46
N GLY XA 71 -82.60 76.29 28.17
CA GLY XA 71 -83.36 76.06 26.95
C GLY XA 71 -84.45 75.04 27.10
N TRP XA 72 -84.77 74.68 28.33
CA TRP XA 72 -85.82 73.71 28.58
C TRP XA 72 -87.21 74.33 28.60
N GLN XA 73 -88.09 73.80 27.78
CA GLN XA 73 -89.45 74.28 27.65
C GLN XA 73 -90.48 73.20 28.01
N PRO XA 74 -91.33 73.46 29.01
CA PRO XA 74 -92.36 72.49 29.40
C PRO XA 74 -93.36 72.23 28.28
N PRO XA 75 -94.07 71.10 28.34
CA PRO XA 75 -95.13 70.75 27.38
C PRO XA 75 -96.31 71.71 27.51
N ARG XA 76 -97.22 71.75 26.53
CA ARG XA 76 -98.31 72.72 26.59
C ARG XA 76 -99.39 72.38 27.61
N ASP XA 77 -100.34 73.31 27.82
CA ASP XA 77 -101.44 73.10 28.75
C ASP XA 77 -102.47 72.09 28.20
N PRO XA 78 -102.98 72.34 26.97
CA PRO XA 78 -103.73 71.22 26.40
C PRO XA 78 -102.75 70.35 25.61
N ALA XA 79 -103.25 69.30 24.99
CA ALA XA 79 -102.39 68.50 24.13
C ALA XA 79 -102.88 68.73 22.72
N PRO XA 80 -101.98 68.67 21.75
CA PRO XA 80 -102.40 68.97 20.38
C PRO XA 80 -103.43 67.97 19.84
N SER XA 81 -103.93 68.22 18.65
CA SER XA 81 -105.04 67.44 18.10
C SER XA 81 -104.52 66.31 17.21
N LEU XA 82 -103.21 66.25 17.05
CA LEU XA 82 -102.58 65.26 16.19
C LEU XA 82 -102.96 63.85 16.60
N PRO XA 83 -103.05 62.92 15.63
CA PRO XA 83 -103.41 61.56 16.02
C PRO XA 83 -102.21 60.73 16.44
N TYR XA 84 -101.33 61.32 17.24
CA TYR XA 84 -100.22 60.63 17.87
C TYR XA 84 -99.70 61.49 18.99
N PHE XA 85 -98.96 60.91 19.92
CA PHE XA 85 -98.47 61.67 21.03
C PHE XA 85 -97.08 61.20 21.43
N VAL XA 86 -96.22 62.15 21.77
CA VAL XA 86 -94.87 61.81 22.20
C VAL XA 86 -94.65 62.17 23.66
N ARG XA 87 -94.57 61.16 24.52
CA ARG XA 87 -94.34 61.39 25.93
C ARG XA 87 -93.01 62.05 26.19
N ARG XA 88 -92.91 62.79 27.28
CA ARG XA 88 -91.62 63.27 27.73
C ARG XA 88 -90.87 62.12 28.38
N SER XA 89 -89.55 62.23 28.44
CA SER XA 89 -88.73 61.29 29.18
C SER XA 89 -88.94 61.50 30.67
N ARG XA 90 -88.56 60.52 31.46
CA ARG XA 90 -88.72 60.60 32.91
C ARG XA 90 -87.97 61.80 33.49
N MET XA 91 -87.06 62.35 32.72
CA MET XA 91 -86.34 63.57 33.09
C MET XA 91 -86.95 64.82 32.47
N HIS XA 92 -88.07 64.64 31.80
CA HIS XA 92 -88.79 65.72 31.13
C HIS XA 92 -88.03 66.32 29.98
N ASN XA 93 -87.49 65.46 29.12
CA ASN XA 93 -86.91 65.92 27.87
C ASN XA 93 -87.60 65.23 26.71
N ILE XA 94 -87.38 65.74 25.50
CA ILE XA 94 -87.96 65.13 24.33
C ILE XA 94 -87.12 63.94 23.88
N PRO XA 95 -87.76 62.77 23.73
CA PRO XA 95 -87.05 61.51 23.51
C PRO XA 95 -86.54 61.34 22.09
N VAL XA 96 -85.61 62.17 21.66
CA VAL XA 96 -84.97 61.98 20.38
C VAL XA 96 -83.49 61.73 20.59
N TYR XA 97 -83.03 60.55 20.19
CA TYR XA 97 -81.67 60.14 20.47
C TYR XA 97 -80.93 59.86 19.19
N ARG XA 98 -79.61 59.85 19.24
CA ARG XA 98 -78.88 59.43 18.08
C ARG XA 98 -78.20 58.10 18.38
N ASP XA 99 -77.99 57.27 17.36
CA ASP XA 99 -77.42 55.94 17.55
C ASP XA 99 -76.42 55.61 16.45
N ILE XA 100 -75.30 54.97 16.79
CA ILE XA 100 -74.39 54.52 15.76
C ILE XA 100 -74.28 53.01 15.76
N THR XA 101 -73.94 52.44 14.61
CA THR XA 101 -73.67 51.01 14.51
C THR XA 101 -72.58 50.79 13.48
N HIS XA 102 -71.74 49.80 13.72
CA HIS XA 102 -70.61 49.50 12.83
C HIS XA 102 -69.72 50.72 12.66
N GLY XA 103 -69.86 51.69 13.54
CA GLY XA 103 -69.02 52.87 13.50
C GLY XA 103 -69.39 53.84 12.40
N ASN XA 104 -70.00 53.35 11.32
CA ASN XA 104 -70.42 54.25 10.25
C ASN XA 104 -71.92 54.52 10.08
N ARG XA 105 -72.77 53.83 10.82
CA ARG XA 105 -74.20 53.96 10.55
C ARG XA 105 -74.86 54.87 11.56
N GLN XA 106 -75.27 56.03 11.10
CA GLN XA 106 -75.84 57.03 11.99
C GLN XA 106 -77.35 57.09 11.87
N MET XA 107 -78.03 56.94 13.00
CA MET XA 107 -79.47 56.94 13.01
C MET XA 107 -80.01 57.88 14.07
N THR XA 108 -81.28 58.22 13.94
CA THR XA 108 -81.95 59.05 14.90
C THR XA 108 -83.23 58.37 15.33
N VAL XA 109 -83.37 58.13 16.63
CA VAL XA 109 -84.54 57.45 17.12
C VAL XA 109 -85.51 58.39 17.81
N ILE XA 110 -86.79 58.23 17.50
CA ILE XA 110 -87.85 58.89 18.23
C ILE XA 110 -88.60 57.82 19.03
N ARG XA 111 -88.71 58.01 20.33
CA ARG XA 111 -89.22 56.96 21.21
C ARG XA 111 -90.46 57.42 21.92
N LYS XA 112 -91.15 56.48 22.55
CA LYS XA 112 -92.35 56.78 23.32
C LYS XA 112 -93.43 57.42 22.46
N VAL XA 113 -93.89 56.70 21.45
CA VAL XA 113 -94.87 57.25 20.54
C VAL XA 113 -96.18 56.50 20.70
N GLU XA 114 -97.17 57.16 21.26
CA GLU XA 114 -98.46 56.55 21.47
C GLU XA 114 -99.47 57.08 20.49
N GLY XA 115 -99.90 56.25 19.55
CA GLY XA 115 -100.89 56.72 18.60
C GLY XA 115 -100.67 56.06 17.27
N ASP XA 116 -101.15 56.70 16.21
CA ASP XA 116 -100.83 56.24 14.88
C ASP XA 116 -99.41 56.70 14.58
N ILE XA 117 -98.50 55.74 14.44
CA ILE XA 117 -97.12 56.09 14.24
C ILE XA 117 -96.96 56.46 12.79
N TRP XA 118 -97.82 55.89 11.96
CA TRP XA 118 -97.72 56.11 10.53
C TRP XA 118 -97.94 57.57 10.21
N ALA XA 119 -98.82 58.21 10.98
CA ALA XA 119 -99.04 59.63 10.84
C ALA XA 119 -97.73 60.35 11.10
N LEU XA 120 -97.08 59.96 12.18
CA LEU XA 120 -95.83 60.59 12.56
C LEU XA 120 -94.77 60.37 11.50
N GLN XA 121 -94.80 59.22 10.84
CA GLN XA 121 -93.85 58.95 9.78
C GLN XA 121 -94.08 59.91 8.62
N LYS XA 122 -95.35 60.03 8.23
CA LYS XA 122 -95.72 60.98 7.19
C LYS XA 122 -95.17 62.35 7.52
N ASP XA 123 -95.47 62.84 8.71
CA ASP XA 123 -95.08 64.20 9.09
C ASP XA 123 -93.58 64.39 9.18
N VAL XA 124 -92.88 63.36 9.64
CA VAL XA 124 -91.44 63.45 9.79
C VAL XA 124 -90.77 63.49 8.43
N GLU XA 125 -91.21 62.65 7.51
CA GLU XA 125 -90.56 62.64 6.21
C GLU XA 125 -90.98 63.87 5.38
N ASP XA 126 -92.17 64.40 5.66
CA ASP XA 126 -92.60 65.63 5.00
C ASP XA 126 -91.82 66.82 5.53
N PHE XA 127 -91.42 66.72 6.80
CA PHE XA 127 -90.63 67.78 7.42
C PHE XA 127 -89.18 67.74 6.99
N LEU XA 128 -88.63 66.53 6.87
CA LEU XA 128 -87.24 66.36 6.51
C LEU XA 128 -86.97 66.46 5.01
N SER XA 129 -87.97 66.14 4.18
CA SER XA 129 -87.78 66.12 2.73
C SER XA 129 -87.20 67.41 2.11
N PRO XA 130 -87.73 68.58 2.48
CA PRO XA 130 -87.14 69.81 1.94
C PRO XA 130 -85.68 70.00 2.33
N LEU XA 131 -85.21 69.30 3.35
CA LEU XA 131 -83.83 69.40 3.78
C LEU XA 131 -82.84 68.59 2.92
N LEU XA 132 -83.17 67.33 2.66
CA LEU XA 132 -82.28 66.44 1.91
C LEU XA 132 -82.54 66.42 0.40
N GLY XA 133 -83.65 67.02 -0.01
CA GLY XA 133 -84.06 66.96 -1.40
C GLY XA 133 -84.75 65.66 -1.74
N LYS XA 134 -84.66 64.70 -0.81
CA LYS XA 134 -85.24 63.38 -1.01
C LYS XA 134 -85.90 62.88 0.26
N THR XA 135 -86.89 62.00 0.10
CA THR XA 135 -87.54 61.38 1.24
C THR XA 135 -86.53 60.57 2.05
N PRO XA 136 -86.43 60.87 3.35
CA PRO XA 136 -85.47 60.17 4.21
C PRO XA 136 -85.88 58.74 4.49
N VAL XA 137 -84.90 57.86 4.64
CA VAL XA 137 -85.18 56.45 4.90
C VAL XA 137 -85.67 56.29 6.31
N THR XA 138 -86.59 55.37 6.51
CA THR XA 138 -87.24 55.24 7.81
C THR XA 138 -87.55 53.80 8.18
N GLN XA 139 -87.67 53.57 9.47
CA GLN XA 139 -88.19 52.31 9.95
C GLN XA 139 -89.19 52.59 11.05
N VAL XA 140 -90.38 52.04 10.91
CA VAL XA 140 -91.37 52.18 11.95
C VAL XA 140 -91.52 50.90 12.74
N ASN XA 141 -91.32 50.98 14.05
CA ASN XA 141 -91.60 49.85 14.89
C ASN XA 141 -92.89 50.12 15.63
N GLU XA 142 -93.94 49.43 15.21
CA GLU XA 142 -95.28 49.74 15.65
C GLU XA 142 -95.52 49.18 17.02
N VAL XA 143 -94.86 48.08 17.32
CA VAL XA 143 -95.05 47.39 18.57
C VAL XA 143 -94.24 48.08 19.67
N THR XA 144 -93.09 48.61 19.29
CA THR XA 144 -92.23 49.28 20.25
C THR XA 144 -92.73 50.70 20.48
N GLY XA 145 -93.52 51.20 19.54
CA GLY XA 145 -93.91 52.60 19.58
C GLY XA 145 -92.68 53.44 19.31
N THR XA 146 -92.04 53.20 18.18
CA THR XA 146 -90.76 53.82 17.92
C THR XA 146 -90.56 54.14 16.45
N LEU XA 147 -89.96 55.29 16.17
CA LEU XA 147 -89.60 55.65 14.81
C LEU XA 147 -88.10 55.73 14.70
N ARG XA 148 -87.54 55.37 13.55
CA ARG XA 148 -86.09 55.37 13.42
C ARG XA 148 -85.66 55.88 12.05
N VAL XA 149 -84.69 56.78 12.02
CA VAL XA 149 -84.39 57.55 10.82
C VAL XA 149 -82.91 57.48 10.42
N LYS XA 150 -82.63 57.36 9.13
CA LYS XA 150 -81.25 57.29 8.69
C LYS XA 150 -80.63 58.68 8.63
N GLY XA 151 -79.52 58.86 9.35
CA GLY XA 151 -78.85 60.16 9.47
C GLY XA 151 -78.98 60.78 10.85
N TYR XA 152 -78.22 61.84 11.13
CA TYR XA 152 -78.36 62.53 12.39
C TYR XA 152 -79.21 63.77 12.21
N PHE XA 153 -80.46 63.68 12.58
CA PHE XA 153 -81.37 64.81 12.55
C PHE XA 153 -81.77 65.35 13.91
N ASP XA 154 -81.16 64.80 14.95
CA ASP XA 154 -81.63 64.94 16.32
C ASP XA 154 -81.99 66.39 16.72
N GLN XA 155 -81.16 67.37 16.37
CA GLN XA 155 -81.41 68.74 16.79
C GLN XA 155 -82.70 69.30 16.19
N GLN XA 156 -82.79 69.19 14.88
CA GLN XA 156 -83.90 69.69 14.11
C GLN XA 156 -85.21 69.01 14.45
N LEU XA 157 -85.13 67.72 14.81
CA LEU XA 157 -86.30 67.00 15.24
C LEU XA 157 -86.76 67.39 16.64
N LYS XA 158 -85.80 67.66 17.53
CA LYS XA 158 -86.17 68.16 18.86
C LYS XA 158 -86.89 69.49 18.71
N ALA XA 159 -86.33 70.37 17.90
CA ALA XA 159 -86.97 71.66 17.65
C ALA XA 159 -88.37 71.48 17.08
N TRP XA 160 -88.51 70.61 16.10
CA TRP XA 160 -89.80 70.41 15.43
C TRP XA 160 -90.86 69.77 16.32
N LEU XA 161 -90.44 68.94 17.25
CA LEU XA 161 -91.38 68.36 18.19
C LEU XA 161 -91.74 69.34 19.28
N LEU XA 162 -90.82 70.26 19.58
CA LEU XA 162 -91.12 71.31 20.53
C LEU XA 162 -92.20 72.22 19.97
N GLU XA 163 -91.99 72.66 18.73
CA GLU XA 163 -92.94 73.54 18.05
C GLU XA 163 -94.37 72.98 18.08
N LYS XA 164 -94.51 71.67 17.97
CA LYS XA 164 -95.82 71.04 17.96
C LYS XA 164 -96.37 70.82 19.37
N GLY XA 165 -95.58 71.21 20.36
CA GLY XA 165 -96.05 71.17 21.74
C GLY XA 165 -96.28 69.79 22.32
N PHE XA 166 -95.24 68.96 22.31
CA PHE XA 166 -95.31 67.65 22.95
C PHE XA 166 -94.55 67.61 24.29
N LEU YA 51 -128.75 28.07 50.03
CA LEU YA 51 -127.95 28.54 48.90
C LEU YA 51 -128.20 27.72 47.64
N VAL YA 52 -128.81 28.35 46.64
CA VAL YA 52 -129.10 27.69 45.37
C VAL YA 52 -128.36 28.43 44.25
N CYS YA 53 -128.12 27.74 43.13
CA CYS YA 53 -127.47 28.37 41.98
C CYS YA 53 -128.43 28.58 40.82
N PRO YA 54 -128.55 29.84 40.35
CA PRO YA 54 -129.39 30.18 39.20
C PRO YA 54 -128.88 29.60 37.89
N PRO YA 55 -129.76 28.96 37.10
CA PRO YA 55 -129.40 28.44 35.76
C PRO YA 55 -128.77 29.51 34.87
N ILE YA 56 -127.67 29.15 34.22
CA ILE YA 56 -126.84 30.10 33.46
C ILE YA 56 -127.59 30.72 32.29
N GLN YA 57 -127.34 32.01 32.05
CA GLN YA 57 -127.89 32.70 30.90
C GLN YA 57 -127.16 32.26 29.63
N SER YA 58 -127.82 32.37 28.48
CA SER YA 58 -127.27 31.89 27.22
C SER YA 58 -126.42 32.93 26.48
N ARG YA 59 -126.47 34.18 26.93
CA ARG YA 59 -125.68 35.28 26.35
C ARG YA 59 -126.05 35.62 24.91
N THR YA 60 -126.91 34.80 24.31
CA THR YA 60 -127.40 35.10 22.97
C THR YA 60 -128.32 36.31 23.07
N TYR YA 61 -127.98 37.35 22.32
CA TYR YA 61 -128.65 38.64 22.48
C TYR YA 61 -129.08 39.21 21.15
N ILE YA 62 -130.36 39.56 21.05
CA ILE YA 62 -130.87 40.27 19.89
C ILE YA 62 -131.49 41.58 20.39
N PRO YA 63 -131.23 42.70 19.70
CA PRO YA 63 -131.83 43.95 20.14
C PRO YA 63 -133.33 44.00 19.86
N PRO YA 64 -134.14 44.42 20.86
CA PRO YA 64 -135.58 44.58 20.69
C PRO YA 64 -135.94 45.87 19.95
N GLU YA 65 -137.14 45.92 19.37
CA GLU YA 65 -137.57 47.06 18.55
C GLU YA 65 -137.80 48.33 19.38
N ASP YA 66 -137.99 48.15 20.68
CA ASP YA 66 -138.36 49.23 21.59
C ASP YA 66 -137.14 49.94 22.19
N LEU YA 67 -135.96 49.60 21.68
CA LEU YA 67 -134.70 50.06 22.25
C LEU YA 67 -134.67 51.56 22.56
N GLN YA 68 -134.85 52.39 21.54
CA GLN YA 68 -134.84 53.85 21.70
C GLN YA 68 -135.67 54.32 22.90
N SER YA 69 -136.88 53.78 23.03
CA SER YA 69 -137.79 54.16 24.11
C SER YA 69 -137.29 53.74 25.49
N ARG YA 70 -136.84 52.49 25.61
CA ARG YA 70 -136.27 51.99 26.87
C ARG YA 70 -135.09 52.84 27.31
N LEU YA 71 -134.18 53.09 26.37
CA LEU YA 71 -132.96 53.84 26.65
C LEU YA 71 -133.22 55.31 26.99
N GLU YA 72 -134.21 55.93 26.35
CA GLU YA 72 -134.53 57.32 26.69
C GLU YA 72 -135.25 57.38 28.04
N SER YA 73 -136.08 56.38 28.33
CA SER YA 73 -136.76 56.31 29.63
C SER YA 73 -135.73 56.20 30.74
N HIS YA 74 -134.71 55.38 30.48
CA HIS YA 74 -133.63 55.20 31.45
C HIS YA 74 -132.76 56.45 31.55
N VAL YA 75 -132.57 57.15 30.43
CA VAL YA 75 -131.88 58.45 30.46
C VAL YA 75 -132.60 59.36 31.45
N LYS YA 76 -133.90 59.53 31.24
CA LYS YA 76 -134.72 60.40 32.09
C LYS YA 76 -134.71 60.00 33.56
N GLU YA 77 -134.95 58.72 33.86
CA GLU YA 77 -135.08 58.30 35.26
C GLU YA 77 -133.73 58.24 35.99
N VAL YA 78 -132.66 57.89 35.27
CA VAL YA 78 -131.33 57.84 35.87
C VAL YA 78 -130.75 59.24 36.10
N PHE YA 79 -130.76 60.07 35.06
CA PHE YA 79 -130.20 61.40 35.20
C PHE YA 79 -131.12 62.28 36.02
N GLY YA 80 -132.39 61.91 36.09
CA GLY YA 80 -133.39 62.69 36.79
C GLY YA 80 -133.63 64.02 36.09
N SER YA 81 -133.08 64.14 34.90
CA SER YA 81 -133.09 65.40 34.17
C SER YA 81 -134.16 65.42 33.10
N SER YA 82 -134.86 66.54 33.01
CA SER YA 82 -135.66 66.82 31.83
C SER YA 82 -134.69 66.85 30.66
N VAL YA 83 -135.00 66.07 29.64
CA VAL YA 83 -134.08 65.78 28.54
C VAL YA 83 -133.68 67.03 27.73
N PRO YA 84 -132.37 67.38 27.74
CA PRO YA 84 -131.88 68.41 26.82
C PRO YA 84 -132.07 67.94 25.36
N SER YA 85 -132.18 68.87 24.42
CA SER YA 85 -132.76 68.59 23.10
C SER YA 85 -132.25 67.32 22.39
N ASN YA 86 -130.97 67.01 22.56
CA ASN YA 86 -130.41 65.76 22.05
C ASN YA 86 -130.10 64.79 23.20
N TRP YA 87 -130.89 63.73 23.32
CA TRP YA 87 -130.87 62.88 24.51
C TRP YA 87 -129.79 61.79 24.46
N GLN YA 88 -129.24 61.56 23.27
CA GLN YA 88 -128.22 60.53 23.09
C GLN YA 88 -126.80 61.09 23.20
N ASP YA 89 -126.67 62.41 23.21
CA ASP YA 89 -125.37 63.07 23.18
C ASP YA 89 -124.88 63.50 24.56
N ILE YA 90 -125.66 63.20 25.59
CA ILE YA 90 -125.31 63.58 26.95
C ILE YA 90 -124.17 62.70 27.48
N SER YA 91 -123.17 63.34 28.11
CA SER YA 91 -121.94 62.66 28.52
C SER YA 91 -122.10 61.83 29.80
N LEU YA 92 -121.44 60.68 29.83
CA LEU YA 92 -121.50 59.74 30.95
C LEU YA 92 -120.37 59.90 31.97
N GLU YA 93 -119.55 60.95 31.82
CA GLU YA 93 -118.32 61.13 32.59
C GLU YA 93 -118.43 60.97 34.12
N ASP YA 94 -119.57 61.32 34.69
CA ASP YA 94 -119.78 61.14 36.13
C ASP YA 94 -119.97 59.66 36.45
N VAL YA 95 -119.37 59.21 37.55
CA VAL YA 95 -119.32 57.79 37.87
C VAL YA 95 -120.65 57.25 38.43
N HIS YA 96 -121.35 58.05 39.22
CA HIS YA 96 -122.65 57.64 39.76
C HIS YA 96 -123.63 57.43 38.63
N LEU YA 97 -123.71 58.41 37.74
CA LEU YA 97 -124.64 58.40 36.63
C LEU YA 97 -124.36 57.25 35.67
N LYS YA 98 -123.08 57.04 35.38
CA LYS YA 98 -122.69 55.95 34.49
C LYS YA 98 -123.00 54.60 35.11
N PHE YA 99 -122.61 54.40 36.37
CA PHE YA 99 -122.88 53.14 37.04
C PHE YA 99 -124.37 52.83 37.08
N SER YA 100 -125.15 53.81 37.51
CA SER YA 100 -126.59 53.62 37.65
C SER YA 100 -127.23 53.34 36.30
N PHE YA 101 -126.84 54.13 35.30
CA PHE YA 101 -127.36 54.02 33.93
C PHE YA 101 -127.11 52.64 33.33
N LEU YA 102 -125.86 52.20 33.36
CA LEU YA 102 -125.48 50.93 32.76
C LEU YA 102 -125.96 49.73 33.58
N ALA YA 103 -126.04 49.87 34.90
CA ALA YA 103 -126.59 48.80 35.74
C ALA YA 103 -128.06 48.59 35.41
N ARG YA 104 -128.79 49.70 35.27
CA ARG YA 104 -130.21 49.63 34.89
C ARG YA 104 -130.38 49.04 33.50
N LEU YA 105 -129.55 49.47 32.56
CA LEU YA 105 -129.57 48.92 31.21
C LEU YA 105 -129.28 47.43 31.24
N ALA YA 106 -128.48 47.02 32.21
CA ALA YA 106 -128.06 45.62 32.34
C ALA YA 106 -129.18 44.74 32.86
N ASN YA 107 -129.89 45.21 33.89
CA ASN YA 107 -131.01 44.43 34.41
C ASN YA 107 -132.21 44.45 33.45
N ASP YA 108 -132.37 45.54 32.70
CA ASP YA 108 -133.46 45.64 31.73
C ASP YA 108 -133.21 44.77 30.51
N LEU YA 109 -132.02 44.90 29.91
CA LEU YA 109 -131.74 44.28 28.63
C LEU YA 109 -131.15 42.88 28.75
N ARG YA 110 -130.94 42.43 29.99
CA ARG YA 110 -130.45 41.08 30.28
C ARG YA 110 -129.04 40.83 29.70
N HIS YA 111 -128.30 41.93 29.48
CA HIS YA 111 -127.01 41.91 28.81
C HIS YA 111 -126.11 43.01 29.40
N ALA YA 112 -124.83 42.72 29.65
CA ALA YA 112 -123.95 43.70 30.30
C ALA YA 112 -122.82 44.14 29.40
N VAL YA 113 -122.26 45.31 29.68
CA VAL YA 113 -121.09 45.80 28.94
C VAL YA 113 -119.81 45.28 29.60
N PRO YA 114 -119.00 44.55 28.84
CA PRO YA 114 -117.80 43.91 29.40
C PRO YA 114 -116.76 44.93 29.84
N ASN YA 115 -115.93 44.56 30.81
CA ASN YA 115 -114.99 45.45 31.46
C ASN YA 115 -114.06 46.22 30.50
N SER YA 116 -113.81 45.64 29.33
CA SER YA 116 -112.92 46.24 28.35
C SER YA 116 -113.58 47.36 27.55
N ARG YA 117 -114.91 47.28 27.44
CA ARG YA 117 -115.68 48.27 26.69
C ARG YA 117 -116.09 49.47 27.54
N LEU YA 118 -115.90 49.37 28.86
CA LEU YA 118 -116.37 50.41 29.77
C LEU YA 118 -115.56 51.69 29.69
N HIS YA 119 -114.41 51.63 29.03
CA HIS YA 119 -113.66 52.85 28.76
C HIS YA 119 -114.12 53.46 27.43
N GLN YA 120 -114.86 52.68 26.65
CA GLN YA 120 -115.30 53.10 25.33
C GLN YA 120 -116.62 53.88 25.36
N MET YA 121 -117.34 53.80 26.48
CA MET YA 121 -118.64 54.47 26.60
C MET YA 121 -118.46 55.86 27.19
N CYS YA 122 -118.67 56.88 26.36
CA CYS YA 122 -118.58 58.27 26.78
C CYS YA 122 -119.95 58.93 26.65
N ARG YA 123 -120.42 59.04 25.42
CA ARG YA 123 -121.77 59.51 25.16
C ARG YA 123 -122.75 58.38 25.46
N VAL YA 124 -124.05 58.66 25.35
CA VAL YA 124 -125.04 57.61 25.43
C VAL YA 124 -125.16 56.97 24.05
N ARG YA 125 -124.70 57.70 23.05
CA ARG YA 125 -124.67 57.24 21.66
C ARG YA 125 -123.89 55.93 21.55
N ASP YA 126 -122.84 55.82 22.36
CA ASP YA 126 -121.97 54.64 22.38
C ASP YA 126 -122.68 53.42 22.96
N VAL YA 127 -123.56 53.65 23.93
CA VAL YA 127 -124.33 52.57 24.54
C VAL YA 127 -125.43 52.11 23.60
N LEU YA 128 -126.02 53.08 22.91
CA LEU YA 128 -126.95 52.82 21.82
C LEU YA 128 -126.32 51.89 20.79
N ASP YA 129 -125.18 52.33 20.27
CA ASP YA 129 -124.45 51.61 19.24
C ASP YA 129 -123.99 50.23 19.72
N PHE YA 130 -123.63 50.15 21.01
CA PHE YA 130 -123.22 48.88 21.58
C PHE YA 130 -124.39 47.89 21.61
N TYR YA 131 -125.55 48.35 22.09
CA TYR YA 131 -126.67 47.45 22.24
C TYR YA 131 -127.39 47.17 20.91
N ASN YA 132 -127.08 47.94 19.87
CA ASN YA 132 -127.63 47.67 18.55
C ASN YA 132 -127.07 46.40 17.92
N VAL YA 133 -125.86 46.02 18.30
CA VAL YA 133 -125.16 44.88 17.70
C VAL YA 133 -125.37 43.57 18.46
N PRO YA 134 -125.86 42.53 17.75
CA PRO YA 134 -126.14 41.22 18.34
C PRO YA 134 -124.88 40.44 18.70
N VAL YA 135 -125.00 39.47 19.58
CA VAL YA 135 -123.89 38.58 19.90
C VAL YA 135 -124.33 37.12 19.94
N GLN YA 136 -123.76 36.31 19.06
CA GLN YA 136 -124.06 34.88 19.01
C GLN YA 136 -123.05 34.10 19.84
N ASP YA 137 -123.54 33.27 20.74
CA ASP YA 137 -122.68 32.44 21.57
C ASP YA 137 -122.51 31.04 20.99
N ARG YA 138 -123.12 30.81 19.82
CA ARG YA 138 -122.90 29.57 19.09
C ARG YA 138 -121.50 29.57 18.49
N SER YA 139 -120.84 28.42 18.52
CA SER YA 139 -119.50 28.28 17.94
C SER YA 139 -119.55 28.31 16.42
N LYS YA 140 -118.38 28.17 15.77
CA LYS YA 140 -118.33 28.14 14.31
C LYS YA 140 -118.94 26.84 13.79
N PHE YA 141 -118.67 25.75 14.50
CA PHE YA 141 -119.21 24.45 14.18
C PHE YA 141 -120.75 24.45 14.21
N ASP YA 142 -121.29 24.88 15.35
CA ASP YA 142 -122.73 24.96 15.56
C ASP YA 142 -123.37 25.90 14.54
N GLU YA 143 -122.60 26.89 14.09
CA GLU YA 143 -123.02 27.82 13.05
C GLU YA 143 -123.09 27.11 11.69
N LEU YA 144 -122.20 26.14 11.51
CA LEU YA 144 -122.17 25.39 10.26
C LEU YA 144 -123.25 24.32 10.20
N ILE YA 145 -123.67 23.80 11.34
CA ILE YA 145 -124.75 22.81 11.36
C ILE YA 145 -126.07 23.38 10.85
N ALA YA 146 -126.35 24.62 11.22
CA ALA YA 146 -127.62 25.28 10.92
C ALA YA 146 -127.58 26.11 9.64
N SER YA 147 -126.48 26.04 8.91
CA SER YA 147 -126.22 26.93 7.79
C SER YA 147 -126.78 26.43 6.44
N ASN YA 148 -127.59 25.37 6.49
CA ASN YA 148 -128.15 24.73 5.29
C ASN YA 148 -127.08 24.11 4.39
N LEU YA 149 -126.52 23.00 4.87
CA LEU YA 149 -125.50 22.22 4.16
C LEU YA 149 -126.05 21.49 2.95
N PRO YA 150 -125.20 21.31 1.92
CA PRO YA 150 -125.56 20.46 0.79
C PRO YA 150 -125.77 19.01 1.22
N HIS YA 151 -126.42 18.21 0.38
CA HIS YA 151 -126.77 16.83 0.73
C HIS YA 151 -125.55 15.90 0.80
N ASN YA 152 -124.48 16.28 0.09
CA ASN YA 152 -123.31 15.43 -0.04
C ASN YA 152 -122.27 15.68 1.05
N LEU YA 153 -122.60 16.51 2.03
CA LEU YA 153 -121.70 16.80 3.13
C LEU YA 153 -122.32 16.45 4.48
N LYS YA 154 -121.76 15.42 5.13
CA LYS YA 154 -122.22 15.01 6.45
C LYS YA 154 -121.21 15.39 7.51
N ILE YA 155 -121.66 16.03 8.58
CA ILE YA 155 -120.78 16.39 9.69
C ILE YA 155 -121.26 15.76 10.99
N THR YA 156 -120.45 14.88 11.56
CA THR YA 156 -120.79 14.20 12.81
C THR YA 156 -119.85 14.64 13.94
N TRP YA 157 -120.44 15.08 15.05
CA TRP YA 157 -119.68 15.57 16.20
C TRP YA 157 -119.37 14.43 17.19
N GLY YA 158 -118.10 14.11 17.33
CA GLY YA 158 -117.66 12.96 18.10
C GLY YA 158 -117.07 13.23 19.48
N TYR YA 159 -117.39 14.39 20.05
CA TYR YA 159 -116.95 14.69 21.41
C TYR YA 159 -118.02 14.33 22.43
N PHE ZA 32 -81.16 -2.04 17.14
CA PHE ZA 32 -82.00 -0.87 17.00
C PHE ZA 32 -83.44 -1.19 17.39
N HIS ZA 33 -83.60 -2.38 17.95
CA HIS ZA 33 -84.90 -2.90 18.34
C HIS ZA 33 -85.61 -1.97 19.30
N VAL ZA 34 -86.89 -1.75 19.05
CA VAL ZA 34 -87.67 -0.79 19.81
C VAL ZA 34 -88.65 -1.55 20.67
N ARG ZA 35 -88.98 -1.04 21.86
CA ARG ZA 35 -89.85 -1.77 22.78
C ARG ZA 35 -91.19 -2.14 22.15
N VAL ZA 36 -91.66 -3.34 22.45
CA VAL ZA 36 -92.86 -3.85 21.77
C VAL ZA 36 -94.15 -3.52 22.49
N THR ZA 37 -94.04 -2.98 23.70
CA THR ZA 37 -95.22 -2.72 24.50
C THR ZA 37 -95.38 -1.26 24.86
N LEU ZA 38 -96.61 -0.77 24.75
CA LEU ZA 38 -96.89 0.61 25.13
C LEU ZA 38 -96.60 0.82 26.60
N PRO ZA 39 -95.82 1.86 26.91
CA PRO ZA 39 -95.51 2.18 28.31
C PRO ZA 39 -96.78 2.61 29.03
N PRO ZA 40 -96.81 2.47 30.36
CA PRO ZA 40 -98.01 2.97 31.05
C PRO ZA 40 -98.10 4.47 30.83
N ARG ZA 41 -99.26 4.96 30.37
CA ARG ZA 41 -99.37 6.38 30.07
C ARG ZA 41 -99.23 7.15 31.37
N LYS ZA 42 -98.25 8.05 31.41
CA LYS ZA 42 -98.01 8.82 32.62
C LYS ZA 42 -98.86 10.07 32.62
N VAL ZA 43 -99.73 10.19 33.61
CA VAL ZA 43 -100.56 11.37 33.70
C VAL ZA 43 -99.98 12.36 34.67
N VAL ZA 44 -99.56 13.50 34.16
CA VAL ZA 44 -99.11 14.60 35.00
C VAL ZA 44 -100.24 15.58 35.16
N ASP ZA 45 -100.67 15.79 36.39
CA ASP ZA 45 -101.65 16.85 36.61
C ASP ZA 45 -100.88 18.13 36.82
N ARG ZA 46 -101.25 19.14 36.05
CA ARG ZA 46 -100.52 20.37 36.05
C ARG ZA 46 -100.99 21.21 37.23
N TRP ZA 47 -102.05 20.75 37.87
CA TRP ZA 47 -102.65 21.50 38.96
C TRP ZA 47 -102.23 21.01 40.34
N ASN ZA 48 -101.25 20.12 40.39
CA ASN ZA 48 -100.67 19.75 41.67
C ASN ZA 48 -100.04 20.97 42.32
N GLU ZA 49 -99.88 20.90 43.64
CA GLU ZA 49 -99.47 22.06 44.45
C GLU ZA 49 -98.26 22.82 43.92
N LYS ZA 50 -97.19 22.09 43.63
CA LYS ZA 50 -95.93 22.71 43.28
C LYS ZA 50 -96.00 23.43 41.94
N ARG ZA 51 -96.80 22.91 41.02
CA ARG ZA 51 -96.92 23.53 39.70
C ARG ZA 51 -97.82 24.75 39.70
N ALA ZA 52 -98.84 24.73 40.55
CA ALA ZA 52 -99.86 25.76 40.57
C ALA ZA 52 -99.36 27.02 41.26
N MET ZA 53 -98.49 26.79 42.22
CA MET ZA 53 -97.96 27.87 43.04
C MET ZA 53 -96.65 28.39 42.47
N PHE ZA 54 -96.26 27.89 41.29
CA PHE ZA 54 -94.92 28.18 40.79
C PHE ZA 54 -94.66 29.65 40.56
N GLY ZA 55 -93.46 30.06 40.92
CA GLY ZA 55 -92.98 31.39 40.64
C GLY ZA 55 -93.79 32.45 41.34
N VAL ZA 56 -94.29 32.13 42.52
CA VAL ZA 56 -95.23 33.03 43.17
C VAL ZA 56 -94.53 34.27 43.73
N TYR ZA 57 -93.42 34.10 44.45
CA TYR ZA 57 -92.86 35.26 45.13
C TYR ZA 57 -91.76 35.97 44.36
N ASP ZA 58 -91.57 35.59 43.10
CA ASP ZA 58 -90.53 36.14 42.24
C ASP ZA 58 -90.46 37.67 42.19
N ASN ZA 59 -91.60 38.32 42.42
CA ASN ZA 59 -91.64 39.78 42.40
C ASN ZA 59 -91.47 40.40 43.77
N ILE ZA 60 -91.09 39.57 44.75
CA ILE ZA 60 -91.00 39.97 46.15
C ILE ZA 60 -90.27 41.28 46.40
N GLY ZA 61 -89.30 41.62 45.56
CA GLY ZA 61 -88.61 42.88 45.74
C GLY ZA 61 -89.47 44.08 45.37
N ILE ZA 62 -89.99 44.04 44.15
CA ILE ZA 62 -90.75 45.13 43.58
C ILE ZA 62 -92.01 45.41 44.36
N LEU ZA 63 -92.80 44.37 44.56
CA LEU ZA 63 -94.06 44.50 45.24
C LEU ZA 63 -93.85 44.59 46.72
N GLY ZA 64 -92.70 44.12 47.18
CA GLY ZA 64 -92.46 44.04 48.59
C GLY ZA 64 -91.59 45.14 49.14
N ASN ZA 65 -91.52 46.29 48.46
CA ASN ZA 65 -90.89 47.46 49.04
C ASN ZA 65 -89.44 47.17 49.40
N PHE ZA 66 -88.55 47.17 48.41
CA PHE ZA 66 -87.45 46.21 48.35
C PHE ZA 66 -86.74 45.93 49.64
N GLU ZA 67 -86.82 44.68 50.03
CA GLU ZA 67 -86.24 44.19 51.26
C GLU ZA 67 -85.51 42.92 50.93
N LYS ZA 68 -86.29 41.94 50.49
CA LYS ZA 68 -85.72 40.72 49.97
C LYS ZA 68 -85.61 40.77 48.46
N HIS ZA 69 -84.38 40.60 47.96
CA HIS ZA 69 -84.11 40.40 46.55
C HIS ZA 69 -84.50 38.97 46.17
N PRO ZA 70 -85.03 38.76 44.96
CA PRO ZA 70 -85.42 37.40 44.55
C PRO ZA 70 -84.35 36.32 44.75
N LYS ZA 71 -83.06 36.66 44.84
CA LYS ZA 71 -82.02 35.68 45.16
C LYS ZA 71 -82.40 34.81 46.33
N GLU ZA 72 -82.93 35.43 47.38
CA GLU ZA 72 -83.23 34.74 48.63
C GLU ZA 72 -84.13 33.53 48.41
N LEU ZA 73 -84.86 33.53 47.31
CA LEU ZA 73 -85.75 32.43 47.01
C LEU ZA 73 -85.03 31.22 46.44
N ILE ZA 74 -83.74 31.36 46.13
CA ILE ZA 74 -83.03 30.26 45.50
C ILE ZA 74 -82.64 29.21 46.52
N LYS ZA 75 -83.13 28.00 46.33
CA LYS ZA 75 -82.70 26.86 47.12
C LYS ZA 75 -81.59 26.15 46.37
N GLY ZA 76 -80.53 25.75 47.05
CA GLY ZA 76 -79.50 24.98 46.38
C GLY ZA 76 -78.17 25.01 47.09
N PRO ZA 77 -77.12 24.53 46.41
CA PRO ZA 77 -75.75 24.50 46.93
C PRO ZA 77 -75.30 25.87 47.39
N ILE ZA 78 -74.54 25.91 48.48
CA ILE ZA 78 -74.19 27.16 49.11
C ILE ZA 78 -73.44 28.08 48.19
N TRP ZA 79 -72.60 27.52 47.34
CA TRP ZA 79 -71.79 28.38 46.50
C TRP ZA 79 -72.53 28.85 45.25
N LEU ZA 80 -73.67 28.25 44.97
CA LEU ZA 80 -74.40 28.63 43.77
C LEU ZA 80 -75.60 29.55 43.94
N ARG ZA 81 -75.90 29.97 45.16
CA ARG ZA 81 -77.10 30.77 45.31
C ARG ZA 81 -76.91 32.15 44.69
N GLY ZA 82 -77.77 32.47 43.74
CA GLY ZA 82 -77.76 33.79 43.11
C GLY ZA 82 -76.47 34.15 42.44
N TRP ZA 83 -75.85 33.18 41.79
CA TRP ZA 83 -74.57 33.41 41.14
C TRP ZA 83 -74.40 32.43 40.01
N LYS ZA 84 -73.60 32.78 39.02
CA LYS ZA 84 -73.48 31.94 37.84
C LYS ZA 84 -72.11 32.11 37.20
N GLY ZA 85 -71.57 31.06 36.60
CA GLY ZA 85 -70.28 31.16 35.96
C GLY ZA 85 -69.91 29.92 35.18
N ASN ZA 86 -68.97 30.05 34.25
CA ASN ZA 86 -68.56 28.90 33.45
C ASN ZA 86 -67.91 27.89 34.37
N GLU ZA 87 -67.76 26.65 33.88
CA GLU ZA 87 -67.30 25.57 34.76
C GLU ZA 87 -66.05 25.93 35.56
N LEU ZA 88 -65.09 26.61 34.95
CA LEU ZA 88 -63.88 26.97 35.68
C LEU ZA 88 -64.20 27.86 36.88
N GLN ZA 89 -64.92 28.94 36.66
CA GLN ZA 89 -65.30 29.84 37.73
C GLN ZA 89 -66.08 29.12 38.79
N ARG ZA 90 -66.96 28.22 38.37
CA ARG ZA 90 -67.74 27.44 39.28
C ARG ZA 90 -66.91 26.62 40.24
N CYS ZA 91 -65.92 25.91 39.70
CA CYS ZA 91 -65.08 25.06 40.52
C CYS ZA 91 -64.23 25.87 41.46
N ILE ZA 92 -63.65 26.91 40.90
CA ILE ZA 92 -62.84 27.83 41.67
C ILE ZA 92 -63.59 28.33 42.89
N ARG ZA 93 -64.84 28.70 42.66
CA ARG ZA 93 -65.67 29.23 43.72
C ARG ZA 93 -66.06 28.16 44.72
N LYS ZA 94 -66.39 26.96 44.25
CA LYS ZA 94 -66.71 25.87 45.16
C LYS ZA 94 -65.55 25.59 46.09
N LYS ZA 95 -64.35 25.58 45.54
CA LYS ZA 95 -63.18 25.33 46.37
C LYS ZA 95 -63.00 26.43 47.37
N ARG ZA 96 -63.13 27.68 46.95
CA ARG ZA 96 -62.96 28.77 47.90
C ARG ZA 96 -63.94 28.66 49.04
N MET ZA 97 -65.19 28.36 48.74
CA MET ZA 97 -66.20 28.40 49.78
C MET ZA 97 -66.21 27.16 50.63
N VAL ZA 98 -66.54 26.02 50.06
CA VAL ZA 98 -66.67 24.82 50.88
C VAL ZA 98 -65.44 23.92 50.87
N GLY ZA 99 -64.37 24.36 50.24
CA GLY ZA 99 -63.19 23.53 50.07
C GLY ZA 99 -62.70 22.79 51.30
N ASN ZA 100 -62.75 23.44 52.45
CA ASN ZA 100 -62.24 22.81 53.66
C ASN ZA 100 -63.23 21.88 54.33
N ARG ZA 101 -64.45 21.82 53.81
CA ARG ZA 101 -65.43 20.88 54.33
C ARG ZA 101 -65.51 19.63 53.47
N MET ZA 102 -64.71 19.59 52.42
CA MET ZA 102 -64.79 18.52 51.43
C MET ZA 102 -64.08 17.25 51.84
N PHE ZA 103 -64.53 16.15 51.27
CA PHE ZA 103 -63.88 14.88 51.48
C PHE ZA 103 -62.58 14.87 50.73
N ILE ZA 104 -61.65 13.99 51.10
CA ILE ZA 104 -60.33 14.01 50.49
C ILE ZA 104 -60.40 13.80 48.99
N ASP ZA 105 -60.96 12.67 48.58
CA ASP ZA 105 -61.04 12.31 47.17
C ASP ZA 105 -61.70 13.40 46.33
N ASP ZA 106 -62.72 14.03 46.91
CA ASP ZA 106 -63.44 15.04 46.16
C ASP ZA 106 -62.64 16.31 46.07
N LEU ZA 107 -61.88 16.62 47.11
CA LEU ZA 107 -61.07 17.81 47.06
C LEU ZA 107 -59.95 17.65 46.06
N HIS ZA 108 -59.36 16.47 46.06
CA HIS ZA 108 -58.29 16.16 45.13
C HIS ZA 108 -58.78 16.23 43.71
N ASN ZA 109 -59.92 15.60 43.46
CA ASN ZA 109 -60.54 15.66 42.16
C ASN ZA 109 -60.86 17.08 41.74
N LEU ZA 110 -61.25 17.89 42.71
CA LEU ZA 110 -61.59 19.26 42.41
C LEU ZA 110 -60.36 20.01 41.98
N ASN ZA 111 -59.27 19.79 42.68
CA ASN ZA 111 -58.03 20.46 42.32
C ASN ZA 111 -57.60 20.06 40.92
N LYS ZA 112 -57.61 18.78 40.63
CA LYS ZA 112 -57.19 18.34 39.30
C LYS ZA 112 -58.09 18.93 38.24
N ARG ZA 113 -59.39 18.96 38.51
CA ARG ZA 113 -60.32 19.56 37.58
C ARG ZA 113 -59.95 21.00 37.31
N ILE ZA 114 -59.62 21.72 38.36
CA ILE ZA 114 -59.27 23.12 38.19
C ILE ZA 114 -58.04 23.28 37.35
N SER ZA 115 -57.02 22.48 37.61
CA SER ZA 115 -55.79 22.57 36.85
C SER ZA 115 -56.02 22.29 35.38
N TYR ZA 116 -56.87 21.30 35.12
CA TYR ZA 116 -57.16 20.95 33.74
C TYR ZA 116 -57.90 22.06 33.05
N LEU ZA 117 -58.91 22.62 33.70
CA LEU ZA 117 -59.69 23.66 33.08
C LEU ZA 117 -58.87 24.91 32.87
N TYR ZA 118 -58.01 25.22 33.83
CA TYR ZA 118 -57.12 26.34 33.70
C TYR ZA 118 -56.29 26.18 32.46
N LYS ZA 119 -55.59 25.05 32.37
CA LYS ZA 119 -54.75 24.81 31.23
C LYS ZA 119 -55.52 24.89 29.94
N HIS ZA 120 -56.71 24.31 29.91
CA HIS ZA 120 -57.47 24.27 28.68
C HIS ZA 120 -57.90 25.64 28.25
N PHE ZA 121 -58.64 26.34 29.09
CA PHE ZA 121 -59.15 27.65 28.71
C PHE ZA 121 -58.07 28.63 28.37
N ASN ZA 122 -57.00 28.64 29.15
CA ASN ZA 122 -55.98 29.62 28.90
C ASN ZA 122 -55.10 29.27 27.72
N ARG ZA 123 -54.69 28.02 27.58
CA ARG ZA 123 -53.80 27.70 26.47
C ARG ZA 123 -54.35 27.04 25.20
N HIS ZA 124 -55.61 26.62 25.19
CA HIS ZA 124 -56.11 25.93 24.00
C HIS ZA 124 -57.29 26.65 23.41
N GLY ZA 125 -57.51 26.43 22.13
CA GLY ZA 125 -58.72 26.88 21.49
C GLY ZA 125 -58.44 27.29 20.08
N LYS ZA 126 -59.47 27.66 19.35
CA LYS ZA 126 -59.29 28.21 18.03
C LYS ZA 126 -58.93 29.67 18.09
N TYR ZA 127 -59.61 30.42 18.95
CA TYR ZA 127 -59.68 31.84 18.73
C TYR ZA 127 -58.60 32.69 19.31
N ARG ZA 128 -57.87 32.16 20.29
CA ARG ZA 128 -56.77 32.93 20.86
C ARG ZA 128 -57.19 34.32 21.34
N ALA AB 23 -80.96 18.44 -38.09
CA ALA AB 23 -79.95 19.32 -38.62
C ALA AB 23 -80.51 20.27 -39.67
N GLY AB 24 -79.65 20.64 -40.62
CA GLY AB 24 -80.05 21.57 -41.67
C GLY AB 24 -80.33 22.96 -41.15
N SER AB 25 -79.39 23.51 -40.40
CA SER AB 25 -79.54 24.87 -39.94
C SER AB 25 -79.15 25.82 -41.06
N GLN AB 26 -78.12 25.49 -41.82
CA GLN AB 26 -77.63 26.39 -42.84
C GLN AB 26 -78.71 26.74 -43.85
N TRP AB 27 -79.44 25.72 -44.28
CA TRP AB 27 -80.51 25.92 -45.21
C TRP AB 27 -81.58 26.79 -44.60
N ARG AB 28 -81.94 26.49 -43.36
CA ARG AB 28 -82.95 27.28 -42.68
C ARG AB 28 -82.54 28.75 -42.58
N LEU AB 29 -81.23 29.00 -42.56
CA LEU AB 29 -80.74 30.35 -42.44
C LEU AB 29 -80.83 31.09 -43.76
N GLN AB 30 -80.41 30.44 -44.83
CA GLN AB 30 -80.47 31.08 -46.15
C GLN AB 30 -81.88 31.55 -46.49
N GLN AB 31 -82.86 30.84 -45.97
CA GLN AB 31 -84.25 31.11 -46.27
C GLN AB 31 -84.86 32.12 -45.29
N GLY AB 32 -84.04 32.64 -44.39
CA GLY AB 32 -84.47 33.67 -43.47
C GLY AB 32 -85.25 33.19 -42.27
N PHE AB 33 -85.28 31.88 -42.03
CA PHE AB 33 -85.90 31.36 -40.82
C PHE AB 33 -84.91 31.35 -39.67
N ALA AB 34 -85.35 30.79 -38.54
CA ALA AB 34 -84.46 30.62 -37.42
C ALA AB 34 -83.66 29.36 -37.63
N ALA AB 35 -82.41 29.35 -37.20
CA ALA AB 35 -81.58 28.17 -37.38
C ALA AB 35 -82.18 26.98 -36.65
N ASN AB 36 -82.90 27.27 -35.58
CA ASN AB 36 -83.61 26.25 -34.84
C ASN AB 36 -85.12 26.38 -35.03
N PRO AB 37 -85.77 25.30 -35.47
CA PRO AB 37 -87.23 25.27 -35.65
C PRO AB 37 -88.00 25.77 -34.45
N SER AB 38 -87.38 25.76 -33.27
CA SER AB 38 -88.06 26.25 -32.09
C SER AB 38 -88.21 27.77 -32.08
N GLY AB 39 -87.19 28.50 -32.49
CA GLY AB 39 -87.27 29.94 -32.47
C GLY AB 39 -88.22 30.61 -33.45
N TYR AB 40 -89.18 31.35 -32.91
CA TYR AB 40 -89.89 32.43 -33.60
C TYR AB 40 -90.71 32.08 -34.84
N GLY AB 41 -90.65 30.84 -35.31
CA GLY AB 41 -91.55 30.45 -36.39
C GLY AB 41 -93.00 30.35 -35.94
N PRO AB 42 -93.91 30.02 -36.87
CA PRO AB 42 -95.34 29.86 -36.54
C PRO AB 42 -95.57 28.65 -35.65
N LEU AB 43 -94.67 27.68 -35.76
CA LEU AB 43 -94.71 26.47 -34.95
C LEU AB 43 -94.75 26.82 -33.46
N THR AB 44 -93.88 27.71 -33.04
CA THR AB 44 -93.77 28.10 -31.64
C THR AB 44 -94.76 29.16 -31.19
N GLU AB 45 -94.93 30.18 -32.01
CA GLU AB 45 -95.61 31.40 -31.60
C GLU AB 45 -97.12 31.22 -31.42
N LEU AB 46 -97.71 30.35 -32.21
CA LEU AB 46 -99.16 30.16 -32.18
C LEU AB 46 -99.62 29.45 -30.92
N PRO AB 47 -100.84 29.75 -30.46
CA PRO AB 47 -101.47 29.26 -29.23
C PRO AB 47 -101.94 27.81 -29.36
N ASP AB 48 -101.10 26.84 -29.04
CA ASP AB 48 -101.34 25.44 -29.43
C ASP AB 48 -102.65 24.79 -29.01
N TRP AB 49 -103.40 25.38 -28.09
CA TRP AB 49 -104.74 24.85 -27.87
C TRP AB 49 -105.78 25.92 -27.61
N SER AB 50 -107.04 25.50 -27.66
CA SER AB 50 -108.18 26.36 -27.42
C SER AB 50 -109.37 25.53 -26.97
N TYR AB 51 -110.32 26.15 -26.29
CA TYR AB 51 -111.52 25.42 -25.83
C TYR AB 51 -112.32 24.95 -27.04
N ALA AB 52 -113.15 23.93 -26.86
CA ALA AB 52 -113.92 23.39 -27.97
C ALA AB 52 -114.94 24.41 -28.50
N ASP AB 53 -115.45 25.26 -27.61
CA ASP AB 53 -116.41 26.29 -27.96
C ASP AB 53 -115.83 27.33 -28.90
N GLY AB 54 -114.51 27.50 -28.82
CA GLY AB 54 -113.82 28.51 -29.60
C GLY AB 54 -113.25 29.66 -28.80
N ARG AB 55 -113.56 29.75 -27.51
CA ARG AB 55 -112.97 30.80 -26.68
C ARG AB 55 -111.48 30.54 -26.51
N PRO AB 56 -110.68 31.62 -26.58
CA PRO AB 56 -109.22 31.49 -26.52
C PRO AB 56 -108.74 30.96 -25.18
N ALA AB 57 -107.61 30.27 -25.20
CA ALA AB 57 -106.99 29.77 -23.98
C ALA AB 57 -106.14 30.84 -23.34
N PRO AB 58 -105.97 30.80 -22.01
CA PRO AB 58 -105.06 31.72 -21.33
C PRO AB 58 -103.70 31.68 -22.00
N PRO AB 59 -103.03 32.85 -22.13
CA PRO AB 59 -101.83 32.83 -22.96
C PRO AB 59 -100.72 31.95 -22.38
N MET AB 60 -99.66 31.75 -23.13
CA MET AB 60 -98.65 30.76 -22.76
C MET AB 60 -97.42 31.43 -22.18
N LYS AB 61 -96.95 30.89 -21.05
CA LYS AB 61 -95.86 31.51 -20.30
C LYS AB 61 -94.64 31.84 -21.16
N GLY AB 62 -94.26 30.88 -22.00
CA GLY AB 62 -93.16 31.06 -22.92
C GLY AB 62 -93.36 32.27 -23.83
N GLN AB 63 -94.51 32.33 -24.50
CA GLN AB 63 -94.77 33.45 -25.38
C GLN AB 63 -94.83 34.77 -24.64
N LEU AB 64 -95.28 34.74 -23.39
CA LEU AB 64 -95.34 35.95 -22.59
C LEU AB 64 -93.96 36.51 -22.35
N ARG AB 65 -93.06 35.66 -21.88
CA ARG AB 65 -91.68 36.08 -21.67
C ARG AB 65 -91.02 36.53 -22.98
N ARG AB 66 -91.24 35.79 -24.06
CA ARG AB 66 -90.66 36.15 -25.33
C ARG AB 66 -91.15 37.51 -25.83
N LYS AB 67 -92.43 37.78 -25.60
CA LYS AB 67 -93.01 39.11 -25.89
C LYS AB 67 -92.24 40.15 -25.12
N ALA AB 68 -92.16 39.95 -23.81
CA ALA AB 68 -91.52 40.92 -22.94
C ALA AB 68 -90.11 41.26 -23.40
N GLN AB 69 -89.27 40.26 -23.61
CA GLN AB 69 -87.89 40.60 -23.92
C GLN AB 69 -87.72 41.05 -25.36
N ARG AB 70 -88.58 40.61 -26.28
CA ARG AB 70 -88.56 41.18 -27.62
C ARG AB 70 -88.85 42.69 -27.58
N GLU AB 71 -89.83 43.04 -26.75
CA GLU AB 71 -90.15 44.42 -26.51
C GLU AB 71 -88.93 45.16 -25.98
N LYS AB 72 -88.35 44.61 -24.91
CA LYS AB 72 -87.17 45.18 -24.30
C LYS AB 72 -86.09 45.51 -25.34
N PHE AB 73 -85.85 44.54 -26.22
CA PHE AB 73 -84.89 44.70 -27.31
C PHE AB 73 -85.24 45.85 -28.22
N ALA AB 74 -86.48 45.87 -28.71
CA ALA AB 74 -86.91 46.96 -29.59
C ALA AB 74 -86.71 48.33 -28.93
N ARG AB 75 -87.23 48.46 -27.71
CA ARG AB 75 -87.09 49.68 -26.92
C ARG AB 75 -85.66 50.15 -26.90
N ARG AB 76 -84.75 49.21 -26.67
CA ARG AB 76 -83.34 49.53 -26.71
C ARG AB 76 -82.92 50.04 -28.08
N VAL AB 77 -83.37 49.39 -29.16
CA VAL AB 77 -82.96 49.81 -30.50
C VAL AB 77 -83.32 51.25 -30.75
N VAL AB 78 -84.57 51.57 -30.43
CA VAL AB 78 -85.04 52.94 -30.52
C VAL AB 78 -84.15 53.88 -29.72
N LEU AB 79 -83.94 53.57 -28.44
CA LEU AB 79 -83.10 54.41 -27.60
C LEU AB 79 -81.72 54.69 -28.20
N LEU AB 80 -80.98 53.65 -28.57
CA LEU AB 80 -79.65 53.84 -29.13
C LEU AB 80 -79.67 54.68 -30.40
N SER AB 81 -80.61 54.37 -31.28
CA SER AB 81 -80.77 55.15 -32.51
C SER AB 81 -80.91 56.64 -32.19
N GLN AB 82 -81.85 56.95 -31.31
CA GLN AB 82 -82.10 58.33 -30.90
C GLN AB 82 -80.90 59.01 -30.29
N GLU AB 83 -80.22 58.33 -29.37
CA GLU AB 83 -79.03 58.90 -28.73
C GLU AB 83 -77.95 59.24 -29.74
N MET AB 84 -77.77 58.36 -30.71
CA MET AB 84 -76.75 58.57 -31.72
C MET AB 84 -77.09 59.77 -32.61
N ASP AB 85 -78.36 59.85 -33.02
CA ASP AB 85 -78.82 61.03 -33.76
C ASP AB 85 -78.57 62.32 -33.00
N ALA AB 86 -79.09 62.39 -31.77
CA ALA AB 86 -78.96 63.58 -30.94
C ALA AB 86 -77.49 63.96 -30.76
N GLY AB 87 -76.65 62.94 -30.68
CA GLY AB 87 -75.20 63.14 -30.64
C GLY AB 87 -74.70 63.87 -31.86
N LEU AB 88 -75.03 63.34 -33.04
CA LEU AB 88 -74.60 63.98 -34.29
C LEU AB 88 -75.10 65.43 -34.41
N GLN AB 89 -76.38 65.64 -34.12
CA GLN AB 89 -76.94 66.99 -34.16
C GLN AB 89 -76.20 67.93 -33.23
N ALA AB 90 -75.90 67.46 -32.02
CA ALA AB 90 -75.17 68.26 -31.04
C ALA AB 90 -73.80 68.68 -31.57
N TRP AB 91 -73.09 67.74 -32.18
CA TRP AB 91 -71.79 68.05 -32.78
C TRP AB 91 -71.90 69.11 -33.88
N GLN AB 92 -72.84 68.91 -34.81
CA GLN AB 92 -73.05 69.87 -35.89
C GLN AB 92 -73.35 71.27 -35.34
N LEU AB 93 -74.19 71.32 -34.32
CA LEU AB 93 -74.48 72.58 -33.65
C LEU AB 93 -73.22 73.23 -33.08
N ARG AB 94 -72.40 72.48 -32.37
CA ARG AB 94 -71.14 73.06 -31.85
C ARG AB 94 -70.26 73.61 -32.97
N GLN AB 95 -70.21 72.91 -34.10
CA GLN AB 95 -69.49 73.43 -35.26
C GLN AB 95 -70.04 74.79 -35.72
N GLN AB 96 -71.36 74.87 -35.81
CA GLN AB 96 -72.00 76.12 -36.20
C GLN AB 96 -71.69 77.24 -35.21
N GLU AB 97 -71.61 76.89 -33.94
CA GLU AB 97 -71.32 77.87 -32.90
C GLU AB 97 -69.91 78.39 -33.04
N LYS AB 98 -68.97 77.49 -33.34
CA LYS AB 98 -67.59 77.89 -33.60
C LYS AB 98 -67.49 78.85 -34.79
N LEU AB 99 -68.07 78.44 -35.92
CA LEU AB 99 -68.10 79.27 -37.12
C LEU AB 99 -68.75 80.63 -36.87
N GLN AB 100 -69.72 80.67 -35.96
CA GLN AB 100 -70.41 81.91 -35.64
C GLN AB 100 -69.56 82.82 -34.75
N GLU AB 101 -68.77 82.22 -33.87
CA GLU AB 101 -67.87 83.00 -33.01
C GLU AB 101 -66.74 83.61 -33.82
N GLU AB 102 -66.23 82.87 -34.80
CA GLU AB 102 -65.17 83.39 -35.68
C GLU AB 102 -65.58 84.72 -36.34
N GLU AB 103 -66.85 84.84 -36.72
CA GLU AB 103 -67.38 86.09 -37.27
C GLU AB 103 -67.76 87.07 -36.17
N GLY AB 104 -68.13 86.55 -35.01
CA GLY AB 104 -68.44 87.37 -33.85
C GLY AB 104 -67.23 88.15 -33.34
N LYS AB 105 -66.03 87.70 -33.69
CA LYS AB 105 -64.81 88.46 -33.40
C LYS AB 105 -64.63 89.62 -34.38
N GLN AB 106 -64.97 89.39 -35.64
CA GLN AB 106 -64.77 90.37 -36.69
C GLN AB 106 -65.79 91.52 -36.66
N LYS AB 107 -67.05 91.17 -36.38
CA LYS AB 107 -68.10 92.20 -36.28
C LYS AB 107 -67.90 93.11 -35.08
N ASN AB 108 -67.34 92.55 -34.01
CA ASN AB 108 -67.14 93.29 -32.78
C ASN AB 108 -65.79 94.03 -32.73
N ALA AB 109 -64.94 93.77 -33.71
CA ALA AB 109 -63.59 94.34 -33.72
C ALA AB 109 -63.56 95.83 -34.08
N LEU AB 110 -62.48 96.50 -33.70
CA LEU AB 110 -62.23 97.89 -34.06
C LEU AB 110 -61.66 98.04 -35.47
N LYS AB 111 -61.83 99.23 -36.06
CA LYS AB 111 -61.31 99.52 -37.39
C LYS AB 111 -59.81 99.80 -37.39
N SER AB 112 -59.04 98.99 -38.09
CA SER AB 112 -57.60 99.18 -38.19
C SER AB 112 -57.27 100.51 -38.85
N LYS AB 113 -56.36 101.26 -38.24
CA LYS AB 113 -56.03 102.62 -38.69
C LYS AB 113 -54.56 102.83 -39.04
N GLY AB 114 -53.69 102.69 -38.06
CA GLY AB 114 -52.35 103.27 -38.11
C GLY AB 114 -51.49 103.14 -39.36
N ALA AB 115 -51.39 101.94 -39.90
CA ALA AB 115 -50.54 101.70 -41.07
C ALA AB 115 -51.19 102.19 -42.36
N LEU AB 116 -52.52 102.13 -42.41
CA LEU AB 116 -53.28 102.41 -43.63
C LEU AB 116 -53.48 103.90 -43.90
N LEU AB 117 -53.43 104.73 -42.86
CA LEU AB 117 -53.78 106.15 -42.98
C LEU AB 117 -52.72 106.96 -43.74
N GLN AB 118 -51.46 106.57 -43.63
CA GLN AB 118 -50.40 107.29 -44.36
C GLN AB 118 -50.46 107.04 -45.87
N ASN AB 119 -50.81 105.81 -46.26
CA ASN AB 119 -50.84 105.42 -47.67
C ASN AB 119 -52.02 106.05 -48.41
N ALA BB 2 -21.90 -3.05 -84.07
CA ALA BB 2 -20.56 -3.30 -84.57
C ALA BB 2 -19.64 -3.80 -83.47
N ALA BB 3 -19.95 -3.42 -82.23
CA ALA BB 3 -19.20 -3.89 -81.08
C ALA BB 3 -19.61 -5.32 -80.68
N ALA BB 4 -20.89 -5.62 -80.82
CA ALA BB 4 -21.41 -6.93 -80.42
C ALA BB 4 -20.96 -8.03 -81.39
N LEU BB 5 -20.59 -7.64 -82.60
CA LEU BB 5 -20.05 -8.58 -83.60
C LEU BB 5 -18.59 -8.91 -83.35
N ALA BB 6 -17.84 -7.94 -82.86
CA ALA BB 6 -16.42 -8.10 -82.55
C ALA BB 6 -16.22 -9.07 -81.38
N ARG BB 7 -17.05 -8.93 -80.33
CA ARG BB 7 -16.98 -9.81 -79.16
C ARG BB 7 -17.29 -11.25 -79.53
N LEU BB 8 -18.01 -11.43 -80.62
CA LEU BB 8 -18.55 -12.75 -80.96
C LEU BB 8 -17.70 -13.57 -81.93
N GLY BB 9 -16.52 -13.09 -82.30
CA GLY BB 9 -15.60 -13.98 -82.98
C GLY BB 9 -16.00 -14.42 -84.38
N LEU BB 10 -16.06 -13.48 -85.31
CA LEU BB 10 -16.58 -13.71 -86.66
C LEU BB 10 -15.84 -14.80 -87.47
N ARG BB 11 -14.75 -15.36 -86.93
CA ARG BB 11 -13.90 -16.30 -87.66
C ARG BB 11 -14.61 -17.54 -88.21
N ALA BB 12 -15.86 -17.76 -87.79
CA ALA BB 12 -16.63 -18.91 -88.26
C ALA BB 12 -17.26 -18.67 -89.64
N VAL BB 13 -17.04 -17.50 -90.21
CA VAL BB 13 -17.66 -17.10 -91.48
C VAL BB 13 -16.74 -17.22 -92.70
N LYS BB 14 -17.31 -17.62 -93.83
CA LYS BB 14 -16.55 -17.70 -95.08
C LYS BB 14 -16.61 -16.40 -95.90
N GLN BB 15 -17.78 -16.10 -96.45
CA GLN BB 15 -17.96 -15.00 -97.39
C GLN BB 15 -19.20 -14.18 -97.08
N VAL BB 16 -19.05 -12.85 -97.00
CA VAL BB 16 -20.19 -11.97 -96.72
C VAL BB 16 -20.39 -10.91 -97.81
N ARG BB 17 -21.51 -10.99 -98.52
CA ARG BB 17 -21.80 -9.96 -99.52
C ARG BB 17 -23.07 -9.22 -99.18
N VAL BB 18 -23.14 -7.95 -99.56
CA VAL BB 18 -24.32 -7.12 -99.33
C VAL BB 18 -24.78 -6.47 -100.63
N GLN BB 19 -25.95 -6.87 -101.11
CA GLN BB 19 -26.47 -6.37 -102.38
C GLN BB 19 -27.57 -5.35 -102.14
N PHE BB 20 -27.31 -4.08 -102.47
CA PHE BB 20 -28.35 -3.07 -102.26
C PHE BB 20 -28.38 -1.97 -103.33
N CYS BB 21 -29.46 -1.20 -103.31
CA CYS BB 21 -29.76 -0.25 -104.38
C CYS BB 21 -29.90 1.17 -103.87
N PRO BB 22 -28.81 1.94 -103.93
CA PRO BB 22 -28.60 3.23 -103.25
C PRO BB 22 -29.74 4.24 -103.39
N PHE BB 23 -30.44 4.24 -104.52
CA PHE BB 23 -31.43 5.30 -104.77
C PHE BB 23 -32.83 4.97 -104.25
N GLU BB 24 -32.98 3.79 -103.64
CA GLU BB 24 -34.23 3.41 -102.99
C GLU BB 24 -34.36 4.06 -101.62
N LYS BB 25 -35.59 4.21 -101.14
CA LYS BB 25 -35.84 4.87 -99.87
C LYS BB 25 -35.66 3.93 -98.68
N ASN BB 26 -35.68 2.63 -98.92
CA ASN BB 26 -35.69 1.64 -97.84
C ASN BB 26 -34.34 1.03 -97.47
N VAL BB 27 -33.26 1.51 -98.07
CA VAL BB 27 -31.98 0.82 -97.94
C VAL BB 27 -31.08 1.21 -96.76
N GLU BB 28 -31.54 2.12 -95.90
CA GLU BB 28 -30.72 2.63 -94.80
C GLU BB 28 -30.29 1.52 -93.86
N SER BB 29 -31.21 0.60 -93.60
CA SER BB 29 -30.98 -0.51 -92.70
C SER BB 29 -29.81 -1.39 -93.16
N THR BB 30 -29.89 -1.83 -94.42
CA THR BB 30 -28.86 -2.66 -95.00
C THR BB 30 -27.49 -1.96 -95.00
N ARG BB 31 -27.50 -0.66 -95.25
CA ARG BB 31 -26.28 0.15 -95.19
C ARG BB 31 -25.66 0.15 -93.80
N THR BB 32 -26.50 0.36 -92.79
CA THR BB 32 -26.06 0.30 -91.39
C THR BB 32 -25.42 -1.04 -91.08
N PHE BB 33 -26.06 -2.12 -91.52
CA PHE BB 33 -25.48 -3.45 -91.40
C PHE BB 33 -24.11 -3.53 -92.06
N LEU BB 34 -24.00 -2.98 -93.27
CA LEU BB 34 -22.74 -2.98 -94.00
C LEU BB 34 -21.64 -2.31 -93.20
N GLN BB 35 -21.92 -1.12 -92.68
CA GLN BB 35 -20.90 -0.38 -91.94
C GLN BB 35 -20.62 -0.99 -90.57
N ALA BB 36 -21.53 -1.82 -90.08
CA ALA BB 36 -21.29 -2.55 -88.84
C ALA BB 36 -20.39 -3.77 -89.05
N VAL BB 37 -20.52 -4.42 -90.20
CA VAL BB 37 -19.65 -5.57 -90.51
C VAL BB 37 -18.28 -5.12 -91.04
N SER BB 38 -18.24 -3.97 -91.70
CA SER BB 38 -17.02 -3.49 -92.35
C SER BB 38 -16.01 -2.86 -91.40
N SER BB 39 -16.42 -2.66 -90.14
CA SER BB 39 -15.58 -2.00 -89.15
C SER BB 39 -14.32 -2.80 -88.86
N GLU BB 40 -13.30 -2.11 -88.36
CA GLU BB 40 -11.97 -2.70 -88.24
C GLU BB 40 -11.91 -3.88 -87.27
N LYS BB 41 -12.71 -3.84 -86.21
CA LYS BB 41 -12.72 -4.93 -85.23
C LYS BB 41 -13.15 -6.26 -85.86
N VAL BB 42 -14.37 -6.23 -86.39
CA VAL BB 42 -14.98 -7.40 -87.01
C VAL BB 42 -14.21 -7.87 -88.25
N ARG BB 43 -13.66 -6.89 -88.98
CA ARG BB 43 -12.88 -7.16 -90.18
C ARG BB 43 -11.56 -7.85 -89.83
N CYS BB 44 -10.99 -7.50 -88.68
CA CYS BB 44 -9.71 -8.07 -88.25
C CYS BB 44 -9.83 -9.32 -87.36
N THR BB 45 -11.05 -9.67 -86.97
CA THR BB 45 -11.25 -10.92 -86.21
C THR BB 45 -10.80 -12.15 -87.02
N ASN BB 46 -11.07 -12.13 -88.32
CA ASN BB 46 -10.57 -13.14 -89.23
C ASN BB 46 -10.23 -12.56 -90.61
N LEU BB 47 -9.09 -12.95 -91.16
CA LEU BB 47 -8.66 -12.44 -92.45
C LEU BB 47 -9.06 -13.38 -93.59
N ASN BB 48 -9.63 -14.52 -93.23
CA ASN BB 48 -10.03 -15.51 -94.22
C ASN BB 48 -11.40 -15.17 -94.81
N CYS BB 49 -12.01 -14.11 -94.31
CA CYS BB 49 -13.35 -13.71 -94.74
C CYS BB 49 -13.32 -12.45 -95.62
N SER BB 50 -14.02 -12.51 -96.75
CA SER BB 50 -14.11 -11.37 -97.64
C SER BB 50 -15.48 -10.72 -97.52
N VAL BB 51 -15.49 -9.39 -97.60
CA VAL BB 51 -16.71 -8.61 -97.52
C VAL BB 51 -16.91 -7.84 -98.82
N ILE BB 52 -17.94 -8.21 -99.57
CA ILE BB 52 -18.18 -7.65 -100.89
C ILE BB 52 -19.42 -6.76 -100.91
N ALA BB 53 -19.28 -5.56 -101.47
CA ALA BB 53 -20.42 -4.66 -101.59
C ALA BB 53 -20.94 -4.61 -103.02
N ASP BB 54 -22.12 -5.18 -103.24
CA ASP BB 54 -22.75 -5.16 -104.56
C ASP BB 54 -23.71 -3.98 -104.66
N VAL BB 55 -23.38 -3.08 -105.58
CA VAL BB 55 -24.09 -1.84 -105.76
C VAL BB 55 -24.73 -1.78 -107.15
N ARG BB 56 -26.06 -1.82 -107.19
CA ARG BB 56 -26.79 -1.71 -108.46
C ARG BB 56 -27.91 -0.69 -108.32
N HIS BB 57 -28.26 -0.02 -109.41
CA HIS BB 57 -29.38 0.91 -109.39
C HIS BB 57 -30.74 0.21 -109.55
N ASP BB 58 -30.80 -0.75 -110.47
CA ASP BB 58 -32.09 -1.35 -110.87
C ASP BB 58 -32.63 -2.49 -110.01
N GLY BB 59 -31.74 -3.24 -109.35
CA GLY BB 59 -32.12 -4.44 -108.62
C GLY BB 59 -33.33 -4.31 -107.72
N SER BB 60 -33.45 -3.14 -107.08
CA SER BB 60 -34.66 -2.72 -106.36
C SER BB 60 -34.98 -3.50 -105.07
N GLU BB 61 -34.33 -4.64 -104.86
CA GLU BB 61 -34.48 -5.38 -103.61
C GLU BB 61 -33.16 -5.51 -102.86
N PRO BB 62 -33.01 -4.80 -101.73
CA PRO BB 62 -31.80 -4.94 -100.91
C PRO BB 62 -31.73 -6.29 -100.19
N CYS BB 63 -30.52 -6.84 -100.07
CA CYS BB 63 -30.35 -8.18 -99.54
C CYS BB 63 -29.00 -8.39 -98.87
N VAL BB 64 -28.94 -9.33 -97.93
CA VAL BB 64 -27.68 -9.70 -97.31
C VAL BB 64 -27.49 -11.22 -97.31
N ASP BB 65 -26.36 -11.68 -97.86
CA ASP BB 65 -26.07 -13.11 -97.98
C ASP BB 65 -24.77 -13.43 -97.26
N VAL BB 66 -24.81 -14.43 -96.37
CA VAL BB 66 -23.63 -14.84 -95.62
C VAL BB 66 -23.43 -16.36 -95.56
N LEU BB 67 -22.31 -16.83 -96.13
CA LEU BB 67 -21.95 -18.25 -96.08
C LEU BB 67 -21.00 -18.53 -94.92
N PHE BB 68 -21.20 -19.64 -94.22
CA PHE BB 68 -20.17 -20.05 -93.25
C PHE BB 68 -19.95 -21.57 -93.17
N GLY BB 69 -18.86 -21.93 -92.52
CA GLY BB 69 -18.23 -23.24 -92.65
C GLY BB 69 -18.97 -24.42 -92.08
N ASP BB 70 -20.20 -24.18 -91.65
CA ASP BB 70 -21.11 -25.24 -91.23
C ASP BB 70 -21.73 -25.84 -92.49
N GLY BB 71 -21.37 -25.27 -93.64
CA GLY BB 71 -22.02 -25.55 -94.90
C GLY BB 71 -23.32 -24.77 -94.94
N HIS BB 72 -23.39 -23.73 -94.13
CA HIS BB 72 -24.64 -22.97 -93.94
C HIS BB 72 -24.68 -21.70 -94.78
N ARG BB 73 -25.87 -21.38 -95.27
CA ARG BB 73 -26.08 -20.14 -96.01
C ARG BB 73 -27.23 -19.35 -95.40
N LEU BB 74 -26.91 -18.19 -94.82
CA LEU BB 74 -27.91 -17.33 -94.20
C LEU BB 74 -28.21 -16.12 -95.06
N ILE BB 75 -29.42 -16.07 -95.62
CA ILE BB 75 -29.82 -14.96 -96.47
C ILE BB 75 -30.99 -14.20 -95.84
N MET BB 76 -30.71 -12.96 -95.44
CA MET BB 76 -31.75 -12.10 -94.89
C MET BB 76 -32.00 -10.93 -95.82
N ARG BB 77 -33.24 -10.80 -96.29
CA ARG BB 77 -33.55 -9.71 -97.19
C ARG BB 77 -34.05 -8.55 -96.37
N GLY BB 78 -33.19 -7.54 -96.21
CA GLY BB 78 -33.62 -6.31 -95.59
C GLY BB 78 -34.49 -5.59 -96.59
N ALA BB 79 -35.74 -5.37 -96.21
CA ALA BB 79 -36.61 -4.49 -96.96
C ALA BB 79 -37.28 -3.64 -95.91
N HIS BB 80 -38.07 -4.35 -95.12
CA HIS BB 80 -38.74 -3.78 -93.97
C HIS BB 80 -38.02 -4.12 -92.66
N LEU BB 81 -36.89 -4.82 -92.74
CA LEU BB 81 -36.13 -5.17 -91.54
C LEU BB 81 -35.22 -4.05 -91.02
N THR BB 82 -35.20 -3.89 -89.71
CA THR BB 82 -34.35 -2.88 -89.05
C THR BB 82 -32.91 -3.36 -88.91
N ALA BB 83 -31.99 -2.42 -88.84
CA ALA BB 83 -30.56 -2.74 -88.78
C ALA BB 83 -30.21 -3.70 -87.65
N GLN BB 84 -30.59 -3.35 -86.42
CA GLN BB 84 -30.16 -4.14 -85.27
C GLN BB 84 -30.96 -5.43 -85.13
N GLU BB 85 -32.05 -5.56 -85.88
CA GLU BB 85 -32.76 -6.82 -85.99
C GLU BB 85 -31.97 -7.76 -86.89
N MET BB 86 -31.40 -7.21 -87.95
CA MET BB 86 -30.51 -7.95 -88.83
C MET BB 86 -29.24 -8.37 -88.10
N LEU BB 87 -28.71 -7.47 -87.28
CA LEU BB 87 -27.48 -7.77 -86.55
C LEU BB 87 -27.72 -8.77 -85.41
N THR BB 88 -28.87 -8.70 -84.76
CA THR BB 88 -29.20 -9.66 -83.70
C THR BB 88 -29.48 -11.04 -84.29
N ALA BB 89 -30.23 -11.06 -85.38
CA ALA BB 89 -30.48 -12.31 -86.10
C ALA BB 89 -29.15 -12.92 -86.55
N PHE BB 90 -28.30 -12.09 -87.14
CA PHE BB 90 -26.95 -12.48 -87.57
C PHE BB 90 -26.18 -13.10 -86.42
N ALA BB 91 -26.19 -12.43 -85.27
CA ALA BB 91 -25.46 -12.92 -84.10
C ALA BB 91 -25.96 -14.28 -83.61
N SER BB 92 -27.24 -14.38 -83.25
CA SER BB 92 -27.76 -15.62 -82.68
C SER BB 92 -27.71 -16.77 -83.69
N HIS BB 93 -27.79 -16.44 -84.98
CA HIS BB 93 -27.78 -17.45 -86.04
C HIS BB 93 -26.38 -17.97 -86.31
N ILE BB 94 -25.43 -17.05 -86.45
CA ILE BB 94 -24.11 -17.39 -86.96
C ILE BB 94 -23.11 -17.72 -85.85
N GLN BB 95 -23.52 -17.51 -84.60
CA GLN BB 95 -22.66 -17.83 -83.48
C GLN BB 95 -23.06 -19.18 -82.89
N ALA BB 96 -24.32 -19.30 -82.46
CA ALA BB 96 -24.83 -20.58 -81.97
C ALA BB 96 -24.57 -21.75 -82.95
N ARG BB 97 -24.49 -21.45 -84.25
CA ARG BB 97 -24.08 -22.46 -85.24
C ARG BB 97 -22.72 -22.13 -85.88
N GLY BB 98 -21.70 -22.89 -85.51
CA GLY BB 98 -20.36 -22.63 -86.02
C GLY BB 98 -19.30 -23.01 -85.01
N HIS CB 71 26.91 16.74 -80.54
CA HIS CB 71 28.04 17.66 -80.54
C HIS CB 71 27.61 19.07 -80.15
N ALA CB 72 28.55 19.99 -80.18
CA ALA CB 72 28.28 21.38 -79.83
C ALA CB 72 28.84 22.33 -80.88
N MET CB 73 28.08 23.37 -81.21
CA MET CB 73 28.50 24.34 -82.21
C MET CB 73 28.25 25.78 -81.76
N GLY CB 74 29.31 26.58 -81.74
CA GLY CB 74 29.18 28.00 -81.40
C GLY CB 74 29.12 28.83 -82.69
N VAL CB 75 27.95 29.39 -82.97
CA VAL CB 75 27.72 30.15 -84.19
C VAL CB 75 27.80 31.66 -83.95
N ASN CB 76 28.62 32.32 -84.77
CA ASN CB 76 28.67 33.78 -84.86
C ASN CB 76 28.17 34.16 -86.26
N ILE CB 77 28.22 35.43 -86.65
CA ILE CB 77 27.74 35.85 -87.97
C ILE CB 77 28.61 35.23 -89.06
N TYR CB 78 29.86 34.91 -88.69
CA TYR CB 78 30.73 34.11 -89.52
C TYR CB 78 30.38 32.62 -89.42
N LYS CB 79 30.14 32.13 -88.19
CA LYS CB 79 29.89 30.71 -87.96
C LYS CB 79 28.45 30.21 -88.19
N GLU CB 80 27.45 31.10 -88.10
CA GLU CB 80 26.05 30.72 -88.35
C GLU CB 80 25.78 30.63 -89.84
N GLY CB 81 26.47 31.47 -90.61
CA GLY CB 81 26.42 31.42 -92.08
C GLY CB 81 27.36 30.35 -92.66
N GLN CB 82 28.46 30.04 -91.96
CA GLN CB 82 29.43 29.03 -92.44
C GLN CB 82 29.06 27.58 -92.09
N ASP CB 83 28.22 27.41 -91.07
CA ASP CB 83 27.77 26.07 -90.69
C ASP CB 83 26.46 25.72 -91.41
N VAL CB 84 25.88 26.72 -92.08
CA VAL CB 84 24.63 26.52 -92.81
C VAL CB 84 24.73 27.08 -94.23
N VAL CB 85 23.85 26.63 -95.10
CA VAL CB 85 23.72 27.29 -96.40
C VAL CB 85 22.48 28.18 -96.30
N LEU CB 86 22.70 29.49 -96.21
CA LEU CB 86 21.61 30.41 -95.97
C LEU CB 86 21.27 31.17 -97.25
N LYS CB 87 20.10 30.86 -97.80
CA LYS CB 87 19.65 31.41 -99.08
C LYS CB 87 19.42 32.92 -99.01
N PRO CB 88 19.40 33.60 -100.17
CA PRO CB 88 19.07 35.04 -100.21
C PRO CB 88 17.63 35.32 -99.81
N ASP CB 89 17.33 36.58 -99.50
CA ASP CB 89 16.01 36.96 -99.02
C ASP CB 89 14.94 36.93 -100.12
N SER CB 90 15.36 36.93 -101.38
CA SER CB 90 14.44 36.86 -102.51
C SER CB 90 14.07 35.42 -102.86
N GLU CB 91 14.86 34.48 -102.34
CA GLU CB 91 14.62 33.05 -102.57
C GLU CB 91 13.54 32.47 -101.65
N TYR CB 92 13.42 33.05 -100.45
CA TYR CB 92 12.48 32.52 -99.45
C TYR CB 92 11.02 32.89 -99.73
N PRO CB 93 10.14 31.89 -99.59
CA PRO CB 93 8.69 32.02 -99.83
C PRO CB 93 8.01 33.08 -98.95
N GLU CB 94 6.84 33.53 -99.39
CA GLU CB 94 6.12 34.61 -98.71
C GLU CB 94 5.62 34.21 -97.33
N TRP CB 95 4.95 33.06 -97.25
CA TRP CB 95 4.34 32.60 -96.01
C TRP CB 95 5.30 32.68 -94.82
N LEU CB 96 6.58 32.37 -95.05
CA LEU CB 96 7.59 32.40 -94.00
C LEU CB 96 7.64 33.74 -93.23
N PHE CB 97 7.38 34.86 -93.90
CA PHE CB 97 7.32 36.16 -93.23
C PHE CB 97 5.99 36.50 -92.57
N GLU CB 98 4.91 35.87 -93.01
CA GLU CB 98 3.58 36.17 -92.49
C GLU CB 98 3.26 35.54 -91.13
N MET CB 99 3.80 34.35 -90.89
CA MET CB 99 3.49 33.59 -89.68
C MET CB 99 3.83 34.34 -88.39
N ASN CB 100 2.91 34.34 -87.44
CA ASN CB 100 3.12 35.08 -86.19
C ASN CB 100 4.21 34.44 -85.35
N VAL CB 101 5.25 35.22 -85.08
CA VAL CB 101 6.37 34.75 -84.28
C VAL CB 101 5.99 34.33 -82.85
N GLY CB 102 5.77 35.32 -81.99
CA GLY CB 102 5.46 35.07 -80.59
C GLY CB 102 4.10 35.26 -79.92
N PRO CB 103 3.16 36.02 -80.52
CA PRO CB 103 1.80 36.20 -79.97
C PRO CB 103 0.76 35.15 -80.38
N PRO CB 104 0.65 34.01 -79.67
CA PRO CB 104 -0.41 33.08 -80.05
C PRO CB 104 -1.80 33.75 -79.95
N LYS CB 105 -2.63 33.58 -80.97
CA LYS CB 105 -3.85 34.38 -81.12
C LYS CB 105 -4.88 34.13 -80.02
N LYS CB 106 -5.71 35.14 -79.76
CA LYS CB 106 -6.79 35.03 -78.78
C LYS CB 106 -8.15 34.87 -79.44
N LEU CB 107 -9.19 34.72 -78.61
CA LEU CB 107 -10.53 34.44 -79.11
C LEU CB 107 -11.18 35.68 -79.69
N GLU CB 108 -11.09 36.79 -78.96
CA GLU CB 108 -11.73 38.05 -79.38
C GLU CB 108 -11.15 38.57 -80.68
N GLU CB 109 -9.86 38.31 -80.88
CA GLU CB 109 -9.12 38.80 -82.04
C GLU CB 109 -9.61 38.20 -83.36
N LEU CB 110 -9.94 36.91 -83.34
CA LEU CB 110 -10.31 36.19 -84.56
C LEU CB 110 -11.72 36.50 -85.03
N ASP CB 111 -11.94 36.39 -86.34
CA ASP CB 111 -13.25 36.64 -86.94
C ASP CB 111 -14.11 35.38 -86.86
N PRO CB 112 -15.34 35.52 -86.34
CA PRO CB 112 -16.29 34.39 -86.22
C PRO CB 112 -16.62 33.72 -87.55
N GLU CB 113 -16.31 34.37 -88.68
CA GLU CB 113 -16.55 33.78 -90.00
C GLU CB 113 -15.34 33.03 -90.55
N THR CB 114 -14.30 32.91 -89.72
CA THR CB 114 -13.08 32.18 -90.07
C THR CB 114 -13.07 30.81 -89.38
N ARG CB 115 -12.51 29.81 -90.05
CA ARG CB 115 -12.48 28.44 -89.53
C ARG CB 115 -11.66 28.31 -88.24
N GLU CB 116 -10.54 29.03 -88.20
CA GLU CB 116 -9.60 28.98 -87.09
C GLU CB 116 -10.24 29.40 -85.78
N TYR CB 117 -11.11 30.41 -85.85
CA TYR CB 117 -11.91 30.85 -84.70
C TYR CB 117 -12.65 29.67 -84.08
N TRP CB 118 -13.27 28.86 -84.94
CA TRP CB 118 -14.05 27.74 -84.46
C TRP CB 118 -13.15 26.61 -83.96
N ARG CB 119 -11.97 26.47 -84.56
CA ARG CB 119 -11.00 25.54 -84.01
C ARG CB 119 -10.72 25.93 -82.56
N LEU CB 120 -10.43 27.21 -82.34
CA LEU CB 120 -10.08 27.70 -81.02
C LEU CB 120 -11.23 27.51 -80.05
N LEU CB 121 -12.44 27.80 -80.51
CA LEU CB 121 -13.61 27.65 -79.66
C LEU CB 121 -13.79 26.19 -79.25
N ARG CB 122 -13.53 25.29 -80.20
CA ARG CB 122 -13.61 23.86 -79.89
C ARG CB 122 -12.61 23.51 -78.81
N LYS CB 123 -11.38 23.99 -78.98
CA LYS CB 123 -10.31 23.74 -78.02
C LYS CB 123 -10.72 24.20 -76.62
N HIS CB 124 -11.27 25.41 -76.54
CA HIS CB 124 -11.69 25.97 -75.26
C HIS CB 124 -12.82 25.17 -74.64
N ASN CB 125 -13.73 24.69 -75.48
CA ASN CB 125 -14.81 23.83 -75.01
C ASN CB 125 -14.28 22.55 -74.40
N ILE CB 126 -13.23 22.01 -75.01
CA ILE CB 126 -12.59 20.81 -74.50
C ILE CB 126 -11.93 21.07 -73.16
N TRP CB 127 -11.22 22.19 -73.07
CA TRP CB 127 -10.61 22.60 -71.81
C TRP CB 127 -11.65 22.70 -70.71
N ARG CB 128 -12.76 23.34 -71.04
CA ARG CB 128 -13.84 23.50 -70.10
C ARG CB 128 -14.37 22.15 -69.64
N HIS CB 129 -14.64 21.26 -70.59
CA HIS CB 129 -15.11 19.93 -70.23
C HIS CB 129 -14.12 19.23 -69.31
N ASN CB 130 -12.84 19.41 -69.62
CA ASN CB 130 -11.77 18.79 -68.85
C ASN CB 130 -11.74 19.31 -67.41
N ARG CB 131 -11.94 20.60 -67.24
CA ARG CB 131 -11.99 21.17 -65.89
C ARG CB 131 -13.21 20.63 -65.16
N LEU CB 132 -14.33 20.54 -65.86
CA LEU CB 132 -15.56 20.07 -65.23
C LEU CB 132 -15.51 18.59 -64.87
N SER CB 133 -14.59 17.85 -65.48
CA SER CB 133 -14.49 16.42 -65.23
C SER CB 133 -13.54 16.07 -64.08
N LYS CB 134 -13.02 17.08 -63.40
CA LYS CB 134 -12.09 16.89 -62.29
C LYS CB 134 -12.69 16.11 -61.12
N ASN CB 135 -14.03 16.07 -61.06
CA ASN CB 135 -14.76 15.48 -59.95
C ASN CB 135 -15.10 13.99 -60.12
N ARG CB 136 -14.63 13.38 -61.20
CA ARG CB 136 -14.97 11.98 -61.49
C ARG CB 136 -14.65 11.05 -60.34
N LYS CB 137 -15.63 10.22 -59.99
CA LYS CB 137 -15.43 9.17 -59.00
C LYS CB 137 -14.77 7.96 -59.68
N PHE CB 138 -15.15 7.72 -60.93
CA PHE CB 138 -14.65 6.58 -61.70
C PHE CB 138 -13.21 6.81 -62.14
N ARG DB 9 -46.83 -2.76 -27.78
CA ARG DB 9 -45.50 -3.02 -28.30
C ARG DB 9 -44.82 -1.75 -28.72
N ASN DB 10 -45.59 -0.73 -29.10
CA ASN DB 10 -44.95 0.57 -29.23
C ASN DB 10 -45.54 1.51 -28.21
N ARG DB 11 -44.82 1.69 -27.11
CA ARG DB 11 -45.31 2.51 -26.03
C ARG DB 11 -45.00 3.95 -26.34
N ILE DB 12 -45.78 4.83 -25.74
CA ILE DB 12 -45.41 6.22 -25.69
C ILE DB 12 -44.74 6.45 -24.37
N PRO DB 13 -43.52 6.98 -24.41
CA PRO DB 13 -42.74 7.23 -23.20
C PRO DB 13 -43.41 8.26 -22.30
N GLY DB 14 -43.47 7.94 -21.01
CA GLY DB 14 -44.04 8.81 -20.00
C GLY DB 14 -45.54 8.95 -20.06
N ARG DB 15 -45.99 10.19 -20.08
CA ARG DB 15 -47.40 10.46 -20.17
C ARG DB 15 -47.70 10.89 -21.59
N GLN DB 16 -48.90 10.57 -22.06
CA GLN DB 16 -49.22 10.58 -23.46
C GLN DB 16 -49.08 11.92 -24.16
N TRP DB 17 -49.71 12.96 -23.62
CA TRP DB 17 -49.75 14.25 -24.28
C TRP DB 17 -48.78 15.31 -23.80
N ILE DB 18 -47.88 14.98 -22.88
CA ILE DB 18 -47.13 16.00 -22.17
C ILE DB 18 -45.73 16.35 -22.65
N GLY DB 19 -44.78 15.43 -22.51
CA GLY DB 19 -43.38 15.82 -22.33
C GLY DB 19 -42.56 16.13 -23.55
N LYS DB 20 -41.27 15.82 -23.48
CA LYS DB 20 -40.38 15.92 -24.64
C LYS DB 20 -40.86 15.03 -25.80
N HIS DB 21 -41.38 13.85 -25.47
CA HIS DB 21 -41.87 12.92 -26.48
C HIS DB 21 -43.38 12.70 -26.36
N ARG DB 22 -44.13 13.09 -27.37
CA ARG DB 22 -45.58 13.00 -27.26
C ARG DB 22 -46.19 12.11 -28.31
N ARG DB 23 -47.40 11.64 -28.03
CA ARG DB 23 -48.18 10.97 -29.04
C ARG DB 23 -48.46 11.93 -30.19
N PRO DB 24 -48.06 11.53 -31.40
CA PRO DB 24 -47.96 12.25 -32.67
C PRO DB 24 -49.19 12.96 -33.21
N ARG DB 25 -50.38 12.85 -32.62
CA ARG DB 25 -51.65 13.02 -33.35
C ARG DB 25 -51.71 14.07 -34.47
N PRO DB 26 -52.23 13.63 -35.63
CA PRO DB 26 -52.35 14.35 -36.92
C PRO DB 26 -53.54 15.27 -36.99
N VAL DB 27 -53.45 16.25 -37.88
CA VAL DB 27 -54.55 17.19 -38.09
C VAL DB 27 -55.51 16.64 -39.13
N SER DB 28 -56.79 16.64 -38.78
CA SER DB 28 -57.84 16.06 -39.60
C SER DB 28 -58.47 17.06 -40.55
N ALA DB 29 -58.89 16.62 -41.73
CA ALA DB 29 -59.58 17.49 -42.68
C ALA DB 29 -60.76 18.23 -42.03
N GLN DB 30 -61.46 17.52 -41.14
CA GLN DB 30 -62.48 18.11 -40.28
C GLN DB 30 -62.01 19.36 -39.56
N ALA DB 31 -60.90 19.22 -38.84
CA ALA DB 31 -60.31 20.30 -38.07
C ALA DB 31 -59.89 21.47 -38.96
N LYS DB 32 -59.32 21.17 -40.12
CA LYS DB 32 -58.99 22.23 -41.05
C LYS DB 32 -60.25 23.00 -41.43
N GLN DB 33 -61.29 22.27 -41.80
CA GLN DB 33 -62.58 22.89 -42.10
C GLN DB 33 -63.03 23.83 -41.00
N ASN DB 34 -63.09 23.31 -39.78
CA ASN DB 34 -63.57 24.10 -38.65
C ASN DB 34 -62.78 25.39 -38.47
N MET DB 35 -61.46 25.26 -38.42
CA MET DB 35 -60.58 26.41 -38.26
C MET DB 35 -60.84 27.44 -39.35
N ILE DB 36 -60.94 26.98 -40.59
CA ILE DB 36 -61.18 27.90 -41.70
C ILE DB 36 -62.51 28.61 -41.53
N ARG DB 37 -63.55 27.89 -41.13
CA ARG DB 37 -64.84 28.52 -40.93
C ARG DB 37 -64.80 29.63 -39.87
N ARG DB 38 -64.16 29.35 -38.72
CA ARG DB 38 -63.95 30.40 -37.73
C ARG DB 38 -63.29 31.60 -38.38
N LEU DB 39 -62.17 31.35 -39.07
CA LEU DB 39 -61.41 32.41 -39.73
C LEU DB 39 -62.30 33.29 -40.58
N GLU DB 40 -63.11 32.68 -41.42
CA GLU DB 40 -64.01 33.43 -42.29
C GLU DB 40 -64.94 34.32 -41.49
N THR DB 41 -65.54 33.76 -40.45
CA THR DB 41 -66.43 34.57 -39.61
C THR DB 41 -65.68 35.76 -39.05
N GLU DB 42 -64.44 35.55 -38.67
CA GLU DB 42 -63.69 36.65 -38.10
C GLU DB 42 -63.30 37.70 -39.13
N ALA DB 43 -62.98 37.28 -40.34
CA ALA DB 43 -62.67 38.20 -41.42
C ALA DB 43 -63.85 39.12 -41.67
N GLU DB 44 -65.03 38.52 -41.74
CA GLU DB 44 -66.23 39.33 -41.86
C GLU DB 44 -66.38 40.23 -40.64
N ASN DB 45 -66.03 39.71 -39.47
CA ASN DB 45 -66.14 40.51 -38.26
C ASN DB 45 -65.34 41.77 -38.35
N GLN DB 46 -64.12 41.68 -38.85
CA GLN DB 46 -63.31 42.88 -38.88
C GLN DB 46 -63.59 43.67 -40.13
N TYR DB 47 -64.48 43.19 -40.99
CA TYR DB 47 -65.03 44.12 -41.96
C TYR DB 47 -65.97 45.09 -41.28
N TRP DB 48 -66.94 44.56 -40.54
CA TRP DB 48 -67.98 45.40 -39.95
C TRP DB 48 -67.45 46.30 -38.87
N LEU DB 49 -66.24 46.04 -38.43
CA LEU DB 49 -65.68 46.84 -37.37
C LEU DB 49 -64.92 48.01 -37.94
N SER DB 50 -64.81 48.02 -39.26
CA SER DB 50 -63.87 48.90 -39.93
C SER DB 50 -64.34 50.36 -40.10
N ARG DB 51 -65.63 50.58 -40.24
CA ARG DB 51 -66.15 51.91 -40.56
C ARG DB 51 -67.19 52.39 -39.56
N PRO DB 52 -66.77 53.18 -38.57
CA PRO DB 52 -67.68 53.72 -37.56
C PRO DB 52 -68.69 54.67 -38.18
N PHE DB 53 -69.84 54.80 -37.53
CA PHE DB 53 -70.89 55.72 -37.96
C PHE DB 53 -70.50 57.14 -37.61
N LEU DB 54 -70.39 57.39 -36.31
CA LEU DB 54 -69.85 58.64 -35.79
C LEU DB 54 -68.34 58.62 -35.79
N THR DB 55 -67.72 59.80 -35.89
CA THR DB 55 -66.28 59.91 -35.72
C THR DB 55 -65.95 59.88 -34.23
N ALA DB 56 -64.66 59.94 -33.90
CA ALA DB 56 -64.24 59.88 -32.51
C ALA DB 56 -64.73 61.10 -31.75
N GLU DB 57 -64.60 62.26 -32.36
CA GLU DB 57 -64.98 63.49 -31.70
C GLU DB 57 -66.48 63.75 -31.76
N GLN DB 58 -67.17 63.07 -32.66
CA GLN DB 58 -68.61 63.26 -32.78
C GLN DB 58 -69.35 62.55 -31.65
N GLU DB 59 -68.70 61.59 -31.01
CA GLU DB 59 -69.34 60.85 -29.92
C GLU DB 59 -68.98 61.34 -28.51
N ARG DB 60 -68.10 62.33 -28.40
CA ARG DB 60 -67.71 62.85 -27.09
C ARG DB 60 -68.92 63.28 -26.31
N GLY DB 61 -69.10 62.72 -25.12
CA GLY DB 61 -70.21 63.08 -24.27
C GLY DB 61 -71.57 62.87 -24.90
N HIS DB 62 -71.60 62.10 -25.99
CA HIS DB 62 -72.80 62.01 -26.80
C HIS DB 62 -73.95 61.43 -25.99
N ALA DB 63 -73.67 60.45 -25.14
CA ALA DB 63 -74.56 60.27 -24.00
C ALA DB 63 -73.76 60.30 -22.72
N ALA DB 64 -73.73 61.45 -22.07
CA ALA DB 64 -73.16 61.55 -20.74
C ALA DB 64 -74.25 61.71 -19.72
N VAL DB 65 -75.45 61.95 -20.21
CA VAL DB 65 -76.56 62.26 -19.32
C VAL DB 65 -77.09 60.96 -18.81
N ARG DB 66 -77.24 60.02 -19.73
CA ARG DB 66 -77.79 58.71 -19.41
C ARG DB 66 -76.90 57.99 -18.44
N ARG DB 67 -75.59 58.07 -18.66
CA ARG DB 67 -74.64 57.39 -17.79
C ARG DB 67 -74.74 57.91 -16.35
N ALA DB 68 -74.54 59.22 -16.20
CA ALA DB 68 -74.65 59.86 -14.89
C ALA DB 68 -75.97 59.53 -14.19
N ALA DB 69 -77.06 59.54 -14.95
CA ALA DB 69 -78.37 59.18 -14.44
C ALA DB 69 -78.39 57.75 -13.89
N ALA DB 70 -77.84 56.83 -14.66
CA ALA DB 70 -77.80 55.43 -14.27
C ALA DB 70 -77.05 55.25 -12.96
N PHE DB 71 -75.92 55.95 -12.84
CA PHE DB 71 -75.15 55.88 -11.61
C PHE DB 71 -75.94 56.43 -10.42
N GLN DB 72 -76.67 57.52 -10.65
CA GLN DB 72 -77.57 58.02 -9.59
C GLN DB 72 -78.57 56.95 -9.20
N ALA DB 73 -79.01 56.16 -10.18
CA ALA DB 73 -79.95 55.07 -9.91
C ALA DB 73 -79.35 54.03 -8.99
N LEU DB 74 -78.12 53.61 -9.30
CA LEU DB 74 -77.39 52.64 -8.47
C LEU DB 74 -77.28 53.14 -7.03
N LYS DB 75 -76.74 54.35 -6.89
CA LYS DB 75 -76.60 54.98 -5.58
C LYS DB 75 -77.91 54.95 -4.82
N ALA DB 76 -78.95 55.48 -5.45
CA ALA DB 76 -80.27 55.58 -4.83
C ALA DB 76 -80.77 54.22 -4.36
N ALA DB 77 -80.61 53.20 -5.19
CA ALA DB 77 -81.01 51.85 -4.82
C ALA DB 77 -80.32 51.39 -3.54
N GLN DB 78 -79.00 51.60 -3.45
CA GLN DB 78 -78.29 51.18 -2.25
C GLN DB 78 -78.65 51.98 -1.01
N ALA DB 79 -78.79 53.29 -1.15
CA ALA DB 79 -79.01 54.16 0.00
C ALA DB 79 -80.32 53.84 0.73
N ALA DB 80 -81.20 53.12 0.08
CA ALA DB 80 -82.50 52.82 0.65
C ALA DB 80 -82.47 51.61 1.58
N ARG DB 81 -81.31 50.96 1.69
CA ARG DB 81 -81.24 49.75 2.50
C ARG DB 81 -81.36 50.11 3.97
N PHE DB 82 -82.41 49.58 4.59
CA PHE DB 82 -82.68 49.79 6.00
C PHE DB 82 -83.45 48.60 6.54
N PRO DB 83 -83.38 48.36 7.86
CA PRO DB 83 -84.23 47.33 8.46
C PRO DB 83 -85.72 47.55 8.17
N ALA DB 84 -86.46 46.47 7.95
CA ALA DB 84 -87.84 46.57 7.52
C ALA DB 84 -88.77 46.96 8.66
N HIS DB 85 -89.92 47.52 8.32
CA HIS DB 85 -90.92 47.92 9.32
C HIS DB 85 -91.43 46.73 10.11
N ARG DB 86 -91.78 46.97 11.36
CA ARG DB 86 -92.37 45.92 12.18
C ARG DB 86 -93.79 46.30 12.57
N ARG DB 87 -94.75 45.42 12.27
CA ARG DB 87 -96.16 45.74 12.44
C ARG DB 87 -96.84 44.90 13.52
N LEU DB 88 -97.92 45.43 14.09
CA LEU DB 88 -98.67 44.72 15.12
C LEU DB 88 -99.20 43.38 14.66
N GLU DB 89 -99.51 43.28 13.37
CA GLU DB 89 -100.16 42.10 12.82
C GLU DB 89 -99.31 40.85 12.99
N GLU DB 90 -98.00 41.02 13.07
CA GLU DB 90 -97.10 39.90 13.30
C GLU DB 90 -97.18 39.46 14.76
N GLN DB 91 -96.70 40.34 15.64
CA GLN DB 91 -96.56 39.98 17.03
C GLN DB 91 -97.89 39.56 17.66
N LEU DB 92 -98.98 40.21 17.25
CA LEU DB 92 -100.29 39.80 17.73
C LEU DB 92 -100.79 38.58 16.97
N GLY DB 93 -100.53 38.57 15.67
CA GLY DB 93 -100.99 37.48 14.83
C GLY DB 93 -100.51 36.11 15.29
N HIS DB 94 -99.38 36.08 16.00
CA HIS DB 94 -98.86 34.80 16.49
C HIS DB 94 -99.81 34.11 17.46
N LEU DB 95 -100.66 34.88 18.13
CA LEU DB 95 -101.59 34.30 19.09
C LEU DB 95 -102.57 33.37 18.43
N LEU DB 96 -102.81 33.58 17.14
CA LEU DB 96 -103.77 32.78 16.38
C LEU DB 96 -103.48 31.29 16.45
N VAL DB 97 -102.25 30.96 16.82
CA VAL DB 97 -101.81 29.58 16.98
C VAL DB 97 -102.79 28.73 17.80
N THR DB 98 -103.32 29.30 18.87
CA THR DB 98 -104.17 28.56 19.80
C THR DB 98 -105.69 28.72 19.56
N ARG DB 99 -106.09 29.36 18.47
CA ARG DB 99 -107.51 29.52 18.13
C ARG DB 99 -108.28 28.20 18.10
N LYS DB 100 -109.46 28.15 18.72
CA LYS DB 100 -110.22 26.91 18.89
C LYS DB 100 -111.69 26.99 18.50
N TRP DB 101 -112.32 25.82 18.48
CA TRP DB 101 -113.76 25.73 18.53
C TRP DB 101 -114.17 25.54 19.97
N SER DB 102 -115.29 26.16 20.36
CA SER DB 102 -115.79 26.03 21.73
C SER DB 102 -117.31 26.07 21.77
N GLU EB 38 -71.98 75.37 65.19
CA GLU EB 38 -71.11 76.26 65.93
C GLU EB 38 -69.71 75.66 66.12
N PHE EB 39 -69.32 74.79 65.20
CA PHE EB 39 -68.05 74.07 65.35
C PHE EB 39 -66.83 74.92 65.00
N GLN EB 40 -65.74 74.68 65.71
CA GLN EB 40 -64.48 75.35 65.47
C GLN EB 40 -63.34 74.37 65.72
N SER EB 41 -62.26 74.53 64.97
CA SER EB 41 -61.13 73.61 65.03
C SER EB 41 -59.83 74.37 65.24
N ILE EB 42 -58.76 73.65 65.56
CA ILE EB 42 -57.45 74.26 65.65
C ILE EB 42 -57.08 74.95 64.34
N TYR EB 43 -57.54 74.37 63.24
CA TYR EB 43 -57.20 74.86 61.91
C TYR EB 43 -58.20 75.82 61.31
N SER EB 44 -59.17 76.28 62.10
CA SER EB 44 -60.26 77.05 61.52
C SER EB 44 -59.79 78.37 60.96
N LEU EB 45 -60.71 79.10 60.34
CA LEU EB 45 -60.31 80.21 59.49
C LEU EB 45 -59.93 81.42 60.32
N ASP EB 46 -60.49 81.47 61.51
CA ASP EB 46 -60.26 82.58 62.43
C ASP EB 46 -58.93 82.43 63.17
N LYS EB 47 -58.58 81.21 63.52
CA LYS EB 47 -57.37 80.97 64.29
C LYS EB 47 -56.14 80.86 63.40
N LEU EB 48 -56.37 80.67 62.10
CA LEU EB 48 -55.27 80.67 61.13
C LEU EB 48 -54.87 82.09 60.79
N TYR EB 49 -55.89 82.92 60.60
CA TYR EB 49 -55.71 84.34 60.30
C TYR EB 49 -56.45 85.16 61.35
N PRO EB 50 -55.77 85.50 62.45
CA PRO EB 50 -56.42 86.13 63.59
C PRO EB 50 -56.97 87.50 63.23
N GLU EB 51 -56.24 88.20 62.36
CA GLU EB 51 -56.53 89.57 62.01
C GLU EB 51 -57.95 89.79 61.49
N SER EB 52 -58.34 89.02 60.47
CA SER EB 52 -59.70 89.12 59.93
C SER EB 52 -60.58 87.99 60.44
N ARG EB 53 -61.77 88.32 60.93
CA ARG EB 53 -62.62 87.31 61.55
C ARG EB 53 -64.06 87.27 61.03
N GLY EB 54 -64.81 88.36 61.19
CA GLY EB 54 -66.23 88.38 60.86
C GLY EB 54 -66.57 87.80 59.50
N SER EB 55 -67.68 87.07 59.42
CA SER EB 55 -68.05 86.32 58.20
C SER EB 55 -68.29 87.21 56.98
N ASP EB 56 -68.43 88.51 57.22
CA ASP EB 56 -68.62 89.47 56.15
C ASP EB 56 -67.30 90.12 55.72
N THR EB 57 -66.19 89.66 56.27
CA THR EB 57 -64.87 90.22 55.95
C THR EB 57 -64.50 90.03 54.49
N ALA EB 58 -64.77 88.83 53.98
CA ALA EB 58 -64.38 88.48 52.62
C ALA EB 58 -65.18 89.22 51.55
N TRP EB 59 -66.41 89.60 51.88
CA TRP EB 59 -67.33 90.18 50.92
C TRP EB 59 -67.36 91.71 50.92
N ARG EB 60 -66.50 92.31 51.75
CA ARG EB 60 -66.35 93.77 51.76
C ARG EB 60 -65.93 94.25 50.38
N LEU EB 61 -66.34 95.46 50.01
CA LEU EB 61 -65.95 96.01 48.72
C LEU EB 61 -65.06 97.23 48.90
N PRO EB 62 -63.77 97.08 48.58
CA PRO EB 62 -62.80 98.17 48.67
C PRO EB 62 -62.80 99.07 47.43
N ASP EB 63 -63.83 99.90 47.29
CA ASP EB 63 -63.93 100.82 46.15
C ASP EB 63 -62.92 101.97 46.28
N ASP EB 64 -62.40 102.13 47.49
CA ASP EB 64 -61.36 103.11 47.77
C ASP EB 64 -59.98 102.59 47.35
N ALA EB 65 -59.83 101.27 47.36
CA ALA EB 65 -58.58 100.63 46.96
C ALA EB 65 -58.26 100.92 45.50
N LYS EB 66 -59.19 100.60 44.59
CA LYS EB 66 -59.05 101.03 43.21
C LYS EB 66 -60.06 102.12 42.91
N GLN EB 67 -59.57 103.35 42.87
CA GLN EB 67 -60.39 104.50 42.51
C GLN EB 67 -60.14 104.91 41.06
N ALA EB 68 -59.17 104.24 40.43
CA ALA EB 68 -58.77 104.58 39.07
C ALA EB 68 -59.93 104.33 38.11
N ASN EB 69 -60.53 103.14 38.23
CA ASN EB 69 -61.64 102.69 37.39
C ASN EB 69 -61.42 103.02 35.92
N ASP EB 70 -60.36 102.48 35.35
CA ASP EB 70 -60.13 102.63 33.94
C ASP EB 70 -61.26 101.91 33.23
N ILE EB 71 -61.68 102.44 32.08
CA ILE EB 71 -62.71 101.80 31.28
C ILE EB 71 -64.01 101.56 32.06
N PRO EB 72 -64.79 102.62 32.27
CA PRO EB 72 -66.11 102.55 32.88
C PRO EB 72 -67.09 101.89 31.91
N VAL EB 73 -67.11 100.56 31.94
CA VAL EB 73 -67.75 99.73 30.92
C VAL EB 73 -69.18 100.15 30.55
N ASP EB 74 -69.87 100.81 31.48
CA ASP EB 74 -71.21 101.34 31.19
C ASP EB 74 -71.19 102.34 30.03
N ARG EB 75 -70.04 102.96 29.82
CA ARG EB 75 -69.90 104.00 28.80
C ARG EB 75 -69.49 103.48 27.43
N LEU EB 76 -69.37 102.16 27.30
CA LEU EB 76 -69.00 101.55 26.04
C LEU EB 76 -70.18 100.87 25.39
N THR EB 77 -70.22 100.87 24.06
CA THR EB 77 -71.21 100.07 23.37
C THR EB 77 -70.60 98.72 23.04
N ILE EB 78 -71.16 97.66 23.61
CA ILE EB 78 -70.60 96.33 23.45
C ILE EB 78 -71.52 95.41 22.66
N SER EB 79 -71.07 95.03 21.47
CA SER EB 79 -71.88 94.25 20.56
C SER EB 79 -71.41 92.81 20.47
N TYR EB 80 -72.34 91.88 20.35
CA TYR EB 80 -71.99 90.47 20.19
C TYR EB 80 -72.51 89.88 18.89
N CYS EB 81 -71.61 89.55 17.98
CA CYS EB 81 -71.96 88.83 16.76
C CYS EB 81 -71.60 87.36 16.96
N ARG EB 82 -72.59 86.50 17.07
CA ARG EB 82 -72.32 85.10 17.36
C ARG EB 82 -72.23 84.27 16.07
N SER EB 83 -71.02 83.79 15.75
CA SER EB 83 -70.82 83.00 14.53
C SER EB 83 -70.63 81.52 14.86
N SER EB 84 -71.65 80.70 14.55
CA SER EB 84 -71.60 79.28 14.84
C SER EB 84 -71.66 78.44 13.56
N GLY EB 85 -70.77 77.45 13.47
CA GLY EB 85 -70.70 76.58 12.31
C GLY EB 85 -69.85 75.35 12.55
N LYS EB 93 -66.29 76.75 11.82
CA LYS EB 93 -65.67 77.05 13.09
C LYS EB 93 -66.59 77.87 13.99
N VAL EB 94 -66.61 77.53 15.28
CA VAL EB 94 -67.46 78.23 16.23
C VAL EB 94 -66.66 79.34 16.91
N ASN EB 95 -67.00 80.60 16.60
CA ASN EB 95 -66.37 81.77 17.23
C ASN EB 95 -67.34 82.94 17.38
N SER EB 96 -67.19 83.69 18.48
CA SER EB 96 -68.07 84.81 18.73
C SER EB 96 -67.30 86.12 18.66
N LYS EB 97 -67.58 86.89 17.61
CA LYS EB 97 -67.01 88.22 17.48
C LYS EB 97 -67.58 89.12 18.57
N ALA EB 98 -66.69 89.75 19.33
CA ALA EB 98 -67.13 90.75 20.29
C ALA EB 98 -66.54 92.10 19.92
N GLU EB 99 -67.38 93.12 19.97
CA GLU EB 99 -67.01 94.45 19.48
C GLU EB 99 -67.19 95.53 20.54
N VAL EB 100 -66.21 96.42 20.62
CA VAL EB 100 -66.25 97.54 21.55
C VAL EB 100 -66.19 98.87 20.80
N ARG EB 101 -67.29 99.61 20.86
CA ARG EB 101 -67.39 100.92 20.20
C ARG EB 101 -67.51 102.03 21.22
N PHE EB 102 -66.80 103.13 21.00
CA PHE EB 102 -67.12 104.35 21.73
C PHE EB 102 -66.65 105.61 21.00
N HIS EB 103 -67.29 106.74 21.29
CA HIS EB 103 -66.89 107.99 20.69
C HIS EB 103 -65.58 108.48 21.30
N LEU EB 104 -64.60 108.78 20.47
CA LEU EB 104 -63.27 109.14 20.99
C LEU EB 104 -63.22 110.57 21.53
N ALA EB 105 -63.78 111.53 20.81
CA ALA EB 105 -63.74 112.93 21.23
C ALA EB 105 -64.61 113.16 22.45
N SER EB 106 -65.66 112.37 22.58
CA SER EB 106 -66.64 112.52 23.66
C SER EB 106 -66.27 111.71 24.91
N ALA EB 107 -65.12 111.05 24.90
CA ALA EB 107 -64.70 110.21 26.03
C ALA EB 107 -63.83 111.00 27.01
N ASP EB 108 -64.37 111.24 28.20
CA ASP EB 108 -63.73 112.12 29.17
C ASP EB 108 -62.83 111.40 30.16
N TRP EB 109 -62.86 110.07 30.19
CA TRP EB 109 -62.09 109.33 31.18
C TRP EB 109 -60.63 109.21 30.76
N ILE EB 110 -60.34 109.74 29.58
CA ILE EB 110 -58.98 109.79 29.09
C ILE EB 110 -58.56 111.25 28.92
N ALA EB 111 -57.30 111.53 29.23
CA ALA EB 111 -56.79 112.89 29.19
C ALA EB 111 -56.78 113.41 27.76
N GLU EB 112 -56.72 114.74 27.62
CA GLU EB 112 -56.73 115.35 26.29
C GLU EB 112 -55.50 115.03 25.42
N PRO EB 113 -54.28 115.12 25.97
CA PRO EB 113 -53.12 114.75 25.12
C PRO EB 113 -53.21 113.30 24.61
N VAL EB 114 -53.62 112.40 25.50
CA VAL EB 114 -53.81 110.99 25.15
C VAL EB 114 -54.93 110.80 24.13
N ARG EB 115 -56.05 111.48 24.37
CA ARG EB 115 -57.22 111.42 23.48
C ARG EB 115 -56.86 111.90 22.07
N LEU EB 116 -55.91 112.82 21.98
CA LEU EB 116 -55.43 113.27 20.67
C LEU EB 116 -54.41 112.34 20.03
N LYS EB 117 -53.50 111.77 20.82
CA LYS EB 117 -52.52 110.82 20.24
C LYS EB 117 -53.18 109.54 19.73
N LEU EB 118 -54.19 109.07 20.47
CA LEU EB 118 -54.98 107.91 20.03
C LEU EB 118 -55.55 108.11 18.64
N ALA EB 119 -56.13 109.29 18.40
CA ALA EB 119 -56.74 109.60 17.12
C ALA EB 119 -55.69 109.68 16.01
N VAL EB 120 -54.41 109.70 16.39
CA VAL EB 120 -53.32 109.64 15.43
C VAL EB 120 -52.92 108.20 15.14
N LYS EB 121 -52.44 107.47 16.15
CA LYS EB 121 -51.92 106.12 15.89
C LYS EB 121 -52.97 105.16 15.33
N HIS EB 122 -54.16 105.20 15.90
CA HIS EB 122 -55.21 104.24 15.59
C HIS EB 122 -56.26 104.68 14.57
N LYS EB 123 -56.02 105.80 13.89
CA LYS EB 123 -56.99 106.37 12.95
C LYS EB 123 -57.51 105.36 11.91
N ASN EB 124 -56.75 104.29 11.69
CA ASN EB 124 -57.19 103.21 10.83
C ASN EB 124 -58.46 102.54 11.33
N ARG EB 125 -58.55 102.34 12.64
CA ARG EB 125 -59.71 101.66 13.21
C ARG EB 125 -60.78 102.63 13.71
N ILE EB 126 -60.58 103.92 13.50
CA ILE EB 126 -61.61 104.92 13.81
C ILE EB 126 -62.63 105.00 12.68
N ASN EB 127 -63.85 105.42 13.02
CA ASN EB 127 -65.00 105.38 12.12
C ASN EB 127 -65.43 106.81 11.77
N ARG EB 128 -66.09 107.00 10.63
CA ARG EB 128 -66.43 108.35 10.16
C ARG EB 128 -67.40 109.08 11.09
N SER EB 129 -68.05 108.34 11.97
CA SER EB 129 -68.93 108.93 12.98
C SER EB 129 -68.15 109.27 14.25
N GLY EB 130 -66.83 109.07 14.19
CA GLY EB 130 -65.94 109.44 15.28
C GLY EB 130 -65.68 108.30 16.24
N GLU EB 131 -66.24 107.14 15.93
CA GLU EB 131 -66.18 105.97 16.80
C GLU EB 131 -64.86 105.21 16.70
N LEU EB 132 -64.24 104.94 17.85
CA LEU EB 132 -63.18 103.95 17.91
C LEU EB 132 -63.81 102.58 18.09
N ILE EB 133 -63.31 101.62 17.32
CA ILE EB 133 -63.87 100.28 17.26
C ILE EB 133 -62.80 99.23 17.49
N LEU EB 134 -62.95 98.45 18.55
CA LEU EB 134 -62.08 97.31 18.81
C LEU EB 134 -62.85 96.03 18.55
N THR EB 135 -62.14 94.99 18.12
CA THR EB 135 -62.80 93.73 17.83
C THR EB 135 -61.94 92.55 18.25
N SER EB 136 -62.57 91.58 18.91
CA SER EB 136 -61.89 90.33 19.20
C SER EB 136 -62.69 89.14 18.71
N GLU EB 137 -61.97 88.04 18.49
CA GLU EB 137 -62.47 86.93 17.72
C GLU EB 137 -62.32 85.61 18.46
N CYS EB 138 -61.09 85.33 18.90
CA CYS EB 138 -60.59 84.00 19.22
C CYS EB 138 -61.52 83.00 19.94
N SER EB 139 -61.84 83.23 21.21
CA SER EB 139 -62.55 82.21 21.97
C SER EB 139 -63.99 82.01 21.55
N ARG EB 140 -64.55 80.88 21.95
CA ARG EB 140 -65.97 80.64 21.76
C ARG EB 140 -66.76 81.33 22.89
N TYR EB 141 -66.07 81.65 23.97
CA TYR EB 141 -66.69 82.34 25.11
C TYR EB 141 -66.50 83.83 25.02
N GLN EB 142 -67.60 84.60 24.99
CA GLN EB 142 -67.48 86.03 24.79
C GLN EB 142 -66.95 86.78 26.01
N PHE EB 143 -66.88 86.11 27.16
CA PHE EB 143 -66.15 86.68 28.29
C PHE EB 143 -64.72 86.91 27.87
N ARG EB 144 -64.14 85.87 27.27
CA ARG EB 144 -62.75 85.93 26.86
C ARG EB 144 -62.52 86.99 25.78
N ASN EB 145 -63.51 87.14 24.89
CA ASN EB 145 -63.43 88.14 23.85
C ASN EB 145 -63.44 89.54 24.42
N LEU EB 146 -64.45 89.81 25.24
CA LEU EB 146 -64.56 91.09 25.92
C LEU EB 146 -63.27 91.39 26.65
N ALA EB 147 -62.71 90.39 27.31
CA ALA EB 147 -61.47 90.55 28.04
C ALA EB 147 -60.33 90.94 27.11
N ASP EB 148 -60.30 90.35 25.92
CA ASP EB 148 -59.28 90.69 24.94
C ASP EB 148 -59.41 92.13 24.47
N CYS EB 149 -60.63 92.54 24.18
CA CYS EB 149 -60.90 93.92 23.78
C CYS EB 149 -60.41 94.88 24.85
N LEU EB 150 -60.90 94.69 26.07
CA LEU EB 150 -60.56 95.57 27.17
C LEU EB 150 -59.06 95.61 27.39
N GLN EB 151 -58.39 94.47 27.25
CA GLN EB 151 -56.95 94.47 27.41
C GLN EB 151 -56.27 95.26 26.30
N LYS EB 152 -56.80 95.16 25.08
CA LYS EB 152 -56.28 95.94 23.96
C LYS EB 152 -56.40 97.42 24.23
N LEU EB 153 -57.58 97.84 24.67
CA LEU EB 153 -57.84 99.24 25.00
C LEU EB 153 -56.89 99.73 26.09
N ARG EB 154 -56.78 98.96 27.17
CA ARG EB 154 -55.83 99.26 28.24
C ARG EB 154 -54.44 99.48 27.69
N ASP EB 155 -54.03 98.64 26.75
CA ASP EB 155 -52.68 98.74 26.21
C ASP EB 155 -52.50 99.96 25.31
N MET EB 156 -53.53 100.30 24.55
CA MET EB 156 -53.48 101.47 23.68
C MET EB 156 -53.35 102.74 24.52
N ILE EB 157 -54.21 102.84 25.52
CA ILE EB 157 -54.19 103.96 26.45
C ILE EB 157 -52.85 104.00 27.18
N ALA EB 158 -52.32 102.83 27.52
CA ALA EB 158 -51.03 102.72 28.18
C ALA EB 158 -49.89 103.29 27.33
N GLU EB 159 -49.79 102.87 26.08
CA GLU EB 159 -48.69 103.31 25.23
C GLU EB 159 -48.85 104.76 24.75
N ALA EB 160 -50.09 105.23 24.68
CA ALA EB 160 -50.35 106.62 24.27
C ALA EB 160 -50.11 107.58 25.42
N SER EB 161 -50.36 107.12 26.65
CA SER EB 161 -50.16 107.95 27.84
C SER EB 161 -48.69 107.98 28.26
N GLN EB 162 -47.90 107.11 27.65
CA GLN EB 162 -46.45 107.15 27.82
C GLN EB 162 -45.84 108.06 26.76
N PRO EB 163 -45.30 109.21 27.20
CA PRO EB 163 -44.57 110.12 26.30
C PRO EB 163 -43.23 109.50 25.85
N ALA EB 164 -42.81 108.45 26.55
CA ALA EB 164 -41.53 107.79 26.32
C ALA EB 164 -41.57 106.81 25.14
N LYS EB 165 -42.74 106.67 24.53
CA LYS EB 165 -42.88 105.79 23.37
C LYS EB 165 -42.14 106.37 22.17
N GLU EB 166 -41.20 105.60 21.63
CA GLU EB 166 -40.37 106.06 20.52
C GLU EB 166 -40.87 105.58 19.14
N PRO EB 167 -41.91 104.75 19.15
CA PRO EB 167 -42.49 104.22 17.91
C PRO EB 167 -41.45 103.60 16.98
N SER EB 168 -40.65 102.68 17.50
CA SER EB 168 -39.57 102.04 16.73
C SER EB 168 -40.12 101.18 15.60
N ARG EB 169 -39.56 101.37 14.40
CA ARG EB 169 -40.03 100.67 13.21
C ARG EB 169 -38.99 99.68 12.67
N GLU EB 170 -39.44 98.49 12.31
CA GLU EB 170 -38.57 97.45 11.75
C GLU EB 170 -38.27 97.71 10.27
N ASP EB 171 -37.10 97.27 9.83
CA ASP EB 171 -36.67 97.48 8.45
C ASP EB 171 -37.09 96.32 7.54
N ALA EB 172 -37.72 95.30 8.12
CA ALA EB 172 -38.10 94.10 7.39
C ALA EB 172 -39.13 94.37 6.29
N GLU EB 173 -40.30 94.87 6.68
CA GLU EB 173 -41.38 95.16 5.72
C GLU EB 173 -41.35 96.61 5.23
N LEU EB 174 -40.53 97.43 5.87
CA LEU EB 174 -40.45 98.86 5.55
C LEU EB 174 -39.29 99.22 4.62
N ARG EB 175 -38.48 98.24 4.24
CA ARG EB 175 -37.37 98.49 3.32
C ARG EB 175 -37.91 98.91 1.96
N ARG EB 176 -38.89 98.16 1.47
CA ARG EB 176 -39.63 98.52 0.26
C ARG EB 176 -40.17 99.94 0.35
N SER EB 177 -40.71 100.28 1.52
CA SER EB 177 -41.33 101.59 1.73
C SER EB 177 -40.29 102.71 1.63
N ARG EB 178 -39.16 102.55 2.33
CA ARG EB 178 -38.11 103.56 2.33
C ARG EB 178 -37.47 103.74 0.96
N ILE EB 179 -37.20 102.63 0.30
CA ILE EB 179 -36.54 102.67 -1.00
C ILE EB 179 -37.48 103.21 -2.09
N GLU EB 180 -38.72 102.74 -2.12
CA GLU EB 180 -39.66 103.23 -3.13
C GLU EB 180 -40.03 104.69 -2.86
N ASN EB 181 -39.98 105.08 -1.58
CA ASN EB 181 -40.17 106.48 -1.21
C ASN EB 181 -39.05 107.35 -1.78
N MET EB 182 -37.82 106.99 -1.43
CA MET EB 182 -36.62 107.67 -1.92
C MET EB 182 -36.60 107.79 -3.45
N ASN EB 183 -36.99 106.70 -4.10
CA ASN EB 183 -36.92 106.61 -5.54
C ASN EB 183 -38.09 107.31 -6.24
N ARG EB 184 -39.19 107.54 -5.53
CA ARG EB 184 -40.22 108.42 -6.10
C ARG EB 184 -39.84 109.87 -5.77
N GLU EB 185 -38.94 110.04 -4.82
CA GLU EB 185 -38.40 111.35 -4.48
C GLU EB 185 -37.29 111.79 -5.42
N ARG EB 186 -36.68 110.86 -6.15
CA ARG EB 186 -35.75 111.25 -7.21
C ARG EB 186 -36.48 111.94 -8.38
N LEU EB 187 -37.68 111.45 -8.69
CA LEU EB 187 -38.50 112.00 -9.76
C LEU EB 187 -39.24 113.27 -9.34
N ARG EB 188 -39.78 113.24 -8.11
CA ARG EB 188 -40.48 114.38 -7.53
C ARG EB 188 -39.60 115.65 -7.49
N LYS EB 189 -38.29 115.46 -7.60
CA LYS EB 189 -37.29 116.50 -7.40
C LYS EB 189 -37.25 117.58 -8.50
N LYS EB 190 -38.05 117.41 -9.55
CA LYS EB 190 -38.10 118.40 -10.62
C LYS EB 190 -38.73 119.70 -10.13
N ARG EB 191 -38.01 120.81 -10.26
CA ARG EB 191 -38.48 122.08 -9.70
C ARG EB 191 -38.83 123.14 -10.73
N ILE EB 192 -40.13 123.34 -10.92
CA ILE EB 192 -40.69 124.53 -11.57
C ILE EB 192 -42.08 124.66 -10.96
N SER EB 193 -42.51 125.90 -10.71
CA SER EB 193 -43.82 126.11 -10.10
C SER EB 193 -44.93 125.79 -11.10
N SER EB 194 -46.08 125.34 -10.56
CA SER EB 194 -47.22 125.02 -11.40
C SER EB 194 -48.54 125.37 -10.71
N ALA EB 195 -49.57 125.63 -11.52
CA ALA EB 195 -50.90 126.06 -11.05
C ALA EB 195 -50.82 127.36 -10.26
N TYR FB 25 -105.21 25.86 45.90
CA TYR FB 25 -104.36 25.93 47.08
C TYR FB 25 -104.21 27.37 47.54
N ARG FB 26 -103.52 27.54 48.65
CA ARG FB 26 -103.20 28.86 49.16
C ARG FB 26 -101.70 28.99 49.38
N ALA FB 27 -101.14 30.12 48.98
CA ALA FB 27 -99.70 30.31 48.98
C ALA FB 27 -99.07 30.25 50.38
N ARG FB 28 -97.78 29.95 50.43
CA ARG FB 28 -97.01 30.01 51.67
C ARG FB 28 -96.97 31.43 52.19
N PRO FB 29 -96.72 31.60 53.48
CA PRO FB 29 -96.48 32.94 54.01
C PRO FB 29 -95.26 33.57 53.35
N PRO FB 30 -95.39 34.84 52.91
CA PRO FB 30 -94.32 35.53 52.17
C PRO FB 30 -93.05 35.61 53.00
N PRO FB 31 -91.89 35.47 52.34
CA PRO FB 31 -90.62 35.60 53.06
C PRO FB 31 -90.42 37.03 53.50
N ARG FB 32 -90.07 37.26 54.75
CA ARG FB 32 -89.83 38.62 55.21
C ARG FB 32 -88.49 38.74 55.89
N ARG FB 33 -87.96 39.95 55.88
CA ARG FB 33 -86.68 40.24 56.50
C ARG FB 33 -86.92 40.71 57.92
N SER FB 34 -86.54 39.89 58.91
CA SER FB 34 -86.77 40.24 60.30
C SER FB 34 -85.96 41.45 60.67
N GLN FB 35 -86.61 42.46 61.26
CA GLN FB 35 -85.95 43.72 61.55
C GLN FB 35 -85.43 43.78 62.98
N GLU FB 36 -85.58 42.68 63.71
CA GLU FB 36 -85.02 42.56 65.04
C GLU FB 36 -83.51 42.39 64.97
N PRO FB 37 -82.79 42.91 65.97
CA PRO FB 37 -81.34 42.75 66.02
C PRO FB 37 -80.95 41.28 66.06
N ARG FB 38 -79.86 40.93 65.40
CA ARG FB 38 -79.45 39.52 65.28
C ARG FB 38 -78.07 39.27 65.85
N TRP FB 39 -78.02 38.52 66.94
CA TRP FB 39 -76.77 38.18 67.59
C TRP FB 39 -76.49 36.70 67.52
N PRO FB 40 -75.38 36.33 66.87
CA PRO FB 40 -74.90 34.95 66.77
C PRO FB 40 -74.19 34.50 68.05
N ASP FB 41 -74.22 33.21 68.35
CA ASP FB 41 -73.55 32.68 69.53
C ASP FB 41 -72.04 32.87 69.42
N PRO FB 42 -71.45 33.64 70.34
CA PRO FB 42 -70.00 33.85 70.36
C PRO FB 42 -69.23 32.59 70.74
N ASP FB 43 -69.94 31.65 71.36
CA ASP FB 43 -69.33 30.42 71.85
C ASP FB 43 -69.46 29.23 70.89
N ASP FB 44 -70.19 29.41 69.79
CA ASP FB 44 -70.39 28.33 68.81
C ASP FB 44 -69.29 28.39 67.75
N PRO FB 45 -68.46 27.34 67.68
CA PRO FB 45 -67.28 27.34 66.80
C PRO FB 45 -67.63 27.38 65.32
N LEU FB 46 -68.88 27.06 65.00
CA LEU FB 46 -69.35 27.02 63.61
C LEU FB 46 -69.80 28.39 63.11
N THR FB 47 -69.67 29.41 63.94
CA THR FB 47 -70.04 30.76 63.52
C THR FB 47 -68.85 31.44 62.88
N PRO FB 48 -69.12 32.20 61.81
CA PRO FB 48 -68.05 32.87 61.05
C PRO FB 48 -67.42 33.99 61.85
N ARG FB 49 -66.13 34.22 61.60
CA ARG FB 49 -65.37 35.13 62.43
C ARG FB 49 -65.60 36.58 62.05
N TRP FB 50 -66.42 36.81 61.03
CA TRP FB 50 -66.78 38.17 60.66
C TRP FB 50 -68.03 38.62 61.40
N GLN FB 51 -68.72 37.67 62.02
CA GLN FB 51 -69.93 38.00 62.76
C GLN FB 51 -69.64 38.16 64.24
N LEU FB 52 -68.41 37.91 64.65
CA LEU FB 52 -67.99 38.15 66.03
C LEU FB 52 -67.19 39.44 66.21
N SER FB 53 -67.01 40.19 65.14
CA SER FB 53 -66.12 41.35 65.15
C SER FB 53 -66.72 42.57 65.85
N PRO FB 54 -65.86 43.52 66.25
CA PRO FB 54 -66.36 44.82 66.75
C PRO FB 54 -67.26 45.49 65.72
N ARG FB 55 -66.79 45.48 64.48
CA ARG FB 55 -67.50 46.12 63.38
C ARG FB 55 -68.92 45.62 63.22
N TYR FB 56 -69.14 44.35 63.51
CA TYR FB 56 -70.47 43.78 63.41
C TYR FB 56 -71.37 44.37 64.46
N ALA FB 57 -70.80 44.61 65.64
CA ALA FB 57 -71.54 45.21 66.73
C ALA FB 57 -71.93 46.64 66.38
N ALA FB 58 -70.95 47.44 65.99
CA ALA FB 58 -71.21 48.82 65.62
C ALA FB 58 -72.24 48.93 64.51
N LYS FB 59 -72.17 48.00 63.56
CA LYS FB 59 -73.12 47.99 62.46
C LYS FB 59 -74.52 47.63 62.98
N GLN FB 60 -74.57 46.71 63.91
CA GLN FB 60 -75.84 46.32 64.51
C GLN FB 60 -76.46 47.51 65.23
N PHE FB 61 -75.62 48.35 65.82
CA PHE FB 61 -76.08 49.58 66.45
C PHE FB 61 -76.66 50.54 65.42
N ALA FB 62 -75.87 50.85 64.40
CA ALA FB 62 -76.33 51.82 63.40
C ALA FB 62 -77.63 51.37 62.74
N ARG FB 63 -77.84 50.06 62.64
CA ARG FB 63 -79.10 49.56 62.11
C ARG FB 63 -80.28 49.85 63.04
N HIS FB 64 -80.14 49.53 64.33
CA HIS FB 64 -81.17 49.86 65.32
C HIS FB 64 -80.61 50.74 66.44
N GLY FB 65 -79.83 50.13 67.32
CA GLY FB 65 -79.01 50.84 68.29
C GLY FB 65 -79.67 51.16 69.61
N ALA FB 66 -80.98 51.34 69.60
CA ALA FB 66 -81.72 51.41 70.84
C ALA FB 66 -81.98 50.00 71.33
N ALA FB 67 -82.52 49.19 70.41
CA ALA FB 67 -82.93 47.83 70.74
C ALA FB 67 -81.75 46.91 70.56
N SER FB 68 -80.66 47.46 70.05
CA SER FB 68 -79.47 46.69 69.77
C SER FB 68 -78.90 46.05 71.02
N GLY FB 69 -78.90 46.80 72.11
CA GLY FB 69 -78.31 46.33 73.33
C GLY FB 69 -76.82 46.55 73.23
N VAL FB 70 -76.46 47.55 72.45
CA VAL FB 70 -75.06 47.92 72.33
C VAL FB 70 -74.79 49.18 73.14
N ALA FB 71 -73.77 49.13 73.98
CA ALA FB 71 -73.36 50.32 74.70
C ALA FB 71 -72.81 51.31 73.71
N ALA FB 72 -73.40 52.51 73.68
CA ALA FB 72 -73.04 53.51 72.69
C ALA FB 72 -71.58 53.93 72.84
N GLY FB 73 -71.12 54.00 74.08
CA GLY FB 73 -69.76 54.44 74.36
C GLY FB 73 -68.71 53.54 73.73
N SER FB 74 -69.14 52.36 73.29
CA SER FB 74 -68.25 51.40 72.66
C SER FB 74 -67.83 51.85 71.27
N LEU FB 75 -68.58 52.81 70.71
CA LEU FB 75 -68.41 53.19 69.32
C LEU FB 75 -67.25 54.13 69.09
N TRP FB 76 -66.56 54.49 70.16
CA TRP FB 76 -65.43 55.41 70.07
C TRP FB 76 -64.14 54.68 70.39
N PRO FB 77 -63.03 55.19 69.87
CA PRO FB 77 -61.73 54.57 70.12
C PRO FB 77 -61.40 54.47 71.60
N SER FB 78 -60.74 53.39 71.99
CA SER FB 78 -60.29 53.20 73.37
C SER FB 78 -59.14 54.16 73.63
N GLN FB 79 -58.60 54.13 74.84
CA GLN FB 79 -57.47 55.00 75.15
C GLN FB 79 -56.25 54.58 74.33
N GLU FB 80 -56.03 53.28 74.20
CA GLU FB 80 -54.96 52.76 73.38
C GLU FB 80 -55.14 53.15 71.93
N GLN FB 81 -56.32 52.82 71.39
CA GLN FB 81 -56.67 53.10 70.01
C GLN FB 81 -56.50 54.59 69.72
N LEU FB 82 -56.90 55.42 70.69
CA LEU FB 82 -56.81 56.86 70.54
C LEU FB 82 -55.37 57.33 70.50
N ARG FB 83 -54.56 56.78 71.39
CA ARG FB 83 -53.14 57.15 71.43
C ARG FB 83 -52.43 56.74 70.14
N GLU FB 84 -52.86 55.64 69.55
CA GLU FB 84 -52.25 55.15 68.32
C GLU FB 84 -52.68 55.99 67.11
N LEU FB 85 -53.98 56.24 67.01
CA LEU FB 85 -54.50 57.13 65.98
C LEU FB 85 -53.77 58.45 66.03
N GLU FB 86 -53.61 58.96 67.24
CA GLU FB 86 -52.90 60.21 67.46
C GLU FB 86 -51.47 60.11 66.95
N ALA FB 87 -50.74 59.09 67.39
CA ALA FB 87 -49.34 58.92 67.01
C ALA FB 87 -49.17 58.88 65.50
N GLU FB 88 -49.99 58.06 64.86
CA GLU FB 88 -49.97 57.91 63.40
C GLU FB 88 -50.27 59.23 62.69
N GLU FB 89 -51.37 59.86 63.05
CA GLU FB 89 -51.80 61.11 62.44
C GLU FB 89 -50.76 62.20 62.61
N ARG FB 90 -50.01 62.13 63.71
CA ARG FB 90 -48.95 63.09 63.99
C ARG FB 90 -47.69 62.79 63.18
N GLU FB 91 -47.50 61.51 62.85
CA GLU FB 91 -46.37 61.10 62.03
C GLU FB 91 -46.52 61.38 60.53
N TRP FB 92 -47.64 60.94 59.94
CA TRP FB 92 -47.79 60.96 58.48
C TRP FB 92 -48.57 62.13 57.89
N TYR FB 93 -49.10 62.99 58.75
CA TYR FB 93 -49.88 64.14 58.29
C TYR FB 93 -49.42 65.42 58.97
N PRO FB 94 -48.47 66.13 58.34
CA PRO FB 94 -47.80 67.26 58.99
C PRO FB 94 -48.71 68.47 59.26
N SER FB 95 -48.14 69.48 59.92
CA SER FB 95 -48.86 70.71 60.22
C SER FB 95 -48.90 71.63 59.02
N LEU FB 96 -49.97 72.39 58.88
CA LEU FB 96 -50.09 73.33 57.77
C LEU FB 96 -48.89 74.27 57.72
N ALA FB 97 -48.46 74.71 58.90
CA ALA FB 97 -47.29 75.56 59.03
C ALA FB 97 -46.02 74.84 58.59
N ALA FB 98 -45.89 73.59 59.04
CA ALA FB 98 -44.75 72.75 58.71
C ALA FB 98 -44.62 72.58 57.21
N MET FB 99 -45.76 72.44 56.55
CA MET FB 99 -45.81 72.23 55.11
C MET FB 99 -45.53 73.51 54.33
N GLN FB 100 -46.07 74.63 54.80
CA GLN FB 100 -45.79 75.91 54.13
C GLN FB 100 -44.30 76.21 54.21
N GLU FB 101 -43.72 75.90 55.37
CA GLU FB 101 -42.26 75.97 55.57
C GLU FB 101 -41.51 75.08 54.56
N SER FB 102 -41.85 73.79 54.57
CA SER FB 102 -41.28 72.81 53.66
C SER FB 102 -41.27 73.26 52.20
N LEU FB 103 -42.37 73.90 51.78
CA LEU FB 103 -42.47 74.39 50.42
C LEU FB 103 -41.57 75.61 50.21
N ARG FB 104 -41.60 76.53 51.17
CA ARG FB 104 -40.80 77.73 51.07
C ARG FB 104 -39.32 77.38 50.88
N VAL FB 105 -38.83 76.38 51.61
CA VAL FB 105 -37.43 75.97 51.47
C VAL FB 105 -37.10 75.47 50.06
N GLN FB 106 -37.94 74.60 49.51
CA GLN FB 106 -37.71 74.06 48.17
C GLN FB 106 -37.74 75.14 47.10
N GLN FB 107 -38.74 76.02 47.16
CA GLN FB 107 -38.82 77.14 46.24
C GLN FB 107 -37.55 77.99 46.31
N LEU FB 108 -37.05 78.21 47.52
CA LEU FB 108 -35.80 78.94 47.69
C LEU FB 108 -34.62 78.23 47.00
N ALA FB 109 -34.49 76.92 47.22
CA ALA FB 109 -33.42 76.15 46.58
C ALA FB 109 -33.48 76.25 45.05
N GLU FB 110 -34.69 76.15 44.50
CA GLU FB 110 -34.88 76.24 43.05
C GLU FB 110 -34.50 77.61 42.50
N GLU FB 111 -34.94 78.67 43.18
CA GLU FB 111 -34.54 80.01 42.80
C GLU FB 111 -33.02 80.14 42.78
N GLN FB 112 -32.36 79.61 43.81
CA GLN FB 112 -30.90 79.66 43.89
C GLN FB 112 -30.23 78.91 42.74
N LYS FB 113 -30.82 77.78 42.34
CA LYS FB 113 -30.32 77.04 41.18
C LYS FB 113 -30.45 77.86 39.89
N ARG FB 114 -31.63 78.42 39.64
CA ARG FB 114 -31.86 79.25 38.44
C ARG FB 114 -30.89 80.42 38.38
N GLN FB 115 -30.72 81.11 39.51
CA GLN FB 115 -29.82 82.26 39.54
C GLN FB 115 -28.37 81.81 39.34
N ALA FB 116 -28.02 80.62 39.83
CA ALA FB 116 -26.69 80.08 39.61
C ALA FB 116 -26.43 79.83 38.12
N ARG FB 117 -27.38 79.15 37.48
CA ARG FB 117 -27.32 78.89 36.04
C ARG FB 117 -27.18 80.18 35.24
N GLU FB 118 -28.08 81.13 35.49
CA GLU FB 118 -28.06 82.41 34.78
C GLU FB 118 -26.74 83.13 34.99
N GLN FB 119 -26.25 83.13 36.21
CA GLN FB 119 -24.96 83.73 36.53
C GLN FB 119 -23.85 83.12 35.67
N LEU FB 120 -23.78 81.79 35.68
CA LEU FB 120 -22.78 81.07 34.91
C LEU FB 120 -22.83 81.44 33.42
N ILE FB 121 -24.04 81.43 32.87
CA ILE FB 121 -24.24 81.75 31.45
C ILE FB 121 -23.81 83.18 31.10
N GLU FB 122 -24.23 84.16 31.90
CA GLU FB 122 -23.82 85.54 31.66
C GLU FB 122 -22.29 85.69 31.74
N GLU FB 123 -21.71 85.11 32.79
CA GLU FB 123 -20.27 85.14 33.01
C GLU FB 123 -19.48 84.61 31.81
N CYS FB 124 -19.89 83.46 31.30
CA CYS FB 124 -19.16 82.83 30.20
C CYS FB 124 -19.52 83.40 28.83
N MET FB 125 -20.66 84.09 28.74
CA MET FB 125 -21.06 84.75 27.51
C MET FB 125 -20.30 86.07 27.36
N ALA FB 126 -19.92 86.64 28.50
CA ALA FB 126 -19.06 87.82 28.49
C ALA FB 126 -17.65 87.46 28.02
N LYS FB 127 -17.27 86.20 28.24
CA LYS FB 127 -15.91 85.73 27.93
C LYS FB 127 -15.77 85.20 26.51
N MET FB 128 -16.86 85.15 25.76
CA MET FB 128 -16.88 84.43 24.49
C MET FB 128 -16.03 85.05 23.36
N PRO FB 129 -16.22 86.34 23.03
CA PRO FB 129 -15.47 86.87 21.89
C PRO FB 129 -13.95 86.76 22.09
N GLN FB 130 -13.49 86.94 23.33
CA GLN FB 130 -12.09 86.77 23.67
C GLN FB 130 -11.62 85.34 23.43
N MET FB 131 -12.42 84.38 23.86
CA MET FB 131 -12.08 82.97 23.72
C MET FB 131 -11.98 82.54 22.26
N ILE FB 132 -13.03 82.82 21.49
CA ILE FB 132 -13.05 82.38 20.08
C ILE FB 132 -12.03 83.16 19.24
N GLU FB 133 -11.76 84.41 19.59
CA GLU FB 133 -10.73 85.17 18.88
C GLU FB 133 -9.35 84.62 19.20
N ASN FB 134 -9.13 84.33 20.48
CA ASN FB 134 -7.86 83.75 20.93
C ASN FB 134 -7.60 82.40 20.27
N TRP FB 135 -8.63 81.59 20.14
CA TRP FB 135 -8.53 80.28 19.50
C TRP FB 135 -8.34 80.42 17.99
N ARG FB 136 -8.94 81.46 17.41
CA ARG FB 136 -8.76 81.73 15.97
C ARG FB 136 -7.32 82.11 15.67
N GLN FB 137 -6.76 83.00 16.50
CA GLN FB 137 -5.35 83.40 16.38
C GLN FB 137 -4.43 82.21 16.63
N GLN FB 138 -4.80 81.37 17.57
CA GLN FB 138 -4.05 80.15 17.88
C GLN FB 138 -3.97 79.22 16.66
N GLN FB 139 -5.11 79.00 16.02
CA GLN FB 139 -5.20 78.12 14.86
C GLN FB 139 -4.50 78.71 13.64
N GLN FB 140 -4.61 80.03 13.47
CA GLN FB 140 -3.96 80.73 12.36
C GLN FB 140 -2.44 80.67 12.52
N GLU FB 141 -1.98 80.89 13.74
CA GLU FB 141 -0.56 80.75 14.10
C GLU FB 141 -0.06 79.32 13.89
N ARG FB 142 -0.93 78.34 14.17
CA ARG FB 142 -0.60 76.93 13.93
C ARG FB 142 -0.42 76.66 12.43
N ARG FB 143 -1.38 77.12 11.64
CA ARG FB 143 -1.32 77.01 10.18
C ARG FB 143 -0.06 77.65 9.59
N GLU FB 144 0.22 78.88 10.00
CA GLU FB 144 1.40 79.59 9.50
C GLU FB 144 2.68 78.91 9.97
N LYS FB 145 2.63 78.29 11.15
CA LYS FB 145 3.76 77.52 11.66
C LYS FB 145 4.05 76.31 10.77
N GLU FB 146 3.02 75.54 10.45
CA GLU FB 146 3.17 74.38 9.56
C GLU FB 146 3.59 74.76 8.14
N GLN FB 147 2.99 75.82 7.59
CA GLN FB 147 3.32 76.27 6.24
C GLN FB 147 4.76 76.81 6.16
N ALA FB 148 5.17 77.57 7.19
CA ALA FB 148 6.54 78.05 7.28
C ALA FB 148 7.52 76.88 7.40
N ASP FB 149 7.14 75.84 8.13
CA ASP FB 149 7.95 74.61 8.20
C ASP FB 149 8.11 73.98 6.81
N LYS FB 150 7.00 73.82 6.09
CA LYS FB 150 7.03 73.19 4.77
C LYS FB 150 7.80 74.01 3.72
N ASP FB 151 7.78 75.33 3.85
CA ASP FB 151 8.54 76.20 2.94
C ASP FB 151 10.03 76.19 3.26
N ARG FB 152 10.37 76.26 4.55
CA ARG FB 152 11.77 76.18 5.00
C ARG FB 152 12.37 74.81 4.73
N ARG FB 153 11.52 73.79 4.59
CA ARG FB 153 11.95 72.47 4.14
C ARG FB 153 12.09 72.42 2.62
N ALA FB 154 11.14 73.03 1.92
CA ALA FB 154 11.15 73.06 0.45
C ALA FB 154 12.40 73.75 -0.12
N ARG FB 155 12.81 74.85 0.51
CA ARG FB 155 13.99 75.59 0.08
C ARG FB 155 15.31 74.91 0.46
N LEU FB 156 15.32 74.18 1.58
CA LEU FB 156 16.52 73.44 1.99
C LEU FB 156 16.70 72.15 1.19
N GLN FB 157 15.60 71.60 0.69
CA GLN FB 157 15.63 70.44 -0.21
C GLN FB 157 15.98 70.88 -1.64
N ALA FB 158 15.46 72.04 -2.05
CA ALA FB 158 15.77 72.60 -3.37
C ALA FB 158 17.27 72.89 -3.51
N GLU FB 159 17.85 73.50 -2.48
CA GLU FB 159 19.28 73.80 -2.46
C GLU FB 159 20.12 72.53 -2.41
N PRO GB 40 -39.14 -89.80 14.38
CA PRO GB 40 -39.96 -90.91 14.86
C PRO GB 40 -40.73 -90.57 16.14
N VAL GB 41 -40.20 -89.68 16.97
CA VAL GB 41 -40.87 -89.26 18.19
C VAL GB 41 -41.32 -87.80 18.12
N ALA GB 42 -42.59 -87.56 18.40
CA ALA GB 42 -43.13 -86.21 18.40
C ALA GB 42 -42.76 -85.50 19.68
N ARG GB 43 -42.08 -84.35 19.55
CA ARG GB 43 -41.63 -83.61 20.71
C ARG GB 43 -42.23 -82.22 20.76
N TYR GB 44 -43.08 -81.98 21.76
CA TYR GB 44 -43.76 -80.72 21.94
C TYR GB 44 -42.97 -79.75 22.80
N PRO GB 45 -43.23 -78.44 22.65
CA PRO GB 45 -42.72 -77.46 23.60
C PRO GB 45 -43.57 -77.43 24.86
N PRO GB 46 -42.98 -77.10 26.02
CA PRO GB 46 -43.69 -77.12 27.31
C PRO GB 46 -44.84 -76.12 27.38
N ILE GB 47 -45.80 -76.43 28.24
CA ILE GB 47 -47.07 -75.72 28.31
C ILE GB 47 -47.03 -74.54 29.27
N VAL GB 48 -45.82 -74.18 29.72
CA VAL GB 48 -45.65 -73.01 30.57
C VAL GB 48 -46.09 -71.69 29.94
N ALA GB 49 -46.48 -70.74 30.78
CA ALA GB 49 -46.93 -69.41 30.35
C ALA GB 49 -45.81 -68.58 29.73
N SER GB 50 -46.17 -67.53 29.00
CA SER GB 50 -45.18 -66.65 28.39
C SER GB 50 -44.30 -65.93 29.39
N LEU GB 51 -43.05 -65.66 29.02
CA LEU GB 51 -42.12 -65.01 29.92
C LEU GB 51 -42.33 -63.50 29.99
N THR GB 52 -42.53 -62.88 28.84
CA THR GB 52 -42.53 -61.43 28.75
C THR GB 52 -43.90 -60.72 28.74
N ALA GB 53 -44.96 -61.50 28.68
CA ALA GB 53 -46.29 -60.94 28.51
C ALA GB 53 -46.78 -60.20 29.75
N LYS GB 54 -47.84 -59.41 29.59
CA LYS GB 54 -48.45 -58.65 30.68
C LYS GB 54 -49.35 -59.44 31.64
N SER GB 55 -49.65 -60.69 31.31
CA SER GB 55 -50.60 -61.48 32.10
C SER GB 55 -50.12 -61.83 33.50
N LYS GB 56 -51.06 -62.25 34.34
CA LYS GB 56 -50.76 -62.72 35.69
C LYS GB 56 -49.85 -63.94 35.70
N ALA GB 57 -50.19 -64.95 34.91
CA ALA GB 57 -49.38 -66.15 34.84
C ALA GB 57 -47.94 -65.83 34.46
N ALA GB 58 -47.76 -64.86 33.56
CA ALA GB 58 -46.43 -64.47 33.15
C ALA GB 58 -45.68 -63.85 34.33
N ARG GB 59 -46.37 -63.00 35.07
CA ARG GB 59 -45.80 -62.42 36.28
C ARG GB 59 -45.29 -63.53 37.18
N GLN GB 60 -46.13 -64.52 37.40
CA GLN GB 60 -45.77 -65.66 38.22
C GLN GB 60 -44.52 -66.35 37.70
N ARG GB 61 -44.40 -66.41 36.38
CA ARG GB 61 -43.23 -67.03 35.77
C ARG GB 61 -41.97 -66.21 36.06
N ARG GB 62 -42.06 -64.89 35.99
CA ARG GB 62 -40.90 -64.06 36.28
C ARG GB 62 -40.48 -64.14 37.75
N VAL GB 63 -41.47 -64.16 38.63
CA VAL GB 63 -41.22 -64.43 40.04
C VAL GB 63 -40.42 -65.71 40.19
N GLU GB 64 -40.92 -66.76 39.57
CA GLU GB 64 -40.25 -68.05 39.54
C GLU GB 64 -38.82 -67.91 39.02
N GLN GB 65 -38.59 -66.92 38.16
CA GLN GB 65 -37.26 -66.68 37.62
C GLN GB 65 -36.27 -66.12 38.64
N TRP GB 66 -36.62 -65.04 39.34
CA TRP GB 66 -35.64 -64.52 40.33
C TRP GB 66 -35.49 -65.47 41.52
N GLN GB 67 -36.58 -66.15 41.88
CA GLN GB 67 -36.46 -67.20 42.90
C GLN GB 67 -35.49 -68.29 42.45
N ALA GB 68 -35.60 -68.67 41.18
CA ALA GB 68 -34.62 -69.57 40.58
C ALA GB 68 -33.20 -69.05 40.76
N THR GB 69 -33.02 -67.74 40.64
CA THR GB 69 -31.70 -67.14 40.88
C THR GB 69 -31.24 -67.33 42.31
N VAL GB 70 -32.14 -67.21 43.26
CA VAL GB 70 -31.77 -67.48 44.66
C VAL GB 70 -31.33 -68.92 44.90
N HIS GB 71 -32.15 -69.88 44.45
CA HIS GB 71 -31.81 -71.31 44.59
C HIS GB 71 -30.44 -71.61 44.02
N ALA GB 72 -30.09 -70.88 42.98
CA ALA GB 72 -28.89 -71.13 42.21
C ALA GB 72 -27.69 -70.37 42.73
N ALA GB 73 -27.86 -69.62 43.81
CA ALA GB 73 -26.74 -68.87 44.37
C ALA GB 73 -25.86 -69.81 45.19
N LYS GB 74 -24.74 -69.29 45.67
CA LYS GB 74 -23.78 -70.14 46.38
C LYS GB 74 -23.58 -69.71 47.83
N SER GB 75 -22.95 -68.56 48.02
CA SER GB 75 -22.77 -68.04 49.37
C SER GB 75 -24.11 -67.69 49.98
N VAL GB 76 -24.18 -67.70 51.31
CA VAL GB 76 -25.39 -67.28 52.00
C VAL GB 76 -25.58 -65.78 51.82
N ASP GB 77 -24.47 -65.07 51.69
CA ASP GB 77 -24.48 -63.62 51.53
C ASP GB 77 -25.14 -63.18 50.22
N GLU GB 78 -24.98 -63.97 49.17
CA GLU GB 78 -25.66 -63.69 47.92
C GLU GB 78 -27.15 -63.93 48.06
N LYS GB 79 -27.52 -65.02 48.72
CA LYS GB 79 -28.92 -65.31 48.96
C LYS GB 79 -29.58 -64.17 49.71
N LEU GB 80 -28.93 -63.70 50.77
CA LEU GB 80 -29.47 -62.60 51.53
C LEU GB 80 -29.53 -61.32 50.71
N ARG GB 81 -28.49 -61.08 49.92
CA ARG GB 81 -28.43 -59.93 49.04
C ARG GB 81 -29.65 -59.89 48.14
N ILE GB 82 -29.95 -61.00 47.48
CA ILE GB 82 -31.07 -61.06 46.55
C ILE GB 82 -32.41 -61.01 47.25
N LEU GB 83 -32.51 -61.64 48.41
CA LEU GB 83 -33.79 -61.65 49.11
C LEU GB 83 -34.15 -60.29 49.67
N THR GB 84 -33.15 -59.52 50.06
CA THR GB 84 -33.41 -58.21 50.67
C THR GB 84 -33.23 -56.95 49.83
N LYS GB 85 -32.81 -57.06 48.57
CA LYS GB 85 -32.39 -55.85 47.87
C LYS GB 85 -33.55 -54.98 47.39
N MET GB 86 -34.73 -55.56 47.22
CA MET GB 86 -35.91 -54.77 46.86
C MET GB 86 -36.49 -54.04 48.07
N GLN GB 87 -36.63 -52.74 47.93
CA GLN GB 87 -36.77 -51.84 49.06
C GLN GB 87 -38.22 -51.50 49.48
N PHE GB 88 -39.24 -52.19 49.00
CA PHE GB 88 -40.61 -51.66 49.18
C PHE GB 88 -41.12 -51.52 50.61
N MET GB 89 -42.37 -51.05 50.69
CA MET GB 89 -43.03 -50.63 51.92
C MET GB 89 -43.44 -51.75 52.86
N LYS GB 90 -43.17 -51.60 54.15
CA LYS GB 90 -43.36 -52.68 55.10
C LYS GB 90 -43.84 -52.21 56.46
N TYR GB 91 -44.59 -53.04 57.17
CA TYR GB 91 -44.96 -52.72 58.54
C TYR GB 91 -43.77 -52.92 59.44
N VAL GB 92 -43.52 -51.99 60.37
CA VAL GB 92 -42.47 -52.26 61.35
C VAL GB 92 -43.09 -52.79 62.62
N VAL GB 93 -42.68 -54.00 62.99
CA VAL GB 93 -43.22 -54.65 64.17
C VAL GB 93 -42.35 -54.38 65.38
N TYR GB 94 -42.87 -53.65 66.35
CA TYR GB 94 -42.13 -53.41 67.56
C TYR GB 94 -42.37 -54.53 68.54
N PRO GB 95 -41.31 -55.15 69.04
CA PRO GB 95 -41.43 -56.23 70.00
C PRO GB 95 -41.92 -55.75 71.36
N GLN GB 96 -41.67 -54.50 71.70
CA GLN GB 96 -42.17 -53.97 72.95
C GLN GB 96 -43.28 -52.98 72.69
N THR GB 97 -44.50 -53.35 73.04
CA THR GB 97 -45.66 -52.72 72.43
C THR GB 97 -46.67 -52.17 73.41
N PHE GB 98 -47.17 -50.98 73.11
CA PHE GB 98 -48.26 -50.41 73.89
C PHE GB 98 -49.61 -50.86 73.35
N ALA GB 99 -49.62 -51.46 72.16
CA ALA GB 99 -50.86 -51.86 71.52
C ALA GB 99 -51.57 -52.89 72.37
N LEU GB 100 -52.90 -52.83 72.38
CA LEU GB 100 -53.66 -53.58 73.36
C LEU GB 100 -53.37 -55.07 73.33
N ASN GB 101 -53.88 -55.80 72.36
CA ASN GB 101 -53.49 -57.20 72.41
C ASN GB 101 -52.60 -57.47 71.24
N ALA GB 102 -51.31 -57.43 71.49
CA ALA GB 102 -50.37 -57.54 70.40
C ALA GB 102 -49.91 -58.97 70.26
N ASP GB 103 -50.24 -59.78 71.26
CA ASP GB 103 -49.85 -61.17 71.25
C ASP GB 103 -50.60 -61.87 70.12
N ASN GB 104 -51.90 -61.67 70.05
CA ASN GB 104 -52.69 -62.26 68.98
C ASN GB 104 -52.20 -61.80 67.63
N TRP GB 105 -52.03 -60.50 67.50
CA TRP GB 105 -51.61 -59.96 66.21
C TRP GB 105 -50.26 -60.50 65.77
N TYR GB 106 -49.33 -60.63 66.71
CA TYR GB 106 -47.99 -61.05 66.31
C TYR GB 106 -47.97 -62.54 66.04
N GLN GB 107 -48.79 -63.29 66.76
CA GLN GB 107 -48.99 -64.68 66.42
C GLN GB 107 -49.42 -64.76 64.97
N SER GB 108 -50.42 -63.95 64.64
CA SER GB 108 -50.97 -63.90 63.30
C SER GB 108 -49.90 -63.60 62.26
N PHE GB 109 -49.05 -62.61 62.52
CA PHE GB 109 -48.02 -62.23 61.56
C PHE GB 109 -47.00 -63.31 61.38
N THR GB 110 -46.75 -64.03 62.47
CA THR GB 110 -45.68 -65.01 62.51
C THR GB 110 -46.11 -66.44 62.17
N LYS GB 111 -47.41 -66.70 62.19
CA LYS GB 111 -47.95 -68.06 62.20
C LYS GB 111 -47.40 -68.84 63.38
N THR GB 112 -47.62 -68.30 64.57
CA THR GB 112 -47.12 -68.90 65.80
C THR GB 112 -48.24 -69.30 66.74
N VAL GB 113 -48.18 -70.53 67.22
CA VAL GB 113 -49.10 -71.01 68.23
C VAL GB 113 -48.52 -70.78 69.62
N PHE GB 114 -49.35 -70.39 70.57
CA PHE GB 114 -48.86 -70.14 71.90
C PHE GB 114 -49.42 -71.09 72.94
N LEU GB 115 -48.52 -71.76 73.66
CA LEU GB 115 -48.92 -72.72 74.68
C LEU GB 115 -48.40 -72.30 76.04
N SER GB 116 -49.27 -72.21 77.03
CA SER GB 116 -48.81 -71.85 78.37
C SER GB 116 -48.05 -73.02 79.00
N GLY GB 117 -47.03 -72.70 79.78
CA GLY GB 117 -46.20 -73.72 80.41
C GLY GB 117 -44.97 -74.06 79.60
N LEU GB 118 -43.89 -74.44 80.27
CA LEU GB 118 -42.64 -74.78 79.59
C LEU GB 118 -42.82 -76.04 78.73
N PRO GB 119 -41.93 -76.23 77.73
CA PRO GB 119 -42.04 -77.39 76.84
C PRO GB 119 -41.82 -78.68 77.61
N PRO GB 120 -42.25 -79.82 77.02
CA PRO GB 120 -42.12 -81.10 77.71
C PRO GB 120 -40.69 -81.33 78.16
N THR GB 121 -40.53 -81.66 79.44
CA THR GB 121 -39.21 -81.80 80.02
C THR GB 121 -38.45 -82.93 79.35
N PRO GB 122 -37.22 -82.64 78.90
CA PRO GB 122 -36.33 -83.67 78.34
C PRO GB 122 -35.78 -84.57 79.45
N ALA GB 123 -36.55 -85.58 79.85
CA ALA GB 123 -36.20 -86.46 80.97
C ALA GB 123 -34.92 -87.27 80.70
N LYS GB 124 -34.41 -87.17 79.47
CA LYS GB 124 -33.15 -87.80 79.07
C LYS GB 124 -31.93 -87.21 79.78
N LEU GB 125 -32.15 -86.14 80.55
CA LEU GB 125 -31.08 -85.47 81.30
C LEU GB 125 -30.26 -86.41 82.18
N GLU GB 126 -28.96 -86.20 82.19
CA GLU GB 126 -28.04 -86.94 83.05
C GLU GB 126 -28.10 -86.38 84.47
N PRO GB 127 -27.60 -87.14 85.47
CA PRO GB 127 -27.62 -86.64 86.86
C PRO GB 127 -26.66 -85.47 87.12
N GLU GB 128 -26.77 -84.41 86.32
CA GLU GB 128 -25.97 -83.20 86.47
C GLU GB 128 -26.22 -82.33 87.72
N PRO GB 129 -27.49 -82.15 88.15
CA PRO GB 129 -27.70 -81.08 89.15
C PRO GB 129 -27.01 -81.29 90.50
N THR GB 130 -25.69 -81.10 90.50
CA THR GB 130 -24.89 -81.03 91.71
C THR GB 130 -24.85 -79.57 92.19
N LEU GB 131 -25.66 -78.74 91.53
CA LEU GB 131 -25.67 -77.28 91.71
C LEU GB 131 -25.78 -76.77 93.13
N ASP GB 132 -24.94 -75.78 93.44
CA ASP GB 132 -25.04 -75.07 94.70
C ASP GB 132 -26.07 -73.97 94.54
N ILE GB 133 -27.17 -74.08 95.29
CA ILE GB 133 -28.21 -73.08 95.22
C ILE GB 133 -27.86 -71.91 96.12
N THR GB 134 -26.98 -72.16 97.09
CA THR GB 134 -26.58 -71.11 98.03
C THR GB 134 -25.59 -70.17 97.36
N ALA GB 135 -24.65 -70.72 96.60
CA ALA GB 135 -23.67 -69.90 95.88
C ALA GB 135 -24.36 -69.03 94.83
N LEU GB 136 -25.46 -69.53 94.28
CA LEU GB 136 -26.21 -68.78 93.29
C LEU GB 136 -27.12 -67.72 93.92
N ARG GB 137 -27.77 -68.06 95.03
CA ARG GB 137 -28.51 -67.06 95.81
C ARG GB 137 -27.58 -65.90 96.11
N GLU GB 138 -26.41 -66.24 96.63
CA GLU GB 138 -25.39 -65.26 96.97
C GLU GB 138 -25.00 -64.43 95.74
N ALA GB 139 -24.63 -65.11 94.67
CA ALA GB 139 -24.18 -64.43 93.44
C ALA GB 139 -25.21 -63.46 92.89
N VAL GB 140 -26.49 -63.86 92.90
CA VAL GB 140 -27.55 -63.01 92.37
C VAL GB 140 -27.84 -61.83 93.28
N CYS GB 141 -27.95 -62.10 94.58
CA CYS GB 141 -28.23 -61.04 95.53
C CYS GB 141 -27.08 -60.04 95.59
N ASP GB 142 -25.89 -60.48 95.20
CA ASP GB 142 -24.78 -59.55 95.09
C ASP GB 142 -25.10 -58.51 94.03
N CYS GB 143 -25.63 -58.96 92.89
CA CYS GB 143 -26.04 -58.06 91.83
C CYS GB 143 -27.15 -57.14 92.30
N LEU GB 144 -28.23 -57.74 92.77
CA LEU GB 144 -29.39 -56.99 93.21
C LEU GB 144 -29.02 -55.90 94.20
N LEU GB 145 -28.25 -56.26 95.22
CA LEU GB 145 -27.87 -55.33 96.25
C LEU GB 145 -26.91 -54.29 95.72
N GLN GB 146 -26.00 -54.70 94.84
CA GLN GB 146 -25.05 -53.77 94.28
C GLN GB 146 -25.76 -52.64 93.59
N GLU GB 147 -26.80 -52.99 92.82
CA GLU GB 147 -27.53 -51.96 92.08
C GLU GB 147 -28.51 -51.16 92.92
N HIS GB 148 -29.27 -51.84 93.75
CA HIS GB 148 -30.33 -51.15 94.47
C HIS GB 148 -29.82 -50.48 95.73
N PHE GB 149 -28.64 -50.86 96.20
CA PHE GB 149 -28.16 -50.30 97.45
C PHE GB 149 -26.74 -49.76 97.43
N PHE GB 150 -25.77 -50.66 97.31
CA PHE GB 150 -24.36 -50.31 97.53
C PHE GB 150 -23.84 -49.24 96.59
N LEU GB 151 -23.96 -49.48 95.30
CA LEU GB 151 -23.37 -48.60 94.30
C LEU GB 151 -23.97 -47.20 94.35
N ARG GB 152 -23.10 -46.20 94.45
CA ARG GB 152 -23.53 -44.81 94.50
C ARG GB 152 -23.46 -44.15 93.13
N ARG GB 153 -24.59 -43.60 92.70
CA ARG GB 153 -24.67 -42.91 91.43
C ARG GB 153 -24.69 -41.42 91.71
N LYS GB 154 -24.12 -40.62 90.81
CA LYS GB 154 -24.16 -39.17 90.95
C LYS GB 154 -25.61 -38.74 91.09
N LYS GB 155 -25.90 -37.95 92.12
CA LYS GB 155 -27.29 -37.83 92.62
C LYS GB 155 -28.31 -37.47 91.56
N ARG GB 156 -29.39 -38.25 91.55
CA ARG GB 156 -30.54 -38.01 90.68
C ARG GB 156 -31.49 -37.01 91.33
N ALA GB 157 -31.70 -35.89 90.66
CA ALA GB 157 -32.70 -34.90 91.07
C ALA GB 157 -34.16 -35.41 91.00
N PRO GB 158 -34.52 -36.22 89.97
CA PRO GB 158 -35.90 -36.75 89.98
C PRO GB 158 -36.29 -37.55 91.23
N VAL GB 159 -35.41 -38.43 91.71
CA VAL GB 159 -35.67 -39.32 92.87
C VAL GB 159 -36.78 -40.33 92.49
N ILE GB 160 -37.30 -40.20 91.28
CA ILE GB 160 -38.30 -41.12 90.72
C ILE GB 160 -37.65 -42.48 90.46
N GLN GB 161 -36.31 -42.50 90.45
CA GLN GB 161 -35.51 -43.73 90.34
C GLN GB 161 -35.91 -44.58 89.14
N ASP GB 162 -35.55 -44.12 87.94
CA ASP GB 162 -35.94 -44.81 86.71
C ASP GB 162 -35.55 -46.28 86.79
N ARG GB 163 -36.53 -47.15 86.60
CA ARG GB 163 -36.29 -48.58 86.74
C ARG GB 163 -35.41 -49.07 85.61
N GLU GB 164 -35.36 -48.31 84.52
CA GLU GB 164 -34.45 -48.63 83.44
C GLU GB 164 -33.01 -48.48 83.93
N ALA GB 165 -32.71 -47.31 84.49
CA ALA GB 165 -31.35 -46.98 84.91
C ALA GB 165 -30.86 -47.86 86.05
N ILE GB 166 -31.78 -48.35 86.87
CA ILE GB 166 -31.43 -49.28 87.92
C ILE GB 166 -31.29 -50.71 87.42
N ALA GB 167 -32.25 -51.17 86.61
CA ALA GB 167 -32.30 -52.58 86.26
C ALA GB 167 -31.30 -52.97 85.18
N SER GB 168 -30.99 -52.05 84.28
CA SER GB 168 -30.08 -52.38 83.18
C SER GB 168 -28.76 -52.97 83.68
N PRO GB 169 -28.03 -52.25 84.56
CA PRO GB 169 -26.77 -52.84 84.97
C PRO GB 169 -26.97 -54.10 85.82
N PHE GB 170 -28.11 -54.18 86.51
CA PHE GB 170 -28.44 -55.37 87.28
C PHE GB 170 -28.54 -56.58 86.38
N LEU GB 171 -29.17 -56.41 85.23
CA LEU GB 171 -29.36 -57.50 84.31
C LEU GB 171 -28.05 -57.88 83.65
N ASP GB 172 -27.28 -56.87 83.25
CA ASP GB 172 -25.95 -57.13 82.67
C ASP GB 172 -25.12 -57.98 83.61
N GLN GB 173 -25.07 -57.56 84.86
CA GLN GB 173 -24.29 -58.25 85.86
C GLN GB 173 -24.83 -59.65 86.15
N LEU GB 174 -26.15 -59.77 86.19
CA LEU GB 174 -26.81 -61.04 86.44
C LEU GB 174 -26.39 -62.06 85.40
N VAL GB 175 -26.53 -61.70 84.13
CA VAL GB 175 -26.15 -62.58 83.04
C VAL GB 175 -24.67 -62.93 83.08
N ALA GB 176 -23.82 -61.90 83.16
CA ALA GB 176 -22.38 -62.10 83.17
C ALA GB 176 -21.95 -63.03 84.30
N SER GB 177 -22.57 -62.85 85.47
CA SER GB 177 -22.27 -63.67 86.64
C SER GB 177 -22.73 -65.12 86.48
N LEU GB 178 -24.02 -65.32 86.23
CA LEU GB 178 -24.56 -66.66 86.12
C LEU GB 178 -23.89 -67.45 85.01
N THR GB 179 -23.54 -66.76 83.93
CA THR GB 179 -22.80 -67.37 82.84
C THR GB 179 -21.54 -68.02 83.36
N GLY GB 180 -20.75 -67.23 84.08
CA GLY GB 180 -19.53 -67.70 84.70
C GLY GB 180 -19.75 -68.86 85.66
N LEU GB 181 -20.68 -68.70 86.59
CA LEU GB 181 -20.88 -69.71 87.62
C LEU GB 181 -21.33 -71.04 87.06
N LEU GB 182 -22.24 -70.99 86.09
CA LEU GB 182 -22.78 -72.23 85.54
C LEU GB 182 -21.90 -72.75 84.44
N SER GB 183 -20.89 -71.97 84.06
CA SER GB 183 -19.94 -72.40 83.05
C SER GB 183 -19.15 -73.61 83.52
N VAL GB 184 -19.14 -73.83 84.84
CA VAL GB 184 -18.42 -74.94 85.43
C VAL GB 184 -19.10 -76.25 85.06
N HIS GB 185 -20.42 -76.25 85.15
CA HIS GB 185 -21.23 -77.41 84.81
C HIS GB 185 -21.41 -77.58 83.31
N ASN GB 186 -21.57 -76.45 82.61
CA ASN GB 186 -21.94 -76.48 81.20
C ASN GB 186 -20.87 -75.78 80.37
N PRO GB 187 -19.88 -76.54 79.89
CA PRO GB 187 -18.67 -76.01 79.24
C PRO GB 187 -18.96 -75.18 78.00
N VAL GB 188 -20.16 -75.32 77.45
CA VAL GB 188 -20.50 -74.64 76.22
C VAL GB 188 -20.54 -73.14 76.42
N LEU GB 189 -20.88 -72.71 77.63
CA LEU GB 189 -20.91 -71.29 77.94
C LEU GB 189 -19.51 -70.70 78.04
N ALA GB 190 -18.49 -71.54 77.97
CA ALA GB 190 -17.13 -71.02 77.93
C ALA GB 190 -16.81 -70.50 76.54
N ALA GB 191 -17.25 -71.24 75.52
CA ALA GB 191 -16.98 -70.87 74.15
C ALA GB 191 -18.01 -69.87 73.62
N ALA GB 192 -18.94 -69.50 74.48
CA ALA GB 192 -20.05 -68.66 74.07
C ALA GB 192 -19.63 -67.22 73.87
N ALA GB 193 -20.42 -66.50 73.09
CA ALA GB 193 -20.24 -65.05 72.99
C ALA GB 193 -21.39 -64.35 73.72
N LEU GB 194 -21.05 -63.32 74.46
CA LEU GB 194 -22.06 -62.53 75.14
C LEU GB 194 -22.27 -61.22 74.41
N ASP GB 195 -23.49 -61.01 73.95
CA ASP GB 195 -23.84 -59.78 73.25
C ASP GB 195 -24.49 -58.80 74.22
N CYS GB 196 -24.11 -57.54 74.12
CA CYS GB 196 -24.67 -56.50 74.97
C CYS GB 196 -25.34 -55.42 74.15
N LYS GB 197 -26.67 -55.35 74.25
CA LYS GB 197 -27.50 -54.41 73.48
C LYS GB 197 -27.10 -54.30 72.04
N ARG GB 198 -27.19 -55.39 71.29
CA ARG GB 198 -26.89 -55.27 69.87
C ARG GB 198 -28.01 -55.82 69.03
N PRO GB 199 -28.27 -55.17 67.90
CA PRO GB 199 -29.48 -55.31 67.08
C PRO GB 199 -29.70 -56.69 66.49
N VAL GB 200 -30.97 -57.06 66.42
CA VAL GB 200 -31.42 -58.26 65.73
C VAL GB 200 -32.51 -57.85 64.76
N HIS GB 201 -32.30 -58.13 63.48
CA HIS GB 201 -33.22 -57.67 62.46
C HIS GB 201 -33.79 -58.83 61.69
N PHE GB 202 -35.10 -58.87 61.51
CA PHE GB 202 -35.65 -59.90 60.64
C PHE GB 202 -36.68 -59.34 59.69
N PHE GB 203 -36.69 -59.85 58.47
CA PHE GB 203 -37.58 -59.33 57.46
C PHE GB 203 -38.30 -60.41 56.72
N TRP GB 204 -39.62 -60.39 56.72
CA TRP GB 204 -40.31 -61.47 56.05
C TRP GB 204 -41.61 -61.08 55.40
N LEU GB 205 -42.10 -61.94 54.52
CA LEU GB 205 -43.35 -61.69 53.85
C LEU GB 205 -44.46 -62.55 54.41
N ARG GB 206 -45.67 -62.02 54.42
CA ARG GB 206 -46.83 -62.77 54.84
C ARG GB 206 -48.07 -62.33 54.07
N GLY GB 207 -48.89 -63.30 53.67
CA GLY GB 207 -50.20 -63.00 53.11
C GLY GB 207 -50.21 -62.13 51.87
N GLU GB 208 -51.40 -61.65 51.53
CA GLU GB 208 -51.62 -60.78 50.38
C GLU GB 208 -52.49 -59.61 50.78
N GLU GB 209 -52.56 -58.65 49.88
CA GLU GB 209 -53.46 -57.53 50.04
C GLU GB 209 -53.82 -57.05 48.67
N ILE GB 210 -55.03 -56.55 48.50
CA ILE GB 210 -55.33 -55.82 47.28
C ILE GB 210 -55.12 -54.36 47.59
N ILE GB 211 -54.18 -53.72 46.89
CA ILE GB 211 -53.79 -52.36 47.20
C ILE GB 211 -54.97 -51.40 47.14
N PRO GB 212 -55.31 -50.81 48.29
CA PRO GB 212 -56.51 -49.99 48.38
C PRO GB 212 -56.50 -48.73 47.52
N ARG GB 213 -55.42 -47.96 47.57
CA ARG GB 213 -55.42 -46.61 47.00
C ARG GB 213 -54.20 -46.35 46.16
N GLY GB 214 -54.25 -45.34 45.30
CA GLY GB 214 -53.08 -44.95 44.53
C GLY GB 214 -53.18 -45.43 43.10
N HIS GB 215 -52.15 -45.21 42.29
CA HIS GB 215 -52.23 -45.57 40.88
C HIS GB 215 -52.07 -47.06 40.71
N ARG GB 216 -51.65 -47.73 41.76
CA ARG GB 216 -51.50 -49.17 41.72
C ARG GB 216 -52.72 -49.87 42.26
N LYS GB 217 -53.76 -49.11 42.55
CA LYS GB 217 -54.97 -49.63 43.17
C LYS GB 217 -55.55 -50.83 42.45
N GLY GB 218 -55.89 -51.87 43.20
CA GLY GB 218 -56.53 -53.03 42.64
C GLY GB 218 -55.57 -54.17 42.37
N ARG GB 219 -54.28 -53.87 42.31
CA ARG GB 219 -53.30 -54.92 42.07
C ARG GB 219 -53.05 -55.68 43.36
N VAL GB 220 -52.25 -56.74 43.28
CA VAL GB 220 -52.06 -57.59 44.44
C VAL GB 220 -50.63 -57.49 44.93
N ASP GB 221 -50.48 -57.34 46.23
CA ASP GB 221 -49.16 -57.23 46.83
C ASP GB 221 -49.06 -57.93 48.18
N ALA GB 222 -47.86 -58.40 48.49
CA ALA GB 222 -47.59 -59.13 49.70
C ALA GB 222 -47.49 -58.19 50.89
N LEU GB 223 -47.89 -58.65 52.07
CA LEU GB 223 -47.68 -57.81 53.24
C LEU GB 223 -46.27 -58.05 53.75
N ARG GB 224 -45.49 -56.99 53.89
CA ARG GB 224 -44.14 -57.16 54.32
C ARG GB 224 -43.94 -56.69 55.74
N TYR GB 225 -43.14 -57.43 56.52
CA TYR GB 225 -42.87 -57.01 57.89
C TYR GB 225 -41.38 -56.97 58.19
N GLN GB 226 -41.02 -56.07 59.10
CA GLN GB 226 -39.65 -55.92 59.54
C GLN GB 226 -39.62 -55.80 61.04
N ILE GB 227 -38.67 -56.47 61.67
CA ILE GB 227 -38.46 -56.34 63.10
C ILE GB 227 -37.06 -55.84 63.36
N ASN GB 228 -36.97 -54.64 63.90
CA ASN GB 228 -35.71 -54.14 64.42
C ASN GB 228 -35.77 -54.28 65.92
N ASP GB 229 -34.87 -55.05 66.48
CA ASP GB 229 -34.91 -55.35 67.89
C ASP GB 229 -33.56 -55.13 68.53
N LYS GB 230 -33.56 -54.88 69.83
CA LYS GB 230 -32.31 -54.66 70.56
C LYS GB 230 -32.38 -55.34 71.91
N PRO GB 231 -32.07 -56.63 71.95
CA PRO GB 231 -32.12 -57.38 73.21
C PRO GB 231 -31.05 -56.88 74.16
N HIS GB 232 -31.34 -56.86 75.45
CA HIS GB 232 -30.37 -56.43 76.43
C HIS GB 232 -29.14 -57.32 76.40
N ASN GB 233 -29.36 -58.64 76.35
CA ASN GB 233 -28.26 -59.58 76.36
C ASN GB 233 -28.49 -60.84 75.52
N GLN GB 234 -27.44 -61.30 74.86
CA GLN GB 234 -27.51 -62.52 74.08
C GLN GB 234 -26.40 -63.49 74.38
N ILE GB 235 -26.66 -64.77 74.12
CA ILE GB 235 -25.61 -65.76 74.21
C ILE GB 235 -25.57 -66.55 72.92
N ARG GB 236 -24.48 -66.42 72.17
CA ARG GB 236 -24.40 -67.13 70.90
C ARG GB 236 -23.39 -68.28 70.95
N ILE GB 237 -23.69 -69.34 70.21
CA ILE GB 237 -22.93 -70.59 70.24
C ILE GB 237 -22.47 -71.05 68.85
N SER GB 238 -21.54 -72.00 68.80
CA SER GB 238 -21.05 -72.53 67.52
C SER GB 238 -21.88 -73.70 67.01
N ARG GB 239 -22.72 -74.27 67.87
CA ARG GB 239 -23.54 -75.40 67.48
C ARG GB 239 -24.95 -75.30 68.04
N GLN GB 240 -25.90 -75.93 67.35
CA GLN GB 240 -27.32 -75.67 67.57
C GLN GB 240 -27.92 -76.40 68.77
N LEU GB 241 -28.91 -75.78 69.41
CA LEU GB 241 -29.69 -76.41 70.48
C LEU GB 241 -30.66 -77.47 69.95
N PRO GB 242 -30.98 -78.48 70.77
CA PRO GB 242 -31.89 -79.56 70.35
C PRO GB 242 -33.36 -79.15 70.33
N GLU GB 243 -34.09 -79.68 69.37
CA GLU GB 243 -35.52 -79.40 69.21
C GLU GB 243 -36.31 -79.80 70.44
N PHE GB 244 -37.37 -79.06 70.74
CA PHE GB 244 -38.22 -79.40 71.86
C PHE GB 244 -39.25 -80.45 71.49
N VAL GB 245 -39.74 -80.38 70.27
CA VAL GB 245 -40.68 -81.37 69.75
C VAL GB 245 -40.24 -81.68 68.33
N PRO GB 246 -40.74 -82.79 67.74
CA PRO GB 246 -40.31 -83.01 66.35
C PRO GB 246 -40.84 -81.94 65.40
N LEU GB 247 -40.40 -82.00 64.16
CA LEU GB 247 -40.68 -80.92 63.21
C LEU GB 247 -42.14 -80.88 62.80
N ASP GB 248 -42.74 -82.05 62.67
CA ASP GB 248 -44.11 -82.20 62.19
C ASP GB 248 -45.12 -82.25 63.33
N TYR GB 249 -44.64 -82.01 64.54
CA TYR GB 249 -45.48 -82.06 65.74
C TYR GB 249 -46.73 -81.21 65.57
N SER GB 250 -47.89 -81.81 65.80
CA SER GB 250 -49.15 -81.14 65.52
C SER GB 250 -49.91 -80.85 66.79
N ILE GB 251 -50.74 -79.82 66.74
CA ILE GB 251 -51.45 -79.33 67.90
C ILE GB 251 -52.89 -79.01 67.52
N PRO GB 252 -53.83 -79.31 68.41
CA PRO GB 252 -55.24 -78.96 68.16
C PRO GB 252 -55.47 -77.45 68.00
N ILE GB 253 -54.77 -76.65 68.79
CA ILE GB 253 -54.96 -75.19 68.79
C ILE GB 253 -54.52 -74.55 67.47
N GLU GB 254 -55.31 -73.62 66.97
CA GLU GB 254 -55.03 -73.01 65.68
C GLU GB 254 -54.56 -71.58 65.82
N VAL GB 255 -53.73 -71.15 64.87
CA VAL GB 255 -53.24 -69.78 64.82
C VAL GB 255 -54.38 -68.79 64.60
N PRO GB 256 -54.48 -67.77 65.47
CA PRO GB 256 -55.62 -66.84 65.40
C PRO GB 256 -55.62 -66.01 64.13
N VAL GB 257 -56.81 -65.77 63.56
CA VAL GB 257 -56.92 -64.98 62.36
C VAL GB 257 -57.62 -63.66 62.64
N MET GB 258 -56.87 -62.57 62.55
CA MET GB 258 -57.44 -61.25 62.79
C MET GB 258 -58.35 -60.87 61.64
N SER GB 259 -59.51 -60.32 61.96
CA SER GB 259 -60.28 -59.71 60.89
C SER GB 259 -60.11 -58.21 61.00
N CYS GB 260 -59.22 -57.69 60.16
CA CYS GB 260 -58.82 -56.29 60.14
C CYS GB 260 -57.62 -56.13 59.23
N LYS GB 261 -57.21 -54.89 59.02
CA LYS GB 261 -55.88 -54.65 58.53
C LYS GB 261 -55.00 -54.52 59.75
N PRO GB 262 -53.70 -54.79 59.61
CA PRO GB 262 -52.76 -54.63 60.72
C PRO GB 262 -52.70 -53.20 61.22
N ASP GB 263 -53.19 -52.27 60.41
CA ASP GB 263 -53.11 -50.86 60.74
C ASP GB 263 -53.82 -50.49 62.02
N LYS GB 264 -54.90 -51.19 62.34
CA LYS GB 264 -55.75 -50.79 63.44
C LYS GB 264 -55.21 -51.27 64.77
N LEU GB 265 -54.04 -51.91 64.72
CA LEU GB 265 -53.40 -52.46 65.91
C LEU GB 265 -53.08 -51.43 67.00
N PRO GB 266 -52.43 -50.30 66.67
CA PRO GB 266 -51.89 -49.69 65.46
C PRO GB 266 -50.54 -50.20 64.98
N LEU GB 267 -50.33 -50.11 63.68
CA LEU GB 267 -49.05 -50.42 63.06
C LEU GB 267 -48.82 -49.47 61.90
N PHE GB 268 -47.58 -49.17 61.58
CA PHE GB 268 -47.35 -48.20 60.51
C PHE GB 268 -46.40 -48.69 59.48
N LYS GB 269 -46.69 -48.38 58.24
CA LYS GB 269 -45.81 -48.72 57.15
C LYS GB 269 -44.70 -47.71 57.03
N ARG GB 270 -43.55 -48.16 56.57
CA ARG GB 270 -42.41 -47.30 56.32
C ARG GB 270 -41.52 -48.04 55.35
N GLN GB 271 -40.57 -47.37 54.71
CA GLN GB 271 -39.66 -48.10 53.85
C GLN GB 271 -38.21 -47.66 54.05
N TYR GB 272 -37.34 -48.65 54.20
CA TYR GB 272 -35.92 -48.44 54.41
C TYR GB 272 -35.29 -49.81 54.27
N GLU GB 273 -33.98 -49.92 54.40
CA GLU GB 273 -33.31 -51.19 54.07
C GLU GB 273 -33.80 -52.34 54.93
N ASN GB 274 -34.12 -53.46 54.27
CA ASN GB 274 -34.59 -54.63 54.98
C ASN GB 274 -33.42 -55.50 55.34
N THR GB 275 -33.18 -55.65 56.62
CA THR GB 275 -32.03 -56.41 57.07
C THR GB 275 -32.44 -57.69 57.76
N ILE GB 276 -31.69 -58.74 57.46
CA ILE GB 276 -31.73 -59.95 58.24
C ILE GB 276 -30.39 -60.10 58.91
N PHE GB 277 -30.40 -59.98 60.23
CA PHE GB 277 -29.18 -59.87 61.00
C PHE GB 277 -29.32 -60.57 62.33
N ILE GB 278 -28.35 -61.40 62.67
CA ILE GB 278 -28.51 -62.30 63.80
C ILE GB 278 -28.04 -61.72 65.13
N GLY GB 279 -27.44 -60.53 65.08
CA GLY GB 279 -26.65 -60.02 66.17
C GLY GB 279 -25.20 -60.01 65.74
N SER GB 280 -24.94 -60.62 64.59
CA SER GB 280 -23.61 -60.63 63.99
C SER GB 280 -23.69 -60.91 62.49
N LYS GB 281 -22.63 -60.59 61.75
CA LYS GB 281 -22.61 -60.87 60.33
C LYS GB 281 -22.48 -62.34 60.02
N THR GB 282 -22.80 -62.70 58.78
CA THR GB 282 -22.72 -64.07 58.30
C THR GB 282 -21.36 -64.73 58.53
N ALA GB 283 -20.29 -63.96 58.35
CA ALA GB 283 -18.94 -64.51 58.39
C ALA GB 283 -18.53 -65.05 59.77
N ASP GB 284 -19.36 -64.80 60.76
CA ASP GB 284 -19.05 -65.19 62.14
C ASP GB 284 -19.26 -66.68 62.36
N PRO GB 285 -18.29 -67.34 63.02
CA PRO GB 285 -18.39 -68.75 63.38
C PRO GB 285 -19.45 -69.09 64.42
N LEU GB 286 -19.99 -68.12 65.15
CA LEU GB 286 -21.06 -68.46 66.07
C LEU GB 286 -22.40 -68.10 65.46
N CYS GB 287 -23.10 -69.11 64.97
CA CYS GB 287 -24.31 -68.91 64.19
C CYS GB 287 -25.61 -69.14 64.91
N TYR GB 288 -25.57 -69.56 66.17
CA TYR GB 288 -26.78 -70.05 66.77
C TYR GB 288 -27.11 -69.38 68.07
N GLY GB 289 -28.41 -69.28 68.35
CA GLY GB 289 -28.87 -68.62 69.54
C GLY GB 289 -28.95 -69.55 70.72
N HIS GB 290 -28.76 -69.00 71.90
CA HIS GB 290 -28.95 -69.78 73.11
C HIS GB 290 -30.12 -69.19 73.88
N THR GB 291 -29.90 -68.06 74.54
CA THR GB 291 -31.01 -67.34 75.14
C THR GB 291 -30.86 -65.83 74.95
N GLN GB 292 -31.99 -65.15 75.05
CA GLN GB 292 -32.06 -63.69 75.01
C GLN GB 292 -32.54 -63.17 76.35
N PHE GB 293 -32.11 -61.96 76.70
CA PHE GB 293 -32.64 -61.31 77.89
C PHE GB 293 -33.19 -59.97 77.50
N HIS GB 294 -34.48 -59.77 77.71
CA HIS GB 294 -35.10 -58.52 77.33
C HIS GB 294 -35.53 -57.75 78.55
N LEU GB 295 -35.04 -56.53 78.66
CA LEU GB 295 -35.48 -55.66 79.73
C LEU GB 295 -36.65 -54.82 79.23
N LEU GB 296 -37.77 -54.90 79.93
CA LEU GB 296 -38.94 -54.13 79.53
C LEU GB 296 -38.70 -52.65 79.72
N PRO GB 297 -39.05 -51.86 78.71
CA PRO GB 297 -38.89 -50.40 78.74
C PRO GB 297 -39.81 -49.77 79.76
N ASP GB 298 -39.54 -48.52 80.08
CA ASP GB 298 -40.23 -47.80 81.14
C ASP GB 298 -41.74 -47.67 80.95
N LYS GB 299 -42.18 -47.37 79.72
CA LYS GB 299 -43.60 -47.14 79.46
C LYS GB 299 -44.48 -48.31 79.86
N LEU GB 300 -43.88 -49.50 79.87
CA LEU GB 300 -44.63 -50.74 80.03
C LEU GB 300 -44.67 -51.28 81.46
N LYS GB 301 -44.21 -50.49 82.43
CA LYS GB 301 -44.23 -50.90 83.84
C LYS GB 301 -45.61 -51.37 84.28
N ARG GB 302 -45.64 -52.33 85.21
CA ARG GB 302 -46.90 -52.83 85.75
C ARG GB 302 -47.73 -51.72 86.39
N GLU GB 303 -47.04 -50.76 86.98
CA GLU GB 303 -47.69 -49.63 87.61
C GLU GB 303 -48.42 -48.76 86.57
N LYS GB 304 -47.71 -48.35 85.54
CA LYS GB 304 -48.29 -47.52 84.48
C LYS GB 304 -49.50 -48.18 83.84
N LEU GB 305 -49.40 -49.47 83.58
CA LEU GB 305 -50.52 -50.20 83.00
C LEU GB 305 -51.68 -50.25 83.97
N LEU GB 306 -51.39 -50.42 85.26
CA LEU GB 306 -52.47 -50.40 86.25
C LEU GB 306 -53.17 -49.05 86.32
N LYS GB 307 -52.45 -47.98 86.02
CA LYS GB 307 -53.07 -46.65 86.01
C LYS GB 307 -53.94 -46.43 84.78
N GLN GB 308 -53.64 -47.14 83.70
CA GLN GB 308 -54.34 -46.93 82.44
C GLN GB 308 -55.57 -47.80 82.33
N ASN GB 309 -55.89 -48.49 83.42
CA ASN GB 309 -57.04 -49.40 83.46
C ASN GB 309 -56.82 -50.61 82.54
N CYS GB 310 -55.55 -51.00 82.39
CA CYS GB 310 -55.21 -52.25 81.70
C CYS GB 310 -54.66 -53.25 82.70
N ALA GB 311 -55.44 -54.27 83.01
CA ALA GB 311 -55.01 -55.25 83.99
C ALA GB 311 -54.34 -56.40 83.28
N ASP GB 312 -55.12 -57.10 82.45
CA ASP GB 312 -54.65 -58.28 81.74
C ASP GB 312 -53.38 -58.03 80.94
N GLN GB 313 -53.29 -56.82 80.41
CA GLN GB 313 -52.21 -56.44 79.51
C GLN GB 313 -50.83 -56.71 80.07
N ILE GB 314 -50.74 -56.69 81.40
CA ILE GB 314 -49.48 -56.95 82.09
C ILE GB 314 -48.84 -58.20 81.52
N GLU GB 315 -49.65 -59.24 81.32
CA GLU GB 315 -49.15 -60.47 80.76
C GLU GB 315 -48.83 -60.32 79.29
N VAL GB 316 -49.79 -59.75 78.56
CA VAL GB 316 -49.71 -59.62 77.12
C VAL GB 316 -48.38 -59.04 76.66
N VAL GB 317 -48.01 -57.92 77.25
CA VAL GB 317 -46.77 -57.23 76.93
C VAL GB 317 -45.58 -58.18 76.91
N PHE GB 318 -45.50 -59.05 77.90
CA PHE GB 318 -44.43 -60.03 77.93
C PHE GB 318 -44.51 -60.94 76.71
N ARG GB 319 -45.66 -61.60 76.57
CA ARG GB 319 -45.87 -62.56 75.50
C ARG GB 319 -45.39 -61.99 74.18
N ALA GB 320 -46.01 -60.87 73.81
CA ALA GB 320 -45.73 -60.21 72.55
C ALA GB 320 -44.24 -60.11 72.33
N ASN GB 321 -43.54 -59.57 73.32
CA ASN GB 321 -42.12 -59.36 73.18
C ASN GB 321 -41.44 -60.63 72.71
N ALA GB 322 -41.63 -61.70 73.48
CA ALA GB 322 -41.02 -62.98 73.17
C ALA GB 322 -41.34 -63.36 71.75
N ILE GB 323 -42.65 -63.41 71.48
CA ILE GB 323 -43.12 -63.91 70.21
C ILE GB 323 -42.48 -63.16 69.06
N ALA GB 324 -42.26 -61.86 69.22
CA ALA GB 324 -41.58 -61.14 68.16
C ALA GB 324 -40.12 -61.51 68.21
N SER GB 325 -39.47 -61.16 69.30
CA SER GB 325 -38.01 -61.16 69.35
C SER GB 325 -37.46 -62.50 68.94
N LEU GB 326 -37.89 -63.51 69.68
CA LEU GB 326 -37.46 -64.87 69.44
C LEU GB 326 -37.69 -65.26 68.00
N PHE GB 327 -38.88 -65.02 67.48
CA PHE GB 327 -39.18 -65.35 66.11
C PHE GB 327 -38.09 -64.79 65.25
N ALA GB 328 -37.91 -63.47 65.36
CA ALA GB 328 -36.94 -62.77 64.56
C ALA GB 328 -35.63 -63.50 64.67
N TRP GB 329 -35.19 -63.72 65.90
CA TRP GB 329 -33.90 -64.34 66.13
C TRP GB 329 -33.80 -65.66 65.41
N THR GB 330 -34.73 -66.54 65.72
CA THR GB 330 -34.69 -67.86 65.13
C THR GB 330 -34.71 -67.74 63.62
N GLY GB 331 -35.62 -66.91 63.12
CA GLY GB 331 -35.81 -66.74 61.70
C GLY GB 331 -34.48 -66.40 61.10
N ALA GB 332 -33.81 -65.41 61.69
CA ALA GB 332 -32.53 -64.96 61.20
C ALA GB 332 -31.51 -66.08 61.18
N GLN GB 333 -31.44 -66.85 62.27
CA GLN GB 333 -30.50 -67.97 62.32
C GLN GB 333 -30.76 -68.88 61.15
N ALA GB 334 -32.04 -69.14 60.92
CA ALA GB 334 -32.43 -70.06 59.87
C ALA GB 334 -31.97 -69.58 58.52
N MET GB 335 -31.96 -68.27 58.31
CA MET GB 335 -31.64 -67.76 57.00
C MET GB 335 -30.16 -67.59 56.86
N TYR GB 336 -29.45 -67.73 57.97
CA TYR GB 336 -28.00 -67.72 57.90
C TYR GB 336 -27.54 -69.07 57.39
N GLN GB 337 -28.38 -70.06 57.58
CA GLN GB 337 -28.07 -71.41 57.15
C GLN GB 337 -28.57 -71.66 55.74
N GLY GB 338 -29.14 -70.64 55.13
CA GLY GB 338 -29.49 -70.71 53.73
C GLY GB 338 -30.93 -71.12 53.50
N PHE GB 339 -31.66 -71.40 54.56
CA PHE GB 339 -33.07 -71.71 54.41
C PHE GB 339 -33.84 -70.44 54.13
N TRP GB 340 -34.97 -70.56 53.46
CA TRP GB 340 -35.86 -69.43 53.21
C TRP GB 340 -37.23 -69.92 52.77
N SER GB 341 -38.07 -68.99 52.33
CA SER GB 341 -39.45 -69.29 51.97
C SER GB 341 -39.63 -70.49 51.04
N GLU GB 342 -38.78 -70.62 50.03
CA GLU GB 342 -38.92 -71.75 49.11
C GLU GB 342 -38.09 -72.98 49.48
N ALA GB 343 -37.13 -72.84 50.40
CA ALA GB 343 -36.36 -73.99 50.85
C ALA GB 343 -36.92 -74.53 52.17
N ASP GB 344 -37.87 -73.79 52.72
CA ASP GB 344 -38.44 -74.04 54.04
C ASP GB 344 -37.35 -74.35 55.06
N VAL GB 345 -37.57 -75.37 55.89
CA VAL GB 345 -36.59 -75.72 56.89
C VAL GB 345 -36.56 -77.22 57.14
N THR GB 346 -35.35 -77.78 57.19
CA THR GB 346 -35.19 -79.19 57.50
C THR GB 346 -35.28 -79.54 59.00
N ARG GB 347 -34.45 -78.88 59.81
CA ARG GB 347 -34.39 -79.09 61.25
C ARG GB 347 -34.93 -77.90 62.02
N PRO GB 348 -35.82 -78.14 62.97
CA PRO GB 348 -36.39 -77.07 63.79
C PRO GB 348 -35.32 -76.16 64.38
N PHE GB 349 -35.54 -74.86 64.32
CA PHE GB 349 -34.61 -73.92 64.96
C PHE GB 349 -35.18 -73.47 66.27
N VAL GB 350 -34.39 -73.49 67.33
CA VAL GB 350 -34.94 -73.20 68.65
C VAL GB 350 -34.13 -72.16 69.37
N SER GB 351 -34.80 -71.35 70.17
CA SER GB 351 -34.07 -70.46 71.07
C SER GB 351 -34.90 -70.14 72.29
N GLN GB 352 -34.24 -69.60 73.31
CA GLN GB 352 -34.91 -69.33 74.57
C GLN GB 352 -34.85 -67.86 74.89
N GLY GB 353 -35.75 -67.40 75.75
CA GLY GB 353 -35.74 -66.02 76.14
C GLY GB 353 -36.25 -65.79 77.54
N VAL GB 354 -35.79 -64.70 78.13
CA VAL GB 354 -36.11 -64.33 79.49
C VAL GB 354 -36.51 -62.88 79.45
N ILE GB 355 -37.72 -62.57 79.86
CA ILE GB 355 -38.17 -61.21 79.74
C ILE GB 355 -38.50 -60.66 81.10
N THR GB 356 -37.99 -59.46 81.33
CA THR GB 356 -37.90 -58.93 82.67
C THR GB 356 -38.22 -57.45 82.80
N ASP GB 357 -39.19 -57.15 83.65
CA ASP GB 357 -39.20 -55.90 84.39
C ASP GB 357 -38.26 -56.22 85.53
N GLY GB 358 -37.50 -55.26 86.02
CA GLY GB 358 -36.41 -55.56 86.95
C GLY GB 358 -36.79 -56.54 88.07
N LYS GB 359 -38.01 -56.41 88.57
CA LYS GB 359 -38.56 -57.31 89.59
C LYS GB 359 -39.09 -58.64 89.06
N TYR GB 360 -39.89 -58.60 87.99
CA TYR GB 360 -40.61 -59.78 87.51
C TYR GB 360 -40.00 -60.46 86.29
N PHE GB 361 -40.10 -61.79 86.22
CA PHE GB 361 -39.51 -62.56 85.14
C PHE GB 361 -40.53 -63.44 84.44
N SER GB 362 -40.26 -63.74 83.16
CA SER GB 362 -41.06 -64.70 82.41
C SER GB 362 -40.18 -65.43 81.43
N PHE GB 363 -40.42 -66.73 81.26
CA PHE GB 363 -39.52 -67.53 80.45
C PHE GB 363 -40.20 -68.10 79.22
N PHE GB 364 -39.52 -68.03 78.09
CA PHE GB 364 -40.12 -68.40 76.82
C PHE GB 364 -39.23 -69.30 76.00
N CYS GB 365 -39.84 -70.29 75.39
CA CYS GB 365 -39.13 -71.16 74.48
C CYS GB 365 -39.76 -71.07 73.12
N TYR GB 366 -38.95 -70.90 72.09
CA TYR GB 366 -39.51 -70.72 70.79
C TYR GB 366 -38.92 -71.70 69.80
N GLN GB 367 -39.81 -72.40 69.10
CA GLN GB 367 -39.41 -73.28 68.02
C GLN GB 367 -39.95 -72.80 66.69
N LEU GB 368 -39.02 -72.52 65.79
CA LEU GB 368 -39.28 -72.18 64.40
C LEU GB 368 -39.28 -73.43 63.53
N ASN GB 369 -40.43 -73.71 62.93
CA ASN GB 369 -40.60 -74.83 62.02
C ASN GB 369 -40.72 -74.32 60.59
N THR GB 370 -41.78 -73.55 60.36
CA THR GB 370 -42.03 -72.98 59.04
C THR GB 370 -41.38 -71.65 58.85
N LEU GB 371 -40.54 -71.55 57.83
CA LEU GB 371 -40.07 -70.27 57.41
C LEU GB 371 -40.88 -69.76 56.23
N ALA GB 372 -41.80 -70.58 55.72
CA ALA GB 372 -42.57 -70.14 54.56
C ALA GB 372 -43.93 -69.68 55.01
N LEU GB 373 -44.05 -68.37 55.15
CA LEU GB 373 -45.29 -67.71 55.48
C LEU GB 373 -45.88 -66.99 54.26
N THR GB 374 -45.15 -67.06 53.15
CA THR GB 374 -45.50 -66.38 51.91
C THR GB 374 -46.87 -66.85 51.41
N ALA GB 375 -47.56 -66.00 50.68
CA ALA GB 375 -48.84 -66.34 50.06
C ALA GB 375 -48.79 -67.64 49.27
N GLN GB 376 -47.84 -67.75 48.34
CA GLN GB 376 -47.73 -68.96 47.51
C GLN GB 376 -47.27 -70.16 48.32
N ALA GB 377 -46.33 -69.93 49.23
CA ALA GB 377 -45.70 -71.03 49.95
C ALA GB 377 -46.54 -71.57 51.11
N ASP GB 378 -47.51 -70.81 51.56
CA ASP GB 378 -48.28 -71.21 52.74
C ASP GB 378 -49.56 -71.95 52.38
N GLN GB 379 -49.77 -72.22 51.10
CA GLN GB 379 -51.03 -72.79 50.66
C GLN GB 379 -51.34 -74.16 51.26
N ASN GB 380 -50.45 -75.12 51.02
CA ASN GB 380 -50.68 -76.48 51.49
C ASN GB 380 -49.93 -76.78 52.78
N ASN GB 381 -49.21 -75.79 53.30
CA ASN GB 381 -48.26 -76.02 54.38
C ASN GB 381 -48.89 -76.21 55.76
N PRO GB 382 -48.76 -77.43 56.32
CA PRO GB 382 -49.31 -77.90 57.59
C PRO GB 382 -48.60 -77.40 58.87
N ARG GB 383 -47.31 -77.08 58.78
CA ARG GB 383 -46.51 -76.77 59.97
C ARG GB 383 -46.91 -75.48 60.67
N LYS GB 384 -46.53 -75.35 61.93
CA LYS GB 384 -46.72 -74.12 62.69
C LYS GB 384 -45.49 -73.82 63.52
N ASN GB 385 -45.26 -72.54 63.82
CA ASN GB 385 -44.21 -72.19 64.76
C ASN GB 385 -44.78 -72.24 66.15
N ILE GB 386 -44.00 -72.69 67.11
CA ILE GB 386 -44.52 -72.87 68.46
C ILE GB 386 -43.80 -72.04 69.48
N CYS GB 387 -44.56 -71.51 70.43
CA CYS GB 387 -43.97 -70.73 71.51
C CYS GB 387 -44.56 -71.09 72.87
N TRP GB 388 -43.71 -71.59 73.76
CA TRP GB 388 -44.11 -71.89 75.12
C TRP GB 388 -43.74 -70.75 76.04
N GLY GB 389 -44.59 -70.46 77.01
CA GLY GB 389 -44.33 -69.34 77.88
C GLY GB 389 -44.82 -69.52 79.30
N THR GB 390 -44.21 -68.76 80.19
CA THR GB 390 -44.48 -68.83 81.61
C THR GB 390 -45.28 -67.63 82.03
N GLN GB 391 -46.13 -67.80 83.03
CA GLN GB 391 -46.75 -66.68 83.69
C GLN GB 391 -45.65 -65.82 84.31
N SER GB 392 -45.87 -64.52 84.39
CA SER GB 392 -44.89 -63.63 85.03
C SER GB 392 -44.83 -63.94 86.52
N LYS GB 393 -43.74 -63.54 87.16
CA LYS GB 393 -43.48 -64.00 88.52
C LYS GB 393 -42.27 -63.30 89.13
N PRO GB 394 -42.40 -62.84 90.38
CA PRO GB 394 -41.40 -62.02 91.06
C PRO GB 394 -40.16 -62.78 91.48
N LEU GB 395 -39.00 -62.16 91.29
CA LEU GB 395 -37.72 -62.68 91.73
C LEU GB 395 -37.60 -62.47 93.22
N TYR GB 396 -37.64 -61.21 93.60
CA TYR GB 396 -37.49 -60.78 94.97
C TYR GB 396 -38.73 -60.03 95.38
N GLU GB 397 -38.86 -59.78 96.67
CA GLU GB 397 -39.93 -58.91 97.14
C GLU GB 397 -39.37 -57.82 98.04
N THR GB 398 -39.39 -56.58 97.54
CA THR GB 398 -39.09 -55.41 98.36
C THR GB 398 -37.70 -55.41 99.02
N ILE GB 399 -36.65 -55.17 98.25
CA ILE GB 399 -35.32 -54.94 98.83
C ILE GB 399 -35.34 -53.78 99.83
N GLU GB 400 -34.78 -54.02 101.00
CA GLU GB 400 -34.71 -53.00 102.03
C GLU GB 400 -33.32 -52.95 102.69
N ASP GB 401 -32.60 -51.85 102.47
CA ASP GB 401 -31.39 -51.56 103.23
C ASP GB 401 -30.37 -52.71 103.26
N ASN GB 402 -29.95 -53.16 102.09
CA ASN GB 402 -28.93 -54.22 101.94
C ASN GB 402 -29.48 -55.62 102.28
N ASN GB 403 -30.75 -55.70 102.68
CA ASN GB 403 -31.44 -56.99 102.81
C ASN GB 403 -32.42 -57.24 101.67
N VAL GB 404 -32.37 -58.43 101.09
CA VAL GB 404 -33.32 -58.82 100.05
C VAL GB 404 -34.39 -59.69 100.69
N LYS GB 405 -35.60 -59.15 100.84
CA LYS GB 405 -36.53 -59.79 101.76
C LYS GB 405 -37.18 -61.06 101.22
N GLY GB 406 -38.11 -60.93 100.28
CA GLY GB 406 -38.70 -62.11 99.68
C GLY GB 406 -37.70 -62.63 98.69
N PHE GB 407 -37.63 -63.94 98.50
CA PHE GB 407 -36.81 -64.47 97.41
C PHE GB 407 -37.41 -65.75 96.86
N ASN GB 408 -37.37 -65.88 95.54
CA ASN GB 408 -37.97 -67.04 94.89
C ASN GB 408 -36.95 -67.94 94.25
N ASP GB 409 -36.79 -69.13 94.82
CA ASP GB 409 -35.80 -70.05 94.30
C ASP GB 409 -36.22 -70.63 92.95
N ASP GB 410 -37.52 -70.76 92.73
CA ASP GB 410 -38.03 -71.34 91.49
C ASP GB 410 -37.58 -70.55 90.26
N VAL GB 411 -37.53 -69.23 90.40
CA VAL GB 411 -37.09 -68.36 89.34
C VAL GB 411 -35.63 -68.61 88.99
N LEU GB 412 -34.79 -68.68 90.02
CA LEU GB 412 -33.40 -69.06 89.86
C LEU GB 412 -33.26 -70.40 89.16
N LEU GB 413 -34.09 -71.34 89.56
CA LEU GB 413 -34.03 -72.69 89.02
C LEU GB 413 -34.36 -72.71 87.54
N GLN GB 414 -35.33 -71.91 87.13
CA GLN GB 414 -35.70 -71.91 85.72
C GLN GB 414 -34.64 -71.22 84.90
N LEU GB 415 -34.13 -70.11 85.41
CA LEU GB 415 -33.02 -69.43 84.77
C LEU GB 415 -31.86 -70.40 84.56
N VAL GB 416 -31.60 -71.19 85.60
CA VAL GB 416 -30.57 -72.20 85.57
C VAL GB 416 -30.86 -73.27 84.52
N GLN GB 417 -32.10 -73.70 84.44
CA GLN GB 417 -32.55 -74.63 83.42
C GLN GB 417 -32.11 -74.12 82.06
N PHE GB 418 -32.62 -72.96 81.70
CA PHE GB 418 -32.30 -72.35 80.41
C PHE GB 418 -30.81 -72.29 80.17
N LEU GB 419 -30.06 -71.88 81.17
CA LEU GB 419 -28.63 -71.72 81.00
C LEU GB 419 -27.89 -73.05 80.99
N LEU GB 420 -28.58 -74.13 81.28
CA LEU GB 420 -27.96 -75.45 81.28
C LEU GB 420 -28.19 -76.23 80.00
N ASN GB 421 -28.91 -75.64 79.05
CA ASN GB 421 -29.18 -76.30 77.79
C ASN GB 421 -27.92 -76.50 76.96
N ARG GB 422 -27.82 -77.62 76.27
CA ARG GB 422 -26.62 -77.94 75.48
C ARG GB 422 -26.96 -78.48 74.12
N PRO GB 423 -26.06 -78.27 73.15
CA PRO GB 423 -26.13 -79.02 71.89
C PRO GB 423 -25.88 -80.49 72.14
N LYS GB 424 -26.55 -81.37 71.41
CA LYS GB 424 -26.29 -82.81 71.55
C LYS GB 424 -24.88 -83.11 71.07
N GLU GB 425 -24.32 -84.23 71.54
CA GLU GB 425 -22.91 -84.47 71.35
C GLU GB 425 -22.61 -85.74 70.53
N ASP GB 426 -21.71 -85.59 69.55
CA ASP GB 426 -21.31 -86.68 68.68
C ASP GB 426 -19.80 -86.85 68.65
N PHE HB 35 -47.96 -2.44 -88.43
CA PHE HB 35 -47.63 -3.69 -87.75
C PHE HB 35 -46.91 -4.60 -88.71
N ARG HB 36 -45.61 -4.78 -88.46
CA ARG HB 36 -44.72 -5.42 -89.40
C ARG HB 36 -44.18 -6.74 -88.85
N GLU HB 37 -44.58 -7.85 -89.46
CA GLU HB 37 -44.12 -9.16 -88.99
C GLU HB 37 -42.79 -9.52 -89.61
N VAL HB 38 -41.94 -10.18 -88.83
CA VAL HB 38 -40.67 -10.69 -89.33
C VAL HB 38 -40.70 -12.20 -89.40
N VAL HB 39 -40.48 -12.74 -90.59
CA VAL HB 39 -40.62 -14.18 -90.80
C VAL HB 39 -39.27 -14.85 -91.03
N GLU HB 40 -39.13 -16.06 -90.52
CA GLU HB 40 -37.91 -16.85 -90.69
C GLU HB 40 -38.23 -18.27 -91.16
N ILE HB 41 -37.56 -18.70 -92.22
CA ILE HB 41 -37.79 -20.02 -92.80
C ILE HB 41 -36.48 -20.82 -92.94
N LEU HB 42 -36.54 -22.12 -92.66
CA LEU HB 42 -35.40 -23.02 -92.83
C LEU HB 42 -35.60 -24.00 -93.99
N ASP HB 43 -34.86 -23.81 -95.08
CA ASP HB 43 -34.92 -24.73 -96.22
C ASP HB 43 -33.54 -25.21 -96.67
N GLY HB 44 -33.27 -26.51 -96.49
CA GLY HB 44 -32.08 -27.13 -97.03
C GLY HB 44 -30.75 -26.42 -96.74
N LYS HB 45 -30.50 -26.15 -95.46
CA LYS HB 45 -29.29 -25.44 -95.01
C LYS HB 45 -29.20 -24.02 -95.56
N THR HB 46 -30.34 -23.44 -95.90
CA THR HB 46 -30.43 -22.01 -96.22
C THR HB 46 -31.58 -21.38 -95.42
N THR HB 47 -31.30 -20.29 -94.72
CA THR HB 47 -32.28 -19.64 -93.87
C THR HB 47 -32.68 -18.27 -94.41
N ILE HB 48 -33.99 -18.05 -94.56
CA ILE HB 48 -34.47 -16.78 -95.11
C ILE HB 48 -35.23 -15.98 -94.06
N ILE HB 49 -34.76 -14.76 -93.80
CA ILE HB 49 -35.42 -13.84 -92.87
C ILE HB 49 -35.91 -12.62 -93.63
N GLU HB 50 -37.20 -12.31 -93.53
CA GLU HB 50 -37.74 -11.20 -94.29
C GLU HB 50 -38.85 -10.45 -93.56
N GLY HB 51 -38.86 -9.13 -93.74
CA GLY HB 51 -39.91 -8.28 -93.21
C GLY HB 51 -41.13 -8.22 -94.11
N ARG HB 52 -42.31 -8.21 -93.49
CA ARG HB 52 -43.58 -8.23 -94.22
C ARG HB 52 -44.60 -7.33 -93.53
N ILE HB 53 -45.21 -6.42 -94.28
CA ILE HB 53 -46.10 -5.43 -93.70
C ILE HB 53 -47.57 -5.83 -93.78
N THR HB 54 -48.25 -5.77 -92.64
CA THR HB 54 -49.69 -6.02 -92.57
C THR HB 54 -50.42 -4.69 -92.43
N GLU HB 55 -51.75 -4.74 -92.33
CA GLU HB 55 -52.55 -3.53 -92.27
C GLU HB 55 -52.76 -3.02 -90.85
N THR HB 56 -52.49 -1.73 -90.66
CA THR HB 56 -52.65 -1.08 -89.37
C THR HB 56 -53.96 -0.32 -89.31
N PRO HB 57 -54.76 -0.58 -88.26
CA PRO HB 57 -55.96 0.24 -88.05
C PRO HB 57 -55.58 1.69 -87.83
N GLN HB 58 -56.50 2.61 -88.13
CA GLN HB 58 -56.17 4.03 -88.12
C GLN HB 58 -56.94 4.76 -87.04
N GLU HB 59 -56.43 5.92 -86.65
CA GLU HB 59 -57.11 6.76 -85.66
C GLU HB 59 -58.53 7.08 -86.12
N SER HB 60 -59.49 6.88 -85.22
CA SER HB 60 -60.90 7.12 -85.50
C SER HB 60 -61.10 8.54 -86.04
N PRO HB 61 -62.04 8.71 -86.99
CA PRO HB 61 -62.11 9.87 -87.89
C PRO HB 61 -62.18 11.24 -87.21
N ASN HB 62 -62.98 11.37 -86.15
CA ASN HB 62 -63.31 12.71 -85.66
C ASN HB 62 -63.10 12.93 -84.16
N PRO HB 63 -61.89 13.39 -83.78
CA PRO HB 63 -61.59 13.66 -82.37
C PRO HB 63 -62.23 14.94 -81.88
N PRO HB 64 -62.66 14.96 -80.62
CA PRO HB 64 -63.36 16.09 -79.98
C PRO HB 64 -62.50 17.33 -79.77
N ASN HB 65 -61.20 17.16 -79.62
CA ASN HB 65 -60.34 18.30 -79.33
C ASN HB 65 -59.11 18.33 -80.24
N PRO HB 66 -59.33 18.47 -81.55
CA PRO HB 66 -58.31 18.23 -82.58
C PRO HB 66 -57.04 19.05 -82.39
N THR HB 67 -57.17 20.22 -81.80
CA THR HB 67 -56.02 21.05 -81.47
C THR HB 67 -55.15 20.36 -80.42
N GLY HB 68 -55.77 19.49 -79.65
CA GLY HB 68 -55.11 18.77 -78.57
C GLY HB 68 -53.88 18.02 -79.01
N GLN HB 69 -52.84 18.11 -78.20
CA GLN HB 69 -51.51 17.63 -78.54
C GLN HB 69 -51.40 16.10 -78.45
N CYS HB 70 -51.64 15.60 -77.25
CA CYS HB 70 -51.40 14.22 -76.85
C CYS HB 70 -52.64 13.34 -77.05
N PRO HB 71 -52.45 12.08 -77.48
CA PRO HB 71 -53.53 11.18 -77.87
C PRO HB 71 -54.65 11.07 -76.85
N ILE HB 72 -54.30 11.02 -75.56
CA ILE HB 72 -55.30 10.95 -74.50
C ILE HB 72 -56.19 12.18 -74.49
N CYS HB 73 -55.55 13.32 -74.70
CA CYS HB 73 -56.10 14.63 -74.42
C CYS HB 73 -57.01 15.13 -75.52
N ARG HB 74 -56.77 14.68 -76.75
CA ARG HB 74 -57.62 15.10 -77.83
C ARG HB 74 -58.88 14.24 -77.88
N TRP HB 75 -58.91 13.18 -77.10
CA TRP HB 75 -60.15 12.45 -76.91
C TRP HB 75 -60.84 12.79 -75.60
N ASN HB 76 -60.28 13.77 -74.89
CA ASN HB 76 -60.83 14.27 -73.64
C ASN HB 76 -60.83 13.21 -72.55
N LEU HB 77 -59.84 12.34 -72.57
CA LEU HB 77 -59.77 11.24 -71.63
C LEU HB 77 -58.93 11.58 -70.43
N LYS HB 78 -58.38 12.78 -70.39
CA LYS HB 78 -57.50 13.16 -69.31
C LYS HB 78 -58.25 13.12 -67.99
N HIS HB 79 -57.65 12.46 -66.99
CA HIS HB 79 -58.22 12.34 -65.66
C HIS HB 79 -59.52 11.53 -65.65
N LYS HB 80 -59.70 10.64 -66.62
CA LYS HB 80 -60.95 9.89 -66.73
C LYS HB 80 -60.70 8.38 -66.73
N TYR HB 81 -59.87 7.89 -67.64
CA TYR HB 81 -59.53 6.48 -67.61
C TYR HB 81 -58.86 6.02 -66.32
N ASN HB 82 -59.19 4.79 -65.96
CA ASN HB 82 -58.71 4.13 -64.75
C ASN HB 82 -58.10 2.79 -65.14
N TYR HB 83 -57.57 2.03 -64.18
CA TYR HB 83 -56.99 0.72 -64.49
C TYR HB 83 -58.03 -0.22 -65.06
N GLU HB 84 -59.27 0.14 -64.84
CA GLU HB 84 -60.41 -0.70 -65.14
C GLU HB 84 -60.79 -0.62 -66.61
N ASP HB 85 -60.36 0.44 -67.30
CA ASP HB 85 -60.80 0.61 -68.67
C ASP HB 85 -59.82 -0.04 -69.59
N VAL HB 86 -60.22 -1.20 -70.08
CA VAL HB 86 -59.31 -2.03 -70.84
C VAL HB 86 -59.29 -1.60 -72.28
N LEU HB 87 -60.47 -1.30 -72.82
CA LEU HB 87 -60.60 -0.92 -74.22
C LEU HB 87 -59.62 0.18 -74.56
N LEU HB 88 -59.39 1.07 -73.60
CA LEU HB 88 -58.40 2.12 -73.80
C LEU HB 88 -56.99 1.60 -73.65
N LEU HB 89 -56.75 0.80 -72.62
CA LEU HB 89 -55.38 0.42 -72.30
C LEU HB 89 -54.75 -0.52 -73.32
N SER HB 90 -55.53 -1.45 -73.84
CA SER HB 90 -55.00 -2.43 -74.77
C SER HB 90 -54.46 -1.80 -76.05
N GLN HB 91 -54.80 -0.55 -76.30
CA GLN HB 91 -54.36 0.12 -77.51
C GLN HB 91 -52.89 0.47 -77.44
N PHE HB 92 -52.36 0.71 -76.25
CA PHE HB 92 -50.91 0.77 -76.15
C PHE HB 92 -50.41 -0.39 -75.34
N ILE HB 93 -49.88 -1.39 -76.04
CA ILE HB 93 -49.16 -2.53 -75.47
C ILE HB 93 -48.79 -3.43 -76.62
N ARG HB 94 -48.09 -4.51 -76.30
CA ARG HB 94 -47.64 -5.45 -77.30
C ARG HB 94 -48.45 -6.70 -77.12
N PRO HB 95 -48.59 -7.48 -78.19
CA PRO HB 95 -49.35 -8.73 -78.11
C PRO HB 95 -48.88 -9.63 -76.97
N HIS HB 96 -47.65 -9.43 -76.53
CA HIS HB 96 -47.11 -10.19 -75.41
C HIS HB 96 -47.23 -9.50 -74.07
N GLY HB 97 -47.87 -8.33 -74.05
CA GLY HB 97 -48.30 -7.74 -72.80
C GLY HB 97 -47.53 -6.55 -72.26
N GLY HB 98 -46.38 -6.27 -72.85
CA GLY HB 98 -45.57 -5.16 -72.39
C GLY HB 98 -46.01 -3.83 -72.97
N MET HB 99 -45.60 -2.75 -72.33
CA MET HB 99 -45.92 -1.42 -72.79
C MET HB 99 -45.27 -1.07 -74.14
N LEU HB 100 -45.95 -0.23 -74.91
CA LEU HB 100 -45.38 0.36 -76.11
C LEU HB 100 -44.54 1.58 -75.77
N PRO HB 101 -43.44 1.82 -76.49
CA PRO HB 101 -42.58 2.96 -76.17
C PRO HB 101 -43.25 4.26 -76.49
N ARG HB 102 -42.80 5.32 -75.83
CA ARG HB 102 -43.52 6.57 -75.80
C ARG HB 102 -43.48 7.34 -77.10
N ARG HB 103 -42.30 7.41 -77.71
CA ARG HB 103 -42.15 8.19 -78.93
C ARG HB 103 -42.97 7.61 -80.07
N ILE HB 104 -43.28 6.32 -80.01
CA ILE HB 104 -44.12 5.69 -81.02
C ILE HB 104 -45.56 6.07 -80.82
N THR HB 105 -45.99 5.99 -79.56
CA THR HB 105 -47.37 6.27 -79.20
C THR HB 105 -47.66 7.76 -79.24
N GLY HB 106 -46.77 8.56 -78.65
CA GLY HB 106 -46.90 9.99 -78.73
C GLY HB 106 -47.58 10.59 -77.51
N LEU HB 107 -47.67 9.80 -76.44
CA LEU HB 107 -48.30 10.25 -75.22
C LEU HB 107 -47.54 11.38 -74.52
N CYS HB 108 -48.27 12.30 -73.90
CA CYS HB 108 -47.63 13.26 -73.01
C CYS HB 108 -46.98 12.45 -71.89
N GLN HB 109 -45.75 12.83 -71.54
CA GLN HB 109 -44.90 12.05 -70.63
C GLN HB 109 -45.64 11.54 -69.39
N GLU HB 110 -46.31 12.48 -68.74
CA GLU HB 110 -47.13 12.22 -67.58
C GLU HB 110 -48.15 11.12 -67.82
N GLU HB 111 -48.90 11.27 -68.90
CA GLU HB 111 -49.95 10.31 -69.21
C GLU HB 111 -49.39 8.96 -69.60
N HIS HB 112 -48.17 8.95 -70.12
CA HIS HB 112 -47.52 7.69 -70.41
C HIS HB 112 -47.30 6.94 -69.13
N LEU HB 113 -46.76 7.64 -68.14
CA LEU HB 113 -46.52 7.00 -66.86
C LEU HB 113 -47.82 6.49 -66.26
N LYS HB 114 -48.86 7.31 -66.32
CA LYS HB 114 -50.17 6.89 -65.82
C LYS HB 114 -50.65 5.60 -66.50
N ILE HB 115 -50.64 5.59 -67.83
CA ILE HB 115 -51.09 4.43 -68.59
C ILE HB 115 -50.27 3.20 -68.22
N GLU HB 116 -48.97 3.38 -68.00
CA GLU HB 116 -48.12 2.26 -67.66
C GLU HB 116 -48.55 1.64 -66.32
N GLU HB 117 -48.72 2.52 -65.33
CA GLU HB 117 -49.26 2.08 -64.05
C GLU HB 117 -50.53 1.28 -64.23
N CYS HB 118 -51.46 1.84 -65.00
CA CYS HB 118 -52.75 1.19 -65.17
C CYS HB 118 -52.63 -0.16 -65.80
N VAL HB 119 -51.70 -0.29 -66.73
CA VAL HB 119 -51.56 -1.54 -67.43
C VAL HB 119 -51.00 -2.59 -66.49
N LYS HB 120 -50.00 -2.21 -65.70
CA LYS HB 120 -49.50 -3.13 -64.69
C LYS HB 120 -50.65 -3.60 -63.79
N MET HB 121 -51.41 -2.64 -63.28
CA MET HB 121 -52.52 -2.94 -62.40
C MET HB 121 -53.54 -3.88 -63.06
N ALA HB 122 -53.78 -3.66 -64.34
CA ALA HB 122 -54.79 -4.41 -65.08
C ALA HB 122 -54.34 -5.83 -65.33
N HIS HB 123 -53.06 -5.97 -65.65
CA HIS HB 123 -52.46 -7.29 -65.75
C HIS HB 123 -52.67 -8.03 -64.46
N ARG HB 124 -52.23 -7.42 -63.36
CA ARG HB 124 -52.31 -8.07 -62.07
C ARG HB 124 -53.74 -8.40 -61.70
N ALA HB 125 -54.67 -7.61 -62.21
CA ALA HB 125 -56.08 -7.79 -61.84
C ALA HB 125 -56.72 -8.95 -62.59
N GLY HB 126 -56.01 -9.53 -63.54
CA GLY HB 126 -56.56 -10.65 -64.30
C GLY HB 126 -57.44 -10.20 -65.45
N LEU HB 127 -57.15 -9.02 -65.97
CA LEU HB 127 -57.80 -8.50 -67.16
C LEU HB 127 -56.72 -8.55 -68.20
N LEU HB 128 -57.08 -8.57 -69.47
CA LEU HB 128 -56.13 -8.89 -70.54
C LEU HB 128 -55.50 -10.27 -70.36
N PRO HB 129 -56.33 -11.34 -70.29
CA PRO HB 129 -55.73 -12.68 -70.20
C PRO HB 129 -55.10 -13.14 -71.50
N ASN HB 130 -55.45 -12.49 -72.60
CA ASN HB 130 -54.96 -12.89 -73.92
C ASN HB 130 -53.67 -12.24 -74.33
N HIS HB 131 -53.18 -11.34 -73.49
CA HIS HB 131 -51.96 -10.62 -73.79
C HIS HB 131 -50.70 -11.19 -73.16
N ARG HB 132 -50.81 -12.36 -72.55
CA ARG HB 132 -49.63 -13.05 -72.05
C ARG HB 132 -48.89 -13.76 -73.20
N PRO HB 133 -47.62 -14.15 -72.98
CA PRO HB 133 -46.92 -14.98 -73.95
C PRO HB 133 -47.41 -16.44 -73.89
N LYS HB 134 -47.45 -17.12 -75.03
CA LYS HB 134 -47.99 -18.48 -75.08
C LYS HB 134 -46.88 -19.52 -74.97
N LEU HB 135 -46.99 -20.41 -73.97
CA LEU HB 135 -45.98 -21.43 -73.70
C LEU HB 135 -46.56 -22.83 -73.45
N PRO HB 136 -46.65 -23.66 -74.50
CA PRO HB 136 -47.39 -24.94 -74.57
C PRO HB 136 -47.20 -25.88 -73.36
N GLU HB 137 -46.02 -25.84 -72.75
CA GLU HB 137 -45.73 -26.68 -71.59
C GLU HB 137 -46.37 -26.19 -70.29
N GLY HB 138 -46.20 -24.90 -70.01
CA GLY HB 138 -46.50 -24.33 -68.70
C GLY HB 138 -47.96 -24.13 -68.32
N PHE HB 139 -48.87 -24.33 -69.26
CA PHE HB 139 -50.30 -24.19 -68.98
C PHE HB 139 -50.80 -25.41 -68.20
N VAL HB 140 -50.13 -26.54 -68.42
CA VAL HB 140 -50.47 -27.79 -67.75
C VAL HB 140 -50.21 -27.80 -66.22
N PRO HB 141 -49.03 -27.34 -65.76
CA PRO HB 141 -48.73 -27.41 -64.32
C PRO HB 141 -49.47 -26.40 -63.44
N LYS HB 142 -50.68 -26.76 -63.01
CA LYS HB 142 -51.50 -25.93 -62.15
C LYS HB 142 -50.75 -25.44 -60.91
N SER HB 143 -51.09 -24.23 -60.49
CA SER HB 143 -50.66 -23.67 -59.22
C SER HB 143 -51.93 -23.36 -58.45
N LYS HB 144 -51.83 -23.09 -57.14
CA LYS HB 144 -53.00 -22.74 -56.36
C LYS HB 144 -53.76 -21.66 -57.10
N PRO HB 145 -55.09 -21.86 -57.28
CA PRO HB 145 -55.89 -21.01 -58.16
C PRO HB 145 -55.64 -19.54 -57.89
N ARG HB 146 -55.53 -18.77 -58.97
CA ARG HB 146 -55.07 -17.40 -58.88
C ARG HB 146 -55.91 -16.62 -57.88
N LEU HB 147 -55.24 -16.01 -56.91
CA LEU HB 147 -55.92 -15.16 -55.95
C LEU HB 147 -56.48 -13.95 -56.67
N ASN HB 148 -57.78 -13.71 -56.53
CA ASN HB 148 -58.37 -12.55 -57.16
C ASN HB 148 -57.95 -11.28 -56.46
N ARG HB 149 -57.40 -10.35 -57.21
CA ARG HB 149 -56.96 -9.09 -56.63
C ARG HB 149 -57.29 -7.97 -57.59
N TYR HB 150 -57.27 -6.74 -57.10
CA TYR HB 150 -57.42 -5.61 -57.99
C TYR HB 150 -56.82 -4.37 -57.37
N LEU HB 151 -56.46 -3.42 -58.23
CA LEU HB 151 -55.84 -2.18 -57.77
C LEU HB 151 -54.55 -2.42 -57.04
N THR HB 152 -53.71 -3.32 -57.52
CA THR HB 152 -52.49 -3.64 -56.76
C THR HB 152 -51.28 -2.89 -57.29
N ARG HB 153 -50.72 -2.07 -56.41
CA ARG HB 153 -49.66 -1.14 -56.76
C ARG HB 153 -48.32 -1.84 -56.94
N TRP HB 154 -47.93 -2.66 -55.97
CA TRP HB 154 -46.69 -3.39 -56.07
C TRP HB 154 -46.88 -4.72 -56.78
N SER HB 155 -45.79 -5.46 -56.95
CA SER HB 155 -45.85 -6.83 -57.46
C SER HB 155 -45.94 -7.78 -56.31
N PRO HB 156 -46.81 -8.79 -56.43
CA PRO HB 156 -47.04 -9.78 -55.38
C PRO HB 156 -45.77 -10.41 -54.80
N ARG HB 157 -44.76 -10.66 -55.62
CA ARG HB 157 -43.58 -11.37 -55.13
C ARG HB 157 -42.69 -10.52 -54.26
N SER HB 158 -42.84 -9.20 -54.37
CA SER HB 158 -41.88 -8.28 -53.77
C SER HB 158 -42.27 -7.77 -52.39
N VAL HB 159 -43.41 -8.21 -51.88
CA VAL HB 159 -43.97 -7.56 -50.71
C VAL HB 159 -43.90 -8.39 -49.44
N LYS HB 160 -43.20 -7.84 -48.45
CA LYS HB 160 -43.10 -8.49 -47.14
C LYS HB 160 -44.39 -8.35 -46.36
N PRO HB 161 -44.82 -9.43 -45.71
CA PRO HB 161 -46.02 -9.37 -44.88
C PRO HB 161 -45.78 -8.45 -43.70
N ILE HB 162 -46.74 -7.60 -43.35
CA ILE HB 162 -46.43 -6.69 -42.25
C ILE HB 162 -46.90 -7.31 -40.94
N TYR HB 163 -45.91 -7.75 -40.18
CA TYR HB 163 -46.14 -8.51 -38.97
C TYR HB 163 -46.46 -7.59 -37.85
N ASN HB 164 -45.94 -6.38 -37.92
CA ASN HB 164 -46.12 -5.48 -36.81
C ASN HB 164 -47.16 -4.38 -36.86
N LYS HB 165 -47.90 -4.18 -37.95
CA LYS HB 165 -49.11 -3.33 -37.85
C LYS HB 165 -48.76 -2.01 -37.21
N GLY HB 166 -49.04 -1.95 -35.91
CA GLY HB 166 -48.60 -0.86 -35.07
C GLY HB 166 -49.83 -0.14 -34.60
N HIS HB 167 -49.69 0.64 -33.54
CA HIS HB 167 -50.86 1.21 -32.92
C HIS HB 167 -51.38 2.41 -33.65
N ARG HB 168 -52.45 2.93 -33.08
CA ARG HB 168 -53.20 4.01 -33.67
C ARG HB 168 -52.32 5.15 -34.12
N TRP HB 169 -51.34 5.53 -33.31
CA TRP HB 169 -50.51 6.68 -33.64
C TRP HB 169 -49.41 6.40 -34.66
N ASN HB 170 -48.71 5.28 -34.56
CA ASN HB 170 -47.85 4.92 -35.67
C ASN HB 170 -48.40 3.66 -36.34
N LYS HB 171 -48.99 3.83 -37.50
CA LYS HB 171 -49.67 2.70 -38.12
C LYS HB 171 -49.10 2.40 -39.49
N VAL HB 172 -48.83 1.13 -39.76
CA VAL HB 172 -48.34 0.77 -41.08
C VAL HB 172 -49.54 0.57 -41.99
N ARG HB 173 -49.62 1.40 -43.03
CA ARG HB 173 -50.78 1.39 -43.90
C ARG HB 173 -50.44 0.65 -45.19
N MET HB 174 -51.43 -0.05 -45.75
CA MET HB 174 -51.21 -0.83 -46.95
C MET HB 174 -51.68 -0.10 -48.20
N PRO HB 175 -50.76 0.14 -49.13
CA PRO HB 175 -51.05 0.90 -50.34
C PRO HB 175 -52.06 0.23 -51.24
N VAL HB 176 -52.95 1.04 -51.83
CA VAL HB 176 -53.98 0.56 -52.74
C VAL HB 176 -54.11 1.51 -53.93
N GLY HB 177 -53.99 1.00 -55.14
CA GLY HB 177 -54.00 1.86 -56.32
C GLY HB 177 -52.71 2.64 -56.37
N SER HB 178 -52.56 3.53 -57.35
CA SER HB 178 -51.32 4.28 -57.43
C SER HB 178 -51.58 5.76 -57.31
N PRO HB 179 -50.66 6.48 -56.68
CA PRO HB 179 -50.72 7.94 -56.53
C PRO HB 179 -50.65 8.68 -57.85
N LEU HB 180 -50.26 8.00 -58.92
CA LEU HB 180 -50.22 8.64 -60.23
C LEU HB 180 -51.63 8.98 -60.68
N LEU HB 181 -52.60 8.26 -60.15
CA LEU HB 181 -53.99 8.43 -60.52
C LEU HB 181 -54.78 9.35 -59.59
N LYS HB 182 -54.12 9.98 -58.63
CA LYS HB 182 -54.84 10.74 -57.60
C LYS HB 182 -55.57 11.95 -58.16
N ASP HB 183 -55.35 12.25 -59.43
CA ASP HB 183 -56.04 13.37 -60.09
C ASP HB 183 -57.27 12.99 -60.89
N ASN HB 184 -57.65 11.72 -60.88
CA ASN HB 184 -58.87 11.30 -61.56
C ASN HB 184 -60.05 12.07 -61.00
N VAL HB 185 -61.02 12.35 -61.86
CA VAL HB 185 -62.18 13.12 -61.41
C VAL HB 185 -63.00 12.32 -60.41
N SER HB 186 -63.27 12.91 -59.24
CA SER HB 186 -64.06 12.25 -58.22
C SER HB 186 -65.48 12.76 -58.24
N TYR HB 187 -66.42 11.88 -58.49
CA TYR HB 187 -67.81 12.28 -58.55
C TYR HB 187 -68.42 12.39 -57.16
N SER HB 188 -67.88 11.64 -56.21
CA SER HB 188 -68.34 11.74 -54.84
C SER HB 188 -67.84 13.04 -54.21
N GLY HB 189 -66.65 13.46 -54.61
CA GLY HB 189 -66.05 14.68 -54.09
C GLY HB 189 -65.00 14.39 -53.03
N ARG HB 190 -65.10 13.23 -52.39
CA ARG HB 190 -64.08 12.80 -51.44
C ARG HB 190 -62.90 12.23 -52.20
N PRO HB 191 -61.68 12.58 -51.79
CA PRO HB 191 -60.50 12.11 -52.51
C PRO HB 191 -60.37 10.62 -52.36
N LEU HB 192 -59.84 9.96 -53.40
CA LEU HB 192 -59.62 8.53 -53.33
C LEU HB 192 -58.71 8.20 -52.19
N LEU HB 193 -58.95 7.04 -51.59
CA LEU HB 193 -58.16 6.61 -50.45
C LEU HB 193 -57.01 5.74 -50.90
N LEU HB 194 -55.79 6.24 -50.77
CA LEU HB 194 -54.68 5.53 -51.37
C LEU HB 194 -54.00 4.55 -50.45
N TYR HB 195 -54.33 4.60 -49.16
CA TYR HB 195 -53.69 3.71 -48.23
C TYR HB 195 -54.67 3.14 -47.24
N HIS HB 196 -54.76 1.83 -47.14
CA HIS HB 196 -55.35 1.24 -45.95
C HIS HB 196 -54.75 -0.11 -45.59
N ALA IB 1 22.35 67.04 -15.81
CA ALA IB 1 22.89 68.33 -16.23
C ALA IB 1 23.58 68.21 -17.60
N ALA IB 2 23.58 69.30 -18.35
CA ALA IB 2 24.24 69.32 -19.65
C ALA IB 2 25.06 70.60 -19.87
N ALA IB 3 26.38 70.45 -20.01
CA ALA IB 3 27.24 71.54 -20.47
C ALA IB 3 28.28 71.00 -21.45
N ALA IB 4 28.29 71.54 -22.67
CA ALA IB 4 29.18 71.05 -23.72
C ALA IB 4 30.15 72.14 -24.17
N ALA IB 5 31.45 71.86 -24.08
CA ALA IB 5 32.48 72.84 -24.36
C ALA IB 5 32.87 72.89 -25.85
N ALA IB 6 33.02 74.11 -26.37
CA ALA IB 6 33.49 74.31 -27.74
C ALA IB 6 34.98 74.65 -27.74
N ALA IB 7 35.79 73.82 -28.40
CA ALA IB 7 37.24 74.02 -28.44
C ALA IB 7 37.70 74.68 -29.74
N ALA IB 8 38.43 75.79 -29.61
CA ALA IB 8 38.88 76.57 -30.76
C ALA IB 8 40.01 75.90 -31.51
N ALA IB 9 18.97 63.89 -13.61
CA ALA IB 9 18.54 62.73 -12.84
C ALA IB 9 17.59 61.85 -13.65
N ALA IB 10 17.05 62.40 -14.74
CA ALA IB 10 16.17 61.66 -15.65
C ALA IB 10 16.97 60.76 -16.60
N ALA IB 11 18.01 61.34 -17.20
CA ALA IB 11 18.89 60.59 -18.09
C ALA IB 11 19.79 59.65 -17.28
N ALA IB 12 19.90 59.90 -15.99
CA ALA IB 12 20.64 59.03 -15.07
C ALA IB 12 19.84 57.77 -14.72
N ALA IB 13 18.51 57.92 -14.63
CA ALA IB 13 17.63 56.76 -14.44
C ALA IB 13 17.45 56.00 -15.75
N ALA IB 14 17.48 56.73 -16.87
CA ALA IB 14 17.47 56.12 -18.20
C ALA IB 14 18.76 55.32 -18.46
N ALA IB 15 19.89 55.86 -17.99
CA ALA IB 15 21.18 55.18 -18.12
C ALA IB 15 21.39 54.06 -17.10
N ALA IB 16 20.72 54.18 -15.94
CA ALA IB 16 20.73 53.10 -14.95
C ALA IB 16 19.88 51.93 -15.44
N ALA IB 17 18.75 52.23 -16.07
CA ALA IB 17 17.91 51.21 -16.68
C ALA IB 17 18.56 50.60 -17.94
N ALA IB 18 19.33 51.41 -18.66
CA ALA IB 18 20.05 50.93 -19.83
C ALA IB 18 21.24 50.04 -19.43
N ALA IB 19 21.92 50.42 -18.35
CA ALA IB 19 23.04 49.66 -17.82
C ALA IB 19 22.56 48.37 -17.13
N ALA IB 20 21.35 48.39 -16.58
CA ALA IB 20 20.76 47.20 -15.99
C ALA IB 20 20.16 46.27 -17.06
N ALA IB 21 19.75 46.85 -18.19
CA ALA IB 21 19.20 46.08 -19.31
C ALA IB 21 20.30 45.57 -20.25
N ALA IB 22 21.51 46.11 -20.10
CA ALA IB 22 22.66 45.62 -20.86
C ALA IB 22 23.24 44.35 -20.25
N ALA IB 23 23.21 44.26 -18.92
CA ALA IB 23 23.71 43.10 -18.18
C ALA IB 23 22.62 42.05 -17.98
N ALA IB 24 13.46 54.83 -13.90
CA ALA IB 24 13.40 55.16 -12.48
C ALA IB 24 12.86 53.99 -11.64
N ALA IB 25 11.55 53.78 -11.66
CA ALA IB 25 10.92 52.69 -10.91
C ALA IB 25 11.01 51.35 -11.65
N ALA IB 26 10.90 51.40 -12.98
CA ALA IB 26 11.00 50.21 -13.84
C ALA IB 26 12.40 49.60 -13.76
N ALA IB 27 13.40 50.45 -13.52
CA ALA IB 27 14.78 50.02 -13.33
C ALA IB 27 14.95 49.32 -11.97
N ALA IB 28 14.24 49.79 -10.95
CA ALA IB 28 14.26 49.17 -9.62
C ALA IB 28 13.55 47.82 -9.63
N ALA IB 29 12.45 47.75 -10.37
CA ALA IB 29 11.70 46.50 -10.54
C ALA IB 29 12.51 45.46 -11.35
N ALA IB 30 13.07 45.90 -12.48
CA ALA IB 30 13.86 45.01 -13.34
C ALA IB 30 15.18 44.58 -12.67
N ALA IB 31 15.80 45.47 -11.89
CA ALA IB 31 17.04 45.13 -11.18
C ALA IB 31 16.77 44.30 -9.92
N ALA IB 32 15.58 44.44 -9.33
CA ALA IB 32 15.18 43.56 -8.22
C ALA IB 32 14.87 42.16 -8.73
N ALA IB 33 14.23 42.08 -9.91
CA ALA IB 33 13.95 40.81 -10.57
C ALA IB 33 15.23 40.13 -11.06
N ALA IB 34 16.19 40.94 -11.51
CA ALA IB 34 17.49 40.42 -11.99
C ALA IB 34 18.43 40.03 -10.84
N ALA IB 35 18.33 40.73 -9.70
CA ALA IB 35 19.11 40.40 -8.51
C ALA IB 35 18.51 39.20 -7.75
N ALA IB 36 17.19 39.01 -7.88
CA ALA IB 36 16.54 37.81 -7.34
C ALA IB 36 16.70 36.61 -8.30
N ALA IB 37 16.94 36.90 -9.58
CA ALA IB 37 17.26 35.86 -10.56
C ALA IB 37 18.73 35.42 -10.48
N ALA IB 38 19.61 36.36 -10.13
CA ALA IB 38 21.04 36.08 -9.98
C ALA IB 38 21.37 35.41 -8.64
N ALA IB 39 20.54 35.64 -7.63
CA ALA IB 39 20.72 35.03 -6.32
C ALA IB 39 20.15 33.62 -6.27
N ALA IB 40 19.47 33.23 -7.35
CA ALA IB 40 18.86 31.91 -7.47
C ALA IB 40 19.75 30.95 -8.28
N ALA IB 41 43.46 64.93 -38.94
CA ALA IB 41 43.93 65.22 -40.28
C ALA IB 41 43.68 66.67 -40.66
N ALA IB 42 42.42 67.09 -40.57
CA ALA IB 42 42.04 68.49 -40.82
C ALA IB 42 42.34 69.37 -39.59
N ALA IB 43 42.19 68.79 -38.40
CA ALA IB 43 42.49 69.50 -37.16
C ALA IB 43 44.00 69.58 -36.92
N ALA IB 44 44.76 68.64 -37.47
CA ALA IB 44 46.22 68.64 -37.40
C ALA IB 44 46.82 69.63 -38.42
N ALA IB 45 46.16 69.77 -39.56
CA ALA IB 45 46.56 70.73 -40.60
C ALA IB 45 46.18 72.15 -40.20
N ALA IB 46 45.04 72.29 -39.51
CA ALA IB 46 44.63 73.58 -38.95
C ALA IB 46 45.49 73.94 -37.73
N ALA IB 47 45.93 72.93 -36.98
CA ALA IB 47 46.87 73.16 -35.87
C ALA IB 47 48.25 73.55 -36.40
N ALA IB 48 48.63 72.98 -37.53
CA ALA IB 48 49.87 73.34 -38.21
C ALA IB 48 49.80 74.78 -38.72
N ALA IB 49 48.70 75.12 -39.39
CA ALA IB 49 48.49 76.48 -39.89
C ALA IB 49 48.41 77.53 -38.78
N ALA IB 50 47.76 77.18 -37.66
CA ALA IB 50 47.63 78.11 -36.53
C ALA IB 50 48.94 78.27 -35.75
N ALA IB 51 49.64 77.17 -35.50
CA ALA IB 51 50.93 77.23 -34.82
C ALA IB 51 52.00 77.90 -35.68
N ALA IB 52 51.85 77.80 -37.00
CA ALA IB 52 52.76 78.49 -37.94
C ALA IB 52 52.42 79.97 -38.13
N ALA IB 53 51.14 80.32 -37.97
CA ALA IB 53 50.71 81.72 -38.05
C ALA IB 53 50.87 82.44 -36.70
N ALA IB 54 51.06 81.67 -35.64
CA ALA IB 54 51.30 82.25 -34.31
C ALA IB 54 52.75 82.71 -34.18
N ALA IB 55 53.66 82.03 -34.86
CA ALA IB 55 55.08 82.40 -34.81
C ALA IB 55 55.52 83.18 -36.05
N ALA IB 56 38.33 83.64 -31.08
CA ALA IB 56 39.38 84.48 -31.65
C ALA IB 56 39.90 83.93 -32.97
N ALA IB 57 40.09 82.61 -33.02
CA ALA IB 57 40.69 81.95 -34.18
C ALA IB 57 39.86 82.10 -35.46
N ALA IB 58 38.62 81.63 -35.38
CA ALA IB 58 37.73 81.63 -36.52
C ALA IB 58 37.11 83.01 -36.71
N ALA IB 59 37.45 83.92 -35.79
CA ALA IB 59 37.12 85.33 -35.93
C ALA IB 59 38.02 85.95 -36.98
N ALA IB 60 39.28 85.55 -36.94
CA ALA IB 60 40.28 85.99 -37.92
C ALA IB 60 40.12 85.20 -39.23
N ALA IB 61 39.71 83.94 -39.11
CA ALA IB 61 39.39 83.17 -40.31
C ALA IB 61 38.16 83.75 -41.04
N ALA IB 62 37.17 84.20 -40.27
CA ALA IB 62 35.96 84.81 -40.84
C ALA IB 62 36.21 86.24 -41.28
N ALA IB 63 37.22 86.89 -40.67
CA ALA IB 63 37.65 88.21 -41.11
C ALA IB 63 38.43 88.09 -42.43
N ALA IB 64 39.09 86.95 -42.61
CA ALA IB 64 39.82 86.67 -43.84
C ALA IB 64 38.88 86.24 -44.96
N ALA IB 65 37.81 85.53 -44.60
CA ALA IB 65 36.80 85.13 -45.57
C ALA IB 65 36.05 86.35 -46.13
N ALA IB 66 35.62 87.23 -45.23
CA ALA IB 66 34.95 88.47 -45.61
C ALA IB 66 35.89 89.39 -46.37
N ALA IB 67 24.64 70.11 9.17
CA ALA IB 67 24.11 68.81 9.55
C ALA IB 67 22.70 68.59 9.02
N ALA IB 68 21.88 69.64 9.05
CA ALA IB 68 20.50 69.58 8.57
C ALA IB 68 20.40 69.69 7.04
N ALA IB 69 21.17 70.61 6.47
CA ALA IB 69 21.16 70.86 5.03
C ALA IB 69 21.89 69.75 4.25
N ALA IB 70 22.78 69.04 4.94
CA ALA IB 70 23.49 67.90 4.36
C ALA IB 70 22.60 66.65 4.30
N ALA IB 71 21.72 66.50 5.29
CA ALA IB 71 20.72 65.44 5.30
C ALA IB 71 19.58 65.76 4.33
N ALA IB 72 19.29 67.06 4.16
CA ALA IB 72 18.30 67.51 3.17
C ALA IB 72 18.82 67.38 1.73
N ALA IB 73 20.13 67.55 1.54
CA ALA IB 73 20.76 67.36 0.24
C ALA IB 73 20.98 65.86 -0.08
N ALA IB 74 21.26 65.06 0.95
CA ALA IB 74 21.35 63.60 0.78
C ALA IB 74 19.96 62.99 0.52
N ALA IB 75 18.93 63.63 1.07
CA ALA IB 75 17.54 63.25 0.82
C ALA IB 75 17.05 63.70 -0.57
N ALA IB 76 17.52 64.86 -1.03
CA ALA IB 76 17.22 65.33 -2.40
C ALA IB 76 17.96 64.49 -3.45
N ALA IB 77 19.15 63.99 -3.09
CA ALA IB 77 19.91 63.09 -3.95
C ALA IB 77 19.33 61.67 -3.97
N ALA IB 78 18.83 61.22 -2.81
CA ALA IB 78 18.15 59.93 -2.73
C ALA IB 78 16.77 59.95 -3.40
N ALA IB 79 16.15 61.14 -3.44
CA ALA IB 79 14.88 61.34 -4.16
C ALA IB 79 15.09 61.54 -5.66
N ALA IB 80 16.24 62.10 -6.04
CA ALA IB 80 16.58 62.27 -7.45
C ALA IB 80 17.09 60.97 -8.06
N ALA IB 81 17.65 60.10 -7.23
CA ALA IB 81 18.13 58.79 -7.68
C ALA IB 81 16.98 57.80 -7.86
N ALA IB 82 16.02 57.83 -6.93
CA ALA IB 82 14.87 56.93 -6.98
C ALA IB 82 13.95 57.26 -8.16
N ASN KB 55 131.88 -22.76 9.95
CA ASN KB 55 130.43 -22.94 9.97
C ASN KB 55 130.00 -24.14 10.80
N ASP KB 56 130.81 -25.19 10.83
CA ASP KB 56 130.53 -26.37 11.64
C ASP KB 56 130.71 -26.06 13.12
N LEU KB 57 131.71 -25.23 13.41
CA LEU KB 57 132.06 -24.87 14.79
C LEU KB 57 131.12 -23.80 15.33
N ARG KB 58 130.40 -23.12 14.44
CA ARG KB 58 129.33 -22.21 14.85
C ARG KB 58 128.13 -23.05 15.30
N ASP KB 59 127.93 -24.16 14.60
CA ASP KB 59 126.93 -25.14 15.00
C ASP KB 59 127.35 -25.77 16.34
N ARG KB 60 128.66 -25.89 16.55
CA ARG KB 60 129.17 -26.32 17.86
C ARG KB 60 128.87 -25.30 18.96
N ILE KB 61 129.10 -24.02 18.67
CA ILE KB 61 128.91 -22.96 19.66
C ILE KB 61 127.42 -22.78 20.00
N LEU KB 62 126.54 -23.11 19.05
CA LEU KB 62 125.11 -23.09 19.33
C LEU KB 62 124.62 -24.38 20.02
N SER KB 63 125.20 -25.52 19.66
CA SER KB 63 124.74 -26.83 20.17
C SER KB 63 125.23 -27.15 21.59
N GLU KB 64 126.43 -26.66 21.92
CA GLU KB 64 127.07 -26.97 23.20
C GLU KB 64 126.24 -26.64 24.46
N PRO KB 65 125.74 -25.39 24.60
CA PRO KB 65 125.07 -25.01 25.87
C PRO KB 65 123.77 -25.75 26.19
N LEU KB 66 123.15 -26.40 25.20
CA LEU KB 66 121.87 -27.08 25.41
C LEU KB 66 122.00 -28.45 26.08
N LYS KB 67 123.24 -28.94 26.21
CA LYS KB 67 123.52 -30.28 26.75
C LYS KB 67 123.74 -30.30 28.27
N HIS KB 68 123.83 -29.12 28.86
CA HIS KB 68 123.96 -28.97 30.31
C HIS KB 68 122.69 -28.31 30.86
N ALA KB 69 122.24 -28.75 32.03
CA ALA KB 69 121.03 -28.21 32.63
C ALA KB 69 121.26 -26.81 33.23
N ASP KB 70 122.41 -26.66 33.88
CA ASP KB 70 122.77 -25.44 34.63
C ASP KB 70 123.66 -24.42 33.90
N PHE KB 71 123.85 -24.58 32.59
CA PHE KB 71 125.03 -24.05 31.88
C PHE KB 71 125.51 -22.64 32.25
N PHE KB 72 124.61 -21.73 32.62
CA PHE KB 72 125.05 -20.40 33.08
C PHE KB 72 125.12 -20.31 34.62
N ASN KB 73 124.81 -21.43 35.28
CA ASN KB 73 124.88 -21.55 36.75
C ASN KB 73 124.02 -20.52 37.46
N LEU KB 74 122.74 -20.48 37.11
CA LEU KB 74 121.85 -19.46 37.66
C LEU KB 74 121.22 -19.92 38.97
N LYS KB 75 121.40 -21.20 39.30
CA LYS KB 75 120.87 -21.82 40.52
C LYS KB 75 121.13 -20.98 41.77
N GLU KB 76 122.31 -20.36 41.79
CA GLU KB 76 122.85 -19.67 42.95
C GLU KB 76 122.44 -18.19 43.02
N LEU KB 77 121.59 -17.75 42.09
CA LEU KB 77 121.17 -16.34 42.05
C LEU KB 77 120.03 -16.03 43.03
N PHE KB 78 119.37 -17.09 43.51
CA PHE KB 78 118.23 -16.95 44.40
C PHE KB 78 117.97 -18.25 45.18
N SER KB 79 117.00 -18.19 46.08
CA SER KB 79 116.53 -19.35 46.83
C SER KB 79 115.10 -19.11 47.28
N VAL KB 80 114.52 -20.11 47.94
CA VAL KB 80 113.17 -20.00 48.46
C VAL KB 80 113.12 -18.90 49.52
N ARG KB 81 114.16 -18.86 50.36
CA ARG KB 81 114.31 -17.81 51.38
C ARG KB 81 114.49 -16.43 50.75
N SER KB 82 115.38 -16.35 49.76
CA SER KB 82 115.65 -15.12 49.00
C SER KB 82 114.35 -14.49 48.50
N LEU KB 83 113.55 -15.31 47.81
CA LEU KB 83 112.24 -14.92 47.31
C LEU KB 83 111.32 -14.49 48.46
N PHE KB 84 111.26 -15.32 49.50
CA PHE KB 84 110.37 -15.08 50.64
C PHE KB 84 110.62 -13.72 51.30
N ASP KB 85 111.89 -13.33 51.36
CA ASP KB 85 112.26 -12.05 51.96
C ASP KB 85 111.92 -10.88 51.02
N ALA KB 86 111.64 -11.19 49.76
CA ALA KB 86 111.20 -10.17 48.79
C ALA KB 86 109.67 -10.04 48.73
N ARG KB 87 108.97 -10.78 49.60
CA ARG KB 87 107.49 -10.73 49.75
C ARG KB 87 106.74 -11.43 48.60
N VAL KB 88 107.50 -12.02 47.68
CA VAL KB 88 107.01 -12.71 46.47
C VAL KB 88 105.83 -13.67 46.72
N HIS KB 89 105.82 -14.34 47.86
CA HIS KB 89 104.75 -15.29 48.22
C HIS KB 89 103.36 -14.65 48.42
N LEU KB 90 103.31 -13.31 48.46
CA LEU KB 90 102.08 -12.60 48.80
C LEU KB 90 101.19 -12.28 47.59
N GLY KB 91 99.92 -12.69 47.66
CA GLY KB 91 98.95 -12.39 46.61
C GLY KB 91 97.89 -11.38 47.06
N HIS KB 92 96.83 -11.23 46.25
CA HIS KB 92 95.71 -10.33 46.55
C HIS KB 92 94.70 -10.97 47.50
N LYS KB 93 93.55 -10.33 47.67
CA LYS KB 93 92.42 -10.92 48.41
C LYS KB 93 91.85 -12.13 47.65
N ALA KB 94 91.11 -12.99 48.36
CA ALA KB 94 90.55 -14.19 47.72
C ALA KB 94 89.38 -13.84 46.80
N GLY KB 95 88.77 -12.67 47.04
CA GLY KB 95 87.71 -12.16 46.18
C GLY KB 95 88.21 -11.78 44.79
N CYS KB 96 89.49 -11.45 44.69
CA CYS KB 96 90.11 -11.05 43.42
C CYS KB 96 90.80 -12.19 42.69
N ARG KB 97 90.77 -13.39 43.28
CA ARG KB 97 91.51 -14.53 42.72
C ARG KB 97 91.06 -14.88 41.31
N HIS KB 98 92.02 -15.09 40.40
CA HIS KB 98 91.72 -15.64 39.08
C HIS KB 98 91.68 -17.16 39.18
N ARG KB 99 90.69 -17.76 38.52
CA ARG KB 99 90.42 -19.20 38.63
C ARG KB 99 91.58 -20.10 38.23
N PHE KB 100 92.38 -19.68 37.25
CA PHE KB 100 93.49 -20.50 36.79
C PHE KB 100 94.71 -20.44 37.72
N MET KB 101 94.64 -19.54 38.71
CA MET KB 101 95.76 -19.34 39.63
C MET KB 101 95.79 -20.31 40.82
N GLU KB 102 94.70 -21.05 41.01
CA GLU KB 102 94.54 -21.93 42.19
C GLU KB 102 95.58 -23.06 42.34
N PRO KB 103 95.98 -23.73 41.23
CA PRO KB 103 97.06 -24.72 41.40
C PRO KB 103 98.40 -24.12 41.85
N TYR KB 104 98.56 -22.80 41.71
CA TYR KB 104 99.79 -22.13 42.15
C TYR KB 104 99.70 -21.56 43.55
N LEU KB 105 98.54 -21.67 44.18
CA LEU KB 105 98.36 -21.16 45.53
C LEU KB 105 98.67 -22.21 46.59
N PHE KB 106 99.53 -21.85 47.54
CA PHE KB 106 99.75 -22.68 48.72
C PHE KB 106 98.49 -22.66 49.58
N GLY KB 107 97.82 -21.51 49.62
CA GLY KB 107 96.61 -21.37 50.41
C GLY KB 107 96.18 -19.94 50.64
N SER KB 108 95.11 -19.77 51.42
CA SER KB 108 94.59 -18.44 51.75
C SER KB 108 94.68 -18.18 53.25
N ARG KB 109 95.51 -17.22 53.62
CA ARG KB 109 95.66 -16.89 55.03
C ARG KB 109 94.85 -15.64 55.34
N LEU KB 110 93.75 -15.84 56.05
CA LEU KB 110 92.86 -14.76 56.48
C LEU KB 110 92.47 -13.82 55.32
N GLY KB 111 92.03 -14.42 54.21
CA GLY KB 111 91.51 -13.66 53.09
C GLY KB 111 92.54 -13.28 52.06
N GLN KB 112 93.81 -13.24 52.47
CA GLN KB 112 94.90 -12.98 51.53
C GLN KB 112 95.40 -14.31 50.94
N ASP KB 113 95.75 -14.27 49.67
CA ASP KB 113 96.18 -15.47 48.95
C ASP KB 113 97.70 -15.62 49.02
N ILE KB 114 98.17 -16.78 49.49
CA ILE KB 114 99.59 -17.04 49.62
C ILE KB 114 100.06 -17.98 48.51
N ILE KB 115 100.88 -17.42 47.63
CA ILE KB 115 101.46 -18.16 46.51
C ILE KB 115 102.47 -19.18 47.02
N ASP KB 116 102.41 -20.41 46.51
CA ASP KB 116 103.37 -21.43 46.90
C ASP KB 116 104.74 -21.12 46.26
N LEU KB 117 105.76 -20.91 47.10
CA LEU KB 117 107.06 -20.45 46.62
C LEU KB 117 107.96 -21.59 46.16
N GLU KB 118 107.55 -22.82 46.50
CA GLU KB 118 108.20 -24.01 45.94
C GLU KB 118 108.03 -24.04 44.42
N GLN KB 119 106.78 -23.92 43.99
CA GLN KB 119 106.43 -23.86 42.57
C GLN KB 119 107.02 -22.61 41.90
N THR KB 120 107.03 -21.50 42.63
CA THR KB 120 107.59 -20.25 42.15
C THR KB 120 109.07 -20.39 41.81
N ALA KB 121 109.79 -21.06 42.70
CA ALA KB 121 111.20 -21.37 42.46
C ALA KB 121 111.37 -22.31 41.27
N ALA KB 122 110.61 -23.42 41.29
CA ALA KB 122 110.64 -24.40 40.19
C ALA KB 122 110.42 -23.74 38.81
N HIS KB 123 109.49 -22.80 38.76
CA HIS KB 123 109.17 -22.05 37.53
C HIS KB 123 110.25 -21.03 37.16
N LEU KB 124 110.57 -20.15 38.11
CA LEU KB 124 111.56 -19.08 37.93
C LEU KB 124 112.90 -19.62 37.44
N GLN KB 125 113.22 -20.83 37.90
CA GLN KB 125 114.41 -21.54 37.43
C GLN KB 125 114.37 -21.68 35.91
N LEU KB 126 113.31 -22.32 35.43
CA LEU KB 126 113.13 -22.56 34.00
C LEU KB 126 113.04 -21.25 33.20
N ALA KB 127 112.38 -20.25 33.78
CA ALA KB 127 112.21 -18.95 33.12
C ALA KB 127 113.56 -18.27 32.89
N LEU KB 128 114.35 -18.15 33.96
CA LEU KB 128 115.69 -17.58 33.87
C LEU KB 128 116.58 -18.38 32.89
N ASN KB 129 116.52 -19.71 33.00
CA ASN KB 129 117.20 -20.63 32.09
C ASN KB 129 116.93 -20.28 30.62
N PHE KB 130 115.64 -20.20 30.27
CA PHE KB 130 115.22 -19.83 28.91
C PHE KB 130 115.75 -18.45 28.52
N THR KB 131 115.51 -17.46 29.37
CA THR KB 131 115.91 -16.07 29.11
C THR KB 131 117.42 -15.95 28.78
N ALA KB 132 118.25 -16.57 29.62
CA ALA KB 132 119.70 -16.61 29.37
C ALA KB 132 120.00 -17.31 28.04
N HIS KB 133 119.42 -18.48 27.80
CA HIS KB 133 119.68 -19.18 26.53
C HIS KB 133 119.33 -18.34 25.28
N VAL KB 134 118.26 -17.55 25.40
CA VAL KB 134 117.86 -16.62 24.33
C VAL KB 134 118.91 -15.52 24.14
N ALA KB 135 119.34 -14.90 25.23
CA ALA KB 135 120.35 -13.85 25.14
C ALA KB 135 121.69 -14.38 24.56
N TYR KB 136 122.02 -15.64 24.90
CA TYR KB 136 123.24 -16.29 24.44
C TYR KB 136 123.27 -16.44 22.92
N ARG KB 137 122.10 -16.74 22.35
CA ARG KB 137 121.98 -17.04 20.93
C ARG KB 137 121.76 -15.77 20.14
N GLU KB 138 121.92 -14.63 20.82
CA GLU KB 138 121.84 -13.30 20.21
C GLU KB 138 120.45 -13.00 19.66
N GLY KB 139 119.49 -12.78 20.55
CA GLY KB 139 118.15 -12.48 20.12
C GLY KB 139 117.47 -11.47 21.02
N ILE KB 140 116.44 -10.84 20.49
CA ILE KB 140 115.95 -9.60 21.07
C ILE KB 140 115.05 -9.88 22.27
N ILE KB 141 115.33 -9.23 23.39
CA ILE KB 141 114.48 -9.39 24.57
C ILE KB 141 113.82 -8.06 24.93
N LEU KB 142 112.49 -8.14 25.01
CA LEU KB 142 111.68 -6.99 25.34
C LEU KB 142 111.07 -7.17 26.73
N PHE KB 143 111.26 -6.13 27.55
CA PHE KB 143 110.63 -6.02 28.86
C PHE KB 143 109.37 -5.21 28.71
N VAL KB 144 108.24 -5.87 28.91
CA VAL KB 144 106.97 -5.16 28.85
C VAL KB 144 106.31 -5.15 30.21
N SER KB 145 106.05 -3.95 30.70
CA SER KB 145 105.12 -3.78 31.80
C SER KB 145 104.38 -2.48 31.61
N ARG KB 146 103.09 -2.49 31.87
CA ARG KB 146 102.41 -1.22 32.04
C ARG KB 146 102.01 -1.18 33.51
N HIS KB 147 102.83 -0.51 34.28
CA HIS KB 147 102.56 -0.17 35.67
C HIS KB 147 103.26 1.14 35.88
N ARG KB 148 102.60 2.17 36.40
CA ARG KB 148 103.43 3.33 36.65
C ARG KB 148 103.75 3.36 38.13
N GLN KB 149 104.84 2.69 38.47
CA GLN KB 149 105.63 2.92 39.65
C GLN KB 149 107.03 2.62 39.11
N PHE KB 150 107.12 1.36 38.67
CA PHE KB 150 108.35 0.69 38.28
C PHE KB 150 108.71 0.89 36.81
N ALA KB 151 107.96 1.76 36.13
CA ALA KB 151 108.24 2.09 34.73
C ALA KB 151 109.71 2.48 34.51
N HIS KB 152 110.15 3.51 35.26
CA HIS KB 152 111.52 4.01 35.16
C HIS KB 152 112.53 2.92 35.49
N LEU KB 153 112.29 2.21 36.60
CA LEU KB 153 113.17 1.13 37.04
C LEU KB 153 113.37 0.08 35.95
N ILE KB 154 112.29 -0.28 35.28
CA ILE KB 154 112.34 -1.31 34.25
C ILE KB 154 113.08 -0.79 33.00
N GLU KB 155 112.75 0.44 32.59
CA GLU KB 155 113.43 1.03 31.42
C GLU KB 155 114.95 1.08 31.67
N THR KB 156 115.30 1.47 32.88
CA THR KB 156 116.66 1.44 33.37
C THR KB 156 117.27 0.04 33.28
N THR KB 157 116.56 -0.96 33.83
CA THR KB 157 117.03 -2.35 33.84
C THR KB 157 117.37 -2.84 32.42
N ALA KB 158 116.41 -2.70 31.52
CA ALA KB 158 116.57 -3.15 30.13
C ALA KB 158 117.71 -2.40 29.39
N ARG KB 159 117.80 -1.09 29.58
CA ARG KB 159 118.93 -0.30 29.06
C ARG KB 159 120.27 -0.87 29.56
N ASP KB 160 120.29 -1.35 30.81
CA ASP KB 160 121.52 -1.85 31.41
C ASP KB 160 121.84 -3.30 31.07
N CYS KB 161 120.86 -4.05 30.56
CA CYS KB 161 121.13 -5.40 30.06
C CYS KB 161 121.49 -5.35 28.58
N GLY KB 162 121.30 -4.18 27.98
CA GLY KB 162 121.42 -4.04 26.54
C GLY KB 162 120.20 -4.64 25.86
N GLU KB 163 119.05 -4.48 26.51
CA GLU KB 163 117.80 -5.06 26.03
C GLU KB 163 116.75 -3.96 25.92
N TYR KB 164 115.62 -4.28 25.31
CA TYR KB 164 114.65 -3.24 24.97
C TYR KB 164 113.46 -3.29 25.91
N ALA KB 165 112.84 -2.14 26.16
CA ALA KB 165 111.71 -2.07 27.09
C ALA KB 165 110.55 -1.25 26.52
N HIS KB 166 109.35 -1.83 26.51
CA HIS KB 166 108.16 -1.05 26.26
C HIS KB 166 107.39 -0.95 27.57
N THR KB 167 107.49 0.19 28.23
CA THR KB 167 106.76 0.44 29.46
C THR KB 167 105.58 1.40 29.28
N ARG KB 168 105.42 1.88 28.05
CA ARG KB 168 104.45 2.94 27.79
C ARG KB 168 103.11 2.41 27.30
N TYR KB 169 102.24 3.33 26.87
CA TYR KB 169 101.02 2.93 26.19
C TYR KB 169 101.37 2.07 24.95
N PHE KB 170 100.83 0.87 24.90
CA PHE KB 170 101.12 -0.07 23.81
C PHE KB 170 100.28 0.27 22.58
N LYS KB 171 100.92 0.58 21.46
CA LYS KB 171 100.18 0.99 20.27
C LYS KB 171 99.55 -0.24 19.62
N GLY KB 172 98.33 -0.07 19.11
CA GLY KB 172 97.45 -1.17 18.77
C GLY KB 172 98.03 -2.28 17.90
N GLY KB 173 98.55 -1.92 16.73
CA GLY KB 173 99.03 -2.93 15.81
C GLY KB 173 100.50 -3.28 15.94
N LEU KB 174 101.07 -3.00 17.11
CA LEU KB 174 102.54 -3.03 17.27
C LEU KB 174 103.22 -4.34 16.90
N LEU KB 175 102.79 -5.44 17.50
CA LEU KB 175 103.37 -6.74 17.18
C LEU KB 175 102.75 -7.36 15.91
N THR KB 176 101.44 -7.24 15.76
CA THR KB 176 100.72 -7.83 14.63
C THR KB 176 101.08 -7.18 13.29
N ASN KB 177 100.87 -5.87 13.20
CA ASN KB 177 101.32 -5.13 12.04
C ASN KB 177 102.62 -4.43 12.46
N ALA KB 178 103.73 -5.10 12.24
CA ALA KB 178 105.05 -4.53 12.51
C ALA KB 178 105.50 -3.55 11.43
N PRO KB 179 105.49 -3.99 10.15
CA PRO KB 179 106.07 -3.17 9.09
C PRO KB 179 105.52 -1.76 8.95
N LEU KB 180 104.26 -1.54 9.31
CA LEU KB 180 103.69 -0.19 9.23
C LEU KB 180 104.08 0.68 10.43
N LEU KB 181 103.99 0.12 11.63
CA LEU KB 181 104.25 0.91 12.83
C LEU KB 181 105.74 1.18 13.00
N LEU KB 182 106.53 0.12 12.93
CA LEU KB 182 107.99 0.24 13.12
C LEU KB 182 108.81 0.63 11.87
N GLY KB 183 108.54 0.02 10.71
CA GLY KB 183 109.28 0.31 9.50
C GLY KB 183 109.27 -0.80 8.46
N PRO KB 184 109.82 -0.52 7.27
CA PRO KB 184 109.70 -1.30 6.02
C PRO KB 184 109.95 -2.81 6.19
N GLY KB 185 110.95 -3.16 6.97
CA GLY KB 185 111.15 -4.55 7.36
C GLY KB 185 111.81 -4.42 8.71
N VAL KB 186 111.60 -5.38 9.59
CA VAL KB 186 111.99 -5.24 10.99
C VAL KB 186 112.28 -6.63 11.52
N ARG KB 187 112.98 -6.70 12.63
CA ARG KB 187 113.06 -7.95 13.40
C ARG KB 187 112.16 -7.77 14.61
N LEU KB 188 111.54 -8.86 15.06
CA LEU KB 188 110.68 -8.77 16.22
C LEU KB 188 111.31 -9.54 17.39
N PRO KB 189 111.02 -9.09 18.64
CA PRO KB 189 111.62 -9.70 19.84
C PRO KB 189 111.42 -11.22 19.88
N ASP KB 190 112.50 -11.95 20.16
CA ASP KB 190 112.45 -13.41 20.17
C ASP KB 190 111.93 -13.93 21.51
N LEU KB 191 111.87 -13.02 22.49
CA LEU KB 191 111.25 -13.30 23.79
C LEU KB 191 110.69 -12.02 24.37
N ILE KB 192 109.55 -12.11 25.06
CA ILE KB 192 109.00 -10.97 25.74
C ILE KB 192 108.79 -11.28 27.23
N ILE KB 193 109.30 -10.39 28.08
CA ILE KB 193 109.16 -10.53 29.53
C ILE KB 193 108.14 -9.54 30.10
N PHE KB 194 107.16 -10.09 30.82
CA PHE KB 194 106.11 -9.33 31.46
C PHE KB 194 106.33 -9.26 32.97
N LEU KB 195 106.67 -8.07 33.45
CA LEU KB 195 106.79 -7.85 34.89
C LEU KB 195 105.40 -7.61 35.49
N HIS KB 196 104.52 -7.09 34.65
CA HIS KB 196 103.09 -6.98 34.98
C HIS KB 196 102.27 -7.48 33.79
N THR KB 197 101.45 -8.49 34.04
CA THR KB 197 100.65 -9.10 32.99
C THR KB 197 99.35 -8.36 32.73
N LEU KB 198 99.13 -7.27 33.46
CA LEU KB 198 97.89 -6.51 33.32
C LEU KB 198 98.17 -5.09 32.87
N ASN KB 199 97.12 -4.41 32.42
CA ASN KB 199 97.22 -3.01 32.06
C ASN KB 199 96.41 -2.24 33.08
N ASN KB 200 96.64 -0.93 33.17
CA ASN KB 200 96.13 -0.14 34.28
C ASN KB 200 94.59 -0.10 34.42
N VAL KB 201 93.88 -0.66 33.44
CA VAL KB 201 92.43 -0.90 33.56
C VAL KB 201 92.13 -2.33 34.06
N PHE KB 202 93.19 -3.04 34.46
CA PHE KB 202 93.16 -4.41 35.00
C PHE KB 202 92.73 -5.52 34.04
N GLU KB 203 92.81 -5.27 32.73
CA GLU KB 203 92.65 -6.34 31.76
C GLU KB 203 94.02 -6.86 31.41
N PRO KB 204 94.09 -8.11 30.91
CA PRO KB 204 95.34 -8.65 30.39
C PRO KB 204 96.00 -7.72 29.36
N HIS KB 205 97.32 -7.54 29.44
CA HIS KB 205 98.06 -6.73 28.48
C HIS KB 205 97.96 -7.36 27.10
N VAL KB 206 97.53 -6.55 26.13
CA VAL KB 206 97.33 -6.98 24.74
C VAL KB 206 98.51 -7.76 24.20
N ALA KB 207 99.70 -7.28 24.55
CA ALA KB 207 100.92 -7.88 24.07
C ALA KB 207 101.01 -9.37 24.40
N VAL KB 208 100.26 -9.83 25.40
CA VAL KB 208 100.23 -11.27 25.68
C VAL KB 208 99.56 -12.04 24.53
N ARG KB 209 98.33 -11.64 24.24
CA ARG KB 209 97.53 -12.23 23.16
C ARG KB 209 98.25 -12.11 21.82
N ASP KB 210 98.89 -10.97 21.59
CA ASP KB 210 99.53 -10.66 20.32
C ASP KB 210 100.93 -11.28 20.14
N ALA KB 211 101.62 -11.55 21.25
CA ALA KB 211 102.88 -12.27 21.17
C ALA KB 211 102.60 -13.74 20.96
N ALA KB 212 101.53 -14.21 21.58
CA ALA KB 212 101.01 -15.55 21.30
C ALA KB 212 100.71 -15.69 19.81
N LYS KB 213 99.94 -14.72 19.31
CA LYS KB 213 99.54 -14.62 17.92
C LYS KB 213 100.73 -14.64 16.96
N MET KB 214 101.86 -14.15 17.44
CA MET KB 214 103.01 -13.90 16.58
C MET KB 214 104.04 -15.04 16.58
N ASN KB 215 103.74 -16.11 17.32
CA ASN KB 215 104.72 -17.16 17.63
C ASN KB 215 105.97 -16.58 18.28
N ILE KB 216 105.78 -15.95 19.43
CA ILE KB 216 106.89 -15.50 20.27
C ILE KB 216 106.68 -16.12 21.64
N PRO KB 217 107.76 -16.65 22.25
CA PRO KB 217 107.59 -17.17 23.61
C PRO KB 217 107.61 -16.06 24.63
N THR KB 218 106.90 -16.29 25.73
CA THR KB 218 106.67 -15.24 26.72
C THR KB 218 106.94 -15.72 28.15
N VAL KB 219 107.78 -14.96 28.85
CA VAL KB 219 108.00 -15.12 30.27
C VAL KB 219 107.33 -13.95 30.97
N GLY KB 220 106.60 -14.23 32.05
CA GLY KB 220 105.95 -13.17 32.80
C GLY KB 220 105.70 -13.55 34.25
N ILE KB 221 105.62 -12.52 35.09
CA ILE KB 221 105.29 -12.68 36.51
C ILE KB 221 103.79 -12.53 36.66
N VAL KB 222 103.14 -13.64 36.96
CA VAL KB 222 101.69 -13.69 37.03
C VAL KB 222 101.27 -13.69 38.49
N ASP KB 223 100.64 -12.60 38.91
CA ASP KB 223 100.20 -12.44 40.29
C ASP KB 223 98.97 -13.31 40.54
N THR KB 224 98.40 -13.18 41.73
CA THR KB 224 97.29 -14.02 42.13
C THR KB 224 96.04 -13.82 41.25
N ASN KB 225 95.86 -12.60 40.72
CA ASN KB 225 94.69 -12.29 39.88
C ASN KB 225 94.93 -12.31 38.35
N CYS KB 226 96.16 -12.56 37.91
CA CYS KB 226 96.52 -12.62 36.47
C CYS KB 226 96.20 -13.95 35.78
N ASN KB 227 96.05 -13.92 34.45
CA ASN KB 227 95.81 -15.15 33.68
C ASN KB 227 97.08 -15.71 33.01
N PRO KB 228 97.55 -16.87 33.51
CA PRO KB 228 98.75 -17.60 33.10
C PRO KB 228 98.64 -18.33 31.75
N ALA KB 229 97.42 -18.54 31.28
CA ALA KB 229 97.13 -19.47 30.19
C ALA KB 229 98.00 -19.33 28.94
N LEU KB 230 98.06 -18.11 28.40
CA LEU KB 230 98.74 -17.86 27.12
C LEU KB 230 100.21 -17.52 27.29
N ILE KB 231 100.69 -17.60 28.52
CA ILE KB 231 102.09 -17.29 28.81
C ILE KB 231 102.97 -18.56 28.82
N THR KB 232 104.09 -18.55 28.08
CA THR KB 232 104.93 -19.73 27.86
C THR KB 232 105.67 -20.21 29.10
N TYR KB 233 106.38 -19.30 29.75
CA TYR KB 233 107.02 -19.58 31.04
C TYR KB 233 106.56 -18.59 32.11
N PRO KB 234 105.41 -18.88 32.72
CA PRO KB 234 104.89 -18.04 33.81
C PRO KB 234 105.64 -18.30 35.11
N VAL KB 235 105.95 -17.26 35.86
CA VAL KB 235 106.48 -17.45 37.19
C VAL KB 235 105.50 -16.81 38.18
N PRO KB 236 104.79 -17.66 38.93
CA PRO KB 236 103.82 -17.21 39.94
C PRO KB 236 104.51 -16.44 41.07
N GLY KB 237 104.00 -15.26 41.43
CA GLY KB 237 104.66 -14.40 42.40
C GLY KB 237 104.03 -13.02 42.49
N ASN KB 238 104.55 -12.19 43.40
CA ASN KB 238 104.01 -10.85 43.66
C ASN KB 238 104.57 -9.79 42.71
N ASP KB 239 103.72 -9.16 41.91
CA ASP KB 239 104.16 -8.06 41.04
C ASP KB 239 103.92 -6.64 41.60
N ASP KB 240 103.16 -6.53 42.70
CA ASP KB 240 102.75 -5.22 43.25
C ASP KB 240 103.76 -4.49 44.19
N SER KB 241 104.41 -5.24 45.07
CA SER KB 241 105.31 -4.65 46.07
C SER KB 241 106.74 -4.46 45.52
N PRO KB 242 107.37 -3.30 45.82
CA PRO KB 242 108.69 -2.91 45.27
C PRO KB 242 109.85 -3.93 45.39
N PRO KB 243 110.05 -4.58 46.57
CA PRO KB 243 111.16 -5.54 46.62
C PRO KB 243 111.04 -6.74 45.67
N ALA KB 244 109.80 -7.12 45.36
CA ALA KB 244 109.54 -8.23 44.46
C ALA KB 244 109.87 -7.88 42.99
N VAL KB 245 109.31 -6.77 42.53
CA VAL KB 245 109.63 -6.18 41.23
C VAL KB 245 111.15 -5.97 41.06
N ARG KB 246 111.78 -5.39 42.09
CA ARG KB 246 113.22 -5.12 42.06
C ARG KB 246 114.02 -6.42 41.99
N LEU KB 247 113.61 -7.40 42.79
CA LEU KB 247 114.25 -8.72 42.78
C LEU KB 247 114.23 -9.33 41.39
N PHE KB 248 113.06 -9.29 40.75
CA PHE KB 248 112.92 -9.90 39.43
C PHE KB 248 113.70 -9.12 38.35
N CYS KB 249 113.61 -7.79 38.41
CA CYS KB 249 114.40 -6.90 37.56
C CYS KB 249 115.87 -7.33 37.60
N ARG KB 250 116.40 -7.41 38.82
CA ARG KB 250 117.78 -7.79 39.07
C ARG KB 250 118.09 -9.18 38.50
N LEU KB 251 117.25 -10.15 38.82
CA LEU KB 251 117.41 -11.53 38.39
C LEU KB 251 117.55 -11.67 36.87
N PHE KB 252 116.60 -11.08 36.16
CA PHE KB 252 116.61 -11.16 34.70
C PHE KB 252 117.82 -10.39 34.14
N GLN KB 253 118.13 -9.24 34.75
CA GLN KB 253 119.33 -8.47 34.41
C GLN KB 253 120.59 -9.34 34.42
N VAL KB 254 120.78 -10.03 35.53
CA VAL KB 254 121.92 -10.90 35.75
C VAL KB 254 121.96 -12.08 34.77
N ALA KB 255 120.82 -12.75 34.59
CA ALA KB 255 120.75 -13.85 33.63
C ALA KB 255 121.17 -13.43 32.20
N ILE KB 256 120.63 -12.29 31.76
CA ILE KB 256 121.00 -11.67 30.48
C ILE KB 256 122.52 -11.41 30.38
N SER KB 257 123.03 -10.67 31.35
CA SER KB 257 124.42 -10.26 31.38
C SER KB 257 125.38 -11.47 31.33
N ARG KB 258 125.10 -12.46 32.18
CA ARG KB 258 125.84 -13.74 32.21
C ARG KB 258 125.85 -14.47 30.87
N ALA KB 259 124.67 -14.56 30.26
CA ALA KB 259 124.52 -15.18 28.95
C ALA KB 259 125.41 -14.52 27.90
N LYS KB 260 125.30 -13.20 27.78
CA LYS KB 260 126.07 -12.42 26.82
C LYS KB 260 127.59 -12.58 27.03
N GLU KB 261 128.00 -12.54 28.30
CA GLU KB 261 129.41 -12.76 28.65
C GLU KB 261 129.93 -14.14 28.23
N LYS KB 262 129.19 -15.19 28.58
CA LYS KB 262 129.57 -16.55 28.20
C LYS KB 262 129.66 -16.69 26.69
N ARG KB 263 128.76 -16.02 25.97
CA ARG KB 263 128.81 -15.95 24.52
C ARG KB 263 130.14 -15.35 24.05
N ARG KB 264 130.48 -14.19 24.58
CA ARG KB 264 131.76 -13.53 24.28
C ARG KB 264 132.96 -14.44 24.47
N GLN KB 265 133.02 -15.07 25.65
CA GLN KB 265 134.15 -15.92 26.02
C GLN KB 265 134.25 -17.21 25.19
N VAL KB 266 133.12 -17.88 24.96
CA VAL KB 266 133.12 -19.09 24.12
C VAL KB 266 133.45 -18.70 22.67
N GLU KB 267 133.14 -17.44 22.30
CA GLU KB 267 133.55 -16.90 21.00
C GLU KB 267 135.06 -16.71 20.91
N ALA KB 268 135.65 -16.12 21.94
CA ALA KB 268 137.11 -15.96 22.03
C ALA KB 268 137.81 -17.32 21.94
N LEU KB 269 137.28 -18.30 22.69
CA LEU KB 269 137.78 -19.66 22.65
C LEU KB 269 137.67 -20.24 21.24
N TYR KB 270 136.56 -19.95 20.57
CA TYR KB 270 136.34 -20.38 19.19
C TYR KB 270 137.36 -19.76 18.21
N ARG KB 271 137.76 -18.52 18.46
CA ARG KB 271 138.73 -17.83 17.60
C ARG KB 271 140.16 -18.32 17.85
N LEU KB 272 140.44 -18.74 19.09
CA LEU KB 272 141.76 -19.29 19.40
C LEU KB 272 141.88 -20.77 19.00
N GLN KB 273 140.75 -21.42 18.72
CA GLN KB 273 140.75 -22.82 18.27
C GLN KB 273 141.43 -22.98 16.92
N GLY KB 274 141.45 -21.89 16.14
CA GLY KB 274 142.11 -21.88 14.86
C GLY KB 274 142.69 -20.51 14.55
N LYS LB 36 79.30 22.58 -6.84
CA LYS LB 36 80.77 22.60 -6.79
C LYS LB 36 81.36 23.25 -8.04
N ASN LB 37 82.58 23.77 -7.90
CA ASN LB 37 83.32 24.31 -9.03
C ASN LB 37 83.96 23.18 -9.84
N ARG LB 38 83.56 23.03 -11.10
CA ARG LB 38 84.12 21.99 -11.95
C ARG LB 38 85.21 22.52 -12.90
N ALA LB 39 85.40 23.84 -12.91
CA ALA LB 39 86.22 24.48 -13.94
C ALA LB 39 87.66 23.99 -13.90
N ALA LB 40 88.13 23.46 -15.03
CA ALA LB 40 89.54 23.10 -15.23
C ALA LB 40 90.12 22.36 -14.02
N ARG LB 41 89.41 21.32 -13.59
CA ARG LB 41 89.77 20.58 -12.40
C ARG LB 41 89.99 19.11 -12.71
N VAL LB 42 91.03 18.52 -12.13
CA VAL LB 42 91.20 17.08 -12.20
C VAL LB 42 90.71 16.51 -10.88
N ARG LB 43 89.57 15.83 -10.93
CA ARG LB 43 88.88 15.30 -9.75
C ARG LB 43 89.73 14.23 -9.06
N VAL LB 44 89.59 14.11 -7.74
CA VAL LB 44 90.38 13.14 -7.00
C VAL LB 44 89.89 11.73 -7.32
N SER LB 45 90.82 10.88 -7.75
CA SER LB 45 90.51 9.48 -8.04
C SER LB 45 90.74 8.61 -6.81
N LYS LB 46 90.77 7.31 -7.02
CA LYS LB 46 91.02 6.34 -5.95
C LYS LB 46 92.41 6.56 -5.34
N GLY LB 47 93.19 7.46 -5.94
CA GLY LB 47 94.50 7.81 -5.44
C GLY LB 47 95.66 7.33 -6.31
N ASP LB 48 95.34 6.70 -7.43
CA ASP LB 48 96.36 6.20 -8.36
C ASP LB 48 96.71 7.17 -9.50
N LYS LB 49 95.93 8.23 -9.64
CA LYS LB 49 95.93 9.04 -10.87
C LYS LB 49 97.14 9.98 -11.01
N PRO LB 50 97.99 9.73 -12.02
CA PRO LB 50 99.14 10.62 -12.26
C PRO LB 50 98.71 12.03 -12.66
N VAL LB 51 99.29 13.06 -12.04
CA VAL LB 51 98.90 14.44 -12.36
C VAL LB 51 100.11 15.36 -12.53
N THR LB 52 100.08 16.14 -13.61
CA THR LB 52 101.06 17.19 -13.89
C THR LB 52 100.90 18.34 -12.90
N TYR LB 53 101.96 19.14 -12.70
CA TYR LB 53 101.87 20.34 -11.87
C TYR LB 53 100.77 21.26 -12.39
N GLU LB 54 100.62 21.28 -13.70
CA GLU LB 54 99.62 22.11 -14.35
C GLU LB 54 98.19 21.76 -13.91
N GLU LB 55 97.83 20.49 -14.13
CA GLU LB 55 96.47 20.01 -13.89
C GLU LB 55 96.12 19.93 -12.40
N ALA LB 56 97.13 20.03 -11.55
CA ALA LB 56 96.96 19.89 -10.11
C ALA LB 56 96.51 21.19 -9.46
N HIS LB 57 96.33 22.24 -10.26
CA HIS LB 57 95.95 23.53 -9.71
C HIS LB 57 94.76 24.20 -10.42
N ALA LB 58 93.71 24.44 -9.65
CA ALA LB 58 92.46 25.03 -10.13
C ALA LB 58 92.62 26.50 -10.52
N PRO LB 59 91.67 27.04 -11.30
CA PRO LB 59 91.70 28.44 -11.79
C PRO LB 59 92.00 29.52 -10.73
N HIS LB 60 91.63 29.32 -9.48
CA HIS LB 60 91.93 30.33 -8.47
C HIS LB 60 93.43 30.36 -8.11
N TYR LB 61 94.22 29.44 -8.66
CA TYR LB 61 95.68 29.39 -8.43
C TYR LB 61 96.57 30.00 -9.52
N ILE LB 62 95.95 30.48 -10.59
CA ILE LB 62 96.65 31.21 -11.65
C ILE LB 62 97.16 32.55 -11.10
N ALA LB 63 98.42 32.88 -11.42
CA ALA LB 63 99.12 34.10 -10.95
C ALA LB 63 99.54 34.03 -9.47
N HIS LB 64 99.12 32.95 -8.81
CA HIS LB 64 99.46 32.68 -7.42
C HIS LB 64 100.53 31.59 -7.37
N ARG LB 65 100.20 30.42 -7.90
CA ARG LB 65 101.13 29.29 -7.95
C ARG LB 65 101.56 28.98 -9.40
N LYS LB 66 100.62 28.62 -10.25
CA LYS LB 66 100.92 28.41 -11.68
C LYS LB 66 100.80 29.72 -12.47
N GLY LB 67 101.67 29.89 -13.47
CA GLY LB 67 101.64 31.06 -14.33
C GLY LB 67 100.80 30.88 -15.59
N TRP LB 68 100.98 31.77 -16.56
CA TRP LB 68 100.24 31.73 -17.82
C TRP LB 68 100.92 30.88 -18.89
N LEU LB 69 100.08 30.19 -19.67
CA LEU LB 69 100.53 29.34 -20.77
C LEU LB 69 100.72 30.13 -22.07
N SER LB 70 100.33 31.40 -22.04
CA SER LB 70 100.59 32.34 -23.14
C SER LB 70 101.16 33.65 -22.59
N LEU LB 71 102.07 34.27 -23.34
CA LEU LB 71 102.58 35.60 -23.02
C LEU LB 71 102.45 36.54 -24.21
N HIS LB 72 101.60 37.55 -24.10
CA HIS LB 72 101.57 38.62 -25.09
C HIS LB 72 100.97 39.92 -24.52
N THR LB 73 101.31 41.02 -25.19
CA THR LB 73 101.00 42.38 -24.78
C THR LB 73 99.50 42.73 -24.81
N GLY LB 74 98.76 42.10 -25.72
CA GLY LB 74 97.40 42.49 -26.05
C GLY LB 74 96.38 42.60 -24.92
N ASN LB 75 96.65 41.96 -23.79
CA ASN LB 75 95.75 42.02 -22.62
C ASN LB 75 96.13 43.09 -21.59
N LEU LB 76 97.20 43.83 -21.88
CA LEU LB 76 97.60 44.97 -21.04
C LEU LB 76 96.65 46.15 -21.25
N ASP LB 77 96.68 47.10 -20.32
CA ASP LB 77 95.68 48.18 -20.23
C ASP LB 77 95.38 48.95 -21.54
N GLY LB 78 96.41 49.49 -22.18
CA GLY LB 78 96.23 50.38 -23.31
C GLY LB 78 96.45 49.77 -24.69
N GLU LB 79 96.27 48.45 -24.80
CA GLU LB 79 96.79 47.70 -25.96
C GLU LB 79 95.68 47.07 -26.80
N ASP LB 80 96.04 46.68 -28.02
CA ASP LB 80 95.05 46.26 -29.02
C ASP LB 80 95.28 44.85 -29.57
N HIS LB 81 94.22 44.33 -30.22
CA HIS LB 81 94.21 43.05 -30.95
C HIS LB 81 94.38 41.82 -30.04
N ALA LB 82 93.74 41.85 -28.87
CA ALA LB 82 93.70 40.69 -27.97
C ALA LB 82 92.99 39.53 -28.66
N ALA LB 83 91.88 39.85 -29.34
CA ALA LB 83 91.05 38.89 -30.08
C ALA LB 83 91.86 38.04 -31.07
N GLU LB 84 92.69 38.71 -31.85
CA GLU LB 84 93.53 38.06 -32.86
C GLU LB 84 94.52 37.09 -32.21
N ARG LB 85 95.24 37.57 -31.20
CA ARG LB 85 96.21 36.76 -30.46
C ARG LB 85 95.55 35.54 -29.83
N THR LB 86 94.31 35.71 -29.39
CA THR LB 86 93.53 34.63 -28.81
C THR LB 86 93.20 33.54 -29.86
N VAL LB 87 92.61 33.93 -30.99
CA VAL LB 87 92.28 32.96 -32.04
C VAL LB 87 93.53 32.23 -32.55
N GLU LB 88 94.61 33.00 -32.71
CA GLU LB 88 95.92 32.45 -33.05
C GLU LB 88 96.34 31.37 -32.04
N ASP LB 89 96.24 31.72 -30.77
CA ASP LB 89 96.58 30.83 -29.66
C ASP LB 89 95.84 29.49 -29.78
N VAL LB 90 94.51 29.58 -29.85
CA VAL LB 90 93.64 28.40 -29.99
C VAL LB 90 94.05 27.51 -31.16
N PHE LB 91 94.17 28.13 -32.34
CA PHE LB 91 94.59 27.37 -33.50
C PHE LB 91 95.95 26.71 -33.30
N LEU LB 92 96.84 27.39 -32.58
CA LEU LB 92 98.17 26.86 -32.35
C LEU LB 92 98.14 25.60 -31.49
N ARG LB 93 97.38 25.65 -30.40
CA ARG LB 93 97.20 24.49 -29.54
C ARG LB 93 96.62 23.29 -30.34
N LYS LB 94 95.47 23.52 -31.00
CA LYS LB 94 94.85 22.49 -31.83
C LYS LB 94 95.80 21.89 -32.87
N PHE LB 95 96.46 22.77 -33.61
CA PHE LB 95 97.40 22.40 -34.66
C PHE LB 95 98.57 21.57 -34.13
N MET LB 96 99.26 22.08 -33.11
CA MET LB 96 100.40 21.39 -32.52
C MET LB 96 100.02 20.04 -31.94
N LEU LB 97 98.81 19.95 -31.39
CA LEU LB 97 98.30 18.68 -30.89
C LEU LB 97 98.06 17.67 -32.02
N GLY LB 98 97.56 18.15 -33.16
CA GLY LB 98 97.33 17.27 -34.30
C GLY LB 98 98.58 16.88 -35.08
N THR LB 99 99.57 17.76 -35.09
CA THR LB 99 100.81 17.56 -35.85
C THR LB 99 101.79 16.63 -35.11
N PHE LB 100 101.72 16.64 -33.78
CA PHE LB 100 102.54 15.75 -32.96
C PHE LB 100 101.66 14.79 -32.16
N PRO LB 101 101.07 13.78 -32.85
CA PRO LB 101 100.15 12.88 -32.16
C PRO LB 101 100.82 12.03 -31.07
N GLY LB 102 100.28 12.10 -29.86
CA GLY LB 102 100.66 11.21 -28.77
C GLY LB 102 101.93 11.57 -28.00
N CYS LB 103 102.79 12.39 -28.60
CA CYS LB 103 104.07 12.69 -27.98
C CYS LB 103 104.03 14.00 -27.20
N LEU LB 104 102.90 14.70 -27.24
CA LEU LB 104 102.80 15.98 -26.56
C LEU LB 104 102.58 15.74 -25.06
N ALA LB 105 103.52 16.21 -24.25
CA ALA LB 105 103.52 15.93 -22.80
C ALA LB 105 102.60 16.88 -22.04
N ASP LB 106 102.94 18.18 -22.07
CA ASP LB 106 102.18 19.20 -21.35
C ASP LB 106 101.63 20.24 -22.32
N GLN LB 107 100.68 21.05 -21.85
CA GLN LB 107 100.09 22.12 -22.64
C GLN LB 107 101.15 23.13 -23.11
N LEU LB 108 100.93 23.70 -24.29
CA LEU LB 108 101.89 24.56 -24.97
C LEU LB 108 102.25 25.85 -24.22
N VAL LB 109 103.48 26.33 -24.43
CA VAL LB 109 103.89 27.65 -23.90
C VAL LB 109 104.13 28.61 -25.06
N LEU LB 110 103.31 29.65 -25.19
CA LEU LB 110 103.40 30.56 -26.34
C LEU LB 110 103.93 31.94 -25.93
N LYS LB 111 105.17 32.24 -26.36
CA LYS LB 111 105.78 33.54 -26.05
C LYS LB 111 105.80 34.43 -27.29
N ARG LB 112 105.21 35.61 -27.19
CA ARG LB 112 105.24 36.55 -28.32
C ARG LB 112 106.12 37.77 -28.02
N ARG LB 113 107.18 37.91 -28.81
CA ARG LB 113 108.12 39.02 -28.69
C ARG LB 113 108.35 39.73 -30.04
N ALA LB 114 107.92 41.00 -30.11
CA ALA LB 114 108.22 41.90 -31.23
C ALA LB 114 108.00 41.26 -32.60
N ASN LB 115 106.78 40.74 -32.82
CA ASN LB 115 106.30 40.13 -34.07
C ASN LB 115 106.67 38.65 -34.26
N GLN LB 116 107.59 38.13 -33.44
CA GLN LB 116 107.93 36.71 -33.58
C GLN LB 116 107.36 35.89 -32.41
N LEU LB 117 106.82 34.71 -32.72
CA LEU LB 117 106.29 33.82 -31.69
C LEU LB 117 107.16 32.57 -31.52
N GLU LB 118 107.64 32.39 -30.29
CA GLU LB 118 108.35 31.19 -29.87
C GLU LB 118 107.38 30.24 -29.19
N ILE LB 119 107.17 29.09 -29.83
CA ILE LB 119 106.40 27.99 -29.25
C ILE LB 119 107.34 27.04 -28.52
N CYS LB 120 107.14 26.94 -27.20
CA CYS LB 120 107.91 26.04 -26.36
C CYS LB 120 107.02 24.84 -26.01
N ALA LB 121 107.54 23.63 -26.24
CA ALA LB 121 106.74 22.42 -26.02
C ALA LB 121 107.50 21.34 -25.23
N LEU LB 122 106.79 20.64 -24.35
CA LEU LB 122 107.33 19.46 -23.68
C LEU LB 122 106.85 18.21 -24.44
N VAL LB 123 107.79 17.39 -24.88
CA VAL LB 123 107.48 16.30 -25.79
C VAL LB 123 108.04 14.98 -25.28
N LEU LB 124 107.18 13.96 -25.26
CA LEU LB 124 107.57 12.60 -24.93
C LEU LB 124 108.53 12.07 -25.99
N ARG LB 125 109.39 11.11 -25.63
CA ARG LB 125 110.25 10.52 -26.64
C ARG LB 125 109.49 9.34 -27.22
N GLN LB 126 109.06 9.52 -28.47
CA GLN LB 126 108.25 8.53 -29.17
C GLN LB 126 108.86 8.31 -30.54
N LEU LB 127 108.85 9.36 -31.34
CA LEU LB 127 109.37 9.32 -32.70
C LEU LB 127 110.90 9.34 -32.71
N PRO LB 128 111.51 8.75 -33.76
CA PRO LB 128 112.94 8.94 -34.02
C PRO LB 128 113.21 10.42 -34.32
N PRO LB 129 114.39 10.94 -33.92
CA PRO LB 129 114.73 12.35 -34.13
C PRO LB 129 114.55 12.83 -35.59
N HIS LB 130 114.56 11.89 -36.54
CA HIS LB 130 114.30 12.18 -37.95
C HIS LB 130 112.93 12.83 -38.15
N LYS LB 131 111.91 12.13 -37.67
CA LYS LB 131 110.54 12.64 -37.72
C LYS LB 131 110.39 13.94 -36.92
N PHE LB 132 111.07 14.02 -35.77
CA PHE LB 132 111.01 15.20 -34.91
C PHE LB 132 111.51 16.44 -35.63
N TYR LB 133 112.66 16.34 -36.27
CA TYR LB 133 113.19 17.45 -37.05
C TYR LB 133 112.32 17.76 -38.27
N PHE LB 134 111.87 16.70 -38.95
CA PHE LB 134 110.98 16.87 -40.10
C PHE LB 134 109.81 17.78 -39.74
N LEU LB 135 109.18 17.45 -38.62
CA LEU LB 135 108.00 18.19 -38.18
C LEU LB 135 108.35 19.57 -37.60
N VAL LB 136 109.54 19.70 -37.00
CA VAL LB 136 110.04 21.02 -36.55
C VAL LB 136 110.06 21.99 -37.74
N GLY LB 137 110.79 21.60 -38.78
CA GLY LB 137 110.92 22.42 -39.97
C GLY LB 137 109.58 22.65 -40.67
N TYR LB 138 108.88 21.56 -40.94
CA TYR LB 138 107.58 21.63 -41.62
C TYR LB 138 106.62 22.61 -40.90
N SER LB 139 106.53 22.47 -39.58
CA SER LB 139 105.65 23.32 -38.78
C SER LB 139 106.08 24.79 -38.77
N GLU LB 140 107.35 25.02 -38.44
CA GLU LB 140 107.89 26.38 -38.42
C GLU LB 140 107.64 27.11 -39.73
N THR LB 141 108.00 26.47 -40.84
CA THR LB 141 107.74 27.02 -42.18
C THR LB 141 106.26 27.31 -42.39
N LEU LB 142 105.43 26.27 -42.20
CA LEU LB 142 104.00 26.34 -42.48
C LEU LB 142 103.28 27.47 -41.73
N LEU LB 143 103.61 27.62 -40.45
CA LEU LB 143 102.99 28.64 -39.61
C LEU LB 143 103.60 30.03 -39.82
N SER LB 144 104.87 30.06 -40.25
CA SER LB 144 105.49 31.32 -40.66
C SER LB 144 104.77 31.89 -41.87
N HIS LB 145 104.45 31.01 -42.82
CA HIS LB 145 103.73 31.39 -44.04
C HIS LB 145 102.23 31.61 -43.80
N PHE LB 146 101.67 30.95 -42.78
CA PHE LB 146 100.26 31.12 -42.47
C PHE LB 146 99.98 32.43 -41.71
N TYR LB 147 100.79 32.70 -40.70
CA TYR LB 147 100.58 33.87 -39.85
C TYR LB 147 101.45 35.08 -40.22
N LYS LB 148 102.24 34.92 -41.28
CA LYS LB 148 103.01 36.02 -41.89
C LYS LB 148 104.03 36.64 -40.91
N CYS LB 149 104.57 35.81 -40.03
CA CYS LB 149 105.61 36.26 -39.09
C CYS LB 149 106.58 35.10 -38.80
N PRO LB 150 107.80 35.42 -38.34
CA PRO LB 150 108.79 34.37 -38.01
C PRO LB 150 108.32 33.47 -36.86
N VAL LB 151 108.38 32.15 -37.06
CA VAL LB 151 107.90 31.19 -36.06
C VAL LB 151 109.05 30.33 -35.54
N HIS LB 152 109.31 30.41 -34.24
CA HIS LB 152 110.35 29.59 -33.63
C HIS LB 152 109.73 28.41 -32.86
N LEU LB 153 110.35 27.23 -32.97
CA LEU LB 153 109.85 26.04 -32.30
C LEU LB 153 110.94 25.37 -31.45
N HIS LB 154 110.72 25.33 -30.15
CA HIS LB 154 111.68 24.76 -29.20
C HIS LB 154 111.09 23.52 -28.50
N LEU LB 155 111.68 22.37 -28.80
CA LEU LB 155 111.25 21.09 -28.26
C LEU LB 155 112.12 20.68 -27.07
N GLN LB 156 111.48 20.47 -25.93
CA GLN LB 156 112.16 19.87 -24.78
C GLN LB 156 111.66 18.45 -24.58
N THR LB 157 112.56 17.49 -24.73
CA THR LB 157 112.18 16.09 -24.68
C THR LB 157 112.29 15.52 -23.26
N VAL LB 158 111.27 14.75 -22.86
CA VAL LB 158 111.17 14.18 -21.51
C VAL LB 158 110.79 12.68 -21.65
N PRO LB 159 111.40 11.81 -20.81
CA PRO LB 159 111.17 10.35 -20.92
C PRO LB 159 109.71 9.92 -20.80
N SER LB 160 109.00 10.47 -19.81
CA SER LB 160 107.58 10.18 -19.59
C SER LB 160 106.95 11.39 -18.89
N LYS LB 161 105.63 11.46 -18.87
CA LYS LB 161 104.94 12.61 -18.27
C LYS LB 161 105.44 12.86 -16.85
N VAL LB 162 105.89 14.09 -16.61
CA VAL LB 162 106.43 14.46 -15.30
C VAL LB 162 105.30 14.48 -14.29
N VAL LB 163 105.46 13.75 -13.18
CA VAL LB 163 104.35 13.59 -12.23
C VAL LB 163 104.52 14.43 -10.97
N TYR LB 164 103.60 15.37 -10.78
CA TYR LB 164 103.58 16.19 -9.58
C TYR LB 164 102.90 15.50 -8.39
N LYS LB 165 101.80 14.80 -8.67
CA LYS LB 165 100.93 14.33 -7.59
C LYS LB 165 100.35 12.93 -7.77
N TYR LB 166 99.77 12.42 -6.68
CA TYR LB 166 99.26 11.05 -6.56
C TYR LB 166 100.31 10.06 -7.04
N ILE LB 167 99.84 9.08 -7.82
CA ILE LB 167 100.70 8.06 -8.42
C ILE LB 167 101.59 7.38 -7.39
N SER MB 88 84.46 25.94 -38.01
CA SER MB 88 84.08 24.59 -37.61
C SER MB 88 85.28 23.77 -37.16
N PHE MB 89 86.48 24.28 -37.42
CA PHE MB 89 87.69 23.64 -36.93
C PHE MB 89 87.84 23.88 -35.43
N PHE MB 90 87.56 25.11 -34.98
CA PHE MB 90 87.65 25.47 -33.57
C PHE MB 90 86.53 24.81 -32.75
N THR MB 91 85.56 24.26 -33.45
CA THR MB 91 84.38 23.67 -32.85
C THR MB 91 84.63 22.19 -32.50
N LYS MB 92 85.86 21.73 -32.74
CA LYS MB 92 86.22 20.33 -32.46
C LYS MB 92 87.05 20.18 -31.17
N LEU MB 93 87.34 18.92 -30.80
CA LEU MB 93 87.83 18.60 -29.47
C LEU MB 93 88.87 17.47 -29.43
N THR MB 94 89.36 17.17 -28.22
CA THR MB 94 90.28 16.06 -27.96
C THR MB 94 89.51 14.74 -27.95
N ALA MB 95 90.19 13.64 -28.29
CA ALA MB 95 89.58 12.31 -28.32
C ALA MB 95 89.13 11.84 -26.94
N ASP MB 96 89.94 12.16 -25.93
CA ASP MB 96 89.63 11.84 -24.55
C ASP MB 96 88.29 12.44 -24.13
N GLU MB 97 88.12 13.72 -24.43
CA GLU MB 97 86.88 14.44 -24.14
C GLU MB 97 85.67 13.78 -24.81
N LEU MB 98 85.86 13.37 -26.07
CA LEU MB 98 84.81 12.75 -26.86
C LEU MB 98 84.41 11.38 -26.33
N TRP MB 99 85.39 10.59 -25.92
CA TRP MB 99 85.11 9.27 -25.35
C TRP MB 99 84.46 9.37 -23.98
N LYS MB 100 85.02 10.23 -23.12
CA LYS MB 100 84.44 10.53 -21.82
C LYS MB 100 82.97 10.96 -21.96
N GLY MB 101 82.70 11.75 -22.99
CA GLY MB 101 81.34 12.16 -23.31
C GLY MB 101 80.41 11.03 -23.77
N ALA MB 102 80.89 10.21 -24.70
CA ALA MB 102 80.04 9.19 -25.31
C ALA MB 102 79.81 7.96 -24.42
N LEU MB 103 80.76 7.65 -23.55
CA LEU MB 103 80.68 6.45 -22.72
C LEU MB 103 79.71 6.61 -21.55
N ALA MB 104 79.65 7.82 -21.00
CA ALA MB 104 78.72 8.16 -19.91
C ALA MB 104 78.93 7.28 -18.68
N GLU MB 105 80.19 7.13 -18.27
CA GLU MB 105 80.53 6.33 -17.09
C GLU MB 105 80.30 7.08 -15.79
N SER MB 106 80.49 8.39 -15.84
CA SER MB 106 80.49 9.24 -14.65
C SER MB 106 79.08 9.74 -14.29
N GLY MB 107 78.09 9.32 -15.06
CA GLY MB 107 76.72 9.75 -14.88
C GLY MB 107 76.07 9.26 -13.59
N ALA MB 108 74.84 9.72 -13.35
CA ALA MB 108 74.10 9.36 -12.14
C ALA MB 108 73.38 8.02 -12.30
N GLY MB 109 73.33 7.51 -13.52
CA GLY MB 109 72.71 6.22 -13.78
C GLY MB 109 73.58 5.06 -13.35
N ALA MB 110 74.90 5.29 -13.33
CA ALA MB 110 75.87 4.26 -12.99
C ALA MB 110 75.96 4.00 -11.49
N ARG MB 111 75.72 5.04 -10.68
CA ARG MB 111 75.99 4.97 -9.24
C ARG MB 111 74.95 4.22 -8.43
N LYS MB 112 73.67 4.52 -8.66
CA LYS MB 112 72.59 3.91 -7.90
C LYS MB 112 72.13 2.63 -8.59
N GLY MB 113 72.83 2.26 -9.66
CA GLY MB 113 72.45 1.10 -10.45
C GLY MB 113 71.10 1.33 -11.08
N ARG MB 114 70.95 2.49 -11.70
CA ARG MB 114 69.69 2.90 -12.32
C ARG MB 114 69.61 2.39 -13.75
N GLY MB 115 70.59 1.58 -14.13
CA GLY MB 115 70.61 0.98 -15.45
C GLY MB 115 71.23 -0.40 -15.40
N LYS MB 116 70.88 -1.21 -16.40
CA LYS MB 116 71.19 -2.64 -16.37
C LYS MB 116 72.61 -2.97 -16.80
N ARG MB 117 73.12 -4.10 -16.33
CA ARG MB 117 74.49 -4.52 -16.57
C ARG MB 117 74.68 -5.20 -17.92
N THR MB 118 73.58 -5.60 -18.54
CA THR MB 118 73.63 -6.26 -19.86
C THR MB 118 73.92 -5.24 -20.98
N LYS MB 119 73.74 -3.95 -20.67
CA LYS MB 119 74.03 -2.89 -21.62
C LYS MB 119 75.48 -2.46 -21.48
N LYS MB 120 76.25 -2.66 -22.54
CA LYS MB 120 77.69 -2.47 -22.48
C LYS MB 120 78.24 -1.87 -23.79
N LYS MB 121 79.10 -0.86 -23.65
CA LYS MB 121 79.79 -0.25 -24.78
C LYS MB 121 81.22 0.09 -24.37
N ARG MB 122 82.15 -0.01 -25.32
CA ARG MB 122 83.57 0.14 -24.98
C ARG MB 122 84.29 1.23 -25.77
N ARG MB 123 85.45 1.63 -25.23
CA ARG MB 123 86.29 2.64 -25.87
C ARG MB 123 87.42 2.01 -26.67
N LYS MB 124 87.52 2.37 -27.95
CA LYS MB 124 88.61 1.90 -28.80
C LYS MB 124 89.50 3.05 -29.26
N ASP MB 125 90.81 2.89 -29.10
CA ASP MB 125 91.77 3.87 -29.56
C ASP MB 125 91.72 4.00 -31.08
N LEU MB 126 91.59 5.23 -31.57
CA LEU MB 126 91.54 5.48 -33.02
C LEU MB 126 92.91 5.85 -33.58
N ASN MB 127 93.90 5.98 -32.69
CA ASN MB 127 95.28 6.20 -33.09
C ASN MB 127 96.09 4.90 -33.11
N ARG MB 128 95.44 3.79 -32.83
CA ARG MB 128 96.10 2.49 -32.63
C ARG MB 128 96.92 2.05 -33.86
N GLY MB 129 96.29 2.04 -35.03
CA GLY MB 129 96.94 1.53 -36.22
C GLY MB 129 97.43 2.57 -37.22
N GLN MB 130 97.53 3.82 -36.79
CA GLN MB 130 97.95 4.90 -37.68
C GLN MB 130 99.42 5.27 -37.48
N ILE MB 131 100.09 5.57 -38.60
CA ILE MB 131 101.49 5.98 -38.60
C ILE MB 131 101.60 7.46 -39.01
N ILE MB 132 102.64 8.13 -38.53
CA ILE MB 132 102.85 9.54 -38.86
C ILE MB 132 103.05 9.72 -40.36
N GLY MB 133 102.41 10.75 -40.92
CA GLY MB 133 102.60 11.08 -42.32
C GLY MB 133 101.60 10.40 -43.25
N GLU MB 134 100.99 9.31 -42.79
CA GLU MB 134 100.06 8.57 -43.63
C GLU MB 134 98.72 9.29 -43.78
N GLY MB 135 98.24 9.37 -45.01
CA GLY MB 135 96.94 9.94 -45.30
C GLY MB 135 96.38 9.17 -46.48
N ARG MB 136 95.11 9.37 -46.79
CA ARG MB 136 94.49 8.62 -47.88
C ARG MB 136 94.68 9.32 -49.22
N HIS MB 137 95.41 10.42 -49.21
CA HIS MB 137 95.83 11.09 -50.45
C HIS MB 137 97.02 10.37 -51.07
N GLY MB 138 97.79 9.69 -50.24
CA GLY MB 138 98.79 8.75 -50.71
C GLY MB 138 100.23 9.25 -50.79
N PHE MB 139 100.51 10.36 -50.12
CA PHE MB 139 101.84 10.97 -50.20
C PHE MB 139 102.91 10.21 -49.43
N LEU MB 140 104.15 10.36 -49.89
CA LEU MB 140 105.31 9.77 -49.24
C LEU MB 140 106.30 10.87 -48.84
N TRP MB 141 106.46 11.07 -47.53
CA TRP MB 141 107.33 12.14 -47.04
C TRP MB 141 108.68 11.59 -46.58
N PRO MB 142 109.77 12.22 -47.05
CA PRO MB 142 111.16 11.78 -46.84
C PRO MB 142 111.51 11.44 -45.37
N GLY MB 143 110.97 12.16 -44.40
CA GLY MB 143 111.31 11.92 -43.01
C GLY MB 143 110.36 10.99 -42.24
N LEU MB 144 109.17 10.79 -42.80
CA LEU MB 144 108.12 10.05 -42.08
C LEU MB 144 107.80 8.67 -42.68
N ASN MB 145 107.05 8.66 -43.79
CA ASN MB 145 106.60 7.42 -44.41
C ASN MB 145 107.75 6.55 -44.89
N ILE MB 146 108.68 7.16 -45.63
CA ILE MB 146 109.78 6.46 -46.26
C ILE MB 146 111.11 6.91 -45.65
N PRO MB 147 112.13 6.03 -45.68
CA PRO MB 147 113.48 6.37 -45.19
C PRO MB 147 114.02 7.63 -45.87
N LEU MB 148 114.84 8.40 -45.16
CA LEU MB 148 115.31 9.70 -45.65
C LEU MB 148 116.21 9.59 -46.89
N MET MB 149 117.02 8.53 -46.94
CA MET MB 149 117.97 8.34 -48.04
C MET MB 149 117.86 6.97 -48.72
N ARG MB 150 117.60 7.01 -50.02
CA ARG MB 150 117.57 5.79 -50.85
C ARG MB 150 118.76 5.78 -51.80
N ASN MB 151 119.54 4.70 -51.75
CA ASN MB 151 120.73 4.53 -52.59
C ASN MB 151 121.77 5.64 -52.37
N GLY MB 152 121.83 6.18 -51.16
CA GLY MB 152 122.83 7.18 -50.81
C GLY MB 152 122.49 8.61 -51.20
N ALA MB 153 121.26 8.83 -51.66
CA ALA MB 153 120.81 10.16 -52.04
C ALA MB 153 119.53 10.55 -51.30
N VAL MB 154 119.05 11.78 -51.52
CA VAL MB 154 117.87 12.27 -50.81
C VAL MB 154 116.60 12.05 -51.64
N GLN MB 155 115.65 11.30 -51.08
CA GLN MB 155 114.40 11.03 -51.79
C GLN MB 155 113.50 12.26 -51.86
N THR MB 156 112.97 12.53 -53.05
CA THR MB 156 112.06 13.66 -53.26
C THR MB 156 110.63 13.31 -52.82
N ILE MB 157 109.86 14.33 -52.46
CA ILE MB 157 108.44 14.18 -52.14
C ILE MB 157 107.70 13.53 -53.31
N ALA MB 158 107.02 12.42 -53.04
CA ALA MB 158 106.36 11.64 -54.10
C ALA MB 158 104.98 11.13 -53.68
N GLN MB 159 104.23 10.63 -54.66
CA GLN MB 159 102.88 10.12 -54.42
C GLN MB 159 102.71 8.71 -55.02
N ARG MB 160 102.07 7.82 -54.27
CA ARG MB 160 101.84 6.44 -54.72
C ARG MB 160 100.82 6.35 -55.86
N SER MB 161 100.85 5.21 -56.57
CA SER MB 161 99.86 4.93 -57.61
C SER MB 161 98.49 4.70 -56.98
N LYS MB 162 97.43 4.79 -57.78
CA LYS MB 162 96.07 4.59 -57.30
C LYS MB 162 95.87 3.20 -56.66
N GLU MB 163 96.24 2.17 -57.40
CA GLU MB 163 96.10 0.78 -56.95
C GLU MB 163 96.95 0.46 -55.69
N ASP MB 164 98.09 1.10 -55.57
CA ASP MB 164 98.96 0.96 -54.40
C ASP MB 164 98.22 1.44 -53.13
N GLN MB 165 97.58 2.60 -53.24
CA GLN MB 165 96.77 3.14 -52.16
C GLN MB 165 95.55 2.26 -51.89
N GLU MB 166 94.99 1.66 -52.95
CA GLU MB 166 93.90 0.68 -52.78
C GLU MB 166 94.35 -0.50 -51.90
N LYS MB 167 95.53 -1.04 -52.18
CA LYS MB 167 96.09 -2.14 -51.39
C LYS MB 167 96.40 -1.73 -49.94
N VAL MB 168 96.95 -0.52 -49.75
CA VAL MB 168 97.21 0.01 -48.42
C VAL MB 168 95.93 0.12 -47.57
N GLU MB 169 94.89 0.72 -48.14
CA GLU MB 169 93.61 0.86 -47.46
C GLU MB 169 92.96 -0.51 -47.18
N ALA MB 170 93.12 -1.44 -48.12
CA ALA MB 170 92.69 -2.82 -47.88
C ALA MB 170 93.39 -3.42 -46.66
N ASP MB 171 94.70 -3.20 -46.56
CA ASP MB 171 95.49 -3.67 -45.41
C ASP MB 171 95.01 -3.10 -44.08
N MET MB 172 94.79 -1.79 -44.03
CA MET MB 172 94.32 -1.14 -42.81
C MET MB 172 92.91 -1.63 -42.41
N VAL MB 173 92.03 -1.79 -43.41
CA VAL MB 173 90.70 -2.38 -43.18
C VAL MB 173 90.81 -3.78 -42.57
N GLN MB 174 91.67 -4.62 -43.14
CA GLN MB 174 91.87 -5.96 -42.60
C GLN MB 174 92.48 -5.96 -41.20
N GLN MB 175 93.26 -4.92 -40.89
CA GLN MB 175 93.77 -4.72 -39.53
C GLN MB 175 92.62 -4.45 -38.55
N ARG MB 176 91.74 -3.53 -38.90
CA ARG MB 176 90.55 -3.25 -38.11
C ARG MB 176 89.72 -4.51 -37.86
N GLU MB 177 89.46 -5.26 -38.94
CA GLU MB 177 88.67 -6.50 -38.84
C GLU MB 177 89.38 -7.55 -37.98
N GLU MB 178 90.71 -7.53 -38.00
CA GLU MB 178 91.50 -8.43 -37.15
C GLU MB 178 91.35 -8.09 -35.67
N TRP MB 179 91.39 -6.80 -35.35
CA TRP MB 179 91.24 -6.37 -33.95
C TRP MB 179 89.80 -6.56 -33.45
N ASP MB 180 88.84 -6.45 -34.35
CA ASP MB 180 87.44 -6.75 -34.03
C ASP MB 180 87.27 -8.26 -33.83
N ARG MB 181 88.07 -9.04 -34.55
CA ARG MB 181 88.07 -10.50 -34.41
C ARG MB 181 88.70 -10.92 -33.06
N ARG MB 182 89.69 -10.14 -32.61
CA ARG MB 182 90.35 -10.39 -31.33
C ARG MB 182 89.47 -9.96 -30.15
N ARG MB 183 88.75 -8.86 -30.33
CA ARG MB 183 87.96 -8.25 -29.26
C ARG MB 183 86.70 -9.05 -28.90
N LYS MB 184 86.05 -9.64 -29.90
CA LYS MB 184 84.78 -10.35 -29.69
C LYS MB 184 84.98 -11.74 -29.13
N MET MB 185 86.23 -12.20 -29.04
CA MET MB 185 86.53 -13.51 -28.49
C MET MB 185 86.71 -13.42 -26.98
N LYS MB 186 85.83 -14.10 -26.24
CA LYS MB 186 85.85 -14.08 -24.78
C LYS MB 186 86.64 -15.26 -24.21
N VAL MB 187 87.63 -14.95 -23.38
CA VAL MB 187 88.49 -15.97 -22.77
C VAL MB 187 87.67 -16.90 -21.87
N LYS MB 188 88.04 -18.18 -21.84
CA LYS MB 188 87.32 -19.18 -21.07
C LYS MB 188 87.56 -19.08 -19.56
N ARG MB 189 86.47 -19.07 -18.80
CA ARG MB 189 86.53 -19.07 -17.34
C ARG MB 189 86.22 -20.48 -16.83
N GLU MB 190 87.21 -21.11 -16.20
CA GLU MB 190 87.02 -22.45 -15.64
C GLU MB 190 85.96 -22.43 -14.53
N ARG MB 191 84.93 -23.27 -14.66
CA ARG MB 191 83.81 -23.22 -13.71
C ARG MB 191 84.07 -24.08 -12.47
N GLY MB 192 83.93 -23.44 -11.32
CA GLY MB 192 84.14 -24.13 -10.06
C GLY MB 192 83.07 -25.14 -9.67
N TRP MB 193 81.84 -24.66 -9.56
CA TRP MB 193 80.72 -25.51 -9.14
C TRP MB 193 79.64 -25.33 -10.17
N SER MB 194 79.20 -24.09 -10.31
CA SER MB 194 78.22 -23.74 -11.32
C SER MB 194 78.85 -22.71 -12.25
N GLY MB 195 78.24 -22.51 -13.41
CA GLY MB 195 78.72 -21.53 -14.36
C GLY MB 195 78.84 -20.13 -13.80
N ASN MB 196 77.82 -19.67 -13.11
CA ASN MB 196 77.81 -18.29 -12.60
C ASN MB 196 78.25 -18.13 -11.14
N THR MB 197 78.55 -19.24 -10.47
CA THR MB 197 79.07 -19.20 -9.11
C THR MB 197 80.57 -18.95 -9.09
N TRP MB 198 81.05 -18.24 -8.07
CA TRP MB 198 82.48 -18.10 -7.88
C TRP MB 198 83.05 -19.23 -7.00
N GLY MB 199 82.16 -19.99 -6.38
CA GLY MB 199 82.56 -21.06 -5.49
C GLY MB 199 83.28 -22.19 -6.20
N GLY MB 200 84.34 -22.68 -5.57
CA GLY MB 200 85.15 -23.74 -6.15
C GLY MB 200 86.28 -23.22 -7.01
N VAL MB 201 86.14 -21.99 -7.50
CA VAL MB 201 87.12 -21.41 -8.43
C VAL MB 201 88.48 -21.17 -7.76
N SER MB 202 89.55 -21.48 -8.48
CA SER MB 202 90.92 -21.22 -8.01
C SER MB 202 91.39 -19.78 -8.26
N LEU MB 203 91.96 -19.14 -7.24
CA LEU MB 203 92.47 -17.78 -7.40
C LEU MB 203 93.96 -17.74 -7.74
N GLY MB 204 94.63 -18.89 -7.69
CA GLY MB 204 96.05 -18.96 -7.98
C GLY MB 204 96.86 -18.52 -6.76
N PRO MB 205 98.12 -18.98 -6.67
CA PRO MB 205 98.95 -18.89 -5.45
C PRO MB 205 98.95 -17.51 -4.82
N PRO MB 206 98.91 -17.44 -3.47
CA PRO MB 206 98.85 -16.14 -2.78
C PRO MB 206 100.10 -15.31 -3.01
N ASP MB 207 100.11 -14.07 -2.51
CA ASP MB 207 101.16 -13.13 -2.85
C ASP MB 207 102.35 -13.25 -1.90
N PRO MB 208 103.58 -13.15 -2.45
CA PRO MB 208 104.80 -13.30 -1.64
C PRO MB 208 104.86 -12.31 -0.47
N GLY MB 209 105.16 -12.82 0.72
CA GLY MB 209 105.22 -12.00 1.92
C GLY MB 209 106.34 -10.96 1.86
N PRO MB 210 106.36 -10.04 2.83
CA PRO MB 210 107.33 -8.93 2.86
C PRO MB 210 108.78 -9.39 2.99
N ASN MB 211 108.99 -10.59 3.54
CA ASN MB 211 110.33 -11.12 3.76
C ASN MB 211 110.93 -11.79 2.53
N GLY MB 212 110.14 -11.86 1.46
CA GLY MB 212 110.55 -12.57 0.25
C GLY MB 212 110.04 -14.00 0.26
N GLU MB 213 109.42 -14.38 1.37
CA GLU MB 213 108.79 -15.69 1.51
C GLU MB 213 107.74 -15.94 0.42
N THR MB 214 107.89 -17.03 -0.31
CA THR MB 214 107.00 -17.30 -1.45
C THR MB 214 106.35 -18.68 -1.36
N TYR MB 215 105.04 -18.72 -1.56
CA TYR MB 215 104.33 -19.99 -1.63
C TYR MB 215 103.74 -20.21 -3.02
N ASP MB 216 104.37 -21.09 -3.79
CA ASP MB 216 103.81 -21.55 -5.06
C ASP MB 216 103.19 -22.93 -4.88
N ASP MB 217 103.37 -23.45 -3.66
CA ASP MB 217 102.87 -24.77 -3.30
C ASP MB 217 101.43 -24.67 -2.80
N PHE MB 218 101.01 -23.44 -2.57
CA PHE MB 218 99.66 -23.15 -2.11
C PHE MB 218 98.75 -22.80 -3.26
N ASP MB 219 97.58 -23.43 -3.26
CA ASP MB 219 96.47 -23.00 -4.10
C ASP MB 219 95.35 -22.45 -3.23
N THR MB 220 94.64 -21.45 -3.75
CA THR MB 220 93.49 -20.91 -3.06
C THR MB 220 92.21 -21.16 -3.85
N ARG MB 221 91.16 -21.57 -3.14
CA ARG MB 221 89.85 -21.76 -3.73
C ARG MB 221 88.86 -20.82 -3.06
N ILE MB 222 87.91 -20.33 -3.85
CA ILE MB 222 86.84 -19.54 -3.28
C ILE MB 222 85.74 -20.44 -2.72
N LEU MB 223 85.35 -20.18 -1.48
CA LEU MB 223 84.21 -20.86 -0.86
C LEU MB 223 82.96 -20.05 -1.13
N GLU MB 224 82.92 -18.81 -0.66
CA GLU MB 224 81.71 -18.03 -0.94
C GLU MB 224 81.94 -16.57 -1.26
N VAL MB 225 81.43 -16.10 -2.38
CA VAL MB 225 81.40 -14.67 -2.64
C VAL MB 225 80.00 -14.14 -2.39
N ARG MB 226 79.88 -13.03 -1.68
CA ARG MB 226 78.56 -12.46 -1.47
C ARG MB 226 78.52 -10.94 -1.47
N ASN MB 227 77.57 -10.40 -2.24
CA ASN MB 227 77.30 -8.98 -2.27
C ASN MB 227 76.52 -8.59 -1.03
N VAL MB 228 77.08 -7.65 -0.26
CA VAL MB 228 76.55 -7.31 1.05
C VAL MB 228 76.33 -5.80 1.12
N PHE MB 229 75.35 -5.34 1.89
CA PHE MB 229 75.02 -3.91 1.88
C PHE MB 229 75.04 -3.26 3.26
N ASN MB 230 75.33 -1.96 3.27
CA ASN MB 230 75.17 -1.15 4.48
C ASN MB 230 74.50 0.18 4.15
N MET MB 231 73.55 0.58 4.96
CA MET MB 231 72.90 1.87 4.76
C MET MB 231 73.81 3.02 5.23
N THR MB 232 74.08 3.96 4.35
CA THR MB 232 74.96 5.10 4.63
C THR MB 232 74.15 6.41 4.62
N ALA MB 233 74.52 7.33 5.51
CA ALA MB 233 73.83 8.62 5.65
C ALA MB 233 73.65 9.37 4.33
N LYS MB 234 74.73 9.51 3.58
CA LYS MB 234 74.68 10.19 2.29
C LYS MB 234 74.26 9.24 1.16
N GLU MB 235 75.10 8.23 0.91
CA GLU MB 235 74.97 7.35 -0.25
C GLU MB 235 73.75 6.42 -0.24
N GLY MB 236 73.12 6.23 0.91
CA GLY MB 236 72.10 5.20 1.04
C GLY MB 236 72.76 3.85 0.95
N ARG MB 237 72.15 2.89 0.26
CA ARG MB 237 72.72 1.55 0.12
C ARG MB 237 74.15 1.62 -0.40
N LYS MB 238 75.03 0.91 0.28
CA LYS MB 238 76.42 0.84 -0.13
C LYS MB 238 76.88 -0.61 -0.20
N ARG MB 239 77.32 -1.01 -1.39
CA ARG MB 239 77.57 -2.40 -1.70
C ARG MB 239 79.03 -2.79 -1.58
N SER MB 240 79.32 -3.67 -0.63
CA SER MB 240 80.65 -4.27 -0.50
C SER MB 240 80.59 -5.77 -0.72
N VAL MB 241 81.53 -6.27 -1.53
CA VAL MB 241 81.68 -7.70 -1.71
C VAL MB 241 82.51 -8.29 -0.58
N ARG MB 242 82.07 -9.43 -0.07
CA ARG MB 242 82.87 -10.16 0.91
C ARG MB 242 82.99 -11.63 0.50
N VAL MB 243 84.24 -12.07 0.39
CA VAL MB 243 84.51 -13.42 -0.05
C VAL MB 243 85.20 -14.23 1.05
N LEU MB 244 84.91 -15.52 1.06
CA LEU MB 244 85.49 -16.46 1.98
C LEU MB 244 86.28 -17.46 1.19
N VAL MB 245 87.57 -17.52 1.50
CA VAL MB 245 88.54 -18.22 0.68
C VAL MB 245 89.40 -19.16 1.53
N ALA MB 246 89.79 -20.29 0.97
CA ALA MB 246 90.62 -21.24 1.70
C ALA MB 246 91.89 -21.56 0.92
N VAL MB 247 92.99 -21.79 1.64
CA VAL MB 247 94.27 -22.13 1.04
C VAL MB 247 94.81 -23.42 1.65
N GLY MB 248 95.58 -24.17 0.87
CA GLY MB 248 96.26 -25.35 1.36
C GLY MB 248 97.37 -25.78 0.42
N ASN MB 249 98.38 -26.47 0.93
CA ASN MB 249 99.48 -26.95 0.09
C ASN MB 249 99.32 -28.40 -0.37
N GLY MB 250 98.27 -29.06 0.14
CA GLY MB 250 98.02 -30.45 -0.16
C GLY MB 250 98.82 -31.39 0.73
N LYS MB 251 99.73 -30.80 1.51
CA LYS MB 251 100.60 -31.54 2.40
C LYS MB 251 100.12 -31.60 3.86
N GLY MB 252 98.91 -31.10 4.10
CA GLY MB 252 98.31 -31.20 5.42
C GLY MB 252 98.15 -29.87 6.14
N ALA MB 253 98.73 -28.82 5.58
CA ALA MB 253 98.57 -27.49 6.14
C ALA MB 253 97.57 -26.69 5.32
N ALA MB 254 96.54 -26.20 5.99
CA ALA MB 254 95.54 -25.42 5.30
C ALA MB 254 94.93 -24.41 6.24
N GLY MB 255 94.24 -23.43 5.69
CA GLY MB 255 93.55 -22.45 6.49
C GLY MB 255 92.63 -21.58 5.65
N PHE MB 256 91.63 -21.00 6.30
CA PHE MB 256 90.68 -20.16 5.61
C PHE MB 256 90.73 -18.74 6.13
N ALA MB 257 90.28 -17.79 5.33
CA ALA MB 257 90.02 -16.44 5.83
C ALA MB 257 88.99 -15.73 4.99
N ILE MB 258 88.49 -14.63 5.55
CA ILE MB 258 87.47 -13.85 4.91
C ILE MB 258 88.04 -12.48 4.53
N GLY MB 259 87.49 -11.85 3.51
CA GLY MB 259 87.95 -10.52 3.13
C GLY MB 259 86.84 -9.70 2.50
N LYS MB 260 86.93 -8.40 2.61
CA LYS MB 260 85.82 -7.53 2.24
C LYS MB 260 86.29 -6.21 1.65
N ALA MB 261 85.67 -5.81 0.54
CA ALA MB 261 86.08 -4.60 -0.18
C ALA MB 261 84.93 -4.06 -1.01
N THR MB 262 85.06 -2.84 -1.52
CA THR MB 262 84.09 -2.32 -2.48
C THR MB 262 84.22 -3.03 -3.84
N GLU MB 263 85.44 -3.36 -4.22
CA GLU MB 263 85.68 -4.08 -5.48
C GLU MB 263 85.88 -5.57 -5.25
N ARG MB 264 85.40 -6.37 -6.19
CA ARG MB 264 85.54 -7.81 -6.08
C ARG MB 264 87.01 -8.25 -6.10
N ALA MB 265 87.77 -7.70 -7.04
CA ALA MB 265 89.19 -8.00 -7.16
C ALA MB 265 89.95 -7.80 -5.83
N ASP MB 266 89.72 -6.62 -5.24
CA ASP MB 266 90.37 -6.22 -4.00
C ASP MB 266 90.10 -7.22 -2.89
N ALA MB 267 88.83 -7.57 -2.74
CA ALA MB 267 88.42 -8.56 -1.74
C ALA MB 267 89.11 -9.90 -1.99
N PHE MB 268 89.22 -10.33 -3.25
CA PHE MB 268 89.94 -11.56 -3.56
C PHE MB 268 91.35 -11.51 -3.00
N ARG MB 269 92.07 -10.44 -3.33
CA ARG MB 269 93.45 -10.26 -2.85
C ARG MB 269 93.54 -10.32 -1.31
N LYS MB 270 92.75 -9.44 -0.67
CA LYS MB 270 92.70 -9.35 0.78
C LYS MB 270 92.50 -10.70 1.42
N ALA MB 271 91.55 -11.45 0.90
CA ALA MB 271 91.22 -12.77 1.46
C ALA MB 271 92.35 -13.79 1.28
N LYS MB 272 92.99 -13.80 0.11
CA LYS MB 272 94.17 -14.66 -0.07
C LYS MB 272 95.23 -14.40 1.00
N ASN MB 273 95.73 -13.16 0.93
CA ASN MB 273 96.86 -12.75 1.74
C ASN MB 273 96.57 -12.88 3.24
N ARG MB 274 95.31 -12.65 3.62
CA ARG MB 274 94.93 -12.84 5.00
C ARG MB 274 94.85 -14.33 5.36
N ALA MB 275 94.45 -15.16 4.40
CA ALA MB 275 94.29 -16.60 4.62
C ALA MB 275 95.61 -17.28 4.93
N VAL MB 276 96.68 -16.82 4.29
CA VAL MB 276 97.98 -17.43 4.57
C VAL MB 276 98.36 -17.39 6.07
N HIS MB 277 97.95 -16.31 6.74
CA HIS MB 277 98.28 -16.11 8.15
C HIS MB 277 97.63 -17.10 9.10
N TYR MB 278 96.40 -17.53 8.81
CA TYR MB 278 95.76 -18.54 9.66
C TYR MB 278 95.83 -19.90 8.98
N LEU MB 279 96.71 -20.76 9.47
CA LEU MB 279 96.90 -22.08 8.88
C LEU MB 279 96.77 -23.11 9.97
N HIS MB 280 96.14 -24.22 9.65
CA HIS MB 280 96.03 -25.33 10.59
C HIS MB 280 96.89 -26.46 10.09
N TYR MB 281 97.42 -27.25 11.02
CA TYR MB 281 97.95 -28.52 10.59
C TYR MB 281 96.90 -29.58 10.86
N ILE MB 282 96.56 -30.32 9.82
CA ILE MB 282 95.59 -31.38 9.94
C ILE MB 282 96.32 -32.71 9.79
N GLU MB 283 96.37 -33.46 10.88
CA GLU MB 283 96.99 -34.78 10.86
C GLU MB 283 96.20 -35.72 9.96
N ARG MB 284 96.92 -36.45 9.12
CA ARG MB 284 96.29 -37.39 8.21
C ARG MB 284 96.78 -38.81 8.46
N TYR MB 285 95.84 -39.70 8.82
CA TYR MB 285 96.20 -41.11 8.94
C TYR MB 285 96.55 -41.62 7.55
N GLU MB 286 97.75 -42.15 7.39
CA GLU MB 286 98.21 -42.74 6.13
C GLU MB 286 98.09 -41.75 4.96
N ASP MB 287 98.04 -40.46 5.30
CA ASP MB 287 98.02 -39.37 4.33
C ASP MB 287 96.90 -39.43 3.26
N HIS MB 288 95.79 -40.09 3.58
CA HIS MB 288 94.62 -40.01 2.69
C HIS MB 288 93.36 -39.66 3.50
N THR MB 289 92.99 -40.49 4.48
CA THR MB 289 91.85 -40.22 5.36
C THR MB 289 92.19 -39.39 6.59
N ILE MB 290 91.20 -39.22 7.47
CA ILE MB 290 91.39 -38.69 8.82
C ILE MB 290 91.73 -39.85 9.78
N TYR MB 291 91.87 -39.57 11.07
CA TYR MB 291 92.25 -40.60 12.05
C TYR MB 291 91.08 -41.45 12.53
N HIS MB 292 89.96 -40.80 12.83
CA HIS MB 292 88.83 -41.47 13.45
C HIS MB 292 87.55 -40.73 13.12
N ASP MB 293 86.40 -41.34 13.39
CA ASP MB 293 85.13 -40.68 13.11
C ASP MB 293 84.96 -39.41 13.94
N ILE MB 294 84.54 -38.35 13.27
CA ILE MB 294 84.27 -37.06 13.90
C ILE MB 294 82.80 -36.72 13.80
N SER MB 295 82.24 -36.18 14.86
CA SER MB 295 80.98 -35.49 14.74
C SER MB 295 81.09 -34.24 15.60
N LEU MB 296 80.67 -33.11 15.04
CA LEU MB 296 80.75 -31.86 15.75
C LEU MB 296 79.51 -31.02 15.48
N LYS MB 297 79.00 -30.38 16.53
CA LYS MB 297 78.01 -29.35 16.33
C LYS MB 297 78.70 -28.01 16.55
N PHE MB 298 78.92 -27.27 15.45
CA PHE MB 298 79.44 -25.91 15.58
C PHE MB 298 78.31 -24.92 15.34
N LYS MB 299 77.97 -24.18 16.39
CA LYS MB 299 76.81 -23.29 16.37
C LYS MB 299 75.55 -24.06 15.99
N ARG MB 300 74.92 -23.71 14.88
CA ARG MB 300 73.73 -24.44 14.42
C ARG MB 300 74.02 -25.48 13.34
N THR MB 301 75.28 -25.64 12.98
CA THR MB 301 75.69 -26.60 11.96
C THR MB 301 76.13 -27.94 12.59
N HIS MB 302 75.80 -29.05 11.94
CA HIS MB 302 76.28 -30.38 12.36
C HIS MB 302 77.10 -31.02 11.26
N ILE MB 303 78.40 -31.22 11.51
CA ILE MB 303 79.20 -31.98 10.56
C ILE MB 303 79.47 -33.36 11.10
N LYS MB 304 79.23 -34.36 10.27
CA LYS MB 304 79.53 -35.72 10.65
C LYS MB 304 80.41 -36.38 9.60
N MET MB 305 81.64 -36.71 10.00
CA MET MB 305 82.65 -37.25 9.10
C MET MB 305 83.09 -38.66 9.50
N LYS MB 306 83.00 -39.58 8.54
CA LYS MB 306 83.40 -40.95 8.72
C LYS MB 306 84.61 -41.29 7.87
N LYS MB 307 85.51 -42.05 8.50
CA LYS MB 307 86.81 -42.39 7.95
C LYS MB 307 86.72 -43.60 7.01
N GLN MB 308 87.02 -43.37 5.73
CA GLN MB 308 86.93 -44.39 4.70
C GLN MB 308 88.25 -45.13 4.40
N PRO MB 309 88.14 -46.33 3.81
CA PRO MB 309 89.28 -47.04 3.22
C PRO MB 309 89.88 -46.33 1.99
N ARG MB 310 90.92 -46.93 1.41
CA ARG MB 310 91.73 -46.29 0.38
C ARG MB 310 91.01 -45.93 -0.93
N GLY MB 311 90.13 -46.81 -1.39
CA GLY MB 311 89.53 -46.62 -2.71
C GLY MB 311 88.34 -45.69 -2.81
N TYR MB 312 87.82 -45.24 -1.66
CA TYR MB 312 86.54 -44.52 -1.61
C TYR MB 312 86.82 -43.03 -1.56
N GLY MB 313 86.72 -42.36 -2.71
CA GLY MB 313 87.01 -40.93 -2.80
C GLY MB 313 85.95 -39.94 -2.31
N LEU MB 314 86.31 -39.11 -1.33
CA LEU MB 314 85.68 -37.80 -1.07
C LEU MB 314 84.17 -37.69 -1.34
N HIS MB 315 83.36 -38.34 -0.52
CA HIS MB 315 81.92 -38.22 -0.69
C HIS MB 315 81.41 -37.21 0.33
N CYS MB 316 81.14 -35.99 -0.13
CA CYS MB 316 80.99 -34.84 0.78
C CYS MB 316 80.26 -33.66 0.17
N HIS MB 317 79.77 -32.76 1.03
CA HIS MB 317 79.34 -31.43 0.59
C HIS MB 317 80.48 -30.79 -0.19
N ARG MB 318 80.13 -30.13 -1.30
CA ARG MB 318 81.12 -29.67 -2.28
C ARG MB 318 82.19 -28.76 -1.68
N ALA MB 319 81.78 -27.92 -0.75
CA ALA MB 319 82.72 -27.05 -0.03
C ALA MB 319 83.75 -27.88 0.73
N ILE MB 320 83.27 -28.90 1.42
CA ILE MB 320 84.13 -29.78 2.18
C ILE MB 320 85.07 -30.56 1.25
N MET MB 321 84.58 -30.96 0.08
CA MET MB 321 85.44 -31.60 -0.92
C MET MB 321 86.57 -30.67 -1.35
N THR MB 322 86.23 -29.40 -1.57
CA THR MB 322 87.24 -28.41 -1.93
C THR MB 322 88.34 -28.29 -0.86
N ILE MB 323 87.91 -27.97 0.37
CA ILE MB 323 88.83 -27.82 1.50
C ILE MB 323 89.66 -29.07 1.69
N CYS MB 324 89.07 -30.23 1.43
CA CYS MB 324 89.77 -31.51 1.52
C CYS MB 324 90.85 -31.69 0.45
N ARG MB 325 90.55 -31.29 -0.78
CA ARG MB 325 91.56 -31.33 -1.83
C ARG MB 325 92.72 -30.40 -1.51
N LEU MB 326 92.40 -29.29 -0.84
CA LEU MB 326 93.46 -28.38 -0.38
C LEU MB 326 94.28 -28.94 0.78
N ILE MB 327 93.63 -29.65 1.71
CA ILE MB 327 94.34 -30.26 2.83
C ILE MB 327 95.18 -31.44 2.36
N GLY MB 328 94.68 -32.18 1.39
CA GLY MB 328 95.31 -33.43 1.00
C GLY MB 328 94.58 -34.68 1.51
N ILE MB 329 93.33 -34.51 1.95
CA ILE MB 329 92.52 -35.63 2.37
C ILE MB 329 91.78 -36.22 1.17
N LYS MB 330 92.16 -37.44 0.77
CA LYS MB 330 91.67 -38.00 -0.48
C LYS MB 330 90.45 -38.92 -0.36
N ASP MB 331 90.15 -39.36 0.86
CA ASP MB 331 89.04 -40.30 1.05
C ASP MB 331 88.23 -39.98 2.29
N LEU MB 332 86.94 -39.67 2.14
CA LEU MB 332 86.14 -39.27 3.30
C LEU MB 332 84.65 -39.41 3.04
N TYR MB 333 83.85 -39.49 4.11
CA TYR MB 333 82.43 -39.26 3.94
C TYR MB 333 81.97 -38.21 4.96
N ALA MB 334 81.26 -37.17 4.50
CA ALA MB 334 80.74 -36.17 5.44
C ALA MB 334 79.34 -35.70 5.11
N LYS MB 335 78.46 -35.81 6.10
CA LYS MB 335 77.12 -35.30 5.98
C LYS MB 335 76.98 -34.07 6.87
N VAL MB 336 76.39 -33.00 6.33
CA VAL MB 336 76.12 -31.80 7.11
C VAL MB 336 74.61 -31.63 7.28
N SER MB 337 74.18 -31.31 8.50
CA SER MB 337 72.77 -31.11 8.79
C SER MB 337 72.57 -29.83 9.59
N GLY MB 338 71.34 -29.34 9.66
CA GLY MB 338 71.09 -28.04 10.26
C GLY MB 338 71.43 -26.94 9.27
N SER MB 339 71.89 -25.80 9.77
CA SER MB 339 72.24 -24.67 8.91
C SER MB 339 73.51 -24.95 8.08
N VAL MB 340 73.40 -24.78 6.77
CA VAL MB 340 74.47 -25.06 5.83
C VAL MB 340 75.35 -23.83 5.59
N ASN MB 341 75.12 -22.77 6.38
CA ASN MB 341 75.83 -21.50 6.20
C ASN MB 341 77.33 -21.67 6.08
N MET MB 342 77.90 -21.10 5.02
CA MET MB 342 79.23 -21.46 4.58
C MET MB 342 80.31 -21.24 5.64
N LEU MB 343 80.41 -20.02 6.15
CA LEU MB 343 81.44 -19.68 7.12
C LEU MB 343 81.47 -20.63 8.31
N ASN MB 344 80.31 -20.75 8.96
CA ASN MB 344 80.12 -21.70 10.06
C ASN MB 344 80.54 -23.11 9.68
N LEU MB 345 80.24 -23.50 8.44
CA LEU MB 345 80.66 -24.79 7.94
C LEU MB 345 82.17 -24.92 7.93
N THR MB 346 82.91 -23.93 7.42
CA THR MB 346 84.36 -24.12 7.37
C THR MB 346 85.04 -23.93 8.74
N ARG MB 347 84.54 -23.02 9.56
CA ARG MB 347 85.05 -22.85 10.92
C ARG MB 347 84.88 -24.14 11.71
N GLY MB 348 83.64 -24.63 11.74
CA GLY MB 348 83.35 -25.90 12.37
C GLY MB 348 84.19 -27.04 11.80
N LEU MB 349 84.36 -27.06 10.49
CA LEU MB 349 85.14 -28.11 9.85
C LEU MB 349 86.59 -28.10 10.34
N PHE MB 350 87.24 -26.95 10.26
CA PHE MB 350 88.65 -26.81 10.64
C PHE MB 350 88.84 -27.07 12.14
N LEU MB 351 87.86 -26.69 12.95
CA LEU MB 351 87.91 -26.98 14.37
C LEU MB 351 87.89 -28.49 14.59
N GLY MB 352 86.94 -29.16 13.94
CA GLY MB 352 86.79 -30.61 14.06
C GLY MB 352 88.00 -31.39 13.58
N LEU MB 353 88.63 -30.89 12.51
CA LEU MB 353 89.84 -31.54 11.99
C LEU MB 353 91.08 -31.24 12.86
N SER MB 354 91.10 -30.06 13.45
CA SER MB 354 92.14 -29.68 14.40
C SER MB 354 92.06 -30.50 15.71
N ARG MB 355 90.86 -30.93 16.07
CA ARG MB 355 90.67 -31.64 17.33
C ARG MB 355 91.00 -33.13 17.22
N GLN MB 356 91.47 -33.55 16.05
CA GLN MB 356 91.83 -34.94 15.81
C GLN MB 356 92.81 -35.50 16.85
N GLU MB 357 92.60 -36.74 17.24
CA GLU MB 357 93.53 -37.42 18.15
C GLU MB 357 94.28 -38.53 17.41
N THR MB 358 95.58 -38.33 17.22
CA THR MB 358 96.45 -39.29 16.54
C THR MB 358 96.54 -40.60 17.33
N HIS MB 359 96.70 -41.71 16.62
CA HIS MB 359 96.94 -43.01 17.24
C HIS MB 359 98.08 -42.95 18.26
N GLN MB 360 99.08 -42.12 17.97
CA GLN MB 360 100.22 -41.95 18.87
C GLN MB 360 99.81 -41.27 20.18
N GLN MB 361 98.98 -40.24 20.10
CA GLN MB 361 98.46 -39.56 21.29
C GLN MB 361 97.64 -40.52 22.15
N LEU MB 362 96.85 -41.35 21.49
CA LEU MB 362 96.03 -42.35 22.18
C LEU MB 362 96.91 -43.39 22.87
N ALA MB 363 97.84 -43.94 22.09
CA ALA MB 363 98.84 -44.89 22.58
C ALA MB 363 99.54 -44.35 23.82
N ASP MB 364 99.85 -43.06 23.79
CA ASP MB 364 100.59 -42.44 24.89
C ASP MB 364 99.71 -42.16 26.12
N LYS MB 365 98.45 -41.78 25.91
CA LYS MB 365 97.59 -41.46 27.05
C LYS MB 365 97.04 -42.73 27.74
N LYS MB 366 96.81 -43.80 26.98
CA LYS MB 366 96.39 -45.08 27.54
C LYS MB 366 97.58 -45.98 27.92
N SER MB 367 98.77 -45.62 27.40
CA SER MB 367 100.00 -46.41 27.55
C SER MB 367 99.87 -47.85 27.03
N LEU MB 368 99.17 -48.03 25.90
CA LEU MB 368 98.94 -49.35 25.32
C LEU MB 368 99.32 -49.41 23.84
N HIS MB 369 99.42 -50.61 23.30
CA HIS MB 369 99.58 -50.81 21.86
C HIS MB 369 98.24 -50.61 21.14
N VAL MB 370 98.17 -49.66 20.21
CA VAL MB 370 96.99 -49.55 19.36
C VAL MB 370 97.28 -50.35 18.08
N VAL MB 371 96.40 -51.34 17.87
CA VAL MB 371 96.57 -52.37 16.86
C VAL MB 371 95.39 -52.39 15.91
N GLU MB 372 95.70 -52.27 14.62
CA GLU MB 372 94.69 -52.16 13.56
C GLU MB 372 94.35 -53.51 12.94
N PHE MB 373 93.06 -53.81 12.79
CA PHE MB 373 92.68 -55.02 12.10
C PHE MB 373 92.02 -54.71 10.77
N ARG MB 374 92.76 -54.99 9.70
CA ARG MB 374 92.23 -54.90 8.35
C ARG MB 374 91.29 -56.08 8.15
N GLU MB 375 90.22 -55.87 7.39
CA GLU MB 375 89.30 -56.94 7.05
C GLU MB 375 89.85 -57.80 5.91
N GLU MB 376 90.59 -57.14 5.01
CA GLU MB 376 91.20 -57.78 3.85
C GLU MB 376 92.45 -58.57 4.19
N CYS MB 377 93.09 -58.17 5.29
CA CYS MB 377 94.29 -58.86 5.78
C CYS MB 377 93.94 -59.90 6.85
N GLY MB 378 92.64 -60.07 7.11
CA GLY MB 378 92.16 -61.04 8.08
C GLY MB 378 92.48 -60.71 9.52
N PRO MB 379 92.67 -61.75 10.35
CA PRO MB 379 92.95 -61.67 11.79
C PRO MB 379 94.33 -61.06 12.12
N LEU MB 380 95.20 -60.92 11.11
CA LEU MB 380 96.56 -60.39 11.30
C LEU MB 380 96.56 -59.03 12.00
N PRO MB 381 97.18 -58.98 13.19
CA PRO MB 381 97.24 -57.79 14.06
C PRO MB 381 98.36 -56.81 13.70
N ILE MB 382 98.12 -55.92 12.74
CA ILE MB 382 99.06 -54.83 12.45
C ILE MB 382 99.13 -53.88 13.65
N VAL MB 383 100.33 -53.65 14.17
CA VAL MB 383 100.50 -52.69 15.26
C VAL MB 383 100.78 -51.34 14.63
N VAL MB 384 99.85 -50.42 14.83
CA VAL MB 384 100.01 -49.06 14.34
C VAL MB 384 100.86 -48.27 15.33
N ALA MB 385 100.38 -48.12 16.56
CA ALA MB 385 101.12 -47.27 17.50
C ALA MB 385 101.55 -47.99 18.78
N SER MB 386 102.75 -47.61 19.25
CA SER MB 386 103.28 -48.13 20.50
C SER MB 386 103.57 -46.95 21.44
N PRO MB 387 103.26 -47.14 22.74
CA PRO MB 387 103.35 -46.10 23.77
C PRO MB 387 104.79 -45.85 24.24
N GLN MB 388 105.53 -44.99 23.53
CA GLN MB 388 106.89 -44.61 23.95
C GLN MB 388 106.88 -44.19 25.44
N GLY MB 389 107.82 -44.73 26.20
CA GLY MB 389 107.71 -44.75 27.66
C GLY MB 389 107.26 -46.13 28.14
N ALA MB 390 106.73 -46.21 29.35
CA ALA MB 390 106.42 -47.50 29.96
C ALA MB 390 105.02 -48.03 29.62
N LEU MB 391 104.98 -49.18 28.93
CA LEU MB 391 103.73 -49.87 28.59
C LEU MB 391 103.03 -50.40 29.86
N ARG MB 392 101.70 -50.49 29.82
CA ARG MB 392 100.92 -51.06 30.93
C ARG MB 392 100.90 -52.59 30.90
N LYS MB 393 100.91 -53.20 32.09
CA LYS MB 393 100.68 -54.63 32.25
C LYS MB 393 99.20 -54.88 32.58
N ASP MB 394 98.46 -53.78 32.73
CA ASP MB 394 97.04 -53.83 33.07
C ASP MB 394 96.17 -53.82 31.81
N PRO MB 395 95.37 -54.90 31.61
CA PRO MB 395 94.38 -54.94 30.53
C PRO MB 395 93.27 -53.90 30.70
N GLU MB 396 92.67 -53.44 29.60
CA GLU MB 396 91.55 -52.50 29.66
C GLU MB 396 90.33 -53.18 30.25
N PRO MB 397 89.62 -52.48 31.17
CA PRO MB 397 88.40 -53.08 31.74
C PRO MB 397 87.43 -53.46 30.63
N GLU MB 398 86.97 -54.71 30.65
CA GLU MB 398 86.08 -55.16 29.60
C GLU MB 398 84.65 -54.79 29.93
N ASP MB 399 84.07 -53.94 29.10
CA ASP MB 399 82.66 -53.61 29.23
C ASP MB 399 81.87 -54.51 28.29
N GLU MB 400 81.09 -55.38 28.91
CA GLU MB 400 80.15 -56.24 28.22
C GLU MB 400 79.29 -55.40 27.25
N VAL MB 401 78.55 -54.45 27.81
CA VAL MB 401 77.75 -53.51 27.03
C VAL MB 401 78.35 -52.11 27.20
N PRO MB 402 78.81 -51.50 26.10
CA PRO MB 402 79.39 -50.16 26.14
C PRO MB 402 78.33 -49.06 26.26
N ASP MB 403 78.65 -47.95 26.93
CA ASP MB 403 77.77 -46.79 26.88
C ASP MB 403 78.38 -45.73 25.97
N ILE MB 404 77.78 -45.58 24.78
CA ILE MB 404 78.20 -44.60 23.79
C ILE MB 404 76.96 -43.89 23.26
N THR MB 405 77.12 -42.62 22.91
CA THR MB 405 76.04 -41.91 22.24
C THR MB 405 75.96 -42.41 20.80
N LEU MB 406 74.77 -42.82 20.39
CA LEU MB 406 74.57 -43.33 19.04
C LEU MB 406 73.67 -42.40 18.22
N ASP MB 407 74.05 -42.18 16.96
CA ASP MB 407 73.25 -41.42 16.03
C ASP MB 407 72.27 -42.33 15.33
N TRP MB 408 70.98 -42.03 15.47
CA TRP MB 408 69.92 -42.84 14.90
C TRP MB 408 70.11 -43.02 13.39
N GLU MB 409 70.86 -42.11 12.78
CA GLU MB 409 71.17 -42.17 11.35
C GLU MB 409 72.10 -43.33 10.99
N ASP MB 410 73.16 -43.50 11.78
CA ASP MB 410 74.13 -44.56 11.53
C ASP MB 410 73.51 -45.93 11.76
N VAL MB 411 72.68 -46.01 12.79
CA VAL MB 411 71.94 -47.22 13.12
C VAL MB 411 70.95 -47.57 12.03
N LYS MB 412 70.19 -46.57 11.58
CA LYS MB 412 69.26 -46.75 10.47
C LYS MB 412 69.99 -47.17 9.19
N ALA MB 413 71.22 -46.70 9.03
CA ALA MB 413 72.04 -47.07 7.88
C ALA MB 413 72.45 -48.54 7.96
N ALA MB 414 72.93 -48.94 9.14
CA ALA MB 414 73.47 -50.29 9.35
C ALA MB 414 72.43 -51.39 9.13
N GLN MB 415 71.18 -51.09 9.47
CA GLN MB 415 70.10 -52.06 9.40
C GLN MB 415 69.31 -51.98 8.09
N GLY MB 416 69.76 -51.14 7.16
CA GLY MB 416 69.17 -51.04 5.84
C GLY MB 416 67.79 -50.40 5.79
N MET MB 417 67.55 -49.44 6.68
CA MET MB 417 66.30 -48.67 6.68
C MET MB 417 66.42 -47.34 5.94
N LYS MB 418 67.58 -47.10 5.33
CA LYS MB 418 67.74 -45.94 4.46
C LYS MB 418 67.46 -46.37 3.03
N ARG MB 419 66.30 -45.98 2.54
CA ARG MB 419 65.86 -46.30 1.19
C ARG MB 419 65.95 -45.13 0.19
N SER MB 420 66.49 -44.00 0.64
CA SER MB 420 66.52 -42.76 -0.15
C SER MB 420 67.05 -42.91 -1.57
N VAL MB 421 66.27 -42.41 -2.52
CA VAL MB 421 66.60 -42.49 -3.93
C VAL MB 421 67.78 -41.58 -4.25
N TRP MB 422 68.06 -40.67 -3.33
CA TRP MB 422 69.16 -39.72 -3.49
C TRP MB 422 70.52 -40.24 -2.99
N SER MB 423 70.52 -41.28 -2.16
CA SER MB 423 71.76 -41.70 -1.50
C SER MB 423 72.69 -42.57 -2.36
N GLY MB 424 72.11 -43.49 -3.11
CA GLY MB 424 72.91 -44.45 -3.87
C GLY MB 424 73.36 -43.96 -5.24
N LEU MB 425 73.05 -42.70 -5.55
CA LEU MB 425 73.26 -42.16 -6.89
C LEU MB 425 74.72 -42.17 -7.34
N LYS MB 426 74.93 -42.56 -8.58
CA LYS MB 426 76.28 -42.57 -9.15
C LYS MB 426 76.66 -41.14 -9.58
N ARG MB 427 77.83 -40.71 -9.16
CA ARG MB 427 78.31 -39.36 -9.42
C ARG MB 427 79.65 -39.43 -10.15
N ALA MB 428 80.10 -38.31 -10.68
CA ALA MB 428 81.39 -38.29 -11.35
C ALA MB 428 82.53 -38.44 -10.34
N ALA MB 429 83.75 -38.48 -10.85
CA ALA MB 429 84.92 -38.70 -10.00
C ALA MB 429 85.10 -37.56 -9.01
N THR MB 430 85.78 -37.85 -7.91
CA THR MB 430 86.02 -36.89 -6.82
C THR MB 430 86.30 -35.46 -7.29
N PRO NB 2 50.61 -18.25 82.25
CA PRO NB 2 49.38 -17.48 82.00
C PRO NB 2 48.90 -17.60 80.53
N ARG NB 3 47.58 -17.75 80.33
CA ARG NB 3 47.01 -18.07 79.02
C ARG NB 3 46.41 -16.87 78.28
N TYR NB 4 45.39 -16.27 78.86
CA TYR NB 4 44.81 -15.07 78.26
C TYR NB 4 45.12 -13.84 79.08
N GLU NB 5 45.14 -12.73 78.37
CA GLU NB 5 45.38 -11.44 78.94
C GLU NB 5 44.21 -10.57 78.53
N LEU NB 6 43.42 -10.15 79.51
CA LEU NB 6 42.34 -9.22 79.22
C LEU NB 6 42.82 -7.81 79.49
N ALA NB 7 42.91 -7.03 78.42
CA ALA NB 7 43.18 -5.61 78.53
C ALA NB 7 41.87 -4.89 78.70
N LEU NB 8 41.72 -4.25 79.85
CA LEU NB 8 40.47 -3.62 80.20
C LEU NB 8 40.67 -2.12 80.33
N ILE NB 9 39.94 -1.34 79.54
CA ILE NB 9 39.93 0.09 79.76
C ILE NB 9 38.57 0.50 80.29
N LEU NB 10 38.57 0.90 81.56
CA LEU NB 10 37.36 1.24 82.30
C LEU NB 10 37.11 2.73 82.31
N LYS NB 11 35.84 3.09 82.34
CA LYS NB 11 35.43 4.47 82.58
C LYS NB 11 36.14 4.97 83.83
N ALA NB 12 36.63 6.21 83.79
CA ALA NB 12 37.32 6.78 84.94
C ALA NB 12 36.29 7.23 85.98
N MET NB 13 36.36 6.61 87.16
CA MET NB 13 35.38 6.84 88.22
C MET NB 13 36.05 6.84 89.59
N GLN NB 14 35.22 6.96 90.64
CA GLN NB 14 35.70 6.94 92.02
C GLN NB 14 36.12 5.52 92.45
N ARG NB 15 36.53 5.39 93.71
CA ARG NB 15 36.97 4.10 94.24
C ARG NB 15 35.88 3.01 94.26
N PRO NB 16 34.72 3.29 94.89
CA PRO NB 16 33.76 2.19 95.11
C PRO NB 16 33.18 1.61 93.81
N GLU NB 17 32.85 2.51 92.88
CA GLU NB 17 32.27 2.12 91.60
C GLU NB 17 33.27 1.32 90.75
N THR NB 18 34.54 1.74 90.78
CA THR NB 18 35.60 1.03 90.06
C THR NB 18 35.82 -0.38 90.62
N ALA NB 19 35.88 -0.47 91.95
CA ALA NB 19 36.00 -1.76 92.61
C ALA NB 19 34.81 -2.67 92.27
N ALA NB 20 33.64 -2.05 92.17
CA ALA NB 20 32.40 -2.72 91.80
C ALA NB 20 32.48 -3.35 90.41
N ALA NB 21 32.80 -2.51 89.43
CA ALA NB 21 32.95 -2.94 88.04
C ALA NB 21 33.98 -4.06 87.91
N LEU NB 22 35.13 -3.89 88.55
CA LEU NB 22 36.18 -4.90 88.50
C LEU NB 22 35.69 -6.22 89.07
N LYS NB 23 34.93 -6.12 90.17
CA LYS NB 23 34.37 -7.30 90.82
C LYS NB 23 33.42 -8.06 89.90
N ARG NB 24 32.37 -7.38 89.42
CA ARG NB 24 31.37 -8.04 88.58
C ARG NB 24 31.95 -8.55 87.26
N THR NB 25 33.00 -7.89 86.78
CA THR NB 25 33.72 -8.34 85.59
C THR NB 25 34.46 -9.65 85.87
N LEU NB 26 35.17 -9.67 86.99
CA LEU NB 26 35.90 -10.88 87.38
C LEU NB 26 34.96 -12.07 87.60
N GLU NB 27 33.84 -11.78 88.26
CA GLU NB 27 32.78 -12.77 88.45
C GLU NB 27 32.28 -13.30 87.13
N ALA NB 28 31.95 -12.37 86.23
CA ALA NB 28 31.50 -12.71 84.89
C ALA NB 28 32.50 -13.61 84.17
N LEU NB 29 33.79 -13.39 84.43
CA LEU NB 29 34.84 -14.25 83.85
C LEU NB 29 34.80 -15.66 84.45
N MET NB 30 34.77 -15.74 85.78
CA MET NB 30 34.74 -17.04 86.47
C MET NB 30 33.46 -17.84 86.17
N ASP NB 31 32.44 -17.15 85.69
CA ASP NB 31 31.16 -17.78 85.33
C ASP NB 31 31.19 -18.48 83.99
N ARG NB 32 32.04 -17.99 83.08
CA ARG NB 32 32.20 -18.63 81.78
C ARG NB 32 33.20 -19.79 81.92
N GLY NB 33 33.64 -20.04 83.14
CA GLY NB 33 34.53 -21.15 83.41
C GLY NB 33 35.99 -20.78 83.60
N ALA NB 34 36.25 -19.49 83.80
CA ALA NB 34 37.62 -19.00 83.92
C ALA NB 34 38.26 -19.16 85.31
N VAL NB 35 39.58 -19.29 85.30
CA VAL NB 35 40.46 -19.30 86.47
C VAL NB 35 41.34 -18.04 86.45
N VAL NB 36 41.09 -17.08 87.35
CA VAL NB 36 41.81 -15.80 87.28
C VAL NB 36 43.12 -15.85 88.07
N ARG NB 37 44.23 -15.69 87.36
CA ARG NB 37 45.56 -15.77 87.96
C ARG NB 37 45.95 -14.51 88.72
N ASN NB 38 45.67 -13.36 88.13
CA ASN NB 38 46.13 -12.10 88.71
C ASN NB 38 45.29 -10.90 88.24
N LEU NB 39 45.36 -9.81 88.99
CA LEU NB 39 44.77 -8.54 88.57
C LEU NB 39 45.83 -7.45 88.75
N GLU NB 40 46.06 -6.67 87.70
CA GLU NB 40 47.04 -5.59 87.75
C GLU NB 40 46.38 -4.25 87.48
N ASN NB 41 46.98 -3.18 87.99
CA ASN NB 41 46.45 -1.85 87.75
C ASN NB 41 47.50 -0.96 87.10
N LEU NB 42 47.20 -0.49 85.90
CA LEU NB 42 48.12 0.37 85.14
C LEU NB 42 47.79 1.85 85.36
N GLY NB 43 46.88 2.11 86.29
CA GLY NB 43 46.53 3.46 86.69
C GLY NB 43 45.54 4.08 85.74
N GLU NB 44 45.12 5.31 86.03
CA GLU NB 44 44.28 6.03 85.10
C GLU NB 44 45.10 7.09 84.37
N ARG NB 45 44.88 7.18 83.06
CA ARG NB 45 45.58 8.17 82.24
C ARG NB 45 44.57 8.89 81.38
N MET NB 46 45.01 9.96 80.75
CA MET NB 46 44.26 10.49 79.63
C MET NB 46 44.45 9.55 78.45
N LEU NB 47 43.37 9.22 77.75
CA LEU NB 47 43.41 8.27 76.63
C LEU NB 47 44.19 8.82 75.44
N PRO NB 48 44.82 7.93 74.65
CA PRO NB 48 45.56 8.31 73.44
C PRO NB 48 44.74 9.18 72.48
N TYR NB 49 43.45 8.89 72.43
CA TYR NB 49 42.48 9.58 71.58
C TYR NB 49 41.11 9.45 72.25
N LYS NB 50 40.18 10.33 71.92
CA LYS NB 50 38.87 10.29 72.57
C LYS NB 50 38.05 9.10 72.08
N ILE NB 51 37.63 8.24 73.01
CA ILE NB 51 36.90 7.03 72.64
C ILE NB 51 35.40 7.19 72.85
N SER NB 52 34.61 7.02 71.79
CA SER NB 52 33.16 7.04 71.92
C SER NB 52 32.63 5.64 72.22
N ALA NB 53 32.02 5.48 73.39
CA ALA NB 53 31.37 4.23 73.75
C ALA NB 53 30.11 4.50 74.56
N HIS NB 54 29.07 3.73 74.28
CA HIS NB 54 27.83 3.77 75.05
C HIS NB 54 27.29 5.19 75.23
N ASN NB 55 27.11 5.89 74.11
CA ASN NB 55 26.57 7.24 74.07
C ASN NB 55 27.34 8.23 74.93
N GLN NB 56 28.65 7.99 75.04
CA GLN NB 56 29.51 8.90 75.79
C GLN NB 56 30.86 9.04 75.08
N ARG NB 57 31.38 10.26 74.99
CA ARG NB 57 32.73 10.46 74.47
C ARG NB 57 33.72 10.64 75.62
N HIS NB 58 34.66 9.71 75.72
CA HIS NB 58 35.55 9.62 76.86
C HIS NB 58 36.95 10.15 76.58
N SER NB 59 37.43 10.92 77.53
CA SER NB 59 38.78 11.52 77.51
C SER NB 59 39.77 10.66 78.31
N ARG NB 60 39.50 10.48 79.60
CA ARG NB 60 40.37 9.68 80.48
C ARG NB 60 39.90 8.23 80.62
N GLY NB 61 40.66 7.44 81.38
CA GLY NB 61 40.23 6.09 81.72
C GLY NB 61 41.23 5.29 82.56
N GLY NB 62 40.71 4.28 83.27
CA GLY NB 62 41.57 3.39 84.03
C GLY NB 62 42.00 2.20 83.21
N TYR NB 63 43.22 1.70 83.46
CA TYR NB 63 43.76 0.58 82.70
C TYR NB 63 44.00 -0.64 83.58
N PHE NB 64 43.63 -1.82 83.10
CA PHE NB 64 43.76 -3.04 83.90
C PHE NB 64 44.16 -4.23 83.07
N LEU NB 65 44.92 -5.13 83.69
CA LEU NB 65 45.24 -6.41 83.07
C LEU NB 65 44.67 -7.54 83.91
N VAL NB 66 43.99 -8.47 83.25
CA VAL NB 66 43.54 -9.67 83.93
C VAL NB 66 44.15 -10.89 83.26
N ASP NB 67 45.11 -11.54 83.90
CA ASP NB 67 45.68 -12.76 83.32
C ASP NB 67 44.87 -13.93 83.83
N PHE NB 68 44.46 -14.82 82.94
CA PHE NB 68 43.60 -15.91 83.35
C PHE NB 68 43.66 -17.11 82.42
N TYR NB 69 43.15 -18.24 82.89
CA TYR NB 69 43.01 -19.41 82.04
C TYR NB 69 41.53 -19.59 81.75
N ALA NB 70 41.20 -19.87 80.51
CA ALA NB 70 39.81 -20.11 80.12
C ALA NB 70 39.74 -21.13 79.01
N PRO NB 71 38.65 -21.90 78.95
CA PRO NB 71 38.49 -22.82 77.82
C PRO NB 71 38.38 -22.02 76.52
N ALA NB 72 38.98 -22.52 75.44
CA ALA NB 72 39.05 -21.79 74.17
C ALA NB 72 37.68 -21.27 73.72
N THR NB 73 36.66 -22.10 73.92
CA THR NB 73 35.28 -21.79 73.54
C THR NB 73 34.77 -20.44 74.05
N THR NB 74 35.18 -20.09 75.27
CA THR NB 74 34.46 -19.09 76.03
C THR NB 74 34.84 -17.65 75.74
N VAL NB 75 35.97 -17.44 75.05
CA VAL NB 75 36.44 -16.06 74.85
C VAL NB 75 35.38 -15.18 74.24
N GLU NB 76 34.80 -15.67 73.14
CA GLU NB 76 33.71 -14.96 72.50
C GLU NB 76 32.66 -14.55 73.51
N SER NB 77 32.24 -15.51 74.32
CA SER NB 77 31.21 -15.27 75.34
C SER NB 77 31.59 -14.06 76.20
N MET NB 78 32.77 -14.10 76.81
CA MET NB 78 33.26 -13.01 77.67
C MET NB 78 33.19 -11.69 76.91
N MET NB 79 33.72 -11.71 75.69
CA MET NB 79 33.73 -10.51 74.85
C MET NB 79 32.33 -9.91 74.78
N GLU NB 80 31.35 -10.76 74.41
CA GLU NB 80 29.97 -10.31 74.32
C GLU NB 80 29.60 -9.54 75.58
N HIS NB 81 29.86 -10.15 76.73
CA HIS NB 81 29.49 -9.56 78.01
C HIS NB 81 30.09 -8.17 78.15
N LEU NB 82 31.41 -8.11 78.02
CA LEU NB 82 32.14 -6.88 78.19
C LEU NB 82 31.69 -5.81 77.19
N SER NB 83 31.14 -6.21 76.05
CA SER NB 83 30.65 -5.26 75.07
C SER NB 83 29.46 -4.48 75.60
N ARG NB 84 28.57 -5.15 76.32
CA ARG NB 84 27.34 -4.51 76.74
C ARG NB 84 27.45 -3.90 78.14
N ASP NB 85 28.63 -4.00 78.76
CA ASP NB 85 28.91 -3.30 80.02
C ASP NB 85 29.14 -1.81 79.75
N ILE NB 86 28.37 -0.94 80.39
CA ILE NB 86 28.45 0.51 80.12
C ILE NB 86 29.58 1.20 80.88
N ASP NB 87 30.20 0.47 81.79
CA ASP NB 87 31.34 0.99 82.55
C ASP NB 87 32.69 0.65 81.89
N VAL NB 88 32.66 -0.18 80.86
CA VAL NB 88 33.87 -0.52 80.13
C VAL NB 88 34.02 0.39 78.91
N ILE NB 89 35.13 1.10 78.86
CA ILE NB 89 35.43 1.99 77.76
C ILE NB 89 35.82 1.16 76.53
N ARG NB 90 36.59 0.10 76.77
CA ARG NB 90 36.95 -0.83 75.70
C ARG NB 90 37.71 -2.04 76.24
N PRO NB 91 37.19 -3.24 75.90
CA PRO NB 91 37.75 -4.58 76.12
C PRO NB 91 38.71 -5.03 75.03
N ASN NB 92 39.68 -5.87 75.35
CA ASN NB 92 40.36 -6.68 74.34
C ASN NB 92 40.94 -7.93 74.98
N ILE NB 93 40.95 -9.03 74.25
CA ILE NB 93 41.48 -10.27 74.80
C ILE NB 93 42.58 -10.82 73.92
N VAL NB 94 43.74 -11.03 74.52
CA VAL NB 94 44.95 -11.39 73.78
C VAL NB 94 45.56 -12.67 74.35
N LYS NB 95 46.09 -13.54 73.48
CA LYS NB 95 46.91 -14.65 73.97
C LYS NB 95 48.03 -14.05 74.83
N HIS NB 96 48.18 -14.54 76.06
CA HIS NB 96 49.11 -13.91 77.01
C HIS NB 96 50.55 -13.91 76.49
N PRO NB 97 51.21 -12.73 76.54
CA PRO NB 97 52.56 -12.52 76.03
C PRO NB 97 53.59 -13.43 76.70
N LEU NB 98 53.24 -14.00 77.84
CA LEU NB 98 54.17 -14.85 78.59
C LEU NB 98 54.05 -16.33 78.18
N THR NB 99 53.11 -16.62 77.29
CA THR NB 99 53.01 -17.96 76.71
C THR NB 99 54.04 -18.14 75.60
N GLN NB 100 54.19 -17.11 74.76
CA GLN NB 100 55.22 -17.09 73.73
C GLN NB 100 56.58 -16.86 74.38
N GLU NB 101 57.57 -17.68 74.02
CA GLU NB 101 58.89 -17.55 74.62
C GLU NB 101 59.89 -17.00 73.59
N VAL NB 102 60.89 -16.28 74.09
CA VAL NB 102 61.85 -15.61 73.22
C VAL NB 102 62.93 -16.56 72.71
N LYS NB 103 62.97 -16.75 71.40
CA LYS NB 103 64.06 -17.48 70.74
C LYS NB 103 65.28 -16.57 70.73
N GLU NB 104 66.46 -17.14 70.52
CA GLU NB 104 67.70 -16.36 70.61
C GLU NB 104 68.16 -15.74 69.28
N CYS NB 105 68.10 -14.41 69.18
CA CYS NB 105 68.81 -13.69 68.12
C CYS NB 105 70.26 -14.10 68.39
N GLU NB 106 70.91 -14.77 67.44
CA GLU NB 106 72.29 -15.20 67.66
C GLU NB 106 73.21 -14.11 67.14
N GLY NB 107 72.58 -13.17 66.45
CA GLY NB 107 73.25 -12.01 65.89
C GLY NB 107 72.58 -11.68 64.57
N ILE NB 108 73.16 -10.72 63.87
CA ILE NB 108 72.75 -10.40 62.51
C ILE NB 108 73.69 -11.10 61.54
N VAL NB 109 73.20 -12.12 60.82
CA VAL NB 109 74.00 -12.72 59.77
C VAL NB 109 74.01 -11.74 58.61
N PRO NB 110 75.20 -11.20 58.27
CA PRO NB 110 75.26 -10.22 57.18
C PRO NB 110 74.99 -10.90 55.84
N VAL NB 111 74.30 -10.21 54.93
CA VAL NB 111 73.98 -10.78 53.63
C VAL NB 111 74.98 -10.32 52.56
N PRO NB 112 75.69 -11.28 51.92
CA PRO NB 112 76.65 -10.90 50.87
C PRO NB 112 75.92 -10.36 49.65
N LEU NB 113 76.58 -9.53 48.83
CA LEU NB 113 75.97 -9.05 47.61
C LEU NB 113 75.71 -10.24 46.67
N GLU NB 114 74.52 -10.28 46.07
CA GLU NB 114 74.12 -11.40 45.21
C GLU NB 114 75.00 -11.46 43.95
N GLU NB 115 75.38 -12.67 43.55
CA GLU NB 115 76.27 -12.85 42.40
C GLU NB 115 75.68 -13.75 41.33
N LYS NB 116 76.25 -13.68 40.13
CA LYS NB 116 75.82 -14.47 38.98
C LYS NB 116 74.36 -14.18 38.58
N LEU NB 117 73.92 -12.96 38.84
CA LEU NB 117 72.60 -12.50 38.43
C LEU NB 117 72.53 -12.34 36.93
N TYR NB 118 73.68 -12.10 36.31
CA TYR NB 118 73.72 -11.89 34.88
C TYR NB 118 74.81 -12.75 34.28
N SER NB 119 74.83 -12.84 32.95
CA SER NB 119 75.80 -13.69 32.29
C SER NB 119 77.12 -12.96 32.09
N THR NB 120 78.07 -13.69 31.52
CA THR NB 120 79.46 -13.25 31.36
C THR NB 120 79.65 -12.50 30.04
N LYS NB 121 78.55 -12.19 29.38
CA LYS NB 121 78.56 -11.47 28.09
C LYS NB 121 79.43 -10.23 28.13
N LYS NB 122 80.19 -9.99 27.06
CA LYS NB 122 81.00 -8.79 26.96
C LYS NB 122 80.28 -7.76 26.08
N ARG NB 123 79.83 -6.68 26.71
CA ARG NB 123 79.00 -5.67 26.03
C ARG NB 123 79.84 -4.80 25.10
N SER OB 35 84.16 45.37 13.51
CA SER OB 35 85.00 44.20 13.70
C SER OB 35 86.21 44.18 12.76
N ARG OB 36 86.70 45.37 12.39
CA ARG OB 36 88.00 45.47 11.74
C ARG OB 36 89.06 45.46 12.84
N TYR OB 37 88.58 45.54 14.08
CA TYR OB 37 89.41 45.36 15.27
C TYR OB 37 89.29 43.94 15.79
N GLY OB 38 90.42 43.28 16.04
CA GLY OB 38 90.44 42.00 16.71
C GLY OB 38 89.96 42.18 18.14
N PRO OB 39 89.63 41.07 18.83
CA PRO OB 39 89.18 41.08 20.24
C PRO OB 39 90.24 41.64 21.20
N GLU OB 40 91.48 41.74 20.71
CA GLU OB 40 92.61 42.27 21.45
C GLU OB 40 92.46 43.76 21.82
N TYR OB 41 91.70 44.49 20.99
CA TYR OB 41 91.56 45.94 21.11
C TYR OB 41 90.59 46.38 22.20
N LYS OB 42 91.11 47.12 23.18
CA LYS OB 42 90.30 47.73 24.23
C LYS OB 42 89.68 49.03 23.76
N ASP OB 43 88.54 49.40 24.36
CA ASP OB 43 87.90 50.68 24.08
C ASP OB 43 88.69 51.82 24.72
N PRO OB 44 88.70 53.00 24.09
CA PRO OB 44 89.47 54.13 24.64
C PRO OB 44 88.80 54.77 25.85
N GLN OB 45 89.59 55.25 26.81
CA GLN OB 45 89.03 56.09 27.86
C GLN OB 45 89.33 57.55 27.53
N ILE OB 46 88.27 58.28 27.19
CA ILE OB 46 88.38 59.64 26.67
C ILE OB 46 88.51 60.70 27.80
N ASP OB 47 88.11 60.32 29.02
CA ASP OB 47 88.11 61.22 30.18
C ASP OB 47 89.50 61.83 30.48
N LYS OB 48 89.56 63.15 30.55
CA LYS OB 48 90.82 63.85 30.83
C LYS OB 48 91.14 63.85 32.32
N GLU OB 49 90.11 63.96 33.14
CA GLU OB 49 90.25 64.02 34.60
C GLU OB 49 90.90 62.75 35.18
N TYR OB 50 90.70 61.63 34.51
CA TYR OB 50 91.29 60.36 34.94
C TYR OB 50 92.81 60.37 34.80
N TYR OB 51 93.28 60.85 33.65
CA TYR OB 51 94.71 60.86 33.36
C TYR OB 51 95.44 62.00 34.07
N ARG OB 52 94.74 63.11 34.28
CA ARG OB 52 95.36 64.31 34.87
C ARG OB 52 95.73 64.18 36.36
N LYS OB 53 94.94 63.44 37.14
CA LYS OB 53 95.13 63.39 38.59
C LYS OB 53 95.28 61.97 39.18
N PRO OB 54 96.31 61.23 38.73
CA PRO OB 54 96.53 59.81 39.08
C PRO OB 54 97.05 59.51 40.50
N LEU OB 55 97.78 60.43 41.10
CA LEU OB 55 98.63 60.11 42.25
C LEU OB 55 97.93 59.75 43.57
N ALA OB 56 96.61 59.95 43.64
CA ALA OB 56 95.88 59.73 44.89
C ALA OB 56 95.21 58.35 45.03
N GLU OB 57 95.32 57.51 43.99
CA GLU OB 57 94.64 56.21 43.99
C GLU OB 57 95.58 55.04 43.63
N GLN OB 58 95.71 54.07 44.54
CA GLN OB 58 96.60 52.92 44.34
C GLN OB 58 96.07 51.87 43.34
N THR OB 59 94.83 51.43 43.55
CA THR OB 59 94.27 50.34 42.76
C THR OB 59 94.08 50.76 41.30
N GLU OB 60 93.78 52.03 41.07
CA GLU OB 60 93.60 52.57 39.72
C GLU OB 60 94.94 52.84 39.01
N GLU OB 61 95.94 53.26 39.78
CA GLU OB 61 97.31 53.36 39.28
C GLU OB 61 97.78 52.00 38.78
N GLU OB 62 97.61 50.99 39.63
CA GLU OB 62 97.90 49.60 39.27
C GLU OB 62 97.09 49.16 38.03
N LYS OB 63 95.83 49.58 37.97
CA LYS OB 63 94.93 49.21 36.89
C LYS OB 63 95.32 49.75 35.51
N TYR OB 64 95.59 51.06 35.41
CA TYR OB 64 95.95 51.60 34.10
C TYR OB 64 97.44 51.37 33.79
N GLU OB 65 98.23 51.08 34.84
CA GLU OB 65 99.57 50.54 34.65
C GLU OB 65 99.46 49.24 33.88
N ARG OB 66 98.63 48.33 34.39
CA ARG OB 66 98.35 47.09 33.68
C ARG OB 66 97.68 47.36 32.32
N ASP OB 67 96.96 48.48 32.20
CA ASP OB 67 96.36 48.87 30.92
C ASP OB 67 97.41 49.08 29.82
N PHE OB 68 98.28 50.07 29.98
CA PHE OB 68 99.24 50.38 28.92
C PHE OB 68 100.43 49.42 28.87
N LYS OB 69 100.90 48.96 30.03
CA LYS OB 69 102.10 48.12 30.11
C LYS OB 69 101.83 46.70 29.59
N LYS OB 70 100.56 46.32 29.48
CA LYS OB 70 100.19 45.03 28.89
C LYS OB 70 100.46 45.02 27.40
N THR OB 71 100.89 46.16 26.87
CA THR OB 71 101.12 46.33 25.43
C THR OB 71 99.75 46.18 24.75
N GLN OB 72 98.73 46.76 25.37
CA GLN OB 72 97.35 46.63 24.92
C GLN OB 72 97.00 47.61 23.80
N LEU OB 73 96.50 47.07 22.70
CA LEU OB 73 96.04 47.86 21.57
C LEU OB 73 94.78 48.62 21.96
N ILE OB 74 94.62 49.82 21.41
CA ILE OB 74 93.47 50.65 21.70
C ILE OB 74 92.75 51.05 20.42
N LYS OB 75 91.43 50.88 20.41
CA LYS OB 75 90.59 51.33 19.31
C LYS OB 75 90.72 52.84 19.12
N ALA OB 76 90.72 53.29 17.87
CA ALA OB 76 90.75 54.72 17.55
C ALA OB 76 89.45 55.40 18.01
N ALA OB 77 89.60 56.46 18.80
CA ALA OB 77 88.47 57.20 19.38
C ALA OB 77 87.48 57.70 18.32
N PRO OB 78 86.17 57.51 18.56
CA PRO OB 78 85.11 57.79 17.58
C PRO OB 78 84.96 59.27 17.22
N ALA OB 79 84.38 59.51 16.05
CA ALA OB 79 84.16 60.86 15.54
C ALA OB 79 83.07 61.60 16.33
N THR OB 80 82.09 60.84 16.83
CA THR OB 80 81.00 61.39 17.62
C THR OB 80 81.49 61.86 19.00
N LYS OB 81 82.40 61.09 19.60
CA LYS OB 81 82.88 61.35 20.95
C LYS OB 81 84.12 62.24 20.97
N THR OB 82 84.10 63.24 21.86
CA THR OB 82 85.17 64.24 21.98
C THR OB 82 85.56 64.38 23.46
N SER OB 83 86.66 65.08 23.72
CA SER OB 83 87.11 65.36 25.09
C SER OB 83 86.36 66.58 25.64
N SER OB 84 85.43 67.09 24.82
CA SER OB 84 84.64 68.30 25.11
C SER OB 84 83.99 68.25 26.48
N VAL OB 85 84.03 69.40 27.17
CA VAL OB 85 83.41 69.53 28.48
C VAL OB 85 81.90 69.78 28.31
N PHE OB 86 81.48 70.07 27.08
CA PHE OB 86 80.09 70.42 26.77
C PHE OB 86 79.19 69.30 26.22
N GLU OB 87 79.72 68.08 26.11
CA GLU OB 87 78.93 67.00 25.49
C GLU OB 87 78.30 66.03 26.49
N ASP OB 88 76.99 65.86 26.38
CA ASP OB 88 76.22 64.89 27.14
C ASP OB 88 75.96 63.65 26.29
N PRO OB 89 76.41 62.47 26.78
CA PRO OB 89 76.21 61.19 26.07
C PRO OB 89 74.74 60.90 25.77
N VAL OB 90 73.84 61.36 26.64
CA VAL OB 90 72.39 61.17 26.52
C VAL OB 90 71.79 62.03 25.39
N ILE OB 91 72.23 63.28 25.33
CA ILE OB 91 71.91 64.19 24.24
C ILE OB 91 72.38 63.61 22.91
N SER OB 92 73.58 63.02 22.91
CA SER OB 92 74.16 62.38 21.72
C SER OB 92 73.36 61.14 21.27
N LYS OB 93 72.98 60.30 22.23
CA LYS OB 93 72.14 59.12 21.97
C LYS OB 93 70.79 59.52 21.36
N PHE OB 94 70.14 60.52 21.97
CA PHE OB 94 68.86 61.02 21.49
C PHE OB 94 69.01 61.60 20.07
N THR OB 95 70.13 62.29 19.86
CA THR OB 95 70.47 62.82 18.54
C THR OB 95 70.52 61.71 17.49
N ASN OB 96 71.29 60.66 17.79
CA ASN OB 96 71.38 59.49 16.93
C ASN OB 96 70.02 58.87 16.64
N MET OB 97 69.21 58.77 17.71
CA MET OB 97 67.89 58.14 17.63
C MET OB 97 66.89 58.99 16.84
N MET OB 98 67.18 60.29 16.69
CA MET OB 98 66.35 61.15 15.84
C MET OB 98 66.71 60.98 14.36
N MET OB 99 67.98 60.69 14.12
CA MET OB 99 68.56 60.67 12.77
C MET OB 99 67.83 59.73 11.80
N LYS OB 100 67.47 60.28 10.64
CA LYS OB 100 67.01 59.49 9.51
C LYS OB 100 68.08 59.50 8.42
N GLY OB 101 68.21 58.40 7.69
CA GLY OB 101 69.27 58.26 6.68
C GLY OB 101 70.66 58.33 7.29
N GLY OB 102 71.54 59.11 6.67
CA GLY OB 102 72.88 59.34 7.21
C GLY OB 102 73.10 60.73 7.81
N ASN OB 103 72.03 61.44 8.17
CA ASN OB 103 72.17 62.86 8.54
C ASN OB 103 72.45 63.02 10.03
N LYS OB 104 73.71 63.33 10.33
CA LYS OB 104 74.13 63.75 11.66
C LYS OB 104 73.91 65.26 11.78
N VAL OB 105 74.09 65.93 10.65
CA VAL OB 105 73.95 67.39 10.54
C VAL OB 105 72.53 67.86 10.85
N LEU OB 106 71.53 67.26 10.18
CA LEU OB 106 70.14 67.65 10.34
C LEU OB 106 69.58 67.30 11.74
N ALA OB 107 70.04 66.18 12.30
CA ALA OB 107 69.62 65.70 13.61
C ALA OB 107 70.23 66.50 14.76
N ARG OB 108 71.52 66.83 14.61
CA ARG OB 108 72.24 67.72 15.53
C ARG OB 108 71.62 69.12 15.47
N SER OB 109 71.19 69.49 14.26
CA SER OB 109 70.46 70.72 14.03
C SER OB 109 69.16 70.75 14.87
N LEU OB 110 68.31 69.74 14.71
CA LEU OB 110 67.03 69.66 15.42
C LEU OB 110 67.20 69.53 16.95
N MET OB 111 68.25 68.85 17.39
CA MET OB 111 68.62 68.77 18.81
C MET OB 111 69.01 70.14 19.41
N THR OB 112 69.93 70.82 18.72
CA THR OB 112 70.36 72.19 19.04
C THR OB 112 69.18 73.16 19.15
N GLN OB 113 68.35 73.15 18.11
CA GLN OB 113 67.15 73.97 18.05
C GLN OB 113 66.14 73.66 19.15
N THR OB 114 66.00 72.38 19.50
CA THR OB 114 65.08 71.99 20.59
C THR OB 114 65.59 72.45 21.96
N LEU OB 115 66.90 72.31 22.19
CA LEU OB 115 67.53 72.81 23.41
C LEU OB 115 67.38 74.33 23.56
N GLU OB 116 67.67 75.04 22.47
CA GLU OB 116 67.50 76.49 22.40
C GLU OB 116 66.03 76.92 22.63
N ALA OB 117 65.10 76.15 22.06
CA ALA OB 117 63.66 76.38 22.20
C ALA OB 117 63.16 76.18 23.64
N VAL OB 118 63.67 75.14 24.32
CA VAL OB 118 63.38 74.90 25.75
C VAL OB 118 63.94 76.05 26.63
N LYS OB 119 65.19 76.41 26.37
CA LYS OB 119 65.84 77.56 27.03
C LYS OB 119 64.99 78.83 26.96
N ARG OB 120 64.71 79.29 25.73
CA ARG OB 120 63.94 80.52 25.51
C ARG OB 120 62.48 80.44 25.99
N LYS OB 121 61.88 79.25 25.92
CA LYS OB 121 60.55 79.03 26.49
C LYS OB 121 60.56 79.25 28.01
N GLN OB 122 61.63 78.80 28.66
CA GLN OB 122 61.80 78.97 30.11
C GLN OB 122 62.23 80.38 30.53
N PHE OB 123 62.88 81.11 29.62
CA PHE OB 123 63.18 82.52 29.86
C PHE OB 123 61.89 83.36 29.74
N ALA OB 124 61.11 83.10 28.68
CA ALA OB 124 59.77 83.68 28.51
C ALA OB 124 58.83 83.38 29.70
N LYS OB 125 58.94 82.18 30.25
CA LYS OB 125 58.19 81.83 31.47
C LYS OB 125 58.82 82.49 32.71
N TYR OB 126 60.11 82.79 32.66
CA TYR OB 126 60.82 83.39 33.81
C TYR OB 126 60.52 84.88 33.99
N HIS OB 127 60.56 85.65 32.90
CA HIS OB 127 60.43 87.11 33.01
C HIS OB 127 58.98 87.57 33.19
N ALA OB 128 58.02 86.68 32.92
CA ALA OB 128 56.60 86.99 33.11
C ALA OB 128 56.11 86.54 34.49
N ALA OB 129 57.03 86.04 35.32
CA ALA OB 129 56.70 85.52 36.66
C ALA OB 129 57.11 86.49 37.78
N SER OB 130 56.96 86.03 39.02
CA SER OB 130 57.29 86.81 40.21
C SER OB 130 58.41 86.14 40.99
N ALA OB 131 59.05 86.87 41.92
CA ALA OB 131 60.29 86.47 42.57
C ALA OB 131 60.31 85.02 43.10
N GLU OB 132 59.19 84.57 43.67
CA GLU OB 132 59.03 83.18 44.12
C GLU OB 132 59.22 82.19 42.96
N GLU OB 133 58.44 82.39 41.90
CA GLU OB 133 58.47 81.55 40.71
C GLU OB 133 59.74 81.78 39.87
N GLN OB 134 60.44 82.88 40.15
CA GLN OB 134 61.76 83.12 39.57
C GLN OB 134 62.85 82.36 40.35
N ALA OB 135 62.57 82.04 41.60
CA ALA OB 135 63.42 81.13 42.38
C ALA OB 135 63.16 79.67 42.01
N THR OB 136 61.88 79.34 41.75
CA THR OB 136 61.47 77.96 41.42
C THR OB 136 61.86 77.45 40.02
N ILE OB 137 61.53 78.22 38.97
CA ILE OB 137 61.64 77.78 37.57
C ILE OB 137 63.08 77.47 37.12
N GLU OB 138 63.25 76.34 36.43
CA GLU OB 138 64.55 75.87 35.92
C GLU OB 138 64.79 76.34 34.47
N ARG OB 139 65.89 77.07 34.25
CA ARG OB 139 66.22 77.53 32.89
C ARG OB 139 67.25 76.66 32.16
N ASN OB 140 67.79 75.64 32.82
CA ASN OB 140 68.75 74.73 32.19
C ASN OB 140 68.03 73.68 31.33
N PRO OB 141 68.23 73.73 29.99
CA PRO OB 141 67.59 72.76 29.09
C PRO OB 141 68.15 71.33 29.26
N TYR OB 142 69.36 71.25 29.80
CA TYR OB 142 70.01 69.97 30.10
C TYR OB 142 69.34 69.22 31.27
N THR OB 143 69.14 69.92 32.40
CA THR OB 143 68.48 69.31 33.57
C THR OB 143 66.98 69.04 33.31
N ILE OB 144 66.37 69.83 32.43
CA ILE OB 144 64.99 69.61 31.98
C ILE OB 144 64.89 68.36 31.08
N PHE OB 145 65.85 68.20 30.18
CA PHE OB 145 65.97 66.99 29.36
C PHE OB 145 66.10 65.73 30.22
N HIS OB 146 67.11 65.73 31.09
CA HIS OB 146 67.38 64.59 31.97
C HIS OB 146 66.22 64.27 32.94
N GLN OB 147 65.59 65.30 33.49
CA GLN OB 147 64.43 65.09 34.38
C GLN OB 147 63.19 64.61 33.63
N ALA OB 148 62.92 65.16 32.45
CA ALA OB 148 61.82 64.69 31.59
C ALA OB 148 61.97 63.20 31.25
N LEU OB 149 63.19 62.81 30.83
CA LEU OB 149 63.45 61.40 30.52
C LEU OB 149 63.43 60.46 31.75
N LYS OB 150 63.92 60.92 32.89
CA LYS OB 150 63.82 60.13 34.13
C LYS OB 150 62.35 59.95 34.55
N ASN OB 151 61.55 60.98 34.36
CA ASN OB 151 60.11 60.91 34.64
C ASN OB 151 59.38 60.03 33.61
N CYS OB 152 59.88 59.98 32.38
CA CYS OB 152 59.17 59.25 31.33
C CYS OB 152 59.56 57.78 31.18
N GLU OB 153 60.60 57.35 31.89
CA GLU OB 153 61.08 55.96 31.80
C GLU OB 153 60.19 54.99 32.62
N PRO OB 154 59.81 53.86 32.00
CA PRO OB 154 58.94 52.89 32.69
C PRO OB 154 59.68 52.03 33.74
N VAL OB 155 58.98 51.68 34.82
CA VAL OB 155 59.53 50.85 35.89
C VAL OB 155 59.55 49.36 35.52
N ILE OB 156 58.43 48.91 34.95
CA ILE OB 156 58.18 47.50 34.66
C ILE OB 156 57.70 47.38 33.20
N GLY OB 157 57.65 46.17 32.67
CA GLY OB 157 57.35 45.99 31.26
C GLY OB 157 56.58 44.73 30.94
N LEU OB 158 56.33 44.48 29.66
CA LEU OB 158 55.55 43.31 29.25
C LEU OB 158 56.27 42.48 28.19
N VAL OB 159 56.35 41.17 28.42
CA VAL OB 159 56.87 40.27 27.39
C VAL OB 159 55.79 39.24 27.09
N PRO OB 160 55.59 38.91 25.81
CA PRO OB 160 54.67 37.81 25.48
C PRO OB 160 55.30 36.46 25.78
N ILE OB 161 54.51 35.54 26.35
CA ILE OB 161 55.00 34.20 26.62
C ILE OB 161 53.98 33.19 26.11
N LEU OB 162 54.48 32.16 25.43
CA LEU OB 162 53.63 31.11 24.89
C LEU OB 162 53.46 29.99 25.90
N LYS OB 163 52.20 29.76 26.29
CA LYS OB 163 51.86 28.64 27.14
C LYS OB 163 50.53 28.04 26.68
N GLY OB 164 50.51 26.70 26.56
CA GLY OB 164 49.31 25.99 26.18
C GLY OB 164 48.66 26.48 24.90
N GLY OB 165 49.48 26.90 23.93
CA GLY OB 165 48.98 27.35 22.65
C GLY OB 165 48.30 28.72 22.71
N HIS OB 166 48.60 29.47 23.76
CA HIS OB 166 48.11 30.85 23.86
C HIS OB 166 49.24 31.79 24.25
N PHE OB 167 49.15 33.04 23.79
CA PHE OB 167 50.15 34.05 24.10
C PHE OB 167 49.67 35.00 25.18
N TYR OB 168 50.31 34.93 26.33
CA TYR OB 168 49.93 35.78 27.46
C TYR OB 168 50.96 36.89 27.66
N GLN OB 169 50.47 38.11 27.82
CA GLN OB 169 51.34 39.24 28.14
C GLN OB 169 51.69 39.20 29.63
N VAL OB 170 52.98 39.14 29.93
CA VAL OB 170 53.44 38.89 31.29
C VAL OB 170 54.33 40.04 31.78
N PRO OB 171 54.11 40.50 33.03
CA PRO OB 171 55.00 41.52 33.60
C PRO OB 171 56.45 41.06 33.80
N VAL OB 172 57.36 41.81 33.21
CA VAL OB 172 58.80 41.58 33.31
C VAL OB 172 59.53 42.83 33.84
N PRO OB 173 60.26 42.68 34.95
CA PRO OB 173 61.25 43.68 35.37
C PRO OB 173 62.26 43.96 34.24
N LEU OB 174 62.60 45.24 34.03
CA LEU OB 174 63.47 45.62 32.90
C LEU OB 174 64.86 46.09 33.36
N ALA OB 175 65.86 45.90 32.49
CA ALA OB 175 67.20 46.43 32.72
C ALA OB 175 67.21 47.94 32.49
N ASP OB 176 68.20 48.63 33.06
CA ASP OB 176 68.25 50.10 32.99
C ASP OB 176 68.23 50.63 31.55
N ARG OB 177 69.22 50.21 30.78
CA ARG OB 177 69.41 50.60 29.38
C ARG OB 177 68.14 50.47 28.54
N ARG OB 178 67.39 49.38 28.77
CA ARG OB 178 66.10 49.14 28.12
C ARG OB 178 65.08 50.24 28.46
N ARG OB 179 65.08 50.70 29.72
CA ARG OB 179 64.12 51.70 30.19
C ARG OB 179 64.46 53.11 29.67
N ARG OB 180 65.75 53.44 29.70
CA ARG OB 180 66.24 54.68 29.08
C ARG OB 180 65.86 54.72 27.59
N PHE OB 181 66.20 53.64 26.89
CA PHE OB 181 65.87 53.48 25.48
C PHE OB 181 64.38 53.70 25.24
N LEU OB 182 63.55 53.00 26.00
CA LEU OB 182 62.09 53.11 25.86
C LEU OB 182 61.64 54.55 26.05
N ALA OB 183 62.19 55.23 27.05
CA ALA OB 183 61.87 56.63 27.29
C ALA OB 183 62.14 57.49 26.04
N MET OB 184 63.38 57.46 25.57
CA MET OB 184 63.79 58.27 24.43
C MET OB 184 62.96 57.97 23.17
N LYS OB 185 62.82 56.67 22.89
CA LYS OB 185 62.10 56.19 21.70
C LYS OB 185 60.62 56.59 21.75
N TRP OB 186 60.04 56.60 22.94
CA TRP OB 186 58.65 57.03 23.12
C TRP OB 186 58.51 58.53 22.84
N MET OB 187 59.48 59.29 23.35
CA MET OB 187 59.54 60.72 23.08
C MET OB 187 59.55 61.02 21.57
N ILE OB 188 60.54 60.46 20.86
CA ILE OB 188 60.70 60.69 19.43
C ILE OB 188 59.51 60.15 18.62
N ALA OB 189 58.96 59.02 19.07
CA ALA OB 189 57.78 58.42 18.45
C ALA OB 189 56.60 59.39 18.48
N GLU OB 190 56.31 59.92 19.67
CA GLU OB 190 55.20 60.84 19.81
C GLU OB 190 55.41 62.15 19.06
N CYS OB 191 56.57 62.79 19.25
CA CYS OB 191 56.78 64.09 18.63
C CYS OB 191 57.03 64.01 17.11
N ARG OB 192 57.28 62.81 16.59
CA ARG OB 192 57.23 62.56 15.14
C ARG OB 192 55.79 62.38 14.64
N GLU OB 193 55.04 61.55 15.36
CA GLU OB 193 53.74 61.06 14.90
C GLU OB 193 52.58 62.05 15.04
N LYS OB 194 52.47 62.66 16.21
CA LYS OB 194 51.23 63.33 16.62
C LYS OB 194 51.14 64.84 16.36
N LYS OB 195 52.20 65.44 15.85
CA LYS OB 195 52.19 66.87 15.53
C LYS OB 195 51.43 67.16 14.23
N HIS OB 196 50.94 68.39 14.07
CA HIS OB 196 50.39 68.82 12.78
C HIS OB 196 51.55 69.12 11.82
N ARG OB 197 51.35 68.84 10.53
CA ARG OB 197 52.42 68.92 9.53
C ARG OB 197 53.06 70.31 9.41
N ARG OB 198 52.29 71.36 9.71
CA ARG OB 198 52.81 72.72 9.76
C ARG OB 198 53.87 72.88 10.85
N VAL OB 199 53.60 72.25 12.00
CA VAL OB 199 54.46 72.34 13.17
C VAL OB 199 55.84 71.71 12.94
N LEU OB 200 56.88 72.48 13.30
CA LEU OB 200 58.26 72.01 13.24
C LEU OB 200 58.64 71.12 14.44
N MET OB 201 59.69 70.33 14.24
CA MET OB 201 60.16 69.35 15.23
C MET OB 201 60.67 69.94 16.57
N PRO OB 202 61.59 70.95 16.52
CA PRO OB 202 62.10 71.48 17.80
C PRO OB 202 61.01 72.07 18.69
N GLU OB 203 59.96 72.59 18.05
CA GLU OB 203 58.77 73.12 18.72
C GLU OB 203 58.00 72.04 19.51
N LYS OB 204 57.58 71.00 18.80
CA LYS OB 204 56.82 69.89 19.37
C LYS OB 204 57.65 69.18 20.45
N LEU OB 205 58.92 68.94 20.14
CA LEU OB 205 59.85 68.27 21.06
C LEU OB 205 60.12 69.07 22.35
N SER OB 206 60.32 70.38 22.23
CA SER OB 206 60.48 71.23 23.41
C SER OB 206 59.20 71.25 24.26
N GLN OB 207 58.06 71.36 23.57
CA GLN OB 207 56.73 71.26 24.21
C GLN OB 207 56.62 70.00 25.09
N GLU OB 208 56.93 68.86 24.48
CA GLU OB 208 56.79 67.56 25.16
C GLU OB 208 57.86 67.34 26.23
N LEU OB 209 59.05 67.93 26.05
CA LEU OB 209 60.11 67.88 27.07
C LEU OB 209 59.69 68.62 28.33
N LEU OB 210 59.05 69.77 28.14
CA LEU OB 210 58.57 70.59 29.25
C LEU OB 210 57.29 70.03 29.89
N GLU OB 211 56.48 69.32 29.10
CA GLU OB 211 55.28 68.66 29.62
C GLU OB 211 55.63 67.40 30.41
N ALA OB 212 56.64 66.66 29.94
CA ALA OB 212 57.12 65.44 30.61
C ALA OB 212 58.02 65.78 31.81
N PHE OB 213 58.56 67.00 31.83
CA PHE OB 213 59.22 67.52 33.02
C PHE OB 213 58.20 67.61 34.16
N HIS OB 214 57.00 68.08 33.81
CA HIS OB 214 55.91 68.30 34.77
C HIS OB 214 54.95 67.11 34.88
N ASN OB 215 55.29 66.00 34.22
CA ASN OB 215 54.61 64.70 34.36
C ASN OB 215 53.23 64.62 33.67
N GLN OB 216 52.81 65.72 33.04
CA GLN OB 216 51.47 65.83 32.46
C GLN OB 216 51.38 65.47 30.96
N GLY OB 217 52.51 65.06 30.37
CA GLY OB 217 52.54 64.75 28.95
C GLY OB 217 51.97 63.38 28.58
N PRO OB 218 51.50 63.23 27.33
CA PRO OB 218 50.95 61.97 26.78
C PRO OB 218 51.96 60.81 26.81
N VAL OB 219 53.26 61.14 26.83
CA VAL OB 219 54.32 60.16 26.98
C VAL OB 219 54.26 59.43 28.35
N ILE OB 220 54.02 60.21 29.40
CA ILE OB 220 53.83 59.66 30.75
C ILE OB 220 52.49 58.91 30.86
N LYS OB 221 51.52 59.30 30.04
CA LYS OB 221 50.25 58.56 29.91
C LYS OB 221 50.48 57.18 29.28
N ARG OB 222 51.42 57.12 28.33
CA ARG OB 222 51.84 55.84 27.75
C ARG OB 222 52.53 54.95 28.78
N LYS OB 223 53.49 55.53 29.50
CA LYS OB 223 54.15 54.82 30.62
C LYS OB 223 53.13 54.29 31.66
N HIS OB 224 52.06 55.06 31.88
CA HIS OB 224 50.97 54.67 32.78
C HIS OB 224 50.08 53.55 32.20
N ASP OB 225 49.81 53.60 30.90
CA ASP OB 225 49.13 52.49 30.22
C ASP OB 225 49.93 51.19 30.40
N MET OB 226 51.25 51.30 30.29
CA MET OB 226 52.15 50.18 30.54
C MET OB 226 52.05 49.65 31.97
N HIS OB 227 52.06 50.56 32.95
CA HIS OB 227 52.01 50.15 34.36
C HIS OB 227 50.64 49.53 34.73
N LYS OB 228 49.58 50.03 34.09
CA LYS OB 228 48.22 49.52 34.33
C LYS OB 228 47.98 48.17 33.66
N MET OB 229 48.59 47.98 32.48
CA MET OB 229 48.56 46.69 31.79
C MET OB 229 49.48 45.68 32.49
N ALA OB 230 50.46 46.19 33.23
CA ALA OB 230 51.35 45.33 34.03
C ALA OB 230 50.70 44.91 35.36
N GLU OB 231 49.81 45.74 35.90
CA GLU OB 231 49.02 45.33 37.07
C GLU OB 231 47.81 44.45 36.74
N ALA OB 232 47.14 44.73 35.61
CA ALA OB 232 46.00 43.92 35.18
C ALA OB 232 46.37 42.44 35.04
N ASN OB 233 47.60 42.19 34.61
CA ASN OB 233 48.11 40.84 34.36
C ASN OB 233 48.94 40.22 35.50
N ARG OB 234 49.03 40.90 36.65
CA ARG OB 234 50.04 40.57 37.68
C ARG OB 234 50.12 39.08 38.10
N ALA OB 235 48.98 38.39 38.14
CA ALA OB 235 48.95 36.94 38.42
C ALA OB 235 49.89 36.18 37.47
N LEU OB 236 49.76 36.53 36.19
CA LEU OB 236 50.52 35.90 35.12
C LEU OB 236 52.02 36.06 35.33
N ALA OB 237 52.43 36.85 36.33
CA ALA OB 237 53.86 36.95 36.68
C ALA OB 237 54.47 35.61 37.08
N HIS OB 238 53.64 34.60 37.35
CA HIS OB 238 54.20 33.27 37.66
C HIS OB 238 54.72 32.54 36.41
N TYR OB 239 54.18 32.89 35.24
CA TYR OB 239 54.59 32.26 33.98
C TYR OB 239 56.06 32.54 33.66
N ARG OB 240 56.58 33.64 34.19
CA ARG OB 240 57.97 34.01 33.99
C ARG OB 240 58.90 33.02 34.74
N TRP OB 241 59.81 32.38 34.02
CA TRP OB 241 60.72 31.39 34.61
C TRP OB 241 62.13 31.90 34.93
N TRP OB 242 62.37 33.19 34.69
CA TRP OB 242 63.71 33.75 34.90
C TRP OB 242 63.67 34.96 35.84
N THR PB 70 118.17 7.39 0.80
CA THR PB 70 118.06 8.77 0.34
C THR PB 70 119.29 9.60 0.75
N VAL PB 71 120.35 8.91 1.21
CA VAL PB 71 121.58 9.60 1.63
C VAL PB 71 122.44 9.99 0.44
N ASP PB 72 122.57 9.07 -0.52
CA ASP PB 72 123.29 9.32 -1.76
C ASP PB 72 122.69 10.52 -2.48
N PHE PB 73 121.38 10.64 -2.35
CA PHE PB 73 120.64 11.77 -2.92
C PHE PB 73 121.14 13.09 -2.34
N ILE PB 74 121.17 13.21 -1.01
CA ILE PB 74 121.65 14.43 -0.36
C ILE PB 74 123.12 14.74 -0.67
N LYS PB 75 123.98 13.72 -0.65
CA LYS PB 75 125.39 13.90 -1.04
C LYS PB 75 125.50 14.53 -2.45
N LYS PB 76 124.82 13.90 -3.41
CA LYS PB 76 124.78 14.40 -4.79
C LYS PB 76 124.24 15.84 -4.89
N GLN PB 77 123.09 16.09 -4.24
CA GLN PB 77 122.46 17.41 -4.25
C GLN PB 77 123.39 18.51 -3.71
N ILE PB 78 124.19 18.17 -2.69
CA ILE PB 78 125.16 19.13 -2.15
C ILE PB 78 126.34 19.35 -3.11
N GLU PB 79 126.83 18.27 -3.73
CA GLU PB 79 127.84 18.40 -4.80
C GLU PB 79 127.40 19.38 -5.89
N GLU PB 80 126.22 19.11 -6.46
CA GLU PB 80 125.67 19.90 -7.58
C GLU PB 80 125.23 21.29 -7.14
N PHE PB 81 124.94 21.46 -5.85
CA PHE PB 81 124.67 22.79 -5.29
C PHE PB 81 125.96 23.63 -5.23
N ASN PB 82 127.07 23.00 -4.83
CA ASN PB 82 128.36 23.69 -4.79
C ASN PB 82 128.87 24.06 -6.20
N ILE PB 83 128.82 23.08 -7.10
CA ILE PB 83 129.15 23.30 -8.51
C ILE PB 83 128.29 24.41 -9.12
N GLY PB 84 126.97 24.32 -8.94
CA GLY PB 84 126.04 25.32 -9.43
C GLY PB 84 126.23 26.72 -8.83
N LYS PB 85 126.65 26.77 -7.56
CA LYS PB 85 126.95 28.04 -6.89
C LYS PB 85 128.22 28.67 -7.48
N ARG PB 86 129.19 27.82 -7.83
CA ARG PB 86 130.38 28.27 -8.57
C ARG PB 86 129.98 28.89 -9.92
N HIS PB 87 129.17 28.15 -10.68
CA HIS PB 87 128.66 28.64 -11.97
C HIS PB 87 127.93 29.98 -11.86
N LEU PB 88 126.98 30.07 -10.91
CA LEU PB 88 126.22 31.30 -10.68
C LEU PB 88 127.11 32.48 -10.24
N ALA PB 89 128.09 32.18 -9.41
CA ALA PB 89 129.09 33.16 -9.02
C ALA PB 89 129.88 33.66 -10.24
N ASN PB 90 130.09 32.77 -11.20
CA ASN PB 90 130.81 33.12 -12.44
C ASN PB 90 130.00 34.00 -13.40
N MET PB 91 128.76 33.62 -13.70
CA MET PB 91 127.94 34.40 -14.64
C MET PB 91 127.53 35.77 -14.10
N MET PB 92 127.25 35.84 -12.79
CA MET PB 92 126.86 37.09 -12.16
C MET PB 92 128.05 38.05 -12.02
N GLY PB 93 129.25 37.52 -12.26
CA GLY PB 93 130.47 38.31 -12.23
C GLY PB 93 130.93 38.63 -10.82
N GLU PB 94 130.82 37.65 -9.93
CA GLU PB 94 131.20 37.86 -8.53
C GLU PB 94 132.22 36.83 -8.02
N ASP PB 95 132.87 37.16 -6.91
CA ASP PB 95 133.81 36.27 -6.25
C ASP PB 95 133.08 35.05 -5.69
N PRO PB 96 133.44 33.84 -6.17
CA PRO PB 96 132.77 32.60 -5.72
C PRO PB 96 132.90 32.34 -4.22
N GLU PB 97 133.90 32.94 -3.56
CA GLU PB 97 134.13 32.75 -2.14
C GLU PB 97 133.21 33.61 -1.26
N THR PB 98 132.98 34.86 -1.69
CA THR PB 98 132.20 35.82 -0.90
C THR PB 98 130.71 35.74 -1.23
N PHE PB 99 130.33 34.77 -2.05
CA PHE PB 99 128.93 34.54 -2.41
C PHE PB 99 128.13 34.00 -1.21
N THR PB 100 127.04 34.67 -0.88
CA THR PB 100 126.19 34.30 0.26
C THR PB 100 124.85 33.79 -0.26
N GLN PB 101 123.95 33.38 0.64
CA GLN PB 101 122.62 32.96 0.23
C GLN PB 101 121.83 34.17 -0.26
N GLU PB 102 122.08 35.32 0.37
CA GLU PB 102 121.50 36.60 -0.02
C GLU PB 102 121.74 36.89 -1.50
N ASP PB 103 123.02 36.84 -1.88
CA ASP PB 103 123.47 37.07 -3.25
C ASP PB 103 122.90 36.05 -4.22
N ILE PB 104 122.81 34.79 -3.80
CA ILE PB 104 122.17 33.74 -4.60
C ILE PB 104 120.72 34.16 -4.90
N ASP PB 105 120.04 34.61 -3.86
CA ASP PB 105 118.65 35.05 -3.96
C ASP PB 105 118.47 36.22 -4.95
N ARG PB 106 119.32 37.25 -4.83
CA ARG PB 106 119.29 38.37 -5.77
C ARG PB 106 119.52 37.88 -7.20
N ALA PB 107 120.49 36.97 -7.34
CA ALA PB 107 120.90 36.42 -8.62
C ALA PB 107 119.76 35.69 -9.35
N ILE PB 108 119.09 34.78 -8.66
CA ILE PB 108 117.97 34.05 -9.27
C ILE PB 108 116.74 34.96 -9.42
N ALA PB 109 116.59 35.92 -8.52
CA ALA PB 109 115.51 36.90 -8.62
C ALA PB 109 115.64 37.72 -9.91
N TYR PB 110 116.89 38.00 -10.30
CA TYR PB 110 117.18 38.69 -11.56
C TYR PB 110 117.10 37.78 -12.80
N LEU PB 111 117.69 36.58 -12.70
CA LEU PB 111 117.76 35.67 -13.85
C LEU PB 111 116.41 35.02 -14.18
N PHE PB 112 115.71 34.54 -13.14
CA PHE PB 112 114.36 34.00 -13.30
C PHE PB 112 113.38 34.83 -12.45
N PRO PB 113 112.85 35.90 -13.05
CA PRO PB 113 111.90 36.83 -12.42
C PRO PB 113 110.44 36.35 -12.47
N SER PB 114 110.04 35.50 -11.52
CA SER PB 114 108.66 35.01 -11.51
C SER PB 114 107.80 35.87 -10.61
N GLY PB 115 106.94 36.69 -11.20
CA GLY PB 115 105.86 37.28 -10.43
C GLY PB 115 104.87 36.17 -10.15
N LEU PB 116 104.74 35.84 -8.87
CA LEU PB 116 103.70 34.94 -8.38
C LEU PB 116 103.50 35.38 -6.94
N PHE PB 117 102.26 35.39 -6.48
CA PHE PB 117 101.97 36.00 -5.18
C PHE PB 117 102.39 35.09 -4.02
N GLU PB 118 102.29 33.78 -4.26
CA GLU PB 118 102.83 32.79 -3.33
C GLU PB 118 104.35 32.74 -3.45
N LYS PB 119 105.03 32.97 -2.33
CA LYS PB 119 106.50 33.07 -2.33
C LYS PB 119 107.20 31.71 -2.32
N ARG PB 120 106.45 30.65 -1.98
CA ARG PB 120 107.01 29.32 -1.96
C ARG PB 120 106.95 28.66 -3.36
N ALA PB 121 106.22 29.30 -4.26
CA ALA PB 121 106.10 28.82 -5.65
C ALA PB 121 107.14 29.49 -6.57
N ARG PB 122 108.02 30.31 -6.00
CA ARG PB 122 109.04 31.06 -6.76
C ARG PB 122 110.35 30.27 -6.91
N PRO PB 123 111.16 30.57 -7.96
CA PRO PB 123 112.39 29.79 -8.21
C PRO PB 123 113.36 29.82 -7.03
N ILE PB 124 113.92 28.65 -6.70
CA ILE PB 124 114.80 28.56 -5.55
C ILE PB 124 116.00 27.66 -5.81
N MET PB 125 117.20 28.18 -5.53
CA MET PB 125 118.38 27.34 -5.36
C MET PB 125 118.91 27.57 -3.94
N LYS PB 126 118.79 26.55 -3.10
CA LYS PB 126 119.26 26.63 -1.72
C LYS PB 126 119.98 25.34 -1.34
N HIS PB 127 120.70 25.38 -0.22
CA HIS PB 127 121.40 24.20 0.28
C HIS PB 127 120.39 23.08 0.56
N PRO PB 128 120.65 21.87 0.04
CA PRO PB 128 119.75 20.70 0.13
C PRO PB 128 119.24 20.38 1.55
N GLU PB 129 119.98 20.79 2.59
CA GLU PB 129 119.54 20.55 3.96
C GLU PB 129 118.32 21.41 4.33
N GLU PB 130 118.23 22.60 3.76
CA GLU PB 130 117.11 23.53 4.00
C GLU PB 130 115.89 23.15 3.16
N ILE PB 131 116.16 22.71 1.93
CA ILE PB 131 115.11 22.31 0.98
C ILE PB 131 114.43 20.99 1.40
N PHE PB 132 115.23 19.96 1.64
CA PHE PB 132 114.74 18.63 2.01
C PHE PB 132 114.42 18.53 3.51
N PRO PB 133 113.37 17.76 3.86
CA PRO PB 133 112.98 17.58 5.28
C PRO PB 133 113.93 16.64 6.03
N LYS PB 134 114.07 16.86 7.34
CA LYS PB 134 114.93 16.02 8.18
C LYS PB 134 114.52 14.55 8.12
N GLN PB 135 115.50 13.67 7.98
CA GLN PB 135 115.23 12.25 7.86
C GLN PB 135 115.51 11.48 9.16
N ARG PB 136 114.60 10.57 9.50
CA ARG PB 136 114.84 9.63 10.58
C ARG PB 136 115.96 8.69 10.13
N ALA PB 137 117.00 8.55 10.96
CA ALA PB 137 118.14 7.72 10.58
C ALA PB 137 117.79 6.24 10.64
N ILE PB 138 118.73 5.38 10.23
CA ILE PB 138 118.49 3.94 10.24
C ILE PB 138 118.41 3.43 11.67
N GLN PB 139 117.36 2.68 11.98
CA GLN PB 139 117.04 2.37 13.36
C GLN PB 139 117.73 1.10 13.88
N TRP PB 140 118.33 0.32 12.99
CA TRP PB 140 118.98 -0.92 13.40
C TRP PB 140 120.26 -1.21 12.61
N GLY PB 141 121.07 -2.12 13.14
CA GLY PB 141 122.26 -2.58 12.44
C GLY PB 141 121.89 -3.53 11.31
N GLU PB 142 122.90 -4.09 10.66
CA GLU PB 142 122.67 -5.00 9.55
C GLU PB 142 122.25 -6.40 10.02
N ASP PB 143 122.33 -6.62 11.33
CA ASP PB 143 121.86 -7.87 11.95
C ASP PB 143 120.39 -7.79 12.37
N GLY PB 144 119.84 -6.58 12.34
CA GLY PB 144 118.44 -6.36 12.68
C GLY PB 144 118.19 -5.77 14.05
N ARG PB 145 119.18 -5.88 14.94
CA ARG PB 145 119.04 -5.35 16.29
C ARG PB 145 119.03 -3.83 16.29
N PRO PB 146 117.92 -3.24 16.76
CA PRO PB 146 117.73 -1.79 16.88
C PRO PB 146 118.83 -1.15 17.72
N PHE PB 147 119.22 0.08 17.39
CA PHE PB 147 120.27 0.76 18.13
C PHE PB 147 119.78 1.22 19.51
N HIS PB 148 118.67 1.95 19.53
CA HIS PB 148 118.12 2.45 20.78
C HIS PB 148 117.27 1.38 21.51
N PHE PB 149 117.29 1.39 22.84
CA PHE PB 149 116.58 0.40 23.66
C PHE PB 149 115.07 0.67 23.74
N LEU PB 150 114.67 1.91 23.42
CA LEU PB 150 113.27 2.33 23.45
C LEU PB 150 112.59 2.23 22.08
N PHE PB 151 113.28 1.63 21.12
CA PHE PB 151 112.79 1.52 19.74
C PHE PB 151 111.34 1.01 19.60
N TYR PB 152 111.03 -0.08 20.30
CA TYR PB 152 109.76 -0.76 20.11
C TYR PB 152 108.57 0.01 20.63
N THR PB 153 108.83 1.14 21.29
CA THR PB 153 107.73 2.01 21.73
C THR PB 153 107.05 2.68 20.55
N GLY PB 154 107.78 2.77 19.43
CA GLY PB 154 107.23 3.36 18.23
C GLY PB 154 107.46 4.85 18.24
N LYS PB 155 107.60 5.42 19.44
CA LYS PB 155 108.29 6.69 19.59
C LYS PB 155 109.53 6.47 20.46
N GLN PB 156 110.71 6.45 19.85
CA GLN PB 156 111.93 6.34 20.65
C GLN PB 156 112.42 7.71 21.12
N SER PB 157 112.37 8.72 20.24
CA SER PB 157 112.88 10.04 20.60
C SER PB 157 112.13 10.67 21.77
N TYR PB 158 110.81 10.74 21.64
CA TYR PB 158 109.96 11.38 22.66
C TYR PB 158 110.07 10.69 24.02
N TYR PB 159 110.03 9.37 24.02
CA TYR PB 159 110.06 8.60 25.26
C TYR PB 159 111.47 8.53 25.87
N SER PB 160 112.49 8.70 25.02
CA SER PB 160 113.85 8.90 25.51
C SER PB 160 113.92 10.22 26.27
N LEU PB 161 113.42 11.27 25.62
CA LEU PB 161 113.33 12.60 26.22
C LEU PB 161 112.67 12.52 27.59
N MET PB 162 111.52 11.87 27.65
CA MET PB 162 110.78 11.72 28.91
C MET PB 162 111.54 10.89 29.95
N HIS PB 163 112.22 9.82 29.50
CA HIS PB 163 113.03 8.96 30.37
C HIS PB 163 114.16 9.74 31.06
N ASP PB 164 114.83 10.58 30.28
CA ASP PB 164 115.94 11.38 30.80
C ASP PB 164 115.45 12.53 31.68
N THR PB 165 114.34 13.17 31.29
CA THR PB 165 113.72 14.22 32.11
C THR PB 165 113.34 13.66 33.49
N TYR PB 166 112.71 12.48 33.50
CA TYR PB 166 112.30 11.86 34.76
C TYR PB 166 113.52 11.37 35.55
N GLY PB 167 114.54 10.90 34.85
CA GLY PB 167 115.80 10.53 35.48
C GLY PB 167 116.45 11.70 36.22
N LYS PB 168 116.41 12.89 35.61
CA LYS PB 168 116.94 14.10 36.22
C LYS PB 168 116.05 14.65 37.35
N LEU PB 169 114.74 14.44 37.25
CA LEU PB 169 113.83 14.80 38.35
C LEU PB 169 114.07 13.92 39.58
N LEU PB 170 114.32 12.63 39.34
CA LEU PB 170 114.75 11.69 40.38
C LEU PB 170 116.11 12.08 40.97
N ASP PB 171 117.03 12.50 40.10
CA ASP PB 171 118.34 12.98 40.54
C ASP PB 171 118.23 14.19 41.48
N VAL PB 172 117.48 15.22 41.05
CA VAL PB 172 117.20 16.40 41.88
C VAL PB 172 116.58 16.02 43.22
N GLU PB 173 115.61 15.11 43.20
CA GLU PB 173 114.98 14.65 44.44
C GLU PB 173 115.99 13.98 45.40
N LYS PB 174 116.84 13.10 44.87
CA LYS PB 174 117.88 12.43 45.66
C LYS PB 174 118.88 13.41 46.27
N HIS PB 175 119.52 14.20 45.41
CA HIS PB 175 120.50 15.20 45.82
C HIS PB 175 119.92 16.18 46.85
N HIS PB 176 118.76 16.72 46.55
CA HIS PB 176 118.10 17.69 47.43
C HIS PB 176 117.65 17.05 48.76
N ASN PB 177 117.38 15.74 48.76
CA ASN PB 177 117.05 15.05 50.01
C ASN PB 177 118.30 14.82 50.88
N GLN PB 178 119.40 14.46 50.22
CA GLN PB 178 120.69 14.39 50.90
C GLN PB 178 121.07 15.74 51.51
N LEU PB 179 120.73 16.82 50.80
CA LEU PB 179 120.97 18.18 51.31
C LEU PB 179 119.93 18.60 52.36
N ARG PB 180 118.78 17.92 52.41
CA ARG PB 180 117.82 18.13 53.50
C ARG PB 180 118.31 17.46 54.79
N ALA PB 181 119.00 16.33 54.65
CA ALA PB 181 119.54 15.60 55.80
C ALA PB 181 120.81 16.25 56.39
N LYS PB 182 121.51 17.02 55.57
CA LYS PB 182 122.75 17.70 55.98
C LYS PB 182 122.50 19.15 56.43
N ASP PB 183 121.23 19.54 56.50
CA ASP PB 183 120.80 20.90 56.86
C ASP PB 183 121.27 21.97 55.87
N LEU PB 184 121.13 21.67 54.58
CA LEU PB 184 121.53 22.61 53.53
C LEU PB 184 120.46 22.80 52.46
N LEU PB 185 119.92 24.01 52.35
CA LEU PB 185 119.28 24.38 51.10
C LEU PB 185 120.14 25.47 50.48
N ALA PB 186 120.94 25.09 49.49
CA ALA PB 186 121.91 26.00 48.88
C ALA PB 186 121.43 26.56 47.55
N GLU PB 187 120.28 26.10 47.08
CA GLU PB 187 119.82 26.44 45.74
C GLU PB 187 118.92 27.67 45.73
N LYS PB 188 118.48 28.05 44.53
CA LYS PB 188 117.58 29.18 44.36
C LYS PB 188 116.53 28.84 43.31
N THR PB 189 115.50 29.66 43.21
CA THR PB 189 114.47 29.45 42.21
C THR PB 189 114.80 30.24 40.95
N LYS PB 190 115.15 29.51 39.89
CA LYS PB 190 115.46 30.10 38.58
C LYS PB 190 114.20 30.11 37.72
N ILE PB 191 113.08 29.72 38.32
CA ILE PB 191 111.82 29.54 37.61
C ILE PB 191 111.23 30.83 37.03
N LEU PB 192 111.65 31.99 37.53
CA LEU PB 192 111.16 33.23 36.92
C LEU PB 192 112.20 33.85 36.00
N LYS PB 193 111.99 33.63 34.69
CA LYS PB 193 112.74 34.30 33.64
C LYS PB 193 111.92 35.42 33.02
N ASP PB 194 110.74 35.70 33.59
CA ASP PB 194 109.71 36.57 33.01
C ASP PB 194 110.19 37.91 32.40
N PRO PB 195 111.18 38.60 33.03
CA PRO PB 195 111.70 39.78 32.34
C PRO PB 195 112.43 39.49 31.01
N ILE PB 196 112.97 38.27 30.85
CA ILE PB 196 113.62 37.87 29.59
C ILE PB 196 112.57 37.60 28.50
N GLY PB 197 111.31 37.50 28.93
CA GLY PB 197 110.23 37.11 28.05
C GLY PB 197 110.39 35.66 27.67
N SER PB 198 110.53 34.79 28.68
CA SER PB 198 110.75 33.38 28.43
C SER PB 198 109.44 32.61 28.35
N ARG PB 199 109.38 31.71 27.38
CA ARG PB 199 108.25 30.82 27.21
C ARG PB 199 108.78 29.45 26.83
N TRP PB 200 107.91 28.45 26.90
CA TRP PB 200 108.26 27.12 26.41
C TRP PB 200 108.20 27.04 24.88
N LEU PB 201 108.81 25.98 24.34
CA LEU PB 201 108.67 25.65 22.92
C LEU PB 201 107.19 25.45 22.57
N ILE PB 202 106.81 25.70 21.33
CA ILE PB 202 105.51 25.24 20.86
C ILE PB 202 105.64 23.73 20.59
N LYS PB 203 104.53 23.10 20.24
CA LYS PB 203 104.55 21.67 19.93
C LYS PB 203 105.33 21.46 18.62
N GLU PB 204 105.22 22.45 17.75
CA GLU PB 204 105.92 22.44 16.46
C GLU PB 204 107.44 22.39 16.63
N GLU PB 205 107.95 23.23 17.51
CA GLU PB 205 109.38 23.30 17.80
C GLU PB 205 109.92 22.01 18.41
N LEU PB 206 109.20 21.48 19.38
CA LEU PB 206 109.54 20.21 20.01
C LEU PB 206 109.54 19.08 18.97
N GLU PB 207 108.54 19.12 18.09
CA GLU PB 207 108.37 18.14 17.01
C GLU PB 207 109.54 18.18 16.05
N GLU PB 208 110.04 19.39 15.79
CA GLU PB 208 111.18 19.60 14.92
C GLU PB 208 112.48 19.17 15.60
N MET PB 209 112.54 19.33 16.92
CA MET PB 209 113.74 19.03 17.69
C MET PB 209 114.01 17.52 17.79
N LEU PB 210 112.94 16.73 17.84
CA LEU PB 210 113.05 15.28 17.99
C LEU PB 210 113.00 14.55 16.64
N VAL PB 211 112.76 15.30 15.57
CA VAL PB 211 112.53 14.75 14.22
C VAL PB 211 111.45 13.66 14.26
N GLU PB 212 110.38 13.94 15.00
CA GLU PB 212 109.28 12.98 15.18
C GLU PB 212 107.94 13.69 15.39
N LYS PB 213 106.87 13.14 14.81
CA LYS PB 213 105.52 13.65 15.02
C LYS PB 213 105.10 13.49 16.49
N LEU PB 214 104.27 14.40 16.98
CA LEU PB 214 103.83 14.35 18.38
C LEU PB 214 102.32 14.52 18.50
N SER PB 215 101.82 14.26 19.71
CA SER PB 215 100.41 14.47 20.04
C SER PB 215 100.28 15.59 21.07
N ASP PB 216 99.12 16.24 21.10
CA ASP PB 216 98.89 17.35 22.02
C ASP PB 216 99.06 16.90 23.48
N GLN PB 217 98.57 15.70 23.78
CA GLN PB 217 98.71 15.15 25.12
C GLN PB 217 100.15 14.77 25.44
N ASP PB 218 100.92 14.41 24.40
CA ASP PB 218 102.34 14.10 24.57
C ASP PB 218 103.14 15.33 25.00
N TYR PB 219 103.00 16.37 24.18
CA TYR PB 219 103.60 17.68 24.46
C TYR PB 219 103.17 18.23 25.83
N ALA PB 220 101.88 18.17 26.13
CA ALA PB 220 101.36 18.62 27.42
C ALA PB 220 101.96 17.84 28.60
N GLN PB 221 102.07 16.51 28.43
CA GLN PB 221 102.73 15.65 29.41
C GLN PB 221 104.16 16.09 29.69
N PHE PB 222 104.92 16.24 28.60
CA PHE PB 222 106.32 16.64 28.68
C PHE PB 222 106.49 17.98 29.39
N ILE PB 223 105.76 18.99 28.92
CA ILE PB 223 105.79 20.33 29.49
C ILE PB 223 105.45 20.32 30.98
N ARG PB 224 104.41 19.58 31.35
CA ARG PB 224 104.04 19.43 32.75
C ARG PB 224 105.18 18.83 33.58
N LEU PB 225 105.85 17.81 33.04
CA LEU PB 225 107.00 17.23 33.72
C LEU PB 225 108.15 18.24 33.87
N LEU PB 226 108.34 19.12 32.88
CA LEU PB 226 109.35 20.19 32.97
C LEU PB 226 108.99 21.21 34.06
N GLU PB 227 107.70 21.46 34.22
CA GLU PB 227 107.21 22.31 35.31
C GLU PB 227 107.47 21.67 36.67
N ARG PB 228 107.33 20.34 36.74
CA ARG PB 228 107.71 19.58 37.94
C ARG PB 228 109.20 19.71 38.24
N LEU PB 229 110.03 19.64 37.20
CA LEU PB 229 111.48 19.77 37.36
C LEU PB 229 111.92 21.17 37.84
N SER PB 230 111.43 22.20 37.16
CA SER PB 230 111.83 23.59 37.45
C SER PB 230 111.26 24.13 38.77
N ALA PB 231 110.29 23.43 39.35
CA ALA PB 231 109.67 23.85 40.61
C ALA PB 231 110.48 23.39 41.84
N LEU PB 232 111.50 22.57 41.60
CA LEU PB 232 112.38 22.06 42.65
C LEU PB 232 113.68 22.90 42.72
N PRO PB 233 114.58 22.58 43.69
CA PRO PB 233 115.92 23.15 43.62
C PRO PB 233 116.65 22.83 42.31
N CYS PB 234 117.21 23.86 41.67
CA CYS PB 234 117.80 23.71 40.34
C CYS PB 234 119.30 23.46 40.38
N GLY PB 235 119.73 22.34 39.80
CA GLY PB 235 121.14 22.08 39.61
C GLY PB 235 121.64 22.82 38.40
N ALA PB 236 122.95 22.79 38.17
CA ALA PB 236 123.54 23.46 37.00
C ALA PB 236 123.17 22.72 35.71
N THR PB 237 123.45 21.41 35.70
CA THR PB 237 123.15 20.55 34.56
C THR PB 237 121.64 20.51 34.28
N GLU PB 238 120.86 20.60 35.36
CA GLU PB 238 119.40 20.60 35.26
C GLU PB 238 118.87 21.93 34.68
N GLU PB 239 119.45 23.04 35.12
CA GLU PB 239 119.10 24.35 34.56
C GLU PB 239 119.42 24.42 33.07
N ASP PB 240 120.66 24.07 32.71
CA ASP PB 240 121.07 23.97 31.31
C ASP PB 240 120.14 23.05 30.53
N PHE PB 241 119.68 21.98 31.18
CA PHE PB 241 118.77 21.03 30.55
C PHE PB 241 117.41 21.63 30.22
N VAL PB 242 116.74 22.24 31.20
CA VAL PB 242 115.42 22.83 30.94
C VAL PB 242 115.52 24.09 30.08
N ASN PB 243 116.74 24.59 29.88
CA ASN PB 243 116.90 25.79 29.05
C ASN PB 243 117.07 25.52 27.55
N ARG PB 244 117.14 24.26 27.15
CA ARG PB 244 117.00 23.92 25.74
C ARG PB 244 115.58 24.25 25.29
N PHE PB 245 114.67 24.04 26.22
CA PHE PB 245 113.23 24.06 25.97
C PHE PB 245 112.65 25.45 26.26
N ARG PB 246 113.55 26.36 26.58
CA ARG PB 246 113.22 27.77 26.67
C ARG PB 246 113.33 28.44 25.29
N ARG PB 247 112.38 29.32 25.00
CA ARG PB 247 112.49 30.27 23.91
C ARG PB 247 112.24 31.64 24.52
N SER PB 248 112.69 32.70 23.88
CA SER PB 248 112.45 34.04 24.38
C SER PB 248 111.55 34.81 23.42
N ILE PB 249 110.38 35.22 23.89
CA ILE PB 249 109.48 36.04 23.08
C ILE PB 249 110.18 37.37 22.79
N PRO PB 250 110.10 37.84 21.53
CA PRO PB 250 110.79 39.07 21.11
C PRO PB 250 110.33 40.31 21.86
N ILE PB 251 110.89 41.48 21.50
CA ILE PB 251 110.65 42.72 22.23
C ILE PB 251 109.17 43.03 22.35
N GLN PB 252 108.72 43.23 23.58
CA GLN PB 252 107.38 43.74 23.79
C GLN PB 252 107.45 45.13 24.42
N SER PB 253 107.27 46.13 23.58
CA SER PB 253 107.00 47.49 24.02
C SER PB 253 106.14 48.14 22.94
N LYS PB 254 105.07 48.82 23.35
CA LYS PB 254 104.24 49.52 22.39
C LYS PB 254 104.55 51.01 22.34
N LYS PB 255 105.57 51.42 23.11
CA LYS PB 255 105.99 52.83 23.14
C LYS PB 255 106.23 53.35 21.73
N GLN PB 256 105.73 54.55 21.45
CA GLN PB 256 105.80 55.10 20.11
C GLN PB 256 107.23 55.53 19.79
N LEU PB 257 107.46 55.97 18.55
CA LEU PB 257 108.76 56.54 18.18
C LEU PB 257 108.60 58.04 18.01
N ILE PB 258 109.14 58.80 18.96
CA ILE PB 258 108.97 60.25 18.98
C ILE PB 258 109.69 60.91 17.81
N GLU PB 259 108.94 61.75 17.07
CA GLU PB 259 109.52 62.55 16.00
C GLU PB 259 110.51 63.56 16.60
N PRO PB 260 111.78 63.50 16.16
CA PRO PB 260 112.75 64.51 16.62
C PRO PB 260 112.28 65.93 16.25
N LEU PB 261 112.26 66.83 17.23
CA LEU PB 261 111.77 68.19 16.97
C LEU PB 261 112.68 68.90 15.98
N GLN PB 262 112.11 69.79 15.17
CA GLN PB 262 112.81 70.35 14.03
C GLN PB 262 112.86 71.88 14.07
N TYR PB 263 114.03 72.44 13.79
CA TYR PB 263 114.24 73.89 13.77
C TYR PB 263 114.57 74.36 12.35
N ASP PB 264 113.70 75.18 11.76
CA ASP PB 264 113.80 75.51 10.34
C ASP PB 264 113.84 77.01 10.05
N GLU PB 265 114.87 77.44 9.32
CA GLU PB 265 115.06 78.82 8.87
C GLU PB 265 114.80 79.87 9.95
N GLN PB 266 115.62 79.82 11.00
CA GLN PB 266 115.56 80.76 12.14
C GLN PB 266 114.25 80.63 12.94
N GLY PB 267 113.29 79.89 12.41
CA GLY PB 267 112.07 79.57 13.13
C GLY PB 267 112.32 78.38 14.04
N MET PB 268 111.70 78.39 15.21
CA MET PB 268 111.97 77.37 16.22
C MET PB 268 110.77 76.45 16.47
N ALA PB 269 111.07 75.20 16.82
CA ALA PB 269 110.06 74.25 17.32
C ALA PB 269 108.86 74.05 16.38
N PHE PB 270 109.09 73.38 15.25
CA PHE PB 270 107.97 72.95 14.41
C PHE PB 270 108.02 71.42 14.21
N SER PB 271 106.87 70.77 14.41
CA SER PB 271 106.77 69.32 14.28
C SER PB 271 105.79 68.94 13.16
N ARG PB 272 105.97 67.75 12.61
CA ARG PB 272 105.15 67.27 11.51
C ARG PB 272 104.44 65.97 11.89
N GLY PB 273 103.28 65.73 11.28
CA GLY PB 273 102.56 64.48 11.45
C GLY PB 273 101.68 64.20 10.25
N GLU PB 274 101.40 62.93 10.00
CA GLU PB 274 100.59 62.55 8.85
C GLU PB 274 99.52 61.55 9.24
N GLY PB 275 98.26 61.97 9.15
CA GLY PB 275 97.14 61.08 9.38
C GLY PB 275 96.59 60.53 8.07
N LYS PB 276 96.01 59.34 8.16
CA LYS PB 276 95.26 58.77 7.04
C LYS PB 276 93.97 58.12 7.54
N ARG PB 277 92.85 58.63 7.07
CA ARG PB 277 91.55 58.03 7.37
C ARG PB 277 90.62 58.01 6.15
N LYS PB 278 90.21 56.81 5.73
CA LYS PB 278 89.01 56.63 4.89
C LYS PB 278 89.03 57.48 3.60
N THR PB 279 89.97 57.16 2.71
CA THR PB 279 90.20 57.83 1.41
C THR PB 279 90.78 59.27 1.59
N ALA PB 280 90.90 59.72 2.84
CA ALA PB 280 91.39 61.08 3.14
C ALA PB 280 92.78 61.11 3.80
N LYS PB 281 93.72 61.81 3.14
CA LYS PB 281 95.08 61.99 3.67
C LYS PB 281 95.30 63.39 4.23
N ALA PB 282 95.95 63.49 5.38
CA ALA PB 282 96.23 64.79 5.99
C ALA PB 282 97.69 64.94 6.43
N GLU PB 283 98.34 66.01 5.96
CA GLU PB 283 99.69 66.37 6.39
C GLU PB 283 99.63 67.64 7.24
N VAL PB 284 100.07 67.53 8.50
CA VAL PB 284 99.93 68.62 9.45
C VAL PB 284 101.28 69.08 10.01
N VAL PB 285 101.58 70.37 9.85
CA VAL PB 285 102.76 70.98 10.46
C VAL PB 285 102.32 71.95 11.56
N VAL PB 286 102.79 71.70 12.78
CA VAL PB 286 102.43 72.52 13.93
C VAL PB 286 103.65 73.30 14.48
N TYR PB 287 103.43 74.58 14.76
CA TYR PB 287 104.44 75.44 15.36
C TYR PB 287 104.06 75.71 16.82
N GLY PB 288 104.98 75.46 17.74
CA GLY PB 288 104.75 75.68 19.16
C GLY PB 288 105.02 77.11 19.58
N GLN PB 289 105.61 77.88 18.67
CA GLN PB 289 105.99 79.26 18.91
C GLN PB 289 104.84 80.26 18.64
N GLY PB 290 103.78 79.79 17.99
CA GLY PB 290 102.69 80.67 17.59
C GLY PB 290 101.50 80.69 18.52
N SER PB 291 100.52 81.54 18.20
CA SER PB 291 99.26 81.58 18.96
C SER PB 291 98.28 80.57 18.37
N GLY PB 292 97.13 80.38 19.02
CA GLY PB 292 96.17 79.43 18.48
C GLY PB 292 95.46 79.90 17.21
N ARG PB 293 95.71 79.20 16.11
CA ARG PB 293 94.89 79.25 14.90
C ARG PB 293 95.25 78.04 14.03
N ILE PB 294 94.38 77.68 13.10
CA ILE PB 294 94.65 76.55 12.21
C ILE PB 294 94.30 76.91 10.76
N ASP PB 295 95.26 76.69 9.86
CA ASP PB 295 95.02 76.95 8.45
C ASP PB 295 95.03 75.65 7.63
N VAL PB 296 93.85 75.24 7.17
CA VAL PB 296 93.68 74.00 6.40
C VAL PB 296 93.50 74.30 4.91
N ASN PB 297 94.46 73.85 4.10
CA ASN PB 297 94.49 74.15 2.66
C ASN PB 297 94.40 75.65 2.36
N GLY PB 298 95.13 76.45 3.13
CA GLY PB 298 95.24 77.87 2.88
C GLY PB 298 94.11 78.74 3.41
N VAL PB 299 93.13 78.13 4.07
CA VAL PB 299 91.99 78.87 4.60
C VAL PB 299 91.79 78.56 6.09
N ASP PB 300 91.00 79.40 6.75
CA ASP PB 300 90.72 79.25 8.17
C ASP PB 300 89.91 77.99 8.44
N TYR PB 301 90.13 77.38 9.60
CA TYR PB 301 89.46 76.12 9.94
C TYR PB 301 87.96 76.31 10.13
N LEU PB 302 87.55 77.51 10.52
CA LEU PB 302 86.12 77.82 10.69
C LEU PB 302 85.42 77.89 9.32
N LEU PB 303 86.19 78.24 8.29
CA LEU PB 303 85.68 78.29 6.93
C LEU PB 303 85.64 76.91 6.27
N TYR PB 304 86.68 76.11 6.51
CA TYR PB 304 86.85 74.83 5.83
C TYR PB 304 85.94 73.74 6.42
N PHE PB 305 85.65 73.85 7.71
CA PHE PB 305 84.80 72.89 8.42
C PHE PB 305 83.55 73.57 9.04
N PRO PB 306 82.52 73.86 8.20
CA PRO PB 306 81.30 74.56 8.65
C PRO PB 306 80.53 73.82 9.76
N VAL PB 307 80.65 72.49 9.79
CA VAL PB 307 79.99 71.66 10.80
C VAL PB 307 80.72 71.74 12.15
N THR PB 308 79.96 71.87 13.23
CA THR PB 308 80.51 71.98 14.59
C THR PB 308 81.30 70.72 14.98
N GLN PB 309 80.75 69.57 14.61
CA GLN PB 309 81.33 68.26 14.92
C GLN PB 309 82.80 68.14 14.47
N ASP PB 310 83.08 68.66 13.27
CA ASP PB 310 84.42 68.57 12.67
C ASP PB 310 85.44 69.47 13.38
N ARG PB 311 84.98 70.66 13.79
CA ARG PB 311 85.82 71.59 14.55
C ARG PB 311 86.09 71.04 15.96
N GLU PB 312 85.11 70.34 16.52
CA GLU PB 312 85.29 69.62 17.79
C GLU PB 312 86.32 68.51 17.63
N GLN PB 313 86.28 67.83 16.48
CA GLN PB 313 87.26 66.79 16.16
C GLN PB 313 88.67 67.37 16.09
N LEU PB 314 88.80 68.54 15.47
CA LEU PB 314 90.09 69.24 15.45
C LEU PB 314 90.49 69.75 16.85
N MET PB 315 89.49 69.99 17.70
CA MET PB 315 89.72 70.52 19.05
C MET PB 315 90.13 69.44 20.04
N PHE PB 316 89.76 68.20 19.75
CA PHE PB 316 89.96 67.06 20.66
C PHE PB 316 91.40 66.97 21.22
N PRO PB 317 92.44 66.85 20.36
CA PRO PB 317 93.77 66.57 20.94
C PRO PB 317 94.36 67.74 21.73
N LEU PB 318 94.13 68.96 21.23
CA LEU PB 318 94.57 70.20 21.87
C LEU PB 318 93.89 70.37 23.23
N HIS PB 319 92.57 70.18 23.28
CA HIS PB 319 91.83 70.25 24.52
C HIS PB 319 92.28 69.13 25.48
N PHE PB 320 92.65 67.99 24.91
CA PHE PB 320 93.13 66.86 25.69
C PHE PB 320 94.47 67.20 26.37
N LEU PB 321 95.34 67.92 25.66
CA LEU PB 321 96.64 68.29 26.21
C LEU PB 321 96.67 69.69 26.86
N ASP PB 322 95.54 70.39 26.84
CA ASP PB 322 95.39 71.75 27.38
C ASP PB 322 96.28 72.77 26.66
N ARG PB 323 96.58 72.48 25.39
CA ARG PB 323 97.42 73.31 24.54
C ARG PB 323 96.59 74.30 23.69
N LEU PB 324 95.29 74.40 23.98
CA LEU PB 324 94.30 75.03 23.09
C LEU PB 324 94.66 76.41 22.50
N GLY PB 325 95.43 77.22 23.23
CA GLY PB 325 95.85 78.52 22.74
C GLY PB 325 97.30 78.65 22.31
N LYS PB 326 98.10 77.60 22.56
CA LYS PB 326 99.56 77.69 22.47
C LYS PB 326 100.21 77.29 21.13
N HIS PB 327 99.43 76.77 20.19
CA HIS PB 327 100.02 76.23 18.95
C HIS PB 327 99.36 76.74 17.67
N ASP PB 328 100.17 76.82 16.60
CA ASP PB 328 99.74 77.38 15.32
C ASP PB 328 99.99 76.39 14.17
N MET PB 329 98.92 75.95 13.51
CA MET PB 329 99.03 74.80 12.62
C MET PB 329 98.62 75.07 11.17
N THR PB 330 99.32 74.41 10.25
CA THR PB 330 99.01 74.46 8.82
C THR PB 330 98.84 73.03 8.27
N CYS PB 331 97.81 72.81 7.45
CA CYS PB 331 97.43 71.47 7.03
C CYS PB 331 97.14 71.34 5.53
N ALA PB 332 97.44 70.17 4.98
CA ALA PB 332 97.03 69.81 3.63
C ALA PB 332 96.25 68.50 3.68
N VAL PB 333 94.95 68.57 3.39
CA VAL PB 333 94.09 67.38 3.46
C VAL PB 333 93.31 67.16 2.16
N SER PB 334 93.38 65.93 1.65
CA SER PB 334 92.84 65.58 0.33
C SER PB 334 92.01 64.30 0.37
N GLY PB 335 90.96 64.28 -0.44
CA GLY PB 335 90.13 63.09 -0.59
C GLY PB 335 89.12 62.89 0.52
N GLY PB 336 88.25 61.90 0.36
CA GLY PB 336 87.20 61.61 1.33
C GLY PB 336 86.17 62.72 1.41
N GLY PB 337 85.35 62.69 2.46
CA GLY PB 337 84.36 63.73 2.68
C GLY PB 337 84.83 64.71 3.74
N ARG PB 338 83.89 65.45 4.33
CA ARG PB 338 84.23 66.45 5.34
C ARG PB 338 84.67 65.82 6.67
N SER PB 339 83.94 64.79 7.10
CA SER PB 339 84.23 64.10 8.36
C SER PB 339 85.49 63.22 8.29
N ALA PB 340 85.71 62.63 7.11
CA ALA PB 340 86.93 61.85 6.84
C ALA PB 340 88.19 62.74 6.92
N GLN PB 341 88.03 63.97 6.42
CA GLN PB 341 89.08 64.98 6.48
C GLN PB 341 89.30 65.46 7.92
N ALA PB 342 88.20 65.75 8.62
CA ALA PB 342 88.25 66.10 10.04
C ALA PB 342 89.02 65.05 10.86
N GLY PB 343 88.76 63.78 10.57
CA GLY PB 343 89.41 62.68 11.25
C GLY PB 343 90.89 62.52 10.89
N ALA PB 344 91.19 62.62 9.60
CA ALA PB 344 92.58 62.55 9.12
C ALA PB 344 93.45 63.66 9.73
N VAL PB 345 92.92 64.87 9.74
CA VAL PB 345 93.58 66.03 10.36
C VAL PB 345 93.68 65.87 11.88
N ARG PB 346 92.64 65.28 12.50
CA ARG PB 346 92.67 64.98 13.94
C ARG PB 346 93.86 64.07 14.27
N LEU PB 347 93.97 62.96 13.53
CA LEU PB 347 95.06 61.99 13.71
C LEU PB 347 96.44 62.61 13.45
N ALA PB 348 96.56 63.31 12.32
CA ALA PB 348 97.82 63.96 11.94
C ALA PB 348 98.29 64.96 13.01
N MET PB 349 97.34 65.79 13.45
CA MET PB 349 97.55 66.77 14.52
C MET PB 349 98.00 66.10 15.82
N ALA PB 350 97.32 65.02 16.20
CA ALA PB 350 97.67 64.26 17.39
C ALA PB 350 99.09 63.70 17.32
N ARG PB 351 99.45 63.14 16.16
CA ARG PB 351 100.79 62.59 15.95
C ARG PB 351 101.86 63.68 15.86
N ALA PB 352 101.43 64.90 15.52
CA ALA PB 352 102.33 66.05 15.43
C ALA PB 352 102.64 66.69 16.80
N LEU PB 353 101.68 66.57 17.73
CA LEU PB 353 101.80 67.19 19.05
C LEU PB 353 102.59 66.33 20.04
N CYS PB 354 103.08 65.18 19.57
CA CYS PB 354 103.83 64.23 20.39
C CYS PB 354 105.32 64.60 20.55
N SER PB 355 105.80 65.50 19.69
CA SER PB 355 107.16 66.03 19.79
C SER PB 355 107.26 67.12 20.87
N PHE PB 356 106.17 67.86 21.06
CA PHE PB 356 106.13 68.97 22.03
C PHE PB 356 105.81 68.56 23.47
N VAL PB 357 105.25 67.37 23.64
CA VAL PB 357 104.72 66.96 24.94
C VAL PB 357 105.66 65.95 25.64
N THR PB 358 105.35 65.63 26.90
CA THR PB 358 106.16 64.68 27.68
C THR PB 358 105.83 63.23 27.30
N GLU PB 359 106.74 62.31 27.62
CA GLU PB 359 106.59 60.91 27.22
C GLU PB 359 105.39 60.20 27.89
N ASP PB 360 104.88 60.75 28.99
CA ASP PB 360 103.72 60.20 29.68
C ASP PB 360 102.39 60.56 28.97
N GLU PB 361 102.27 61.83 28.58
CA GLU PB 361 101.06 62.31 27.89
C GLU PB 361 100.90 61.72 26.48
N VAL PB 362 102.00 61.20 25.92
CA VAL PB 362 101.95 60.42 24.68
C VAL PB 362 101.18 59.11 24.91
N GLU PB 363 101.51 58.43 26.01
CA GLU PB 363 100.79 57.23 26.43
C GLU PB 363 99.33 57.56 26.75
N TRP PB 364 99.10 58.73 27.35
CA TRP PB 364 97.74 59.19 27.64
C TRP PB 364 96.90 59.44 26.37
N MET PB 365 97.53 59.99 25.33
CA MET PB 365 96.87 60.21 24.05
C MET PB 365 96.59 58.89 23.32
N ARG PB 366 97.53 57.95 23.43
CA ARG PB 366 97.34 56.61 22.85
C ARG PB 366 96.17 55.91 23.55
N GLN PB 367 96.04 56.11 24.86
CA GLN PB 367 95.03 55.42 25.67
C GLN PB 367 93.67 56.11 25.56
N ALA PB 368 93.65 57.31 24.96
CA ALA PB 368 92.41 57.99 24.61
C ALA PB 368 92.02 57.68 23.17
N GLY PB 369 92.91 56.99 22.47
CA GLY PB 369 92.67 56.56 21.10
C GLY PB 369 92.96 57.60 20.03
N LEU PB 370 93.81 58.57 20.36
CA LEU PB 370 94.15 59.66 19.44
C LEU PB 370 95.20 59.29 18.38
N LEU PB 371 96.11 58.40 18.76
CA LEU PB 371 97.29 58.07 17.95
C LEU PB 371 97.11 56.90 17.00
N THR PB 372 96.00 56.17 17.13
CA THR PB 372 95.76 55.00 16.26
C THR PB 372 94.95 55.42 15.04
N ALA PB 373 95.40 54.98 13.86
CA ALA PB 373 94.64 55.15 12.63
C ALA PB 373 93.33 54.36 12.76
N ASP PB 374 92.27 54.84 12.11
CA ASP PB 374 90.98 54.16 12.17
C ASP PB 374 90.82 53.20 10.99
N PRO PB 375 90.93 51.88 11.25
CA PRO PB 375 90.94 50.86 10.18
C PRO PB 375 89.62 50.76 9.41
N ARG PB 376 88.56 51.33 9.97
CA ARG PB 376 87.21 51.18 9.41
C ARG PB 376 87.07 51.91 8.07
N VAL PB 377 86.72 51.13 7.05
CA VAL PB 377 86.82 51.50 5.64
C VAL PB 377 85.65 50.87 4.91
N ARG PB 378 85.17 51.50 3.83
CA ARG PB 378 84.09 50.91 3.03
C ARG PB 378 84.42 49.51 2.51
N GLU PB 379 83.48 48.58 2.69
CA GLU PB 379 83.57 47.21 2.17
C GLU PB 379 83.10 47.11 0.73
N ARG PB 380 83.73 46.23 -0.04
CA ARG PB 380 83.39 46.04 -1.45
C ARG PB 380 82.02 45.39 -1.62
N LYS PB 381 81.22 45.88 -2.56
CA LYS PB 381 79.97 45.21 -2.90
C LYS PB 381 80.27 43.80 -3.45
N LYS PB 382 79.41 42.84 -3.15
CA LYS PB 382 79.61 41.45 -3.59
C LYS PB 382 78.51 41.04 -4.57
N PRO PB 383 78.87 40.19 -5.57
CA PRO PB 383 77.92 39.79 -6.63
C PRO PB 383 76.82 38.87 -6.11
N GLY PB 384 75.58 39.12 -6.50
CA GLY PB 384 74.46 38.34 -6.00
C GLY PB 384 73.82 38.97 -4.78
N GLN PB 385 74.52 39.96 -4.20
CA GLN PB 385 73.97 40.74 -3.09
C GLN PB 385 73.68 42.15 -3.58
N GLU PB 386 73.24 42.99 -2.66
CA GLU PB 386 73.06 44.40 -2.95
C GLU PB 386 74.22 45.23 -2.34
N GLY PB 387 74.31 45.26 -1.02
CA GLY PB 387 75.18 46.21 -0.33
C GLY PB 387 76.47 45.75 0.34
N ALA PB 388 77.02 44.61 -0.08
CA ALA PB 388 78.20 43.97 0.55
C ALA PB 388 77.82 43.26 1.84
N ARG PB 389 76.65 43.58 2.36
CA ARG PB 389 76.00 42.86 3.45
C ARG PB 389 74.57 42.59 3.02
N ARG PB 390 73.84 43.66 2.72
CA ARG PB 390 72.46 43.59 2.24
C ARG PB 390 72.30 42.57 1.10
N LYS PB 391 71.30 41.70 1.24
CA LYS PB 391 71.04 40.63 0.27
C LYS PB 391 69.77 40.91 -0.50
N PHE PB 392 69.69 40.38 -1.71
CA PHE PB 392 68.45 40.46 -2.47
C PHE PB 392 67.32 39.77 -1.68
N THR PB 393 66.09 40.21 -1.93
CA THR PB 393 64.92 39.65 -1.26
C THR PB 393 64.82 38.13 -1.46
N TRP PB 394 64.78 37.38 -0.35
CA TRP PB 394 64.77 35.92 -0.41
C TRP PB 394 63.35 35.38 -0.35
N LYS PB 395 62.94 34.68 -1.42
CA LYS PB 395 61.61 34.10 -1.47
C LYS PB 395 61.60 32.64 -0.99
N LYS PB 396 60.80 32.40 0.06
CA LYS PB 396 60.60 31.06 0.61
C LYS PB 396 59.95 30.13 -0.42
N ARG PB 397 58.75 30.52 -0.86
CA ARG PB 397 57.99 29.75 -1.85
C ARG PB 397 57.60 30.65 -3.04
N LEU QB 50 138.31 26.21 -20.16
CA LEU QB 50 139.55 26.62 -20.82
C LEU QB 50 139.37 26.67 -22.33
N HIS QB 51 139.28 27.88 -22.89
CA HIS QB 51 139.04 28.04 -24.33
C HIS QB 51 140.33 28.41 -25.08
N VAL QB 52 140.86 27.44 -25.81
CA VAL QB 52 142.11 27.56 -26.57
C VAL QB 52 141.97 28.18 -27.96
N ASP QB 53 140.92 27.79 -28.67
CA ASP QB 53 140.79 28.10 -30.09
C ASP QB 53 140.14 29.47 -30.24
N VAL QB 54 140.91 30.42 -30.73
CA VAL QB 54 140.44 31.80 -30.81
C VAL QB 54 140.36 32.26 -32.27
N PRO QB 55 139.15 32.57 -32.75
CA PRO QB 55 139.03 33.18 -34.08
C PRO QB 55 139.79 34.51 -34.13
N LYS QB 56 140.58 34.71 -35.18
CA LYS QB 56 141.44 35.89 -35.28
C LYS QB 56 140.79 36.97 -36.16
N ASP QB 57 140.86 38.23 -35.71
CA ASP QB 57 140.29 39.38 -36.41
C ASP QB 57 138.79 39.21 -36.67
N MET QB 58 138.01 39.27 -35.59
CA MET QB 58 136.59 38.96 -35.65
C MET QB 58 135.68 40.18 -35.83
N THR QB 59 136.25 41.38 -35.83
CA THR QB 59 135.45 42.60 -35.74
C THR QB 59 135.42 43.42 -37.03
N LYS QB 60 134.21 43.73 -37.51
CA LYS QB 60 134.04 44.62 -38.66
C LYS QB 60 132.79 45.53 -38.52
N PRO QB 61 132.86 46.57 -37.67
CA PRO QB 61 131.78 47.54 -37.52
C PRO QB 61 131.71 48.56 -38.67
N GLU QB 62 130.51 48.97 -39.05
CA GLU QB 62 130.34 49.99 -40.09
C GLU QB 62 129.61 51.23 -39.57
N ILE QB 63 130.32 52.35 -39.47
CA ILE QB 63 129.73 53.61 -39.04
C ILE QB 63 130.22 54.75 -39.94
N THR QB 64 129.28 55.61 -40.36
CA THR QB 64 129.63 56.78 -41.17
C THR QB 64 129.22 58.05 -40.42
N ILE QB 65 129.89 59.16 -40.69
CA ILE QB 65 129.52 60.44 -40.10
C ILE QB 65 129.01 61.42 -41.16
N SER QB 66 127.70 61.67 -41.14
CA SER QB 66 127.10 62.67 -42.02
C SER QB 66 127.33 64.06 -41.43
N ASP QB 67 127.42 65.07 -42.29
CA ASP QB 67 127.74 66.43 -41.88
C ASP QB 67 126.59 67.10 -41.13
N GLU QB 68 125.45 66.42 -41.07
CA GLU QB 68 124.23 66.99 -40.50
C GLU QB 68 124.28 67.11 -38.97
N PRO QB 69 123.62 68.15 -38.42
CA PRO QB 69 123.54 68.51 -37.00
C PRO QB 69 122.60 67.59 -36.20
N ASP QB 70 123.12 66.48 -35.68
CA ASP QB 70 122.32 65.41 -35.05
C ASP QB 70 121.28 65.92 -34.02
N THR QB 71 120.09 65.33 -34.08
CA THR QB 71 118.94 65.78 -33.29
C THR QB 71 119.18 65.62 -31.79
N LEU QB 72 118.85 66.68 -31.04
CA LEU QB 72 119.02 66.69 -29.58
C LEU QB 72 117.71 66.35 -28.86
N TYR QB 73 117.81 65.57 -27.80
CA TYR QB 73 116.65 65.19 -27.00
C TYR QB 73 116.81 65.72 -25.58
N LYS QB 74 115.93 66.64 -25.20
CA LYS QB 74 115.97 67.26 -23.88
C LYS QB 74 115.67 66.21 -22.81
N ARG QB 75 114.63 65.42 -23.07
CA ARG QB 75 114.18 64.36 -22.17
C ARG QB 75 113.60 63.18 -22.97
N LEU QB 76 113.88 61.96 -22.50
CA LEU QB 76 113.33 60.75 -23.12
C LEU QB 76 112.67 59.88 -22.05
N SER QB 77 111.35 59.74 -22.12
CA SER QB 77 110.61 58.86 -21.20
C SER QB 77 110.24 57.54 -21.86
N VAL QB 78 110.64 56.45 -21.21
CA VAL QB 78 110.34 55.09 -21.64
C VAL QB 78 109.43 54.43 -20.59
N LEU QB 79 108.18 54.15 -20.96
CA LEU QB 79 107.20 53.57 -20.04
C LEU QB 79 106.93 52.10 -20.36
N VAL QB 80 107.42 51.21 -19.51
CA VAL QB 80 107.19 49.78 -19.68
C VAL QB 80 105.98 49.32 -18.87
N LYS QB 81 104.97 48.86 -19.58
CA LYS QB 81 103.80 48.24 -18.98
C LYS QB 81 104.05 46.74 -18.92
N GLY QB 82 103.60 46.09 -17.85
CA GLY QB 82 103.78 44.67 -17.67
C GLY QB 82 102.65 44.03 -16.89
N HIS QB 83 102.65 42.70 -16.80
CA HIS QB 83 101.66 42.00 -16.00
C HIS QB 83 102.25 41.68 -14.63
N ASP QB 84 103.32 40.89 -14.59
CA ASP QB 84 104.00 40.57 -13.34
C ASP QB 84 105.17 41.53 -13.02
N LYS QB 85 105.34 41.81 -11.72
CA LYS QB 85 106.28 42.80 -11.21
C LYS QB 85 107.76 42.43 -11.39
N ALA QB 86 108.11 41.19 -11.07
CA ALA QB 86 109.50 40.73 -11.08
C ALA QB 86 110.21 40.96 -12.42
N VAL QB 87 109.48 40.72 -13.52
CA VAL QB 87 110.02 40.93 -14.87
C VAL QB 87 110.36 42.42 -15.10
N LEU QB 88 109.47 43.31 -14.64
CA LEU QB 88 109.71 44.76 -14.76
C LEU QB 88 110.84 45.24 -13.83
N ASP QB 89 111.07 44.50 -12.73
CA ASP QB 89 112.19 44.76 -11.83
C ASP QB 89 113.56 44.39 -12.45
N SER QB 90 113.65 43.17 -12.99
CA SER QB 90 114.89 42.72 -13.64
C SER QB 90 115.16 43.51 -14.93
N TYR QB 91 114.08 43.96 -15.58
CA TYR QB 91 114.17 44.79 -16.77
C TYR QB 91 114.61 46.22 -16.46
N GLU QB 92 114.13 46.73 -15.32
CA GLU QB 92 114.57 48.04 -14.84
C GLU QB 92 116.06 48.01 -14.43
N TYR QB 93 116.46 46.94 -13.74
CA TYR QB 93 117.87 46.72 -13.41
C TYR QB 93 118.73 46.68 -14.69
N PHE QB 94 118.33 45.83 -15.64
CA PHE QB 94 119.03 45.71 -16.92
C PHE QB 94 119.14 47.05 -17.68
N ALA QB 95 118.02 47.77 -17.76
CA ALA QB 95 117.98 49.07 -18.44
C ALA QB 95 118.85 50.14 -17.77
N VAL QB 96 118.77 50.22 -16.44
CA VAL QB 96 119.60 51.17 -15.66
C VAL QB 96 121.09 50.84 -15.83
N LEU QB 97 121.45 49.56 -15.78
CA LEU QB 97 122.85 49.14 -15.98
C LEU QB 97 123.35 49.51 -17.40
N ALA QB 98 122.55 49.18 -18.42
CA ALA QB 98 122.84 49.54 -19.80
C ALA QB 98 122.91 51.06 -20.05
N ALA QB 99 122.23 51.84 -19.21
CA ALA QB 99 122.31 53.32 -19.27
C ALA QB 99 123.53 53.89 -18.52
N LYS QB 100 123.96 53.20 -17.47
CA LYS QB 100 125.15 53.61 -16.70
C LYS QB 100 126.45 53.25 -17.44
N GLU QB 101 126.38 52.22 -18.29
CA GLU QB 101 127.51 51.83 -19.12
C GLU QB 101 127.73 52.78 -20.32
N LEU QB 102 126.65 53.39 -20.82
CA LEU QB 102 126.76 54.39 -21.89
C LEU QB 102 126.77 55.82 -21.34
N GLY QB 103 126.75 55.95 -20.00
CA GLY QB 103 126.77 57.24 -19.32
C GLY QB 103 125.61 58.16 -19.67
N ILE QB 104 124.40 57.61 -19.69
CA ILE QB 104 123.21 58.31 -20.18
C ILE QB 104 122.44 59.05 -19.05
N SER QB 105 122.81 58.79 -17.79
CA SER QB 105 122.30 59.54 -16.62
C SER QB 105 120.76 59.52 -16.46
N ILE QB 106 120.22 58.37 -16.03
CA ILE QB 106 118.77 58.18 -15.97
C ILE QB 106 118.19 58.04 -14.54
N LYS QB 107 116.91 58.40 -14.41
CA LYS QB 107 116.13 58.19 -13.17
C LYS QB 107 115.03 57.16 -13.43
N VAL QB 108 114.59 56.45 -12.39
CA VAL QB 108 113.49 55.49 -12.55
C VAL QB 108 112.46 55.65 -11.43
N HIS QB 109 111.18 55.75 -11.81
CA HIS QB 109 110.12 55.76 -10.80
C HIS QB 109 109.00 54.79 -11.20
N GLU QB 110 108.09 54.54 -10.27
CA GLU QB 110 107.03 53.57 -10.49
C GLU QB 110 105.64 54.23 -10.51
N PRO QB 111 105.03 54.30 -11.70
CA PRO QB 111 103.65 54.82 -11.85
C PRO QB 111 102.64 53.86 -11.24
N PRO QB 112 101.60 54.39 -10.56
CA PRO QB 112 100.57 53.56 -9.90
C PRO QB 112 99.96 52.48 -10.82
N ARG QB 113 99.73 51.29 -10.26
CA ARG QB 113 99.24 50.13 -11.03
C ARG QB 113 97.75 50.24 -11.35
N LYS QB 114 97.34 49.64 -12.47
CA LYS QB 114 95.94 49.65 -12.88
C LYS QB 114 95.35 48.24 -12.92
N ILE QB 115 94.30 48.02 -12.12
CA ILE QB 115 93.62 46.73 -12.10
C ILE QB 115 92.22 46.84 -12.69
N GLU QB 116 92.02 46.19 -13.82
CA GLU QB 116 90.70 46.13 -14.45
C GLU QB 116 89.96 44.86 -14.02
N ARG QB 117 88.76 45.04 -13.49
CA ARG QB 117 87.95 43.92 -13.04
C ARG QB 117 86.69 43.81 -13.88
N PHE QB 118 86.22 42.59 -14.12
CA PHE QB 118 84.93 42.40 -14.78
C PHE QB 118 84.25 41.08 -14.41
N THR QB 119 82.92 41.05 -14.58
CA THR QB 119 82.10 39.97 -14.04
C THR QB 119 81.40 39.15 -15.14
N LEU QB 120 81.48 37.83 -15.03
CA LEU QB 120 80.79 36.91 -15.94
C LEU QB 120 79.88 35.97 -15.15
N LEU QB 121 78.95 35.31 -15.84
CA LEU QB 121 78.13 34.30 -15.18
C LEU QB 121 78.90 32.98 -15.01
N LYS QB 122 78.75 32.38 -13.84
CA LYS QB 122 79.45 31.15 -13.46
C LYS QB 122 78.83 29.92 -14.15
N SER QB 123 77.51 29.97 -14.32
CA SER QB 123 76.72 28.88 -14.88
C SER QB 123 76.55 28.99 -16.39
N VAL QB 124 76.54 27.84 -17.06
CA VAL QB 124 76.14 27.77 -18.47
C VAL QB 124 74.72 28.32 -18.69
N HIS QB 125 73.74 27.85 -17.92
CA HIS QB 125 72.39 28.31 -18.22
C HIS QB 125 71.82 29.35 -17.24
N ILE QB 126 71.21 28.94 -16.13
CA ILE QB 126 70.60 29.97 -15.27
C ILE QB 126 70.84 29.89 -13.77
N PHE QB 127 71.80 30.66 -13.26
CA PHE QB 127 71.80 31.15 -11.89
C PHE QB 127 72.44 32.51 -11.93
N LYS QB 128 71.67 33.57 -11.69
CA LYS QB 128 72.25 34.90 -11.89
C LYS QB 128 72.83 35.44 -10.59
N LYS QB 129 72.57 34.73 -9.49
CA LYS QB 129 73.12 35.11 -8.20
C LYS QB 129 74.61 34.76 -8.13
N HIS QB 130 75.06 33.93 -9.07
CA HIS QB 130 76.42 33.43 -9.04
C HIS QB 130 77.27 33.92 -10.21
N ARG QB 131 78.42 34.47 -9.87
CA ARG QB 131 79.30 35.12 -10.84
C ARG QB 131 80.76 34.70 -10.66
N VAL QB 132 81.57 34.89 -11.71
CA VAL QB 132 83.02 34.78 -11.58
C VAL QB 132 83.63 36.13 -11.93
N GLN QB 133 84.57 36.57 -11.09
CA GLN QB 133 85.19 37.88 -11.26
C GLN QB 133 86.64 37.75 -11.73
N TYR QB 134 86.97 38.43 -12.82
CA TYR QB 134 88.31 38.34 -13.39
C TYR QB 134 89.05 39.68 -13.35
N GLU QB 135 90.37 39.56 -13.22
CA GLU QB 135 91.28 40.70 -13.12
C GLU QB 135 92.22 40.77 -14.32
N MET QB 136 92.68 41.98 -14.60
CA MET QB 136 93.87 42.21 -15.43
C MET QB 136 94.69 43.28 -14.73
N ARG QB 137 95.90 42.93 -14.31
CA ARG QB 137 96.76 43.87 -13.60
C ARG QB 137 97.90 44.38 -14.51
N THR QB 138 97.88 45.68 -14.80
CA THR QB 138 98.96 46.32 -15.54
C THR QB 138 99.82 47.15 -14.57
N LEU QB 139 101.10 46.80 -14.53
CA LEU QB 139 102.07 47.46 -13.65
C LEU QB 139 103.01 48.30 -14.51
N TYR QB 140 103.54 49.39 -13.94
CA TYR QB 140 104.36 50.31 -14.73
C TYR QB 140 105.76 50.57 -14.17
N ARG QB 141 106.71 50.66 -15.08
CA ARG QB 141 108.03 51.23 -14.76
C ARG QB 141 108.25 52.43 -15.69
N CYS QB 142 108.74 53.54 -15.14
CA CYS QB 142 109.11 54.67 -15.98
C CYS QB 142 110.59 55.01 -15.85
N LEU QB 143 111.30 54.78 -16.97
CA LEU QB 143 112.70 55.14 -17.13
C LEU QB 143 112.79 56.53 -17.79
N GLU QB 144 113.24 57.51 -17.01
CA GLU QB 144 113.35 58.88 -17.47
C GLU QB 144 114.82 59.25 -17.69
N LEU QB 145 115.20 59.37 -18.97
CA LEU QB 145 116.59 59.70 -19.33
C LEU QB 145 116.64 61.19 -19.70
N GLU QB 146 117.73 61.85 -19.36
CA GLU QB 146 117.83 63.29 -19.64
C GLU QB 146 119.12 63.65 -20.36
N HIS QB 147 119.03 64.69 -21.19
CA HIS QB 147 120.17 65.23 -21.94
C HIS QB 147 120.82 64.15 -22.81
N LEU QB 148 120.10 63.74 -23.86
CA LEU QB 148 120.59 62.73 -24.81
C LEU QB 148 120.68 63.28 -26.23
N THR QB 149 121.52 62.65 -27.05
CA THR QB 149 121.62 62.99 -28.47
C THR QB 149 120.82 61.98 -29.30
N GLY QB 150 120.79 62.16 -30.63
CA GLY QB 150 119.99 61.31 -31.50
C GLY QB 150 120.58 59.92 -31.68
N SER QB 151 121.89 59.86 -31.93
CA SER QB 151 122.60 58.59 -32.09
C SER QB 151 122.54 57.74 -30.81
N THR QB 152 122.88 58.35 -29.68
CA THR QB 152 122.80 57.66 -28.39
C THR QB 152 121.37 57.16 -28.12
N ALA QB 153 120.38 57.98 -28.49
CA ALA QB 153 118.97 57.62 -28.35
C ALA QB 153 118.61 56.38 -29.18
N ASP QB 154 119.03 56.37 -30.45
CA ASP QB 154 118.74 55.22 -31.33
C ASP QB 154 119.48 53.92 -30.95
N VAL QB 155 120.73 54.05 -30.47
CA VAL QB 155 121.49 52.89 -29.96
C VAL QB 155 120.84 52.31 -28.69
N TYR QB 156 120.62 53.17 -27.70
CA TYR QB 156 120.02 52.75 -26.43
C TYR QB 156 118.61 52.17 -26.61
N LEU QB 157 117.80 52.83 -27.44
CA LEU QB 157 116.45 52.34 -27.73
C LEU QB 157 116.46 51.05 -28.55
N GLU QB 158 117.40 50.89 -29.48
CA GLU QB 158 117.55 49.61 -30.19
C GLU QB 158 117.91 48.46 -29.22
N TYR QB 159 118.98 48.65 -28.46
CA TYR QB 159 119.46 47.66 -27.47
C TYR QB 159 118.36 47.26 -26.51
N ILE QB 160 117.70 48.27 -25.93
CA ILE QB 160 116.62 48.07 -24.98
C ILE QB 160 115.41 47.35 -25.62
N GLN QB 161 114.99 47.79 -26.81
CA GLN QB 161 113.82 47.23 -27.48
C GLN QB 161 114.02 45.79 -27.98
N ARG QB 162 115.26 45.42 -28.31
CA ARG QB 162 115.59 44.04 -28.66
C ARG QB 162 115.36 43.08 -27.48
N ASN QB 163 115.70 43.58 -26.28
CA ASN QB 163 115.67 42.79 -25.05
C ASN QB 163 114.37 42.90 -24.23
N LEU QB 164 113.36 43.55 -24.80
CA LEU QB 164 112.01 43.61 -24.23
C LEU QB 164 111.43 42.19 -24.06
N PRO QB 165 111.04 41.83 -22.83
CA PRO QB 165 110.38 40.54 -22.54
C PRO QB 165 109.01 40.39 -23.24
N GLU QB 166 108.61 39.15 -23.51
CA GLU QB 166 107.42 38.84 -24.30
C GLU QB 166 106.10 39.39 -23.74
N GLY QB 167 106.00 39.45 -22.41
CA GLY QB 167 104.76 39.83 -21.76
C GLY QB 167 104.64 41.31 -21.44
N VAL QB 168 105.65 42.11 -21.78
CA VAL QB 168 105.63 43.54 -21.49
C VAL QB 168 105.55 44.38 -22.79
N ALA QB 169 104.98 45.59 -22.66
CA ALA QB 169 104.87 46.55 -23.76
C ALA QB 169 105.61 47.83 -23.37
N MET QB 170 105.96 48.66 -24.37
CA MET QB 170 106.73 49.88 -24.10
C MET QB 170 106.28 51.09 -24.92
N GLU QB 171 106.15 52.23 -24.23
CA GLU QB 171 105.79 53.50 -24.85
C GLU QB 171 106.93 54.51 -24.71
N VAL QB 172 107.37 55.09 -25.83
CA VAL QB 172 108.49 56.03 -25.79
C VAL QB 172 108.03 57.46 -26.12
N THR QB 173 108.16 58.35 -25.14
CA THR QB 173 107.89 59.77 -25.36
C THR QB 173 109.21 60.55 -25.41
N LYS QB 174 109.56 61.02 -26.60
CA LYS QB 174 110.77 61.80 -26.83
C LYS QB 174 110.40 63.28 -26.99
N THR QB 175 110.90 64.13 -26.10
CA THR QB 175 110.80 65.57 -26.31
C THR QB 175 112.15 66.10 -26.85
N LYS QB 176 112.10 66.51 -28.11
CA LYS QB 176 113.29 66.87 -28.89
C LYS QB 176 113.41 68.39 -29.02
N LEU QB 177 114.64 68.87 -29.07
CA LEU QB 177 114.94 70.30 -29.13
C LEU QB 177 115.12 70.81 -30.57
N GLU QB 178 114.31 71.81 -30.92
CA GLU QB 178 114.47 72.56 -32.17
C GLU QB 178 114.54 74.05 -31.83
N GLN QB 179 115.52 74.76 -32.40
CA GLN QB 179 115.66 76.19 -32.10
C GLN QB 179 114.43 77.03 -32.48
N LEU QB 180 114.29 77.37 -33.76
CA LEU QB 180 113.11 78.08 -34.28
C LEU QB 180 112.92 77.73 -35.77
N PRO QB 181 111.68 77.85 -36.29
CA PRO QB 181 111.51 77.71 -37.74
C PRO QB 181 112.08 78.91 -38.51
N GLU QB 182 112.29 78.75 -39.82
CA GLU QB 182 112.95 79.76 -40.64
C GLU QB 182 112.14 81.03 -40.87
N HIS QB 183 110.87 80.84 -41.22
CA HIS QB 183 109.99 81.95 -41.58
C HIS QB 183 109.58 82.79 -40.36
N ILE QB 184 109.86 82.27 -39.17
CA ILE QB 184 109.55 82.98 -37.92
C ILE QB 184 110.73 83.72 -37.27
N ARG QB 185 111.95 83.55 -37.80
CA ARG QB 185 113.16 83.85 -37.01
C ARG QB 185 113.20 85.28 -36.46
N LYS QB 186 113.57 86.25 -37.30
CA LYS QB 186 113.09 87.63 -37.12
C LYS QB 186 112.71 88.34 -38.43
N PRO QB 187 111.93 87.68 -39.33
CA PRO QB 187 111.12 88.49 -40.24
C PRO QB 187 109.77 88.86 -39.63
N ILE QB 188 109.13 89.90 -40.15
CA ILE QB 188 107.71 90.11 -39.90
C ILE QB 188 107.01 90.29 -41.24
N TRP QB 189 106.19 89.30 -41.60
CA TRP QB 189 105.61 89.16 -42.93
C TRP QB 189 106.61 89.52 -44.04
N SER RB 60 70.28 29.67 75.29
CA SER RB 60 68.85 29.78 74.98
C SER RB 60 68.29 28.44 74.51
N SER RB 61 67.40 27.86 75.32
CA SER RB 61 66.79 26.58 74.98
C SER RB 61 65.45 26.81 74.27
N PHE RB 62 65.40 26.47 72.98
CA PHE RB 62 64.18 26.63 72.20
C PHE RB 62 63.69 25.29 71.64
N SER RB 63 62.47 24.92 72.03
CA SER RB 63 61.84 23.69 71.55
C SER RB 63 60.95 23.96 70.35
N ILE RB 64 61.15 23.19 69.29
CA ILE RB 64 60.31 23.25 68.11
C ILE RB 64 58.92 22.75 68.44
N TYR RB 65 58.86 21.73 69.29
CA TYR RB 65 57.61 21.14 69.74
C TYR RB 65 56.80 22.13 70.56
N PRO RB 66 55.47 22.13 70.39
CA PRO RB 66 54.54 22.99 71.13
C PRO RB 66 54.37 22.57 72.61
N PRO RB 67 53.81 23.49 73.41
CA PRO RB 67 53.44 23.43 74.84
C PRO RB 67 52.17 22.64 75.19
N ILE RB 68 52.32 21.35 75.52
CA ILE RB 68 51.20 20.50 75.97
C ILE RB 68 50.34 21.20 77.04
N PRO RB 69 49.00 21.09 76.93
CA PRO RB 69 48.03 21.76 77.80
C PRO RB 69 48.16 21.47 79.31
N GLY RB 70 48.39 20.22 79.68
CA GLY RB 70 48.48 19.84 81.09
C GLY RB 70 49.77 20.29 81.75
N GLN RB 71 50.71 20.80 80.96
CA GLN RB 71 52.03 21.20 81.45
C GLN RB 71 51.98 22.56 82.18
N GLU RB 72 52.96 22.77 83.07
CA GLU RB 72 53.11 24.03 83.79
C GLU RB 72 53.70 25.12 82.91
N ASN RB 73 54.09 24.76 81.69
CA ASN RB 73 54.95 25.60 80.86
C ASN RB 73 54.45 27.04 80.73
N SER RB 74 55.36 27.97 80.99
CA SER RB 74 55.04 29.40 80.91
C SER RB 74 55.69 30.04 79.70
N LEU RB 75 54.86 30.34 78.71
CA LEU RB 75 55.21 31.20 77.59
C LEU RB 75 53.97 31.99 77.26
N ARG RB 76 54.08 33.31 77.16
CA ARG RB 76 52.91 34.11 76.85
C ARG RB 76 53.18 35.04 75.68
N TRP RB 77 52.20 35.14 74.79
CA TRP RB 77 52.21 36.15 73.74
C TRP RB 77 51.04 37.10 74.01
N ALA RB 78 51.38 38.33 74.40
CA ALA RB 78 50.41 39.30 74.93
C ALA RB 78 49.66 38.72 76.13
N GLY RB 79 50.39 37.98 76.98
CA GLY RB 79 49.86 37.48 78.23
C GLY RB 79 49.07 36.18 78.16
N LYS RB 80 48.63 35.81 76.96
CA LYS RB 80 47.82 34.61 76.76
C LYS RB 80 48.66 33.33 76.70
N LYS RB 81 48.06 32.22 77.13
CA LYS RB 81 48.65 30.89 76.96
C LYS RB 81 48.65 30.51 75.47
N PHE RB 82 49.46 29.52 75.10
CA PHE RB 82 49.48 29.01 73.73
C PHE RB 82 48.09 28.61 73.25
N GLU RB 83 47.28 28.09 74.18
CA GLU RB 83 45.95 27.58 73.88
C GLU RB 83 44.92 28.67 73.62
N GLU RB 84 45.16 29.87 74.16
CA GLU RB 84 44.19 30.96 74.08
C GLU RB 84 44.34 31.76 72.79
N ILE RB 85 45.45 31.54 72.09
CA ILE RB 85 45.73 32.24 70.84
C ILE RB 85 44.75 31.84 69.74
N PRO RB 86 44.27 32.83 68.96
CA PRO RB 86 43.44 32.55 67.78
C PRO RB 86 44.15 31.68 66.73
N ILE RB 87 43.34 31.03 65.89
CA ILE RB 87 43.86 30.11 64.89
C ILE RB 87 43.53 30.58 63.45
N ALA RB 88 44.55 30.64 62.60
CA ALA RB 88 44.33 30.96 61.20
C ALA RB 88 44.36 29.70 60.36
N HIS RB 89 43.18 29.32 59.90
CA HIS RB 89 43.03 28.17 59.02
C HIS RB 89 43.24 28.60 57.58
N ILE RB 90 44.20 27.96 56.91
CA ILE RB 90 44.46 28.23 55.51
C ILE RB 90 44.22 26.96 54.72
N LYS RB 91 43.16 26.95 53.91
CA LYS RB 91 42.91 25.84 53.01
C LYS RB 91 43.54 26.18 51.68
N ALA RB 92 44.64 25.49 51.34
CA ALA RB 92 45.35 25.76 50.11
C ALA RB 92 45.16 24.61 49.13
N SER RB 93 44.33 24.88 48.12
CA SER RB 93 43.97 23.88 47.13
C SER RB 93 44.37 24.40 45.77
N TYR RB 94 44.53 23.47 44.84
CA TYR RB 94 45.16 23.77 43.56
C TYR RB 94 44.50 24.91 42.77
N ASN RB 95 43.18 25.03 42.90
CA ASN RB 95 42.44 26.08 42.20
C ASN RB 95 42.12 27.34 43.03
N ASN RB 96 42.51 27.36 44.31
CA ASN RB 96 42.08 28.43 45.22
C ASN RB 96 42.69 28.34 46.63
N THR RB 97 42.69 29.46 47.35
CA THR RB 97 43.17 29.49 48.74
C THR RB 97 42.19 30.27 49.63
N GLN RB 98 41.70 29.62 50.68
CA GLN RB 98 40.76 30.25 51.61
C GLN RB 98 41.42 30.42 52.98
N ILE RB 99 41.24 31.60 53.58
CA ILE RB 99 41.79 31.82 54.92
C ILE RB 99 40.72 32.31 55.89
N GLN RB 100 40.68 31.70 57.07
CA GLN RB 100 39.74 32.09 58.12
C GLN RB 100 40.42 32.13 59.49
N VAL RB 101 40.42 33.32 60.10
CA VAL RB 101 40.95 33.49 61.46
C VAL RB 101 39.81 33.33 62.46
N VAL RB 102 40.08 32.54 63.51
CA VAL RB 102 39.04 32.13 64.44
C VAL RB 102 39.55 32.26 65.88
N SER RB 103 38.64 32.45 66.83
CA SER RB 103 39.00 32.48 68.25
C SER RB 103 39.49 31.10 68.68
N ALA RB 104 40.19 31.06 69.81
CA ALA RB 104 40.56 29.78 70.42
C ALA RB 104 39.30 29.00 70.85
N ALA RB 105 38.20 29.74 71.01
CA ALA RB 105 36.90 29.20 71.39
C ALA RB 105 36.10 28.80 70.16
N HIS RB 106 36.74 28.89 69.00
CA HIS RB 106 36.16 28.55 67.70
C HIS RB 106 34.97 29.47 67.35
N GLN RB 107 35.18 30.77 67.51
CA GLN RB 107 34.25 31.79 67.00
C GLN RB 107 34.91 32.54 65.85
N PRO RB 108 34.30 32.50 64.65
CA PRO RB 108 34.95 33.11 63.49
C PRO RB 108 35.14 34.64 63.61
N LEU RB 109 36.39 35.06 63.53
CA LEU RB 109 36.75 36.49 63.51
C LEU RB 109 36.74 37.12 62.11
N ALA RB 110 37.45 36.48 61.18
CA ALA RB 110 37.72 37.06 59.86
C ALA RB 110 37.76 35.98 58.78
N HIS RB 111 37.23 36.31 57.60
CA HIS RB 111 37.33 35.42 56.46
C HIS RB 111 37.80 36.13 55.19
N ALA RB 112 38.85 35.58 54.57
CA ALA RB 112 39.35 36.06 53.28
C ALA RB 112 39.76 34.92 52.36
N SER RB 113 39.36 35.02 51.10
CA SER RB 113 39.67 34.04 50.07
C SER RB 113 40.15 34.73 48.80
N CYS RB 114 40.72 33.98 47.85
CA CYS RB 114 41.19 34.55 46.59
C CYS RB 114 40.04 34.96 45.69
N GLY RB 115 38.88 34.34 45.91
CA GLY RB 115 37.66 34.72 45.22
C GLY RB 115 37.05 35.96 45.85
N THR RB 116 37.09 36.02 47.18
CA THR RB 116 36.62 37.18 47.94
C THR RB 116 37.45 38.42 47.59
N GLU RB 117 38.67 38.18 47.13
CA GLU RB 117 39.67 39.22 46.88
C GLU RB 117 39.57 39.77 45.46
N GLY RB 118 38.55 39.33 44.72
CA GLY RB 118 38.32 39.83 43.38
C GLY RB 118 39.29 39.34 42.32
N PHE RB 119 39.73 38.08 42.44
CA PHE RB 119 40.39 37.42 41.32
C PHE RB 119 39.36 36.55 40.63
N ARG RB 120 39.75 35.90 39.54
CA ARG RB 120 38.85 35.00 38.86
C ARG RB 120 39.60 33.71 38.53
N ASN RB 121 38.96 32.88 37.71
CA ASN RB 121 39.18 31.43 37.70
C ASN RB 121 40.63 30.95 37.82
N ALA RB 122 41.43 31.13 36.78
CA ALA RB 122 42.81 30.60 36.79
C ALA RB 122 43.68 31.45 37.71
N LYS RB 123 43.48 32.75 37.64
CA LYS RB 123 44.29 33.74 38.33
C LYS RB 123 44.37 33.45 39.83
N LYS RB 124 43.24 33.02 40.40
CA LYS RB 124 43.12 32.85 41.85
C LYS RB 124 43.85 31.62 42.36
N GLY RB 125 44.40 30.83 41.45
CA GLY RB 125 45.23 29.71 41.85
C GLY RB 125 46.58 30.18 42.34
N THR RB 126 47.09 31.25 41.73
CA THR RB 126 48.49 31.67 41.91
C THR RB 126 48.85 32.12 43.33
N GLY RB 127 50.15 32.15 43.62
CA GLY RB 127 50.66 32.59 44.91
C GLY RB 127 50.48 34.06 45.22
N ILE RB 128 50.47 34.90 44.19
CA ILE RB 128 50.20 36.33 44.34
C ILE RB 128 48.81 36.55 44.95
N ALA RB 129 47.82 35.85 44.42
CA ALA RB 129 46.45 35.93 44.92
C ALA RB 129 46.36 35.44 46.36
N ALA RB 130 47.07 34.36 46.66
CA ALA RB 130 47.15 33.83 48.02
C ALA RB 130 47.69 34.86 49.00
N GLN RB 131 48.75 35.55 48.59
CA GLN RB 131 49.36 36.61 49.39
C GLN RB 131 48.37 37.76 49.62
N THR RB 132 47.68 38.15 48.55
CA THR RB 132 46.67 39.21 48.64
C THR RB 132 45.56 38.86 49.66
N ALA RB 133 45.05 37.63 49.57
CA ALA RB 133 44.06 37.13 50.53
C ALA RB 133 44.59 37.07 51.97
N GLY RB 134 45.88 36.72 52.12
CA GLY RB 134 46.53 36.69 53.42
C GLY RB 134 46.61 38.07 54.07
N ILE RB 135 47.03 39.06 53.28
CA ILE RB 135 47.03 40.46 53.72
C ILE RB 135 45.63 40.93 54.10
N ALA RB 136 44.65 40.69 53.24
CA ALA RB 136 43.26 41.09 53.50
C ALA RB 136 42.74 40.48 54.82
N ALA RB 137 43.00 39.19 54.98
CA ALA RB 137 42.64 38.46 56.20
C ALA RB 137 43.26 39.09 57.45
N ALA RB 138 44.59 39.29 57.42
CA ALA RB 138 45.31 39.88 58.54
C ALA RB 138 44.82 41.31 58.89
N ALA RB 139 44.42 42.06 57.87
CA ALA RB 139 43.80 43.38 58.06
C ALA RB 139 42.47 43.27 58.81
N LYS RB 140 41.54 42.49 58.26
CA LYS RB 140 40.22 42.32 58.88
C LYS RB 140 40.31 41.74 60.30
N ALA RB 141 41.36 40.95 60.53
CA ALA RB 141 41.57 40.29 61.82
C ALA RB 141 42.16 41.24 62.87
N THR RB 142 43.16 42.03 62.49
CA THR RB 142 43.75 43.03 63.37
C THR RB 142 42.72 44.13 63.69
N GLY RB 143 41.79 44.33 62.76
CA GLY RB 143 40.63 45.18 63.01
C GLY RB 143 39.82 44.73 64.22
N LYS RB 144 39.74 43.41 64.41
CA LYS RB 144 39.09 42.84 65.59
C LYS RB 144 40.13 42.61 66.70
N GLY RB 145 41.36 43.07 66.45
CA GLY RB 145 42.41 43.08 67.44
C GLY RB 145 43.04 41.76 67.83
N VAL RB 146 43.50 41.01 66.83
CA VAL RB 146 44.31 39.83 67.12
C VAL RB 146 45.78 40.13 66.78
N THR RB 147 46.63 40.07 67.80
CA THR RB 147 48.05 40.34 67.62
C THR RB 147 48.81 39.12 67.09
N HIS RB 148 48.58 37.97 67.72
CA HIS RB 148 49.30 36.75 67.37
C HIS RB 148 48.32 35.72 66.81
N VAL RB 149 48.85 34.74 66.08
CA VAL RB 149 48.01 33.69 65.54
C VAL RB 149 48.78 32.38 65.34
N ARG RB 150 48.08 31.26 65.53
CA ARG RB 150 48.64 29.94 65.23
C ARG RB 150 48.12 29.50 63.88
N VAL RB 151 49.03 29.22 62.95
CA VAL RB 151 48.62 28.87 61.59
C VAL RB 151 48.35 27.37 61.48
N VAL RB 152 47.23 27.00 60.85
CA VAL RB 152 46.91 25.62 60.48
C VAL RB 152 46.74 25.53 58.97
N VAL RB 153 47.67 24.84 58.31
CA VAL RB 153 47.64 24.76 56.85
C VAL RB 153 47.06 23.42 56.40
N LYS RB 154 45.90 23.49 55.75
CA LYS RB 154 45.20 22.33 55.23
C LYS RB 154 45.30 22.30 53.73
N GLY RB 155 46.02 21.32 53.21
CA GLY RB 155 46.18 21.21 51.78
C GLY RB 155 47.57 21.54 51.28
N LEU RB 156 47.89 20.98 50.13
CA LEU RB 156 49.17 21.16 49.47
C LEU RB 156 48.92 21.79 48.12
N GLY RB 157 49.32 23.05 47.97
CA GLY RB 157 48.95 23.79 46.79
C GLY RB 157 49.89 24.95 46.53
N PRO RB 158 49.53 25.79 45.55
CA PRO RB 158 50.32 26.94 45.09
C PRO RB 158 50.35 28.10 46.11
N GLY RB 159 49.35 28.14 46.99
CA GLY RB 159 49.16 29.27 47.87
C GLY RB 159 49.50 29.04 49.34
N ARG RB 160 50.22 27.97 49.64
CA ARG RB 160 50.64 27.66 51.01
C ARG RB 160 51.47 28.79 51.66
N LEU RB 161 52.71 28.88 51.20
CA LEU RB 161 53.70 29.76 51.79
C LEU RB 161 53.35 31.23 51.55
N SER RB 162 52.81 31.50 50.37
CA SER RB 162 52.38 32.83 49.98
C SER RB 162 51.32 33.40 50.93
N ALA RB 163 50.33 32.58 51.28
CA ALA RB 163 49.28 32.99 52.20
C ALA RB 163 49.80 33.14 53.62
N ILE RB 164 50.72 32.26 54.02
CA ILE RB 164 51.38 32.42 55.32
C ILE RB 164 52.13 33.76 55.47
N LYS RB 165 53.10 34.01 54.59
CA LYS RB 165 53.88 35.24 54.69
C LYS RB 165 53.08 36.45 54.20
N GLY RB 166 51.87 36.19 53.68
CA GLY RB 166 50.90 37.23 53.37
C GLY RB 166 50.11 37.61 54.61
N LEU RB 167 49.98 36.65 55.53
CA LEU RB 167 49.51 36.92 56.88
C LEU RB 167 50.56 37.74 57.64
N THR RB 168 51.84 37.36 57.51
CA THR RB 168 52.92 38.13 58.14
C THR RB 168 53.00 39.57 57.60
N MET RB 169 53.00 39.69 56.27
CA MET RB 169 53.00 41.00 55.59
C MET RB 169 51.78 41.86 55.94
N GLY RB 170 50.67 41.21 56.26
CA GLY RB 170 49.43 41.93 56.53
C GLY RB 170 49.39 42.47 57.95
N GLY RB 171 50.56 42.53 58.60
CA GLY RB 171 50.66 43.01 59.96
C GLY RB 171 50.01 42.08 60.98
N LEU RB 172 50.46 40.84 60.99
CA LEU RB 172 49.94 39.83 61.92
C LEU RB 172 51.07 38.88 62.33
N GLU RB 173 51.11 38.49 63.60
CA GLU RB 173 52.24 37.70 64.10
C GLU RB 173 51.95 36.21 64.22
N VAL RB 174 52.75 35.41 63.54
CA VAL RB 174 52.61 33.96 63.54
C VAL RB 174 53.55 33.31 64.54
N ILE RB 175 52.99 32.51 65.45
CA ILE RB 175 53.77 31.85 66.49
C ILE RB 175 54.08 30.38 66.14
N SER RB 176 53.04 29.59 65.94
CA SER RB 176 53.20 28.20 65.52
C SER RB 176 52.56 27.98 64.15
N ILE RB 177 53.19 27.09 63.37
CA ILE RB 177 52.68 26.75 62.06
C ILE RB 177 52.54 25.22 61.96
N THR RB 178 51.29 24.80 61.92
CA THR RB 178 50.88 23.40 61.94
C THR RB 178 50.45 23.00 60.55
N ASP RB 179 50.73 21.75 60.17
CA ASP RB 179 50.14 21.22 58.95
C ASP RB 179 49.15 20.11 59.28
N ASN RB 180 47.87 20.42 59.10
CA ASN RB 180 46.87 19.37 59.09
C ASN RB 180 46.34 19.22 57.66
N THR RB 181 46.86 18.23 56.97
CA THR RB 181 46.42 17.87 55.63
C THR RB 181 45.79 16.50 55.69
N PRO RB 182 44.56 16.36 55.16
CA PRO RB 182 43.96 15.02 55.20
C PRO RB 182 44.87 13.96 54.58
N ILE RB 183 45.17 12.92 55.36
CA ILE RB 183 45.99 11.81 54.90
C ILE RB 183 45.24 10.54 55.25
N PRO RB 184 44.48 10.03 54.29
CA PRO RB 184 43.78 8.78 54.59
C PRO RB 184 44.79 7.65 54.74
N HIS RB 185 44.50 6.76 55.68
CA HIS RB 185 45.24 5.54 55.95
C HIS RB 185 44.59 4.42 55.12
N ASN RB 186 44.04 4.89 53.99
CA ASN RB 186 43.12 4.26 53.02
C ASN RB 186 41.62 4.17 53.34
N GLY RB 187 40.99 5.35 53.24
CA GLY RB 187 39.55 5.54 53.13
C GLY RB 187 39.18 5.61 51.65
N CYS RB 188 38.27 6.52 51.30
CA CYS RB 188 37.74 6.63 49.92
C CYS RB 188 38.77 6.64 48.80
N ARG RB 189 38.51 5.79 47.80
CA ARG RB 189 39.24 5.76 46.53
C ARG RB 189 39.06 7.09 45.81
N PRO RB 190 40.18 7.74 45.45
CA PRO RB 190 40.18 9.03 44.74
C PRO RB 190 39.88 8.87 43.25
N ARG RB 191 39.49 9.96 42.58
CA ARG RB 191 39.10 9.88 41.17
C ARG RB 191 40.25 9.50 40.24
N LYS RB 192 39.88 9.01 39.06
CA LYS RB 192 40.81 8.36 38.13
C LYS RB 192 41.85 9.31 37.55
N ALA RB 193 42.99 8.74 37.16
CA ALA RB 193 44.09 9.52 36.59
C ALA RB 193 43.74 10.10 35.21
N ARG RB 194 44.27 11.29 34.95
CA ARG RB 194 44.06 11.99 33.68
C ARG RB 194 44.98 11.48 32.56
N ARG RB 195 44.56 11.72 31.31
CA ARG RB 195 45.21 11.20 30.11
C ARG RB 195 45.26 9.66 30.10
N LEU RB 196 44.10 9.04 29.86
CA LEU RB 196 44.01 7.58 29.72
C LEU RB 196 44.98 7.05 28.66
N ALA SB 31 59.88 -36.18 21.51
CA ALA SB 31 59.10 -36.70 22.63
C ALA SB 31 59.86 -37.86 23.29
N THR SB 32 59.28 -38.47 24.32
CA THR SB 32 59.88 -39.65 24.95
C THR SB 32 59.62 -40.92 24.15
N LEU SB 33 60.17 -42.04 24.60
CA LEU SB 33 60.03 -43.28 23.85
C LEU SB 33 58.61 -43.83 23.91
N ASN SB 34 57.99 -43.67 25.08
CA ASN SB 34 56.61 -44.09 25.30
C ASN SB 34 55.66 -43.39 24.34
N GLN SB 35 55.82 -42.07 24.23
CA GLN SB 35 54.93 -41.26 23.40
C GLN SB 35 55.11 -41.61 21.92
N MET SB 36 56.36 -41.83 21.54
CA MET SB 36 56.73 -42.21 20.18
C MET SB 36 56.21 -43.61 19.82
N HIS SB 37 56.05 -44.47 20.82
CA HIS SB 37 55.44 -45.77 20.64
C HIS SB 37 53.92 -45.65 20.54
N ARG SB 38 53.38 -44.70 21.29
CA ARG SB 38 51.94 -44.50 21.38
C ARG SB 38 51.39 -43.92 20.08
N LEU SB 39 52.15 -43.02 19.46
CA LEU SB 39 51.71 -42.41 18.21
C LEU SB 39 52.08 -43.20 16.95
N GLY SB 40 53.04 -44.10 17.07
CA GLY SB 40 53.58 -44.77 15.90
C GLY SB 40 54.49 -43.84 15.11
N PRO SB 41 55.22 -44.39 14.11
CA PRO SB 41 56.11 -43.56 13.28
C PRO SB 41 55.31 -42.63 12.39
N PRO SB 42 55.89 -41.48 12.01
CA PRO SB 42 55.15 -40.54 11.16
C PRO SB 42 54.88 -41.11 9.78
N LYS SB 43 53.68 -40.81 9.26
CA LYS SB 43 53.26 -41.33 7.98
C LYS SB 43 53.04 -40.19 7.00
N HIS SB 44 53.57 -40.34 5.78
CA HIS SB 44 53.44 -39.29 4.77
C HIS SB 44 52.01 -39.21 4.23
N PRO SB 45 51.38 -38.04 4.36
CA PRO SB 45 49.98 -37.85 3.91
C PRO SB 45 49.88 -37.99 2.41
N PRO SB 46 48.83 -38.66 1.93
CA PRO SB 46 48.63 -38.88 0.49
C PRO SB 46 48.47 -37.55 -0.24
N GLY SB 47 48.86 -37.51 -1.51
CA GLY SB 47 48.81 -36.28 -2.27
C GLY SB 47 47.39 -35.79 -2.49
N LYS SB 48 47.12 -34.55 -2.06
CA LYS SB 48 45.85 -33.89 -2.36
C LYS SB 48 45.75 -33.71 -3.87
N MET SB 49 44.59 -33.99 -4.43
CA MET SB 49 44.46 -33.99 -5.89
C MET SB 49 44.03 -32.64 -6.43
N GLY SB 50 44.58 -32.31 -7.60
CA GLY SB 50 44.44 -30.98 -8.17
C GLY SB 50 43.34 -30.86 -9.20
N PRO SB 51 43.46 -29.87 -10.08
CA PRO SB 51 42.44 -29.44 -11.05
C PRO SB 51 41.97 -30.55 -12.00
N THR SB 52 42.90 -31.37 -12.46
CA THR SB 52 42.59 -32.41 -13.45
C THR SB 52 42.22 -33.74 -12.79
N ALA SB 53 42.13 -33.72 -11.46
CA ALA SB 53 41.61 -34.84 -10.68
C ALA SB 53 42.44 -36.12 -10.84
N GLY SB 54 43.75 -35.97 -10.98
CA GLY SB 54 44.63 -37.11 -11.08
C GLY SB 54 44.85 -37.62 -12.49
N ARG SB 55 44.07 -37.09 -13.44
CA ARG SB 55 44.24 -37.44 -14.85
C ARG SB 55 45.23 -36.49 -15.51
N PRO SB 56 46.05 -37.00 -16.45
CA PRO SB 56 47.02 -36.16 -17.16
C PRO SB 56 46.36 -35.11 -18.04
N GLN SB 57 45.30 -35.46 -18.74
CA GLN SB 57 44.56 -34.41 -19.45
C GLN SB 57 43.07 -34.52 -19.22
N LEU SB 58 42.34 -33.57 -19.78
CA LEU SB 58 40.89 -33.59 -19.73
C LEU SB 58 40.32 -32.99 -21.01
N LYS SB 59 39.25 -33.60 -21.52
CA LYS SB 59 38.59 -33.05 -22.69
C LYS SB 59 37.44 -32.14 -22.24
N GLY SB 60 37.32 -30.96 -22.85
CA GLY SB 60 36.27 -30.04 -22.47
C GLY SB 60 35.85 -29.10 -23.57
N VAL SB 61 34.62 -28.58 -23.48
CA VAL SB 61 34.12 -27.66 -24.49
C VAL SB 61 34.09 -26.22 -24.02
N VAL SB 62 34.37 -25.32 -24.94
CA VAL SB 62 34.53 -23.91 -24.62
C VAL SB 62 33.19 -23.20 -24.50
N LEU SB 63 32.91 -22.68 -23.32
CA LEU SB 63 31.69 -21.92 -23.09
C LEU SB 63 31.86 -20.46 -23.52
N ARG SB 64 33.00 -19.87 -23.16
CA ARG SB 64 33.21 -18.45 -23.40
C ARG SB 64 34.69 -18.12 -23.52
N THR SB 65 35.03 -17.12 -24.31
CA THR SB 65 36.41 -16.64 -24.37
C THR SB 65 36.48 -15.19 -23.93
N PHE SB 66 37.45 -14.88 -23.09
CA PHE SB 66 37.57 -13.56 -22.48
C PHE SB 66 39.02 -13.23 -22.13
N ILE SB 67 39.20 -12.13 -21.41
CA ILE SB 67 40.53 -11.62 -21.10
C ILE SB 67 40.69 -11.35 -19.61
N ARG SB 68 41.86 -11.69 -19.07
CA ARG SB 68 42.12 -11.50 -17.64
C ARG SB 68 43.40 -10.74 -17.36
N LYS SB 69 43.29 -9.72 -16.53
CA LYS SB 69 44.45 -9.00 -16.04
C LYS SB 69 45.22 -9.84 -15.01
N PRO SB 70 46.56 -9.82 -15.08
CA PRO SB 70 47.44 -10.56 -14.16
C PRO SB 70 47.47 -9.90 -12.78
N LYS SB 71 48.34 -10.36 -11.89
CA LYS SB 71 48.46 -9.71 -10.59
C LYS SB 71 49.36 -8.49 -10.65
N LYS SB 72 49.46 -7.77 -9.54
CA LYS SB 72 49.92 -6.39 -9.56
C LYS SB 72 51.35 -6.10 -10.07
N PRO SB 73 52.35 -6.94 -9.70
CA PRO SB 73 53.71 -6.49 -10.03
C PRO SB 73 53.96 -6.33 -11.51
N ASN SB 74 53.29 -7.16 -12.32
CA ASN SB 74 53.52 -7.16 -13.77
C ASN SB 74 52.20 -7.25 -14.51
N SER SB 75 52.09 -6.54 -15.64
CA SER SB 75 50.80 -6.44 -16.29
C SER SB 75 50.76 -6.72 -17.80
N ALA SB 76 49.66 -7.35 -18.21
CA ALA SB 76 49.30 -7.62 -19.61
C ALA SB 76 47.79 -7.80 -19.61
N ASN SB 77 47.22 -8.31 -20.70
CA ASN SB 77 45.92 -8.95 -20.60
C ASN SB 77 45.96 -10.32 -21.28
N ARG SB 78 45.86 -11.36 -20.46
CA ARG SB 78 46.03 -12.73 -20.90
C ARG SB 78 44.76 -13.27 -21.54
N LYS SB 79 44.94 -14.15 -22.52
CA LYS SB 79 43.82 -14.73 -23.24
C LYS SB 79 43.36 -16.02 -22.56
N CYS SB 80 42.12 -16.01 -22.07
CA CYS SB 80 41.56 -17.16 -21.37
C CYS SB 80 40.24 -17.60 -21.94
N CYS SB 81 39.83 -18.80 -21.53
CA CYS SB 81 38.51 -19.31 -21.86
C CYS SB 81 37.89 -19.96 -20.63
N ARG SB 82 36.57 -20.12 -20.67
CA ARG SB 82 35.87 -20.92 -19.68
C ARG SB 82 35.53 -22.25 -20.34
N VAL SB 83 35.76 -23.38 -19.67
CA VAL SB 83 35.42 -24.65 -20.28
C VAL SB 83 34.64 -25.55 -19.35
N ARG SB 84 33.83 -26.42 -19.94
CA ARG SB 84 33.19 -27.48 -19.17
C ARG SB 84 33.95 -28.78 -19.47
N LEU SB 85 34.23 -29.55 -18.44
CA LEU SB 85 35.13 -30.69 -18.57
C LEU SB 85 34.35 -32.00 -18.43
N SER SB 86 34.96 -33.08 -18.92
CA SER SB 86 34.32 -34.39 -18.96
C SER SB 86 33.77 -34.81 -17.60
N THR SB 87 34.38 -34.30 -16.54
CA THR SB 87 33.97 -34.61 -15.17
C THR SB 87 32.78 -33.74 -14.76
N GLY SB 88 32.36 -32.85 -15.65
CA GLY SB 88 31.18 -32.02 -15.40
C GLY SB 88 31.50 -30.70 -14.73
N ARG SB 89 32.70 -30.61 -14.16
CA ARG SB 89 33.13 -29.38 -13.49
C ARG SB 89 33.53 -28.33 -14.49
N GLU SB 90 33.00 -27.12 -14.30
CA GLU SB 90 33.33 -25.99 -15.16
C GLU SB 90 34.48 -25.18 -14.57
N ALA SB 91 35.45 -24.83 -15.39
CA ALA SB 91 36.69 -24.23 -14.91
C ALA SB 91 37.26 -23.19 -15.86
N VAL SB 92 37.97 -22.21 -15.33
CA VAL SB 92 38.67 -21.25 -16.17
C VAL SB 92 40.00 -21.86 -16.61
N CYS SB 93 40.38 -21.58 -17.86
CA CYS SB 93 41.55 -22.20 -18.44
C CYS SB 93 42.29 -21.21 -19.35
N PHE SB 94 43.59 -21.43 -19.51
CA PHE SB 94 44.45 -20.46 -20.18
C PHE SB 94 44.95 -20.92 -21.53
N ILE SB 95 45.03 -19.99 -22.48
CA ILE SB 95 45.45 -20.30 -23.83
C ILE SB 95 46.83 -19.73 -24.14
N PRO SB 96 47.84 -20.62 -24.20
CA PRO SB 96 49.25 -20.28 -24.47
C PRO SB 96 49.48 -19.81 -25.91
N GLY SB 97 50.64 -19.22 -26.15
CA GLY SB 97 51.01 -18.78 -27.49
C GLY SB 97 50.34 -17.47 -27.87
N GLU SB 98 50.88 -16.81 -28.88
CA GLU SB 98 50.34 -15.51 -29.30
C GLU SB 98 49.30 -15.65 -30.40
N GLY SB 99 48.07 -15.23 -30.05
CA GLY SB 99 46.93 -15.36 -30.92
C GLY SB 99 46.31 -16.75 -30.82
N HIS SB 100 45.05 -16.83 -31.24
CA HIS SB 100 44.31 -18.08 -31.23
C HIS SB 100 42.95 -17.86 -31.88
N SER SB 101 42.36 -18.97 -32.32
CA SER SB 101 41.00 -18.95 -32.80
C SER SB 101 40.19 -19.92 -31.97
N LEU SB 102 39.33 -19.38 -31.12
CA LEU SB 102 38.43 -20.22 -30.35
C LEU SB 102 37.09 -19.53 -30.18
N GLN SB 103 36.06 -20.31 -30.46
CA GLN SB 103 34.68 -19.89 -30.33
C GLN SB 103 34.00 -20.84 -29.39
N GLU SB 104 32.81 -20.48 -28.97
CA GLU SB 104 31.99 -21.40 -28.21
C GLU SB 104 31.82 -22.69 -29.01
N HIS SB 105 31.61 -23.79 -28.27
CA HIS SB 105 31.31 -25.13 -28.78
C HIS SB 105 32.55 -25.89 -29.23
N HIS SB 106 33.66 -25.19 -29.40
CA HIS SB 106 34.92 -25.84 -29.77
C HIS SB 106 35.33 -26.85 -28.71
N VAL SB 107 35.79 -28.03 -29.12
CA VAL SB 107 36.30 -28.97 -28.12
C VAL SB 107 37.81 -28.83 -28.03
N VAL SB 108 38.32 -28.89 -26.81
CA VAL SB 108 39.75 -28.77 -26.57
C VAL SB 108 40.24 -29.78 -25.53
N LEU SB 109 41.55 -29.91 -25.47
CA LEU SB 109 42.19 -30.73 -24.47
C LEU SB 109 42.99 -29.82 -23.52
N VAL SB 110 42.78 -30.00 -22.22
CA VAL SB 110 43.45 -29.17 -21.21
C VAL SB 110 44.37 -30.01 -20.34
N GLN SB 111 45.44 -29.38 -19.86
CA GLN SB 111 46.47 -30.03 -19.06
C GLN SB 111 46.79 -29.24 -17.80
N GLY SB 112 47.56 -29.83 -16.90
CA GLY SB 112 47.68 -29.34 -15.54
C GLY SB 112 48.42 -28.06 -15.20
N GLY SB 113 49.27 -27.56 -16.10
CA GLY SB 113 50.14 -26.42 -15.78
C GLY SB 113 49.46 -25.16 -15.25
N ARG SB 114 49.92 -24.71 -14.08
CA ARG SB 114 49.36 -23.52 -13.42
C ARG SB 114 50.00 -22.22 -13.93
N THR SB 115 49.18 -21.26 -14.32
CA THR SB 115 49.68 -19.98 -14.82
C THR SB 115 49.92 -19.01 -13.67
N GLN SB 116 51.17 -18.55 -13.55
CA GLN SB 116 51.64 -17.85 -12.36
C GLN SB 116 51.04 -16.46 -12.16
N ASP SB 117 50.93 -15.70 -13.25
CA ASP SB 117 50.39 -14.34 -13.18
C ASP SB 117 48.96 -14.37 -12.71
N LEU SB 118 48.20 -15.23 -13.38
CA LEU SB 118 46.77 -15.31 -13.19
C LEU SB 118 46.40 -16.02 -11.90
N PRO SB 119 45.81 -15.28 -10.96
CA PRO SB 119 45.30 -15.95 -9.77
C PRO SB 119 44.09 -16.81 -10.14
N GLY SB 120 44.04 -18.03 -9.62
CA GLY SB 120 42.88 -18.88 -9.76
C GLY SB 120 42.81 -19.71 -11.04
N VAL SB 121 43.76 -19.50 -11.95
CA VAL SB 121 43.74 -20.25 -13.20
C VAL SB 121 44.76 -21.38 -13.16
N LYS SB 122 44.25 -22.59 -12.98
CA LYS SB 122 45.10 -23.76 -12.80
C LYS SB 122 45.24 -24.67 -14.03
N LEU SB 123 44.57 -24.32 -15.12
CA LEU SB 123 44.54 -25.19 -16.30
C LEU SB 123 45.05 -24.51 -17.57
N THR SB 124 45.51 -25.33 -18.51
CA THR SB 124 46.05 -24.84 -19.78
C THR SB 124 45.61 -25.69 -20.98
N VAL SB 125 45.05 -25.00 -21.97
CA VAL SB 125 44.68 -25.61 -23.26
C VAL SB 125 45.87 -26.28 -23.92
N VAL SB 126 45.72 -27.52 -24.37
CA VAL SB 126 46.81 -28.12 -25.14
C VAL SB 126 46.78 -27.61 -26.59
N ARG SB 127 47.86 -26.96 -27.00
CA ARG SB 127 47.94 -26.41 -28.35
C ARG SB 127 48.18 -27.54 -29.35
N GLY SB 128 47.44 -27.51 -30.45
CA GLY SB 128 47.58 -28.53 -31.47
C GLY SB 128 46.81 -29.83 -31.23
N LYS SB 129 45.65 -29.75 -30.59
CA LYS SB 129 44.75 -30.90 -30.49
C LYS SB 129 43.30 -30.44 -30.60
N TYR SB 130 42.48 -31.25 -31.27
CA TYR SB 130 41.09 -30.91 -31.54
C TYR SB 130 40.95 -29.54 -32.21
N ASP SB 131 40.18 -28.66 -31.61
CA ASP SB 131 39.82 -27.39 -32.25
C ASP SB 131 40.86 -26.29 -32.06
N CYS SB 132 41.84 -26.53 -31.19
CA CYS SB 132 42.94 -25.60 -31.03
C CYS SB 132 44.16 -26.12 -31.79
N GLY SB 133 44.56 -25.40 -32.85
CA GLY SB 133 45.70 -25.79 -33.65
C GLY SB 133 46.99 -25.17 -33.16
N HIS SB 134 48.11 -25.68 -33.66
CA HIS SB 134 49.42 -25.10 -33.35
C HIS SB 134 49.46 -23.64 -33.81
N VAL SB 135 50.23 -22.80 -33.12
CA VAL SB 135 50.35 -21.39 -33.48
C VAL SB 135 50.97 -21.24 -34.87
N GLN SB 136 50.31 -20.45 -35.73
CA GLN SB 136 50.76 -20.28 -37.11
C GLN SB 136 51.87 -19.26 -37.21
N LYS SB 137 52.98 -19.68 -37.82
CA LYS SB 137 54.14 -18.83 -38.00
C LYS SB 137 53.79 -17.65 -38.90
N LYS SB 138 54.27 -16.48 -38.54
CA LYS SB 138 53.84 -15.22 -39.14
C LYS SB 138 54.01 -15.17 -40.66
N LYS SB 139 52.92 -14.85 -41.35
CA LYS SB 139 52.89 -14.73 -42.80
C LYS SB 139 52.00 -13.57 -43.24
N TYR TB 28 84.04 25.86 -43.09
CA TYR TB 28 82.72 26.06 -42.49
C TYR TB 28 82.74 27.06 -41.35
N TYR TB 29 81.88 28.07 -41.43
CA TYR TB 29 81.59 28.89 -40.26
C TYR TB 29 80.62 28.10 -39.38
N VAL TB 30 80.87 28.10 -38.07
CA VAL TB 30 80.27 27.13 -37.14
C VAL TB 30 78.74 27.02 -37.31
N ASP TB 31 78.08 28.13 -37.63
CA ASP TB 31 76.64 28.10 -37.90
C ASP TB 31 76.25 28.80 -39.20
N TRP TB 32 75.05 28.52 -39.69
CA TRP TB 32 74.44 29.25 -40.80
C TRP TB 32 74.28 30.73 -40.46
N LYS TB 33 73.95 31.01 -39.19
CA LYS TB 33 73.82 32.37 -38.66
C LYS TB 33 75.11 33.16 -38.81
N MET TB 34 76.22 32.49 -38.46
CA MET TB 34 77.56 33.05 -38.59
C MET TB 34 77.89 33.39 -40.05
N LEU TB 35 77.48 32.49 -40.95
CA LEU TB 35 77.58 32.69 -42.39
C LEU TB 35 76.84 33.97 -42.85
N ARG TB 36 75.55 34.04 -42.51
CA ARG TB 36 74.72 35.21 -42.83
C ARG TB 36 75.34 36.53 -42.31
N ASP TB 37 75.96 36.48 -41.13
CA ASP TB 37 76.63 37.67 -40.58
C ASP TB 37 77.96 38.00 -41.31
N VAL TB 38 78.69 36.97 -41.75
CA VAL TB 38 79.89 37.22 -42.57
C VAL TB 38 79.50 37.94 -43.88
N LYS TB 39 78.46 37.43 -44.55
CA LYS TB 39 77.91 38.10 -45.74
C LYS TB 39 77.47 39.55 -45.46
N ARG TB 40 76.79 39.76 -44.32
CA ARG TB 40 76.41 41.12 -43.92
C ARG TB 40 77.61 42.06 -43.75
N ARG TB 41 78.69 41.56 -43.14
CA ARG TB 41 79.89 42.39 -42.93
C ARG TB 41 80.63 42.69 -44.25
N LYS TB 42 80.64 41.74 -45.18
CA LYS TB 42 81.17 41.98 -46.54
C LYS TB 42 80.37 43.05 -47.32
N MET TB 43 79.05 42.88 -47.41
CA MET TB 43 78.16 43.85 -48.06
C MET TB 43 78.23 45.26 -47.44
N ALA TB 44 78.12 45.32 -46.12
CA ALA TB 44 78.23 46.58 -45.40
C ALA TB 44 79.62 47.23 -45.55
N TYR TB 45 80.66 46.42 -45.74
CA TYR TB 45 82.00 46.97 -46.03
C TYR TB 45 82.09 47.55 -47.45
N GLU TB 46 81.47 46.85 -48.40
CA GLU TB 46 81.39 47.31 -49.79
C GLU TB 46 80.63 48.64 -50.00
N TYR TB 47 79.43 48.76 -49.44
CA TYR TB 47 78.57 49.93 -49.68
C TYR TB 47 78.79 51.11 -48.71
N ALA TB 48 79.78 50.99 -47.81
CA ALA TB 48 80.06 51.98 -46.77
C ALA TB 48 80.22 53.40 -47.33
N ASP TB 49 80.93 53.51 -48.45
CA ASP TB 49 81.17 54.78 -49.13
C ASP TB 49 79.87 55.43 -49.67
N GLU TB 50 79.09 54.64 -50.41
CA GLU TB 50 77.80 55.08 -50.94
C GLU TB 50 76.89 55.61 -49.83
N ARG TB 51 76.72 54.78 -48.80
CA ARG TB 51 75.88 55.13 -47.64
C ARG TB 51 76.37 56.41 -46.93
N LEU TB 52 77.68 56.52 -46.72
CA LEU TB 52 78.27 57.71 -46.09
C LEU TB 52 78.00 59.00 -46.88
N ARG TB 53 78.30 58.95 -48.18
CA ARG TB 53 78.09 60.06 -49.11
C ARG TB 53 76.61 60.49 -49.21
N ILE TB 54 75.69 59.53 -49.30
CA ILE TB 54 74.24 59.85 -49.38
C ILE TB 54 73.67 60.39 -48.05
N ASN TB 55 74.08 59.77 -46.94
CA ASN TB 55 73.66 60.21 -45.61
C ASN TB 55 74.32 61.53 -45.18
N SER TB 56 75.32 61.97 -45.94
CA SER TB 56 75.87 63.32 -45.76
C SER TB 56 74.85 64.37 -46.22
N LEU TB 57 74.24 64.11 -47.38
CA LEU TB 57 73.14 64.91 -47.93
C LEU TB 57 71.91 64.85 -47.02
N ARG TB 58 71.58 63.64 -46.58
CA ARG TB 58 70.42 63.38 -45.73
C ARG TB 58 70.48 64.00 -44.31
N LYS TB 59 71.68 64.08 -43.74
CA LYS TB 59 71.88 64.55 -42.35
C LYS TB 59 72.16 66.06 -42.24
N ASN TB 60 72.05 66.77 -43.37
CA ASN TB 60 72.37 68.18 -43.44
C ASN TB 60 71.10 69.09 -43.51
N THR TB 61 71.09 70.16 -42.71
CA THR TB 61 70.00 71.17 -42.75
C THR TB 61 70.17 72.17 -43.92
N ILE TB 62 71.42 72.44 -44.28
CA ILE TB 62 71.81 73.45 -45.28
C ILE TB 62 71.20 73.21 -46.69
N LEU TB 63 71.21 71.96 -47.14
CA LEU TB 63 70.65 71.60 -48.44
C LEU TB 63 69.11 71.69 -48.46
N PRO TB 64 68.53 71.83 -49.66
CA PRO TB 64 67.07 71.88 -49.77
C PRO TB 64 66.44 70.51 -49.52
N LYS TB 65 65.17 70.52 -49.13
CA LYS TB 65 64.44 69.29 -48.82
C LYS TB 65 64.21 68.43 -50.07
N ASP TB 66 64.07 69.09 -51.23
CA ASP TB 66 63.84 68.43 -52.50
C ASP TB 66 65.00 67.51 -52.89
N LEU TB 67 66.20 67.87 -52.45
CA LEU TB 67 67.40 67.06 -52.64
C LEU TB 67 67.44 65.86 -51.68
N GLN TB 68 67.07 66.11 -50.42
CA GLN TB 68 67.15 65.11 -49.36
C GLN TB 68 66.06 64.03 -49.44
N GLU TB 69 64.96 64.34 -50.13
CA GLU TB 69 63.90 63.36 -50.37
C GLU TB 69 64.33 62.32 -51.42
N VAL TB 70 64.90 62.82 -52.52
CA VAL TB 70 65.52 61.98 -53.55
C VAL TB 70 66.71 61.19 -52.96
N ALA TB 71 67.53 61.84 -52.14
CA ALA TB 71 68.64 61.16 -51.43
C ALA TB 71 68.17 60.08 -50.45
N ASP TB 72 67.00 60.31 -49.85
CA ASP TB 72 66.33 59.35 -48.97
C ASP TB 72 65.93 58.09 -49.74
N GLU TB 73 65.24 58.28 -50.86
CA GLU TB 73 64.91 57.15 -51.74
C GLU TB 73 66.16 56.45 -52.27
N GLU TB 74 67.25 57.21 -52.42
CA GLU TB 74 68.55 56.67 -52.86
C GLU TB 74 69.20 55.73 -51.84
N ILE TB 75 69.19 56.14 -50.56
CA ILE TB 75 69.80 55.34 -49.48
C ILE TB 75 68.88 54.18 -49.06
N ALA TB 76 67.56 54.33 -49.25
CA ALA TB 76 66.62 53.24 -49.03
C ALA TB 76 66.54 52.29 -50.23
N SER TB 77 67.08 52.73 -51.38
CA SER TB 77 67.20 51.88 -52.55
C SER TB 77 68.27 50.81 -52.36
N LEU TB 78 69.31 51.18 -51.61
CA LEU TB 78 70.47 50.33 -51.34
C LEU TB 78 70.07 48.97 -50.77
N PRO TB 79 70.82 47.89 -51.11
CA PRO TB 79 70.51 46.55 -50.60
C PRO TB 79 70.36 46.53 -49.06
N ARG TB 80 69.30 45.88 -48.59
CA ARG TB 80 68.91 45.88 -47.19
C ARG TB 80 70.04 45.41 -46.27
N ASP TB 81 70.84 44.46 -46.76
CA ASP TB 81 71.87 43.79 -45.96
C ASP TB 81 73.19 44.59 -45.88
N SER TB 82 73.22 45.76 -46.50
CA SER TB 82 74.43 46.60 -46.47
C SER TB 82 74.45 47.59 -45.28
N CYS TB 83 73.32 47.74 -44.58
CA CYS TB 83 73.26 48.68 -43.45
C CYS TB 83 73.82 48.06 -42.16
N PRO TB 84 74.65 48.85 -41.43
CA PRO TB 84 75.44 48.43 -40.25
C PRO TB 84 74.63 47.95 -39.02
N VAL TB 85 73.36 48.34 -38.92
CA VAL TB 85 72.51 47.97 -37.77
C VAL TB 85 72.01 46.51 -37.84
N ARG TB 86 72.21 45.86 -38.98
CA ARG TB 86 71.88 44.45 -39.16
C ARG TB 86 73.05 43.52 -38.84
N ILE TB 87 74.22 44.10 -38.56
CA ILE TB 87 75.39 43.32 -38.15
C ILE TB 87 75.31 42.97 -36.66
N ARG TB 88 75.65 41.72 -36.33
CA ARG TB 88 75.66 41.21 -34.97
C ARG TB 88 77.09 40.83 -34.55
N ASN TB 89 77.54 41.32 -33.40
CA ASN TB 89 78.78 40.78 -32.86
C ASN TB 89 78.48 39.44 -32.21
N ARG TB 90 79.08 38.38 -32.77
CA ARG TB 90 78.83 37.01 -32.31
C ARG TB 90 80.11 36.45 -31.74
N CYS TB 91 80.01 35.42 -30.89
CA CYS TB 91 81.22 34.73 -30.46
C CYS TB 91 81.93 34.17 -31.68
N VAL TB 92 83.24 34.39 -31.71
CA VAL TB 92 84.07 34.02 -32.84
C VAL TB 92 84.19 32.49 -33.01
N MET TB 93 84.48 31.78 -31.92
CA MET TB 93 84.56 30.32 -31.93
C MET TB 93 83.19 29.62 -31.95
N THR TB 94 82.35 30.01 -31.00
CA THR TB 94 81.12 29.29 -30.70
C THR TB 94 79.81 29.86 -31.30
N SER TB 95 79.90 31.01 -31.97
CA SER TB 95 78.75 31.64 -32.66
C SER TB 95 77.68 32.28 -31.75
N ARG TB 96 77.87 32.22 -30.42
CA ARG TB 96 76.87 32.71 -29.44
C ARG TB 96 76.50 34.20 -29.62
N PRO TB 97 75.20 34.47 -29.91
CA PRO TB 97 74.69 35.81 -30.26
C PRO TB 97 74.76 36.85 -29.13
N ARG TB 98 74.95 36.41 -27.89
CA ARG TB 98 75.08 37.35 -26.78
C ARG TB 98 75.85 36.75 -25.61
N GLY TB 99 76.19 37.60 -24.65
CA GLY TB 99 77.04 37.20 -23.55
C GLY TB 99 78.46 37.15 -24.09
N VAL TB 100 78.80 38.18 -24.87
CA VAL TB 100 80.10 38.26 -25.53
C VAL TB 100 80.95 39.38 -24.91
N LYS TB 101 82.22 39.09 -24.64
CA LYS TB 101 83.16 40.13 -24.22
C LYS TB 101 83.86 40.68 -25.46
N ARG TB 102 83.56 41.95 -25.77
CA ARG TB 102 83.91 42.56 -27.05
C ARG TB 102 85.41 42.54 -27.32
N ARG TB 103 86.19 42.69 -26.25
CA ARG TB 103 87.64 42.78 -26.38
C ARG TB 103 88.25 41.49 -26.95
N TRP TB 104 87.74 40.32 -26.55
CA TRP TB 104 88.22 39.06 -27.13
C TRP TB 104 87.30 38.50 -28.21
N ARG TB 105 86.17 39.17 -28.42
CA ARG TB 105 85.14 38.72 -29.36
C ARG TB 105 84.65 37.30 -29.04
N LEU TB 106 84.60 37.01 -27.74
CA LEU TB 106 84.36 35.66 -27.23
C LEU TB 106 83.09 35.60 -26.36
N SER TB 107 82.33 34.51 -26.48
CA SER TB 107 81.25 34.20 -25.53
C SER TB 107 81.87 34.04 -24.13
N ARG TB 108 81.11 34.35 -23.08
CA ARG TB 108 81.60 34.29 -21.71
C ARG TB 108 82.06 32.88 -21.37
N ILE TB 109 81.34 31.89 -21.92
CA ILE TB 109 81.59 30.47 -21.70
C ILE TB 109 82.96 30.04 -22.21
N VAL TB 110 83.16 30.23 -23.52
CA VAL TB 110 84.44 29.97 -24.17
C VAL TB 110 85.58 30.78 -23.52
N PHE TB 111 85.30 32.05 -23.25
CA PHE TB 111 86.26 32.93 -22.58
C PHE TB 111 86.72 32.30 -21.28
N ARG TB 112 85.75 31.92 -20.45
CA ARG TB 112 86.03 31.37 -19.12
C ARG TB 112 86.78 30.05 -19.25
N HIS TB 113 86.41 29.26 -20.25
CA HIS TB 113 87.12 28.02 -20.52
C HIS TB 113 88.59 28.30 -20.74
N LEU TB 114 88.88 29.26 -21.61
CA LEU TB 114 90.26 29.56 -21.97
C LEU TB 114 91.03 30.18 -20.80
N ALA TB 115 90.38 31.11 -20.11
CA ALA TB 115 91.00 31.84 -19.00
C ALA TB 115 91.31 30.94 -17.81
N ASP TB 116 90.43 29.97 -17.58
CA ASP TB 116 90.55 29.07 -16.42
C ASP TB 116 91.62 28.00 -16.60
N HIS TB 117 92.12 27.86 -17.83
CA HIS TB 117 93.24 26.95 -18.09
C HIS TB 117 94.59 27.69 -18.11
N GLY TB 118 94.56 29.00 -17.94
CA GLY TB 118 95.78 29.81 -17.93
C GLY TB 118 96.24 30.23 -19.32
N GLN TB 119 95.32 30.14 -20.28
CA GLN TB 119 95.64 30.35 -21.70
C GLN TB 119 95.46 31.80 -22.15
N LEU TB 120 94.88 32.63 -21.29
CA LEU TB 120 94.77 34.07 -21.57
C LEU TB 120 95.74 34.84 -20.66
N SER TB 121 96.79 35.38 -21.28
CA SER TB 121 97.87 36.10 -20.57
C SER TB 121 97.36 37.31 -19.81
N GLY TB 122 97.75 37.42 -18.53
CA GLY TB 122 97.33 38.55 -17.72
C GLY TB 122 95.94 38.46 -17.10
N VAL TB 123 95.12 37.53 -17.60
CA VAL TB 123 93.79 37.30 -17.01
C VAL TB 123 93.92 36.35 -15.82
N GLN TB 124 93.18 36.64 -14.76
CA GLN TB 124 93.19 35.82 -13.55
C GLN TB 124 91.88 36.02 -12.76
N ARG TB 125 91.63 35.13 -11.81
CA ARG TB 125 90.50 35.29 -10.89
C ARG TB 125 90.72 36.52 -10.00
N ALA TB 126 89.63 37.21 -9.68
CA ALA TB 126 89.69 38.47 -8.95
C ALA TB 126 89.37 38.33 -7.45
N MET TB 127 90.40 38.53 -6.63
CA MET TB 127 90.30 38.53 -5.17
C MET TB 127 90.65 39.89 -4.60
N TRP TB 128 89.71 40.51 -3.88
CA TRP TB 128 89.95 41.81 -3.24
C TRP TB 128 88.91 42.11 -2.16
N GLN UB 65 30.53 -41.11 66.72
CA GLN UB 65 31.43 -40.08 67.23
C GLN UB 65 31.89 -40.41 68.65
N ASP UB 66 33.20 -40.29 68.90
CA ASP UB 66 33.74 -40.56 70.22
C ASP UB 66 33.78 -39.30 71.09
N ASP UB 67 34.13 -39.48 72.35
CA ASP UB 67 34.07 -38.41 73.33
C ASP UB 67 35.23 -38.43 74.34
N PRO UB 68 36.37 -37.79 74.00
CA PRO UB 68 37.54 -37.68 74.89
C PRO UB 68 37.31 -36.72 76.07
N PRO UB 69 36.77 -37.23 77.20
CA PRO UB 69 36.10 -36.50 78.30
C PRO UB 69 36.83 -35.24 78.77
N PRO UB 70 36.06 -34.19 79.15
CA PRO UB 70 36.59 -32.86 79.49
C PRO UB 70 37.64 -32.86 80.61
N SER UB 71 37.65 -33.91 81.43
CA SER UB 71 38.58 -34.00 82.56
C SER UB 71 39.84 -34.81 82.25
N MET UB 72 40.02 -35.21 80.99
CA MET UB 72 40.94 -36.30 80.65
C MET UB 72 42.44 -36.02 80.81
N LEU UB 73 42.82 -34.81 81.21
CA LEU UB 73 44.18 -34.61 81.71
C LEU UB 73 45.28 -34.86 80.65
N LEU UB 74 45.53 -33.86 79.80
CA LEU UB 74 46.20 -34.03 78.51
C LEU UB 74 47.50 -34.84 78.49
N LEU UB 75 47.75 -35.43 77.32
CA LEU UB 75 48.68 -36.54 77.09
C LEU UB 75 50.07 -36.49 77.75
N ASP UB 76 50.70 -35.32 77.77
CA ASP UB 76 52.05 -35.18 78.32
C ASP UB 76 52.05 -35.24 79.85
N TYR UB 77 50.92 -34.88 80.45
CA TYR UB 77 50.79 -34.82 81.90
C TYR UB 77 50.15 -36.06 82.55
N GLN UB 78 49.86 -37.09 81.76
CA GLN UB 78 49.21 -38.29 82.28
C GLN UB 78 50.17 -39.22 83.05
N ASN UB 79 51.40 -39.32 82.58
CA ASN UB 79 52.36 -40.28 83.17
C ASN UB 79 53.30 -39.68 84.22
N VAL UB 80 53.15 -38.40 84.54
CA VAL UB 80 53.95 -37.80 85.61
C VAL UB 80 53.37 -38.22 86.97
N PRO UB 81 54.26 -38.66 87.89
CA PRO UB 81 53.90 -39.26 89.18
C PRO UB 81 53.14 -38.34 90.15
N GLY UB 82 52.21 -38.92 90.90
CA GLY UB 82 51.50 -38.21 91.94
C GLY UB 82 50.58 -37.11 91.45
N ILE UB 83 50.15 -37.23 90.20
CA ILE UB 83 49.31 -36.22 89.56
C ILE UB 83 47.93 -36.12 90.22
N HIS UB 84 47.37 -37.25 90.61
CA HIS UB 84 46.01 -37.30 91.15
C HIS UB 84 45.92 -36.76 92.57
N LYS UB 85 47.06 -36.58 93.21
CA LYS UB 85 47.12 -36.04 94.57
C LYS UB 85 47.00 -34.52 94.54
N VAL UB 86 47.26 -33.92 93.39
CA VAL UB 86 47.22 -32.47 93.21
C VAL UB 86 45.79 -31.94 93.32
N ASP UB 87 45.64 -30.70 93.82
CA ASP UB 87 44.33 -30.11 94.08
C ASP UB 87 43.53 -29.87 92.79
N ASP UB 88 42.22 -29.69 92.94
CA ASP UB 88 41.27 -29.60 91.81
C ASP UB 88 41.63 -28.56 90.75
N VAL UB 89 42.14 -27.40 91.18
CA VAL UB 89 42.46 -26.30 90.28
C VAL UB 89 43.55 -26.64 89.24
N VAL UB 90 44.71 -27.09 89.72
CA VAL UB 90 45.81 -27.47 88.84
C VAL UB 90 45.44 -28.67 87.96
N LYS UB 91 44.67 -29.59 88.54
CA LYS UB 91 44.15 -30.74 87.82
C LYS UB 91 43.25 -30.26 86.66
N ARG UB 92 42.57 -29.12 86.89
CA ARG UB 92 41.65 -28.54 85.90
C ARG UB 92 42.38 -27.75 84.80
N LEU UB 93 43.49 -27.11 85.16
CA LEU UB 93 44.30 -26.40 84.17
C LEU UB 93 45.02 -27.36 83.22
N LEU UB 94 45.25 -28.59 83.69
CA LEU UB 94 45.87 -29.63 82.87
C LEU UB 94 44.83 -30.55 82.23
N SER UB 95 43.56 -30.19 82.41
CA SER UB 95 42.44 -30.90 81.80
C SER UB 95 42.26 -30.53 80.33
N LEU UB 96 41.60 -31.40 79.57
CA LEU UB 96 41.18 -31.08 78.21
C LEU UB 96 40.15 -29.93 78.21
N GLU UB 97 39.69 -29.58 79.40
CA GLU UB 97 38.81 -28.43 79.62
C GLU UB 97 39.46 -27.11 79.18
N MET UB 98 40.64 -26.84 79.71
CA MET UB 98 41.37 -25.61 79.40
C MET UB 98 42.23 -25.76 78.15
N ALA UB 99 42.18 -26.95 77.55
CA ALA UB 99 43.03 -27.32 76.44
C ALA UB 99 42.67 -26.68 75.09
N ASN UB 100 43.62 -26.76 74.18
CA ASN UB 100 43.41 -26.46 72.77
C ASN UB 100 42.58 -27.56 72.10
N GLN UB 101 42.33 -27.43 70.80
CA GLN UB 101 41.73 -28.50 70.02
C GLN UB 101 42.79 -29.55 69.66
N LYS UB 102 44.02 -29.07 69.46
CA LYS UB 102 45.13 -29.92 69.05
C LYS UB 102 45.48 -30.95 70.13
N GLU UB 103 45.14 -30.61 71.37
CA GLU UB 103 45.34 -31.52 72.50
C GLU UB 103 44.36 -32.70 72.41
N LYS UB 104 43.09 -32.38 72.21
CA LYS UB 104 42.07 -33.39 71.98
C LYS UB 104 42.43 -34.27 70.79
N LEU UB 105 43.09 -33.68 69.81
CA LEU UB 105 43.52 -34.46 68.66
C LEU UB 105 44.68 -35.41 69.02
N LYS UB 106 45.64 -34.95 69.82
CA LYS UB 106 46.71 -35.83 70.33
C LYS UB 106 46.10 -37.04 71.03
N ILE UB 107 45.17 -36.75 71.95
CA ILE UB 107 44.51 -37.79 72.74
C ILE UB 107 43.78 -38.78 71.85
N LYS UB 108 42.97 -38.27 70.92
CA LYS UB 108 42.21 -39.11 70.01
C LYS UB 108 43.13 -40.02 69.19
N LYS UB 109 44.24 -39.45 68.74
CA LYS UB 109 45.25 -40.21 68.01
C LYS UB 109 45.79 -41.37 68.85
N MET UB 110 46.26 -41.07 70.06
CA MET UB 110 46.74 -42.10 70.98
C MET UB 110 45.72 -43.24 71.16
N GLN UB 111 44.51 -42.85 71.58
CA GLN UB 111 43.45 -43.81 71.87
C GLN UB 111 43.16 -44.71 70.67
N LEU UB 112 43.13 -44.11 69.48
CA LEU UB 112 42.85 -44.89 68.28
C LEU UB 112 43.99 -45.84 67.93
N MET UB 113 45.22 -45.37 68.03
CA MET UB 113 46.38 -46.21 67.70
C MET UB 113 46.52 -47.37 68.69
N ASN UB 114 46.04 -47.17 69.91
CA ASN UB 114 46.03 -48.24 70.90
C ASN UB 114 44.90 -49.25 70.66
N LYS UB 115 43.69 -48.76 70.43
CA LYS UB 115 42.56 -49.63 70.10
C LYS UB 115 42.81 -50.51 68.89
N VAL UB 116 43.21 -49.87 67.80
CA VAL UB 116 43.29 -50.53 66.50
C VAL UB 116 44.56 -51.37 66.29
N LEU UB 117 45.71 -50.83 66.69
CA LEU UB 117 46.98 -51.40 66.24
C LEU UB 117 47.47 -52.61 67.02
N GLU UB 118 48.66 -53.07 66.60
CA GLU UB 118 49.39 -54.15 67.24
C GLU UB 118 50.56 -53.56 68.02
N ASN UB 119 51.44 -52.87 67.30
CA ASN UB 119 52.62 -52.22 67.89
C ASN UB 119 52.51 -50.71 67.73
N PRO UB 120 51.89 -50.03 68.71
CA PRO UB 120 51.73 -48.57 68.70
C PRO UB 120 53.06 -47.82 68.67
N GLU UB 121 54.15 -48.52 68.92
CA GLU UB 121 55.49 -47.93 68.86
C GLU UB 121 55.97 -47.58 67.45
N ASP UB 122 55.57 -48.34 66.43
CA ASP UB 122 56.04 -48.04 65.07
C ASP UB 122 55.18 -46.96 64.43
N THR UB 123 55.79 -45.81 64.17
CA THR UB 123 55.14 -44.76 63.41
C THR UB 123 55.30 -45.05 61.91
N SER UB 124 56.36 -45.81 61.59
CA SER UB 124 56.78 -46.05 60.21
C SER UB 124 55.89 -47.03 59.43
N SER UB 125 55.20 -47.90 60.14
CA SER UB 125 54.34 -48.91 59.50
C SER UB 125 53.17 -48.27 58.75
N LEU UB 126 52.77 -48.89 57.63
CA LEU UB 126 51.66 -48.43 56.80
C LEU UB 126 50.41 -48.14 57.64
N GLU UB 127 50.05 -49.12 58.47
CA GLU UB 127 48.86 -49.05 59.30
C GLU UB 127 48.84 -47.87 60.27
N ALA UB 128 49.99 -47.60 60.90
CA ALA UB 128 50.16 -46.46 61.80
C ALA UB 128 49.81 -45.12 61.13
N ARG UB 129 50.39 -44.94 59.94
CA ARG UB 129 50.09 -43.80 59.09
C ARG UB 129 48.59 -43.75 58.76
N ILE UB 130 48.02 -44.88 58.38
CA ILE UB 130 46.60 -44.91 58.02
C ILE UB 130 45.73 -44.42 59.18
N VAL UB 131 46.11 -44.81 60.39
CA VAL UB 131 45.41 -44.34 61.59
C VAL UB 131 45.54 -42.83 61.80
N ALA UB 132 46.79 -42.35 61.82
CA ALA UB 132 47.04 -40.91 61.99
C ALA UB 132 46.24 -40.05 60.99
N LEU UB 133 46.40 -40.41 59.72
CA LEU UB 133 45.66 -39.81 58.61
C LEU UB 133 44.15 -39.84 58.87
N THR UB 134 43.64 -40.98 59.33
CA THR UB 134 42.21 -41.09 59.61
C THR UB 134 41.76 -40.09 60.69
N VAL UB 135 42.57 -39.92 61.73
CA VAL UB 135 42.29 -38.89 62.74
C VAL UB 135 42.20 -37.50 62.12
N LYS UB 136 43.24 -37.16 61.35
CA LYS UB 136 43.31 -35.85 60.68
C LYS UB 136 42.06 -35.61 59.82
N ILE UB 137 41.75 -36.59 58.98
CA ILE UB 137 40.60 -36.59 58.10
C ILE UB 137 39.31 -36.33 58.87
N ARG UB 138 39.08 -37.04 59.96
CA ARG UB 138 37.89 -36.83 60.77
C ARG UB 138 37.81 -35.39 61.31
N ASN UB 139 38.95 -34.87 61.75
CA ASN UB 139 39.03 -33.47 62.19
C ASN UB 139 38.62 -32.47 61.10
N TYR UB 140 39.16 -32.66 59.89
CA TYR UB 140 38.79 -31.81 58.75
C TYR UB 140 37.32 -31.90 58.45
N GLU UB 141 36.80 -33.13 58.49
CA GLU UB 141 35.38 -33.38 58.33
C GLU UB 141 34.58 -32.44 59.24
N GLU UB 142 34.96 -32.43 60.52
CA GLU UB 142 34.32 -31.56 61.50
C GLU UB 142 34.40 -30.07 61.11
N HIS UB 143 35.62 -29.65 60.80
CA HIS UB 143 35.88 -28.26 60.38
C HIS UB 143 34.99 -27.85 59.20
N MET UB 144 34.88 -28.74 58.22
CA MET UB 144 34.09 -28.51 57.01
C MET UB 144 32.62 -28.50 57.31
N GLN UB 145 32.24 -29.20 58.39
CA GLN UB 145 30.85 -29.16 58.81
C GLN UB 145 30.52 -27.82 59.43
N LYS UB 146 31.48 -27.19 60.12
CA LYS UB 146 31.22 -25.82 60.54
C LYS UB 146 31.35 -24.81 59.39
N HIS UB 147 32.45 -24.87 58.66
CA HIS UB 147 32.68 -23.93 57.57
C HIS UB 147 32.41 -24.59 56.21
N ARG UB 148 31.29 -24.21 55.60
CA ARG UB 148 30.86 -24.79 54.34
C ARG UB 148 31.74 -24.31 53.19
N LYS UB 149 31.96 -23.00 53.17
CA LYS UB 149 32.52 -22.33 52.01
C LYS UB 149 34.04 -22.28 52.02
N ASP UB 150 34.67 -22.90 53.01
CA ASP UB 150 36.13 -22.86 53.08
C ASP UB 150 36.67 -23.83 52.04
N LYS UB 151 37.33 -23.31 51.03
CA LYS UB 151 37.78 -24.18 49.97
C LYS UB 151 39.11 -24.84 50.32
N ALA UB 152 39.95 -24.11 51.05
CA ALA UB 152 41.27 -24.59 51.43
C ALA UB 152 41.21 -25.98 52.08
N HIS UB 153 40.35 -26.11 53.08
CA HIS UB 153 40.24 -27.32 53.84
C HIS UB 153 39.42 -28.39 53.13
N LYS UB 154 38.61 -27.99 52.15
CA LYS UB 154 37.91 -28.96 51.33
C LYS UB 154 38.95 -29.67 50.47
N ARG UB 155 39.92 -28.89 50.02
CA ARG UB 155 41.09 -29.44 49.33
C ARG UB 155 41.86 -30.39 50.26
N PHE UB 156 42.20 -29.92 51.46
CA PHE UB 156 42.94 -30.74 52.41
C PHE UB 156 42.26 -32.08 52.66
N LEU UB 157 40.95 -31.99 52.90
CA LEU UB 157 40.11 -33.15 53.13
C LEU UB 157 40.16 -34.15 51.99
N LEU UB 158 39.82 -33.69 50.79
CA LEU UB 158 39.73 -34.61 49.65
C LEU UB 158 41.10 -35.24 49.35
N MET UB 159 42.11 -34.38 49.31
CA MET UB 159 43.50 -34.76 49.10
C MET UB 159 43.96 -35.87 50.04
N SER UB 160 43.82 -35.58 51.33
CA SER UB 160 44.19 -36.48 52.41
C SER UB 160 43.43 -37.82 52.29
N ILE UB 161 42.13 -37.74 52.00
CA ILE UB 161 41.32 -38.95 51.73
C ILE UB 161 41.97 -39.82 50.65
N ASP UB 162 42.37 -39.18 49.56
CA ASP UB 162 43.03 -39.89 48.48
C ASP UB 162 44.34 -40.54 48.96
N GLN UB 163 45.12 -39.81 49.75
CA GLN UB 163 46.35 -40.37 50.30
C GLN UB 163 46.07 -41.65 51.10
N ARG UB 164 45.10 -41.56 52.01
CA ARG UB 164 44.68 -42.71 52.81
C ARG UB 164 44.30 -43.88 51.93
N LYS UB 165 43.47 -43.61 50.93
CA LYS UB 165 42.99 -44.68 50.05
C LYS UB 165 44.14 -45.30 49.24
N LYS UB 166 45.16 -44.49 48.96
CA LYS UB 166 46.35 -44.98 48.27
C LYS UB 166 47.12 -45.95 49.17
N MET UB 167 47.41 -45.50 50.40
CA MET UB 167 48.08 -46.36 51.38
C MET UB 167 47.31 -47.65 51.64
N LEU UB 168 45.98 -47.57 51.61
CA LEU UB 168 45.12 -48.75 51.73
C LEU UB 168 45.33 -49.71 50.57
N LYS UB 169 45.28 -49.18 49.35
CA LYS UB 169 45.56 -49.99 48.17
C LYS UB 169 46.93 -50.64 48.30
N ASN UB 170 47.82 -49.97 49.03
CA ASN UB 170 49.15 -50.55 49.23
C ASN UB 170 49.16 -51.66 50.28
N LEU UB 171 48.43 -51.49 51.38
CA LEU UB 171 48.33 -52.51 52.43
C LEU UB 171 47.68 -53.78 51.88
N ARG UB 172 46.57 -53.59 51.16
CA ARG UB 172 45.83 -54.72 50.58
C ARG UB 172 46.69 -55.54 49.60
N GLU UB 173 47.74 -54.92 49.06
CA GLU UB 173 48.64 -55.64 48.15
C GLU UB 173 49.85 -56.31 48.83
N THR UB 174 50.12 -55.97 50.09
CA THR UB 174 51.28 -56.50 50.80
C THR UB 174 50.90 -57.38 52.00
N ASN UB 175 50.25 -56.79 53.00
CA ASN UB 175 49.75 -57.51 54.17
C ASN UB 175 48.22 -57.50 54.18
N TYR UB 176 47.59 -58.63 53.86
CA TYR UB 176 46.13 -58.67 53.67
C TYR UB 176 45.38 -58.73 54.99
N ALA UB 177 45.91 -59.51 55.92
CA ALA UB 177 45.31 -59.71 57.24
C ALA UB 177 45.09 -58.37 57.94
N VAL UB 178 46.19 -57.63 58.10
CA VAL UB 178 46.17 -56.34 58.76
C VAL UB 178 45.24 -55.36 58.03
N PHE UB 179 45.31 -55.35 56.70
CA PHE UB 179 44.41 -54.53 55.88
C PHE UB 179 42.95 -54.79 56.25
N GLU UB 180 42.59 -56.07 56.27
CA GLU UB 180 41.23 -56.48 56.60
C GLU UB 180 40.81 -55.94 57.96
N LYS UB 181 41.70 -56.16 58.94
CA LYS UB 181 41.46 -55.67 60.29
C LYS UB 181 41.19 -54.16 60.30
N ILE UB 182 42.14 -53.38 59.78
CA ILE UB 182 42.05 -51.91 59.74
C ILE UB 182 40.74 -51.42 59.11
N CYS UB 183 40.44 -51.98 57.93
CA CYS UB 183 39.19 -51.66 57.25
C CYS UB 183 37.99 -51.87 58.17
N LYS UB 184 37.97 -53.00 58.88
CA LYS UB 184 36.88 -53.24 59.84
C LYS UB 184 36.86 -52.20 60.98
N GLU UB 185 38.04 -51.92 61.54
CA GLU UB 185 38.16 -51.13 62.77
C GLU UB 185 37.88 -49.64 62.60
N LEU UB 186 38.34 -49.06 61.49
CA LEU UB 186 38.23 -47.62 61.28
C LEU UB 186 36.93 -47.28 60.57
N GLY UB 187 36.22 -48.30 60.12
CA GLY UB 187 34.98 -48.11 59.38
C GLY UB 187 35.23 -47.77 57.92
N ILE UB 188 36.50 -47.72 57.53
CA ILE UB 188 36.87 -47.46 56.14
C ILE UB 188 36.39 -48.59 55.24
N GLU UB 189 35.76 -48.24 54.13
CA GLU UB 189 35.35 -49.23 53.16
C GLU UB 189 36.16 -49.06 51.89
N TYR UB 190 36.97 -50.07 51.56
CA TYR UB 190 37.82 -49.97 50.38
C TYR UB 190 37.08 -50.39 49.12
N THR UB 191 36.97 -49.46 48.18
CA THR UB 191 36.37 -49.74 46.88
C THR UB 191 37.45 -49.78 45.81
N PHE UB 192 37.28 -50.66 44.83
CA PHE UB 192 38.21 -50.72 43.70
C PHE UB 192 37.92 -49.59 42.73
N PRO UB 193 38.97 -48.95 42.20
CA PRO UB 193 38.84 -47.92 41.16
C PRO UB 193 38.17 -48.50 39.91
N PRO UB 194 37.17 -47.79 39.36
CA PRO UB 194 36.58 -48.33 38.14
C PRO UB 194 37.59 -48.28 36.98
N PRO UB 195 37.47 -49.20 36.03
CA PRO UB 195 38.16 -48.84 34.79
C PRO UB 195 37.33 -47.74 34.16
N TYR UB 196 37.91 -46.93 33.27
CA TYR UB 196 37.11 -45.96 32.54
C TYR UB 196 36.37 -44.91 33.37
N HIS UB 197 37.10 -43.96 33.94
CA HIS UB 197 36.41 -42.78 34.46
C HIS UB 197 35.95 -41.96 33.27
N ARG UB 198 34.64 -41.78 33.15
CA ARG UB 198 34.07 -40.88 32.17
C ARG UB 198 33.01 -40.08 32.87
N LYS UB 199 32.74 -38.90 32.36
CA LYS UB 199 31.68 -38.09 32.91
C LYS UB 199 30.34 -38.64 32.41
N ALA UB 200 29.48 -39.00 33.34
CA ALA UB 200 28.15 -39.43 32.97
C ALA UB 200 27.32 -38.21 32.69
N HIS UB 201 26.86 -38.09 31.45
CA HIS UB 201 26.10 -36.90 31.10
C HIS UB 201 24.65 -37.24 30.79
N ARG UB 202 23.85 -36.22 30.54
CA ARG UB 202 22.40 -36.38 30.41
C ARG UB 202 22.03 -37.46 29.40
N ARG UB 203 22.61 -37.35 28.21
CA ARG UB 203 22.30 -38.28 27.13
C ARG UB 203 22.69 -39.71 27.49
N TRP UB 204 23.92 -39.92 27.92
CA TRP UB 204 24.35 -41.26 28.25
C TRP UB 204 23.57 -41.86 29.42
N VAL UB 205 23.37 -41.08 30.47
CA VAL UB 205 22.60 -41.57 31.62
C VAL UB 205 21.18 -42.00 31.20
N THR UB 206 20.48 -41.12 30.49
CA THR UB 206 19.13 -41.44 30.01
C THR UB 206 19.11 -42.68 29.10
N LYS UB 207 19.95 -42.69 28.06
CA LYS UB 207 20.00 -43.83 27.15
C LYS UB 207 20.30 -45.16 27.86
N LYS UB 208 21.27 -45.14 28.78
CA LYS UB 208 21.59 -46.33 29.57
C LYS UB 208 20.39 -46.80 30.39
N ALA UB 209 19.69 -45.85 31.00
CA ALA UB 209 18.46 -46.16 31.74
C ALA UB 209 17.43 -46.89 30.86
N LEU UB 210 17.15 -46.32 29.70
CA LEU UB 210 16.26 -46.96 28.74
C LEU UB 210 16.72 -48.36 28.40
N CYS UB 211 17.97 -48.50 27.97
CA CYS UB 211 18.52 -49.81 27.58
C CYS UB 211 18.37 -50.88 28.65
N THR UB 212 18.62 -50.50 29.90
CA THR UB 212 18.38 -51.41 31.01
C THR UB 212 16.91 -51.82 31.10
N GLN UB 213 16.01 -50.83 31.01
CA GLN UB 213 14.56 -51.13 31.02
C GLN UB 213 14.10 -52.06 29.88
N VAL UB 214 14.58 -51.78 28.66
CA VAL UB 214 14.32 -52.61 27.50
C VAL UB 214 14.81 -54.03 27.74
N PHE UB 215 15.99 -54.16 28.32
CA PHE UB 215 16.52 -55.48 28.65
C PHE UB 215 15.60 -56.25 29.59
N ARG UB 216 15.27 -55.64 30.73
CA ARG UB 216 14.40 -56.30 31.72
C ARG UB 216 13.05 -56.70 31.11
N GLU UB 217 12.43 -55.78 30.38
CA GLU UB 217 11.21 -56.11 29.66
C GLU UB 217 11.36 -57.31 28.71
N VAL UB 218 12.40 -57.30 27.88
CA VAL UB 218 12.64 -58.39 26.92
C VAL UB 218 12.76 -59.75 27.61
N GLN UB 219 13.61 -59.84 28.64
CA GLN UB 219 13.80 -61.14 29.28
C GLN UB 219 12.54 -61.55 30.07
N LYS UB 220 11.79 -60.56 30.58
CA LYS UB 220 10.50 -60.84 31.26
C LYS UB 220 9.48 -61.45 30.28
N LEU UB 221 9.43 -60.90 29.07
CA LEU UB 221 8.54 -61.41 28.03
C LEU UB 221 8.96 -62.79 27.53
N LYS UB 222 10.27 -63.04 27.44
CA LYS UB 222 10.76 -64.38 27.14
C LYS UB 222 10.32 -65.38 28.21
N LYS UB 223 10.39 -64.96 29.48
CA LYS UB 223 9.92 -65.80 30.58
C LYS UB 223 8.41 -66.10 30.49
N GLN UB 224 7.61 -65.09 30.14
CA GLN UB 224 6.16 -65.30 29.96
C GLN UB 224 5.85 -66.24 28.77
N LYS UB 225 6.58 -66.09 27.68
CA LYS UB 225 6.43 -67.00 26.52
C LYS UB 225 6.82 -68.44 26.88
N ARG UB 226 7.80 -68.59 27.77
CA ARG UB 226 8.19 -69.93 28.24
C ARG UB 226 7.16 -70.53 29.22
N ALA UB 227 6.53 -69.69 30.04
CA ALA UB 227 5.42 -70.16 30.90
C ALA UB 227 4.21 -70.61 30.05
N LEU UB 228 3.89 -69.84 29.01
CA LEU UB 228 2.82 -70.23 28.06
C LEU UB 228 3.17 -71.52 27.31
N ARG UB 229 4.42 -71.65 26.86
CA ARG UB 229 4.88 -72.87 26.19
C ARG UB 229 4.79 -74.10 27.10
N ALA UB 230 5.26 -73.96 28.34
CA ALA UB 230 5.19 -75.04 29.33
C ALA UB 230 3.74 -75.46 29.63
N ALA UB 231 2.87 -74.49 29.91
CA ALA UB 231 1.45 -74.77 30.16
C ALA UB 231 0.78 -75.47 28.97
N ALA UB 232 1.00 -74.94 27.77
CA ALA UB 232 0.41 -75.51 26.55
C ALA UB 232 0.87 -76.94 26.27
N VAL UB 233 2.19 -77.17 26.26
CA VAL UB 233 2.72 -78.50 25.97
C VAL UB 233 2.37 -79.52 27.08
N ALA UB 234 2.29 -79.07 28.33
CA ALA UB 234 1.88 -79.95 29.43
C ALA UB 234 0.40 -80.37 29.31
N ALA UB 235 -0.49 -79.38 29.14
CA ALA UB 235 -1.92 -79.64 28.98
C ALA UB 235 -2.23 -80.44 27.70
N HIS UB 236 -1.33 -80.35 26.71
CA HIS UB 236 -1.42 -81.18 25.50
C HIS UB 236 -1.02 -82.64 25.79
N LYS UB 237 0.14 -82.82 26.43
CA LYS UB 237 0.67 -84.15 26.71
C LYS UB 237 -0.23 -84.97 27.65
N GLN UB 238 -0.83 -84.31 28.64
CA GLN UB 238 -1.71 -85.03 29.57
C GLN UB 238 -2.92 -85.66 28.87
N GLY UB 239 -3.68 -84.84 28.14
CA GLY UB 239 -4.83 -85.33 27.41
C GLY UB 239 -5.78 -84.21 27.01
N ARG VB 10 44.68 -72.77 -3.93
CA ARG VB 10 43.29 -72.57 -3.53
C ARG VB 10 42.56 -73.92 -3.41
N ALA VB 11 41.48 -73.93 -2.62
CA ALA VB 11 40.67 -75.15 -2.43
C ALA VB 11 39.98 -75.57 -3.74
N TYR VB 12 40.11 -76.85 -4.10
CA TYR VB 12 39.40 -77.41 -5.26
C TYR VB 12 38.37 -78.45 -4.80
N ARG VB 13 37.59 -78.99 -5.75
CA ARG VB 13 36.64 -80.07 -5.46
C ARG VB 13 37.36 -81.42 -5.35
N GLY VB 14 38.21 -81.68 -6.34
CA GLY VB 14 38.91 -82.94 -6.44
C GLY VB 14 40.08 -82.80 -7.40
N GLY VB 15 40.63 -83.93 -7.83
CA GLY VB 15 41.90 -83.92 -8.53
C GLY VB 15 43.01 -84.53 -7.69
N HIS VB 16 44.15 -84.78 -8.35
CA HIS VB 16 45.20 -85.63 -7.80
C HIS VB 16 46.58 -84.97 -7.76
N LEU VB 17 47.50 -85.56 -7.01
CA LEU VB 17 48.92 -85.21 -7.10
C LEU VB 17 49.49 -85.74 -8.43
N THR VB 18 50.24 -84.90 -9.15
CA THR VB 18 50.71 -85.20 -10.51
C THR VB 18 52.13 -84.65 -10.76
N ILE VB 19 53.00 -85.45 -11.37
CA ILE VB 19 54.33 -84.97 -11.76
C ILE VB 19 54.33 -84.68 -13.26
N ARG VB 20 54.53 -83.41 -13.62
CA ARG VB 20 54.41 -82.98 -15.01
C ARG VB 20 55.52 -82.02 -15.43
N LEU VB 21 55.38 -81.48 -16.65
CA LEU VB 21 56.30 -80.44 -17.12
C LEU VB 21 55.65 -79.05 -17.10
N ALA VB 22 56.21 -78.16 -16.26
CA ALA VB 22 55.83 -76.75 -16.27
C ALA VB 22 56.67 -76.04 -17.35
N LEU VB 23 56.03 -75.26 -18.20
CA LEU VB 23 56.80 -74.61 -19.28
C LEU VB 23 57.30 -73.26 -18.79
N GLY VB 24 58.60 -73.22 -18.50
CA GLY VB 24 59.28 -71.96 -18.28
C GLY VB 24 59.86 -71.62 -19.64
N GLY VB 25 60.05 -70.35 -19.94
CA GLY VB 25 60.62 -70.06 -21.23
C GLY VB 25 60.27 -68.77 -21.94
N CYS VB 26 60.91 -68.65 -23.10
CA CYS VB 26 61.07 -67.42 -23.85
C CYS VB 26 60.71 -67.81 -25.29
N THR VB 27 60.21 -66.89 -26.09
CA THR VB 27 59.66 -67.28 -27.40
C THR VB 27 60.71 -67.95 -28.31
N ASN VB 28 60.37 -69.16 -28.78
CA ASN VB 28 61.21 -70.06 -29.60
C ASN VB 28 62.33 -70.75 -28.81
N ARG VB 29 62.48 -70.38 -27.53
CA ARG VB 29 63.43 -71.01 -26.61
C ARG VB 29 62.66 -71.54 -25.39
N PRO VB 30 62.20 -72.79 -25.48
CA PRO VB 30 61.49 -73.49 -24.39
C PRO VB 30 62.41 -74.06 -23.30
N PHE VB 31 61.84 -74.26 -22.12
CA PHE VB 31 62.54 -74.93 -21.03
C PHE VB 31 61.48 -75.53 -20.08
N TYR VB 32 61.78 -76.65 -19.42
CA TYR VB 32 60.77 -77.28 -18.59
C TYR VB 32 61.23 -77.54 -17.17
N ARG VB 33 60.42 -77.10 -16.21
CA ARG VB 33 60.64 -77.45 -14.81
C ARG VB 33 59.75 -78.66 -14.48
N ILE VB 34 60.40 -79.79 -14.19
CA ILE VB 34 59.69 -81.00 -13.77
C ILE VB 34 59.15 -80.76 -12.37
N VAL VB 35 57.85 -80.98 -12.20
CA VAL VB 35 57.13 -80.41 -11.06
C VAL VB 35 56.09 -81.34 -10.43
N ALA VB 36 56.12 -81.40 -9.10
CA ALA VB 36 55.08 -82.08 -8.32
C ALA VB 36 53.99 -81.05 -7.99
N ALA VB 37 52.83 -81.26 -8.61
CA ALA VB 37 51.75 -80.27 -8.64
C ALA VB 37 50.40 -80.92 -8.33
N HIS VB 38 49.43 -80.12 -7.88
CA HIS VB 38 48.04 -80.56 -7.93
C HIS VB 38 47.62 -80.61 -9.40
N SER VB 39 46.60 -81.40 -9.74
CA SER VB 39 46.20 -81.59 -11.14
C SER VB 39 45.37 -80.41 -11.69
N LYS VB 40 44.58 -79.78 -10.83
CA LYS VB 40 43.62 -78.75 -11.22
C LYS VB 40 44.17 -77.31 -11.26
N CYS VB 41 45.38 -77.09 -10.76
CA CYS VB 41 45.97 -75.75 -10.77
C CYS VB 41 46.66 -75.49 -12.15
N PRO VB 42 46.89 -74.21 -12.52
CA PRO VB 42 47.43 -73.94 -13.87
C PRO VB 42 48.81 -74.54 -14.11
N ARG VB 43 49.18 -74.64 -15.39
CA ARG VB 43 50.40 -75.32 -15.85
C ARG VB 43 51.70 -74.80 -15.20
N ASP VB 44 51.97 -73.51 -15.41
CA ASP VB 44 53.21 -72.87 -14.93
C ASP VB 44 53.04 -72.41 -13.50
N GLY VB 45 51.85 -72.65 -12.97
CA GLY VB 45 51.39 -72.05 -11.73
C GLY VB 45 51.94 -72.72 -10.49
N ARG VB 46 51.19 -72.61 -9.41
CA ARG VB 46 51.57 -73.12 -8.09
C ARG VB 46 51.96 -74.59 -8.16
N PHE VB 47 52.90 -74.99 -7.32
CA PHE VB 47 53.27 -76.40 -7.24
C PHE VB 47 53.63 -76.82 -5.82
N VAL VB 48 53.50 -78.12 -5.54
CA VAL VB 48 53.86 -78.70 -4.26
C VAL VB 48 55.38 -78.71 -4.09
N GLU VB 49 56.06 -79.34 -5.05
CA GLU VB 49 57.53 -79.30 -5.11
C GLU VB 49 58.06 -79.43 -6.54
N GLN VB 50 59.15 -78.71 -6.80
CA GLN VB 50 59.91 -78.88 -8.03
C GLN VB 50 60.82 -80.10 -7.87
N LEU VB 51 60.75 -80.97 -8.86
CA LEU VB 51 61.47 -82.23 -8.87
C LEU VB 51 62.77 -82.07 -9.66
N GLY VB 52 62.64 -81.71 -10.93
CA GLY VB 52 63.79 -81.56 -11.79
C GLY VB 52 63.58 -80.58 -12.93
N SER VB 53 64.50 -80.57 -13.88
CA SER VB 53 64.40 -79.67 -15.03
C SER VB 53 64.79 -80.36 -16.34
N TYR VB 54 64.15 -79.93 -17.43
CA TYR VB 54 64.40 -80.50 -18.76
C TYR VB 54 64.64 -79.40 -19.81
N ASP VB 55 65.84 -79.40 -20.38
CA ASP VB 55 66.17 -78.49 -21.45
C ASP VB 55 66.06 -79.18 -22.80
N PRO VB 56 65.02 -78.82 -23.57
CA PRO VB 56 64.68 -79.43 -24.87
C PRO VB 56 65.72 -79.15 -25.93
N LEU VB 57 66.34 -77.97 -25.87
CA LEU VB 57 67.30 -77.59 -26.90
C LEU VB 57 68.70 -78.12 -26.60
N PRO VB 58 69.34 -78.76 -27.60
CA PRO VB 58 70.73 -79.24 -27.50
C PRO VB 58 71.73 -78.10 -27.33
N ASN VB 59 72.58 -78.19 -26.31
CA ASN VB 59 73.55 -77.12 -26.01
C ASN VB 59 74.79 -77.20 -26.91
N SER VB 60 75.85 -76.51 -26.49
CA SER VB 60 77.15 -76.52 -27.17
C SER VB 60 77.72 -77.91 -27.49
N HIS VB 61 77.49 -78.87 -26.59
CA HIS VB 61 78.02 -80.23 -26.72
C HIS VB 61 77.03 -81.19 -27.41
N GLY VB 62 75.90 -80.66 -27.88
CA GLY VB 62 74.86 -81.46 -28.50
C GLY VB 62 74.06 -82.26 -27.49
N GLU VB 63 73.75 -81.63 -26.35
CA GLU VB 63 73.10 -82.32 -25.22
C GLU VB 63 71.80 -81.65 -24.77
N LYS VB 64 70.78 -82.48 -24.54
CA LYS VB 64 69.58 -82.04 -23.84
C LYS VB 64 69.72 -82.44 -22.38
N LEU VB 65 69.72 -81.45 -21.50
CA LEU VB 65 70.01 -81.71 -20.08
C LEU VB 65 68.74 -82.01 -19.29
N VAL VB 66 68.74 -83.16 -18.63
CA VAL VB 66 67.65 -83.50 -17.73
C VAL VB 66 68.21 -83.77 -16.35
N ALA VB 67 67.68 -83.07 -15.37
CA ALA VB 67 68.04 -83.32 -13.98
C ALA VB 67 66.81 -83.83 -13.24
N LEU VB 68 66.97 -84.94 -12.54
CA LEU VB 68 65.87 -85.58 -11.84
C LEU VB 68 66.27 -85.83 -10.39
N ASN VB 69 65.42 -85.43 -9.46
CA ASN VB 69 65.65 -85.70 -8.04
C ASN VB 69 64.97 -87.03 -7.81
N PHE VB 70 65.76 -88.10 -7.70
CA PHE VB 70 65.19 -89.44 -7.80
C PHE VB 70 64.57 -89.84 -6.48
N ASP VB 71 65.23 -89.46 -5.39
CA ASP VB 71 64.75 -89.68 -4.03
C ASP VB 71 63.31 -89.14 -3.85
N ARG VB 72 63.12 -87.88 -4.20
CA ARG VB 72 61.82 -87.21 -4.07
C ARG VB 72 60.81 -87.70 -5.12
N ILE VB 73 61.31 -87.97 -6.34
CA ILE VB 73 60.48 -88.52 -7.42
C ILE VB 73 59.76 -89.79 -6.94
N ARG VB 74 60.55 -90.73 -6.41
CA ARG VB 74 60.01 -92.00 -5.94
C ARG VB 74 59.34 -91.86 -4.57
N HIS VB 75 59.64 -90.79 -3.84
CA HIS VB 75 58.86 -90.47 -2.66
C HIS VB 75 57.41 -90.17 -3.08
N TRP VB 76 57.26 -89.33 -4.11
CA TRP VB 76 55.96 -88.89 -4.60
C TRP VB 76 55.17 -89.99 -5.37
N ILE VB 77 55.86 -90.75 -6.23
CA ILE VB 77 55.26 -91.94 -6.86
C ILE VB 77 54.92 -92.94 -5.74
N GLY VB 78 55.78 -92.98 -4.73
CA GLY VB 78 55.51 -93.72 -3.49
C GLY VB 78 54.33 -93.18 -2.68
N CYS VB 79 53.91 -91.94 -2.97
CA CYS VB 79 52.70 -91.39 -2.36
C CYS VB 79 51.49 -91.47 -3.29
N GLY VB 80 51.70 -92.06 -4.47
CA GLY VB 80 50.63 -92.27 -5.42
C GLY VB 80 50.41 -91.17 -6.44
N ALA VB 81 51.49 -90.48 -6.78
CA ALA VB 81 51.47 -89.44 -7.80
C ALA VB 81 51.51 -90.00 -9.23
N HIS VB 82 50.59 -89.52 -10.07
CA HIS VB 82 50.52 -89.94 -11.48
C HIS VB 82 51.51 -89.17 -12.33
N LEU VB 83 52.09 -89.85 -13.31
CA LEU VB 83 53.04 -89.18 -14.21
C LEU VB 83 52.35 -88.81 -15.51
N SER VB 84 52.74 -87.67 -16.08
CA SER VB 84 52.32 -87.30 -17.42
C SER VB 84 53.05 -88.15 -18.44
N LYS VB 85 52.50 -88.25 -19.65
CA LYS VB 85 53.10 -89.05 -20.71
C LYS VB 85 54.56 -88.66 -21.08
N PRO VB 86 54.86 -87.35 -21.21
CA PRO VB 86 56.27 -87.00 -21.47
C PRO VB 86 57.19 -87.21 -20.24
N VAL VB 87 56.61 -87.13 -19.04
CA VAL VB 87 57.34 -87.45 -17.80
C VAL VB 87 57.73 -88.93 -17.78
N GLU VB 88 56.75 -89.75 -18.15
CA GLU VB 88 56.93 -91.19 -18.37
C GLU VB 88 58.04 -91.46 -19.39
N LYS VB 89 57.88 -90.90 -20.58
CA LYS VB 89 58.85 -91.01 -21.67
C LYS VB 89 60.26 -90.65 -21.24
N LEU VB 90 60.36 -89.62 -20.40
CA LEU VB 90 61.65 -89.15 -19.91
C LEU VB 90 62.28 -90.10 -18.88
N LEU VB 91 61.47 -90.52 -17.91
CA LEU VB 91 61.93 -91.48 -16.89
C LEU VB 91 62.37 -92.81 -17.53
N GLY VB 92 61.64 -93.24 -18.56
CA GLY VB 92 61.99 -94.43 -19.33
C GLY VB 92 63.26 -94.25 -20.14
N LEU VB 93 63.41 -93.08 -20.77
CA LEU VB 93 64.65 -92.70 -21.44
C LEU VB 93 65.86 -92.72 -20.49
N SER VB 94 65.63 -92.39 -19.22
CA SER VB 94 66.70 -92.40 -18.21
C SER VB 94 67.08 -93.85 -17.85
N GLY VB 95 66.09 -94.73 -17.87
CA GLY VB 95 66.27 -96.09 -17.39
C GLY VB 95 65.84 -96.20 -15.93
N PHE VB 96 65.24 -95.13 -15.40
CA PHE VB 96 64.62 -95.22 -14.09
C PHE VB 96 63.32 -96.02 -14.22
N TYR VB 97 62.69 -95.90 -15.39
CA TYR VB 97 61.46 -96.63 -15.70
C TYR VB 97 61.67 -97.52 -16.95
N PRO VB 98 60.82 -98.54 -17.13
CA PRO VB 98 60.80 -99.25 -18.41
C PRO VB 98 60.46 -98.30 -19.55
N LEU VB 99 60.95 -98.58 -20.75
CA LEU VB 99 60.56 -97.79 -21.92
C LEU VB 99 59.06 -97.80 -22.09
N HIS VB 100 58.47 -96.61 -22.19
CA HIS VB 100 57.05 -96.51 -22.47
C HIS VB 100 56.74 -97.16 -23.81
N PRO VB 101 55.67 -97.98 -23.87
CA PRO VB 101 55.24 -98.70 -25.07
C PRO VB 101 55.14 -97.83 -26.34
N MET VB 102 54.78 -96.56 -26.16
CA MET VB 102 54.58 -95.64 -27.28
C MET VB 102 55.89 -95.12 -27.86
N MET VB 103 56.92 -95.03 -27.01
CA MET VB 103 58.26 -94.75 -27.49
C MET VB 103 58.64 -95.77 -28.55
N ILE VB 104 58.56 -97.04 -28.14
CA ILE VB 104 58.89 -98.19 -28.97
C ILE VB 104 58.02 -98.25 -30.24
N THR VB 105 56.71 -98.07 -30.07
CA THR VB 105 55.75 -98.09 -31.20
C THR VB 105 56.04 -97.01 -32.25
N ASN VB 106 56.28 -95.78 -31.77
CA ASN VB 106 56.65 -94.66 -32.63
C ASN VB 106 58.02 -94.88 -33.31
N ALA VB 107 58.92 -95.54 -32.59
CA ALA VB 107 60.22 -95.95 -33.15
C ALA VB 107 60.02 -96.86 -34.36
N GLU VB 108 59.11 -97.83 -34.20
CA GLU VB 108 58.75 -98.76 -35.27
C GLU VB 108 58.10 -98.04 -36.47
N ARG VB 109 57.11 -97.19 -36.19
CA ARG VB 109 56.44 -96.38 -37.21
C ARG VB 109 57.45 -95.56 -38.02
N LEU VB 110 58.40 -94.97 -37.31
CA LEU VB 110 59.51 -94.22 -37.90
C LEU VB 110 60.36 -95.11 -38.82
N ARG VB 111 60.70 -96.31 -38.35
CA ARG VB 111 61.48 -97.28 -39.13
C ARG VB 111 60.80 -97.65 -40.45
N ARG VB 112 59.47 -97.88 -40.38
CA ARG VB 112 58.66 -98.19 -41.55
C ARG VB 112 58.55 -97.00 -42.52
N LYS VB 113 58.46 -95.78 -41.97
CA LYS VB 113 58.49 -94.57 -42.78
C LYS VB 113 59.81 -94.44 -43.55
N ARG VB 114 60.92 -94.70 -42.84
CA ARG VB 114 62.25 -94.73 -43.45
C ARG VB 114 62.36 -95.79 -44.55
N ALA VB 115 61.79 -96.96 -44.31
CA ALA VB 115 61.78 -98.05 -45.30
C ALA VB 115 61.01 -97.68 -46.57
N ARG VB 116 59.79 -97.15 -46.40
CA ARG VB 116 58.96 -96.77 -47.55
C ARG VB 116 59.50 -95.56 -48.30
N GLU VB 117 60.23 -94.70 -47.60
CA GLU VB 117 60.91 -93.57 -48.24
C GLU VB 117 62.18 -94.03 -48.99
N VAL VB 118 62.85 -95.06 -48.47
CA VAL VB 118 63.97 -95.70 -49.15
C VAL VB 118 63.52 -96.34 -50.47
N LEU VB 119 62.46 -97.15 -50.39
CA LEU VB 119 61.88 -97.77 -51.59
C LEU VB 119 61.37 -96.71 -52.58
N LEU VB 120 60.64 -95.71 -52.09
CA LEU VB 120 60.16 -94.62 -52.96
C LEU VB 120 61.32 -93.86 -53.63
N ALA VB 121 62.44 -93.72 -52.92
CA ALA VB 121 63.65 -93.11 -53.48
C ALA VB 121 64.21 -93.95 -54.62
N SER VB 122 64.31 -95.27 -54.40
CA SER VB 122 64.85 -96.16 -55.44
C SER VB 122 63.87 -96.38 -56.61
N GLN VB 123 62.57 -96.11 -56.38
CA GLN VB 123 61.57 -96.16 -57.45
C GLN VB 123 61.56 -94.88 -58.29
N LYS VB 124 61.74 -93.73 -57.64
CA LYS VB 124 61.80 -92.45 -58.35
C LYS VB 124 63.11 -92.28 -59.12
N THR VB 125 64.20 -92.81 -58.57
CA THR VB 125 65.51 -92.77 -59.26
C THR VB 125 65.46 -93.48 -60.63
N ASP VB 126 64.71 -94.59 -60.68
CA ASP VB 126 64.53 -95.34 -61.93
C ASP VB 126 63.78 -94.52 -62.97
N SER WB 2 47.37 -91.09 22.82
CA SER WB 2 46.99 -90.19 23.89
C SER WB 2 46.66 -88.81 23.36
N ILE WB 3 45.39 -88.58 23.00
CA ILE WB 3 44.99 -87.29 22.46
C ILE WB 3 44.12 -86.47 23.42
N ALA WB 4 44.72 -85.46 24.03
CA ALA WB 4 43.99 -84.36 24.65
C ALA WB 4 44.72 -83.04 24.31
N ARG WB 5 44.05 -82.16 23.57
CA ARG WB 5 44.70 -80.96 23.06
C ARG WB 5 43.79 -79.74 23.00
N SER WB 6 44.40 -78.57 22.87
CA SER WB 6 43.72 -77.33 22.51
C SER WB 6 44.48 -76.69 21.33
N SER WB 7 43.75 -76.20 20.33
CA SER WB 7 44.37 -75.61 19.13
C SER WB 7 45.00 -74.23 19.42
N VAL WB 8 44.77 -73.74 20.63
CA VAL WB 8 45.19 -72.40 21.08
C VAL WB 8 46.70 -72.33 21.40
N HIS WB 9 47.35 -71.25 20.96
CA HIS WB 9 48.81 -71.08 21.15
C HIS WB 9 49.19 -70.87 22.63
N ALA WB 10 48.17 -70.72 23.46
CA ALA WB 10 48.28 -70.14 24.80
C ALA WB 10 48.59 -71.13 25.92
N LYS WB 11 48.96 -72.37 25.58
CA LYS WB 11 48.81 -73.55 26.44
C LYS WB 11 49.08 -73.31 27.93
N TRP WB 12 50.11 -72.53 28.22
CA TRP WB 12 50.41 -72.12 29.59
C TRP WB 12 50.64 -70.61 29.65
N VAL WB 13 49.90 -69.92 30.50
CA VAL WB 13 50.14 -68.48 30.68
C VAL WB 13 50.12 -68.11 32.15
N VAL WB 14 50.59 -66.92 32.47
CA VAL WB 14 50.41 -66.36 33.81
C VAL WB 14 49.87 -64.93 33.68
N GLY WB 15 48.93 -64.58 34.55
CA GLY WB 15 48.27 -63.29 34.45
C GLY WB 15 47.72 -62.81 35.77
N LYS WB 16 47.39 -61.53 35.83
CA LYS WB 16 46.73 -60.94 36.99
C LYS WB 16 45.23 -61.21 36.95
N VAL WB 17 44.58 -61.20 38.11
CA VAL WB 17 43.14 -61.35 38.17
C VAL WB 17 42.45 -59.98 38.16
N ILE WB 18 41.77 -59.69 37.04
CA ILE WB 18 41.06 -58.42 36.86
C ILE WB 18 39.77 -58.33 37.66
N GLY WB 19 38.85 -59.27 37.45
CA GLY WB 19 37.62 -59.30 38.20
C GLY WB 19 36.94 -60.66 38.32
N THR WB 20 36.24 -60.82 39.44
CA THR WB 20 35.59 -62.07 39.84
C THR WB 20 34.08 -62.09 39.56
N ALA WB 21 33.60 -61.04 38.87
CA ALA WB 21 32.16 -60.76 38.73
C ALA WB 21 31.28 -61.97 38.39
N MET WB 22 31.70 -62.78 37.42
CA MET WB 22 30.94 -63.94 36.98
C MET WB 22 31.08 -65.20 37.88
N GLN WB 23 30.09 -66.08 37.79
CA GLN WB 23 30.05 -67.33 38.56
C GLN WB 23 31.11 -68.31 38.06
N LYS WB 24 31.97 -68.75 38.97
CA LYS WB 24 32.97 -69.80 38.69
C LYS WB 24 33.91 -69.43 37.54
N THR WB 25 34.06 -68.14 37.27
CA THR WB 25 34.91 -67.69 36.18
C THR WB 25 35.70 -66.45 36.59
N ALA WB 26 37.02 -66.52 36.41
CA ALA WB 26 37.87 -65.38 36.68
C ALA WB 26 38.30 -64.71 35.36
N LYS WB 27 38.16 -63.39 35.32
CA LYS WB 27 38.68 -62.60 34.22
C LYS WB 27 40.15 -62.32 34.52
N VAL WB 28 41.03 -62.60 33.57
CA VAL WB 28 42.47 -62.54 33.85
C VAL WB 28 43.25 -61.80 32.77
N ARG WB 29 44.00 -60.78 33.18
CA ARG WB 29 44.85 -60.01 32.27
C ARG WB 29 46.26 -60.59 32.18
N VAL WB 30 46.54 -61.14 31.01
CA VAL WB 30 47.84 -61.67 30.68
C VAL WB 30 48.62 -60.60 29.92
N THR WB 31 49.88 -60.40 30.27
CA THR WB 31 50.69 -59.34 29.67
C THR WB 31 52.00 -59.91 29.09
N ARG WB 32 52.24 -59.63 27.81
CA ARG WB 32 53.43 -60.11 27.11
C ARG WB 32 54.33 -58.94 26.65
N LEU WB 33 55.61 -59.21 26.42
CA LEU WB 33 56.52 -58.24 25.83
C LEU WB 33 56.54 -58.31 24.30
N VAL WB 34 56.05 -57.24 23.66
CA VAL WB 34 56.05 -57.15 22.20
C VAL WB 34 57.12 -56.15 21.75
N LEU WB 35 57.80 -56.46 20.65
CA LEU WB 35 58.85 -55.58 20.13
C LEU WB 35 58.26 -54.59 19.12
N ASP WB 36 58.23 -53.32 19.52
CA ASP WB 36 57.93 -52.20 18.62
C ASP WB 36 59.11 -52.12 17.65
N PRO WB 37 58.83 -52.37 16.34
CA PRO WB 37 59.77 -52.56 15.23
C PRO WB 37 60.50 -51.30 14.84
N TYR WB 38 59.85 -50.15 14.98
CA TYR WB 38 60.49 -48.89 14.65
C TYR WB 38 61.53 -48.53 15.71
N LEU WB 39 61.14 -48.59 16.97
CA LEU WB 39 62.02 -48.22 18.07
C LEU WB 39 62.95 -49.36 18.50
N LEU WB 40 62.66 -50.57 18.02
CA LEU WB 40 63.25 -51.82 18.52
C LEU WB 40 63.26 -51.83 20.04
N LYS WB 41 62.07 -51.80 20.62
CA LYS WB 41 61.99 -51.78 22.08
C LYS WB 41 60.77 -52.57 22.57
N TYR WB 42 60.83 -53.08 23.80
CA TYR WB 42 59.77 -53.97 24.26
C TYR WB 42 58.76 -53.29 25.18
N PHE WB 43 57.49 -53.41 24.81
CA PHE WB 43 56.40 -52.83 25.60
C PHE WB 43 55.43 -53.94 25.99
N ASN WB 44 54.59 -53.67 26.97
CA ASN WB 44 53.65 -54.68 27.46
C ASN WB 44 52.33 -54.62 26.72
N LYS WB 45 52.04 -55.63 25.90
CA LYS WB 45 50.69 -55.78 25.37
C LYS WB 45 49.87 -56.61 26.34
N ARG WB 46 48.66 -56.13 26.65
CA ARG WB 46 47.79 -56.84 27.56
C ARG WB 46 46.61 -57.45 26.80
N LYS WB 47 46.16 -58.61 27.28
CA LYS WB 47 45.06 -59.36 26.67
C LYS WB 47 44.31 -60.09 27.79
N THR WB 48 42.99 -60.14 27.72
CA THR WB 48 42.24 -60.81 28.79
C THR WB 48 41.82 -62.21 28.35
N TYR WB 49 41.83 -63.12 29.32
CA TYR WB 49 41.40 -64.50 29.15
C TYR WB 49 40.37 -64.84 30.22
N PHE WB 50 39.36 -65.59 29.82
CA PHE WB 50 38.44 -66.16 30.79
C PHE WB 50 38.99 -67.52 31.27
N ALA WB 51 39.07 -67.69 32.59
CA ALA WB 51 39.53 -68.95 33.18
C ALA WB 51 38.44 -69.58 34.06
N HIS WB 52 38.33 -70.91 34.04
CA HIS WB 52 37.39 -71.63 34.92
C HIS WB 52 38.00 -71.79 36.32
N ASP WB 53 37.27 -71.26 37.30
CA ASP WB 53 37.61 -71.44 38.70
C ASP WB 53 36.53 -72.33 39.32
N ALA WB 54 36.90 -73.57 39.66
CA ALA WB 54 35.96 -74.54 40.21
C ALA WB 54 35.42 -74.11 41.58
N LEU WB 55 36.34 -73.73 42.47
CA LEU WB 55 36.01 -73.45 43.86
C LEU WB 55 35.75 -71.96 44.15
N GLN WB 56 35.84 -71.11 43.12
CA GLN WB 56 35.76 -69.65 43.27
C GLN WB 56 36.82 -69.17 44.28
N GLN WB 57 38.06 -69.52 43.98
CA GLN WB 57 39.21 -69.34 44.87
C GLN WB 57 39.93 -67.99 44.68
N CYS WB 58 39.50 -67.20 43.70
CA CYS WB 58 40.29 -66.04 43.24
C CYS WB 58 39.78 -64.67 43.70
N THR WB 59 40.62 -64.00 44.49
CA THR WB 59 40.48 -62.58 44.81
C THR WB 59 40.92 -61.73 43.61
N VAL WB 60 40.53 -60.46 43.59
CA VAL WB 60 41.03 -59.51 42.60
C VAL WB 60 42.46 -59.07 42.92
N GLY WB 61 43.37 -59.21 41.97
CA GLY WB 61 44.75 -58.80 42.16
C GLY WB 61 45.75 -59.94 42.28
N ASP WB 62 45.25 -61.17 42.34
CA ASP WB 62 46.10 -62.35 42.49
C ASP WB 62 46.86 -62.69 41.20
N ILE WB 63 48.13 -63.10 41.34
CA ILE WB 63 48.87 -63.58 40.18
C ILE WB 63 48.65 -65.09 40.04
N VAL WB 64 48.29 -65.50 38.83
CA VAL WB 64 47.64 -66.78 38.63
C VAL WB 64 48.11 -67.47 37.35
N LEU WB 65 48.21 -68.80 37.37
CA LEU WB 65 48.63 -69.59 36.23
C LEU WB 65 47.43 -70.24 35.50
N LEU WB 66 47.41 -70.12 34.18
CA LEU WB 66 46.32 -70.69 33.40
C LEU WB 66 46.79 -71.79 32.46
N LYS WB 67 46.09 -72.92 32.56
CA LYS WB 67 46.29 -74.05 31.66
C LYS WB 67 45.17 -74.09 30.61
N ALA WB 68 45.56 -74.32 29.36
CA ALA WB 68 44.60 -74.39 28.26
C ALA WB 68 43.60 -75.55 28.42
N LEU WB 69 42.33 -75.26 28.20
CA LEU WB 69 41.27 -76.27 28.25
C LEU WB 69 41.27 -77.09 26.96
N PRO WB 70 41.30 -78.43 27.09
CA PRO WB 70 41.24 -79.31 25.91
C PRO WB 70 39.96 -79.10 25.09
N VAL WB 71 38.82 -79.05 25.78
CA VAL WB 71 37.55 -78.68 25.16
C VAL WB 71 37.04 -77.35 25.73
N PRO WB 72 36.77 -76.36 24.84
CA PRO WB 72 36.24 -75.05 25.26
C PRO WB 72 34.91 -75.13 26.03
N ARG WB 73 34.86 -74.52 27.21
CA ARG WB 73 33.63 -74.48 28.02
C ARG WB 73 32.57 -73.63 27.32
N THR WB 74 33.01 -72.53 26.73
CA THR WB 74 32.19 -71.62 25.93
C THR WB 74 33.07 -71.08 24.81
N LYS WB 75 32.61 -70.07 24.08
CA LYS WB 75 33.45 -69.40 23.09
C LYS WB 75 34.55 -68.61 23.78
N HIS WB 76 34.17 -67.94 24.89
CA HIS WB 76 35.08 -67.06 25.62
C HIS WB 76 35.94 -67.76 26.68
N VAL WB 77 35.57 -68.96 27.13
CA VAL WB 77 36.40 -69.64 28.13
C VAL WB 77 37.20 -70.76 27.49
N LYS WB 78 38.46 -70.47 27.20
CA LYS WB 78 39.38 -71.46 26.68
C LYS WB 78 40.39 -71.95 27.72
N HIS WB 79 40.29 -71.41 28.94
CA HIS WB 79 41.29 -71.78 29.94
C HIS WB 79 40.70 -72.17 31.28
N GLU WB 80 41.54 -72.86 32.05
CA GLU WB 80 41.24 -73.30 33.39
C GLU WB 80 42.32 -72.77 34.33
N LEU WB 81 41.92 -72.38 35.53
CA LEU WB 81 42.86 -71.91 36.53
C LEU WB 81 43.57 -73.11 37.16
N ALA WB 82 44.88 -73.15 36.97
CA ALA WB 82 45.69 -74.24 37.49
C ALA WB 82 46.09 -73.96 38.93
N GLU WB 83 47.01 -73.01 39.12
CA GLU WB 83 47.50 -72.66 40.45
C GLU WB 83 47.33 -71.18 40.75
N ILE WB 84 47.20 -70.84 42.04
CA ILE WB 84 47.34 -69.45 42.44
C ILE WB 84 48.80 -69.26 42.82
N ILE WB 85 49.53 -68.51 42.00
CA ILE WB 85 50.97 -68.33 42.17
C ILE WB 85 51.27 -67.32 43.29
N PHE WB 86 50.59 -66.17 43.27
CA PHE WB 86 50.65 -65.22 44.38
C PHE WB 86 49.26 -64.79 44.78
N LYS WB 87 48.85 -65.17 45.99
CA LYS WB 87 47.61 -64.65 46.58
C LYS WB 87 47.84 -63.16 46.87
N VAL WB 88 46.79 -62.35 46.72
CA VAL WB 88 46.90 -60.90 46.91
C VAL WB 88 46.99 -60.53 48.40
N GLY WB 89 48.04 -59.79 48.76
CA GLY WB 89 48.21 -59.32 50.13
C GLY WB 89 48.69 -60.38 51.10
N GLN WB 90 48.66 -61.64 50.66
CA GLN WB 90 49.21 -62.75 51.43
C GLN WB 90 50.10 -63.55 50.51
N VAL WB 91 51.41 -63.50 50.74
CA VAL WB 91 52.34 -64.16 49.84
C VAL WB 91 53.40 -64.95 50.60
N ILE WB 92 53.52 -66.22 50.23
CA ILE WB 92 54.52 -67.11 50.79
C ILE WB 92 55.69 -67.22 49.80
N ASP WB 93 56.84 -66.73 50.22
CA ASP WB 93 58.06 -66.70 49.41
C ASP WB 93 58.41 -68.12 48.93
N PRO WB 94 58.37 -68.34 47.61
CA PRO WB 94 58.68 -69.66 47.05
C PRO WB 94 60.11 -70.13 47.35
N VAL WB 95 61.07 -69.21 47.39
CA VAL WB 95 62.45 -69.52 47.77
C VAL WB 95 62.57 -70.08 49.21
N THR WB 96 62.28 -69.24 50.22
CA THR WB 96 62.44 -69.64 51.62
C THR WB 96 61.18 -70.18 52.31
N GLY WB 97 60.07 -70.30 51.57
CA GLY WB 97 58.85 -70.89 52.09
C GLY WB 97 58.17 -70.13 53.21
N LYS WB 98 58.49 -68.84 53.34
CA LYS WB 98 58.02 -68.03 54.47
C LYS WB 98 57.07 -66.91 54.05
N PRO WB 99 56.10 -66.60 54.93
CA PRO WB 99 55.19 -65.45 54.77
C PRO WB 99 55.94 -64.12 54.73
N CYS WB 100 55.57 -63.26 53.76
CA CYS WB 100 56.19 -61.95 53.59
C CYS WB 100 55.17 -60.88 53.15
N ALA WB 101 55.31 -59.69 53.72
CA ALA WB 101 54.58 -58.50 53.25
C ALA WB 101 55.56 -57.59 52.52
N GLY WB 102 55.46 -57.56 51.19
CA GLY WB 102 56.44 -56.86 50.36
C GLY WB 102 57.84 -57.43 50.41
N THR WB 103 58.81 -56.56 50.68
CA THR WB 103 60.22 -56.96 50.73
C THR WB 103 60.65 -57.35 52.17
N THR WB 104 59.69 -57.34 53.08
CA THR WB 104 59.94 -57.71 54.47
C THR WB 104 59.44 -59.12 54.76
N TYR WB 105 60.16 -59.86 55.61
CA TYR WB 105 59.69 -61.17 56.08
C TYR WB 105 58.73 -61.01 57.26
N LEU WB 106 57.57 -61.67 57.19
CA LEU WB 106 56.62 -61.67 58.29
C LEU WB 106 57.02 -62.66 59.38
N GLU WB 107 57.53 -63.82 58.96
CA GLU WB 107 58.11 -64.81 59.86
C GLU WB 107 59.52 -65.19 59.42
N SER WB 108 60.50 -64.87 60.27
CA SER WB 108 61.91 -65.06 59.95
C SER WB 108 62.23 -66.53 59.62
N PRO WB 109 62.92 -66.76 58.48
CA PRO WB 109 63.36 -68.11 58.08
C PRO WB 109 64.50 -68.67 58.95
N ILE WB 110 65.19 -67.80 59.71
CA ILE WB 110 66.29 -68.22 60.58
C ILE WB 110 65.86 -68.50 62.03
N SER WB 111 64.56 -68.42 62.31
CA SER WB 111 64.02 -68.75 63.63
C SER WB 111 63.02 -69.90 63.53
N PRO WB 112 63.52 -71.13 63.32
CA PRO WB 112 62.66 -72.31 63.12
C PRO WB 112 61.86 -72.67 64.36
N GLU WB 113 62.46 -72.49 65.53
CA GLU WB 113 61.86 -72.88 66.79
C GLU WB 113 61.52 -71.65 67.63
N SER XB 47 105.41 -36.01 56.23
CA SER XB 47 105.90 -35.93 57.61
C SER XB 47 106.31 -34.52 58.00
N ASN XB 48 105.72 -33.53 57.33
CA ASN XB 48 105.96 -32.12 57.66
C ASN XB 48 104.97 -31.63 58.72
N GLU XB 49 105.49 -31.10 59.83
CA GLU XB 49 104.65 -30.64 60.94
C GLU XB 49 104.32 -29.14 60.85
N ASP XB 50 104.88 -28.47 59.84
CA ASP XB 50 104.69 -27.04 59.63
C ASP XB 50 103.51 -26.72 58.70
N LEU XB 51 102.82 -27.78 58.26
CA LEU XB 51 101.64 -27.65 57.39
C LEU XB 51 100.40 -27.21 58.20
N PRO XB 52 99.53 -26.40 57.57
CA PRO XB 52 98.35 -25.85 58.24
C PRO XB 52 97.33 -26.89 58.70
N VAL XB 53 96.59 -26.52 59.74
CA VAL XB 53 95.58 -27.37 60.36
C VAL XB 53 94.18 -26.94 59.90
N PRO XB 54 93.35 -27.91 59.47
CA PRO XB 54 91.98 -27.63 59.00
C PRO XB 54 90.98 -27.25 60.11
N MET XB 55 91.34 -26.33 60.98
CA MET XB 55 90.43 -25.79 61.99
C MET XB 55 89.57 -24.63 61.47
N GLU XB 56 88.41 -24.42 62.11
CA GLU XB 56 87.58 -23.24 61.88
C GLU XB 56 88.30 -21.97 62.38
N ASN XB 57 87.88 -20.81 61.88
CA ASN XB 57 88.55 -19.54 62.20
C ASN XB 57 88.42 -19.15 63.67
N PRO XB 58 89.57 -19.10 64.38
CA PRO XB 58 89.64 -18.72 65.79
C PRO XB 58 89.43 -17.23 66.01
N TYR XB 59 89.84 -16.43 65.03
CA TYR XB 59 89.79 -14.98 65.15
C TYR XB 59 88.40 -14.41 64.89
N LYS XB 60 87.52 -15.25 64.35
CA LYS XB 60 86.21 -14.82 63.87
C LYS XB 60 85.41 -14.08 64.96
N GLU XB 61 85.00 -12.86 64.64
CA GLU XB 61 84.32 -12.01 65.60
C GLU XB 61 82.91 -12.52 65.90
N PRO XB 62 82.36 -12.12 67.05
CA PRO XB 62 80.93 -12.35 67.30
C PRO XB 62 80.08 -11.56 66.30
N LEU XB 63 78.84 -11.98 66.09
CA LEU XB 63 77.94 -11.25 65.20
C LEU XB 63 77.32 -10.07 65.95
N LYS XB 64 77.17 -8.94 65.26
CA LYS XB 64 76.57 -7.75 65.86
C LYS XB 64 75.08 -7.98 66.13
N LYS XB 65 74.51 -7.17 67.01
CA LYS XB 65 73.17 -7.47 67.51
C LYS XB 65 72.19 -6.30 67.44
N CYS XB 66 70.93 -6.61 67.12
CA CYS XB 66 69.86 -5.61 67.18
C CYS XB 66 69.87 -5.12 68.62
N ILE XB 67 69.54 -3.84 68.82
CA ILE XB 67 69.51 -3.27 70.16
C ILE XB 67 68.69 -4.16 71.09
N LEU XB 68 67.70 -4.83 70.50
CA LEU XB 68 66.79 -5.70 71.21
C LEU XB 68 67.09 -7.22 71.18
N CYS XB 69 68.25 -7.66 70.67
CA CYS XB 69 68.57 -9.10 70.55
C CYS XB 69 68.34 -9.71 71.93
N GLU XB 70 67.46 -10.69 71.99
CA GLU XB 70 66.96 -11.29 73.24
C GLU XB 70 66.43 -10.29 74.30
N LYS XB 71 65.62 -9.32 73.87
CA LYS XB 71 64.73 -8.59 74.78
C LYS XB 71 63.29 -9.09 74.53
N HIS XB 72 62.30 -8.50 75.20
CA HIS XB 72 60.91 -8.82 74.89
C HIS XB 72 60.10 -7.56 74.61
N VAL XB 73 59.62 -7.44 73.38
CA VAL XB 73 58.76 -6.33 72.99
C VAL XB 73 57.33 -6.59 73.42
N ASP XB 74 56.78 -5.69 74.22
CA ASP XB 74 55.43 -5.86 74.73
C ASP XB 74 54.55 -4.67 74.34
N TYR XB 75 53.35 -4.97 73.82
CA TYR XB 75 52.43 -3.93 73.35
C TYR XB 75 52.02 -3.00 74.49
N LYS XB 76 52.14 -3.52 75.71
CA LYS XB 76 51.67 -2.84 76.90
C LYS XB 76 52.57 -1.66 77.26
N ASN XB 77 53.85 -1.71 76.91
CA ASN XB 77 54.72 -0.59 77.25
C ASN XB 77 54.91 0.35 76.06
N VAL XB 78 54.32 1.53 76.20
CA VAL XB 78 54.20 2.49 75.12
C VAL XB 78 55.50 3.26 74.92
N GLN XB 79 56.34 3.30 75.96
CA GLN XB 79 57.62 4.01 75.92
C GLN XB 79 58.61 3.46 74.89
N LEU XB 80 58.97 2.19 75.07
CA LEU XB 80 59.89 1.49 74.17
C LEU XB 80 59.41 1.59 72.74
N LEU XB 81 58.11 1.38 72.57
CA LEU XB 81 57.52 1.48 71.24
C LEU XB 81 57.69 2.88 70.67
N SER XB 82 57.21 3.90 71.38
CA SER XB 82 57.21 5.26 70.85
C SER XB 82 58.64 5.79 70.65
N GLN XB 83 59.64 5.06 71.13
CA GLN XB 83 61.00 5.37 70.72
C GLN XB 83 61.18 5.31 69.19
N PHE XB 84 60.55 4.32 68.55
CA PHE XB 84 60.72 4.06 67.13
C PHE XB 84 59.75 4.82 66.21
N ILE XB 85 58.98 5.72 66.80
CA ILE XB 85 58.02 6.51 66.05
C ILE XB 85 58.54 7.92 65.77
N SER XB 86 58.23 8.43 64.57
CA SER XB 86 58.43 9.85 64.26
C SER XB 86 57.58 10.74 65.15
N PRO XB 87 58.23 11.64 65.90
CA PRO XB 87 57.55 12.58 66.82
C PRO XB 87 56.41 13.37 66.18
N PHE XB 88 56.62 13.90 64.98
CA PHE XB 88 55.68 14.85 64.39
C PHE XB 88 54.49 14.22 63.65
N THR XB 89 54.70 13.00 63.16
CA THR XB 89 53.81 12.33 62.23
C THR XB 89 53.09 11.18 62.92
N GLY XB 90 53.88 10.30 63.51
CA GLY XB 90 53.36 9.13 64.18
C GLY XB 90 53.68 7.91 63.34
N CYS XB 91 54.51 8.14 62.33
CA CYS XB 91 54.95 7.08 61.44
C CYS XB 91 55.89 6.11 62.15
N ILE XB 92 55.98 4.91 61.60
CA ILE XB 92 56.92 3.92 62.10
C ILE XB 92 58.18 3.96 61.23
N TYR XB 93 59.33 4.11 61.87
CA TYR XB 93 60.60 4.13 61.14
C TYR XB 93 60.96 2.74 60.61
N GLY XB 94 61.63 2.71 59.46
CA GLY XB 94 62.09 1.44 58.89
C GLY XB 94 63.45 0.99 59.43
N ARG XB 95 63.93 -0.16 58.94
CA ARG XB 95 65.21 -0.74 59.34
C ARG XB 95 66.41 0.20 59.20
N HIS XB 96 66.50 0.85 58.04
CA HIS XB 96 67.59 1.77 57.74
C HIS XB 96 67.68 2.88 58.81
N ILE XB 97 66.58 3.11 59.52
CA ILE XB 97 66.52 4.09 60.60
C ILE XB 97 66.74 3.45 61.99
N THR XB 98 65.84 2.56 62.39
CA THR XB 98 65.92 1.90 63.70
C THR XB 98 67.12 0.96 63.83
N GLY XB 99 67.50 0.31 62.73
CA GLY XB 99 68.62 -0.61 62.75
C GLY XB 99 68.40 -1.88 63.56
N LEU XB 100 67.38 -2.65 63.19
CA LEU XB 100 67.04 -3.88 63.92
C LEU XB 100 67.15 -5.15 63.05
N CYS XB 101 67.30 -6.32 63.69
CA CYS XB 101 67.14 -7.60 62.97
C CYS XB 101 65.71 -7.56 62.41
N GLY XB 102 65.48 -8.24 61.29
CA GLY XB 102 64.14 -8.30 60.70
C GLY XB 102 63.08 -8.72 61.72
N LYS XB 103 63.43 -9.72 62.53
CA LYS XB 103 62.59 -10.24 63.60
C LYS XB 103 62.05 -9.14 64.50
N LYS XB 104 62.96 -8.29 64.97
CA LYS XB 104 62.60 -7.26 65.91
C LYS XB 104 61.93 -6.04 65.25
N GLN XB 105 62.21 -5.80 63.97
CA GLN XB 105 61.50 -4.73 63.26
C GLN XB 105 60.02 -5.14 63.12
N LYS XB 106 59.82 -6.38 62.70
CA LYS XB 106 58.49 -7.01 62.65
C LYS XB 106 57.78 -6.88 63.99
N GLU XB 107 58.46 -7.35 65.03
CA GLU XB 107 57.89 -7.38 66.38
C GLU XB 107 57.47 -5.99 66.85
N ILE XB 108 58.38 -5.03 66.72
CA ILE XB 108 58.06 -3.65 67.07
C ILE XB 108 56.83 -3.18 66.31
N THR XB 109 56.78 -3.45 65.01
CA THR XB 109 55.66 -3.01 64.18
C THR XB 109 54.31 -3.56 64.66
N LYS XB 110 54.21 -4.90 64.71
CA LYS XB 110 53.01 -5.59 65.18
C LYS XB 110 52.57 -5.08 66.55
N ALA XB 111 53.55 -4.99 67.45
CA ALA XB 111 53.32 -4.40 68.77
C ALA XB 111 52.71 -2.99 68.69
N ILE XB 112 53.27 -2.14 67.83
CA ILE XB 112 52.82 -0.76 67.73
C ILE XB 112 51.37 -0.71 67.29
N LYS XB 113 51.08 -1.47 66.25
CA LYS XB 113 49.73 -1.53 65.69
C LYS XB 113 48.72 -2.00 66.75
N ARG XB 114 49.07 -3.07 67.44
CA ARG XB 114 48.21 -3.62 68.49
C ARG XB 114 47.95 -2.59 69.59
N ALA XB 115 49.03 -1.97 70.08
CA ALA XB 115 48.93 -0.97 71.15
C ALA XB 115 48.12 0.23 70.69
N GLN XB 116 48.17 0.52 69.40
CA GLN XB 116 47.44 1.64 68.85
C GLN XB 116 45.93 1.38 68.81
N ILE XB 117 45.52 0.19 68.37
CA ILE XB 117 44.07 -0.07 68.31
C ILE XB 117 43.47 -0.45 69.69
N LEU XB 118 44.27 -1.04 70.59
CA LEU XB 118 43.76 -1.40 71.93
C LEU XB 118 43.60 -0.16 72.81
N GLY XB 119 44.10 0.98 72.35
CA GLY XB 119 43.91 2.24 73.05
C GLY XB 119 44.99 2.59 74.06
N PHE XB 120 46.15 1.96 73.93
CA PHE XB 120 47.30 2.29 74.77
C PHE XB 120 48.10 3.50 74.26
N MET XB 121 48.34 3.55 72.95
CA MET XB 121 49.23 4.56 72.35
C MET XB 121 48.57 5.37 71.22
N PRO XB 122 48.83 6.69 71.18
CA PRO XB 122 48.26 7.53 70.11
C PRO XB 122 48.95 7.32 68.75
N VAL XB 123 48.15 7.36 67.69
CA VAL XB 123 48.60 7.08 66.32
C VAL XB 123 49.25 8.25 65.57
N THR XB 124 48.66 9.44 65.69
CA THR XB 124 49.01 10.58 64.84
C THR XB 124 50.17 11.45 65.35
N TYR XB 125 50.68 11.17 66.55
CA TYR XB 125 51.86 11.85 67.09
C TYR XB 125 52.50 10.95 68.13
N LYS XB 126 53.77 11.21 68.43
CA LYS XB 126 54.39 10.59 69.60
C LYS XB 126 53.86 11.30 70.85
N ASP XB 127 53.48 10.51 71.84
CA ASP XB 127 52.99 11.06 73.11
C ASP XB 127 54.04 11.96 73.76
N PRO XB 128 53.68 13.24 74.00
CA PRO XB 128 54.60 14.28 74.48
C PRO XB 128 55.45 13.83 75.65
N ALA XB 129 54.83 13.06 76.55
CA ALA XB 129 55.51 12.54 77.73
C ALA XB 129 56.83 11.82 77.37
N TYR XB 130 56.83 11.14 76.24
CA TYR XB 130 57.99 10.35 75.85
C TYR XB 130 58.98 11.10 74.93
N LEU XB 131 58.73 12.39 74.72
CA LEU XB 131 59.57 13.18 73.82
C LEU XB 131 61.05 13.17 74.22
N LYS XB 132 61.34 13.33 75.51
CA LYS XB 132 62.71 13.55 75.98
C LYS XB 132 63.45 12.27 76.39
N ASP XB 133 62.84 11.12 76.10
CA ASP XB 133 63.48 9.82 76.27
C ASP XB 133 64.70 9.67 75.35
N PRO XB 134 65.60 8.69 75.64
CA PRO XB 134 66.79 8.52 74.79
C PRO XB 134 66.45 8.36 73.30
N LYS XB 135 67.17 9.06 72.42
CA LYS XB 135 66.93 8.90 70.99
C LYS XB 135 67.89 7.85 70.40
N VAL XB 136 67.33 6.67 70.08
CA VAL XB 136 68.08 5.59 69.47
C VAL XB 136 68.09 5.62 67.92
N CYS XB 137 67.15 6.35 67.33
CA CYS XB 137 67.01 6.38 65.86
C CYS XB 137 67.99 7.33 65.16
N ASN XB 138 68.26 7.04 63.88
CA ASN XB 138 69.33 7.70 63.15
C ASN XB 138 68.90 8.93 62.35
N ILE XB 139 67.64 9.32 62.47
CA ILE XB 139 67.11 10.42 61.67
C ILE XB 139 67.42 11.79 62.30
N LYS XB 140 67.75 12.76 61.46
CA LYS XB 140 67.90 14.14 61.91
C LYS XB 140 66.97 15.07 61.13
N TYR XB 141 65.95 15.56 61.81
CA TYR XB 141 65.03 16.50 61.18
C TYR XB 141 65.61 17.90 61.10
N ARG XB 142 66.08 18.40 62.24
CA ARG XB 142 66.50 19.80 62.33
C ARG XB 142 67.98 19.94 62.01
N GLU XB 143 68.27 20.78 61.02
CA GLU XB 143 69.62 20.94 60.50
C GLU XB 143 69.96 22.41 60.36
N ALA YB 2 41.53 13.74 64.36
CA ALA YB 2 40.17 14.20 64.62
C ALA YB 2 39.77 13.88 66.05
N ASN YB 3 40.00 12.62 66.43
CA ASN YB 3 39.80 12.19 67.82
C ASN YB 3 41.09 12.34 68.64
N HIS YB 4 42.20 12.57 67.96
CA HIS YB 4 43.44 12.90 68.64
C HIS YB 4 43.44 14.35 69.11
N LEU YB 5 44.32 14.66 70.06
CA LEU YB 5 44.49 16.04 70.52
C LEU YB 5 45.15 16.91 69.43
N LYS YB 6 44.58 18.11 69.24
CA LYS YB 6 45.05 19.04 68.21
C LYS YB 6 46.41 19.66 68.56
N PHE YB 7 47.10 20.13 67.53
CA PHE YB 7 48.31 20.94 67.70
C PHE YB 7 49.54 20.22 68.24
N ILE YB 8 49.42 18.92 68.55
CA ILE YB 8 50.59 18.16 68.99
C ILE YB 8 51.43 17.56 67.84
N ALA YB 9 50.86 17.49 66.64
CA ALA YB 9 51.50 16.75 65.54
C ALA YB 9 51.64 17.59 64.29
N ARG YB 10 52.71 17.33 63.54
CA ARG YB 10 53.04 18.10 62.34
C ARG YB 10 53.05 19.59 62.68
N THR YB 11 53.48 19.92 63.89
CA THR YB 11 53.49 21.31 64.31
C THR YB 11 54.90 21.77 64.63
N VAL YB 12 55.24 22.96 64.13
CA VAL YB 12 56.51 23.60 64.41
C VAL YB 12 56.23 24.96 65.03
N MET YB 13 57.01 25.31 66.06
CA MET YB 13 56.96 26.64 66.68
C MET YB 13 57.99 27.56 65.99
N VAL YB 14 57.59 28.78 65.61
CA VAL YB 14 58.55 29.71 64.98
C VAL YB 14 59.53 30.24 66.04
N GLN YB 15 60.78 30.45 65.63
CA GLN YB 15 61.80 30.97 66.56
C GLN YB 15 62.21 32.39 66.19
N GLU YB 16 62.06 33.30 67.15
CA GLU YB 16 62.48 34.70 67.00
C GLU YB 16 61.71 35.40 65.88
N GLY YB 17 60.52 34.90 65.57
CA GLY YB 17 59.65 35.53 64.59
C GLY YB 17 59.97 35.29 63.12
N ASN YB 18 60.95 34.44 62.82
CA ASN YB 18 61.27 34.15 61.42
C ASN YB 18 60.45 32.93 60.96
N VAL YB 19 59.52 33.21 60.07
CA VAL YB 19 58.51 32.25 59.64
C VAL YB 19 59.04 31.30 58.56
N GLU YB 20 59.79 31.86 57.60
CA GLU YB 20 60.32 31.11 56.46
C GLU YB 20 61.14 29.88 56.88
N GLY YB 21 62.02 30.07 57.85
CA GLY YB 21 62.85 28.97 58.36
C GLY YB 21 62.01 27.91 59.05
N ALA YB 22 60.97 28.35 59.74
CA ALA YB 22 60.05 27.44 60.42
C ALA YB 22 59.30 26.55 59.43
N TYR YB 23 58.67 27.20 58.44
CA TYR YB 23 58.00 26.50 57.35
C TYR YB 23 58.94 25.54 56.62
N ARG YB 24 60.18 25.96 56.40
CA ARG YB 24 61.21 25.09 55.80
C ARG YB 24 61.47 23.85 56.64
N THR YB 25 61.59 24.05 57.95
CA THR YB 25 61.79 22.93 58.87
C THR YB 25 60.61 21.97 58.74
N LEU YB 26 59.39 22.52 58.78
CA LEU YB 26 58.17 21.72 58.61
C LEU YB 26 58.15 20.88 57.32
N ASN YB 27 58.38 21.56 56.20
CA ASN YB 27 58.41 20.93 54.89
C ASN YB 27 59.47 19.83 54.79
N ARG YB 28 60.62 20.06 55.42
CA ARG YB 28 61.66 19.04 55.50
C ARG YB 28 61.19 17.83 56.30
N ILE YB 29 60.49 18.08 57.41
CA ILE YB 29 59.89 17.00 58.20
C ILE YB 29 58.96 16.13 57.36
N LEU YB 30 57.96 16.79 56.74
CA LEU YB 30 56.95 16.10 55.93
C LEU YB 30 57.57 15.35 54.75
N THR YB 31 58.53 15.97 54.07
CA THR YB 31 59.26 15.30 53.00
C THR YB 31 60.02 14.08 53.52
N MET YB 32 60.58 14.20 54.72
CA MET YB 32 61.37 13.13 55.33
C MET YB 32 60.56 11.86 55.54
N ASP YB 33 59.29 12.05 55.88
CA ASP YB 33 58.39 10.95 56.22
C ASP YB 33 57.53 10.51 55.04
N GLY YB 34 57.79 11.09 53.88
CA GLY YB 34 57.13 10.72 52.64
C GLY YB 34 55.74 11.31 52.51
N LEU YB 35 55.33 12.01 53.56
CA LEU YB 35 53.99 12.59 53.65
C LEU YB 35 53.63 13.44 52.42
N ILE YB 36 54.61 14.14 51.86
CA ILE YB 36 54.39 14.98 50.68
C ILE YB 36 54.14 14.14 49.43
N GLU YB 37 55.02 13.18 49.18
CA GLU YB 37 54.87 12.25 48.06
C GLU YB 37 53.54 11.52 48.11
N ASP YB 38 53.11 11.17 49.32
CA ASP YB 38 51.85 10.48 49.54
C ASP YB 38 50.64 11.40 49.33
N ILE YB 39 50.74 12.65 49.78
CA ILE YB 39 49.71 13.67 49.51
C ILE YB 39 49.50 13.82 48.00
N LYS YB 40 50.64 13.86 47.29
CA LYS YB 40 50.65 14.08 45.84
C LYS YB 40 50.13 12.88 45.08
N ARG YB 41 50.54 11.69 45.51
CA ARG YB 41 50.15 10.44 44.86
C ARG YB 41 48.67 10.12 45.03
N ARG YB 42 48.07 10.63 46.10
CA ARG YB 42 46.69 10.31 46.43
C ARG YB 42 45.72 11.28 45.76
N ARG YB 43 46.24 12.22 44.98
CA ARG YB 43 45.33 13.14 44.31
C ARG YB 43 44.55 12.38 43.23
N TYR YB 44 45.24 11.44 42.58
CA TYR YB 44 44.59 10.53 41.63
C TYR YB 44 44.82 9.09 42.06
N TYR YB 45 43.83 8.24 41.86
CA TYR YB 45 43.98 6.83 42.19
C TYR YB 45 44.98 6.17 41.27
N GLU YB 46 45.90 5.42 41.86
CA GLU YB 46 46.78 4.58 41.06
C GLU YB 46 46.47 3.11 41.27
N LYS YB 47 46.10 2.48 40.15
CA LYS YB 47 45.73 1.07 40.09
C LYS YB 47 46.86 0.17 40.57
N PRO YB 48 46.52 -0.86 41.36
CA PRO YB 48 47.46 -1.75 42.06
C PRO YB 48 48.64 -2.22 41.23
N CYS YB 49 48.46 -2.50 39.94
CA CYS YB 49 49.58 -2.96 39.13
C CYS YB 49 50.55 -1.81 38.85
N ARG YB 50 50.00 -0.62 38.56
CA ARG YB 50 50.84 0.57 38.36
C ARG YB 50 51.69 0.79 39.61
N ARG YB 51 51.04 0.72 40.78
CA ARG YB 51 51.72 0.81 42.06
C ARG YB 51 52.85 -0.20 42.21
N ARG YB 52 52.54 -1.47 41.99
CA ARG YB 52 53.52 -2.55 42.05
C ARG YB 52 54.76 -2.27 41.18
N GLN YB 53 54.50 -1.84 39.95
CA GLN YB 53 55.55 -1.44 39.02
C GLN YB 53 56.39 -0.30 39.60
N ARG YB 54 55.73 0.75 40.09
CA ARG YB 54 56.43 1.91 40.64
C ARG YB 54 57.35 1.49 41.76
N GLU YB 55 56.84 0.68 42.67
CA GLU YB 55 57.64 0.22 43.80
C GLU YB 55 58.85 -0.59 43.34
N SER YB 56 58.65 -1.52 42.40
CA SER YB 56 59.77 -2.31 41.87
C SER YB 56 60.87 -1.45 41.21
N TYR YB 57 60.44 -0.52 40.37
CA TYR YB 57 61.35 0.43 39.76
C TYR YB 57 62.11 1.26 40.79
N GLU YB 58 61.39 1.83 41.76
CA GLU YB 58 62.03 2.64 42.79
C GLU YB 58 63.08 1.86 43.56
N THR YB 59 62.79 0.61 43.86
CA THR YB 59 63.74 -0.20 44.60
C THR YB 59 64.97 -0.51 43.75
N CYS YB 60 64.76 -0.80 42.47
CA CYS YB 60 65.90 -1.00 41.59
C CYS YB 60 66.77 0.25 41.56
N ARG YB 61 66.13 1.39 41.31
CA ARG YB 61 66.79 2.70 41.32
C ARG YB 61 67.63 2.90 42.59
N ARG YB 62 67.00 2.64 43.74
CA ARG YB 62 67.68 2.78 45.02
C ARG YB 62 68.90 1.87 45.09
N ILE YB 63 68.76 0.61 44.69
CA ILE YB 63 69.89 -0.31 44.69
C ILE YB 63 71.05 0.23 43.86
N TYR YB 64 70.74 0.68 42.65
CA TYR YB 64 71.78 1.25 41.78
C TYR YB 64 72.45 2.48 42.39
N ASN YB 65 71.66 3.45 42.83
CA ASN YB 65 72.19 4.66 43.46
C ASN YB 65 73.06 4.37 44.68
N MET YB 66 72.57 3.53 45.56
CA MET YB 66 73.29 3.10 46.74
C MET YB 66 74.64 2.54 46.33
N GLU YB 67 74.62 1.58 45.42
CA GLU YB 67 75.83 0.89 45.01
C GLU YB 67 76.83 1.84 44.34
N MET YB 68 76.32 2.79 43.57
CA MET YB 68 77.15 3.75 42.87
C MET YB 68 77.83 4.71 43.85
N ALA YB 69 77.04 5.27 44.76
CA ALA YB 69 77.56 6.10 45.84
C ALA YB 69 78.61 5.35 46.66
N ARG YB 70 78.38 4.05 46.85
CA ARG YB 70 79.33 3.23 47.60
C ARG YB 70 80.66 3.08 46.85
N LYS YB 71 80.61 2.84 45.54
CA LYS YB 71 81.85 2.75 44.76
C LYS YB 71 82.57 4.10 44.67
N ILE YB 72 81.78 5.16 44.61
CA ILE YB 72 82.30 6.52 44.65
C ILE YB 72 83.12 6.80 45.91
N ASN YB 73 82.49 6.60 47.07
CA ASN YB 73 83.16 6.87 48.34
C ASN YB 73 84.31 5.89 48.58
N PHE YB 74 84.17 4.66 48.10
CA PHE YB 74 85.27 3.69 48.18
C PHE YB 74 86.47 4.15 47.34
N LEU YB 75 86.18 4.74 46.17
CA LEU YB 75 87.23 5.17 45.24
C LEU YB 75 87.75 6.58 45.49
N MET YB 76 87.12 7.31 46.42
CA MET YB 76 87.39 8.74 46.59
C MET YB 76 88.84 9.09 46.95
N ARG YB 77 89.49 8.20 47.70
CA ARG YB 77 90.88 8.36 48.12
C ARG YB 77 91.82 8.60 46.93
N LYS YB 78 91.55 7.92 45.83
CA LYS YB 78 92.46 7.88 44.71
C LYS YB 78 92.29 9.09 43.79
N ASN YB 79 91.46 10.04 44.20
CA ASN YB 79 91.37 11.31 43.49
C ASN YB 79 92.54 12.28 43.76
N ARG YB 80 93.43 11.91 44.68
CA ARG YB 80 94.60 12.72 45.02
C ARG YB 80 95.54 12.90 43.81
N ALA YB 81 96.35 13.96 43.83
CA ALA YB 81 97.35 14.21 42.79
C ALA YB 81 98.28 13.01 42.62
N ASP YB 82 98.57 12.66 41.36
CA ASP YB 82 99.28 11.42 41.07
C ASP YB 82 100.79 11.54 41.28
N PRO YB 83 101.37 10.52 41.93
CA PRO YB 83 102.80 10.44 42.28
C PRO YB 83 103.74 10.25 41.09
N TRP YB 84 103.29 9.46 40.13
CA TRP YB 84 104.15 8.93 39.07
C TRP YB 84 104.15 9.76 37.77
N GLN YB 85 103.58 10.97 37.82
CA GLN YB 85 103.29 11.77 36.63
C GLN YB 85 104.42 11.86 35.60
N GLY YB 86 104.06 11.70 34.33
CA GLY YB 86 105.02 11.68 33.23
C GLY YB 86 106.06 10.60 33.42
N CYS YB 87 105.62 9.40 33.82
CA CYS YB 87 106.54 8.31 34.17
C CYS YB 87 107.30 7.77 32.97
N ALA BC 1 76.48 87.61 -40.78
CA ALA BC 1 76.36 88.80 -41.60
C ALA BC 1 77.66 89.10 -42.34
N ALA BC 2 78.63 89.69 -41.63
CA ALA BC 2 79.90 90.12 -42.23
C ALA BC 2 80.71 88.96 -42.78
N ALA BC 3 81.19 89.09 -44.01
CA ALA BC 3 82.08 88.11 -44.62
C ALA BC 3 83.46 88.70 -44.84
N ALA BC 4 84.43 88.24 -44.04
CA ALA BC 4 85.79 88.76 -44.10
C ALA BC 4 86.66 87.89 -44.99
N ALA BC 5 87.56 88.50 -45.74
CA ALA BC 5 88.41 87.77 -46.69
C ALA BC 5 89.73 87.36 -46.05
N ALA BC 6 89.90 86.06 -45.86
CA ALA BC 6 91.16 85.50 -45.38
C ALA BC 6 91.91 84.86 -46.55
N ALA BC 7 93.19 85.19 -46.69
CA ALA BC 7 93.95 84.74 -47.84
C ALA BC 7 94.64 83.42 -47.54
N ALA BC 8 94.15 82.37 -48.20
CA ALA BC 8 94.72 81.05 -48.09
C ALA BC 8 96.05 80.97 -48.85
N ALA BC 9 96.01 81.35 -50.13
CA ALA BC 9 97.15 81.18 -51.04
C ALA BC 9 98.39 81.98 -50.64
N ALA BC 10 98.21 83.16 -50.07
CA ALA BC 10 99.34 84.02 -49.68
C ALA BC 10 100.19 83.39 -48.58
N ALA BC 11 99.55 83.10 -47.44
CA ALA BC 11 100.21 82.45 -46.31
C ALA BC 11 100.65 81.04 -46.71
N ALA BC 12 99.89 80.42 -47.62
CA ALA BC 12 100.22 79.11 -48.17
C ALA BC 12 101.57 79.11 -48.86
N ALA BC 13 101.69 79.84 -49.95
CA ALA BC 13 102.92 79.89 -50.73
C ALA BC 13 104.08 80.49 -49.91
N ALA BC 14 103.78 81.37 -48.96
CA ALA BC 14 104.81 81.99 -48.13
C ALA BC 14 105.40 81.02 -47.07
N ALA BC 15 104.54 80.23 -46.44
CA ALA BC 15 104.96 79.30 -45.38
C ALA BC 15 105.23 77.87 -45.88
N ALA BC 16 105.19 77.67 -47.21
CA ALA BC 16 105.29 76.35 -47.89
C ALA BC 16 104.07 75.46 -47.61
N ALA BC 17 102.92 76.10 -47.41
CA ALA BC 17 101.66 75.45 -47.04
C ALA BC 17 100.69 75.18 -48.20
N ALA BC 18 101.12 75.44 -49.43
CA ALA BC 18 100.26 75.23 -50.60
C ALA BC 18 100.55 73.89 -51.28
N ARG CC 88 102.85 -99.94 1.82
CA ARG CC 88 103.34 -98.93 2.76
C ARG CC 88 104.29 -97.94 2.09
N LYS CC 89 104.13 -97.76 0.78
CA LYS CC 89 104.88 -96.75 0.05
C LYS CC 89 104.46 -95.37 0.56
N PRO CC 90 105.44 -94.50 0.89
CA PRO CC 90 105.14 -93.18 1.47
C PRO CC 90 104.15 -92.34 0.64
N THR CC 91 103.14 -91.78 1.31
CA THR CC 91 102.09 -91.00 0.64
C THR CC 91 102.17 -89.53 1.11
N PHE CC 92 101.58 -88.64 0.31
CA PHE CC 92 101.54 -87.21 0.59
C PHE CC 92 101.01 -86.88 2.00
N MET CC 93 100.02 -87.65 2.45
CA MET CC 93 99.29 -87.37 3.69
C MET CC 93 99.88 -88.08 4.93
N ASP CC 94 100.99 -88.79 4.73
CA ASP CC 94 101.74 -89.38 5.84
C ASP CC 94 102.27 -88.29 6.76
N GLU CC 95 102.08 -88.47 8.07
CA GLU CC 95 102.45 -87.46 9.07
C GLU CC 95 103.92 -87.02 8.99
N GLU CC 96 104.79 -87.94 8.59
CA GLU CC 96 106.20 -87.62 8.34
C GLU CC 96 106.33 -86.59 7.21
N VAL CC 97 105.81 -86.95 6.04
CA VAL CC 97 105.86 -86.10 4.84
C VAL CC 97 105.16 -84.75 5.10
N GLN CC 98 104.00 -84.82 5.75
CA GLN CC 98 103.24 -83.63 6.12
C GLN CC 98 104.03 -82.69 7.04
N ASN CC 99 104.67 -83.23 8.07
CA ASN CC 99 105.46 -82.39 8.99
C ASN CC 99 106.74 -81.83 8.35
N ILE CC 100 107.39 -82.64 7.52
CA ILE CC 100 108.56 -82.18 6.76
C ILE CC 100 108.17 -81.00 5.85
N LEU CC 101 107.07 -81.14 5.11
CA LEU CC 101 106.65 -80.10 4.14
C LEU CC 101 106.03 -78.85 4.81
N ILE CC 102 105.31 -79.04 5.92
CA ILE CC 102 104.84 -77.93 6.76
C ILE CC 102 106.03 -77.12 7.28
N LYS CC 103 107.05 -77.83 7.78
CA LYS CC 103 108.30 -77.22 8.20
C LYS CC 103 108.99 -76.43 7.06
N MET CC 104 109.14 -77.08 5.91
CA MET CC 104 109.80 -76.50 4.73
C MET CC 104 109.10 -75.26 4.19
N THR CC 105 107.76 -75.26 4.27
CA THR CC 105 106.95 -74.16 3.75
C THR CC 105 107.28 -72.85 4.48
N GLY CC 106 107.15 -72.85 5.79
CA GLY CC 106 107.48 -71.69 6.60
C GLY CC 106 106.31 -70.74 6.72
N LEU CC 107 106.24 -70.03 7.85
CA LEU CC 107 105.16 -69.09 8.08
C LEU CC 107 105.65 -67.65 7.94
N ASP CC 108 105.23 -67.00 6.86
CA ASP CC 108 105.44 -65.57 6.68
C ASP CC 108 104.07 -64.90 6.81
N LEU CC 109 103.82 -64.24 7.95
CA LEU CC 109 102.48 -63.75 8.25
C LEU CC 109 102.11 -62.57 7.35
N GLN CC 110 103.12 -61.96 6.75
CA GLN CC 110 102.91 -60.83 5.84
C GLN CC 110 102.50 -61.28 4.42
N LYS CC 111 103.06 -62.40 3.95
CA LYS CC 111 102.67 -62.98 2.66
C LYS CC 111 101.40 -63.86 2.78
N ILE CC 112 101.24 -64.54 3.92
CA ILE CC 112 100.02 -65.29 4.23
C ILE CC 112 98.81 -64.35 4.21
N PHE CC 113 98.87 -63.35 5.08
CA PHE CC 113 97.84 -62.33 5.13
C PHE CC 113 98.34 -61.09 4.40
N LYS CC 114 97.76 -60.88 3.23
CA LYS CC 114 98.17 -59.83 2.30
C LYS CC 114 96.93 -59.01 1.97
N PRO CC 115 97.08 -57.70 1.74
CA PRO CC 115 95.94 -56.93 1.23
C PRO CC 115 95.38 -57.54 -0.06
N ALA CC 116 94.07 -57.73 -0.06
CA ALA CC 116 93.36 -58.39 -1.15
C ALA CC 116 92.51 -57.38 -1.93
N LEU CC 117 92.26 -57.66 -3.21
CA LEU CC 117 91.65 -56.70 -4.13
C LEU CC 117 90.12 -56.62 -4.00
N GLN CC 118 89.57 -57.32 -3.00
CA GLN CC 118 88.16 -57.24 -2.69
C GLN CC 118 87.77 -55.84 -2.17
N GLU CC 119 86.47 -55.55 -2.19
CA GLU CC 119 85.93 -54.31 -1.64
C GLU CC 119 86.37 -54.07 -0.19
N LEU CC 120 86.84 -52.86 0.08
CA LEU CC 120 87.44 -52.54 1.36
C LEU CC 120 86.43 -51.93 2.33
N LYS CC 121 86.57 -52.28 3.60
CA LYS CC 121 85.81 -51.63 4.65
C LYS CC 121 86.80 -51.01 5.64
N PRO CC 122 86.39 -49.91 6.31
CA PRO CC 122 87.30 -49.22 7.24
C PRO CC 122 87.80 -50.12 8.38
N PRO CC 123 89.12 -50.06 8.65
CA PRO CC 123 89.81 -50.88 9.64
C PRO CC 123 89.31 -50.66 11.07
N THR CC 124 89.51 -51.66 11.93
CA THR CC 124 89.10 -51.55 13.34
C THR CC 124 90.31 -51.47 14.27
N TYR CC 125 90.14 -50.78 15.39
CA TYR CC 125 91.23 -50.54 16.31
C TYR CC 125 90.89 -50.97 17.73
N LYS CC 126 91.84 -51.62 18.39
CA LYS CC 126 91.69 -52.00 19.80
C LYS CC 126 92.98 -51.76 20.58
N LEU CC 127 92.81 -51.50 21.88
CA LEU CC 127 93.93 -51.23 22.78
C LEU CC 127 94.34 -52.49 23.56
N MET CC 128 95.56 -52.95 23.32
CA MET CC 128 96.03 -54.21 23.86
C MET CC 128 97.24 -54.06 24.81
N THR CC 129 97.40 -55.03 25.70
CA THR CC 129 98.63 -55.21 26.48
C THR CC 129 99.65 -55.89 25.57
N GLN CC 130 100.86 -56.15 26.07
CA GLN CC 130 101.82 -56.95 25.32
C GLN CC 130 101.28 -58.39 25.24
N ALA CC 131 100.65 -58.80 26.35
CA ALA CC 131 100.02 -60.11 26.49
C ALA CC 131 98.97 -60.37 25.40
N GLN CC 132 97.98 -59.49 25.33
CA GLN CC 132 96.88 -59.61 24.38
C GLN CC 132 97.37 -59.57 22.93
N LEU CC 133 98.40 -58.76 22.68
CA LEU CC 133 99.02 -58.67 21.36
C LEU CC 133 99.64 -60.02 20.97
N GLU CC 134 100.35 -60.62 21.93
CA GLU CC 134 100.93 -61.94 21.72
C GLU CC 134 99.86 -63.00 21.42
N GLU CC 135 98.77 -62.95 22.20
CA GLU CC 135 97.63 -63.84 22.00
C GLU CC 135 97.03 -63.72 20.59
N ALA CC 136 96.72 -62.49 20.21
CA ALA CC 136 96.19 -62.20 18.88
C ALA CC 136 97.12 -62.73 17.79
N THR CC 137 98.41 -62.50 17.98
CA THR CC 137 99.43 -62.98 17.05
C THR CC 137 99.36 -64.51 16.89
N LYS CC 138 99.28 -65.22 18.01
CA LYS CC 138 99.24 -66.69 17.98
C LYS CC 138 97.96 -67.22 17.31
N GLN CC 139 96.83 -66.56 17.56
CA GLN CC 139 95.56 -66.93 16.93
C GLN CC 139 95.66 -66.76 15.41
N ALA CC 140 96.23 -65.62 15.01
CA ALA CC 140 96.48 -65.33 13.59
C ALA CC 140 97.38 -66.38 12.97
N VAL CC 141 98.33 -66.87 13.76
CA VAL CC 141 99.22 -67.95 13.33
C VAL CC 141 98.45 -69.23 13.04
N GLU CC 142 97.56 -69.62 13.97
CA GLU CC 142 96.73 -70.81 13.78
C GLU CC 142 95.81 -70.69 12.55
N ALA CC 143 95.17 -69.54 12.42
CA ALA CC 143 94.41 -69.20 11.22
C ALA CC 143 95.23 -69.32 9.93
N ALA CC 144 96.50 -68.93 10.01
CA ALA CC 144 97.43 -69.03 8.88
C ALA CC 144 97.81 -70.49 8.59
N LYS CC 145 97.84 -71.32 9.63
CA LYS CC 145 97.95 -72.77 9.50
C LYS CC 145 96.78 -73.33 8.69
N VAL CC 146 95.56 -72.94 9.10
CA VAL CC 146 94.35 -73.35 8.37
C VAL CC 146 94.43 -72.87 6.92
N ARG CC 147 94.92 -71.64 6.74
CA ARG CC 147 95.13 -71.04 5.43
C ARG CC 147 96.15 -71.84 4.61
N LEU CC 148 97.06 -72.49 5.32
CA LEU CC 148 98.21 -73.15 4.72
C LEU CC 148 97.93 -74.61 4.35
N LYS CC 149 96.75 -75.10 4.73
CA LYS CC 149 96.35 -76.47 4.45
C LYS CC 149 96.56 -76.81 2.97
N MET CC 150 97.20 -77.96 2.73
CA MET CC 150 97.66 -78.33 1.41
C MET CC 150 96.57 -78.91 0.51
N PRO CC 151 96.54 -78.48 -0.76
CA PRO CC 151 95.67 -79.11 -1.77
C PRO CC 151 96.07 -80.57 -2.03
N PRO CC 152 95.11 -81.51 -1.96
CA PRO CC 152 95.40 -82.94 -2.15
C PRO CC 152 96.04 -83.27 -3.51
N VAL CC 153 97.14 -84.02 -3.47
CA VAL CC 153 97.73 -84.57 -4.69
C VAL CC 153 97.27 -86.02 -4.85
N LEU CC 154 96.64 -86.28 -5.99
CA LEU CC 154 96.14 -87.62 -6.31
C LEU CC 154 96.74 -88.02 -7.66
N GLU CC 155 96.92 -89.32 -7.88
CA GLU CC 155 97.34 -89.77 -9.19
C GLU CC 155 96.14 -89.69 -10.12
N GLU CC 156 96.35 -89.96 -11.40
CA GLU CC 156 95.29 -89.73 -12.38
C GLU CC 156 94.17 -90.77 -12.23
N ARG CC 157 92.93 -90.29 -12.39
CA ARG CC 157 91.76 -91.15 -12.34
C ARG CC 157 91.67 -92.01 -13.60
N ALA CC 158 91.02 -93.17 -13.48
CA ALA CC 158 90.85 -94.09 -14.60
C ALA CC 158 89.58 -93.79 -15.39
N PRO CC 159 89.70 -93.66 -16.73
CA PRO CC 159 88.57 -93.33 -17.62
C PRO CC 159 87.33 -94.22 -17.40
N ILE CC 160 86.15 -93.62 -17.33
CA ILE CC 160 84.92 -94.36 -17.09
C ILE CC 160 84.27 -94.77 -18.41
N ASN CC 161 84.29 -96.08 -18.68
CA ASN CC 161 83.46 -96.66 -19.74
C ASN CC 161 82.65 -97.82 -19.18
N ASP CC 162 81.34 -97.61 -19.04
CA ASP CC 162 80.41 -98.66 -18.63
C ASP CC 162 79.08 -98.43 -19.36
N VAL CC 163 78.53 -99.47 -20.00
CA VAL CC 163 77.23 -99.35 -20.64
C VAL CC 163 76.16 -100.03 -19.79
N LEU CC 164 75.16 -99.26 -19.34
CA LEU CC 164 74.09 -99.76 -18.49
C LEU CC 164 73.03 -100.55 -19.28
N ALA CC 165 72.93 -100.29 -20.58
CA ALA CC 165 71.98 -101.01 -21.46
C ALA CC 165 72.13 -100.60 -22.92
N GLU CC 166 71.52 -101.41 -23.80
CA GLU CC 166 71.43 -101.08 -25.22
C GLU CC 166 70.02 -101.39 -25.73
N ASP CC 167 69.36 -100.36 -26.24
CA ASP CC 167 68.09 -100.52 -26.91
C ASP CC 167 68.26 -100.08 -28.37
N LYS CC 168 68.20 -101.06 -29.27
CA LYS CC 168 68.43 -100.87 -30.70
C LYS CC 168 67.19 -100.25 -31.36
N ILE CC 169 66.07 -100.32 -30.65
CA ILE CC 169 64.79 -99.76 -31.09
C ILE CC 169 64.81 -98.20 -31.09
N LEU CC 170 65.69 -97.63 -30.27
CA LEU CC 170 65.80 -96.17 -30.08
C LEU CC 170 66.84 -95.50 -31.00
N GLU CC 171 67.38 -96.30 -31.92
CA GLU CC 171 68.55 -95.93 -32.75
C GLU CC 171 68.48 -94.63 -33.58
N GLY CC 172 67.39 -94.42 -34.33
CA GLY CC 172 67.32 -93.25 -35.19
C GLY CC 172 66.33 -92.17 -34.75
N THR CC 173 65.87 -92.26 -33.50
CA THR CC 173 64.82 -91.39 -32.98
C THR CC 173 65.28 -89.98 -32.56
N GLU CC 174 66.49 -89.86 -32.02
CA GLU CC 174 67.03 -88.56 -31.57
C GLU CC 174 68.36 -88.21 -32.25
N THR CC 175 68.56 -86.94 -32.57
CA THR CC 175 69.83 -86.46 -33.11
C THR CC 175 70.89 -86.18 -32.02
N ALA CC 176 70.44 -85.82 -30.82
CA ALA CC 176 71.35 -85.47 -29.73
C ALA CC 176 71.28 -86.46 -28.57
N LYS CC 177 72.14 -86.24 -27.57
CA LYS CC 177 72.19 -87.11 -26.40
C LYS CC 177 71.50 -86.52 -25.17
N TYR CC 178 70.81 -87.39 -24.44
CA TYR CC 178 70.15 -87.02 -23.19
C TYR CC 178 71.07 -87.29 -21.99
N VAL CC 179 71.23 -86.27 -21.14
CA VAL CC 179 72.11 -86.38 -19.97
C VAL CC 179 71.30 -86.30 -18.67
N PHE CC 180 71.20 -87.41 -17.95
CA PHE CC 180 70.37 -87.48 -16.74
C PHE CC 180 71.23 -87.44 -15.48
N THR CC 181 71.11 -86.31 -14.78
CA THR CC 181 71.87 -86.07 -13.55
C THR CC 181 70.95 -86.28 -12.36
N ASP CC 182 71.33 -87.18 -11.45
CA ASP CC 182 70.67 -87.27 -10.15
C ASP CC 182 71.11 -86.04 -9.37
N ILE CC 183 70.13 -85.25 -8.95
CA ILE CC 183 70.40 -84.16 -8.02
C ILE CC 183 69.56 -84.46 -6.77
N SER CC 184 70.26 -84.77 -5.70
CA SER CC 184 69.65 -84.91 -4.37
C SER CC 184 70.69 -84.37 -3.41
N TYR CC 185 70.25 -83.53 -2.46
CA TYR CC 185 71.19 -82.72 -1.70
C TYR CC 185 72.10 -83.53 -0.75
N SER CC 186 71.67 -84.73 -0.39
CA SER CC 186 72.40 -85.56 0.57
C SER CC 186 73.60 -86.30 -0.06
N ILE CC 187 73.55 -86.53 -1.37
CA ILE CC 187 74.52 -87.40 -2.05
C ILE CC 187 75.87 -86.73 -2.32
N PRO CC 188 76.96 -87.36 -1.83
CA PRO CC 188 78.32 -86.96 -2.23
C PRO CC 188 78.51 -86.97 -3.76
N HIS CC 189 79.30 -86.04 -4.28
CA HIS CC 189 79.39 -85.79 -5.73
C HIS CC 189 80.21 -86.83 -6.48
N ARG CC 190 80.93 -87.66 -5.75
CA ARG CC 190 81.59 -88.82 -6.33
C ARG CC 190 80.56 -89.94 -6.57
N GLU CC 191 79.49 -89.90 -5.76
CA GLU CC 191 78.49 -90.97 -5.73
C GLU CC 191 77.20 -90.72 -6.56
N ARG CC 192 77.12 -89.59 -7.25
CA ARG CC 192 75.93 -89.27 -8.04
C ARG CC 192 75.86 -90.05 -9.35
N PHE CC 193 74.63 -90.32 -9.80
CA PHE CC 193 74.42 -91.06 -11.04
C PHE CC 193 74.20 -90.12 -12.22
N ILE CC 194 75.20 -90.10 -13.11
CA ILE CC 194 75.12 -89.29 -14.33
C ILE CC 194 75.13 -90.22 -15.52
N VAL CC 195 74.00 -90.28 -16.20
CA VAL CC 195 73.81 -91.26 -17.25
C VAL CC 195 73.61 -90.54 -18.58
N VAL CC 196 73.93 -91.21 -19.68
CA VAL CC 196 73.77 -90.63 -21.00
C VAL CC 196 73.09 -91.63 -21.94
N ARG CC 197 71.93 -91.23 -22.46
CA ARG CC 197 71.32 -91.86 -23.64
C ARG CC 197 71.94 -91.23 -24.88
N GLU CC 198 72.54 -92.05 -25.74
CA GLU CC 198 73.10 -91.52 -26.97
C GLU CC 198 72.03 -91.54 -28.06
N PRO CC 199 72.35 -90.98 -29.25
CA PRO CC 199 71.47 -91.23 -30.40
C PRO CC 199 71.53 -92.71 -30.82
N SER CC 200 72.69 -93.34 -30.64
CA SER CC 200 72.90 -94.76 -30.99
C SER CC 200 72.04 -95.73 -30.15
N GLY CC 201 71.45 -95.23 -29.07
CA GLY CC 201 70.50 -96.00 -28.28
C GLY CC 201 71.09 -96.52 -26.99
N THR CC 202 72.42 -96.55 -26.91
CA THR CC 202 73.09 -97.11 -25.73
C THR CC 202 72.99 -96.18 -24.51
N LEU CC 203 72.49 -96.75 -23.42
CA LEU CC 203 72.48 -96.06 -22.13
C LEU CC 203 73.77 -96.39 -21.37
N ARG CC 204 74.62 -95.37 -21.23
CA ARG CC 204 75.98 -95.54 -20.73
C ARG CC 204 76.24 -94.54 -19.59
N LYS CC 205 77.28 -94.79 -18.79
CA LYS CC 205 77.67 -93.81 -17.77
C LYS CC 205 78.40 -92.62 -18.44
N ALA CC 206 78.23 -91.42 -17.87
CA ALA CC 206 78.92 -90.23 -18.36
C ALA CC 206 80.42 -90.31 -18.07
N SER CC 207 81.24 -89.73 -18.97
CA SER CC 207 82.69 -89.71 -18.78
C SER CC 207 83.04 -88.78 -17.62
N TRP CC 208 84.32 -88.59 -17.33
CA TRP CC 208 84.71 -87.77 -16.18
C TRP CC 208 84.42 -86.28 -16.38
N GLU CC 209 84.82 -85.75 -17.54
CA GLU CC 209 84.65 -84.34 -17.89
C GLU CC 209 83.18 -83.90 -17.96
N GLU CC 210 82.35 -84.72 -18.61
CA GLU CC 210 80.91 -84.48 -18.70
C GLU CC 210 80.27 -84.54 -17.30
N ARG CC 211 80.72 -85.50 -16.50
CA ARG CC 211 80.28 -85.66 -15.10
C ARG CC 211 80.55 -84.39 -14.25
N ASP CC 212 81.80 -83.96 -14.21
CA ASP CC 212 82.17 -82.73 -13.48
C ASP CC 212 81.43 -81.49 -14.01
N ARG CC 213 81.43 -81.31 -15.34
CA ARG CC 213 80.70 -80.21 -15.99
C ARG CC 213 79.23 -80.15 -15.55
N MET CC 214 78.61 -81.33 -15.48
CA MET CC 214 77.22 -81.46 -15.06
C MET CC 214 77.01 -81.16 -13.57
N ILE CC 215 77.93 -81.64 -12.73
CA ILE CC 215 77.88 -81.30 -11.30
C ILE CC 215 77.97 -79.78 -11.11
N GLN CC 216 78.83 -79.12 -11.89
CA GLN CC 216 78.95 -77.65 -11.85
C GLN CC 216 77.64 -76.98 -12.27
N VAL CC 217 77.07 -77.44 -13.38
CA VAL CC 217 75.77 -76.92 -13.82
C VAL CC 217 74.76 -77.02 -12.68
N TYR CC 218 74.56 -78.22 -12.13
CA TYR CC 218 73.49 -78.37 -11.14
C TYR CC 218 73.89 -78.07 -9.70
N PHE CC 219 75.19 -78.03 -9.40
CA PHE CC 219 75.61 -77.64 -8.06
C PHE CC 219 76.77 -76.65 -8.16
N PRO CC 220 76.44 -75.39 -8.54
CA PRO CC 220 77.50 -74.41 -8.82
C PRO CC 220 78.27 -74.00 -7.56
N ARG CC 221 79.59 -73.96 -7.67
CA ARG CC 221 80.43 -73.47 -6.60
C ARG CC 221 81.44 -72.50 -7.24
N GLU CC 222 81.64 -71.35 -6.59
CA GLU CC 222 82.33 -70.21 -7.22
C GLU CC 222 83.80 -70.48 -7.56
N GLY CC 223 84.20 -69.94 -8.72
CA GLY CC 223 85.52 -70.16 -9.26
C GLY CC 223 85.50 -71.07 -10.49
N ARG CC 224 84.36 -71.70 -10.76
CA ARG CC 224 84.28 -72.69 -11.83
C ARG CC 224 83.45 -72.24 -13.02
N ARG CC 225 84.10 -72.10 -14.16
CA ARG CC 225 83.41 -71.95 -15.44
C ARG CC 225 83.02 -73.35 -15.93
N ILE CC 226 81.79 -73.48 -16.44
CA ILE CC 226 81.32 -74.76 -16.96
C ILE CC 226 82.10 -75.11 -18.24
N LEU CC 227 82.28 -74.12 -19.11
CA LEU CC 227 83.21 -74.26 -20.23
C LEU CC 227 84.63 -73.94 -19.73
N THR CC 228 85.60 -74.75 -20.14
CA THR CC 228 86.97 -74.59 -19.65
C THR CC 228 87.61 -73.28 -20.14
N PRO CC 229 88.10 -72.46 -19.17
CA PRO CC 229 88.63 -71.10 -19.39
C PRO CC 229 89.83 -71.04 -20.36
N VAL CC 230 89.84 -69.97 -21.17
CA VAL CC 230 90.91 -69.74 -22.15
C VAL CC 230 92.30 -69.68 -21.50
N ILE CC 231 92.35 -69.31 -20.21
CA ILE CC 231 93.62 -69.04 -19.51
C ILE CC 231 94.52 -70.27 -19.36
N PHE CC 232 93.95 -71.46 -19.55
CA PHE CC 232 94.68 -72.70 -19.36
C PHE CC 232 95.30 -73.23 -20.67
N LYS CC 233 95.18 -72.46 -21.74
CA LYS CC 233 95.96 -72.71 -22.96
C LYS CC 233 97.42 -72.29 -22.71
N GLU CC 234 98.34 -72.86 -23.49
CA GLU CC 234 99.78 -72.70 -23.22
C GLU CC 234 100.29 -71.25 -23.35
N GLU CC 235 99.72 -70.52 -24.30
CA GLU CC 235 100.06 -69.12 -24.54
C GLU CC 235 99.77 -68.24 -23.33
N ASN CC 236 98.52 -68.31 -22.87
CA ASN CC 236 98.05 -67.55 -21.71
C ASN CC 236 98.83 -67.91 -20.43
N LEU CC 237 99.07 -69.20 -20.23
CA LEU CC 237 99.84 -69.69 -19.09
C LEU CC 237 101.28 -69.18 -19.11
N GLN CC 238 101.88 -69.17 -20.30
CA GLN CC 238 103.23 -68.63 -20.48
C GLN CC 238 103.29 -67.13 -20.14
N THR CC 239 102.30 -66.39 -20.65
CA THR CC 239 102.16 -64.97 -20.30
C THR CC 239 102.07 -64.77 -18.78
N MET CC 240 101.25 -65.56 -18.10
CA MET CC 240 101.09 -65.47 -16.64
C MET CC 240 102.34 -65.89 -15.87
N TYR CC 241 103.14 -66.75 -16.47
CA TYR CC 241 104.42 -67.13 -15.90
C TYR CC 241 105.42 -65.98 -15.98
N SER CC 242 105.38 -65.27 -17.11
CA SER CC 242 106.27 -64.12 -17.33
C SER CC 242 106.01 -63.01 -16.31
N GLN CC 243 104.76 -62.92 -15.84
CA GLN CC 243 104.35 -61.95 -14.82
C GLN CC 243 104.45 -62.53 -13.41
N ASP CC 244 105.04 -63.73 -13.31
CA ASP CC 244 105.26 -64.52 -12.07
C ASP CC 244 103.99 -64.67 -11.18
N GLN CC 245 102.88 -64.96 -11.86
CA GLN CC 245 101.56 -65.10 -11.23
C GLN CC 245 101.29 -66.53 -10.77
N HIS CC 246 102.33 -67.38 -10.80
CA HIS CC 246 102.21 -68.83 -10.65
C HIS CC 246 101.27 -69.31 -9.53
N VAL CC 247 101.30 -68.62 -8.38
CA VAL CC 247 100.40 -68.91 -7.25
C VAL CC 247 98.92 -68.80 -7.67
N ASP CC 248 98.62 -67.74 -8.41
CA ASP CC 248 97.29 -67.51 -8.99
C ASP CC 248 96.91 -68.62 -9.98
N VAL CC 249 97.86 -69.03 -10.83
CA VAL CC 249 97.64 -70.13 -11.77
C VAL CC 249 97.20 -71.41 -11.02
N LEU CC 250 97.91 -71.67 -9.92
CA LEU CC 250 97.63 -72.85 -9.08
C LEU CC 250 96.28 -72.76 -8.35
N ASN CC 251 95.93 -71.57 -7.84
CA ASN CC 251 94.63 -71.38 -7.20
C ASN CC 251 93.48 -71.53 -8.21
N LEU CC 252 93.66 -70.93 -9.38
CA LEU CC 252 92.74 -71.04 -10.52
C LEU CC 252 92.49 -72.50 -10.92
N CYS CC 253 93.58 -73.26 -11.07
CA CYS CC 253 93.48 -74.68 -11.39
C CYS CC 253 92.79 -75.48 -10.25
N VAL CC 254 93.13 -75.16 -8.99
CA VAL CC 254 92.52 -75.80 -7.82
C VAL CC 254 90.98 -75.65 -7.78
N ALA CC 255 90.51 -74.43 -8.01
CA ALA CC 255 89.07 -74.16 -8.02
C ALA CC 255 88.40 -74.71 -9.30
N GLN CC 256 89.05 -74.55 -10.46
CA GLN CC 256 88.45 -74.93 -11.75
C GLN CC 256 88.39 -76.46 -11.98
N PHE CC 257 89.50 -77.15 -11.77
CA PHE CC 257 89.57 -78.60 -12.02
C PHE CC 257 89.59 -79.44 -10.72
N GLU CC 258 89.72 -80.76 -10.88
CA GLU CC 258 89.61 -81.70 -9.75
C GLU CC 258 90.99 -82.35 -9.52
N PRO CC 259 91.37 -82.62 -8.25
CA PRO CC 259 92.75 -83.01 -7.90
C PRO CC 259 93.26 -84.27 -8.63
N ASP CC 260 92.35 -85.17 -8.99
CA ASP CC 260 92.69 -86.39 -9.72
C ASP CC 260 92.50 -86.27 -11.25
N SER CC 261 92.07 -85.10 -11.72
CA SER CC 261 91.79 -84.94 -13.14
C SER CC 261 93.07 -84.91 -13.97
N ALA CC 262 92.92 -84.84 -15.30
CA ALA CC 262 94.05 -84.85 -16.22
C ALA CC 262 94.73 -83.49 -16.29
N GLU CC 263 93.91 -82.44 -16.33
CA GLU CC 263 94.36 -81.06 -16.49
C GLU CC 263 94.87 -80.45 -15.18
N TYR CC 264 94.30 -80.88 -14.05
CA TYR CC 264 94.81 -80.46 -12.74
C TYR CC 264 96.29 -80.81 -12.63
N ILE CC 265 96.56 -82.08 -12.86
CA ILE CC 265 97.91 -82.64 -12.84
C ILE CC 265 98.81 -82.06 -13.96
N LYS CC 266 98.29 -82.02 -15.19
CA LYS CC 266 98.98 -81.41 -16.34
C LYS CC 266 99.52 -80.00 -16.04
N ILE CC 267 98.63 -79.16 -15.50
CA ILE CC 267 98.93 -77.77 -15.17
C ILE CC 267 99.83 -77.60 -13.93
N HIS CC 268 99.53 -78.35 -12.86
CA HIS CC 268 100.37 -78.30 -11.67
C HIS CC 268 101.82 -78.65 -12.01
N HIS CC 269 101.97 -79.74 -12.77
CA HIS CC 269 103.29 -80.22 -13.19
C HIS CC 269 104.01 -79.29 -14.18
N HIS CC 270 103.26 -78.74 -15.13
CA HIS CC 270 103.82 -77.76 -16.07
C HIS CC 270 104.34 -76.50 -15.32
N THR CC 271 103.55 -76.06 -14.34
CA THR CC 271 103.91 -74.91 -13.48
C THR CC 271 105.19 -75.19 -12.68
N TYR CC 272 105.21 -76.33 -11.99
CA TYR CC 272 106.40 -76.78 -11.25
C TYR CC 272 107.62 -76.77 -12.16
N GLU CC 273 107.39 -77.24 -13.39
CA GLU CC 273 108.42 -77.29 -14.41
C GLU CC 273 108.99 -75.90 -14.72
N ASP CC 274 108.11 -74.90 -14.82
CA ASP CC 274 108.57 -73.54 -15.08
C ASP CC 274 109.25 -72.87 -13.85
N ILE CC 275 108.73 -73.08 -12.63
CA ILE CC 275 109.38 -72.52 -11.42
C ILE CC 275 110.74 -73.18 -11.21
N ASP CC 276 110.90 -74.38 -11.75
CA ASP CC 276 112.16 -75.11 -11.74
C ASP CC 276 113.12 -74.51 -12.78
N LYS CC 277 112.61 -74.29 -13.99
CA LYS CC 277 113.40 -73.72 -15.08
C LYS CC 277 113.92 -72.32 -14.74
N CYS CC 278 113.10 -71.54 -14.04
CA CYS CC 278 113.44 -70.13 -13.77
C CYS CC 278 114.08 -69.86 -12.39
N GLY CC 279 114.16 -70.88 -11.53
CA GLY CC 279 114.70 -70.68 -10.19
C GLY CC 279 113.85 -69.75 -9.32
N LYS CC 280 112.54 -69.85 -9.49
CA LYS CC 280 111.56 -68.96 -8.87
C LYS CC 280 110.94 -69.46 -7.55
N TYR CC 281 111.47 -70.57 -7.01
CA TYR CC 281 110.84 -71.34 -5.91
C TYR CC 281 110.28 -70.52 -4.74
N ASP CC 282 110.99 -69.46 -4.37
CA ASP CC 282 110.60 -68.58 -3.25
C ASP CC 282 109.20 -67.97 -3.39
N LEU CC 283 108.67 -67.94 -4.62
CA LEU CC 283 107.31 -67.49 -4.89
C LEU CC 283 106.29 -68.36 -4.15
N LEU CC 284 106.56 -69.65 -4.04
CA LEU CC 284 105.64 -70.59 -3.41
C LEU CC 284 105.98 -70.81 -1.93
N ARG CC 285 106.94 -70.03 -1.43
CA ARG CC 285 107.54 -70.26 -0.11
C ARG CC 285 106.54 -70.44 1.02
N SER CC 286 105.88 -69.35 1.42
CA SER CC 286 104.93 -69.41 2.52
C SER CC 286 103.55 -69.81 2.01
N THR CC 287 103.48 -70.12 0.72
CA THR CC 287 102.23 -70.56 0.07
C THR CC 287 101.75 -71.93 0.60
N ARG CC 288 100.45 -72.20 0.50
CA ARG CC 288 99.90 -73.54 0.76
C ARG CC 288 100.27 -74.50 -0.39
N HIS CC 289 100.89 -73.94 -1.44
CA HIS CC 289 101.27 -74.68 -2.65
C HIS CC 289 102.72 -75.21 -2.68
N PHE CC 290 103.47 -75.04 -1.59
CA PHE CC 290 104.90 -75.40 -1.55
C PHE CC 290 105.19 -76.92 -1.56
N GLY CC 291 104.52 -77.67 -0.68
CA GLY CC 291 104.69 -79.11 -0.60
C GLY CC 291 104.33 -79.85 -1.88
N GLY CC 292 103.57 -79.20 -2.76
CA GLY CC 292 103.22 -79.76 -4.05
C GLY CC 292 104.44 -79.92 -4.95
N MET CC 293 105.16 -78.81 -5.16
CA MET CC 293 106.38 -78.87 -5.94
C MET CC 293 107.46 -79.62 -5.18
N ALA CC 294 107.42 -79.57 -3.84
CA ALA CC 294 108.30 -80.40 -3.02
C ALA CC 294 108.19 -81.88 -3.39
N TRP CC 295 107.01 -82.44 -3.19
CA TRP CC 295 106.74 -83.85 -3.51
C TRP CC 295 106.99 -84.19 -4.98
N TYR CC 296 106.54 -83.34 -5.91
CA TYR CC 296 106.80 -83.55 -7.33
C TYR CC 296 108.29 -83.60 -7.68
N PHE CC 297 109.10 -82.75 -7.04
CA PHE CC 297 110.55 -82.70 -7.31
C PHE CC 297 111.31 -83.86 -6.65
N VAL CC 298 110.82 -84.34 -5.51
CA VAL CC 298 111.37 -85.56 -4.91
C VAL CC 298 111.05 -86.79 -5.79
N ASN CC 299 109.82 -86.86 -6.32
CA ASN CC 299 109.42 -88.00 -7.15
C ASN CC 299 109.97 -87.96 -8.59
N LYS CC 300 110.32 -86.77 -9.09
CA LYS CC 300 110.95 -86.64 -10.41
C LYS CC 300 112.47 -86.58 -10.30
N LYS CC 301 112.97 -86.63 -9.07
CA LYS CC 301 114.40 -86.68 -8.75
C LYS CC 301 115.20 -85.47 -9.24
N LYS CC 302 114.57 -84.29 -9.25
CA LYS CC 302 115.35 -83.06 -9.34
C LYS CC 302 115.20 -82.28 -8.03
N ILE CC 303 116.21 -82.41 -7.17
CA ILE CC 303 116.26 -81.67 -5.90
C ILE CC 303 117.24 -80.49 -6.03
N ASP CC 304 117.87 -80.39 -7.20
CA ASP CC 304 118.99 -79.47 -7.42
C ASP CC 304 118.69 -78.01 -7.11
N GLY CC 305 117.86 -77.38 -7.96
CA GLY CC 305 117.53 -75.98 -7.83
C GLY CC 305 116.90 -75.60 -6.51
N LEU CC 306 116.13 -76.52 -5.92
CA LEU CC 306 115.44 -76.27 -4.65
C LEU CC 306 116.40 -76.31 -3.46
N LEU CC 307 117.40 -77.20 -3.53
CA LEU CC 307 118.46 -77.25 -2.53
C LEU CC 307 119.35 -76.00 -2.62
N ILE CC 308 119.78 -75.71 -3.85
CA ILE CC 308 120.57 -74.51 -4.13
C ILE CC 308 119.86 -73.27 -3.59
N ASP CC 309 118.58 -73.15 -3.94
CA ASP CC 309 117.72 -72.07 -3.45
C ASP CC 309 117.69 -72.02 -1.92
N GLN CC 310 117.30 -73.14 -1.30
CA GLN CC 310 117.17 -73.23 0.16
C GLN CC 310 118.43 -72.83 0.92
N ILE CC 311 119.60 -73.21 0.39
CA ILE CC 311 120.87 -72.88 1.03
C ILE CC 311 121.30 -71.43 0.75
N GLN CC 312 120.97 -70.90 -0.44
CA GLN CC 312 121.25 -69.49 -0.76
C GLN CC 312 120.33 -68.53 0.02
N ARG CC 313 119.19 -69.04 0.50
CA ARG CC 313 118.28 -68.29 1.37
C ARG CC 313 118.79 -68.35 2.82
N ASP CC 314 119.89 -69.05 3.00
CA ASP CC 314 120.51 -69.31 4.31
C ASP CC 314 119.56 -70.10 5.22
N LEU CC 315 118.77 -70.99 4.60
CA LEU CC 315 118.02 -71.98 5.36
C LEU CC 315 118.56 -73.39 5.03
N VAL CC 316 119.35 -73.95 5.94
CA VAL CC 316 119.89 -75.30 5.75
C VAL CC 316 119.09 -76.38 6.52
N SER CC 317 118.23 -75.95 7.45
CA SER CC 317 117.40 -76.89 8.20
C SER CC 317 116.32 -77.47 7.26
N ASP CC 318 115.90 -76.62 6.33
CA ASP CC 318 114.92 -76.98 5.29
C ASP CC 318 115.57 -77.80 4.16
N ALA CC 319 116.83 -77.47 3.83
CA ALA CC 319 117.58 -78.23 2.83
C ALA CC 319 117.84 -79.67 3.31
N THR CC 320 118.20 -79.81 4.60
CA THR CC 320 118.42 -81.13 5.18
C THR CC 320 117.10 -81.89 5.44
N SER CC 321 116.02 -81.17 5.77
CA SER CC 321 114.70 -81.79 5.84
C SER CC 321 114.26 -82.31 4.46
N LEU CC 322 114.72 -81.62 3.41
CA LEU CC 322 114.42 -81.98 2.01
C LEU CC 322 115.18 -83.22 1.53
N VAL CC 323 116.50 -83.26 1.79
CA VAL CC 323 117.28 -84.45 1.50
C VAL CC 323 116.74 -85.64 2.31
N HIS CC 324 116.41 -85.39 3.58
CA HIS CC 324 115.77 -86.37 4.45
C HIS CC 324 114.51 -86.95 3.79
N LEU CC 325 113.65 -86.06 3.27
CA LEU CC 325 112.41 -86.46 2.57
C LEU CC 325 112.74 -87.32 1.34
N TYR CC 326 113.79 -86.91 0.61
CA TYR CC 326 114.25 -87.67 -0.54
C TYR CC 326 114.64 -89.10 -0.15
N HIS CC 327 115.24 -89.23 1.03
CA HIS CC 327 115.65 -90.53 1.59
C HIS CC 327 114.46 -91.37 2.07
N ILE CC 328 113.43 -90.73 2.61
CA ILE CC 328 112.20 -91.42 2.97
C ILE CC 328 111.47 -91.96 1.72
N LEU CC 329 111.40 -91.14 0.66
CA LEU CC 329 110.66 -91.55 -0.54
C LEU CC 329 111.52 -92.35 -1.54
N HIS CC 330 112.80 -92.45 -1.24
CA HIS CC 330 113.69 -93.37 -1.96
C HIS CC 330 114.56 -94.14 -0.95
N PRO CC 331 113.92 -95.04 -0.16
CA PRO CC 331 114.58 -95.76 0.94
C PRO CC 331 115.80 -96.56 0.47
N ASP CC 332 115.63 -97.29 -0.64
CA ASP CC 332 116.73 -98.04 -1.23
C ASP CC 332 117.26 -97.28 -2.44
N GLY CC 333 118.46 -96.73 -2.25
CA GLY CC 333 119.13 -95.90 -3.23
C GLY CC 333 120.51 -95.64 -2.65
N GLN CC 334 121.47 -95.26 -3.49
CA GLN CC 334 122.86 -95.13 -3.07
C GLN CC 334 123.09 -94.02 -2.01
N SER CC 335 122.33 -92.92 -2.12
CA SER CC 335 122.45 -91.80 -1.17
C SER CC 335 121.81 -92.14 0.19
N ALA CC 336 120.64 -92.78 0.16
CA ALA CC 336 119.95 -93.18 1.40
C ALA CC 336 120.74 -94.22 2.18
N GLN CC 337 121.25 -95.20 1.44
CA GLN CC 337 122.11 -96.25 1.99
C GLN CC 337 123.44 -95.70 2.50
N GLU CC 338 124.04 -94.75 1.77
CA GLU CC 338 125.30 -94.13 2.20
C GLU CC 338 125.10 -93.19 3.41
N ALA CC 339 123.90 -92.64 3.55
CA ALA CC 339 123.55 -91.81 4.71
C ALA CC 339 123.22 -92.69 5.91
N LYS CC 340 122.74 -93.91 5.65
CA LYS CC 340 122.64 -94.93 6.69
C LYS CC 340 124.04 -95.34 7.15
N LYS CC 341 124.94 -95.58 6.19
CA LYS CC 341 126.31 -96.04 6.48
C LYS CC 341 127.13 -95.02 7.27
N GLN CC 342 127.25 -93.81 6.72
CA GLN CC 342 128.14 -92.78 7.26
C GLN CC 342 127.62 -92.14 8.55
N GLY CC 343 126.36 -92.44 8.90
CA GLY CC 343 125.73 -91.84 10.06
C GLY CC 343 125.74 -90.32 9.92
N ALA CC 344 125.20 -89.84 8.81
CA ALA CC 344 125.35 -88.44 8.41
C ALA CC 344 124.46 -87.46 9.20
N GLU CC 345 125.11 -86.46 9.79
CA GLU CC 345 124.41 -85.30 10.35
C GLU CC 345 123.90 -84.42 9.21
N GLY CC 346 122.96 -83.53 9.49
CA GLY CC 346 122.25 -82.79 8.46
C GLY CC 346 123.07 -82.15 7.34
N LEU CC 347 124.06 -81.34 7.71
CA LEU CC 347 124.93 -80.71 6.74
C LEU CC 347 125.71 -81.78 5.95
N HIS CC 348 126.22 -82.76 6.69
CA HIS CC 348 126.92 -83.89 6.10
C HIS CC 348 125.98 -84.81 5.32
N LEU CC 349 124.69 -84.76 5.63
CA LEU CC 349 123.66 -85.47 4.88
C LEU CC 349 123.46 -84.82 3.51
N ILE CC 350 123.47 -83.49 3.50
CA ILE CC 350 123.44 -82.71 2.25
C ILE CC 350 124.72 -82.95 1.42
N LYS CC 351 125.85 -83.12 2.10
CA LYS CC 351 127.10 -83.47 1.41
C LYS CC 351 127.04 -84.87 0.80
N VAL CC 352 126.48 -85.82 1.56
CA VAL CC 352 126.24 -87.19 1.08
C VAL CC 352 125.40 -87.19 -0.20
N PHE CC 353 124.27 -86.48 -0.16
CA PHE CC 353 123.39 -86.38 -1.32
C PHE CC 353 124.04 -85.62 -2.49
N ALA CC 354 124.89 -84.64 -2.17
CA ALA CC 354 125.65 -83.89 -3.17
C ALA CC 354 126.57 -84.84 -3.93
N LYS CC 355 127.20 -85.75 -3.19
CA LYS CC 355 128.12 -86.73 -3.76
C LYS CC 355 127.44 -87.82 -4.60
N THR CC 356 126.46 -88.51 -4.00
CA THR CC 356 125.99 -89.79 -4.53
C THR CC 356 125.03 -89.70 -5.73
N GLU CC 357 124.07 -88.77 -5.66
CA GLU CC 357 122.92 -88.78 -6.56
C GLU CC 357 122.77 -87.51 -7.41
N ALA CC 358 122.65 -86.36 -6.75
CA ALA CC 358 122.27 -85.10 -7.38
C ALA CC 358 123.03 -84.80 -8.68
N GLN CC 359 122.26 -84.43 -9.72
CA GLN CC 359 122.77 -84.24 -11.08
C GLN CC 359 123.85 -83.15 -11.16
N LYS CC 360 123.70 -82.11 -10.35
CA LYS CC 360 124.72 -81.08 -10.21
C LYS CC 360 125.31 -81.13 -8.79
N GLY CC 361 126.53 -81.63 -8.67
CA GLY CC 361 127.21 -81.66 -7.38
C GLY CC 361 128.14 -80.49 -7.22
N ALA CC 362 128.51 -79.88 -8.35
CA ALA CC 362 129.41 -78.73 -8.37
C ALA CC 362 128.78 -77.52 -7.70
N TYR CC 363 127.59 -77.16 -8.17
CA TYR CC 363 126.84 -76.03 -7.61
C TYR CC 363 126.47 -76.25 -6.15
N ILE CC 364 126.04 -77.47 -5.81
CA ILE CC 364 125.65 -77.81 -4.44
C ILE CC 364 126.83 -77.73 -3.47
N GLU CC 365 127.97 -78.29 -3.87
CA GLU CC 365 129.15 -78.29 -3.02
C GLU CC 365 129.76 -76.89 -2.92
N LEU CC 366 129.67 -76.11 -4.00
CA LEU CC 366 130.20 -74.74 -4.01
C LEU CC 366 129.34 -73.81 -3.14
N THR CC 367 128.03 -73.95 -3.24
CA THR CC 367 127.08 -73.18 -2.44
C THR CC 367 127.15 -73.57 -0.96
N LEU CC 368 127.36 -74.87 -0.68
CA LEU CC 368 127.48 -75.37 0.68
C LEU CC 368 128.79 -74.89 1.31
N GLN CC 369 129.85 -74.90 0.51
CA GLN CC 369 131.13 -74.29 0.84
C GLN CC 369 130.94 -72.83 1.26
N ALA CC 370 130.46 -72.03 0.32
CA ALA CC 370 130.21 -70.60 0.53
C ALA CC 370 129.37 -70.32 1.77
N TYR CC 371 128.22 -71.00 1.91
CA TYR CC 371 127.37 -70.84 3.08
C TYR CC 371 128.11 -71.15 4.37
N GLN CC 372 128.72 -72.34 4.43
CA GLN CC 372 129.45 -72.76 5.63
C GLN CC 372 130.50 -71.73 6.04
N GLU CC 373 131.48 -71.50 5.16
CA GLU CC 373 132.56 -70.56 5.45
C GLU CC 373 132.08 -69.16 5.82
N ALA CC 374 131.22 -68.57 4.98
CA ALA CC 374 130.72 -67.22 5.22
C ALA CC 374 129.95 -67.11 6.54
N PHE CC 375 129.04 -68.05 6.80
CA PHE CC 375 128.24 -68.06 8.03
C PHE CC 375 129.08 -68.25 9.29
N ILE CC 376 130.06 -69.16 9.24
CA ILE CC 376 130.92 -69.42 10.40
C ILE CC 376 131.82 -68.20 10.68
N THR CC 377 132.29 -67.54 9.63
CA THR CC 377 133.14 -66.35 9.79
C THR CC 377 132.34 -65.11 10.27
N HIS CC 378 131.10 -64.98 9.81
CA HIS CC 378 130.27 -63.82 10.15
C HIS CC 378 129.74 -63.89 11.59
N SER CC 379 129.22 -65.05 11.99
CA SER CC 379 128.66 -65.20 13.34
C SER CC 379 129.71 -65.66 14.35
N ALA DC 2 103.08 -18.13 6.01
CA ALA DC 2 103.74 -17.11 6.81
C ALA DC 2 103.94 -17.57 8.25
N GLY DC 3 102.83 -17.68 8.99
CA GLY DC 3 102.82 -18.13 10.37
C GLY DC 3 101.40 -18.59 10.71
N SER DC 4 101.14 -18.86 11.98
CA SER DC 4 99.78 -19.19 12.42
C SER DC 4 99.35 -18.22 13.52
N ARG DC 5 98.37 -17.39 13.20
CA ARG DC 5 97.95 -16.34 14.12
C ARG DC 5 96.78 -16.78 14.98
N LEU DC 6 96.46 -18.07 14.93
CA LEU DC 6 95.44 -18.59 15.82
C LEU DC 6 96.05 -18.81 17.20
N GLU DC 7 95.57 -18.05 18.19
CA GLU DC 7 96.09 -18.17 19.55
C GLU DC 7 95.42 -19.34 20.25
N THR DC 8 94.16 -19.55 19.87
CA THR DC 8 93.27 -20.49 20.54
C THR DC 8 93.51 -21.96 20.14
N VAL DC 9 94.08 -22.19 18.96
CA VAL DC 9 94.27 -23.56 18.44
C VAL DC 9 95.13 -24.44 19.36
N GLY DC 10 96.30 -23.95 19.76
CA GLY DC 10 97.21 -24.75 20.55
C GLY DC 10 98.31 -23.90 21.15
N SER DC 11 99.37 -24.54 21.62
CA SER DC 11 100.55 -23.80 22.09
C SER DC 11 101.30 -23.21 20.91
N ILE DC 12 102.08 -22.16 21.15
CA ILE DC 12 102.96 -21.61 20.13
C ILE DC 12 103.91 -22.69 19.60
N PHE DC 13 104.32 -23.58 20.50
CA PHE DC 13 105.18 -24.71 20.17
C PHE DC 13 104.51 -25.69 19.21
N SER DC 14 103.28 -26.05 19.54
CA SER DC 14 102.45 -26.92 18.70
C SER DC 14 102.39 -26.41 17.25
N ARG DC 15 101.83 -25.21 17.10
CA ARG DC 15 101.68 -24.53 15.81
C ARG DC 15 102.99 -24.37 15.05
N THR DC 16 104.04 -23.91 15.74
CA THR DC 16 105.33 -23.70 15.09
C THR DC 16 105.92 -25.03 14.56
N ARG DC 17 106.01 -26.02 15.45
CA ARG DC 17 106.52 -27.33 15.09
C ARG DC 17 105.77 -27.96 13.92
N ASP DC 18 104.44 -27.84 13.96
CA ASP DC 18 103.58 -28.42 12.91
C ASP DC 18 103.72 -27.67 11.58
N LEU DC 19 103.89 -26.35 11.66
CA LEU DC 19 104.05 -25.51 10.49
C LEU DC 19 105.36 -25.83 9.77
N ILE DC 20 106.41 -26.07 10.56
CA ILE DC 20 107.68 -26.57 10.03
C ILE DC 20 107.53 -27.94 9.40
N ARG DC 21 106.84 -28.82 10.14
CA ARG DC 21 106.56 -30.19 9.75
C ARG DC 21 105.90 -30.29 8.36
N ALA DC 22 105.03 -29.33 8.07
CA ALA DC 22 104.30 -29.29 6.80
C ALA DC 22 105.10 -28.65 5.67
N GLY DC 23 106.25 -28.09 6.02
CA GLY DC 23 107.14 -27.51 5.02
C GLY DC 23 106.79 -26.06 4.69
N VAL DC 24 105.80 -25.52 5.40
CA VAL DC 24 105.39 -24.13 5.24
C VAL DC 24 106.47 -23.18 5.74
N LEU DC 25 106.89 -23.41 6.98
CA LEU DC 25 107.93 -22.60 7.59
C LEU DC 25 109.28 -23.27 7.35
N LYS DC 26 110.11 -22.64 6.51
CA LYS DC 26 111.35 -23.26 6.06
C LYS DC 26 112.55 -22.92 6.95
N GLU DC 27 112.35 -22.00 7.89
CA GLU DC 27 113.41 -21.64 8.83
C GLU DC 27 112.98 -21.83 10.29
N LYS DC 28 113.75 -22.64 11.01
CA LYS DC 28 113.50 -22.94 12.40
C LYS DC 28 113.95 -21.80 13.32
N PRO DC 29 113.03 -21.25 14.14
CA PRO DC 29 113.41 -20.19 15.08
C PRO DC 29 114.31 -20.70 16.23
N LEU DC 30 115.02 -19.75 16.85
CA LEU DC 30 115.94 -20.01 17.98
C LEU DC 30 115.22 -20.62 19.20
N TRP DC 31 114.20 -19.88 19.62
CA TRP DC 31 113.44 -20.19 20.81
C TRP DC 31 112.80 -21.58 20.72
N LEU DC 32 112.71 -22.12 19.51
CA LEU DC 32 112.21 -23.46 19.30
C LEU DC 32 113.16 -24.52 19.87
N ASP DC 33 114.43 -24.44 19.49
CA ASP DC 33 115.46 -25.34 20.03
C ASP DC 33 115.66 -25.16 21.53
N ILE DC 34 115.74 -23.90 21.97
CA ILE DC 34 115.82 -23.65 23.42
C ILE DC 34 114.64 -24.29 24.18
N TYR DC 35 113.43 -24.11 23.65
CA TYR DC 35 112.23 -24.75 24.18
C TYR DC 35 112.37 -26.28 24.24
N ASN DC 36 112.79 -26.87 23.12
CA ASN DC 36 113.01 -28.32 23.01
C ASN DC 36 113.90 -28.85 24.13
N ALA DC 37 114.96 -28.12 24.42
CA ALA DC 37 115.86 -28.52 25.50
C ALA DC 37 115.18 -28.49 26.87
N PHE DC 38 114.58 -27.36 27.22
CA PHE DC 38 113.96 -27.17 28.54
C PHE DC 38 112.50 -26.69 28.48
N PRO DC 39 111.56 -27.62 28.22
CA PRO DC 39 110.12 -27.29 28.12
C PRO DC 39 109.53 -26.78 29.43
N PRO DC 40 108.56 -25.85 29.35
CA PRO DC 40 107.88 -25.35 30.55
C PRO DC 40 107.07 -26.45 31.24
N LEU DC 41 106.65 -26.20 32.47
CA LEU DC 41 105.93 -27.21 33.25
C LEU DC 41 104.63 -27.62 32.56
N ARG DC 42 103.86 -26.61 32.15
CA ARG DC 42 102.59 -26.83 31.47
C ARG DC 42 102.67 -26.36 30.01
N GLU DC 43 101.94 -27.03 29.11
CA GLU DC 43 101.75 -26.53 27.76
C GLU DC 43 100.87 -25.27 27.77
N PRO DC 44 101.40 -24.14 27.24
CA PRO DC 44 100.70 -22.85 27.32
C PRO DC 44 99.53 -22.75 26.34
N VAL DC 45 98.66 -23.75 26.35
CA VAL DC 45 97.51 -23.82 25.43
C VAL DC 45 96.44 -22.85 25.88
N PHE DC 46 95.59 -22.38 24.95
CA PHE DC 46 94.54 -21.47 25.34
C PHE DC 46 93.45 -22.19 26.12
N ARG DC 47 92.91 -21.46 27.09
CA ARG DC 47 91.84 -21.95 27.93
C ARG DC 47 90.89 -20.79 28.26
N ARG DC 48 89.60 -21.08 28.30
CA ARG DC 48 88.62 -20.04 28.59
C ARG DC 48 88.17 -20.12 30.04
N PRO DC 49 88.21 -18.96 30.72
CA PRO DC 49 87.89 -18.76 32.14
C PRO DC 49 86.39 -18.77 32.42
N ARG DC 50 85.78 -19.94 32.41
CA ARG DC 50 84.38 -20.07 32.76
C ARG DC 50 84.14 -19.65 34.21
N LEU DC 51 83.01 -19.01 34.46
CA LEU DC 51 82.58 -18.78 35.83
C LEU DC 51 82.05 -20.10 36.41
N ARG DC 52 82.19 -20.28 37.71
CA ARG DC 52 81.76 -21.51 38.39
C ARG DC 52 80.30 -21.43 38.82
N TYR DC 53 79.55 -22.52 38.62
CA TYR DC 53 78.13 -22.53 38.97
C TYR DC 53 77.75 -23.64 39.95
N GLY DC 54 76.49 -23.62 40.39
CA GLY DC 54 75.96 -24.62 41.29
C GLY DC 54 76.65 -24.76 42.64
N LYS DC 55 76.89 -26.01 43.02
CA LYS DC 55 77.50 -26.37 44.30
C LYS DC 55 79.02 -26.18 44.28
N ALA DC 56 79.59 -26.24 43.08
CA ALA DC 56 81.04 -26.20 42.90
C ALA DC 56 81.67 -24.95 43.51
N LYS DC 57 82.73 -25.17 44.29
CA LYS DC 57 83.54 -24.10 44.86
C LYS DC 57 85.00 -24.40 44.51
N ALA DC 58 85.93 -23.59 45.01
CA ALA DC 58 87.34 -23.85 44.75
C ALA DC 58 87.94 -24.87 45.73
N ALA DC 59 89.18 -25.27 45.49
CA ALA DC 59 89.87 -26.25 46.32
C ALA DC 59 90.82 -25.60 47.33
N VAL DC 60 90.91 -24.28 47.29
CA VAL DC 60 91.89 -23.54 48.09
C VAL DC 60 91.70 -23.73 49.60
N GLN DC 61 92.76 -24.16 50.27
CA GLN DC 61 92.74 -24.38 51.71
C GLN DC 61 93.09 -23.11 52.48
N ASP DC 62 92.32 -22.82 53.52
CA ASP DC 62 92.64 -21.72 54.42
C ASP DC 62 93.77 -22.13 55.37
N ILE DC 63 94.62 -21.16 55.71
CA ILE DC 63 95.85 -21.44 56.44
C ILE DC 63 95.70 -21.15 57.94
N PHE DC 64 95.75 -22.22 58.75
CA PHE DC 64 95.60 -22.13 60.21
C PHE DC 64 96.53 -23.07 60.97
N TYR DC 65 97.07 -22.58 62.09
CA TYR DC 65 97.89 -23.39 62.99
C TYR DC 65 97.33 -23.25 64.43
N HIS DC 66 97.67 -24.17 65.33
CA HIS DC 66 97.17 -24.14 66.71
C HIS DC 66 97.58 -22.86 67.46
N GLU DC 67 98.76 -22.39 67.09
CA GLU DC 67 99.31 -21.13 67.60
C GLU DC 67 98.30 -20.00 67.43
N ASP DC 68 97.59 -20.00 66.30
CA ASP DC 68 96.49 -19.09 66.05
C ASP DC 68 95.42 -19.23 67.14
N ARG DC 69 95.05 -20.48 67.43
CA ARG DC 69 94.01 -20.80 68.41
C ARG DC 69 94.36 -20.18 69.78
N ILE DC 70 95.66 -20.04 70.03
CA ILE DC 70 96.16 -19.28 71.18
C ILE DC 70 96.15 -17.73 70.99
N ARG DC 71 96.67 -17.29 69.85
CA ARG DC 71 96.80 -15.87 69.50
C ARG DC 71 95.47 -15.13 69.57
N ALA DC 72 94.40 -15.87 69.27
CA ALA DC 72 93.04 -15.36 69.35
C ALA DC 72 92.71 -14.94 70.77
N LYS DC 73 93.00 -15.81 71.73
CA LYS DC 73 92.78 -15.53 73.13
C LYS DC 73 93.68 -14.38 73.58
N PHE DC 74 94.94 -14.39 73.15
CA PHE DC 74 95.86 -13.31 73.50
C PHE DC 74 95.34 -11.94 73.05
N TYR DC 75 94.82 -11.90 71.81
CA TYR DC 75 94.34 -10.66 71.21
C TYR DC 75 93.00 -10.24 71.82
N SER DC 76 92.19 -11.23 72.19
CA SER DC 76 90.91 -10.98 72.85
C SER DC 76 91.11 -10.31 74.20
N ALA DC 77 92.09 -10.82 74.96
CA ALA DC 77 92.40 -10.23 76.26
C ALA DC 77 93.18 -8.92 76.12
N TYR DC 78 94.42 -9.02 75.62
CA TYR DC 78 95.40 -7.93 75.65
C TYR DC 78 95.47 -7.07 74.38
N GLY DC 79 94.73 -7.45 73.34
CA GLY DC 79 94.81 -6.77 72.06
C GLY DC 79 96.18 -6.94 71.42
N SER DC 80 96.56 -6.01 70.55
CA SER DC 80 97.90 -6.00 69.97
C SER DC 80 98.92 -5.61 71.05
N GLY DC 81 100.10 -6.22 70.98
CA GLY DC 81 101.14 -5.97 71.98
C GLY DC 81 101.69 -4.54 72.00
N PRO DC 82 102.47 -4.22 73.04
CA PRO DC 82 103.13 -2.92 73.22
C PRO DC 82 104.30 -2.66 72.26
N LYS DC 83 104.84 -3.72 71.68
CA LYS DC 83 106.08 -3.65 70.90
C LYS DC 83 105.84 -3.23 69.43
N ALA DC 84 104.58 -2.94 69.11
CA ALA DC 84 104.12 -2.73 67.73
C ALA DC 84 104.51 -3.91 66.83
N PHE DC 85 104.88 -3.63 65.59
CA PHE DC 85 105.27 -4.68 64.65
C PHE DC 85 106.35 -4.18 63.69
N ASP DC 86 107.34 -5.02 63.43
CA ASP DC 86 108.26 -4.76 62.32
C ASP DC 86 108.14 -5.91 61.34
N LEU DC 87 107.60 -5.60 60.16
CA LEU DC 87 107.40 -6.60 59.13
C LEU DC 87 108.60 -6.62 58.19
N PHE DC 88 109.53 -5.70 58.44
CA PHE DC 88 110.81 -5.65 57.74
C PHE DC 88 111.80 -6.67 58.31
N ASN DC 89 111.82 -6.81 59.63
CA ASN DC 89 112.71 -7.73 60.34
C ASN DC 89 112.26 -9.18 60.15
N PRO DC 90 113.08 -9.99 59.44
CA PRO DC 90 112.74 -11.39 59.11
C PRO DC 90 112.54 -12.25 60.36
N ASN DC 91 113.39 -12.03 61.36
CA ASN DC 91 113.39 -12.85 62.56
C ASN DC 91 112.61 -12.24 63.73
N PHE DC 92 111.96 -11.11 63.50
CA PHE DC 92 111.17 -10.43 64.54
C PHE DC 92 110.17 -11.36 65.22
N LYS DC 93 110.18 -11.36 66.55
CA LYS DC 93 109.18 -12.05 67.37
C LYS DC 93 108.37 -11.02 68.14
N SER DC 94 107.05 -11.13 68.09
CA SER DC 94 106.20 -10.15 68.77
C SER DC 94 105.86 -10.60 70.19
N THR DC 95 105.14 -9.76 70.91
CA THR DC 95 104.69 -10.05 72.28
C THR DC 95 103.81 -11.30 72.29
N CYS DC 96 102.94 -11.38 71.30
CA CYS DC 96 102.03 -12.52 71.11
C CYS DC 96 102.81 -13.82 70.85
N GLN DC 97 103.91 -13.72 70.10
CA GLN DC 97 104.71 -14.90 69.80
C GLN DC 97 105.41 -15.42 71.06
N ARG DC 98 105.92 -14.48 71.87
CA ARG DC 98 106.45 -14.79 73.20
C ARG DC 98 105.41 -15.55 74.02
N PHE DC 99 104.22 -14.96 74.12
CA PHE DC 99 103.10 -15.60 74.82
C PHE DC 99 102.84 -17.01 74.30
N VAL DC 100 102.92 -17.17 72.97
CA VAL DC 100 102.70 -18.45 72.31
C VAL DC 100 103.72 -19.50 72.78
N GLU DC 101 105.00 -19.14 72.77
CA GLU DC 101 106.05 -20.05 73.20
C GLU DC 101 105.94 -20.42 74.69
N LYS DC 102 105.64 -19.42 75.53
CA LYS DC 102 105.40 -19.66 76.96
C LYS DC 102 104.26 -20.66 77.16
N TYR DC 103 103.16 -20.45 76.44
CA TYR DC 103 101.99 -21.32 76.48
C TYR DC 103 102.32 -22.75 76.01
N ILE DC 104 103.13 -22.86 74.95
CA ILE DC 104 103.57 -24.16 74.42
C ILE DC 104 104.45 -24.92 75.42
N GLU DC 105 105.27 -24.17 76.17
CA GLU DC 105 106.16 -24.77 77.17
C GLU DC 105 105.42 -25.20 78.44
N LEU DC 106 104.42 -24.42 78.86
CA LEU DC 106 103.57 -24.81 79.98
C LEU DC 106 102.58 -25.91 79.59
N GLN DC 107 102.38 -26.10 78.28
CA GLN DC 107 101.56 -27.20 77.78
C GLN DC 107 102.32 -28.54 77.85
N ARG DC 108 103.65 -28.48 77.76
CA ARG DC 108 104.49 -29.68 77.81
C ARG DC 108 104.71 -30.17 79.24
N LEU DC 109 104.28 -29.37 80.21
CA LEU DC 109 104.31 -29.74 81.63
C LEU DC 109 103.05 -30.52 82.00
N GLY DC 110 102.09 -30.55 81.09
CA GLY DC 110 100.91 -31.39 81.25
C GLY DC 110 99.66 -30.73 81.81
N GLU DC 111 99.62 -29.40 81.79
CA GLU DC 111 98.45 -28.69 82.30
C GLU DC 111 97.38 -28.59 81.21
N THR DC 112 96.23 -29.24 81.45
CA THR DC 112 95.18 -29.32 80.44
C THR DC 112 94.10 -28.26 80.64
N ASP DC 113 94.22 -27.47 81.70
CA ASP DC 113 93.28 -26.39 81.97
C ASP DC 113 93.72 -25.12 81.23
N GLU DC 114 92.78 -24.45 80.59
CA GLU DC 114 93.08 -23.25 79.81
C GLU DC 114 93.47 -22.06 80.69
N GLU DC 115 92.75 -21.88 81.80
CA GLU DC 115 93.00 -20.78 82.74
C GLU DC 115 94.42 -20.82 83.31
N LYS DC 116 94.84 -22.01 83.76
CA LYS DC 116 96.19 -22.22 84.29
C LYS DC 116 97.26 -21.82 83.29
N LEU DC 117 97.22 -22.45 82.12
CA LEU DC 117 98.17 -22.19 81.03
C LEU DC 117 98.23 -20.72 80.68
N PHE DC 118 97.07 -20.11 80.48
CA PHE DC 118 96.96 -18.71 80.07
C PHE DC 118 97.50 -17.73 81.12
N VAL DC 119 96.98 -17.80 82.34
CA VAL DC 119 97.39 -16.89 83.40
C VAL DC 119 98.87 -17.07 83.77
N GLU DC 120 99.35 -18.32 83.77
CA GLU DC 120 100.75 -18.62 84.12
C GLU DC 120 101.74 -18.31 83.00
N ALA DC 121 101.26 -18.29 81.76
CA ALA DC 121 102.06 -17.79 80.65
C ALA DC 121 102.11 -16.26 80.71
N GLY DC 122 101.03 -15.65 81.20
CA GLY DC 122 101.00 -14.22 81.45
C GLY DC 122 101.98 -13.80 82.54
N LYS DC 123 102.09 -14.64 83.56
CA LYS DC 123 103.06 -14.43 84.65
C LYS DC 123 104.50 -14.72 84.19
N ALA DC 124 104.67 -15.78 83.40
CA ALA DC 124 105.99 -16.12 82.83
C ALA DC 124 106.49 -15.04 81.87
N LEU DC 125 105.56 -14.30 81.27
CA LEU DC 125 105.91 -13.13 80.46
C LEU DC 125 106.18 -11.88 81.33
N LEU DC 126 105.37 -11.66 82.36
CA LEU DC 126 105.60 -10.57 83.31
C LEU DC 126 106.99 -10.68 83.97
N ALA DC 127 107.46 -11.92 84.12
CA ALA DC 127 108.78 -12.20 84.68
C ALA DC 127 109.90 -11.63 83.81
N GLU DC 128 109.73 -11.69 82.50
CA GLU DC 128 110.75 -11.20 81.56
C GLU DC 128 110.72 -9.69 81.40
N GLY DC 129 109.69 -9.05 81.96
CA GLY DC 129 109.60 -7.60 81.97
C GLY DC 129 108.68 -6.96 80.95
N VAL DC 130 107.84 -7.75 80.30
CA VAL DC 130 106.85 -7.19 79.35
C VAL DC 130 105.56 -6.82 80.09
N THR DC 131 105.02 -5.65 79.75
CA THR DC 131 103.82 -5.13 80.41
C THR DC 131 102.55 -5.47 79.64
N LEU DC 132 101.64 -6.22 80.26
CA LEU DC 132 100.35 -6.49 79.65
C LEU DC 132 99.27 -5.65 80.34
N ARG DC 133 98.80 -4.63 79.62
CA ARG DC 133 97.85 -3.64 80.13
C ARG DC 133 96.42 -4.16 79.96
N ARG DC 134 96.32 -5.25 79.19
CA ARG DC 134 95.06 -5.89 78.79
C ARG DC 134 94.08 -4.92 78.09
N VAL DC 135 92.78 -5.14 78.30
CA VAL DC 135 91.69 -4.33 77.76
C VAL DC 135 90.50 -4.61 78.69
N GLY DC 136 89.49 -3.73 78.71
CA GLY DC 136 88.32 -3.92 79.55
C GLY DC 136 87.51 -5.16 79.21
N PRO EC 2 70.40 -44.95 17.88
CA PRO EC 2 69.25 -44.20 18.39
C PRO EC 2 69.63 -43.37 19.60
N MET EC 3 69.24 -42.11 19.62
CA MET EC 3 69.75 -41.21 20.64
C MET EC 3 69.12 -41.46 22.01
N LYS EC 4 67.80 -41.29 22.15
CA LYS EC 4 67.17 -41.29 23.47
C LYS EC 4 67.34 -42.62 24.20
N GLY EC 5 67.25 -42.58 25.53
CA GLY EC 5 67.44 -43.76 26.37
C GLY EC 5 68.75 -43.72 27.13
N ARG EC 6 68.87 -44.55 28.16
CA ARG EC 6 70.10 -44.60 28.95
C ARG EC 6 71.23 -45.39 28.30
N PHE EC 7 70.92 -46.58 27.79
CA PHE EC 7 71.92 -47.45 27.15
C PHE EC 7 71.51 -47.80 25.74
N PRO EC 8 71.44 -46.78 24.88
CA PRO EC 8 70.76 -46.84 23.58
C PRO EC 8 71.18 -48.03 22.73
N ILE EC 9 72.39 -48.52 22.96
CA ILE EC 9 72.94 -49.63 22.19
C ILE EC 9 72.02 -50.85 22.25
N ARG EC 10 71.25 -50.97 23.33
CA ARG EC 10 70.42 -52.16 23.54
C ARG EC 10 69.11 -52.10 22.76
N ARG EC 11 68.85 -50.97 22.10
CA ARG EC 11 67.72 -50.88 21.17
C ARG EC 11 68.15 -51.14 19.73
N THR EC 12 69.40 -51.55 19.56
CA THR EC 12 69.95 -51.92 18.24
C THR EC 12 69.66 -53.37 17.86
N LEU EC 13 69.27 -53.59 16.59
CA LEU EC 13 69.01 -54.94 16.06
C LEU EC 13 70.17 -55.90 16.31
N GLN EC 14 71.38 -55.38 16.14
CA GLN EC 14 72.59 -56.17 16.34
C GLN EC 14 72.69 -56.70 17.77
N TYR EC 15 72.61 -55.81 18.75
CA TYR EC 15 72.67 -56.19 20.16
C TYR EC 15 71.64 -57.26 20.53
N LEU EC 16 70.43 -57.12 19.99
CA LEU EC 16 69.36 -58.09 20.24
C LEU EC 16 69.67 -59.45 19.64
N GLY EC 17 70.16 -59.42 18.40
CA GLY EC 17 70.56 -60.64 17.72
C GLY EC 17 71.68 -61.40 18.41
N GLN EC 18 72.66 -60.66 18.94
CA GLN EC 18 73.88 -61.26 19.50
C GLN EC 18 73.71 -61.91 20.88
N GLY EC 19 72.63 -61.60 21.58
CA GLY EC 19 72.36 -62.28 22.83
C GLY EC 19 72.03 -63.74 22.56
N ASP EC 20 72.78 -64.67 23.17
CA ASP EC 20 72.52 -66.09 22.93
C ASP EC 20 72.02 -66.83 24.16
N VAL EC 21 70.70 -67.07 24.16
CA VAL EC 21 70.04 -68.11 24.93
C VAL EC 21 68.87 -68.56 24.04
N VAL EC 22 68.74 -69.86 23.82
CA VAL EC 22 67.57 -70.40 23.12
C VAL EC 22 66.95 -71.46 24.03
N PHE EC 23 65.74 -71.20 24.51
CA PHE EC 23 65.06 -72.11 25.42
C PHE EC 23 64.74 -73.45 24.74
N LYS EC 24 64.58 -74.50 25.55
CA LYS EC 24 64.09 -75.75 24.99
C LYS EC 24 62.59 -75.55 24.70
N ASP EC 25 61.97 -76.54 24.08
CA ASP EC 25 60.61 -76.37 23.58
C ASP EC 25 59.62 -76.62 24.70
N SER EC 26 60.15 -77.14 25.81
CA SER EC 26 59.40 -77.34 27.05
C SER EC 26 58.97 -76.01 27.66
N VAL EC 27 59.87 -75.02 27.59
CA VAL EC 27 59.64 -73.72 28.23
C VAL EC 27 58.54 -72.91 27.54
N LYS EC 28 57.55 -72.50 28.34
CA LYS EC 28 56.45 -71.65 27.89
C LYS EC 28 56.55 -70.28 28.57
N VAL EC 29 56.50 -70.27 29.89
CA VAL EC 29 56.53 -69.03 30.64
C VAL EC 29 57.82 -68.87 31.46
N MET EC 30 58.44 -67.70 31.37
CA MET EC 30 59.44 -67.27 32.35
C MET EC 30 58.93 -66.09 33.16
N THR EC 31 59.01 -66.22 34.48
CA THR EC 31 58.66 -65.14 35.38
C THR EC 31 59.91 -64.68 36.15
N VAL EC 32 60.24 -63.40 36.00
CA VAL EC 32 61.28 -62.75 36.80
C VAL EC 32 60.62 -62.04 37.97
N ASN EC 33 61.12 -62.27 39.18
CA ASN EC 33 60.65 -61.54 40.35
C ASN EC 33 61.84 -60.87 41.02
N TYR EC 34 61.90 -59.55 41.00
CA TYR EC 34 63.10 -58.87 41.51
C TYR EC 34 62.78 -57.67 42.37
N ASN EC 35 63.83 -57.04 42.88
CA ASN EC 35 63.67 -55.87 43.72
C ASN EC 35 64.29 -54.64 43.10
N THR EC 36 63.76 -53.49 43.50
CA THR EC 36 64.23 -52.21 43.02
C THR EC 36 65.23 -51.60 44.00
N HIS EC 37 65.44 -52.26 45.14
CA HIS EC 37 66.43 -51.80 46.11
C HIS EC 37 67.27 -52.95 46.66
N GLY EC 38 68.21 -52.61 47.53
CA GLY EC 38 69.13 -53.57 48.11
C GLY EC 38 70.35 -53.77 47.23
N GLU EC 39 71.49 -54.07 47.84
CA GLU EC 39 72.72 -54.30 47.09
C GLU EC 39 72.72 -55.67 46.44
N LEU EC 40 72.09 -56.62 47.12
CA LEU EC 40 72.10 -58.00 46.67
C LEU EC 40 71.32 -58.18 45.36
N GLY EC 41 70.12 -57.59 45.29
CA GLY EC 41 69.28 -57.75 44.11
C GLY EC 41 69.86 -57.19 42.81
N GLU EC 42 70.97 -56.48 42.94
CA GLU EC 42 71.58 -55.72 41.85
C GLU EC 42 71.67 -56.46 40.52
N GLY EC 43 72.43 -57.57 40.51
CA GLY EC 43 72.61 -58.35 39.29
C GLY EC 43 71.28 -58.62 38.61
N ALA EC 44 70.28 -59.01 39.40
CA ALA EC 44 68.94 -59.31 38.89
C ALA EC 44 68.39 -58.15 38.06
N ARG EC 45 68.42 -56.95 38.65
CA ARG EC 45 68.02 -55.73 37.96
C ARG EC 45 68.74 -55.63 36.62
N LYS EC 46 70.06 -55.74 36.65
CA LYS EC 46 70.86 -55.59 35.45
C LYS EC 46 70.39 -56.59 34.43
N PHE EC 47 70.08 -57.79 34.90
CA PHE EC 47 69.59 -58.84 34.02
C PHE EC 47 68.32 -58.33 33.28
N VAL EC 48 67.31 -57.90 34.07
CA VAL EC 48 66.06 -57.35 33.53
C VAL EC 48 66.32 -56.21 32.51
N PHE EC 49 67.39 -55.45 32.75
CA PHE EC 49 67.73 -54.26 31.98
C PHE EC 49 68.44 -54.62 30.67
N PHE EC 50 69.22 -55.70 30.68
CA PHE EC 50 70.09 -55.97 29.55
C PHE EC 50 69.68 -57.19 28.74
N ASN EC 51 69.70 -58.36 29.38
CA ASN EC 51 69.52 -59.63 28.68
C ASN EC 51 68.07 -60.02 28.41
N ILE EC 52 67.14 -59.61 29.29
CA ILE EC 52 65.72 -59.85 29.06
C ILE EC 52 65.29 -59.50 27.62
N PRO EC 53 65.70 -58.31 27.12
CA PRO EC 53 65.41 -58.03 25.71
C PRO EC 53 66.05 -59.02 24.74
N GLN EC 54 67.32 -59.35 24.95
CA GLN EC 54 68.04 -60.33 24.10
C GLN EC 54 67.28 -61.66 24.07
N ILE EC 55 67.08 -62.21 25.27
CA ILE EC 55 66.34 -63.46 25.49
C ILE EC 55 65.05 -63.50 24.68
N GLN EC 56 64.13 -62.61 25.03
CA GLN EC 56 62.83 -62.52 24.39
C GLN EC 56 62.92 -62.40 22.86
N TYR EC 57 64.01 -61.82 22.35
CA TYR EC 57 64.15 -61.65 20.91
C TYR EC 57 64.32 -63.01 20.22
N LYS EC 58 65.08 -63.92 20.84
CA LYS EC 58 65.33 -65.23 20.23
C LYS EC 58 64.31 -66.29 20.64
N ASN EC 59 63.47 -65.93 21.60
CA ASN EC 59 62.41 -66.80 22.07
C ASN EC 59 61.05 -66.09 21.98
N PRO EC 60 60.64 -65.75 20.74
CA PRO EC 60 59.48 -64.88 20.50
C PRO EC 60 58.17 -65.44 21.04
N TRP EC 61 58.09 -66.75 21.20
CA TRP EC 61 56.84 -67.37 21.60
C TRP EC 61 56.76 -67.62 23.10
N VAL EC 62 57.85 -67.33 23.81
CA VAL EC 62 57.87 -67.55 25.26
C VAL EC 62 57.36 -66.31 25.99
N GLN EC 63 56.35 -66.47 26.84
CA GLN EC 63 55.87 -65.32 27.60
C GLN EC 63 56.88 -64.99 28.71
N ILE EC 64 57.29 -63.72 28.77
CA ILE EC 64 58.15 -63.25 29.87
C ILE EC 64 57.43 -62.20 30.70
N THR EC 65 57.43 -62.35 32.03
CA THR EC 65 56.72 -61.38 32.88
C THR EC 65 57.54 -60.97 34.10
N MET EC 66 57.53 -59.67 34.42
CA MET EC 66 58.27 -59.16 35.59
C MET EC 66 57.35 -58.81 36.76
N PHE EC 67 57.86 -59.02 37.97
CA PHE EC 67 57.16 -58.63 39.20
C PHE EC 67 58.14 -58.00 40.17
N LYS EC 68 57.84 -56.78 40.59
CA LYS EC 68 58.75 -56.00 41.39
C LYS EC 68 58.29 -55.91 42.83
N ASN EC 69 59.22 -56.11 43.76
CA ASN EC 69 58.98 -55.93 45.20
C ASN EC 69 57.78 -56.71 45.75
N MET EC 70 57.66 -57.97 45.32
CA MET EC 70 56.70 -58.91 45.89
C MET EC 70 57.37 -59.74 46.98
N THR EC 71 58.40 -60.49 46.56
CA THR EC 71 59.25 -61.26 47.45
C THR EC 71 60.47 -60.44 47.91
N PRO EC 72 60.89 -60.58 49.18
CA PRO EC 72 62.14 -59.98 49.68
C PRO EC 72 63.42 -60.44 48.94
N SER EC 73 63.32 -61.51 48.16
CA SER EC 73 64.47 -62.01 47.40
C SER EC 73 64.18 -62.20 45.91
N PRO EC 74 65.17 -61.86 45.06
CA PRO EC 74 65.11 -62.03 43.60
C PRO EC 74 65.22 -63.49 43.14
N PHE EC 75 64.39 -63.87 42.16
CA PHE EC 75 64.43 -65.22 41.59
C PHE EC 75 63.74 -65.30 40.22
N LEU EC 76 63.99 -66.39 39.52
CA LEU EC 76 63.28 -66.71 38.29
C LEU EC 76 62.40 -67.94 38.51
N ARG EC 77 61.38 -68.07 37.68
CA ARG EC 77 60.54 -69.25 37.63
C ARG EC 77 60.27 -69.59 36.16
N PHE EC 78 60.52 -70.83 35.79
CA PHE EC 78 60.25 -71.29 34.44
C PHE EC 78 59.12 -72.30 34.48
N TYR EC 79 58.14 -72.09 33.60
CA TYR EC 79 56.98 -72.97 33.52
C TYR EC 79 57.08 -73.77 32.24
N LEU EC 80 57.08 -75.09 32.39
CA LEU EC 80 57.32 -75.98 31.27
C LEU EC 80 56.00 -76.55 30.77
N ASP EC 81 56.05 -77.32 29.68
CA ASP EC 81 54.83 -77.85 29.07
C ASP EC 81 54.29 -79.04 29.85
N SER EC 82 55.19 -79.69 30.60
CA SER EC 82 54.84 -80.84 31.43
C SER EC 82 54.08 -80.44 32.71
N GLY EC 83 54.20 -79.18 33.12
CA GLY EC 83 53.64 -78.72 34.38
C GLY EC 83 54.75 -78.56 35.38
N GLU EC 84 55.96 -78.88 34.92
CA GLU EC 84 57.17 -78.78 35.73
C GLU EC 84 57.57 -77.32 35.98
N GLN EC 85 57.86 -77.00 37.24
CA GLN EC 85 58.26 -75.64 37.60
C GLN EC 85 59.70 -75.52 38.07
N VAL EC 86 60.55 -74.92 37.25
CA VAL EC 86 61.95 -74.67 37.61
C VAL EC 86 62.03 -73.38 38.43
N LEU EC 87 62.56 -73.45 39.64
CA LEU EC 87 62.78 -72.22 40.41
C LEU EC 87 64.27 -71.92 40.50
N VAL EC 88 64.71 -70.81 39.91
CA VAL EC 88 66.13 -70.43 39.94
C VAL EC 88 66.38 -69.25 40.87
N ASP EC 89 67.05 -69.48 42.00
CA ASP EC 89 67.40 -68.35 42.87
C ASP EC 89 68.58 -67.59 42.28
N VAL EC 90 68.38 -66.29 42.08
CA VAL EC 90 69.43 -65.37 41.68
C VAL EC 90 69.55 -64.33 42.79
N GLU EC 91 70.67 -64.34 43.51
CA GLU EC 91 70.75 -63.41 44.63
C GLU EC 91 71.91 -62.44 44.51
N SER EC 92 73.11 -62.91 44.85
CA SER EC 92 74.30 -62.07 44.75
C SER EC 92 74.95 -62.35 43.42
N LYS EC 93 74.26 -63.17 42.62
CA LYS EC 93 74.71 -63.53 41.28
C LYS EC 93 74.82 -62.31 40.36
N SER EC 94 75.89 -62.27 39.57
CA SER EC 94 76.06 -61.26 38.54
C SER EC 94 75.10 -61.48 37.38
N ASN EC 95 74.92 -60.44 36.58
CA ASN EC 95 74.15 -60.50 35.34
C ASN EC 95 74.54 -61.71 34.42
N LYS EC 96 75.85 -61.77 34.13
CA LYS EC 96 76.45 -62.81 33.29
C LYS EC 96 76.24 -64.22 33.86
N GLU EC 97 76.44 -64.35 35.17
CA GLU EC 97 76.26 -65.61 35.88
C GLU EC 97 74.84 -66.16 35.74
N ILE EC 98 73.86 -65.27 35.90
CA ILE EC 98 72.45 -65.61 35.69
C ILE EC 98 72.25 -66.11 34.26
N VAL EC 99 72.76 -65.37 33.29
CA VAL EC 99 72.60 -65.78 31.89
C VAL EC 99 73.21 -67.17 31.60
N GLU EC 100 74.45 -67.38 32.04
CA GLU EC 100 75.17 -68.63 31.79
C GLU EC 100 74.54 -69.82 32.50
N HIS EC 101 74.08 -69.58 33.72
CA HIS EC 101 73.38 -70.58 34.52
C HIS EC 101 72.06 -71.02 33.87
N ILE EC 102 71.30 -70.03 33.40
CA ILE EC 102 70.03 -70.30 32.71
C ILE EC 102 70.25 -71.05 31.37
N ARG EC 103 71.26 -70.61 30.62
CA ARG EC 103 71.66 -71.26 29.35
C ARG EC 103 72.08 -72.71 29.60
N LYS EC 104 72.73 -72.93 30.75
CA LYS EC 104 73.07 -74.27 31.23
C LYS EC 104 71.81 -75.13 31.48
N ILE EC 105 70.91 -74.65 32.35
CA ILE EC 105 69.72 -75.42 32.72
C ILE EC 105 68.87 -75.82 31.51
N LEU EC 106 68.13 -74.86 30.96
CA LEU EC 106 67.42 -75.14 29.72
C LEU EC 106 67.96 -74.24 28.61
N GLY EC 107 68.92 -74.79 27.86
CA GLY EC 107 69.49 -74.13 26.71
C GLY EC 107 69.14 -74.91 25.46
N LYS EC 108 69.97 -74.74 24.44
CA LYS EC 108 70.09 -75.73 23.39
C LYS EC 108 71.58 -75.82 23.09
N ASN EC 109 72.11 -77.04 23.11
CA ASN EC 109 73.52 -77.25 22.82
C ASN EC 109 73.84 -76.71 21.44
N GLU EC 110 75.04 -76.19 21.27
CA GLU EC 110 75.43 -75.61 19.99
C GLU EC 110 75.29 -76.64 18.87
N GLU EC 111 75.43 -77.92 19.24
CA GLU EC 111 75.11 -79.04 18.35
C GLU EC 111 73.68 -78.95 17.84
N THR EC 112 72.74 -78.86 18.78
CA THR EC 112 71.31 -78.76 18.48
C THR EC 112 71.00 -77.64 17.49
N LEU EC 113 71.45 -76.43 17.83
CA LEU EC 113 71.22 -75.24 17.01
C LEU EC 113 71.85 -75.39 15.61
N GLU EC 114 73.07 -75.90 15.54
CA GLU EC 114 73.76 -76.09 14.26
C GLU EC 114 73.07 -77.14 13.37
N LYS EC 115 72.53 -78.19 13.99
CA LYS EC 115 71.76 -79.20 13.27
C LYS EC 115 70.47 -78.59 12.74
N GLU EC 116 69.81 -77.78 13.56
CA GLU EC 116 68.58 -77.09 13.16
C GLU EC 116 68.81 -76.18 11.94
N GLU EC 117 69.78 -75.28 12.04
CA GLU EC 117 70.09 -74.38 10.94
C GLU EC 117 70.60 -75.16 9.71
N GLN EC 118 71.22 -76.32 9.95
CA GLN EC 118 71.66 -77.17 8.86
C GLN EC 118 70.46 -77.73 8.10
N GLU EC 119 69.41 -78.06 8.84
CA GLU EC 119 68.16 -78.53 8.24
C GLU EC 119 67.44 -77.40 7.50
N LYS EC 120 67.60 -76.17 7.98
CA LYS EC 120 67.00 -75.02 7.32
C LYS EC 120 67.76 -74.58 6.07
N LYS EC 121 69.05 -74.91 6.00
CA LYS EC 121 69.89 -74.51 4.87
C LYS EC 121 69.84 -75.50 3.71
N GLN EC 122 69.29 -76.68 3.97
CA GLN EC 122 69.10 -77.70 2.93
C GLN EC 122 67.73 -77.52 2.28
N LEU EC 123 66.98 -76.56 2.81
CA LEU EC 123 65.64 -76.24 2.32
C LEU EC 123 65.69 -75.60 0.93
N SER EC 124 66.63 -74.69 0.72
CA SER EC 124 66.85 -74.08 -0.59
C SER EC 124 67.81 -74.92 -1.40
N HIS EC 125 67.34 -75.47 -2.52
CA HIS EC 125 68.19 -76.33 -3.34
C HIS EC 125 68.80 -75.62 -4.55
N PRO EC 126 70.14 -75.66 -4.64
CA PRO EC 126 70.97 -74.98 -5.64
C PRO EC 126 70.57 -75.29 -7.10
N ALA EC 127 70.02 -76.47 -7.36
CA ALA EC 127 69.78 -76.91 -8.73
C ALA EC 127 68.44 -76.44 -9.31
N HIS EC 128 67.57 -75.90 -8.46
CA HIS EC 128 66.23 -75.53 -8.91
C HIS EC 128 66.26 -74.28 -9.81
N PHE EC 129 65.08 -73.90 -10.33
CA PHE EC 129 64.90 -72.74 -11.21
C PHE EC 129 63.62 -72.00 -10.81
N GLY EC 130 63.58 -70.68 -11.02
CA GLY EC 130 62.41 -69.89 -10.64
C GLY EC 130 62.70 -68.44 -10.28
N PRO EC 131 61.83 -67.85 -9.42
CA PRO EC 131 61.96 -66.48 -8.88
C PRO EC 131 63.28 -66.24 -8.14
N ARG EC 132 63.88 -65.07 -8.36
CA ARG EC 132 65.14 -64.69 -7.70
C ARG EC 132 65.09 -64.81 -6.19
N LYS EC 133 63.89 -64.67 -5.65
CA LYS EC 133 63.63 -64.78 -4.22
C LYS EC 133 64.02 -66.16 -3.68
N TYR EC 134 63.50 -67.21 -4.33
CA TYR EC 134 63.77 -68.57 -3.90
C TYR EC 134 64.92 -69.30 -4.61
N CYS EC 135 65.40 -68.76 -5.74
CA CYS EC 135 66.31 -69.53 -6.60
C CYS EC 135 67.52 -68.75 -7.10
N LEU EC 136 68.62 -69.46 -7.34
CA LEU EC 136 69.86 -68.87 -7.83
C LEU EC 136 69.72 -68.48 -9.30
N ARG EC 137 68.82 -69.16 -10.01
CA ARG EC 137 68.63 -68.93 -11.43
C ARG EC 137 67.15 -69.01 -11.83
N GLU EC 138 66.84 -68.40 -12.98
CA GLU EC 138 65.47 -68.33 -13.52
C GLU EC 138 65.31 -69.14 -14.83
N CYS EC 139 65.79 -68.61 -15.96
CA CYS EC 139 65.85 -69.41 -17.18
C CYS EC 139 66.99 -70.39 -17.02
N MET EC 140 67.11 -71.29 -17.97
CA MET EC 140 68.36 -72.02 -18.16
C MET EC 140 69.14 -71.31 -19.28
N CYS EC 141 68.56 -70.21 -19.79
CA CYS EC 141 69.22 -69.33 -20.75
C CYS EC 141 70.53 -68.80 -20.18
N GLU EC 142 70.56 -68.70 -18.85
CA GLU EC 142 71.65 -68.07 -18.12
C GLU EC 142 72.72 -69.04 -17.62
N VAL EC 143 72.56 -70.33 -17.95
CA VAL EC 143 73.61 -71.30 -17.65
C VAL EC 143 74.54 -71.40 -18.87
N GLU EC 144 75.85 -71.40 -18.62
CA GLU EC 144 76.89 -71.01 -19.61
C GLU EC 144 76.83 -71.69 -20.99
N GLY EC 145 76.84 -73.02 -21.02
CA GLY EC 145 76.91 -73.74 -22.27
C GLY EC 145 75.60 -73.78 -23.07
N GLN EC 146 74.48 -73.47 -22.41
CA GLN EC 146 73.16 -73.62 -23.02
C GLN EC 146 72.85 -72.57 -24.09
N VAL EC 147 71.64 -72.63 -24.63
CA VAL EC 147 71.15 -71.63 -25.58
C VAL EC 147 70.68 -70.36 -24.83
N PRO EC 148 71.11 -69.17 -25.29
CA PRO EC 148 70.84 -67.89 -24.61
C PRO EC 148 69.39 -67.38 -24.76
N CYS EC 149 68.94 -66.57 -23.80
CA CYS EC 149 67.67 -65.87 -23.89
C CYS EC 149 67.66 -65.08 -25.19
N PRO EC 150 66.63 -65.28 -26.02
CA PRO EC 150 66.54 -64.66 -27.35
C PRO EC 150 66.41 -63.14 -27.27
N GLY EC 151 66.06 -62.66 -26.08
CA GLY EC 151 65.97 -61.24 -25.80
C GLY EC 151 67.33 -60.62 -25.50
N LEU EC 152 68.35 -61.46 -25.46
CA LEU EC 152 69.76 -61.04 -25.42
C LEU EC 152 70.37 -61.27 -26.80
N VAL EC 153 70.36 -62.53 -27.22
CA VAL EC 153 70.99 -62.99 -28.45
C VAL EC 153 69.95 -63.60 -29.40
N PRO EC 154 69.42 -62.78 -30.32
CA PRO EC 154 68.38 -63.19 -31.28
C PRO EC 154 68.75 -64.48 -32.02
N LEU EC 155 67.79 -65.42 -32.11
CA LEU EC 155 68.08 -66.78 -32.58
C LEU EC 155 68.32 -66.88 -34.10
N PRO EC 156 69.15 -67.85 -34.51
CA PRO EC 156 69.33 -68.18 -35.94
C PRO EC 156 67.97 -68.43 -36.62
N LYS EC 157 67.81 -67.95 -37.84
CA LYS EC 157 66.53 -67.94 -38.53
C LYS EC 157 65.81 -69.29 -38.54
N GLU EC 158 66.59 -70.37 -38.58
CA GLU EC 158 66.02 -71.72 -38.66
C GLU EC 158 65.29 -72.18 -37.39
N MET EC 159 65.78 -71.77 -36.22
CA MET EC 159 65.19 -72.16 -34.94
C MET EC 159 63.90 -71.38 -34.61
N THR EC 160 63.61 -70.40 -35.46
CA THR EC 160 62.40 -69.58 -35.36
C THR EC 160 61.17 -70.31 -35.92
N GLY EC 161 60.09 -70.32 -35.13
CA GLY EC 161 58.84 -70.94 -35.54
C GLY EC 161 58.19 -70.29 -36.75
N LYS EC 162 58.46 -69.00 -36.94
CA LYS EC 162 57.99 -68.29 -38.12
C LYS EC 162 58.62 -68.84 -39.40
N TYR EC 163 59.92 -69.12 -39.33
CA TYR EC 163 60.64 -69.67 -40.48
C TYR EC 163 60.19 -71.10 -40.80
N LYS EC 164 60.01 -71.91 -39.76
CA LYS EC 164 59.53 -73.29 -39.90
C LYS EC 164 58.12 -73.35 -40.49
N ALA EC 165 57.23 -72.48 -40.00
CA ALA EC 165 55.87 -72.37 -40.54
C ALA EC 165 55.86 -71.85 -41.99
N ALA EC 166 56.71 -70.87 -42.28
CA ALA EC 166 56.82 -70.31 -43.64
C ALA EC 166 57.43 -71.32 -44.62
N LEU EC 167 58.20 -72.28 -44.08
CA LEU EC 167 58.74 -73.40 -44.87
C LEU EC 167 57.71 -74.51 -45.13
N LYS EC 168 56.98 -74.91 -44.08
CA LYS EC 168 55.95 -75.94 -44.23
C LYS EC 168 54.77 -75.48 -45.09
N ALA EC 169 54.51 -74.17 -45.07
CA ALA EC 169 53.49 -73.58 -45.93
C ALA EC 169 53.83 -73.76 -47.42
N THR EC 170 55.06 -73.39 -47.78
CA THR EC 170 55.54 -73.52 -49.17
C THR EC 170 56.19 -74.89 -49.40
N ARG FC 27 38.29 -71.79 -21.16
CA ARG FC 27 37.37 -72.88 -21.45
C ARG FC 27 35.91 -72.49 -21.19
N LYS FC 28 34.99 -73.35 -21.64
CA LYS FC 28 33.55 -73.15 -21.44
C LYS FC 28 33.05 -73.64 -20.07
N THR FC 29 31.76 -73.42 -19.83
CA THR FC 29 31.13 -73.67 -18.53
C THR FC 29 29.97 -74.67 -18.68
N ARG FC 30 29.64 -75.32 -17.55
CA ARG FC 30 28.54 -76.27 -17.43
C ARG FC 30 27.24 -75.74 -18.07
N HIS FC 31 26.97 -74.46 -17.86
CA HIS FC 31 25.74 -73.83 -18.33
C HIS FC 31 25.91 -73.13 -19.68
N ASP FC 32 27.11 -73.22 -20.26
CA ASP FC 32 27.37 -72.64 -21.57
C ASP FC 32 26.89 -73.58 -22.68
N PRO FC 33 25.89 -73.14 -23.47
CA PRO FC 33 25.31 -73.97 -24.53
C PRO FC 33 26.32 -74.29 -25.64
N PRO FC 34 26.29 -75.54 -26.14
CA PRO FC 34 27.21 -75.98 -27.20
C PRO FC 34 26.91 -75.31 -28.55
N ALA FC 35 27.90 -75.29 -29.43
CA ALA FC 35 27.80 -74.55 -30.69
C ALA FC 35 26.75 -75.17 -31.61
N LYS FC 36 26.28 -74.39 -32.58
CA LYS FC 36 25.29 -74.88 -33.53
C LYS FC 36 25.91 -75.83 -34.56
N SER FC 37 27.19 -75.61 -34.87
CA SER FC 37 27.91 -76.42 -35.84
C SER FC 37 28.39 -77.76 -35.25
N LYS FC 38 28.77 -77.75 -33.96
CA LYS FC 38 29.18 -78.95 -33.24
C LYS FC 38 28.00 -79.81 -32.81
N ALA FC 39 26.77 -79.32 -33.06
CA ALA FC 39 25.55 -79.97 -32.62
C ALA FC 39 25.35 -81.39 -33.19
N GLY FC 40 25.32 -81.50 -34.51
CA GLY FC 40 25.04 -82.78 -35.17
C GLY FC 40 26.26 -83.67 -35.36
N ARG FC 41 27.35 -83.35 -34.67
CA ARG FC 41 28.60 -84.08 -34.81
C ARG FC 41 28.96 -84.89 -33.56
N VAL FC 42 29.38 -86.14 -33.77
CA VAL FC 42 30.01 -86.94 -32.71
C VAL FC 42 31.37 -87.44 -33.25
N ALA FC 43 32.28 -87.81 -32.34
CA ALA FC 43 33.66 -88.17 -32.69
C ALA FC 43 33.77 -89.32 -33.70
N THR FC 44 34.77 -89.25 -34.57
CA THR FC 44 35.07 -90.33 -35.54
C THR FC 44 36.36 -91.07 -35.14
N PRO FC 45 36.25 -92.38 -34.84
CA PRO FC 45 37.40 -93.16 -34.35
C PRO FC 45 38.45 -93.43 -35.44
N PRO FC 46 39.74 -93.63 -35.05
CA PRO FC 46 40.79 -93.84 -36.07
C PRO FC 46 40.76 -95.23 -36.72
N ALA FC 47 41.46 -95.36 -37.85
CA ALA FC 47 41.64 -96.64 -38.53
C ALA FC 47 42.55 -97.56 -37.73
N VAL FC 48 42.10 -98.80 -37.47
CA VAL FC 48 42.85 -99.73 -36.61
C VAL FC 48 43.71 -100.72 -37.44
N ASP FC 49 45.02 -100.64 -37.25
CA ASP FC 49 45.98 -101.63 -37.78
C ASP FC 49 46.11 -102.74 -36.75
N PRO FC 50 45.54 -103.92 -37.05
CA PRO FC 50 45.31 -105.02 -36.09
C PRO FC 50 46.58 -105.59 -35.43
N THR FC 51 47.59 -105.84 -36.26
CA THR FC 51 48.87 -106.39 -35.81
C THR FC 51 49.53 -105.49 -34.75
N GLU FC 52 49.96 -104.32 -35.21
CA GLU FC 52 50.59 -103.30 -34.37
C GLU FC 52 49.75 -102.97 -33.14
N PHE FC 53 48.44 -102.86 -33.32
CA PHE FC 53 47.51 -102.65 -32.22
C PHE FC 53 47.64 -103.73 -31.15
N PHE FC 54 47.64 -105.00 -31.59
CA PHE FC 54 47.74 -106.13 -30.66
C PHE FC 54 49.06 -106.10 -29.88
N VAL FC 55 50.15 -106.03 -30.65
CA VAL FC 55 51.50 -105.93 -30.09
C VAL FC 55 51.52 -104.84 -29.01
N LEU FC 56 50.93 -103.70 -29.36
CA LEU FC 56 50.80 -102.55 -28.47
C LEU FC 56 50.07 -102.89 -27.17
N THR FC 57 48.88 -103.49 -27.28
CA THR FC 57 48.07 -103.85 -26.11
C THR FC 57 48.93 -104.70 -25.14
N GLU FC 58 49.68 -105.63 -25.72
CA GLU FC 58 50.60 -106.45 -24.93
C GLU FC 58 51.70 -105.63 -24.22
N ARG FC 59 52.33 -104.74 -24.99
CA ARG FC 59 53.34 -103.82 -24.46
C ARG FC 59 52.82 -103.07 -23.24
N TYR FC 60 51.63 -102.51 -23.36
CA TYR FC 60 51.02 -101.71 -22.30
C TYR FC 60 50.69 -102.54 -21.06
N ARG FC 61 50.14 -103.75 -21.26
CA ARG FC 61 49.85 -104.61 -20.12
C ARG FC 61 51.13 -104.96 -19.33
N GLN FC 62 52.15 -105.40 -20.06
CA GLN FC 62 53.48 -105.70 -19.50
C GLN FC 62 54.08 -104.51 -18.73
N TYR FC 63 54.16 -103.39 -19.43
CA TYR FC 63 54.68 -102.12 -18.93
C TYR FC 63 54.00 -101.68 -17.62
N ARG FC 64 52.67 -101.64 -17.66
CA ARG FC 64 51.85 -101.23 -16.53
C ARG FC 64 51.98 -102.16 -15.34
N GLN FC 65 52.10 -103.46 -15.63
CA GLN FC 65 52.41 -104.46 -14.61
C GLN FC 65 53.75 -104.11 -13.89
N THR FC 66 54.80 -103.93 -14.71
CA THR FC 66 56.14 -103.54 -14.23
C THR FC 66 56.15 -102.29 -13.32
N VAL FC 67 55.59 -101.22 -13.87
CA VAL FC 67 55.47 -99.93 -13.21
C VAL FC 67 54.66 -100.05 -11.92
N ARG FC 68 53.63 -100.89 -11.92
CA ARG FC 68 52.83 -101.18 -10.73
C ARG FC 68 53.71 -101.79 -9.61
N ALA FC 69 54.46 -102.83 -9.97
CA ALA FC 69 55.44 -103.43 -9.05
C ALA FC 69 56.40 -102.38 -8.45
N LEU FC 70 56.95 -101.54 -9.34
CA LEU FC 70 57.85 -100.45 -8.92
C LEU FC 70 57.18 -99.51 -7.91
N ARG FC 71 55.97 -99.05 -8.24
CA ARG FC 71 55.19 -98.18 -7.36
C ARG FC 71 54.99 -98.79 -5.97
N LEU FC 72 54.68 -100.09 -5.93
CA LEU FC 72 54.49 -100.79 -4.66
C LEU FC 72 55.79 -100.91 -3.87
N GLU FC 73 56.89 -101.13 -4.60
CA GLU FC 73 58.24 -101.07 -4.05
C GLU FC 73 58.47 -99.73 -3.30
N PHE FC 74 58.14 -98.64 -3.99
CA PHE FC 74 58.31 -97.29 -3.46
C PHE FC 74 57.41 -97.00 -2.25
N MET FC 75 56.14 -97.43 -2.34
CA MET FC 75 55.20 -97.34 -1.22
C MET FC 75 55.76 -98.02 0.04
N SER FC 76 56.30 -99.23 -0.15
CA SER FC 76 56.97 -99.95 0.93
C SER FC 76 58.13 -99.12 1.51
N GLU FC 77 58.95 -98.54 0.62
CA GLU FC 77 60.05 -97.68 1.02
C GLU FC 77 59.61 -96.55 1.97
N VAL FC 78 58.59 -95.82 1.54
CA VAL FC 78 57.99 -94.74 2.33
C VAL FC 78 57.50 -95.25 3.71
N ARG FC 79 56.85 -96.42 3.72
CA ARG FC 79 56.45 -97.08 4.98
C ARG FC 79 57.61 -97.21 5.97
N LYS FC 80 58.68 -97.84 5.47
CA LYS FC 80 59.91 -98.04 6.22
C LYS FC 80 60.46 -96.73 6.77
N LYS FC 81 60.84 -95.82 5.87
CA LYS FC 81 61.45 -94.55 6.25
C LYS FC 81 60.62 -93.78 7.28
N LEU FC 82 59.30 -93.70 7.06
CA LEU FC 82 58.40 -93.03 7.99
C LEU FC 82 58.45 -93.69 9.40
N HIS FC 83 58.25 -95.00 9.44
CA HIS FC 83 58.22 -95.71 10.73
C HIS FC 83 59.55 -95.65 11.48
N GLU FC 84 60.66 -95.67 10.73
CA GLU FC 84 62.00 -95.64 11.33
C GLU FC 84 62.34 -94.24 11.85
N ALA FC 85 61.89 -93.21 11.13
CA ALA FC 85 62.07 -91.83 11.57
C ALA FC 85 61.10 -91.46 12.69
N ARG FC 86 60.11 -92.32 12.92
CA ARG FC 86 59.15 -92.09 14.01
C ARG FC 86 59.47 -92.92 15.26
N ALA FC 87 59.19 -94.22 15.19
CA ALA FC 87 59.35 -95.12 16.34
C ALA FC 87 60.68 -95.88 16.36
N GLY FC 88 61.57 -95.54 15.42
CA GLY FC 88 62.82 -96.27 15.26
C GLY FC 88 63.81 -96.08 16.40
N VAL FC 89 65.01 -96.63 16.21
CA VAL FC 89 66.05 -96.70 17.25
C VAL FC 89 66.47 -95.34 17.83
N GLN FC 90 67.06 -94.50 16.98
CA GLN FC 90 67.66 -93.24 17.40
C GLN FC 90 66.63 -92.19 17.84
N ALA FC 91 65.39 -92.36 17.41
CA ALA FC 91 64.29 -91.52 17.91
C ALA FC 91 64.07 -91.79 19.40
N GLU FC 92 64.02 -93.08 19.75
CA GLU FC 92 63.88 -93.50 21.14
C GLU FC 92 65.12 -93.10 21.96
N ARG FC 93 66.30 -93.31 21.37
CA ARG FC 93 67.55 -92.84 21.99
C ARG FC 93 67.47 -91.35 22.33
N LYS FC 94 67.06 -90.54 21.36
CA LYS FC 94 66.87 -89.11 21.56
C LYS FC 94 65.90 -88.82 22.72
N ALA FC 95 64.74 -89.48 22.72
CA ALA FC 95 63.74 -89.28 23.77
C ALA FC 95 64.29 -89.56 25.18
N GLN FC 96 64.83 -90.77 25.36
CA GLN FC 96 65.39 -91.18 26.65
C GLN FC 96 66.53 -90.28 27.10
N GLU FC 97 67.50 -90.06 26.22
CA GLU FC 97 68.66 -89.23 26.52
C GLU FC 97 68.26 -87.82 26.95
N ASP FC 98 67.35 -87.22 26.20
CA ASP FC 98 66.90 -85.86 26.48
C ASP FC 98 66.16 -85.78 27.82
N ALA FC 99 65.26 -86.74 28.08
CA ALA FC 99 64.57 -86.80 29.37
C ALA FC 99 65.58 -86.94 30.53
N ALA FC 100 66.57 -87.79 30.32
CA ALA FC 100 67.64 -88.04 31.29
C ALA FC 100 68.42 -86.76 31.63
N GLU FC 101 68.98 -86.13 30.59
CA GLU FC 101 69.70 -84.86 30.73
C GLU FC 101 68.84 -83.84 31.48
N HIS FC 102 67.56 -83.81 31.13
CA HIS FC 102 66.60 -82.91 31.78
C HIS FC 102 66.56 -83.12 33.30
N ARG FC 103 66.30 -84.35 33.75
CA ARG FC 103 66.26 -84.63 35.19
C ARG FC 103 67.59 -84.32 35.89
N GLU FC 104 68.70 -84.64 35.21
CA GLU FC 104 70.04 -84.32 35.68
C GLU FC 104 70.21 -82.84 36.03
N LEU FC 105 69.83 -82.00 35.07
CA LEU FC 105 69.95 -80.56 35.19
C LEU FC 105 68.99 -79.99 36.23
N MET FC 106 67.77 -80.56 36.32
CA MET FC 106 66.78 -80.11 37.31
C MET FC 106 67.21 -80.40 38.75
N ALA FC 107 67.76 -81.59 38.94
CA ALA FC 107 68.39 -81.98 40.19
C ALA FC 107 69.59 -81.08 40.52
N TRP FC 108 70.41 -80.81 39.51
CA TRP FC 108 71.56 -79.91 39.64
C TRP FC 108 71.13 -78.52 40.17
N ASN FC 109 70.14 -77.95 39.51
CA ASN FC 109 69.53 -76.69 39.90
C ASN FC 109 69.00 -76.75 41.34
N GLN FC 110 68.33 -77.85 41.68
CA GLN FC 110 67.84 -78.06 43.05
C GLN FC 110 68.96 -77.92 44.08
N ALA FC 111 70.02 -78.70 43.86
CA ALA FC 111 71.23 -78.67 44.67
C ALA FC 111 71.76 -77.24 44.84
N GLU FC 112 71.86 -76.56 43.70
CA GLU FC 112 72.31 -75.17 43.65
C GLU FC 112 71.48 -74.24 44.57
N ASN FC 113 70.16 -74.27 44.39
CA ASN FC 113 69.23 -73.45 45.18
C ASN FC 113 69.34 -73.74 46.69
N GLN FC 114 69.55 -75.01 47.03
CA GLN FC 114 69.76 -75.37 48.44
C GLN FC 114 71.05 -74.75 49.01
N ARG FC 115 72.14 -74.88 48.24
CA ARG FC 115 73.42 -74.27 48.59
C ARG FC 115 73.25 -72.76 48.91
N LEU FC 116 72.64 -72.07 47.95
CA LEU FC 116 72.36 -70.64 48.10
C LEU FC 116 71.50 -70.35 49.32
N HIS FC 117 70.53 -71.23 49.56
CA HIS FC 117 69.66 -71.11 50.73
C HIS FC 117 70.47 -71.10 52.02
N GLU FC 118 71.44 -72.01 52.12
CA GLU FC 118 72.31 -72.07 53.30
C GLU FC 118 73.14 -70.79 53.46
N LEU FC 119 73.75 -70.35 52.36
CA LEU FC 119 74.48 -69.08 52.35
C LEU FC 119 73.64 -67.93 52.92
N ARG FC 120 72.42 -67.83 52.39
CA ARG FC 120 71.45 -66.83 52.84
C ARG FC 120 71.19 -66.92 54.33
N LEU FC 121 70.91 -68.13 54.82
CA LEU FC 121 70.60 -68.33 56.23
C LEU FC 121 71.74 -67.82 57.12
N ALA FC 122 72.98 -68.12 56.71
CA ALA FC 122 74.16 -67.59 57.40
C ALA FC 122 74.15 -66.05 57.49
N ARG FC 123 74.05 -65.43 56.31
CA ARG FC 123 73.99 -63.96 56.19
C ARG FC 123 72.90 -63.36 57.10
N LEU FC 124 71.72 -63.97 57.09
CA LEU FC 124 70.55 -63.48 57.83
C LEU FC 124 70.74 -63.57 59.35
N ARG FC 125 71.31 -64.68 59.83
CA ARG FC 125 71.65 -64.77 61.26
C ARG FC 125 72.60 -63.63 61.65
N GLN FC 126 73.61 -63.42 60.80
CA GLN FC 126 74.51 -62.29 61.02
C GLN FC 126 73.76 -60.95 61.16
N GLU FC 127 72.88 -60.68 60.20
CA GLU FC 127 72.10 -59.45 60.19
C GLU FC 127 71.25 -59.30 61.45
N ALA FC 128 70.69 -60.41 61.92
CA ALA FC 128 69.90 -60.45 63.14
C ALA FC 128 70.73 -59.99 64.35
N LEU FC 129 71.96 -60.52 64.44
CA LEU FC 129 72.88 -60.09 65.50
C LEU FC 129 73.13 -58.56 65.47
N GLU FC 130 73.57 -58.07 64.31
CA GLU FC 130 73.82 -56.64 64.14
C GLU FC 130 72.59 -55.80 64.53
N GLN FC 131 71.41 -56.32 64.19
CA GLN FC 131 70.14 -55.66 64.48
C GLN FC 131 69.85 -55.58 65.99
N GLU FC 132 70.15 -56.65 66.73
CA GLU FC 132 70.00 -56.63 68.18
C GLU FC 132 70.93 -55.60 68.82
N ARG FC 133 72.16 -55.50 68.29
CA ARG FC 133 73.08 -54.43 68.70
C ARG FC 133 72.47 -53.02 68.52
N ARG FC 134 71.95 -52.78 67.31
CA ARG FC 134 71.18 -51.58 67.03
C ARG FC 134 70.09 -51.33 68.09
N GLN FC 135 69.34 -52.38 68.41
CA GLN FC 135 68.24 -52.29 69.39
C GLN FC 135 68.74 -51.84 70.77
N ALA FC 136 69.90 -52.34 71.17
CA ALA FC 136 70.53 -51.87 72.41
C ALA FC 136 70.78 -50.35 72.36
N GLU FC 137 71.42 -49.91 71.26
CA GLU FC 137 71.70 -48.47 71.08
C GLU FC 137 70.45 -47.58 71.19
N GLU FC 138 69.44 -47.92 70.38
CA GLU FC 138 68.17 -47.20 70.35
C GLU FC 138 67.48 -47.20 71.72
N ALA FC 139 67.51 -48.35 72.39
CA ALA FC 139 66.97 -48.48 73.74
C ALA FC 139 67.61 -47.46 74.70
N VAL FC 140 68.94 -47.38 74.64
CA VAL FC 140 69.67 -46.40 75.44
C VAL FC 140 69.21 -44.95 75.18
N LEU FC 141 69.24 -44.54 73.92
CA LEU FC 141 68.84 -43.17 73.55
C LEU FC 141 67.41 -42.81 73.98
N GLN FC 142 66.47 -43.69 73.66
CA GLN FC 142 65.06 -43.50 74.01
C GLN FC 142 64.86 -43.43 75.52
N ALA FC 143 65.61 -44.23 76.27
CA ALA FC 143 65.60 -44.15 77.73
C ALA FC 143 66.02 -42.75 78.20
N ARG FC 144 67.17 -42.28 77.71
CA ARG FC 144 67.66 -40.93 78.04
C ARG FC 144 66.62 -39.83 77.82
N GLU FC 145 66.07 -39.80 76.60
CA GLU FC 145 65.11 -38.75 76.25
C GLU FC 145 63.78 -38.87 77.02
N ALA FC 146 63.37 -40.11 77.29
CA ALA FC 146 62.19 -40.35 78.13
C ALA FC 146 62.39 -39.73 79.51
N GLN FC 147 63.60 -39.92 80.06
CA GLN FC 147 63.96 -39.30 81.33
C GLN FC 147 63.91 -37.76 81.27
N ALA FC 148 64.55 -37.18 80.24
CA ALA FC 148 64.55 -35.73 80.07
C ALA FC 148 63.14 -35.15 80.03
N TRP FC 149 62.26 -35.81 79.28
CA TRP FC 149 60.88 -35.37 79.14
C TRP FC 149 60.10 -35.48 80.46
N ALA FC 150 60.24 -36.64 81.12
CA ALA FC 150 59.62 -36.85 82.43
C ALA FC 150 60.01 -35.73 83.40
N GLN FC 151 61.29 -35.39 83.40
CA GLN FC 151 61.81 -34.28 84.22
C GLN FC 151 61.13 -32.95 83.89
N LEU FC 152 61.15 -32.57 82.61
CA LEU FC 152 60.52 -31.32 82.19
C LEU FC 152 59.06 -31.21 82.64
N LYS FC 153 58.27 -32.23 82.30
CA LYS FC 153 56.85 -32.25 82.65
C LYS FC 153 56.62 -32.20 84.17
N GLU FC 154 57.47 -32.90 84.93
CA GLU FC 154 57.39 -32.89 86.40
C GLU FC 154 57.62 -31.49 86.99
N GLN FC 155 58.71 -30.86 86.53
CA GLN FC 155 59.03 -29.48 86.90
C GLN FC 155 57.86 -28.55 86.62
N GLU FC 156 57.23 -28.74 85.47
CA GLU FC 156 56.08 -27.93 85.09
C GLU FC 156 54.89 -28.12 86.04
N VAL FC 157 54.54 -29.37 86.32
CA VAL FC 157 53.42 -29.68 87.23
C VAL FC 157 53.63 -29.06 88.61
N LEU FC 158 54.85 -29.20 89.15
CA LEU FC 158 55.16 -28.61 90.46
C LEU FC 158 55.15 -27.09 90.41
N GLN FC 159 55.67 -26.53 89.31
CA GLN FC 159 55.66 -25.09 89.07
C GLN FC 159 54.24 -24.54 89.19
N LEU FC 160 53.32 -25.12 88.43
CA LEU FC 160 51.93 -24.70 88.45
C LEU FC 160 51.27 -24.97 89.80
N GLN FC 161 51.72 -26.04 90.47
CA GLN FC 161 51.29 -26.35 91.84
C GLN FC 161 51.58 -25.19 92.78
N GLU FC 162 52.74 -24.56 92.59
CA GLU FC 162 53.14 -23.39 93.37
C GLU FC 162 52.37 -22.13 92.96
N GLU FC 163 52.21 -21.94 91.65
CA GLU FC 163 51.49 -20.76 91.14
C GLU FC 163 50.04 -20.74 91.62
N ALA FC 164 49.46 -21.92 91.72
CA ALA FC 164 48.04 -22.10 92.04
C ALA FC 164 47.65 -21.53 93.40
N LYS FC 165 48.61 -21.48 94.32
CA LYS FC 165 48.38 -20.94 95.65
C LYS FC 165 47.97 -19.47 95.57
N THR FC 166 48.45 -18.79 94.54
CA THR FC 166 48.31 -17.34 94.42
C THR FC 166 47.05 -16.87 93.66
N PHE FC 167 46.37 -17.79 92.99
CA PHE FC 167 45.26 -17.44 92.10
C PHE FC 167 44.09 -16.78 92.85
N ILE FC 168 43.30 -15.99 92.13
CA ILE FC 168 42.10 -15.35 92.68
C ILE FC 168 40.91 -16.31 92.65
N THR FC 169 40.20 -16.37 93.78
CA THR FC 169 39.06 -17.27 93.95
C THR FC 169 37.91 -16.43 94.51
N ARG FC 170 36.72 -17.02 94.60
CA ARG FC 170 35.52 -16.36 95.12
C ARG FC 170 35.75 -15.64 96.45
N GLU FC 171 36.61 -16.20 97.29
CA GLU FC 171 36.97 -15.62 98.59
C GLU FC 171 37.94 -14.45 98.42
N ASN FC 172 39.00 -14.68 97.65
CA ASN FC 172 40.04 -13.69 97.46
C ASN FC 172 39.57 -12.45 96.71
N LEU FC 173 38.34 -12.47 96.19
CA LEU FC 173 37.87 -11.45 95.24
C LEU FC 173 37.95 -10.02 95.77
N GLU FC 174 37.25 -9.76 96.86
CA GLU FC 174 37.23 -8.42 97.44
C GLU FC 174 38.63 -7.95 97.81
N ALA FC 175 39.41 -8.89 98.34
CA ALA FC 175 40.73 -8.58 98.87
C ALA FC 175 41.67 -8.21 97.74
N ARG FC 176 41.94 -9.17 96.87
CA ARG FC 176 42.76 -8.96 95.68
C ARG FC 176 42.33 -7.75 94.82
N VAL FC 177 41.02 -7.48 94.73
CA VAL FC 177 40.55 -6.28 94.01
C VAL FC 177 41.00 -5.01 94.73
N GLU FC 178 40.69 -4.93 96.02
CA GLU FC 178 41.01 -3.74 96.79
C GLU FC 178 42.53 -3.53 96.85
N GLU FC 179 43.25 -4.65 96.77
CA GLU FC 179 44.70 -4.68 96.81
C GLU FC 179 45.29 -4.14 95.51
N ALA FC 180 44.80 -4.64 94.39
CA ALA FC 180 45.27 -4.21 93.08
C ALA FC 180 44.91 -2.75 92.82
N LEU FC 181 43.85 -2.26 93.45
CA LEU FC 181 43.50 -0.84 93.30
C LEU FC 181 44.52 0.07 93.96
N ASP FC 182 45.24 -0.46 94.94
CA ASP FC 182 46.27 0.29 95.67
C ASP FC 182 47.66 0.34 95.00
N SER FC 183 48.00 -0.67 94.19
CA SER FC 183 49.39 -0.84 93.71
C SER FC 183 49.57 -0.75 92.18
N PRO FC 184 49.59 0.48 91.63
CA PRO FC 184 49.86 0.66 90.19
C PRO FC 184 51.22 0.09 89.75
N LYS FC 185 51.21 -0.69 88.67
CA LYS FC 185 52.43 -1.22 88.07
C LYS FC 185 52.63 -0.62 86.69
N SER FC 186 53.89 -0.51 86.26
CA SER FC 186 54.18 -0.06 84.90
C SER FC 186 55.01 -1.11 84.16
N TYR FC 187 54.69 -1.29 82.89
CA TYR FC 187 55.47 -2.18 82.03
C TYR FC 187 56.49 -1.38 81.24
N ASN FC 188 56.44 -0.06 81.41
CA ASN FC 188 57.23 0.88 80.62
C ASN FC 188 58.73 0.84 80.87
N TRP FC 189 59.50 0.76 79.80
CA TRP FC 189 60.94 0.98 79.87
C TRP FC 189 61.45 1.40 78.52
N ALA FC 190 62.67 1.93 78.49
CA ALA FC 190 63.28 2.43 77.26
C ALA FC 190 64.62 1.74 77.03
N ILE FC 191 65.20 1.87 75.84
CA ILE FC 191 66.55 1.35 75.58
C ILE FC 191 67.50 2.49 75.24
N THR FC 192 68.79 2.21 75.37
CA THR FC 192 69.83 3.15 75.00
C THR FC 192 70.60 2.51 73.84
N ARG FC 193 71.31 3.32 73.06
CA ARG FC 193 71.97 2.86 71.83
C ARG FC 193 72.93 1.68 72.08
N GLU FC 194 73.27 1.50 73.35
CA GLU FC 194 74.24 0.49 73.78
C GLU FC 194 73.65 -0.90 73.93
N GLY FC 195 72.33 -0.99 73.89
CA GLY FC 195 71.65 -2.25 74.17
C GLY FC 195 71.27 -2.38 75.64
N LEU FC 196 71.16 -1.24 76.31
CA LEU FC 196 70.89 -1.20 77.74
C LEU FC 196 69.47 -0.76 78.07
N VAL FC 197 68.92 -1.33 79.14
CA VAL FC 197 67.58 -1.00 79.62
C VAL FC 197 67.58 0.19 80.59
N VAL FC 198 66.63 1.09 80.39
CA VAL FC 198 66.44 2.24 81.25
C VAL FC 198 65.04 2.21 81.83
N ARG FC 199 64.93 2.29 83.16
CA ARG FC 199 63.62 2.22 83.82
C ARG FC 199 63.28 3.51 84.56
N PRO FC 200 62.00 3.92 84.49
CA PRO FC 200 61.46 5.21 84.97
C PRO FC 200 61.35 5.37 86.48
N GLN FC 201 61.37 4.27 87.24
CA GLN FC 201 61.01 4.29 88.66
C GLN FC 201 61.94 5.17 89.51
N GLN FC 202 63.05 5.61 88.91
CA GLN FC 202 64.01 6.47 89.59
C GLN FC 202 63.53 7.93 89.67
N LYS FC 203 62.41 8.22 89.03
CA LYS FC 203 61.84 9.57 89.04
C LYS FC 203 61.46 10.02 90.45
N CYS GC 68 -4.81 -136.81 -23.45
CA CYS GC 68 -6.20 -137.03 -23.07
C CYS GC 68 -6.33 -137.79 -21.75
N LEU GC 69 -5.48 -138.80 -21.55
CA LEU GC 69 -5.52 -139.63 -20.36
C LEU GC 69 -5.22 -138.83 -19.09
N LEU GC 70 -4.25 -137.92 -19.18
CA LEU GC 70 -3.82 -137.08 -18.06
C LEU GC 70 -5.00 -136.36 -17.38
N SER GC 71 -5.61 -135.41 -18.07
CA SER GC 71 -6.74 -134.62 -17.55
C SER GC 71 -7.84 -135.45 -16.91
N ALA GC 72 -8.46 -136.33 -17.70
CA ALA GC 72 -9.56 -137.18 -17.25
C ALA GC 72 -9.21 -138.05 -16.03
N ALA GC 73 -8.05 -138.71 -16.06
CA ALA GC 73 -7.68 -139.63 -14.97
C ALA GC 73 -7.08 -138.92 -13.75
N TYR GC 74 -6.81 -137.63 -13.89
CA TYR GC 74 -6.13 -136.86 -12.84
C TYR GC 74 -7.05 -136.35 -11.72
N VAL GC 75 -8.35 -136.27 -12.00
CA VAL GC 75 -9.34 -135.64 -11.11
C VAL GC 75 -8.98 -134.17 -10.83
N ASP GC 76 -9.08 -133.34 -11.88
CA ASP GC 76 -8.75 -131.91 -11.78
C ASP GC 76 -9.81 -131.07 -11.07
N SER GC 77 -11.05 -131.20 -11.55
CA SER GC 77 -12.14 -130.32 -11.15
C SER GC 77 -12.49 -130.44 -9.66
N HIS GC 78 -12.35 -131.65 -9.11
CA HIS GC 78 -12.64 -131.87 -7.69
C HIS GC 78 -11.64 -131.12 -6.79
N LYS GC 79 -10.36 -131.22 -7.14
CA LYS GC 79 -9.32 -130.50 -6.41
C LYS GC 79 -9.50 -128.98 -6.53
N TRP GC 80 -9.73 -128.48 -7.75
CA TRP GC 80 -9.93 -127.03 -7.92
C TRP GC 80 -11.17 -126.50 -7.20
N GLU GC 81 -12.26 -127.26 -7.20
CA GLU GC 81 -13.45 -126.90 -6.45
C GLU GC 81 -13.17 -126.91 -4.94
N ALA GC 82 -12.28 -127.82 -4.53
CA ALA GC 82 -11.92 -127.92 -3.11
C ALA GC 82 -10.92 -126.84 -2.67
N ARG GC 83 -10.32 -126.12 -3.61
CA ARG GC 83 -9.27 -125.15 -3.28
C ARG GC 83 -9.67 -123.76 -2.75
N ASP GC 84 -10.83 -123.21 -3.12
CA ASP GC 84 -11.10 -121.81 -2.79
C ASP GC 84 -11.84 -121.64 -1.45
N LYS GC 85 -11.08 -121.17 -0.45
CA LYS GC 85 -11.58 -120.99 0.92
C LYS GC 85 -11.89 -119.54 1.37
N GLU GC 86 -11.64 -118.55 0.51
CA GLU GC 86 -11.40 -117.18 0.99
C GLU GC 86 -12.62 -116.33 1.41
N ASP GC 87 -13.74 -116.47 0.72
CA ASP GC 87 -14.99 -115.72 1.03
C ASP GC 87 -14.84 -114.19 0.94
N CYS GC 88 -14.32 -113.68 -0.18
CA CYS GC 88 -14.20 -112.23 -0.37
C CYS GC 88 -15.21 -111.64 -1.36
N HIS GC 89 -15.12 -110.32 -1.56
CA HIS GC 89 -15.99 -109.58 -2.48
C HIS GC 89 -15.15 -108.94 -3.57
N LEU GC 90 -15.70 -108.82 -4.78
CA LEU GC 90 -14.95 -108.31 -5.93
C LEU GC 90 -14.84 -106.77 -5.95
N ALA GC 91 -15.93 -106.08 -5.62
CA ALA GC 91 -15.97 -104.62 -5.65
C ALA GC 91 -15.12 -103.99 -4.54
N ASP GC 92 -15.08 -104.62 -3.38
CA ASP GC 92 -14.29 -104.16 -2.23
C ASP GC 92 -12.79 -104.26 -2.54
N LEU GC 93 -12.37 -105.42 -3.06
CA LEU GC 93 -11.00 -105.62 -3.50
C LEU GC 93 -10.65 -104.68 -4.65
N ALA GC 94 -11.61 -104.42 -5.54
CA ALA GC 94 -11.41 -103.48 -6.66
C ALA GC 94 -11.16 -102.05 -6.16
N SER GC 95 -11.93 -101.62 -5.16
CA SER GC 95 -11.79 -100.28 -4.59
C SER GC 95 -10.49 -100.15 -3.79
N LEU GC 96 -10.14 -101.19 -3.03
CA LEU GC 96 -8.87 -101.20 -2.29
C LEU GC 96 -7.65 -101.15 -3.24
N MET GC 97 -7.67 -102.00 -4.27
CA MET GC 97 -6.64 -102.01 -5.33
C MET GC 97 -6.50 -100.64 -6.00
N ASP GC 98 -7.57 -100.18 -6.64
CA ASP GC 98 -7.57 -98.87 -7.32
C ASP GC 98 -7.11 -97.74 -6.38
N LYS GC 99 -7.45 -97.85 -5.08
CA LYS GC 99 -6.95 -96.91 -4.08
C LYS GC 99 -5.43 -96.99 -3.89
N THR GC 100 -4.89 -98.21 -3.79
CA THR GC 100 -3.43 -98.38 -3.64
C THR GC 100 -2.66 -97.91 -4.88
N TYR GC 101 -3.30 -97.98 -6.05
CA TYR GC 101 -2.68 -97.49 -7.29
C TYR GC 101 -2.83 -95.97 -7.48
N GLU GC 102 -3.87 -95.39 -6.88
CA GLU GC 102 -4.08 -93.94 -6.94
C GLU GC 102 -3.09 -93.18 -6.06
N ARG GC 103 -2.92 -93.64 -4.82
CA ARG GC 103 -1.95 -93.05 -3.90
C ARG GC 103 -0.51 -93.45 -4.25
N LYS GC 104 -0.37 -94.33 -5.24
CA LYS GC 104 0.91 -94.87 -5.69
C LYS GC 104 1.67 -95.59 -4.58
N LEU GC 105 1.13 -96.72 -4.16
CA LEU GC 105 1.74 -97.59 -3.15
C LEU GC 105 1.66 -99.04 -3.64
N PRO GC 106 2.48 -99.95 -3.05
CA PRO GC 106 2.43 -101.34 -3.52
C PRO GC 106 1.14 -102.08 -3.12
N VAL GC 107 0.99 -103.31 -3.62
CA VAL GC 107 -0.20 -104.13 -3.37
C VAL GC 107 0.19 -105.58 -3.08
N SER GC 108 -0.41 -106.18 -2.07
CA SER GC 108 -0.09 -107.56 -1.68
C SER GC 108 -0.50 -108.56 -2.78
N SER GC 109 0.20 -109.69 -2.85
CA SER GC 109 -0.16 -110.75 -3.79
C SER GC 109 -1.43 -111.44 -3.29
N LEU GC 110 -1.74 -111.25 -2.01
CA LEU GC 110 -2.94 -111.80 -1.38
C LEU GC 110 -4.23 -111.24 -1.97
N THR GC 111 -4.34 -109.92 -2.04
CA THR GC 111 -5.52 -109.26 -2.60
C THR GC 111 -5.77 -109.68 -4.06
N ILE GC 112 -4.70 -109.93 -4.81
CA ILE GC 112 -4.80 -110.39 -6.19
C ILE GC 112 -5.26 -111.85 -6.28
N SER GC 113 -4.69 -112.72 -5.44
CA SER GC 113 -5.12 -114.12 -5.40
C SER GC 113 -6.59 -114.25 -4.99
N ARG GC 114 -7.01 -113.38 -4.05
CA ARG GC 114 -8.40 -113.29 -3.62
C ARG GC 114 -9.31 -112.81 -4.76
N PHE GC 115 -8.86 -111.76 -5.47
CA PHE GC 115 -9.63 -111.21 -6.57
C PHE GC 115 -9.81 -112.20 -7.72
N VAL GC 116 -8.79 -113.02 -7.99
CA VAL GC 116 -8.88 -114.04 -9.04
C VAL GC 116 -9.65 -115.29 -8.57
N ASP GC 117 -9.66 -115.54 -7.26
CA ASP GC 117 -10.43 -116.67 -6.69
C ASP GC 117 -11.95 -116.50 -6.76
N ASN GC 118 -12.40 -115.25 -6.63
CA ASN GC 118 -13.83 -114.95 -6.46
C ASN GC 118 -14.60 -114.61 -7.76
N ILE GC 119 -13.96 -114.81 -8.91
CA ILE GC 119 -14.58 -114.47 -10.20
C ILE GC 119 -15.79 -115.36 -10.52
N ALA GC 120 -16.97 -114.75 -10.69
CA ALA GC 120 -18.16 -115.49 -11.10
C ALA GC 120 -18.53 -115.42 -12.60
N SER GC 121 -17.92 -114.50 -13.35
CA SER GC 121 -18.39 -114.20 -14.71
C SER GC 121 -17.27 -113.90 -15.72
N ARG GC 122 -17.63 -113.82 -17.00
CA ARG GC 122 -16.69 -113.46 -18.06
C ARG GC 122 -16.22 -112.01 -17.91
N GLU GC 123 -17.14 -111.14 -17.50
CA GLU GC 123 -16.82 -109.74 -17.24
C GLU GC 123 -15.82 -109.63 -16.08
N ASP GC 124 -15.98 -110.48 -15.07
CA ASP GC 124 -15.08 -110.50 -13.91
C ASP GC 124 -13.72 -111.15 -14.25
N ILE GC 125 -13.70 -111.98 -15.29
CA ILE GC 125 -12.44 -112.52 -15.84
C ILE GC 125 -11.70 -111.42 -16.62
N ASP GC 126 -12.47 -110.57 -17.33
CA ASP GC 126 -11.91 -109.36 -17.96
C ASP GC 126 -11.29 -108.44 -16.90
N HIS GC 127 -12.02 -108.22 -15.81
CA HIS GC 127 -11.52 -107.40 -14.69
C HIS GC 127 -10.26 -108.02 -14.05
N ALA GC 128 -10.24 -109.35 -13.94
CA ALA GC 128 -9.08 -110.07 -13.43
C ALA GC 128 -7.85 -109.88 -14.33
N GLU GC 129 -8.07 -109.96 -15.64
CA GLU GC 129 -7.02 -109.73 -16.64
C GLU GC 129 -6.44 -108.32 -16.51
N TYR GC 130 -7.32 -107.33 -16.46
CA TYR GC 130 -6.91 -105.93 -16.29
C TYR GC 130 -6.12 -105.71 -14.99
N TYR GC 131 -6.57 -106.29 -13.87
CA TYR GC 131 -5.88 -106.06 -12.58
C TYR GC 131 -4.60 -106.88 -12.39
N LEU GC 132 -4.48 -108.00 -13.11
CA LEU GC 132 -3.22 -108.74 -13.18
C LEU GC 132 -2.19 -107.98 -14.03
N TYR GC 133 -2.68 -107.43 -15.14
CA TYR GC 133 -1.92 -106.48 -15.97
C TYR GC 133 -1.36 -105.35 -15.10
N LYS GC 134 -2.26 -104.59 -14.49
CA LYS GC 134 -1.91 -103.45 -13.64
C LYS GC 134 -1.10 -103.85 -12.40
N PHE GC 135 -1.17 -105.12 -11.98
CA PHE GC 135 -0.31 -105.60 -10.88
C PHE GC 135 1.12 -105.95 -11.32
N ARG GC 136 1.29 -106.47 -12.54
CA ARG GC 136 2.63 -106.80 -13.03
C ARG GC 136 3.42 -105.51 -13.34
N HIS GC 137 2.68 -104.41 -13.43
CA HIS GC 137 3.24 -103.07 -13.61
C HIS GC 137 3.41 -102.35 -12.25
N SER GC 138 3.28 -103.11 -11.17
CA SER GC 138 3.41 -102.62 -9.79
C SER GC 138 4.67 -103.21 -9.13
N PRO GC 139 5.21 -102.54 -8.09
CA PRO GC 139 6.50 -102.90 -7.46
C PRO GC 139 6.66 -104.37 -7.06
N ASN GC 140 5.53 -105.06 -6.85
CA ASN GC 140 5.52 -106.43 -6.36
C ASN GC 140 5.40 -107.52 -7.44
N CYS GC 141 5.51 -107.12 -8.70
CA CYS GC 141 5.26 -108.02 -9.85
C CYS GC 141 6.05 -109.33 -9.84
N TRP GC 142 7.13 -109.38 -9.06
CA TRP GC 142 7.91 -110.60 -8.88
C TRP GC 142 7.26 -111.51 -7.82
N TYR GC 143 6.29 -110.98 -7.06
CA TYR GC 143 5.70 -111.71 -5.95
C TYR GC 143 4.43 -112.51 -6.28
N LEU GC 144 4.07 -112.60 -7.56
CA LEU GC 144 3.00 -113.50 -7.99
C LEU GC 144 3.40 -114.96 -7.69
N ARG GC 145 2.54 -115.67 -6.98
CA ARG GC 145 2.83 -117.06 -6.59
C ARG GC 145 2.24 -118.02 -7.62
N ASP GC 146 2.47 -119.32 -7.41
CA ASP GC 146 2.00 -120.34 -8.34
C ASP GC 146 0.50 -120.58 -8.23
N TRP GC 147 -0.02 -120.53 -6.99
CA TRP GC 147 -1.42 -120.83 -6.76
C TRP GC 147 -2.34 -119.76 -7.32
N THR GC 148 -1.85 -118.54 -7.48
CA THR GC 148 -2.64 -117.46 -8.07
C THR GC 148 -2.75 -117.61 -9.60
N ILE GC 149 -1.63 -117.89 -10.25
CA ILE GC 149 -1.61 -118.24 -11.67
C ILE GC 149 -2.54 -119.44 -11.91
N HIS GC 150 -2.44 -120.42 -11.03
CA HIS GC 150 -3.27 -121.62 -11.06
C HIS GC 150 -4.76 -121.27 -10.97
N THR GC 151 -5.09 -120.39 -10.02
CA THR GC 151 -6.46 -119.90 -9.87
C THR GC 151 -6.95 -119.29 -11.17
N TRP GC 152 -6.13 -118.45 -11.80
CA TRP GC 152 -6.54 -117.80 -13.04
C TRP GC 152 -6.76 -118.81 -14.18
N ILE GC 153 -5.83 -119.75 -14.33
CA ILE GC 153 -5.96 -120.78 -15.37
C ILE GC 153 -7.23 -121.62 -15.18
N ARG GC 154 -7.53 -121.98 -13.93
CA ARG GC 154 -8.74 -122.78 -13.61
C ARG GC 154 -10.04 -121.99 -13.77
N GLN GC 155 -9.99 -120.68 -13.50
CA GLN GC 155 -11.12 -119.79 -13.74
C GLN GC 155 -11.39 -119.64 -15.24
N CYS GC 156 -10.32 -119.69 -16.05
CA CYS GC 156 -10.48 -119.72 -17.50
C CYS GC 156 -11.08 -121.06 -17.95
N LEU GC 157 -10.60 -122.15 -17.34
CA LEU GC 157 -11.14 -123.49 -17.62
C LEU GC 157 -12.63 -123.57 -17.26
N LYS GC 158 -13.04 -122.75 -16.30
CA LYS GC 158 -14.44 -122.61 -15.94
C LYS GC 158 -15.27 -121.99 -17.07
N TYR GC 159 -14.72 -121.02 -17.79
CA TYR GC 159 -15.51 -120.32 -18.80
C TYR GC 159 -15.21 -120.67 -20.27
N GLY GC 160 -14.23 -120.02 -20.90
CA GLY GC 160 -13.87 -120.42 -22.25
C GLY GC 160 -12.59 -121.22 -22.42
N ALA GC 161 -11.61 -120.94 -21.56
CA ALA GC 161 -10.34 -121.68 -21.46
C ALA GC 161 -9.45 -121.65 -22.71
N GLN GC 162 -10.05 -121.37 -23.86
CA GLN GC 162 -9.35 -121.47 -25.14
C GLN GC 162 -8.89 -120.14 -25.73
N ASP GC 163 -9.24 -119.03 -25.05
CA ASP GC 163 -9.01 -117.70 -25.61
C ASP GC 163 -8.09 -116.84 -24.74
N LYS GC 164 -8.55 -116.54 -23.52
CA LYS GC 164 -7.87 -115.59 -22.66
C LYS GC 164 -6.57 -116.13 -22.05
N ALA GC 165 -6.55 -117.43 -21.73
CA ALA GC 165 -5.35 -118.08 -21.21
C ALA GC 165 -4.23 -118.02 -22.25
N LEU GC 166 -4.60 -118.32 -23.49
CA LEU GC 166 -3.69 -118.25 -24.63
C LEU GC 166 -3.22 -116.82 -24.89
N TYR GC 167 -4.09 -115.84 -24.64
CA TYR GC 167 -3.75 -114.45 -24.89
C TYR GC 167 -2.83 -113.88 -23.82
N THR GC 168 -2.98 -114.34 -22.58
CA THR GC 168 -2.08 -113.91 -21.51
C THR GC 168 -0.76 -114.69 -21.52
N LEU GC 169 -0.75 -115.86 -22.16
CA LEU GC 169 0.49 -116.59 -22.40
C LEU GC 169 1.25 -116.03 -23.61
N LYS GC 170 0.51 -115.56 -24.62
CA LYS GC 170 1.11 -114.95 -25.80
C LYS GC 170 1.60 -113.54 -25.49
N ASN GC 171 0.84 -112.82 -24.67
CA ASN GC 171 1.29 -111.53 -24.18
C ASN GC 171 2.49 -111.72 -23.25
N LYS GC 172 2.47 -112.78 -22.43
CA LYS GC 172 3.61 -113.12 -21.60
C LYS GC 172 3.98 -111.93 -20.71
N VAL GC 173 5.05 -111.25 -21.10
CA VAL GC 173 5.66 -110.13 -20.37
C VAL GC 173 4.69 -109.12 -19.73
N GLN GC 174 3.60 -108.78 -20.41
CA GLN GC 174 2.64 -107.81 -19.89
C GLN GC 174 1.93 -108.27 -18.61
N TYR GC 175 1.26 -109.42 -18.69
CA TYR GC 175 0.47 -109.96 -17.58
C TYR GC 175 1.30 -110.73 -16.55
N GLY GC 176 2.37 -111.36 -17.03
CA GLY GC 176 3.31 -112.05 -16.17
C GLY GC 176 2.72 -113.24 -15.44
N ILE GC 177 1.94 -114.06 -16.15
CA ILE GC 177 1.43 -115.31 -15.59
C ILE GC 177 2.57 -116.32 -15.41
N PHE GC 178 3.30 -116.57 -16.50
CA PHE GC 178 4.45 -117.49 -16.51
C PHE GC 178 4.26 -118.75 -15.66
N PRO GC 179 3.33 -119.62 -16.08
CA PRO GC 179 3.06 -120.86 -15.33
C PRO GC 179 4.02 -121.98 -15.70
N ASP GC 180 5.20 -122.01 -15.09
CA ASP GC 180 6.11 -123.12 -15.33
C ASP GC 180 5.77 -124.18 -14.30
N ASN GC 181 5.15 -125.26 -14.78
CA ASN GC 181 4.39 -126.16 -13.91
C ASN GC 181 3.66 -127.25 -14.70
N TYR GC 182 2.95 -128.11 -13.97
CA TYR GC 182 2.02 -129.06 -14.55
C TYR GC 182 0.81 -128.34 -15.19
N THR GC 183 0.67 -127.04 -14.92
CA THR GC 183 -0.42 -126.24 -15.49
C THR GC 183 -0.41 -126.19 -17.01
N PHE GC 184 0.79 -126.18 -17.61
CA PHE GC 184 0.94 -126.25 -19.06
C PHE GC 184 0.37 -127.55 -19.61
N ASN GC 185 0.72 -128.66 -18.94
CA ASN GC 185 0.17 -129.98 -19.22
C ASN GC 185 -1.36 -129.96 -19.14
N LEU GC 186 -1.88 -129.32 -18.09
CA LEU GC 186 -3.33 -129.17 -17.89
C LEU GC 186 -4.00 -128.46 -19.07
N LEU GC 187 -3.54 -127.25 -19.38
CA LEU GC 187 -4.05 -126.48 -20.52
C LEU GC 187 -4.01 -127.27 -21.83
N MET GC 188 -2.88 -127.90 -22.09
CA MET GC 188 -2.71 -128.70 -23.31
C MET GC 188 -3.70 -129.87 -23.38
N ASP GC 189 -3.95 -130.53 -22.26
CA ASP GC 189 -4.92 -131.63 -22.21
C ASP GC 189 -6.36 -131.13 -22.46
N TYR GC 190 -6.69 -129.97 -21.88
CA TYR GC 190 -8.00 -129.37 -22.11
C TYR GC 190 -8.14 -128.85 -23.54
N PHE GC 191 -7.01 -128.71 -24.24
CA PHE GC 191 -7.06 -128.51 -25.69
C PHE GC 191 -7.30 -129.83 -26.43
N ILE GC 192 -6.53 -130.87 -26.12
CA ILE GC 192 -6.63 -132.16 -26.82
C ILE GC 192 -8.04 -132.77 -26.75
N LYS GC 193 -8.66 -132.68 -25.57
CA LYS GC 193 -10.04 -133.16 -25.41
C LYS GC 193 -11.01 -132.49 -26.40
N LYS GC 194 -10.87 -131.17 -26.55
CA LYS GC 194 -11.81 -130.34 -27.30
C LYS GC 194 -11.41 -130.10 -28.77
N GLU GC 195 -10.41 -130.83 -29.25
CA GLU GC 195 -9.73 -130.55 -30.53
C GLU GC 195 -8.95 -129.24 -30.45
N ASN GC 196 -9.26 -128.27 -31.31
CA ASN GC 196 -8.57 -126.98 -31.27
C ASN GC 196 -7.05 -127.13 -31.43
N TYR GC 197 -6.62 -127.40 -32.66
CA TYR GC 197 -5.20 -127.67 -32.92
C TYR GC 197 -4.32 -126.40 -32.90
N LYS GC 198 -4.57 -125.45 -33.79
CA LYS GC 198 -3.70 -124.27 -33.96
C LYS GC 198 -3.33 -123.54 -32.65
N ASP GC 199 -4.31 -123.37 -31.75
CA ASP GC 199 -4.08 -122.66 -30.50
C ASP GC 199 -3.21 -123.50 -29.55
N ALA GC 200 -3.39 -124.82 -29.55
CA ALA GC 200 -2.52 -125.72 -28.81
C ALA GC 200 -1.10 -125.72 -29.40
N LEU GC 201 -0.99 -125.41 -30.69
CA LEU GC 201 0.31 -125.27 -31.37
C LEU GC 201 1.05 -124.01 -30.90
N SER GC 202 0.34 -122.88 -30.89
CA SER GC 202 0.93 -121.66 -30.36
C SER GC 202 1.36 -121.88 -28.90
N VAL GC 203 0.47 -122.45 -28.09
CA VAL GC 203 0.81 -122.74 -26.68
C VAL GC 203 2.04 -123.66 -26.55
N VAL GC 204 2.17 -124.64 -27.45
CA VAL GC 204 3.41 -125.45 -27.53
C VAL GC 204 4.63 -124.55 -27.75
N PHE GC 205 4.52 -123.61 -28.70
CA PHE GC 205 5.58 -122.64 -28.97
C PHE GC 205 5.96 -121.80 -27.74
N GLU GC 206 4.97 -121.45 -26.94
CA GLU GC 206 5.21 -120.63 -25.75
C GLU GC 206 5.74 -121.43 -24.55
N ILE GC 207 5.44 -122.74 -24.52
CA ILE GC 207 6.01 -123.63 -23.51
C ILE GC 207 7.46 -123.93 -23.89
N MET GC 208 7.74 -123.87 -25.19
CA MET GC 208 9.10 -124.01 -25.72
C MET GC 208 9.95 -122.75 -25.47
N MET GC 209 9.34 -121.57 -25.60
CA MET GC 209 10.03 -120.30 -25.42
C MET GC 209 10.50 -120.07 -23.97
N GLN GC 210 9.70 -120.52 -23.02
CA GLN GC 210 10.02 -120.40 -21.59
C GLN GC 210 10.91 -121.57 -21.14
N GLU GC 211 11.24 -122.46 -22.09
CA GLU GC 211 11.95 -123.73 -21.86
C GLU GC 211 11.47 -124.39 -20.58
N ALA GC 212 10.22 -124.87 -20.63
CA ALA GC 212 9.46 -125.27 -19.45
C ALA GC 212 9.49 -126.77 -19.10
N PHE GC 213 10.30 -127.58 -19.78
CA PHE GC 213 10.18 -129.02 -19.53
C PHE GC 213 11.21 -129.61 -18.57
N GLU GC 214 10.79 -129.79 -17.31
CA GLU GC 214 11.33 -130.78 -16.40
C GLU GC 214 10.31 -131.93 -16.24
N VAL GC 215 9.16 -131.73 -16.88
CA VAL GC 215 7.98 -132.61 -16.75
C VAL GC 215 7.81 -133.28 -18.11
N PRO GC 216 7.23 -134.49 -18.16
CA PRO GC 216 7.20 -134.95 -19.55
C PRO GC 216 6.01 -134.43 -20.35
N SER GC 217 5.72 -133.13 -20.19
CA SER GC 217 4.78 -132.43 -21.07
C SER GC 217 5.43 -132.42 -22.43
N THR GC 218 6.75 -132.59 -22.41
CA THR GC 218 7.57 -132.83 -23.58
C THR GC 218 6.88 -133.83 -24.47
N GLN GC 219 6.64 -135.04 -23.97
CA GLN GC 219 6.05 -136.05 -24.82
C GLN GC 219 4.68 -135.55 -25.27
N LEU GC 220 3.89 -135.02 -24.34
CA LEU GC 220 2.57 -134.47 -24.63
C LEU GC 220 2.65 -133.39 -25.71
N LEU GC 221 3.72 -132.60 -25.67
CA LEU GC 221 3.95 -131.59 -26.70
C LEU GC 221 4.57 -132.23 -27.93
N SER GC 222 5.54 -133.12 -27.73
CA SER GC 222 6.25 -133.73 -28.86
C SER GC 222 5.20 -134.39 -29.72
N LEU GC 223 4.32 -135.15 -29.06
CA LEU GC 223 3.15 -135.73 -29.68
C LEU GC 223 2.50 -134.71 -30.57
N TYR GC 224 1.99 -133.65 -29.94
CA TYR GC 224 1.26 -132.65 -30.68
C TYR GC 224 2.10 -132.09 -31.84
N VAL GC 225 3.38 -131.79 -31.58
CA VAL GC 225 4.19 -131.15 -32.62
C VAL GC 225 4.25 -132.09 -33.81
N LEU GC 226 4.45 -133.37 -33.51
CA LEU GC 226 4.59 -134.36 -34.57
C LEU GC 226 3.25 -134.55 -35.28
N TYR GC 227 2.13 -134.36 -34.57
CA TYR GC 227 0.81 -134.31 -35.22
C TYR GC 227 0.90 -133.21 -36.28
N HIS GC 228 1.27 -132.02 -35.84
CA HIS GC 228 1.39 -130.88 -36.73
C HIS GC 228 2.46 -131.17 -37.77
N CYS GC 229 3.44 -132.01 -37.44
CA CYS GC 229 4.52 -132.33 -38.37
C CYS GC 229 3.98 -133.07 -39.59
N LEU GC 230 2.94 -133.87 -39.39
CA LEU GC 230 2.25 -134.50 -40.52
C LEU GC 230 1.25 -133.50 -41.12
N ALA GC 231 0.75 -132.60 -40.29
CA ALA GC 231 -0.20 -131.57 -40.73
C ALA GC 231 0.51 -130.51 -41.57
N GLU GC 232 1.83 -130.62 -41.70
CA GLU GC 232 2.60 -129.71 -42.53
C GLU GC 232 2.72 -130.23 -43.95
N LYS GC 233 2.00 -129.61 -44.86
CA LYS GC 233 2.39 -129.56 -46.26
C LYS GC 233 2.15 -128.14 -46.72
N THR GC 234 3.25 -127.43 -46.99
CA THR GC 234 3.24 -125.98 -47.22
C THR GC 234 4.69 -125.54 -47.46
N ASP GC 235 4.88 -124.36 -48.05
CA ASP GC 235 6.22 -123.77 -48.16
C ASP GC 235 6.44 -122.83 -46.98
N LEU GC 236 7.37 -123.22 -46.09
CA LEU GC 236 7.61 -122.48 -44.86
C LEU GC 236 8.55 -121.29 -45.07
N SER GC 237 8.16 -120.14 -44.51
CA SER GC 237 9.01 -118.95 -44.53
C SER GC 237 10.10 -119.07 -43.47
N TRP GC 238 10.83 -117.98 -43.26
CA TRP GC 238 11.97 -117.98 -42.33
C TRP GC 238 11.55 -118.27 -40.88
N GLU GC 239 10.63 -117.47 -40.37
CA GLU GC 239 10.18 -117.56 -38.98
C GLU GC 239 9.45 -118.87 -38.66
N GLU GC 240 8.74 -119.42 -39.65
CA GLU GC 240 8.05 -120.70 -39.47
C GLU GC 240 9.05 -121.85 -39.37
N GLU GC 241 10.03 -121.86 -40.27
CA GLU GC 241 11.14 -122.83 -40.21
C GLU GC 241 11.85 -122.77 -38.87
N ARG GC 242 12.13 -121.54 -38.41
CA ARG GC 242 12.75 -121.32 -37.10
C ARG GC 242 11.92 -121.91 -35.96
N ASN GC 243 10.65 -121.49 -35.89
CA ASN GC 243 9.73 -121.97 -34.87
C ASN GC 243 9.64 -123.50 -34.84
N PHE GC 244 9.62 -124.10 -36.02
CA PHE GC 244 9.52 -125.56 -36.16
C PHE GC 244 10.79 -126.26 -35.70
N GLY GC 245 11.95 -125.82 -36.17
CA GLY GC 245 13.21 -126.38 -35.73
C GLY GC 245 13.40 -126.27 -34.22
N ALA GC 246 12.93 -125.17 -33.66
CA ALA GC 246 13.00 -124.93 -32.22
C ALA GC 246 12.04 -125.81 -31.42
N SER GC 247 10.84 -126.04 -31.95
CA SER GC 247 9.87 -126.91 -31.29
C SER GC 247 10.19 -128.40 -31.50
N LEU GC 248 11.10 -128.68 -32.44
CA LEU GC 248 11.66 -130.03 -32.57
C LEU GC 248 12.84 -130.26 -31.63
N LEU GC 249 13.69 -129.25 -31.51
CA LEU GC 249 14.92 -129.37 -30.73
C LEU GC 249 14.68 -129.30 -29.23
N LEU GC 250 14.22 -128.14 -28.76
CA LEU GC 250 14.06 -127.90 -27.32
C LEU GC 250 13.06 -128.88 -26.66
N PRO GC 251 11.87 -129.09 -27.27
CA PRO GC 251 11.07 -130.15 -26.67
C PRO GC 251 11.75 -131.53 -26.68
N GLY GC 252 12.29 -132.00 -27.80
CA GLY GC 252 12.92 -133.31 -27.74
C GLY GC 252 14.18 -133.27 -26.90
N LEU GC 253 14.07 -133.84 -25.71
CA LEU GC 253 15.20 -134.17 -24.85
C LEU GC 253 15.42 -135.69 -24.80
N LYS GC 254 14.60 -136.44 -25.53
CA LYS GC 254 14.32 -137.84 -25.18
C LYS GC 254 15.43 -138.83 -25.54
N GLN GC 255 15.97 -139.46 -24.50
CA GLN GC 255 16.95 -140.52 -24.61
C GLN GC 255 16.32 -141.91 -24.58
N LYS GC 256 15.03 -141.95 -24.24
CA LYS GC 256 14.31 -143.21 -24.06
C LYS GC 256 13.96 -143.86 -25.39
N ASN GC 257 13.77 -143.03 -26.41
CA ASN GC 257 13.30 -143.51 -27.70
C ASN GC 257 14.08 -142.98 -28.90
N SER GC 258 13.82 -143.60 -30.06
CA SER GC 258 14.40 -143.18 -31.33
C SER GC 258 13.75 -141.91 -31.86
N VAL GC 259 12.47 -141.74 -31.57
CA VAL GC 259 11.68 -140.62 -32.07
C VAL GC 259 12.18 -139.27 -31.53
N GLY GC 260 12.59 -139.23 -30.26
CA GLY GC 260 13.19 -138.03 -29.70
C GLY GC 260 14.47 -137.62 -30.41
N LEU GC 261 15.31 -138.62 -30.71
CA LEU GC 261 16.59 -138.41 -31.39
C LEU GC 261 16.45 -137.98 -32.86
N SER GC 262 15.48 -138.55 -33.57
CA SER GC 262 15.24 -138.19 -34.98
C SER GC 262 14.41 -136.91 -35.14
N SER GC 263 13.67 -136.53 -34.09
CA SER GC 263 13.02 -135.22 -34.06
C SER GC 263 14.07 -134.16 -33.75
N GLN GC 264 15.08 -134.54 -32.96
CA GLN GC 264 16.28 -133.71 -32.81
C GLN GC 264 17.00 -133.54 -34.15
N LEU GC 265 17.14 -134.64 -34.92
CA LEU GC 265 17.71 -134.58 -36.28
C LEU GC 265 16.93 -133.63 -37.20
N TYR GC 266 15.61 -133.80 -37.20
CA TYR GC 266 14.67 -132.91 -37.88
C TYR GC 266 14.96 -131.43 -37.55
N GLY GC 267 14.85 -131.08 -36.27
CA GLY GC 267 15.13 -129.73 -35.80
C GLY GC 267 16.48 -129.14 -36.20
N TYR GC 268 17.57 -129.87 -35.92
CA TYR GC 268 18.92 -129.44 -36.31
C TYR GC 268 19.03 -129.21 -37.82
N ALA GC 269 18.31 -130.03 -38.58
CA ALA GC 269 18.26 -129.89 -40.04
C ALA GC 269 17.54 -128.59 -40.47
N LEU GC 270 16.34 -128.37 -39.95
CA LEU GC 270 15.58 -127.15 -40.24
C LEU GC 270 16.36 -125.88 -39.88
N LEU GC 271 16.94 -125.87 -38.68
CA LEU GC 271 17.73 -124.74 -38.22
C LEU GC 271 19.03 -124.57 -39.03
N GLY GC 272 19.56 -125.68 -39.53
CA GLY GC 272 20.67 -125.64 -40.46
C GLY GC 272 20.31 -124.98 -41.78
N LYS GC 273 19.11 -125.27 -42.28
CA LYS GC 273 18.57 -124.58 -43.46
C LYS GC 273 18.42 -123.08 -43.21
N VAL GC 274 17.83 -122.74 -42.07
CA VAL GC 274 17.68 -121.34 -41.64
C VAL GC 274 19.04 -120.63 -41.62
N GLU GC 275 20.07 -121.36 -41.17
CA GLU GC 275 21.45 -120.82 -41.15
C GLU GC 275 22.03 -120.59 -42.55
N LEU GC 276 22.00 -121.63 -43.39
CA LEU GC 276 22.63 -121.57 -44.71
C LEU GC 276 21.93 -120.61 -45.68
N GLN GC 277 20.61 -120.49 -45.58
CA GLN GC 277 19.86 -119.62 -46.49
C GLN GC 277 19.95 -118.12 -46.16
N GLN GC 278 19.77 -117.77 -44.89
CA GLN GC 278 19.69 -116.36 -44.47
C GLN GC 278 20.87 -115.92 -43.61
N GLY GC 279 20.88 -116.34 -42.34
CA GLY GC 279 21.95 -115.98 -41.42
C GLY GC 279 21.88 -116.74 -40.11
N LEU GC 280 23.02 -116.83 -39.43
CA LEU GC 280 23.11 -117.47 -38.12
C LEU GC 280 22.29 -116.68 -37.10
N ARG GC 281 22.23 -115.37 -37.30
CA ARG GC 281 21.53 -114.47 -36.38
C ARG GC 281 20.02 -114.67 -36.44
N ALA GC 282 19.52 -115.18 -37.55
CA ALA GC 282 18.10 -115.48 -37.70
C ALA GC 282 17.68 -116.60 -36.75
N VAL GC 283 18.63 -117.46 -36.40
CA VAL GC 283 18.39 -118.66 -35.58
C VAL GC 283 18.21 -118.37 -34.08
N TYR GC 284 19.27 -117.88 -33.45
CA TYR GC 284 19.31 -117.70 -31.99
C TYR GC 284 18.70 -116.38 -31.52
N CYS GC 285 18.16 -115.60 -32.47
CA CYS GC 285 17.75 -114.21 -32.21
C CYS GC 285 16.88 -114.03 -30.95
N ASN GC 286 15.62 -114.44 -31.00
CA ASN GC 286 14.77 -114.45 -29.82
C ASN GC 286 14.63 -115.83 -29.16
N MET GC 287 15.20 -116.85 -29.80
CA MET GC 287 14.97 -118.24 -29.40
C MET GC 287 16.01 -118.73 -28.38
N PRO GC 288 15.58 -119.66 -27.49
CA PRO GC 288 16.52 -120.28 -26.53
C PRO GC 288 17.51 -121.21 -27.22
N LEU GC 289 18.33 -120.64 -28.10
CA LEU GC 289 19.27 -121.40 -28.92
C LEU GC 289 20.67 -120.82 -28.78
N LEU GC 290 21.67 -121.56 -29.27
CA LEU GC 290 23.05 -121.10 -29.16
C LEU GC 290 23.55 -120.48 -30.48
N TRP GC 291 24.40 -119.46 -30.32
CA TRP GC 291 24.97 -118.68 -31.41
C TRP GC 291 26.08 -119.41 -32.17
N GLN GC 292 26.57 -120.50 -31.57
CA GLN GC 292 27.64 -121.30 -32.17
C GLN GC 292 27.19 -121.86 -33.53
N PRO GC 293 28.02 -121.67 -34.58
CA PRO GC 293 27.65 -121.95 -35.97
C PRO GC 293 27.30 -123.41 -36.30
N GLY GC 294 27.96 -124.37 -35.66
CA GLY GC 294 27.68 -125.77 -35.93
C GLY GC 294 26.31 -126.23 -35.45
N TYR GC 295 25.49 -126.67 -36.40
CA TYR GC 295 24.16 -127.23 -36.13
C TYR GC 295 23.97 -128.55 -36.88
N LEU GC 296 24.09 -128.48 -38.22
CA LEU GC 296 24.17 -129.66 -39.06
C LEU GC 296 25.18 -130.68 -38.50
N HIS GC 297 26.29 -130.16 -37.98
CA HIS GC 297 27.31 -130.99 -37.34
C HIS GC 297 26.80 -131.68 -36.06
N ARG GC 298 25.92 -131.01 -35.32
CA ARG GC 298 25.31 -131.63 -34.13
C ARG GC 298 24.34 -132.76 -34.52
N ALA GC 299 23.62 -132.57 -35.63
CA ALA GC 299 22.73 -133.60 -36.17
C ALA GC 299 23.53 -134.81 -36.65
N LEU GC 300 24.59 -134.57 -37.40
CA LEU GC 300 25.48 -135.66 -37.83
C LEU GC 300 26.21 -136.28 -36.64
N GLN GC 301 26.32 -135.54 -35.53
CA GLN GC 301 26.85 -136.07 -34.27
C GLN GC 301 25.83 -136.99 -33.57
N VAL GC 302 24.54 -136.71 -33.72
CA VAL GC 302 23.48 -137.60 -33.22
C VAL GC 302 23.38 -138.85 -34.13
N MET GC 303 23.74 -138.68 -35.41
CA MET GC 303 23.80 -139.81 -36.35
C MET GC 303 25.08 -140.64 -36.19
N GLU GC 304 26.09 -140.07 -35.52
CA GLU GC 304 27.32 -140.80 -35.20
C GLU GC 304 27.21 -141.60 -33.90
N LYS GC 305 26.20 -141.29 -33.09
CA LYS GC 305 25.96 -141.99 -31.83
C LYS GC 305 25.35 -143.37 -32.07
N VAL GC 306 25.02 -143.66 -33.34
CA VAL GC 306 24.32 -144.89 -33.72
C VAL GC 306 25.29 -146.07 -33.90
N ALA GC 307 26.58 -145.79 -33.87
CA ALA GC 307 27.58 -146.85 -33.91
C ALA GC 307 27.45 -147.75 -32.67
N SER GC 308 27.32 -147.13 -31.50
CA SER GC 308 27.15 -147.86 -30.24
C SER GC 308 25.69 -147.97 -29.73
N SER GC 309 24.73 -147.40 -30.45
CA SER GC 309 23.33 -147.36 -29.98
C SER GC 309 22.32 -147.93 -31.01
N PRO GC 310 21.22 -148.55 -30.52
CA PRO GC 310 20.27 -149.29 -31.36
C PRO GC 310 19.39 -148.50 -32.35
N GLU GC 311 18.86 -147.33 -31.98
CA GLU GC 311 17.65 -146.80 -32.66
C GLU GC 311 17.70 -145.37 -33.24
N ASP GC 312 16.93 -145.19 -34.32
CA ASP GC 312 16.64 -143.87 -34.90
C ASP GC 312 15.20 -143.83 -35.45
N GLY GC 313 14.54 -142.69 -35.38
CA GLY GC 313 13.26 -142.48 -36.06
C GLY GC 313 13.43 -142.62 -37.57
N GLN GC 314 14.32 -141.80 -38.12
CA GLN GC 314 15.04 -142.09 -39.35
C GLN GC 314 14.27 -142.00 -40.67
N LEU GC 315 12.95 -142.00 -40.68
CA LEU GC 315 12.26 -141.80 -41.98
C LEU GC 315 12.12 -140.32 -42.29
N CYS GC 316 11.77 -139.55 -41.28
CA CYS GC 316 11.62 -138.11 -41.40
C CYS GC 316 12.99 -137.43 -41.37
N GLY GC 317 13.94 -138.04 -40.68
CA GLY GC 317 15.33 -137.62 -40.76
C GLY GC 317 15.77 -137.72 -42.20
N GLU GC 318 15.50 -138.86 -42.83
CA GLU GC 318 15.79 -139.09 -44.24
C GLU GC 318 15.15 -138.03 -45.15
N ALA GC 319 13.83 -137.89 -45.07
CA ALA GC 319 13.08 -136.99 -45.95
C ALA GC 319 13.49 -135.52 -45.80
N LEU GC 320 13.58 -135.05 -44.56
CA LEU GC 320 13.94 -133.64 -44.33
C LEU GC 320 15.40 -133.34 -44.64
N ASP GC 321 16.32 -134.20 -44.20
CA ASP GC 321 17.73 -134.00 -44.53
C ASP GC 321 17.97 -134.17 -46.04
N VAL GC 322 17.04 -134.84 -46.72
CA VAL GC 322 17.03 -134.93 -48.19
C VAL GC 322 16.58 -133.60 -48.81
N LEU GC 323 15.55 -132.97 -48.23
CA LEU GC 323 15.14 -131.64 -48.67
C LEU GC 323 16.27 -130.61 -48.45
N ASP GC 324 16.99 -130.76 -47.33
CA ASP GC 324 18.16 -129.94 -47.02
C ASP GC 324 19.28 -130.13 -48.03
N ARG GC 325 19.70 -131.39 -48.23
CA ARG GC 325 20.74 -131.71 -49.21
C ARG GC 325 20.35 -131.25 -50.62
N VAL GC 326 19.04 -131.25 -50.91
CA VAL GC 326 18.53 -130.88 -52.24
C VAL GC 326 18.52 -129.37 -52.44
N LEU GC 327 18.20 -128.60 -51.40
CA LEU GC 327 18.30 -127.14 -51.51
C LEU GC 327 19.75 -126.65 -51.49
N LYS GC 328 20.61 -127.29 -50.68
CA LYS GC 328 22.03 -126.95 -50.64
C LYS GC 328 22.71 -127.31 -51.95
N ALA GC 329 22.32 -128.44 -52.54
CA ALA GC 329 22.71 -128.79 -53.90
C ALA GC 329 22.22 -127.72 -54.88
N VAL GC 330 20.91 -127.65 -55.09
CA VAL GC 330 20.28 -126.78 -56.10
C VAL GC 330 20.75 -125.32 -56.05
N THR GC 331 21.04 -124.81 -54.86
CA THR GC 331 21.53 -123.43 -54.74
C THR GC 331 22.87 -123.21 -55.45
N ALA GC 332 23.74 -124.22 -55.47
CA ALA GC 332 25.09 -124.08 -56.02
C ALA GC 332 25.16 -123.92 -57.57
N PRO GC 333 24.62 -124.88 -58.36
CA PRO GC 333 24.72 -124.64 -59.82
C PRO GC 333 23.83 -123.52 -60.34
N ALA GC 334 22.61 -123.39 -59.80
CA ALA GC 334 21.71 -122.33 -60.25
C ALA GC 334 21.71 -121.18 -59.25
N GLN GC 335 22.37 -120.09 -59.64
CA GLN GC 335 22.45 -118.89 -58.81
C GLN GC 335 21.24 -117.98 -58.99
N GLY GC 336 20.63 -118.01 -60.18
CA GLY GC 336 19.48 -117.19 -60.48
C GLY GC 336 18.17 -117.81 -60.08
N THR GC 337 18.14 -119.14 -59.98
CA THR GC 337 16.96 -119.86 -59.53
C THR GC 337 16.76 -119.80 -58.01
N SER GC 338 17.80 -120.15 -57.26
CA SER GC 338 17.72 -120.22 -55.81
C SER GC 338 17.87 -118.89 -55.06
N GLU GC 339 18.88 -118.10 -55.42
CA GLU GC 339 19.30 -116.95 -54.62
C GLU GC 339 18.75 -115.58 -55.07
N GLU GC 340 17.90 -115.57 -56.11
CA GLU GC 340 17.38 -114.33 -56.66
C GLU GC 340 16.27 -113.68 -55.82
N GLN GC 341 15.87 -114.36 -54.74
CA GLN GC 341 14.65 -114.02 -54.01
C GLN GC 341 14.67 -112.77 -53.11
N PRO GC 342 15.86 -112.30 -52.70
CA PRO GC 342 15.89 -111.11 -51.84
C PRO GC 342 16.31 -109.85 -52.60
N GLN GC 343 15.32 -109.00 -52.90
CA GLN GC 343 15.54 -107.72 -53.58
C GLN GC 343 15.47 -106.48 -52.66
N GLU GC 344 15.19 -106.70 -51.37
CA GLU GC 344 14.71 -105.62 -50.48
C GLU GC 344 15.50 -104.31 -50.53
N GLY GC 345 16.69 -104.29 -49.94
CA GLY GC 345 17.58 -103.15 -50.06
C GLY GC 345 19.02 -103.62 -50.27
N GLU GC 346 19.62 -103.26 -51.40
CA GLU GC 346 21.00 -103.65 -51.70
C GLU GC 346 22.04 -102.76 -51.00
N GLU GC 347 21.85 -101.44 -51.09
CA GLU GC 347 22.78 -100.47 -50.54
C GLU GC 347 22.69 -100.38 -49.02
N SER GC 348 21.47 -100.51 -48.49
CA SER GC 348 21.23 -100.46 -47.05
C SER GC 348 21.70 -101.75 -46.34
N GLN GC 349 21.59 -102.89 -47.03
CA GLN GC 349 22.10 -104.16 -46.49
C GLN GC 349 23.61 -104.32 -46.71
N ARG GC 350 24.17 -103.65 -47.71
CA ARG GC 350 25.62 -103.66 -47.92
C ARG GC 350 26.35 -102.68 -46.98
N SER GC 351 25.68 -101.57 -46.64
CA SER GC 351 26.25 -100.59 -45.70
C SER GC 351 26.09 -101.02 -44.23
N GLU GC 352 24.96 -101.65 -43.91
CA GLU GC 352 24.67 -102.12 -42.54
C GLU GC 352 25.12 -103.57 -42.33
N GLU GC 353 25.80 -104.14 -43.32
CA GLU GC 353 26.29 -105.51 -43.26
C GLU GC 353 27.16 -105.78 -42.02
N LEU GC 354 26.79 -106.80 -41.26
CA LEU GC 354 27.55 -107.21 -40.08
C LEU GC 354 27.98 -108.67 -40.21
N VAL GC 355 29.21 -108.96 -39.80
CA VAL GC 355 29.72 -110.33 -39.85
C VAL GC 355 30.01 -110.83 -38.44
N GLU GC 356 29.21 -111.79 -37.97
CA GLU GC 356 29.39 -112.44 -36.68
C GLU GC 356 30.54 -113.45 -36.73
N GLN GC 357 30.69 -114.10 -37.88
CA GLN GC 357 31.67 -115.18 -38.05
C GLN GC 357 33.08 -114.65 -38.31
N LEU GC 358 34.07 -115.41 -37.85
CA LEU GC 358 35.49 -115.06 -38.03
C LEU GC 358 35.97 -115.32 -39.47
N ASP GC 359 37.24 -115.00 -39.72
CA ASP GC 359 37.91 -115.37 -40.98
C ASP GC 359 38.43 -116.81 -40.94
N VAL GC 360 38.79 -117.27 -39.74
CA VAL GC 360 39.36 -118.61 -39.52
C VAL GC 360 38.27 -119.67 -39.23
N GLU GC 361 37.02 -119.22 -39.07
CA GLU GC 361 35.94 -120.07 -38.57
C GLU GC 361 35.39 -121.08 -39.59
N GLU GC 362 35.83 -120.98 -40.85
CA GLU GC 362 35.44 -121.94 -41.90
C GLU GC 362 33.92 -122.02 -42.13
N THR GC 363 33.38 -121.01 -42.81
CA THR GC 363 31.94 -120.88 -43.07
C THR GC 363 31.30 -122.17 -43.58
N GLU GC 364 30.11 -122.47 -43.06
CA GLU GC 364 29.39 -123.73 -43.33
C GLU GC 364 29.04 -123.97 -44.80
N GLN GC 365 29.08 -122.91 -45.62
CA GLN GC 365 28.80 -123.04 -47.05
C GLN GC 365 29.98 -123.66 -47.81
N SER GC 366 31.14 -123.70 -47.15
CA SER GC 366 32.34 -124.29 -47.73
C SER GC 366 32.51 -125.77 -47.35
N LYS GC 367 31.71 -126.25 -46.41
CA LYS GC 367 31.78 -127.63 -45.91
C LYS GC 367 30.77 -128.59 -46.55
N LEU GC 368 29.98 -128.11 -47.51
CA LEU GC 368 28.91 -128.92 -48.14
C LEU GC 368 29.34 -130.30 -48.71
N PRO GC 369 30.51 -130.38 -49.40
CA PRO GC 369 30.94 -131.70 -49.88
C PRO GC 369 31.20 -132.72 -48.76
N GLN GC 370 31.40 -132.25 -47.53
CA GLN GC 370 31.47 -133.13 -46.37
C GLN GC 370 30.08 -133.52 -45.85
N TYR GC 371 29.15 -132.57 -45.87
CA TYR GC 371 27.77 -132.81 -45.43
C TYR GC 371 27.05 -133.83 -46.30
N LEU GC 372 27.16 -133.69 -47.63
CA LEU GC 372 26.49 -134.63 -48.54
C LEU GC 372 27.06 -136.05 -48.36
N GLU GC 373 28.38 -136.15 -48.30
CA GLU GC 373 29.08 -137.40 -48.02
C GLU GC 373 28.70 -138.06 -46.68
N ARG GC 374 28.54 -137.25 -45.63
CA ARG GC 374 28.17 -137.76 -44.31
C ARG GC 374 26.71 -138.22 -44.27
N PHE GC 375 25.83 -137.49 -44.92
CA PHE GC 375 24.43 -137.93 -44.96
C PHE GC 375 24.33 -139.24 -45.77
N GLU GC 376 25.01 -139.31 -46.93
CA GLU GC 376 24.94 -140.51 -47.79
C GLU GC 376 25.66 -141.74 -47.23
N ALA GC 377 26.74 -141.54 -46.48
CA ALA GC 377 27.44 -142.65 -45.84
C ALA GC 377 26.73 -143.12 -44.55
N LEU GC 378 26.33 -142.15 -43.72
CA LEU GC 378 25.64 -142.46 -42.47
C LEU GC 378 24.25 -143.09 -42.73
N ARG GC 379 23.55 -142.63 -43.77
CA ARG GC 379 22.23 -143.22 -44.09
C ARG GC 379 22.39 -144.64 -44.66
N SER GC 380 23.55 -144.95 -45.22
CA SER GC 380 23.85 -146.31 -45.67
C SER GC 380 24.28 -147.19 -44.49
N LYS GC 381 24.83 -146.57 -43.44
CA LYS GC 381 25.20 -147.29 -42.20
C LYS GC 381 23.98 -147.61 -41.32
N LEU GC 382 23.13 -146.61 -41.06
CA LEU GC 382 22.02 -146.72 -40.10
C LEU GC 382 20.97 -147.75 -40.52
N GLN GC 383 20.59 -147.73 -41.79
CA GLN GC 383 19.58 -148.66 -42.31
C GLN GC 383 20.09 -150.11 -42.31
N ALA GC 384 21.40 -150.27 -42.54
CA ALA GC 384 22.03 -151.59 -42.63
C ALA GC 384 22.50 -152.13 -41.27
N LEU GC 385 22.54 -151.27 -40.26
CA LEU GC 385 23.01 -151.66 -38.92
C LEU GC 385 21.89 -151.58 -37.89
N GLY GC 386 21.45 -150.36 -37.58
CA GLY GC 386 20.35 -150.16 -36.66
C GLY GC 386 19.05 -150.78 -37.15
N LYS GC 387 18.82 -150.69 -38.46
CA LYS GC 387 17.60 -151.22 -39.09
C LYS GC 387 16.33 -150.65 -38.48
N VAL GC 388 16.40 -149.41 -38.02
CA VAL GC 388 15.33 -148.81 -37.22
C VAL GC 388 14.32 -148.00 -38.04
N GLU GC 389 14.43 -148.03 -39.37
CA GLU GC 389 13.59 -147.19 -40.22
C GLU GC 389 12.11 -147.35 -39.87
N SER GC 390 11.48 -146.21 -39.55
CA SER GC 390 10.08 -146.18 -39.15
C SER GC 390 9.19 -146.02 -40.37
N GLU GC 391 8.03 -146.66 -40.34
CA GLU GC 391 7.10 -146.54 -41.46
C GLU GC 391 6.33 -145.21 -41.37
N SER GC 392 6.05 -144.77 -40.15
CA SER GC 392 5.57 -143.42 -39.91
C SER GC 392 6.10 -142.88 -38.57
N LEU GC 393 6.52 -141.62 -38.55
CA LEU GC 393 7.01 -141.00 -37.32
C LEU GC 393 5.84 -140.55 -36.45
N LEU GC 394 4.82 -139.99 -37.10
CA LEU GC 394 3.58 -139.56 -36.44
C LEU GC 394 3.00 -140.65 -35.55
N THR GC 395 2.62 -141.76 -36.18
CA THR GC 395 1.96 -142.86 -35.49
C THR GC 395 2.83 -143.52 -34.41
N LEU GC 396 4.10 -143.80 -34.73
CA LEU GC 396 5.01 -144.45 -33.78
C LEU GC 396 5.27 -143.57 -32.55
N SER GC 397 5.46 -142.27 -32.78
CA SER GC 397 5.58 -141.34 -31.66
C SER GC 397 4.30 -141.32 -30.83
N THR GC 398 3.15 -141.28 -31.51
CA THR GC 398 1.85 -141.30 -30.85
C THR GC 398 1.71 -142.50 -29.91
N GLN GC 399 2.01 -143.68 -30.43
CA GLN GC 399 2.00 -144.92 -29.64
C GLN GC 399 2.97 -144.87 -28.46
N LEU GC 400 4.19 -144.41 -28.72
CA LEU GC 400 5.21 -144.27 -27.67
C LEU GC 400 4.70 -143.43 -26.50
N ALA GC 401 4.38 -142.16 -26.75
CA ALA GC 401 3.96 -141.26 -25.68
C ALA GC 401 2.64 -141.66 -25.05
N LYS GC 402 1.72 -142.23 -25.81
CA LYS GC 402 0.48 -142.74 -25.24
C LYS GC 402 0.75 -143.94 -24.34
N ALA GC 403 1.85 -144.65 -24.60
CA ALA GC 403 2.27 -145.78 -23.77
C ALA GC 403 2.96 -145.33 -22.48
N GLN GC 404 3.78 -144.28 -22.59
CA GLN GC 404 4.53 -143.77 -21.44
C GLN GC 404 3.68 -142.85 -20.56
N LEU GC 405 2.53 -142.42 -21.08
CA LEU GC 405 1.65 -141.45 -20.42
C LEU GC 405 1.16 -141.83 -18.99
N PRO GC 406 0.53 -143.01 -18.81
CA PRO GC 406 -0.15 -143.29 -17.53
C PRO GC 406 0.75 -143.29 -16.27
N THR GC 407 1.92 -143.94 -16.36
CA THR GC 407 2.83 -144.01 -15.22
C THR GC 407 3.29 -142.61 -14.81
N CYS GC 408 3.53 -141.76 -15.81
CA CYS GC 408 3.93 -140.37 -15.60
C CYS GC 408 2.82 -139.53 -14.94
N GLU GC 409 1.58 -139.79 -15.35
CA GLU GC 409 0.41 -139.24 -14.63
C GLU GC 409 0.49 -139.61 -13.15
N ALA GC 410 0.50 -140.92 -12.89
CA ALA GC 410 0.55 -141.47 -11.54
C ALA GC 410 1.70 -140.91 -10.69
N GLU GC 411 2.79 -140.53 -11.35
CA GLU GC 411 3.91 -139.87 -10.65
C GLU GC 411 3.63 -138.38 -10.39
N ASP GC 412 2.95 -137.71 -11.32
CA ASP GC 412 2.66 -136.28 -11.18
C ASP GC 412 1.62 -135.98 -10.10
N ILE GC 413 0.64 -136.88 -9.94
CA ILE GC 413 -0.44 -136.68 -8.94
C ILE GC 413 0.11 -136.43 -7.53
N ALA GC 414 0.97 -137.34 -7.07
CA ALA GC 414 1.59 -137.30 -5.74
C ALA GC 414 2.27 -135.97 -5.40
N VAL GC 415 3.01 -135.42 -6.38
CA VAL GC 415 3.72 -134.16 -6.20
C VAL GC 415 2.78 -132.94 -6.24
N TYR GC 416 1.93 -132.91 -7.27
CA TYR GC 416 0.96 -131.83 -7.49
C TYR GC 416 0.03 -131.65 -6.27
N GLU GC 417 -0.36 -132.76 -5.64
CA GLU GC 417 -1.17 -132.70 -4.43
C GLU GC 417 -0.47 -131.98 -3.27
N GLN GC 418 0.77 -132.38 -2.99
CA GLN GC 418 1.57 -131.75 -1.93
C GLN GC 418 1.80 -130.27 -2.22
N ARG GC 419 1.99 -129.92 -3.50
CA ARG GC 419 2.03 -128.51 -3.90
C ARG GC 419 0.73 -127.81 -3.48
N LEU GC 420 -0.39 -128.45 -3.82
CA LEU GC 420 -1.72 -127.91 -3.50
C LEU GC 420 -1.91 -127.66 -2.01
N GLN GC 421 -1.32 -128.51 -1.16
CA GLN GC 421 -1.38 -128.28 0.30
C GLN GC 421 -0.44 -127.14 0.72
N GLN GC 422 0.78 -127.15 0.18
CA GLN GC 422 1.79 -126.14 0.47
C GLN GC 422 1.29 -124.71 0.23
N TRP GC 423 0.68 -124.50 -0.94
CA TRP GC 423 0.17 -123.18 -1.33
C TRP GC 423 -0.85 -122.64 -0.32
N HIS GC 424 -1.70 -123.55 0.19
CA HIS GC 424 -2.67 -123.19 1.21
C HIS GC 424 -1.97 -122.84 2.53
N GLY GC 425 -0.92 -123.59 2.85
CA GLY GC 425 -0.08 -123.24 4.00
C GLY GC 425 0.44 -121.81 3.93
N GLU GC 426 0.96 -121.44 2.75
CA GLU GC 426 1.49 -120.10 2.52
C GLU GC 426 0.42 -119.01 2.63
N ARG GC 427 -0.71 -119.22 1.95
CA ARG GC 427 -1.83 -118.29 2.08
C ARG GC 427 -2.23 -118.08 3.54
N VAL GC 428 -2.35 -119.17 4.29
CA VAL GC 428 -2.70 -119.11 5.72
C VAL GC 428 -1.69 -118.26 6.50
N ARG GC 429 -0.40 -118.56 6.35
CA ARG GC 429 0.64 -117.76 7.02
C ARG GC 429 0.54 -116.28 6.70
N LEU GC 430 0.32 -115.97 5.41
CA LEU GC 430 0.26 -114.58 4.96
C LEU GC 430 -0.97 -113.81 5.49
N ILE GC 431 -2.13 -114.47 5.55
CA ILE GC 431 -3.32 -113.87 6.16
C ILE GC 431 -3.09 -113.64 7.66
N GLN GC 432 -2.43 -114.60 8.30
CA GLN GC 432 -2.01 -114.44 9.69
C GLN GC 432 -1.19 -113.17 9.89
N ARG GC 433 -0.20 -112.98 9.02
CA ARG GC 433 0.65 -111.78 9.07
C ARG GC 433 -0.16 -110.49 8.87
N GLU GC 434 -1.05 -110.48 7.89
CA GLU GC 434 -1.96 -109.34 7.68
C GLU GC 434 -2.71 -108.97 8.96
N GLN GC 435 -3.35 -109.98 9.57
CA GLN GC 435 -4.10 -109.77 10.80
C GLN GC 435 -3.23 -109.23 11.93
N GLU GC 436 -2.07 -109.86 12.15
CA GLU GC 436 -1.14 -109.42 13.19
C GLU GC 436 -0.73 -107.96 13.01
N GLN GC 437 -0.35 -107.60 11.78
CA GLN GC 437 0.01 -106.22 11.46
C GLN GC 437 -1.12 -105.23 11.74
N ARG GC 438 -2.33 -105.56 11.28
CA ARG GC 438 -3.47 -104.66 11.48
C ARG GC 438 -3.82 -104.51 12.96
N GLU GC 439 -3.68 -105.58 13.73
CA GLU GC 439 -3.91 -105.54 15.18
C GLU GC 439 -2.88 -104.67 15.90
N ARG GC 440 -1.61 -104.79 15.51
CA ARG GC 440 -0.55 -103.94 16.07
C ARG GC 440 -0.80 -102.47 15.74
N ALA GC 441 -1.18 -102.21 14.49
CA ALA GC 441 -1.49 -100.85 14.02
C ALA GC 441 -2.68 -100.24 14.78
N ARG GC 442 -3.69 -101.06 15.05
CA ARG GC 442 -4.86 -100.61 15.81
C ARG GC 442 -4.52 -100.35 17.28
N GLN GC 443 -3.67 -101.20 17.87
CA GLN GC 443 -3.26 -101.02 19.26
C GLN GC 443 -2.41 -99.76 19.45
N ASP GC 444 -1.47 -99.53 18.54
CA ASP GC 444 -0.65 -98.32 18.59
C ASP GC 444 -1.48 -97.07 18.25
N TYR GC 445 -2.48 -97.23 17.39
CA TYR GC 445 -3.39 -96.12 17.07
C TYR GC 445 -4.25 -95.74 18.28
N GLU GC 446 -4.70 -96.73 19.04
CA GLU GC 446 -5.44 -96.49 20.28
C GLU GC 446 -4.54 -95.88 21.35
N ALA GC 447 -3.29 -96.32 21.41
CA ALA GC 447 -2.32 -95.79 22.36
C ALA GC 447 -1.96 -94.33 22.07
N ARG GC 448 -1.87 -93.96 20.80
CA ARG GC 448 -1.60 -92.57 20.39
C ARG GC 448 -2.85 -91.67 20.41
N ARG GC 449 -4.03 -92.25 20.19
CA ARG GC 449 -5.28 -91.50 20.19
C ARG GC 449 -5.83 -91.24 21.61
N ALA GC 450 -5.58 -92.17 22.54
CA ALA GC 450 -6.03 -92.01 23.93
C ALA GC 450 -5.15 -91.02 24.70
N ALA GC 451 -3.84 -91.19 24.59
CA ALA GC 451 -2.88 -90.25 25.20
C ALA GC 451 -2.00 -89.61 24.13
N LYS GC 452 -2.16 -88.31 23.93
CA LYS GC 452 -1.51 -87.59 22.82
C LYS GC 452 -0.18 -86.93 23.20
N ALA GC 453 0.92 -87.44 22.67
CA ALA GC 453 2.19 -86.72 22.74
C ALA GC 453 2.88 -86.64 21.37
N SER GC 454 2.92 -85.45 20.79
CA SER GC 454 3.67 -85.21 19.54
C SER GC 454 4.39 -83.86 19.54
N ALA GC 455 5.72 -83.90 19.45
CA ALA GC 455 6.60 -82.73 19.36
C ALA GC 455 6.10 -81.50 20.11
N VAL HC 78 117.86 -27.58 55.00
CA VAL HC 78 117.19 -26.54 54.22
C VAL HC 78 115.78 -26.28 54.77
N GLU HC 79 115.33 -25.04 54.66
CA GLU HC 79 114.03 -24.64 55.20
C GLU HC 79 112.89 -24.83 54.19
N SER HC 80 111.90 -25.66 54.55
CA SER HC 80 110.68 -25.83 53.75
C SER HC 80 109.89 -24.51 53.73
N PHE HC 81 109.25 -24.19 52.60
CA PHE HC 81 108.51 -22.93 52.50
C PHE HC 81 107.44 -22.80 53.60
N ALA HC 82 106.83 -23.93 53.94
CA ALA HC 82 105.84 -23.99 55.02
C ALA HC 82 106.42 -23.50 56.34
N SER HC 83 107.64 -23.95 56.63
CA SER HC 83 108.38 -23.60 57.83
C SER HC 83 108.56 -22.09 57.95
N MET HC 84 108.97 -21.47 56.85
CA MET HC 84 109.18 -20.02 56.80
C MET HC 84 107.88 -19.25 56.98
N LEU HC 85 106.85 -19.69 56.26
CA LEU HC 85 105.55 -19.03 56.28
C LEU HC 85 104.92 -19.04 57.68
N ARG HC 86 104.96 -20.20 58.33
CA ARG HC 86 104.42 -20.37 59.68
C ARG HC 86 104.96 -19.36 60.70
N HIS HC 87 106.26 -19.09 60.61
CA HIS HC 87 106.95 -18.25 61.59
C HIS HC 87 107.15 -16.78 61.19
N SER HC 88 106.77 -16.41 59.97
CA SER HC 88 106.99 -15.04 59.48
C SER HC 88 106.16 -14.02 60.29
N PRO HC 89 106.66 -12.77 60.39
CA PRO HC 89 106.01 -11.71 61.19
C PRO HC 89 104.58 -11.38 60.76
N LEU HC 90 104.26 -11.61 59.49
CA LEU HC 90 102.91 -11.38 58.99
C LEU HC 90 101.95 -12.47 59.45
N THR HC 91 102.45 -13.71 59.51
CA THR HC 91 101.69 -14.83 60.03
C THR HC 91 101.39 -14.65 61.52
N GLN HC 92 102.37 -14.10 62.25
CA GLN HC 92 102.26 -13.87 63.69
C GLN HC 92 101.20 -12.80 64.05
N MET HC 93 100.94 -11.89 63.13
CA MET HC 93 100.04 -10.77 63.36
C MET HC 93 98.56 -11.19 63.37
N GLY HC 94 98.24 -12.24 62.62
CA GLY HC 94 96.87 -12.69 62.48
C GLY HC 94 96.06 -11.70 61.65
N PRO HC 95 94.87 -11.34 62.16
CA PRO HC 95 93.99 -10.36 61.52
C PRO HC 95 94.60 -8.97 61.57
N ALA HC 96 94.60 -8.27 60.44
CA ALA HC 96 95.36 -7.03 60.31
C ALA HC 96 94.59 -5.82 60.86
N LYS HC 97 93.41 -6.08 61.41
CA LYS HC 97 92.58 -4.98 61.93
C LYS HC 97 93.11 -4.43 63.26
N ASN HC 98 93.21 -3.10 63.33
CA ASN HC 98 93.65 -2.37 64.53
C ASN HC 98 95.03 -2.79 65.04
N LYS HC 99 95.96 -3.07 64.12
CA LYS HC 99 97.29 -3.53 64.55
C LYS HC 99 98.32 -2.39 64.56
N LEU HC 100 99.12 -2.32 65.62
CA LEU HC 100 100.17 -1.30 65.68
C LEU HC 100 101.37 -1.75 64.85
N VAL HC 101 101.71 -0.98 63.82
CA VAL HC 101 102.77 -1.39 62.90
C VAL HC 101 103.77 -0.27 62.66
N ILE HC 102 105.01 -0.66 62.35
CA ILE HC 102 106.07 0.28 61.99
C ILE HC 102 106.20 0.34 60.47
N GLY HC 103 106.28 1.55 59.91
CA GLY HC 103 106.36 1.68 58.47
C GLY HC 103 107.24 2.84 58.04
N GLN HC 104 107.65 2.82 56.78
CA GLN HC 104 108.65 3.77 56.29
C GLN HC 104 108.10 4.61 55.13
N ILE HC 105 108.48 5.88 55.06
CA ILE HC 105 108.01 6.75 54.00
C ILE HC 105 108.99 6.71 52.82
N PHE HC 106 108.58 6.09 51.71
CA PHE HC 106 109.44 5.99 50.53
C PHE HC 106 109.12 7.02 49.46
N HIS HC 107 108.02 7.76 49.65
CA HIS HC 107 107.66 8.77 48.67
C HIS HC 107 106.78 9.86 49.24
N ILE HC 108 106.85 11.05 48.64
CA ILE HC 108 106.06 12.19 49.09
C ILE HC 108 105.51 13.01 47.91
N VAL HC 109 104.25 13.38 48.05
CA VAL HC 109 103.57 14.41 47.25
C VAL HC 109 103.13 15.39 48.33
N GLU HC 110 102.68 16.59 47.97
CA GLU HC 110 102.63 17.73 48.90
C GLU HC 110 102.20 17.38 50.33
N ASP HC 111 100.95 16.98 50.50
CA ASP HC 111 100.47 16.54 51.82
C ASP HC 111 100.44 15.01 51.97
N ASP HC 112 100.79 14.29 50.89
CA ASP HC 112 100.62 12.84 50.86
C ASP HC 112 101.91 12.08 51.11
N LEU HC 113 101.87 11.25 52.15
CA LEU HC 113 103.00 10.43 52.55
C LEU HC 113 102.74 8.99 52.14
N TYR HC 114 103.53 8.50 51.18
CA TYR HC 114 103.39 7.14 50.71
C TYR HC 114 104.23 6.23 51.57
N ILE HC 115 103.57 5.37 52.33
CA ILE HC 115 104.22 4.67 53.42
C ILE HC 115 104.23 3.16 53.20
N ASP HC 116 105.43 2.59 53.12
CA ASP HC 116 105.60 1.14 53.02
C ASP HC 116 105.71 0.62 54.45
N PHE HC 117 104.69 -0.12 54.89
CA PHE HC 117 104.71 -0.74 56.21
C PHE HC 117 105.18 -2.19 56.13
N GLY HC 118 105.40 -2.66 54.90
CA GLY HC 118 106.04 -3.95 54.70
C GLY HC 118 105.17 -5.14 54.40
N GLY HC 119 103.84 -4.99 54.47
CA GLY HC 119 102.98 -6.12 54.13
C GLY HC 119 102.82 -6.51 52.65
N LYS HC 120 102.13 -5.70 51.84
CA LYS HC 120 102.13 -5.89 50.39
C LYS HC 120 102.09 -4.56 49.66
N PHE HC 121 100.95 -3.89 49.83
CA PHE HC 121 100.72 -2.55 49.29
C PHE HC 121 101.20 -1.48 50.25
N HIS HC 122 101.66 -0.37 49.69
CA HIS HC 122 101.88 0.82 50.50
C HIS HC 122 100.54 1.40 50.93
N CYS HC 123 100.51 2.09 52.07
CA CYS HC 123 99.34 2.91 52.38
C CYS HC 123 99.69 4.37 52.05
N VAL HC 124 98.71 5.25 52.16
CA VAL HC 124 98.93 6.67 51.91
C VAL HC 124 98.27 7.47 52.99
N CYS HC 125 99.07 8.25 53.72
CA CYS HC 125 98.53 9.03 54.83
C CYS HC 125 98.71 10.52 54.57
N LYS HC 126 97.92 11.35 55.26
CA LYS HC 126 98.12 12.79 55.14
C LYS HC 126 99.09 13.28 56.20
N ARG HC 127 99.94 14.23 55.81
CA ARG HC 127 100.92 14.85 56.70
C ARG HC 127 100.21 15.66 57.81
N PRO HC 128 100.43 15.26 59.08
CA PRO HC 128 99.78 15.95 60.21
C PRO HC 128 100.29 17.38 60.37
N GLU HC 129 99.56 18.19 61.14
CA GLU HC 129 99.93 19.58 61.37
C GLU HC 129 101.05 19.73 62.41
N VAL HC 130 101.10 18.79 63.36
CA VAL HC 130 102.12 18.80 64.41
C VAL HC 130 103.43 18.16 63.90
N ASP HC 131 104.50 18.96 63.90
CA ASP HC 131 105.81 18.58 63.32
C ASP HC 131 105.69 18.10 61.87
N GLY HC 132 105.23 19.00 60.99
CA GLY HC 132 104.98 18.65 59.60
C GLY HC 132 106.24 18.36 58.82
N GLU HC 133 107.32 19.06 59.14
CA GLU HC 133 108.57 18.98 58.37
C GLU HC 133 109.47 17.83 58.84
N LYS HC 134 109.08 17.18 59.93
CA LYS HC 134 109.82 16.03 60.45
C LYS HC 134 109.58 14.78 59.60
N TYR HC 135 108.61 14.85 58.70
CA TYR HC 135 108.27 13.73 57.82
C TYR HC 135 108.91 13.92 56.44
N GLN HC 136 109.89 13.06 56.15
CA GLN HC 136 110.65 13.12 54.91
C GLN HC 136 110.86 11.71 54.38
N LYS HC 137 111.35 11.62 53.15
CA LYS HC 137 111.68 10.33 52.54
C LYS HC 137 112.71 9.61 53.41
N GLY HC 138 112.41 8.36 53.78
CA GLY HC 138 113.28 7.59 54.66
C GLY HC 138 112.85 7.60 56.12
N THR HC 139 112.01 8.57 56.49
CA THR HC 139 111.50 8.68 57.87
C THR HC 139 110.76 7.40 58.27
N ARG HC 140 110.81 7.05 59.55
CA ARG HC 140 110.02 5.92 60.02
C ARG HC 140 108.88 6.42 60.91
N VAL HC 141 107.74 5.73 60.85
CA VAL HC 141 106.51 6.12 61.54
C VAL HC 141 105.73 4.95 62.15
N ARG HC 142 104.79 5.29 63.03
CA ARG HC 142 103.88 4.35 63.67
C ARG HC 142 102.46 4.46 63.10
N LEU HC 143 101.91 3.32 62.73
CA LEU HC 143 100.62 3.21 62.06
C LEU HC 143 99.67 2.33 62.84
N ARG HC 144 98.36 2.60 62.70
CA ARG HC 144 97.35 1.62 63.10
C ARG HC 144 96.70 1.06 61.84
N LEU HC 145 97.00 -0.20 61.58
CA LEU HC 145 96.51 -0.94 60.42
C LEU HC 145 95.06 -1.34 60.60
N LEU HC 146 94.25 -0.93 59.61
CA LEU HC 146 92.84 -1.29 59.51
C LEU HC 146 92.71 -2.44 58.52
N ASP HC 147 93.10 -2.18 57.26
CA ASP HC 147 92.99 -3.17 56.19
C ASP HC 147 94.29 -3.34 55.40
N LEU HC 148 94.66 -4.61 55.21
CA LEU HC 148 95.86 -4.98 54.45
C LEU HC 148 95.75 -4.54 52.99
N GLU HC 149 94.57 -4.77 52.43
CA GLU HC 149 94.25 -4.41 51.05
C GLU HC 149 92.80 -3.91 51.00
N LEU HC 150 92.60 -2.71 50.43
CA LEU HC 150 91.24 -2.19 50.31
C LEU HC 150 90.58 -2.76 49.06
N THR HC 151 89.50 -3.50 49.29
CA THR HC 151 88.86 -4.31 48.26
C THR HC 151 87.37 -4.46 48.57
N SER HC 152 86.52 -4.43 47.54
CA SER HC 152 85.12 -4.77 47.72
C SER HC 152 84.54 -5.27 46.41
N ARG HC 153 83.46 -6.04 46.48
CA ARG HC 153 82.75 -6.41 45.27
C ARG HC 153 81.60 -5.45 45.07
N PHE HC 154 81.31 -5.10 43.83
CA PHE HC 154 80.26 -4.13 43.53
C PHE HC 154 79.19 -4.74 42.60
N LEU HC 155 78.05 -4.05 42.49
CA LEU HC 155 76.88 -4.57 41.76
C LEU HC 155 77.22 -4.99 40.33
N GLY HC 156 76.91 -6.26 40.03
CA GLY HC 156 77.10 -6.80 38.70
C GLY HC 156 78.53 -7.01 38.26
N ALA HC 157 79.44 -7.29 39.19
CA ALA HC 157 80.83 -7.57 38.83
C ALA HC 157 81.22 -9.02 39.12
N THR HC 158 82.11 -9.59 38.30
CA THR HC 158 82.55 -10.98 38.46
C THR HC 158 83.61 -11.16 39.55
N THR HC 159 84.45 -10.14 39.72
CA THR HC 159 85.53 -10.16 40.70
C THR HC 159 85.53 -8.86 41.49
N ASP HC 160 86.35 -8.82 42.54
CA ASP HC 160 86.41 -7.64 43.38
C ASP HC 160 87.17 -6.51 42.71
N THR HC 161 87.18 -5.36 43.38
CA THR HC 161 87.79 -4.16 42.82
C THR HC 161 88.93 -3.71 43.75
N THR HC 162 90.16 -3.87 43.28
CA THR HC 162 91.34 -3.53 44.07
C THR HC 162 91.75 -2.07 43.89
N ILE HC 163 91.92 -1.39 45.01
CA ILE HC 163 92.33 0.01 45.01
C ILE HC 163 93.86 0.09 44.93
N LEU HC 164 94.49 -1.08 45.09
CA LEU HC 164 95.94 -1.23 45.08
C LEU HC 164 96.62 -0.41 46.19
N GLU HC 165 95.97 -0.36 47.35
CA GLU HC 165 96.47 0.34 48.53
C GLU HC 165 96.17 -0.46 49.80
N ALA HC 166 96.73 -0.01 50.91
CA ALA HC 166 96.32 -0.49 52.22
C ALA HC 166 95.68 0.65 52.99
N ASP HC 167 94.87 0.31 53.99
CA ASP HC 167 94.20 1.30 54.82
C ASP HC 167 94.83 1.39 56.20
N ALA HC 168 95.34 2.57 56.56
CA ALA HC 168 95.96 2.75 57.87
C ALA HC 168 95.69 4.14 58.45
N VAL HC 169 95.93 4.27 59.75
CA VAL HC 169 95.91 5.57 60.42
C VAL HC 169 97.34 5.94 60.85
N LEU HC 170 97.79 7.12 60.45
CA LEU HC 170 99.10 7.61 60.88
C LEU HC 170 98.98 8.19 62.29
N LEU HC 171 99.71 7.61 63.23
CA LEU HC 171 99.60 7.98 64.64
C LEU HC 171 100.61 9.08 64.99
N GLY HC 172 101.88 8.69 64.99
CA GLY HC 172 102.98 9.60 65.22
C GLY HC 172 104.19 8.96 64.56
N LEU HC 173 105.37 9.53 64.75
CA LEU HC 173 106.54 8.96 64.09
C LEU HC 173 107.54 8.33 65.06
N GLN HC 174 107.54 7.00 65.08
CA GLN HC 174 108.67 6.17 65.55
C GLN HC 174 109.32 6.68 66.84
N GLU HC 175 108.53 6.86 67.89
CA GLU HC 175 109.08 7.36 69.15
C GLU HC 175 110.22 6.45 69.62
N SER HC 176 111.38 7.06 69.83
CA SER HC 176 112.62 6.33 70.09
C SER HC 176 113.59 7.13 70.95
N ARG IC 45 85.62 89.73 36.12
CA ARG IC 45 86.27 91.02 36.35
C ARG IC 45 86.07 91.96 35.16
N ALA IC 46 85.70 91.38 34.02
CA ALA IC 46 85.59 92.13 32.77
C ALA IC 46 84.37 93.05 32.73
N ILE IC 47 84.47 94.11 31.94
CA ILE IC 47 83.42 95.12 31.80
C ILE IC 47 82.55 94.83 30.58
N SER IC 48 81.22 94.87 30.75
CA SER IC 48 80.32 94.60 29.63
C SER IC 48 79.35 95.74 29.31
N ARG IC 49 78.29 95.85 30.11
CA ARG IC 49 77.22 96.81 29.85
C ARG IC 49 77.43 98.13 30.61
N THR IC 50 78.60 98.27 31.22
CA THR IC 50 78.85 99.36 32.17
C THR IC 50 79.14 100.69 31.45
N SER IC 51 79.15 100.66 30.12
CA SER IC 51 79.28 101.89 29.34
C SER IC 51 78.03 102.76 29.43
N GLU IC 52 78.23 104.05 29.65
CA GLU IC 52 77.14 105.02 29.65
C GLU IC 52 76.75 105.30 28.20
N ASP IC 53 75.45 105.33 27.91
CA ASP IC 53 75.00 105.27 26.52
C ASP IC 53 74.84 106.66 25.88
N ASP IC 54 75.75 106.97 24.98
CA ASP IC 54 75.70 108.19 24.19
C ASP IC 54 76.20 107.94 22.77
N PRO IC 55 75.30 107.51 21.86
CA PRO IC 55 75.62 107.10 20.47
C PRO IC 55 76.57 108.04 19.74
N ALA IC 56 76.49 109.33 20.07
CA ALA IC 56 77.40 110.35 19.55
C ALA IC 56 78.73 110.39 20.30
N LYS IC 57 78.66 110.28 21.63
CA LYS IC 57 79.83 110.48 22.51
C LYS IC 57 80.64 109.23 22.81
N HIS IC 58 80.34 108.13 22.13
CA HIS IC 58 81.09 106.88 22.27
C HIS IC 58 82.59 107.07 22.09
N ARG IC 59 83.36 106.58 23.06
CA ARG IC 59 84.80 106.83 23.15
C ARG IC 59 85.59 105.62 22.66
N GLU IC 60 86.76 105.87 22.09
CA GLU IC 60 87.63 104.82 21.55
C GLU IC 60 88.14 103.85 22.62
N GLN IC 61 88.19 104.29 23.87
CA GLN IC 61 88.61 103.43 24.98
C GLN IC 61 87.41 102.80 25.70
N HIS IC 62 86.21 103.07 25.18
CA HIS IC 62 84.96 102.42 25.61
C HIS IC 62 84.69 101.19 24.74
N GLU IC 63 85.68 100.84 23.91
CA GLU IC 63 85.61 99.71 22.99
C GLU IC 63 85.24 98.38 23.66
N GLY IC 64 84.25 97.70 23.07
CA GLY IC 64 83.83 96.39 23.55
C GLY IC 64 82.85 96.44 24.71
N GLN IC 65 82.08 97.52 24.80
CA GLN IC 65 81.08 97.66 25.86
C GLN IC 65 79.66 97.75 25.30
N HIS IC 66 78.68 97.24 26.04
CA HIS IC 66 77.31 97.17 25.55
C HIS IC 66 76.45 98.31 26.10
N TYR IC 67 76.11 99.27 25.25
CA TYR IC 67 75.17 100.32 25.64
C TYR IC 67 73.74 99.81 25.49
N ASN IC 68 72.83 100.38 26.28
CA ASN IC 68 71.43 99.93 26.32
C ASN IC 68 70.49 100.84 25.53
N ILE IC 69 69.51 100.23 24.85
CA ILE IC 69 68.52 100.98 24.09
C ILE IC 69 67.11 100.65 24.62
N SER IC 70 66.18 101.62 24.57
CA SER IC 70 64.82 101.38 25.02
C SER IC 70 64.03 100.54 24.01
N LEU IC 71 62.80 100.16 24.36
CA LEU IC 71 61.93 99.40 23.46
C LEU IC 71 61.21 100.30 22.47
N GLN IC 72 60.76 101.45 22.95
CA GLN IC 72 60.11 102.44 22.10
C GLN IC 72 61.15 103.06 21.16
N GLU IC 73 62.40 103.06 21.61
CA GLU IC 73 63.53 103.41 20.76
C GLU IC 73 63.69 102.38 19.64
N LEU IC 74 63.48 101.11 19.99
CA LEU IC 74 63.52 100.01 19.02
C LEU IC 74 62.36 100.07 18.02
N LYS IC 75 61.22 100.59 18.47
CA LYS IC 75 60.03 100.71 17.62
C LYS IC 75 60.08 101.92 16.69
N THR IC 76 60.65 103.03 17.18
CA THR IC 76 60.78 104.24 16.39
C THR IC 76 61.99 104.21 15.42
N VAL IC 77 63.13 103.71 15.89
CA VAL IC 77 64.35 103.71 15.08
C VAL IC 77 64.39 102.55 14.05
N PHE IC 78 63.93 101.36 14.43
CA PHE IC 78 63.91 100.22 13.51
C PHE IC 78 62.50 99.64 13.27
N PRO IC 79 61.63 100.40 12.59
CA PRO IC 79 60.35 99.81 12.17
C PRO IC 79 60.59 98.79 11.06
N HIS IC 80 61.69 99.01 10.34
CA HIS IC 80 62.19 98.07 9.36
C HIS IC 80 62.82 96.88 10.09
N GLY IC 81 63.40 95.96 9.32
CA GLY IC 81 63.99 94.75 9.90
C GLY IC 81 65.21 94.96 10.77
N LEU IC 82 65.27 94.21 11.86
CA LEU IC 82 66.47 94.06 12.68
C LEU IC 82 66.85 92.58 12.53
N PRO IC 83 68.16 92.25 12.50
CA PRO IC 83 68.52 90.85 12.18
C PRO IC 83 67.83 89.83 13.09
N PRO IC 84 67.16 88.82 12.50
CA PRO IC 84 66.28 87.89 13.21
C PRO IC 84 66.90 87.32 14.50
N ARG IC 85 68.19 86.97 14.45
CA ARG IC 85 68.92 86.42 15.59
C ARG IC 85 69.04 87.41 16.75
N PHE IC 86 69.33 88.66 16.42
CA PHE IC 86 69.39 89.72 17.41
C PHE IC 86 67.99 90.12 17.91
N ALA IC 87 66.98 90.04 17.05
CA ALA IC 87 65.59 90.26 17.45
C ALA IC 87 65.18 89.22 18.50
N MET IC 88 65.63 87.99 18.29
CA MET IC 88 65.49 86.92 19.27
C MET IC 88 66.22 87.26 20.59
N GLN IC 89 67.46 87.74 20.47
CA GLN IC 89 68.25 88.17 21.64
C GLN IC 89 67.50 89.17 22.51
N VAL IC 90 66.99 90.23 21.87
CA VAL IC 90 66.22 91.26 22.56
C VAL IC 90 64.93 90.71 23.18
N LYS IC 91 64.13 89.99 22.39
CA LYS IC 91 62.86 89.48 22.90
C LYS IC 91 63.06 88.52 24.09
N THR IC 92 64.16 87.77 24.07
CA THR IC 92 64.50 86.85 25.14
C THR IC 92 64.94 87.59 26.40
N PHE IC 93 65.88 88.53 26.24
CA PHE IC 93 66.44 89.23 27.40
C PHE IC 93 65.56 90.38 27.90
N ASN IC 94 64.62 90.83 27.06
CA ASN IC 94 63.82 92.05 27.30
C ASN IC 94 64.68 93.32 27.27
N GLU IC 95 66.00 93.12 27.15
CA GLU IC 95 66.95 94.21 27.06
C GLU IC 95 67.62 94.20 25.70
N ALA IC 96 67.59 95.32 25.00
CA ALA IC 96 68.38 95.48 23.78
C ALA IC 96 69.71 96.13 24.13
N CYS IC 97 70.78 95.33 24.06
CA CYS IC 97 72.12 95.79 24.41
C CYS IC 97 73.04 95.59 23.20
N LEU IC 98 73.74 96.66 22.80
CA LEU IC 98 74.61 96.57 21.63
C LEU IC 98 76.06 96.93 21.97
N MET IC 99 77.00 96.11 21.49
CA MET IC 99 78.43 96.31 21.75
C MET IC 99 79.04 97.28 20.75
N VAL IC 100 79.92 98.15 21.25
CA VAL IC 100 80.62 99.12 20.42
C VAL IC 100 81.86 98.49 19.77
N ARG IC 101 81.91 98.53 18.44
CA ARG IC 101 83.00 97.92 17.68
C ARG IC 101 83.81 98.99 16.92
N LYS IC 102 85.05 98.65 16.56
CA LYS IC 102 85.96 99.60 15.90
C LYS IC 102 85.55 100.09 14.49
N PRO IC 103 84.99 99.20 13.63
CA PRO IC 103 84.49 99.73 12.35
C PRO IC 103 83.30 100.70 12.50
N ALA IC 104 82.45 100.44 13.49
CA ALA IC 104 81.32 101.32 13.81
C ALA IC 104 81.79 102.68 14.37
N LEU IC 105 82.81 102.65 15.24
CA LEU IC 105 83.42 103.87 15.78
C LEU IC 105 84.08 104.70 14.68
N GLU IC 106 84.78 104.00 13.77
CA GLU IC 106 85.41 104.62 12.61
C GLU IC 106 84.38 105.30 11.69
N LEU IC 107 83.31 104.58 11.34
CA LEU IC 107 82.28 105.14 10.44
C LEU IC 107 81.50 106.29 11.12
N LEU IC 108 81.24 106.17 12.42
CA LEU IC 108 80.65 107.27 13.18
C LEU IC 108 81.56 108.50 13.19
N HIS IC 109 82.87 108.26 13.28
CA HIS IC 109 83.86 109.33 13.25
C HIS IC 109 83.97 109.98 11.87
N TYR IC 110 83.60 109.23 10.83
CA TYR IC 110 83.49 109.81 9.49
C TYR IC 110 82.12 110.48 9.27
N LEU IC 111 81.16 110.18 10.14
CA LEU IC 111 79.86 110.86 10.10
C LEU IC 111 79.77 112.05 11.08
N LYS IC 112 80.82 112.25 11.87
CA LYS IC 112 80.93 113.44 12.72
C LYS IC 112 81.40 114.65 11.91
N ASN IC 113 82.39 114.40 11.07
CA ASN IC 113 83.10 115.42 10.31
C ASN IC 113 82.47 115.71 8.95
N THR IC 114 81.30 115.12 8.71
CA THR IC 114 80.61 115.26 7.42
C THR IC 114 80.36 116.72 7.02
N ASN IC 115 80.81 117.06 5.82
CA ASN IC 115 80.51 118.35 5.22
C ASN IC 115 79.37 118.17 4.22
N PHE IC 116 78.20 118.68 4.57
CA PHE IC 116 76.98 118.44 3.82
C PHE IC 116 76.92 119.26 2.53
N ALA IC 117 77.88 120.17 2.38
CA ALA IC 117 78.03 120.94 1.14
C ALA IC 117 78.66 120.07 0.05
N HIS IC 118 79.58 119.20 0.47
CA HIS IC 118 80.19 118.22 -0.43
C HIS IC 118 79.14 117.22 -0.91
N PRO IC 119 79.34 116.62 -2.10
CA PRO IC 119 78.42 115.58 -2.59
C PRO IC 119 78.35 114.37 -1.66
N ALA IC 120 77.29 113.57 -1.79
CA ALA IC 120 77.06 112.42 -0.91
C ALA IC 120 78.22 111.41 -0.94
N VAL IC 121 78.71 111.04 0.24
CA VAL IC 121 79.83 110.10 0.38
C VAL IC 121 79.32 108.66 0.50
N ARG IC 122 79.99 107.74 -0.22
CA ARG IC 122 79.63 106.33 -0.19
C ARG IC 122 80.57 105.53 0.73
N TYR IC 123 79.98 104.86 1.72
CA TYR IC 123 80.75 103.97 2.60
C TYR IC 123 80.31 102.53 2.33
N VAL IC 124 81.20 101.57 2.51
CA VAL IC 124 80.86 100.16 2.30
C VAL IC 124 81.43 99.26 3.41
N LEU IC 125 80.57 98.51 4.07
CA LEU IC 125 81.00 97.56 5.10
C LEU IC 125 81.09 96.14 4.53
N TYR IC 126 82.31 95.62 4.43
CA TYR IC 126 82.47 94.24 3.95
C TYR IC 126 83.10 93.36 5.03
N GLY IC 127 82.87 92.05 4.92
CA GLY IC 127 83.43 91.10 5.87
C GLY IC 127 82.92 89.68 5.70
N GLU IC 128 83.50 88.76 6.45
CA GLU IC 128 83.13 87.34 6.40
C GLU IC 128 81.70 87.13 6.92
N LYS IC 129 81.08 86.00 6.57
CA LYS IC 129 79.70 85.74 6.98
C LYS IC 129 79.53 85.64 8.51
N GLY IC 130 78.55 86.37 9.03
CA GLY IC 130 78.26 86.38 10.46
C GLY IC 130 79.21 87.21 11.30
N THR IC 131 79.90 88.17 10.68
CA THR IC 131 80.88 89.02 11.40
C THR IC 131 80.35 90.32 12.03
N GLY IC 132 79.04 90.56 11.99
CA GLY IC 132 78.45 91.74 12.61
C GLY IC 132 78.30 93.01 11.79
N LYS IC 133 78.09 92.86 10.48
CA LYS IC 133 77.91 93.98 9.54
C LYS IC 133 76.59 94.76 9.69
N THR IC 134 75.46 94.05 9.68
CA THR IC 134 74.14 94.70 9.79
C THR IC 134 73.96 95.35 11.18
N LEU IC 135 74.65 94.83 12.20
CA LEU IC 135 74.60 95.44 13.53
C LEU IC 135 75.49 96.70 13.63
N SER IC 136 76.57 96.74 12.85
CA SER IC 136 77.38 97.97 12.71
C SER IC 136 76.72 99.01 11.76
N LEU IC 137 75.73 98.57 10.96
CA LEU IC 137 74.85 99.47 10.21
C LEU IC 137 73.73 100.04 11.10
N CYS IC 138 73.26 99.21 12.03
CA CYS IC 138 72.21 99.59 12.98
C CYS IC 138 72.72 100.58 14.04
N HIS IC 139 73.96 100.39 14.49
CA HIS IC 139 74.65 101.35 15.36
C HIS IC 139 74.51 102.78 14.80
N ILE IC 140 75.07 102.95 13.60
CA ILE IC 140 74.94 104.16 12.79
C ILE IC 140 73.49 104.62 12.62
N LEU IC 141 72.59 103.70 12.26
CA LEU IC 141 71.19 104.02 11.99
C LEU IC 141 70.52 104.69 13.20
N HIS IC 142 70.78 104.15 14.38
CA HIS IC 142 70.18 104.67 15.62
C HIS IC 142 70.89 105.91 16.17
N PHE IC 143 72.20 106.03 15.97
CA PHE IC 143 72.91 107.28 16.28
C PHE IC 143 72.38 108.44 15.43
N CYS IC 144 72.15 108.17 14.15
CA CYS IC 144 71.66 109.19 13.20
C CYS IC 144 70.15 109.41 13.31
N ALA IC 145 69.45 108.47 13.94
CA ALA IC 145 68.07 108.71 14.33
C ALA IC 145 68.02 109.52 15.64
N LYS IC 146 69.12 109.50 16.39
CA LYS IC 146 69.25 110.30 17.61
C LYS IC 146 69.65 111.76 17.33
N GLN IC 147 70.28 112.00 16.19
CA GLN IC 147 70.67 113.35 15.78
C GLN IC 147 69.55 113.99 14.95
N ASN IC 148 68.43 113.29 14.85
CA ASN IC 148 67.25 113.70 14.08
C ASN IC 148 67.56 113.92 12.60
N TRP IC 149 67.81 112.82 11.90
CA TRP IC 149 67.98 112.85 10.45
C TRP IC 149 66.75 112.19 9.82
N LEU IC 150 66.74 112.12 8.49
CA LEU IC 150 65.74 111.36 7.77
C LEU IC 150 66.34 109.98 7.48
N ILE IC 151 65.80 108.95 8.12
CA ILE IC 151 66.35 107.60 8.00
C ILE IC 151 65.60 106.79 6.94
N LEU IC 152 66.31 106.48 5.86
CA LEU IC 152 65.80 105.63 4.79
C LEU IC 152 66.50 104.28 4.88
N HIS IC 153 65.78 103.23 5.30
CA HIS IC 153 66.42 101.94 5.55
C HIS IC 153 65.80 100.77 4.75
N ILE IC 154 66.65 100.03 4.06
CA ILE IC 154 66.28 98.79 3.38
C ILE IC 154 67.00 97.62 4.08
N PRO IC 155 66.23 96.79 4.82
CA PRO IC 155 66.81 95.71 5.65
C PRO IC 155 67.62 94.69 4.85
N ASP IC 156 67.05 94.21 3.75
CA ASP IC 156 67.79 93.44 2.75
C ASP IC 156 67.34 93.85 1.36
N ALA IC 157 68.29 94.27 0.52
CA ALA IC 157 67.98 94.62 -0.86
C ALA IC 157 67.73 93.34 -1.68
N HIS IC 158 68.07 92.20 -1.10
CA HIS IC 158 67.94 90.90 -1.76
C HIS IC 158 66.48 90.43 -1.84
N ILE IC 159 65.68 90.78 -0.83
CA ILE IC 159 64.28 90.36 -0.73
C ILE IC 159 63.44 90.86 -1.92
N TRP IC 160 63.85 91.98 -2.50
CA TRP IC 160 63.14 92.60 -3.62
C TRP IC 160 63.48 91.85 -4.92
N VAL IC 161 64.68 91.26 -4.97
CA VAL IC 161 65.20 90.55 -6.14
C VAL IC 161 64.76 89.08 -6.24
N LYS IC 162 64.33 88.50 -5.11
CA LYS IC 162 64.06 87.06 -5.05
C LYS IC 162 62.74 86.74 -4.34
N ASN IC 163 62.11 85.63 -4.73
CA ASN IC 163 60.91 85.10 -4.07
C ASN IC 163 59.71 86.05 -4.01
N CYS IC 164 59.34 86.60 -5.16
CA CYS IC 164 58.18 87.49 -5.23
C CYS IC 164 56.96 86.77 -5.81
N ARG IC 165 55.93 86.66 -4.97
CA ARG IC 165 54.66 86.06 -5.39
C ARG IC 165 54.06 86.84 -6.54
N ASP IC 166 53.85 88.13 -6.32
CA ASP IC 166 53.21 89.02 -7.30
C ASP IC 166 54.24 89.90 -8.02
N LEU IC 167 54.31 89.74 -9.34
CA LEU IC 167 55.17 90.55 -10.18
C LEU IC 167 54.29 91.30 -11.18
N LEU IC 168 54.19 92.62 -11.05
CA LEU IC 168 53.26 93.40 -11.88
C LEU IC 168 53.98 94.10 -13.04
N GLN IC 169 53.32 94.19 -14.19
CA GLN IC 169 53.93 94.82 -15.36
C GLN IC 169 53.49 96.29 -15.50
N SER IC 170 54.47 97.15 -15.78
CA SER IC 170 54.24 98.59 -15.88
C SER IC 170 54.93 99.20 -17.11
N ASN IC 171 54.12 99.79 -18.00
CA ASN IC 171 54.65 100.49 -19.17
C ASN IC 171 54.79 101.99 -18.93
N TYR IC 172 54.40 102.43 -17.73
CA TYR IC 172 54.52 103.84 -17.33
C TYR IC 172 56.00 104.21 -17.23
N ASN IC 173 56.79 103.23 -16.80
CA ASN IC 173 58.23 103.35 -16.64
C ASN IC 173 59.02 102.84 -17.86
N LYS IC 174 58.31 102.56 -18.95
CA LYS IC 174 58.88 101.96 -20.17
C LYS IC 174 59.42 100.55 -19.93
N GLN IC 175 58.49 99.60 -19.80
CA GLN IC 175 58.77 98.17 -19.61
C GLN IC 175 59.54 97.91 -18.31
N ARG IC 176 58.89 98.18 -17.18
CA ARG IC 176 59.46 97.89 -15.87
C ARG IC 176 58.46 97.16 -14.97
N PHE IC 177 58.98 96.29 -14.10
CA PHE IC 177 58.13 95.48 -13.24
C PHE IC 177 58.14 96.00 -11.79
N ASP IC 178 57.01 95.83 -11.12
CA ASP IC 178 56.87 96.32 -9.74
C ASP IC 178 56.43 95.24 -8.75
N GLN IC 179 56.75 95.48 -7.48
CA GLN IC 179 56.49 94.57 -6.36
C GLN IC 179 55.57 95.22 -5.33
N PRO IC 180 54.24 95.03 -5.48
CA PRO IC 180 53.24 95.67 -4.62
C PRO IC 180 53.40 95.34 -3.13
N LEU IC 181 53.62 94.06 -2.83
CA LEU IC 181 53.81 93.56 -1.47
C LEU IC 181 54.97 94.25 -0.75
N GLU IC 182 56.17 94.08 -1.30
CA GLU IC 182 57.40 94.64 -0.76
C GLU IC 182 57.34 96.17 -0.59
N ALA IC 183 56.87 96.86 -1.63
CA ALA IC 183 56.73 98.31 -1.60
C ALA IC 183 55.76 98.77 -0.49
N SER IC 184 54.63 98.06 -0.35
CA SER IC 184 53.68 98.36 0.72
C SER IC 184 54.28 98.15 2.13
N THR IC 185 54.98 97.04 2.32
CA THR IC 185 55.65 96.75 3.60
C THR IC 185 56.70 97.83 3.96
N TRP IC 186 57.56 98.14 2.99
CA TRP IC 186 58.60 99.15 3.17
C TRP IC 186 58.00 100.53 3.45
N LEU IC 187 56.89 100.87 2.80
CA LEU IC 187 56.19 102.14 3.04
C LEU IC 187 55.54 102.19 4.44
N LYS IC 188 55.00 101.05 4.88
CA LYS IC 188 54.38 100.95 6.20
C LYS IC 188 55.40 101.01 7.34
N ASN IC 189 56.62 100.55 7.08
CA ASN IC 189 57.72 100.70 8.03
C ASN IC 189 58.34 102.11 8.00
N PHE IC 190 58.35 102.72 6.81
CA PHE IC 190 58.88 104.08 6.59
C PHE IC 190 57.96 105.15 7.18
N LYS IC 191 56.66 104.85 7.28
CA LYS IC 191 55.71 105.76 7.92
C LYS IC 191 56.02 105.90 9.41
N THR IC 192 56.31 104.78 10.07
CA THR IC 192 56.65 104.76 11.50
C THR IC 192 58.10 105.22 11.74
N ALA IC 193 58.96 105.02 10.74
CA ALA IC 193 60.37 105.42 10.84
C ALA IC 193 60.51 106.90 11.24
N ASN IC 194 60.14 107.79 10.33
CA ASN IC 194 60.14 109.22 10.63
C ASN IC 194 58.77 109.87 10.46
N GLU IC 195 58.13 110.22 11.58
CA GLU IC 195 56.86 110.94 11.55
C GLU IC 195 57.01 112.46 11.44
N HIS IC 196 58.00 113.01 12.16
CA HIS IC 196 58.18 114.47 12.27
C HIS IC 196 58.38 115.15 10.92
N PHE IC 197 59.18 114.52 10.06
CA PHE IC 197 59.56 115.12 8.78
C PHE IC 197 58.52 114.92 7.68
N LEU IC 198 57.61 113.96 7.84
CA LEU IC 198 56.61 113.68 6.81
C LEU IC 198 55.54 114.77 6.73
N SER IC 199 55.31 115.46 7.85
CA SER IC 199 54.41 116.61 7.89
C SER IC 199 55.09 117.89 7.39
N GLN IC 200 56.40 117.96 7.61
CA GLN IC 200 57.20 119.17 7.34
C GLN IC 200 57.56 119.37 5.86
N ILE IC 201 57.90 118.28 5.17
CA ILE IC 201 58.23 118.35 3.74
C ILE IC 201 57.04 118.85 2.92
N LYS IC 202 57.31 119.69 1.93
CA LYS IC 202 56.29 120.09 0.97
C LYS IC 202 56.70 119.60 -0.42
N VAL IC 203 55.93 118.67 -0.95
CA VAL IC 203 56.19 118.08 -2.26
C VAL IC 203 55.88 119.07 -3.38
N GLN IC 204 56.83 119.32 -4.27
CA GLN IC 204 56.53 120.17 -5.42
C GLN IC 204 56.58 119.37 -6.73
N GLU IC 205 55.39 118.94 -7.15
CA GLU IC 205 55.15 118.24 -8.41
C GLU IC 205 53.65 118.20 -8.70
N LYS IC 206 53.28 117.86 -9.93
CA LYS IC 206 51.91 117.42 -10.20
C LYS IC 206 51.93 115.90 -10.43
N TYR IC 207 51.37 115.14 -9.48
CA TYR IC 207 51.44 113.67 -9.50
C TYR IC 207 50.10 113.01 -9.84
N VAL IC 208 50.13 112.07 -10.78
CA VAL IC 208 48.94 111.35 -11.22
C VAL IC 208 48.96 109.88 -10.79
N TRP IC 209 48.11 109.54 -9.82
CA TRP IC 209 47.92 108.14 -9.40
C TRP IC 209 47.01 107.38 -10.36
N ASN IC 210 45.87 107.99 -10.66
CA ASN IC 210 44.83 107.39 -11.49
C ASN IC 210 44.21 108.44 -12.41
N LYS IC 211 43.39 108.02 -13.36
CA LYS IC 211 42.61 108.97 -14.14
C LYS IC 211 41.62 109.71 -13.23
N ARG IC 212 41.21 109.05 -12.15
CA ARG IC 212 40.24 109.63 -11.20
C ARG IC 212 40.86 110.22 -9.93
N GLU IC 213 42.16 110.10 -9.75
CA GLU IC 213 42.82 110.57 -8.53
C GLU IC 213 44.18 111.19 -8.82
N SER IC 214 44.54 112.19 -8.03
CA SER IC 214 45.83 112.86 -8.18
C SER IC 214 46.25 113.55 -6.88
N THR IC 215 47.55 113.87 -6.78
CA THR IC 215 48.06 114.69 -5.68
C THR IC 215 48.95 115.81 -6.26
N GLU IC 216 48.62 117.05 -5.91
CA GLU IC 216 49.25 118.23 -6.50
C GLU IC 216 50.09 118.98 -5.47
N LYS IC 217 51.08 119.73 -5.95
CA LYS IC 217 52.15 120.27 -5.10
C LYS IC 217 51.66 121.10 -3.91
N GLY IC 218 52.42 121.04 -2.83
CA GLY IC 218 52.08 121.71 -1.58
C GLY IC 218 51.63 120.75 -0.50
N ARG IC 219 51.63 119.45 -0.82
CA ARG IC 219 51.23 118.41 0.12
C ARG IC 219 52.38 117.96 1.01
N PRO IC 220 52.11 117.71 2.30
CA PRO IC 220 53.08 117.02 3.17
C PRO IC 220 53.32 115.59 2.66
N LEU IC 221 54.54 115.08 2.81
CA LEU IC 221 54.91 113.78 2.21
C LEU IC 221 54.21 112.60 2.90
N GLY IC 222 53.73 112.82 4.13
CA GLY IC 222 52.96 111.80 4.85
C GLY IC 222 51.74 111.37 4.05
N GLU IC 223 51.13 112.32 3.36
CA GLU IC 223 49.95 112.08 2.53
C GLU IC 223 50.28 111.20 1.32
N VAL IC 224 51.45 111.41 0.72
CA VAL IC 224 51.90 110.59 -0.41
C VAL IC 224 52.26 109.15 0.04
N VAL IC 225 53.00 109.05 1.16
CA VAL IC 225 53.35 107.74 1.73
C VAL IC 225 52.09 106.92 2.10
N GLU IC 226 51.10 107.55 2.73
CA GLU IC 226 49.86 106.84 3.10
C GLU IC 226 48.91 106.61 1.92
N GLN IC 227 49.02 107.46 0.89
CA GLN IC 227 48.28 107.26 -0.36
C GLN IC 227 48.88 106.09 -1.14
N GLY IC 228 50.15 105.79 -0.88
CA GLY IC 228 50.81 104.61 -1.43
C GLY IC 228 50.64 103.35 -0.60
N ILE IC 229 50.43 103.52 0.70
CA ILE IC 229 50.13 102.40 1.61
C ILE IC 229 48.70 101.89 1.39
N MET IC 230 47.74 102.82 1.34
CA MET IC 230 46.31 102.49 1.17
C MET IC 230 46.03 101.74 -0.13
N ARG IC 231 46.50 102.27 -1.25
CA ARG IC 231 46.41 101.59 -2.54
C ARG IC 231 47.69 100.82 -2.80
N VAL IC 232 47.60 99.48 -2.80
CA VAL IC 232 48.77 98.62 -2.98
C VAL IC 232 49.19 98.53 -4.45
N ARG IC 233 48.25 98.82 -5.34
CA ARG IC 233 48.47 98.74 -6.79
C ARG IC 233 49.63 99.62 -7.26
N ASN IC 234 49.56 100.90 -6.90
CA ASN IC 234 50.57 101.88 -7.27
C ASN IC 234 51.65 102.16 -6.22
N ALA IC 235 51.65 101.40 -5.13
CA ALA IC 235 52.58 101.61 -4.01
C ALA IC 235 54.06 101.71 -4.43
N THR IC 236 54.44 101.01 -5.50
CA THR IC 236 55.81 101.03 -6.00
C THR IC 236 56.18 102.37 -6.65
N ASP IC 237 55.25 102.91 -7.45
CA ASP IC 237 55.43 104.24 -8.05
C ASP IC 237 55.46 105.29 -6.93
N ALA IC 238 54.76 105.00 -5.83
CA ALA IC 238 54.80 105.87 -4.65
C ALA IC 238 56.16 105.81 -3.93
N VAL IC 239 56.80 104.62 -3.93
CA VAL IC 239 58.15 104.47 -3.38
C VAL IC 239 59.20 105.20 -4.25
N GLY IC 240 59.11 105.03 -5.57
CA GLY IC 240 59.99 105.73 -6.49
C GLY IC 240 59.83 107.24 -6.46
N ILE IC 241 58.58 107.69 -6.32
CA ILE IC 241 58.23 109.10 -6.18
C ILE IC 241 58.76 109.70 -4.86
N VAL IC 242 58.53 109.00 -3.75
CA VAL IC 242 59.09 109.39 -2.45
C VAL IC 242 60.61 109.50 -2.54
N LEU IC 243 61.24 108.57 -3.26
CA LEU IC 243 62.70 108.55 -3.42
C LEU IC 243 63.26 109.73 -4.25
N LYS IC 244 62.72 109.94 -5.45
CA LYS IC 244 63.25 111.02 -6.31
C LYS IC 244 62.89 112.41 -5.74
N GLU IC 245 61.75 112.53 -5.07
CA GLU IC 245 61.40 113.79 -4.42
C GLU IC 245 62.17 113.95 -3.09
N LEU IC 246 62.72 112.85 -2.59
CA LEU IC 246 63.64 112.88 -1.44
C LEU IC 246 65.01 113.39 -1.88
N LYS IC 247 65.41 113.03 -3.10
CA LYS IC 247 66.68 113.46 -3.68
C LYS IC 247 66.64 114.93 -4.17
N ARG IC 248 65.48 115.38 -4.65
CA ARG IC 248 65.32 116.78 -5.07
C ARG IC 248 65.33 117.76 -3.89
N GLN IC 249 64.62 117.40 -2.82
CA GLN IC 249 64.46 118.26 -1.64
C GLN IC 249 65.60 118.13 -0.63
N SER IC 250 66.61 117.33 -0.97
CA SER IC 250 67.75 117.10 -0.08
C SER IC 250 68.80 118.20 -0.18
N SER IC 251 68.70 119.03 -1.23
CA SER IC 251 69.62 120.16 -1.42
C SER IC 251 69.41 121.23 -0.35
N LEU IC 252 68.17 121.35 0.13
CA LEU IC 252 67.81 122.30 1.17
C LEU IC 252 68.42 121.89 2.52
N GLY IC 253 68.48 122.83 3.46
CA GLY IC 253 68.99 122.56 4.80
C GLY IC 253 67.97 121.86 5.70
N ILE IC 254 66.77 121.62 5.17
CA ILE IC 254 65.71 120.91 5.89
C ILE IC 254 65.98 119.41 5.91
N PHE IC 255 66.87 118.95 5.02
CA PHE IC 255 67.09 117.53 4.79
C PHE IC 255 68.52 117.06 5.08
N HIS IC 256 68.65 116.23 6.11
CA HIS IC 256 69.85 115.44 6.31
C HIS IC 256 69.47 113.97 6.12
N LEU IC 257 69.93 113.39 5.02
CA LEU IC 257 69.43 112.09 4.56
C LEU IC 257 70.45 110.98 4.74
N LEU IC 258 70.15 110.02 5.63
CA LEU IC 258 70.98 108.82 5.76
C LEU IC 258 70.33 107.66 5.01
N VAL IC 259 70.98 107.22 3.94
CA VAL IC 259 70.48 106.09 3.16
C VAL IC 259 71.28 104.83 3.42
N ALA IC 260 70.66 103.87 4.09
CA ALA IC 260 71.30 102.60 4.43
C ALA IC 260 70.72 101.46 3.60
N VAL IC 261 71.51 100.96 2.64
CA VAL IC 261 71.08 99.84 1.81
C VAL IC 261 71.95 98.61 2.14
N ASP IC 262 71.32 97.63 2.79
CA ASP IC 262 72.01 96.40 3.20
C ASP IC 262 71.95 95.37 2.08
N GLY IC 263 73.10 94.82 1.70
CA GLY IC 263 73.17 93.92 0.56
C GLY IC 263 72.99 94.62 -0.76
N VAL IC 264 73.77 95.67 -0.97
CA VAL IC 264 73.67 96.50 -2.17
C VAL IC 264 73.94 95.74 -3.47
N ASN IC 265 74.70 94.64 -3.37
CA ASN IC 265 75.05 93.81 -4.52
C ASN IC 265 73.81 93.42 -5.34
N ALA IC 266 72.73 93.14 -4.62
CA ALA IC 266 71.45 92.74 -5.20
C ALA IC 266 70.94 93.71 -6.27
N LEU IC 267 71.39 94.97 -6.22
CA LEU IC 267 71.07 95.96 -7.23
C LEU IC 267 71.72 95.60 -8.59
N TRP IC 268 73.03 95.37 -8.60
CA TRP IC 268 73.77 95.10 -9.83
C TRP IC 268 73.99 93.61 -10.16
N GLY IC 269 73.48 92.73 -9.31
CA GLY IC 269 73.63 91.30 -9.52
C GLY IC 269 72.67 90.69 -10.55
N ARG IC 270 72.48 89.37 -10.44
CA ARG IC 270 71.61 88.63 -11.35
C ARG IC 270 70.27 88.33 -10.66
N THR IC 271 69.18 88.35 -11.41
CA THR IC 271 67.85 88.23 -10.82
C THR IC 271 67.19 86.87 -11.07
N THR IC 272 66.63 86.30 -10.01
CA THR IC 272 65.97 85.00 -10.04
C THR IC 272 64.54 85.06 -10.58
N LEU IC 273 63.86 86.18 -10.36
CA LEU IC 273 62.46 86.34 -10.79
C LEU IC 273 62.29 86.19 -12.30
N LYS IC 274 61.13 85.68 -12.72
CA LYS IC 274 60.93 85.35 -14.13
C LYS IC 274 59.57 85.79 -14.69
N ARG IC 275 59.56 86.04 -15.99
CA ARG IC 275 58.35 86.26 -16.77
C ARG IC 275 57.59 84.97 -17.00
N GLU IC 276 56.33 85.07 -17.42
CA GLU IC 276 55.54 83.92 -17.86
C GLU IC 276 56.19 83.21 -19.05
N ASP IC 277 57.11 83.91 -19.73
CA ASP IC 277 57.91 83.34 -20.80
C ASP IC 277 59.02 82.43 -20.28
N LYS IC 278 59.14 82.37 -18.95
CA LYS IC 278 60.21 81.66 -18.23
C LYS IC 278 61.54 82.40 -18.35
N SER IC 279 61.59 83.41 -19.21
CA SER IC 279 62.80 84.20 -19.43
C SER IC 279 63.12 85.07 -18.22
N PRO IC 280 64.36 85.00 -17.72
CA PRO IC 280 64.75 85.78 -16.55
C PRO IC 280 64.76 87.28 -16.84
N ILE IC 281 64.56 88.09 -15.81
CA ILE IC 281 64.56 89.54 -15.97
C ILE IC 281 65.79 90.15 -15.33
N ALA IC 282 66.26 91.25 -15.89
CA ALA IC 282 67.40 91.98 -15.35
C ALA IC 282 66.99 92.73 -14.08
N PRO IC 283 67.97 93.12 -13.24
CA PRO IC 283 67.64 93.99 -12.10
C PRO IC 283 67.22 95.41 -12.54
N GLU IC 284 67.56 95.75 -13.78
CA GLU IC 284 67.14 97.03 -14.40
C GLU IC 284 65.63 97.04 -14.65
N GLU IC 285 65.10 95.87 -15.01
CA GLU IC 285 63.68 95.70 -15.34
C GLU IC 285 62.76 95.99 -14.15
N LEU IC 286 63.29 95.93 -12.94
CA LEU IC 286 62.48 96.15 -11.74
C LEU IC 286 62.42 97.63 -11.40
N ALA IC 287 61.21 98.12 -11.14
CA ALA IC 287 60.99 99.53 -10.79
C ALA IC 287 61.70 99.88 -9.48
N LEU IC 288 61.54 99.03 -8.47
CA LEU IC 288 62.15 99.24 -7.15
C LEU IC 288 63.69 99.34 -7.19
N ILE IC 289 64.33 98.42 -7.92
CA ILE IC 289 65.79 98.44 -8.06
C ILE IC 289 66.27 99.62 -8.92
N HIS IC 290 65.56 99.88 -10.02
CA HIS IC 290 65.89 101.01 -10.90
C HIS IC 290 65.85 102.35 -10.15
N ASN IC 291 64.85 102.53 -9.29
CA ASN IC 291 64.74 103.75 -8.49
C ASN IC 291 65.70 103.79 -7.29
N LEU IC 292 66.00 102.62 -6.72
CA LEU IC 292 66.94 102.51 -5.60
C LEU IC 292 68.40 102.67 -6.08
N ARG IC 293 68.61 102.53 -7.38
CA ARG IC 293 69.92 102.77 -7.98
C ARG IC 293 70.22 104.27 -8.07
N LYS IC 294 69.15 105.06 -8.22
CA LYS IC 294 69.24 106.51 -8.32
C LYS IC 294 69.66 107.16 -6.99
N MET IC 295 69.46 106.42 -5.89
CA MET IC 295 69.73 106.93 -4.55
C MET IC 295 71.20 106.75 -4.11
N VAL IC 296 71.93 105.90 -4.83
CA VAL IC 296 73.35 105.67 -4.53
C VAL IC 296 74.34 106.45 -5.43
N LYS IC 297 73.82 107.21 -6.39
CA LYS IC 297 74.66 107.85 -7.42
C LYS IC 297 75.52 109.05 -6.96
N ASN IC 298 75.35 109.46 -5.70
CA ASN IC 298 76.04 110.61 -5.06
C ASN IC 298 75.89 111.96 -5.78
N ASP IC 299 74.79 112.12 -6.52
CA ASP IC 299 74.54 113.34 -7.28
C ASP IC 299 74.08 114.50 -6.39
N TRP IC 300 73.79 114.22 -5.12
CA TRP IC 300 73.09 115.19 -4.28
C TRP IC 300 73.87 115.59 -3.02
N GLN IC 301 73.47 116.70 -2.41
CA GLN IC 301 74.18 117.29 -1.26
C GLN IC 301 73.38 117.15 0.03
N GLY IC 302 74.09 117.01 1.15
CA GLY IC 302 73.47 116.94 2.46
C GLY IC 302 73.28 115.53 2.99
N GLY IC 303 73.45 114.53 2.11
CA GLY IC 303 73.29 113.14 2.50
C GLY IC 303 74.58 112.33 2.65
N ALA IC 304 74.45 111.14 3.24
CA ALA IC 304 75.54 110.17 3.31
C ALA IC 304 75.00 108.75 3.10
N ILE IC 305 75.56 108.02 2.13
CA ILE IC 305 75.08 106.66 1.88
C ILE IC 305 76.00 105.60 2.51
N VAL IC 306 75.47 104.93 3.53
CA VAL IC 306 76.17 103.84 4.20
C VAL IC 306 75.66 102.49 3.67
N LEU IC 307 76.54 101.74 3.01
CA LEU IC 307 76.19 100.51 2.29
C LEU IC 307 76.82 99.28 2.95
N THR IC 308 76.23 98.11 2.73
CA THR IC 308 76.82 96.86 3.19
C THR IC 308 76.77 95.80 2.09
N VAL IC 309 77.93 95.30 1.67
CA VAL IC 309 77.98 94.21 0.71
C VAL IC 309 77.83 92.87 1.44
N SER IC 310 76.86 92.06 1.01
CA SER IC 310 76.43 90.88 1.76
C SER IC 310 76.63 89.57 0.99
N GLN IC 311 76.68 88.46 1.74
CA GLN IC 311 76.72 87.11 1.17
C GLN IC 311 75.40 86.37 1.46
N THR IC 312 75.07 86.24 2.74
CA THR IC 312 74.02 85.34 3.24
C THR IC 312 72.67 85.40 2.50
N GLY IC 313 72.36 86.53 1.89
CA GLY IC 313 71.13 86.61 1.10
C GLY IC 313 71.32 86.66 -0.41
N SER IC 314 72.55 86.46 -0.88
CA SER IC 314 72.90 86.75 -2.29
C SER IC 314 72.28 85.79 -3.29
N LEU IC 315 72.58 86.02 -4.57
CA LEU IC 315 72.16 85.15 -5.67
C LEU IC 315 73.36 84.87 -6.59
N PHE IC 316 73.59 83.60 -6.90
CA PHE IC 316 74.60 83.17 -7.88
C PHE IC 316 76.05 83.41 -7.40
N LYS IC 317 76.17 83.97 -6.20
CA LYS IC 317 77.48 84.19 -5.56
C LYS IC 317 77.89 82.98 -4.69
N PRO IC 318 79.17 82.55 -4.81
CA PRO IC 318 79.71 81.49 -3.95
C PRO IC 318 79.68 81.89 -2.48
N ARG IC 319 79.57 80.91 -1.58
CA ARG IC 319 79.41 81.17 -0.14
C ARG IC 319 80.68 81.73 0.49
N ASN IC 320 81.84 81.47 -0.12
CA ASN IC 320 83.11 81.90 0.46
C ASN IC 320 83.60 83.29 0.01
N ALA IC 321 82.81 83.99 -0.80
CA ALA IC 321 83.22 85.33 -1.26
C ALA IC 321 82.64 86.45 -0.39
N TYR IC 322 83.51 87.07 0.42
CA TYR IC 322 83.13 88.23 1.23
C TYR IC 322 83.60 89.57 0.67
N LEU IC 323 84.37 89.54 -0.43
CA LEU IC 323 85.06 90.72 -0.94
C LEU IC 323 84.21 91.56 -1.90
N PRO IC 324 84.30 92.91 -1.77
CA PRO IC 324 83.37 93.85 -2.42
C PRO IC 324 83.27 93.74 -3.95
N GLN IC 325 84.41 93.67 -4.65
CA GLN IC 325 84.40 93.63 -6.11
C GLN IC 325 83.88 92.28 -6.64
N GLU IC 326 84.01 91.24 -5.82
CA GLU IC 326 83.53 89.91 -6.19
C GLU IC 326 82.01 89.83 -6.14
N LEU IC 327 81.42 90.44 -5.09
CA LEU IC 327 79.97 90.45 -4.89
C LEU IC 327 79.26 91.48 -5.80
N LEU IC 328 79.88 92.65 -5.95
CA LEU IC 328 79.32 93.72 -6.77
C LEU IC 328 79.56 93.50 -8.27
N GLY IC 329 80.68 92.86 -8.59
CA GLY IC 329 81.04 92.59 -9.98
C GLY IC 329 81.60 93.81 -10.69
N LYS IC 330 81.75 93.71 -12.01
CA LYS IC 330 82.21 94.83 -12.83
C LYS IC 330 81.20 95.97 -12.80
N GLU IC 331 79.94 95.65 -13.10
CA GLU IC 331 78.85 96.62 -13.06
C GLU IC 331 78.73 97.27 -11.69
N GLY IC 332 78.83 96.47 -10.63
CA GLY IC 332 78.73 96.97 -9.27
C GLY IC 332 79.85 97.90 -8.86
N PHE IC 333 81.09 97.45 -8.99
CA PHE IC 333 82.24 98.24 -8.54
C PHE IC 333 82.49 99.47 -9.43
N ASP IC 334 82.22 99.36 -10.73
CA ASP IC 334 82.46 100.48 -11.64
C ASP IC 334 81.44 101.60 -11.44
N ALA IC 335 80.18 101.22 -11.21
CA ALA IC 335 79.09 102.18 -11.00
C ALA IC 335 78.99 102.61 -9.53
N LEU IC 336 79.87 102.08 -8.69
CA LEU IC 336 79.88 102.44 -7.27
C LEU IC 336 80.81 103.60 -6.92
N ASP IC 337 81.67 104.01 -7.86
CA ASP IC 337 82.45 105.25 -7.71
C ASP IC 337 83.46 105.13 -6.55
N PRO IC 338 84.40 106.10 -6.41
CA PRO IC 338 85.24 106.03 -5.19
C PRO IC 338 84.42 106.02 -3.88
N PHE IC 339 84.69 105.02 -3.04
CA PHE IC 339 83.97 104.84 -1.77
C PHE IC 339 84.93 104.43 -0.66
N ILE IC 340 84.48 104.43 0.59
CA ILE IC 340 85.32 104.03 1.72
C ILE IC 340 85.07 102.57 2.12
N PRO IC 341 86.04 101.68 1.85
CA PRO IC 341 85.95 100.24 2.10
C PRO IC 341 86.27 99.83 3.55
N ILE IC 342 85.29 99.92 4.44
CA ILE IC 342 85.45 99.53 5.85
C ILE IC 342 85.33 98.00 6.07
N LEU IC 343 86.37 97.44 6.67
CA LEU IC 343 86.44 96.00 6.97
C LEU IC 343 85.87 95.67 8.36
N VAL IC 344 85.02 94.66 8.40
CA VAL IC 344 84.44 94.17 9.66
C VAL IC 344 85.03 92.79 9.98
N SER IC 345 85.73 92.70 11.11
CA SER IC 345 86.46 91.48 11.46
C SER IC 345 85.88 90.78 12.70
N ASN IC 346 86.51 89.67 13.08
CA ASN IC 346 86.10 88.89 14.25
C ASN IC 346 86.45 89.59 15.56
N TYR IC 347 85.81 89.18 16.64
CA TYR IC 347 86.14 89.66 17.98
C TYR IC 347 87.63 89.49 18.26
N ASN IC 348 88.24 90.50 18.88
CA ASN IC 348 89.57 90.36 19.44
C ASN IC 348 89.43 89.75 20.85
N PRO IC 349 90.53 89.48 21.57
CA PRO IC 349 90.38 88.93 22.93
C PRO IC 349 89.43 89.71 23.85
N LYS IC 350 89.51 91.04 23.84
CA LYS IC 350 88.71 91.89 24.72
C LYS IC 350 87.21 91.92 24.36
N GLU IC 351 86.90 92.12 23.08
CA GLU IC 351 85.52 92.07 22.59
C GLU IC 351 84.87 90.73 22.93
N PHE IC 352 85.63 89.66 22.75
CA PHE IC 352 85.20 88.29 23.03
C PHE IC 352 84.89 88.08 24.52
N GLU IC 353 85.86 88.40 25.38
CA GLU IC 353 85.68 88.28 26.83
C GLU IC 353 84.50 89.11 27.32
N SER IC 354 84.33 90.29 26.72
CA SER IC 354 83.22 91.17 27.05
C SER IC 354 81.85 90.59 26.64
N CYS IC 355 81.79 89.97 25.46
CA CYS IC 355 80.54 89.35 25.00
C CYS IC 355 80.18 88.14 25.88
N ILE IC 356 81.18 87.32 26.20
CA ILE IC 356 80.99 86.19 27.11
C ILE IC 356 80.49 86.64 28.50
N GLN IC 357 81.11 87.69 29.04
CA GLN IC 357 80.66 88.23 30.34
C GLN IC 357 79.26 88.83 30.26
N TYR IC 358 78.90 89.39 29.10
CA TYR IC 358 77.55 89.90 28.87
C TYR IC 358 76.52 88.77 28.91
N TYR IC 359 76.87 87.64 28.30
CA TYR IC 359 76.00 86.46 28.34
C TYR IC 359 75.90 85.87 29.75
N LEU IC 360 77.01 85.91 30.49
CA LEU IC 360 77.04 85.40 31.86
C LEU IC 360 76.24 86.28 32.83
N GLU IC 361 76.17 87.58 32.52
CA GLU IC 361 75.41 88.53 33.34
C GLU IC 361 73.90 88.34 33.17
N ASN IC 362 73.48 87.94 31.96
CA ASN IC 362 72.09 87.60 31.69
C ASN IC 362 71.78 86.15 32.04
N ASN IC 363 72.78 85.46 32.58
CA ASN IC 363 72.79 84.01 32.84
C ASN IC 363 72.21 83.21 31.67
N TRP IC 364 72.67 83.53 30.46
CA TRP IC 364 72.25 82.86 29.24
C TRP IC 364 73.13 81.64 28.93
N LEU IC 365 74.27 81.52 29.62
CA LEU IC 365 75.04 80.29 29.54
C LEU IC 365 74.61 79.39 30.70
N GLN IC 366 73.85 78.35 30.37
CA GLN IC 366 73.23 77.49 31.37
C GLN IC 366 73.98 76.20 31.62
N HIS IC 367 75.10 76.02 30.92
CA HIS IC 367 75.94 74.87 31.18
C HIS IC 367 76.78 75.13 32.44
N GLU IC 368 76.80 74.15 33.33
CA GLU IC 368 77.53 74.23 34.60
C GLU IC 368 79.03 74.49 34.41
N LYS IC 369 79.58 73.99 33.30
CA LYS IC 369 81.01 74.08 33.02
C LYS IC 369 81.39 75.26 32.10
N ALA IC 370 80.40 76.10 31.79
CA ALA IC 370 80.60 77.30 30.98
C ALA IC 370 81.12 78.47 31.82
N HIS IC 371 81.19 78.27 33.14
CA HIS IC 371 81.67 79.29 34.07
C HIS IC 371 83.18 79.17 34.34
N THR IC 372 83.78 78.08 33.82
CA THR IC 372 85.21 77.85 33.99
C THR IC 372 86.00 78.56 32.87
N GLU IC 373 87.32 78.45 32.92
CA GLU IC 373 88.16 78.97 31.85
C GLU IC 373 88.14 78.00 30.67
N GLU IC 374 87.90 76.73 30.98
CA GLU IC 374 87.78 75.66 29.98
C GLU IC 374 86.68 75.96 28.96
N GLY IC 375 85.49 76.30 29.45
CA GLY IC 375 84.35 76.65 28.60
C GLY IC 375 84.65 77.82 27.66
N LYS IC 376 85.45 78.76 28.14
CA LYS IC 376 85.87 79.91 27.34
C LYS IC 376 86.89 79.54 26.26
N LYS IC 377 87.88 78.70 26.62
CA LYS IC 377 88.85 78.18 25.65
C LYS IC 377 88.16 77.43 24.51
N GLU IC 378 87.21 76.57 24.87
CA GLU IC 378 86.47 75.77 23.90
C GLU IC 378 85.52 76.61 23.04
N LEU IC 379 84.78 77.54 23.64
CA LEU IC 379 83.91 78.42 22.85
C LEU IC 379 84.73 79.27 21.89
N LEU IC 380 85.87 79.77 22.38
CA LEU IC 380 86.80 80.53 21.54
C LEU IC 380 87.27 79.68 20.37
N PHE IC 381 87.61 78.42 20.64
CA PHE IC 381 88.12 77.56 19.57
C PHE IC 381 87.03 77.20 18.54
N LEU IC 382 85.90 76.72 19.02
CA LEU IC 382 84.84 76.23 18.14
C LEU IC 382 84.15 77.36 17.35
N SER IC 383 84.01 78.54 17.96
CA SER IC 383 83.40 79.67 17.26
C SER IC 383 84.41 80.48 16.45
N ASN IC 384 85.71 80.26 16.72
CA ASN IC 384 86.81 81.08 16.17
C ASN IC 384 86.58 82.56 16.49
N ARG IC 385 85.96 82.80 17.65
CA ARG IC 385 85.52 84.12 18.16
C ARG IC 385 84.87 84.98 17.07
N ASN IC 386 84.06 84.33 16.24
CA ASN IC 386 83.22 84.98 15.26
C ASN IC 386 81.84 85.21 15.91
N PRO IC 387 81.29 86.45 15.82
CA PRO IC 387 80.08 86.83 16.57
C PRO IC 387 78.82 85.98 16.31
N GLY IC 388 78.47 85.71 15.06
CA GLY IC 388 77.32 84.89 14.74
C GLY IC 388 77.50 83.43 15.13
N GLN IC 389 78.72 82.93 14.97
CA GLN IC 389 79.11 81.56 15.33
C GLN IC 389 79.10 81.34 16.86
N LEU IC 390 79.54 82.35 17.60
CA LEU IC 390 79.51 82.31 19.06
C LEU IC 390 78.07 82.46 19.58
N GLU IC 391 77.24 83.22 18.86
CA GLU IC 391 75.81 83.29 19.20
C GLU IC 391 75.13 81.93 18.99
N ARG IC 392 75.43 81.28 17.87
CA ARG IC 392 74.91 79.94 17.57
C ARG IC 392 75.39 78.89 18.59
N LEU IC 393 76.65 78.99 19.01
CA LEU IC 393 77.21 78.05 19.99
C LEU IC 393 76.72 78.30 21.43
N CYS IC 394 76.36 79.55 21.74
CA CYS IC 394 75.85 79.88 23.07
C CYS IC 394 74.30 79.81 23.14
N ALA IC 395 73.65 79.61 21.99
CA ALA IC 395 72.19 79.52 21.92
C ALA IC 395 71.63 78.21 22.49
N TYR IC 396 72.26 77.08 22.15
CA TYR IC 396 71.80 75.77 22.63
C TYR IC 396 72.54 75.32 23.91
N LEU IC 397 73.43 76.17 24.41
CA LEU IC 397 74.28 75.82 25.56
C LEU IC 397 73.65 76.29 26.88
N SER JC 268 119.95 39.08 -68.04
CA SER JC 268 121.08 38.17 -67.94
C SER JC 268 120.81 37.05 -66.94
N LEU JC 269 120.56 35.84 -67.46
CA LEU JC 269 120.30 34.67 -66.62
C LEU JC 269 121.60 34.11 -66.04
N TRP JC 270 122.69 34.27 -66.79
CA TRP JC 270 124.00 33.73 -66.41
C TRP JC 270 124.64 34.50 -65.25
N ASP JC 271 124.38 35.80 -65.18
CA ASP JC 271 124.84 36.63 -64.06
C ASP JC 271 124.06 36.28 -62.78
N ILE JC 272 122.80 35.89 -62.94
CA ILE JC 272 121.95 35.48 -61.82
C ILE JC 272 122.36 34.10 -61.30
N GLU JC 273 122.67 33.17 -62.20
CA GLU JC 273 123.17 31.85 -61.79
C GLU JC 273 124.58 31.94 -61.21
N PHE JC 274 125.35 32.95 -61.63
CA PHE JC 274 126.65 33.24 -61.04
C PHE JC 274 126.50 33.78 -59.61
N ALA JC 275 125.55 34.70 -59.43
CA ALA JC 275 125.25 35.26 -58.11
C ALA JC 275 124.67 34.21 -57.16
N LYS JC 276 123.97 33.22 -57.72
CA LYS JC 276 123.42 32.11 -56.95
C LYS JC 276 124.49 31.07 -56.58
N GLN JC 277 125.41 30.82 -57.50
CA GLN JC 277 126.54 29.92 -57.23
C GLN JC 277 127.52 30.52 -56.22
N LEU JC 278 127.62 31.85 -56.22
CA LEU JC 278 128.41 32.56 -55.21
C LEU JC 278 127.68 32.59 -53.85
N ALA JC 279 126.40 32.93 -53.89
CA ALA JC 279 125.59 32.99 -52.67
C ALA JC 279 125.37 31.60 -52.05
N ALA JC 280 125.66 30.55 -52.81
CA ALA JC 280 125.55 29.17 -52.31
C ALA JC 280 126.76 28.77 -51.45
N VAL JC 281 127.96 29.14 -51.89
CA VAL JC 281 129.18 28.92 -51.10
C VAL JC 281 129.21 29.89 -49.91
N THR JC 282 128.69 31.09 -50.13
CA THR JC 282 128.62 32.11 -49.08
C THR JC 282 127.69 31.69 -47.92
N GLU JC 283 126.60 30.98 -48.22
CA GLU JC 283 125.58 30.73 -47.20
C GLU JC 283 125.80 29.44 -46.41
N ARG JC 284 126.11 29.61 -45.13
CA ARG JC 284 126.11 28.53 -44.16
C ARG JC 284 124.76 28.45 -43.45
N PRO JC 285 124.41 27.27 -42.93
CA PRO JC 285 123.37 27.24 -41.91
C PRO JC 285 123.83 28.07 -40.70
N PHE JC 286 122.91 28.80 -40.07
CA PHE JC 286 123.25 29.79 -39.05
C PHE JC 286 124.08 29.26 -37.88
N GLN JC 287 125.15 29.98 -37.53
CA GLN JC 287 126.06 29.57 -36.47
C GLN JC 287 125.70 30.21 -35.12
N ASN JC 288 124.72 31.10 -35.13
CA ASN JC 288 124.26 31.74 -33.90
C ASN JC 288 122.88 32.38 -34.07
N GLY JC 289 122.33 32.91 -32.98
CA GLY JC 289 121.02 33.53 -33.01
C GLY JC 289 121.09 34.92 -33.62
N PHE JC 290 122.18 35.61 -33.32
CA PHE JC 290 122.45 36.92 -33.91
C PHE JC 290 122.51 36.83 -35.42
N GLU JC 291 123.06 35.73 -35.93
CA GLU JC 291 123.09 35.47 -37.37
C GLU JC 291 121.68 35.32 -37.95
N GLU JC 292 120.86 34.55 -37.25
CA GLU JC 292 119.45 34.35 -37.63
C GLU JC 292 118.69 35.67 -37.71
N MET JC 293 118.86 36.51 -36.68
CA MET JC 293 118.19 37.82 -36.64
C MET JC 293 118.71 38.81 -37.69
N ILE JC 294 120.01 38.74 -37.99
CA ILE JC 294 120.63 39.58 -39.01
C ILE JC 294 120.11 39.21 -40.42
N GLN JC 295 120.19 37.92 -40.76
CA GLN JC 295 119.67 37.45 -42.04
C GLN JC 295 118.16 37.69 -42.18
N TRP JC 296 117.43 37.56 -41.06
CA TRP JC 296 115.99 37.82 -41.06
C TRP JC 296 115.64 39.31 -41.22
N THR JC 297 116.45 40.17 -40.62
CA THR JC 297 116.24 41.62 -40.73
C THR JC 297 116.52 42.08 -42.16
N LYS JC 298 117.63 41.61 -42.73
CA LYS JC 298 117.97 41.90 -44.13
C LYS JC 298 116.93 41.33 -45.10
N GLU JC 299 116.40 40.15 -44.77
CA GLU JC 299 115.34 39.52 -45.55
C GLU JC 299 114.02 40.32 -45.51
N GLY JC 300 113.75 40.95 -44.36
CA GLY JC 300 112.53 41.71 -44.18
C GLY JC 300 111.50 41.02 -43.29
N LYS JC 301 111.82 39.80 -42.85
CA LYS JC 301 110.97 39.03 -41.95
C LYS JC 301 110.95 39.65 -40.54
N LEU JC 302 112.15 39.91 -40.01
CA LEU JC 302 112.30 40.54 -38.70
C LEU JC 302 112.06 42.06 -38.79
N TRP JC 303 111.63 42.65 -37.67
CA TRP JC 303 111.36 44.08 -37.60
C TRP JC 303 112.62 44.94 -37.52
N GLU JC 304 112.45 46.23 -37.86
CA GLU JC 304 113.53 47.21 -37.80
C GLU JC 304 113.54 47.96 -36.47
N PHE JC 305 114.69 47.96 -35.81
CA PHE JC 305 114.84 48.56 -34.48
C PHE JC 305 115.79 49.76 -34.49
N PRO JC 306 115.54 50.77 -33.62
CA PRO JC 306 114.36 50.87 -32.76
C PRO JC 306 113.07 51.11 -33.56
N ILE JC 307 111.95 50.63 -33.04
CA ILE JC 307 110.70 50.58 -33.80
C ILE JC 307 110.07 51.94 -34.01
N ASN JC 308 109.78 52.25 -35.27
CA ASN JC 308 108.86 53.33 -35.61
C ASN JC 308 107.64 52.70 -36.30
N ASN JC 309 106.45 53.10 -35.86
CA ASN JC 309 105.20 52.45 -36.29
C ASN JC 309 104.84 52.73 -37.75
N GLU JC 310 105.47 53.76 -38.34
CA GLU JC 310 105.15 54.19 -39.71
C GLU JC 310 106.05 53.53 -40.75
N ALA JC 311 106.90 52.61 -40.30
CA ALA JC 311 107.79 51.86 -41.19
C ALA JC 311 107.01 50.97 -42.17
N GLY JC 312 107.31 51.11 -43.46
CA GLY JC 312 106.62 50.37 -44.50
C GLY JC 312 105.57 51.19 -45.22
N PHE JC 313 105.09 52.25 -44.57
CA PHE JC 313 104.03 53.09 -45.14
C PHE JC 313 104.36 54.60 -45.14
N ASP JC 314 104.56 55.16 -46.34
CA ASP JC 314 104.82 56.60 -46.53
C ASP JC 314 103.59 57.46 -46.88
N ASP JC 315 102.48 56.81 -47.22
CA ASP JC 315 101.28 57.48 -47.78
C ASP JC 315 101.62 58.30 -49.05
N ASP JC 316 102.08 57.61 -50.10
CA ASP JC 316 102.27 58.19 -51.43
C ASP JC 316 103.18 59.43 -51.48
N GLY JC 317 104.08 59.58 -50.51
CA GLY JC 317 104.93 60.75 -50.41
C GLY JC 317 104.21 62.08 -50.24
N SER JC 318 102.94 62.02 -49.83
CA SER JC 318 102.10 63.21 -49.68
C SER JC 318 102.55 64.08 -48.50
N GLU JC 319 102.24 65.37 -48.58
CA GLU JC 319 102.58 66.32 -47.52
C GLU JC 319 101.29 66.95 -47.00
N PHE JC 320 101.35 67.55 -45.81
CA PHE JC 320 100.15 67.93 -45.07
C PHE JC 320 99.21 68.90 -45.81
N HIS JC 321 99.77 69.77 -46.65
CA HIS JC 321 98.95 70.72 -47.41
C HIS JC 321 98.06 70.03 -48.44
N GLU JC 322 98.46 68.84 -48.88
CA GLU JC 322 97.66 68.03 -49.81
C GLU JC 322 96.54 67.33 -49.06
N HIS JC 323 96.65 67.34 -47.72
CA HIS JC 323 95.63 66.80 -46.82
C HIS JC 323 94.72 67.93 -46.30
N ILE JC 324 95.31 68.87 -45.55
CA ILE JC 324 94.58 69.95 -44.89
C ILE JC 324 93.76 70.83 -45.86
N PHE JC 325 94.40 71.37 -46.90
CA PHE JC 325 93.74 72.35 -47.76
C PHE JC 325 93.26 71.72 -49.07
N LEU JC 326 91.95 71.53 -49.17
CA LEU JC 326 91.28 70.93 -50.32
C LEU JC 326 90.62 71.96 -51.25
N ASP JC 327 90.84 73.25 -50.98
CA ASP JC 327 90.26 74.36 -51.74
C ASP JC 327 90.40 74.16 -53.25
N LYS JC 328 91.53 73.59 -53.66
CA LYS JC 328 91.85 73.32 -55.06
C LYS JC 328 90.77 72.53 -55.83
N TYR JC 329 90.05 71.66 -55.13
CA TYR JC 329 89.03 70.84 -55.78
C TYR JC 329 87.62 71.44 -55.62
N LEU JC 330 87.55 72.56 -54.89
CA LEU JC 330 86.29 73.31 -54.76
C LEU JC 330 86.21 74.40 -55.83
N GLN JC 331 87.21 74.42 -56.70
CA GLN JC 331 87.33 75.42 -57.77
C GLN JC 331 86.11 75.42 -58.72
N ASP JC 332 85.63 74.23 -59.07
CA ASP JC 332 84.42 74.13 -59.88
C ASP JC 332 83.25 73.77 -58.96
N PHE JC 333 82.43 74.79 -58.66
CA PHE JC 333 81.31 74.74 -57.71
C PHE JC 333 80.75 76.16 -57.57
N PRO JC 334 79.42 76.30 -57.42
CA PRO JC 334 78.85 77.65 -57.21
C PRO JC 334 79.39 78.29 -55.93
N LYS JC 335 79.88 79.52 -56.04
CA LYS JC 335 80.70 80.15 -55.00
C LYS JC 335 79.93 80.77 -53.82
N GLN JC 336 78.77 81.37 -54.08
CA GLN JC 336 78.00 82.00 -53.01
C GLN JC 336 76.83 81.18 -52.45
N GLY JC 337 76.58 80.01 -53.03
CA GLY JC 337 75.38 79.23 -52.71
C GLY JC 337 75.43 78.42 -51.43
N PRO JC 338 74.33 77.65 -51.16
CA PRO JC 338 74.28 76.68 -50.06
C PRO JC 338 75.16 75.45 -50.32
N ILE JC 339 75.49 75.23 -51.59
CA ILE JC 339 76.39 74.15 -52.00
C ILE JC 339 77.81 74.46 -51.51
N ARG JC 340 78.13 75.73 -51.34
CA ARG JC 340 79.41 76.11 -50.72
C ARG JC 340 79.43 75.84 -49.23
N HIS JC 341 78.30 76.09 -48.56
CA HIS JC 341 78.14 75.72 -47.15
C HIS JC 341 78.36 74.21 -46.98
N PHE JC 342 77.56 73.43 -47.72
CA PHE JC 342 77.62 71.97 -47.72
C PHE JC 342 79.02 71.41 -48.02
N MET JC 343 79.61 71.87 -49.12
CA MET JC 343 80.89 71.34 -49.58
C MET JC 343 82.08 71.86 -48.77
N GLU JC 344 81.92 72.99 -48.08
CA GLU JC 344 82.95 73.46 -47.15
C GLU JC 344 82.92 72.63 -45.86
N LEU JC 345 81.72 72.21 -45.47
CA LEU JC 345 81.60 71.25 -44.36
C LEU JC 345 82.23 69.90 -44.73
N VAL JC 346 81.83 69.34 -45.87
CA VAL JC 346 82.44 68.12 -46.41
C VAL JC 346 83.97 68.22 -46.46
N THR JC 347 84.47 69.34 -47.00
CA THR JC 347 85.91 69.59 -47.14
C THR JC 347 86.64 69.69 -45.79
N CYS JC 348 85.99 70.32 -44.81
CA CYS JC 348 86.55 70.41 -43.45
C CYS JC 348 86.63 69.02 -42.79
N GLY JC 349 85.55 68.25 -42.95
CA GLY JC 349 85.52 66.88 -42.47
C GLY JC 349 86.64 66.03 -43.06
N LEU JC 350 86.83 66.13 -44.37
CA LEU JC 350 87.93 65.41 -45.04
C LEU JC 350 89.30 65.98 -44.63
N SER JC 351 89.31 67.25 -44.23
CA SER JC 351 90.51 67.91 -43.72
C SER JC 351 90.98 67.30 -42.39
N LYS JC 352 90.02 66.92 -41.55
CA LYS JC 352 90.34 66.32 -40.25
C LYS JC 352 90.63 64.81 -40.28
N ASN JC 353 90.49 64.18 -41.46
CA ASN JC 353 90.48 62.72 -41.60
C ASN JC 353 91.86 62.07 -41.75
N PRO JC 354 92.34 61.36 -40.71
CA PRO JC 354 93.60 60.60 -40.70
C PRO JC 354 93.60 59.28 -41.49
N TYR JC 355 92.44 58.66 -41.65
CA TYR JC 355 92.33 57.28 -42.16
C TYR JC 355 92.26 57.16 -43.69
N LEU JC 356 92.11 58.29 -44.37
CA LEU JC 356 91.98 58.28 -45.83
C LEU JC 356 93.24 58.88 -46.49
N SER JC 357 93.53 58.44 -47.71
CA SER JC 357 94.60 59.04 -48.52
C SER JC 357 94.09 60.32 -49.20
N VAL JC 358 94.97 60.97 -49.96
CA VAL JC 358 94.59 62.13 -50.76
C VAL JC 358 93.59 61.70 -51.85
N LYS JC 359 93.94 60.60 -52.52
CA LYS JC 359 93.16 60.02 -53.62
C LYS JC 359 91.68 59.82 -53.30
N GLN JC 360 91.43 59.18 -52.16
CA GLN JC 360 90.07 58.85 -51.71
C GLN JC 360 89.23 60.10 -51.39
N LYS JC 361 89.82 61.05 -50.66
CA LYS JC 361 89.19 62.35 -50.41
C LYS JC 361 88.79 63.03 -51.73
N VAL JC 362 89.72 63.02 -52.68
CA VAL JC 362 89.47 63.57 -54.02
C VAL JC 362 88.30 62.86 -54.72
N GLU JC 363 88.23 61.54 -54.55
CA GLU JC 363 87.15 60.74 -55.15
C GLU JC 363 85.79 61.01 -54.49
N HIS JC 364 85.82 61.37 -53.20
CA HIS JC 364 84.62 61.90 -52.50
C HIS JC 364 84.14 63.22 -53.14
N ILE JC 365 85.05 64.19 -53.18
CA ILE JC 365 84.78 65.51 -53.79
C ILE JC 365 84.20 65.37 -55.20
N GLU JC 366 84.80 64.46 -55.98
CA GLU JC 366 84.41 64.21 -57.37
C GLU JC 366 83.08 63.45 -57.49
N TRP JC 367 82.80 62.57 -56.54
CA TRP JC 367 81.48 61.94 -56.50
C TRP JC 367 80.42 63.03 -56.29
N PHE JC 368 80.70 64.00 -55.42
CA PHE JC 368 79.75 65.09 -55.17
C PHE JC 368 79.59 66.07 -56.35
N ARG JC 369 80.71 66.34 -57.01
CA ARG JC 369 80.72 67.07 -58.28
C ARG JC 369 79.78 66.40 -59.29
N ASN JC 370 80.00 65.10 -59.49
CA ASN JC 370 79.25 64.31 -60.48
C ASN JC 370 77.77 64.10 -60.12
N TYR JC 371 77.47 64.04 -58.82
CA TYR JC 371 76.09 63.85 -58.34
C TYR JC 371 75.30 65.15 -58.41
N PHE JC 372 75.93 66.27 -58.03
CA PHE JC 372 75.29 67.59 -58.12
C PHE JC 372 75.10 68.01 -59.58
N ASN JC 373 76.12 67.73 -60.41
CA ASN JC 373 76.06 68.00 -61.85
C ASN JC 373 75.17 66.97 -62.57
N GLU JC 374 74.87 65.87 -61.88
CA GLU JC 374 73.91 64.88 -62.37
C GLU JC 374 72.50 65.46 -62.35
N LYS JC 375 72.11 66.05 -61.22
CA LYS JC 375 70.81 66.70 -61.15
C LYS JC 375 70.96 68.21 -61.13
N ARG JC 376 70.71 68.81 -62.29
CA ARG JC 376 70.55 70.26 -62.46
C ARG JC 376 69.09 70.66 -62.22
N VAL JC 377 68.18 69.77 -62.62
CA VAL JC 377 66.75 70.02 -62.65
C VAL JC 377 66.18 70.36 -61.26
N ILE JC 378 66.41 69.45 -60.31
CA ILE JC 378 65.91 69.60 -58.95
C ILE JC 378 66.53 70.82 -58.24
N LEU JC 379 67.75 71.18 -58.63
CA LEU JC 379 68.44 72.33 -58.05
C LEU JC 379 67.83 73.65 -58.54
N LYS JC 380 67.60 73.76 -59.85
CA LYS JC 380 66.95 74.93 -60.43
C LYS JC 380 65.52 75.11 -59.93
N GLU JC 381 64.77 74.01 -59.87
CA GLU JC 381 63.39 74.04 -59.38
C GLU JC 381 63.30 74.37 -57.88
N SER JC 382 64.41 74.18 -57.16
CA SER JC 382 64.43 74.28 -55.71
C SER JC 382 64.18 75.68 -55.15
N GLY JC 383 64.26 76.69 -56.01
CA GLY JC 383 64.11 78.06 -55.55
C GLY JC 383 65.43 78.81 -55.54
N ILE JC 384 66.51 78.10 -55.83
CA ILE JC 384 67.81 78.72 -56.02
C ILE JC 384 68.48 78.19 -57.29
N GLN JC 385 68.89 79.09 -58.17
CA GLN JC 385 69.58 78.71 -59.39
C GLN JC 385 71.01 78.31 -59.05
N LEU JC 386 71.37 77.07 -59.35
CA LEU JC 386 72.65 76.52 -58.93
C LEU JC 386 73.46 75.93 -60.09
N ASN JC 387 74.78 76.16 -60.04
CA ASN JC 387 75.67 75.78 -61.12
C ASN JC 387 76.33 74.42 -60.90
N LEU KC 4 79.69 89.50 -25.42
CA LEU KC 4 79.90 89.20 -26.83
C LEU KC 4 80.04 90.48 -27.65
N SER KC 5 81.04 90.51 -28.54
CA SER KC 5 81.30 91.68 -29.39
C SER KC 5 81.41 91.26 -30.86
N GLU KC 6 81.62 92.23 -31.76
CA GLU KC 6 81.95 91.92 -33.16
C GLU KC 6 83.43 91.57 -33.27
N TYR KC 7 84.24 92.19 -32.41
CA TYR KC 7 85.67 91.92 -32.30
C TYR KC 7 85.94 90.45 -31.96
N ALA KC 8 85.17 89.94 -31.00
CA ALA KC 8 85.24 88.53 -30.58
C ALA KC 8 84.82 87.57 -31.71
N VAL KC 9 83.75 87.91 -32.43
CA VAL KC 9 83.25 87.10 -33.56
C VAL KC 9 84.26 87.05 -34.71
N ARG KC 10 84.88 88.20 -35.01
CA ARG KC 10 85.94 88.27 -36.00
C ARG KC 10 87.16 87.43 -35.58
N MET KC 11 87.54 87.56 -34.31
CA MET KC 11 88.63 86.77 -33.72
C MET KC 11 88.39 85.26 -33.84
N SER KC 12 87.15 84.85 -33.58
CA SER KC 12 86.76 83.44 -33.65
C SER KC 12 86.72 82.91 -35.09
N ARG KC 13 86.18 83.72 -36.00
CA ARG KC 13 86.18 83.40 -37.43
C ARG KC 13 87.60 83.21 -37.93
N LEU KC 14 88.51 84.04 -37.41
CA LEU KC 14 89.94 83.95 -37.74
C LEU KC 14 90.63 82.70 -37.17
N SER KC 15 90.38 82.40 -35.89
CA SER KC 15 90.93 81.19 -35.27
C SER KC 15 90.44 79.91 -35.98
N ALA KC 16 89.16 79.90 -36.34
CA ALA KC 16 88.53 78.78 -37.05
C ALA KC 16 89.05 78.61 -38.49
N ARG KC 17 89.12 79.71 -39.23
CA ARG KC 17 89.70 79.70 -40.57
C ARG KC 17 91.18 79.29 -40.55
N LEU KC 18 91.88 79.65 -39.47
CA LEU KC 18 93.31 79.41 -39.31
C LEU KC 18 93.61 77.93 -39.02
N PHE KC 19 93.06 77.44 -37.91
CA PHE KC 19 93.32 76.08 -37.46
C PHE KC 19 92.69 75.00 -38.35
N GLY KC 20 91.87 75.42 -39.32
CA GLY KC 20 91.31 74.50 -40.30
C GLY KC 20 89.97 73.94 -39.90
N GLU KC 21 89.34 74.56 -38.90
CA GLU KC 21 88.00 74.18 -38.43
C GLU KC 21 86.94 74.91 -39.28
N VAL KC 22 85.67 74.65 -39.00
CA VAL KC 22 84.58 75.22 -39.80
C VAL KC 22 84.50 76.74 -39.63
N ALA KC 23 84.51 77.44 -40.76
CA ALA KC 23 84.62 78.90 -40.82
C ALA KC 23 83.27 79.60 -40.57
N ARG KC 24 82.33 79.37 -41.48
CA ARG KC 24 81.01 80.02 -41.40
C ARG KC 24 80.10 79.31 -40.39
N PRO KC 25 79.26 80.08 -39.68
CA PRO KC 25 78.34 79.56 -38.65
C PRO KC 25 77.38 78.49 -39.17
N THR KC 26 77.28 77.39 -38.44
CA THR KC 26 76.45 76.25 -38.85
C THR KC 26 75.51 75.80 -37.72
N ASP KC 27 74.44 75.08 -38.10
CA ASP KC 27 73.50 74.48 -37.15
C ASP KC 27 74.19 73.35 -36.36
N SER KC 28 73.63 72.98 -35.21
CA SER KC 28 74.11 71.82 -34.46
C SER KC 28 73.82 70.54 -35.27
N LYS KC 29 72.78 70.60 -36.10
CA LYS KC 29 72.29 69.47 -36.89
C LYS KC 29 73.15 69.16 -38.12
N SER KC 30 73.73 70.21 -38.71
CA SER KC 30 74.54 70.09 -39.93
C SER KC 30 75.98 69.66 -39.67
N MET KC 31 76.47 69.96 -38.46
CA MET KC 31 77.84 69.61 -38.04
C MET KC 31 78.09 68.09 -38.10
N LYS KC 32 76.99 67.34 -38.13
CA LYS KC 32 76.99 65.89 -38.24
C LYS KC 32 77.69 65.38 -39.50
N VAL KC 33 77.68 66.18 -40.57
CA VAL KC 33 78.36 65.83 -41.83
C VAL KC 33 79.89 65.99 -41.68
N VAL KC 34 80.31 67.08 -41.02
CA VAL KC 34 81.70 67.26 -40.60
C VAL KC 34 82.18 66.04 -39.80
N LYS KC 35 81.35 65.64 -38.84
CA LYS KC 35 81.64 64.46 -38.02
C LYS KC 35 81.68 63.17 -38.87
N LEU KC 36 80.79 63.09 -39.87
CA LEU KC 36 80.67 61.94 -40.76
C LEU KC 36 81.96 61.72 -41.54
N PHE KC 37 82.55 62.80 -42.04
CA PHE KC 37 83.77 62.66 -42.82
C PHE KC 37 85.05 62.86 -41.99
N SER KC 38 84.90 63.21 -40.72
CA SER KC 38 86.05 63.34 -39.81
C SER KC 38 86.49 61.98 -39.27
N GLU KC 39 85.58 61.00 -39.34
CA GLU KC 39 85.82 59.67 -38.77
C GLU KC 39 85.95 58.58 -39.84
N GLN KC 40 86.19 57.37 -39.37
CA GLN KC 40 86.09 56.19 -40.21
C GLN KC 40 84.67 55.65 -40.04
N PRO KC 41 83.92 55.50 -41.16
CA PRO KC 41 82.56 54.93 -41.03
C PRO KC 41 82.60 53.54 -40.37
N LEU KC 42 81.55 53.20 -39.62
CA LEU KC 42 81.52 52.00 -38.78
C LEU KC 42 81.89 50.72 -39.53
N ALA KC 43 81.18 50.48 -40.65
CA ALA KC 43 81.33 49.25 -41.43
C ALA KC 43 82.71 49.08 -42.08
N LYS KC 44 83.55 50.13 -42.00
CA LYS KC 44 84.90 50.10 -42.54
C LYS KC 44 86.01 49.71 -41.56
N ARG KC 45 85.70 49.66 -40.27
CA ARG KC 45 86.73 49.42 -39.24
C ARG KC 45 87.18 47.96 -39.22
N LYS KC 46 88.47 47.73 -38.97
CA LYS KC 46 89.02 46.36 -38.94
C LYS KC 46 88.38 45.52 -37.83
N GLU KC 47 87.84 46.21 -36.82
CA GLU KC 47 87.09 45.57 -35.74
C GLU KC 47 85.69 45.12 -36.19
N THR KC 48 85.33 45.46 -37.43
CA THR KC 48 84.00 45.14 -37.94
C THR KC 48 84.04 44.11 -39.06
N TYR KC 49 84.57 44.49 -40.22
CA TYR KC 49 84.61 43.58 -41.37
C TYR KC 49 85.60 42.42 -41.16
N ASP KC 50 86.64 42.66 -40.35
CA ASP KC 50 87.67 41.65 -40.04
C ASP KC 50 87.41 40.89 -38.73
N TRP KC 51 86.23 41.11 -38.14
CA TRP KC 51 85.78 40.49 -36.89
C TRP KC 51 86.03 38.97 -36.84
N TYR KC 52 85.38 38.25 -37.74
CA TYR KC 52 85.58 36.80 -37.86
C TYR KC 52 86.92 36.44 -38.47
N PRO KC 53 87.54 35.37 -37.93
CA PRO KC 53 88.61 34.70 -38.69
C PRO KC 53 87.93 33.93 -39.82
N ASN KC 54 88.66 33.64 -40.90
CA ASN KC 54 88.03 32.89 -41.97
C ASN KC 54 88.02 31.41 -41.57
N HIS KC 55 86.82 30.88 -41.37
CA HIS KC 55 86.67 29.52 -40.87
C HIS KC 55 86.83 28.50 -42.00
N ASN KC 56 86.51 28.94 -43.22
CA ASN KC 56 86.69 28.10 -44.41
C ASN KC 56 88.17 27.81 -44.68
N THR KC 57 89.03 28.82 -44.51
CA THR KC 57 90.48 28.63 -44.71
C THR KC 57 91.05 27.61 -43.73
N TYR KC 58 90.76 27.81 -42.45
CA TYR KC 58 91.20 26.90 -41.40
C TYR KC 58 90.68 25.47 -41.61
N PHE KC 59 89.35 25.32 -41.73
CA PHE KC 59 88.72 24.03 -41.94
C PHE KC 59 89.27 23.28 -43.16
N ALA KC 60 89.30 23.96 -44.30
CA ALA KC 60 89.77 23.35 -45.54
C ALA KC 60 91.25 22.98 -45.48
N LEU KC 61 92.07 23.92 -44.99
CA LEU KC 61 93.51 23.71 -44.87
C LEU KC 61 93.87 22.52 -44.01
N MET KC 62 93.25 22.45 -42.83
CA MET KC 62 93.54 21.39 -41.88
C MET KC 62 92.94 20.07 -42.36
N GLY KC 63 91.87 20.15 -43.14
CA GLY KC 63 91.31 18.98 -43.78
C GLY KC 63 92.28 18.38 -44.80
N THR KC 64 92.82 19.24 -45.65
CA THR KC 64 93.84 18.84 -46.62
C THR KC 64 95.03 18.22 -45.91
N LEU KC 65 95.57 18.95 -44.94
CA LEU KC 65 96.73 18.50 -44.18
C LEU KC 65 96.50 17.15 -43.49
N ARG KC 66 95.25 16.91 -43.10
CA ARG KC 66 94.85 15.60 -42.58
C ARG KC 66 94.91 14.54 -43.69
N PHE KC 67 94.38 14.86 -44.87
CA PHE KC 67 94.43 13.90 -45.99
C PHE KC 67 95.86 13.66 -46.48
N LEU KC 68 96.73 14.65 -46.28
CA LEU KC 68 98.14 14.54 -46.66
C LEU KC 68 98.93 13.87 -45.55
N GLY KC 69 98.23 13.52 -44.47
CA GLY KC 69 98.80 12.73 -43.40
C GLY KC 69 99.65 13.49 -42.40
N LEU KC 70 99.65 14.82 -42.50
CA LEU KC 70 100.48 15.64 -41.63
C LEU KC 70 99.78 15.95 -40.30
N TYR KC 71 98.63 16.63 -40.38
CA TYR KC 71 97.79 16.88 -39.21
C TYR KC 71 96.92 15.66 -38.89
N ARG KC 72 96.75 15.38 -37.59
CA ARG KC 72 95.95 14.24 -37.15
C ARG KC 72 94.70 14.71 -36.37
N ASP KC 73 93.52 14.53 -36.96
CA ASP KC 73 92.27 14.97 -36.32
C ASP KC 73 91.53 13.80 -35.66
N GLU KC 74 91.56 13.78 -34.34
CA GLU KC 74 90.93 12.71 -33.56
C GLU KC 74 89.42 12.89 -33.55
N HIS KC 75 88.97 14.14 -33.59
CA HIS KC 75 87.55 14.44 -33.61
C HIS KC 75 86.88 13.89 -34.88
N GLN KC 76 87.48 14.19 -36.02
CA GLN KC 76 87.00 13.68 -37.29
C GLN KC 76 87.16 12.16 -37.37
N ASP KC 77 88.23 11.63 -36.76
CA ASP KC 77 88.43 10.18 -36.69
C ASP KC 77 87.26 9.52 -35.96
N PHE KC 78 86.89 10.11 -34.83
CA PHE KC 78 85.76 9.67 -34.01
C PHE KC 78 84.49 9.66 -34.85
N ARG KC 79 84.17 10.81 -35.44
CA ARG KC 79 83.01 10.93 -36.31
C ARG KC 79 82.98 9.82 -37.36
N ASP KC 80 84.14 9.62 -37.99
CA ASP KC 80 84.34 8.61 -39.02
C ASP KC 80 83.97 7.21 -38.56
N GLU KC 81 84.70 6.71 -37.55
CA GLU KC 81 84.48 5.37 -37.04
C GLU KC 81 83.04 5.15 -36.57
N GLN KC 82 82.49 6.16 -35.89
CA GLN KC 82 81.10 6.13 -35.46
C GLN KC 82 80.15 5.92 -36.64
N LEU KC 83 80.35 6.71 -37.70
CA LEU KC 83 79.51 6.63 -38.90
C LEU KC 83 79.68 5.29 -39.63
N ARG KC 84 80.92 4.79 -39.64
CA ARG KC 84 81.26 3.48 -40.22
C ARG KC 84 80.47 2.37 -39.55
N LEU KC 85 80.56 2.32 -38.23
CA LEU KC 85 79.79 1.35 -37.46
C LEU KC 85 78.29 1.55 -37.64
N LYS KC 86 77.86 2.81 -37.82
CA LYS KC 86 76.46 3.12 -38.00
C LYS KC 86 75.88 2.58 -39.32
N LYS KC 87 76.66 2.69 -40.39
CA LYS KC 87 76.26 2.15 -41.70
C LYS KC 87 76.43 0.62 -41.70
N LEU KC 88 77.32 0.11 -40.85
CA LEU KC 88 77.47 -1.33 -40.66
C LEU KC 88 76.22 -1.90 -39.97
N ARG KC 89 75.70 -1.17 -38.99
CA ARG KC 89 74.50 -1.54 -38.24
C ARG KC 89 73.26 -1.60 -39.14
N GLY KC 90 73.33 -0.92 -40.27
CA GLY KC 90 72.23 -0.89 -41.21
C GLY KC 90 71.50 0.44 -41.28
N LYS KC 91 71.86 1.37 -40.40
CA LYS KC 91 71.29 2.71 -40.49
C LYS KC 91 72.33 3.70 -41.04
N GLY KC 92 72.16 4.08 -42.30
CA GLY KC 92 73.03 5.04 -42.96
C GLY KC 92 72.33 6.34 -43.28
N LYS KC 93 72.95 7.16 -44.13
CA LYS KC 93 72.30 8.33 -44.69
C LYS KC 93 71.76 8.03 -46.08
N PRO KC 94 70.44 8.18 -46.28
CA PRO KC 94 69.77 7.90 -47.56
C PRO KC 94 70.33 8.75 -48.71
N ARG KC 95 70.64 8.10 -49.85
CA ARG KC 95 71.03 8.80 -51.07
C ARG KC 95 69.93 9.79 -51.44
N LYS KC 96 70.32 10.98 -51.89
CA LYS KC 96 69.36 12.08 -52.04
C LYS KC 96 68.15 11.76 -52.94
N GLY KC 97 66.95 11.99 -52.40
CA GLY KC 97 65.73 11.78 -53.14
C GLY KC 97 65.00 10.48 -52.82
N GLU KC 98 65.73 9.55 -52.21
CA GLU KC 98 65.21 8.20 -51.98
C GLU KC 98 64.29 8.04 -50.76
N GLY KC 99 64.57 8.78 -49.69
CA GLY KC 99 64.02 8.47 -48.38
C GLY KC 99 62.51 8.49 -48.13
N LYS KC 100 61.87 9.62 -48.40
CA LYS KC 100 60.45 9.82 -48.07
C LYS KC 100 59.48 8.85 -48.77
N ARG KC 101 59.38 8.98 -50.09
CA ARG KC 101 58.38 8.26 -50.89
C ARG KC 101 58.52 6.75 -50.84
N ALA KC 102 59.76 6.27 -50.89
CA ALA KC 102 60.04 4.82 -50.93
C ALA KC 102 59.51 4.10 -49.70
N MET LC 1 36.29 -67.16 7.06
CA MET LC 1 36.57 -67.43 8.46
C MET LC 1 35.78 -66.51 9.40
N ALA LC 2 36.31 -66.29 10.60
CA ALA LC 2 35.58 -65.54 11.63
C ALA LC 2 35.98 -64.07 11.75
N ARG LC 3 35.07 -63.20 11.35
CA ARG LC 3 35.17 -61.77 11.63
C ARG LC 3 33.91 -61.35 12.38
N LYS LC 4 34.09 -60.60 13.46
CA LYS LC 4 33.05 -60.38 14.47
C LYS LC 4 31.72 -59.81 13.96
N LYS LC 5 31.73 -59.19 12.78
CA LYS LC 5 30.54 -58.58 12.21
C LYS LC 5 29.81 -59.50 11.20
N VAL LC 6 30.31 -60.72 11.01
CA VAL LC 6 29.89 -61.60 9.92
C VAL LC 6 28.37 -61.80 9.82
N ARG LC 7 27.84 -61.65 8.60
CA ARG LC 7 26.40 -61.76 8.35
C ARG LC 7 25.92 -63.22 8.27
N PRO LC 8 24.70 -63.46 8.79
CA PRO LC 8 24.05 -64.78 8.80
C PRO LC 8 23.29 -65.08 7.50
N ARG LC 9 23.94 -65.66 6.49
CA ARG LC 9 23.22 -65.95 5.25
C ARG LC 9 22.24 -67.10 5.47
N LEU LC 10 20.96 -66.80 5.35
CA LEU LC 10 19.88 -67.77 5.52
C LEU LC 10 19.57 -68.56 4.25
N ILE LC 11 19.56 -67.83 3.12
CA ILE LC 11 19.10 -68.36 1.85
C ILE LC 11 20.02 -69.45 1.30
N ALA LC 12 21.25 -69.51 1.79
CA ALA LC 12 22.16 -70.61 1.45
C ALA LC 12 21.53 -71.95 1.85
N GLU LC 13 21.19 -72.07 3.14
CA GLU LC 13 20.54 -73.25 3.69
C GLU LC 13 19.22 -73.59 2.98
N LEU LC 14 18.37 -72.58 2.79
CA LEU LC 14 17.09 -72.73 2.08
C LEU LC 14 17.27 -73.32 0.67
N ALA LC 15 18.20 -72.74 -0.10
CA ALA LC 15 18.49 -73.23 -1.43
C ALA LC 15 19.04 -74.67 -1.38
N ARG LC 16 19.85 -74.99 -0.37
CA ARG LC 16 20.35 -76.35 -0.18
C ARG LC 16 19.22 -77.37 0.00
N ARG LC 17 18.39 -77.16 1.03
CA ARG LC 17 17.26 -78.05 1.33
C ARG LC 17 16.30 -78.18 0.16
N VAL LC 18 15.93 -77.04 -0.42
CA VAL LC 18 15.00 -76.99 -1.55
C VAL LC 18 15.53 -77.75 -2.78
N ARG LC 19 16.81 -77.56 -3.10
CA ARG LC 19 17.42 -78.28 -4.21
C ARG LC 19 17.50 -79.80 -3.96
N ALA LC 20 17.86 -80.20 -2.74
CA ALA LC 20 17.89 -81.62 -2.38
C ALA LC 20 16.50 -82.26 -2.53
N LEU LC 21 15.48 -81.56 -2.03
CA LEU LC 21 14.09 -82.01 -2.12
C LEU LC 21 13.59 -82.13 -3.57
N ARG LC 22 13.81 -81.09 -4.37
CA ARG LC 22 13.41 -81.12 -5.78
C ARG LC 22 14.25 -82.10 -6.59
N GLU LC 23 15.38 -82.52 -6.03
CA GLU LC 23 16.18 -83.59 -6.62
C GLU LC 23 15.56 -84.96 -6.35
N GLN LC 24 15.17 -85.20 -5.11
CA GLN LC 24 14.57 -86.49 -4.74
C GLN LC 24 13.18 -86.70 -5.33
N ARG LC 25 12.41 -85.62 -5.41
CA ARG LC 25 11.03 -85.66 -5.90
C ARG LC 25 10.96 -85.81 -7.43
N GLU LC 26 11.82 -85.08 -8.14
CA GLU LC 26 11.82 -85.08 -9.59
C GLU LC 26 12.80 -86.11 -10.16
N ARG LC 27 13.36 -86.93 -9.27
CA ARG LC 27 14.34 -87.96 -9.65
C ARG LC 27 13.75 -88.88 -10.74
N PRO LC 28 14.38 -88.88 -11.94
CA PRO LC 28 13.86 -89.55 -13.14
C PRO LC 28 13.82 -91.07 -13.05
N ARG LC 29 12.70 -91.66 -13.48
CA ARG LC 29 12.62 -93.10 -13.68
C ARG LC 29 13.61 -93.45 -14.79
N ASP LC 30 14.35 -94.54 -14.60
CA ASP LC 30 15.38 -94.91 -15.58
C ASP LC 30 14.76 -95.46 -16.88
N SER LC 31 13.44 -95.60 -16.87
CA SER LC 31 12.67 -96.00 -18.05
C SER LC 31 12.72 -94.93 -19.16
N GLN LC 32 12.46 -93.68 -18.77
CA GLN LC 32 12.53 -92.53 -19.67
C GLN LC 32 13.97 -92.09 -19.89
N ARG LC 33 14.79 -92.30 -18.86
CA ARG LC 33 16.20 -91.89 -18.84
C ARG LC 33 17.01 -92.51 -19.99
N TYR LC 34 17.11 -93.83 -19.97
CA TYR LC 34 17.92 -94.57 -20.94
C TYR LC 34 17.14 -94.83 -22.23
N ALA LC 35 15.92 -94.30 -22.28
CA ALA LC 35 15.11 -94.34 -23.50
C ALA LC 35 15.90 -93.74 -24.67
N LEU LC 36 15.79 -94.38 -25.83
CA LEU LC 36 16.63 -94.04 -26.97
C LEU LC 36 15.84 -93.92 -28.27
N ASP LC 37 16.22 -92.95 -29.10
CA ASP LC 37 15.73 -92.83 -30.46
C ASP LC 37 16.66 -93.63 -31.39
N TYR LC 38 16.14 -94.65 -32.05
CA TYR LC 38 16.98 -95.58 -32.83
C TYR LC 38 17.31 -95.07 -34.24
N GLU LC 39 16.54 -94.10 -34.72
CA GLU LC 39 16.81 -93.47 -36.02
C GLU LC 39 17.94 -92.43 -35.96
N THR LC 40 17.89 -91.54 -34.96
CA THR LC 40 18.90 -90.49 -34.80
C THR LC 40 20.05 -90.89 -33.86
N MET LC 41 19.90 -92.04 -33.19
CA MET LC 41 20.80 -92.52 -32.14
C MET LC 41 21.00 -91.48 -31.02
N MET LC 42 19.89 -90.93 -30.53
CA MET LC 42 19.91 -89.79 -29.61
C MET LC 42 18.97 -89.98 -28.40
N ARG LC 43 19.53 -89.91 -27.19
CA ARG LC 43 18.72 -89.92 -25.98
C ARG LC 43 17.86 -88.64 -25.93
N PRO LC 44 16.55 -88.81 -25.70
CA PRO LC 44 15.65 -87.66 -25.47
C PRO LC 44 15.95 -86.94 -24.17
N HIS LC 45 16.22 -87.70 -23.10
CA HIS LC 45 16.40 -87.15 -21.76
C HIS LC 45 17.65 -86.29 -21.64
N SER LC 46 18.80 -86.89 -21.97
CA SER LC 46 20.08 -86.21 -21.82
C SER LC 46 20.47 -85.37 -23.04
N GLY LC 47 19.79 -85.59 -24.17
CA GLY LC 47 20.17 -84.95 -25.42
C GLY LC 47 21.49 -85.48 -25.97
N ASN LC 48 21.99 -86.55 -25.34
CA ASN LC 48 23.28 -87.16 -25.68
C ASN LC 48 23.19 -88.04 -26.94
N ARG LC 49 24.21 -87.94 -27.79
CA ARG LC 49 24.34 -88.82 -28.96
C ARG LC 49 25.33 -89.97 -28.67
N LEU LC 50 24.99 -91.17 -29.14
CA LEU LC 50 25.75 -92.36 -28.79
C LEU LC 50 27.02 -92.52 -29.65
N PRO LC 51 28.05 -93.21 -29.09
CA PRO LC 51 29.31 -93.38 -29.82
C PRO LC 51 29.11 -94.16 -31.13
N MET LC 52 29.88 -93.85 -32.17
CA MET LC 52 29.77 -94.51 -33.48
C MET LC 52 29.98 -96.03 -33.36
N ARG LC 53 31.07 -96.41 -32.68
CA ARG LC 53 31.45 -97.81 -32.47
C ARG LC 53 30.39 -98.65 -31.73
N ALA LC 54 29.43 -97.97 -31.09
CA ALA LC 54 28.35 -98.62 -30.38
C ALA LC 54 27.04 -98.73 -31.19
N TRP LC 55 27.04 -98.22 -32.43
CA TRP LC 55 25.83 -98.12 -33.26
C TRP LC 55 25.23 -99.49 -33.64
N ALA LC 56 26.02 -100.32 -34.33
CA ALA LC 56 25.57 -101.63 -34.80
C ALA LC 56 24.97 -102.46 -33.64
N ASP LC 57 25.72 -102.61 -32.56
CA ASP LC 57 25.30 -103.39 -31.39
C ASP LC 57 24.01 -102.87 -30.73
N VAL LC 58 23.62 -101.64 -31.07
CA VAL LC 58 22.38 -101.07 -30.55
C VAL LC 58 21.18 -101.59 -31.35
N ARG LC 59 21.37 -101.70 -32.66
CA ARG LC 59 20.29 -102.11 -33.56
C ARG LC 59 20.04 -103.63 -33.52
N HIS LC 60 21.13 -104.39 -33.47
CA HIS LC 60 21.10 -105.84 -33.64
C HIS LC 60 21.05 -106.64 -32.33
N GLU LC 61 21.10 -105.95 -31.19
CA GLU LC 61 21.18 -106.67 -29.91
C GLU LC 61 20.16 -106.14 -28.89
N SER LC 62 20.02 -106.88 -27.78
CA SER LC 62 19.02 -106.57 -26.77
C SER LC 62 19.63 -106.41 -25.38
N ARG LC 63 19.11 -105.44 -24.62
CA ARG LC 63 19.55 -105.20 -23.24
C ARG LC 63 19.02 -106.28 -22.31
N LEU LC 64 19.64 -106.39 -21.13
CA LEU LC 64 19.34 -107.43 -20.15
C LEU LC 64 17.85 -107.63 -19.83
N LEU LC 65 17.15 -106.55 -19.49
CA LEU LC 65 15.75 -106.65 -19.07
C LEU LC 65 14.77 -106.85 -20.25
N GLN LC 66 15.29 -106.82 -21.48
CA GLN LC 66 14.53 -107.27 -22.66
C GLN LC 66 14.49 -108.80 -22.76
N LEU LC 67 15.56 -109.45 -22.32
CA LEU LC 67 15.61 -110.91 -22.26
C LEU LC 67 15.22 -111.49 -20.90
N LEU LC 68 15.12 -110.64 -19.87
CA LEU LC 68 14.73 -111.09 -18.53
C LEU LC 68 13.24 -110.93 -18.23
N ASN LC 69 12.52 -110.20 -19.08
CA ASN LC 69 11.10 -109.95 -18.85
C ASN LC 69 10.22 -111.13 -19.30
N ARG LC 70 10.70 -111.89 -20.29
CA ARG LC 70 9.98 -113.05 -20.81
C ARG LC 70 10.40 -114.36 -20.14
N LEU LC 71 11.26 -114.25 -19.13
CA LEU LC 71 11.63 -115.40 -18.29
C LEU LC 71 10.62 -115.55 -17.13
N PRO LC 72 10.32 -116.80 -16.74
CA PRO LC 72 9.21 -117.14 -15.83
C PRO LC 72 9.26 -116.54 -14.41
N LEU LC 73 10.40 -116.65 -13.74
CA LEU LC 73 10.58 -116.12 -12.38
C LEU LC 73 11.18 -114.72 -12.48
N PHE LC 74 11.21 -114.23 -13.72
CA PHE LC 74 11.97 -113.05 -14.13
C PHE LC 74 13.45 -113.39 -14.01
N GLY LC 75 13.77 -114.63 -14.38
CA GLY LC 75 15.15 -115.05 -14.56
C GLY LC 75 16.02 -115.11 -13.33
N LEU LC 76 15.60 -115.87 -12.32
CA LEU LC 76 16.44 -116.10 -11.14
C LEU LC 76 17.24 -117.41 -11.26
N GLY LC 77 18.51 -117.37 -10.87
CA GLY LC 77 19.39 -118.53 -10.97
C GLY LC 77 19.90 -118.78 -12.38
N ARG LC 78 19.44 -117.95 -13.32
CA ARG LC 78 19.78 -118.07 -14.74
C ARG LC 78 21.22 -117.62 -15.04
N LEU LC 79 21.75 -118.03 -16.18
CA LEU LC 79 23.07 -117.58 -16.61
C LEU LC 79 22.97 -116.65 -17.83
N VAL LC 80 23.67 -115.51 -17.75
CA VAL LC 80 23.67 -114.48 -18.80
C VAL LC 80 25.10 -114.11 -19.22
N THR LC 81 25.31 -113.99 -20.52
CA THR LC 81 26.60 -113.59 -21.06
C THR LC 81 26.49 -112.34 -21.91
N ARG LC 82 27.63 -111.71 -22.17
CA ARG LC 82 27.67 -110.47 -22.93
C ARG LC 82 28.42 -110.67 -24.25
N LYS LC 83 27.87 -110.14 -25.33
CA LYS LC 83 28.38 -110.30 -26.70
C LYS LC 83 29.86 -109.91 -26.86
N SER LC 84 30.25 -108.82 -26.22
CA SER LC 84 31.63 -108.34 -26.25
C SER LC 84 32.60 -109.35 -25.59
N TRP LC 85 32.13 -109.99 -24.53
CA TRP LC 85 32.90 -111.04 -23.84
C TRP LC 85 33.02 -112.29 -24.71
N LEU LC 86 31.94 -112.62 -25.40
CA LEU LC 86 31.88 -113.76 -26.31
C LEU LC 86 32.86 -113.56 -27.47
N TRP LC 87 32.90 -112.34 -28.00
CA TRP LC 87 33.81 -112.01 -29.09
C TRP LC 87 35.26 -111.97 -28.63
N GLN LC 88 35.51 -111.30 -27.50
CA GLN LC 88 36.86 -111.09 -26.99
C GLN LC 88 37.44 -112.27 -26.18
N HIS LC 89 36.64 -112.85 -25.30
CA HIS LC 89 37.12 -113.92 -24.41
C HIS LC 89 36.55 -115.28 -24.78
N ASP LC 90 37.45 -116.22 -25.06
CA ASP LC 90 37.08 -117.58 -25.43
C ASP LC 90 36.71 -118.41 -24.19
N GLU LC 91 37.25 -118.01 -23.05
CA GLU LC 91 36.92 -118.61 -21.77
C GLU LC 91 35.56 -118.07 -21.30
N PRO LC 92 34.79 -118.87 -20.54
CA PRO LC 92 33.41 -118.49 -20.19
C PRO LC 92 33.29 -117.21 -19.36
N CYS LC 93 32.46 -116.28 -19.83
CA CYS LC 93 32.19 -115.03 -19.12
C CYS LC 93 30.69 -114.87 -18.92
N TYR LC 94 30.23 -114.96 -17.67
CA TYR LC 94 28.80 -114.94 -17.38
C TYR LC 94 28.42 -114.31 -16.04
N TRP LC 95 27.14 -113.96 -15.95
CA TRP LC 95 26.51 -113.42 -14.74
C TRP LC 95 25.39 -114.33 -14.26
N ARG LC 96 25.52 -114.85 -13.05
CA ARG LC 96 24.43 -115.58 -12.43
C ARG LC 96 23.55 -114.62 -11.61
N LEU LC 97 22.28 -114.51 -11.98
CA LEU LC 97 21.39 -113.52 -11.38
C LEU LC 97 20.87 -113.95 -9.99
N THR LC 98 21.15 -113.11 -9.00
CA THR LC 98 20.68 -113.30 -7.64
C THR LC 98 19.32 -112.60 -7.45
N ARG LC 99 19.32 -111.28 -7.56
CA ARG LC 99 18.06 -110.52 -7.57
C ARG LC 99 17.90 -109.71 -8.84
N VAL LC 100 16.65 -109.48 -9.23
CA VAL LC 100 16.35 -108.56 -10.33
C VAL LC 100 15.17 -107.67 -9.92
N ARG LC 101 15.37 -106.36 -10.02
CA ARG LC 101 14.37 -105.36 -9.64
C ARG LC 101 14.06 -104.47 -10.83
N PRO LC 102 13.03 -104.82 -11.61
CA PRO LC 102 12.63 -104.11 -12.82
C PRO LC 102 11.91 -102.77 -12.57
N ASP LC 103 11.83 -101.95 -13.61
CA ASP LC 103 11.15 -100.66 -13.53
C ASP LC 103 9.85 -100.67 -14.32
N TYR LC 104 8.78 -100.44 -13.57
CA TYR LC 104 7.42 -100.71 -14.00
C TYR LC 104 6.74 -99.52 -14.68
N ALA LC 105 7.37 -98.36 -14.61
CA ALA LC 105 6.90 -97.19 -15.33
C ALA LC 105 7.02 -97.47 -16.82
N ALA LC 106 7.93 -98.38 -17.16
CA ALA LC 106 8.14 -98.83 -18.53
C ALA LC 106 6.93 -99.62 -19.03
N GLU LC 107 6.38 -99.18 -20.17
CA GLU LC 107 5.26 -99.85 -20.81
C GLU LC 107 5.66 -101.25 -21.29
N ASN LC 108 6.86 -101.34 -21.85
CA ASN LC 108 7.41 -102.58 -22.40
C ASN LC 108 8.20 -103.36 -21.34
N LEU LC 109 8.44 -102.72 -20.19
CA LEU LC 109 9.20 -103.30 -19.07
C LEU LC 109 10.63 -103.72 -19.46
N ASP LC 110 11.33 -102.85 -20.19
CA ASP LC 110 12.65 -103.16 -20.76
C ASP LC 110 13.83 -102.72 -19.88
N HIS LC 111 13.53 -102.08 -18.76
CA HIS LC 111 14.56 -101.49 -17.90
C HIS LC 111 14.46 -102.00 -16.46
N GLY LC 112 15.59 -102.01 -15.75
CA GLY LC 112 15.63 -102.41 -14.35
C GLY LC 112 17.02 -102.63 -13.81
N LYS LC 113 17.13 -102.66 -12.48
CA LYS LC 113 18.39 -102.85 -11.77
C LYS LC 113 18.62 -104.34 -11.45
N ALA LC 114 19.82 -104.83 -11.73
CA ALA LC 114 20.10 -106.26 -11.52
C ALA LC 114 21.26 -106.50 -10.55
N TRP LC 115 21.25 -107.67 -9.92
CA TRP LC 115 22.31 -108.11 -9.00
C TRP LC 115 22.76 -109.51 -9.37
N GLY LC 116 23.87 -109.97 -8.78
CA GLY LC 116 24.29 -111.34 -8.98
C GLY LC 116 25.73 -111.68 -8.63
N ILE LC 117 26.15 -112.86 -9.08
CA ILE LC 117 27.51 -113.36 -8.85
C ILE LC 117 28.18 -113.64 -10.20
N LEU LC 118 29.43 -113.18 -10.33
CA LEU LC 118 30.09 -113.13 -11.63
C LEU LC 118 31.15 -114.22 -11.83
N THR LC 119 31.23 -114.74 -13.05
CA THR LC 119 32.37 -115.57 -13.46
C THR LC 119 32.99 -114.98 -14.74
N PHE LC 120 34.23 -114.51 -14.63
CA PHE LC 120 34.91 -113.87 -15.75
C PHE LC 120 36.22 -114.58 -16.09
N LYS LC 121 36.37 -114.96 -17.35
CA LYS LC 121 37.50 -115.79 -17.82
C LYS LC 121 37.57 -117.11 -17.05
N GLY LC 122 36.40 -117.61 -16.62
CA GLY LC 122 36.29 -118.88 -15.93
C GLY LC 122 36.44 -118.73 -14.42
N LYS LC 123 37.08 -117.66 -13.99
CA LYS LC 123 37.30 -117.39 -12.57
C LYS LC 123 36.03 -116.86 -11.91
N THR LC 124 35.67 -117.42 -10.75
CA THR LC 124 34.41 -117.09 -10.11
C THR LC 124 34.57 -116.30 -8.82
N GLU LC 125 33.84 -115.18 -8.75
CA GLU LC 125 33.77 -114.38 -7.54
C GLU LC 125 32.81 -115.06 -6.55
N SER LC 126 33.08 -114.90 -5.26
CA SER LC 126 32.35 -115.64 -4.23
C SER LC 126 31.18 -114.87 -3.61
N GLU LC 127 30.92 -113.65 -4.11
CA GLU LC 127 29.94 -112.77 -3.48
C GLU LC 127 28.86 -112.27 -4.43
N ALA LC 128 27.79 -111.71 -3.84
CA ALA LC 128 26.74 -111.03 -4.58
C ALA LC 128 27.11 -109.56 -4.83
N ARG LC 129 26.77 -109.06 -6.01
CA ARG LC 129 27.13 -107.71 -6.46
C ARG LC 129 26.09 -107.17 -7.45
N GLU LC 130 25.96 -105.85 -7.55
CA GLU LC 130 25.08 -105.25 -8.55
C GLU LC 130 25.73 -105.31 -9.95
N ILE LC 131 24.92 -105.69 -10.94
CA ILE LC 131 25.38 -105.86 -12.32
C ILE LC 131 25.55 -104.51 -13.01
N GLU LC 132 26.64 -104.39 -13.76
CA GLU LC 132 27.01 -103.13 -14.41
C GLU LC 132 26.61 -103.14 -15.88
N GLN LC 133 26.24 -101.96 -16.39
CA GLN LC 133 25.97 -101.73 -17.81
C GLN LC 133 24.79 -102.58 -18.31
N VAL LC 134 23.74 -102.61 -17.50
CA VAL LC 134 22.49 -103.30 -17.82
C VAL LC 134 21.82 -102.74 -19.08
N MET LC 135 21.76 -101.41 -19.18
CA MET LC 135 21.06 -100.72 -20.27
C MET LC 135 21.73 -100.89 -21.63
N TYR LC 136 23.00 -101.31 -21.60
CA TYR LC 136 23.78 -101.59 -22.82
C TYR LC 136 23.05 -102.60 -23.69
N HIS LC 137 23.13 -102.49 -25.02
CA HIS LC 137 22.73 -103.68 -25.75
C HIS LC 137 23.96 -104.43 -26.21
N ASP LC 138 24.48 -105.27 -25.33
CA ASP LC 138 25.30 -106.43 -25.69
C ASP LC 138 24.68 -107.77 -25.25
N TRP LC 139 23.57 -107.71 -24.51
CA TRP LC 139 23.21 -108.82 -23.64
C TRP LC 139 22.59 -110.05 -24.33
N ARG LC 140 23.00 -111.23 -23.86
CA ARG LC 140 22.53 -112.54 -24.37
C ARG LC 140 22.27 -113.53 -23.23
N LEU LC 141 21.23 -114.35 -23.38
CA LEU LC 141 20.90 -115.38 -22.39
C LEU LC 141 21.27 -116.78 -22.91
N VAL LC 142 21.88 -117.60 -22.05
CA VAL LC 142 22.21 -118.98 -22.42
C VAL LC 142 21.10 -119.96 -22.02
N PRO LC 143 20.73 -120.88 -22.94
CA PRO LC 143 19.65 -121.86 -22.70
C PRO LC 143 19.98 -122.86 -21.59
N LYS LC 144 18.97 -123.55 -21.07
CA LYS LC 144 19.13 -124.49 -19.96
C LYS LC 144 19.99 -125.71 -20.31
N HIS LC 145 19.92 -126.13 -21.57
CA HIS LC 145 20.67 -127.29 -22.04
C HIS LC 145 22.15 -126.95 -22.31
N GLU LC 146 22.40 -125.77 -22.88
CA GLU LC 146 23.75 -125.32 -23.19
C GLU LC 146 24.43 -124.74 -21.95
N GLU LC 147 23.64 -124.58 -20.88
CA GLU LC 147 24.14 -124.10 -19.60
C GLU LC 147 25.41 -124.85 -19.18
N GLU LC 148 25.27 -126.16 -18.94
CA GLU LC 148 26.40 -127.00 -18.52
C GLU LC 148 27.51 -127.09 -19.59
N ALA LC 149 27.24 -126.61 -20.80
CA ALA LC 149 28.26 -126.51 -21.84
C ALA LC 149 29.12 -125.25 -21.70
N PHE LC 150 28.50 -124.15 -21.26
CA PHE LC 150 29.18 -122.88 -21.02
C PHE LC 150 29.93 -122.85 -19.68
N THR LC 151 29.31 -123.39 -18.63
CA THR LC 151 29.93 -123.48 -17.30
C THR LC 151 31.10 -124.48 -17.28
N ALA LC 152 31.21 -125.26 -18.35
CA ALA LC 152 32.35 -126.15 -18.53
C ALA LC 152 33.60 -125.30 -18.80
N PHE LC 153 34.62 -125.49 -17.96
CA PHE LC 153 35.80 -124.65 -18.01
C PHE LC 153 37.08 -125.49 -17.94
N THR LC 154 38.00 -125.26 -18.88
CA THR LC 154 39.29 -125.94 -18.89
C THR LC 154 40.30 -125.09 -18.13
N LEU LC 155 40.71 -125.56 -16.95
CA LEU LC 155 41.57 -124.78 -16.07
C LEU LC 155 43.03 -124.86 -16.54
N VAL LC 156 43.61 -123.71 -16.85
CA VAL LC 156 44.97 -123.64 -17.36
C VAL LC 156 45.79 -122.73 -16.43
N PRO LC 157 47.05 -123.13 -16.12
CA PRO LC 157 47.93 -122.32 -15.28
C PRO LC 157 48.49 -121.09 -16.01
N GLU LC 158 48.99 -120.12 -15.24
CA GLU LC 158 49.51 -118.87 -15.79
C GLU LC 158 51.04 -118.91 -16.00
N ASP LC 159 51.47 -118.60 -17.22
CA ASP LC 159 52.88 -118.74 -17.60
C ASP LC 159 53.71 -117.46 -17.52
N THR LC 160 53.12 -116.35 -17.07
CA THR LC 160 53.86 -115.09 -16.94
C THR LC 160 54.88 -115.16 -15.79
N PRO LC 161 56.16 -114.88 -16.09
CA PRO LC 161 57.24 -114.93 -15.09
C PRO LC 161 56.95 -114.11 -13.83
N LEU LC 162 57.16 -114.70 -12.67
CA LEU LC 162 56.88 -114.05 -11.38
C LEU LC 162 57.83 -112.86 -11.13
N SER LC 163 59.01 -112.92 -11.73
CA SER LC 163 60.03 -111.88 -11.55
C SER LC 163 60.59 -111.35 -12.88
N VAL LC 164 60.96 -110.06 -12.90
CA VAL LC 164 61.52 -109.41 -14.09
C VAL LC 164 62.75 -108.56 -13.76
N PRO LC 165 63.58 -108.21 -14.78
CA PRO LC 165 64.72 -107.33 -14.48
C PRO LC 165 64.29 -105.97 -13.94
N TYR LC 166 65.10 -105.33 -13.09
CA TYR LC 166 64.91 -103.92 -12.78
C TYR LC 166 65.27 -103.10 -14.03
N PRO LC 167 64.62 -101.94 -14.23
CA PRO LC 167 65.08 -101.06 -15.31
C PRO LC 167 66.56 -100.66 -15.09
N PRO LC 168 67.33 -100.52 -16.19
CA PRO LC 168 68.82 -100.59 -16.16
C PRO LC 168 69.48 -99.69 -15.10
N LEU LC 169 69.07 -98.42 -15.07
CA LEU LC 169 69.58 -97.43 -14.12
C LEU LC 169 69.19 -97.79 -12.69
N LEU LC 170 67.92 -98.08 -12.48
CA LEU LC 170 67.42 -98.47 -11.16
C LEU LC 170 68.18 -99.71 -10.63
N ARG LC 171 68.33 -100.69 -11.52
CA ARG LC 171 69.19 -101.85 -11.24
C ARG LC 171 70.58 -101.42 -10.76
N ALA LC 172 71.25 -100.58 -11.55
CA ALA LC 172 72.62 -100.14 -11.25
C ALA LC 172 72.70 -99.44 -9.88
N MET LC 173 71.67 -98.64 -9.60
CA MET LC 173 71.48 -97.94 -8.33
C MET LC 173 71.44 -98.90 -7.14
N ILE LC 174 70.58 -99.92 -7.25
CA ILE LC 174 70.49 -100.97 -6.23
C ILE LC 174 71.84 -101.67 -6.01
N LEU LC 175 72.48 -102.05 -7.12
CA LEU LC 175 73.78 -102.72 -7.07
C LEU LC 175 74.82 -101.90 -6.29
N ALA LC 176 75.02 -100.65 -6.74
CA ALA LC 176 75.95 -99.72 -6.08
C ALA LC 176 75.60 -99.52 -4.61
N GLN LC 177 74.30 -99.48 -4.32
CA GLN LC 177 73.79 -99.22 -2.98
C GLN LC 177 74.11 -100.33 -1.98
N ARG LC 178 73.91 -101.59 -2.41
CA ARG LC 178 74.27 -102.70 -1.53
C ARG LC 178 75.79 -102.93 -1.52
N GLN LC 179 76.47 -102.46 -2.58
CA GLN LC 179 77.93 -102.50 -2.63
C GLN LC 179 78.54 -101.55 -1.60
N LYS LC 180 77.84 -100.44 -1.36
CA LYS LC 180 78.27 -99.44 -0.38
C LYS LC 180 78.28 -99.98 1.06
N TYR LC 181 77.30 -100.83 1.36
CA TYR LC 181 77.08 -101.28 2.73
C TYR LC 181 77.78 -102.60 3.05
N GLY LC 182 78.58 -103.10 2.12
CA GLY LC 182 79.39 -104.28 2.34
C GLY LC 182 78.68 -105.60 2.06
N ASP LC 183 77.66 -105.53 1.22
CA ASP LC 183 76.97 -106.74 0.74
C ASP LC 183 77.60 -107.17 -0.58
N THR LC 184 78.28 -108.33 -0.55
CA THR LC 184 79.06 -108.80 -1.69
C THR LC 184 78.25 -109.66 -2.67
N SER LC 185 77.04 -110.08 -2.27
CA SER LC 185 76.24 -111.00 -3.08
C SER LC 185 75.97 -110.41 -4.46
N THR LC 186 76.39 -111.16 -5.49
CA THR LC 186 76.27 -110.73 -6.88
C THR LC 186 74.94 -111.22 -7.46
N GLU LC 187 74.12 -111.80 -6.58
CA GLU LC 187 72.78 -112.29 -6.93
C GLU LC 187 71.93 -111.17 -7.55
N GLU LC 188 71.42 -111.45 -8.74
CA GLU LC 188 70.69 -110.45 -9.54
C GLU LC 188 69.45 -109.91 -8.81
N PRO LC 189 69.35 -108.57 -8.68
CA PRO LC 189 68.15 -107.96 -8.09
C PRO LC 189 66.91 -108.17 -8.98
N MET LC 190 65.82 -108.66 -8.38
CA MET LC 190 64.65 -109.08 -9.16
C MET LC 190 63.33 -108.43 -8.73
N LEU LC 191 62.55 -108.01 -9.72
CA LEU LC 191 61.27 -107.32 -9.49
C LEU LC 191 60.12 -108.32 -9.43
N ASN LC 192 59.47 -108.38 -8.27
CA ASN LC 192 58.41 -109.37 -8.00
C ASN LC 192 57.02 -108.88 -8.44
N LEU LC 193 56.45 -109.55 -9.43
CA LEU LC 193 55.24 -109.08 -10.12
C LEU LC 193 53.92 -109.65 -9.55
N GLU LC 194 54.01 -110.39 -8.45
CA GLU LC 194 52.87 -111.11 -7.87
C GLU LC 194 51.64 -110.24 -7.60
N ARG LC 195 51.86 -109.06 -7.01
CA ARG LC 195 50.76 -108.15 -6.66
C ARG LC 195 50.52 -107.14 -7.76
N ALA LC 196 51.25 -107.27 -8.86
CA ALA LC 196 51.16 -106.35 -10.00
C ALA LC 196 50.06 -106.78 -10.95
N ARG LC 197 49.33 -107.83 -10.56
CA ARG LC 197 48.23 -108.38 -11.36
C ARG LC 197 47.06 -107.39 -11.49
N ILE LC 198 46.66 -107.13 -12.75
CA ILE LC 198 45.56 -106.22 -13.06
C ILE LC 198 44.53 -106.88 -13.99
N ASP LC 199 43.25 -106.63 -13.74
CA ASP LC 199 42.18 -107.15 -14.59
C ASP LC 199 42.12 -106.39 -15.92
N PRO LC 200 41.77 -107.08 -17.02
CA PRO LC 200 41.59 -106.38 -18.30
C PRO LC 200 40.42 -105.41 -18.23
N TRP LC 201 40.35 -104.47 -19.16
CA TRP LC 201 39.36 -103.40 -19.09
C TRP LC 201 37.91 -103.90 -19.18
N ASP LC 202 37.71 -105.09 -19.74
CA ASP LC 202 36.37 -105.66 -19.88
C ASP LC 202 35.74 -106.03 -18.53
N TYR LC 203 36.59 -106.28 -17.54
CA TYR LC 203 36.16 -106.66 -16.19
C TYR LC 203 35.25 -105.58 -15.60
N PRO LC 204 33.99 -105.95 -15.28
CA PRO LC 204 33.03 -104.98 -14.71
C PRO LC 204 33.41 -104.49 -13.30
N ALA LC 205 33.33 -103.17 -13.10
CA ALA LC 205 33.57 -102.55 -11.80
C ALA LC 205 32.33 -102.57 -10.91
N LYS LC 206 32.53 -102.66 -9.60
CA LYS LC 206 31.43 -102.71 -8.64
C LYS LC 206 30.81 -101.33 -8.41
N LEU LC 207 29.48 -101.28 -8.48
CA LEU LC 207 28.74 -100.02 -8.32
C LEU LC 207 28.46 -99.72 -6.85
N GLU LC 208 28.75 -100.69 -5.99
CA GLU LC 208 28.49 -100.56 -4.57
C GLU LC 208 29.51 -99.66 -3.88
N ALA LC 209 29.01 -98.69 -3.11
CA ALA LC 209 29.86 -97.73 -2.40
C ALA LC 209 30.77 -98.44 -1.40
N LYS LC 210 32.01 -97.97 -1.30
CA LYS LC 210 33.01 -98.62 -0.45
C LYS LC 210 32.83 -98.34 1.03
N THR LC 211 32.94 -99.39 1.84
CA THR LC 211 32.95 -99.25 3.29
C THR LC 211 34.36 -98.92 3.77
N LYS LC 212 34.51 -97.78 4.44
CA LYS LC 212 35.82 -97.28 4.82
C LYS LC 212 36.37 -97.97 6.07
N THR LC 213 37.54 -98.60 5.93
CA THR LC 213 38.18 -99.32 7.04
C THR LC 213 39.54 -98.71 7.39
N ARG MC 51 115.18 2.05 -31.12
CA ARG MC 51 116.46 2.38 -30.50
C ARG MC 51 116.37 3.68 -29.70
N ARG MC 52 116.68 3.58 -28.40
CA ARG MC 52 116.51 4.70 -27.49
C ARG MC 52 117.86 5.34 -27.12
N LYS MC 53 117.95 6.65 -27.35
CA LYS MC 53 119.19 7.39 -27.09
C LYS MC 53 119.05 8.46 -26.00
N ALA MC 54 119.78 8.28 -24.91
CA ALA MC 54 119.82 9.26 -23.83
C ALA MC 54 121.24 9.78 -23.61
N LEU MC 55 121.48 11.04 -23.94
CA LEU MC 55 122.78 11.67 -23.77
C LEU MC 55 122.81 12.55 -22.51
N PRO MC 56 123.88 12.41 -21.69
CA PRO MC 56 124.05 13.29 -20.52
C PRO MC 56 124.02 14.78 -20.90
N PRO MC 57 123.46 15.63 -20.04
CA PRO MC 57 123.29 17.07 -20.31
C PRO MC 57 124.61 17.83 -20.49
N ARG MC 58 124.52 19.04 -21.05
CA ARG MC 58 125.67 19.94 -21.22
C ARG MC 58 126.40 20.27 -19.93
N THR MC 59 125.66 20.23 -18.82
CA THR MC 59 126.18 20.62 -17.51
C THR MC 59 127.39 19.77 -17.08
N GLU MC 60 127.51 18.56 -17.65
CA GLU MC 60 128.66 17.68 -17.41
C GLU MC 60 129.95 18.24 -18.03
N LYS MC 61 129.88 18.66 -19.29
CA LYS MC 61 131.05 19.13 -20.03
C LYS MC 61 131.37 20.60 -19.72
N MET MC 62 130.54 21.23 -18.90
CA MET MC 62 130.64 22.66 -18.61
C MET MC 62 131.81 22.97 -17.67
N ALA MC 63 132.72 23.83 -18.12
CA ALA MC 63 133.83 24.29 -17.29
C ALA MC 63 133.32 25.27 -16.24
N VAL MC 64 133.94 25.26 -15.05
CA VAL MC 64 133.50 26.08 -13.93
C VAL MC 64 133.53 27.58 -14.26
N ASP MC 65 134.60 28.02 -14.90
CA ASP MC 65 134.82 29.43 -15.20
C ASP MC 65 134.38 29.84 -16.61
N GLN MC 66 133.80 28.91 -17.37
CA GLN MC 66 133.36 29.20 -18.74
C GLN MC 66 132.45 30.43 -18.78
N ASP MC 67 132.77 31.37 -19.67
CA ASP MC 67 131.99 32.60 -19.78
C ASP MC 67 130.55 32.28 -20.14
N TRP MC 68 129.62 32.84 -19.37
CA TRP MC 68 128.20 32.56 -19.56
C TRP MC 68 127.56 33.15 -20.82
N PRO MC 69 127.83 34.45 -21.15
CA PRO MC 69 127.17 34.99 -22.35
C PRO MC 69 127.45 34.25 -23.66
N SER MC 70 128.49 33.41 -23.68
CA SER MC 70 128.78 32.55 -24.83
C SER MC 70 127.68 31.51 -25.05
N VAL MC 71 127.14 31.00 -23.94
CA VAL MC 71 126.11 29.96 -23.95
C VAL MC 71 124.73 30.53 -24.31
N TYR MC 72 124.37 31.68 -23.71
CA TYR MC 72 123.09 32.33 -23.99
C TYR MC 72 123.29 33.71 -24.63
N PRO MC 73 123.67 33.74 -25.92
CA PRO MC 73 123.84 35.03 -26.60
C PRO MC 73 122.52 35.78 -26.78
N VAL MC 74 121.47 35.04 -27.17
CA VAL MC 74 120.19 35.66 -27.52
C VAL MC 74 119.11 35.26 -26.51
N ALA MC 75 117.90 35.81 -26.71
CA ALA MC 75 116.75 35.45 -25.88
C ALA MC 75 116.40 33.97 -26.12
N ALA MC 76 116.36 33.19 -25.04
CA ALA MC 76 116.20 31.75 -25.13
C ALA MC 76 115.10 31.20 -24.22
N PRO MC 77 114.45 30.10 -24.65
CA PRO MC 77 113.38 29.38 -23.94
C PRO MC 77 113.72 28.82 -22.55
N PHE MC 78 114.99 28.81 -22.15
CA PHE MC 78 115.51 28.03 -21.00
C PHE MC 78 115.38 26.50 -21.17
N LYS MC 79 116.25 25.92 -21.99
CA LYS MC 79 116.50 24.49 -21.95
C LYS MC 79 117.28 24.15 -20.66
N PRO MC 80 116.78 23.18 -19.87
CA PRO MC 80 117.36 22.77 -18.58
C PRO MC 80 118.68 22.02 -18.71
N SER MC 81 118.91 21.43 -19.89
CA SER MC 81 120.15 20.72 -20.19
C SER MC 81 121.34 21.68 -20.32
N ALA MC 82 121.07 22.85 -20.89
CA ALA MC 82 122.11 23.85 -21.17
C ALA MC 82 122.42 24.76 -19.98
N VAL MC 83 121.67 24.64 -18.89
CA VAL MC 83 121.89 25.48 -17.71
C VAL MC 83 122.45 24.67 -16.52
N PRO MC 84 123.65 25.05 -16.04
CA PRO MC 84 124.44 24.38 -14.98
C PRO MC 84 123.87 24.46 -13.55
N LEU MC 85 123.18 25.54 -13.22
CA LEU MC 85 122.65 25.78 -11.87
C LEU MC 85 121.43 24.92 -11.53
N PRO MC 86 121.50 24.13 -10.44
CA PRO MC 86 120.27 23.49 -9.97
C PRO MC 86 119.26 24.54 -9.51
N VAL MC 87 118.05 24.51 -10.05
CA VAL MC 87 117.04 25.47 -9.61
C VAL MC 87 115.70 24.75 -9.45
N ARG MC 88 115.16 24.84 -8.24
CA ARG MC 88 113.89 24.19 -7.93
C ARG MC 88 112.77 25.20 -7.86
N MET MC 89 111.88 25.17 -8.85
CA MET MC 89 110.67 25.98 -8.81
C MET MC 89 109.42 25.12 -8.92
N GLY MC 90 108.29 25.70 -8.53
CA GLY MC 90 107.03 24.99 -8.35
C GLY MC 90 106.71 24.90 -6.87
N TYR MC 91 105.42 24.80 -6.56
CA TYR MC 91 104.97 24.62 -5.19
C TYR MC 91 105.42 23.25 -4.69
N PRO MC 92 105.84 23.15 -3.42
CA PRO MC 92 106.26 21.84 -2.91
C PRO MC 92 105.05 20.97 -2.55
N VAL MC 93 105.30 19.73 -2.10
CA VAL MC 93 104.24 18.89 -1.54
C VAL MC 93 104.61 18.64 -0.07
N LYS MC 94 103.64 18.24 0.74
CA LYS MC 94 103.74 18.30 2.21
C LYS MC 94 105.06 17.77 2.81
N ARG MC 95 105.47 16.57 2.40
CA ARG MC 95 106.81 16.08 2.72
C ARG MC 95 107.85 16.61 1.74
N GLY MC 96 107.50 16.62 0.45
CA GLY MC 96 108.44 16.86 -0.63
C GLY MC 96 108.94 18.28 -0.85
N VAL MC 97 109.80 18.41 -1.85
CA VAL MC 97 110.43 19.69 -2.21
C VAL MC 97 109.79 20.29 -3.48
N PRO MC 98 110.22 21.51 -3.88
CA PRO MC 98 109.84 22.00 -5.22
C PRO MC 98 110.47 21.15 -6.34
N MET MC 99 109.81 21.07 -7.49
CA MET MC 99 110.22 20.17 -8.57
C MET MC 99 111.58 20.54 -9.15
N ALA MC 100 112.27 19.56 -9.75
CA ALA MC 100 113.59 19.82 -10.32
C ALA MC 100 113.46 20.66 -11.60
N LYS MC 101 114.59 21.03 -12.18
CA LYS MC 101 114.58 21.92 -13.35
C LYS MC 101 114.27 21.15 -14.63
N GLU MC 102 114.45 19.83 -14.61
CA GLU MC 102 114.17 19.00 -15.77
C GLU MC 102 112.67 18.68 -15.88
N GLY MC 103 112.12 18.87 -17.09
CA GLY MC 103 110.72 18.62 -17.36
C GLY MC 103 109.76 19.63 -16.72
N ASN MC 104 110.31 20.62 -16.03
CA ASN MC 104 109.50 21.61 -15.33
C ASN MC 104 108.95 22.65 -16.33
N LEU MC 105 107.63 22.72 -16.43
CA LEU MC 105 106.95 23.60 -17.39
C LEU MC 105 106.92 25.04 -16.87
N GLU MC 106 106.88 25.17 -15.54
CA GLU MC 106 106.81 26.48 -14.89
C GLU MC 106 108.07 27.33 -15.15
N LEU MC 107 109.23 26.68 -15.26
CA LEU MC 107 110.48 27.38 -15.58
C LEU MC 107 110.50 27.76 -17.06
N LEU MC 108 109.78 26.99 -17.87
CA LEU MC 108 109.61 27.30 -19.28
C LEU MC 108 108.72 28.53 -19.49
N LYS MC 109 107.70 28.71 -18.63
CA LYS MC 109 106.81 29.87 -18.71
C LYS MC 109 107.51 31.20 -18.35
N ILE MC 110 108.56 31.12 -17.55
CA ILE MC 110 109.24 32.31 -17.02
C ILE MC 110 110.10 33.01 -18.07
N PRO MC 111 109.94 34.34 -18.22
CA PRO MC 111 110.94 35.08 -19.01
C PRO MC 111 112.31 35.02 -18.31
N ASN MC 112 113.35 34.56 -19.01
CA ASN MC 112 114.66 34.40 -18.38
C ASN MC 112 115.65 35.47 -18.84
N PHE MC 113 116.34 36.06 -17.87
CA PHE MC 113 117.26 37.18 -18.12
C PHE MC 113 118.69 36.67 -18.34
N LEU MC 114 118.81 35.35 -18.48
CA LEU MC 114 120.08 34.64 -18.72
C LEU MC 114 120.97 35.17 -19.86
N HIS MC 115 120.38 35.75 -20.91
CA HIS MC 115 121.20 36.37 -21.97
C HIS MC 115 121.71 37.75 -21.53
N LEU MC 116 121.03 38.32 -20.55
CA LEU MC 116 121.31 39.67 -20.05
C LEU MC 116 122.18 39.75 -18.79
N THR MC 117 122.77 38.62 -18.38
CA THR MC 117 123.67 38.55 -17.22
C THR MC 117 124.69 39.70 -17.26
N PRO MC 118 124.90 40.41 -16.11
CA PRO MC 118 125.66 41.68 -16.06
C PRO MC 118 126.98 41.71 -16.83
N VAL MC 119 127.74 40.62 -16.86
CA VAL MC 119 128.93 40.48 -17.69
C VAL MC 119 128.62 40.75 -19.18
N ALA MC 120 127.56 40.11 -19.68
CA ALA MC 120 127.09 40.30 -21.06
C ALA MC 120 126.64 41.76 -21.35
N ILE MC 121 126.05 42.44 -20.36
CA ILE MC 121 125.68 43.85 -20.52
C ILE MC 121 126.92 44.76 -20.61
N LYS MC 122 127.92 44.47 -19.76
CA LYS MC 122 129.22 45.18 -19.82
C LYS MC 122 129.83 45.06 -21.22
N ARG MC 123 129.96 43.81 -21.70
CA ARG MC 123 130.52 43.55 -23.03
C ARG MC 123 129.71 44.21 -24.16
N HIS MC 124 128.40 43.95 -24.19
CA HIS MC 124 127.49 44.54 -25.19
C HIS MC 124 127.64 46.07 -25.27
N CYS MC 125 127.50 46.73 -24.12
CA CYS MC 125 127.57 48.19 -24.03
C CYS MC 125 128.96 48.75 -24.36
N GLU MC 126 130.00 47.95 -24.15
CA GLU MC 126 131.35 48.34 -24.56
C GLU MC 126 131.52 48.19 -26.08
N ALA MC 127 130.71 47.32 -26.69
CA ALA MC 127 130.66 47.22 -28.15
C ALA MC 127 129.77 48.30 -28.77
N LEU MC 128 128.89 48.89 -27.95
CA LEU MC 128 127.98 49.94 -28.43
C LEU MC 128 128.52 51.37 -28.19
N LYS MC 129 129.67 51.49 -27.52
CA LYS MC 129 130.27 52.79 -27.23
C LYS MC 129 130.67 53.53 -28.51
N ASP MC 130 130.77 52.79 -29.61
CA ASP MC 130 131.23 53.32 -30.89
C ASP MC 130 130.15 54.08 -31.65
N PHE MC 131 128.89 53.65 -31.52
CA PHE MC 131 127.77 54.23 -32.25
C PHE MC 131 127.23 55.53 -31.63
N CYS MC 132 127.48 55.74 -30.34
CA CYS MC 132 126.94 56.89 -29.62
C CYS MC 132 127.78 58.16 -29.80
N THR MC 133 127.09 59.30 -29.97
CA THR MC 133 127.74 60.60 -30.14
C THR MC 133 127.53 61.45 -28.86
N GLU MC 134 128.50 62.32 -28.55
CA GLU MC 134 128.53 63.06 -27.29
C GLU MC 134 127.46 64.15 -27.15
N TRP MC 135 127.17 64.53 -25.91
CA TRP MC 135 126.25 65.62 -25.60
C TRP MC 135 127.02 66.93 -25.33
N PRO MC 136 126.64 68.02 -26.02
CA PRO MC 136 127.29 69.35 -25.89
C PRO MC 136 127.37 69.86 -24.46
N ALA MC 137 128.56 70.36 -24.09
CA ALA MC 137 128.84 70.80 -22.72
C ALA MC 137 127.88 71.89 -22.23
N ALA MC 138 127.93 73.06 -22.84
CA ALA MC 138 127.26 74.27 -22.35
C ALA MC 138 125.75 74.09 -22.09
N LEU MC 139 125.14 73.11 -22.74
CA LEU MC 139 123.71 72.83 -22.60
C LEU MC 139 123.33 72.16 -21.26
N ASP MC 140 124.31 71.91 -20.39
CA ASP MC 140 124.10 71.15 -19.14
C ASP MC 140 122.92 71.61 -18.27
N SER MC 141 122.55 72.88 -18.31
CA SER MC 141 121.42 73.39 -17.53
C SER MC 141 120.23 73.76 -18.41
N ASP MC 142 119.02 73.65 -17.87
CA ASP MC 142 117.79 73.90 -18.64
C ASP MC 142 117.64 75.35 -19.06
N GLU MC 143 118.25 76.26 -18.31
CA GLU MC 143 118.23 77.68 -18.61
C GLU MC 143 118.79 77.97 -20.01
N LYS MC 144 120.00 77.44 -20.26
CA LYS MC 144 120.65 77.58 -21.56
C LYS MC 144 119.94 76.77 -22.66
N CYS MC 145 119.30 75.67 -22.27
CA CYS MC 145 118.45 74.90 -23.19
C CYS MC 145 117.31 75.77 -23.73
N GLU MC 146 116.69 76.56 -22.86
CA GLU MC 146 115.60 77.46 -23.25
C GLU MC 146 116.11 78.70 -24.00
N LYS MC 147 117.22 79.26 -23.53
CA LYS MC 147 117.83 80.42 -24.17
C LYS MC 147 118.32 80.13 -25.60
N HIS MC 148 118.72 78.88 -25.85
CA HIS MC 148 119.20 78.47 -27.17
C HIS MC 148 118.07 77.84 -28.00
N PHE MC 149 117.51 76.74 -27.51
CA PHE MC 149 116.39 76.09 -28.19
C PHE MC 149 115.06 76.30 -27.44
N PRO MC 150 114.21 77.22 -27.95
CA PRO MC 150 112.88 77.58 -27.43
C PRO MC 150 111.79 76.52 -27.60
N ILE MC 151 111.96 75.62 -28.56
CA ILE MC 151 110.86 74.76 -29.02
C ILE MC 151 111.02 73.27 -28.66
N GLU MC 152 109.98 72.70 -28.05
CA GLU MC 152 109.95 71.27 -27.72
C GLU MC 152 108.90 70.52 -28.56
N ILE MC 153 109.34 69.50 -29.30
CA ILE MC 153 108.42 68.68 -30.08
C ILE MC 153 108.32 67.26 -29.50
N ASP MC 154 107.16 66.97 -28.91
CA ASP MC 154 106.90 65.66 -28.29
C ASP MC 154 106.32 64.66 -29.30
N THR MC 155 106.94 63.48 -29.32
CA THR MC 155 106.62 62.42 -30.27
C THR MC 155 106.60 61.05 -29.57
N ALA MC 156 105.52 60.28 -29.77
CA ALA MC 156 105.34 59.00 -29.09
C ALA MC 156 105.54 57.79 -30.02
N ASP MC 157 106.37 56.84 -29.58
CA ASP MC 157 106.63 55.58 -30.29
C ASP MC 157 106.23 54.37 -29.44
N TYR MC 158 105.43 53.46 -30.02
CA TYR MC 158 104.91 52.30 -29.27
C TYR MC 158 105.39 50.95 -29.83
N VAL MC 159 105.82 50.07 -28.92
CA VAL MC 159 106.15 48.70 -29.30
C VAL MC 159 105.22 47.69 -28.62
N SER MC 160 104.55 46.87 -29.44
CA SER MC 160 103.71 45.77 -28.96
C SER MC 160 103.95 44.51 -29.81
N ALA MC 161 103.95 43.35 -29.16
CA ALA MC 161 104.20 42.07 -29.83
C ALA MC 161 103.04 41.63 -30.73
N GLY MC 162 103.35 41.32 -31.99
CA GLY MC 162 102.36 40.79 -32.92
C GLY MC 162 102.78 41.07 -34.34
N PRO MC 163 102.07 40.48 -35.32
CA PRO MC 163 102.38 40.63 -36.76
C PRO MC 163 102.46 42.07 -37.28
N SER MC 164 101.54 42.94 -36.85
CA SER MC 164 101.45 44.32 -37.35
C SER MC 164 102.17 45.35 -36.46
N ILE MC 165 102.81 46.34 -37.10
CA ILE MC 165 103.48 47.42 -36.36
C ILE MC 165 102.59 48.65 -36.14
N ARG MC 166 101.42 48.67 -36.77
CA ARG MC 166 100.68 49.93 -36.89
C ARG MC 166 99.93 50.32 -35.62
N ASN MC 167 100.33 51.47 -35.07
CA ASN MC 167 99.72 52.07 -33.89
C ASN MC 167 99.12 53.44 -34.24
N PRO MC 168 97.78 53.58 -34.18
CA PRO MC 168 97.08 54.84 -34.48
C PRO MC 168 97.47 56.01 -33.57
N LYS MC 169 97.99 55.73 -32.38
CA LYS MC 169 98.43 56.77 -31.45
C LYS MC 169 99.76 57.43 -31.82
N ALA MC 170 100.47 56.86 -32.81
CA ALA MC 170 101.82 57.31 -33.18
C ALA MC 170 101.83 58.59 -34.05
N ARG MC 171 100.66 58.94 -34.61
CA ARG MC 171 100.50 60.16 -35.42
C ARG MC 171 100.77 61.44 -34.63
N VAL MC 172 100.17 61.52 -33.44
CA VAL MC 172 100.12 62.74 -32.64
C VAL MC 172 101.51 63.36 -32.38
N VAL MC 173 101.63 64.66 -32.71
CA VAL MC 173 102.84 65.44 -32.46
C VAL MC 173 102.50 66.69 -31.66
N THR MC 174 103.10 66.83 -30.49
CA THR MC 174 102.80 67.98 -29.64
C THR MC 174 103.90 69.04 -29.75
N LEU MC 175 103.49 70.31 -29.79
CA LEU MC 175 104.42 71.43 -29.92
C LEU MC 175 104.30 72.35 -28.71
N ARG MC 176 105.33 72.38 -27.87
CA ARG MC 176 105.31 73.29 -26.73
C ARG MC 176 106.38 74.38 -26.91
N VAL MC 177 105.91 75.63 -26.95
CA VAL MC 177 106.76 76.79 -27.19
C VAL MC 177 106.48 77.88 -26.14
N LYS MC 178 107.53 78.33 -25.46
CA LYS MC 178 107.41 79.45 -24.51
C LYS MC 178 107.19 80.75 -25.31
N LEU MC 179 106.32 81.64 -24.81
CA LEU MC 179 106.02 82.90 -25.50
C LEU MC 179 107.06 83.99 -25.20
N SER MC 180 107.87 83.76 -24.17
CA SER MC 180 108.93 84.70 -23.78
C SER MC 180 110.15 84.60 -24.71
N SER MC 181 110.23 83.51 -25.48
CA SER MC 181 111.30 83.28 -26.44
C SER MC 181 110.92 83.74 -27.86
N LEU MC 182 109.76 84.39 -27.95
CA LEU MC 182 109.24 84.90 -29.23
C LEU MC 182 109.34 86.43 -29.32
N ASN MC 183 109.43 86.91 -30.56
CA ASN MC 183 109.77 88.30 -30.87
C ASN MC 183 108.55 89.25 -30.79
N LEU MC 184 107.42 88.70 -30.35
CA LEU MC 184 106.12 89.38 -30.36
C LEU MC 184 106.05 90.77 -29.73
N ASP MC 185 105.31 91.66 -30.42
CA ASP MC 185 104.90 92.96 -29.88
C ASP MC 185 103.87 92.77 -28.75
N ASP MC 186 103.65 93.82 -27.97
CA ASP MC 186 102.57 93.82 -26.97
C ASP MC 186 101.21 93.52 -27.62
N HIS MC 187 100.87 94.27 -28.66
CA HIS MC 187 99.66 94.05 -29.44
C HIS MC 187 99.63 92.65 -30.09
N ALA MC 188 100.75 92.26 -30.68
CA ALA MC 188 100.88 90.94 -31.33
C ALA MC 188 100.74 89.78 -30.33
N LYS MC 189 101.25 89.97 -29.12
CA LYS MC 189 101.17 88.95 -28.06
C LYS MC 189 99.75 88.83 -27.49
N LYS MC 190 99.10 89.95 -27.23
CA LYS MC 190 97.71 89.91 -26.77
C LYS MC 190 96.76 89.35 -27.83
N LYS MC 191 96.99 89.73 -29.09
CA LYS MC 191 96.21 89.22 -30.22
C LYS MC 191 96.44 87.72 -30.43
N LEU MC 192 97.69 87.27 -30.21
CA LEU MC 192 98.00 85.83 -30.27
C LEU MC 192 97.30 85.05 -29.14
N ILE MC 193 97.44 85.52 -27.90
CA ILE MC 193 96.76 84.90 -26.75
C ILE MC 193 95.26 84.76 -27.01
N LYS MC 194 94.63 85.85 -27.46
CA LYS MC 194 93.20 85.81 -27.79
C LYS MC 194 92.87 84.91 -29.00
N LEU MC 195 93.80 84.78 -29.94
CA LEU MC 195 93.61 83.97 -31.13
C LEU MC 195 93.68 82.45 -30.87
N VAL MC 196 94.71 82.01 -30.13
CA VAL MC 196 94.90 80.60 -29.80
C VAL MC 196 93.97 80.17 -28.66
N GLY MC 197 93.85 81.01 -27.64
CA GLY MC 197 93.02 80.68 -26.49
C GLY MC 197 93.55 79.56 -25.62
N ASP MC 198 92.74 78.51 -25.48
CA ASP MC 198 93.00 77.39 -24.55
C ASP MC 198 94.39 76.76 -24.67
N ARG MC 199 94.98 76.81 -25.86
CA ARG MC 199 96.29 76.19 -26.12
C ARG MC 199 97.44 76.91 -25.42
N TYR MC 200 97.14 78.05 -24.81
CA TYR MC 200 98.14 78.84 -24.09
C TYR MC 200 97.93 78.77 -22.57
N CYS MC 201 99.00 78.43 -21.85
CA CYS MC 201 98.99 78.40 -20.39
C CYS MC 201 99.47 79.75 -19.84
N LYS MC 202 98.61 80.42 -19.08
CA LYS MC 202 98.88 81.79 -18.64
C LYS MC 202 99.88 81.87 -17.48
N SER MC 203 99.93 80.83 -16.66
CA SER MC 203 100.84 80.80 -15.52
C SER MC 203 102.28 80.44 -15.92
N THR MC 204 102.43 79.41 -16.75
CA THR MC 204 103.76 78.93 -17.15
C THR MC 204 104.21 79.48 -18.52
N ASP MC 205 103.33 80.23 -19.18
CA ASP MC 205 103.58 80.82 -20.50
C ASP MC 205 104.00 79.79 -21.55
N VAL MC 206 103.48 78.57 -21.45
CA VAL MC 206 103.79 77.54 -22.43
C VAL MC 206 102.61 77.31 -23.38
N LEU MC 207 102.83 77.65 -24.66
CA LEU MC 207 101.83 77.41 -25.70
C LEU MC 207 101.92 75.98 -26.23
N THR MC 208 100.77 75.34 -26.44
CA THR MC 208 100.71 73.95 -26.89
C THR MC 208 99.91 73.78 -28.19
N ILE MC 209 100.52 73.10 -29.17
CA ILE MC 209 99.85 72.75 -30.42
C ILE MC 209 99.83 71.22 -30.59
N LYS MC 210 98.65 70.62 -30.45
CA LYS MC 210 98.53 69.17 -30.56
C LYS MC 210 98.03 68.77 -31.94
N THR MC 211 98.87 68.08 -32.69
CA THR MC 211 98.56 67.78 -34.07
C THR MC 211 98.26 66.28 -34.28
N ASP MC 212 97.13 66.04 -34.94
CA ASP MC 212 96.51 64.73 -35.08
C ASP MC 212 96.19 64.40 -36.54
N ARG MC 213 95.44 65.31 -37.16
CA ARG MC 213 94.60 65.09 -38.34
C ARG MC 213 95.22 64.38 -39.55
N CYS MC 214 96.55 64.23 -39.61
CA CYS MC 214 97.19 63.63 -40.78
C CYS MC 214 97.77 62.24 -40.48
N PRO MC 215 97.78 61.35 -41.51
CA PRO MC 215 98.26 59.95 -41.42
C PRO MC 215 99.67 59.75 -40.85
N LEU MC 216 100.60 60.65 -41.14
CA LEU MC 216 101.98 60.47 -40.69
C LEU MC 216 102.39 61.51 -39.63
N LYS MC 217 103.33 61.13 -38.76
CA LYS MC 217 103.82 62.02 -37.70
C LYS MC 217 104.70 63.13 -38.28
N ARG MC 218 105.25 62.90 -39.48
CA ARG MC 218 106.05 63.91 -40.16
C ARG MC 218 105.12 64.98 -40.78
N GLN MC 219 103.99 64.53 -41.33
CA GLN MC 219 102.97 65.44 -41.87
C GLN MC 219 102.40 66.31 -40.75
N ASN MC 220 102.14 65.68 -39.60
CA ASN MC 220 101.66 66.37 -38.41
C ASN MC 220 102.71 67.31 -37.78
N TYR MC 221 103.99 66.94 -37.88
CA TYR MC 221 105.10 67.78 -37.43
C TYR MC 221 105.17 69.06 -38.28
N ASP MC 222 105.14 68.87 -39.60
CA ASP MC 222 105.12 69.96 -40.56
C ASP MC 222 103.90 70.89 -40.37
N TYR MC 223 102.73 70.29 -40.13
CA TYR MC 223 101.51 71.06 -39.94
C TYR MC 223 101.53 71.84 -38.61
N ALA MC 224 102.16 71.27 -37.59
CA ALA MC 224 102.34 71.95 -36.30
C ALA MC 224 103.27 73.17 -36.41
N VAL MC 225 104.43 72.96 -37.02
CA VAL MC 225 105.39 74.04 -37.30
C VAL MC 225 104.75 75.16 -38.14
N TYR MC 226 104.05 74.75 -39.21
CA TYR MC 226 103.31 75.67 -40.07
C TYR MC 226 102.26 76.48 -39.32
N LEU MC 227 101.50 75.81 -38.47
CA LEU MC 227 100.51 76.48 -37.63
C LEU MC 227 101.17 77.53 -36.73
N LEU MC 228 102.33 77.17 -36.15
CA LEU MC 228 103.10 78.13 -35.34
C LEU MC 228 103.50 79.37 -36.13
N THR MC 229 104.11 79.12 -37.30
CA THR MC 229 104.51 80.17 -38.23
C THR MC 229 103.36 81.12 -38.59
N VAL MC 230 102.22 80.56 -39.00
CA VAL MC 230 101.06 81.36 -39.41
C VAL MC 230 100.41 82.10 -38.23
N LEU MC 231 100.46 81.50 -37.04
CA LEU MC 231 100.02 82.18 -35.82
C LEU MC 231 100.87 83.43 -35.55
N TYR MC 232 102.19 83.29 -35.66
CA TYR MC 232 103.10 84.43 -35.46
C TYR MC 232 102.98 85.51 -36.55
N HIS MC 233 102.83 85.09 -37.81
CA HIS MC 233 102.69 86.02 -38.94
C HIS MC 233 101.35 86.78 -38.88
N GLU MC 234 100.30 86.09 -38.41
CA GLU MC 234 98.96 86.69 -38.34
C GLU MC 234 98.66 87.33 -36.99
N SER MC 235 99.59 87.26 -36.03
CA SER MC 235 99.48 88.01 -34.78
C SER MC 235 99.94 89.47 -34.92
N TRP MC 236 100.88 89.72 -35.83
CA TRP MC 236 101.46 91.05 -36.06
C TRP MC 236 100.62 91.93 -37.00
N LYS MC 237 99.71 91.31 -37.74
CA LYS MC 237 98.85 92.04 -38.68
C LYS MC 237 97.70 92.73 -37.95
N THR MC 238 97.66 94.05 -38.04
CA THR MC 238 96.53 94.82 -37.52
C THR MC 238 95.55 95.07 -38.66
N GLU MC 239 94.27 94.94 -38.37
CA GLU MC 239 93.24 95.08 -39.39
C GLU MC 239 92.20 96.13 -38.97
N GLU MC 240 91.17 96.30 -39.80
CA GLU MC 240 90.10 97.28 -39.55
C GLU MC 240 89.39 97.10 -38.21
N TRP MC 241 88.72 95.95 -38.07
CA TRP MC 241 87.88 95.62 -36.91
C TRP MC 241 88.63 95.59 -35.57
N GLU MC 242 89.97 95.62 -35.62
CA GLU MC 242 90.78 95.70 -34.39
C GLU MC 242 90.71 97.08 -33.75
N LYS MC 243 90.24 98.06 -34.53
CA LYS MC 243 90.03 99.42 -34.04
C LYS MC 243 88.62 99.54 -33.44
N LYS MC 244 87.80 98.51 -33.69
CA LYS MC 244 86.43 98.44 -33.18
C LYS MC 244 86.37 97.76 -31.82
N LYS MC 245 87.53 97.47 -31.26
CA LYS MC 245 87.64 96.70 -30.01
C LYS MC 245 86.81 97.32 -28.87
N THR MC 246 85.94 96.50 -28.28
CA THR MC 246 85.10 96.90 -27.15
C THR MC 246 85.96 97.01 -25.90
N GLU MC 247 85.53 97.83 -24.93
CA GLU MC 247 86.25 97.96 -23.67
C GLU MC 247 85.98 96.76 -22.76
N ALA MC 248 84.91 96.03 -23.06
CA ALA MC 248 84.58 94.80 -22.34
C ALA MC 248 85.40 93.62 -22.88
N ASP MC 249 86.10 93.86 -23.98
CA ASP MC 249 86.94 92.86 -24.63
C ASP MC 249 88.39 92.93 -24.12
N MET MC 250 88.66 93.91 -23.25
CA MET MC 250 90.02 94.20 -22.79
C MET MC 250 90.54 93.20 -21.77
N GLU MC 251 91.83 92.87 -21.88
CA GLU MC 251 92.51 91.99 -20.94
C GLU MC 251 92.95 92.73 -19.69
N GLU MC 252 93.00 94.06 -19.80
CA GLU MC 252 93.48 94.91 -18.72
C GLU MC 252 92.48 96.03 -18.43
N TYR MC 253 92.66 96.70 -17.30
CA TYR MC 253 91.87 97.89 -17.01
C TYR MC 253 92.74 99.13 -17.23
N ILE MC 254 92.43 99.86 -18.31
CA ILE MC 254 93.15 101.08 -18.67
C ILE MC 254 92.39 102.30 -18.14
N TRP MC 255 93.10 103.17 -17.42
CA TRP MC 255 92.49 104.31 -16.75
C TRP MC 255 91.83 105.30 -17.71
N GLU MC 256 92.31 105.33 -18.96
CA GLU MC 256 91.77 106.22 -19.98
C GLU MC 256 90.34 105.84 -20.38
N ASN MC 257 89.49 106.86 -20.53
CA ASN MC 257 88.10 106.70 -20.98
C ASN MC 257 87.27 105.78 -20.08
N SER MC 258 87.65 105.70 -18.81
CA SER MC 258 86.98 104.79 -17.87
C SER MC 258 85.66 105.37 -17.38
N THR MC 259 84.91 104.58 -16.61
CA THR MC 259 83.73 105.06 -15.91
C THR MC 259 84.12 105.73 -14.59
N SER MC 260 85.13 105.18 -13.92
CA SER MC 260 85.63 105.73 -12.66
C SER MC 260 86.27 107.11 -12.89
N GLU MC 261 86.68 107.36 -14.13
CA GLU MC 261 87.21 108.64 -14.55
C GLU MC 261 86.10 109.70 -14.63
N LYS MC 262 84.93 109.31 -15.14
CA LYS MC 262 83.76 110.19 -15.21
C LYS MC 262 83.12 110.41 -13.84
N ASN MC 263 83.12 109.37 -13.02
CA ASN MC 263 82.70 109.47 -11.62
C ASN MC 263 83.61 110.39 -10.80
N ILE MC 264 84.93 110.28 -11.05
CA ILE MC 264 85.90 111.15 -10.38
C ILE MC 264 85.79 112.61 -10.86
N LEU MC 265 85.60 112.81 -12.17
CA LEU MC 265 85.48 114.15 -12.72
C LEU MC 265 84.16 114.83 -12.31
N GLU MC 266 83.11 114.04 -12.12
CA GLU MC 266 81.85 114.57 -11.60
C GLU MC 266 81.96 114.86 -10.10
N THR MC 267 82.63 113.96 -9.36
CA THR MC 267 82.86 114.15 -7.92
C THR MC 267 83.66 115.42 -7.65
N LEU MC 268 84.70 115.65 -8.46
CA LEU MC 268 85.54 116.84 -8.32
C LEU MC 268 84.90 118.09 -8.94
N LEU MC 269 84.00 117.91 -9.90
CA LEU MC 269 83.21 119.03 -10.43
C LEU MC 269 82.23 119.55 -9.36
N GLN MC 270 81.63 118.62 -8.62
CA GLN MC 270 80.70 118.98 -7.56
C GLN MC 270 81.43 119.45 -6.29
N ILE MC 271 82.63 118.92 -6.06
CA ILE MC 271 83.51 119.41 -4.98
C ILE MC 271 83.98 120.83 -5.28
N LYS MC 272 84.29 121.12 -6.55
CA LYS MC 272 84.66 122.48 -6.96
C LYS MC 272 83.46 123.43 -6.99
N ALA MC 273 82.26 122.89 -7.23
CA ALA MC 273 81.04 123.70 -7.20
C ALA MC 273 80.61 124.00 -5.76
N ALA MC 274 80.98 123.11 -4.83
CA ALA MC 274 80.66 123.27 -3.41
C ALA MC 274 81.61 124.24 -2.69
N GLU MC 275 82.90 124.15 -3.01
CA GLU MC 275 83.93 124.98 -2.36
C GLU MC 275 83.92 126.43 -2.87
N LYS MC 276 83.08 126.69 -3.87
CA LYS MC 276 82.98 128.00 -4.54
C LYS MC 276 84.29 128.40 -5.22
N ASN MC 277 85.07 127.40 -5.63
CA ASN MC 277 86.21 127.61 -6.51
C ASN MC 277 85.76 127.53 -7.96
N LEU MC 278 86.00 128.59 -8.73
CA LEU MC 278 85.51 128.66 -10.10
C LEU MC 278 86.52 128.06 -11.09
N GLU MC 279 87.58 127.46 -10.57
CA GLU MC 279 88.61 126.86 -11.41
C GLU MC 279 88.13 125.53 -11.97
N LEU MC 280 88.02 125.45 -13.30
CA LEU MC 280 87.52 124.25 -13.96
C LEU MC 280 88.37 123.85 -15.18
N SER MC 281 89.02 122.70 -15.09
CA SER MC 281 89.75 122.12 -16.21
C SER MC 281 89.87 120.60 -16.03
N LYS MC 282 90.00 119.87 -17.13
CA LYS MC 282 90.29 118.43 -17.04
C LYS MC 282 91.77 118.23 -16.78
N GLU MC 283 92.58 119.11 -17.36
CA GLU MC 283 94.03 119.11 -17.19
C GLU MC 283 94.41 119.40 -15.73
N GLU MC 284 93.67 120.30 -15.09
CA GLU MC 284 93.94 120.70 -13.71
C GLU MC 284 93.52 119.63 -12.71
N LEU MC 285 92.33 119.06 -12.92
CA LEU MC 285 91.81 118.02 -12.02
C LEU MC 285 92.59 116.71 -12.16
N LEU MC 286 92.72 116.22 -13.39
CA LEU MC 286 93.34 114.92 -13.64
C LEU MC 286 94.87 114.93 -13.50
N GLY MC 287 95.46 116.11 -13.51
CA GLY MC 287 96.90 116.25 -13.41
C GLY MC 287 97.40 116.28 -11.98
N THR MC 288 96.46 116.38 -11.03
CA THR MC 288 96.79 116.41 -9.61
C THR MC 288 97.34 115.05 -9.16
N LYS MC 289 98.03 115.04 -8.03
CA LYS MC 289 98.63 113.82 -7.48
C LYS MC 289 97.57 112.83 -6.95
N GLU MC 290 96.42 113.37 -6.52
CA GLU MC 290 95.35 112.56 -5.92
C GLU MC 290 94.69 111.63 -6.96
N VAL MC 291 94.34 112.18 -8.12
CA VAL MC 291 93.74 111.41 -9.20
C VAL MC 291 94.77 110.42 -9.80
N GLU MC 292 96.06 110.70 -9.57
CA GLU MC 292 97.14 109.79 -9.97
C GLU MC 292 97.24 108.59 -9.02
N ASP MC 293 97.20 108.85 -7.72
CA ASP MC 293 97.10 107.79 -6.71
C ASP MC 293 95.84 106.96 -6.94
N TYR MC 294 94.80 107.59 -7.47
CA TYR MC 294 93.58 106.88 -7.84
C TYR MC 294 93.76 106.03 -9.11
N ARG MC 295 94.55 106.53 -10.07
CA ARG MC 295 94.94 105.73 -11.23
C ARG MC 295 95.61 104.43 -10.77
N LYS MC 296 96.67 104.59 -9.97
CA LYS MC 296 97.44 103.46 -9.46
C LYS MC 296 96.61 102.49 -8.62
N SER MC 297 95.78 103.03 -7.71
CA SER MC 297 94.93 102.22 -6.83
C SER MC 297 93.83 101.45 -7.57
N VAL MC 298 93.14 102.09 -8.52
CA VAL MC 298 92.04 101.44 -9.24
C VAL MC 298 92.52 100.51 -10.37
N VAL MC 299 93.71 100.80 -10.93
CA VAL MC 299 94.30 99.89 -11.92
C VAL MC 299 94.89 98.67 -11.21
N SER MC 300 95.51 98.89 -10.06
CA SER MC 300 95.96 97.79 -9.20
C SER MC 300 94.77 96.94 -8.71
N LEU MC 301 93.65 97.59 -8.37
CA LEU MC 301 92.49 96.88 -7.81
C LEU MC 301 91.70 96.11 -8.88
N LYS MC 302 91.62 96.67 -10.10
CA LYS MC 302 90.95 95.96 -11.19
C LYS MC 302 91.83 94.86 -11.81
N ASN MC 303 93.11 95.15 -12.01
CA ASN MC 303 94.03 94.19 -12.61
C ASN MC 303 94.52 93.10 -11.65
N GLU MC 304 94.98 93.48 -10.45
CA GLU MC 304 95.46 92.51 -9.47
C GLU MC 304 94.30 91.78 -8.77
N GLY MC 305 93.21 92.51 -8.50
CA GLY MC 305 92.05 91.93 -7.83
C GLY MC 305 91.98 92.36 -6.38
N ASP MC 306 90.88 92.00 -5.71
CA ASP MC 306 90.68 92.38 -4.31
C ASP MC 306 91.81 91.85 -3.44
N ASN MC 307 92.31 92.72 -2.56
CA ASN MC 307 93.41 92.39 -1.67
C ASN MC 307 93.32 93.29 -0.44
N GLU MC 308 94.04 92.94 0.61
CA GLU MC 308 94.12 93.79 1.80
C GLU MC 308 94.84 95.11 1.51
N ASN MC 309 96.04 95.00 0.94
CA ASN MC 309 96.87 96.16 0.62
C ASN MC 309 96.31 97.02 -0.51
N THR MC 310 95.63 96.40 -1.48
CA THR MC 310 95.05 97.14 -2.61
C THR MC 310 93.81 97.94 -2.18
N LEU MC 311 93.07 97.40 -1.20
CA LEU MC 311 91.94 98.13 -0.60
C LEU MC 311 92.43 99.13 0.46
N SER MC 312 93.67 98.96 0.92
CA SER MC 312 94.36 100.00 1.70
C SER MC 312 94.74 101.18 0.81
N GLN MC 313 95.17 100.86 -0.42
CA GLN MC 313 95.45 101.88 -1.44
C GLN MC 313 94.17 102.62 -1.83
N TYR MC 314 93.08 101.87 -2.01
CA TYR MC 314 91.77 102.48 -2.28
C TYR MC 314 91.31 103.38 -1.14
N LYS MC 315 91.44 102.86 0.08
CA LYS MC 315 91.16 103.60 1.30
C LYS MC 315 91.90 104.95 1.33
N GLU MC 316 93.21 104.91 1.10
CA GLU MC 316 94.04 106.11 1.16
C GLU MC 316 93.74 107.11 0.02
N SER MC 317 93.59 106.60 -1.21
CA SER MC 317 93.32 107.45 -2.38
C SER MC 317 91.96 108.15 -2.32
N VAL MC 318 90.92 107.42 -1.91
CA VAL MC 318 89.59 108.01 -1.78
C VAL MC 318 89.51 108.92 -0.53
N LYS MC 319 90.25 108.56 0.53
CA LYS MC 319 90.43 109.44 1.69
C LYS MC 319 91.00 110.83 1.31
N ARG MC 320 92.10 110.82 0.56
CA ARG MC 320 92.71 112.07 0.08
C ARG MC 320 91.82 112.83 -0.90
N LEU MC 321 91.20 112.11 -1.84
CA LEU MC 321 90.34 112.75 -2.85
C LEU MC 321 89.09 113.41 -2.24
N LEU MC 322 88.49 112.75 -1.24
CA LEU MC 322 87.24 113.25 -0.64
C LEU MC 322 87.46 114.12 0.61
N ASN MC 323 88.73 114.41 0.90
CA ASN MC 323 89.16 115.39 1.91
C ASN MC 323 89.05 114.92 3.37
N LEU MC 324 88.51 113.72 3.59
CA LEU MC 324 88.45 113.15 4.94
C LEU MC 324 89.82 112.57 5.33
N ALA MC 325 90.18 112.73 6.61
CA ALA MC 325 91.47 112.27 7.10
C ALA MC 325 91.32 111.15 8.12
N ALA NC 2 73.26 0.87 54.12
CA ALA NC 2 73.36 -0.45 53.52
C ALA NC 2 72.44 -0.60 52.31
N THR NC 3 72.79 -1.51 51.40
CA THR NC 3 72.05 -1.70 50.15
C THR NC 3 70.91 -2.72 50.31
N PRO NC 4 69.69 -2.39 49.80
CA PRO NC 4 68.58 -3.36 49.77
C PRO NC 4 68.99 -4.69 49.14
N SER NC 5 68.58 -5.81 49.72
CA SER NC 5 69.13 -7.11 49.31
C SER NC 5 68.75 -7.49 47.88
N LEU NC 6 69.67 -8.12 47.18
CA LEU NC 6 69.39 -8.62 45.84
C LEU NC 6 69.07 -10.11 45.81
N ARG NC 7 69.03 -10.76 46.97
CA ARG NC 7 68.77 -12.19 47.04
C ARG NC 7 67.30 -12.57 46.80
N GLY NC 8 67.07 -13.45 45.84
CA GLY NC 8 65.73 -13.94 45.55
C GLY NC 8 64.79 -12.90 44.94
N ARG NC 9 65.31 -11.72 44.61
CA ARG NC 9 64.49 -10.65 44.03
C ARG NC 9 64.15 -10.85 42.54
N LEU NC 10 65.17 -11.12 41.72
CA LEU NC 10 65.01 -11.26 40.27
C LEU NC 10 64.57 -12.65 39.82
N ALA NC 11 63.92 -12.70 38.66
CA ALA NC 11 63.48 -13.98 38.09
C ALA NC 11 64.63 -14.74 37.48
N ARG NC 12 64.92 -15.92 38.00
CA ARG NC 12 66.05 -16.72 37.51
C ARG NC 12 65.68 -18.20 37.53
N LEU NC 13 66.40 -19.00 36.77
CA LEU NC 13 66.06 -20.41 36.62
C LEU NC 13 66.16 -21.19 37.92
N GLY NC 14 67.07 -20.76 38.80
CA GLY NC 14 67.22 -21.41 40.09
C GLY NC 14 66.16 -21.01 41.11
N ASN NC 15 65.86 -19.73 41.14
CA ASN NC 15 65.02 -19.12 42.19
C ASN NC 15 63.65 -19.79 42.43
N PRO NC 16 63.39 -20.22 43.68
CA PRO NC 16 62.15 -20.91 44.09
C PRO NC 16 60.87 -20.07 43.96
N ARG NC 17 60.93 -18.84 44.44
CA ARG NC 17 59.77 -17.97 44.55
C ARG NC 17 59.56 -17.15 43.27
N ARG NC 18 58.75 -16.12 43.40
CA ARG NC 18 58.33 -15.30 42.27
C ARG NC 18 59.06 -13.97 42.41
N PRO NC 19 59.36 -13.32 41.26
CA PRO NC 19 60.05 -12.03 41.18
C PRO NC 19 59.47 -10.92 42.06
N ILE NC 20 60.36 -10.14 42.67
CA ILE NC 20 60.00 -8.94 43.42
C ILE NC 20 60.29 -7.74 42.54
N LEU NC 21 61.57 -7.63 42.17
CA LEU NC 21 62.01 -6.60 41.22
C LEU NC 21 61.97 -7.08 39.77
N LYS NC 22 61.36 -6.28 38.90
CA LYS NC 22 61.52 -6.49 37.47
C LYS NC 22 62.35 -5.32 36.94
N PRO NC 23 63.65 -5.57 36.70
CA PRO NC 23 64.56 -4.52 36.24
C PRO NC 23 64.27 -4.15 34.80
N ASN NC 24 64.18 -2.87 34.54
CA ASN NC 24 63.94 -2.39 33.19
C ASN NC 24 65.16 -2.64 32.33
N LYS NC 25 66.31 -2.15 32.80
CA LYS NC 25 67.62 -2.44 32.24
C LYS NC 25 68.44 -3.16 33.28
N PRO NC 26 69.38 -4.03 32.85
CA PRO NC 26 70.16 -4.85 33.78
C PRO NC 26 70.79 -4.05 34.91
N LEU NC 27 70.88 -4.63 36.10
CA LEU NC 27 71.56 -3.94 37.18
C LEU NC 27 73.01 -4.35 37.12
N ILE NC 28 73.82 -3.43 36.61
CA ILE NC 28 75.27 -3.57 36.53
C ILE NC 28 75.77 -2.15 36.71
N LEU NC 29 76.86 -1.98 37.46
CA LEU NC 29 77.34 -0.62 37.65
C LEU NC 29 78.04 -0.15 36.36
N ALA NC 30 77.56 0.96 35.83
CA ALA NC 30 78.15 1.60 34.65
C ALA NC 30 79.48 2.26 35.00
N ASN NC 31 80.31 2.50 34.00
CA ASN NC 31 81.62 3.04 34.25
C ASN NC 31 81.64 4.56 34.19
N HIS NC 32 80.46 5.14 34.10
CA HIS NC 32 80.31 6.59 34.19
C HIS NC 32 79.09 6.94 35.05
N VAL NC 33 79.01 8.19 35.49
CA VAL NC 33 77.80 8.69 36.13
C VAL NC 33 77.05 9.61 35.18
N GLY NC 34 75.91 10.09 35.64
CA GLY NC 34 75.07 10.95 34.84
C GLY NC 34 75.53 12.39 34.93
N GLU NC 35 74.96 13.22 34.07
CA GLU NC 35 75.25 14.65 34.08
C GLU NC 35 74.19 15.36 34.91
N ARG NC 36 74.64 16.23 35.82
CA ARG NC 36 73.76 16.94 36.73
C ARG NC 36 72.62 17.65 36.02
N ARG NC 37 71.42 17.52 36.58
CA ARG NC 37 70.24 18.14 36.00
C ARG NC 37 70.14 19.60 36.39
N ARG NC 38 70.15 20.47 35.38
CA ARG NC 38 70.06 21.91 35.57
C ARG NC 38 68.75 22.29 36.26
N GLU NC 39 68.86 23.14 37.27
CA GLU NC 39 67.72 23.52 38.11
C GLU NC 39 66.64 24.25 37.32
N LYS NC 40 65.38 23.86 37.55
CA LYS NC 40 64.25 24.55 36.92
C LYS NC 40 64.07 25.93 37.53
N GLY NC 41 64.10 26.95 36.69
CA GLY NC 41 63.99 28.32 37.13
C GLY NC 41 62.56 28.69 37.47
N GLU NC 42 62.41 29.58 38.43
CA GLU NC 42 61.11 30.13 38.78
C GLU NC 42 61.19 31.65 38.81
N ALA NC 43 60.04 32.31 38.79
CA ALA NC 43 59.97 33.77 38.81
C ALA NC 43 60.66 34.36 40.03
N THR NC 44 61.37 35.45 39.83
CA THR NC 44 62.04 36.14 40.92
C THR NC 44 61.44 37.54 41.12
N CYS NC 45 61.55 38.08 42.34
CA CYS NC 45 61.12 39.44 42.69
C CYS NC 45 59.60 39.64 42.78
N ILE NC 46 58.83 38.58 42.53
CA ILE NC 46 57.36 38.65 42.57
C ILE NC 46 56.79 39.31 43.84
N THR NC 47 57.38 39.05 45.01
CA THR NC 47 56.94 39.68 46.26
C THR NC 47 57.01 41.22 46.22
N GLU NC 48 58.21 41.74 45.92
CA GLU NC 48 58.46 43.18 45.83
C GLU NC 48 57.59 43.83 44.75
N MET NC 49 57.38 43.09 43.66
CA MET NC 49 56.45 43.49 42.61
C MET NC 49 55.05 43.70 43.18
N SER NC 50 54.50 42.68 43.85
CA SER NC 50 53.14 42.75 44.38
C SER NC 50 53.00 43.92 45.37
N VAL NC 51 54.02 44.09 46.20
CA VAL NC 51 54.09 45.25 47.12
C VAL NC 51 53.98 46.58 46.37
N MET NC 52 54.81 46.73 45.34
CA MET NC 52 54.81 47.92 44.48
C MET NC 52 53.47 48.16 43.75
N MET NC 53 52.83 47.07 43.31
CA MET NC 53 51.56 47.14 42.59
C MET NC 53 50.41 47.53 43.53
N ALA NC 54 50.50 47.08 44.79
CA ALA NC 54 49.54 47.52 45.82
C ALA NC 54 49.72 49.01 46.09
N CYS NC 55 50.98 49.43 46.22
CA CYS NC 55 51.34 50.84 46.37
C CYS NC 55 50.71 51.70 45.25
N TRP NC 56 50.92 51.28 44.00
CA TRP NC 56 50.34 51.93 42.81
C TRP NC 56 48.81 51.98 42.79
N LYS NC 57 48.18 50.84 43.07
CA LYS NC 57 46.72 50.75 43.08
C LYS NC 57 46.15 51.69 44.13
N GLN NC 58 46.87 51.84 45.25
CA GLN NC 58 46.42 52.73 46.33
C GLN NC 58 46.62 54.21 46.01
N ASN NC 59 47.80 54.57 45.51
CA ASN NC 59 48.17 55.96 45.28
C ASN NC 59 47.83 56.48 43.86
N GLU NC 60 47.11 55.67 43.09
CA GLU NC 60 46.63 56.03 41.74
C GLU NC 60 47.75 56.21 40.71
N PHE NC 61 48.75 55.33 40.79
CA PHE NC 61 49.81 55.18 39.78
C PHE NC 61 50.68 56.42 39.55
N ARG NC 62 50.76 57.29 40.56
CA ARG NC 62 51.77 58.34 40.53
C ARG NC 62 53.05 57.79 41.18
N ASP NC 63 54.15 57.86 40.44
CA ASP NC 63 55.41 57.27 40.86
C ASP NC 63 56.05 58.03 42.03
N GLU NC 64 55.80 59.34 42.08
CA GLU NC 64 56.33 60.20 43.13
C GLU NC 64 55.84 59.79 44.52
N ALA NC 65 54.64 59.21 44.55
CA ALA NC 65 54.00 58.79 45.80
C ALA NC 65 54.85 57.78 46.56
N CYS NC 66 55.19 56.67 45.90
CA CYS NC 66 56.02 55.65 46.51
C CYS NC 66 57.37 55.54 45.82
N ARG NC 67 58.41 56.05 46.47
CA ARG NC 67 59.77 55.91 45.93
C ARG NC 67 60.54 54.74 46.55
N LYS NC 68 59.99 54.15 47.60
CA LYS NC 68 60.68 53.06 48.31
C LYS NC 68 60.49 51.70 47.62
N GLU NC 69 59.26 51.39 47.25
CA GLU NC 69 58.90 50.10 46.66
C GLU NC 69 59.46 49.95 45.25
N ILE NC 70 59.46 51.05 44.51
CA ILE NC 70 60.08 51.09 43.18
C ILE NC 70 61.58 50.81 43.27
N GLN NC 71 62.25 51.53 44.16
CA GLN NC 71 63.69 51.39 44.39
C GLN NC 71 64.09 50.00 44.90
N ASP NC 72 63.23 49.40 45.73
CA ASP NC 72 63.50 48.08 46.29
C ASP NC 72 63.22 46.95 45.27
N PHE NC 73 62.24 47.18 44.40
CA PHE NC 73 61.98 46.26 43.27
C PHE NC 73 63.14 46.28 42.28
N PHE NC 74 63.64 47.48 42.01
CA PHE NC 74 64.83 47.66 41.17
C PHE NC 74 66.07 46.98 41.78
N ASP NC 75 66.27 47.21 43.09
CA ASP NC 75 67.36 46.61 43.85
C ASP NC 75 67.30 45.07 43.77
N CYS NC 76 66.10 44.55 43.99
CA CYS NC 76 65.85 43.11 43.91
C CYS NC 76 66.13 42.54 42.51
N ALA NC 77 65.71 43.26 41.46
CA ALA NC 77 65.95 42.83 40.08
C ALA NC 77 67.44 42.80 39.75
N SER NC 78 68.18 43.79 40.28
CA SER NC 78 69.63 43.81 40.16
C SER NC 78 70.29 42.62 40.87
N ARG NC 79 69.77 42.27 42.05
CA ARG NC 79 70.28 41.10 42.77
C ARG NC 79 69.92 39.78 42.07
N ALA NC 80 68.82 39.79 41.32
CA ALA NC 80 68.40 38.63 40.54
C ALA NC 80 69.26 38.46 39.29
N GLU NC 81 69.63 39.58 38.65
CA GLU NC 81 70.56 39.54 37.52
C GLU NC 81 71.94 39.07 37.96
N ALA NC 82 72.47 39.70 39.02
CA ALA NC 82 73.75 39.30 39.60
C ALA NC 82 73.74 37.84 40.00
N ALA NC 83 72.60 37.38 40.54
CA ALA NC 83 72.41 35.97 40.85
C ALA NC 83 72.53 35.11 39.60
N ARG NC 84 71.74 35.40 38.57
CA ARG NC 84 71.74 34.62 37.34
C ARG NC 84 73.14 34.51 36.71
N LYS NC 85 73.85 35.63 36.64
CA LYS NC 85 75.19 35.64 36.05
C LYS NC 85 76.23 34.90 36.91
N MET NC 86 76.34 35.27 38.18
CA MET NC 86 77.44 34.78 39.02
C MET NC 86 77.23 33.36 39.57
N ARG NC 87 75.97 32.93 39.68
CA ARG NC 87 75.68 31.59 40.21
C ARG NC 87 75.91 30.49 39.18
N SER NC 88 75.75 30.82 37.90
CA SER NC 88 75.95 29.84 36.83
C SER NC 88 77.34 29.18 36.90
N ILE NC 89 78.38 30.00 36.96
CA ILE NC 89 79.77 29.53 36.99
C ILE NC 89 80.11 28.67 38.23
N GLN NC 90 79.77 29.18 39.41
CA GLN NC 90 80.10 28.52 40.67
C GLN NC 90 79.27 27.27 40.93
N GLU NC 91 78.05 27.24 40.41
CA GLU NC 91 77.22 26.03 40.46
C GLU NC 91 77.71 25.01 39.43
N ASN NC 92 78.29 25.50 38.33
CA ASN NC 92 78.84 24.62 37.30
C ASN NC 92 80.23 24.07 37.66
N LEU NC 93 80.90 24.70 38.62
CA LEU NC 93 82.20 24.21 39.07
C LEU NC 93 82.12 23.49 40.41
N GLY NC 94 81.94 24.24 41.50
CA GLY NC 94 81.89 23.64 42.83
C GLY NC 94 80.68 22.76 43.07
N GLU NC 95 80.94 21.50 43.39
CA GLU NC 95 79.90 20.54 43.77
C GLU NC 95 79.80 20.37 45.29
N LEU NC 96 80.55 21.20 46.02
CA LEU NC 96 80.80 21.04 47.45
C LEU NC 96 81.61 19.76 47.74
N GLY NC 97 81.06 18.87 48.57
CA GLY NC 97 81.78 17.69 49.00
C GLY NC 97 82.11 16.66 47.93
N SER NC 98 81.45 16.77 46.78
CA SER NC 98 81.63 15.83 45.67
C SER NC 98 82.51 16.39 44.56
N LEU NC 99 82.64 15.64 43.46
CA LEU NC 99 83.45 16.05 42.32
C LEU NC 99 82.59 16.33 41.09
N PRO NC 100 83.08 17.21 40.19
CA PRO NC 100 82.46 17.39 38.88
C PRO NC 100 82.40 16.07 38.11
N PRO NC 101 81.28 15.83 37.38
CA PRO NC 101 81.02 14.53 36.74
C PRO NC 101 82.18 14.03 35.86
N LYS NC 102 82.95 14.96 35.27
CA LYS NC 102 84.08 14.60 34.42
C LYS NC 102 85.15 13.81 35.19
N LYS NC 103 85.59 14.40 36.31
CA LYS NC 103 86.60 13.78 37.17
C LYS NC 103 86.11 12.45 37.74
N LEU NC 104 84.82 12.41 38.08
CA LEU NC 104 84.20 11.18 38.55
C LEU NC 104 84.28 10.08 37.51
N ASN NC 105 83.94 10.44 36.27
CA ASN NC 105 84.00 9.51 35.15
C ASN NC 105 85.41 8.99 34.91
N LYS NC 106 86.39 9.89 34.92
CA LYS NC 106 87.80 9.52 34.75
C LYS NC 106 88.25 8.54 35.85
N LEU NC 107 87.89 8.90 37.08
CA LEU NC 107 88.13 8.07 38.25
C LEU NC 107 87.56 6.66 38.04
N LEU NC 108 86.31 6.60 37.59
CA LEU NC 108 85.60 5.33 37.38
C LEU NC 108 86.25 4.51 36.27
N HIS NC 109 86.71 5.19 35.22
CA HIS NC 109 87.38 4.52 34.10
C HIS NC 109 88.74 3.99 34.55
N ARG NC 110 89.29 4.59 35.60
CA ARG NC 110 90.50 4.07 36.23
C ARG NC 110 90.23 2.76 36.97
N PHE NC 111 89.03 2.63 37.53
CA PHE NC 111 88.65 1.40 38.24
C PHE NC 111 87.30 0.88 37.75
N PRO NC 112 87.31 0.18 36.61
CA PRO NC 112 86.10 -0.20 35.87
C PRO NC 112 85.35 -1.41 36.47
N ASN NC 113 84.03 -1.48 36.26
CA ASN NC 113 83.23 -2.66 36.56
C ASN NC 113 83.59 -3.81 35.62
N LYS NC 114 83.68 -5.04 36.13
CA LYS NC 114 83.89 -6.17 35.22
C LYS NC 114 82.69 -7.10 35.18
N PRO NC 115 81.84 -6.96 34.15
CA PRO NC 115 80.80 -7.93 33.78
C PRO NC 115 81.39 -9.19 33.17
N HIS NC 116 82.39 -9.00 32.31
CA HIS NC 116 83.00 -10.09 31.57
C HIS NC 116 84.03 -10.89 32.38
N VAL NC 117 84.31 -12.09 31.88
CA VAL NC 117 85.28 -13.01 32.46
C VAL NC 117 84.85 -13.50 33.84
N LYS OC 128 56.32 -5.84 17.37
CA LYS OC 128 57.19 -6.91 16.93
C LYS OC 128 56.41 -8.21 16.86
N ASN OC 129 56.19 -8.84 18.01
CA ASN OC 129 55.25 -9.95 18.13
C ASN OC 129 53.83 -9.38 18.16
N ILE OC 130 53.75 -8.09 18.46
CA ILE OC 130 52.47 -7.43 18.53
C ILE OC 130 51.72 -7.51 17.21
N LEU OC 131 52.40 -7.75 16.11
CA LEU OC 131 51.71 -7.81 14.83
C LEU OC 131 50.70 -8.97 14.79
N LYS OC 132 51.14 -10.15 15.24
CA LYS OC 132 50.27 -11.32 15.42
C LYS OC 132 49.07 -11.01 16.32
N ILE OC 133 49.38 -10.50 17.50
CA ILE OC 133 48.38 -10.10 18.45
C ILE OC 133 47.39 -9.12 17.84
N ARG OC 134 47.87 -8.24 16.96
CA ARG OC 134 47.04 -7.25 16.31
C ARG OC 134 46.09 -7.92 15.34
N ARG OC 135 46.60 -8.91 14.61
CA ARG OC 135 45.75 -9.67 13.71
C ARG OC 135 44.61 -10.31 14.49
N ARG OC 136 44.97 -11.07 15.53
CA ARG OC 136 43.96 -11.77 16.34
C ARG OC 136 42.96 -10.79 16.95
N LYS OC 137 43.49 -9.66 17.43
CA LYS OC 137 42.68 -8.60 18.01
C LYS OC 137 41.60 -8.18 17.04
N MET OC 138 42.03 -7.89 15.82
CA MET OC 138 41.10 -7.41 14.83
C MET OC 138 40.09 -8.49 14.50
N ASN OC 139 40.57 -9.71 14.27
CA ASN OC 139 39.66 -10.80 13.93
C ASN OC 139 38.56 -10.93 14.95
N HIS OC 140 38.95 -11.06 16.21
CA HIS OC 140 37.99 -11.20 17.30
C HIS OC 140 37.01 -10.06 17.36
N HIS OC 141 37.51 -8.85 17.31
CA HIS OC 141 36.65 -7.69 17.32
C HIS OC 141 35.58 -7.79 16.24
N LYS OC 142 36.05 -7.98 15.01
CA LYS OC 142 35.16 -8.13 13.86
C LYS OC 142 34.09 -9.16 14.13
N TYR OC 143 34.54 -10.34 14.58
CA TYR OC 143 33.66 -11.47 14.84
C TYR OC 143 32.58 -11.16 15.89
N ARG OC 144 32.98 -10.54 16.98
CA ARG OC 144 32.04 -10.13 18.01
C ARG OC 144 31.00 -9.19 17.42
N LYS OC 145 31.45 -8.17 16.71
CA LYS OC 145 30.54 -7.25 16.02
C LYS OC 145 29.51 -8.02 15.20
N LEU OC 146 30.04 -8.99 14.46
CA LEU OC 146 29.23 -9.86 13.60
C LEU OC 146 28.14 -10.60 14.37
N VAL OC 147 28.53 -11.27 15.46
CA VAL OC 147 27.59 -11.98 16.31
C VAL OC 147 26.51 -11.05 16.85
N LYS OC 148 26.91 -9.83 17.23
CA LYS OC 148 25.94 -8.82 17.64
C LYS OC 148 24.90 -8.55 16.56
N ARG OC 149 25.36 -8.29 15.33
CA ARG OC 149 24.44 -8.05 14.23
C ARG OC 149 23.54 -9.24 13.93
N THR OC 150 24.16 -10.42 13.88
CA THR OC 150 23.54 -11.63 13.35
C THR OC 150 22.79 -12.40 14.44
N ARG OC 151 22.73 -11.80 15.63
CA ARG OC 151 22.34 -12.50 16.85
C ARG OC 151 21.10 -13.39 16.76
N PHE OC 152 20.00 -12.84 16.26
CA PHE OC 152 18.75 -13.58 16.30
C PHE OC 152 18.65 -14.64 15.21
N LEU OC 153 19.32 -14.40 14.09
CA LEU OC 153 19.52 -15.44 13.09
C LEU OC 153 20.20 -16.66 13.74
N ARG OC 154 21.30 -16.38 14.44
CA ARG OC 154 22.06 -17.41 15.13
C ARG OC 154 21.20 -18.12 16.14
N ARG OC 155 20.39 -17.35 16.85
CA ARG OC 155 19.46 -17.86 17.84
C ARG OC 155 18.54 -18.91 17.24
N LYS OC 156 17.84 -18.50 16.19
CA LYS OC 156 16.95 -19.39 15.44
C LYS OC 156 17.67 -20.67 15.03
N VAL OC 157 18.87 -20.50 14.47
CA VAL OC 157 19.64 -21.64 13.96
C VAL OC 157 20.00 -22.64 15.06
N ARG OC 158 20.50 -22.12 16.18
CA ARG OC 158 20.85 -22.96 17.31
C ARG OC 158 19.61 -23.70 17.84
N GLU OC 159 18.46 -23.02 17.84
CA GLU OC 159 17.23 -23.65 18.31
C GLU OC 159 16.81 -24.81 17.40
N GLY OC 160 16.87 -24.57 16.09
CA GLY OC 160 16.59 -25.63 15.12
C GLY OC 160 17.54 -26.81 15.29
N ARG OC 161 18.80 -26.51 15.57
CA ARG OC 161 19.79 -27.56 15.81
C ARG OC 161 19.48 -28.37 17.08
N LEU OC 162 18.99 -27.69 18.11
CA LEU OC 162 18.62 -28.40 19.32
C LEU OC 162 17.40 -29.30 19.12
N ARG OC 163 16.45 -28.81 18.32
CA ARG OC 163 15.29 -29.63 17.96
C ARG OC 163 15.76 -30.90 17.24
N GLN OC 164 16.58 -30.70 16.21
CA GLN OC 164 17.18 -31.80 15.46
C GLN OC 164 17.86 -32.82 16.36
N LYS OC 165 18.65 -32.31 17.30
CA LYS OC 165 19.33 -33.13 18.30
C LYS OC 165 18.35 -33.99 19.10
N GLN OC 166 17.30 -33.35 19.63
CA GLN OC 166 16.31 -34.05 20.44
C GLN OC 166 15.66 -35.17 19.64
N VAL OC 167 15.27 -34.84 18.41
CA VAL OC 167 14.69 -35.81 17.49
C VAL OC 167 15.61 -37.01 17.24
N LYS OC 168 16.86 -36.76 16.84
CA LYS OC 168 17.81 -37.85 16.58
C LYS OC 168 18.00 -38.74 17.80
N PHE OC 169 18.01 -38.12 18.97
CA PHE OC 169 18.08 -38.85 20.23
C PHE OC 169 16.86 -39.79 20.40
N GLU OC 170 15.67 -39.24 20.18
CA GLU OC 170 14.44 -40.03 20.19
C GLU OC 170 14.53 -41.23 19.22
N ARG OC 171 14.88 -40.97 17.97
CA ARG OC 171 15.04 -42.01 16.94
C ARG OC 171 15.98 -43.10 17.41
N ASP OC 172 17.10 -42.69 18.00
CA ASP OC 172 18.05 -43.63 18.56
C ASP OC 172 17.34 -44.57 19.53
N LEU OC 173 16.64 -43.99 20.51
CA LEU OC 173 15.99 -44.82 21.52
C LEU OC 173 14.91 -45.76 20.93
N LYS OC 174 14.11 -45.22 20.02
CA LYS OC 174 13.05 -45.97 19.35
C LYS OC 174 13.64 -47.16 18.59
N ARG OC 175 14.66 -46.89 17.79
CA ARG OC 175 15.45 -47.92 17.14
C ARG OC 175 15.93 -48.97 18.15
N ILE OC 176 16.36 -48.53 19.34
CA ILE OC 176 16.82 -49.47 20.38
C ILE OC 176 15.71 -50.43 20.81
N TRP OC 177 14.56 -49.93 21.26
CA TRP OC 177 13.54 -50.86 21.76
C TRP OC 177 12.87 -51.64 20.63
N GLN OC 178 12.92 -51.13 19.41
CA GLN OC 178 12.32 -51.84 18.29
C GLN OC 178 13.20 -53.00 17.80
N LYS OC 179 14.50 -52.78 17.73
CA LYS OC 179 15.41 -53.87 17.35
C LYS OC 179 15.57 -54.90 18.48
N ALA OC 180 14.96 -54.62 19.64
CA ALA OC 180 14.91 -55.59 20.73
C ALA OC 180 13.61 -56.40 20.68
N GLY OC 181 12.80 -56.15 19.66
CA GLY OC 181 11.61 -56.93 19.41
C GLY OC 181 10.32 -56.35 19.97
N LEU OC 182 10.43 -55.48 20.97
CA LEU OC 182 9.26 -54.89 21.60
C LEU OC 182 8.49 -54.00 20.61
N LYS OC 183 7.21 -53.79 20.86
CA LYS OC 183 6.42 -52.92 19.98
C LYS OC 183 6.40 -51.50 20.51
N GLU OC 184 5.69 -51.30 21.62
CA GLU OC 184 5.73 -50.04 22.34
C GLU OC 184 7.01 -49.90 23.16
N ALA OC 185 7.34 -48.67 23.53
CA ALA OC 185 8.37 -48.39 24.52
C ALA OC 185 8.01 -49.06 25.84
N PRO OC 186 9.03 -49.46 26.63
CA PRO OC 186 8.80 -50.11 27.93
C PRO OC 186 7.88 -49.32 28.85
N ALA OC 187 7.24 -50.02 29.78
CA ALA OC 187 6.25 -49.42 30.67
C ALA OC 187 6.80 -48.21 31.42
N GLY OC 188 6.09 -47.10 31.33
CA GLY OC 188 6.45 -45.88 32.03
C GLY OC 188 7.68 -45.17 31.49
N TRP OC 189 7.81 -45.11 30.17
CA TRP OC 189 8.94 -44.43 29.57
C TRP OC 189 8.55 -43.17 28.79
N GLN OC 190 8.92 -42.01 29.33
CA GLN OC 190 8.59 -40.74 28.72
C GLN OC 190 9.67 -40.11 27.81
N THR OC 191 10.89 -40.67 27.82
CA THR OC 191 12.02 -40.15 27.03
C THR OC 191 12.22 -38.64 27.17
N PRO OC 192 12.78 -38.20 28.32
CA PRO OC 192 12.82 -36.79 28.74
C PRO OC 192 13.48 -35.86 27.71
N LYS OC 193 13.21 -34.55 27.80
CA LYS OC 193 13.82 -33.62 26.85
C LYS OC 193 15.03 -32.99 27.52
N ILE OC 194 16.21 -33.46 27.11
CA ILE OC 194 17.48 -33.04 27.69
C ILE OC 194 18.06 -31.77 27.07
N TYR OC 195 18.00 -31.70 25.75
CA TYR OC 195 18.58 -30.58 25.01
C TYR OC 195 17.68 -29.35 25.03
N LEU OC 196 16.37 -29.59 24.95
CA LEU OC 196 15.38 -28.52 24.77
C LEU OC 196 15.10 -27.90 26.12
N LYS OC 197 15.87 -28.36 27.10
CA LYS OC 197 15.79 -27.88 28.47
C LYS OC 197 15.80 -26.36 28.47
N ASN OC 198 14.83 -25.80 29.19
CA ASN OC 198 14.64 -24.36 29.29
C ASN OC 198 15.90 -23.69 29.86
N GLN OC 199 16.42 -22.68 29.19
CA GLN OC 199 17.77 -22.14 29.51
C GLN OC 199 17.83 -21.49 30.87
N GLU PC 55 127.42 81.26 -29.85
CA GLU PC 55 128.81 80.81 -29.88
C GLU PC 55 129.04 79.65 -28.91
N GLU PC 56 128.38 79.72 -27.75
CA GLU PC 56 128.47 78.64 -26.78
C GLU PC 56 127.73 77.39 -27.27
N VAL PC 57 126.81 77.59 -28.21
CA VAL PC 57 126.06 76.48 -28.79
C VAL PC 57 126.98 75.58 -29.61
N VAL PC 58 126.99 74.30 -29.27
CA VAL PC 58 127.79 73.31 -30.00
C VAL PC 58 126.89 72.11 -30.32
N ILE PC 59 126.94 71.64 -31.57
CA ILE PC 59 126.18 70.45 -31.94
C ILE PC 59 127.15 69.42 -32.53
N PRO PC 60 126.97 68.15 -32.17
CA PRO PC 60 127.75 67.11 -32.86
C PRO PC 60 127.07 66.69 -34.16
N LYS PC 61 127.67 65.77 -34.90
CA LYS PC 61 127.04 65.29 -36.11
C LYS PC 61 126.37 63.95 -35.85
N LYS PC 62 125.65 63.43 -36.84
CA LYS PC 62 124.91 62.19 -36.64
C LYS PC 62 125.62 61.02 -37.29
N LYS PC 63 125.65 59.90 -36.57
CA LYS PC 63 126.24 58.69 -37.12
C LYS PC 63 125.14 57.86 -37.75
N THR PC 64 125.16 57.76 -39.07
CA THR PC 64 124.19 56.94 -39.80
C THR PC 64 124.79 55.55 -40.03
N TRP PC 65 124.16 54.54 -39.46
CA TRP PC 65 124.61 53.16 -39.60
C TRP PC 65 123.54 52.31 -40.28
N ASP PC 66 123.95 51.18 -40.83
CA ASP PC 66 123.03 50.25 -41.49
C ASP PC 66 122.07 49.66 -40.45
N LYS PC 67 120.94 49.13 -40.93
CA LYS PC 67 119.91 48.53 -40.07
C LYS PC 67 120.50 47.49 -39.11
N VAL PC 68 121.18 46.50 -39.68
CA VAL PC 68 121.69 45.34 -38.95
C VAL PC 68 122.95 45.62 -38.11
N ALA PC 69 123.47 46.86 -38.21
CA ALA PC 69 124.75 47.23 -37.61
C ALA PC 69 124.89 46.92 -36.13
N ILE PC 70 123.89 47.31 -35.34
CA ILE PC 70 123.95 47.13 -33.88
C ILE PC 70 123.91 45.64 -33.50
N LEU PC 71 123.15 44.86 -34.26
CA LEU PC 71 123.09 43.40 -34.10
C LEU PC 71 124.45 42.72 -34.38
N GLN PC 72 125.17 43.25 -35.36
CA GLN PC 72 126.50 42.74 -35.70
C GLN PC 72 127.55 43.21 -34.69
N ALA PC 73 127.32 44.38 -34.09
CA ALA PC 73 128.20 44.90 -33.04
C ALA PC 73 127.98 44.14 -31.72
N LEU PC 74 126.78 43.61 -31.53
CA LEU PC 74 126.51 42.72 -30.40
C LEU PC 74 127.04 41.31 -30.69
N ALA PC 75 126.99 40.89 -31.95
CA ALA PC 75 127.46 39.56 -32.34
C ALA PC 75 128.98 39.44 -32.22
N SER PC 76 129.64 40.60 -32.08
CA SER PC 76 131.09 40.67 -31.94
C SER PC 76 131.55 40.30 -30.53
N THR PC 77 130.75 40.65 -29.53
CA THR PC 77 131.11 40.42 -28.13
C THR PC 77 130.84 38.97 -27.70
N VAL PC 78 130.25 38.19 -28.60
CA VAL PC 78 130.02 36.77 -28.35
C VAL PC 78 130.85 35.91 -29.30
N HIS PC 79 131.75 35.11 -28.73
CA HIS PC 79 132.48 34.12 -29.51
C HIS PC 79 131.74 32.79 -29.48
N ARG PC 80 132.38 31.74 -29.99
CA ARG PC 80 131.73 30.45 -30.18
C ARG PC 80 131.83 29.55 -28.93
N ASP PC 81 130.73 28.86 -28.62
CA ASP PC 81 130.63 28.04 -27.41
C ASP PC 81 131.22 26.65 -27.60
N SER PC 82 132.05 26.23 -26.65
CA SER PC 82 132.76 24.96 -26.70
C SER PC 82 131.85 23.74 -26.49
N THR PC 83 131.11 23.75 -25.37
CA THR PC 83 130.30 22.58 -24.99
C THR PC 83 128.99 22.49 -25.78
N ALA PC 84 128.69 23.51 -26.57
CA ALA PC 84 127.43 23.58 -27.32
C ALA PC 84 127.47 22.80 -28.63
N ALA PC 85 126.36 22.13 -28.92
CA ALA PC 85 126.14 21.52 -30.23
C ALA PC 85 125.81 22.63 -31.24
N PRO PC 86 125.90 22.33 -32.55
CA PRO PC 86 125.57 23.29 -33.60
C PRO PC 86 124.23 24.00 -33.39
N TYR PC 87 124.22 25.31 -33.62
CA TYR PC 87 123.04 26.13 -33.34
C TYR PC 87 121.80 25.69 -34.09
N VAL PC 88 121.99 25.16 -35.30
CA VAL PC 88 120.87 24.77 -36.15
C VAL PC 88 119.99 23.68 -35.51
N PHE PC 89 120.64 22.70 -34.89
CA PHE PC 89 119.94 21.57 -34.28
C PHE PC 89 119.25 21.92 -32.96
N GLN PC 90 118.27 21.12 -32.57
CA GLN PC 90 117.57 21.30 -31.30
C GLN PC 90 118.53 21.06 -30.13
N ASP PC 91 118.29 21.76 -29.03
CA ASP PC 91 119.26 21.83 -27.92
C ASP PC 91 119.19 20.68 -26.89
N ASP PC 92 118.08 19.92 -26.90
CA ASP PC 92 117.88 18.82 -25.94
C ASP PC 92 118.79 17.61 -26.22
N PRO PC 93 119.21 16.90 -25.16
CA PRO PC 93 120.13 15.75 -25.22
C PRO PC 93 119.67 14.57 -26.11
N TYR PC 94 118.38 14.46 -26.38
CA TYR PC 94 117.83 13.40 -27.21
C TYR PC 94 118.01 13.69 -28.70
N LEU PC 95 117.79 14.95 -29.08
CA LEU PC 95 117.84 15.37 -30.48
C LEU PC 95 119.22 15.87 -30.92
N ILE PC 96 120.15 15.99 -29.97
CA ILE PC 96 121.52 16.42 -30.27
C ILE PC 96 122.25 15.33 -31.05
N PRO PC 97 122.87 15.70 -32.19
CA PRO PC 97 123.60 14.73 -33.03
C PRO PC 97 124.80 14.12 -32.31
N THR PC 98 124.87 12.78 -32.29
CA THR PC 98 125.99 12.07 -31.66
C THR PC 98 127.21 11.92 -32.60
N SER PC 99 126.95 11.58 -33.86
CA SER PC 99 128.02 11.35 -34.84
C SER PC 99 127.86 12.25 -36.07
N SER PC 100 128.72 12.07 -37.06
CA SER PC 100 128.64 12.86 -38.28
C SER PC 100 127.42 12.45 -39.12
N VAL PC 101 127.20 11.14 -39.24
CA VAL PC 101 126.08 10.59 -40.00
C VAL PC 101 124.75 11.08 -39.43
N GLU PC 102 124.69 11.20 -38.11
CA GLU PC 102 123.50 11.71 -37.43
C GLU PC 102 123.29 13.20 -37.72
N SER PC 103 124.37 13.98 -37.73
CA SER PC 103 124.28 15.40 -38.09
C SER PC 103 123.68 15.55 -39.47
N HIS PC 104 124.23 14.78 -40.42
CA HIS PC 104 123.76 14.79 -41.80
C HIS PC 104 122.28 14.42 -41.90
N SER PC 105 121.90 13.28 -41.34
CA SER PC 105 120.51 12.80 -41.42
C SER PC 105 119.52 13.76 -40.75
N PHE PC 106 119.93 14.35 -39.63
CA PHE PC 106 119.09 15.31 -38.90
C PHE PC 106 118.83 16.58 -39.71
N LEU PC 107 119.91 17.22 -40.14
CA LEU PC 107 119.78 18.46 -40.91
C LEU PC 107 119.02 18.23 -42.23
N LEU PC 108 119.38 17.16 -42.91
CA LEU PC 108 118.72 16.76 -44.16
C LEU PC 108 117.23 16.53 -43.94
N ALA PC 109 116.88 15.92 -42.81
CA ALA PC 109 115.49 15.71 -42.44
C ALA PC 109 114.76 17.05 -42.24
N LYS PC 110 115.41 17.97 -41.52
CA LYS PC 110 114.84 19.31 -41.27
C LYS PC 110 114.52 20.03 -42.57
N LYS PC 111 115.47 19.97 -43.51
CA LYS PC 111 115.29 20.56 -44.82
C LYS PC 111 114.18 19.89 -45.63
N SER PC 112 114.10 18.55 -45.55
CA SER PC 112 113.04 17.81 -46.27
C SER PC 112 111.67 18.19 -45.74
N GLY PC 113 111.60 18.49 -44.44
CA GLY PC 113 110.39 18.98 -43.82
C GLY PC 113 110.00 20.36 -44.29
N GLU PC 114 110.98 21.28 -44.30
CA GLU PC 114 110.76 22.62 -44.84
C GLU PC 114 110.26 22.57 -46.30
N ASN PC 115 110.81 21.62 -47.06
CA ASN PC 115 110.44 21.36 -48.44
C ASN PC 115 109.00 20.87 -48.59
N ALA PC 116 108.62 19.93 -47.73
CA ALA PC 116 107.24 19.47 -47.65
C ALA PC 116 106.28 20.65 -47.42
N ALA PC 117 106.60 21.47 -46.40
CA ALA PC 117 105.77 22.63 -46.05
C ALA PC 117 105.60 23.59 -47.22
N LYS PC 118 106.72 23.96 -47.84
CA LYS PC 118 106.69 24.85 -49.00
C LYS PC 118 105.90 24.24 -50.17
N PHE PC 119 106.02 22.92 -50.34
CA PHE PC 119 105.24 22.21 -51.34
C PHE PC 119 103.74 22.41 -51.12
N ILE PC 120 103.31 22.23 -49.86
CA ILE PC 120 101.90 22.43 -49.51
C ILE PC 120 101.44 23.86 -49.76
N ILE PC 121 102.29 24.82 -49.40
CA ILE PC 121 101.99 26.26 -49.62
C ILE PC 121 101.75 26.56 -51.10
N ASN PC 122 102.64 26.05 -51.96
CA ASN PC 122 102.57 26.32 -53.40
C ASN PC 122 101.56 25.46 -54.16
N SER PC 123 101.11 24.36 -53.55
CA SER PC 123 100.07 23.53 -54.14
C SER PC 123 98.68 24.16 -53.92
N TYR PC 124 98.50 24.75 -52.73
CA TYR PC 124 97.25 25.41 -52.36
C TYR PC 124 97.53 26.80 -51.80
N PRO PC 125 97.80 27.78 -52.70
CA PRO PC 125 98.18 29.14 -52.30
C PRO PC 125 97.06 29.93 -51.61
N LYS PC 126 95.81 29.70 -51.99
CA LYS PC 126 94.69 30.56 -51.56
C LYS PC 126 94.49 30.56 -50.05
N TYR PC 127 94.96 29.50 -49.40
CA TYR PC 127 94.88 29.33 -47.95
C TYR PC 127 95.85 30.28 -47.22
N PHE PC 128 96.99 30.54 -47.85
CA PHE PC 128 98.02 31.41 -47.28
C PHE PC 128 97.93 32.85 -47.79
N GLN PC 129 96.89 33.14 -48.56
CA GLN PC 129 96.73 34.46 -49.18
C GLN PC 129 96.53 35.59 -48.17
N LYS PC 130 95.61 35.38 -47.23
CA LYS PC 130 95.25 36.44 -46.27
C LYS PC 130 96.46 36.97 -45.50
N ASP PC 131 96.61 38.28 -45.52
CA ASP PC 131 97.76 38.93 -44.91
C ASP PC 131 97.40 39.62 -43.60
N ILE PC 132 98.37 39.63 -42.70
CA ILE PC 132 98.26 40.21 -41.36
C ILE PC 132 99.33 41.27 -41.17
N ALA PC 133 100.59 40.84 -41.28
CA ALA PC 133 101.76 41.67 -41.00
C ALA PC 133 101.73 43.03 -41.72
N GLU PC 134 101.96 44.08 -40.95
CA GLU PC 134 101.97 45.46 -41.44
C GLU PC 134 103.14 45.83 -42.37
N PRO PC 135 104.39 45.45 -42.01
CA PRO PC 135 105.47 45.77 -42.96
C PRO PC 135 105.33 45.02 -44.29
N HIS PC 136 104.49 43.98 -44.29
CA HIS PC 136 104.23 43.14 -45.47
C HIS PC 136 105.50 42.50 -46.02
N ILE PC 137 106.01 41.50 -45.31
CA ILE PC 137 107.10 40.68 -45.82
C ILE PC 137 106.64 39.97 -47.09
N PRO PC 138 107.31 40.24 -48.22
CA PRO PC 138 107.08 39.59 -49.52
C PRO PC 138 107.59 38.14 -49.55
N CYS PC 139 108.44 37.79 -48.58
CA CYS PC 139 109.11 36.48 -48.53
C CYS PC 139 108.18 35.34 -48.08
N LEU PC 140 107.14 35.68 -47.34
CA LEU PC 140 106.21 34.68 -46.77
C LEU PC 140 104.98 34.44 -47.64
N MET PC 141 104.95 35.05 -48.83
CA MET PC 141 103.86 34.85 -49.78
C MET PC 141 104.05 33.55 -50.58
N PRO PC 142 102.95 32.89 -50.95
CA PRO PC 142 103.02 31.70 -51.83
C PRO PC 142 103.48 32.08 -53.23
N GLU PC 143 104.08 31.14 -53.95
CA GLU PC 143 104.68 31.44 -55.26
C GLU PC 143 103.83 30.90 -56.41
N TYR PC 144 103.88 31.61 -57.54
CA TYR PC 144 103.08 31.24 -58.71
C TYR PC 144 103.95 30.76 -59.86
N PHE PC 145 103.91 29.46 -60.10
CA PHE PC 145 104.68 28.83 -61.16
C PHE PC 145 103.86 28.59 -62.43
N GLU PC 146 102.63 29.10 -62.47
CA GLU PC 146 101.79 29.01 -63.67
C GLU PC 146 101.98 30.23 -64.59
N PRO PC 147 101.82 30.02 -65.91
CA PRO PC 147 101.86 31.12 -66.89
C PRO PC 147 100.66 32.05 -66.72
N GLN PC 148 100.89 33.36 -66.79
CA GLN PC 148 99.83 34.33 -66.53
C GLN PC 148 98.88 34.54 -67.72
N ILE PC 149 99.37 34.25 -68.92
CA ILE PC 149 98.51 34.28 -70.11
C ILE PC 149 98.70 32.99 -70.92
N GLU PC 150 97.62 32.50 -71.53
CA GLU PC 150 97.64 31.21 -72.22
C GLU PC 150 97.94 31.32 -73.72
N ASP PC 151 97.01 31.89 -74.48
CA ASP PC 151 97.09 31.89 -75.94
C ASP PC 151 98.01 32.97 -76.54
N VAL PC 152 98.30 34.03 -75.78
CA VAL PC 152 99.20 35.08 -76.27
C VAL PC 152 100.66 34.61 -76.20
N SER PC 153 101.37 34.70 -77.31
CA SER PC 153 102.74 34.16 -77.41
C SER PC 153 103.79 34.95 -76.61
N GLU PC 154 103.85 36.26 -76.83
CA GLU PC 154 104.90 37.12 -76.28
C GLU PC 154 104.96 37.14 -74.75
N ALA PC 155 103.87 36.75 -74.10
CA ALA PC 155 103.83 36.61 -72.65
C ALA PC 155 104.26 35.20 -72.25
N ALA PC 156 103.49 34.21 -72.69
CA ALA PC 156 103.70 32.79 -72.34
C ALA PC 156 105.11 32.27 -72.64
N LEU PC 157 105.77 32.80 -73.67
CA LEU PC 157 107.16 32.41 -73.96
C LEU PC 157 108.07 32.67 -72.75
N GLN PC 158 108.25 33.96 -72.43
CA GLN PC 158 109.08 34.40 -71.31
C GLN PC 158 108.58 33.85 -69.96
N GLU PC 159 107.26 33.84 -69.78
CA GLU PC 159 106.64 33.29 -68.57
C GLU PC 159 107.05 31.84 -68.32
N ARG PC 160 106.86 30.97 -69.32
CA ARG PC 160 107.19 29.54 -69.17
C ARG PC 160 108.68 29.23 -69.28
N ILE PC 161 109.47 30.17 -69.82
CA ILE PC 161 110.93 30.05 -69.82
C ILE PC 161 111.49 30.31 -68.42
N LYS PC 162 110.98 31.34 -67.75
CA LYS PC 162 111.36 31.62 -66.36
C LYS PC 162 111.06 30.43 -65.45
N LEU PC 163 110.00 29.69 -65.75
CA LEU PC 163 109.63 28.50 -64.99
C LEU PC 163 110.55 27.33 -65.33
N GLN PC 201 111.10 24.35 -68.28
CA GLN PC 201 111.99 24.07 -69.40
C GLN PC 201 111.23 23.44 -70.58
N GLU PC 202 110.37 22.46 -70.29
CA GLU PC 202 109.55 21.79 -71.31
C GLU PC 202 108.30 22.60 -71.67
N PRO PC 203 107.72 23.28 -70.67
CA PRO PC 203 106.60 24.18 -70.89
C PRO PC 203 107.05 25.39 -71.71
N SER PC 204 108.32 25.75 -71.56
CA SER PC 204 108.94 26.82 -72.33
C SER PC 204 109.04 26.46 -73.82
N ALA PC 205 109.36 25.19 -74.09
CA ALA PC 205 109.47 24.70 -75.46
C ALA PC 205 108.09 24.46 -76.08
N ASN PC 206 107.12 24.07 -75.25
CA ASN PC 206 105.72 23.97 -75.69
C ASN PC 206 105.17 25.36 -76.04
N TYR PC 207 105.59 26.36 -75.25
CA TYR PC 207 105.24 27.76 -75.50
C TYR PC 207 105.87 28.27 -76.81
N ASN PC 208 107.17 28.05 -76.98
CA ASN PC 208 107.88 28.47 -78.20
C ASN PC 208 107.33 27.76 -79.44
N PHE PC 209 106.87 26.52 -79.26
CA PHE PC 209 106.23 25.76 -80.32
C PHE PC 209 104.81 26.27 -80.61
N GLN PC 210 104.15 26.83 -79.60
CA GLN PC 210 102.82 27.44 -79.80
C GLN PC 210 102.94 28.84 -80.42
N GLN PC 211 104.09 29.49 -80.23
CA GLN PC 211 104.38 30.78 -80.84
C GLN PC 211 104.87 30.62 -82.30
N ARG PC 212 105.57 29.53 -82.58
CA ARG PC 212 106.07 29.25 -83.93
C ARG PC 212 105.00 28.65 -84.86
N GLU PC 213 103.94 28.12 -84.27
CA GLU PC 213 102.81 27.54 -85.02
C GLU PC 213 101.82 28.61 -85.49
N GLN PC 214 101.86 29.77 -84.85
CA GLN PC 214 100.97 30.89 -85.16
C GLN PC 214 101.61 31.88 -86.14
N SER PC 215 102.80 31.54 -86.61
CA SER PC 215 103.61 32.40 -87.50
C SER PC 215 103.99 33.72 -86.80
N GLU PC 216 104.13 33.66 -85.48
CA GLU PC 216 104.61 34.80 -84.69
C GLU PC 216 106.14 34.83 -84.72
N GLU PC 217 106.71 35.96 -85.13
CA GLU PC 217 108.16 36.09 -85.26
C GLU PC 217 108.87 36.16 -83.91
N LEU PC 218 109.84 35.28 -83.70
CA LEU PC 218 110.62 35.28 -82.46
C LEU PC 218 111.90 36.10 -82.63
N GLU PC 219 112.00 37.18 -81.87
CA GLU PC 219 113.08 38.15 -82.02
C GLU PC 219 114.40 37.69 -81.40
N GLU PC 220 115.37 38.59 -81.37
CA GLU PC 220 116.72 38.27 -80.89
C GLU PC 220 116.75 38.00 -79.38
N ALA PC 221 115.82 38.60 -78.64
CA ALA PC 221 115.73 38.41 -77.20
C ALA PC 221 115.01 37.11 -76.81
N THR PC 222 114.04 36.69 -77.62
CA THR PC 222 113.19 35.52 -77.33
C THR PC 222 113.98 34.21 -77.13
N GLU PC 223 114.62 33.75 -78.20
CA GLU PC 223 115.32 32.48 -78.15
C GLU PC 223 116.76 32.66 -77.65
N ALA PC 224 117.11 33.87 -77.24
CA ALA PC 224 118.32 34.09 -76.44
C ALA PC 224 118.02 33.68 -75.00
N ASP PC 225 116.78 33.94 -74.59
CA ASP PC 225 116.26 33.49 -73.31
C ASP PC 225 115.95 31.99 -73.35
N ASN PC 226 115.36 31.54 -74.47
CA ASN PC 226 115.12 30.11 -74.67
C ASN PC 226 116.44 29.35 -74.83
N GLU PC 227 117.46 30.04 -75.33
CA GLU PC 227 118.81 29.48 -75.40
C GLU PC 227 119.43 29.38 -74.00
N LYS PC 228 119.41 30.48 -73.25
CA LYS PC 228 119.89 30.47 -71.86
C LYS PC 228 119.18 29.40 -71.04
N SER PC 229 117.94 29.09 -71.43
CA SER PC 229 117.18 27.99 -70.84
C SER PC 229 117.59 26.62 -71.40
N LYS PC 230 118.13 26.59 -72.61
CA LYS PC 230 118.65 25.33 -73.18
C LYS PC 230 120.01 24.97 -72.55
N THR PC 231 120.76 25.99 -72.14
CA THR PC 231 122.02 25.79 -71.43
C THR PC 231 121.82 25.53 -69.93
N LYS PC 232 120.84 26.21 -69.32
CA LYS PC 232 120.59 26.08 -67.88
C LYS PC 232 119.88 24.76 -67.51
N ALA PC 233 118.98 24.31 -68.38
CA ALA PC 233 118.22 23.08 -68.13
C ALA PC 233 118.94 21.86 -68.72
N GLY PC 234 119.07 21.82 -70.05
CA GLY PC 234 119.74 20.72 -70.72
C GLY PC 234 121.25 20.79 -70.53
N THR PC 240 121.55 14.85 -76.79
CA THR PC 240 122.46 15.65 -77.59
C THR PC 240 121.85 16.02 -78.95
N TRP PC 241 120.73 15.38 -79.29
CA TRP PC 241 120.00 15.70 -80.52
C TRP PC 241 119.13 16.96 -80.36
N ARG PC 242 118.55 17.12 -79.17
CA ARG PC 242 117.68 18.25 -78.88
C ARG PC 242 118.46 19.57 -78.83
N THR PC 243 119.74 19.48 -78.50
CA THR PC 243 120.63 20.64 -78.47
C THR PC 243 120.94 21.12 -79.89
N LYS PC 244 121.18 20.15 -80.77
CA LYS PC 244 121.41 20.44 -82.19
C LYS PC 244 120.15 21.00 -82.85
N ASN PC 245 118.99 20.41 -82.55
CA ASN PC 245 117.72 20.91 -83.08
C ASN PC 245 117.37 22.32 -82.57
N ASN PC 246 117.50 22.54 -81.26
CA ASN PC 246 117.26 23.88 -80.69
C ASN PC 246 118.25 24.92 -81.22
N ALA PC 247 119.50 24.51 -81.45
CA ALA PC 247 120.49 25.39 -82.05
C ALA PC 247 120.12 25.75 -83.50
N GLU PC 248 119.67 24.75 -84.26
CA GLU PC 248 119.21 24.96 -85.63
C GLU PC 248 118.01 25.93 -85.67
N ARG PC 249 117.10 25.82 -84.71
CA ARG PC 249 115.97 26.74 -84.62
C ARG PC 249 116.41 28.14 -84.17
N ILE PC 250 117.47 28.21 -83.38
CA ILE PC 250 118.04 29.49 -82.94
C ILE PC 250 118.66 30.26 -84.11
N PHE PC 251 119.46 29.57 -84.93
CA PHE PC 251 120.13 30.22 -86.07
C PHE PC 251 119.29 30.39 -87.35
N ALA PC 252 118.48 29.39 -87.69
CA ALA PC 252 117.76 29.39 -88.98
C ALA PC 252 116.58 30.35 -89.02
N LEU PC 253 115.77 30.35 -87.97
CA LEU PC 253 114.58 31.20 -87.94
C LEU PC 253 114.97 32.67 -87.73
N MET PC 254 115.52 32.99 -86.56
CA MET PC 254 116.06 34.32 -86.30
C MET PC 254 117.56 34.38 -86.59
N PRO PC 255 118.02 35.48 -87.21
CA PRO PC 255 119.46 35.74 -87.33
C PRO PC 255 120.03 36.36 -86.06
N GLU PC 256 120.14 35.55 -85.01
CA GLU PC 256 120.51 36.05 -83.68
C GLU PC 256 121.87 36.72 -83.64
N LYS PC 257 121.94 37.85 -82.95
CA LYS PC 257 123.22 38.50 -82.67
C LYS PC 257 124.10 37.50 -81.93
N ASN PC 258 125.38 37.46 -82.28
CA ASN PC 258 126.30 36.45 -81.75
C ASN PC 258 126.35 36.44 -80.22
N ALA PC 259 126.39 37.62 -79.61
CA ALA PC 259 126.70 37.79 -78.18
C ALA PC 259 125.77 37.00 -77.25
N HIS PC 260 124.70 36.44 -77.80
CA HIS PC 260 123.75 35.63 -77.05
C HIS PC 260 123.78 34.15 -77.47
N SER PC 261 123.50 33.89 -78.75
CA SER PC 261 123.52 32.52 -79.30
C SER PC 261 124.85 31.79 -79.08
N TYR PC 262 125.98 32.46 -79.34
CA TYR PC 262 127.27 31.81 -79.08
C TYR PC 262 127.42 31.59 -77.58
N CYS PC 263 126.91 32.52 -76.77
CA CYS PC 263 127.04 32.42 -75.32
C CYS PC 263 126.45 31.10 -74.86
N THR PC 264 125.15 30.97 -75.08
CA THR PC 264 124.44 29.72 -74.80
C THR PC 264 125.12 28.49 -75.39
N MET PC 265 125.29 28.46 -76.71
CA MET PC 265 125.76 27.24 -77.37
C MET PC 265 127.21 26.83 -77.00
N ILE PC 266 128.07 27.80 -76.72
CA ILE PC 266 129.44 27.52 -76.27
C ILE PC 266 129.44 27.09 -74.79
N ARG PC 267 128.47 27.58 -74.02
CA ARG PC 267 128.33 27.12 -72.64
C ARG PC 267 127.72 25.72 -72.53
N GLY PC 268 126.78 25.41 -73.42
CA GLY PC 268 126.04 24.16 -73.39
C GLY PC 268 126.71 23.03 -74.14
N MET PC 269 127.50 23.36 -75.16
CA MET PC 269 128.23 22.32 -75.88
C MET PC 269 129.53 21.97 -75.15
N VAL PC 270 129.80 22.65 -74.04
CA VAL PC 270 130.80 22.21 -73.07
C VAL PC 270 130.16 21.12 -72.20
N LYS PC 271 128.85 21.27 -71.98
CA LYS PC 271 128.07 20.31 -71.21
C LYS PC 271 127.68 19.07 -72.05
N HIS PC 272 127.36 19.28 -73.33
CA HIS PC 272 127.02 18.18 -74.23
C HIS PC 272 128.27 17.59 -74.89
N GLN PC 273 129.43 18.14 -74.53
CA GLN PC 273 130.75 17.63 -74.94
C GLN PC 273 131.04 17.65 -76.45
N ALA PC 274 130.82 18.80 -77.09
CA ALA PC 274 131.18 18.99 -78.50
C ALA PC 274 131.75 20.40 -78.77
N PRO PC 275 133.03 20.63 -78.42
CA PRO PC 275 133.73 21.92 -78.49
C PRO PC 275 134.10 22.43 -79.90
N THR PC 276 134.06 21.58 -80.93
CA THR PC 276 134.47 21.96 -82.29
C THR PC 276 133.54 22.99 -82.93
N GLN PC 277 132.24 22.70 -82.86
CA GLN PC 277 131.21 23.60 -83.39
C GLN PC 277 131.23 24.96 -82.66
N ALA PC 278 131.82 24.98 -81.47
CA ALA PC 278 131.95 26.21 -80.68
C ALA PC 278 133.11 27.10 -81.18
N LEU PC 279 134.17 26.48 -81.68
CA LEU PC 279 135.26 27.21 -82.34
C LEU PC 279 134.80 27.70 -83.72
N ASN PC 280 134.00 26.89 -84.40
CA ASN PC 280 133.33 27.34 -85.63
C ASN PC 280 132.42 28.55 -85.38
N LEU PC 281 131.68 28.51 -84.28
CA LEU PC 281 130.84 29.64 -83.85
C LEU PC 281 131.69 30.83 -83.40
N TYR PC 282 132.92 30.58 -82.97
CA TYR PC 282 133.85 31.66 -82.64
C TYR PC 282 134.34 32.34 -83.92
N THR PC 283 134.52 31.57 -84.98
CA THR PC 283 134.84 32.14 -86.30
C THR PC 283 133.67 32.96 -86.84
N VAL PC 284 132.46 32.38 -86.81
CA VAL PC 284 131.24 33.08 -87.23
C VAL PC 284 131.00 34.35 -86.39
N LEU PC 285 131.40 34.31 -85.12
CA LEU PC 285 131.25 35.45 -84.21
C LEU PC 285 132.28 36.55 -84.44
N LEU PC 286 133.53 36.16 -84.72
CA LEU PC 286 134.60 37.11 -84.97
C LEU PC 286 134.46 37.76 -86.36
N ASN PC 287 133.75 37.08 -87.27
CA ASN PC 287 133.50 37.62 -88.61
C ASN PC 287 132.48 38.78 -88.65
N ASN PC 288 131.53 38.76 -87.72
CA ASN PC 288 130.41 39.71 -87.73
C ASN PC 288 130.70 41.00 -86.95
N ARG PC 289 131.95 41.16 -86.52
CA ARG PC 289 132.45 42.34 -85.79
C ARG PC 289 132.05 42.36 -84.32
N LEU PC 290 131.10 41.52 -83.93
CA LEU PC 290 130.77 41.37 -82.52
C LEU PC 290 131.96 40.68 -81.86
N ARG PC 291 132.52 41.32 -80.84
CA ARG PC 291 133.68 40.77 -80.14
C ARG PC 291 133.23 39.62 -79.26
N ALA PC 292 134.17 38.74 -78.92
CA ALA PC 292 133.89 37.67 -77.97
C ALA PC 292 134.04 38.22 -76.55
N ASP PC 293 133.01 38.06 -75.72
CA ASP PC 293 133.01 38.59 -74.36
C ASP PC 293 133.95 37.77 -73.47
N VAL PC 294 134.00 38.08 -72.17
CA VAL PC 294 134.95 37.42 -71.27
C VAL PC 294 134.69 35.91 -71.14
N TYR PC 295 133.43 35.51 -70.96
CA TYR PC 295 133.07 34.10 -70.79
C TYR PC 295 133.29 33.27 -72.06
N THR PC 296 133.45 33.95 -73.19
CA THR PC 296 133.76 33.29 -74.46
C THR PC 296 135.18 32.80 -74.45
N PHE PC 297 136.11 33.73 -74.33
CA PHE PC 297 137.52 33.37 -74.26
C PHE PC 297 137.80 32.49 -73.04
N ASN PC 298 136.98 32.58 -72.00
CA ASN PC 298 137.09 31.60 -70.89
C ASN PC 298 136.71 30.18 -71.34
N SER PC 299 135.51 30.03 -71.91
CA SER PC 299 135.01 28.71 -72.31
C SER PC 299 135.77 28.10 -73.50
N LEU PC 300 136.29 28.93 -74.38
CA LEU PC 300 137.12 28.52 -75.53
C LEU PC 300 138.61 28.32 -75.19
N ILE PC 301 139.13 29.06 -74.20
CA ILE PC 301 140.45 28.74 -73.65
C ILE PC 301 140.34 27.39 -72.98
N GLU PC 302 139.20 27.15 -72.34
CA GLU PC 302 138.91 25.86 -71.73
C GLU PC 302 138.63 24.76 -72.76
N ALA PC 303 138.07 25.14 -73.92
CA ALA PC 303 137.72 24.19 -74.97
C ALA PC 303 138.95 23.77 -75.79
N THR PC 304 139.87 24.71 -76.02
CA THR PC 304 141.13 24.41 -76.70
C THR PC 304 142.12 23.73 -75.75
N ALA PC 305 142.11 24.13 -74.48
CA ALA PC 305 142.88 23.41 -73.45
C ALA PC 305 142.41 21.97 -73.32
N LEU PC 306 141.18 21.78 -72.83
CA LEU PC 306 140.66 20.45 -72.47
C LEU PC 306 140.65 19.45 -73.62
N VAL PC 307 140.65 19.93 -74.87
CA VAL PC 307 140.80 19.01 -75.99
C VAL PC 307 142.28 18.93 -76.36
N VAL PC 308 142.89 17.80 -76.04
CA VAL PC 308 144.29 17.53 -76.34
C VAL PC 308 144.45 16.12 -76.88
N ASN PC 309 144.91 16.00 -78.12
CA ASN PC 309 145.28 14.68 -78.63
C ASN PC 309 146.79 14.62 -78.85
N GLU PC 310 147.48 13.98 -77.92
CA GLU PC 310 148.92 13.70 -77.98
C GLU PC 310 149.84 14.93 -78.04
N LYS PC 311 149.27 16.12 -78.28
CA LYS PC 311 150.07 17.33 -78.40
C LYS PC 311 149.54 18.48 -77.55
N PHE PC 312 150.29 18.85 -76.52
CA PHE PC 312 149.92 19.91 -75.59
C PHE PC 312 150.29 21.32 -76.05
N GLU PC 313 151.41 21.44 -76.78
CA GLU PC 313 151.91 22.74 -77.20
C GLU PC 313 151.02 23.41 -78.25
N GLU PC 314 150.52 22.61 -79.19
CA GLU PC 314 149.60 23.08 -80.22
C GLU PC 314 148.33 23.70 -79.62
N LYS PC 315 148.01 23.26 -78.41
CA LYS PC 315 146.83 23.73 -77.68
C LYS PC 315 147.16 24.99 -76.88
N TRP PC 316 148.12 24.89 -75.96
CA TRP PC 316 148.60 26.04 -75.18
C TRP PC 316 148.91 27.27 -76.04
N ASN PC 317 149.45 27.04 -77.23
CA ASN PC 317 149.76 28.13 -78.16
C ASN PC 317 148.48 28.79 -78.70
N ASN PC 318 147.49 27.98 -79.05
CA ASN PC 318 146.18 28.50 -79.47
C ASN PC 318 145.48 29.26 -78.35
N ILE PC 319 145.72 28.81 -77.11
CA ILE PC 319 145.21 29.48 -75.91
C ILE PC 319 145.82 30.87 -75.74
N LEU PC 320 147.15 30.95 -75.80
CA LEU PC 320 147.84 32.24 -75.68
C LEU PC 320 147.48 33.16 -76.86
N ASP PC 321 147.21 32.57 -78.03
CA ASP PC 321 146.77 33.34 -79.21
C ASP PC 321 145.36 33.92 -79.03
N LEU PC 322 144.46 33.15 -78.44
CA LEU PC 322 143.11 33.65 -78.16
C LEU PC 322 143.12 34.65 -77.00
N LEU PC 323 144.12 34.53 -76.13
CA LEU PC 323 144.33 35.50 -75.02
C LEU PC 323 144.77 36.85 -75.59
N LYS PC 324 145.80 36.83 -76.42
CA LYS PC 324 146.25 38.01 -77.16
C LYS PC 324 145.12 38.60 -78.02
N GLN PC 325 144.35 37.74 -78.66
CA GLN PC 325 143.21 38.15 -79.49
C GLN PC 325 142.10 38.77 -78.62
N MET PC 326 142.05 38.37 -77.34
CA MET PC 326 141.14 38.99 -76.40
C MET PC 326 141.64 40.38 -75.99
N VAL PC 327 142.94 40.50 -75.73
CA VAL PC 327 143.50 41.81 -75.37
C VAL PC 327 143.36 42.78 -76.56
N THR PC 328 143.38 42.26 -77.80
CA THR PC 328 143.27 43.10 -78.99
C THR PC 328 141.84 43.55 -79.31
N GLN PC 329 140.84 42.78 -78.87
CA GLN PC 329 139.42 43.05 -79.19
C GLN PC 329 138.77 43.99 -78.18
N ASN PC 330 139.58 44.55 -77.28
CA ASN PC 330 139.17 45.52 -76.25
C ASN PC 330 138.51 44.84 -75.03
N VAL PC 331 138.33 43.52 -75.11
CA VAL PC 331 137.81 42.77 -73.97
C VAL PC 331 138.91 42.58 -72.93
N LYS PC 332 138.66 43.05 -71.71
CA LYS PC 332 139.62 42.91 -70.63
C LYS PC 332 139.47 41.53 -69.97
N PRO PC 333 140.56 40.75 -69.93
CA PRO PC 333 140.48 39.46 -69.24
C PRO PC 333 140.19 39.64 -67.75
N ASN PC 334 139.16 38.96 -67.26
CA ASN PC 334 138.79 39.06 -65.86
C ASN PC 334 139.76 38.29 -64.98
N LEU PC 335 139.49 38.28 -63.68
CA LEU PC 335 140.22 37.44 -62.74
C LEU PC 335 139.92 35.97 -63.02
N GLN PC 336 138.71 35.73 -63.51
CA GLN PC 336 138.21 34.38 -63.78
C GLN PC 336 138.69 33.84 -65.13
N THR PC 337 139.24 34.72 -65.96
CA THR PC 337 139.88 34.29 -67.21
C THR PC 337 141.28 33.71 -66.92
N PHE PC 338 142.06 34.41 -66.10
CA PHE PC 338 143.35 33.90 -65.65
C PHE PC 338 143.14 32.68 -64.75
N ASN PC 339 142.07 32.71 -63.97
CA ASN PC 339 141.67 31.57 -63.14
C ASN PC 339 141.29 30.35 -63.99
N THR PC 340 140.55 30.58 -65.07
CA THR PC 340 140.18 29.53 -66.03
C THR PC 340 141.44 28.97 -66.70
N ILE PC 341 142.35 29.86 -67.07
CA ILE PC 341 143.63 29.47 -67.67
C ILE PC 341 144.44 28.56 -66.74
N LEU PC 342 144.53 28.94 -65.45
CA LEU PC 342 145.20 28.09 -64.46
C LEU PC 342 144.52 26.73 -64.34
N LYS PC 343 143.19 26.75 -64.18
CA LYS PC 343 142.38 25.53 -64.09
C LYS PC 343 142.60 24.60 -65.29
N CYS PC 344 142.88 25.20 -66.44
CA CYS PC 344 143.19 24.45 -67.66
C CYS PC 344 144.60 23.86 -67.62
N LEU PC 345 145.57 24.66 -67.16
CA LEU PC 345 146.96 24.22 -67.06
C LEU PC 345 147.17 23.15 -65.99
N ARG PC 346 146.18 22.98 -65.10
CA ARG PC 346 146.26 21.97 -64.03
C ARG PC 346 146.25 20.53 -64.54
N ARG PC 347 145.28 20.22 -65.40
CA ARG PC 347 144.88 18.84 -65.69
C ARG PC 347 145.81 18.05 -66.62
N PHE PC 348 146.80 18.73 -67.20
CA PHE PC 348 147.65 18.09 -68.21
C PHE PC 348 149.06 17.82 -67.70
N TYR PC 349 149.87 18.87 -67.61
CA TYR PC 349 151.24 18.73 -67.13
C TYR PC 349 151.37 19.17 -65.68
N ALA PC 350 152.12 18.39 -64.90
CA ALA PC 350 152.41 18.71 -63.51
C ALA PC 350 153.46 19.83 -63.42
N PHE PC 351 154.20 20.00 -64.52
CA PHE PC 351 155.21 21.05 -64.63
C PHE PC 351 154.69 22.29 -65.35
N GLY PC 352 153.41 22.29 -65.68
CA GLY PC 352 152.76 23.43 -66.29
C GLY PC 352 152.40 24.49 -65.26
N LYS PC 353 153.02 24.38 -64.08
CA LYS PC 353 152.83 25.32 -62.99
C LYS PC 353 153.67 26.59 -63.16
N LEU PC 354 154.71 26.52 -63.99
CA LEU PC 354 155.51 27.70 -64.31
C LEU PC 354 154.78 28.74 -65.20
N PRO PC 355 154.17 28.32 -66.33
CA PRO PC 355 153.40 29.32 -67.10
C PRO PC 355 152.22 29.88 -66.30
N ALA PC 356 151.68 29.06 -65.42
CA ALA PC 356 150.59 29.46 -64.53
C ALA PC 356 151.05 30.41 -63.41
N LEU PC 357 152.31 30.27 -63.00
CA LEU PC 357 152.96 31.21 -62.10
C LEU PC 357 153.15 32.56 -62.79
N GLN PC 358 153.59 32.51 -64.04
CA GLN PC 358 153.69 33.69 -64.88
C GLN PC 358 152.33 34.39 -65.00
N THR PC 359 151.25 33.61 -65.09
CA THR PC 359 149.89 34.18 -65.11
C THR PC 359 149.53 34.78 -63.75
N LEU PC 360 149.98 34.13 -62.67
CA LEU PC 360 149.75 34.59 -61.31
C LEU PC 360 150.40 35.94 -61.02
N ARG PC 361 151.54 36.21 -61.66
CA ARG PC 361 152.16 37.55 -61.60
C ARG PC 361 151.46 38.51 -62.58
N GLU PC 362 151.06 37.98 -63.74
CA GLU PC 362 150.39 38.75 -64.79
C GLU PC 362 149.09 39.41 -64.31
N MET PC 363 148.29 38.70 -63.51
CA MET PC 363 147.06 39.27 -63.00
C MET PC 363 147.34 40.25 -61.84
N LYS PC 364 148.48 40.09 -61.19
CA LYS PC 364 148.92 41.01 -60.13
C LYS PC 364 149.45 42.31 -60.73
N ALA PC 365 149.81 42.28 -62.01
CA ALA PC 365 150.26 43.48 -62.71
C ALA PC 365 149.13 44.45 -63.04
N ILE PC 366 147.95 43.92 -63.35
CA ILE PC 366 146.83 44.76 -63.83
C ILE PC 366 145.88 45.23 -62.73
N GLY PC 367 146.11 44.79 -61.49
CA GLY PC 367 145.38 45.31 -60.35
C GLY PC 367 144.28 44.47 -59.75
N ILE PC 368 143.97 43.33 -60.37
CA ILE PC 368 142.92 42.45 -59.87
C ILE PC 368 143.47 41.50 -58.80
N GLU PC 369 142.91 41.58 -57.59
CA GLU PC 369 143.32 40.72 -56.47
C GLU PC 369 143.00 39.25 -56.75
N PRO PC 370 144.05 38.40 -56.79
CA PRO PC 370 143.90 36.96 -57.10
C PRO PC 370 142.87 36.22 -56.25
N SER PC 371 141.98 35.49 -56.91
CA SER PC 371 140.90 34.76 -56.23
C SER PC 371 141.42 33.59 -55.43
N LEU PC 372 140.59 33.13 -54.50
CA LEU PC 372 140.88 31.94 -53.71
C LEU PC 372 140.92 30.69 -54.61
N ALA PC 373 140.19 30.74 -55.71
CA ALA PC 373 140.19 29.64 -56.69
C ALA PC 373 141.53 29.56 -57.40
N THR PC 374 142.01 30.71 -57.89
CA THR PC 374 143.35 30.85 -58.47
C THR PC 374 144.40 30.21 -57.56
N TYR PC 375 144.50 30.73 -56.34
CA TYR PC 375 145.39 30.17 -55.32
C TYR PC 375 145.16 28.67 -55.10
N HIS PC 376 143.91 28.21 -55.19
CA HIS PC 376 143.63 26.79 -55.05
C HIS PC 376 144.33 25.97 -56.11
N TYR PC 377 144.09 26.31 -57.38
CA TYR PC 377 144.71 25.58 -58.49
C TYR PC 377 146.23 25.66 -58.35
N VAL PC 378 146.72 26.83 -57.94
CA VAL PC 378 148.14 27.00 -57.62
C VAL PC 378 148.60 25.92 -56.64
N ILE PC 379 147.91 25.76 -55.52
CA ILE PC 379 148.26 24.75 -54.52
C ILE PC 379 148.03 23.31 -55.02
N GLN PC 380 147.17 23.13 -56.01
CA GLN PC 380 146.91 21.81 -56.58
C GLN PC 380 148.09 21.31 -57.43
N LEU PC 381 148.51 22.11 -58.41
CA LEU PC 381 149.66 21.71 -59.23
C LEU PC 381 150.96 21.81 -58.46
N PHE PC 382 151.00 22.71 -57.48
CA PHE PC 382 152.16 22.83 -56.59
C PHE PC 382 152.21 21.66 -55.60
N TYR PC 383 151.06 21.03 -55.34
CA TYR PC 383 150.99 19.83 -54.49
C TYR PC 383 151.38 18.57 -55.28
N GLN PC 384 150.92 18.48 -56.53
CA GLN PC 384 151.32 17.34 -57.37
C GLN PC 384 152.83 17.32 -57.57
N HIS PC 385 153.44 18.51 -57.55
CA HIS PC 385 154.89 18.65 -57.61
C HIS PC 385 155.51 18.84 -56.21
N GLU PC 386 154.67 18.86 -55.18
CA GLU PC 386 155.15 18.94 -53.79
C GLU PC 386 155.58 17.59 -53.23
N SER PC 387 154.97 16.52 -53.72
CA SER PC 387 155.25 15.17 -53.22
C SER PC 387 156.73 14.76 -53.49
N PRO PC 388 157.19 14.75 -54.76
CA PRO PC 388 158.62 14.46 -54.94
C PRO PC 388 159.57 15.60 -54.50
N SER PC 389 159.20 16.85 -54.75
CA SER PC 389 160.08 18.00 -54.48
C SER PC 389 159.47 18.97 -53.46
N LYS PC 390 160.24 19.28 -52.42
CA LYS PC 390 159.74 20.05 -51.29
C LYS PC 390 160.03 21.56 -51.37
N GLY PC 391 160.58 22.01 -52.51
CA GLY PC 391 160.77 23.44 -52.74
C GLY PC 391 159.50 24.17 -53.16
N SER PC 392 158.75 23.54 -54.05
CA SER PC 392 157.44 24.06 -54.46
C SER PC 392 156.53 24.19 -53.24
N SER PC 393 156.77 23.33 -52.25
CA SER PC 393 156.11 23.42 -50.95
C SER PC 393 156.40 24.76 -50.28
N LEU PC 394 157.68 25.13 -50.25
CA LEU PC 394 158.09 26.40 -49.66
C LEU PC 394 157.49 27.57 -50.45
N ILE PC 395 157.28 27.38 -51.75
CA ILE PC 395 156.62 28.42 -52.56
C ILE PC 395 155.11 28.54 -52.24
N ILE PC 396 154.41 27.42 -52.05
CA ILE PC 396 153.02 27.47 -51.58
C ILE PC 396 152.93 28.13 -50.21
N TYR PC 397 153.87 27.80 -49.35
CA TYR PC 397 153.88 28.28 -47.96
C TYR PC 397 154.18 29.77 -47.88
N ASP PC 398 155.02 30.28 -48.79
CA ASP PC 398 155.30 31.71 -48.84
C ASP PC 398 154.20 32.51 -49.56
N ILE PC 399 153.64 31.95 -50.64
CA ILE PC 399 152.47 32.54 -51.31
C ILE PC 399 151.33 32.68 -50.29
N MET PC 400 151.11 31.60 -49.53
CA MET PC 400 150.15 31.60 -48.44
C MET PC 400 150.54 32.64 -47.37
N ASN PC 401 151.83 32.72 -47.04
CA ASN PC 401 152.34 33.68 -46.05
C ASN PC 401 152.05 35.14 -46.39
N GLU PC 402 152.04 35.44 -47.70
CA GLU PC 402 151.64 36.77 -48.16
C GLU PC 402 150.11 36.90 -48.18
N VAL PC 403 149.44 35.79 -48.47
CA VAL PC 403 147.98 35.74 -48.56
C VAL PC 403 147.27 35.93 -47.20
N MET PC 404 147.95 35.55 -46.11
CA MET PC 404 147.30 35.44 -44.80
C MET PC 404 147.34 36.69 -43.91
N GLY PC 405 148.02 37.74 -44.35
CA GLY PC 405 148.03 38.98 -43.61
C GLY PC 405 146.87 39.87 -44.03
N LYS PC 406 145.91 39.26 -44.74
CA LYS PC 406 144.82 39.99 -45.38
C LYS PC 406 143.44 39.44 -45.02
N ARG PC 407 142.44 40.32 -45.02
CA ARG PC 407 141.05 39.92 -44.77
C ARG PC 407 140.32 39.64 -46.07
N PHE PC 408 139.75 38.44 -46.18
CA PHE PC 408 139.17 37.97 -47.43
C PHE PC 408 137.77 38.49 -47.74
N SER PC 409 137.46 38.51 -49.04
CA SER PC 409 136.10 38.69 -49.54
C SER PC 409 135.82 37.61 -50.58
N PRO PC 410 135.45 36.39 -50.12
CA PRO PC 410 135.29 35.20 -50.98
C PRO PC 410 134.15 35.34 -51.99
N ARG PC 411 134.33 36.21 -52.98
CA ARG PC 411 133.27 36.54 -53.92
C ARG PC 411 133.31 35.82 -55.27
N ASP PC 412 134.26 34.90 -55.47
CA ASP PC 412 134.34 34.20 -56.76
C ASP PC 412 133.75 32.76 -56.68
N PRO PC 413 133.58 32.09 -57.84
CA PRO PC 413 132.83 30.82 -57.82
C PRO PC 413 133.49 29.56 -57.21
N ASP PC 414 134.77 29.32 -57.44
CA ASP PC 414 135.37 28.00 -57.18
C ASP PC 414 136.11 27.85 -55.85
N ASP PC 415 136.05 28.89 -55.02
CA ASP PC 415 136.98 29.09 -53.90
C ASP PC 415 137.19 27.95 -52.90
N ASP PC 416 136.17 27.11 -52.68
CA ASP PC 416 136.16 26.13 -51.58
C ASP PC 416 137.49 25.40 -51.40
N MET PC 417 137.85 24.62 -52.42
CA MET PC 417 139.02 23.75 -52.39
C MET PC 417 140.32 24.46 -51.97
N PHE PC 418 140.41 25.78 -52.13
CA PHE PC 418 141.57 26.54 -51.62
C PHE PC 418 141.85 26.12 -50.18
N PHE PC 419 140.88 26.39 -49.31
CA PHE PC 419 141.02 26.12 -47.88
C PHE PC 419 140.99 24.62 -47.56
N GLN PC 420 140.62 23.82 -48.56
CA GLN PC 420 140.81 22.37 -48.55
C GLN PC 420 142.28 21.99 -48.81
N SER PC 421 142.89 22.57 -49.85
CA SER PC 421 144.25 22.17 -50.23
C SER PC 421 145.35 23.03 -49.60
N ALA PC 422 144.96 24.14 -48.98
CA ALA PC 422 145.91 25.02 -48.31
C ALA PC 422 146.38 24.40 -47.00
N MET PC 423 145.42 23.81 -46.30
CA MET PC 423 145.71 23.08 -45.07
C MET PC 423 146.20 21.66 -45.35
N ARG PC 424 145.64 21.06 -46.41
CA ARG PC 424 145.91 19.64 -46.77
C ARG PC 424 147.39 19.34 -46.84
N VAL PC 425 148.11 20.20 -47.56
CA VAL PC 425 149.57 20.05 -47.70
C VAL PC 425 150.26 19.92 -46.34
N CYS PC 426 149.87 20.76 -45.37
CA CYS PC 426 150.41 20.72 -44.02
C CYS PC 426 150.29 19.34 -43.34
N SER PC 427 149.30 18.54 -43.74
CA SER PC 427 149.12 17.17 -43.24
C SER PC 427 150.16 16.19 -43.82
N SER PC 428 150.52 16.35 -45.09
CA SER PC 428 151.50 15.46 -45.74
C SER PC 428 152.96 15.79 -45.34
N LEU PC 429 153.29 17.07 -45.28
CA LEU PC 429 154.65 17.52 -44.93
C LEU PC 429 154.87 17.66 -43.44
N ARG PC 430 153.79 17.57 -42.67
CA ARG PC 430 153.84 17.71 -41.21
C ARG PC 430 154.46 19.04 -40.80
N ASP PC 431 153.78 20.14 -41.15
CA ASP PC 431 154.22 21.48 -40.74
C ASP PC 431 153.05 22.20 -40.06
N LEU PC 432 153.17 22.39 -38.74
CA LEU PC 432 152.07 22.92 -37.93
C LEU PC 432 151.95 24.45 -37.92
N GLU PC 433 153.07 25.16 -38.01
CA GLU PC 433 153.08 26.61 -37.97
C GLU PC 433 152.19 27.22 -39.07
N LEU PC 434 152.36 26.71 -40.30
CA LEU PC 434 151.60 27.18 -41.44
C LEU PC 434 150.14 26.72 -41.39
N ALA PC 435 149.86 25.74 -40.54
CA ALA PC 435 148.48 25.32 -40.26
C ALA PC 435 147.83 26.29 -39.25
N TYR PC 436 148.60 26.74 -38.26
CA TYR PC 436 148.20 27.86 -37.38
C TYR PC 436 147.86 29.07 -38.23
N GLN PC 437 148.67 29.25 -39.27
CA GLN PC 437 148.48 30.33 -40.23
C GLN PC 437 147.21 30.17 -41.09
N VAL PC 438 146.97 28.97 -41.61
CA VAL PC 438 145.76 28.68 -42.39
C VAL PC 438 144.50 28.85 -41.52
N HIS PC 439 144.60 28.47 -40.25
CA HIS PC 439 143.51 28.63 -39.30
C HIS PC 439 143.28 30.10 -38.95
N GLY PC 440 144.36 30.87 -38.93
CA GLY PC 440 144.27 32.31 -38.72
C GLY PC 440 143.67 33.02 -39.92
N LEU PC 441 143.83 32.41 -41.09
CA LEU PC 441 143.23 32.91 -42.33
C LEU PC 441 141.75 32.61 -42.43
N LEU PC 442 141.38 31.38 -42.07
CA LEU PC 442 139.99 30.93 -42.09
C LEU PC 442 139.13 31.84 -41.20
N ASN PC 443 139.52 31.95 -39.94
CA ASN PC 443 138.77 32.70 -38.93
C ASN PC 443 138.65 34.20 -39.18
N THR PC 444 139.37 34.70 -40.19
CA THR PC 444 139.53 36.14 -40.32
C THR PC 444 138.36 36.85 -41.02
N GLY PC 445 138.25 36.75 -42.35
CA GLY PC 445 137.24 37.53 -43.04
C GLY PC 445 135.82 37.09 -42.78
N ASP PC 446 135.50 35.87 -43.22
CA ASP PC 446 134.35 35.12 -42.72
C ASP PC 446 134.77 33.66 -42.65
N ASN PC 447 134.80 33.06 -41.47
CA ASN PC 447 135.25 31.67 -41.36
C ASN PC 447 134.26 30.70 -41.96
N TRP PC 448 132.98 31.07 -41.87
CA TRP PC 448 131.88 30.20 -42.27
C TRP PC 448 131.76 30.11 -43.80
N LYS PC 449 132.00 31.23 -44.47
CA LYS PC 449 131.84 31.28 -45.92
C LYS PC 449 133.00 30.63 -46.67
N LEU PC 450 134.04 30.23 -45.94
CA LEU PC 450 135.28 29.76 -46.55
C LEU PC 450 135.36 28.23 -46.76
N ILE PC 451 134.35 27.49 -46.32
CA ILE PC 451 134.33 26.04 -46.59
C ILE PC 451 132.97 25.63 -47.12
N GLY PC 452 132.95 25.01 -48.30
CA GLY PC 452 131.71 24.71 -49.00
C GLY PC 452 130.88 23.53 -48.52
N SER PC 453 131.50 22.38 -48.29
CA SER PC 453 130.76 21.15 -47.97
C SER PC 453 131.23 20.50 -46.67
N ASP PC 454 130.42 19.59 -46.14
CA ASP PC 454 130.69 18.96 -44.84
C ASP PC 454 131.79 17.90 -44.91
N HIS PC 455 131.87 17.20 -46.03
CA HIS PC 455 132.93 16.20 -46.23
C HIS PC 455 134.29 16.91 -46.29
N ARG PC 456 134.37 17.91 -47.16
CA ARG PC 456 135.56 18.74 -47.29
C ARG PC 456 135.80 19.57 -46.02
N ARG PC 457 134.79 19.65 -45.16
CA ARG PC 457 134.94 20.29 -43.85
C ARG PC 457 135.61 19.36 -42.84
N ASN PC 458 135.20 18.09 -42.81
CA ASN PC 458 135.80 17.15 -41.85
C ASN PC 458 137.18 16.69 -42.29
N PHE PC 459 137.48 16.81 -43.59
CA PHE PC 459 138.88 16.62 -44.04
C PHE PC 459 139.79 17.59 -43.30
N TYR PC 460 139.37 18.85 -43.25
CA TYR PC 460 140.11 19.93 -42.60
C TYR PC 460 140.50 19.60 -41.18
N TYR PC 461 139.53 19.19 -40.36
CA TYR PC 461 139.78 18.93 -38.95
C TYR PC 461 140.48 17.59 -38.73
N SER PC 462 140.23 16.62 -39.61
CA SER PC 462 140.94 15.34 -39.55
C SER PC 462 142.44 15.57 -39.69
N LYS PC 463 142.83 16.26 -40.76
CA LYS PC 463 144.25 16.54 -40.99
C LYS PC 463 144.84 17.55 -39.98
N PHE PC 464 144.09 18.60 -39.67
CA PHE PC 464 144.55 19.65 -38.75
C PHE PC 464 144.81 19.10 -37.36
N PHE PC 465 143.87 18.32 -36.84
CA PHE PC 465 144.04 17.72 -35.52
C PHE PC 465 145.04 16.56 -35.59
N ASN PC 466 145.15 15.94 -36.76
CA ASN PC 466 146.23 14.98 -37.01
C ASN PC 466 147.59 15.64 -36.73
N LEU PC 467 147.77 16.87 -37.21
CA LEU PC 467 148.99 17.63 -36.92
C LEU PC 467 149.09 18.00 -35.44
N LEU PC 468 148.02 18.61 -34.92
CA LEU PC 468 147.98 19.10 -33.53
C LEU PC 468 148.35 18.02 -32.50
N CYS PC 469 147.90 16.79 -32.72
CA CYS PC 469 148.11 15.73 -31.72
C CYS PC 469 149.58 15.32 -31.54
N PHE PC 470 150.26 14.91 -32.62
CA PHE PC 470 151.66 14.46 -32.51
C PHE PC 470 152.68 15.61 -32.49
N MET PC 471 152.41 16.70 -33.22
CA MET PC 471 153.42 17.75 -33.37
C MET PC 471 153.52 18.67 -32.14
N GLU PC 472 152.49 18.70 -31.32
CA GLU PC 472 152.45 19.63 -30.18
C GLU PC 472 152.47 18.91 -28.84
N GLN PC 473 152.86 19.65 -27.81
CA GLN PC 473 152.83 19.18 -26.43
C GLN PC 473 151.40 18.80 -26.02
N ILE PC 474 151.27 17.87 -25.08
CA ILE PC 474 149.97 17.39 -24.60
C ILE PC 474 149.10 18.54 -24.03
N ASP PC 475 149.76 19.57 -23.51
CA ASP PC 475 149.09 20.77 -23.01
C ASP PC 475 148.24 21.45 -24.10
N VAL PC 476 148.76 21.45 -25.33
CA VAL PC 476 148.06 22.01 -26.48
C VAL PC 476 147.00 21.06 -27.06
N THR PC 477 147.37 19.78 -27.20
CA THR PC 477 146.47 18.77 -27.80
C THR PC 477 145.22 18.51 -26.97
N LEU PC 478 145.39 18.27 -25.67
CA LEU PC 478 144.27 18.06 -24.74
C LEU PC 478 143.36 19.27 -24.70
N LYS PC 479 143.94 20.43 -24.96
CA LYS PC 479 143.24 21.70 -24.96
C LYS PC 479 142.37 21.86 -26.21
N TRP PC 480 142.99 21.85 -27.39
CA TRP PC 480 142.24 21.97 -28.66
C TRP PC 480 141.26 20.80 -28.87
N TYR PC 481 141.53 19.68 -28.20
CA TYR PC 481 140.67 18.50 -28.24
C TYR PC 481 139.21 18.81 -27.89
N LYS PC 482 138.99 19.25 -26.64
CA LYS PC 482 137.63 19.48 -26.15
C LYS PC 482 136.91 20.58 -26.94
N ASP PC 483 137.67 21.47 -27.57
CA ASP PC 483 137.09 22.55 -28.38
C ASP PC 483 136.62 22.07 -29.76
N LEU PC 484 137.49 21.35 -30.47
CA LEU PC 484 137.17 20.93 -31.83
C LEU PC 484 136.29 19.68 -31.96
N ILE PC 485 136.56 18.66 -31.17
CA ILE PC 485 135.94 17.35 -31.37
C ILE PC 485 134.41 17.28 -31.14
N PRO PC 486 133.91 17.57 -29.92
CA PRO PC 486 132.45 17.43 -29.83
C PRO PC 486 131.68 18.57 -30.49
N SER PC 487 132.26 19.77 -30.46
CA SER PC 487 131.56 21.00 -30.83
C SER PC 487 131.35 21.17 -32.35
N VAL PC 488 132.43 21.13 -33.11
CA VAL PC 488 132.36 21.45 -34.54
C VAL PC 488 132.03 20.23 -35.37
N PHE PC 489 133.02 19.35 -35.54
CA PHE PC 489 132.85 18.17 -36.40
C PHE PC 489 133.49 16.94 -35.75
N PHE PC 490 132.81 15.81 -35.91
CA PHE PC 490 133.04 14.62 -35.10
C PHE PC 490 134.12 13.67 -35.67
N PRO PC 491 134.88 13.02 -34.78
CA PRO PC 491 136.03 12.15 -35.11
C PRO PC 491 135.75 11.01 -36.08
N HIS PC 492 136.63 10.91 -37.08
CA HIS PC 492 136.67 9.78 -38.01
C HIS PC 492 137.60 8.73 -37.42
N SER PC 493 137.98 7.73 -38.21
CA SER PC 493 138.95 6.73 -37.78
C SER PC 493 140.37 7.33 -37.73
N GLN PC 494 140.65 8.22 -38.68
CA GLN PC 494 141.96 8.87 -38.79
C GLN PC 494 142.29 9.73 -37.57
N THR PC 495 141.31 10.46 -37.05
CA THR PC 495 141.48 11.28 -35.86
C THR PC 495 141.36 10.41 -34.60
N MET PC 496 140.84 9.20 -34.78
CA MET PC 496 140.71 8.24 -33.69
C MET PC 496 142.05 7.59 -33.36
N ILE PC 497 142.79 7.17 -34.38
CA ILE PC 497 144.11 6.55 -34.19
C ILE PC 497 145.15 7.54 -33.64
N ASP PC 498 145.01 8.81 -34.04
CA ASP PC 498 145.97 9.86 -33.68
C ASP PC 498 146.06 10.14 -32.18
N LEU PC 499 144.92 10.12 -31.49
CA LEU PC 499 144.89 10.31 -30.04
C LEU PC 499 145.59 9.13 -29.36
N LEU PC 500 145.28 7.92 -29.84
CA LEU PC 500 145.93 6.69 -29.39
C LEU PC 500 147.45 6.73 -29.48
N GLN PC 501 147.98 7.18 -30.62
CA GLN PC 501 149.43 7.30 -30.78
C GLN PC 501 150.00 8.52 -30.05
N ALA PC 502 149.14 9.49 -29.74
CA ALA PC 502 149.57 10.68 -29.02
C ALA PC 502 149.71 10.41 -27.52
N LEU PC 503 148.94 9.48 -26.98
CA LEU PC 503 149.02 9.16 -25.56
C LEU PC 503 150.03 8.04 -25.23
N ASP PC 504 150.53 7.36 -26.26
CA ASP PC 504 151.55 6.33 -26.05
C ASP PC 504 152.96 6.92 -25.90
N VAL PC 505 153.23 7.98 -26.66
CA VAL PC 505 154.56 8.61 -26.69
C VAL PC 505 154.82 9.51 -25.47
N ALA PC 506 153.80 10.27 -25.07
CA ALA PC 506 153.93 11.20 -23.95
C ALA PC 506 153.63 10.54 -22.61
N ASN PC 507 153.33 9.24 -22.66
CA ASN PC 507 153.00 8.45 -21.47
C ASN PC 507 151.86 9.06 -20.65
N ARG PC 508 150.67 9.10 -21.25
CA ARG PC 508 149.48 9.57 -20.55
C ARG PC 508 148.46 8.44 -20.36
N LEU PC 509 148.34 7.95 -19.13
CA LEU PC 509 147.38 6.90 -18.80
C LEU PC 509 146.10 7.44 -18.14
N ASP PC 510 146.08 8.75 -17.91
CA ASP PC 510 144.96 9.39 -17.22
C ASP PC 510 143.77 9.67 -18.17
N MET PC 511 144.07 9.95 -19.43
CA MET PC 511 143.06 10.39 -20.39
C MET PC 511 142.43 9.27 -21.22
N VAL PC 512 142.78 8.02 -20.92
CA VAL PC 512 142.21 6.87 -21.63
C VAL PC 512 140.69 6.66 -21.41
N PRO PC 513 140.21 6.72 -20.14
CA PRO PC 513 138.75 6.54 -19.95
C PRO PC 513 137.91 7.61 -20.64
N GLN PC 514 138.37 8.86 -20.61
CA GLN PC 514 137.67 9.98 -21.22
C GLN PC 514 137.53 9.82 -22.74
N ILE PC 515 138.67 9.65 -23.41
CA ILE PC 515 138.71 9.49 -24.86
C ILE PC 515 137.96 8.22 -25.29
N TRP PC 516 137.99 7.18 -24.46
CA TRP PC 516 137.20 5.98 -24.75
C TRP PC 516 135.70 6.28 -24.68
N LYS PC 517 135.29 7.01 -23.64
CA LYS PC 517 133.87 7.34 -23.46
C LYS PC 517 133.34 8.25 -24.56
N ASP PC 518 134.20 9.11 -25.11
CA ASP PC 518 133.80 9.95 -26.23
C ASP PC 518 133.75 9.14 -27.54
N SER PC 519 134.79 8.33 -27.77
CA SER PC 519 134.86 7.47 -28.95
C SER PC 519 133.73 6.46 -29.02
N LYS PC 520 133.17 6.12 -27.86
CA LYS PC 520 131.99 5.28 -27.80
C LYS PC 520 130.79 6.02 -28.38
N GLU PC 521 130.62 7.28 -27.99
CA GLU PC 521 129.55 8.11 -28.50
C GLU PC 521 129.66 8.33 -30.02
N TYR PC 522 130.77 8.89 -30.48
CA TYR PC 522 130.87 9.23 -31.89
C TYR PC 522 131.19 8.02 -32.79
N GLY PC 523 131.98 7.10 -32.27
CA GLY PC 523 132.63 6.08 -33.08
C GLY PC 523 132.07 4.66 -33.13
N HIS PC 524 130.78 4.48 -32.92
CA HIS PC 524 130.16 3.14 -32.83
C HIS PC 524 130.53 2.15 -33.96
N THR PC 525 130.46 2.58 -35.22
CA THR PC 525 130.70 1.69 -36.36
C THR PC 525 132.17 1.27 -36.48
N PHE PC 526 133.07 2.22 -36.26
CA PHE PC 526 134.52 1.97 -36.37
C PHE PC 526 135.07 1.03 -35.30
N ARG PC 527 134.25 0.71 -34.29
CA ARG PC 527 134.73 0.07 -33.06
C ARG PC 527 135.62 -1.15 -33.27
N ASN PC 528 135.07 -2.21 -33.88
CA ASN PC 528 135.77 -3.48 -34.05
C ASN PC 528 137.20 -3.37 -34.61
N GLU PC 529 137.40 -2.46 -35.56
CA GLU PC 529 138.69 -2.33 -36.26
C GLU PC 529 139.75 -1.53 -35.48
N LEU PC 530 139.34 -0.44 -34.84
CA LEU PC 530 140.28 0.43 -34.13
C LEU PC 530 140.45 0.06 -32.66
N LYS PC 531 139.61 -0.87 -32.20
CA LYS PC 531 139.62 -1.39 -30.82
C LYS PC 531 140.96 -2.04 -30.46
N GLU PC 532 141.37 -2.98 -31.31
CA GLU PC 532 142.66 -3.66 -31.21
C GLU PC 532 143.81 -2.65 -31.08
N GLU PC 533 143.67 -1.50 -31.72
CA GLU PC 533 144.65 -0.43 -31.59
C GLU PC 533 144.50 0.33 -30.27
N ILE PC 534 143.26 0.59 -29.86
CA ILE PC 534 143.01 1.30 -28.60
C ILE PC 534 143.62 0.56 -27.42
N LEU PC 535 143.37 -0.74 -27.35
CA LEU PC 535 143.75 -1.51 -26.17
C LEU PC 535 145.26 -1.76 -26.05
N MET PC 536 145.97 -1.75 -27.18
CA MET PC 536 147.41 -2.05 -27.20
C MET PC 536 148.27 -1.06 -26.39
N LEU PC 537 147.70 0.10 -26.07
CA LEU PC 537 148.42 1.12 -25.31
C LEU PC 537 148.35 0.84 -23.82
N MET PC 538 147.58 -0.18 -23.44
CA MET PC 538 147.44 -0.59 -22.05
C MET PC 538 148.58 -1.52 -21.60
N ALA PC 539 149.27 -2.13 -22.58
CA ALA PC 539 150.42 -2.98 -22.29
C ALA PC 539 151.69 -2.17 -22.07
N ARG PC 540 151.84 -1.10 -22.84
CA ARG PC 540 153.06 -0.31 -22.88
C ARG PC 540 153.41 0.35 -21.53
N ASP PC 541 152.41 0.51 -20.67
CA ASP PC 541 152.58 1.25 -19.42
C ASP PC 541 152.98 0.37 -18.24
N GLN PC 542 153.21 1.03 -17.11
CA GLN PC 542 153.36 0.38 -15.82
C GLN PC 542 152.31 0.97 -14.89
N HIS PC 543 151.61 0.11 -14.14
CA HIS PC 543 150.35 0.51 -13.52
C HIS PC 543 150.39 0.58 -11.99
N PRO PC 544 150.37 1.81 -11.42
CA PRO PC 544 150.29 2.11 -9.99
C PRO PC 544 148.95 1.67 -9.35
N PRO PC 545 148.88 1.61 -8.01
CA PRO PC 545 147.66 1.23 -7.29
C PRO PC 545 146.49 2.20 -7.47
N GLU PC 546 146.74 3.40 -7.98
CA GLU PC 546 145.68 4.39 -8.17
C GLU PC 546 144.86 4.16 -9.45
N LEU PC 547 145.49 3.60 -10.48
CA LEU PC 547 144.87 3.49 -11.79
C LEU PC 547 144.09 2.18 -12.01
N GLN PC 548 144.03 1.34 -10.98
CA GLN PC 548 143.39 0.03 -11.05
C GLN PC 548 141.93 0.08 -11.53
N VAL PC 549 141.13 0.91 -10.85
CA VAL PC 549 139.69 0.99 -11.07
C VAL PC 549 139.35 1.49 -12.47
N ALA PC 550 140.19 2.38 -13.01
CA ALA PC 550 140.00 2.89 -14.37
C ALA PC 550 140.11 1.77 -15.41
N PHE PC 551 141.16 0.95 -15.27
CA PHE PC 551 141.35 -0.22 -16.10
C PHE PC 551 140.20 -1.21 -15.96
N ALA PC 552 139.83 -1.47 -14.70
CA ALA PC 552 138.74 -2.38 -14.37
C ALA PC 552 137.45 -1.97 -15.10
N ASP PC 553 137.04 -0.72 -14.91
CA ASP PC 553 135.81 -0.21 -15.54
C ASP PC 553 135.90 -0.21 -17.07
N CYS PC 554 136.93 0.45 -17.61
CA CYS PC 554 137.11 0.58 -19.06
C CYS PC 554 137.14 -0.77 -19.79
N ALA PC 555 137.78 -1.76 -19.19
CA ALA PC 555 137.85 -3.09 -19.78
C ALA PC 555 136.57 -3.90 -19.56
N ALA PC 556 135.95 -3.74 -18.39
CA ALA PC 556 134.73 -4.49 -18.05
C ALA PC 556 133.54 -4.09 -18.91
N ASP PC 557 133.40 -2.80 -19.22
CA ASP PC 557 132.32 -2.34 -20.09
C ASP PC 557 132.50 -2.89 -21.51
N ILE PC 558 133.73 -2.80 -21.99
CA ILE PC 558 134.20 -3.40 -23.25
C ILE PC 558 133.80 -4.89 -23.36
N LYS PC 559 134.30 -5.70 -22.44
CA LYS PC 559 134.10 -7.15 -22.52
C LYS PC 559 132.69 -7.60 -22.14
N SER PC 560 131.96 -6.76 -21.42
CA SER PC 560 130.55 -7.05 -21.14
C SER PC 560 129.72 -6.65 -22.36
N THR PC 561 130.28 -5.80 -23.21
CA THR PC 561 129.63 -5.45 -24.47
C THR PC 561 129.83 -6.53 -25.55
N TYR PC 562 131.02 -7.13 -25.61
CA TYR PC 562 131.27 -8.10 -26.69
C TYR PC 562 130.93 -9.56 -26.33
N GLU PC 563 130.64 -9.80 -25.05
CA GLU PC 563 130.19 -11.11 -24.60
C GLU PC 563 128.67 -11.24 -24.57
N SER PC 564 127.97 -10.12 -24.76
CA SER PC 564 126.50 -10.11 -24.79
C SER PC 564 125.95 -10.13 -26.22
N GLN PC 565 126.84 -10.14 -27.20
CA GLN PC 565 126.44 -10.14 -28.62
C GLN PC 565 126.76 -11.47 -29.30
N PRO PC 572 131.21 -10.32 -32.76
CA PRO PC 572 132.14 -9.58 -31.90
C PRO PC 572 133.37 -10.40 -31.52
N GLU PC 573 134.23 -10.66 -32.51
CA GLU PC 573 135.45 -11.43 -32.28
C GLU PC 573 136.38 -10.66 -31.35
N TRP PC 574 136.84 -11.35 -30.31
CA TRP PC 574 137.50 -10.72 -29.17
C TRP PC 574 138.96 -11.18 -29.05
N PRO PC 575 139.91 -10.22 -29.19
CA PRO PC 575 141.36 -10.49 -29.20
C PRO PC 575 141.90 -10.97 -27.84
N ALA PC 576 142.96 -11.77 -27.88
CA ALA PC 576 143.62 -12.24 -26.65
C ALA PC 576 144.41 -11.12 -25.99
N SER PC 577 144.70 -10.09 -26.77
CA SER PC 577 145.37 -8.89 -26.28
C SER PC 577 144.58 -8.29 -25.11
N SER PC 578 143.27 -8.18 -25.30
CA SER PC 578 142.36 -7.64 -24.29
C SER PC 578 142.43 -8.42 -22.97
N LEU PC 579 142.71 -9.71 -23.06
CA LEU PC 579 142.88 -10.55 -21.86
C LEU PC 579 144.26 -10.36 -21.24
N ASN PC 580 145.28 -10.17 -22.08
CA ASN PC 580 146.61 -9.77 -21.59
C ASN PC 580 146.46 -8.52 -20.73
N TYR PC 581 145.60 -7.62 -21.17
CA TYR PC 581 145.38 -6.34 -20.50
C TYR PC 581 144.55 -6.52 -19.23
N VAL PC 582 143.32 -7.05 -19.30
CA VAL PC 582 142.55 -7.30 -18.07
C VAL PC 582 143.37 -8.08 -17.01
N ALA PC 583 144.09 -9.12 -17.42
CA ALA PC 583 144.87 -9.94 -16.47
C ALA PC 583 146.07 -9.19 -15.88
N VAL PC 584 146.84 -8.50 -16.72
CA VAL PC 584 147.99 -7.72 -16.24
C VAL PC 584 147.57 -6.53 -15.37
N LEU PC 585 146.63 -5.73 -15.86
CA LEU PC 585 146.08 -4.58 -15.12
C LEU PC 585 145.44 -5.03 -13.81
N PHE PC 586 144.88 -6.24 -13.79
CA PHE PC 586 144.34 -6.81 -12.54
C PHE PC 586 145.43 -7.46 -11.69
N LEU PC 587 146.63 -7.67 -12.24
CA LEU PC 587 147.78 -8.08 -11.44
C LEU PC 587 148.41 -6.87 -10.75
N ARG PC 588 148.40 -5.73 -11.44
CA ARG PC 588 148.88 -4.48 -10.85
C ARG PC 588 147.82 -3.88 -9.93
N ALA PC 589 146.58 -4.36 -10.10
CA ALA PC 589 145.47 -4.01 -9.23
C ALA PC 589 145.50 -4.81 -7.91
N GLY PC 590 145.85 -6.08 -8.02
CA GLY PC 590 145.82 -6.99 -6.88
C GLY PC 590 144.61 -7.88 -6.90
N ARG PC 591 143.91 -7.92 -8.03
CA ARG PC 591 142.68 -8.68 -8.17
C ARG PC 591 142.88 -9.90 -9.09
N THR PC 592 142.95 -11.08 -8.49
CA THR PC 592 143.10 -12.35 -9.21
C THR PC 592 141.75 -12.92 -9.69
N GLN PC 593 140.75 -12.83 -8.81
CA GLN PC 593 139.47 -13.51 -8.97
C GLN PC 593 138.70 -13.15 -10.24
N GLU PC 594 138.80 -11.90 -10.67
CA GLU PC 594 138.12 -11.47 -11.90
C GLU PC 594 138.92 -11.86 -13.15
N ALA PC 595 140.24 -11.76 -13.08
CA ALA PC 595 141.10 -12.18 -14.18
C ALA PC 595 140.92 -13.67 -14.47
N TRP PC 596 140.64 -14.45 -13.42
CA TRP PC 596 140.33 -15.88 -13.60
C TRP PC 596 139.04 -16.10 -14.39
N LYS PC 597 138.00 -15.38 -14.01
CA LYS PC 597 136.70 -15.51 -14.67
C LYS PC 597 136.75 -14.97 -16.11
N MET PC 598 137.66 -14.04 -16.37
CA MET PC 598 137.85 -13.51 -17.72
C MET PC 598 138.65 -14.50 -18.63
N LEU PC 599 139.71 -15.10 -18.08
CA LEU PC 599 140.42 -16.16 -18.83
C LEU PC 599 139.44 -17.31 -19.09
N GLY PC 600 138.61 -17.57 -18.09
CA GLY PC 600 137.52 -18.52 -18.20
C GLY PC 600 136.56 -18.16 -19.32
N LEU PC 601 136.25 -16.87 -19.45
CA LEU PC 601 135.32 -16.42 -20.50
C LEU PC 601 135.94 -16.41 -21.90
N PHE PC 602 137.27 -16.36 -22.01
CA PHE PC 602 137.89 -16.53 -23.33
C PHE PC 602 138.01 -18.00 -23.72
N ARG PC 603 138.33 -18.87 -22.77
CA ARG PC 603 138.41 -20.30 -23.12
C ARG PC 603 137.00 -20.89 -23.34
N LYS PC 604 135.97 -20.10 -23.05
CA LYS PC 604 134.58 -20.45 -23.36
C LYS PC 604 134.17 -19.94 -24.74
N HIS PC 605 135.06 -19.13 -25.35
CA HIS PC 605 134.80 -18.49 -26.64
C HIS PC 605 135.24 -19.41 -27.79
N ASN PC 606 135.64 -20.63 -27.44
CA ASN PC 606 136.07 -21.67 -28.38
C ASN PC 606 137.36 -21.32 -29.14
N LYS PC 607 138.31 -20.75 -28.40
CA LYS PC 607 139.69 -20.51 -28.87
C LYS PC 607 140.49 -19.92 -27.71
N ILE PC 608 141.81 -19.91 -27.83
CA ILE PC 608 142.68 -19.63 -26.68
C ILE PC 608 143.68 -18.49 -26.93
N PRO PC 609 144.14 -17.84 -25.83
CA PRO PC 609 145.26 -16.88 -25.92
C PRO PC 609 146.56 -17.61 -26.18
N ARG PC 610 147.63 -16.87 -26.53
CA ARG PC 610 148.94 -17.51 -26.57
C ARG PC 610 149.36 -17.78 -25.13
N ALA PC 611 150.50 -18.45 -24.94
CA ALA PC 611 150.77 -19.05 -23.64
C ALA PC 611 151.54 -18.14 -22.67
N GLU PC 612 151.91 -16.94 -23.12
CA GLU PC 612 152.55 -15.97 -22.23
C GLU PC 612 151.53 -15.38 -21.25
N LEU PC 613 150.28 -15.28 -21.70
CA LEU PC 613 149.18 -14.82 -20.85
C LEU PC 613 148.74 -15.89 -19.86
N LEU PC 614 148.64 -17.13 -20.35
CA LEU PC 614 148.27 -18.25 -19.49
C LEU PC 614 149.36 -18.52 -18.46
N ASN PC 615 150.61 -18.27 -18.83
CA ASN PC 615 151.71 -18.31 -17.87
C ASN PC 615 151.68 -17.11 -16.92
N GLU PC 616 151.19 -15.97 -17.43
CA GLU PC 616 151.06 -14.77 -16.62
C GLU PC 616 150.03 -14.95 -15.50
N PHE PC 617 148.87 -15.55 -15.84
CA PHE PC 617 147.86 -15.82 -14.81
C PHE PC 617 148.15 -17.11 -14.03
N LEU PC 618 148.96 -18.01 -14.60
CA LEU PC 618 149.51 -19.12 -13.81
C LEU PC 618 150.36 -18.53 -12.69
N ASP PC 619 151.08 -17.46 -13.01
CA ASP PC 619 151.94 -16.74 -12.05
C ASP PC 619 151.11 -15.91 -11.05
N SER PC 620 150.03 -15.30 -11.55
CA SER PC 620 149.15 -14.50 -10.70
C SER PC 620 148.34 -15.37 -9.73
N ALA PC 621 148.02 -16.59 -10.14
CA ALA PC 621 147.38 -17.57 -9.25
C ALA PC 621 148.40 -18.34 -8.42
N LYS PC 622 149.67 -18.30 -8.83
CA LYS PC 622 150.77 -18.93 -8.08
C LYS PC 622 151.29 -18.05 -6.92
N ALA PC 623 151.25 -16.73 -7.10
CA ALA PC 623 151.75 -15.80 -6.08
C ALA PC 623 150.84 -15.72 -4.86
N SER PC 624 149.54 -15.89 -5.07
CA SER PC 624 148.55 -15.85 -3.99
C SER PC 624 148.22 -17.25 -3.43
N SER PC 625 148.96 -18.25 -3.92
CA SER PC 625 148.78 -19.67 -3.58
C SER PC 625 147.39 -20.19 -3.95
N SER PC 626 147.11 -20.23 -5.25
CA SER PC 626 145.88 -20.81 -5.79
C SER PC 626 146.21 -21.89 -6.83
N PRO PC 627 146.60 -23.08 -6.37
CA PRO PC 627 147.03 -24.20 -7.22
C PRO PC 627 145.90 -24.89 -8.02
N ALA PC 628 144.67 -24.87 -7.50
CA ALA PC 628 143.54 -25.50 -8.19
C ALA PC 628 143.22 -24.80 -9.52
N GLN PC 629 143.23 -23.47 -9.47
CA GLN PC 629 143.03 -22.64 -10.66
C GLN PC 629 144.14 -22.90 -11.68
N ALA PC 630 145.36 -23.16 -11.19
CA ALA PC 630 146.49 -23.53 -12.04
C ALA PC 630 146.26 -24.89 -12.70
N ILE PC 631 145.71 -25.85 -11.94
CA ILE PC 631 145.33 -27.16 -12.46
C ILE PC 631 144.35 -27.00 -13.63
N GLU PC 632 143.30 -26.21 -13.39
CA GLU PC 632 142.31 -25.93 -14.43
C GLU PC 632 142.94 -25.29 -15.68
N LEU PC 633 143.75 -24.26 -15.47
CA LEU PC 633 144.42 -23.54 -16.57
C LEU PC 633 145.31 -24.41 -17.44
N VAL PC 634 146.15 -25.24 -16.81
CA VAL PC 634 147.07 -26.09 -17.57
C VAL PC 634 146.36 -27.34 -18.13
N LYS PC 635 145.25 -27.73 -17.53
CA LYS PC 635 144.41 -28.76 -18.15
C LYS PC 635 143.82 -28.26 -19.47
N LEU PC 636 143.19 -27.08 -19.42
CA LEU PC 636 142.65 -26.45 -20.62
C LEU PC 636 143.75 -26.01 -21.60
N ALA PC 637 144.99 -25.90 -21.10
CA ALA PC 637 146.13 -25.59 -21.95
C ALA PC 637 146.64 -26.81 -22.70
N SER PC 638 146.65 -27.96 -22.03
CA SER PC 638 147.11 -29.20 -22.63
C SER PC 638 146.04 -29.81 -23.54
N ALA PC 639 144.79 -29.41 -23.35
CA ALA PC 639 143.73 -29.82 -24.27
C ALA PC 639 143.82 -29.07 -25.61
N PHE PC 640 144.27 -27.82 -25.56
CA PHE PC 640 144.31 -26.94 -26.75
C PHE PC 640 145.65 -26.85 -27.50
N SER PC 641 146.64 -27.67 -27.11
CA SER PC 641 147.90 -27.87 -27.86
C SER PC 641 149.00 -26.81 -27.64
N LEU PC 642 148.79 -25.86 -26.73
CA LEU PC 642 149.65 -24.67 -26.56
C LEU PC 642 151.16 -24.95 -26.57
N PRO PC 643 151.92 -24.14 -27.35
CA PRO PC 643 153.33 -24.35 -27.72
C PRO PC 643 154.35 -24.39 -26.56
N VAL PC 644 154.02 -23.78 -25.43
CA VAL PC 644 154.94 -23.71 -24.28
C VAL PC 644 154.71 -24.90 -23.32
N CYS PC 645 153.91 -25.88 -23.77
CA CYS PC 645 153.47 -27.02 -22.93
C CYS PC 645 154.56 -27.69 -22.06
N GLU PC 646 155.79 -27.81 -22.59
CA GLU PC 646 156.92 -28.24 -21.76
C GLU PC 646 157.10 -27.27 -20.60
N GLY PC 647 157.22 -25.99 -20.94
CA GLY PC 647 157.35 -24.92 -19.97
C GLY PC 647 156.11 -24.74 -19.11
N LEU PC 648 154.92 -24.97 -19.68
CA LEU PC 648 153.66 -24.89 -18.92
C LEU PC 648 153.61 -25.95 -17.82
N THR PC 649 153.81 -27.22 -18.21
CA THR PC 649 153.87 -28.33 -17.27
C THR PC 649 154.96 -28.09 -16.23
N ARG PC 650 156.09 -27.52 -16.67
CA ARG PC 650 157.17 -27.13 -15.75
C ARG PC 650 156.72 -26.05 -14.74
N ARG PC 651 155.88 -25.12 -15.18
CA ARG PC 651 155.40 -24.04 -14.32
C ARG PC 651 154.39 -24.53 -13.28
N VAL PC 652 153.50 -25.44 -13.67
CA VAL PC 652 152.59 -26.01 -12.67
C VAL PC 652 153.30 -27.03 -11.76
N MET PC 653 154.34 -27.70 -12.26
CA MET PC 653 155.15 -28.56 -11.38
C MET PC 653 155.90 -27.70 -10.35
N ALA PC 654 156.39 -26.54 -10.79
CA ALA PC 654 157.07 -25.59 -9.89
C ALA PC 654 156.11 -24.97 -8.86
N GLU PC 655 154.93 -24.55 -9.31
CA GLU PC 655 153.92 -23.96 -8.41
C GLU PC 655 153.34 -25.00 -7.43
N PHE PC 656 153.27 -26.27 -7.86
CA PHE PC 656 152.76 -27.33 -6.97
C PHE PC 656 153.86 -27.88 -6.07
N THR PC 657 155.12 -27.60 -6.42
CA THR PC 657 156.23 -27.88 -5.51
C THR PC 657 156.38 -26.77 -4.46
N LEU PC 658 156.00 -25.55 -4.83
CA LEU PC 658 156.04 -24.41 -3.90
C LEU PC 658 154.89 -24.40 -2.87
N THR PC 659 153.69 -24.78 -3.29
CA THR PC 659 152.54 -24.87 -2.38
C THR PC 659 152.31 -26.28 -1.83
N GLN PC 660 153.21 -27.20 -2.20
CA GLN PC 660 153.17 -28.61 -1.77
C GLN PC 660 151.87 -29.32 -2.18
N GLU PC 661 151.49 -29.13 -3.45
CA GLU PC 661 150.34 -29.80 -4.05
C GLU PC 661 150.74 -31.06 -4.84
N GLN PC 662 151.99 -31.49 -4.66
CA GLN PC 662 152.67 -32.45 -5.54
C GLN PC 662 151.86 -33.68 -5.98
N ARG PC 663 151.01 -34.22 -5.10
CA ARG PC 663 150.15 -35.35 -5.48
C ARG PC 663 149.21 -35.00 -6.64
N GLU PC 664 148.74 -33.75 -6.68
CA GLU PC 664 147.90 -33.27 -7.78
C GLU PC 664 148.72 -32.97 -9.03
N ALA PC 665 150.03 -32.83 -8.86
CA ALA PC 665 150.95 -32.68 -9.99
C ALA PC 665 151.25 -34.03 -10.63
N LEU PC 666 151.38 -35.07 -9.81
CA LEU PC 666 151.50 -36.44 -10.31
C LEU PC 666 150.18 -36.91 -10.92
N GLY PC 667 149.07 -36.46 -10.32
CA GLY PC 667 147.74 -36.70 -10.88
C GLY PC 667 147.55 -35.94 -12.17
N GLU PC 668 148.23 -34.80 -12.30
CA GLU PC 668 148.24 -34.03 -13.54
C GLU PC 668 149.01 -34.77 -14.64
N LEU PC 669 150.18 -35.31 -14.30
CA LEU PC 669 150.97 -36.08 -15.26
C LEU PC 669 150.23 -37.37 -15.68
N THR PC 670 149.50 -37.97 -14.74
CA THR PC 670 148.70 -39.17 -15.02
C THR PC 670 147.43 -38.83 -15.84
N ALA PC 671 146.92 -37.61 -15.69
CA ALA PC 671 145.77 -37.14 -16.47
C ALA PC 671 146.19 -36.71 -17.89
N LEU PC 672 147.43 -36.24 -18.04
CA LEU PC 672 147.96 -35.85 -19.34
C LEU PC 672 148.45 -37.06 -20.17
N THR PC 673 149.03 -38.06 -19.48
CA THR PC 673 149.53 -39.27 -20.17
C THR PC 673 148.38 -40.08 -20.80
N SER PC 674 147.23 -40.11 -20.12
CA SER PC 674 146.06 -40.84 -20.63
C SER PC 674 145.37 -40.09 -21.76
N SER QC 49 94.18 -44.28 -37.38
CA SER QC 49 95.33 -44.33 -36.49
C SER QC 49 96.42 -45.27 -37.03
N PRO QC 50 97.69 -44.85 -36.94
CA PRO QC 50 98.84 -45.63 -37.43
C PRO QC 50 99.10 -46.90 -36.61
N TYR QC 51 98.89 -46.82 -35.29
CA TYR QC 51 99.21 -47.91 -34.37
C TYR QC 51 98.46 -49.19 -34.69
N LYS QC 52 97.12 -49.17 -34.54
CA LYS QC 52 96.30 -50.33 -34.90
C LYS QC 52 96.75 -51.58 -34.16
N ASP QC 53 97.31 -52.53 -34.91
CA ASP QC 53 97.79 -53.81 -34.39
C ASP QC 53 98.64 -53.71 -33.11
N GLU QC 54 99.36 -52.59 -32.97
CA GLU QC 54 100.13 -52.30 -31.76
C GLU QC 54 99.61 -51.06 -31.02
N PRO QC 55 98.51 -51.21 -30.26
CA PRO QC 55 97.91 -50.09 -29.53
C PRO QC 55 98.81 -49.53 -28.43
N TRP QC 56 99.41 -50.41 -27.64
CA TRP QC 56 100.22 -50.06 -26.47
C TRP QC 56 101.29 -49.01 -26.79
N LYS QC 57 101.79 -49.06 -28.02
CA LYS QC 57 102.77 -48.11 -28.53
C LYS QC 57 102.38 -46.67 -28.22
N TYR QC 58 101.12 -46.32 -28.50
CA TYR QC 58 100.67 -44.95 -28.32
C TYR QC 58 100.75 -44.50 -26.86
N LEU QC 59 100.55 -45.44 -25.94
CA LEU QC 59 100.60 -45.11 -24.53
C LEU QC 59 102.05 -44.83 -24.09
N ASP QC 60 103.01 -45.34 -24.86
CA ASP QC 60 104.42 -45.10 -24.57
C ASP QC 60 104.98 -43.94 -25.40
N SER QC 61 104.14 -43.39 -26.28
CA SER QC 61 104.53 -42.30 -27.16
C SER QC 61 104.78 -41.02 -26.37
N GLU QC 62 105.54 -40.11 -26.98
CA GLU QC 62 105.89 -38.84 -26.34
C GLU QC 62 104.76 -37.83 -26.41
N GLU QC 63 103.90 -37.98 -27.41
CA GLU QC 63 102.74 -37.10 -27.56
C GLU QC 63 101.65 -37.46 -26.55
N TYR QC 64 101.54 -38.75 -26.22
CA TYR QC 64 100.65 -39.16 -25.15
C TYR QC 64 101.16 -38.62 -23.82
N GLN QC 65 102.45 -38.84 -23.53
CA GLN QC 65 103.06 -38.40 -22.29
C GLN QC 65 102.96 -36.88 -22.14
N ASN QC 66 103.10 -36.19 -23.26
CA ASN QC 66 102.95 -34.74 -23.34
C ASN QC 66 101.53 -34.31 -22.99
N ARG QC 67 100.56 -34.95 -23.65
CA ARG QC 67 99.15 -34.57 -23.53
C ARG QC 67 98.52 -34.90 -22.18
N TYR QC 68 98.59 -36.18 -21.79
CA TYR QC 68 97.92 -36.66 -20.58
C TYR QC 68 98.77 -36.70 -19.31
N GLY QC 69 100.08 -36.51 -19.47
CA GLY QC 69 101.00 -36.64 -18.34
C GLY QC 69 100.89 -38.00 -17.67
N SER QC 70 101.02 -38.02 -16.35
CA SER QC 70 100.91 -39.25 -15.58
C SER QC 70 99.51 -39.46 -14.97
N ARG QC 71 98.60 -38.49 -15.19
CA ARG QC 71 97.21 -38.63 -14.73
C ARG QC 71 96.45 -39.58 -15.67
N PRO QC 72 95.29 -40.09 -15.23
CA PRO QC 72 94.52 -40.92 -16.17
C PRO QC 72 94.04 -40.13 -17.38
N VAL QC 73 93.42 -40.82 -18.35
CA VAL QC 73 92.98 -40.17 -19.58
C VAL QC 73 91.76 -39.31 -19.30
N TRP QC 74 90.95 -39.78 -18.37
CA TRP QC 74 89.66 -39.17 -18.07
C TRP QC 74 89.70 -38.10 -16.97
N ALA QC 75 90.84 -37.96 -16.30
CA ALA QC 75 90.96 -37.11 -15.10
C ALA QC 75 90.53 -35.64 -15.31
N ASP QC 76 90.75 -35.11 -16.50
CA ASP QC 76 90.48 -33.69 -16.76
C ASP QC 76 89.10 -33.42 -17.38
N TYR QC 77 88.38 -34.47 -17.74
CA TYR QC 77 87.13 -34.34 -18.48
C TYR QC 77 85.93 -34.15 -17.55
N ARG QC 78 85.06 -33.22 -17.90
CA ARG QC 78 83.89 -32.92 -17.08
C ARG QC 78 82.59 -33.00 -17.88
N ARG QC 79 81.59 -33.62 -17.28
CA ARG QC 79 80.31 -33.84 -17.95
C ARG QC 79 79.33 -32.68 -17.72
N ASN QC 80 78.85 -32.09 -18.81
CA ASN QC 80 77.87 -31.00 -18.76
C ASN QC 80 76.46 -31.53 -18.52
N HIS QC 81 75.79 -31.04 -17.49
CA HIS QC 81 74.42 -31.47 -17.24
C HIS QC 81 73.58 -30.45 -16.48
N LYS QC 82 72.28 -30.71 -16.51
CA LYS QC 82 71.22 -29.79 -16.09
C LYS QC 82 71.21 -29.39 -14.60
N GLY QC 83 71.92 -30.10 -13.75
CA GLY QC 83 71.78 -29.86 -12.32
C GLY QC 83 72.94 -30.31 -11.45
N GLY QC 84 72.71 -30.34 -10.15
CA GLY QC 84 73.73 -30.80 -9.21
C GLY QC 84 74.10 -32.27 -9.39
N ILE QC 85 73.09 -33.11 -9.59
CA ILE QC 85 73.30 -34.54 -9.81
C ILE QC 85 73.20 -34.89 -11.29
N PRO QC 86 74.19 -35.61 -11.82
CA PRO QC 86 74.16 -36.01 -13.23
C PRO QC 86 73.10 -37.05 -13.54
N PRO QC 87 72.66 -37.14 -14.81
CA PRO QC 87 71.77 -38.23 -15.24
C PRO QC 87 72.43 -39.57 -14.96
N GLN QC 88 71.67 -40.55 -14.45
CA GLN QC 88 72.28 -41.72 -13.83
C GLN QC 88 72.94 -42.68 -14.82
N ARG QC 89 72.78 -42.42 -16.10
CA ARG QC 89 73.62 -43.08 -17.10
C ARG QC 89 74.13 -42.03 -18.09
N THR QC 90 75.36 -42.19 -18.60
CA THR QC 90 75.97 -41.19 -19.47
C THR QC 90 75.29 -41.17 -20.83
N ARG QC 91 75.75 -40.30 -21.72
CA ARG QC 91 75.19 -40.26 -23.07
C ARG QC 91 75.46 -41.61 -23.72
N LYS QC 92 74.54 -42.06 -24.57
CA LYS QC 92 74.64 -43.38 -25.17
C LYS QC 92 75.94 -43.57 -25.96
N MET QC 93 76.03 -42.85 -27.06
CA MET QC 93 77.20 -42.92 -27.94
C MET QC 93 77.48 -41.53 -28.49
N CYS QC 94 78.76 -41.14 -28.49
CA CYS QC 94 79.13 -39.78 -28.82
C CYS QC 94 79.55 -39.58 -30.29
N ILE QC 95 79.61 -40.68 -31.04
CA ILE QC 95 79.93 -40.61 -32.46
C ILE QC 95 78.92 -41.38 -33.30
N ARG QC 96 78.15 -40.63 -34.08
CA ARG QC 96 77.15 -41.21 -34.98
C ARG QC 96 77.57 -40.97 -36.42
N GLY QC 97 78.03 -42.02 -37.09
CA GLY QC 97 78.55 -41.89 -38.45
C GLY QC 97 79.75 -40.96 -38.48
N ASN QC 98 79.63 -39.90 -39.29
CA ASN QC 98 80.69 -38.90 -39.42
C ASN QC 98 80.62 -37.77 -38.39
N LYS QC 99 79.51 -37.70 -37.65
CA LYS QC 99 79.32 -36.61 -36.69
C LYS QC 99 79.81 -36.98 -35.29
N VAL QC 100 80.82 -36.25 -34.81
CA VAL QC 100 81.26 -36.38 -33.43
C VAL QC 100 80.53 -35.35 -32.58
N ALA QC 101 79.84 -35.82 -31.55
CA ALA QC 101 78.88 -35.01 -30.83
C ALA QC 101 79.50 -34.15 -29.71
N GLY QC 102 79.38 -32.83 -29.86
CA GLY QC 102 79.66 -31.87 -28.79
C GLY QC 102 81.02 -32.02 -28.13
N ASN QC 103 80.98 -32.15 -26.80
CA ASN QC 103 82.17 -32.43 -26.01
C ASN QC 103 82.27 -33.96 -25.79
N PRO QC 104 83.19 -34.61 -26.50
CA PRO QC 104 83.36 -36.07 -26.58
C PRO QC 104 84.04 -36.65 -25.35
N CYS QC 105 83.94 -37.96 -25.17
CA CYS QC 105 84.43 -38.64 -23.97
C CYS QC 105 85.95 -38.57 -23.87
N PRO QC 106 86.51 -39.06 -22.77
CA PRO QC 106 87.97 -39.21 -22.68
C PRO QC 106 88.54 -40.12 -23.76
N ILE QC 107 87.87 -41.24 -24.00
CA ILE QC 107 88.35 -42.26 -24.92
C ILE QC 107 88.11 -41.89 -26.39
N CYS QC 108 86.97 -41.29 -26.67
CA CYS QC 108 86.52 -41.14 -28.04
C CYS QC 108 86.86 -39.77 -28.64
N ARG QC 109 87.41 -38.88 -27.81
CA ARG QC 109 87.93 -37.59 -28.29
C ARG QC 109 89.33 -37.78 -28.87
N ASP QC 110 90.03 -38.79 -28.38
CA ASP QC 110 91.35 -39.15 -28.90
C ASP QC 110 91.27 -40.49 -29.63
N GLN QC 111 91.36 -40.43 -30.95
CA GLN QC 111 91.10 -41.60 -31.78
C GLN QC 111 92.23 -42.61 -31.69
N LYS QC 112 93.43 -42.10 -31.37
CA LYS QC 112 94.62 -42.94 -31.30
C LYS QC 112 94.58 -43.86 -30.08
N LEU QC 113 93.66 -43.56 -29.16
CA LEU QC 113 93.33 -44.52 -28.12
C LEU QC 113 92.54 -45.66 -28.75
N HIS QC 114 92.95 -46.89 -28.46
CA HIS QC 114 92.23 -48.07 -28.93
C HIS QC 114 91.83 -48.95 -27.75
N VAL QC 115 90.58 -49.39 -27.76
CA VAL QC 115 90.10 -50.29 -26.73
C VAL QC 115 90.25 -51.73 -27.20
N ASP QC 116 91.21 -52.44 -26.61
CA ASP QC 116 91.41 -53.86 -26.85
C ASP QC 116 91.44 -54.57 -25.51
N PHE QC 117 91.61 -55.88 -25.55
CA PHE QC 117 91.96 -56.64 -24.36
C PHE QC 117 93.47 -56.48 -24.13
N ARG QC 118 94.16 -56.05 -25.19
CA ARG QC 118 95.62 -56.07 -25.21
C ARG QC 118 96.32 -55.01 -24.34
N ASN QC 119 96.05 -53.72 -24.57
CA ASN QC 119 96.85 -52.72 -23.86
C ASN QC 119 96.31 -52.59 -22.44
N VAL QC 120 97.13 -52.99 -21.48
CA VAL QC 120 96.69 -53.08 -20.10
C VAL QC 120 96.93 -51.74 -19.38
N LYS QC 121 97.75 -50.89 -19.99
CA LYS QC 121 98.06 -49.58 -19.44
C LYS QC 121 96.83 -48.67 -19.55
N LEU QC 122 96.08 -48.84 -20.64
CA LEU QC 122 94.86 -48.08 -20.86
C LEU QC 122 93.73 -48.59 -19.98
N LEU QC 123 93.55 -49.91 -20.01
CA LEU QC 123 92.47 -50.56 -19.28
C LEU QC 123 92.61 -50.39 -17.77
N GLU QC 124 93.86 -50.33 -17.31
CA GLU QC 124 94.16 -50.16 -15.89
C GLU QC 124 93.46 -48.95 -15.27
N GLN QC 125 93.41 -47.87 -16.04
CA GLN QC 125 92.85 -46.59 -15.60
C GLN QC 125 91.36 -46.70 -15.26
N PHE QC 126 90.69 -47.63 -15.91
CA PHE QC 126 89.25 -47.79 -15.76
C PHE QC 126 88.89 -48.86 -14.73
N VAL QC 127 89.93 -49.42 -14.10
CA VAL QC 127 89.75 -50.30 -12.95
C VAL QC 127 90.30 -49.63 -11.70
N CYS QC 128 89.62 -49.83 -10.58
CA CYS QC 128 90.10 -49.35 -9.28
C CYS QC 128 91.40 -50.06 -8.92
N ALA QC 129 92.35 -49.31 -8.36
CA ALA QC 129 93.62 -49.90 -7.95
C ALA QC 129 93.40 -50.87 -6.79
N HIS QC 130 92.83 -50.35 -5.71
CA HIS QC 130 92.72 -51.10 -4.46
C HIS QC 130 91.53 -52.08 -4.45
N THR QC 131 90.40 -51.67 -5.01
CA THR QC 131 89.17 -52.46 -4.97
C THR QC 131 88.98 -53.36 -6.21
N GLY QC 132 89.83 -53.18 -7.21
CA GLY QC 132 89.81 -54.01 -8.40
C GLY QC 132 88.45 -54.16 -9.05
N ILE QC 133 87.63 -53.12 -8.96
CA ILE QC 133 86.32 -53.10 -9.61
C ILE QC 133 86.31 -52.09 -10.75
N ILE QC 134 85.52 -52.39 -11.78
CA ILE QC 134 85.37 -51.44 -12.87
C ILE QC 134 84.47 -50.28 -12.44
N PHE QC 135 84.92 -49.07 -12.74
CA PHE QC 135 84.12 -47.87 -12.50
C PHE QC 135 82.88 -47.88 -13.38
N HIS QC 136 81.79 -47.33 -12.87
CA HIS QC 136 80.61 -47.10 -13.71
C HIS QC 136 80.91 -45.92 -14.64
N ALA QC 137 80.15 -45.83 -15.72
CA ALA QC 137 80.36 -44.77 -16.71
C ALA QC 137 80.24 -43.32 -16.19
N PRO QC 138 79.29 -43.04 -15.26
CA PRO QC 138 79.25 -41.68 -14.71
C PRO QC 138 80.56 -41.26 -14.03
N TYR QC 139 81.17 -42.17 -13.28
CA TYR QC 139 82.42 -41.89 -12.58
C TYR QC 139 83.49 -41.33 -13.52
N THR QC 140 83.76 -42.08 -14.59
CA THR QC 140 84.78 -41.72 -15.57
C THR QC 140 84.32 -40.66 -16.56
N GLY QC 141 83.11 -40.84 -17.08
CA GLY QC 141 82.59 -39.94 -18.09
C GLY QC 141 82.66 -40.50 -19.50
N VAL QC 142 82.86 -41.81 -19.63
CA VAL QC 142 82.86 -42.46 -20.94
C VAL QC 142 81.44 -42.68 -21.45
N CYS QC 143 81.28 -42.69 -22.78
CA CYS QC 143 79.95 -42.93 -23.35
C CYS QC 143 79.58 -44.41 -23.25
N MET QC 144 78.28 -44.65 -23.13
CA MET QC 144 77.74 -45.98 -22.83
C MET QC 144 78.28 -47.10 -23.73
N LYS QC 145 78.34 -46.83 -25.03
CA LYS QC 145 78.93 -47.76 -25.99
C LYS QC 145 80.34 -48.16 -25.57
N GLN QC 146 81.15 -47.15 -25.30
CA GLN QC 146 82.55 -47.38 -24.97
C GLN QC 146 82.74 -47.91 -23.56
N HIS QC 147 81.78 -47.65 -22.68
CA HIS QC 147 81.85 -48.23 -21.35
C HIS QC 147 81.61 -49.74 -21.42
N LYS QC 148 80.65 -50.13 -22.25
CA LYS QC 148 80.37 -51.56 -22.45
C LYS QC 148 81.57 -52.23 -23.14
N LYS QC 149 82.07 -51.60 -24.20
CA LYS QC 149 83.28 -52.04 -24.91
C LYS QC 149 84.45 -52.30 -23.94
N LEU QC 150 84.67 -51.33 -23.04
CA LEU QC 150 85.69 -51.44 -22.00
C LEU QC 150 85.46 -52.58 -21.02
N THR QC 151 84.20 -52.79 -20.63
CA THR QC 151 83.87 -53.87 -19.70
C THR QC 151 84.19 -55.24 -20.32
N GLN QC 152 83.77 -55.41 -21.57
CA GLN QC 152 84.07 -56.63 -22.31
C GLN QC 152 85.59 -56.85 -22.51
N ALA QC 153 86.28 -55.79 -22.93
CA ALA QC 153 87.74 -55.85 -23.12
C ALA QC 153 88.48 -56.24 -21.82
N ILE QC 154 88.18 -55.55 -20.73
CA ILE QC 154 88.74 -55.87 -19.41
C ILE QC 154 88.47 -57.32 -19.02
N GLN QC 155 87.26 -57.77 -19.36
CA GLN QC 155 86.89 -59.17 -19.15
C GLN QC 155 87.85 -60.11 -19.89
N LYS QC 156 87.96 -59.94 -21.21
CA LYS QC 156 88.83 -60.78 -22.04
C LYS QC 156 90.31 -60.75 -21.59
N ALA QC 157 90.77 -59.57 -21.17
CA ALA QC 157 92.15 -59.41 -20.67
C ALA QC 157 92.38 -60.09 -19.32
N ARG QC 158 91.37 -60.11 -18.46
CA ARG QC 158 91.44 -60.84 -17.19
C ARG QC 158 91.36 -62.35 -17.43
N ASP QC 159 90.74 -62.73 -18.54
CA ASP QC 159 90.65 -64.13 -18.94
C ASP QC 159 91.92 -64.60 -19.66
N HIS QC 160 92.70 -63.64 -20.18
CA HIS QC 160 93.99 -63.95 -20.79
C HIS QC 160 95.15 -63.71 -19.82
N GLY QC 161 94.82 -63.34 -18.59
CA GLY QC 161 95.80 -63.16 -17.53
C GLY QC 161 96.65 -61.92 -17.66
N LEU QC 162 96.33 -61.11 -18.68
CA LEU QC 162 97.05 -59.87 -19.01
C LEU QC 162 96.83 -58.78 -17.96
N LEU QC 163 95.79 -58.97 -17.15
CA LEU QC 163 95.41 -57.99 -16.13
C LEU QC 163 95.18 -58.71 -14.79
N ARG QC 164 95.66 -58.09 -13.71
CA ARG QC 164 95.57 -58.69 -12.39
C ARG QC 164 94.19 -58.54 -11.75
N TYR QC 165 93.77 -59.57 -11.01
CA TYR QC 165 92.55 -59.49 -10.21
C TYR QC 165 92.61 -60.51 -9.07
N HIS QC 166 91.56 -60.57 -8.25
CA HIS QC 166 91.59 -61.43 -7.08
C HIS QC 166 91.15 -62.85 -7.42
N ILE QC 167 92.07 -63.80 -7.20
CA ILE QC 167 91.77 -65.23 -7.26
C ILE QC 167 91.76 -65.79 -5.84
N PRO QC 168 90.55 -66.10 -5.31
CA PRO QC 168 90.37 -66.49 -3.90
C PRO QC 168 90.83 -67.93 -3.58
N GLN QC 169 91.15 -68.21 -2.31
CA GLN QC 169 91.50 -69.56 -1.89
C GLN QC 169 90.23 -70.40 -1.66
N VAL QC 170 90.09 -71.48 -2.43
CA VAL QC 170 88.92 -72.36 -2.28
C VAL QC 170 89.37 -73.77 -1.88
N GLU QC 171 88.51 -74.47 -1.16
CA GLU QC 171 88.80 -75.86 -0.76
C GLU QC 171 88.60 -76.79 -1.96
N PRO QC 172 88.93 -78.09 -1.80
CA PRO QC 172 88.51 -79.02 -2.85
C PRO QC 172 86.99 -79.19 -2.84
N ARG QC 173 86.41 -79.50 -4.00
CA ARG QC 173 84.96 -79.65 -4.12
C ARG QC 173 84.44 -80.79 -3.24
N ASP QC 174 85.26 -81.83 -3.07
CA ASP QC 174 84.85 -83.03 -2.34
C ASP QC 174 85.50 -83.15 -0.95
N LEU QC 175 84.76 -83.77 -0.02
CA LEU QC 175 85.30 -84.08 1.30
C LEU QC 175 86.24 -85.29 1.21
N ASP QC 176 85.67 -86.45 0.86
CA ASP QC 176 86.47 -87.67 0.65
C ASP QC 176 86.36 -88.14 -0.80
N PHE QC 177 87.51 -88.41 -1.41
CA PHE QC 177 87.56 -88.83 -2.81
C PHE QC 177 87.78 -90.34 -2.91
N SER QC 178 86.73 -91.06 -3.32
CA SER QC 178 86.83 -92.50 -3.57
C SER QC 178 86.08 -92.84 -4.86
N THR QC 179 86.78 -93.49 -5.79
CA THR QC 179 86.21 -93.89 -7.09
C THR QC 179 85.55 -95.27 -6.90
N THR QC 180 85.52 -95.70 -5.65
CA THR QC 180 84.93 -96.97 -5.21
C THR QC 180 83.45 -97.15 -5.55
N HIS QC 181 82.63 -96.15 -5.22
CA HIS QC 181 81.18 -96.27 -5.35
C HIS QC 181 80.76 -96.66 -6.78
N GLY QC 182 79.69 -97.45 -6.87
CA GLY QC 182 79.22 -98.00 -8.14
C GLY QC 182 78.76 -97.01 -9.20
N ALA QC 183 78.60 -95.74 -8.81
CA ALA QC 183 78.27 -94.68 -9.76
C ALA QC 183 79.43 -94.42 -10.73
N VAL QC 184 80.63 -94.20 -10.17
CA VAL QC 184 81.85 -93.95 -10.94
C VAL QC 184 82.54 -95.22 -11.46
N SER QC 185 82.45 -96.31 -10.70
CA SER QC 185 83.14 -97.56 -11.01
C SER QC 185 82.22 -98.57 -11.71
N SER QC 186 82.78 -99.36 -12.63
CA SER QC 186 82.02 -100.28 -13.48
C SER QC 186 81.14 -101.29 -12.71
N THR QC 187 79.92 -101.48 -13.23
CA THR QC 187 78.97 -102.46 -12.70
C THR QC 187 79.13 -103.82 -13.41
N PRO QC 188 78.72 -104.93 -12.75
CA PRO QC 188 78.67 -106.31 -13.27
C PRO QC 188 77.51 -106.59 -14.23
N PRO QC 189 77.71 -106.36 -15.56
CA PRO QC 189 76.64 -106.23 -16.57
C PRO QC 189 75.56 -107.32 -16.48
N ALA QC 190 74.31 -106.88 -16.66
CA ALA QC 190 73.12 -107.75 -16.51
C ALA QC 190 73.14 -108.96 -17.45
N PRO QC 191 72.51 -110.07 -17.01
CA PRO QC 191 72.37 -111.29 -17.83
C PRO QC 191 71.66 -111.07 -19.17
N THR QC 192 70.86 -110.00 -19.26
CA THR QC 192 70.18 -109.63 -20.50
C THR QC 192 71.17 -109.03 -21.51
N LEU QC 193 72.09 -108.21 -21.00
CA LEU QC 193 73.07 -107.49 -21.83
C LEU QC 193 74.16 -108.41 -22.38
N VAL QC 194 74.71 -109.27 -21.50
CA VAL QC 194 75.80 -110.17 -21.86
C VAL QC 194 75.42 -111.06 -23.06
N SER QC 195 74.12 -111.38 -23.16
CA SER QC 195 73.59 -112.19 -24.26
C SER QC 195 73.35 -111.38 -25.55
N GLY QC 196 72.96 -110.13 -25.42
CA GLY QC 196 72.62 -109.29 -26.57
C GLY QC 196 71.12 -109.16 -26.81
N ASP QC 197 70.33 -109.54 -25.80
CA ASP QC 197 68.85 -109.51 -25.87
C ASP QC 197 68.27 -108.16 -25.40
N PRO QC 198 67.08 -107.77 -25.95
CA PRO QC 198 66.34 -106.59 -25.45
C PRO QC 198 66.07 -106.65 -23.94
N TRP QC 199 66.21 -105.54 -23.22
CA TRP QC 199 66.18 -105.56 -21.75
C TRP QC 199 64.91 -106.23 -21.21
N TYR QC 200 63.79 -105.97 -21.89
CA TYR QC 200 62.56 -106.70 -21.63
C TYR QC 200 62.18 -107.45 -22.90
N PRO QC 201 61.55 -108.62 -22.73
CA PRO QC 201 61.09 -109.46 -23.85
C PRO QC 201 60.23 -108.69 -24.86
N TRP QC 202 59.36 -107.82 -24.36
CA TRP QC 202 58.35 -107.10 -25.17
C TRP QC 202 58.87 -105.82 -25.81
N TYR QC 203 60.16 -105.54 -25.62
CA TYR QC 203 60.86 -104.50 -26.38
C TYR QC 203 60.91 -104.93 -27.85
N SER QC 204 61.06 -106.24 -28.05
CA SER QC 204 61.13 -106.84 -29.38
C SER QC 204 59.73 -107.09 -29.96
N TRP QC 205 59.60 -106.85 -31.27
CA TRP QC 205 58.34 -107.04 -31.98
C TRP QC 205 58.08 -108.53 -32.18
N LYS QC 206 56.96 -109.02 -31.63
CA LYS QC 206 56.57 -110.42 -31.78
C LYS QC 206 55.28 -110.54 -32.59
N GLN QC 207 55.30 -111.36 -33.64
CA GLN QC 207 54.14 -111.57 -34.49
C GLN QC 207 53.01 -112.26 -33.72
N PRO QC 208 51.79 -111.66 -33.76
CA PRO QC 208 50.61 -112.14 -33.03
C PRO QC 208 49.97 -113.40 -33.61
N PRO QC 209 49.35 -114.25 -32.76
CA PRO QC 209 48.57 -115.40 -33.24
C PRO QC 209 47.48 -114.97 -34.24
N GLU QC 210 47.18 -115.82 -35.23
CA GLU QC 210 46.27 -115.43 -36.32
C GLU QC 210 44.80 -115.31 -35.86
N ARG QC 211 44.42 -116.07 -34.85
CA ARG QC 211 43.06 -116.03 -34.32
C ARG QC 211 42.76 -114.69 -33.65
N GLU QC 212 43.77 -114.11 -33.01
CA GLU QC 212 43.64 -112.82 -32.35
C GLU QC 212 43.50 -111.70 -33.38
N LEU QC 213 44.29 -111.79 -34.45
CA LEU QC 213 44.25 -110.83 -35.56
C LEU QC 213 42.89 -110.87 -36.28
N SER QC 214 42.36 -112.08 -36.46
CA SER QC 214 41.02 -112.25 -37.03
C SER QC 214 39.91 -111.74 -36.09
N ARG QC 215 40.07 -111.94 -34.79
CA ARG QC 215 39.12 -111.43 -33.77
C ARG QC 215 39.07 -109.90 -33.79
N LEU QC 216 40.25 -109.28 -33.85
CA LEU QC 216 40.39 -107.83 -34.02
C LEU QC 216 39.77 -107.35 -35.35
N ARG QC 217 40.01 -108.10 -36.43
CA ARG QC 217 39.43 -107.80 -37.74
C ARG QC 217 37.90 -107.88 -37.72
N ARG QC 218 37.36 -108.72 -36.83
CA ARG QC 218 35.92 -108.82 -36.63
C ARG QC 218 35.39 -107.66 -35.78
N LEU QC 219 36.16 -107.22 -34.79
CA LEU QC 219 35.75 -106.11 -33.93
C LEU QC 219 35.68 -104.76 -34.66
N TYR QC 220 36.79 -104.37 -35.30
CA TYR QC 220 36.97 -103.04 -35.89
C TYR QC 220 36.57 -102.99 -37.38
N GLN QC 221 35.92 -104.06 -37.85
CA GLN QC 221 35.59 -104.26 -39.28
C GLN QC 221 34.96 -103.07 -39.98
N GLY QC 222 35.53 -102.73 -41.15
CA GLY QC 222 35.09 -101.59 -41.95
C GLY QC 222 35.81 -100.31 -41.58
N ARG QC 223 36.27 -100.25 -40.33
CA ARG QC 223 37.09 -99.15 -39.81
C ARG QC 223 38.56 -99.55 -39.90
N LEU QC 224 38.79 -100.70 -40.54
CA LEU QC 224 40.10 -101.36 -40.59
C LEU QC 224 41.15 -100.65 -41.44
N ARG QC 225 42.42 -100.97 -41.15
CA ARG QC 225 43.58 -100.41 -41.83
C ARG QC 225 44.51 -101.56 -42.24
N GLU QC 226 45.34 -101.32 -43.25
CA GLU QC 226 46.25 -102.34 -43.76
C GLU QC 226 47.14 -102.87 -42.62
N GLU QC 227 47.13 -104.19 -42.43
CA GLU QC 227 47.94 -104.82 -41.39
C GLU QC 227 49.44 -104.59 -41.68
N SER QC 228 50.23 -104.48 -40.63
CA SER QC 228 51.66 -104.21 -40.76
C SER QC 228 52.49 -105.40 -40.28
N GLY QC 229 53.50 -105.77 -41.05
CA GLY QC 229 54.38 -106.87 -40.71
C GLY QC 229 55.49 -106.46 -39.77
N PRO QC 230 56.63 -107.18 -39.80
CA PRO QC 230 57.77 -106.87 -38.93
C PRO QC 230 58.45 -105.53 -39.26
N PRO QC 231 59.00 -104.85 -38.24
CA PRO QC 231 59.76 -103.61 -38.49
C PRO QC 231 61.11 -103.90 -39.14
N PRO QC 232 61.53 -103.10 -40.14
CA PRO QC 232 62.88 -103.23 -40.70
C PRO QC 232 63.96 -103.09 -39.60
N GLU QC 233 64.94 -103.99 -39.57
CA GLU QC 233 65.88 -104.12 -38.44
C GLU QC 233 66.69 -102.84 -38.13
N LEU QC 234 67.38 -102.33 -39.13
CA LEU QC 234 68.12 -101.07 -39.00
C LEU QC 234 67.53 -100.04 -39.97
N MET QC 235 67.63 -98.76 -39.62
CA MET QC 235 66.99 -97.71 -40.42
C MET QC 235 67.96 -96.98 -41.35
N PRO QC 236 67.71 -97.08 -42.67
CA PRO QC 236 68.56 -96.51 -43.73
C PRO QC 236 68.40 -94.99 -43.89
N GLU QC 237 69.35 -94.35 -44.56
CA GLU QC 237 69.30 -92.91 -44.78
C GLU QC 237 68.94 -92.55 -46.22
N VAL QC 238 68.87 -91.24 -46.50
CA VAL QC 238 68.55 -90.74 -47.83
C VAL QC 238 69.79 -90.69 -48.72
#